data_9J1W
#
_entry.id   9J1W
#
_entity_poly.entity_id   1
_entity_poly.type   'polypeptide(L)'
_entity_poly.pdbx_seq_one_letter_code
;MWRVCARRAQNAAPRAGFGARWTALREEPGAPCAAPRAGSVPARCSSTTRGYGRSRALCGWSASSWATPQNRILLQLWGS
PNRRWYSLPPHQKVPLPSLSPTMQAGTIARWEKKEGDKINEGELIAEVETDKATVGFESLEECYMAKILVAEGTRDVPVG
AIICITVEKPEDIEAFKNYTLDSSAAPAPQAAPAPTPAAAAPAPTPSAQAPGSSYPTHMQVVLPALSPTMTMGTVQRWEK
KVGEKLSEGDLLAEIETDKATIGFEVQEEGYLAKILIPEGTRDVPLGTPLCIIVEKEADIPAFADYRPTEVTDLKPPAPP
PTPSPVTPVPPAPQPVAPTPAATRPATPAGPKGRLFVSPLAKKLASEKGIDLTQIKGTGPDGRIIKKDIDSFVPTKAAPP
PAAAVPPPSPGVAPVPTGVFTDIPISNIRRVIAQRLMQSKQTIPHYYLSVDVNMGEVLLVRKELNKMLEGRSKISVNDFI
IKASALACLKVPEANSSWLDTVIRQNHVVDISVAVSTPAGLITPIVFNAHIKGLETIANDVVSLATKAREGKLQPHEFQG
GTFTISNLGMFGIKNFSAIINPPQACILAVGASEDRLFPADNEKGFDVASMMSVTLSCDHRVVDGAVGAQWLAEFRKYLE
KPITMLL
;
_entity_poly.pdbx_strand_id   A,AA,AB,B,BA,BB,C,CA,CB,D,DA,DB,E,EA,EB,F,FA,FB,G,GA,GB,H,HA,HB,I,IA,J,JA,K,KA,L,LA,M,MA,N,NA,O,OA,P,PA,Q,QA,R,RA,S,SA,T,TA,UA,V,VA,W,WA,X,XA,Y,YA,Z,ZA,a
#
# COMPACT_ATOMS: atom_id res chain seq x y z
N PHE A 420 109.36 -8.07 -10.62
CA PHE A 420 109.23 -6.80 -9.92
C PHE A 420 109.99 -5.69 -10.62
N THR A 421 109.79 -4.46 -10.17
CA THR A 421 110.47 -3.29 -10.70
C THR A 421 110.94 -2.43 -9.54
N ASP A 422 112.23 -2.07 -9.55
CA ASP A 422 112.82 -1.25 -8.50
C ASP A 422 112.73 0.22 -8.92
N ILE A 423 111.89 0.98 -8.23
CA ILE A 423 111.72 2.41 -8.50
C ILE A 423 112.63 3.17 -7.54
N PRO A 424 113.60 3.94 -8.03
CA PRO A 424 114.47 4.69 -7.12
C PRO A 424 113.69 5.69 -6.28
N ILE A 425 114.13 5.86 -5.04
CA ILE A 425 113.47 6.77 -4.11
C ILE A 425 114.02 8.17 -4.34
N SER A 426 113.14 9.12 -4.62
CA SER A 426 113.56 10.51 -4.77
C SER A 426 113.94 11.10 -3.43
N ASN A 427 114.68 12.22 -3.47
CA ASN A 427 115.08 12.88 -2.25
C ASN A 427 113.88 13.48 -1.50
N ILE A 428 112.89 13.97 -2.26
CA ILE A 428 111.67 14.48 -1.63
C ILE A 428 110.94 13.36 -0.89
N ARG A 429 110.83 12.20 -1.53
CA ARG A 429 110.20 11.06 -0.88
C ARG A 429 111.00 10.59 0.33
N ARG A 430 112.33 10.64 0.23
CA ARG A 430 113.16 10.27 1.37
C ARG A 430 112.94 11.22 2.55
N VAL A 431 112.83 12.52 2.26
CA VAL A 431 112.57 13.50 3.33
C VAL A 431 111.21 13.24 3.96
N ILE A 432 110.18 12.99 3.14
CA ILE A 432 108.85 12.74 3.68
C ILE A 432 108.85 11.47 4.53
N ALA A 433 109.53 10.43 4.05
CA ALA A 433 109.60 9.18 4.80
C ALA A 433 110.34 9.37 6.12
N GLN A 434 111.41 10.15 6.12
CA GLN A 434 112.14 10.41 7.35
C GLN A 434 111.29 11.19 8.33
N ARG A 435 110.52 12.17 7.84
CA ARG A 435 109.61 12.89 8.73
C ARG A 435 108.57 11.96 9.33
N LEU A 436 108.03 11.03 8.53
CA LEU A 436 107.05 10.09 9.05
C LEU A 436 107.67 9.15 10.08
N MET A 437 108.91 8.69 9.83
CA MET A 437 109.64 7.93 10.84
C MET A 437 109.76 8.72 12.14
N GLN A 438 110.19 9.97 12.04
CA GLN A 438 110.38 10.77 13.24
C GLN A 438 109.07 10.94 14.00
N SER A 439 107.98 11.20 13.28
CA SER A 439 106.69 11.36 13.92
C SER A 439 106.27 10.08 14.64
N LYS A 440 106.30 8.94 13.94
CA LYS A 440 105.80 7.71 14.56
C LYS A 440 106.75 7.17 15.60
N GLN A 441 108.01 7.63 15.63
CA GLN A 441 108.95 7.13 16.63
C GLN A 441 108.98 8.01 17.87
N THR A 442 108.77 9.32 17.73
CA THR A 442 108.89 10.23 18.86
C THR A 442 107.56 10.73 19.39
N ILE A 443 106.46 10.52 18.68
CA ILE A 443 105.15 11.02 19.08
C ILE A 443 104.27 9.84 19.45
N PRO A 444 103.88 9.68 20.72
CA PRO A 444 102.97 8.60 21.09
C PRO A 444 101.53 8.87 20.68
N HIS A 445 101.19 8.53 19.45
CA HIS A 445 99.86 8.81 18.91
C HIS A 445 98.79 8.06 19.70
N TYR A 446 97.64 8.70 19.87
CA TYR A 446 96.42 7.99 20.24
C TYR A 446 95.24 8.69 19.58
N TYR A 447 94.24 7.89 19.19
CA TYR A 447 93.23 8.34 18.24
C TYR A 447 91.86 8.33 18.89
N LEU A 448 91.08 9.38 18.64
CA LEU A 448 89.71 9.48 19.14
C LEU A 448 88.77 9.83 18.00
N SER A 449 87.68 9.07 17.89
CA SER A 449 86.76 9.20 16.77
C SER A 449 85.38 9.64 17.25
N VAL A 450 84.75 10.54 16.49
CA VAL A 450 83.38 10.96 16.75
C VAL A 450 82.63 11.08 15.43
N ASP A 451 81.31 11.18 15.53
CA ASP A 451 80.44 11.40 14.39
C ASP A 451 79.78 12.77 14.48
N VAL A 452 79.75 13.47 13.36
CA VAL A 452 79.23 14.83 13.29
C VAL A 452 78.06 14.85 12.30
N ASN A 453 76.93 15.37 12.75
CA ASN A 453 75.76 15.52 11.88
C ASN A 453 75.94 16.76 11.03
N MET A 454 75.82 16.60 9.71
CA MET A 454 76.17 17.67 8.78
C MET A 454 74.97 18.23 8.03
N GLY A 455 73.74 17.97 8.47
CA GLY A 455 72.58 18.50 7.77
C GLY A 455 72.54 20.02 7.80
N GLU A 456 72.76 20.59 8.98
CA GLU A 456 72.76 22.05 9.10
C GLU A 456 73.91 22.67 8.33
N VAL A 457 75.08 22.01 8.34
CA VAL A 457 76.21 22.51 7.55
C VAL A 457 75.86 22.52 6.07
N LEU A 458 75.23 21.45 5.58
CA LEU A 458 74.86 21.40 4.17
C LEU A 458 73.84 22.48 3.83
N LEU A 459 72.85 22.70 4.70
CA LEU A 459 71.85 23.73 4.45
C LEU A 459 72.48 25.12 4.41
N VAL A 460 73.34 25.41 5.40
CA VAL A 460 73.99 26.70 5.47
C VAL A 460 74.92 26.90 4.27
N ARG A 461 75.62 25.84 3.87
CA ARG A 461 76.50 25.92 2.72
C ARG A 461 75.71 26.20 1.44
N LYS A 462 74.56 25.54 1.28
CA LYS A 462 73.72 25.81 0.11
C LYS A 462 73.24 27.26 0.09
N GLU A 463 72.78 27.75 1.24
CA GLU A 463 72.32 29.14 1.30
C GLU A 463 73.46 30.12 1.00
N LEU A 464 74.64 29.86 1.56
CA LEU A 464 75.79 30.74 1.34
C LEU A 464 76.22 30.73 -0.11
N ASN A 465 76.22 29.54 -0.74
CA ASN A 465 76.57 29.46 -2.15
C ASN A 465 75.56 30.17 -3.03
N LYS A 466 74.28 30.08 -2.69
CA LYS A 466 73.27 30.80 -3.46
C LYS A 466 73.40 32.30 -3.29
N MET A 467 73.77 32.76 -2.09
CA MET A 467 74.03 34.18 -1.88
C MET A 467 75.28 34.65 -2.62
N LEU A 468 76.30 33.80 -2.70
CA LEU A 468 77.56 34.19 -3.33
C LEU A 468 77.42 34.49 -4.82
N GLU A 469 76.41 33.93 -5.48
CA GLU A 469 76.10 34.24 -6.88
C GLU A 469 77.28 33.99 -7.80
N GLY A 470 78.05 32.94 -7.50
CA GLY A 470 79.16 32.53 -8.34
C GLY A 470 80.46 33.28 -8.13
N ARG A 471 80.49 34.27 -7.23
CA ARG A 471 81.74 34.96 -6.94
C ARG A 471 82.74 33.99 -6.30
N SER A 472 82.26 33.14 -5.40
CA SER A 472 83.07 32.09 -4.80
C SER A 472 82.16 30.91 -4.49
N LYS A 473 82.77 29.76 -4.23
CA LYS A 473 82.04 28.54 -3.87
C LYS A 473 82.62 28.01 -2.57
N ILE A 474 81.75 27.77 -1.58
CA ILE A 474 82.21 27.30 -0.29
C ILE A 474 82.05 25.78 -0.22
N SER A 475 83.11 25.09 0.17
CA SER A 475 83.11 23.65 0.32
C SER A 475 82.94 23.27 1.79
N VAL A 476 82.66 21.99 2.02
CA VAL A 476 82.52 21.47 3.37
C VAL A 476 83.84 21.57 4.12
N ASN A 477 84.96 21.42 3.41
CA ASN A 477 86.27 21.53 4.05
C ASN A 477 86.50 22.93 4.61
N ASP A 478 85.87 23.95 4.04
CA ASP A 478 85.98 25.29 4.60
C ASP A 478 85.30 25.39 5.96
N PHE A 479 84.08 24.83 6.07
CA PHE A 479 83.42 24.74 7.36
C PHE A 479 84.26 23.95 8.35
N ILE A 480 84.87 22.85 7.89
CA ILE A 480 85.68 22.03 8.77
C ILE A 480 86.89 22.80 9.28
N ILE A 481 87.55 23.56 8.39
CA ILE A 481 88.72 24.34 8.78
C ILE A 481 88.33 25.41 9.79
N LYS A 482 87.21 26.11 9.53
CA LYS A 482 86.77 27.15 10.45
C LYS A 482 86.43 26.56 11.82
N ALA A 483 85.71 25.44 11.84
CA ALA A 483 85.36 24.80 13.10
C ALA A 483 86.60 24.31 13.84
N SER A 484 87.57 23.77 13.11
CA SER A 484 88.81 23.32 13.75
C SER A 484 89.56 24.49 14.36
N ALA A 485 89.61 25.63 13.65
CA ALA A 485 90.30 26.80 14.19
C ALA A 485 89.61 27.31 15.44
N LEU A 486 88.28 27.38 15.43
CA LEU A 486 87.57 27.87 16.61
C LEU A 486 87.71 26.90 17.79
N ALA A 487 87.66 25.59 17.51
CA ALA A 487 87.87 24.61 18.56
C ALA A 487 89.28 24.69 19.12
N CYS A 488 90.27 24.96 18.27
CA CYS A 488 91.64 25.17 18.75
C CYS A 488 91.73 26.41 19.63
N LEU A 489 91.00 27.46 19.28
CA LEU A 489 90.93 28.63 20.17
C LEU A 489 90.34 28.25 21.52
N LYS A 490 89.25 27.49 21.52
CA LYS A 490 88.59 27.14 22.78
C LYS A 490 89.45 26.21 23.63
N VAL A 491 90.17 25.29 23.00
CA VAL A 491 91.01 24.33 23.71
C VAL A 491 92.45 24.46 23.19
N PRO A 492 93.25 25.35 23.78
CA PRO A 492 94.59 25.62 23.22
C PRO A 492 95.58 24.47 23.37
N GLU A 493 95.26 23.43 24.13
CA GLU A 493 96.19 22.32 24.28
C GLU A 493 96.43 21.61 22.96
N ALA A 494 95.39 21.46 22.14
CA ALA A 494 95.56 20.88 20.81
C ALA A 494 96.34 21.78 19.89
N ASN A 495 96.54 23.05 20.27
CA ASN A 495 97.33 24.00 19.50
C ASN A 495 98.71 24.23 20.12
N SER A 496 99.33 23.18 20.64
CA SER A 496 100.63 23.27 21.29
C SER A 496 101.66 22.44 20.53
N SER A 497 102.88 22.47 21.03
CA SER A 497 103.99 21.73 20.46
C SER A 497 104.95 21.34 21.58
N TRP A 498 105.44 20.10 21.52
CA TRP A 498 106.37 19.59 22.51
C TRP A 498 107.80 19.85 22.04
N LEU A 499 108.59 20.53 22.86
CA LEU A 499 109.95 20.92 22.51
C LEU A 499 110.96 20.37 23.50
N ASP A 500 110.55 19.36 24.27
CA ASP A 500 111.41 18.57 25.16
C ASP A 500 111.85 19.36 26.40
N THR A 501 111.55 20.66 26.43
CA THR A 501 111.81 21.48 27.60
C THR A 501 110.60 22.30 28.02
N VAL A 502 109.84 22.81 27.06
CA VAL A 502 108.61 23.55 27.32
C VAL A 502 107.55 23.11 26.33
N ILE A 503 106.29 23.38 26.66
CA ILE A 503 105.16 23.13 25.78
C ILE A 503 104.75 24.46 25.16
N ARG A 504 105.11 24.67 23.90
CA ARG A 504 104.82 25.93 23.22
C ARG A 504 103.35 25.96 22.84
N GLN A 505 102.59 26.86 23.46
CA GLN A 505 101.16 26.97 23.21
C GLN A 505 100.89 28.10 22.23
N ASN A 506 100.70 27.76 20.96
CA ASN A 506 100.53 28.78 19.93
C ASN A 506 99.20 29.51 20.12
N HIS A 507 99.27 30.84 20.09
CA HIS A 507 98.07 31.67 20.22
C HIS A 507 97.37 31.93 18.90
N VAL A 508 97.99 31.58 17.79
CA VAL A 508 97.39 31.69 16.46
C VAL A 508 97.17 30.29 15.92
N VAL A 509 96.24 30.15 14.99
CA VAL A 509 95.85 28.86 14.42
C VAL A 509 96.19 28.90 12.94
N ASP A 510 97.28 28.22 12.56
CA ASP A 510 97.67 28.06 11.17
C ASP A 510 97.33 26.63 10.76
N ILE A 511 96.31 26.47 9.94
CA ILE A 511 95.79 25.15 9.60
C ILE A 511 96.48 24.65 8.33
N SER A 512 97.33 23.64 8.47
CA SER A 512 97.83 22.92 7.32
C SER A 512 96.71 22.08 6.73
N VAL A 513 96.63 22.02 5.41
CA VAL A 513 95.59 21.26 4.72
C VAL A 513 96.28 20.23 3.84
N ALA A 514 95.93 18.96 4.00
CA ALA A 514 96.54 17.91 3.22
C ALA A 514 96.02 17.95 1.79
N VAL A 515 96.93 18.09 0.83
CA VAL A 515 96.59 18.12 -0.59
C VAL A 515 97.39 17.03 -1.28
N SER A 516 96.70 16.21 -2.08
CA SER A 516 97.35 15.15 -2.82
C SER A 516 97.64 15.61 -4.24
N THR A 517 98.90 15.54 -4.64
CA THR A 517 99.41 15.94 -5.94
C THR A 517 100.14 14.74 -6.54
N PRO A 518 100.37 14.74 -7.85
CA PRO A 518 101.09 13.61 -8.46
C PRO A 518 102.48 13.39 -7.87
N ALA A 519 103.08 14.41 -7.25
CA ALA A 519 104.38 14.27 -6.62
C ALA A 519 104.30 13.80 -5.17
N GLY A 520 103.12 13.70 -4.60
CA GLY A 520 102.95 13.22 -3.25
C GLY A 520 101.98 14.06 -2.43
N LEU A 521 102.16 13.99 -1.12
CA LEU A 521 101.30 14.74 -0.20
C LEU A 521 101.99 16.02 0.24
N ILE A 522 101.27 17.13 0.17
CA ILE A 522 101.81 18.43 0.59
C ILE A 522 100.79 19.07 1.53
N THR A 523 101.25 20.06 2.30
CA THR A 523 100.45 20.69 3.34
C THR A 523 100.54 22.21 3.25
N PRO A 524 99.81 22.82 2.31
CA PRO A 524 99.73 24.29 2.31
C PRO A 524 99.01 24.78 3.56
N ILE A 525 99.45 25.94 4.04
CA ILE A 525 99.02 26.46 5.34
C ILE A 525 98.06 27.63 5.12
N VAL A 526 96.88 27.54 5.74
CA VAL A 526 95.95 28.66 5.83
C VAL A 526 96.28 29.35 7.15
N PHE A 527 96.89 30.52 7.07
CA PHE A 527 97.28 31.25 8.26
C PHE A 527 96.09 32.02 8.84
N ASN A 528 96.03 32.07 10.18
CA ASN A 528 95.00 32.84 10.88
C ASN A 528 93.60 32.38 10.48
N ALA A 529 93.39 31.07 10.46
CA ALA A 529 92.07 30.53 10.14
C ALA A 529 91.06 30.84 11.23
N HIS A 530 91.53 31.22 12.43
CA HIS A 530 90.62 31.55 13.50
C HIS A 530 89.97 32.91 13.30
N ILE A 531 90.56 33.76 12.46
CA ILE A 531 89.99 35.07 12.17
C ILE A 531 89.55 35.20 10.72
N LYS A 532 90.04 34.35 9.82
CA LYS A 532 89.58 34.39 8.44
C LYS A 532 88.15 33.90 8.32
N GLY A 533 87.40 34.49 7.39
CA GLY A 533 86.04 34.06 7.15
C GLY A 533 85.97 32.85 6.22
N LEU A 534 84.75 32.34 6.04
CA LEU A 534 84.58 31.15 5.21
C LEU A 534 84.94 31.44 3.75
N GLU A 535 84.54 32.60 3.23
CA GLU A 535 84.89 32.94 1.85
C GLU A 535 86.39 33.10 1.68
N THR A 536 87.04 33.79 2.64
CA THR A 536 88.48 33.96 2.59
C THR A 536 89.19 32.62 2.71
N ILE A 537 88.71 31.75 3.60
CA ILE A 537 89.31 30.43 3.76
C ILE A 537 89.17 29.62 2.47
N ALA A 538 88.00 29.67 1.84
CA ALA A 538 87.77 28.93 0.61
C ALA A 538 88.69 29.43 -0.50
N ASN A 539 88.80 30.75 -0.64
CA ASN A 539 89.68 31.31 -1.67
C ASN A 539 91.14 30.94 -1.42
N ASP A 540 91.58 31.03 -0.16
CA ASP A 540 92.95 30.65 0.16
C ASP A 540 93.20 29.18 -0.12
N VAL A 541 92.25 28.31 0.23
CA VAL A 541 92.43 26.89 -0.01
C VAL A 541 92.50 26.60 -1.51
N VAL A 542 91.64 27.25 -2.29
CA VAL A 542 91.66 27.03 -3.75
C VAL A 542 92.99 27.49 -4.33
N SER A 543 93.45 28.67 -3.93
CA SER A 543 94.71 29.20 -4.47
C SER A 543 95.89 28.31 -4.09
N LEU A 544 95.96 27.90 -2.83
CA LEU A 544 97.08 27.06 -2.39
C LEU A 544 97.02 25.68 -3.01
N ALA A 545 95.82 25.13 -3.21
CA ALA A 545 95.69 23.84 -3.88
C ALA A 545 96.16 23.93 -5.33
N THR A 546 95.80 25.02 -6.02
CA THR A 546 96.28 25.21 -7.39
C THR A 546 97.79 25.34 -7.41
N LYS A 547 98.36 26.09 -6.47
CA LYS A 547 99.82 26.23 -6.41
C LYS A 547 100.49 24.89 -6.15
N ALA A 548 99.92 24.09 -5.25
CA ALA A 548 100.49 22.78 -4.93
C ALA A 548 100.42 21.85 -6.13
N ARG A 549 99.29 21.85 -6.83
CA ARG A 549 99.16 20.99 -8.01
C ARG A 549 100.10 21.42 -9.13
N GLU A 550 100.34 22.73 -9.26
CA GLU A 550 101.29 23.21 -10.27
C GLU A 550 102.72 23.20 -9.77
N GLY A 551 102.97 22.82 -8.52
CA GLY A 551 104.33 22.73 -8.02
C GLY A 551 105.01 24.05 -7.78
N LYS A 552 104.24 25.09 -7.44
CA LYS A 552 104.79 26.43 -7.27
C LYS A 552 104.80 26.91 -5.82
N LEU A 553 104.57 26.00 -4.86
CA LEU A 553 104.51 26.40 -3.47
C LEU A 553 105.89 26.80 -2.95
N GLN A 554 105.94 27.93 -2.24
CA GLN A 554 107.16 28.36 -1.57
C GLN A 554 107.31 27.64 -0.24
N PRO A 555 108.54 27.48 0.25
CA PRO A 555 108.74 26.72 1.49
C PRO A 555 107.96 27.25 2.69
N HIS A 556 107.82 28.56 2.83
CA HIS A 556 107.08 29.10 3.97
C HIS A 556 105.59 28.86 3.84
N GLU A 557 105.10 28.54 2.65
CA GLU A 557 103.67 28.30 2.46
C GLU A 557 103.25 26.89 2.86
N PHE A 558 104.20 25.98 3.09
CA PHE A 558 103.87 24.64 3.56
C PHE A 558 104.73 24.15 4.71
N GLN A 559 105.67 24.94 5.22
CA GLN A 559 106.45 24.57 6.38
C GLN A 559 105.95 25.32 7.60
N GLY A 560 105.64 24.59 8.66
CA GLY A 560 105.14 25.20 9.88
C GLY A 560 103.74 24.75 10.24
N GLY A 561 102.91 25.69 10.68
CA GLY A 561 101.55 25.38 11.07
C GLY A 561 101.47 24.82 12.48
N THR A 562 100.27 24.91 13.05
CA THR A 562 100.01 24.42 14.39
C THR A 562 99.03 23.26 14.46
N PHE A 563 98.23 23.06 13.41
CA PHE A 563 97.21 22.02 13.39
C PHE A 563 96.95 21.63 11.95
N THR A 564 96.80 20.34 11.71
CA THR A 564 96.68 19.81 10.36
C THR A 564 95.32 19.15 10.17
N ILE A 565 94.76 19.30 8.97
CA ILE A 565 93.52 18.65 8.58
C ILE A 565 93.76 17.86 7.31
N SER A 566 93.47 16.56 7.35
CA SER A 566 93.57 15.68 6.20
C SER A 566 92.20 15.11 5.89
N ASN A 567 91.64 15.48 4.75
CA ASN A 567 90.29 15.10 4.36
C ASN A 567 90.37 14.09 3.23
N LEU A 568 89.80 12.91 3.44
CA LEU A 568 89.73 11.88 2.41
C LEU A 568 88.30 11.44 2.13
N GLY A 569 87.32 12.28 2.44
CA GLY A 569 85.94 11.91 2.18
C GLY A 569 85.61 11.87 0.70
N MET A 570 86.34 12.65 -0.10
CA MET A 570 86.13 12.63 -1.54
C MET A 570 86.44 11.27 -2.16
N PHE A 571 87.26 10.46 -1.49
CA PHE A 571 87.62 9.14 -1.98
C PHE A 571 86.77 8.04 -1.37
N GLY A 572 85.77 8.39 -0.56
CA GLY A 572 84.87 7.40 -0.01
C GLY A 572 85.32 6.72 1.25
N ILE A 573 86.41 7.19 1.87
CA ILE A 573 86.88 6.59 3.11
C ILE A 573 85.90 6.91 4.23
N LYS A 574 85.44 5.87 4.92
CA LYS A 574 84.53 6.07 6.05
C LYS A 574 85.22 6.80 7.19
N ASN A 575 86.39 6.32 7.60
CA ASN A 575 87.21 7.00 8.59
C ASN A 575 88.63 6.46 8.48
N PHE A 576 89.59 7.24 8.98
CA PHE A 576 90.98 6.82 8.95
C PHE A 576 91.75 7.55 10.04
N SER A 577 92.92 7.01 10.36
CA SER A 577 93.81 7.56 11.39
C SER A 577 95.07 8.05 10.71
N ALA A 578 95.38 9.34 10.87
CA ALA A 578 96.52 9.92 10.19
C ALA A 578 97.73 10.00 11.12
N ILE A 579 98.85 10.40 10.53
CA ILE A 579 100.11 10.55 11.27
C ILE A 579 100.31 12.03 11.58
N ILE A 580 100.65 12.32 12.84
CA ILE A 580 100.84 13.70 13.26
C ILE A 580 102.05 14.29 12.54
N ASN A 581 101.85 15.46 11.93
CA ASN A 581 102.93 16.17 11.26
C ASN A 581 103.72 16.94 12.29
N PRO A 582 105.00 16.64 12.47
CA PRO A 582 105.78 17.30 13.53
C PRO A 582 106.05 18.75 13.20
N PRO A 583 106.23 19.61 14.21
CA PRO A 583 106.18 19.32 15.65
C PRO A 583 104.81 19.58 16.25
N GLN A 584 103.74 19.46 15.46
CA GLN A 584 102.40 19.73 15.95
C GLN A 584 101.95 18.65 16.93
N ALA A 585 100.84 18.91 17.60
CA ALA A 585 100.33 18.01 18.63
C ALA A 585 99.12 17.21 18.19
N CYS A 586 98.46 17.59 17.10
CA CYS A 586 97.24 16.91 16.67
C CYS A 586 97.12 16.97 15.16
N ILE A 587 96.27 16.10 14.62
CA ILE A 587 95.90 16.11 13.21
C ILE A 587 94.49 15.53 13.09
N LEU A 588 93.62 16.22 12.37
CA LEU A 588 92.23 15.82 12.22
C LEU A 588 92.05 15.09 10.90
N ALA A 589 91.66 13.82 10.97
CA ALA A 589 91.41 13.00 9.80
C ALA A 589 89.91 12.95 9.54
N VAL A 590 89.48 13.43 8.37
CA VAL A 590 88.08 13.57 8.04
C VAL A 590 87.73 12.52 6.99
N GLY A 591 86.65 11.77 7.24
CA GLY A 591 86.17 10.77 6.32
C GLY A 591 84.98 11.26 5.51
N ALA A 592 84.32 10.30 4.87
CA ALA A 592 83.18 10.62 4.01
C ALA A 592 81.91 10.82 4.83
N SER A 593 81.00 11.61 4.28
CA SER A 593 79.70 11.83 4.90
C SER A 593 78.65 10.94 4.24
N GLU A 594 77.91 10.20 5.06
CA GLU A 594 76.95 9.22 4.58
C GLU A 594 75.63 9.38 5.31
N ASP A 595 74.55 9.02 4.64
CA ASP A 595 73.23 9.05 5.25
C ASP A 595 73.04 7.83 6.15
N ARG A 596 72.64 8.06 7.39
CA ARG A 596 72.42 6.99 8.36
C ARG A 596 71.07 7.18 9.05
N LEU A 597 70.43 6.05 9.38
CA LEU A 597 69.16 6.09 10.08
C LEU A 597 69.38 6.22 11.57
N PHE A 598 68.63 7.13 12.20
CA PHE A 598 68.72 7.32 13.64
C PHE A 598 67.33 7.40 14.24
N PRO A 599 67.16 6.93 15.48
CA PRO A 599 65.82 6.97 16.10
C PRO A 599 65.31 8.38 16.26
N ALA A 600 64.00 8.55 16.10
CA ALA A 600 63.36 9.84 16.27
C ALA A 600 61.95 9.62 16.81
N ASP A 601 61.41 10.66 17.46
CA ASP A 601 60.08 10.60 18.05
C ASP A 601 59.05 11.06 17.03
N ASN A 602 58.93 10.28 15.95
CA ASN A 602 57.95 10.54 14.91
C ASN A 602 57.18 9.26 14.61
N GLU A 603 56.25 9.36 13.65
CA GLU A 603 55.43 8.21 13.29
C GLU A 603 56.25 7.08 12.70
N LYS A 604 57.20 7.40 11.82
CA LYS A 604 58.05 6.38 11.22
C LYS A 604 59.00 5.74 12.22
N GLY A 605 59.32 6.44 13.31
CA GLY A 605 60.24 5.93 14.30
C GLY A 605 61.71 6.15 14.00
N PHE A 606 62.03 6.82 12.89
CA PHE A 606 63.42 7.05 12.52
C PHE A 606 63.51 8.27 11.63
N ASP A 607 64.73 8.78 11.47
CA ASP A 607 65.03 9.89 10.60
C ASP A 607 66.33 9.62 9.86
N VAL A 608 66.59 10.40 8.82
CA VAL A 608 67.78 10.26 8.00
C VAL A 608 68.65 11.50 8.18
N ALA A 609 69.90 11.30 8.55
CA ALA A 609 70.85 12.39 8.77
C ALA A 609 72.16 12.06 8.09
N SER A 610 72.77 13.08 7.48
CA SER A 610 74.06 12.92 6.83
C SER A 610 75.16 13.13 7.88
N MET A 611 75.79 12.05 8.31
CA MET A 611 76.78 12.09 9.37
C MET A 611 78.17 11.87 8.79
N MET A 612 79.14 12.59 9.34
CA MET A 612 80.53 12.54 8.90
C MET A 612 81.43 12.22 10.09
N SER A 613 82.25 11.18 9.95
CA SER A 613 83.06 10.67 11.04
C SER A 613 84.47 11.24 10.97
N VAL A 614 84.94 11.79 12.09
CA VAL A 614 86.27 12.38 12.16
C VAL A 614 87.07 11.70 13.28
N THR A 615 88.35 11.48 13.00
CA THR A 615 89.28 10.87 13.94
C THR A 615 90.43 11.82 14.18
N LEU A 616 90.56 12.28 15.42
CA LEU A 616 91.65 13.16 15.82
C LEU A 616 92.77 12.32 16.42
N SER A 617 93.97 12.44 15.84
CA SER A 617 95.15 11.76 16.35
C SER A 617 95.96 12.74 17.17
N CYS A 618 96.15 12.44 18.46
CA CYS A 618 96.72 13.36 19.41
C CYS A 618 98.02 12.82 19.96
N ASP A 619 98.94 13.75 20.23
CA ASP A 619 100.18 13.45 20.94
C ASP A 619 99.88 13.36 22.44
N HIS A 620 100.01 12.16 23.01
CA HIS A 620 99.60 11.97 24.39
C HIS A 620 100.50 12.68 25.39
N ARG A 621 101.68 13.13 24.99
CA ARG A 621 102.49 13.98 25.86
C ARG A 621 101.79 15.30 26.14
N VAL A 622 101.17 15.90 25.14
CA VAL A 622 100.58 17.23 25.24
C VAL A 622 99.09 17.17 25.52
N VAL A 623 98.35 16.37 24.75
CA VAL A 623 96.90 16.31 24.84
C VAL A 623 96.52 14.96 25.43
N ASP A 624 95.93 14.98 26.62
CA ASP A 624 95.43 13.75 27.20
C ASP A 624 94.01 13.46 26.71
N GLY A 625 93.46 12.33 27.18
CA GLY A 625 92.18 11.88 26.65
C GLY A 625 91.05 12.86 26.88
N ALA A 626 90.97 13.43 28.08
CA ALA A 626 89.90 14.37 28.40
C ALA A 626 89.99 15.62 27.54
N VAL A 627 91.21 16.14 27.34
CA VAL A 627 91.37 17.34 26.52
C VAL A 627 91.04 17.06 25.07
N GLY A 628 91.49 15.92 24.54
CA GLY A 628 91.13 15.57 23.17
C GLY A 628 89.64 15.40 22.98
N ALA A 629 88.98 14.78 23.96
CA ALA A 629 87.53 14.63 23.90
C ALA A 629 86.82 15.98 23.95
N GLN A 630 87.33 16.90 24.79
CA GLN A 630 86.75 18.24 24.84
C GLN A 630 86.91 18.96 23.51
N TRP A 631 88.08 18.83 22.88
CA TRP A 631 88.29 19.43 21.58
C TRP A 631 87.31 18.87 20.55
N LEU A 632 87.14 17.55 20.55
CA LEU A 632 86.22 16.94 19.59
C LEU A 632 84.78 17.35 19.84
N ALA A 633 84.40 17.49 21.11
CA ALA A 633 83.05 17.95 21.44
C ALA A 633 82.82 19.37 20.97
N GLU A 634 83.81 20.25 21.16
CA GLU A 634 83.67 21.63 20.68
C GLU A 634 83.56 21.67 19.16
N PHE A 635 84.40 20.88 18.48
CA PHE A 635 84.35 20.80 17.02
C PHE A 635 82.99 20.31 16.54
N ARG A 636 82.46 19.27 17.20
CA ARG A 636 81.17 18.73 16.83
C ARG A 636 80.05 19.74 17.04
N LYS A 637 80.09 20.48 18.16
CA LYS A 637 79.08 21.49 18.40
C LYS A 637 79.14 22.58 17.34
N TYR A 638 80.34 23.05 17.02
CA TYR A 638 80.49 24.09 16.01
C TYR A 638 79.94 23.64 14.67
N LEU A 639 80.21 22.40 14.27
CA LEU A 639 79.69 21.94 12.99
C LEU A 639 78.19 21.66 13.04
N GLU A 640 77.68 21.13 14.15
CA GLU A 640 76.27 20.80 14.23
C GLU A 640 75.40 22.04 14.31
N LYS A 641 75.93 23.18 14.74
CA LYS A 641 75.23 24.45 14.64
C LYS A 641 76.18 25.51 14.09
N PRO A 642 76.16 25.73 12.77
CA PRO A 642 77.09 26.69 12.16
C PRO A 642 76.92 28.11 12.66
N ILE A 643 75.72 28.50 13.10
CA ILE A 643 75.52 29.87 13.57
C ILE A 643 76.35 30.13 14.81
N THR A 644 76.74 29.08 15.55
CA THR A 644 77.60 29.26 16.71
C THR A 644 79.04 29.57 16.32
N MET A 645 79.40 29.48 15.04
CA MET A 645 80.71 29.93 14.60
C MET A 645 80.85 31.44 14.65
N LEU A 646 79.74 32.17 14.82
CA LEU A 646 79.78 33.62 14.94
C LEU A 646 80.21 34.10 16.31
N LEU A 647 80.21 33.23 17.32
CA LEU A 647 80.57 33.62 18.67
C LEU A 647 82.09 33.76 18.80
N PHE B 420 -47.88 -40.29 90.67
CA PHE B 420 -47.20 -39.12 91.19
C PHE B 420 -46.33 -39.47 92.40
N THR B 421 -45.52 -38.51 92.84
CA THR B 421 -44.67 -38.67 94.02
C THR B 421 -44.78 -37.42 94.88
N ASP B 422 -45.04 -37.61 96.17
CA ASP B 422 -45.17 -36.50 97.11
C ASP B 422 -43.81 -36.24 97.75
N ILE B 423 -43.21 -35.11 97.42
CA ILE B 423 -41.91 -34.71 97.97
C ILE B 423 -42.17 -33.78 99.15
N PRO B 424 -41.77 -34.15 100.37
CA PRO B 424 -42.01 -33.26 101.52
C PRO B 424 -41.31 -31.92 101.35
N ILE B 425 -41.97 -30.87 101.84
CA ILE B 425 -41.43 -29.53 101.75
C ILE B 425 -40.48 -29.28 102.91
N SER B 426 -39.24 -28.91 102.60
CA SER B 426 -38.29 -28.59 103.65
C SER B 426 -38.66 -27.26 104.30
N ASN B 427 -38.10 -27.03 105.49
CA ASN B 427 -38.36 -25.79 106.20
C ASN B 427 -37.76 -24.60 105.47
N ILE B 428 -36.59 -24.79 104.85
CA ILE B 428 -35.96 -23.73 104.05
C ILE B 428 -36.88 -23.35 102.89
N ARG B 429 -37.41 -24.36 102.19
CA ARG B 429 -38.32 -24.10 101.08
C ARG B 429 -39.60 -23.44 101.57
N ARG B 430 -40.09 -23.84 102.74
CA ARG B 430 -41.28 -23.20 103.30
C ARG B 430 -41.02 -21.73 103.59
N VAL B 431 -39.84 -21.42 104.14
CA VAL B 431 -39.50 -20.02 104.42
C VAL B 431 -39.41 -19.22 103.13
N ILE B 432 -38.77 -19.78 102.10
CA ILE B 432 -38.65 -19.08 100.82
C ILE B 432 -40.04 -18.86 100.21
N ALA B 433 -40.89 -19.88 100.27
CA ALA B 433 -42.23 -19.75 99.72
C ALA B 433 -43.04 -18.70 100.48
N GLN B 434 -42.91 -18.66 101.80
CA GLN B 434 -43.62 -17.66 102.59
C GLN B 434 -43.13 -16.26 102.26
N ARG B 435 -41.81 -16.09 102.06
CA ARG B 435 -41.29 -14.79 101.64
C ARG B 435 -41.85 -14.38 100.29
N LEU B 436 -41.95 -15.33 99.35
CA LEU B 436 -42.50 -15.01 98.04
C LEU B 436 -43.98 -14.65 98.13
N MET B 437 -44.74 -15.37 98.97
CA MET B 437 -46.11 -14.98 99.24
C MET B 437 -46.20 -13.56 99.76
N GLN B 438 -45.38 -13.24 100.76
CA GLN B 438 -45.42 -11.90 101.35
C GLN B 438 -45.10 -10.84 100.31
N SER B 439 -44.09 -11.08 99.48
CA SER B 439 -43.72 -10.13 98.44
C SER B 439 -44.87 -9.91 97.46
N LYS B 440 -45.41 -11.01 96.91
CA LYS B 440 -46.44 -10.85 95.87
C LYS B 440 -47.77 -10.40 96.45
N GLN B 441 -47.96 -10.50 97.76
CA GLN B 441 -49.22 -10.07 98.35
C GLN B 441 -49.17 -8.62 98.84
N THR B 442 -48.01 -8.16 99.30
CA THR B 442 -47.92 -6.82 99.88
C THR B 442 -47.21 -5.82 98.98
N ILE B 443 -46.56 -6.25 97.91
CA ILE B 443 -45.81 -5.37 97.03
C ILE B 443 -46.51 -5.30 95.69
N PRO B 444 -47.08 -4.16 95.29
CA PRO B 444 -47.69 -4.05 93.97
C PRO B 444 -46.67 -3.93 92.85
N HIS B 445 -46.19 -5.08 92.37
CA HIS B 445 -45.15 -5.09 91.35
C HIS B 445 -45.64 -4.45 90.06
N TYR B 446 -44.74 -3.74 89.38
CA TYR B 446 -44.95 -3.40 87.98
C TYR B 446 -43.60 -3.37 87.28
N TYR B 447 -43.58 -3.78 86.01
CA TYR B 447 -42.35 -4.17 85.34
C TYR B 447 -42.08 -3.26 84.16
N LEU B 448 -40.80 -2.88 83.99
CA LEU B 448 -40.38 -2.05 82.87
C LEU B 448 -39.19 -2.70 82.18
N SER B 449 -39.25 -2.83 80.86
CA SER B 449 -38.22 -3.52 80.09
C SER B 449 -37.53 -2.56 79.13
N VAL B 450 -36.20 -2.67 79.04
CA VAL B 450 -35.41 -1.92 78.07
C VAL B 450 -34.36 -2.84 77.46
N ASP B 451 -33.77 -2.37 76.37
CA ASP B 451 -32.68 -3.06 75.70
C ASP B 451 -31.40 -2.25 75.80
N VAL B 452 -30.31 -2.94 76.12
CA VAL B 452 -29.00 -2.31 76.33
C VAL B 452 -28.02 -2.87 75.32
N ASN B 453 -27.34 -1.98 74.60
CA ASN B 453 -26.32 -2.38 73.65
C ASN B 453 -25.03 -2.67 74.40
N MET B 454 -24.47 -3.86 74.21
CA MET B 454 -23.35 -4.31 75.01
C MET B 454 -22.04 -4.44 74.24
N GLY B 455 -21.94 -3.86 73.04
CA GLY B 455 -20.70 -3.96 72.30
C GLY B 455 -19.54 -3.30 73.01
N GLU B 456 -19.76 -2.09 73.52
CA GLU B 456 -18.69 -1.39 74.22
C GLU B 456 -18.35 -2.09 75.54
N VAL B 457 -19.36 -2.65 76.21
CA VAL B 457 -19.08 -3.42 77.42
C VAL B 457 -18.21 -4.62 77.10
N LEU B 458 -18.52 -5.33 76.01
CA LEU B 458 -17.71 -6.49 75.65
C LEU B 458 -16.29 -6.09 75.30
N LEU B 459 -16.12 -4.99 74.56
CA LEU B 459 -14.78 -4.53 74.20
C LEU B 459 -13.98 -4.15 75.43
N VAL B 460 -14.60 -3.37 76.34
CA VAL B 460 -13.92 -2.96 77.56
C VAL B 460 -13.59 -4.16 78.43
N ARG B 461 -14.50 -5.13 78.50
CA ARG B 461 -14.26 -6.32 79.30
C ARG B 461 -13.09 -7.13 78.73
N LYS B 462 -13.03 -7.25 77.40
CA LYS B 462 -11.90 -7.95 76.79
C LYS B 462 -10.58 -7.24 77.10
N GLU B 463 -10.56 -5.91 76.98
CA GLU B 463 -9.34 -5.17 77.29
C GLU B 463 -8.95 -5.32 78.76
N LEU B 464 -9.93 -5.25 79.66
CA LEU B 464 -9.65 -5.42 81.09
C LEU B 464 -9.12 -6.82 81.40
N ASN B 465 -9.71 -7.84 80.77
CA ASN B 465 -9.24 -9.21 81.00
C ASN B 465 -7.83 -9.39 80.46
N LYS B 466 -7.51 -8.80 79.31
CA LYS B 466 -6.15 -8.88 78.79
C LYS B 466 -5.16 -8.16 79.71
N MET B 467 -5.56 -7.02 80.26
CA MET B 467 -4.69 -6.31 81.22
C MET B 467 -4.49 -7.11 82.50
N LEU B 468 -5.54 -7.77 82.99
CA LEU B 468 -5.47 -8.49 84.25
C LEU B 468 -4.45 -9.63 84.23
N GLU B 469 -4.15 -10.19 83.06
CA GLU B 469 -3.11 -11.21 82.90
C GLU B 469 -3.37 -12.42 83.79
N GLY B 470 -4.64 -12.78 83.94
CA GLY B 470 -5.02 -13.96 84.69
C GLY B 470 -5.11 -13.80 86.18
N ARG B 471 -4.78 -12.61 86.72
CA ARG B 471 -4.94 -12.40 88.16
C ARG B 471 -6.41 -12.48 88.56
N SER B 472 -7.29 -11.91 87.74
CA SER B 472 -8.73 -12.03 87.93
C SER B 472 -9.39 -12.02 86.56
N LYS B 473 -10.67 -12.40 86.53
CA LYS B 473 -11.46 -12.40 85.30
C LYS B 473 -12.75 -11.64 85.56
N ILE B 474 -13.03 -10.65 84.70
CA ILE B 474 -14.21 -9.83 84.88
C ILE B 474 -15.33 -10.35 83.99
N SER B 475 -16.50 -10.56 84.58
CA SER B 475 -17.67 -11.03 83.86
C SER B 475 -18.61 -9.86 83.56
N VAL B 476 -19.56 -10.12 82.67
CA VAL B 476 -20.56 -9.10 82.32
C VAL B 476 -21.41 -8.74 83.53
N ASN B 477 -21.65 -9.71 84.41
CA ASN B 477 -22.44 -9.43 85.61
C ASN B 477 -21.75 -8.42 86.52
N ASP B 478 -20.41 -8.35 86.47
CA ASP B 478 -19.71 -7.33 87.25
C ASP B 478 -20.00 -5.93 86.72
N PHE B 479 -19.96 -5.75 85.39
CA PHE B 479 -20.37 -4.49 84.79
C PHE B 479 -21.81 -4.17 85.15
N ILE B 480 -22.68 -5.17 85.12
CA ILE B 480 -24.08 -4.95 85.43
C ILE B 480 -24.26 -4.50 86.87
N ILE B 481 -23.53 -5.12 87.80
CA ILE B 481 -23.63 -4.76 89.21
C ILE B 481 -23.13 -3.33 89.43
N LYS B 482 -22.00 -2.99 88.80
CA LYS B 482 -21.46 -1.65 88.96
C LYS B 482 -22.42 -0.60 88.39
N ALA B 483 -22.98 -0.87 87.21
CA ALA B 483 -23.92 0.07 86.61
C ALA B 483 -25.18 0.21 87.45
N SER B 484 -25.66 -0.90 88.01
CA SER B 484 -26.84 -0.85 88.88
C SER B 484 -26.56 -0.02 90.12
N ALA B 485 -25.38 -0.19 90.72
CA ALA B 485 -25.03 0.59 91.91
C ALA B 485 -24.95 2.08 91.58
N LEU B 486 -24.32 2.43 90.47
CA LEU B 486 -24.21 3.85 90.11
C LEU B 486 -25.57 4.44 89.76
N ALA B 487 -26.43 3.67 89.08
CA ALA B 487 -27.77 4.14 88.79
C ALA B 487 -28.58 4.31 90.06
N CYS B 488 -28.39 3.42 91.04
CA CYS B 488 -29.05 3.58 92.33
C CYS B 488 -28.57 4.82 93.05
N LEU B 489 -27.28 5.15 92.93
CA LEU B 489 -26.79 6.42 93.47
C LEU B 489 -27.48 7.60 92.79
N LYS B 490 -27.59 7.56 91.47
CA LYS B 490 -28.19 8.69 90.74
C LYS B 490 -29.67 8.84 91.04
N VAL B 491 -30.38 7.72 91.20
CA VAL B 491 -31.82 7.74 91.45
C VAL B 491 -32.08 6.99 92.75
N PRO B 492 -32.03 7.66 93.91
CA PRO B 492 -32.12 6.94 95.20
C PRO B 492 -33.49 6.34 95.48
N GLU B 493 -34.52 6.67 94.70
CA GLU B 493 -35.85 6.11 94.96
C GLU B 493 -35.85 4.59 94.80
N ALA B 494 -35.13 4.08 93.80
CA ALA B 494 -35.00 2.64 93.64
C ALA B 494 -34.20 2.00 94.75
N ASN B 495 -33.50 2.80 95.56
CA ASN B 495 -32.74 2.32 96.70
C ASN B 495 -33.46 2.61 98.02
N SER B 496 -34.77 2.48 98.05
CA SER B 496 -35.58 2.75 99.24
C SER B 496 -36.28 1.48 99.70
N SER B 497 -37.03 1.63 100.79
CA SER B 497 -37.80 0.54 101.38
C SER B 497 -39.05 1.12 102.03
N TRP B 498 -40.17 0.43 101.84
CA TRP B 498 -41.44 0.86 102.41
C TRP B 498 -41.62 0.19 103.77
N LEU B 499 -41.84 0.99 104.81
CA LEU B 499 -41.95 0.49 106.17
C LEU B 499 -43.29 0.89 106.81
N ASP B 500 -44.26 1.25 105.95
CA ASP B 500 -45.65 1.49 106.32
C ASP B 500 -45.83 2.78 107.11
N THR B 501 -44.73 3.42 107.50
CA THR B 501 -44.77 4.72 108.15
C THR B 501 -43.83 5.73 107.51
N VAL B 502 -42.65 5.29 107.09
CA VAL B 502 -41.69 6.13 106.41
C VAL B 502 -41.09 5.35 105.25
N ILE B 503 -40.51 6.07 104.30
CA ILE B 503 -39.79 5.48 103.18
C ILE B 503 -38.30 5.59 103.47
N ARG B 504 -37.68 4.48 103.86
CA ARG B 504 -36.27 4.47 104.23
C ARG B 504 -35.43 4.53 102.97
N GLN B 505 -34.72 5.63 102.76
CA GLN B 505 -33.90 5.82 101.57
C GLN B 505 -32.45 5.50 101.88
N ASN B 506 -32.02 4.29 101.52
CA ASN B 506 -30.66 3.85 101.86
C ASN B 506 -29.63 4.65 101.08
N HIS B 507 -28.63 5.16 101.79
CA HIS B 507 -27.56 5.92 101.18
C HIS B 507 -26.41 5.04 100.67
N VAL B 508 -26.41 3.76 101.02
CA VAL B 508 -25.42 2.80 100.52
C VAL B 508 -26.14 1.80 99.63
N VAL B 509 -25.39 1.18 98.74
CA VAL B 509 -25.95 0.24 97.76
C VAL B 509 -25.35 -1.13 98.04
N ASP B 510 -26.15 -2.01 98.64
CA ASP B 510 -25.77 -3.39 98.87
C ASP B 510 -26.52 -4.25 97.86
N ILE B 511 -25.81 -4.78 96.88
CA ILE B 511 -26.43 -5.49 95.77
C ILE B 511 -26.49 -6.98 96.10
N SER B 512 -27.69 -7.48 96.33
CA SER B 512 -27.91 -8.92 96.39
C SER B 512 -27.79 -9.50 94.99
N VAL B 513 -27.16 -10.66 94.87
CA VAL B 513 -26.97 -11.31 93.58
C VAL B 513 -27.62 -12.68 93.65
N ALA B 514 -28.52 -12.96 92.71
CA ALA B 514 -29.21 -14.24 92.71
C ALA B 514 -28.26 -15.35 92.25
N VAL B 515 -28.08 -16.36 93.09
CA VAL B 515 -27.24 -17.51 92.79
C VAL B 515 -28.07 -18.76 92.93
N SER B 516 -28.02 -19.62 91.91
CA SER B 516 -28.75 -20.88 91.94
C SER B 516 -27.84 -22.01 92.40
N THR B 517 -28.24 -22.70 93.44
CA THR B 517 -27.53 -23.80 94.06
C THR B 517 -28.46 -25.00 94.09
N PRO B 518 -27.93 -26.21 94.26
CA PRO B 518 -28.81 -27.39 94.32
C PRO B 518 -29.85 -27.31 95.43
N ALA B 519 -29.64 -26.51 96.46
CA ALA B 519 -30.60 -26.34 97.54
C ALA B 519 -31.63 -25.25 97.26
N GLY B 520 -31.48 -24.48 96.19
CA GLY B 520 -32.43 -23.45 95.83
C GLY B 520 -31.76 -22.15 95.42
N LEU B 521 -32.52 -21.06 95.56
CA LEU B 521 -32.03 -19.75 95.20
C LEU B 521 -31.54 -19.01 96.45
N ILE B 522 -30.36 -18.43 96.37
CA ILE B 522 -29.80 -17.66 97.49
C ILE B 522 -29.33 -16.32 96.95
N THR B 523 -29.14 -15.36 97.85
CA THR B 523 -28.82 -13.98 97.49
C THR B 523 -27.65 -13.47 98.31
N PRO B 524 -26.42 -13.85 97.97
CA PRO B 524 -25.26 -13.22 98.61
C PRO B 524 -25.18 -11.75 98.27
N ILE B 525 -24.71 -10.96 99.24
CA ILE B 525 -24.76 -9.50 99.15
C ILE B 525 -23.35 -8.98 98.89
N VAL B 526 -23.21 -8.17 97.84
CA VAL B 526 -22.00 -7.39 97.59
C VAL B 526 -22.25 -6.03 98.24
N PHE B 527 -21.57 -5.78 99.35
CA PHE B 527 -21.76 -4.53 100.07
C PHE B 527 -20.95 -3.41 99.43
N ASN B 528 -21.52 -2.20 99.42
CA ASN B 528 -20.83 -1.01 98.93
C ASN B 528 -20.39 -1.19 97.48
N ALA B 529 -21.30 -1.70 96.64
CA ALA B 529 -20.99 -1.86 95.23
C ALA B 529 -20.85 -0.52 94.53
N HIS B 530 -21.34 0.56 95.14
CA HIS B 530 -21.21 1.87 94.54
C HIS B 530 -19.79 2.41 94.64
N ILE B 531 -18.99 1.88 95.56
CA ILE B 531 -17.60 2.30 95.71
C ILE B 531 -16.61 1.20 95.37
N LYS B 532 -17.03 -0.06 95.35
CA LYS B 532 -16.15 -1.14 94.96
C LYS B 532 -15.86 -1.08 93.47
N GLY B 533 -14.63 -1.46 93.09
CA GLY B 533 -14.27 -1.51 91.69
C GLY B 533 -14.71 -2.80 91.02
N LEU B 534 -14.50 -2.86 89.71
CA LEU B 534 -14.92 -4.04 88.95
C LEU B 534 -14.16 -5.29 89.38
N GLU B 535 -12.85 -5.16 89.60
CA GLU B 535 -12.08 -6.31 90.05
C GLU B 535 -12.52 -6.77 91.44
N THR B 536 -12.72 -5.82 92.35
CA THR B 536 -13.19 -6.17 93.69
C THR B 536 -14.58 -6.79 93.64
N ILE B 537 -15.46 -6.24 92.81
CA ILE B 537 -16.81 -6.80 92.67
C ILE B 537 -16.74 -8.23 92.12
N ALA B 538 -15.90 -8.45 91.12
CA ALA B 538 -15.77 -9.78 90.54
C ALA B 538 -15.24 -10.78 91.56
N ASN B 539 -14.22 -10.39 92.32
CA ASN B 539 -13.67 -11.29 93.33
C ASN B 539 -14.70 -11.59 94.42
N ASP B 540 -15.43 -10.56 94.87
CA ASP B 540 -16.46 -10.77 95.88
C ASP B 540 -17.55 -11.70 95.36
N VAL B 541 -17.98 -11.50 94.12
CA VAL B 541 -19.03 -12.34 93.55
C VAL B 541 -18.56 -13.79 93.44
N VAL B 542 -17.31 -14.00 93.00
CA VAL B 542 -16.79 -15.36 92.89
C VAL B 542 -16.73 -16.03 94.26
N SER B 543 -16.21 -15.31 95.26
CA SER B 543 -16.08 -15.88 96.60
C SER B 543 -17.45 -16.21 97.19
N LEU B 544 -18.41 -15.29 97.06
CA LEU B 544 -19.74 -15.53 97.63
C LEU B 544 -20.48 -16.63 96.88
N ALA B 545 -20.28 -16.72 95.56
CA ALA B 545 -20.89 -17.81 94.81
C ALA B 545 -20.32 -19.16 95.22
N THR B 546 -19.00 -19.23 95.44
CA THR B 546 -18.40 -20.47 95.93
C THR B 546 -18.94 -20.82 97.30
N LYS B 547 -19.07 -19.83 98.19
CA LYS B 547 -19.61 -20.09 99.52
C LYS B 547 -21.05 -20.58 99.44
N ALA B 548 -21.85 -19.96 98.56
CA ALA B 548 -23.25 -20.38 98.42
C ALA B 548 -23.35 -21.80 97.88
N ARG B 549 -22.53 -22.13 96.88
CA ARG B 549 -22.56 -23.47 96.32
C ARG B 549 -22.11 -24.51 97.33
N GLU B 550 -21.14 -24.16 98.18
CA GLU B 550 -20.69 -25.08 99.23
C GLU B 550 -21.55 -25.02 100.48
N GLY B 551 -22.54 -24.14 100.52
CA GLY B 551 -23.44 -24.08 101.67
C GLY B 551 -22.85 -23.50 102.91
N LYS B 552 -21.88 -22.58 102.78
CA LYS B 552 -21.17 -22.02 103.93
C LYS B 552 -21.52 -20.56 104.19
N LEU B 553 -22.57 -20.03 103.56
CA LEU B 553 -22.91 -18.63 103.73
C LEU B 553 -23.44 -18.36 105.13
N GLN B 554 -22.94 -17.29 105.75
CA GLN B 554 -23.45 -16.83 107.03
C GLN B 554 -24.72 -16.01 106.83
N PRO B 555 -25.60 -15.94 107.83
CA PRO B 555 -26.87 -15.22 107.64
C PRO B 555 -26.71 -13.76 107.25
N HIS B 556 -25.71 -13.06 107.79
CA HIS B 556 -25.54 -11.66 107.43
C HIS B 556 -25.01 -11.48 106.01
N GLU B 557 -24.47 -12.54 105.41
CA GLU B 557 -23.96 -12.45 104.04
C GLU B 557 -25.05 -12.56 102.99
N PHE B 558 -26.26 -12.98 103.37
CA PHE B 558 -27.37 -13.03 102.42
C PHE B 558 -28.67 -12.44 102.94
N GLN B 559 -28.71 -11.91 104.16
CA GLN B 559 -29.89 -11.24 104.67
C GLN B 559 -29.68 -9.74 104.63
N GLY B 560 -30.63 -9.02 104.02
CA GLY B 560 -30.54 -7.59 103.91
C GLY B 560 -30.45 -7.11 102.48
N GLY B 561 -29.59 -6.13 102.23
CA GLY B 561 -29.44 -5.57 100.91
C GLY B 561 -30.50 -4.53 100.58
N THR B 562 -30.20 -3.70 99.58
CA THR B 562 -31.11 -2.66 99.15
C THR B 562 -31.60 -2.84 97.71
N PHE B 563 -30.92 -3.64 96.91
CA PHE B 563 -31.26 -3.82 95.51
C PHE B 563 -30.74 -5.17 95.06
N THR B 564 -31.56 -5.88 94.29
CA THR B 564 -31.26 -7.25 93.90
C THR B 564 -31.09 -7.35 92.39
N ILE B 565 -30.16 -8.20 91.95
CA ILE B 565 -29.93 -8.48 90.55
C ILE B 565 -30.03 -9.98 90.34
N SER B 566 -30.91 -10.41 89.44
CA SER B 566 -31.08 -11.80 89.08
C SER B 566 -30.77 -11.95 87.60
N ASN B 567 -29.70 -12.67 87.28
CA ASN B 567 -29.23 -12.82 85.91
C ASN B 567 -29.50 -14.25 85.46
N LEU B 568 -30.26 -14.40 84.38
CA LEU B 568 -30.51 -15.71 83.79
C LEU B 568 -30.11 -15.77 82.33
N GLY B 569 -29.20 -14.90 81.89
CA GLY B 569 -28.75 -14.93 80.51
C GLY B 569 -27.94 -16.16 80.18
N MET B 570 -27.27 -16.73 81.19
CA MET B 570 -26.50 -17.94 80.98
C MET B 570 -27.36 -19.12 80.57
N PHE B 571 -28.65 -19.08 80.88
CA PHE B 571 -29.58 -20.14 80.53
C PHE B 571 -30.36 -19.85 79.24
N GLY B 572 -30.04 -18.74 78.57
CA GLY B 572 -30.68 -18.44 77.30
C GLY B 572 -32.01 -17.73 77.38
N ILE B 573 -32.41 -17.27 78.57
CA ILE B 573 -33.67 -16.55 78.70
C ILE B 573 -33.55 -15.19 78.02
N LYS B 574 -34.48 -14.89 77.12
CA LYS B 574 -34.48 -13.60 76.45
C LYS B 574 -34.77 -12.47 77.44
N ASN B 575 -35.83 -12.60 78.23
CA ASN B 575 -36.14 -11.67 79.29
C ASN B 575 -37.11 -12.34 80.25
N PHE B 576 -37.17 -11.82 81.47
CA PHE B 576 -38.07 -12.38 82.47
C PHE B 576 -38.36 -11.32 83.52
N SER B 577 -39.43 -11.55 84.27
CA SER B 577 -39.88 -10.65 85.33
C SER B 577 -39.71 -11.37 86.67
N ALA B 578 -38.95 -10.77 87.57
CA ALA B 578 -38.67 -11.42 88.84
C ALA B 578 -39.57 -10.88 89.95
N ILE B 579 -39.47 -11.51 91.11
CA ILE B 579 -40.24 -11.12 92.29
C ILE B 579 -39.35 -10.29 93.20
N ILE B 580 -39.87 -9.15 93.66
CA ILE B 580 -39.10 -8.26 94.52
C ILE B 580 -38.83 -8.95 95.85
N ASN B 581 -37.56 -8.96 96.25
CA ASN B 581 -37.15 -9.54 97.52
C ASN B 581 -37.41 -8.51 98.62
N PRO B 582 -38.27 -8.81 99.59
CA PRO B 582 -38.62 -7.81 100.59
C PRO B 582 -37.44 -7.57 101.54
N PRO B 583 -37.37 -6.38 102.15
CA PRO B 583 -38.25 -5.23 101.99
C PRO B 583 -37.76 -4.24 100.94
N GLN B 584 -37.00 -4.72 99.94
CA GLN B 584 -36.46 -3.83 98.93
C GLN B 584 -37.57 -3.30 98.01
N ALA B 585 -37.21 -2.33 97.19
CA ALA B 585 -38.19 -1.66 96.33
C ALA B 585 -38.07 -2.06 94.86
N CYS B 586 -36.99 -2.71 94.46
CA CYS B 586 -36.77 -3.06 93.06
C CYS B 586 -35.95 -4.33 92.96
N ILE B 587 -35.97 -4.93 91.77
CA ILE B 587 -35.12 -6.07 91.43
C ILE B 587 -34.91 -6.05 89.92
N LEU B 588 -33.66 -6.19 89.50
CA LEU B 588 -33.31 -6.13 88.09
C LEU B 588 -33.15 -7.54 87.55
N ALA B 589 -33.98 -7.90 86.57
CA ALA B 589 -33.94 -9.21 85.93
C ALA B 589 -33.21 -9.07 84.60
N VAL B 590 -32.10 -9.79 84.45
CA VAL B 590 -31.23 -9.67 83.29
C VAL B 590 -31.36 -10.93 82.45
N GLY B 591 -31.59 -10.74 81.14
CA GLY B 591 -31.71 -11.84 80.21
C GLY B 591 -30.44 -12.04 79.41
N ALA B 592 -30.57 -12.82 78.35
CA ALA B 592 -29.42 -13.16 77.50
C ALA B 592 -29.13 -12.05 76.51
N SER B 593 -27.86 -11.97 76.12
CA SER B 593 -27.45 -11.01 75.10
C SER B 593 -27.36 -11.69 73.74
N GLU B 594 -28.01 -11.09 72.75
CA GLU B 594 -28.12 -11.68 71.42
C GLU B 594 -27.79 -10.63 70.37
N ASP B 595 -27.28 -11.09 69.23
CA ASP B 595 -26.98 -10.20 68.11
C ASP B 595 -28.27 -9.88 67.37
N ARG B 596 -28.51 -8.60 67.13
CA ARG B 596 -29.70 -8.13 66.44
C ARG B 596 -29.32 -7.11 65.38
N LEU B 597 -30.07 -7.11 64.28
CA LEU B 597 -29.83 -6.16 63.21
C LEU B 597 -30.55 -4.85 63.48
N PHE B 598 -29.84 -3.75 63.29
CA PHE B 598 -30.42 -2.43 63.49
C PHE B 598 -30.05 -1.52 62.34
N PRO B 599 -30.93 -0.58 61.97
CA PRO B 599 -30.63 0.31 60.84
C PRO B 599 -29.40 1.17 61.11
N ALA B 600 -28.65 1.43 60.06
CA ALA B 600 -27.47 2.28 60.14
C ALA B 600 -27.28 3.02 58.82
N ASP B 601 -26.57 4.15 58.88
CA ASP B 601 -26.33 4.98 57.70
C ASP B 601 -25.04 4.53 57.02
N ASN B 602 -25.08 3.30 56.51
CA ASN B 602 -23.96 2.73 55.77
C ASN B 602 -24.46 2.13 54.46
N GLU B 603 -23.52 1.57 53.69
CA GLU B 603 -23.87 0.99 52.40
C GLU B 603 -24.81 -0.20 52.54
N LYS B 604 -24.54 -1.08 53.51
CA LYS B 604 -25.40 -2.24 53.73
C LYS B 604 -26.77 -1.86 54.25
N GLY B 605 -26.90 -0.70 54.89
CA GLY B 605 -28.17 -0.29 55.46
C GLY B 605 -28.48 -0.82 56.84
N PHE B 606 -27.58 -1.61 57.42
CA PHE B 606 -27.81 -2.18 58.74
C PHE B 606 -26.48 -2.48 59.41
N ASP B 607 -26.54 -2.72 60.71
CA ASP B 607 -25.39 -3.11 61.51
C ASP B 607 -25.81 -4.19 62.50
N VAL B 608 -24.82 -4.85 63.10
CA VAL B 608 -25.05 -5.93 64.04
C VAL B 608 -24.55 -5.47 65.41
N ALA B 609 -25.43 -5.54 66.41
CA ALA B 609 -25.10 -5.15 67.77
C ALA B 609 -25.59 -6.22 68.74
N SER B 610 -24.78 -6.48 69.76
CA SER B 610 -25.13 -7.44 70.80
C SER B 610 -25.95 -6.72 71.86
N MET B 611 -27.25 -6.95 71.88
CA MET B 611 -28.16 -6.25 72.78
C MET B 611 -28.65 -7.19 73.87
N MET B 612 -28.78 -6.67 75.08
CA MET B 612 -29.20 -7.43 76.25
C MET B 612 -30.40 -6.74 76.89
N SER B 613 -31.48 -7.50 77.08
CA SER B 613 -32.74 -6.96 77.56
C SER B 613 -32.87 -7.14 79.06
N VAL B 614 -33.19 -6.05 79.76
CA VAL B 614 -33.36 -6.08 81.21
C VAL B 614 -34.75 -5.59 81.58
N THR B 615 -35.33 -6.25 82.59
CA THR B 615 -36.65 -5.92 83.10
C THR B 615 -36.53 -5.61 84.59
N LEU B 616 -36.82 -4.36 84.94
CA LEU B 616 -36.81 -3.92 86.33
C LEU B 616 -38.22 -4.03 86.89
N SER B 617 -38.37 -4.79 87.98
CA SER B 617 -39.65 -4.91 88.66
C SER B 617 -39.65 -3.99 89.87
N CYS B 618 -40.58 -3.05 89.90
CA CYS B 618 -40.57 -1.97 90.88
C CYS B 618 -41.81 -2.05 91.75
N ASP B 619 -41.63 -1.66 93.01
CA ASP B 619 -42.73 -1.48 93.96
C ASP B 619 -43.38 -0.13 93.68
N HIS B 620 -44.63 -0.15 93.21
CA HIS B 620 -45.27 1.08 92.78
C HIS B 620 -45.59 2.03 93.93
N ARG B 621 -45.56 1.56 95.18
CA ARG B 621 -45.67 2.47 96.31
C ARG B 621 -44.51 3.43 96.36
N VAL B 622 -43.30 2.96 96.10
CA VAL B 622 -42.08 3.74 96.26
C VAL B 622 -41.62 4.34 94.94
N VAL B 623 -41.54 3.53 93.89
CA VAL B 623 -41.00 3.95 92.60
C VAL B 623 -42.17 4.02 91.61
N ASP B 624 -42.47 5.22 91.13
CA ASP B 624 -43.48 5.35 90.09
C ASP B 624 -42.86 5.16 88.71
N GLY B 625 -43.70 5.25 87.68
CA GLY B 625 -43.25 4.91 86.34
C GLY B 625 -42.13 5.80 85.85
N ALA B 626 -42.24 7.11 86.09
CA ALA B 626 -41.21 8.04 85.62
C ALA B 626 -39.88 7.77 86.31
N VAL B 627 -39.91 7.50 87.63
CA VAL B 627 -38.68 7.24 88.35
C VAL B 627 -38.04 5.93 87.90
N GLY B 628 -38.85 4.89 87.71
CA GLY B 628 -38.31 3.64 87.20
C GLY B 628 -37.70 3.78 85.82
N ALA B 629 -38.36 4.55 84.95
CA ALA B 629 -37.83 4.80 83.62
C ALA B 629 -36.53 5.59 83.68
N GLN B 630 -36.44 6.56 84.59
CA GLN B 630 -35.19 7.31 84.76
C GLN B 630 -34.07 6.40 85.23
N TRP B 631 -34.36 5.49 86.17
CA TRP B 631 -33.36 4.55 86.63
C TRP B 631 -32.87 3.67 85.48
N LEU B 632 -33.81 3.16 84.68
CA LEU B 632 -33.41 2.30 83.57
C LEU B 632 -32.62 3.06 82.52
N ALA B 633 -32.97 4.33 82.28
CA ALA B 633 -32.19 5.14 81.35
C ALA B 633 -30.77 5.37 81.85
N GLU B 634 -30.62 5.66 83.14
CA GLU B 634 -29.28 5.83 83.70
C GLU B 634 -28.47 4.54 83.60
N PHE B 635 -29.10 3.41 83.92
CA PHE B 635 -28.43 2.12 83.81
C PHE B 635 -27.99 1.84 82.38
N ARG B 636 -28.88 2.12 81.41
CA ARG B 636 -28.55 1.89 80.01
C ARG B 636 -27.41 2.79 79.55
N LYS B 637 -27.42 4.06 79.98
CA LYS B 637 -26.33 4.96 79.61
C LYS B 637 -25.01 4.46 80.19
N TYR B 638 -25.01 4.06 81.46
CA TYR B 638 -23.79 3.56 82.09
C TYR B 638 -23.24 2.35 81.36
N LEU B 639 -24.11 1.42 80.98
CA LEU B 639 -23.62 0.24 80.27
C LEU B 639 -23.20 0.56 78.84
N GLU B 640 -23.93 1.44 78.15
CA GLU B 640 -23.59 1.73 76.77
C GLU B 640 -22.31 2.53 76.63
N LYS B 641 -21.93 3.30 77.65
CA LYS B 641 -20.62 3.95 77.69
C LYS B 641 -19.94 3.63 79.00
N PRO B 642 -19.14 2.55 79.05
CA PRO B 642 -18.51 2.14 80.30
C PRO B 642 -17.58 3.18 80.89
N ILE B 643 -16.97 4.04 80.07
CA ILE B 643 -16.07 5.06 80.59
C ILE B 643 -16.81 6.04 81.48
N THR B 644 -18.13 6.17 81.30
CA THR B 644 -18.92 7.04 82.16
C THR B 644 -19.10 6.47 83.56
N MET B 645 -18.72 5.21 83.79
CA MET B 645 -18.73 4.68 85.14
C MET B 645 -17.66 5.30 86.02
N LEU B 646 -16.71 6.03 85.43
CA LEU B 646 -15.66 6.71 86.19
C LEU B 646 -16.15 8.01 86.82
N LEU B 647 -17.29 8.53 86.39
CA LEU B 647 -17.81 9.78 86.94
C LEU B 647 -18.42 9.57 88.33
N PHE C 420 69.20 -12.06 -84.99
CA PHE C 420 67.92 -11.79 -85.65
C PHE C 420 67.60 -12.87 -86.69
N THR C 421 66.40 -12.79 -87.25
CA THR C 421 65.95 -13.71 -88.28
C THR C 421 65.23 -12.91 -89.36
N ASP C 422 65.62 -13.12 -90.62
CA ASP C 422 65.02 -12.42 -91.75
C ASP C 422 63.91 -13.30 -92.33
N ILE C 423 62.67 -12.89 -92.13
CA ILE C 423 61.50 -13.61 -92.64
C ILE C 423 61.15 -13.03 -94.00
N PRO C 424 61.17 -13.82 -95.07
CA PRO C 424 60.83 -13.28 -96.40
C PRO C 424 59.39 -12.76 -96.42
N ILE C 425 59.19 -11.68 -97.17
CA ILE C 425 57.87 -11.07 -97.28
C ILE C 425 57.12 -11.75 -98.42
N SER C 426 55.94 -12.29 -98.10
CA SER C 426 55.12 -12.90 -99.13
C SER C 426 54.51 -11.84 -100.04
N ASN C 427 54.06 -12.29 -101.21
CA ASN C 427 53.43 -11.36 -102.16
C ASN C 427 52.12 -10.80 -101.60
N ILE C 428 51.38 -11.63 -100.87
CA ILE C 428 50.14 -11.16 -100.24
C ILE C 428 50.45 -10.06 -99.23
N ARG C 429 51.48 -10.27 -98.40
CA ARG C 429 51.87 -9.27 -97.42
C ARG C 429 52.39 -8.01 -98.11
N ARG C 430 53.10 -8.16 -99.23
CA ARG C 430 53.55 -7.00 -99.97
C ARG C 430 52.37 -6.20 -100.51
N VAL C 431 51.35 -6.89 -101.02
CA VAL C 431 50.17 -6.21 -101.52
C VAL C 431 49.45 -5.47 -100.39
N ILE C 432 49.32 -6.12 -99.23
CA ILE C 432 48.65 -5.48 -98.09
C ILE C 432 49.44 -4.24 -97.65
N ALA C 433 50.76 -4.37 -97.56
CA ALA C 433 51.60 -3.24 -97.16
C ALA C 433 51.50 -2.10 -98.16
N GLN C 434 51.48 -2.42 -99.46
CA GLN C 434 51.35 -1.38 -100.47
C GLN C 434 50.00 -0.68 -100.37
N ARG C 435 48.93 -1.42 -100.12
CA ARG C 435 47.62 -0.82 -99.95
C ARG C 435 47.61 0.11 -98.73
N LEU C 436 48.18 -0.35 -97.61
CA LEU C 436 48.20 0.48 -96.40
C LEU C 436 49.02 1.74 -96.60
N MET C 437 50.19 1.61 -97.26
CA MET C 437 51.01 2.78 -97.53
C MET C 437 50.28 3.76 -98.44
N GLN C 438 49.61 3.25 -99.47
CA GLN C 438 48.84 4.11 -100.36
C GLN C 438 47.75 4.84 -99.60
N SER C 439 47.04 4.13 -98.71
CA SER C 439 45.99 4.75 -97.93
C SER C 439 46.53 5.87 -97.05
N LYS C 440 47.61 5.59 -96.33
CA LYS C 440 48.16 6.60 -95.42
C LYS C 440 48.81 7.75 -96.17
N GLN C 441 49.24 7.53 -97.41
CA GLN C 441 49.89 8.60 -98.18
C GLN C 441 48.88 9.47 -98.91
N THR C 442 47.74 8.91 -99.33
CA THR C 442 46.80 9.65 -100.16
C THR C 442 45.54 10.07 -99.44
N ILE C 443 45.25 9.52 -98.26
CA ILE C 443 44.02 9.82 -97.54
C ILE C 443 44.39 10.60 -96.28
N PRO C 444 43.94 11.85 -96.14
CA PRO C 444 44.21 12.60 -94.90
C PRO C 444 43.32 12.15 -93.76
N HIS C 445 43.75 11.11 -93.05
CA HIS C 445 42.95 10.56 -91.95
C HIS C 445 42.77 11.58 -90.84
N TYR C 446 41.59 11.57 -90.23
CA TYR C 446 41.38 12.23 -88.95
C TYR C 446 40.33 11.45 -88.16
N TYR C 447 40.50 11.37 -86.85
CA TYR C 447 39.84 10.38 -86.04
C TYR C 447 38.91 11.05 -85.03
N LEU C 448 37.71 10.49 -84.86
CA LEU C 448 36.75 10.98 -83.88
C LEU C 448 36.30 9.82 -82.98
N SER C 449 36.34 10.02 -81.67
CA SER C 449 36.03 8.96 -80.73
C SER C 449 34.84 9.33 -79.87
N VAL C 450 33.95 8.36 -79.63
CA VAL C 450 32.81 8.53 -78.74
C VAL C 450 32.62 7.27 -77.91
N ASP C 451 31.77 7.38 -76.89
CA ASP C 451 31.40 6.29 -76.02
C ASP C 451 29.92 5.98 -76.17
N VAL C 452 29.60 4.69 -76.24
CA VAL C 452 28.24 4.21 -76.48
C VAL C 452 27.82 3.33 -75.30
N ASN C 453 26.67 3.64 -74.71
CA ASN C 453 26.12 2.82 -73.63
C ASN C 453 25.44 1.60 -74.25
N MET C 454 25.83 0.42 -73.79
CA MET C 454 25.41 -0.82 -74.43
C MET C 454 24.51 -1.69 -73.56
N GLY C 455 23.95 -1.16 -72.48
CA GLY C 455 23.06 -1.96 -71.66
C GLY C 455 21.82 -2.41 -72.41
N GLU C 456 21.21 -1.49 -73.15
CA GLU C 456 20.03 -1.83 -73.93
C GLU C 456 20.37 -2.84 -75.02
N VAL C 457 21.53 -2.67 -75.66
CA VAL C 457 21.95 -3.63 -76.69
C VAL C 457 22.12 -5.02 -76.07
N LEU C 458 22.75 -5.09 -74.90
CA LEU C 458 22.94 -6.39 -74.25
C LEU C 458 21.60 -7.02 -73.88
N LEU C 459 20.67 -6.23 -73.36
CA LEU C 459 19.36 -6.77 -72.98
C LEU C 459 18.61 -7.27 -74.20
N VAL C 460 18.59 -6.49 -75.27
CA VAL C 460 17.89 -6.89 -76.49
C VAL C 460 18.55 -8.12 -77.10
N ARG C 461 19.89 -8.19 -77.05
CA ARG C 461 20.58 -9.35 -77.58
C ARG C 461 20.27 -10.61 -76.78
N LYS C 462 20.20 -10.49 -75.46
CA LYS C 462 19.85 -11.64 -74.63
C LYS C 462 18.44 -12.11 -74.95
N GLU C 463 17.49 -11.19 -75.06
CA GLU C 463 16.12 -11.57 -75.37
C GLU C 463 16.02 -12.21 -76.76
N LEU C 464 16.73 -11.64 -77.73
CA LEU C 464 16.73 -12.19 -79.08
C LEU C 464 17.31 -13.59 -79.10
N ASN C 465 18.42 -13.81 -78.39
CA ASN C 465 19.02 -15.14 -78.33
C ASN C 465 18.10 -16.13 -77.65
N LYS C 466 17.40 -15.71 -76.60
CA LYS C 466 16.46 -16.61 -75.93
C LYS C 466 15.29 -16.97 -76.85
N MET C 467 14.76 -16.00 -77.60
CA MET C 467 13.74 -16.33 -78.59
C MET C 467 14.28 -17.23 -79.70
N LEU C 468 15.57 -17.11 -80.02
CA LEU C 468 16.15 -17.88 -81.11
C LEU C 468 16.17 -19.37 -80.85
N GLU C 469 16.28 -19.80 -79.59
CA GLU C 469 16.24 -21.21 -79.21
C GLU C 469 17.31 -22.02 -79.93
N GLY C 470 18.49 -21.41 -80.11
CA GLY C 470 19.64 -22.09 -80.65
C GLY C 470 19.69 -22.19 -82.16
N ARG C 471 18.69 -21.68 -82.88
CA ARG C 471 18.76 -21.69 -84.34
C ARG C 471 19.90 -20.81 -84.84
N SER C 472 20.10 -19.66 -84.22
CA SER C 472 21.22 -18.78 -84.49
C SER C 472 21.56 -18.02 -83.23
N LYS C 473 22.73 -17.39 -83.22
CA LYS C 473 23.19 -16.61 -82.08
C LYS C 473 23.54 -15.21 -82.55
N ILE C 474 22.83 -14.22 -82.03
CA ILE C 474 23.09 -12.83 -82.40
C ILE C 474 24.22 -12.29 -81.53
N SER C 475 25.24 -11.72 -82.17
CA SER C 475 26.38 -11.17 -81.47
C SER C 475 26.33 -9.64 -81.47
N VAL C 476 27.18 -9.05 -80.64
CA VAL C 476 27.25 -7.59 -80.54
C VAL C 476 27.73 -6.97 -81.84
N ASN C 477 28.63 -7.65 -82.55
CA ASN C 477 29.10 -7.12 -83.83
C ASN C 477 27.97 -7.05 -84.85
N ASP C 478 26.96 -7.91 -84.73
CA ASP C 478 25.81 -7.81 -85.63
C ASP C 478 25.04 -6.52 -85.39
N PHE C 479 24.82 -6.18 -84.12
CA PHE C 479 24.19 -4.89 -83.79
C PHE C 479 25.04 -3.73 -84.29
N ILE C 480 26.36 -3.84 -84.14
CA ILE C 480 27.25 -2.76 -84.58
C ILE C 480 27.17 -2.60 -86.10
N ILE C 481 27.14 -3.71 -86.84
CA ILE C 481 27.05 -3.64 -88.30
C ILE C 481 25.72 -3.03 -88.73
N LYS C 482 24.63 -3.45 -88.08
CA LYS C 482 23.32 -2.91 -88.44
C LYS C 482 23.25 -1.41 -88.15
N ALA C 483 23.76 -0.99 -86.99
CA ALA C 483 23.75 0.43 -86.65
C ALA C 483 24.62 1.23 -87.60
N SER C 484 25.78 0.69 -87.97
CA SER C 484 26.65 1.37 -88.93
C SER C 484 25.97 1.52 -90.28
N ALA C 485 25.27 0.49 -90.74
CA ALA C 485 24.58 0.58 -92.02
C ALA C 485 23.45 1.62 -91.97
N LEU C 486 22.68 1.64 -90.88
CA LEU C 486 21.61 2.62 -90.77
C LEU C 486 22.16 4.04 -90.67
N ALA C 487 23.25 4.23 -89.92
CA ALA C 487 23.87 5.55 -89.83
C ALA C 487 24.44 5.97 -91.18
N CYS C 488 24.97 5.02 -91.96
CA CYS C 488 25.43 5.34 -93.31
C CYS C 488 24.28 5.76 -94.20
N LEU C 489 23.12 5.11 -94.07
CA LEU C 489 21.94 5.56 -94.80
C LEU C 489 21.55 6.97 -94.41
N LYS C 490 21.56 7.27 -93.10
CA LYS C 490 21.17 8.60 -92.66
C LYS C 490 22.16 9.67 -93.10
N VAL C 491 23.45 9.36 -93.10
CA VAL C 491 24.49 10.31 -93.47
C VAL C 491 25.28 9.72 -94.63
N PRO C 492 24.87 9.94 -95.88
CA PRO C 492 25.54 9.28 -97.01
C PRO C 492 26.96 9.76 -97.28
N GLU C 493 27.40 10.86 -96.65
CA GLU C 493 28.76 11.34 -96.89
C GLU C 493 29.80 10.33 -96.44
N ALA C 494 29.55 9.66 -95.31
CA ALA C 494 30.44 8.60 -94.86
C ALA C 494 30.39 7.38 -95.77
N ASN C 495 29.41 7.31 -96.65
CA ASN C 495 29.27 6.23 -97.63
C ASN C 495 29.69 6.67 -99.04
N SER C 496 30.73 7.50 -99.14
CA SER C 496 31.21 8.01 -100.40
C SER C 496 32.63 7.54 -100.67
N SER C 497 33.12 7.90 -101.85
CA SER C 497 34.47 7.58 -102.28
C SER C 497 35.03 8.72 -103.12
N TRP C 498 36.30 9.03 -102.91
CA TRP C 498 36.96 10.10 -103.64
C TRP C 498 37.68 9.51 -104.85
N LEU C 499 37.40 10.04 -106.04
CA LEU C 499 37.96 9.54 -107.28
C LEU C 499 38.69 10.63 -108.05
N ASP C 500 39.05 11.70 -107.35
CA ASP C 500 39.91 12.78 -107.86
C ASP C 500 39.20 13.66 -108.88
N THR C 501 38.00 13.26 -109.30
CA THR C 501 37.17 14.07 -110.19
C THR C 501 35.74 14.20 -109.72
N VAL C 502 35.22 13.18 -109.02
CA VAL C 502 33.87 13.19 -108.49
C VAL C 502 33.89 12.48 -107.14
N ILE C 503 32.86 12.74 -106.34
CA ILE C 503 32.64 12.05 -105.09
C ILE C 503 31.50 11.06 -105.28
N ARG C 504 31.85 9.78 -105.42
CA ARG C 504 30.86 8.74 -105.70
C ARG C 504 30.14 8.42 -104.39
N GLN C 505 28.86 8.76 -104.32
CA GLN C 505 28.06 8.57 -103.11
C GLN C 505 27.26 7.27 -103.25
N ASN C 506 27.76 6.20 -102.65
CA ASN C 506 27.13 4.89 -102.80
C ASN C 506 25.77 4.87 -102.11
N HIS C 507 24.76 4.41 -102.82
CA HIS C 507 23.40 4.31 -102.28
C HIS C 507 23.16 2.99 -101.56
N VAL C 508 24.07 2.04 -101.65
CA VAL C 508 23.99 0.78 -100.92
C VAL C 508 25.13 0.74 -99.91
N VAL C 509 24.96 -0.06 -98.88
CA VAL C 509 25.92 -0.16 -97.78
C VAL C 509 26.46 -1.58 -97.77
N ASP C 510 27.69 -1.76 -98.24
CA ASP C 510 28.39 -3.04 -98.19
C ASP C 510 29.46 -2.93 -97.12
N ILE C 511 29.23 -3.60 -95.99
CA ILE C 511 30.09 -3.45 -94.81
C ILE C 511 31.18 -4.51 -94.85
N SER C 512 32.41 -4.08 -95.09
CA SER C 512 33.55 -4.97 -94.89
C SER C 512 33.78 -5.16 -93.40
N VAL C 513 34.07 -6.38 -93.00
CA VAL C 513 34.31 -6.71 -91.59
C VAL C 513 35.72 -7.26 -91.46
N ALA C 514 36.54 -6.62 -90.63
CA ALA C 514 37.91 -7.06 -90.45
C ALA C 514 37.94 -8.37 -89.68
N VAL C 515 38.54 -9.39 -90.28
CA VAL C 515 38.69 -10.71 -89.68
C VAL C 515 40.17 -11.05 -89.66
N SER C 516 40.65 -11.49 -88.50
CA SER C 516 42.04 -11.89 -88.35
C SER C 516 42.18 -13.38 -88.54
N THR C 517 43.06 -13.78 -89.44
CA THR C 517 43.35 -15.17 -89.79
C THR C 517 44.85 -15.37 -89.67
N PRO C 518 45.31 -16.62 -89.59
CA PRO C 518 46.76 -16.84 -89.49
C PRO C 518 47.55 -16.27 -90.65
N ALA C 519 46.92 -16.03 -91.80
CA ALA C 519 47.58 -15.45 -92.95
C ALA C 519 47.55 -13.92 -92.96
N GLY C 520 46.82 -13.30 -92.03
CA GLY C 520 46.75 -11.86 -91.95
C GLY C 520 45.35 -11.34 -91.74
N LEU C 521 45.15 -10.08 -92.09
CA LEU C 521 43.85 -9.45 -91.96
C LEU C 521 43.11 -9.48 -93.29
N ILE C 522 41.85 -9.90 -93.27
CA ILE C 522 41.03 -9.94 -94.46
C ILE C 522 39.71 -9.23 -94.17
N THR C 523 39.00 -8.83 -95.22
CA THR C 523 37.80 -8.03 -95.09
C THR C 523 36.65 -8.62 -95.91
N PRO C 524 36.03 -9.70 -95.42
CA PRO C 524 34.80 -10.19 -96.06
C PRO C 524 33.69 -9.14 -95.97
N ILE C 525 32.88 -9.07 -97.02
CA ILE C 525 31.90 -8.00 -97.19
C ILE C 525 30.50 -8.57 -96.95
N VAL C 526 29.77 -7.94 -96.04
CA VAL C 526 28.33 -8.20 -95.87
C VAL C 526 27.63 -7.20 -96.78
N PHE C 527 27.02 -7.70 -97.85
CA PHE C 527 26.36 -6.84 -98.82
C PHE C 527 24.96 -6.48 -98.35
N ASN C 528 24.55 -5.25 -98.63
CA ASN C 528 23.21 -4.77 -98.32
C ASN C 528 22.89 -4.92 -96.83
N ALA C 529 23.85 -4.53 -95.99
CA ALA C 529 23.64 -4.60 -94.54
C ALA C 529 22.60 -3.60 -94.09
N HIS C 530 22.25 -2.62 -94.94
CA HIS C 530 21.23 -1.66 -94.58
C HIS C 530 19.83 -2.25 -94.63
N ILE C 531 19.64 -3.31 -95.43
CA ILE C 531 18.35 -3.97 -95.53
C ILE C 531 18.35 -5.37 -94.94
N LYS C 532 19.52 -5.96 -94.69
CA LYS C 532 19.57 -7.26 -94.04
C LYS C 532 19.20 -7.14 -92.57
N GLY C 533 18.56 -8.18 -92.03
CA GLY C 533 18.24 -8.20 -90.62
C GLY C 533 19.38 -8.71 -89.77
N LEU C 534 19.18 -8.71 -88.45
CA LEU C 534 20.22 -9.16 -87.53
C LEU C 534 20.52 -10.64 -87.72
N GLU C 535 19.49 -11.45 -87.94
CA GLU C 535 19.71 -12.87 -88.20
C GLU C 535 20.55 -13.09 -89.46
N THR C 536 20.17 -12.42 -90.55
CA THR C 536 20.90 -12.57 -91.80
C THR C 536 22.32 -12.04 -91.66
N ILE C 537 22.50 -10.91 -90.99
CA ILE C 537 23.84 -10.35 -90.80
C ILE C 537 24.70 -11.31 -89.99
N ALA C 538 24.15 -11.87 -88.92
CA ALA C 538 24.92 -12.79 -88.08
C ALA C 538 25.32 -14.04 -88.86
N ASN C 539 24.37 -14.62 -89.60
CA ASN C 539 24.66 -15.82 -90.37
C ASN C 539 25.71 -15.54 -91.45
N ASP C 540 25.57 -14.40 -92.15
CA ASP C 540 26.52 -14.04 -93.19
C ASP C 540 27.91 -13.82 -92.60
N VAL C 541 27.98 -13.15 -91.45
CA VAL C 541 29.27 -12.91 -90.81
C VAL C 541 29.92 -14.22 -90.39
N VAL C 542 29.14 -15.15 -89.83
CA VAL C 542 29.70 -16.43 -89.42
C VAL C 542 30.22 -17.19 -90.64
N SER C 543 29.43 -17.22 -91.71
CA SER C 543 29.84 -17.95 -92.91
C SER C 543 31.11 -17.34 -93.52
N LEU C 544 31.16 -16.01 -93.62
CA LEU C 544 32.34 -15.38 -94.20
C LEU C 544 33.55 -15.53 -93.31
N ALA C 545 33.36 -15.49 -91.98
CA ALA C 545 34.48 -15.71 -91.07
C ALA C 545 35.04 -17.11 -91.22
N THR C 546 34.16 -18.11 -91.33
CA THR C 546 34.63 -19.47 -91.56
C THR C 546 35.38 -19.59 -92.88
N LYS C 547 34.84 -18.97 -93.94
CA LYS C 547 35.50 -19.00 -95.24
C LYS C 547 36.86 -18.33 -95.18
N ALA C 548 36.96 -17.21 -94.45
CA ALA C 548 38.24 -16.51 -94.32
C ALA C 548 39.25 -17.34 -93.55
N ARG C 549 38.82 -17.94 -92.44
CA ARG C 549 39.73 -18.74 -91.63
C ARG C 549 40.22 -19.97 -92.38
N GLU C 550 39.35 -20.61 -93.16
CA GLU C 550 39.77 -21.79 -93.91
C GLU C 550 40.29 -21.46 -95.31
N GLY C 551 40.34 -20.18 -95.69
CA GLY C 551 41.03 -19.78 -96.90
C GLY C 551 40.31 -20.05 -98.20
N LYS C 552 38.99 -19.98 -98.23
CA LYS C 552 38.23 -20.17 -99.46
C LYS C 552 37.53 -18.90 -99.94
N LEU C 553 37.91 -17.72 -99.45
CA LEU C 553 37.25 -16.50 -99.87
C LEU C 553 37.53 -16.19 -101.32
N GLN C 554 36.47 -15.93 -102.09
CA GLN C 554 36.60 -15.47 -103.45
C GLN C 554 36.93 -13.98 -103.50
N PRO C 555 37.60 -13.52 -104.55
CA PRO C 555 37.99 -12.09 -104.61
C PRO C 555 36.81 -11.13 -104.51
N HIS C 556 35.66 -11.47 -105.08
CA HIS C 556 34.50 -10.59 -105.00
C HIS C 556 33.92 -10.54 -103.59
N GLU C 557 34.23 -11.52 -102.74
CA GLU C 557 33.69 -11.56 -101.39
C GLU C 557 34.49 -10.70 -100.42
N PHE C 558 35.67 -10.21 -100.81
CA PHE C 558 36.43 -9.32 -99.95
C PHE C 558 37.01 -8.10 -100.65
N GLN C 559 36.75 -7.91 -101.95
CA GLN C 559 37.18 -6.71 -102.65
C GLN C 559 35.98 -5.80 -102.87
N GLY C 560 36.13 -4.53 -102.52
CA GLY C 560 35.06 -3.57 -102.68
C GLY C 560 34.55 -3.02 -101.35
N GLY C 561 33.24 -2.87 -101.24
CA GLY C 561 32.64 -2.33 -100.04
C GLY C 561 32.64 -0.81 -100.02
N THR C 562 31.80 -0.26 -99.13
CA THR C 562 31.68 1.17 -98.97
C THR C 562 32.03 1.66 -97.57
N PHE C 563 32.05 0.77 -96.58
CA PHE C 563 32.32 1.12 -95.20
C PHE C 563 32.92 -0.10 -94.51
N THR C 564 33.88 0.13 -93.63
CA THR C 564 34.62 -0.95 -92.98
C THR C 564 34.45 -0.88 -91.47
N ILE C 565 34.37 -2.05 -90.84
CA ILE C 565 34.28 -2.16 -89.38
C ILE C 565 35.38 -3.09 -88.90
N SER C 566 36.23 -2.60 -88.02
CA SER C 566 37.29 -3.39 -87.40
C SER C 566 37.05 -3.42 -85.89
N ASN C 567 36.71 -4.60 -85.38
CA ASN C 567 36.36 -4.78 -83.98
C ASN C 567 37.48 -5.52 -83.27
N LEU C 568 38.08 -4.90 -82.27
CA LEU C 568 39.11 -5.54 -81.45
C LEU C 568 38.73 -5.59 -79.99
N GLY C 569 37.45 -5.57 -79.66
CA GLY C 569 37.04 -5.62 -78.27
C GLY C 569 37.26 -6.98 -77.64
N MET C 570 37.32 -8.03 -78.46
CA MET C 570 37.56 -9.36 -77.94
C MET C 570 38.97 -9.53 -77.42
N PHE C 571 39.89 -8.64 -77.79
CA PHE C 571 41.27 -8.69 -77.34
C PHE C 571 41.55 -7.71 -76.18
N GLY C 572 40.52 -7.05 -75.67
CA GLY C 572 40.72 -6.17 -74.53
C GLY C 572 41.16 -4.76 -74.86
N ILE C 573 41.16 -4.37 -76.13
CA ILE C 573 41.57 -3.03 -76.51
C ILE C 573 40.49 -2.03 -76.10
N LYS C 574 40.91 -0.99 -75.36
CA LYS C 574 39.95 0.04 -74.96
C LYS C 574 39.46 0.82 -76.18
N ASN C 575 40.38 1.31 -77.00
CA ASN C 575 40.04 1.93 -78.27
C ASN C 575 41.28 1.97 -79.15
N PHE C 576 41.07 2.18 -80.44
CA PHE C 576 42.18 2.25 -81.37
C PHE C 576 41.75 3.00 -82.62
N SER C 577 42.74 3.43 -83.40
CA SER C 577 42.52 4.18 -84.64
C SER C 577 43.01 3.32 -85.79
N ALA C 578 42.11 3.02 -86.73
CA ALA C 578 42.44 2.13 -87.83
C ALA C 578 42.81 2.93 -89.08
N ILE C 579 43.25 2.20 -90.10
CA ILE C 579 43.62 2.79 -91.39
C ILE C 579 42.47 2.57 -92.37
N ILE C 580 42.09 3.64 -93.07
CA ILE C 580 40.98 3.55 -94.03
C ILE C 580 41.36 2.64 -95.18
N ASN C 581 40.48 1.68 -95.47
CA ASN C 581 40.67 0.77 -96.59
C ASN C 581 40.21 1.45 -97.87
N PRO C 582 41.11 1.68 -98.84
CA PRO C 582 40.73 2.41 -100.04
C PRO C 582 39.80 1.60 -100.91
N PRO C 583 38.97 2.25 -101.73
CA PRO C 583 38.82 3.71 -101.88
C PRO C 583 37.74 4.29 -100.97
N GLN C 584 37.43 3.60 -99.87
CA GLN C 584 36.38 4.06 -98.98
C GLN C 584 36.79 5.35 -98.27
N ALA C 585 35.83 5.96 -97.59
CA ALA C 585 36.06 7.25 -96.94
C ALA C 585 36.07 7.16 -95.41
N CYS C 586 35.69 6.03 -94.84
CA CYS C 586 35.63 5.90 -93.38
C CYS C 586 35.90 4.45 -92.98
N ILE C 587 36.22 4.28 -91.71
CA ILE C 587 36.38 2.97 -91.08
C ILE C 587 36.09 3.12 -89.59
N LEU C 588 35.25 2.25 -89.05
CA LEU C 588 34.85 2.29 -87.66
C LEU C 588 35.67 1.29 -86.87
N ALA C 589 36.43 1.78 -85.89
CA ALA C 589 37.24 0.94 -85.01
C ALA C 589 36.51 0.80 -83.69
N VAL C 590 36.22 -0.44 -83.30
CA VAL C 590 35.41 -0.75 -82.12
C VAL C 590 36.31 -1.35 -81.06
N GLY C 591 36.24 -0.82 -79.85
CA GLY C 591 37.00 -1.32 -78.73
C GLY C 591 36.17 -2.22 -77.82
N ALA C 592 36.70 -2.45 -76.62
CA ALA C 592 36.07 -3.37 -75.69
C ALA C 592 35.00 -2.67 -74.87
N SER C 593 34.03 -3.45 -74.40
CA SER C 593 32.99 -2.95 -73.52
C SER C 593 33.38 -3.16 -72.07
N GLU C 594 33.38 -2.08 -71.30
CA GLU C 594 33.78 -2.12 -69.89
C GLU C 594 32.76 -1.38 -69.05
N ASP C 595 32.57 -1.84 -67.82
CA ASP C 595 31.65 -1.21 -66.88
C ASP C 595 32.29 0.05 -66.31
N ARG C 596 31.55 1.16 -66.36
CA ARG C 596 32.03 2.42 -65.84
C ARG C 596 30.96 3.07 -64.97
N LEU C 597 31.40 3.75 -63.91
CA LEU C 597 30.48 4.44 -63.02
C LEU C 597 30.08 5.79 -63.61
N PHE C 598 28.82 6.15 -63.43
CA PHE C 598 28.33 7.42 -63.96
C PHE C 598 27.38 8.07 -62.96
N PRO C 599 27.38 9.40 -62.87
CA PRO C 599 26.48 10.08 -61.93
C PRO C 599 25.02 9.79 -62.28
N ALA C 600 24.21 9.66 -61.23
CA ALA C 600 22.78 9.40 -61.39
C ALA C 600 22.03 10.01 -60.22
N ASP C 601 20.76 10.31 -60.44
CA ASP C 601 19.90 10.93 -59.42
C ASP C 601 19.23 9.84 -58.59
N ASN C 602 20.07 9.12 -57.84
CA ASN C 602 19.60 8.07 -56.94
C ASN C 602 20.28 8.24 -55.59
N GLU C 603 19.94 7.34 -54.66
CA GLU C 603 20.47 7.42 -53.31
C GLU C 603 21.98 7.21 -53.28
N LYS C 604 22.49 6.24 -54.04
CA LYS C 604 23.93 6.01 -54.10
C LYS C 604 24.68 7.13 -54.80
N GLY C 605 24.00 7.89 -55.65
CA GLY C 605 24.65 8.95 -56.40
C GLY C 605 25.33 8.52 -57.67
N PHE C 606 25.28 7.24 -58.02
CA PHE C 606 25.94 6.75 -59.21
C PHE C 606 25.24 5.49 -59.71
N ASP C 607 25.55 5.12 -60.94
CA ASP C 607 25.04 3.91 -61.58
C ASP C 607 26.17 3.27 -62.39
N VAL C 608 25.98 2.00 -62.73
CA VAL C 608 26.96 1.23 -63.49
C VAL C 608 26.40 0.99 -64.88
N ALA C 609 27.15 1.41 -65.90
CA ALA C 609 26.77 1.26 -67.30
C ALA C 609 27.92 0.64 -68.07
N SER C 610 27.60 -0.28 -68.98
CA SER C 610 28.61 -0.94 -69.80
C SER C 610 28.80 -0.13 -71.08
N MET C 611 29.83 0.72 -71.11
CA MET C 611 30.10 1.57 -72.26
C MET C 611 31.17 0.93 -73.13
N MET C 612 31.13 1.28 -74.42
CA MET C 612 32.03 0.74 -75.44
C MET C 612 32.42 1.85 -76.39
N SER C 613 33.71 2.10 -76.53
CA SER C 613 34.22 3.27 -77.24
C SER C 613 34.49 2.91 -78.70
N VAL C 614 34.11 3.82 -79.61
CA VAL C 614 34.36 3.66 -81.03
C VAL C 614 35.10 4.89 -81.56
N THR C 615 36.06 4.62 -82.44
CA THR C 615 36.84 5.66 -83.11
C THR C 615 36.63 5.53 -84.62
N LEU C 616 35.95 6.51 -85.20
CA LEU C 616 35.74 6.58 -86.64
C LEU C 616 36.88 7.36 -87.27
N SER C 617 37.61 6.71 -88.18
CA SER C 617 38.66 7.38 -88.94
C SER C 617 38.08 7.81 -90.28
N CYS C 618 38.18 9.09 -90.59
CA CYS C 618 37.51 9.67 -91.73
C CYS C 618 38.51 10.31 -92.68
N ASP C 619 38.20 10.21 -93.98
CA ASP C 619 38.90 10.95 -95.02
C ASP C 619 38.41 12.38 -95.00
N HIS C 620 39.29 13.32 -94.65
CA HIS C 620 38.87 14.70 -94.50
C HIS C 620 38.52 15.36 -95.82
N ARG C 621 38.91 14.76 -96.96
CA ARG C 621 38.49 15.30 -98.25
C ARG C 621 36.99 15.14 -98.46
N VAL C 622 36.42 14.03 -98.00
CA VAL C 622 35.00 13.73 -98.21
C VAL C 622 34.16 14.07 -96.99
N VAL C 623 34.61 13.66 -95.81
CA VAL C 623 33.85 13.81 -94.58
C VAL C 623 34.55 14.83 -93.71
N ASP C 624 33.89 15.97 -93.48
CA ASP C 624 34.45 16.95 -92.56
C ASP C 624 34.00 16.65 -91.13
N GLY C 625 34.46 17.49 -90.20
CA GLY C 625 34.27 17.19 -88.79
C GLY C 625 32.81 17.14 -88.39
N ALA C 626 32.01 18.09 -88.88
CA ALA C 626 30.59 18.10 -88.53
C ALA C 626 29.88 16.87 -89.05
N VAL C 627 30.19 16.44 -90.29
CA VAL C 627 29.55 15.26 -90.85
C VAL C 627 29.96 14.00 -90.10
N GLY C 628 31.25 13.88 -89.77
CA GLY C 628 31.68 12.73 -88.98
C GLY C 628 31.02 12.68 -87.61
N ALA C 629 30.91 13.84 -86.96
CA ALA C 629 30.24 13.91 -85.67
C ALA C 629 28.77 13.54 -85.78
N GLN C 630 28.10 14.00 -86.84
CA GLN C 630 26.69 13.64 -87.05
C GLN C 630 26.54 12.14 -87.26
N TRP C 631 27.45 11.54 -88.04
CA TRP C 631 27.42 10.09 -88.24
C TRP C 631 27.58 9.36 -86.93
N LEU C 632 28.54 9.78 -86.10
CA LEU C 632 28.75 9.11 -84.83
C LEU C 632 27.56 9.29 -83.90
N ALA C 633 26.92 10.46 -83.95
CA ALA C 633 25.72 10.68 -83.13
C ALA C 633 24.59 9.76 -83.56
N GLU C 634 24.36 9.61 -84.86
CA GLU C 634 23.31 8.70 -85.33
C GLU C 634 23.63 7.26 -84.94
N PHE C 635 24.89 6.84 -85.10
CA PHE C 635 25.30 5.49 -84.73
C PHE C 635 25.07 5.25 -83.24
N ARG C 636 25.46 6.22 -82.42
CA ARG C 636 25.27 6.11 -80.98
C ARG C 636 23.80 6.02 -80.62
N LYS C 637 22.96 6.85 -81.25
CA LYS C 637 21.53 6.80 -80.97
C LYS C 637 20.95 5.43 -81.31
N TYR C 638 21.32 4.90 -82.49
CA TYR C 638 20.83 3.58 -82.89
C TYR C 638 21.24 2.52 -81.90
N LEU C 639 22.49 2.57 -81.42
CA LEU C 639 22.92 1.54 -80.47
C LEU C 639 22.27 1.71 -79.10
N GLU C 640 22.18 2.95 -78.60
CA GLU C 640 21.60 3.15 -77.28
C GLU C 640 20.11 2.85 -77.23
N LYS C 641 19.40 2.95 -78.36
CA LYS C 641 18.00 2.51 -78.42
C LYS C 641 17.83 1.59 -79.63
N PRO C 642 18.03 0.28 -79.44
CA PRO C 642 17.95 -0.65 -80.58
C PRO C 642 16.58 -0.67 -81.23
N ILE C 643 15.51 -0.35 -80.51
CA ILE C 643 14.18 -0.35 -81.10
C ILE C 643 14.07 0.72 -82.18
N THR C 644 14.94 1.72 -82.16
CA THR C 644 14.96 2.73 -83.22
C THR C 644 15.55 2.19 -84.52
N MET C 645 16.16 1.01 -84.50
CA MET C 645 16.60 0.40 -85.76
C MET C 645 15.44 -0.03 -86.64
N LEU C 646 14.24 -0.15 -86.07
CA LEU C 646 13.05 -0.49 -86.85
C LEU C 646 12.61 0.64 -87.78
N LEU C 647 12.93 1.89 -87.44
CA LEU C 647 12.61 3.03 -88.31
C LEU C 647 13.40 2.97 -89.60
N PHE D 420 45.27 90.71 43.35
CA PHE D 420 43.84 90.90 43.62
C PHE D 420 43.36 92.26 43.10
N THR D 421 42.05 92.48 43.17
CA THR D 421 41.44 93.73 42.77
C THR D 421 40.39 94.11 43.80
N ASP D 422 40.45 95.35 44.29
CA ASP D 422 39.51 95.86 45.28
C ASP D 422 38.38 96.58 44.56
N ILE D 423 37.20 95.98 44.57
CA ILE D 423 36.01 96.55 43.93
C ILE D 423 35.27 97.36 44.99
N PRO D 424 35.08 98.66 44.81
CA PRO D 424 34.34 99.45 45.80
C PRO D 424 32.92 98.95 45.97
N ILE D 425 32.42 99.01 47.20
CA ILE D 425 31.07 98.56 47.51
C ILE D 425 30.11 99.72 47.29
N SER D 426 29.11 99.51 46.43
CA SER D 426 28.11 100.53 46.19
C SER D 426 27.19 100.66 47.41
N ASN D 427 26.49 101.79 47.48
CA ASN D 427 25.55 102.02 48.58
C ASN D 427 24.39 101.02 48.53
N ILE D 428 23.94 100.68 47.32
CA ILE D 428 22.88 99.69 47.18
C ILE D 428 23.34 98.34 47.73
N ARG D 429 24.56 97.93 47.37
CA ARG D 429 25.10 96.67 47.87
C ARG D 429 25.30 96.72 49.38
N ARG D 430 25.71 97.88 49.91
CA ARG D 430 25.84 98.01 51.35
C ARG D 430 24.49 97.85 52.04
N VAL D 431 23.44 98.44 51.47
CA VAL D 431 22.11 98.30 52.04
C VAL D 431 21.65 96.85 52.01
N ILE D 432 21.89 96.16 50.89
CA ILE D 432 21.49 94.76 50.77
C ILE D 432 22.24 93.91 51.79
N ALA D 433 23.56 94.15 51.92
CA ALA D 433 24.35 93.40 52.89
C ALA D 433 23.90 93.66 54.31
N GLN D 434 23.56 94.92 54.63
CA GLN D 434 23.07 95.23 55.96
C GLN D 434 21.74 94.54 56.24
N ARG D 435 20.85 94.52 55.25
CA ARG D 435 19.58 93.82 55.43
C ARG D 435 19.79 92.32 55.65
N LEU D 436 20.68 91.71 54.87
CA LEU D 436 20.94 90.28 55.03
C LEU D 436 21.57 89.97 56.38
N MET D 437 22.52 90.80 56.82
CA MET D 437 23.13 90.60 58.12
C MET D 437 22.11 90.75 59.23
N GLN D 438 21.24 91.76 59.12
CA GLN D 438 20.18 91.94 60.13
C GLN D 438 19.26 90.73 60.17
N SER D 439 18.89 90.21 59.00
CA SER D 439 18.02 89.04 58.95
C SER D 439 18.68 87.84 59.62
N LYS D 440 19.93 87.55 59.28
CA LYS D 440 20.59 86.38 59.84
C LYS D 440 20.92 86.57 61.32
N GLN D 441 21.02 87.81 61.79
CA GLN D 441 21.34 88.03 63.19
C GLN D 441 20.10 88.04 64.07
N THR D 442 18.96 88.49 63.56
CA THR D 442 17.76 88.65 64.38
C THR D 442 16.70 87.58 64.15
N ILE D 443 16.79 86.82 63.07
CA ILE D 443 15.77 85.82 62.73
C ILE D 443 16.37 84.43 62.90
N PRO D 444 15.87 83.61 63.82
CA PRO D 444 16.38 82.24 63.95
C PRO D 444 15.87 81.32 62.85
N HIS D 445 16.56 81.32 61.71
CA HIS D 445 16.14 80.53 60.56
C HIS D 445 16.16 79.04 60.89
N TYR D 446 15.19 78.31 60.36
CA TYR D 446 15.27 76.86 60.29
C TYR D 446 14.53 76.39 59.03
N TYR D 447 15.05 75.34 58.41
CA TYR D 447 14.71 75.02 57.02
C TYR D 447 14.03 73.67 56.94
N LEU D 448 12.97 73.59 56.13
CA LEU D 448 12.26 72.33 55.89
C LEU D 448 12.16 72.07 54.39
N SER D 449 12.53 70.87 53.97
CA SER D 449 12.59 70.53 52.56
C SER D 449 11.63 69.40 52.23
N VAL D 450 10.93 69.52 51.09
CA VAL D 450 10.05 68.47 50.59
C VAL D 450 10.20 68.37 49.07
N ASP D 451 9.65 67.29 48.53
CA ASP D 451 9.62 67.03 47.09
C ASP D 451 8.18 67.04 46.58
N VAL D 452 7.98 67.70 45.45
CA VAL D 452 6.65 67.87 44.87
C VAL D 452 6.65 67.25 43.48
N ASN D 453 5.67 66.37 43.22
CA ASN D 453 5.50 65.77 41.92
C ASN D 453 4.80 66.77 41.01
N MET D 454 5.40 67.04 39.85
CA MET D 454 4.94 68.13 39.00
C MET D 454 4.39 67.66 37.65
N GLY D 455 4.09 66.37 37.49
CA GLY D 455 3.52 65.91 36.24
C GLY D 455 2.18 66.55 35.93
N GLU D 456 1.31 66.61 36.95
CA GLU D 456 0.00 67.22 36.76
C GLU D 456 0.13 68.71 36.47
N VAL D 457 1.07 69.39 37.15
CA VAL D 457 1.28 70.81 36.89
C VAL D 457 1.75 71.01 35.45
N LEU D 458 2.66 70.17 34.97
CA LEU D 458 3.13 70.30 33.59
C LEU D 458 2.00 70.06 32.59
N LEU D 459 1.18 69.04 32.85
CA LEU D 459 0.07 68.75 31.93
C LEU D 459 -0.93 69.91 31.90
N VAL D 460 -1.30 70.42 33.07
CA VAL D 460 -2.26 71.52 33.14
C VAL D 460 -1.67 72.77 32.50
N ARG D 461 -0.37 73.01 32.68
CA ARG D 461 0.27 74.16 32.08
C ARG D 461 0.29 74.06 30.57
N LYS D 462 0.57 72.86 30.04
CA LYS D 462 0.55 72.67 28.60
C LYS D 462 -0.84 72.92 28.04
N GLU D 463 -1.87 72.37 28.69
CA GLU D 463 -3.24 72.58 28.22
C GLU D 463 -3.64 74.05 28.29
N LEU D 464 -3.25 74.72 29.38
CA LEU D 464 -3.56 76.14 29.52
C LEU D 464 -2.88 76.97 28.44
N ASN D 465 -1.61 76.67 28.16
CA ASN D 465 -0.90 77.40 27.11
C ASN D 465 -1.51 77.15 25.75
N LYS D 466 -1.94 75.92 25.48
CA LYS D 466 -2.59 75.63 24.21
C LYS D 466 -3.91 76.38 24.07
N MET D 467 -4.71 76.43 25.14
CA MET D 467 -5.93 77.26 25.10
C MET D 467 -5.61 78.74 24.95
N LEU D 468 -4.47 79.18 25.47
CA LEU D 468 -4.12 80.60 25.44
C LEU D 468 -3.90 81.13 24.03
N GLU D 469 -3.42 80.29 23.11
CA GLU D 469 -3.24 80.66 21.71
C GLU D 469 -2.32 81.87 21.57
N GLY D 470 -1.29 81.93 22.42
CA GLY D 470 -0.27 82.95 22.31
C GLY D 470 -0.60 84.28 22.94
N ARG D 471 -1.80 84.46 23.51
CA ARG D 471 -2.11 85.71 24.18
C ARG D 471 -1.22 85.91 25.41
N SER D 472 -0.99 84.84 26.16
CA SER D 472 -0.06 84.84 27.28
C SER D 472 0.53 83.45 27.43
N LYS D 473 1.60 83.34 28.21
CA LYS D 473 2.27 82.07 28.45
C LYS D 473 2.35 81.84 29.94
N ILE D 474 1.71 80.78 30.41
CA ILE D 474 1.73 80.44 31.83
C ILE D 474 3.00 79.65 32.14
N SER D 475 3.76 80.09 33.13
CA SER D 475 4.99 79.43 33.52
C SER D 475 4.79 78.66 34.83
N VAL D 476 5.77 77.82 35.14
CA VAL D 476 5.73 77.02 36.36
C VAL D 476 5.79 77.90 37.60
N ASN D 477 6.53 79.00 37.53
CA ASN D 477 6.61 79.91 38.67
C ASN D 477 5.25 80.53 38.97
N ASP D 478 4.39 80.67 37.97
CA ASP D 478 3.03 81.17 38.22
C ASP D 478 2.24 80.18 39.06
N PHE D 479 2.32 78.90 38.73
CA PHE D 479 1.69 77.86 39.55
C PHE D 479 2.27 77.87 40.96
N ILE D 480 3.59 78.03 41.07
CA ILE D 480 4.22 78.04 42.39
C ILE D 480 3.73 79.22 43.21
N ILE D 481 3.62 80.40 42.60
CA ILE D 481 3.14 81.58 43.31
C ILE D 481 1.69 81.40 43.76
N LYS D 482 0.85 80.86 42.87
CA LYS D 482 -0.55 80.66 43.22
C LYS D 482 -0.68 79.65 44.37
N ALA D 483 0.07 78.55 44.30
CA ALA D 483 0.02 77.55 45.36
C ALA D 483 0.54 78.12 46.68
N SER D 484 1.60 78.92 46.62
CA SER D 484 2.13 79.54 47.84
C SER D 484 1.10 80.49 48.45
N ALA D 485 0.41 81.27 47.62
CA ALA D 485 -0.61 82.18 48.14
C ALA D 485 -1.77 81.41 48.79
N LEU D 486 -2.23 80.34 48.14
CA LEU D 486 -3.32 79.56 48.71
C LEU D 486 -2.89 78.87 50.00
N ALA D 487 -1.66 78.34 50.05
CA ALA D 487 -1.17 77.72 51.27
C ALA D 487 -1.02 78.75 52.38
N CYS D 488 -0.63 79.99 52.03
CA CYS D 488 -0.57 81.05 53.02
C CYS D 488 -1.94 81.39 53.55
N LEU D 489 -2.96 81.39 52.69
CA LEU D 489 -4.33 81.57 53.17
C LEU D 489 -4.73 80.46 54.13
N LYS D 490 -4.40 79.22 53.78
CA LYS D 490 -4.79 78.09 54.64
C LYS D 490 -4.05 78.12 55.97
N VAL D 491 -2.78 78.51 55.97
CA VAL D 491 -1.97 78.54 57.18
C VAL D 491 -1.46 79.96 57.38
N PRO D 492 -2.20 80.83 58.06
CA PRO D 492 -1.80 82.24 58.15
C PRO D 492 -0.55 82.49 58.99
N GLU D 493 -0.06 81.50 59.74
CA GLU D 493 1.13 81.71 60.55
C GLU D 493 2.35 82.02 59.69
N ALA D 494 2.47 81.35 58.54
CA ALA D 494 3.54 81.67 57.60
C ALA D 494 3.36 83.04 56.96
N ASN D 495 2.19 83.64 57.10
CA ASN D 495 1.91 84.98 56.60
C ASN D 495 1.90 86.02 57.71
N SER D 496 2.80 85.89 58.69
CA SER D 496 2.87 86.79 59.81
C SER D 496 4.21 87.51 59.83
N SER D 497 4.34 88.42 60.79
CA SER D 497 5.55 89.21 60.99
C SER D 497 5.77 89.44 62.48
N TRP D 498 7.01 89.34 62.92
CA TRP D 498 7.36 89.55 64.31
C TRP D 498 7.78 91.00 64.51
N LEU D 499 7.16 91.69 65.47
CA LEU D 499 7.41 93.10 65.72
C LEU D 499 7.81 93.34 67.17
N ASP D 500 8.24 92.28 67.85
CA ASP D 500 8.83 92.33 69.19
C ASP D 500 7.80 92.63 70.27
N THR D 501 6.58 92.96 69.87
CA THR D 501 5.48 93.16 70.80
C THR D 501 4.21 92.44 70.40
N VAL D 502 3.98 92.25 69.09
CA VAL D 502 2.83 91.55 68.57
C VAL D 502 3.27 90.76 67.34
N ILE D 503 2.46 89.77 66.98
CA ILE D 503 2.65 89.01 65.76
C ILE D 503 1.59 89.46 64.75
N ARG D 504 2.01 90.28 63.79
CA ARG D 504 1.09 90.85 62.81
C ARG D 504 0.77 89.77 61.78
N GLN D 505 -0.48 89.31 61.78
CA GLN D 505 -0.91 88.23 60.88
C GLN D 505 -1.60 88.85 59.66
N ASN D 506 -0.85 88.97 58.57
CA ASN D 506 -1.38 89.63 57.37
C ASN D 506 -2.51 88.81 56.76
N HIS D 507 -3.63 89.46 56.48
CA HIS D 507 -4.77 88.80 55.85
C HIS D 507 -4.69 88.80 54.33
N VAL D 508 -3.76 89.52 53.75
CA VAL D 508 -3.52 89.52 52.31
C VAL D 508 -2.16 88.89 52.05
N VAL D 509 -1.98 88.38 50.84
CA VAL D 509 -0.76 87.68 50.46
C VAL D 509 -0.11 88.47 49.34
N ASP D 510 0.96 89.19 49.66
CA ASP D 510 1.77 89.92 48.69
C ASP D 510 3.07 89.14 48.50
N ILE D 511 3.21 88.48 47.35
CA ILE D 511 4.32 87.57 47.13
C ILE D 511 5.46 88.33 46.45
N SER D 512 6.54 88.54 47.18
CA SER D 512 7.77 89.02 46.57
C SER D 512 8.40 87.89 45.77
N VAL D 513 8.91 88.21 44.59
CA VAL D 513 9.53 87.24 43.70
C VAL D 513 10.97 87.66 43.47
N ALA D 514 11.91 86.79 43.80
CA ALA D 514 13.32 87.10 43.63
C ALA D 514 13.67 87.12 42.15
N VAL D 515 14.20 88.25 41.67
CA VAL D 515 14.61 88.42 40.29
C VAL D 515 16.07 88.84 40.30
N SER D 516 16.88 88.16 39.48
CA SER D 516 18.29 88.49 39.37
C SER D 516 18.51 89.42 38.19
N THR D 517 19.15 90.55 38.45
CA THR D 517 19.47 91.59 37.47
C THR D 517 20.96 91.86 37.56
N PRO D 518 21.54 92.50 36.54
CA PRO D 518 22.98 92.79 36.61
C PRO D 518 23.38 93.64 37.81
N ALA D 519 22.45 94.38 38.40
CA ALA D 519 22.73 95.18 39.58
C ALA D 519 22.56 94.42 40.89
N GLY D 520 22.04 93.19 40.84
CA GLY D 520 21.87 92.39 42.04
C GLY D 520 20.52 91.69 42.09
N LEU D 521 20.12 91.33 43.30
CA LEU D 521 18.85 90.66 43.51
C LEU D 521 17.80 91.68 43.95
N ILE D 522 16.63 91.63 43.30
CA ILE D 522 15.53 92.51 43.65
C ILE D 522 14.28 91.67 43.84
N THR D 523 13.28 92.24 44.53
CA THR D 523 12.08 91.50 44.92
C THR D 523 10.82 92.28 44.54
N PRO D 524 10.46 92.28 43.26
CA PRO D 524 9.15 92.85 42.88
C PRO D 524 8.01 92.04 43.50
N ILE D 525 6.95 92.75 43.87
CA ILE D 525 5.87 92.17 44.66
C ILE D 525 4.64 92.00 43.78
N VAL D 526 4.11 90.78 43.74
CA VAL D 526 2.81 90.51 43.15
C VAL D 526 1.79 90.64 44.28
N PHE D 527 0.98 91.70 44.22
CA PHE D 527 0.01 91.97 45.27
C PHE D 527 -1.25 91.14 45.07
N ASN D 528 -1.83 90.68 46.17
CA ASN D 528 -3.08 89.93 46.16
C ASN D 528 -2.98 88.69 45.27
N ALA D 529 -1.87 87.96 45.43
CA ALA D 529 -1.69 86.72 44.65
C ALA D 529 -2.67 85.66 45.08
N HIS D 530 -3.32 85.82 46.24
CA HIS D 530 -4.29 84.85 46.70
C HIS D 530 -5.58 84.93 45.92
N ILE D 531 -5.88 86.10 45.34
CA ILE D 531 -7.09 86.28 44.54
C ILE D 531 -6.80 86.48 43.06
N LYS D 532 -5.56 86.78 42.68
CA LYS D 532 -5.22 86.88 41.27
C LYS D 532 -5.20 85.50 40.62
N GLY D 533 -5.57 85.45 39.35
CA GLY D 533 -5.51 84.21 38.61
C GLY D 533 -4.13 83.95 38.02
N LEU D 534 -4.00 82.80 37.35
CA LEU D 534 -2.71 82.43 36.77
C LEU D 534 -2.34 83.39 35.64
N GLU D 535 -3.30 83.79 34.82
CA GLU D 535 -3.02 84.76 33.77
C GLU D 535 -2.54 86.08 34.34
N THR D 536 -3.24 86.61 35.34
CA THR D 536 -2.86 87.88 35.94
C THR D 536 -1.51 87.76 36.64
N ILE D 537 -1.27 86.65 37.34
CA ILE D 537 0.02 86.46 38.01
C ILE D 537 1.15 86.41 37.00
N ALA D 538 0.96 85.68 35.90
CA ALA D 538 2.00 85.57 34.88
C ALA D 538 2.28 86.93 34.25
N ASN D 539 1.23 87.68 33.89
CA ASN D 539 1.43 88.99 33.28
C ASN D 539 2.12 89.95 34.24
N ASP D 540 1.71 89.94 35.52
CA ASP D 540 2.32 90.80 36.51
C ASP D 540 3.79 90.45 36.71
N VAL D 541 4.10 89.15 36.76
CA VAL D 541 5.49 88.72 36.93
C VAL D 541 6.34 89.15 35.75
N VAL D 542 5.82 88.99 34.53
CA VAL D 542 6.58 89.40 33.35
C VAL D 542 6.82 90.90 33.37
N SER D 543 5.79 91.69 33.68
CA SER D 543 5.93 93.14 33.69
C SER D 543 6.93 93.58 34.75
N LEU D 544 6.83 93.03 35.96
CA LEU D 544 7.75 93.42 37.03
C LEU D 544 9.16 92.95 36.76
N ALA D 545 9.33 91.78 36.12
CA ALA D 545 10.66 91.32 35.76
C ALA D 545 11.30 92.24 34.73
N THR D 546 10.51 92.68 33.74
CA THR D 546 11.03 93.63 32.76
C THR D 546 11.42 94.95 33.44
N LYS D 547 10.55 95.43 34.34
CA LYS D 547 10.85 96.67 35.05
C LYS D 547 12.12 96.54 35.89
N ALA D 548 12.30 95.38 36.54
CA ALA D 548 13.49 95.15 37.35
C ALA D 548 14.75 95.10 36.48
N ARG D 549 14.68 94.37 35.36
CA ARG D 549 15.84 94.26 34.49
C ARG D 549 16.23 95.60 33.89
N GLU D 550 15.25 96.42 33.51
CA GLU D 550 15.57 97.72 32.93
C GLU D 550 15.67 98.84 33.97
N GLY D 551 15.49 98.53 35.25
CA GLY D 551 15.80 99.48 36.30
C GLY D 551 14.80 100.59 36.52
N LYS D 552 13.52 100.33 36.31
CA LYS D 552 12.48 101.33 36.56
C LYS D 552 11.56 100.98 37.73
N LEU D 553 11.96 100.05 38.59
CA LEU D 553 11.09 99.67 39.70
C LEU D 553 10.94 100.80 40.71
N GLN D 554 9.70 101.12 41.06
CA GLN D 554 9.42 102.08 42.11
C GLN D 554 9.59 101.43 43.48
N PRO D 555 9.92 102.22 44.51
CA PRO D 555 10.14 101.62 45.85
C PRO D 555 8.95 100.85 46.39
N HIS D 556 7.73 101.29 46.11
CA HIS D 556 6.56 100.57 46.59
C HIS D 556 6.37 99.25 45.86
N GLU D 557 6.97 99.08 44.69
CA GLU D 557 6.82 97.85 43.92
C GLU D 557 7.75 96.74 44.38
N PHE D 558 8.74 97.04 45.23
CA PHE D 558 9.62 96.01 45.75
C PHE D 558 9.88 96.10 47.25
N GLN D 559 9.27 97.06 47.96
CA GLN D 559 9.38 97.13 49.41
C GLN D 559 8.09 96.64 50.05
N GLY D 560 8.21 95.74 51.01
CA GLY D 560 7.04 95.20 51.68
C GLY D 560 6.86 93.71 51.44
N GLY D 561 5.61 93.30 51.25
CA GLY D 561 5.30 91.90 51.03
C GLY D 561 5.17 91.13 52.33
N THR D 562 4.55 89.95 52.22
CA THR D 562 4.34 89.08 53.36
C THR D 562 5.00 87.71 53.20
N PHE D 563 5.36 87.32 51.98
CA PHE D 563 5.95 86.02 51.71
C PHE D 563 6.82 86.16 50.46
N THR D 564 7.95 85.48 50.45
CA THR D 564 8.93 85.60 49.38
C THR D 564 9.15 84.26 48.70
N ILE D 565 9.35 84.29 47.39
CA ILE D 565 9.66 83.09 46.60
C ILE D 565 10.93 83.35 45.80
N SER D 566 11.93 82.51 46.00
CA SER D 566 13.19 82.58 45.25
C SER D 566 13.35 81.27 44.48
N ASN D 567 13.27 81.36 43.16
CA ASN D 567 13.32 80.20 42.28
C ASN D 567 14.65 80.19 41.56
N LEU D 568 15.43 79.12 41.75
CA LEU D 568 16.69 78.95 41.03
C LEU D 568 16.72 77.66 40.23
N GLY D 569 15.57 77.14 39.83
CA GLY D 569 15.55 75.90 39.06
C GLY D 569 16.06 76.09 37.65
N MET D 570 15.99 77.32 37.13
CA MET D 570 16.48 77.59 35.79
C MET D 570 17.99 77.49 35.71
N PHE D 571 18.69 77.53 36.84
CA PHE D 571 20.14 77.42 36.88
C PHE D 571 20.61 76.02 37.23
N GLY D 572 19.71 75.05 37.36
CA GLY D 572 20.11 73.69 37.63
C GLY D 572 20.32 73.34 39.09
N ILE D 573 19.95 74.23 40.02
CA ILE D 573 20.13 73.96 41.43
C ILE D 573 19.10 72.91 41.88
N LYS D 574 19.60 71.85 42.52
CA LYS D 574 18.69 70.82 43.02
C LYS D 574 17.83 71.36 44.15
N ASN D 575 18.45 71.99 45.15
CA ASN D 575 17.73 72.69 46.20
C ASN D 575 18.69 73.65 46.89
N PHE D 576 18.13 74.59 47.63
CA PHE D 576 18.94 75.55 48.35
C PHE D 576 18.13 76.16 49.49
N SER D 577 18.85 76.78 50.43
CA SER D 577 18.24 77.42 51.59
C SER D 577 18.48 78.92 51.49
N ALA D 578 17.40 79.70 51.47
CA ALA D 578 17.51 81.14 51.29
C ALA D 578 17.46 81.87 52.63
N ILE D 579 17.68 83.17 52.56
CA ILE D 579 17.64 84.04 53.74
C ILE D 579 16.31 84.76 53.77
N ILE D 580 15.66 84.76 54.94
CA ILE D 580 14.35 85.41 55.07
C ILE D 580 14.50 86.91 54.89
N ASN D 581 13.66 87.47 54.02
CA ASN D 581 13.64 88.91 53.79
C ASN D 581 12.79 89.57 54.88
N PRO D 582 13.38 90.44 55.70
CA PRO D 582 12.63 91.03 56.81
C PRO D 582 11.59 91.99 56.32
N PRO D 583 10.52 92.21 57.09
CA PRO D 583 10.19 91.59 58.38
C PRO D 583 9.35 90.33 58.24
N GLN D 584 9.39 89.69 57.07
CA GLN D 584 8.58 88.50 56.84
C GLN D 584 9.04 87.34 57.70
N ALA D 585 8.24 86.28 57.72
CA ALA D 585 8.51 85.13 58.57
C ALA D 585 8.94 83.88 57.79
N CYS D 586 8.82 83.89 56.47
CA CYS D 586 9.16 82.71 55.67
C CYS D 586 9.66 83.14 54.30
N ILE D 587 10.32 82.20 53.63
CA ILE D 587 10.75 82.36 52.25
C ILE D 587 10.85 80.97 51.63
N LEU D 588 10.27 80.79 50.45
CA LEU D 588 10.25 79.52 49.76
C LEU D 588 11.34 79.49 48.70
N ALA D 589 12.28 78.57 48.83
CA ALA D 589 13.36 78.39 47.88
C ALA D 589 13.02 77.20 46.98
N VAL D 590 12.96 77.44 45.68
CA VAL D 590 12.52 76.44 44.70
C VAL D 590 13.72 76.01 43.88
N GLY D 591 13.92 74.70 43.76
CA GLY D 591 14.99 74.15 42.97
C GLY D 591 14.52 73.68 41.60
N ALA D 592 15.36 72.87 40.97
CA ALA D 592 15.09 72.42 39.61
C ALA D 592 14.21 71.18 39.61
N SER D 593 13.48 70.99 38.51
CA SER D 593 12.65 69.81 38.32
C SER D 593 13.44 68.76 37.55
N GLU D 594 13.53 67.57 38.13
CA GLU D 594 14.29 66.47 37.53
C GLU D 594 13.46 65.20 37.56
N ASP D 595 13.65 64.35 36.56
CA ASP D 595 12.95 63.07 36.47
C ASP D 595 13.59 62.07 37.43
N ARG D 596 12.78 61.42 38.25
CA ARG D 596 13.25 60.43 39.20
C ARG D 596 12.39 59.18 39.12
N LEU D 597 13.03 58.03 39.31
CA LEU D 597 12.33 56.75 39.30
C LEU D 597 11.66 56.50 40.64
N PHE D 598 10.48 55.92 40.61
CA PHE D 598 9.75 55.64 41.84
C PHE D 598 9.02 54.31 41.76
N PRO D 599 8.93 53.58 42.87
CA PRO D 599 8.22 52.29 42.83
C PRO D 599 6.77 52.45 42.44
N ALA D 600 6.27 51.49 41.67
CA ALA D 600 4.88 51.49 41.22
C ALA D 600 4.41 50.05 41.05
N ASP D 601 3.09 49.87 41.15
CA ASP D 601 2.50 48.53 41.04
C ASP D 601 2.17 48.25 39.57
N ASN D 602 3.23 48.13 38.77
CA ASN D 602 3.13 47.81 37.36
C ASN D 602 4.12 46.71 37.01
N GLU D 603 4.11 46.31 35.74
CA GLU D 603 4.98 45.22 35.30
C GLU D 603 6.46 45.58 35.43
N LYS D 604 6.83 46.80 35.04
CA LYS D 604 8.23 47.23 35.17
C LYS D 604 8.66 47.40 36.62
N GLY D 605 7.72 47.61 37.53
CA GLY D 605 8.05 47.83 38.92
C GLY D 605 8.41 49.25 39.28
N PHE D 606 8.38 50.18 38.33
CA PHE D 606 8.74 51.56 38.59
C PHE D 606 8.06 52.47 37.58
N ASP D 607 8.06 53.76 37.91
CA ASP D 607 7.53 54.81 37.05
C ASP D 607 8.45 56.02 37.10
N VAL D 608 8.29 56.91 36.13
CA VAL D 608 9.11 58.11 36.03
C VAL D 608 8.23 59.31 36.35
N ALA D 609 8.66 60.10 37.34
CA ALA D 609 7.93 61.28 37.77
C ALA D 609 8.89 62.46 37.86
N SER D 610 8.44 63.63 37.41
CA SER D 610 9.26 64.84 37.44
C SER D 610 9.02 65.58 38.75
N MET D 611 9.87 65.35 39.74
CA MET D 611 9.72 66.02 41.03
C MET D 611 10.62 67.24 41.10
N MET D 612 10.25 68.16 41.98
CA MET D 612 10.91 69.44 42.17
C MET D 612 10.91 69.77 43.66
N SER D 613 12.11 69.98 44.22
CA SER D 613 12.30 70.10 45.65
C SER D 613 12.21 71.55 46.09
N VAL D 614 11.52 71.79 47.20
CA VAL D 614 11.39 73.13 47.77
C VAL D 614 11.86 73.10 49.22
N THR D 615 12.56 74.16 49.62
CA THR D 615 13.03 74.36 50.98
C THR D 615 12.45 75.65 51.51
N LEU D 616 11.56 75.53 52.49
CA LEU D 616 10.97 76.68 53.17
C LEU D 616 11.82 77.04 54.38
N SER D 617 12.35 78.26 54.39
CA SER D 617 13.10 78.77 55.53
C SER D 617 12.16 79.59 56.40
N CYS D 618 12.04 79.21 57.66
CA CYS D 618 11.04 79.77 58.56
C CYS D 618 11.70 80.45 59.75
N ASP D 619 11.08 81.54 60.20
CA ASP D 619 11.41 82.18 61.46
C ASP D 619 10.81 81.36 62.59
N HIS D 620 11.66 80.75 63.42
CA HIS D 620 11.16 79.86 64.45
C HIS D 620 10.43 80.60 65.57
N ARG D 621 10.54 81.92 65.64
CA ARG D 621 9.76 82.67 66.62
C ARG D 621 8.28 82.65 66.27
N VAL D 622 7.95 82.70 64.99
CA VAL D 622 6.56 82.78 64.52
C VAL D 622 6.04 81.42 64.08
N VAL D 623 6.82 80.70 63.27
CA VAL D 623 6.39 79.44 62.66
C VAL D 623 7.20 78.32 63.29
N ASP D 624 6.53 77.45 64.04
CA ASP D 624 7.21 76.29 64.58
C ASP D 624 7.19 75.14 63.56
N GLY D 625 7.81 74.03 63.95
CA GLY D 625 8.01 72.94 63.00
C GLY D 625 6.72 72.36 62.47
N ALA D 626 5.74 72.15 63.34
CA ALA D 626 4.46 71.59 62.90
C ALA D 626 3.76 72.53 61.92
N VAL D 627 3.78 73.83 62.20
CA VAL D 627 3.12 74.78 61.31
C VAL D 627 3.83 74.85 59.95
N GLY D 628 5.16 74.86 59.96
CA GLY D 628 5.89 74.86 58.70
C GLY D 628 5.62 73.59 57.89
N ALA D 629 5.57 72.44 58.57
CA ALA D 629 5.27 71.20 57.89
C ALA D 629 3.86 71.20 57.32
N GLN D 630 2.89 71.74 58.06
CA GLN D 630 1.52 71.85 57.55
C GLN D 630 1.46 72.75 56.32
N TRP D 631 2.18 73.87 56.36
CA TRP D 631 2.23 74.75 55.20
C TRP D 631 2.80 74.04 53.99
N LEU D 632 3.90 73.31 54.18
CA LEU D 632 4.50 72.60 53.05
C LEU D 632 3.58 71.51 52.53
N ALA D 633 2.85 70.84 53.42
CA ALA D 633 1.89 69.82 52.99
C ALA D 633 0.78 70.43 52.15
N GLU D 634 0.23 71.57 52.58
CA GLU D 634 -0.81 72.23 51.79
C GLU D 634 -0.27 72.68 50.44
N PHE D 635 0.93 73.26 50.41
CA PHE D 635 1.55 73.69 49.16
C PHE D 635 1.74 72.50 48.22
N ARG D 636 2.24 71.39 48.76
CA ARG D 636 2.45 70.20 47.96
C ARG D 636 1.14 69.66 47.41
N LYS D 637 0.09 69.64 48.24
CA LYS D 637 -1.21 69.16 47.76
C LYS D 637 -1.72 70.03 46.62
N TYR D 638 -1.63 71.35 46.79
CA TYR D 638 -2.09 72.27 45.74
C TYR D 638 -1.32 72.04 44.44
N LEU D 639 -0.01 71.83 44.52
CA LEU D 639 0.74 71.61 43.29
C LEU D 639 0.46 70.24 42.67
N GLU D 640 0.40 69.19 43.49
CA GLU D 640 0.16 67.85 42.94
C GLU D 640 -1.22 67.70 42.34
N LYS D 641 -2.20 68.47 42.79
CA LYS D 641 -3.53 68.49 42.15
C LYS D 641 -3.92 69.94 41.88
N PRO D 642 -3.56 70.47 40.71
CA PRO D 642 -3.86 71.88 40.41
C PRO D 642 -5.33 72.20 40.41
N ILE D 643 -6.20 71.23 40.13
CA ILE D 643 -7.64 71.48 40.13
C ILE D 643 -8.12 71.86 41.52
N THR D 644 -7.38 71.48 42.56
CA THR D 644 -7.73 71.89 43.92
C THR D 644 -7.46 73.35 44.19
N MET D 645 -6.75 74.05 43.29
CA MET D 645 -6.60 75.50 43.43
C MET D 645 -7.91 76.24 43.22
N LEU D 646 -8.91 75.61 42.61
CA LEU D 646 -10.22 76.22 42.43
C LEU D 646 -10.99 76.36 43.73
N LEU D 647 -10.71 75.51 44.73
CA LEU D 647 -11.35 75.62 46.04
C LEU D 647 -10.93 76.89 46.75
N PHE E 420 29.04 63.79 85.12
CA PHE E 420 29.66 64.46 83.98
C PHE E 420 31.15 64.69 84.23
N THR E 421 31.85 65.17 83.20
CA THR E 421 33.27 65.49 83.28
C THR E 421 33.51 66.82 82.58
N ASP E 422 34.19 67.73 83.26
CA ASP E 422 34.50 69.05 82.71
C ASP E 422 35.89 69.01 82.08
N ILE E 423 35.93 69.05 80.75
CA ILE E 423 37.18 69.04 80.00
C ILE E 423 37.61 70.49 79.76
N PRO E 424 38.78 70.92 80.25
CA PRO E 424 39.20 72.30 80.02
C PRO E 424 39.36 72.60 78.54
N ILE E 425 39.02 73.82 78.16
CA ILE E 425 39.11 74.25 76.77
C ILE E 425 40.51 74.77 76.51
N SER E 426 41.19 74.19 75.52
CA SER E 426 42.52 74.66 75.16
C SER E 426 42.42 76.01 74.45
N ASN E 427 43.56 76.71 74.40
CA ASN E 427 43.59 78.00 73.71
C ASN E 427 43.35 77.85 72.21
N ILE E 428 43.87 76.76 71.63
CA ILE E 428 43.63 76.50 70.21
C ILE E 428 42.14 76.30 69.95
N ARG E 429 41.47 75.52 70.81
CA ARG E 429 40.04 75.31 70.66
C ARG E 429 39.27 76.60 70.88
N ARG E 430 39.72 77.43 71.81
CA ARG E 430 39.08 78.72 72.02
C ARG E 430 39.20 79.60 70.79
N VAL E 431 40.38 79.61 70.16
CA VAL E 431 40.57 80.39 68.93
C VAL E 431 39.66 79.87 67.82
N ILE E 432 39.58 78.55 67.66
CA ILE E 432 38.73 77.98 66.63
C ILE E 432 37.27 78.33 66.88
N ALA E 433 36.83 78.23 68.13
CA ALA E 433 35.45 78.55 68.48
C ALA E 433 35.16 80.03 68.23
N GLN E 434 36.11 80.91 68.56
CA GLN E 434 35.92 82.33 68.31
C GLN E 434 35.83 82.62 66.82
N ARG E 435 36.67 81.96 66.02
CA ARG E 435 36.58 82.15 64.56
C ARG E 435 35.24 81.68 64.03
N LEU E 436 34.75 80.53 64.49
CA LEU E 436 33.46 80.02 64.04
C LEU E 436 32.32 80.94 64.46
N MET E 437 32.38 81.45 65.69
CA MET E 437 31.37 82.41 66.15
C MET E 437 31.38 83.66 65.30
N GLN E 438 32.58 84.19 65.01
CA GLN E 438 32.68 85.37 64.17
C GLN E 438 32.10 85.13 62.79
N SER E 439 32.42 83.96 62.20
CA SER E 439 31.90 83.64 60.87
C SER E 439 30.38 83.58 60.88
N LYS E 440 29.79 82.85 61.84
CA LYS E 440 28.34 82.70 61.84
C LYS E 440 27.63 83.98 62.24
N GLN E 441 28.32 84.89 62.94
CA GLN E 441 27.69 86.14 63.35
C GLN E 441 27.80 87.23 62.31
N THR E 442 28.86 87.24 61.51
CA THR E 442 29.08 88.32 60.57
C THR E 442 28.86 87.94 59.11
N ILE E 443 28.75 86.66 58.79
CA ILE E 443 28.59 86.20 57.41
C ILE E 443 27.18 85.62 57.25
N PRO E 444 26.32 86.22 56.43
CA PRO E 444 25.00 85.64 56.20
C PRO E 444 25.05 84.42 55.29
N HIS E 445 25.31 83.25 55.87
CA HIS E 445 25.43 82.03 55.08
C HIS E 445 24.12 81.70 54.37
N TYR E 446 24.24 81.20 53.15
CA TYR E 446 23.13 80.52 52.49
C TYR E 446 23.69 79.42 51.60
N TYR E 447 22.97 78.30 51.52
CA TYR E 447 23.54 77.05 51.05
C TYR E 447 22.84 76.59 49.78
N LEU E 448 23.62 76.12 48.80
CA LEU E 448 23.08 75.58 47.56
C LEU E 448 23.65 74.19 47.32
N SER E 449 22.77 73.23 47.02
CA SER E 449 23.19 71.83 46.89
C SER E 449 22.88 71.31 45.49
N VAL E 450 23.82 70.54 44.93
CA VAL E 450 23.64 69.90 43.63
C VAL E 450 24.22 68.49 43.68
N ASP E 451 23.90 67.71 42.66
CA ASP E 451 24.39 66.35 42.48
C ASP E 451 25.26 66.27 41.23
N VAL E 452 26.40 65.61 41.37
CA VAL E 452 27.38 65.50 40.29
C VAL E 452 27.58 64.03 39.95
N ASN E 453 27.47 63.69 38.67
CA ASN E 453 27.70 62.34 38.20
C ASN E 453 29.21 62.13 38.06
N MET E 454 29.72 61.07 38.69
CA MET E 454 31.16 60.88 38.82
C MET E 454 31.69 59.66 38.09
N GLY E 455 30.91 59.07 37.18
CA GLY E 455 31.42 57.91 36.44
C GLY E 455 32.62 58.26 35.58
N GLU E 456 32.55 59.39 34.88
CA GLU E 456 33.67 59.81 34.05
C GLU E 456 34.89 60.14 34.90
N VAL E 457 34.68 60.78 36.06
CA VAL E 457 35.79 61.07 36.96
C VAL E 457 36.44 59.78 37.44
N LEU E 458 35.63 58.78 37.79
CA LEU E 458 36.20 57.51 38.25
C LEU E 458 36.98 56.82 37.14
N LEU E 459 36.45 56.83 35.91
CA LEU E 459 37.16 56.19 34.81
C LEU E 459 38.49 56.89 34.52
N VAL E 460 38.47 58.23 34.46
CA VAL E 460 39.69 58.97 34.19
C VAL E 460 40.70 58.78 35.31
N ARG E 461 40.22 58.74 36.56
CA ARG E 461 41.11 58.53 37.69
C ARG E 461 41.74 57.14 37.64
N LYS E 462 40.95 56.12 37.28
CA LYS E 462 41.50 54.78 37.17
C LYS E 462 42.58 54.72 36.08
N GLU E 463 42.32 55.34 34.93
CA GLU E 463 43.32 55.34 33.86
C GLU E 463 44.58 56.10 34.27
N LEU E 464 44.40 57.24 34.93
CA LEU E 464 45.55 58.03 35.39
C LEU E 464 46.37 57.27 36.42
N ASN E 465 45.70 56.58 37.34
CA ASN E 465 46.42 55.78 38.33
C ASN E 465 47.15 54.61 37.69
N LYS E 466 46.55 54.01 36.67
CA LYS E 466 47.22 52.94 35.95
C LYS E 466 48.50 53.43 35.28
N MET E 467 48.43 54.58 34.62
CA MET E 467 49.61 55.09 33.92
C MET E 467 50.61 55.73 34.87
N LEU E 468 50.19 56.09 36.09
CA LEU E 468 51.16 56.58 37.07
C LEU E 468 52.11 55.50 37.56
N GLU E 469 51.70 54.24 37.50
CA GLU E 469 52.57 53.09 37.80
C GLU E 469 53.17 53.18 39.21
N GLY E 470 52.39 53.69 40.15
CA GLY E 470 52.80 53.75 41.53
C GLY E 470 53.65 54.94 41.91
N ARG E 471 54.03 55.79 40.95
CA ARG E 471 54.78 57.00 41.28
C ARG E 471 53.94 57.94 42.14
N SER E 472 52.65 58.06 41.81
CA SER E 472 51.70 58.81 42.62
C SER E 472 50.33 58.17 42.45
N LYS E 473 49.40 58.57 43.32
CA LYS E 473 48.03 58.08 43.27
C LYS E 473 47.08 59.26 43.25
N ILE E 474 46.33 59.40 42.17
CA ILE E 474 45.38 60.50 42.05
C ILE E 474 44.09 60.12 42.75
N SER E 475 43.62 60.98 43.64
CA SER E 475 42.40 60.74 44.40
C SER E 475 41.26 61.61 43.86
N VAL E 476 40.04 61.29 44.31
CA VAL E 476 38.87 62.04 43.89
C VAL E 476 38.93 63.47 44.40
N ASN E 477 39.48 63.68 45.59
CA ASN E 477 39.59 65.04 46.13
C ASN E 477 40.51 65.90 45.26
N ASP E 478 41.47 65.29 44.57
CA ASP E 478 42.30 66.07 43.65
C ASP E 478 41.49 66.60 42.48
N PHE E 479 40.63 65.75 41.91
CA PHE E 479 39.71 66.21 40.86
C PHE E 479 38.79 67.29 41.38
N ILE E 480 38.29 67.13 42.61
CA ILE E 480 37.39 68.13 43.19
C ILE E 480 38.12 69.46 43.37
N ILE E 481 39.36 69.43 43.85
CA ILE E 481 40.12 70.66 44.04
C ILE E 481 40.38 71.35 42.69
N LYS E 482 40.77 70.55 41.68
CA LYS E 482 41.04 71.14 40.37
C LYS E 482 39.77 71.76 39.78
N ALA E 483 38.64 71.06 39.88
CA ALA E 483 37.39 71.59 39.36
C ALA E 483 36.96 72.84 40.11
N SER E 484 37.14 72.86 41.43
CA SER E 484 36.81 74.05 42.22
C SER E 484 37.68 75.23 41.81
N ALA E 485 38.97 75.00 41.58
CA ALA E 485 39.85 76.09 41.16
C ALA E 485 39.45 76.63 39.78
N LEU E 486 39.14 75.74 38.84
CA LEU E 486 38.73 76.19 37.52
C LEU E 486 37.40 76.93 37.57
N ALA E 487 36.45 76.45 38.37
CA ALA E 487 35.17 77.14 38.51
C ALA E 487 35.36 78.49 39.17
N CYS E 488 36.31 78.60 40.12
CA CYS E 488 36.62 79.89 40.72
C CYS E 488 37.21 80.84 39.70
N LEU E 489 38.06 80.34 38.81
CA LEU E 489 38.55 81.18 37.72
C LEU E 489 37.42 81.67 36.83
N LYS E 490 36.49 80.77 36.49
CA LYS E 490 35.39 81.16 35.61
C LYS E 490 34.46 82.15 36.28
N VAL E 491 34.21 81.98 37.58
CA VAL E 491 33.29 82.86 38.32
C VAL E 491 34.07 83.48 39.48
N PRO E 492 34.72 84.62 39.28
CA PRO E 492 35.58 85.18 40.34
C PRO E 492 34.84 85.71 41.55
N GLU E 493 33.50 85.82 41.49
CA GLU E 493 32.76 86.32 42.65
C GLU E 493 32.90 85.38 43.84
N ALA E 494 32.89 84.07 43.60
CA ALA E 494 33.12 83.11 44.67
C ALA E 494 34.55 83.16 45.18
N ASN E 495 35.45 83.82 44.47
CA ASN E 495 36.83 84.00 44.88
C ASN E 495 37.10 85.40 45.41
N SER E 496 36.15 85.97 46.14
CA SER E 496 36.25 87.32 46.67
C SER E 496 36.22 87.30 48.19
N SER E 497 36.40 88.48 48.78
CA SER E 497 36.38 88.66 50.21
C SER E 497 35.76 90.01 50.54
N TRP E 498 34.94 90.04 51.59
CA TRP E 498 34.28 91.27 52.02
C TRP E 498 35.12 91.93 53.11
N LEU E 499 35.45 93.20 52.93
CA LEU E 499 36.29 93.94 53.86
C LEU E 499 35.61 95.22 54.34
N ASP E 500 34.28 95.26 54.20
CA ASP E 500 33.42 96.31 54.76
C ASP E 500 33.57 97.63 54.04
N THR E 501 34.54 97.73 53.13
CA THR E 501 34.71 98.91 52.29
C THR E 501 34.89 98.58 50.83
N VAL E 502 35.48 97.41 50.52
CA VAL E 502 35.69 96.96 49.15
C VAL E 502 35.49 95.45 49.12
N ILE E 503 35.25 94.93 47.92
CA ILE E 503 35.18 93.50 47.68
C ILE E 503 36.46 93.08 46.98
N ARG E 504 37.37 92.46 47.73
CA ARG E 504 38.67 92.06 47.20
C ARG E 504 38.48 90.81 46.36
N GLN E 505 38.67 90.93 45.05
CA GLN E 505 38.47 89.81 44.13
C GLN E 505 39.81 89.17 43.82
N ASN E 506 40.12 88.07 44.50
CA ASN E 506 41.42 87.44 44.36
C ASN E 506 41.57 86.83 42.96
N HIS E 507 42.69 87.15 42.30
CA HIS E 507 42.98 86.62 40.98
C HIS E 507 43.66 85.26 41.02
N VAL E 508 44.11 84.81 42.18
CA VAL E 508 44.70 83.49 42.35
C VAL E 508 43.76 82.66 43.21
N VAL E 509 43.87 81.34 43.10
CA VAL E 509 43.00 80.41 43.80
C VAL E 509 43.87 79.59 44.74
N ASP E 510 43.80 79.90 46.03
CA ASP E 510 44.48 79.13 47.08
C ASP E 510 43.42 78.33 47.82
N ILE E 511 43.41 77.02 47.59
CA ILE E 511 42.34 76.16 48.10
C ILE E 511 42.76 75.60 49.45
N SER E 512 42.12 76.06 50.51
CA SER E 512 42.25 75.40 51.81
C SER E 512 41.51 74.07 51.78
N VAL E 513 42.11 73.04 52.35
CA VAL E 513 41.52 71.71 52.39
C VAL E 513 41.34 71.32 53.85
N ALA E 514 40.10 71.01 54.24
CA ALA E 514 39.83 70.64 55.61
C ALA E 514 40.40 69.25 55.90
N VAL E 515 41.27 69.16 56.89
CA VAL E 515 41.90 67.93 57.32
C VAL E 515 41.59 67.73 58.80
N SER E 516 41.11 66.54 59.15
CA SER E 516 40.81 66.21 60.54
C SER E 516 42.00 65.51 61.17
N THR E 517 42.46 66.03 62.29
CA THR E 517 43.58 65.53 63.06
C THR E 517 43.12 65.34 64.49
N PRO E 518 43.85 64.56 65.30
CA PRO E 518 43.42 64.38 66.70
C PRO E 518 43.32 65.67 67.49
N ALA E 519 43.99 66.73 67.06
CA ALA E 519 43.92 68.02 67.72
C ALA E 519 42.78 68.90 67.21
N GLY E 520 42.09 68.50 66.15
CA GLY E 520 40.97 69.25 65.63
C GLY E 520 40.99 69.35 64.12
N LEU E 521 40.30 70.36 63.61
CA LEU E 521 40.24 70.59 62.18
C LEU E 521 41.25 71.66 61.77
N ILE E 522 42.03 71.37 60.73
CA ILE E 522 43.01 72.31 60.22
C ILE E 522 42.79 72.46 58.71
N THR E 523 43.33 73.54 58.14
CA THR E 523 43.10 73.88 56.74
C THR E 523 44.41 74.19 56.03
N PRO E 524 45.20 73.17 55.69
CA PRO E 524 46.36 73.40 54.84
C PRO E 524 45.94 73.89 53.47
N ILE E 525 46.75 74.77 52.89
CA ILE E 525 46.40 75.51 51.68
C ILE E 525 47.22 74.97 50.52
N VAL E 526 46.53 74.57 49.46
CA VAL E 526 47.17 74.27 48.18
C VAL E 526 47.16 75.58 47.39
N PHE E 527 48.34 76.16 47.20
CA PHE E 527 48.45 77.44 46.52
C PHE E 527 48.45 77.23 45.01
N ASN E 528 47.82 78.16 44.29
CA ASN E 528 47.78 78.16 42.84
C ASN E 528 47.22 76.85 42.29
N ALA E 529 46.12 76.40 42.89
CA ALA E 529 45.47 75.18 42.42
C ALA E 529 44.87 75.36 41.05
N HIS E 530 44.71 76.60 40.59
CA HIS E 530 44.16 76.85 39.27
C HIS E 530 45.16 76.53 38.17
N ILE E 531 46.46 76.57 38.48
CA ILE E 531 47.49 76.26 37.52
C ILE E 531 48.24 74.96 37.83
N LYS E 532 48.12 74.44 39.05
CA LYS E 532 48.73 73.17 39.37
C LYS E 532 47.99 72.02 38.70
N GLY E 533 48.73 70.98 38.33
CA GLY E 533 48.11 69.81 37.74
C GLY E 533 47.60 68.85 38.80
N LEU E 534 46.96 67.77 38.33
CA LEU E 534 46.40 66.79 39.25
C LEU E 534 47.48 66.08 40.05
N GLU E 535 48.60 65.74 39.41
CA GLU E 535 49.69 65.10 40.13
C GLU E 535 50.27 66.02 41.19
N THR E 536 50.51 67.29 40.83
CA THR E 536 51.04 68.24 41.79
C THR E 536 50.06 68.49 42.93
N ILE E 537 48.77 68.59 42.62
CA ILE E 537 47.76 68.79 43.65
C ILE E 537 47.72 67.60 44.60
N ALA E 538 47.77 66.39 44.05
CA ALA E 538 47.73 65.19 44.90
C ALA E 538 48.95 65.12 45.80
N ASN E 539 50.15 65.37 45.25
CA ASN E 539 51.35 65.32 46.06
C ASN E 539 51.33 66.39 47.14
N ASP E 540 50.90 67.61 46.80
CA ASP E 540 50.82 68.69 47.77
C ASP E 540 49.83 68.36 48.88
N VAL E 541 48.68 67.80 48.51
CA VAL E 541 47.66 67.44 49.50
C VAL E 541 48.19 66.36 50.43
N VAL E 542 48.88 65.35 49.88
CA VAL E 542 49.43 64.29 50.72
C VAL E 542 50.47 64.85 51.69
N SER E 543 51.36 65.70 51.18
CA SER E 543 52.40 66.28 52.04
C SER E 543 51.79 67.14 53.14
N LEU E 544 50.83 67.99 52.80
CA LEU E 544 50.22 68.86 53.80
C LEU E 544 49.39 68.05 54.80
N ALA E 545 48.74 66.98 54.35
CA ALA E 545 47.99 66.13 55.26
C ALA E 545 48.93 65.44 56.26
N THR E 546 50.07 64.95 55.78
CA THR E 546 51.05 64.37 56.69
C THR E 546 51.56 65.40 57.68
N LYS E 547 51.85 66.61 57.20
CA LYS E 547 52.33 67.66 58.09
C LYS E 547 51.28 68.03 59.12
N ALA E 548 50.01 68.08 58.72
CA ALA E 548 48.93 68.40 59.65
C ALA E 548 48.76 67.30 60.70
N ARG E 549 48.78 66.04 60.27
CA ARG E 549 48.62 64.94 61.20
C ARG E 549 49.77 64.86 62.18
N GLU E 550 50.99 65.13 61.74
CA GLU E 550 52.14 65.06 62.63
C GLU E 550 52.44 66.40 63.32
N GLY E 551 51.66 67.44 63.04
CA GLY E 551 51.75 68.67 63.80
C GLY E 551 52.92 69.58 63.48
N LYS E 552 53.38 69.60 62.23
CA LYS E 552 54.47 70.49 61.83
C LYS E 552 54.03 71.60 60.88
N LEU E 553 52.73 71.89 60.78
CA LEU E 553 52.28 72.92 59.85
C LEU E 553 52.73 74.30 60.32
N GLN E 554 53.33 75.05 59.41
CA GLN E 554 53.67 76.44 59.66
C GLN E 554 52.44 77.34 59.50
N PRO E 555 52.41 78.47 60.19
CA PRO E 555 51.21 79.34 60.11
C PRO E 555 50.86 79.79 58.70
N HIS E 556 51.87 80.05 57.85
CA HIS E 556 51.58 80.46 56.49
C HIS E 556 51.00 79.34 55.65
N GLU E 557 51.18 78.08 56.07
CA GLU E 557 50.68 76.94 55.32
C GLU E 557 49.21 76.66 55.59
N PHE E 558 48.61 77.28 56.60
CA PHE E 558 47.19 77.09 56.86
C PHE E 558 46.43 78.38 57.16
N GLN E 559 47.08 79.55 57.12
CA GLN E 559 46.39 80.81 57.28
C GLN E 559 46.26 81.50 55.93
N GLY E 560 45.05 81.94 55.60
CA GLY E 560 44.82 82.60 54.33
C GLY E 560 43.88 81.82 53.43
N GLY E 561 44.19 81.80 52.13
CA GLY E 561 43.36 81.12 51.17
C GLY E 561 42.20 81.97 50.69
N THR E 562 41.62 81.55 49.57
CA THR E 562 40.49 82.24 48.97
C THR E 562 39.23 81.37 48.86
N PHE E 563 39.38 80.05 48.95
CA PHE E 563 38.26 79.13 48.82
C PHE E 563 38.60 77.88 49.62
N THR E 564 37.59 77.29 50.27
CA THR E 564 37.78 76.16 51.16
C THR E 564 36.99 74.96 50.67
N ILE E 565 37.56 73.77 50.84
CA ILE E 565 36.89 72.52 50.49
C ILE E 565 36.94 71.60 51.71
N SER E 566 35.77 71.17 52.17
CA SER E 566 35.64 70.23 53.28
C SER E 566 34.95 68.98 52.75
N ASN E 567 35.68 67.88 52.71
CA ASN E 567 35.20 66.62 52.15
C ASN E 567 34.97 65.64 53.30
N LEU E 568 33.73 65.16 53.44
CA LEU E 568 33.40 64.15 54.44
C LEU E 568 32.78 62.91 53.81
N GLY E 569 33.07 62.63 52.55
CA GLY E 569 32.51 61.46 51.91
C GLY E 569 33.12 60.16 52.41
N MET E 570 34.34 60.24 52.95
CA MET E 570 34.99 59.05 53.48
C MET E 570 34.31 58.56 54.76
N PHE E 571 33.49 59.39 55.39
CA PHE E 571 32.77 59.01 56.60
C PHE E 571 31.32 58.63 56.33
N GLY E 572 30.91 58.58 55.06
CA GLY E 572 29.57 58.15 54.73
C GLY E 572 28.51 59.22 54.76
N ILE E 573 28.90 60.49 54.89
CA ILE E 573 27.92 61.57 54.93
C ILE E 573 27.35 61.81 53.55
N LYS E 574 26.02 61.80 53.45
CA LYS E 574 25.37 62.05 52.17
C LYS E 574 25.62 63.48 51.70
N ASN E 575 25.35 64.45 52.57
CA ASN E 575 25.67 65.85 52.31
C ASN E 575 25.66 66.60 53.64
N PHE E 576 26.27 67.78 53.63
CA PHE E 576 26.31 68.60 54.83
C PHE E 576 26.58 70.05 54.45
N SER E 577 26.29 70.95 55.38
CA SER E 577 26.48 72.39 55.20
C SER E 577 27.57 72.85 56.16
N ALA E 578 28.63 73.44 55.61
CA ALA E 578 29.77 73.84 56.42
C ALA E 578 29.71 75.32 56.77
N ILE E 579 30.65 75.75 57.59
CA ILE E 579 30.76 77.15 58.01
C ILE E 579 31.87 77.81 57.21
N ILE E 580 31.59 78.99 56.67
CA ILE E 580 32.57 79.70 55.86
C ILE E 580 33.75 80.12 56.72
N ASN E 581 34.96 79.81 56.27
CA ASN E 581 36.17 80.20 56.95
C ASN E 581 36.51 81.64 56.59
N PRO E 582 36.53 82.56 57.55
CA PRO E 582 36.76 83.96 57.21
C PRO E 582 38.18 84.19 56.78
N PRO E 583 38.44 85.22 55.97
CA PRO E 583 37.48 86.18 55.40
C PRO E 583 36.96 85.75 54.03
N GLN E 584 36.99 84.45 53.73
CA GLN E 584 36.56 83.98 52.42
C GLN E 584 35.05 84.14 52.26
N ALA E 585 34.58 83.92 51.04
CA ALA E 585 33.18 84.12 50.72
C ALA E 585 32.42 82.83 50.45
N CYS E 586 33.11 81.69 50.33
CA CYS E 586 32.45 80.44 50.03
C CYS E 586 33.22 79.28 50.65
N ILE E 587 32.54 78.14 50.75
CA ILE E 587 33.14 76.88 51.17
C ILE E 587 32.33 75.74 50.56
N LEU E 588 33.02 74.79 49.95
CA LEU E 588 32.38 73.67 49.29
C LEU E 588 32.41 72.45 50.20
N ALA E 589 31.24 71.95 50.56
CA ALA E 589 31.10 70.76 51.39
C ALA E 589 30.77 69.58 50.49
N VAL E 590 31.61 68.55 50.53
CA VAL E 590 31.51 67.40 49.64
C VAL E 590 31.06 66.19 50.45
N GLY E 591 30.03 65.51 49.97
CA GLY E 591 29.52 64.31 50.61
C GLY E 591 30.04 63.04 49.95
N ALA E 592 29.36 61.93 50.26
CA ALA E 592 29.78 60.64 49.78
C ALA E 592 29.21 60.35 48.40
N SER E 593 29.92 59.50 47.65
CA SER E 593 29.45 59.05 46.35
C SER E 593 28.68 57.74 46.49
N GLU E 594 27.45 57.74 45.99
CA GLU E 594 26.58 56.57 46.09
C GLU E 594 25.95 56.28 44.74
N ASP E 595 25.70 55.00 44.47
CA ASP E 595 25.07 54.59 43.22
C ASP E 595 23.57 54.85 43.31
N ARG E 596 23.03 55.51 42.29
CA ARG E 596 21.62 55.82 42.23
C ARG E 596 21.06 55.46 40.86
N LEU E 597 19.81 55.00 40.84
CA LEU E 597 19.15 54.65 39.60
C LEU E 597 18.59 55.90 38.92
N PHE E 598 18.70 55.94 37.60
CA PHE E 598 18.19 57.08 36.85
C PHE E 598 17.52 56.62 35.56
N PRO E 599 16.47 57.32 35.13
CA PRO E 599 15.79 56.92 33.89
C PRO E 599 16.73 57.02 32.69
N ALA E 600 16.58 56.06 31.77
CA ALA E 600 17.38 56.03 30.57
C ALA E 600 16.57 55.41 29.44
N ASP E 601 16.94 55.75 28.21
CA ASP E 601 16.24 55.25 27.02
C ASP E 601 16.87 53.94 26.57
N ASN E 602 16.70 52.92 27.42
CA ASN E 602 17.18 51.58 27.13
C ASN E 602 16.08 50.58 27.44
N GLU E 603 16.39 49.30 27.21
CA GLU E 603 15.41 48.25 27.42
C GLU E 603 14.98 48.12 28.87
N LYS E 604 15.94 48.19 29.80
CA LYS E 604 15.61 48.13 31.22
C LYS E 604 14.86 49.37 31.71
N GLY E 605 15.00 50.50 31.02
CA GLY E 605 14.36 51.72 31.42
C GLY E 605 15.10 52.52 32.46
N PHE E 606 16.29 52.07 32.87
CA PHE E 606 17.06 52.79 33.88
C PHE E 606 18.53 52.46 33.73
N ASP E 607 19.37 53.27 34.38
CA ASP E 607 20.81 53.09 34.42
C ASP E 607 21.30 53.38 35.84
N VAL E 608 22.52 52.94 36.12
CA VAL E 608 23.15 53.13 37.43
C VAL E 608 24.28 54.13 37.27
N ALA E 609 24.24 55.21 38.04
CA ALA E 609 25.25 56.25 38.01
C ALA E 609 25.70 56.56 39.43
N SER E 610 27.01 56.76 39.60
CA SER E 610 27.57 57.07 40.91
C SER E 610 27.58 58.59 41.09
N MET E 611 26.56 59.12 41.76
CA MET E 611 26.43 60.56 42.00
C MET E 611 26.99 60.93 43.35
N MET E 612 27.42 62.19 43.48
CA MET E 612 28.05 62.72 44.67
C MET E 612 27.57 64.15 44.88
N SER E 613 26.97 64.42 46.03
CA SER E 613 26.29 65.69 46.30
C SER E 613 27.24 66.68 46.95
N VAL E 614 27.18 67.93 46.49
CA VAL E 614 27.97 69.01 47.07
C VAL E 614 27.06 70.16 47.48
N THR E 615 27.39 70.76 48.62
CA THR E 615 26.66 71.91 49.15
C THR E 615 27.65 73.07 49.31
N LEU E 616 27.47 74.10 48.49
CA LEU E 616 28.27 75.31 48.55
C LEU E 616 27.60 76.30 49.50
N SER E 617 28.29 76.68 50.56
CA SER E 617 27.81 77.70 51.48
C SER E 617 28.43 79.04 51.09
N CYS E 618 27.58 80.02 50.83
CA CYS E 618 28.00 81.29 50.26
C CYS E 618 27.66 82.44 51.19
N ASP E 619 28.54 83.44 51.20
CA ASP E 619 28.27 84.73 51.83
C ASP E 619 27.36 85.53 50.90
N HIS E 620 26.12 85.77 51.35
CA HIS E 620 25.16 86.44 50.49
C HIS E 620 25.49 87.89 50.23
N ARG E 621 26.42 88.48 50.99
CA ARG E 621 26.85 89.85 50.71
C ARG E 621 27.67 89.92 49.43
N VAL E 622 28.45 88.89 49.14
CA VAL E 622 29.33 88.87 47.98
C VAL E 622 28.74 88.05 46.84
N VAL E 623 28.26 86.85 47.14
CA VAL E 623 27.77 85.92 46.12
C VAL E 623 26.26 85.81 46.28
N ASP E 624 25.52 86.26 45.28
CA ASP E 624 24.07 86.08 45.30
C ASP E 624 23.70 84.73 44.70
N GLY E 625 22.39 84.45 44.68
CA GLY E 625 21.93 83.13 44.30
C GLY E 625 22.30 82.75 42.89
N ALA E 626 22.14 83.67 41.94
CA ALA E 626 22.47 83.38 40.55
C ALA E 626 23.96 83.09 40.38
N VAL E 627 24.82 83.86 41.06
CA VAL E 627 26.25 83.63 40.95
C VAL E 627 26.65 82.30 41.56
N GLY E 628 26.09 81.97 42.73
CA GLY E 628 26.37 80.68 43.33
C GLY E 628 25.92 79.53 42.47
N ALA E 629 24.74 79.66 41.86
CA ALA E 629 24.25 78.62 40.97
C ALA E 629 25.12 78.48 39.73
N GLN E 630 25.60 79.59 39.18
CA GLN E 630 26.51 79.54 38.03
C GLN E 630 27.81 78.85 38.40
N TRP E 631 28.34 79.16 39.59
CA TRP E 631 29.56 78.50 40.06
C TRP E 631 29.35 77.00 40.17
N LEU E 632 28.23 76.58 40.77
CA LEU E 632 27.97 75.16 40.91
C LEU E 632 27.78 74.49 39.56
N ALA E 633 27.16 75.19 38.62
CA ALA E 633 27.00 74.62 37.27
C ALA E 633 28.34 74.41 36.59
N GLU E 634 29.24 75.40 36.70
CA GLU E 634 30.57 75.25 36.11
C GLU E 634 31.34 74.10 36.77
N PHE E 635 31.26 74.02 38.10
CA PHE E 635 31.93 72.95 38.83
C PHE E 635 31.40 71.58 38.40
N ARG E 636 30.08 71.47 38.27
CA ARG E 636 29.47 70.22 37.86
C ARG E 636 29.88 69.85 36.43
N LYS E 637 29.92 70.84 35.54
CA LYS E 637 30.34 70.56 34.16
C LYS E 637 31.78 70.04 34.13
N TYR E 638 32.67 70.71 34.87
CA TYR E 638 34.07 70.29 34.91
C TYR E 638 34.20 68.87 35.43
N LEU E 639 33.44 68.52 36.47
CA LEU E 639 33.55 67.16 37.01
C LEU E 639 32.91 66.13 36.07
N GLU E 640 31.75 66.44 35.49
CA GLU E 640 31.09 65.47 34.63
C GLU E 640 31.85 65.22 33.33
N LYS E 641 32.64 66.18 32.87
CA LYS E 641 33.53 65.96 31.73
C LYS E 641 34.93 66.41 32.10
N PRO E 642 35.75 65.50 32.65
CA PRO E 642 37.10 65.89 33.09
C PRO E 642 37.99 66.41 31.97
N ILE E 643 37.75 65.98 30.73
CA ILE E 643 38.56 66.45 29.60
C ILE E 643 38.38 67.94 29.40
N THR E 644 37.27 68.52 29.88
CA THR E 644 37.07 69.95 29.79
C THR E 644 37.95 70.72 30.77
N MET E 645 38.62 70.05 31.70
CA MET E 645 39.58 70.72 32.55
C MET E 645 40.81 71.18 31.79
N LEU E 646 41.05 70.64 30.60
CA LEU E 646 42.17 71.06 29.76
C LEU E 646 41.98 72.46 29.18
N LEU E 647 40.73 72.91 29.02
CA LEU E 647 40.44 74.26 28.55
C LEU E 647 40.90 75.31 29.55
N PHE F 420 -58.43 8.77 -93.01
CA PHE F 420 -59.45 9.02 -92.00
C PHE F 420 -60.67 8.13 -92.21
N THR F 421 -61.58 8.14 -91.23
CA THR F 421 -62.82 7.38 -91.28
C THR F 421 -63.96 8.27 -90.82
N ASP F 422 -65.02 8.33 -91.61
CA ASP F 422 -66.20 9.14 -91.28
C ASP F 422 -67.20 8.26 -90.55
N ILE F 423 -67.39 8.52 -89.26
CA ILE F 423 -68.35 7.78 -88.45
C ILE F 423 -69.66 8.57 -88.43
N PRO F 424 -70.76 8.00 -88.92
CA PRO F 424 -72.04 8.74 -88.92
C PRO F 424 -72.46 9.10 -87.50
N ILE F 425 -73.08 10.27 -87.37
CA ILE F 425 -73.55 10.75 -86.08
C ILE F 425 -74.93 10.18 -85.82
N SER F 426 -75.10 9.48 -84.71
CA SER F 426 -76.41 8.96 -84.33
C SER F 426 -77.33 10.10 -83.90
N ASN F 427 -78.63 9.80 -83.88
CA ASN F 427 -79.60 10.81 -83.45
C ASN F 427 -79.44 11.13 -81.96
N ILE F 428 -79.09 10.12 -81.16
CA ILE F 428 -78.85 10.36 -79.74
C ILE F 428 -77.67 11.30 -79.56
N ARG F 429 -76.58 11.06 -80.30
CA ARG F 429 -75.42 11.94 -80.21
C ARG F 429 -75.75 13.33 -80.73
N ARG F 430 -76.58 13.42 -81.77
CA ARG F 430 -77.00 14.73 -82.26
C ARG F 430 -77.79 15.49 -81.21
N VAL F 431 -78.68 14.80 -80.49
CA VAL F 431 -79.44 15.44 -79.42
C VAL F 431 -78.51 15.91 -78.30
N ILE F 432 -77.56 15.07 -77.92
CA ILE F 432 -76.62 15.44 -76.86
C ILE F 432 -75.80 16.65 -77.29
N ALA F 433 -75.31 16.64 -78.52
CA ALA F 433 -74.52 17.77 -79.02
C ALA F 433 -75.35 19.04 -79.07
N GLN F 434 -76.61 18.93 -79.50
CA GLN F 434 -77.47 20.12 -79.55
C GLN F 434 -77.73 20.67 -78.15
N ARG F 435 -77.95 19.79 -77.17
CA ARG F 435 -78.12 20.25 -75.80
C ARG F 435 -76.87 20.94 -75.28
N LEU F 436 -75.70 20.38 -75.57
CA LEU F 436 -74.45 20.99 -75.09
C LEU F 436 -74.21 22.34 -75.75
N MET F 437 -74.47 22.44 -77.05
CA MET F 437 -74.33 23.72 -77.75
C MET F 437 -75.30 24.75 -77.18
N GLN F 438 -76.54 24.35 -76.92
CA GLN F 438 -77.51 25.27 -76.34
C GLN F 438 -77.06 25.74 -74.97
N SER F 439 -76.53 24.83 -74.15
CA SER F 439 -76.05 25.21 -72.83
C SER F 439 -74.91 26.21 -72.93
N LYS F 440 -73.91 25.92 -73.76
CA LYS F 440 -72.75 26.79 -73.84
C LYS F 440 -73.07 28.11 -74.53
N GLN F 441 -74.15 28.15 -75.32
CA GLN F 441 -74.50 29.40 -76.00
C GLN F 441 -75.42 30.28 -75.16
N THR F 442 -76.28 29.69 -74.34
CA THR F 442 -77.27 30.48 -73.60
C THR F 442 -76.95 30.64 -72.12
N ILE F 443 -76.03 29.85 -71.57
CA ILE F 443 -75.71 29.89 -70.15
C ILE F 443 -74.31 30.49 -69.99
N PRO F 444 -74.18 31.67 -69.39
CA PRO F 444 -72.85 32.25 -69.16
C PRO F 444 -72.10 31.57 -68.02
N HIS F 445 -71.43 30.46 -68.32
CA HIS F 445 -70.75 29.68 -67.29
C HIS F 445 -69.64 30.49 -66.63
N TYR F 446 -69.45 30.28 -65.33
CA TYR F 446 -68.22 30.66 -64.67
C TYR F 446 -67.93 29.66 -63.55
N TYR F 447 -66.64 29.41 -63.31
CA TYR F 447 -66.21 28.24 -62.57
C TYR F 447 -65.51 28.64 -61.28
N LEU F 448 -65.81 27.93 -60.19
CA LEU F 448 -65.15 28.13 -58.91
C LEU F 448 -64.62 26.81 -58.38
N SER F 449 -63.36 26.78 -57.97
CA SER F 449 -62.72 25.55 -57.52
C SER F 449 -62.25 25.68 -56.08
N VAL F 450 -62.45 24.59 -55.32
CA VAL F 450 -61.96 24.51 -53.94
C VAL F 450 -61.39 23.11 -53.70
N ASP F 451 -60.71 22.97 -52.57
CA ASP F 451 -60.18 21.70 -52.11
C ASP F 451 -60.84 21.28 -50.80
N VAL F 452 -61.17 20.01 -50.70
CA VAL F 452 -61.89 19.45 -49.56
C VAL F 452 -61.03 18.37 -48.92
N ASN F 453 -60.84 18.47 -47.60
CA ASN F 453 -60.10 17.46 -46.86
C ASN F 453 -61.02 16.28 -46.60
N MET F 454 -60.58 15.08 -46.99
CA MET F 454 -61.47 13.93 -47.01
C MET F 454 -61.04 12.81 -46.06
N GLY F 455 -60.13 13.09 -45.12
CA GLY F 455 -59.75 12.06 -44.17
C GLY F 455 -60.90 11.64 -43.27
N GLU F 456 -61.66 12.62 -42.79
CA GLU F 456 -62.83 12.31 -41.96
C GLU F 456 -63.88 11.54 -42.76
N VAL F 457 -64.08 11.92 -44.03
CA VAL F 457 -65.02 11.19 -44.88
C VAL F 457 -64.58 9.75 -45.05
N LEU F 458 -63.28 9.53 -45.27
CA LEU F 458 -62.78 8.16 -45.44
C LEU F 458 -62.96 7.35 -44.17
N LEU F 459 -62.66 7.95 -43.01
CA LEU F 459 -62.82 7.23 -41.74
C LEU F 459 -64.28 6.87 -41.50
N VAL F 460 -65.18 7.83 -41.70
CA VAL F 460 -66.60 7.59 -41.49
C VAL F 460 -67.11 6.54 -42.47
N ARG F 461 -66.67 6.60 -43.72
CA ARG F 461 -67.10 5.61 -44.71
C ARG F 461 -66.60 4.23 -44.34
N LYS F 462 -65.37 4.12 -43.85
CA LYS F 462 -64.86 2.82 -43.42
C LYS F 462 -65.69 2.27 -42.26
N GLU F 463 -66.00 3.11 -41.28
CA GLU F 463 -66.80 2.64 -40.15
C GLU F 463 -68.20 2.21 -40.59
N LEU F 464 -68.83 2.99 -41.46
CA LEU F 464 -70.15 2.64 -41.95
C LEU F 464 -70.13 1.35 -42.75
N ASN F 465 -69.11 1.16 -43.59
CA ASN F 465 -69.00 -0.07 -44.35
C ASN F 465 -68.79 -1.27 -43.44
N LYS F 466 -67.99 -1.09 -42.38
CA LYS F 466 -67.80 -2.18 -41.41
C LYS F 466 -69.11 -2.53 -40.71
N MET F 467 -69.87 -1.52 -40.29
CA MET F 467 -71.16 -1.77 -39.65
C MET F 467 -72.16 -2.42 -40.61
N LEU F 468 -72.06 -2.13 -41.90
CA LEU F 468 -73.03 -2.65 -42.85
C LEU F 468 -72.95 -4.15 -43.02
N GLU F 469 -71.80 -4.77 -42.76
CA GLU F 469 -71.64 -6.23 -42.78
C GLU F 469 -72.03 -6.80 -44.15
N GLY F 470 -71.72 -6.05 -45.20
CA GLY F 470 -71.95 -6.52 -46.55
C GLY F 470 -73.34 -6.33 -47.10
N ARG F 471 -74.28 -5.81 -46.30
CA ARG F 471 -75.62 -5.57 -46.82
C ARG F 471 -75.62 -4.50 -47.90
N SER F 472 -74.80 -3.46 -47.71
CA SER F 472 -74.58 -2.44 -48.74
C SER F 472 -73.15 -1.94 -48.61
N LYS F 473 -72.75 -1.10 -49.56
CA LYS F 473 -71.42 -0.50 -49.56
C LYS F 473 -71.55 0.99 -49.85
N ILE F 474 -71.22 1.80 -48.84
CA ILE F 474 -71.27 3.25 -49.01
C ILE F 474 -70.02 3.72 -49.72
N SER F 475 -70.19 4.47 -50.80
CA SER F 475 -69.08 4.99 -51.58
C SER F 475 -68.90 6.48 -51.32
N VAL F 476 -67.79 7.01 -51.82
CA VAL F 476 -67.48 8.42 -51.66
C VAL F 476 -68.49 9.29 -52.40
N ASN F 477 -68.96 8.83 -53.55
CA ASN F 477 -69.94 9.60 -54.30
C ASN F 477 -71.25 9.75 -53.55
N ASP F 478 -71.57 8.80 -52.67
CA ASP F 478 -72.78 8.94 -51.85
C ASP F 478 -72.63 10.10 -50.86
N PHE F 479 -71.49 10.18 -50.19
CA PHE F 479 -71.21 11.33 -49.34
C PHE F 479 -71.28 12.62 -50.13
N ILE F 480 -70.70 12.63 -51.33
CA ILE F 480 -70.68 13.83 -52.14
C ILE F 480 -72.09 14.25 -52.53
N ILE F 481 -72.93 13.27 -52.91
CA ILE F 481 -74.30 13.58 -53.32
C ILE F 481 -75.11 14.13 -52.14
N LYS F 482 -75.00 13.50 -50.98
CA LYS F 482 -75.74 13.97 -49.81
C LYS F 482 -75.27 15.35 -49.37
N ALA F 483 -73.96 15.59 -49.40
CA ALA F 483 -73.43 16.90 -49.05
C ALA F 483 -73.89 17.96 -50.03
N SER F 484 -73.92 17.62 -51.32
CA SER F 484 -74.42 18.56 -52.32
C SER F 484 -75.88 18.88 -52.09
N ALA F 485 -76.69 17.87 -51.74
CA ALA F 485 -78.10 18.12 -51.46
C ALA F 485 -78.27 19.03 -50.25
N LEU F 486 -77.51 18.79 -49.19
CA LEU F 486 -77.62 19.66 -48.01
C LEU F 486 -77.15 21.07 -48.31
N ALA F 487 -76.08 21.22 -49.10
CA ALA F 487 -75.62 22.55 -49.48
C ALA F 487 -76.67 23.25 -50.34
N CYS F 488 -77.34 22.51 -51.22
CA CYS F 488 -78.42 23.08 -52.01
C CYS F 488 -79.57 23.55 -51.14
N LEU F 489 -79.90 22.78 -50.09
CA LEU F 489 -80.91 23.22 -49.14
C LEU F 489 -80.49 24.52 -48.45
N LYS F 490 -79.22 24.59 -48.02
CA LYS F 490 -78.76 25.79 -47.32
C LYS F 490 -78.71 27.01 -48.24
N VAL F 491 -78.32 26.82 -49.49
CA VAL F 491 -78.20 27.92 -50.45
C VAL F 491 -79.08 27.61 -51.65
N PRO F 492 -80.38 27.97 -51.61
CA PRO F 492 -81.30 27.55 -52.68
C PRO F 492 -81.04 28.21 -54.03
N GLU F 493 -80.16 29.22 -54.11
CA GLU F 493 -79.90 29.86 -55.39
C GLU F 493 -79.27 28.88 -56.37
N ALA F 494 -78.36 28.02 -55.89
CA ALA F 494 -77.79 26.99 -56.75
C ALA F 494 -78.82 25.95 -57.16
N ASN F 495 -79.99 25.93 -56.52
CA ASN F 495 -81.08 25.04 -56.86
C ASN F 495 -82.20 25.74 -57.61
N SER F 496 -81.85 26.66 -58.51
CA SER F 496 -82.81 27.43 -59.27
C SER F 496 -82.67 27.13 -60.76
N SER F 497 -83.55 27.75 -61.53
CA SER F 497 -83.56 27.63 -62.99
C SER F 497 -84.02 28.94 -63.60
N TRP F 498 -83.34 29.36 -64.66
CA TRP F 498 -83.66 30.60 -65.35
C TRP F 498 -84.65 30.31 -66.48
N LEU F 499 -85.84 30.90 -66.38
CA LEU F 499 -86.93 30.66 -67.34
C LEU F 499 -87.23 31.91 -68.16
N ASP F 500 -86.29 32.86 -68.15
CA ASP F 500 -86.31 34.07 -68.99
C ASP F 500 -87.39 35.06 -68.55
N THR F 501 -88.24 34.66 -67.62
CA THR F 501 -89.23 35.56 -67.01
C THR F 501 -89.22 35.51 -65.49
N VAL F 502 -89.02 34.32 -64.92
CA VAL F 502 -88.91 34.13 -63.49
C VAL F 502 -87.75 33.19 -63.21
N ILE F 503 -87.26 33.24 -61.98
CA ILE F 503 -86.22 32.33 -61.52
C ILE F 503 -86.89 31.28 -60.64
N ARG F 504 -87.08 30.09 -61.19
CA ARG F 504 -87.77 29.01 -60.49
C ARG F 504 -86.83 28.43 -59.44
N GLN F 505 -87.14 28.65 -58.17
CA GLN F 505 -86.31 28.18 -57.07
C GLN F 505 -86.86 26.87 -56.54
N ASN F 506 -86.28 25.75 -56.97
CA ASN F 506 -86.81 24.44 -56.61
C ASN F 506 -86.59 24.15 -55.13
N HIS F 507 -87.65 23.70 -54.46
CA HIS F 507 -87.59 23.38 -53.05
C HIS F 507 -87.16 21.95 -52.77
N VAL F 508 -87.09 21.11 -53.80
CA VAL F 508 -86.60 19.74 -53.67
C VAL F 508 -85.28 19.64 -54.42
N VAL F 509 -84.46 18.68 -54.02
CA VAL F 509 -83.13 18.50 -54.58
C VAL F 509 -83.12 17.16 -55.29
N ASP F 510 -83.13 17.19 -56.62
CA ASP F 510 -83.06 15.98 -57.45
C ASP F 510 -81.70 15.98 -58.13
N ILE F 511 -80.79 15.15 -57.63
CA ILE F 511 -79.39 15.18 -58.06
C ILE F 511 -79.22 14.24 -59.26
N SER F 512 -79.00 14.83 -60.44
CA SER F 512 -78.55 14.04 -61.57
C SER F 512 -77.11 13.61 -61.34
N VAL F 513 -76.79 12.36 -61.66
CA VAL F 513 -75.45 11.82 -61.49
C VAL F 513 -74.94 11.40 -62.86
N ALA F 514 -73.83 12.00 -63.30
CA ALA F 514 -73.28 11.66 -64.61
C ALA F 514 -72.67 10.27 -64.56
N VAL F 515 -73.06 9.42 -65.51
CA VAL F 515 -72.58 8.05 -65.62
C VAL F 515 -72.14 7.83 -67.06
N SER F 516 -70.96 7.25 -67.22
CA SER F 516 -70.43 6.97 -68.55
C SER F 516 -70.76 5.53 -68.94
N THR F 517 -71.40 5.36 -70.09
CA THR F 517 -71.80 4.08 -70.65
C THR F 517 -71.24 4.02 -72.07
N PRO F 518 -71.16 2.83 -72.66
CA PRO F 518 -70.64 2.73 -74.03
C PRO F 518 -71.41 3.56 -75.04
N ALA F 519 -72.66 3.91 -74.76
CA ALA F 519 -73.46 4.74 -75.63
C ALA F 519 -73.29 6.24 -75.38
N GLY F 520 -72.58 6.62 -74.33
CA GLY F 520 -72.34 8.02 -74.03
C GLY F 520 -72.52 8.36 -72.57
N LEU F 521 -72.79 9.64 -72.32
CA LEU F 521 -73.01 10.11 -70.96
C LEU F 521 -74.50 10.21 -70.68
N ILE F 522 -74.93 9.61 -69.57
CA ILE F 522 -76.33 9.63 -69.17
C ILE F 522 -76.42 10.06 -67.72
N THR F 523 -77.52 10.73 -67.37
CA THR F 523 -77.67 11.37 -66.06
C THR F 523 -78.91 10.84 -65.34
N PRO F 524 -78.81 9.65 -64.74
CA PRO F 524 -79.90 9.20 -63.87
C PRO F 524 -80.04 10.11 -62.66
N ILE F 525 -81.28 10.30 -62.22
CA ILE F 525 -81.61 11.28 -61.19
C ILE F 525 -81.93 10.56 -59.89
N VAL F 526 -81.21 10.92 -58.82
CA VAL F 526 -81.55 10.51 -57.47
C VAL F 526 -82.49 11.59 -56.94
N PHE F 527 -83.77 11.23 -56.81
CA PHE F 527 -84.77 12.18 -56.35
C PHE F 527 -84.73 12.30 -54.83
N ASN F 528 -85.03 13.50 -54.32
CA ASN F 528 -85.12 13.76 -52.89
C ASN F 528 -83.84 13.35 -52.16
N ALA F 529 -82.70 13.71 -52.75
CA ALA F 529 -81.43 13.41 -52.12
C ALA F 529 -81.21 14.22 -50.86
N HIS F 530 -82.02 15.26 -50.65
CA HIS F 530 -81.88 16.06 -49.43
C HIS F 530 -82.50 15.38 -48.23
N ILE F 531 -83.37 14.38 -48.46
CA ILE F 531 -83.98 13.63 -47.37
C ILE F 531 -83.60 12.16 -47.37
N LYS F 532 -83.09 11.63 -48.49
CA LYS F 532 -82.65 10.25 -48.52
C LYS F 532 -81.37 10.08 -47.71
N GLY F 533 -81.22 8.91 -47.08
CA GLY F 533 -80.02 8.63 -46.35
C GLY F 533 -78.89 8.14 -47.23
N LEU F 534 -77.73 7.92 -46.63
CA LEU F 534 -76.56 7.48 -47.40
C LEU F 534 -76.78 6.10 -48.00
N GLU F 535 -77.41 5.20 -47.24
CA GLU F 535 -77.71 3.87 -47.78
C GLU F 535 -78.71 3.94 -48.92
N THR F 536 -79.77 4.73 -48.75
CA THR F 536 -80.75 4.87 -49.82
C THR F 536 -80.10 5.48 -51.06
N ILE F 537 -79.26 6.50 -50.87
CA ILE F 537 -78.58 7.12 -52.00
C ILE F 537 -77.66 6.12 -52.69
N ALA F 538 -76.91 5.33 -51.91
CA ALA F 538 -75.98 4.38 -52.50
C ALA F 538 -76.72 3.31 -53.29
N ASN F 539 -77.80 2.76 -52.71
CA ASN F 539 -78.58 1.75 -53.42
C ASN F 539 -79.20 2.32 -54.68
N ASP F 540 -79.75 3.54 -54.61
CA ASP F 540 -80.34 4.18 -55.77
C ASP F 540 -79.30 4.39 -56.86
N VAL F 541 -78.11 4.85 -56.48
CA VAL F 541 -77.05 5.09 -57.46
C VAL F 541 -76.63 3.79 -58.12
N VAL F 542 -76.48 2.73 -57.34
CA VAL F 542 -76.08 1.44 -57.90
C VAL F 542 -77.14 0.93 -58.88
N SER F 543 -78.42 1.02 -58.48
CA SER F 543 -79.50 0.53 -59.34
C SER F 543 -79.59 1.34 -60.62
N LEU F 544 -79.52 2.66 -60.53
CA LEU F 544 -79.63 3.50 -61.72
C LEU F 544 -78.41 3.35 -62.61
N ALA F 545 -77.22 3.15 -62.02
CA ALA F 545 -76.04 2.90 -62.84
C ALA F 545 -76.16 1.59 -63.59
N THR F 546 -76.67 0.55 -62.93
CA THR F 546 -76.89 -0.72 -63.62
C THR F 546 -77.90 -0.56 -64.75
N LYS F 547 -78.99 0.17 -64.49
CA LYS F 547 -79.98 0.41 -65.54
C LYS F 547 -79.38 1.19 -66.70
N ALA F 548 -78.56 2.20 -66.41
CA ALA F 548 -77.93 2.99 -67.46
C ALA F 548 -76.99 2.16 -68.30
N ARG F 549 -76.17 1.33 -67.64
CA ARG F 549 -75.25 0.47 -68.38
C ARG F 549 -76.00 -0.58 -69.21
N GLU F 550 -77.13 -1.04 -68.73
CA GLU F 550 -77.94 -2.00 -69.47
C GLU F 550 -78.87 -1.36 -70.47
N GLY F 551 -78.93 -0.02 -70.51
CA GLY F 551 -79.76 0.67 -71.48
C GLY F 551 -81.25 0.60 -71.19
N LYS F 552 -81.63 0.42 -69.93
CA LYS F 552 -83.03 0.26 -69.55
C LYS F 552 -83.60 1.46 -68.83
N LEU F 553 -82.94 2.62 -68.89
CA LEU F 553 -83.44 3.81 -68.21
C LEU F 553 -84.68 4.36 -68.89
N GLN F 554 -85.70 4.66 -68.09
CA GLN F 554 -86.89 5.33 -68.59
C GLN F 554 -86.63 6.83 -68.70
N PRO F 555 -87.34 7.52 -69.60
CA PRO F 555 -87.09 8.96 -69.79
C PRO F 555 -87.25 9.79 -68.53
N HIS F 556 -88.22 9.45 -67.67
CA HIS F 556 -88.40 10.21 -66.43
C HIS F 556 -87.28 9.98 -65.44
N GLU F 557 -86.52 8.90 -65.60
CA GLU F 557 -85.42 8.60 -64.67
C GLU F 557 -84.14 9.36 -64.99
N PHE F 558 -84.05 10.02 -66.14
CA PHE F 558 -82.88 10.82 -66.47
C PHE F 558 -83.19 12.20 -67.02
N GLN F 559 -84.46 12.54 -67.26
CA GLN F 559 -84.83 13.87 -67.72
C GLN F 559 -85.30 14.69 -66.53
N GLY F 560 -84.76 15.90 -66.39
CA GLY F 560 -85.12 16.77 -65.30
C GLY F 560 -83.97 17.05 -64.35
N GLY F 561 -84.24 16.96 -63.05
CA GLY F 561 -83.22 17.22 -62.06
C GLY F 561 -83.07 18.70 -61.75
N THR F 562 -82.41 18.98 -60.63
CA THR F 562 -82.18 20.34 -60.19
C THR F 562 -80.70 20.68 -59.99
N PHE F 563 -79.83 19.67 -59.94
CA PHE F 563 -78.41 19.86 -59.70
C PHE F 563 -77.69 18.61 -60.15
N THR F 564 -76.60 18.80 -60.89
CA THR F 564 -75.88 17.68 -61.50
C THR F 564 -74.51 17.52 -60.86
N ILE F 565 -74.09 16.27 -60.69
CA ILE F 565 -72.78 15.92 -60.18
C ILE F 565 -72.08 15.03 -61.19
N SER F 566 -70.93 15.47 -61.69
CA SER F 566 -70.11 14.69 -62.59
C SER F 566 -68.79 14.38 -61.90
N ASN F 567 -68.56 13.11 -61.61
CA ASN F 567 -67.38 12.67 -60.86
C ASN F 567 -66.47 11.92 -61.82
N LEU F 568 -65.23 12.40 -61.98
CA LEU F 568 -64.23 11.73 -62.78
C LEU F 568 -62.98 11.39 -61.99
N GLY F 569 -63.09 11.26 -60.67
CA GLY F 569 -61.93 10.94 -59.86
C GLY F 569 -61.44 9.53 -60.07
N MET F 570 -62.33 8.63 -60.51
CA MET F 570 -61.94 7.26 -60.78
C MET F 570 -60.99 7.15 -61.96
N PHE F 571 -60.93 8.18 -62.81
CA PHE F 571 -60.05 8.18 -63.97
C PHE F 571 -58.77 8.97 -63.75
N GLY F 572 -58.53 9.45 -62.53
CA GLY F 572 -57.29 10.13 -62.24
C GLY F 572 -57.27 11.61 -62.56
N ILE F 573 -58.42 12.21 -62.88
CA ILE F 573 -58.46 13.63 -63.18
C ILE F 573 -58.28 14.43 -61.90
N LYS F 574 -57.31 15.35 -61.90
CA LYS F 574 -57.10 16.20 -60.74
C LYS F 574 -58.28 17.14 -60.53
N ASN F 575 -58.68 17.85 -61.59
CA ASN F 575 -59.88 18.67 -61.56
C ASN F 575 -60.30 18.95 -63.00
N PHE F 576 -61.57 19.33 -63.16
CA PHE F 576 -62.08 19.65 -64.47
C PHE F 576 -63.31 20.54 -64.35
N SER F 577 -63.68 21.17 -65.46
CA SER F 577 -64.82 22.07 -65.53
C SER F 577 -65.84 21.47 -66.50
N ALA F 578 -67.05 21.23 -66.01
CA ALA F 578 -68.08 20.59 -66.81
C ALA F 578 -69.00 21.63 -67.44
N ILE F 579 -69.95 21.15 -68.23
CA ILE F 579 -70.94 22.00 -68.88
C ILE F 579 -72.26 21.87 -68.14
N ILE F 580 -72.89 23.01 -67.83
CA ILE F 580 -74.15 22.98 -67.10
C ILE F 580 -75.23 22.32 -67.95
N ASN F 581 -75.90 21.33 -67.36
CA ASN F 581 -76.99 20.63 -68.04
C ASN F 581 -78.25 21.47 -67.92
N PRO F 582 -78.85 21.89 -69.02
CA PRO F 582 -80.02 22.76 -68.93
C PRO F 582 -81.23 21.99 -68.42
N PRO F 583 -82.18 22.68 -67.80
CA PRO F 583 -82.22 24.11 -67.49
C PRO F 583 -81.67 24.44 -66.11
N GLN F 584 -80.86 23.56 -65.54
CA GLN F 584 -80.34 23.78 -64.20
C GLN F 584 -79.34 24.93 -64.20
N ALA F 585 -78.95 25.35 -62.99
CA ALA F 585 -78.10 26.52 -62.83
C ALA F 585 -76.67 26.19 -62.43
N CYS F 586 -76.39 24.96 -62.00
CA CYS F 586 -75.05 24.60 -61.55
C CYS F 586 -74.77 23.15 -61.87
N ILE F 587 -73.48 22.81 -61.85
CA ILE F 587 -73.01 21.43 -61.98
C ILE F 587 -71.70 21.30 -61.21
N LEU F 588 -71.59 20.28 -60.38
CA LEU F 588 -70.41 20.06 -59.56
C LEU F 588 -69.52 19.02 -60.21
N ALA F 589 -68.31 19.43 -60.56
CA ALA F 589 -67.33 18.56 -61.18
C ALA F 589 -66.33 18.11 -60.12
N VAL F 590 -66.22 16.81 -59.92
CA VAL F 590 -65.41 16.23 -58.85
C VAL F 590 -64.21 15.53 -59.47
N GLY F 591 -63.02 15.86 -58.98
CA GLY F 591 -61.80 15.24 -59.43
C GLY F 591 -61.35 14.13 -58.49
N ALA F 592 -60.10 13.73 -58.64
CA ALA F 592 -59.55 12.64 -57.84
C ALA F 592 -59.01 13.16 -56.51
N SER F 593 -59.00 12.28 -55.52
CA SER F 593 -58.45 12.61 -54.22
C SER F 593 -57.02 12.10 -54.11
N GLU F 594 -56.12 13.00 -53.69
CA GLU F 594 -54.70 12.71 -53.62
C GLU F 594 -54.14 13.19 -52.29
N ASP F 595 -53.06 12.52 -51.85
CA ASP F 595 -52.41 12.88 -50.60
C ASP F 595 -51.49 14.09 -50.83
N ARG F 596 -51.62 15.09 -49.97
CA ARG F 596 -50.82 16.31 -50.07
C ARG F 596 -50.28 16.69 -48.70
N LEU F 597 -49.07 17.25 -48.69
CA LEU F 597 -48.50 17.75 -47.46
C LEU F 597 -49.02 19.14 -47.13
N PHE F 598 -49.31 19.37 -45.86
CA PHE F 598 -49.75 20.67 -45.39
C PHE F 598 -49.09 20.99 -44.05
N PRO F 599 -48.79 22.26 -43.80
CA PRO F 599 -48.10 22.62 -42.55
C PRO F 599 -48.94 22.26 -41.33
N ALA F 600 -48.25 21.84 -40.26
CA ALA F 600 -48.89 21.49 -39.01
C ALA F 600 -47.96 21.84 -37.86
N ASP F 601 -48.55 22.07 -36.69
CA ASP F 601 -47.79 22.44 -35.49
C ASP F 601 -47.35 21.17 -34.76
N ASN F 602 -46.47 20.42 -35.43
CA ASN F 602 -45.91 19.20 -34.85
C ASN F 602 -44.40 19.20 -35.06
N GLU F 603 -43.76 18.12 -34.59
CA GLU F 603 -42.31 18.02 -34.69
C GLU F 603 -41.84 17.95 -36.13
N LYS F 604 -42.52 17.16 -36.96
CA LYS F 604 -42.15 17.05 -38.37
C LYS F 604 -42.43 18.34 -39.15
N GLY F 605 -43.32 19.19 -38.65
CA GLY F 605 -43.65 20.42 -39.34
C GLY F 605 -44.67 20.28 -40.45
N PHE F 606 -45.21 19.08 -40.67
CA PHE F 606 -46.18 18.87 -41.72
C PHE F 606 -47.02 17.64 -41.41
N ASP F 607 -48.12 17.50 -42.15
CA ASP F 607 -49.01 16.36 -42.05
C ASP F 607 -49.47 15.96 -43.45
N VAL F 608 -50.05 14.77 -43.55
CA VAL F 608 -50.54 14.24 -44.82
C VAL F 608 -52.06 14.18 -44.75
N ALA F 609 -52.72 14.82 -45.72
CA ALA F 609 -54.17 14.85 -45.79
C ALA F 609 -54.61 14.49 -47.20
N SER F 610 -55.65 13.66 -47.30
CA SER F 610 -56.21 13.27 -48.60
C SER F 610 -57.21 14.32 -49.03
N MET F 611 -56.84 15.16 -49.98
CA MET F 611 -57.67 16.26 -50.44
C MET F 611 -58.24 15.97 -51.82
N MET F 612 -59.46 16.46 -52.05
CA MET F 612 -60.18 16.24 -53.30
C MET F 612 -60.66 17.59 -53.81
N SER F 613 -60.37 17.88 -55.08
CA SER F 613 -60.64 19.18 -55.68
C SER F 613 -61.96 19.15 -56.42
N VAL F 614 -62.83 20.12 -56.14
CA VAL F 614 -64.12 20.21 -56.80
C VAL F 614 -64.28 21.57 -57.47
N THR F 615 -64.86 21.56 -58.67
CA THR F 615 -65.09 22.77 -59.44
C THR F 615 -66.57 22.87 -59.77
N LEU F 616 -67.23 23.86 -59.17
CA LEU F 616 -68.63 24.14 -59.42
C LEU F 616 -68.74 25.13 -60.56
N SER F 617 -69.45 24.74 -61.62
CA SER F 617 -69.73 25.63 -62.74
C SER F 617 -71.12 26.23 -62.55
N CYS F 618 -71.19 27.56 -62.52
CA CYS F 618 -72.41 28.26 -62.17
C CYS F 618 -72.89 29.13 -63.32
N ASP F 619 -74.20 29.24 -63.44
CA ASP F 619 -74.85 30.17 -64.36
C ASP F 619 -74.85 31.55 -63.71
N HIS F 620 -74.13 32.49 -64.30
CA HIS F 620 -73.94 33.79 -63.66
C HIS F 620 -75.21 34.64 -63.67
N ARG F 621 -76.23 34.29 -64.46
CA ARG F 621 -77.52 34.96 -64.36
C ARG F 621 -78.20 34.67 -63.03
N VAL F 622 -78.05 33.44 -62.52
CA VAL F 622 -78.74 33.00 -61.31
C VAL F 622 -77.84 33.05 -60.09
N VAL F 623 -76.62 32.51 -60.21
CA VAL F 623 -75.70 32.39 -59.09
C VAL F 623 -74.53 33.33 -59.33
N ASP F 624 -74.40 34.35 -58.48
CA ASP F 624 -73.25 35.23 -58.56
C ASP F 624 -72.09 34.64 -57.77
N GLY F 625 -70.96 35.36 -57.80
CA GLY F 625 -69.74 34.84 -57.21
C GLY F 625 -69.86 34.56 -55.73
N ALA F 626 -70.48 35.49 -54.98
CA ALA F 626 -70.63 35.30 -53.54
C ALA F 626 -71.51 34.11 -53.23
N VAL F 627 -72.60 33.93 -53.96
CA VAL F 627 -73.49 32.80 -53.72
C VAL F 627 -72.79 31.48 -54.04
N GLY F 628 -72.07 31.43 -55.17
CA GLY F 628 -71.33 30.21 -55.49
C GLY F 628 -70.29 29.88 -54.45
N ALA F 629 -69.56 30.89 -53.99
CA ALA F 629 -68.56 30.68 -52.94
C ALA F 629 -69.19 30.20 -51.65
N GLN F 630 -70.35 30.76 -51.28
CA GLN F 630 -71.04 30.31 -50.09
C GLN F 630 -71.48 28.86 -50.22
N TRP F 631 -72.00 28.48 -51.38
CA TRP F 631 -72.38 27.09 -51.62
C TRP F 631 -71.19 26.17 -51.47
N LEU F 632 -70.05 26.53 -52.07
CA LEU F 632 -68.87 25.69 -51.97
C LEU F 632 -68.36 25.60 -50.54
N ALA F 633 -68.47 26.70 -49.78
CA ALA F 633 -68.05 26.67 -48.39
C ALA F 633 -68.94 25.74 -47.57
N GLU F 634 -70.26 25.78 -47.78
CA GLU F 634 -71.15 24.88 -47.06
C GLU F 634 -70.87 23.42 -47.44
N PHE F 635 -70.65 23.16 -48.73
CA PHE F 635 -70.32 21.81 -49.19
C PHE F 635 -69.04 21.31 -48.54
N ARG F 636 -68.02 22.18 -48.47
CA ARG F 636 -66.75 21.80 -47.86
C ARG F 636 -66.93 21.52 -46.37
N LYS F 637 -67.71 22.35 -45.68
CA LYS F 637 -67.94 22.10 -44.25
C LYS F 637 -68.63 20.78 -44.02
N TYR F 638 -69.67 20.49 -44.83
CA TYR F 638 -70.37 19.21 -44.70
C TYR F 638 -69.45 18.04 -44.92
N LEU F 639 -68.57 18.12 -45.92
CA LEU F 639 -67.68 16.99 -46.18
C LEU F 639 -66.59 16.86 -45.13
N GLU F 640 -66.03 17.98 -44.66
CA GLU F 640 -64.95 17.92 -43.68
C GLU F 640 -65.44 17.53 -42.29
N LYS F 641 -66.72 17.73 -41.98
CA LYS F 641 -67.30 17.25 -40.73
C LYS F 641 -68.56 16.46 -41.05
N PRO F 642 -68.43 15.15 -41.30
CA PRO F 642 -69.60 14.34 -41.66
C PRO F 642 -70.65 14.25 -40.58
N ILE F 643 -70.30 14.55 -39.32
CA ILE F 643 -71.30 14.53 -38.26
C ILE F 643 -72.27 15.69 -38.39
N THR F 644 -71.80 16.84 -38.92
CA THR F 644 -72.70 17.95 -39.18
C THR F 644 -73.72 17.64 -40.26
N MET F 645 -73.52 16.55 -41.01
CA MET F 645 -74.46 16.11 -42.03
C MET F 645 -75.78 15.64 -41.41
N LEU F 646 -75.81 15.41 -40.10
CA LEU F 646 -77.01 15.05 -39.37
C LEU F 646 -77.92 16.24 -39.08
N LEU F 647 -77.36 17.45 -39.08
CA LEU F 647 -78.15 18.65 -38.77
C LEU F 647 -79.13 18.96 -39.89
N PHE G 420 -81.35 63.72 38.29
CA PHE G 420 -82.09 62.55 37.83
C PHE G 420 -83.23 62.94 36.90
N THR G 421 -83.84 61.94 36.27
CA THR G 421 -84.98 62.13 35.38
C THR G 421 -86.04 61.08 35.69
N ASP G 422 -87.27 61.53 35.87
CA ASP G 422 -88.39 60.63 36.18
C ASP G 422 -89.09 60.27 34.87
N ILE G 423 -88.95 59.01 34.46
CA ILE G 423 -89.59 58.51 33.25
C ILE G 423 -90.92 57.86 33.64
N PRO G 424 -92.05 58.37 33.15
CA PRO G 424 -93.34 57.76 33.52
C PRO G 424 -93.42 56.31 33.09
N ILE G 425 -94.08 55.49 33.91
CA ILE G 425 -94.23 54.07 33.63
C ILE G 425 -95.44 53.88 32.73
N SER G 426 -95.25 53.26 31.57
CA SER G 426 -96.35 52.96 30.68
C SER G 426 -97.23 51.86 31.27
N ASN G 427 -98.45 51.75 30.73
CA ASN G 427 -99.36 50.70 31.20
C ASN G 427 -98.85 49.32 30.82
N ILE G 428 -98.21 49.20 29.66
CA ILE G 428 -97.62 47.92 29.25
C ILE G 428 -96.53 47.52 30.23
N ARG G 429 -95.66 48.46 30.59
CA ARG G 429 -94.60 48.17 31.55
C ARG G 429 -95.18 47.85 32.92
N ARG G 430 -96.27 48.53 33.30
CA ARG G 430 -96.91 48.22 34.57
C ARG G 430 -97.46 46.80 34.58
N VAL G 431 -98.07 46.37 33.46
CA VAL G 431 -98.58 45.01 33.36
C VAL G 431 -97.44 44.00 33.44
N ILE G 432 -96.34 44.27 32.74
CA ILE G 432 -95.20 43.36 32.76
C ILE G 432 -94.63 43.27 34.18
N ALA G 433 -94.49 44.41 34.85
CA ALA G 433 -93.96 44.41 36.21
C ALA G 433 -94.89 43.67 37.16
N GLN G 434 -96.20 43.85 37.00
CA GLN G 434 -97.16 43.15 37.86
C GLN G 434 -97.09 41.64 37.64
N ARG G 435 -96.96 41.21 36.39
CA ARG G 435 -96.81 39.79 36.11
C ARG G 435 -95.54 39.23 36.73
N LEU G 436 -94.42 39.97 36.62
CA LEU G 436 -93.17 39.49 37.19
C LEU G 436 -93.23 39.43 38.71
N MET G 437 -93.84 40.43 39.35
CA MET G 437 -94.00 40.40 40.80
C MET G 437 -94.87 39.23 41.22
N GLN G 438 -95.97 38.99 40.49
CA GLN G 438 -96.82 37.86 40.81
C GLN G 438 -96.08 36.54 40.68
N SER G 439 -95.27 36.40 39.62
CA SER G 439 -94.50 35.18 39.44
C SER G 439 -93.52 34.97 40.59
N LYS G 440 -92.75 36.00 40.92
CA LYS G 440 -91.74 35.84 41.97
C LYS G 440 -92.35 35.72 43.36
N GLN G 441 -93.60 36.17 43.53
CA GLN G 441 -94.23 36.06 44.84
C GLN G 441 -94.97 34.74 45.02
N THR G 442 -95.53 34.18 43.96
CA THR G 442 -96.36 32.98 44.09
C THR G 442 -95.68 31.70 43.61
N ILE G 443 -94.58 31.80 42.87
CA ILE G 443 -93.90 30.64 42.32
C ILE G 443 -92.57 30.46 43.05
N PRO G 444 -92.39 29.38 43.82
CA PRO G 444 -91.11 29.15 44.48
C PRO G 444 -90.03 28.65 43.53
N HIS G 445 -89.36 29.59 42.86
CA HIS G 445 -88.37 29.22 41.85
C HIS G 445 -87.21 28.47 42.48
N TYR G 446 -86.66 27.51 41.73
CA TYR G 446 -85.34 26.98 42.02
C TYR G 446 -84.67 26.59 40.70
N TYR G 447 -83.35 26.75 40.64
CA TYR G 447 -82.64 26.78 39.37
C TYR G 447 -81.66 25.62 39.28
N LEU G 448 -81.59 24.99 38.09
CA LEU G 448 -80.65 23.93 37.82
C LEU G 448 -79.87 24.23 36.55
N SER G 449 -78.55 24.13 36.59
CA SER G 449 -77.70 24.49 35.46
C SER G 449 -76.89 23.29 35.00
N VAL G 450 -76.78 23.14 33.67
CA VAL G 450 -75.94 22.11 33.07
C VAL G 450 -75.20 22.70 31.87
N ASP G 451 -74.24 21.95 31.37
CA ASP G 451 -73.49 22.29 30.17
C ASP G 451 -73.75 21.27 29.07
N VAL G 452 -73.92 21.75 27.86
CA VAL G 452 -74.26 20.94 26.70
C VAL G 452 -73.16 21.08 25.65
N ASN G 453 -72.64 19.96 25.17
CA ASN G 453 -71.64 19.96 24.11
C ASN G 453 -72.35 20.17 22.78
N MET G 454 -71.92 21.17 22.02
CA MET G 454 -72.68 21.60 20.84
C MET G 454 -71.91 21.43 19.54
N GLY G 455 -70.81 20.67 19.54
CA GLY G 455 -70.10 20.45 18.29
C GLY G 455 -70.93 19.68 17.28
N GLU G 456 -71.63 18.64 17.73
CA GLU G 456 -72.50 17.89 16.84
C GLU G 456 -73.64 18.75 16.32
N VAL G 457 -74.21 19.60 17.19
CA VAL G 457 -75.27 20.50 16.76
C VAL G 457 -74.76 21.46 15.69
N LEU G 458 -73.54 21.99 15.88
CA LEU G 458 -72.98 22.91 14.88
C LEU G 458 -72.74 22.20 13.55
N LEU G 459 -72.21 20.98 13.60
CA LEU G 459 -71.96 20.23 12.36
C LEU G 459 -73.27 19.94 11.63
N VAL G 460 -74.28 19.47 12.37
CA VAL G 460 -75.56 19.14 11.77
C VAL G 460 -76.21 20.40 11.20
N ARG G 461 -76.12 21.52 11.93
CA ARG G 461 -76.70 22.77 11.44
C ARG G 461 -76.00 23.24 10.18
N LYS G 462 -74.68 23.10 10.12
CA LYS G 462 -73.96 23.48 8.90
C LYS G 462 -74.39 22.62 7.72
N GLU G 463 -74.52 21.31 7.93
CA GLU G 463 -74.94 20.44 6.84
C GLU G 463 -76.37 20.77 6.38
N LEU G 464 -77.28 21.01 7.32
CA LEU G 464 -78.64 21.35 6.97
C LEU G 464 -78.71 22.68 6.23
N ASN G 465 -77.93 23.67 6.67
CA ASN G 465 -77.91 24.95 5.98
C ASN G 465 -77.35 24.81 4.57
N LYS G 466 -76.33 23.97 4.40
CA LYS G 466 -75.79 23.73 3.06
C LYS G 466 -76.83 23.07 2.15
N MET G 467 -77.55 22.07 2.68
CA MET G 467 -78.59 21.43 1.89
C MET G 467 -79.74 22.37 1.57
N LEU G 468 -80.01 23.34 2.43
CA LEU G 468 -81.15 24.22 2.22
C LEU G 468 -80.98 25.13 1.02
N GLU G 469 -79.74 25.43 0.61
CA GLU G 469 -79.46 26.21 -0.60
C GLU G 469 -80.14 27.58 -0.55
N GLY G 470 -80.19 28.15 0.65
CA GLY G 470 -80.73 29.49 0.83
C GLY G 470 -82.22 29.61 0.95
N ARG G 471 -82.96 28.50 0.83
CA ARG G 471 -84.41 28.57 0.99
C ARG G 471 -84.79 28.95 2.42
N SER G 472 -84.05 28.42 3.40
CA SER G 472 -84.20 28.83 4.79
C SER G 472 -82.84 28.72 5.47
N LYS G 473 -82.78 29.19 6.72
CA LYS G 473 -81.56 29.14 7.51
C LYS G 473 -81.90 28.60 8.89
N ILE G 474 -81.39 27.41 9.20
CA ILE G 474 -81.62 26.83 10.52
C ILE G 474 -80.64 27.42 11.51
N SER G 475 -81.17 27.93 12.62
CA SER G 475 -80.35 28.54 13.67
C SER G 475 -80.25 27.61 14.86
N VAL G 476 -79.36 27.97 15.79
CA VAL G 476 -79.15 27.19 17.00
C VAL G 476 -80.40 27.20 17.87
N ASN G 477 -81.11 28.31 17.90
CA ASN G 477 -82.32 28.39 18.72
C ASN G 477 -83.39 27.43 18.22
N ASP G 478 -83.39 27.11 16.93
CA ASP G 478 -84.34 26.11 16.42
C ASP G 478 -84.05 24.73 16.99
N PHE G 479 -82.78 24.33 17.00
CA PHE G 479 -82.40 23.08 17.64
C PHE G 479 -82.79 23.09 19.11
N ILE G 480 -82.55 24.22 19.79
CA ILE G 480 -82.86 24.31 21.21
C ILE G 480 -84.35 24.18 21.45
N ILE G 481 -85.17 24.82 20.61
CA ILE G 481 -86.62 24.76 20.78
C ILE G 481 -87.14 23.35 20.54
N LYS G 482 -86.67 22.70 19.47
CA LYS G 482 -87.12 21.35 19.19
C LYS G 482 -86.69 20.37 20.28
N ALA G 483 -85.45 20.51 20.76
CA ALA G 483 -84.98 19.66 21.84
C ALA G 483 -85.77 19.88 23.12
N SER G 484 -86.10 21.13 23.42
CA SER G 484 -86.93 21.42 24.58
C SER G 484 -88.31 20.80 24.45
N ALA G 485 -88.89 20.85 23.25
CA ALA G 485 -90.20 20.24 23.04
C ALA G 485 -90.14 18.72 23.23
N LEU G 486 -89.10 18.09 22.69
CA LEU G 486 -88.98 16.63 22.86
C LEU G 486 -88.74 16.26 24.33
N ALA G 487 -87.93 17.05 25.04
CA ALA G 487 -87.71 16.80 26.46
C ALA G 487 -89.00 16.99 27.24
N CYS G 488 -89.81 17.98 26.87
CA CYS G 488 -91.11 18.17 27.50
C CYS G 488 -92.03 16.98 27.26
N LEU G 489 -92.00 16.42 26.05
CA LEU G 489 -92.76 15.21 25.78
C LEU G 489 -92.29 14.06 26.66
N LYS G 490 -90.97 13.89 26.79
CA LYS G 490 -90.46 12.78 27.60
C LYS G 490 -90.77 12.96 29.08
N VAL G 491 -90.70 14.19 29.58
CA VAL G 491 -90.94 14.47 31.00
C VAL G 491 -92.07 15.48 31.10
N PRO G 492 -93.34 15.03 31.12
CA PRO G 492 -94.47 15.97 31.06
C PRO G 492 -94.63 16.84 32.30
N GLU G 493 -93.90 16.56 33.39
CA GLU G 493 -94.05 17.38 34.60
C GLU G 493 -93.61 18.81 34.34
N ALA G 494 -92.53 19.00 33.56
CA ALA G 494 -92.12 20.35 33.19
C ALA G 494 -93.11 21.02 32.27
N ASN G 495 -94.06 20.28 31.71
CA ASN G 495 -95.12 20.81 30.87
C ASN G 495 -96.46 20.90 31.59
N SER G 496 -96.44 21.26 32.87
CA SER G 496 -97.64 21.34 33.68
C SER G 496 -97.86 22.78 34.14
N SER G 497 -98.97 22.96 34.85
CA SER G 497 -99.35 24.25 35.42
C SER G 497 -100.08 24.04 36.73
N TRP G 498 -99.74 24.85 37.72
CA TRP G 498 -100.34 24.75 39.05
C TRP G 498 -101.56 25.67 39.10
N LEU G 499 -102.74 25.08 39.32
CA LEU G 499 -104.01 25.81 39.33
C LEU G 499 -104.63 25.83 40.73
N ASP G 500 -103.82 25.51 41.74
CA ASP G 500 -104.17 25.62 43.16
C ASP G 500 -105.17 24.56 43.59
N THR G 501 -105.72 23.81 42.63
CA THR G 501 -106.59 22.67 42.92
C THR G 501 -106.18 21.42 42.18
N VAL G 502 -105.72 21.56 40.93
CA VAL G 502 -105.22 20.45 40.13
C VAL G 502 -103.95 20.90 39.42
N ILE G 503 -103.16 19.93 39.01
CA ILE G 503 -101.95 20.18 38.23
C ILE G 503 -102.27 19.83 36.77
N ARG G 504 -102.49 20.86 35.96
CA ARG G 504 -102.87 20.68 34.57
C ARG G 504 -101.64 20.25 33.78
N GLN G 505 -101.62 19.01 33.32
CA GLN G 505 -100.49 18.46 32.58
C GLN G 505 -100.76 18.57 31.09
N ASN G 506 -100.21 19.60 30.44
CA ASN G 506 -100.51 19.85 29.04
C ASN G 506 -99.87 18.78 28.16
N HIS G 507 -100.67 18.24 27.23
CA HIS G 507 -100.22 17.21 26.32
C HIS G 507 -99.60 17.77 25.04
N VAL G 508 -99.73 19.07 24.81
CA VAL G 508 -99.09 19.74 23.68
C VAL G 508 -98.01 20.66 24.21
N VAL G 509 -97.03 20.95 23.37
CA VAL G 509 -95.89 21.76 23.75
C VAL G 509 -95.94 23.04 22.92
N ASP G 510 -96.30 24.15 23.56
CA ASP G 510 -96.34 25.46 22.92
C ASP G 510 -95.21 26.29 23.52
N ILE G 511 -94.13 26.45 22.76
CA ILE G 511 -92.90 27.06 23.28
C ILE G 511 -92.97 28.56 23.06
N SER G 512 -93.11 29.32 24.16
CA SER G 512 -92.91 30.75 24.09
C SER G 512 -91.42 31.03 23.92
N VAL G 513 -91.09 31.99 23.06
CA VAL G 513 -89.70 32.36 22.80
C VAL G 513 -89.53 33.82 23.17
N ALA G 514 -88.64 34.10 24.12
CA ALA G 514 -88.42 35.48 24.55
C ALA G 514 -87.69 36.25 23.46
N VAL G 515 -88.24 37.39 23.09
CA VAL G 515 -87.69 38.26 22.05
C VAL G 515 -87.62 39.67 22.62
N SER G 516 -86.47 40.32 22.44
CA SER G 516 -86.28 41.69 22.92
C SER G 516 -86.57 42.68 21.79
N THR G 517 -87.48 43.60 22.05
CA THR G 517 -87.89 44.65 21.12
C THR G 517 -87.70 45.97 21.83
N PRO G 518 -87.68 47.09 21.10
CA PRO G 518 -87.53 48.40 21.76
C PRO G 518 -88.61 48.69 22.78
N ALA G 519 -89.77 48.05 22.69
CA ALA G 519 -90.85 48.24 23.64
C ALA G 519 -90.75 47.31 24.84
N GLY G 520 -89.83 46.36 24.84
CA GLY G 520 -89.65 45.46 25.97
C GLY G 520 -89.48 44.00 25.54
N LEU G 521 -89.79 43.11 26.48
CA LEU G 521 -89.69 41.68 26.21
C LEU G 521 -91.06 41.12 25.85
N ILE G 522 -91.12 40.40 24.73
CA ILE G 522 -92.37 39.80 24.26
C ILE G 522 -92.11 38.33 23.95
N THR G 523 -93.13 37.50 24.13
CA THR G 523 -93.00 36.05 24.05
C THR G 523 -93.94 35.47 23.01
N PRO G 524 -93.59 35.57 21.72
CA PRO G 524 -94.36 34.87 20.71
C PRO G 524 -94.26 33.36 20.90
N ILE G 525 -95.35 32.66 20.60
CA ILE G 525 -95.50 31.25 20.90
C ILE G 525 -95.39 30.45 19.61
N VAL G 526 -94.47 29.49 19.59
CA VAL G 526 -94.40 28.48 18.53
C VAL G 526 -95.26 27.31 19.01
N PHE G 527 -96.41 27.16 18.39
CA PHE G 527 -97.34 26.10 18.79
C PHE G 527 -96.92 24.77 18.19
N ASN G 528 -97.18 23.69 18.92
CA ASN G 528 -96.92 22.33 18.47
C ASN G 528 -95.46 22.15 18.05
N ALA G 529 -94.55 22.67 18.87
CA ALA G 529 -93.13 22.53 18.59
C ALA G 529 -92.67 21.09 18.75
N HIS G 530 -93.49 20.25 19.38
CA HIS G 530 -93.11 18.85 19.54
C HIS G 530 -93.32 18.05 18.26
N ILE G 531 -94.13 18.59 17.33
CA ILE G 531 -94.36 17.93 16.05
C ILE G 531 -93.86 18.74 14.86
N LYS G 532 -93.61 20.03 15.02
CA LYS G 532 -93.07 20.83 13.94
C LYS G 532 -91.61 20.46 13.69
N GLY G 533 -91.20 20.55 12.42
CA GLY G 533 -89.82 20.28 12.09
C GLY G 533 -88.93 21.48 12.32
N LEU G 534 -87.63 21.29 12.10
CA LEU G 534 -86.68 22.37 12.32
C LEU G 534 -86.91 23.53 11.35
N GLU G 535 -87.22 23.22 10.09
CA GLU G 535 -87.54 24.29 9.14
C GLU G 535 -88.81 25.04 9.52
N THR G 536 -89.85 24.31 9.90
CA THR G 536 -91.09 24.97 10.30
C THR G 536 -90.85 25.83 11.54
N ILE G 537 -90.08 25.31 12.50
CA ILE G 537 -89.77 26.08 13.71
C ILE G 537 -88.99 27.33 13.35
N ALA G 538 -87.99 27.21 12.48
CA ALA G 538 -87.16 28.35 12.11
C ALA G 538 -87.99 29.42 11.41
N ASN G 539 -88.81 29.01 10.45
CA ASN G 539 -89.66 29.97 9.73
C ASN G 539 -90.64 30.64 10.67
N ASP G 540 -91.26 29.87 11.58
CA ASP G 540 -92.18 30.43 12.54
C ASP G 540 -91.50 31.43 13.45
N VAL G 541 -90.29 31.10 13.91
CA VAL G 541 -89.56 32.00 14.80
C VAL G 541 -89.21 33.29 14.07
N VAL G 542 -88.75 33.18 12.82
CA VAL G 542 -88.40 34.37 12.05
C VAL G 542 -89.64 35.26 11.85
N SER G 543 -90.76 34.64 11.47
CA SER G 543 -91.97 35.41 11.22
C SER G 543 -92.48 36.10 12.49
N LEU G 544 -92.51 35.35 13.60
CA LEU G 544 -93.00 35.93 14.85
C LEU G 544 -92.05 36.99 15.39
N ALA G 545 -90.74 36.82 15.20
CA ALA G 545 -89.79 37.84 15.61
C ALA G 545 -89.98 39.11 14.80
N THR G 546 -90.19 38.98 13.49
CA THR G 546 -90.46 40.15 12.66
C THR G 546 -91.75 40.84 13.11
N LYS G 547 -92.80 40.06 13.40
CA LYS G 547 -94.05 40.65 13.85
C LYS G 547 -93.87 41.35 15.19
N ALA G 548 -93.09 40.76 16.10
CA ALA G 548 -92.86 41.37 17.41
C ALA G 548 -92.08 42.66 17.28
N ARG G 549 -91.04 42.67 16.44
CA ARG G 549 -90.27 43.89 16.24
C ARG G 549 -91.10 44.97 15.57
N GLU G 550 -92.02 44.59 14.69
CA GLU G 550 -92.90 45.54 14.04
C GLU G 550 -94.13 45.90 14.88
N GLY G 551 -94.32 45.26 16.02
CA GLY G 551 -95.44 45.59 16.89
C GLY G 551 -96.78 45.11 16.38
N LYS G 552 -96.80 44.06 15.57
CA LYS G 552 -98.03 43.57 14.96
C LYS G 552 -98.51 42.25 15.56
N LEU G 553 -98.01 41.85 16.71
CA LEU G 553 -98.40 40.58 17.31
C LEU G 553 -99.82 40.65 17.84
N GLN G 554 -100.62 39.64 17.52
CA GLN G 554 -101.96 39.51 18.08
C GLN G 554 -101.88 38.91 19.49
N PRO G 555 -102.86 39.20 20.35
CA PRO G 555 -102.81 38.68 21.73
C PRO G 555 -102.70 37.16 21.83
N HIS G 556 -103.37 36.43 20.94
CA HIS G 556 -103.29 34.97 20.98
C HIS G 556 -101.93 34.45 20.56
N GLU G 557 -101.14 35.26 19.86
CA GLU G 557 -99.82 34.83 19.40
C GLU G 557 -98.74 34.95 20.46
N PHE G 558 -99.02 35.62 21.59
CA PHE G 558 -98.05 35.71 22.67
C PHE G 558 -98.62 35.43 24.06
N GLN G 559 -99.94 35.24 24.19
CA GLN G 559 -100.54 34.89 25.47
C GLN G 559 -100.75 33.38 25.54
N GLY G 560 -100.31 32.77 26.63
CA GLY G 560 -100.45 31.34 26.80
C GLY G 560 -99.12 30.61 26.84
N GLY G 561 -99.02 29.51 26.11
CA GLY G 561 -97.82 28.72 26.09
C GLY G 561 -97.72 27.75 27.25
N THR G 562 -96.82 26.78 27.11
CA THR G 562 -96.61 25.77 28.13
C THR G 562 -95.17 25.71 28.64
N PHE G 563 -94.23 26.32 27.92
CA PHE G 563 -92.82 26.28 28.28
C PHE G 563 -92.13 27.42 27.56
N THR G 564 -91.29 28.16 28.29
CA THR G 564 -90.67 29.37 27.77
C THR G 564 -89.17 29.15 27.61
N ILE G 565 -88.60 29.71 26.54
CA ILE G 565 -87.17 29.69 26.29
C ILE G 565 -86.69 31.13 26.13
N SER G 566 -85.76 31.53 26.98
CA SER G 566 -85.13 32.84 26.90
C SER G 566 -83.65 32.65 26.59
N ASN G 567 -83.23 33.08 25.40
CA ASN G 567 -81.87 32.88 24.93
C ASN G 567 -81.17 34.23 24.91
N LEU G 568 -80.08 34.35 25.66
CA LEU G 568 -79.26 35.56 25.66
C LEU G 568 -77.82 35.27 25.26
N GLY G 569 -77.58 34.21 24.52
CA GLY G 569 -76.22 33.89 24.11
C GLY G 569 -75.67 34.87 23.09
N MET G 570 -76.55 35.53 22.34
CA MET G 570 -76.12 36.51 21.36
C MET G 570 -75.51 37.74 22.02
N PHE G 571 -75.77 37.96 23.30
CA PHE G 571 -75.24 39.11 24.03
C PHE G 571 -74.03 38.75 24.87
N GLY G 572 -73.51 37.53 24.76
CA GLY G 572 -72.30 37.17 25.48
C GLY G 572 -72.51 36.70 26.91
N ILE G 573 -73.75 36.46 27.34
CA ILE G 573 -74.00 36.01 28.70
C ILE G 573 -73.56 34.55 28.82
N LYS G 574 -72.72 34.28 29.82
CA LYS G 574 -72.28 32.90 30.06
C LYS G 574 -73.45 32.04 30.53
N ASN G 575 -74.19 32.51 31.54
CA ASN G 575 -75.40 31.86 31.99
C ASN G 575 -76.21 32.85 32.80
N PHE G 576 -77.51 32.57 32.95
CA PHE G 576 -78.37 33.43 33.72
C PHE G 576 -79.60 32.66 34.17
N SER G 577 -80.31 33.22 35.15
CA SER G 577 -81.51 32.62 35.72
C SER G 577 -82.69 33.55 35.43
N ALA G 578 -83.69 33.04 34.74
CA ALA G 578 -84.83 33.85 34.36
C ALA G 578 -85.98 33.69 35.35
N ILE G 579 -87.05 34.43 35.10
CA ILE G 579 -88.25 34.37 35.92
C ILE G 579 -89.31 33.57 35.19
N ILE G 580 -89.94 32.63 35.90
CA ILE G 580 -90.96 31.79 35.27
C ILE G 580 -92.16 32.64 34.87
N ASN G 581 -92.55 32.51 33.60
CA ASN G 581 -93.71 33.23 33.10
C ASN G 581 -94.98 32.47 33.48
N PRO G 582 -95.88 33.08 34.25
CA PRO G 582 -97.07 32.36 34.71
C PRO G 582 -98.02 32.09 33.55
N PRO G 583 -98.84 31.04 33.66
CA PRO G 583 -98.94 30.06 34.75
C PRO G 583 -98.06 28.84 34.52
N GLN G 584 -97.06 28.94 33.65
CA GLN G 584 -96.22 27.80 33.34
C GLN G 584 -95.36 27.40 34.53
N ALA G 585 -94.71 26.24 34.41
CA ALA G 585 -93.97 25.67 35.53
C ALA G 585 -92.45 25.76 35.36
N CYS G 586 -91.96 26.06 34.16
CA CYS G 586 -90.52 26.11 33.92
C CYS G 586 -90.20 27.15 32.88
N ILE G 587 -88.93 27.55 32.85
CA ILE G 587 -88.38 28.44 31.82
C ILE G 587 -86.91 28.09 31.64
N LEU G 588 -86.50 27.91 30.38
CA LEU G 588 -85.13 27.53 30.06
C LEU G 588 -84.35 28.78 29.66
N ALA G 589 -83.31 29.09 30.42
CA ALA G 589 -82.44 30.23 30.16
C ALA G 589 -81.16 29.73 29.50
N VAL G 590 -80.89 30.23 28.30
CA VAL G 590 -79.78 29.76 27.47
C VAL G 590 -78.72 30.86 27.42
N GLY G 591 -77.48 30.50 27.72
CA GLY G 591 -76.36 31.41 27.65
C GLY G 591 -75.59 31.25 26.35
N ALA G 592 -74.39 31.81 26.34
CA ALA G 592 -73.55 31.78 25.14
C ALA G 592 -72.73 30.49 25.09
N SER G 593 -72.38 30.09 23.87
CA SER G 593 -71.54 28.92 23.67
C SER G 593 -70.09 29.35 23.49
N GLU G 594 -69.20 28.71 24.26
CA GLU G 594 -67.80 29.06 24.28
C GLU G 594 -66.94 27.80 24.18
N ASP G 595 -65.74 27.95 23.63
CA ASP G 595 -64.81 26.83 23.51
C ASP G 595 -64.11 26.59 24.84
N ARG G 596 -64.10 25.34 25.28
CA ARG G 596 -63.47 24.97 26.54
C ARG G 596 -62.63 23.71 26.36
N LEU G 597 -61.51 23.65 27.09
CA LEU G 597 -60.68 22.46 27.07
C LEU G 597 -61.23 21.39 28.00
N PHE G 598 -61.19 20.15 27.55
CA PHE G 598 -61.61 19.02 28.37
C PHE G 598 -60.65 17.85 28.16
N PRO G 599 -60.42 17.06 29.21
CA PRO G 599 -59.47 15.95 29.08
C PRO G 599 -59.92 14.93 28.03
N ALA G 600 -58.94 14.38 27.32
CA ALA G 600 -59.19 13.36 26.31
C ALA G 600 -58.03 12.38 26.27
N ASP G 601 -58.31 11.17 25.81
CA ASP G 601 -57.29 10.11 25.73
C ASP G 601 -56.57 10.21 24.39
N ASN G 602 -55.82 11.30 24.24
CA ASN G 602 -55.03 11.53 23.03
C ASN G 602 -53.63 11.98 23.45
N GLU G 603 -52.79 12.24 22.43
CA GLU G 603 -51.41 12.64 22.69
C GLU G 603 -51.33 13.98 23.40
N LYS G 604 -52.14 14.96 22.96
CA LYS G 604 -52.13 16.27 23.60
C LYS G 604 -52.72 16.24 25.00
N GLY G 605 -53.53 15.23 25.33
CA GLY G 605 -54.15 15.14 26.63
C GLY G 605 -55.40 15.96 26.81
N PHE G 606 -55.86 16.65 25.77
CA PHE G 606 -57.06 17.48 25.87
C PHE G 606 -57.67 17.67 24.49
N ASP G 607 -58.90 18.16 24.48
CA ASP G 607 -59.63 18.48 23.26
C ASP G 607 -60.40 19.78 23.47
N VAL G 608 -60.87 20.35 22.37
CA VAL G 608 -61.63 21.60 22.39
C VAL G 608 -63.07 21.29 22.00
N ALA G 609 -64.01 21.67 22.85
CA ALA G 609 -65.43 21.45 22.60
C ALA G 609 -66.19 22.74 22.86
N SER G 610 -67.13 23.05 21.97
CA SER G 610 -67.97 24.24 22.12
C SER G 610 -69.14 23.90 23.01
N MET G 611 -69.11 24.36 24.26
CA MET G 611 -70.14 24.04 25.24
C MET G 611 -71.02 25.25 25.50
N MET G 612 -72.29 24.98 25.78
CA MET G 612 -73.30 26.01 26.02
C MET G 612 -74.02 25.69 27.32
N SER G 613 -74.10 26.67 28.21
CA SER G 613 -74.64 26.48 29.56
C SER G 613 -76.10 26.88 29.59
N VAL G 614 -76.95 26.00 30.12
CA VAL G 614 -78.37 26.28 30.23
C VAL G 614 -78.82 26.14 31.68
N THR G 615 -79.69 27.05 32.10
CA THR G 615 -80.23 27.06 33.46
C THR G 615 -81.75 27.02 33.39
N LEU G 616 -82.32 25.89 33.82
CA LEU G 616 -83.75 25.71 33.88
C LEU G 616 -84.25 26.17 35.25
N SER G 617 -85.18 27.13 35.24
CA SER G 617 -85.82 27.58 36.47
C SER G 617 -87.16 26.87 36.61
N CYS G 618 -87.34 26.17 37.73
CA CYS G 618 -88.49 25.29 37.91
C CYS G 618 -89.32 25.75 39.09
N ASP G 619 -90.63 25.55 38.97
CA ASP G 619 -91.57 25.74 40.06
C ASP G 619 -91.54 24.51 40.95
N HIS G 620 -91.08 24.67 42.18
CA HIS G 620 -90.86 23.51 43.05
C HIS G 620 -92.16 22.87 43.52
N ARG G 621 -93.31 23.53 43.37
CA ARG G 621 -94.59 22.88 43.62
C ARG G 621 -94.86 21.76 42.62
N VAL G 622 -94.48 21.97 41.36
CA VAL G 622 -94.78 21.04 40.28
C VAL G 622 -93.59 20.15 39.95
N VAL G 623 -92.41 20.74 39.79
CA VAL G 623 -91.22 20.02 39.36
C VAL G 623 -90.25 19.97 40.53
N ASP G 624 -90.00 18.76 41.04
CA ASP G 624 -88.99 18.61 42.08
C ASP G 624 -87.61 18.44 41.45
N GLY G 625 -86.61 18.31 42.32
CA GLY G 625 -85.23 18.30 41.85
C GLY G 625 -84.93 17.16 40.90
N ALA G 626 -85.41 15.95 41.23
CA ALA G 626 -85.16 14.80 40.37
C ALA G 626 -85.82 14.97 39.01
N VAL G 627 -87.04 15.48 38.97
CA VAL G 627 -87.73 15.67 37.70
C VAL G 627 -87.01 16.73 36.86
N GLY G 628 -86.62 17.84 37.48
CA GLY G 628 -85.88 18.86 36.73
C GLY G 628 -84.57 18.34 36.19
N ALA G 629 -83.85 17.57 37.00
CA ALA G 629 -82.59 16.98 36.54
C ALA G 629 -82.81 16.00 35.40
N GLN G 630 -83.88 15.20 35.47
CA GLN G 630 -84.19 14.29 34.38
C GLN G 630 -84.51 15.04 33.11
N TRP G 631 -85.28 16.12 33.21
CA TRP G 631 -85.58 16.94 32.04
C TRP G 631 -84.31 17.49 31.42
N LEU G 632 -83.41 18.03 32.25
CA LEU G 632 -82.17 18.59 31.73
C LEU G 632 -81.30 17.51 31.10
N ALA G 633 -81.30 16.30 31.68
CA ALA G 633 -80.54 15.21 31.09
C ALA G 633 -81.08 14.82 29.72
N GLU G 634 -82.41 14.73 29.58
CA GLU G 634 -83.00 14.42 28.28
C GLU G 634 -82.69 15.51 27.26
N PHE G 635 -82.80 16.77 27.68
CA PHE G 635 -82.48 17.89 26.80
C PHE G 635 -81.02 17.82 26.33
N ARG G 636 -80.11 17.53 27.26
CA ARG G 636 -78.70 17.43 26.92
C ARG G 636 -78.45 16.28 25.96
N LYS G 637 -79.09 15.13 26.19
CA LYS G 637 -78.91 14.00 25.28
C LYS G 637 -79.40 14.34 23.88
N TYR G 638 -80.58 14.98 23.78
CA TYR G 638 -81.10 15.37 22.47
C TYR G 638 -80.16 16.32 21.76
N LEU G 639 -79.60 17.29 22.48
CA LEU G 639 -78.70 18.23 21.81
C LEU G 639 -77.37 17.61 21.44
N GLU G 640 -76.81 16.76 22.31
CA GLU G 640 -75.51 16.16 22.02
C GLU G 640 -75.58 15.09 20.94
N LYS G 641 -76.74 14.49 20.71
CA LYS G 641 -76.93 13.56 19.59
C LYS G 641 -78.15 13.99 18.79
N PRO G 642 -77.97 14.88 17.81
CA PRO G 642 -79.12 15.38 17.03
C PRO G 642 -79.83 14.30 16.23
N ILE G 643 -79.19 13.16 15.99
CA ILE G 643 -79.88 12.08 15.26
C ILE G 643 -80.95 11.44 16.13
N THR G 644 -80.75 11.41 17.45
CA THR G 644 -81.78 10.90 18.35
C THR G 644 -83.02 11.79 18.37
N MET G 645 -82.92 13.00 17.82
CA MET G 645 -84.04 13.91 17.71
C MET G 645 -85.10 13.39 16.74
N LEU G 646 -84.76 12.38 15.93
CA LEU G 646 -85.70 11.73 15.04
C LEU G 646 -86.60 10.72 15.74
N LEU G 647 -86.19 10.20 16.90
CA LEU G 647 -86.97 9.22 17.62
C LEU G 647 -88.24 9.82 18.20
N PHE H 420 65.08 80.30 -38.23
CA PHE H 420 64.72 79.60 -39.46
C PHE H 420 65.96 79.24 -40.28
N THR H 421 65.75 78.43 -41.31
CA THR H 421 66.81 78.02 -42.22
C THR H 421 66.32 78.12 -43.65
N ASP H 422 67.10 78.78 -44.50
CA ASP H 422 66.74 78.96 -45.91
C ASP H 422 67.39 77.85 -46.72
N ILE H 423 66.57 76.93 -47.23
CA ILE H 423 67.05 75.83 -48.06
C ILE H 423 66.94 76.24 -49.52
N PRO H 424 68.04 76.30 -50.27
CA PRO H 424 67.95 76.71 -51.67
C PRO H 424 67.08 75.75 -52.48
N ILE H 425 66.34 76.30 -53.44
CA ILE H 425 65.47 75.50 -54.29
C ILE H 425 66.28 74.96 -55.45
N SER H 426 66.27 73.63 -55.60
CA SER H 426 66.95 73.01 -56.72
C SER H 426 66.20 73.29 -58.02
N ASN H 427 66.90 73.10 -59.15
CA ASN H 427 66.27 73.30 -60.45
C ASN H 427 65.17 72.27 -60.70
N ILE H 428 65.36 71.04 -60.22
CA ILE H 428 64.33 70.01 -60.35
C ILE H 428 63.08 70.42 -59.59
N ARG H 429 63.26 70.90 -58.36
CA ARG H 429 62.12 71.36 -57.57
C ARG H 429 61.46 72.58 -58.21
N ARG H 430 62.25 73.47 -58.80
CA ARG H 430 61.69 74.61 -59.49
C ARG H 430 60.84 74.17 -60.68
N VAL H 431 61.31 73.17 -61.43
CA VAL H 431 60.53 72.65 -62.56
C VAL H 431 59.23 72.02 -62.07
N ILE H 432 59.32 71.24 -60.99
CA ILE H 432 58.12 70.59 -60.45
C ILE H 432 57.12 71.65 -59.99
N ALA H 433 57.60 72.67 -59.29
CA ALA H 433 56.72 73.74 -58.81
C ALA H 433 56.10 74.50 -59.97
N GLN H 434 56.87 74.77 -61.02
CA GLN H 434 56.33 75.47 -62.18
C GLN H 434 55.26 74.64 -62.86
N ARG H 435 55.48 73.33 -62.99
CA ARG H 435 54.47 72.46 -63.57
C ARG H 435 53.20 72.45 -62.73
N LEU H 436 53.34 72.38 -61.41
CA LEU H 436 52.16 72.36 -60.55
C LEU H 436 51.39 73.68 -60.61
N MET H 437 52.11 74.81 -60.63
CA MET H 437 51.45 76.10 -60.77
C MET H 437 50.74 76.20 -62.10
N GLN H 438 51.38 75.75 -63.18
CA GLN H 438 50.74 75.78 -64.49
C GLN H 438 49.47 74.93 -64.50
N SER H 439 49.52 73.75 -63.88
CA SER H 439 48.34 72.89 -63.82
C SER H 439 47.21 73.57 -63.07
N LYS H 440 47.49 74.08 -61.87
CA LYS H 440 46.44 74.67 -61.05
C LYS H 440 45.93 75.99 -61.63
N GLN H 441 46.72 76.64 -62.49
CA GLN H 441 46.27 77.90 -63.08
C GLN H 441 45.50 77.70 -64.38
N THR H 442 45.86 76.69 -65.17
CA THR H 442 45.25 76.51 -66.48
C THR H 442 44.32 75.31 -66.58
N ILE H 443 44.10 74.58 -65.49
CA ILE H 443 43.21 73.42 -65.49
C ILE H 443 42.14 73.64 -64.42
N PRO H 444 40.88 73.82 -64.80
CA PRO H 444 39.81 73.98 -63.80
C PRO H 444 39.44 72.68 -63.12
N HIS H 445 40.19 72.31 -62.08
CA HIS H 445 39.98 71.03 -61.40
C HIS H 445 38.61 70.96 -60.76
N TYR H 446 38.00 69.78 -60.77
CA TYR H 446 36.89 69.47 -59.88
C TYR H 446 36.96 68.00 -59.52
N TYR H 447 36.54 67.67 -58.31
CA TYR H 447 36.87 66.40 -57.69
C TYR H 447 35.61 65.59 -57.42
N LEU H 448 35.68 64.28 -57.69
CA LEU H 448 34.58 63.36 -57.40
C LEU H 448 35.10 62.17 -56.61
N SER H 449 34.44 61.84 -55.51
CA SER H 449 34.89 60.78 -54.62
C SER H 449 33.86 59.67 -54.51
N VAL H 450 34.33 58.43 -54.52
CA VAL H 450 33.48 57.26 -54.30
C VAL H 450 34.19 56.27 -53.40
N ASP H 451 33.43 55.27 -52.95
CA ASP H 451 33.96 54.17 -52.15
C ASP H 451 33.82 52.86 -52.90
N VAL H 452 34.85 52.03 -52.83
CA VAL H 452 34.92 50.77 -53.55
C VAL H 452 35.08 49.64 -52.55
N ASN H 453 34.23 48.62 -52.65
CA ASN H 453 34.32 47.44 -51.80
C ASN H 453 35.43 46.54 -52.34
N MET H 454 36.39 46.19 -51.49
CA MET H 454 37.59 45.53 -51.96
C MET H 454 37.76 44.12 -51.39
N GLY H 455 36.72 43.53 -50.83
CA GLY H 455 36.84 42.16 -50.33
C GLY H 455 37.11 41.17 -51.45
N GLU H 456 36.40 41.33 -52.57
CA GLU H 456 36.63 40.45 -53.72
C GLU H 456 38.03 40.65 -54.28
N VAL H 457 38.51 41.90 -54.33
CA VAL H 457 39.87 42.15 -54.79
C VAL H 457 40.87 41.47 -53.88
N LEU H 458 40.67 41.54 -52.57
CA LEU H 458 41.60 40.90 -51.64
C LEU H 458 41.58 39.38 -51.81
N LEU H 459 40.40 38.79 -51.96
CA LEU H 459 40.32 37.33 -52.14
C LEU H 459 41.00 36.91 -53.44
N VAL H 460 40.73 37.61 -54.53
CA VAL H 460 41.32 37.28 -55.81
C VAL H 460 42.83 37.46 -55.78
N ARG H 461 43.29 38.54 -55.12
CA ARG H 461 44.73 38.78 -55.01
C ARG H 461 45.40 37.68 -54.20
N LYS H 462 44.76 37.24 -53.11
CA LYS H 462 45.32 36.15 -52.32
C LYS H 462 45.42 34.87 -53.15
N GLU H 463 44.37 34.54 -53.91
CA GLU H 463 44.42 33.34 -54.74
C GLU H 463 45.50 33.43 -55.80
N LEU H 464 45.61 34.59 -56.47
CA LEU H 464 46.64 34.76 -57.49
C LEU H 464 48.04 34.68 -56.89
N ASN H 465 48.25 35.29 -55.73
CA ASN H 465 49.56 35.21 -55.08
C ASN H 465 49.89 33.78 -54.68
N LYS H 466 48.90 33.02 -54.22
CA LYS H 466 49.15 31.62 -53.88
C LYS H 466 49.50 30.81 -55.12
N MET H 467 48.79 31.02 -56.23
CA MET H 467 49.12 30.33 -57.47
C MET H 467 50.49 30.73 -58.01
N LEU H 468 50.92 31.96 -57.74
CA LEU H 468 52.19 32.42 -58.30
C LEU H 468 53.40 31.70 -57.73
N GLU H 469 53.30 31.15 -56.52
CA GLU H 469 54.37 30.34 -55.93
C GLU H 469 55.67 31.11 -55.83
N GLY H 470 55.57 32.41 -55.57
CA GLY H 470 56.72 33.26 -55.36
C GLY H 470 57.38 33.80 -56.62
N ARG H 471 56.91 33.44 -57.81
CA ARG H 471 57.51 33.97 -59.02
C ARG H 471 57.28 35.49 -59.11
N SER H 472 56.09 35.95 -58.73
CA SER H 472 55.80 37.36 -58.62
C SER H 472 54.80 37.57 -57.49
N LYS H 473 54.53 38.83 -57.18
CA LYS H 473 53.58 39.19 -56.13
C LYS H 473 52.65 40.27 -56.68
N ILE H 474 51.38 39.92 -56.83
CA ILE H 474 50.39 40.88 -57.29
C ILE H 474 49.94 41.75 -56.13
N SER H 475 50.02 43.06 -56.31
CA SER H 475 49.63 44.02 -55.29
C SER H 475 48.29 44.67 -55.63
N VAL H 476 47.76 45.40 -54.66
CA VAL H 476 46.47 46.07 -54.86
C VAL H 476 46.59 47.17 -55.91
N ASN H 477 47.74 47.83 -55.98
CA ASN H 477 47.92 48.88 -56.98
C ASN H 477 47.89 48.33 -58.39
N ASP H 478 48.26 47.06 -58.57
CA ASP H 478 48.16 46.45 -59.90
C ASP H 478 46.71 46.31 -60.33
N PHE H 479 45.85 45.82 -59.42
CA PHE H 479 44.42 45.78 -59.70
C PHE H 479 43.89 47.17 -60.01
N ILE H 480 44.32 48.17 -59.23
CA ILE H 480 43.83 49.53 -59.43
C ILE H 480 44.26 50.06 -60.79
N ILE H 481 45.51 49.80 -61.19
CA ILE H 481 46.00 50.29 -62.47
C ILE H 481 45.25 49.64 -63.63
N LYS H 482 45.07 48.31 -63.56
CA LYS H 482 44.37 47.62 -64.64
C LYS H 482 42.91 48.06 -64.72
N ALA H 483 42.26 48.25 -63.57
CA ALA H 483 40.88 48.71 -63.56
C ALA H 483 40.78 50.12 -64.12
N SER H 484 41.74 50.98 -63.79
CA SER H 484 41.74 52.33 -64.34
C SER H 484 41.93 52.31 -65.85
N ALA H 485 42.80 51.42 -66.35
CA ALA H 485 42.99 51.31 -67.79
C ALA H 485 41.71 50.85 -68.49
N LEU H 486 41.04 49.85 -67.92
CA LEU H 486 39.79 49.37 -68.52
C LEU H 486 38.70 50.44 -68.48
N ALA H 487 38.62 51.18 -67.37
CA ALA H 487 37.66 52.27 -67.28
C ALA H 487 37.97 53.36 -68.30
N CYS H 488 39.26 53.65 -68.51
CA CYS H 488 39.65 54.61 -69.54
C CYS H 488 39.25 54.14 -70.92
N LEU H 489 39.39 52.84 -71.20
CA LEU H 489 38.91 52.30 -72.47
C LEU H 489 37.41 52.48 -72.61
N LYS H 490 36.66 52.20 -71.55
CA LYS H 490 35.19 52.30 -71.64
C LYS H 490 34.74 53.74 -71.78
N VAL H 491 35.42 54.67 -71.12
CA VAL H 491 35.06 56.09 -71.16
C VAL H 491 36.27 56.89 -71.64
N PRO H 492 36.45 57.05 -72.96
CA PRO H 492 37.68 57.66 -73.47
C PRO H 492 37.81 59.14 -73.16
N GLU H 493 36.77 59.81 -72.65
CA GLU H 493 36.87 61.23 -72.35
C GLU H 493 37.91 61.48 -71.26
N ALA H 494 37.96 60.61 -70.25
CA ALA H 494 38.99 60.72 -69.22
C ALA H 494 40.38 60.46 -69.77
N ASN H 495 40.49 59.90 -70.97
CA ASN H 495 41.75 59.64 -71.64
C ASN H 495 42.04 60.65 -72.74
N SER H 496 41.70 61.92 -72.52
CA SER H 496 41.89 62.97 -73.51
C SER H 496 42.86 64.02 -72.98
N SER H 497 43.13 65.00 -73.84
CA SER H 497 44.00 66.11 -73.51
C SER H 497 43.51 67.36 -74.23
N TRP H 498 43.52 68.48 -73.51
CA TRP H 498 43.07 69.75 -74.07
C TRP H 498 44.26 70.49 -74.67
N LEU H 499 44.21 70.75 -75.98
CA LEU H 499 45.30 71.37 -76.71
C LEU H 499 44.91 72.76 -77.22
N ASP H 500 43.84 73.31 -76.66
CA ASP H 500 43.38 74.68 -76.89
C ASP H 500 42.79 74.88 -78.27
N THR H 501 42.91 73.87 -79.13
CA THR H 501 42.28 73.88 -80.45
C THR H 501 41.50 72.61 -80.73
N VAL H 502 42.01 71.46 -80.29
CA VAL H 502 41.34 70.17 -80.42
C VAL H 502 41.49 69.42 -79.11
N ILE H 503 40.60 68.45 -78.91
CA ILE H 503 40.65 67.56 -77.75
C ILE H 503 41.22 66.23 -78.22
N ARG H 504 42.49 66.00 -77.92
CA ARG H 504 43.19 64.79 -78.36
C ARG H 504 42.71 63.62 -77.52
N GLN H 505 41.98 62.70 -78.13
CA GLN H 505 41.44 61.54 -77.43
C GLN H 505 42.35 60.35 -77.64
N ASN H 506 43.21 60.07 -76.66
CA ASN H 506 44.21 59.02 -76.82
C ASN H 506 43.55 57.65 -76.82
N HIS H 507 43.92 56.82 -77.80
CA HIS H 507 43.38 55.48 -77.93
C HIS H 507 44.16 54.43 -77.14
N VAL H 508 45.32 54.79 -76.61
CA VAL H 508 46.10 53.92 -75.74
C VAL H 508 46.09 54.49 -74.34
N VAL H 509 46.29 53.63 -73.35
CA VAL H 509 46.24 54.01 -71.95
C VAL H 509 47.64 53.81 -71.38
N ASP H 510 48.33 54.92 -71.13
CA ASP H 510 49.66 54.91 -70.52
C ASP H 510 49.52 55.49 -69.12
N ILE H 511 49.55 54.62 -68.11
CA ILE H 511 49.24 55.01 -66.74
C ILE H 511 50.52 55.46 -66.05
N SER H 512 50.63 56.76 -65.79
CA SER H 512 51.67 57.24 -64.89
C SER H 512 51.33 56.83 -63.47
N VAL H 513 52.34 56.39 -62.72
CA VAL H 513 52.15 55.96 -61.34
C VAL H 513 53.02 56.84 -60.46
N ALA H 514 52.39 57.55 -59.53
CA ALA H 514 53.14 58.45 -58.66
C ALA H 514 53.94 57.62 -57.66
N VAL H 515 55.24 57.92 -57.55
CA VAL H 515 56.15 57.23 -56.66
C VAL H 515 56.93 58.28 -55.90
N SER H 516 57.03 58.11 -54.58
CA SER H 516 57.76 59.03 -53.73
C SER H 516 59.18 58.52 -53.50
N THR H 517 60.16 59.35 -53.82
CA THR H 517 61.58 59.08 -53.68
C THR H 517 62.17 60.21 -52.85
N PRO H 518 63.37 60.01 -52.29
CA PRO H 518 63.98 61.09 -51.50
C PRO H 518 64.18 62.38 -52.27
N ALA H 519 64.23 62.33 -53.60
CA ALA H 519 64.37 63.52 -54.43
C ALA H 519 63.04 64.16 -54.79
N GLY H 520 61.92 63.53 -54.47
CA GLY H 520 60.61 64.10 -54.73
C GLY H 520 59.63 63.09 -55.31
N LEU H 521 58.63 63.62 -56.00
CA LEU H 521 57.63 62.77 -56.63
C LEU H 521 57.96 62.57 -58.10
N ILE H 522 57.97 61.31 -58.54
CA ILE H 522 58.27 60.97 -59.93
C ILE H 522 57.19 60.03 -60.44
N THR H 523 56.91 60.11 -61.73
CA THR H 523 55.77 59.40 -62.34
C THR H 523 56.25 58.50 -63.47
N PRO H 524 56.79 57.32 -63.13
CA PRO H 524 57.08 56.33 -64.17
C PRO H 524 55.78 55.85 -64.83
N ILE H 525 55.87 55.58 -66.12
CA ILE H 525 54.70 55.30 -66.95
C ILE H 525 54.66 53.82 -67.28
N VAL H 526 53.55 53.16 -66.94
CA VAL H 526 53.25 51.81 -67.40
C VAL H 526 52.51 51.98 -68.72
N PHE H 527 53.18 51.65 -69.82
CA PHE H 527 52.58 51.81 -71.14
C PHE H 527 51.67 50.62 -71.45
N ASN H 528 50.60 50.89 -72.20
CA ASN H 528 49.66 49.87 -72.66
C ASN H 528 49.11 49.06 -71.49
N ALA H 529 48.72 49.76 -70.42
CA ALA H 529 48.14 49.10 -69.27
C ALA H 529 46.77 48.53 -69.58
N HIS H 530 46.17 48.94 -70.70
CA HIS H 530 44.86 48.41 -71.07
C HIS H 530 44.96 47.02 -71.67
N ILE H 531 46.16 46.63 -72.11
CA ILE H 531 46.37 45.29 -72.67
C ILE H 531 47.35 44.46 -71.84
N LYS H 532 48.16 45.07 -70.99
CA LYS H 532 49.05 44.31 -70.13
C LYS H 532 48.28 43.57 -69.06
N GLY H 533 48.78 42.40 -68.68
CA GLY H 533 48.15 41.63 -67.63
C GLY H 533 48.58 42.10 -66.24
N LEU H 534 47.98 41.50 -65.22
CA LEU H 534 48.29 41.89 -63.84
C LEU H 534 49.74 41.57 -63.49
N GLU H 535 50.24 40.42 -63.93
CA GLU H 535 51.65 40.09 -63.70
C GLU H 535 52.58 41.06 -64.42
N THR H 536 52.29 41.36 -65.69
CA THR H 536 53.13 42.30 -66.42
C THR H 536 53.09 43.67 -65.77
N ILE H 537 51.91 44.12 -65.34
CA ILE H 537 51.78 45.41 -64.68
C ILE H 537 52.57 45.43 -63.37
N ALA H 538 52.46 44.36 -62.58
CA ALA H 538 53.16 44.30 -61.31
C ALA H 538 54.67 44.32 -61.50
N ASN H 539 55.17 43.52 -62.45
CA ASN H 539 56.60 43.51 -62.71
C ASN H 539 57.09 44.86 -63.22
N ASP H 540 56.33 45.48 -64.12
CA ASP H 540 56.68 46.80 -64.63
C ASP H 540 56.72 47.83 -63.51
N VAL H 541 55.72 47.81 -62.62
CA VAL H 541 55.67 48.76 -61.53
C VAL H 541 56.85 48.56 -60.60
N VAL H 542 57.19 47.31 -60.27
CA VAL H 542 58.32 47.04 -59.39
C VAL H 542 59.61 47.54 -60.02
N SER H 543 59.81 47.24 -61.32
CA SER H 543 61.05 47.64 -61.99
C SER H 543 61.16 49.16 -62.07
N LEU H 544 60.08 49.84 -62.44
CA LEU H 544 60.12 51.29 -62.56
C LEU H 544 60.26 51.96 -61.20
N ALA H 545 59.66 51.39 -60.16
CA ALA H 545 59.84 51.93 -58.81
C ALA H 545 61.28 51.79 -58.35
N THR H 546 61.91 50.65 -58.64
CA THR H 546 63.32 50.48 -58.31
C THR H 546 64.18 51.47 -59.07
N LYS H 547 63.89 51.66 -60.35
CA LYS H 547 64.66 52.63 -61.14
C LYS H 547 64.47 54.04 -60.61
N ALA H 548 63.25 54.40 -60.23
CA ALA H 548 62.98 55.74 -59.69
C ALA H 548 63.71 55.95 -58.38
N ARG H 549 63.68 54.96 -57.49
CA ARG H 549 64.37 55.08 -56.22
C ARG H 549 65.88 55.16 -56.41
N GLU H 550 66.41 54.46 -57.42
CA GLU H 550 67.84 54.53 -57.71
C GLU H 550 68.22 55.72 -58.58
N GLY H 551 67.24 56.50 -59.04
CA GLY H 551 67.55 57.67 -59.84
C GLY H 551 68.01 57.37 -61.25
N LYS H 552 67.61 56.23 -61.80
CA LYS H 552 68.06 55.79 -63.12
C LYS H 552 66.98 55.90 -64.19
N LEU H 553 65.89 56.63 -63.93
CA LEU H 553 64.81 56.72 -64.89
C LEU H 553 65.22 57.59 -66.08
N GLN H 554 64.94 57.09 -67.28
CA GLN H 554 65.14 57.86 -68.49
C GLN H 554 63.97 58.83 -68.70
N PRO H 555 64.19 59.95 -69.40
CA PRO H 555 63.10 60.93 -69.58
C PRO H 555 61.86 60.37 -70.24
N HIS H 556 62.01 59.46 -71.20
CA HIS H 556 60.84 58.88 -71.86
C HIS H 556 60.07 57.95 -70.94
N GLU H 557 60.68 57.47 -69.87
CA GLU H 557 60.01 56.55 -68.95
C GLU H 557 59.13 57.27 -67.93
N PHE H 558 59.21 58.59 -67.82
CA PHE H 558 58.35 59.34 -66.92
C PHE H 558 57.71 60.58 -67.53
N GLN H 559 58.06 60.95 -68.76
CA GLN H 559 57.44 62.08 -69.43
C GLN H 559 56.35 61.57 -70.37
N GLY H 560 55.16 62.16 -70.27
CA GLY H 560 54.05 61.76 -71.10
C GLY H 560 52.90 61.16 -70.31
N GLY H 561 52.36 60.05 -70.79
CA GLY H 561 51.26 59.40 -70.13
C GLY H 561 49.92 59.99 -70.51
N THR H 562 48.86 59.24 -70.21
CA THR H 562 47.51 59.66 -70.51
C THR H 562 46.60 59.73 -69.29
N PHE H 563 47.01 59.11 -68.18
CA PHE H 563 46.21 59.05 -66.97
C PHE H 563 47.12 58.71 -65.81
N THR H 564 46.98 59.44 -64.71
CA THR H 564 47.88 59.32 -63.57
C THR H 564 47.16 58.72 -62.39
N ILE H 565 47.85 57.87 -61.63
CA ILE H 565 47.34 57.28 -60.41
C ILE H 565 48.31 57.60 -59.28
N SER H 566 47.82 58.28 -58.25
CA SER H 566 48.59 58.59 -57.06
C SER H 566 47.96 57.87 -55.88
N ASN H 567 48.67 56.90 -55.32
CA ASN H 567 48.17 56.06 -54.25
C ASN H 567 48.92 56.42 -52.97
N LEU H 568 48.18 56.85 -51.94
CA LEU H 568 48.75 57.14 -50.64
C LEU H 568 48.11 56.30 -49.53
N GLY H 569 47.55 55.15 -49.86
CA GLY H 569 46.91 54.33 -48.84
C GLY H 569 47.91 53.70 -47.90
N MET H 570 49.16 53.52 -48.36
CA MET H 570 50.20 52.96 -47.51
C MET H 570 50.56 53.90 -46.36
N PHE H 571 50.22 55.18 -46.46
CA PHE H 571 50.52 56.15 -45.42
C PHE H 571 49.32 56.43 -44.52
N GLY H 572 48.22 55.71 -44.68
CA GLY H 572 47.08 55.88 -43.81
C GLY H 572 46.12 56.99 -44.19
N ILE H 573 46.27 57.58 -45.37
CA ILE H 573 45.37 58.64 -45.80
C ILE H 573 44.01 58.05 -46.14
N LYS H 574 42.96 58.60 -45.53
CA LYS H 574 41.61 58.14 -45.83
C LYS H 574 41.23 58.48 -47.26
N ASN H 575 41.41 59.76 -47.65
CA ASN H 575 41.21 60.19 -49.02
C ASN H 575 41.93 61.51 -49.21
N PHE H 576 42.20 61.84 -50.47
CA PHE H 576 42.86 63.10 -50.79
C PHE H 576 42.57 63.49 -52.23
N SER H 577 42.83 64.76 -52.54
CA SER H 577 42.61 65.31 -53.87
C SER H 577 43.96 65.73 -54.43
N ALA H 578 44.34 65.18 -55.57
CA ALA H 578 45.63 65.46 -56.17
C ALA H 578 45.52 66.55 -57.23
N ILE H 579 46.67 66.91 -57.80
CA ILE H 579 46.74 67.92 -58.85
C ILE H 579 46.94 67.21 -60.18
N ILE H 580 46.15 67.60 -61.19
CA ILE H 580 46.24 66.97 -62.50
C ILE H 580 47.59 67.26 -63.11
N ASN H 581 48.28 66.21 -63.54
CA ASN H 581 49.58 66.34 -64.21
C ASN H 581 49.34 66.69 -65.67
N PRO H 582 49.83 67.84 -66.14
CA PRO H 582 49.57 68.24 -67.52
C PRO H 582 50.32 67.37 -68.50
N PRO H 583 49.82 67.24 -69.74
CA PRO H 583 48.59 67.82 -70.29
C PRO H 583 47.39 66.89 -70.13
N GLN H 584 47.46 65.92 -69.24
CA GLN H 584 46.37 64.96 -69.07
C GLN H 584 45.13 65.63 -68.51
N ALA H 585 44.02 64.88 -68.52
CA ALA H 585 42.74 65.44 -68.13
C ALA H 585 42.24 64.94 -66.78
N CYS H 586 42.83 63.89 -66.23
CA CYS H 586 42.36 63.33 -64.96
C CYS H 586 43.54 62.78 -64.17
N ILE H 587 43.29 62.58 -62.88
CA ILE H 587 44.24 61.91 -61.99
C ILE H 587 43.44 61.23 -60.89
N LEU H 588 43.72 59.96 -60.63
CA LEU H 588 43.00 59.18 -59.64
C LEU H 588 43.80 59.14 -58.35
N ALA H 589 43.23 59.67 -57.28
CA ALA H 589 43.87 59.69 -55.97
C ALA H 589 43.27 58.58 -55.12
N VAL H 590 44.10 57.67 -54.66
CA VAL H 590 43.67 56.47 -53.94
C VAL H 590 44.07 56.61 -52.48
N GLY H 591 43.12 56.41 -51.57
CA GLY H 591 43.38 56.44 -50.15
C GLY H 591 43.55 55.04 -49.58
N ALA H 592 43.47 54.96 -48.26
CA ALA H 592 43.65 53.69 -47.57
C ALA H 592 42.35 52.90 -47.51
N SER H 593 42.48 51.59 -47.42
CA SER H 593 41.33 50.72 -47.28
C SER H 593 41.12 50.36 -45.81
N GLU H 594 39.88 50.55 -45.34
CA GLU H 594 39.54 50.35 -43.95
C GLU H 594 38.25 49.54 -43.83
N ASP H 595 38.11 48.81 -42.73
CA ASP H 595 36.92 48.01 -42.48
C ASP H 595 35.79 48.90 -41.97
N ARG H 596 34.62 48.78 -42.57
CA ARG H 596 33.46 49.57 -42.19
C ARG H 596 32.23 48.68 -42.09
N LEU H 597 31.36 49.01 -41.14
CA LEU H 597 30.09 48.29 -41.01
C LEU H 597 29.07 48.82 -42.00
N PHE H 598 28.31 47.89 -42.59
CA PHE H 598 27.24 48.25 -43.50
C PHE H 598 26.05 47.35 -43.26
N PRO H 599 24.83 47.88 -43.43
CA PRO H 599 23.63 47.07 -43.16
C PRO H 599 23.56 45.84 -44.07
N ALA H 600 23.06 44.75 -43.51
CA ALA H 600 22.87 43.50 -44.25
C ALA H 600 21.65 42.78 -43.73
N ASP H 601 21.06 41.95 -44.59
CA ASP H 601 19.86 41.19 -44.23
C ASP H 601 20.26 39.87 -43.58
N ASN H 602 20.86 40.00 -42.39
CA ASN H 602 21.26 38.84 -41.60
C ASN H 602 20.82 39.03 -40.16
N GLU H 603 21.14 38.03 -39.32
CA GLU H 603 20.73 38.08 -37.92
C GLU H 603 21.38 39.23 -37.18
N LYS H 604 22.68 39.45 -37.39
CA LYS H 604 23.37 40.54 -36.72
C LYS H 604 22.92 41.91 -37.22
N GLY H 605 22.35 41.98 -38.42
CA GLY H 605 21.92 43.25 -38.98
C GLY H 605 23.00 44.06 -39.65
N PHE H 606 24.23 43.54 -39.73
CA PHE H 606 25.31 44.27 -40.36
C PHE H 606 26.39 43.29 -40.82
N ASP H 607 27.29 43.80 -41.65
CA ASP H 607 28.44 43.05 -42.14
C ASP H 607 29.66 43.96 -42.16
N VAL H 608 30.83 43.35 -42.31
CA VAL H 608 32.10 44.07 -42.34
C VAL H 608 32.67 43.97 -43.75
N ALA H 609 32.95 45.11 -44.36
CA ALA H 609 33.51 45.17 -45.70
C ALA H 609 34.70 46.11 -45.72
N SER H 610 35.77 45.70 -46.40
CA SER H 610 36.97 46.53 -46.53
C SER H 610 36.78 47.47 -47.71
N MET H 611 36.52 48.74 -47.43
CA MET H 611 36.24 49.73 -48.45
C MET H 611 37.41 50.69 -48.62
N MET H 612 37.62 51.13 -49.85
CA MET H 612 38.72 52.03 -50.20
C MET H 612 38.15 53.21 -50.97
N SER H 613 38.51 54.41 -50.54
CA SER H 613 37.95 55.64 -51.09
C SER H 613 38.86 56.22 -52.15
N VAL H 614 38.30 56.53 -53.31
CA VAL H 614 39.07 57.10 -54.41
C VAL H 614 38.45 58.41 -54.84
N THR H 615 39.31 59.39 -55.12
CA THR H 615 38.90 60.72 -55.55
C THR H 615 39.56 61.01 -56.90
N LEU H 616 38.73 61.09 -57.94
CA LEU H 616 39.18 61.43 -59.28
C LEU H 616 39.09 62.94 -59.47
N SER H 617 40.21 63.57 -59.79
CA SER H 617 40.24 64.99 -60.11
C SER H 617 40.21 65.16 -61.63
N CYS H 618 39.23 65.91 -62.11
CA CYS H 618 38.96 66.01 -63.53
C CYS H 618 39.09 67.44 -64.01
N ASP H 619 39.59 67.59 -65.24
CA ASP H 619 39.59 68.87 -65.95
C ASP H 619 38.19 69.11 -66.51
N HIS H 620 37.50 70.12 -65.98
CA HIS H 620 36.11 70.34 -66.36
C HIS H 620 35.96 70.81 -67.80
N ARG H 621 37.05 71.21 -68.46
CA ARG H 621 36.96 71.52 -69.89
C ARG H 621 36.74 70.27 -70.72
N VAL H 622 37.32 69.15 -70.31
CA VAL H 622 37.26 67.90 -71.06
C VAL H 622 36.23 66.94 -70.48
N VAL H 623 36.24 66.76 -69.17
CA VAL H 623 35.40 65.77 -68.50
C VAL H 623 34.37 66.53 -67.66
N ASP H 624 33.10 66.42 -68.04
CA ASP H 624 32.05 67.01 -67.23
C ASP H 624 31.63 66.05 -66.12
N GLY H 625 30.67 66.49 -65.29
CA GLY H 625 30.31 65.73 -64.11
C GLY H 625 29.76 64.35 -64.45
N ALA H 626 28.89 64.27 -65.45
CA ALA H 626 28.31 62.99 -65.82
C ALA H 626 29.37 62.02 -66.33
N VAL H 627 30.31 62.51 -67.15
CA VAL H 627 31.37 61.65 -67.66
C VAL H 627 32.28 61.17 -66.53
N GLY H 628 32.65 62.06 -65.62
CA GLY H 628 33.47 61.65 -64.50
C GLY H 628 32.78 60.63 -63.62
N ALA H 629 31.48 60.83 -63.37
CA ALA H 629 30.72 59.87 -62.58
C ALA H 629 30.62 58.53 -63.28
N GLN H 630 30.43 58.52 -64.60
CA GLN H 630 30.39 57.27 -65.35
C GLN H 630 31.72 56.54 -65.27
N TRP H 631 32.82 57.29 -65.40
CA TRP H 631 34.15 56.67 -65.27
C TRP H 631 34.32 56.04 -63.89
N LEU H 632 33.94 56.77 -62.84
CA LEU H 632 34.08 56.23 -61.49
C LEU H 632 33.19 55.01 -61.28
N ALA H 633 31.99 55.02 -61.87
CA ALA H 633 31.11 53.85 -61.76
C ALA H 633 31.72 52.63 -62.42
N GLU H 634 32.27 52.79 -63.63
CA GLU H 634 32.92 51.67 -64.31
C GLU H 634 34.11 51.16 -63.51
N PHE H 635 34.93 52.09 -63.00
CA PHE H 635 36.09 51.72 -62.19
C PHE H 635 35.65 50.95 -60.95
N ARG H 636 34.58 51.41 -60.30
CA ARG H 636 34.07 50.74 -59.11
C ARG H 636 33.58 49.34 -59.43
N LYS H 637 32.87 49.19 -60.56
CA LYS H 637 32.41 47.85 -60.94
C LYS H 637 33.59 46.91 -61.17
N TYR H 638 34.58 47.37 -61.92
CA TYR H 638 35.75 46.53 -62.21
C TYR H 638 36.46 46.12 -60.93
N LEU H 639 36.63 47.04 -59.99
CA LEU H 639 37.31 46.65 -58.76
C LEU H 639 36.44 45.78 -57.86
N GLU H 640 35.17 46.14 -57.68
CA GLU H 640 34.30 45.35 -56.82
C GLU H 640 34.12 43.92 -57.30
N LYS H 641 34.30 43.65 -58.59
CA LYS H 641 34.35 42.27 -59.09
C LYS H 641 35.43 42.11 -60.14
N PRO H 642 36.51 41.40 -59.81
CA PRO H 642 37.62 41.26 -60.76
C PRO H 642 37.35 40.33 -61.93
N ILE H 643 36.26 39.56 -61.89
CA ILE H 643 36.02 38.62 -62.98
C ILE H 643 35.61 39.35 -64.26
N THR H 644 34.88 40.47 -64.13
CA THR H 644 34.53 41.26 -65.31
C THR H 644 35.74 41.97 -65.89
N MET H 645 36.87 41.98 -65.19
CA MET H 645 38.12 42.50 -65.71
C MET H 645 38.63 41.70 -66.90
N LEU H 646 38.10 40.49 -67.10
CA LEU H 646 38.43 39.66 -68.25
C LEU H 646 37.69 40.09 -69.51
N LEU H 647 36.56 40.77 -69.39
CA LEU H 647 35.78 41.21 -70.55
C LEU H 647 36.50 42.29 -71.33
N PHE I 420 -105.19 18.47 27.42
CA PHE I 420 -104.54 18.44 28.72
C PHE I 420 -105.22 17.48 29.68
N THR I 421 -104.59 17.25 30.82
CA THR I 421 -105.13 16.39 31.87
C THR I 421 -104.94 17.07 33.21
N ASP I 422 -106.03 17.16 33.99
CA ASP I 422 -105.99 17.80 35.30
C ASP I 422 -105.75 16.73 36.36
N ILE I 423 -104.57 16.73 36.95
CA ILE I 423 -104.20 15.78 38.00
C ILE I 423 -104.53 16.42 39.35
N PRO I 424 -105.41 15.83 40.16
CA PRO I 424 -105.73 16.42 41.46
C PRO I 424 -104.50 16.50 42.35
N ILE I 425 -104.44 17.56 43.15
CA ILE I 425 -103.32 17.77 44.06
C ILE I 425 -103.62 17.07 45.37
N SER I 426 -102.72 16.18 45.79
CA SER I 426 -102.87 15.50 47.06
C SER I 426 -102.60 16.45 48.22
N ASN I 427 -103.05 16.05 49.42
CA ASN I 427 -102.83 16.88 50.59
C ASN I 427 -101.35 16.96 50.95
N ILE I 428 -100.61 15.87 50.74
CA ILE I 428 -99.16 15.89 50.97
C ILE I 428 -98.49 16.90 50.05
N ARG I 429 -98.87 16.87 48.77
CA ARG I 429 -98.30 17.83 47.82
C ARG I 429 -98.70 19.25 48.17
N ARG I 430 -99.93 19.44 48.65
CA ARG I 430 -100.37 20.77 49.08
C ARG I 430 -99.53 21.27 50.25
N VAL I 431 -99.25 20.38 51.20
CA VAL I 431 -98.42 20.76 52.35
C VAL I 431 -97.01 21.13 51.89
N ILE I 432 -96.44 20.32 50.98
CA ILE I 432 -95.09 20.61 50.48
C ILE I 432 -95.07 21.95 49.75
N ALA I 433 -96.08 22.19 48.92
CA ALA I 433 -96.16 23.45 48.18
C ALA I 433 -96.30 24.62 49.12
N GLN I 434 -97.12 24.48 50.16
CA GLN I 434 -97.29 25.56 51.12
C GLN I 434 -96.00 25.85 51.87
N ARG I 435 -95.26 24.80 52.25
CA ARG I 435 -93.97 25.00 52.91
C ARG I 435 -92.99 25.72 51.99
N LEU I 436 -92.95 25.33 50.71
CA LEU I 436 -92.05 26.00 49.76
C LEU I 436 -92.44 27.45 49.55
N MET I 437 -93.75 27.71 49.45
CA MET I 437 -94.23 29.10 49.34
C MET I 437 -93.80 29.90 50.56
N GLN I 438 -93.99 29.35 51.75
CA GLN I 438 -93.61 30.06 52.97
C GLN I 438 -92.12 30.35 52.98
N SER I 439 -91.31 29.37 52.59
CA SER I 439 -89.86 29.57 52.56
C SER I 439 -89.49 30.70 51.60
N LYS I 440 -90.03 30.68 50.38
CA LYS I 440 -89.62 31.67 49.39
C LYS I 440 -90.20 33.04 49.67
N GLN I 441 -91.29 33.13 50.44
CA GLN I 441 -91.85 34.44 50.76
C GLN I 441 -91.26 35.04 52.02
N THR I 442 -90.82 34.21 52.98
CA THR I 442 -90.36 34.74 54.25
C THR I 442 -88.85 34.69 54.44
N ILE I 443 -88.13 33.91 53.64
CA ILE I 443 -86.69 33.76 53.79
C ILE I 443 -86.00 34.45 52.61
N PRO I 444 -85.24 35.52 52.83
CA PRO I 444 -84.51 36.15 51.73
C PRO I 444 -83.29 35.36 51.29
N HIS I 445 -83.49 34.40 50.40
CA HIS I 445 -82.41 33.52 49.98
C HIS I 445 -81.32 34.30 49.24
N TYR I 446 -80.08 33.89 49.43
CA TYR I 446 -79.00 34.29 48.54
C TYR I 446 -77.99 33.14 48.45
N TYR I 447 -77.41 32.96 47.27
CA TYR I 447 -76.71 31.73 46.92
C TYR I 447 -75.23 32.00 46.69
N LEU I 448 -74.37 31.16 47.26
CA LEU I 448 -72.93 31.23 47.04
C LEU I 448 -72.42 29.88 46.57
N SER I 449 -71.64 29.88 45.49
CA SER I 449 -71.17 28.65 44.87
C SER I 449 -69.65 28.58 44.86
N VAL I 450 -69.12 27.38 45.12
CA VAL I 450 -67.68 27.12 45.03
C VAL I 450 -67.45 25.77 44.39
N ASP I 451 -66.19 25.50 44.09
CA ASP I 451 -65.75 24.22 43.54
C ASP I 451 -64.79 23.54 44.51
N VAL I 452 -65.01 22.24 44.73
CA VAL I 452 -64.24 21.46 45.68
C VAL I 452 -63.54 20.32 44.94
N ASN I 453 -62.25 20.16 45.19
CA ASN I 453 -61.45 19.10 44.57
C ASN I 453 -61.74 17.78 45.27
N MET I 454 -62.14 16.77 44.50
CA MET I 454 -62.61 15.51 45.05
C MET I 454 -61.61 14.37 44.95
N GLY I 455 -60.38 14.63 44.49
CA GLY I 455 -59.43 13.53 44.31
C GLY I 455 -59.05 12.85 45.61
N GLU I 456 -58.73 13.65 46.64
CA GLU I 456 -58.36 13.10 47.92
C GLU I 456 -59.53 12.34 48.55
N VAL I 457 -60.74 12.88 48.43
CA VAL I 457 -61.92 12.21 48.96
C VAL I 457 -62.11 10.87 48.26
N LEU I 458 -61.96 10.84 46.94
CA LEU I 458 -62.10 9.58 46.20
C LEU I 458 -61.05 8.56 46.64
N LEU I 459 -59.80 8.99 46.80
CA LEU I 459 -58.75 8.06 47.21
C LEU I 459 -59.03 7.51 48.61
N VAL I 460 -59.40 8.39 49.55
CA VAL I 460 -59.68 7.96 50.91
C VAL I 460 -60.88 7.03 50.94
N ARG I 461 -61.90 7.34 50.14
CA ARG I 461 -63.09 6.50 50.09
C ARG I 461 -62.77 5.11 49.53
N LYS I 462 -61.93 5.06 48.50
CA LYS I 462 -61.52 3.77 47.95
C LYS I 462 -60.77 2.96 48.99
N GLU I 463 -59.84 3.58 49.70
CA GLU I 463 -59.08 2.87 50.74
C GLU I 463 -60.00 2.37 51.85
N LEU I 464 -60.93 3.23 52.30
CA LEU I 464 -61.85 2.83 53.36
C LEU I 464 -62.75 1.69 52.92
N ASN I 465 -63.25 1.75 51.69
CA ASN I 465 -64.08 0.67 51.17
C ASN I 465 -63.31 -0.63 51.07
N LYS I 466 -62.04 -0.56 50.66
CA LYS I 466 -61.23 -1.77 50.61
C LYS I 466 -61.01 -2.35 52.01
N MET I 467 -60.76 -1.49 53.01
CA MET I 467 -60.64 -1.98 54.38
C MET I 467 -61.95 -2.58 54.91
N LEU I 468 -63.09 -2.01 54.54
CA LEU I 468 -64.36 -2.51 55.07
C LEU I 468 -64.65 -3.96 54.69
N GLU I 469 -64.11 -4.44 53.58
CA GLU I 469 -64.26 -5.83 53.16
C GLU I 469 -65.74 -6.22 53.03
N GLY I 470 -66.54 -5.30 52.52
CA GLY I 470 -67.94 -5.56 52.26
C GLY I 470 -68.87 -5.41 53.43
N ARG I 471 -68.36 -5.12 54.63
CA ARG I 471 -69.24 -4.92 55.78
C ARG I 471 -70.12 -3.69 55.59
N SER I 472 -69.56 -2.62 55.01
CA SER I 472 -70.31 -1.43 54.67
C SER I 472 -69.68 -0.79 53.45
N LYS I 473 -70.36 0.21 52.90
CA LYS I 473 -69.88 0.96 51.74
C LYS I 473 -70.11 2.44 51.99
N ILE I 474 -69.04 3.23 51.90
CA ILE I 474 -69.16 4.67 52.10
C ILE I 474 -69.27 5.36 50.76
N SER I 475 -70.27 6.22 50.62
CA SER I 475 -70.46 7.02 49.42
C SER I 475 -69.90 8.43 49.64
N VAL I 476 -69.78 9.17 48.53
CA VAL I 476 -69.28 10.54 48.61
C VAL I 476 -70.22 11.42 49.42
N ASN I 477 -71.51 11.09 49.43
CA ASN I 477 -72.46 11.86 50.22
C ASN I 477 -72.19 11.74 51.72
N ASP I 478 -71.62 10.62 52.16
CA ASP I 478 -71.25 10.49 53.57
C ASP I 478 -70.12 11.46 53.92
N PHE I 479 -69.10 11.56 53.06
CA PHE I 479 -68.06 12.55 53.25
C PHE I 479 -68.64 13.97 53.25
N ILE I 480 -69.58 14.22 52.35
CA ILE I 480 -70.20 15.55 52.27
C ILE I 480 -70.95 15.86 53.55
N ILE I 481 -71.69 14.89 54.09
CA ILE I 481 -72.43 15.10 55.32
C ILE I 481 -71.48 15.36 56.49
N LYS I 482 -70.41 14.58 56.58
CA LYS I 482 -69.46 14.78 57.66
C LYS I 482 -68.80 16.16 57.57
N ALA I 483 -68.40 16.55 56.36
CA ALA I 483 -67.77 17.87 56.18
C ALA I 483 -68.76 18.99 56.50
N SER I 484 -70.02 18.83 56.10
CA SER I 484 -71.03 19.84 56.42
C SER I 484 -71.24 19.97 57.92
N ALA I 485 -71.27 18.83 58.63
CA ALA I 485 -71.45 18.89 60.07
C ALA I 485 -70.26 19.57 60.75
N LEU I 486 -69.04 19.23 60.32
CA LEU I 486 -67.86 19.86 60.92
C LEU I 486 -67.81 21.35 60.61
N ALA I 487 -68.17 21.74 59.38
CA ALA I 487 -68.18 23.16 59.04
C ALA I 487 -69.27 23.89 59.81
N CYS I 488 -70.41 23.24 60.06
CA CYS I 488 -71.44 23.84 60.90
C CYS I 488 -70.95 24.03 62.33
N LEU I 489 -70.18 23.08 62.85
CA LEU I 489 -69.56 23.27 64.16
C LEU I 489 -68.61 24.46 64.16
N LYS I 490 -67.80 24.58 63.12
CA LYS I 490 -66.83 25.68 63.08
C LYS I 490 -67.51 27.03 62.91
N VAL I 491 -68.59 27.08 62.15
CA VAL I 491 -69.32 28.33 61.90
C VAL I 491 -70.77 28.12 62.32
N PRO I 492 -71.10 28.35 63.61
CA PRO I 492 -72.45 28.02 64.08
C PRO I 492 -73.55 28.90 63.52
N GLU I 493 -73.22 30.00 62.83
CA GLU I 493 -74.25 30.86 62.27
C GLU I 493 -75.09 30.12 61.23
N ALA I 494 -74.44 29.28 60.41
CA ALA I 494 -75.18 28.46 59.46
C ALA I 494 -76.03 27.41 60.16
N ASN I 495 -75.80 27.16 61.45
CA ASN I 495 -76.59 26.24 62.24
C ASN I 495 -77.58 26.97 63.16
N SER I 496 -78.17 28.05 62.69
CA SER I 496 -79.10 28.84 63.46
C SER I 496 -80.48 28.85 62.79
N SER I 497 -81.42 29.50 63.46
CA SER I 497 -82.78 29.64 62.97
C SER I 497 -83.33 30.99 63.41
N TRP I 498 -84.13 31.60 62.54
CA TRP I 498 -84.73 32.89 62.82
C TRP I 498 -86.15 32.69 63.36
N LEU I 499 -86.41 33.22 64.55
CA LEU I 499 -87.67 33.03 65.24
C LEU I 499 -88.36 34.36 65.50
N ASP I 500 -87.96 35.39 64.77
CA ASP I 500 -88.60 36.71 64.75
C ASP I 500 -88.39 37.49 66.04
N THR I 501 -87.83 36.85 67.06
CA THR I 501 -87.46 37.53 68.29
C THR I 501 -86.04 37.23 68.72
N VAL I 502 -85.57 36.00 68.53
CA VAL I 502 -84.20 35.59 68.84
C VAL I 502 -83.70 34.73 67.70
N ILE I 503 -82.37 34.60 67.63
CA ILE I 503 -81.72 33.72 66.67
C ILE I 503 -81.27 32.47 67.41
N ARG I 504 -82.00 31.38 67.22
CA ARG I 504 -81.71 30.13 67.93
C ARG I 504 -80.50 29.47 67.30
N GLN I 505 -79.39 29.44 68.03
CA GLN I 505 -78.14 28.87 67.53
C GLN I 505 -78.00 27.44 68.03
N ASN I 506 -78.35 26.47 67.19
CA ASN I 506 -78.32 25.08 67.61
C ASN I 506 -76.90 24.60 67.85
N HIS I 507 -76.69 23.93 68.98
CA HIS I 507 -75.38 23.38 69.31
C HIS I 507 -75.18 21.96 68.79
N VAL I 508 -76.22 21.31 68.30
CA VAL I 508 -76.11 20.01 67.67
C VAL I 508 -76.41 20.16 66.18
N VAL I 509 -75.86 19.25 65.38
CA VAL I 509 -75.99 19.30 63.93
C VAL I 509 -76.80 18.08 63.51
N ASP I 510 -78.06 18.30 63.16
CA ASP I 510 -78.94 17.26 62.63
C ASP I 510 -79.13 17.54 61.14
N ILE I 511 -78.49 16.72 60.30
CA ILE I 511 -78.44 16.97 58.87
C ILE I 511 -79.63 16.29 58.20
N SER I 512 -80.57 17.08 57.72
CA SER I 512 -81.59 16.54 56.83
C SER I 512 -80.97 16.24 55.48
N VAL I 513 -81.33 15.10 54.90
CA VAL I 513 -80.79 14.66 53.61
C VAL I 513 -81.95 14.50 52.65
N ALA I 514 -81.89 15.22 51.52
CA ALA I 514 -82.97 15.13 50.54
C ALA I 514 -82.93 13.79 49.84
N VAL I 515 -84.07 13.10 49.81
CA VAL I 515 -84.21 11.82 49.15
C VAL I 515 -85.43 11.90 48.24
N SER I 516 -85.27 11.48 46.99
CA SER I 516 -86.36 11.46 46.03
C SER I 516 -87.01 10.09 46.01
N THR I 517 -88.33 10.07 46.18
CA THR I 517 -89.16 8.88 46.20
C THR I 517 -90.30 9.10 45.23
N PRO I 518 -90.98 8.03 44.80
CA PRO I 518 -92.10 8.21 43.87
C PRO I 518 -93.19 9.12 44.40
N ALA I 519 -93.31 9.28 45.72
CA ALA I 519 -94.29 10.17 46.31
C ALA I 519 -93.81 11.60 46.44
N GLY I 520 -92.54 11.89 46.15
CA GLY I 520 -92.01 13.23 46.22
C GLY I 520 -90.67 13.30 46.91
N LEU I 521 -90.35 14.49 47.39
CA LEU I 521 -89.09 14.71 48.08
C LEU I 521 -89.31 14.64 49.60
N ILE I 522 -88.46 13.88 50.28
CA ILE I 522 -88.54 13.76 51.73
C ILE I 522 -87.14 14.00 52.31
N THR I 523 -87.09 14.31 53.60
CA THR I 523 -85.85 14.72 54.25
C THR I 523 -85.63 13.95 55.54
N PRO I 524 -85.18 12.70 55.46
CA PRO I 524 -84.76 11.99 56.66
C PRO I 524 -83.57 12.68 57.30
N ILE I 525 -83.53 12.66 58.64
CA ILE I 525 -82.56 13.43 59.42
C ILE I 525 -81.54 12.47 60.01
N VAL I 526 -80.26 12.74 59.73
CA VAL I 526 -79.15 12.07 60.41
C VAL I 526 -78.84 12.95 61.62
N PHE I 527 -79.17 12.44 62.81
CA PHE I 527 -78.96 13.20 64.03
C PHE I 527 -77.52 13.09 64.50
N ASN I 528 -76.99 14.18 65.07
CA ASN I 528 -75.65 14.22 65.63
C ASN I 528 -74.60 13.79 64.60
N ALA I 529 -74.73 14.33 63.38
CA ALA I 529 -73.76 14.03 62.34
C ALA I 529 -72.39 14.64 62.66
N HIS I 530 -72.34 15.57 63.61
CA HIS I 530 -71.07 16.17 63.98
C HIS I 530 -70.23 15.22 64.82
N ILE I 531 -70.85 14.22 65.44
CA ILE I 531 -70.12 13.25 66.25
C ILE I 531 -70.20 11.83 65.68
N LYS I 532 -71.13 11.56 64.77
CA LYS I 532 -71.19 10.25 64.13
C LYS I 532 -70.01 10.07 63.19
N GLY I 533 -69.56 8.82 63.05
CA GLY I 533 -68.50 8.52 62.11
C GLY I 533 -69.02 8.28 60.71
N LEU I 534 -68.07 8.07 59.78
CA LEU I 534 -68.45 7.86 58.39
C LEU I 534 -69.24 6.58 58.21
N GLU I 535 -68.83 5.50 58.89
CA GLU I 535 -69.60 4.25 58.82
C GLU I 535 -71.00 4.43 59.39
N THR I 536 -71.11 5.09 60.54
CA THR I 536 -72.41 5.32 61.14
C THR I 536 -73.28 6.20 60.25
N ILE I 537 -72.69 7.24 59.66
CA ILE I 537 -73.43 8.11 58.76
C ILE I 537 -73.93 7.34 57.55
N ALA I 538 -73.06 6.52 56.96
CA ALA I 538 -73.45 5.75 55.78
C ALA I 538 -74.57 4.77 56.09
N ASN I 539 -74.44 4.06 57.21
CA ASN I 539 -75.48 3.09 57.59
C ASN I 539 -76.80 3.79 57.89
N ASP I 540 -76.74 4.92 58.60
CA ASP I 540 -77.96 5.67 58.91
C ASP I 540 -78.62 6.18 57.64
N VAL I 541 -77.82 6.69 56.69
CA VAL I 541 -78.37 7.20 55.44
C VAL I 541 -79.01 6.07 54.65
N VAL I 542 -78.36 4.91 54.59
CA VAL I 542 -78.93 3.79 53.85
C VAL I 542 -80.25 3.35 54.47
N SER I 543 -80.27 3.21 55.79
CA SER I 543 -81.49 2.77 56.48
C SER I 543 -82.62 3.77 56.29
N LEU I 544 -82.33 5.07 56.45
CA LEU I 544 -83.36 6.09 56.32
C LEU I 544 -83.83 6.21 54.87
N ALA I 545 -82.94 6.03 53.90
CA ALA I 545 -83.35 6.08 52.50
C ALA I 545 -84.25 4.90 52.17
N THR I 546 -83.93 3.71 52.67
CA THR I 546 -84.81 2.57 52.46
C THR I 546 -86.17 2.80 53.10
N LYS I 547 -86.19 3.35 54.32
CA LYS I 547 -87.45 3.65 54.99
C LYS I 547 -88.26 4.67 54.21
N ALA I 548 -87.59 5.69 53.66
CA ALA I 548 -88.27 6.71 52.88
C ALA I 548 -88.86 6.13 51.60
N ARG I 549 -88.08 5.30 50.89
CA ARG I 549 -88.56 4.72 49.65
C ARG I 549 -89.72 3.77 49.88
N GLU I 550 -89.70 3.02 50.98
CA GLU I 550 -90.79 2.10 51.28
C GLU I 550 -91.90 2.74 52.09
N GLY I 551 -91.77 4.02 52.47
CA GLY I 551 -92.88 4.76 53.05
C GLY I 551 -93.17 4.49 54.51
N LYS I 552 -92.16 4.13 55.30
CA LYS I 552 -92.36 3.93 56.73
C LYS I 552 -91.67 4.96 57.61
N LEU I 553 -91.35 6.14 57.07
CA LEU I 553 -90.71 7.16 57.90
C LEU I 553 -91.68 7.72 58.93
N GLN I 554 -91.24 7.75 60.18
CA GLN I 554 -92.01 8.39 61.24
C GLN I 554 -91.84 9.90 61.17
N PRO I 555 -92.83 10.66 61.64
CA PRO I 555 -92.73 12.14 61.55
C PRO I 555 -91.50 12.72 62.23
N HIS I 556 -91.07 12.13 63.36
CA HIS I 556 -89.89 12.65 64.03
C HIS I 556 -88.60 12.36 63.26
N GLU I 557 -88.64 11.41 62.33
CA GLU I 557 -87.45 11.06 61.56
C GLU I 557 -87.24 11.96 60.35
N PHE I 558 -88.20 12.82 60.00
CA PHE I 558 -88.01 13.77 58.92
C PHE I 558 -88.48 15.18 59.23
N GLN I 559 -89.01 15.44 60.42
CA GLN I 559 -89.39 16.79 60.82
C GLN I 559 -88.32 17.36 61.75
N GLY I 560 -87.86 18.57 61.45
CA GLY I 560 -86.84 19.21 62.26
C GLY I 560 -85.54 19.42 61.50
N GLY I 561 -84.42 19.15 62.15
CA GLY I 561 -83.12 19.35 61.55
C GLY I 561 -82.63 20.78 61.68
N THR I 562 -81.32 20.95 61.49
CA THR I 562 -80.69 22.26 61.56
C THR I 562 -79.99 22.67 60.27
N PHE I 563 -79.68 21.72 59.40
CA PHE I 563 -79.00 21.99 58.14
C PHE I 563 -79.40 20.90 57.16
N THR I 564 -79.62 21.29 55.91
CA THR I 564 -80.12 20.38 54.89
C THR I 564 -79.09 20.21 53.79
N ILE I 565 -79.00 19.01 53.24
CA ILE I 565 -78.14 18.70 52.10
C ILE I 565 -78.98 18.05 51.02
N SER I 566 -78.99 18.66 49.84
CA SER I 566 -79.69 18.12 48.68
C SER I 566 -78.66 17.84 47.59
N ASN I 567 -78.51 16.57 47.23
CA ASN I 567 -77.48 16.13 46.29
C ASN I 567 -78.18 15.65 45.02
N LEU I 568 -77.84 16.26 43.89
CA LEU I 568 -78.35 15.83 42.59
C LEU I 568 -77.23 15.49 41.62
N GLY I 569 -76.04 15.15 42.13
CA GLY I 569 -74.94 14.82 41.26
C GLY I 569 -75.14 13.50 40.52
N MET I 570 -75.92 12.60 41.11
CA MET I 570 -76.19 11.32 40.45
C MET I 570 -77.06 11.49 39.20
N PHE I 571 -77.70 12.64 39.04
CA PHE I 571 -78.52 12.93 37.87
C PHE I 571 -77.80 13.77 36.83
N GLY I 572 -76.52 14.07 37.04
CA GLY I 572 -75.76 14.81 36.05
C GLY I 572 -75.87 16.31 36.14
N ILE I 573 -76.46 16.86 37.20
CA ILE I 573 -76.57 18.30 37.34
C ILE I 573 -75.22 18.88 37.70
N LYS I 574 -74.77 19.88 36.93
CA LYS I 574 -73.51 20.54 37.24
C LYS I 574 -73.59 21.29 38.56
N ASN I 575 -74.62 22.12 38.72
CA ASN I 575 -74.90 22.77 39.99
C ASN I 575 -76.34 23.26 39.98
N PHE I 576 -76.86 23.56 41.16
CA PHE I 576 -78.23 24.05 41.27
C PHE I 576 -78.40 24.82 42.57
N SER I 577 -79.46 25.60 42.64
CA SER I 577 -79.79 26.40 43.82
C SER I 577 -81.08 25.85 44.41
N ALA I 578 -81.04 25.48 45.69
CA ALA I 578 -82.19 24.86 46.33
C ALA I 578 -82.98 25.88 47.15
N ILE I 579 -84.08 25.41 47.71
CA ILE I 579 -84.93 26.23 48.56
C ILE I 579 -84.70 25.84 50.01
N ILE I 580 -84.48 26.84 50.87
CA ILE I 580 -84.21 26.57 52.27
C ILE I 580 -85.44 25.94 52.93
N ASN I 581 -85.23 24.83 53.63
CA ASN I 581 -86.29 24.16 54.35
C ASN I 581 -86.50 24.85 55.69
N PRO I 582 -87.67 25.43 55.94
CA PRO I 582 -87.87 26.19 57.18
C PRO I 582 -87.92 25.27 58.39
N PRO I 583 -87.55 25.77 59.57
CA PRO I 583 -87.06 27.11 59.87
C PRO I 583 -85.54 27.21 59.83
N GLN I 584 -84.87 26.34 59.08
CA GLN I 584 -83.42 26.36 59.03
C GLN I 584 -82.92 27.61 58.29
N ALA I 585 -81.61 27.84 58.38
CA ALA I 585 -81.01 29.03 57.81
C ALA I 585 -80.21 28.78 56.54
N CYS I 586 -79.91 27.51 56.22
CA CYS I 586 -79.08 27.20 55.06
C CYS I 586 -79.50 25.86 54.48
N ILE I 587 -79.08 25.64 53.23
CA ILE I 587 -79.22 24.36 52.56
C ILE I 587 -78.09 24.23 51.54
N LEU I 588 -77.39 23.11 51.55
CA LEU I 588 -76.27 22.87 50.67
C LEU I 588 -76.72 22.05 49.47
N ALA I 589 -76.61 22.64 48.28
CA ALA I 589 -76.97 21.97 47.04
C ALA I 589 -75.70 21.44 46.38
N VAL I 590 -75.67 20.14 46.13
CA VAL I 590 -74.47 19.46 45.63
C VAL I 590 -74.76 18.98 44.21
N GLY I 591 -73.84 19.29 43.29
CA GLY I 591 -73.95 18.86 41.91
C GLY I 591 -73.01 17.70 41.59
N ALA I 592 -72.87 17.45 40.29
CA ALA I 592 -72.06 16.33 39.84
C ALA I 592 -70.57 16.65 39.92
N SER I 593 -69.77 15.60 40.07
CA SER I 593 -68.32 15.76 40.02
C SER I 593 -67.81 15.40 38.64
N GLU I 594 -67.02 16.30 38.06
CA GLU I 594 -66.55 16.15 36.69
C GLU I 594 -65.06 16.45 36.63
N ASP I 595 -64.39 15.89 35.62
CA ASP I 595 -62.96 16.09 35.43
C ASP I 595 -62.72 17.40 34.68
N ARG I 596 -61.85 18.23 35.22
CA ARG I 596 -61.52 19.52 34.61
C ARG I 596 -60.01 19.71 34.59
N LEU I 597 -59.53 20.35 33.52
CA LEU I 597 -58.12 20.63 33.38
C LEU I 597 -57.74 21.89 34.17
N PHE I 598 -56.58 21.85 34.82
CA PHE I 598 -56.13 22.97 35.61
C PHE I 598 -54.63 23.19 35.40
N PRO I 599 -54.18 24.45 35.42
CA PRO I 599 -52.75 24.72 35.25
C PRO I 599 -51.92 24.08 36.37
N ALA I 600 -50.74 23.59 36.00
CA ALA I 600 -49.83 22.98 36.95
C ALA I 600 -48.40 23.22 36.50
N ASP I 601 -47.47 23.19 37.46
CA ASP I 601 -46.06 23.41 37.19
C ASP I 601 -45.40 22.08 36.83
N ASN I 602 -45.82 21.52 35.70
CA ASN I 602 -45.27 20.28 35.19
C ASN I 602 -44.97 20.43 33.71
N GLU I 603 -44.41 19.37 33.13
CA GLU I 603 -44.02 19.41 31.72
C GLU I 603 -45.22 19.62 30.80
N LYS I 604 -46.33 18.91 31.07
CA LYS I 604 -47.52 19.06 30.25
C LYS I 604 -48.18 20.41 30.41
N GLY I 605 -47.93 21.11 31.51
CA GLY I 605 -48.54 22.40 31.75
C GLY I 605 -49.91 22.35 32.37
N PHE I 606 -50.45 21.16 32.61
CA PHE I 606 -51.79 21.03 33.18
C PHE I 606 -51.92 19.70 33.90
N ASP I 607 -52.98 19.60 34.71
CA ASP I 607 -53.33 18.39 35.43
C ASP I 607 -54.84 18.18 35.33
N VAL I 608 -55.27 16.97 35.70
CA VAL I 608 -56.68 16.61 35.68
C VAL I 608 -57.13 16.38 37.10
N ALA I 609 -58.14 17.12 37.54
CA ALA I 609 -58.69 17.02 38.89
C ALA I 609 -60.19 16.92 38.81
N SER I 610 -60.76 16.03 39.61
CA SER I 610 -62.21 15.86 39.67
C SER I 610 -62.79 16.83 40.68
N MET I 611 -63.45 17.88 40.19
CA MET I 611 -64.07 18.89 41.04
C MET I 611 -65.58 18.71 41.08
N MET I 612 -66.18 19.07 42.21
CA MET I 612 -67.62 19.06 42.41
C MET I 612 -68.05 20.45 42.85
N SER I 613 -69.07 21.00 42.20
CA SER I 613 -69.53 22.34 42.49
C SER I 613 -70.67 22.30 43.50
N VAL I 614 -70.52 23.06 44.59
CA VAL I 614 -71.53 23.11 45.64
C VAL I 614 -72.04 24.54 45.78
N THR I 615 -73.35 24.66 45.91
CA THR I 615 -74.02 25.95 46.05
C THR I 615 -74.80 25.96 47.36
N LEU I 616 -74.41 26.84 48.26
CA LEU I 616 -75.07 27.00 49.55
C LEU I 616 -76.05 28.17 49.46
N SER I 617 -77.32 27.90 49.75
CA SER I 617 -78.34 28.93 49.80
C SER I 617 -78.56 29.34 51.26
N CYS I 618 -78.40 30.62 51.55
CA CYS I 618 -78.39 31.11 52.92
C CYS I 618 -79.50 32.12 53.13
N ASP I 619 -80.06 32.11 54.33
CA ASP I 619 -80.98 33.15 54.80
C ASP I 619 -80.16 34.37 55.19
N HIS I 620 -80.34 35.47 54.45
CA HIS I 620 -79.53 36.65 54.69
C HIS I 620 -79.84 37.34 56.00
N ARG I 621 -80.95 36.99 56.66
CA ARG I 621 -81.22 37.56 57.99
C ARG I 621 -80.26 37.03 59.03
N VAL I 622 -79.89 35.75 58.93
CA VAL I 622 -79.00 35.10 59.89
C VAL I 622 -77.57 35.04 59.39
N VAL I 623 -77.37 34.59 58.16
CA VAL I 623 -76.05 34.37 57.59
C VAL I 623 -75.80 35.45 56.54
N ASP I 624 -74.82 36.31 56.80
CA ASP I 624 -74.43 37.28 55.79
C ASP I 624 -73.37 36.68 54.85
N GLY I 625 -72.94 37.49 53.89
CA GLY I 625 -72.07 36.98 52.84
C GLY I 625 -70.75 36.47 53.38
N ALA I 626 -70.13 37.22 54.30
CA ALA I 626 -68.85 36.80 54.85
C ALA I 626 -68.97 35.49 55.62
N VAL I 627 -70.04 35.33 56.40
CA VAL I 627 -70.23 34.11 57.17
C VAL I 627 -70.48 32.92 56.24
N GLY I 628 -71.32 33.11 55.22
CA GLY I 628 -71.53 32.03 54.26
C GLY I 628 -70.26 31.63 53.54
N ALA I 629 -69.46 32.62 53.15
CA ALA I 629 -68.19 32.33 52.49
C ALA I 629 -67.23 31.60 53.41
N GLN I 630 -67.20 31.98 54.70
CA GLN I 630 -66.36 31.28 55.66
C GLN I 630 -66.81 29.83 55.83
N TRP I 631 -68.12 29.60 55.89
CA TRP I 631 -68.63 28.23 55.99
C TRP I 631 -68.21 27.42 54.78
N LEU I 632 -68.36 27.99 53.58
CA LEU I 632 -67.98 27.27 52.37
C LEU I 632 -66.48 27.00 52.34
N ALA I 633 -65.68 27.94 52.84
CA ALA I 633 -64.23 27.73 52.90
C ALA I 633 -63.87 26.58 53.83
N GLU I 634 -64.48 26.51 55.01
CA GLU I 634 -64.21 25.40 55.92
C GLU I 634 -64.67 24.08 55.31
N PHE I 635 -65.84 24.07 54.68
CA PHE I 635 -66.34 22.86 54.04
C PHE I 635 -65.38 22.38 52.95
N ARG I 636 -64.89 23.32 52.13
CA ARG I 636 -63.95 22.98 51.08
C ARG I 636 -62.64 22.46 51.64
N LYS I 637 -62.13 23.08 52.70
CA LYS I 637 -60.89 22.60 53.31
C LYS I 637 -61.05 21.19 53.83
N TYR I 638 -62.17 20.92 54.53
CA TYR I 638 -62.42 19.59 55.05
C TYR I 638 -62.48 18.56 53.93
N LEU I 639 -63.13 18.90 52.82
CA LEU I 639 -63.26 17.91 51.75
C LEU I 639 -61.95 17.73 50.98
N GLU I 640 -61.18 18.80 50.76
CA GLU I 640 -59.93 18.65 50.03
C GLU I 640 -58.84 17.98 50.86
N LYS I 641 -58.94 18.01 52.19
CA LYS I 641 -58.05 17.22 53.04
C LYS I 641 -58.89 16.44 54.04
N PRO I 642 -59.30 15.22 53.68
CA PRO I 642 -60.17 14.44 54.58
C PRO I 642 -59.53 14.13 55.92
N ILE I 643 -58.21 14.02 55.97
CA ILE I 643 -57.52 13.73 57.23
C ILE I 643 -57.71 14.87 58.23
N THR I 644 -58.08 16.06 57.76
CA THR I 644 -58.41 17.15 58.67
C THR I 644 -59.75 16.97 59.35
N MET I 645 -60.58 16.02 58.91
CA MET I 645 -61.81 15.73 59.64
C MET I 645 -61.55 15.02 60.96
N LEU I 646 -60.31 14.57 61.20
CA LEU I 646 -59.95 14.01 62.49
C LEU I 646 -59.78 15.08 63.57
N LEU I 647 -59.61 16.34 63.19
CA LEU I 647 -59.50 17.43 64.14
C LEU I 647 -60.81 17.65 64.90
N PHE J 420 -95.55 -51.74 -18.77
CA PHE J 420 -94.57 -52.71 -19.25
C PHE J 420 -94.89 -53.17 -20.67
N THR J 421 -93.97 -53.90 -21.26
CA THR J 421 -94.13 -54.46 -22.60
C THR J 421 -93.66 -55.91 -22.59
N ASP J 422 -94.50 -56.80 -23.11
CA ASP J 422 -94.19 -58.23 -23.15
C ASP J 422 -93.58 -58.55 -24.51
N ILE J 423 -92.28 -58.83 -24.54
CA ILE J 423 -91.56 -59.18 -25.76
C ILE J 423 -91.59 -60.70 -25.90
N PRO J 424 -92.16 -61.25 -26.97
CA PRO J 424 -92.19 -62.71 -27.13
C PRO J 424 -90.78 -63.28 -27.22
N ILE J 425 -90.61 -64.48 -26.66
CA ILE J 425 -89.31 -65.15 -26.67
C ILE J 425 -89.19 -65.96 -27.94
N SER J 426 -88.13 -65.70 -28.71
CA SER J 426 -87.89 -66.47 -29.92
C SER J 426 -87.41 -67.88 -29.57
N ASN J 427 -87.49 -68.78 -30.56
CA ASN J 427 -87.05 -70.15 -30.34
C ASN J 427 -85.54 -70.22 -30.13
N ILE J 428 -84.78 -69.36 -30.82
CA ILE J 428 -83.33 -69.30 -30.61
C ILE J 428 -83.02 -68.90 -29.17
N ARG J 429 -83.72 -67.87 -28.68
CA ARG J 429 -83.51 -67.44 -27.30
C ARG J 429 -83.94 -68.52 -26.32
N ARG J 430 -85.01 -69.25 -26.64
CA ARG J 430 -85.44 -70.35 -25.78
C ARG J 430 -84.37 -71.44 -25.72
N VAL J 431 -83.77 -71.75 -26.86
CA VAL J 431 -82.71 -72.76 -26.89
C VAL J 431 -81.51 -72.29 -26.07
N ILE J 432 -81.12 -71.02 -26.22
CA ILE J 432 -79.99 -70.49 -25.46
C ILE J 432 -80.28 -70.54 -23.97
N ALA J 433 -81.49 -70.14 -23.58
CA ALA J 433 -81.88 -70.15 -22.17
C ALA J 433 -81.88 -71.56 -21.62
N GLN J 434 -82.38 -72.52 -22.40
CA GLN J 434 -82.40 -73.91 -21.95
C GLN J 434 -80.98 -74.45 -21.78
N ARG J 435 -80.08 -74.11 -22.70
CA ARG J 435 -78.69 -74.53 -22.56
C ARG J 435 -78.05 -73.93 -21.31
N LEU J 436 -78.31 -72.65 -21.05
CA LEU J 436 -77.76 -72.01 -19.85
C LEU J 436 -78.32 -72.62 -18.58
N MET J 437 -79.63 -72.92 -18.58
CA MET J 437 -80.24 -73.60 -17.44
C MET J 437 -79.59 -74.95 -17.21
N GLN J 438 -79.40 -75.72 -18.28
CA GLN J 438 -78.79 -77.04 -18.15
C GLN J 438 -77.38 -76.92 -17.59
N SER J 439 -76.61 -75.95 -18.09
CA SER J 439 -75.25 -75.76 -17.60
C SER J 439 -75.25 -75.44 -16.10
N LYS J 440 -76.09 -74.49 -15.68
CA LYS J 440 -76.05 -74.07 -14.28
C LYS J 440 -76.65 -75.10 -13.34
N GLN J 441 -77.51 -76.00 -13.86
CA GLN J 441 -78.09 -77.03 -12.99
C GLN J 441 -77.24 -78.29 -12.94
N THR J 442 -76.49 -78.61 -14.00
CA THR J 442 -75.77 -79.86 -14.03
C THR J 442 -74.26 -79.72 -13.84
N ILE J 443 -73.70 -78.52 -14.00
CA ILE J 443 -72.27 -78.31 -13.90
C ILE J 443 -71.98 -77.52 -12.61
N PRO J 444 -71.29 -78.11 -11.63
CA PRO J 444 -70.94 -77.35 -10.42
C PRO J 444 -69.81 -76.37 -10.65
N HIS J 445 -70.15 -75.17 -11.11
CA HIS J 445 -69.14 -74.18 -11.44
C HIS J 445 -68.36 -73.75 -10.20
N TYR J 446 -67.08 -73.47 -10.38
CA TYR J 446 -66.30 -72.71 -9.41
C TYR J 446 -65.26 -71.88 -10.14
N TYR J 447 -64.99 -70.68 -9.63
CA TYR J 447 -64.30 -69.65 -10.38
C TYR J 447 -62.97 -69.32 -9.73
N LEU J 448 -61.91 -69.22 -10.55
CA LEU J 448 -60.59 -68.81 -10.08
C LEU J 448 -60.10 -67.63 -10.92
N SER J 449 -59.63 -66.58 -10.26
CA SER J 449 -59.23 -65.36 -10.93
C SER J 449 -57.77 -65.04 -10.67
N VAL J 450 -57.07 -64.56 -11.70
CA VAL J 450 -55.69 -64.10 -11.59
C VAL J 450 -55.51 -62.84 -12.41
N ASP J 451 -54.36 -62.20 -12.22
CA ASP J 451 -53.96 -61.03 -12.99
C ASP J 451 -52.72 -61.34 -13.83
N VAL J 452 -52.76 -60.90 -15.09
CA VAL J 452 -51.70 -61.17 -16.05
C VAL J 452 -51.12 -59.85 -16.53
N ASN J 453 -49.79 -59.74 -16.52
CA ASN J 453 -49.11 -58.53 -16.97
C ASN J 453 -49.07 -58.54 -18.50
N MET J 454 -49.57 -57.45 -19.10
CA MET J 454 -49.77 -57.39 -20.54
C MET J 454 -48.71 -56.57 -21.28
N GLY J 455 -47.68 -56.08 -20.58
CA GLY J 455 -46.71 -55.21 -21.25
C GLY J 455 -45.94 -55.90 -22.34
N GLU J 456 -45.44 -57.10 -22.07
CA GLU J 456 -44.69 -57.84 -23.07
C GLU J 456 -45.57 -58.23 -24.25
N VAL J 457 -46.82 -58.61 -23.98
CA VAL J 457 -47.74 -58.93 -25.06
C VAL J 457 -47.99 -57.71 -25.93
N LEU J 458 -48.18 -56.55 -25.31
CA LEU J 458 -48.40 -55.32 -26.09
C LEU J 458 -47.19 -54.98 -26.94
N LEU J 459 -45.99 -55.10 -26.38
CA LEU J 459 -44.78 -54.80 -27.16
C LEU J 459 -44.63 -55.76 -28.33
N VAL J 460 -44.81 -57.06 -28.08
CA VAL J 460 -44.69 -58.05 -29.15
C VAL J 460 -45.76 -57.83 -30.21
N ARG J 461 -46.97 -57.49 -29.79
CA ARG J 461 -48.05 -57.25 -30.74
C ARG J 461 -47.75 -56.03 -31.60
N LYS J 462 -47.22 -54.97 -31.01
CA LYS J 462 -46.85 -53.79 -31.78
C LYS J 462 -45.77 -54.12 -32.81
N GLU J 463 -44.75 -54.87 -32.40
CA GLU J 463 -43.69 -55.26 -33.33
C GLU J 463 -44.24 -56.12 -34.46
N LEU J 464 -45.08 -57.09 -34.13
CA LEU J 464 -45.66 -57.97 -35.15
C LEU J 464 -46.54 -57.20 -36.12
N ASN J 465 -47.35 -56.27 -35.61
CA ASN J 465 -48.19 -55.45 -36.47
C ASN J 465 -47.34 -54.58 -37.39
N LYS J 466 -46.24 -54.02 -36.88
CA LYS J 466 -45.35 -53.23 -37.72
C LYS J 466 -44.72 -54.09 -38.82
N MET J 467 -44.31 -55.31 -38.49
CA MET J 467 -43.78 -56.21 -39.52
C MET J 467 -44.84 -56.59 -40.55
N LEU J 468 -46.10 -56.78 -40.13
CA LEU J 468 -47.13 -57.21 -41.07
C LEU J 468 -47.36 -56.23 -42.21
N GLU J 469 -47.09 -54.93 -41.99
CA GLU J 469 -47.23 -53.92 -43.03
C GLU J 469 -48.64 -53.88 -43.62
N GLY J 470 -49.64 -54.07 -42.76
CA GLY J 470 -51.02 -53.97 -43.15
C GLY J 470 -51.62 -55.20 -43.77
N ARG J 471 -50.84 -56.27 -43.96
CA ARG J 471 -51.40 -57.50 -44.50
C ARG J 471 -52.41 -58.12 -43.54
N SER J 472 -52.12 -58.05 -42.24
CA SER J 472 -53.05 -58.49 -41.20
C SER J 472 -52.81 -57.65 -39.95
N LYS J 473 -53.71 -57.81 -38.99
CA LYS J 473 -53.61 -57.11 -37.71
C LYS J 473 -53.90 -58.11 -36.60
N ILE J 474 -52.98 -58.22 -35.64
CA ILE J 474 -53.18 -59.14 -34.52
C ILE J 474 -53.71 -58.37 -33.32
N SER J 475 -54.79 -58.87 -32.73
CA SER J 475 -55.36 -58.30 -31.52
C SER J 475 -54.89 -59.08 -30.30
N VAL J 476 -55.14 -58.50 -29.12
CA VAL J 476 -54.76 -59.15 -27.87
C VAL J 476 -55.53 -60.44 -27.69
N ASN J 477 -56.73 -60.53 -28.25
CA ASN J 477 -57.51 -61.76 -28.14
C ASN J 477 -56.84 -62.91 -28.88
N ASP J 478 -56.08 -62.63 -29.93
CA ASP J 478 -55.34 -63.68 -30.61
C ASP J 478 -54.25 -64.26 -29.70
N PHE J 479 -53.51 -63.39 -29.01
CA PHE J 479 -52.55 -63.86 -28.03
C PHE J 479 -53.24 -64.67 -26.93
N ILE J 480 -54.41 -64.21 -26.48
CA ILE J 480 -55.14 -64.91 -25.44
C ILE J 480 -55.56 -66.30 -25.92
N ILE J 481 -56.04 -66.40 -27.16
CA ILE J 481 -56.45 -67.69 -27.70
C ILE J 481 -55.25 -68.63 -27.82
N LYS J 482 -54.12 -68.12 -28.31
CA LYS J 482 -52.94 -68.97 -28.43
C LYS J 482 -52.46 -69.45 -27.07
N ALA J 483 -52.43 -68.55 -26.09
CA ALA J 483 -52.00 -68.94 -24.74
C ALA J 483 -52.96 -69.95 -24.13
N SER J 484 -54.27 -69.76 -24.34
CA SER J 484 -55.25 -70.72 -23.83
C SER J 484 -55.07 -72.09 -24.45
N ALA J 485 -54.81 -72.13 -25.77
CA ALA J 485 -54.60 -73.42 -26.42
C ALA J 485 -53.35 -74.11 -25.90
N LEU J 486 -52.25 -73.36 -25.74
CA LEU J 486 -51.03 -73.97 -25.23
C LEU J 486 -51.20 -74.44 -23.79
N ALA J 487 -51.90 -73.66 -22.96
CA ALA J 487 -52.13 -74.07 -21.58
C ALA J 487 -53.05 -75.30 -21.54
N CYS J 488 -54.01 -75.39 -22.45
CA CYS J 488 -54.83 -76.59 -22.54
C CYS J 488 -54.01 -77.80 -22.93
N LEU J 489 -53.05 -77.63 -23.83
CA LEU J 489 -52.13 -78.72 -24.15
C LEU J 489 -51.32 -79.14 -22.92
N LYS J 490 -50.83 -78.17 -22.16
CA LYS J 490 -50.00 -78.50 -20.99
C LYS J 490 -50.83 -79.16 -19.89
N VAL J 491 -52.07 -78.74 -19.73
CA VAL J 491 -52.96 -79.28 -18.69
C VAL J 491 -54.22 -79.81 -19.36
N PRO J 492 -54.22 -81.07 -19.83
CA PRO J 492 -55.36 -81.55 -20.62
C PRO J 492 -56.65 -81.72 -19.83
N GLU J 493 -56.61 -81.62 -18.50
CA GLU J 493 -57.82 -81.77 -17.71
C GLU J 493 -58.83 -80.67 -18.04
N ALA J 494 -58.35 -79.44 -18.25
CA ALA J 494 -59.24 -78.36 -18.68
C ALA J 494 -59.77 -78.58 -20.08
N ASN J 495 -59.19 -79.51 -20.84
CA ASN J 495 -59.65 -79.87 -22.16
C ASN J 495 -60.43 -81.19 -22.17
N SER J 496 -61.22 -81.44 -21.14
CA SER J 496 -61.98 -82.66 -21.00
C SER J 496 -63.48 -82.35 -20.98
N SER J 497 -64.27 -83.41 -20.94
CA SER J 497 -65.72 -83.31 -20.87
C SER J 497 -66.26 -84.46 -20.03
N TRP J 498 -67.32 -84.17 -19.26
CA TRP J 498 -67.94 -85.16 -18.40
C TRP J 498 -69.14 -85.78 -19.12
N LEU J 499 -69.12 -87.10 -19.27
CA LEU J 499 -70.14 -87.82 -20.03
C LEU J 499 -70.86 -88.83 -19.14
N ASP J 500 -70.75 -88.66 -17.83
CA ASP J 500 -71.50 -89.41 -16.82
C ASP J 500 -71.03 -90.86 -16.69
N THR J 501 -70.17 -91.30 -17.60
CA THR J 501 -69.55 -92.62 -17.50
C THR J 501 -68.04 -92.57 -17.66
N VAL J 502 -67.54 -91.71 -18.54
CA VAL J 502 -66.10 -91.52 -18.75
C VAL J 502 -65.83 -90.02 -18.86
N ILE J 503 -64.57 -89.66 -18.66
CA ILE J 503 -64.11 -88.29 -18.84
C ILE J 503 -63.37 -88.22 -20.16
N ARG J 504 -64.01 -87.64 -21.17
CA ARG J 504 -63.44 -87.57 -22.51
C ARG J 504 -62.38 -86.48 -22.54
N GLN J 505 -61.12 -86.88 -22.67
CA GLN J 505 -60.00 -85.95 -22.67
C GLN J 505 -59.60 -85.63 -24.10
N ASN J 506 -60.06 -84.50 -24.62
CA ASN J 506 -59.80 -84.16 -26.01
C ASN J 506 -58.32 -83.86 -26.23
N HIS J 507 -57.77 -84.44 -27.29
CA HIS J 507 -56.37 -84.21 -27.64
C HIS J 507 -56.18 -83.02 -28.59
N VAL J 508 -57.25 -82.47 -29.13
CA VAL J 508 -57.19 -81.27 -29.95
C VAL J 508 -57.88 -80.14 -29.19
N VAL J 509 -57.48 -78.91 -29.49
CA VAL J 509 -57.99 -77.73 -28.80
C VAL J 509 -58.77 -76.92 -29.83
N ASP J 510 -60.09 -76.95 -29.75
CA ASP J 510 -60.97 -76.15 -30.58
C ASP J 510 -61.57 -75.06 -29.69
N ILE J 511 -61.10 -73.83 -29.87
CA ILE J 511 -61.46 -72.73 -28.98
C ILE J 511 -62.71 -72.04 -29.51
N SER J 512 -63.82 -72.20 -28.81
CA SER J 512 -64.98 -71.36 -29.07
C SER J 512 -64.70 -69.95 -28.58
N VAL J 513 -65.10 -68.96 -29.37
CA VAL J 513 -64.88 -67.55 -29.04
C VAL J 513 -66.24 -66.87 -28.98
N ALA J 514 -66.54 -66.26 -27.83
CA ALA J 514 -67.83 -65.59 -27.67
C ALA J 514 -67.85 -64.32 -28.50
N VAL J 515 -68.88 -64.16 -29.32
CA VAL J 515 -69.08 -62.99 -30.15
C VAL J 515 -70.49 -62.48 -29.91
N SER J 516 -70.62 -61.18 -29.66
CA SER J 516 -71.92 -60.56 -29.46
C SER J 516 -72.43 -59.98 -30.77
N THR J 517 -73.64 -60.36 -31.14
CA THR J 517 -74.33 -59.93 -32.35
C THR J 517 -75.70 -59.42 -31.95
N PRO J 518 -76.36 -58.65 -32.82
CA PRO J 518 -77.70 -58.16 -32.47
C PRO J 518 -78.70 -59.26 -32.16
N ALA J 519 -78.48 -60.48 -32.65
CA ALA J 519 -79.35 -61.60 -32.37
C ALA J 519 -78.99 -62.34 -31.09
N GLY J 520 -77.87 -62.00 -30.44
CA GLY J 520 -77.47 -62.63 -29.21
C GLY J 520 -76.00 -63.01 -29.19
N LEU J 521 -75.68 -63.95 -28.31
CA LEU J 521 -74.31 -64.42 -28.18
C LEU J 521 -74.11 -65.70 -28.99
N ILE J 522 -73.05 -65.74 -29.78
CA ILE J 522 -72.74 -66.93 -30.57
C ILE J 522 -71.27 -67.28 -30.34
N THR J 523 -70.91 -68.53 -30.65
CA THR J 523 -69.58 -69.05 -30.34
C THR J 523 -68.95 -69.72 -31.56
N PRO J 524 -68.43 -68.94 -32.50
CA PRO J 524 -67.65 -69.54 -33.58
C PRO J 524 -66.40 -70.20 -33.03
N ILE J 525 -66.01 -71.32 -33.66
CA ILE J 525 -64.95 -72.18 -33.15
C ILE J 525 -63.72 -72.02 -34.04
N VAL J 526 -62.59 -71.68 -33.41
CA VAL J 526 -61.28 -71.72 -34.07
C VAL J 526 -60.75 -73.13 -33.80
N PHE J 527 -60.70 -73.94 -34.86
CA PHE J 527 -60.25 -75.32 -34.73
C PHE J 527 -58.73 -75.39 -34.73
N ASN J 528 -58.18 -76.33 -33.95
CA ASN J 528 -56.75 -76.57 -33.89
C ASN J 528 -55.97 -75.29 -33.57
N ALA J 529 -56.47 -74.55 -32.57
CA ALA J 529 -55.78 -73.35 -32.14
C ALA J 529 -54.44 -73.66 -31.48
N HIS J 530 -54.23 -74.92 -31.11
CA HIS J 530 -52.96 -75.30 -30.49
C HIS J 530 -51.85 -75.39 -31.52
N ILE J 531 -52.19 -75.54 -32.80
CA ILE J 531 -51.19 -75.60 -33.86
C ILE J 531 -51.28 -74.42 -34.84
N LYS J 532 -52.39 -73.69 -34.84
CA LYS J 532 -52.49 -72.51 -35.69
C LYS J 532 -51.59 -71.40 -35.17
N GLY J 533 -51.08 -70.58 -36.08
CA GLY J 533 -50.28 -69.44 -35.69
C GLY J 533 -51.12 -68.23 -35.35
N LEU J 534 -50.43 -67.16 -34.91
CA LEU J 534 -51.14 -65.95 -34.52
C LEU J 534 -51.83 -65.30 -35.71
N GLU J 535 -51.16 -65.26 -36.87
CA GLU J 535 -51.80 -64.72 -38.07
C GLU J 535 -53.02 -65.55 -38.48
N THR J 536 -52.87 -66.88 -38.46
CA THR J 536 -54.00 -67.74 -38.81
C THR J 536 -55.14 -67.57 -37.83
N ILE J 537 -54.83 -67.49 -36.53
CA ILE J 537 -55.86 -67.30 -35.52
C ILE J 537 -56.58 -65.98 -35.73
N ALA J 538 -55.83 -64.91 -35.98
CA ALA J 538 -56.43 -63.60 -36.18
C ALA J 538 -57.34 -63.58 -37.41
N ASN J 539 -56.86 -64.15 -38.52
CA ASN J 539 -57.66 -64.18 -39.73
C ASN J 539 -58.92 -65.02 -39.55
N ASP J 540 -58.78 -66.18 -38.90
CA ASP J 540 -59.94 -67.04 -38.65
C ASP J 540 -60.96 -66.34 -37.75
N VAL J 541 -60.49 -65.65 -36.71
CA VAL J 541 -61.38 -64.94 -35.81
C VAL J 541 -62.10 -63.82 -36.54
N VAL J 542 -61.39 -63.07 -37.39
CA VAL J 542 -62.03 -61.99 -38.13
C VAL J 542 -63.09 -62.54 -39.07
N SER J 543 -62.75 -63.60 -39.81
CA SER J 543 -63.70 -64.18 -40.76
C SER J 543 -64.93 -64.73 -40.04
N LEU J 544 -64.72 -65.45 -38.94
CA LEU J 544 -65.84 -66.04 -38.21
C LEU J 544 -66.69 -64.97 -37.55
N ALA J 545 -66.07 -63.89 -37.06
CA ALA J 545 -66.83 -62.80 -36.46
C ALA J 545 -67.68 -62.10 -37.51
N THR J 546 -67.13 -61.87 -38.70
CA THR J 546 -67.92 -61.28 -39.78
C THR J 546 -69.08 -62.20 -40.15
N LYS J 547 -68.83 -63.51 -40.25
CA LYS J 547 -69.90 -64.45 -40.56
C LYS J 547 -70.97 -64.45 -39.49
N ALA J 548 -70.57 -64.36 -38.22
CA ALA J 548 -71.53 -64.34 -37.13
C ALA J 548 -72.37 -63.07 -37.15
N ARG J 549 -71.73 -61.92 -37.37
CA ARG J 549 -72.46 -60.66 -37.40
C ARG J 549 -73.43 -60.61 -38.57
N GLU J 550 -73.05 -61.16 -39.72
CA GLU J 550 -73.93 -61.15 -40.88
C GLU J 550 -74.85 -62.36 -40.93
N GLY J 551 -74.75 -63.29 -39.98
CA GLY J 551 -75.72 -64.35 -39.85
C GLY J 551 -75.60 -65.51 -40.81
N LYS J 552 -74.38 -65.82 -41.27
CA LYS J 552 -74.18 -66.96 -42.15
C LYS J 552 -73.39 -68.10 -41.52
N LEU J 553 -73.32 -68.18 -40.19
CA LEU J 553 -72.59 -69.26 -39.56
C LEU J 553 -73.30 -70.59 -39.76
N GLN J 554 -72.55 -71.59 -40.22
CA GLN J 554 -73.07 -72.95 -40.32
C GLN J 554 -73.07 -73.61 -38.94
N PRO J 555 -73.97 -74.57 -38.71
CA PRO J 555 -74.04 -75.21 -37.39
C PRO J 555 -72.73 -75.86 -36.94
N HIS J 556 -71.96 -76.44 -37.87
CA HIS J 556 -70.70 -77.05 -37.49
C HIS J 556 -69.64 -76.01 -37.11
N GLU J 557 -69.83 -74.76 -37.51
CA GLU J 557 -68.86 -73.71 -37.21
C GLU J 557 -69.06 -73.09 -35.83
N PHE J 558 -70.15 -73.41 -35.13
CA PHE J 558 -70.34 -72.93 -33.78
C PHE J 558 -70.83 -73.98 -32.79
N GLN J 559 -71.06 -75.21 -33.23
CA GLN J 559 -71.44 -76.30 -32.33
C GLN J 559 -70.22 -77.17 -32.05
N GLY J 560 -69.98 -77.44 -30.77
CA GLY J 560 -68.84 -78.25 -30.38
C GLY J 560 -67.82 -77.48 -29.57
N GLY J 561 -66.54 -77.70 -29.87
CA GLY J 561 -65.47 -77.04 -29.15
C GLY J 561 -65.10 -77.78 -27.87
N THR J 562 -63.91 -77.46 -27.37
CA THR J 562 -63.40 -78.06 -26.14
C THR J 562 -63.11 -77.04 -25.04
N PHE J 563 -62.95 -75.77 -25.40
CA PHE J 563 -62.65 -74.72 -24.44
C PHE J 563 -63.19 -73.41 -25.01
N THR J 564 -63.77 -72.59 -24.14
CA THR J 564 -64.43 -71.36 -24.56
C THR J 564 -63.71 -70.16 -23.98
N ILE J 565 -63.66 -69.07 -24.75
CA ILE J 565 -63.10 -67.80 -24.31
C ILE J 565 -64.14 -66.71 -24.54
N SER J 566 -64.50 -66.01 -23.48
CA SER J 566 -65.44 -64.90 -23.55
C SER J 566 -64.71 -63.64 -23.06
N ASN J 567 -64.52 -62.68 -23.98
CA ASN J 567 -63.75 -61.47 -23.70
C ASN J 567 -64.71 -60.30 -23.67
N LEU J 568 -64.75 -59.57 -22.55
CA LEU J 568 -65.54 -58.35 -22.43
C LEU J 568 -64.67 -57.16 -22.05
N GLY J 569 -63.38 -57.21 -22.34
CA GLY J 569 -62.51 -56.10 -21.98
C GLY J 569 -62.79 -54.86 -22.81
N MET J 570 -63.30 -55.04 -24.02
CA MET J 570 -63.61 -53.90 -24.88
C MET J 570 -64.78 -53.08 -24.34
N PHE J 571 -65.55 -53.63 -23.40
CA PHE J 571 -66.68 -52.93 -22.79
C PHE J 571 -66.33 -52.34 -21.43
N GLY J 572 -65.08 -52.44 -21.00
CA GLY J 572 -64.67 -51.83 -19.75
C GLY J 572 -64.89 -52.67 -18.51
N ILE J 573 -65.23 -53.95 -18.66
CA ILE J 573 -65.44 -54.81 -17.51
C ILE J 573 -64.10 -55.15 -16.89
N LYS J 574 -63.96 -54.92 -15.57
CA LYS J 574 -62.73 -55.28 -14.89
C LYS J 574 -62.53 -56.79 -14.86
N ASN J 575 -63.55 -57.52 -14.44
CA ASN J 575 -63.55 -58.98 -14.52
C ASN J 575 -64.98 -59.47 -14.40
N PHE J 576 -65.20 -60.72 -14.80
CA PHE J 576 -66.53 -61.31 -14.71
C PHE J 576 -66.41 -62.82 -14.68
N SER J 577 -67.50 -63.47 -14.27
CA SER J 577 -67.57 -64.92 -14.19
C SER J 577 -68.61 -65.39 -15.20
N ALA J 578 -68.21 -66.28 -16.11
CA ALA J 578 -69.08 -66.72 -17.18
C ALA J 578 -69.72 -68.07 -16.84
N ILE J 579 -70.59 -68.52 -17.74
CA ILE J 579 -71.25 -69.80 -17.60
C ILE J 579 -70.62 -70.79 -18.56
N ILE J 580 -70.27 -71.98 -18.05
CA ILE J 580 -69.62 -72.99 -18.87
C ILE J 580 -70.57 -73.45 -19.97
N ASN J 581 -70.08 -73.46 -21.21
CA ASN J 581 -70.85 -73.93 -22.35
C ASN J 581 -70.76 -75.44 -22.41
N PRO J 582 -71.88 -76.16 -22.28
CA PRO J 582 -71.81 -77.62 -22.24
C PRO J 582 -71.46 -78.20 -23.60
N PRO J 583 -70.84 -79.38 -23.64
CA PRO J 583 -70.41 -80.22 -22.51
C PRO J 583 -68.97 -79.95 -22.09
N GLN J 584 -68.44 -78.76 -22.35
CA GLN J 584 -67.07 -78.46 -22.01
C GLN J 584 -66.89 -78.36 -20.49
N ALA J 585 -65.64 -78.31 -20.06
CA ALA J 585 -65.32 -78.32 -18.64
C ALA J 585 -64.86 -76.97 -18.11
N CYS J 586 -64.54 -76.01 -18.99
CA CYS J 586 -64.02 -74.72 -18.55
C CYS J 586 -64.45 -73.63 -19.52
N ILE J 587 -64.36 -72.39 -19.04
CA ILE J 587 -64.55 -71.21 -19.87
C ILE J 587 -63.72 -70.09 -19.27
N LEU J 588 -62.94 -69.40 -20.10
CA LEU J 588 -62.06 -68.33 -19.66
C LEU J 588 -62.75 -66.99 -19.90
N ALA J 589 -63.00 -66.25 -18.83
CA ALA J 589 -63.61 -64.93 -18.91
C ALA J 589 -62.52 -63.88 -18.79
N VAL J 590 -62.43 -63.00 -19.79
CA VAL J 590 -61.35 -62.02 -19.89
C VAL J 590 -61.95 -60.63 -19.71
N GLY J 591 -61.34 -59.85 -18.82
CA GLY J 591 -61.76 -58.49 -18.58
C GLY J 591 -60.85 -57.47 -19.23
N ALA J 592 -61.03 -56.22 -18.83
CA ALA J 592 -60.26 -55.12 -19.42
C ALA J 592 -58.85 -55.08 -18.86
N SER J 593 -57.93 -54.54 -19.66
CA SER J 593 -56.57 -54.31 -19.21
C SER J 593 -56.41 -52.87 -18.78
N GLU J 594 -55.89 -52.67 -17.57
CA GLU J 594 -55.79 -51.35 -16.97
C GLU J 594 -54.40 -51.17 -16.37
N ASP J 595 -53.99 -49.91 -16.26
CA ASP J 595 -52.68 -49.59 -15.70
C ASP J 595 -52.76 -49.56 -14.19
N ARG J 596 -51.87 -50.28 -13.52
CA ARG J 596 -51.83 -50.35 -12.07
C ARG J 596 -50.40 -50.15 -11.58
N LEU J 597 -50.27 -49.48 -10.43
CA LEU J 597 -48.96 -49.28 -9.82
C LEU J 597 -48.54 -50.50 -9.03
N PHE J 598 -47.28 -50.89 -9.18
CA PHE J 598 -46.76 -52.01 -8.43
C PHE J 598 -45.38 -51.67 -7.87
N PRO J 599 -45.02 -52.20 -6.71
CA PRO J 599 -43.72 -51.88 -6.11
C PRO J 599 -42.57 -52.36 -6.99
N ALA J 600 -41.49 -51.58 -6.99
CA ALA J 600 -40.29 -51.92 -7.75
C ALA J 600 -39.07 -51.40 -7.01
N ASP J 601 -37.92 -52.02 -7.27
CA ASP J 601 -36.66 -51.64 -6.64
C ASP J 601 -35.98 -50.55 -7.48
N ASN J 602 -36.64 -49.39 -7.54
CA ASN J 602 -36.13 -48.24 -8.26
C ASN J 602 -36.24 -47.01 -7.37
N GLU J 603 -35.76 -45.87 -7.90
CA GLU J 603 -35.76 -44.63 -7.13
C GLU J 603 -37.17 -44.18 -6.78
N LYS J 604 -38.10 -44.26 -7.75
CA LYS J 604 -39.48 -43.86 -7.49
C LYS J 604 -40.19 -44.80 -6.54
N GLY J 605 -39.73 -46.03 -6.40
CA GLY J 605 -40.36 -47.00 -5.53
C GLY J 605 -41.53 -47.75 -6.14
N PHE J 606 -41.87 -47.47 -7.40
CA PHE J 606 -42.99 -48.13 -8.05
C PHE J 606 -42.81 -48.10 -9.56
N ASP J 607 -43.60 -48.92 -10.24
CA ASP J 607 -43.64 -48.98 -11.68
C ASP J 607 -45.09 -49.07 -12.15
N VAL J 608 -45.30 -48.86 -13.43
CA VAL J 608 -46.62 -48.91 -14.05
C VAL J 608 -46.66 -50.09 -15.01
N ALA J 609 -47.59 -51.00 -14.78
CA ALA J 609 -47.75 -52.19 -15.61
C ALA J 609 -49.21 -52.35 -15.99
N SER J 610 -49.45 -52.67 -17.26
CA SER J 610 -50.81 -52.89 -17.76
C SER J 610 -51.19 -54.34 -17.47
N MET J 611 -52.09 -54.53 -16.50
CA MET J 611 -52.50 -55.87 -16.08
C MET J 611 -53.93 -56.15 -16.51
N MET J 612 -54.20 -57.40 -16.86
CA MET J 612 -55.52 -57.85 -17.28
C MET J 612 -55.95 -58.99 -16.36
N SER J 613 -57.16 -58.89 -15.83
CA SER J 613 -57.67 -59.90 -14.90
C SER J 613 -58.49 -60.93 -15.66
N VAL J 614 -58.14 -62.20 -15.48
CA VAL J 614 -58.83 -63.30 -16.15
C VAL J 614 -59.40 -64.24 -15.10
N THR J 615 -60.65 -64.65 -15.34
CA THR J 615 -61.39 -65.53 -14.42
C THR J 615 -61.80 -66.78 -15.18
N LEU J 616 -61.28 -67.92 -14.75
CA LEU J 616 -61.60 -69.22 -15.33
C LEU J 616 -62.67 -69.89 -14.49
N SER J 617 -63.78 -70.25 -15.12
CA SER J 617 -64.85 -70.99 -14.47
C SER J 617 -64.71 -72.46 -14.84
N CYS J 618 -64.60 -73.33 -13.83
CA CYS J 618 -64.28 -74.73 -14.04
C CYS J 618 -65.39 -75.61 -13.49
N ASP J 619 -65.61 -76.73 -14.18
CA ASP J 619 -66.46 -77.80 -13.70
C ASP J 619 -65.69 -78.60 -12.65
N HIS J 620 -66.16 -78.56 -11.40
CA HIS J 620 -65.42 -79.19 -10.32
C HIS J 620 -65.44 -80.72 -10.40
N ARG J 621 -66.30 -81.30 -11.24
CA ARG J 621 -66.27 -82.75 -11.42
C ARG J 621 -65.02 -83.19 -12.16
N VAL J 622 -64.55 -82.40 -13.11
CA VAL J 622 -63.40 -82.74 -13.94
C VAL J 622 -62.15 -82.01 -13.46
N VAL J 623 -62.24 -80.71 -13.24
CA VAL J 623 -61.10 -79.87 -12.90
C VAL J 623 -61.24 -79.48 -11.43
N ASP J 624 -60.31 -79.95 -10.61
CA ASP J 624 -60.29 -79.51 -9.21
C ASP J 624 -59.47 -78.24 -9.08
N GLY J 625 -59.38 -77.73 -7.85
CA GLY J 625 -58.77 -76.43 -7.62
C GLY J 625 -57.32 -76.38 -8.03
N ALA J 626 -56.55 -77.43 -7.68
CA ALA J 626 -55.14 -77.45 -8.03
C ALA J 626 -54.93 -77.47 -9.54
N VAL J 627 -55.74 -78.25 -10.26
CA VAL J 627 -55.60 -78.33 -11.71
C VAL J 627 -55.97 -76.99 -12.36
N GLY J 628 -57.07 -76.37 -11.90
CA GLY J 628 -57.43 -75.06 -12.43
C GLY J 628 -56.36 -74.02 -12.17
N ALA J 629 -55.78 -74.03 -10.98
CA ALA J 629 -54.71 -73.10 -10.65
C ALA J 629 -53.48 -73.34 -11.51
N GLN J 630 -53.15 -74.61 -11.77
CA GLN J 630 -52.02 -74.93 -12.65
C GLN J 630 -52.27 -74.43 -14.06
N TRP J 631 -53.50 -74.61 -14.57
CA TRP J 631 -53.84 -74.10 -15.90
C TRP J 631 -53.67 -72.59 -15.95
N LEU J 632 -54.18 -71.89 -14.93
CA LEU J 632 -54.07 -70.44 -14.92
C LEU J 632 -52.61 -70.01 -14.82
N ALA J 633 -51.80 -70.75 -14.07
CA ALA J 633 -50.37 -70.43 -13.97
C ALA J 633 -49.67 -70.57 -15.32
N GLU J 634 -49.94 -71.65 -16.05
CA GLU J 634 -49.34 -71.82 -17.38
C GLU J 634 -49.82 -70.73 -18.33
N PHE J 635 -51.11 -70.41 -18.29
CA PHE J 635 -51.65 -69.35 -19.14
C PHE J 635 -50.97 -68.02 -18.85
N ARG J 636 -50.80 -67.70 -17.56
CA ARG J 636 -50.14 -66.46 -17.17
C ARG J 636 -48.69 -66.44 -17.61
N LYS J 637 -47.98 -67.56 -17.45
CA LYS J 637 -46.58 -67.61 -17.89
C LYS J 637 -46.47 -67.37 -19.38
N TYR J 638 -47.33 -68.04 -20.16
CA TYR J 638 -47.32 -67.86 -21.61
C TYR J 638 -47.57 -66.41 -21.99
N LEU J 639 -48.52 -65.76 -21.33
CA LEU J 639 -48.83 -64.38 -21.70
C LEU J 639 -47.76 -63.39 -21.22
N GLU J 640 -47.18 -63.60 -20.05
CA GLU J 640 -46.15 -62.68 -19.58
C GLU J 640 -44.83 -62.85 -20.31
N LYS J 641 -44.58 -64.01 -20.93
CA LYS J 641 -43.43 -64.17 -21.81
C LYS J 641 -43.90 -64.78 -23.12
N PRO J 642 -44.28 -63.94 -24.09
CA PRO J 642 -44.80 -64.48 -25.36
C PRO J 642 -43.81 -65.34 -26.12
N ILE J 643 -42.51 -65.09 -25.95
CA ILE J 643 -41.50 -65.88 -26.64
C ILE J 643 -41.52 -67.33 -26.16
N THR J 644 -42.11 -67.60 -24.99
CA THR J 644 -42.29 -68.97 -24.55
C THR J 644 -43.38 -69.71 -25.29
N MET J 645 -44.21 -69.01 -26.08
CA MET J 645 -45.16 -69.71 -26.93
C MET J 645 -44.50 -70.43 -28.09
N LEU J 646 -43.21 -70.18 -28.33
CA LEU J 646 -42.47 -70.92 -29.34
C LEU J 646 -42.12 -72.34 -28.88
N LEU J 647 -42.18 -72.62 -27.58
CA LEU J 647 -41.93 -73.95 -27.06
C LEU J 647 -43.00 -74.94 -27.49
N PHE K 420 10.43 -13.52 -108.93
CA PHE K 420 9.50 -14.60 -108.58
C PHE K 420 9.97 -15.94 -109.11
N THR K 421 9.31 -17.00 -108.68
CA THR K 421 9.59 -18.36 -109.12
C THR K 421 8.28 -19.07 -109.43
N ASP K 422 8.20 -19.67 -110.62
CA ASP K 422 7.00 -20.38 -111.06
C ASP K 422 7.15 -21.86 -110.71
N ILE K 423 6.39 -22.32 -109.73
CA ILE K 423 6.41 -23.72 -109.30
C ILE K 423 5.33 -24.46 -110.08
N PRO K 424 5.67 -25.47 -110.87
CA PRO K 424 4.65 -26.20 -111.62
C PRO K 424 3.65 -26.88 -110.69
N ILE K 425 2.39 -26.93 -111.12
CA ILE K 425 1.33 -27.54 -110.33
C ILE K 425 1.27 -29.02 -110.65
N SER K 426 1.39 -29.85 -109.62
CA SER K 426 1.29 -31.29 -109.81
C SER K 426 -0.16 -31.68 -110.09
N ASN K 427 -0.33 -32.89 -110.62
CA ASN K 427 -1.68 -33.39 -110.91
C ASN K 427 -2.48 -33.61 -109.64
N ILE K 428 -1.81 -34.05 -108.57
CA ILE K 428 -2.49 -34.22 -107.28
C ILE K 428 -3.00 -32.87 -106.77
N ARG K 429 -2.16 -31.84 -106.85
CA ARG K 429 -2.59 -30.51 -106.43
C ARG K 429 -3.70 -29.99 -107.33
N ARG K 430 -3.65 -30.28 -108.62
CA ARG K 430 -4.72 -29.88 -109.53
C ARG K 430 -6.03 -30.54 -109.15
N VAL K 431 -5.99 -31.83 -108.80
CA VAL K 431 -7.20 -32.54 -108.39
C VAL K 431 -7.75 -31.94 -107.10
N ILE K 432 -6.87 -31.65 -106.13
CA ILE K 432 -7.32 -31.08 -104.87
C ILE K 432 -7.95 -29.71 -105.11
N ALA K 433 -7.31 -28.89 -105.93
CA ALA K 433 -7.83 -27.57 -106.23
C ALA K 433 -9.18 -27.65 -106.95
N GLN K 434 -9.31 -28.59 -107.88
CA GLN K 434 -10.58 -28.75 -108.58
C GLN K 434 -11.68 -29.19 -107.62
N ARG K 435 -11.36 -30.10 -106.70
CA ARG K 435 -12.36 -30.50 -105.70
C ARG K 435 -12.77 -29.31 -104.82
N LEU K 436 -11.80 -28.51 -104.39
CA LEU K 436 -12.13 -27.36 -103.54
C LEU K 436 -12.98 -26.34 -104.27
N MET K 437 -12.63 -26.05 -105.53
CA MET K 437 -13.44 -25.11 -106.32
C MET K 437 -14.84 -25.67 -106.54
N GLN K 438 -14.96 -26.96 -106.83
CA GLN K 438 -16.27 -27.57 -106.99
C GLN K 438 -17.09 -27.43 -105.73
N SER K 439 -16.48 -27.67 -104.57
CA SER K 439 -17.19 -27.52 -103.30
C SER K 439 -17.67 -26.09 -103.11
N LYS K 440 -16.79 -25.11 -103.36
CA LYS K 440 -17.16 -23.72 -103.06
C LYS K 440 -18.15 -23.17 -104.07
N GLN K 441 -18.22 -23.73 -105.28
CA GLN K 441 -19.22 -23.25 -106.24
C GLN K 441 -20.54 -24.00 -106.14
N THR K 442 -20.53 -25.25 -105.67
CA THR K 442 -21.76 -26.04 -105.68
C THR K 442 -22.35 -26.27 -104.29
N ILE K 443 -21.71 -25.83 -103.23
CA ILE K 443 -22.19 -26.02 -101.87
C ILE K 443 -22.34 -24.66 -101.21
N PRO K 444 -23.55 -24.22 -100.86
CA PRO K 444 -23.72 -22.94 -100.16
C PRO K 444 -23.33 -23.03 -98.69
N HIS K 445 -22.05 -22.86 -98.40
CA HIS K 445 -21.55 -22.99 -97.04
C HIS K 445 -22.14 -21.93 -96.13
N TYR K 446 -22.42 -22.31 -94.89
CA TYR K 446 -22.64 -21.34 -93.82
C TYR K 446 -22.10 -21.91 -92.52
N TYR K 447 -21.54 -21.03 -91.68
CA TYR K 447 -20.68 -21.45 -90.58
C TYR K 447 -21.30 -21.07 -89.25
N LEU K 448 -21.30 -22.02 -88.30
CA LEU K 448 -21.77 -21.77 -86.94
C LEU K 448 -20.69 -22.15 -85.94
N SER K 449 -20.40 -21.26 -85.00
CA SER K 449 -19.30 -21.45 -84.06
C SER K 449 -19.82 -21.46 -82.63
N VAL K 450 -19.25 -22.34 -81.80
CA VAL K 450 -19.55 -22.40 -80.37
C VAL K 450 -18.27 -22.64 -79.61
N ASP K 451 -18.36 -22.51 -78.28
CA ASP K 451 -17.27 -22.81 -77.37
C ASP K 451 -17.63 -23.98 -76.47
N VAL K 452 -16.68 -24.89 -76.30
CA VAL K 452 -16.87 -26.12 -75.54
C VAL K 452 -15.88 -26.14 -74.39
N ASN K 453 -16.37 -26.42 -73.18
CA ASN K 453 -15.53 -26.50 -71.99
C ASN K 453 -14.80 -27.84 -71.99
N MET K 454 -13.48 -27.79 -71.88
CA MET K 454 -12.65 -28.98 -72.06
C MET K 454 -12.12 -29.56 -70.75
N GLY K 455 -12.51 -29.02 -69.59
CA GLY K 455 -11.95 -29.48 -68.33
C GLY K 455 -12.27 -30.93 -68.03
N GLU K 456 -13.54 -31.31 -68.19
CA GLU K 456 -13.94 -32.68 -67.92
C GLU K 456 -13.28 -33.65 -68.89
N VAL K 457 -13.18 -33.25 -70.16
CA VAL K 457 -12.51 -34.09 -71.15
C VAL K 457 -11.04 -34.29 -70.77
N LEU K 458 -10.37 -33.22 -70.34
CA LEU K 458 -8.97 -33.34 -69.94
C LEU K 458 -8.81 -34.26 -68.74
N LEU K 459 -9.69 -34.13 -67.74
CA LEU K 459 -9.60 -34.99 -66.56
C LEU K 459 -9.83 -36.46 -66.93
N VAL K 460 -10.86 -36.73 -67.73
CA VAL K 460 -11.16 -38.10 -68.13
C VAL K 460 -10.02 -38.66 -68.96
N ARG K 461 -9.45 -37.84 -69.85
CA ARG K 461 -8.35 -38.30 -70.68
C ARG K 461 -7.12 -38.63 -69.83
N LYS K 462 -6.84 -37.80 -68.83
CA LYS K 462 -5.73 -38.09 -67.94
C LYS K 462 -5.93 -39.40 -67.20
N GLU K 463 -7.13 -39.63 -66.66
CA GLU K 463 -7.41 -40.87 -65.96
C GLU K 463 -7.29 -42.07 -66.89
N LEU K 464 -7.85 -41.97 -68.09
CA LEU K 464 -7.79 -43.06 -69.04
C LEU K 464 -6.35 -43.36 -69.46
N ASN K 465 -5.56 -42.32 -69.71
CA ASN K 465 -4.16 -42.52 -70.05
C ASN K 465 -3.39 -43.18 -68.91
N LYS K 466 -3.69 -42.79 -67.67
CA LYS K 466 -3.04 -43.41 -66.52
C LYS K 466 -3.40 -44.90 -66.41
N MET K 467 -4.67 -45.26 -66.59
CA MET K 467 -5.05 -46.68 -66.55
C MET K 467 -4.56 -47.45 -67.77
N LEU K 468 -4.27 -46.77 -68.87
CA LEU K 468 -3.73 -47.49 -70.02
C LEU K 468 -2.33 -48.05 -69.79
N GLU K 469 -1.55 -47.42 -68.91
CA GLU K 469 -0.21 -47.93 -68.54
C GLU K 469 0.70 -48.06 -69.77
N GLY K 470 0.58 -47.12 -70.70
CA GLY K 470 1.44 -47.08 -71.87
C GLY K 470 1.03 -47.97 -73.01
N ARG K 471 -0.03 -48.77 -72.87
CA ARG K 471 -0.49 -49.61 -73.97
C ARG K 471 -0.99 -48.77 -75.13
N SER K 472 -1.68 -47.67 -74.83
CA SER K 472 -2.12 -46.71 -75.83
C SER K 472 -2.19 -45.33 -75.20
N LYS K 473 -2.40 -44.32 -76.03
CA LYS K 473 -2.53 -42.94 -75.58
C LYS K 473 -3.71 -42.31 -76.31
N ILE K 474 -4.64 -41.74 -75.54
CA ILE K 474 -5.80 -41.08 -76.14
C ILE K 474 -5.54 -39.58 -76.20
N SER K 475 -5.76 -38.99 -77.37
CA SER K 475 -5.65 -37.56 -77.56
C SER K 475 -7.03 -36.92 -77.51
N VAL K 476 -7.05 -35.59 -77.42
CA VAL K 476 -8.31 -34.86 -77.39
C VAL K 476 -9.06 -35.04 -78.70
N ASN K 477 -8.34 -35.26 -79.80
CA ASN K 477 -9.00 -35.48 -81.08
C ASN K 477 -9.81 -36.77 -81.09
N ASP K 478 -9.41 -37.76 -80.30
CA ASP K 478 -10.21 -38.97 -80.19
C ASP K 478 -11.55 -38.70 -79.53
N PHE K 479 -11.54 -37.92 -78.44
CA PHE K 479 -12.79 -37.49 -77.82
C PHE K 479 -13.63 -36.69 -78.80
N ILE K 480 -13.00 -35.82 -79.57
CA ILE K 480 -13.73 -35.00 -80.55
C ILE K 480 -14.38 -35.89 -81.60
N ILE K 481 -13.65 -36.90 -82.09
CA ILE K 481 -14.20 -37.79 -83.10
C ILE K 481 -15.38 -38.59 -82.53
N LYS K 482 -15.23 -39.09 -81.31
CA LYS K 482 -16.32 -39.85 -80.71
C LYS K 482 -17.56 -38.97 -80.51
N ALA K 483 -17.36 -37.74 -80.01
CA ALA K 483 -18.48 -36.84 -79.81
C ALA K 483 -19.14 -36.48 -81.14
N SER K 484 -18.34 -36.26 -82.18
CA SER K 484 -18.90 -35.95 -83.50
C SER K 484 -19.72 -37.12 -84.04
N ALA K 485 -19.23 -38.34 -83.86
CA ALA K 485 -19.99 -39.50 -84.33
C ALA K 485 -21.30 -39.64 -83.57
N LEU K 486 -21.27 -39.47 -82.25
CA LEU K 486 -22.51 -39.58 -81.48
C LEU K 486 -23.50 -38.47 -81.83
N ALA K 487 -23.00 -37.25 -82.03
CA ALA K 487 -23.87 -36.14 -82.43
C ALA K 487 -24.44 -36.38 -83.82
N CYS K 488 -23.66 -36.98 -84.72
CA CYS K 488 -24.18 -37.34 -86.03
C CYS K 488 -25.27 -38.39 -85.93
N LEU K 489 -25.12 -39.35 -85.02
CA LEU K 489 -26.20 -40.31 -84.77
C LEU K 489 -27.45 -39.61 -84.27
N LYS K 490 -27.29 -38.67 -83.33
CA LYS K 490 -28.46 -37.99 -82.77
C LYS K 490 -29.15 -37.09 -83.79
N VAL K 491 -28.37 -36.46 -84.66
CA VAL K 491 -28.90 -35.55 -85.68
C VAL K 491 -28.44 -36.03 -87.04
N PRO K 492 -29.17 -36.96 -87.68
CA PRO K 492 -28.68 -37.57 -88.92
C PRO K 492 -28.64 -36.62 -90.11
N GLU K 493 -29.23 -35.41 -90.00
CA GLU K 493 -29.19 -34.47 -91.12
C GLU K 493 -27.76 -34.06 -91.45
N ALA K 494 -26.92 -33.86 -90.42
CA ALA K 494 -25.51 -33.58 -90.65
C ALA K 494 -24.78 -34.76 -91.26
N ASN K 495 -25.37 -35.95 -91.24
CA ASN K 495 -24.81 -37.14 -91.84
C ASN K 495 -25.48 -37.49 -93.17
N SER K 496 -25.83 -36.49 -93.96
CA SER K 496 -26.50 -36.68 -95.23
C SER K 496 -25.63 -36.16 -96.37
N SER K 497 -26.14 -36.34 -97.58
CA SER K 497 -25.47 -35.88 -98.79
C SER K 497 -26.52 -35.48 -99.82
N TRP K 498 -26.21 -34.42 -100.57
CA TRP K 498 -27.12 -33.92 -101.60
C TRP K 498 -26.73 -34.50 -102.95
N LEU K 499 -27.67 -35.18 -103.60
CA LEU K 499 -27.43 -35.88 -104.85
C LEU K 499 -28.32 -35.34 -105.97
N ASP K 500 -28.87 -34.14 -105.76
CA ASP K 500 -29.61 -33.38 -106.76
C ASP K 500 -30.97 -33.98 -107.08
N THR K 501 -31.24 -35.18 -106.56
CA THR K 501 -32.56 -35.79 -106.68
C THR K 501 -33.10 -36.29 -105.35
N VAL K 502 -32.22 -36.83 -104.50
CA VAL K 502 -32.59 -37.30 -103.16
C VAL K 502 -31.51 -36.85 -102.19
N ILE K 503 -31.87 -36.85 -100.91
CA ILE K 503 -30.93 -36.56 -99.83
C ILE K 503 -30.56 -37.88 -99.18
N ARG K 504 -29.35 -38.36 -99.47
CA ARG K 504 -28.90 -39.65 -98.96
C ARG K 504 -28.51 -39.49 -97.50
N GLN K 505 -29.29 -40.09 -96.60
CA GLN K 505 -29.06 -39.99 -95.17
C GLN K 505 -28.29 -41.22 -94.69
N ASN K 506 -26.98 -41.09 -94.53
CA ASN K 506 -26.16 -42.23 -94.16
C ASN K 506 -26.46 -42.67 -92.74
N HIS K 507 -26.64 -43.98 -92.56
CA HIS K 507 -26.89 -44.55 -91.24
C HIS K 507 -25.62 -44.94 -90.50
N VAL K 508 -24.48 -44.91 -91.17
CA VAL K 508 -23.18 -45.15 -90.53
C VAL K 508 -22.39 -43.86 -90.56
N VAL K 509 -21.48 -43.72 -89.60
CA VAL K 509 -20.69 -42.50 -89.45
C VAL K 509 -19.24 -42.87 -89.74
N ASP K 510 -18.74 -42.47 -90.90
CA ASP K 510 -17.34 -42.65 -91.28
C ASP K 510 -16.68 -41.27 -91.24
N ILE K 511 -15.86 -41.04 -90.22
CA ILE K 511 -15.29 -39.72 -89.97
C ILE K 511 -13.97 -39.59 -90.72
N SER K 512 -13.95 -38.75 -91.75
CA SER K 512 -12.69 -38.35 -92.35
C SER K 512 -11.96 -37.41 -91.40
N VAL K 513 -10.66 -37.59 -91.26
CA VAL K 513 -9.84 -36.78 -90.37
C VAL K 513 -8.76 -36.10 -91.21
N ALA K 514 -8.73 -34.77 -91.16
CA ALA K 514 -7.74 -34.03 -91.93
C ALA K 514 -6.36 -34.22 -91.32
N VAL K 515 -5.40 -34.61 -92.16
CA VAL K 515 -4.02 -34.81 -91.76
C VAL K 515 -3.14 -34.04 -92.73
N SER K 516 -2.21 -33.25 -92.19
CA SER K 516 -1.28 -32.49 -93.01
C SER K 516 0.02 -33.27 -93.18
N THR K 517 0.43 -33.45 -94.43
CA THR K 517 1.63 -34.16 -94.83
C THR K 517 2.41 -33.25 -95.77
N PRO K 518 3.70 -33.52 -95.97
CA PRO K 518 4.49 -32.68 -96.89
C PRO K 518 3.92 -32.61 -98.29
N ALA K 519 3.13 -33.60 -98.71
CA ALA K 519 2.51 -33.59 -100.02
C ALA K 519 1.17 -32.86 -100.05
N GLY K 520 0.64 -32.44 -98.90
CA GLY K 520 -0.60 -31.71 -98.85
C GLY K 520 -1.53 -32.23 -97.76
N LEU K 521 -2.81 -31.93 -97.93
CA LEU K 521 -3.82 -32.36 -96.97
C LEU K 521 -4.50 -33.64 -97.46
N ILE K 522 -4.60 -34.62 -96.58
CA ILE K 522 -5.26 -35.88 -96.90
C ILE K 522 -6.27 -36.19 -95.80
N THR K 523 -7.22 -37.07 -96.11
CA THR K 523 -8.35 -37.34 -95.21
C THR K 523 -8.54 -38.85 -95.03
N PRO K 524 -7.71 -39.49 -94.20
CA PRO K 524 -7.98 -40.87 -93.83
C PRO K 524 -9.29 -40.98 -93.07
N ILE K 525 -10.01 -42.08 -93.30
CA ILE K 525 -11.36 -42.27 -92.80
C ILE K 525 -11.34 -43.29 -91.67
N VAL K 526 -11.87 -42.89 -90.51
CA VAL K 526 -12.14 -43.81 -89.41
C VAL K 526 -13.57 -44.29 -89.64
N PHE K 527 -13.71 -45.56 -90.02
CA PHE K 527 -15.02 -46.12 -90.32
C PHE K 527 -15.72 -46.54 -89.03
N ASN K 528 -17.04 -46.37 -89.01
CA ASN K 528 -17.87 -46.79 -87.88
C ASN K 528 -17.39 -46.18 -86.57
N ALA K 529 -17.09 -44.87 -86.61
CA ALA K 529 -16.67 -44.18 -85.41
C ALA K 529 -17.80 -44.07 -84.39
N HIS K 530 -19.04 -44.31 -84.83
CA HIS K 530 -20.17 -44.25 -83.90
C HIS K 530 -20.22 -45.48 -83.00
N ILE K 531 -19.56 -46.56 -83.39
CA ILE K 531 -19.53 -47.77 -82.57
C ILE K 531 -18.12 -48.12 -82.08
N LYS K 532 -17.08 -47.54 -82.68
CA LYS K 532 -15.73 -47.77 -82.19
C LYS K 532 -15.51 -47.09 -80.86
N GLY K 533 -14.66 -47.68 -80.02
CA GLY K 533 -14.33 -47.07 -78.75
C GLY K 533 -13.20 -46.07 -78.87
N LEU K 534 -12.90 -45.42 -77.74
CA LEU K 534 -11.85 -44.40 -77.75
C LEU K 534 -10.48 -45.00 -78.05
N GLU K 535 -10.19 -46.17 -77.47
CA GLU K 535 -8.92 -46.84 -77.78
C GLU K 535 -8.84 -47.22 -79.24
N THR K 536 -9.92 -47.79 -79.78
CA THR K 536 -9.93 -48.17 -81.19
C THR K 536 -9.79 -46.95 -82.08
N ILE K 537 -10.48 -45.86 -81.74
CA ILE K 537 -10.39 -44.63 -82.53
C ILE K 537 -8.96 -44.10 -82.51
N ALA K 538 -8.35 -44.06 -81.32
CA ALA K 538 -6.98 -43.54 -81.20
C ALA K 538 -6.00 -44.38 -82.00
N ASN K 539 -6.11 -45.70 -81.89
CA ASN K 539 -5.20 -46.59 -82.62
C ASN K 539 -5.39 -46.45 -84.12
N ASP K 540 -6.64 -46.38 -84.57
CA ASP K 540 -6.93 -46.23 -86.00
C ASP K 540 -6.39 -44.90 -86.51
N VAL K 541 -6.56 -43.83 -85.74
CA VAL K 541 -6.08 -42.52 -86.16
C VAL K 541 -4.56 -42.52 -86.24
N VAL K 542 -3.88 -43.13 -85.26
CA VAL K 542 -2.43 -43.18 -85.29
C VAL K 542 -1.94 -43.96 -86.49
N SER K 543 -2.53 -45.12 -86.74
CA SER K 543 -2.12 -45.96 -87.88
C SER K 543 -2.35 -45.24 -89.20
N LEU K 544 -3.53 -44.63 -89.36
CA LEU K 544 -3.85 -43.95 -90.61
C LEU K 544 -2.98 -42.71 -90.80
N ALA K 545 -2.67 -42.00 -89.72
CA ALA K 545 -1.79 -40.83 -89.84
C ALA K 545 -0.39 -41.25 -90.24
N THR K 546 0.13 -42.34 -89.67
CA THR K 546 1.43 -42.83 -90.09
C THR K 546 1.41 -43.25 -91.55
N LYS K 547 0.35 -43.93 -91.98
CA LYS K 547 0.24 -44.33 -93.38
C LYS K 547 0.18 -43.11 -94.29
N ALA K 548 -0.54 -42.07 -93.88
CA ALA K 548 -0.64 -40.86 -94.68
C ALA K 548 0.70 -40.15 -94.78
N ARG K 549 1.42 -40.03 -93.65
CA ARG K 549 2.70 -39.35 -93.66
C ARG K 549 3.72 -40.12 -94.50
N GLU K 550 3.70 -41.44 -94.46
CA GLU K 550 4.64 -42.23 -95.24
C GLU K 550 4.13 -42.54 -96.64
N GLY K 551 2.92 -42.12 -97.00
CA GLY K 551 2.46 -42.19 -98.37
C GLY K 551 1.99 -43.54 -98.85
N LYS K 552 1.45 -44.38 -97.96
CA LYS K 552 0.92 -45.67 -98.37
C LYS K 552 -0.59 -45.78 -98.24
N LEU K 553 -1.32 -44.67 -98.20
CA LEU K 553 -2.77 -44.74 -98.09
C LEU K 553 -3.39 -45.29 -99.37
N GLN K 554 -4.25 -46.29 -99.22
CA GLN K 554 -5.02 -46.80 -100.35
C GLN K 554 -6.19 -45.87 -100.65
N PRO K 555 -6.65 -45.84 -101.91
CA PRO K 555 -7.75 -44.92 -102.26
C PRO K 555 -9.01 -45.13 -101.44
N HIS K 556 -9.34 -46.37 -101.08
CA HIS K 556 -10.53 -46.61 -100.28
C HIS K 556 -10.37 -46.12 -98.85
N GLU K 557 -9.14 -45.91 -98.39
CA GLU K 557 -8.90 -45.45 -97.03
C GLU K 557 -9.01 -43.95 -96.86
N PHE K 558 -9.12 -43.19 -97.96
CA PHE K 558 -9.33 -41.76 -97.86
C PHE K 558 -10.39 -41.20 -98.80
N GLN K 559 -11.03 -42.04 -99.61
CA GLN K 559 -12.13 -41.60 -100.47
C GLN K 559 -13.45 -42.02 -99.84
N GLY K 560 -14.38 -41.07 -99.74
CA GLY K 560 -15.67 -41.35 -99.15
C GLY K 560 -15.91 -40.58 -97.86
N GLY K 561 -16.48 -41.26 -96.87
CA GLY K 561 -16.78 -40.63 -95.60
C GLY K 561 -18.12 -39.90 -95.62
N THR K 562 -18.63 -39.63 -94.42
CA THR K 562 -19.90 -38.93 -94.26
C THR K 562 -19.78 -37.63 -93.48
N PHE K 563 -18.70 -37.45 -92.72
CA PHE K 563 -18.49 -36.26 -91.92
C PHE K 563 -16.99 -36.08 -91.74
N THR K 564 -16.53 -34.84 -91.82
CA THR K 564 -15.10 -34.54 -91.79
C THR K 564 -14.77 -33.71 -90.56
N ILE K 565 -13.59 -33.95 -89.99
CA ILE K 565 -13.07 -33.19 -88.87
C ILE K 565 -11.68 -32.68 -89.23
N SER K 566 -11.50 -31.37 -89.18
CA SER K 566 -10.22 -30.73 -89.44
C SER K 566 -9.80 -29.99 -88.18
N ASN K 567 -8.72 -30.43 -87.54
CA ASN K 567 -8.26 -29.89 -86.29
C ASN K 567 -6.95 -29.14 -86.52
N LEU K 568 -6.93 -27.85 -86.18
CA LEU K 568 -5.73 -27.05 -86.26
C LEU K 568 -5.36 -26.44 -84.90
N GLY K 569 -5.81 -27.04 -83.81
CA GLY K 569 -5.50 -26.49 -82.50
C GLY K 569 -4.04 -26.63 -82.14
N MET K 570 -3.37 -27.64 -82.69
CA MET K 570 -1.95 -27.84 -82.41
C MET K 570 -1.09 -26.74 -83.01
N PHE K 571 -1.63 -25.95 -83.93
CA PHE K 571 -0.91 -24.84 -84.55
C PHE K 571 -1.26 -23.50 -83.94
N GLY K 572 -2.08 -23.47 -82.89
CA GLY K 572 -2.39 -22.23 -82.21
C GLY K 572 -3.53 -21.44 -82.80
N ILE K 573 -4.30 -22.01 -83.73
CA ILE K 573 -5.42 -21.30 -84.32
C ILE K 573 -6.56 -21.24 -83.31
N LYS K 574 -7.07 -20.03 -83.06
CA LYS K 574 -8.20 -19.89 -82.16
C LYS K 574 -9.45 -20.53 -82.73
N ASN K 575 -9.78 -20.20 -83.98
CA ASN K 575 -10.86 -20.88 -84.70
C ASN K 575 -10.67 -20.61 -86.19
N PHE K 576 -11.35 -21.41 -87.00
CA PHE K 576 -11.27 -21.24 -88.45
C PHE K 576 -12.49 -21.87 -89.10
N SER K 577 -12.72 -21.50 -90.35
CA SER K 577 -13.84 -22.01 -91.14
C SER K 577 -13.26 -22.83 -92.29
N ALA K 578 -13.67 -24.09 -92.40
CA ALA K 578 -13.12 -24.99 -93.40
C ALA K 578 -14.05 -25.09 -94.61
N ILE K 579 -13.58 -25.83 -95.60
CA ILE K 579 -14.35 -26.07 -96.83
C ILE K 579 -14.92 -27.49 -96.77
N ILE K 580 -16.21 -27.61 -97.06
CA ILE K 580 -16.86 -28.91 -97.01
C ILE K 580 -16.28 -29.82 -98.08
N ASN K 581 -15.89 -31.03 -97.68
CA ASN K 581 -15.38 -32.02 -98.61
C ASN K 581 -16.55 -32.73 -99.28
N PRO K 582 -16.68 -32.62 -100.60
CA PRO K 582 -17.85 -33.20 -101.28
C PRO K 582 -17.78 -34.72 -101.27
N PRO K 583 -18.93 -35.41 -101.32
CA PRO K 583 -20.29 -34.86 -101.35
C PRO K 583 -20.91 -34.75 -99.96
N GLN K 584 -20.10 -34.63 -98.91
CA GLN K 584 -20.63 -34.55 -97.57
C GLN K 584 -21.36 -33.22 -97.34
N ALA K 585 -22.07 -33.15 -96.22
CA ALA K 585 -22.90 -31.99 -95.92
C ALA K 585 -22.32 -31.08 -94.84
N CYS K 586 -21.30 -31.53 -94.11
CA CYS K 586 -20.74 -30.74 -93.02
C CYS K 586 -19.26 -31.04 -92.85
N ILE K 587 -18.58 -30.15 -92.14
CA ILE K 587 -17.19 -30.33 -91.73
C ILE K 587 -16.98 -29.55 -90.44
N LEU K 588 -16.39 -30.20 -89.45
CA LEU K 588 -16.16 -29.59 -88.15
C LEU K 588 -14.73 -29.09 -88.08
N ALA K 589 -14.56 -27.78 -87.91
CA ALA K 589 -13.26 -27.15 -87.79
C ALA K 589 -12.98 -26.89 -86.31
N VAL K 590 -11.87 -27.43 -85.83
CA VAL K 590 -11.53 -27.39 -84.40
C VAL K 590 -10.30 -26.50 -84.23
N GLY K 591 -10.39 -25.56 -83.30
CA GLY K 591 -9.28 -24.67 -82.98
C GLY K 591 -8.59 -25.07 -81.69
N ALA K 592 -7.75 -24.15 -81.22
CA ALA K 592 -6.96 -24.41 -80.01
C ALA K 592 -7.80 -24.26 -78.76
N SER K 593 -7.39 -24.97 -77.71
CA SER K 593 -8.01 -24.83 -76.40
C SER K 593 -7.19 -23.90 -75.54
N GLU K 594 -7.84 -22.89 -74.98
CA GLU K 594 -7.17 -21.85 -74.22
C GLU K 594 -7.91 -21.60 -72.91
N ASP K 595 -7.18 -21.09 -71.93
CA ASP K 595 -7.77 -20.80 -70.62
C ASP K 595 -8.44 -19.44 -70.65
N ARG K 596 -9.70 -19.38 -70.23
CA ARG K 596 -10.46 -18.15 -70.20
C ARG K 596 -11.16 -18.00 -68.85
N LEU K 597 -11.26 -16.76 -68.39
CA LEU K 597 -11.95 -16.47 -67.15
C LEU K 597 -13.45 -16.38 -67.37
N PHE K 598 -14.21 -16.99 -66.47
CA PHE K 598 -15.66 -16.92 -66.56
C PHE K 598 -16.26 -16.64 -65.18
N PRO K 599 -17.37 -15.92 -65.12
CA PRO K 599 -17.98 -15.61 -63.82
C PRO K 599 -18.41 -16.86 -63.08
N ALA K 600 -18.28 -16.82 -61.76
CA ALA K 600 -18.69 -17.93 -60.90
C ALA K 600 -19.16 -17.37 -59.57
N ASP K 601 -20.00 -18.15 -58.89
CA ASP K 601 -20.55 -17.75 -57.58
C ASP K 601 -19.60 -18.21 -56.47
N ASN K 602 -18.41 -17.62 -56.48
CA ASN K 602 -17.40 -17.91 -55.48
C ASN K 602 -16.84 -16.60 -54.94
N GLU K 603 -15.93 -16.71 -53.97
CA GLU K 603 -15.35 -15.53 -53.34
C GLU K 603 -14.58 -14.68 -54.33
N LYS K 604 -13.79 -15.31 -55.20
CA LYS K 604 -13.01 -14.57 -56.18
C LYS K 604 -13.89 -13.94 -57.26
N GLY K 605 -15.09 -14.47 -57.48
CA GLY K 605 -15.97 -13.94 -58.49
C GLY K 605 -15.76 -14.50 -59.88
N PHE K 606 -14.79 -15.39 -60.06
CA PHE K 606 -14.50 -15.95 -61.37
C PHE K 606 -13.82 -17.30 -61.22
N ASP K 607 -13.79 -18.04 -62.33
CA ASP K 607 -13.12 -19.33 -62.41
C ASP K 607 -12.33 -19.39 -63.72
N VAL K 608 -11.46 -20.38 -63.82
CA VAL K 608 -10.64 -20.60 -65.00
C VAL K 608 -11.06 -21.93 -65.64
N ALA K 609 -11.47 -21.86 -66.89
CA ALA K 609 -11.91 -23.04 -67.64
C ALA K 609 -11.22 -23.07 -68.99
N SER K 610 -10.75 -24.25 -69.38
CA SER K 610 -10.10 -24.43 -70.68
C SER K 610 -11.19 -24.67 -71.72
N MET K 611 -11.41 -23.68 -72.58
CA MET K 611 -12.46 -23.76 -73.60
C MET K 611 -11.85 -23.89 -74.98
N MET K 612 -12.53 -24.64 -75.85
CA MET K 612 -12.11 -24.86 -77.22
C MET K 612 -13.23 -24.41 -78.14
N SER K 613 -12.89 -23.60 -79.14
CA SER K 613 -13.89 -23.07 -80.07
C SER K 613 -13.97 -23.96 -81.30
N VAL K 614 -15.18 -24.41 -81.63
CA VAL K 614 -15.39 -25.27 -82.78
C VAL K 614 -16.37 -24.59 -83.73
N THR K 615 -16.03 -24.64 -85.02
CA THR K 615 -16.83 -24.03 -86.07
C THR K 615 -17.25 -25.10 -87.07
N LEU K 616 -18.56 -25.32 -87.18
CA LEU K 616 -19.12 -26.29 -88.10
C LEU K 616 -19.59 -25.56 -89.35
N SER K 617 -19.06 -25.96 -90.51
CA SER K 617 -19.50 -25.43 -91.79
C SER K 617 -20.50 -26.40 -92.41
N CYS K 618 -21.69 -25.89 -92.73
CA CYS K 618 -22.80 -26.73 -93.15
C CYS K 618 -23.28 -26.33 -94.53
N ASP K 619 -23.71 -27.34 -95.29
CA ASP K 619 -24.40 -27.15 -96.55
C ASP K 619 -25.84 -26.75 -96.27
N HIS K 620 -26.22 -25.53 -96.66
CA HIS K 620 -27.54 -25.03 -96.33
C HIS K 620 -28.65 -25.71 -97.11
N ARG K 621 -28.32 -26.48 -98.15
CA ARG K 621 -29.35 -27.24 -98.85
C ARG K 621 -29.87 -28.39 -98.00
N VAL K 622 -29.00 -29.01 -97.21
CA VAL K 622 -29.36 -30.16 -96.38
C VAL K 622 -29.58 -29.77 -94.92
N VAL K 623 -28.64 -29.01 -94.36
CA VAL K 623 -28.66 -28.66 -92.95
C VAL K 623 -29.01 -27.18 -92.84
N ASP K 624 -30.17 -26.88 -92.26
CA ASP K 624 -30.51 -25.50 -91.99
C ASP K 624 -29.94 -25.06 -90.64
N GLY K 625 -30.19 -23.79 -90.30
CA GLY K 625 -29.57 -23.22 -89.12
C GLY K 625 -29.96 -23.93 -87.83
N ALA K 626 -31.25 -24.24 -87.68
CA ALA K 626 -31.71 -24.91 -86.47
C ALA K 626 -31.08 -26.29 -86.33
N VAL K 627 -30.98 -27.04 -87.43
CA VAL K 627 -30.40 -28.37 -87.38
C VAL K 627 -28.91 -28.30 -87.05
N GLY K 628 -28.19 -27.36 -87.68
CA GLY K 628 -26.78 -27.20 -87.35
C GLY K 628 -26.56 -26.82 -85.90
N ALA K 629 -27.40 -25.92 -85.38
CA ALA K 629 -27.30 -25.53 -83.99
C ALA K 629 -27.59 -26.69 -83.06
N GLN K 630 -28.59 -27.52 -83.40
CA GLN K 630 -28.89 -28.70 -82.60
C GLN K 630 -27.71 -29.67 -82.59
N TRP K 631 -27.08 -29.88 -83.75
CA TRP K 631 -25.92 -30.74 -83.81
C TRP K 631 -24.80 -30.22 -82.92
N LEU K 632 -24.54 -28.91 -83.00
CA LEU K 632 -23.48 -28.33 -82.18
C LEU K 632 -23.82 -28.43 -80.70
N ALA K 633 -25.11 -28.30 -80.35
CA ALA K 633 -25.51 -28.43 -78.95
C ALA K 633 -25.27 -29.85 -78.44
N GLU K 634 -25.64 -30.87 -79.23
CA GLU K 634 -25.38 -32.25 -78.81
C GLU K 634 -23.88 -32.52 -78.70
N PHE K 635 -23.10 -32.02 -79.65
CA PHE K 635 -21.65 -32.20 -79.61
C PHE K 635 -21.06 -31.57 -78.35
N ARG K 636 -21.52 -30.35 -78.03
CA ARG K 636 -21.03 -29.66 -76.84
C ARG K 636 -21.43 -30.40 -75.57
N LYS K 637 -22.67 -30.91 -75.51
CA LYS K 637 -23.09 -31.66 -74.33
C LYS K 637 -22.24 -32.90 -74.14
N TYR K 638 -22.01 -33.64 -75.23
CA TYR K 638 -21.18 -34.84 -75.16
C TYR K 638 -19.78 -34.52 -74.67
N LEU K 639 -19.19 -33.42 -75.15
CA LEU K 639 -17.83 -33.11 -74.74
C LEU K 639 -17.75 -32.56 -73.32
N GLU K 640 -18.73 -31.76 -72.89
CA GLU K 640 -18.70 -31.22 -71.53
C GLU K 640 -19.04 -32.27 -70.49
N LYS K 641 -19.74 -33.35 -70.86
CA LYS K 641 -19.93 -34.48 -69.95
C LYS K 641 -19.56 -35.77 -70.69
N PRO K 642 -18.30 -36.18 -70.61
CA PRO K 642 -17.86 -37.37 -71.36
C PRO K 642 -18.58 -38.64 -70.94
N ILE K 643 -19.03 -38.72 -69.69
CA ILE K 643 -19.74 -39.90 -69.21
C ILE K 643 -21.07 -40.07 -69.94
N THR K 644 -21.58 -39.02 -70.57
CA THR K 644 -22.78 -39.14 -71.39
C THR K 644 -22.50 -39.82 -72.72
N MET K 645 -21.23 -40.02 -73.11
CA MET K 645 -20.95 -40.80 -74.30
C MET K 645 -21.22 -42.29 -74.11
N LEU K 646 -21.46 -42.72 -72.87
CA LEU K 646 -21.86 -44.10 -72.61
C LEU K 646 -23.32 -44.36 -73.00
N LEU K 647 -24.13 -43.33 -73.17
CA LEU K 647 -25.52 -43.48 -73.60
C LEU K 647 -25.60 -44.00 -75.04
N PHE L 420 -27.79 -46.75 -95.89
CA PHE L 420 -28.28 -45.39 -96.06
C PHE L 420 -29.74 -45.37 -96.50
N THR L 421 -30.35 -44.19 -96.47
CA THR L 421 -31.72 -43.99 -96.91
C THR L 421 -31.79 -42.77 -97.81
N ASP L 422 -32.41 -42.93 -98.98
CA ASP L 422 -32.55 -41.84 -99.93
C ASP L 422 -33.90 -41.16 -99.72
N ILE L 423 -33.86 -39.93 -99.21
CA ILE L 423 -35.07 -39.16 -98.96
C ILE L 423 -35.32 -38.27 -100.18
N PRO L 424 -36.45 -38.40 -100.87
CA PRO L 424 -36.70 -37.56 -102.04
C PRO L 424 -36.74 -36.08 -101.66
N ILE L 425 -36.22 -35.24 -102.56
CA ILE L 425 -36.19 -33.80 -102.34
C ILE L 425 -37.52 -33.21 -102.78
N SER L 426 -38.18 -32.49 -101.88
CA SER L 426 -39.43 -31.83 -102.22
C SER L 426 -39.16 -30.64 -103.15
N ASN L 427 -40.23 -30.19 -103.82
CA ASN L 427 -40.10 -29.04 -104.70
C ASN L 427 -39.79 -27.77 -103.90
N ILE L 428 -40.37 -27.65 -102.71
CA ILE L 428 -40.07 -26.50 -101.85
C ILE L 428 -38.59 -26.49 -101.48
N ARG L 429 -38.07 -27.65 -101.10
CA ARG L 429 -36.65 -27.75 -100.75
C ARG L 429 -35.77 -27.47 -101.96
N ARG L 430 -36.19 -27.92 -103.14
CA ARG L 430 -35.45 -27.63 -104.36
C ARG L 430 -35.41 -26.14 -104.64
N VAL L 431 -36.54 -25.45 -104.44
CA VAL L 431 -36.58 -24.01 -104.63
C VAL L 431 -35.66 -23.31 -103.65
N ILE L 432 -35.70 -23.72 -102.37
CA ILE L 432 -34.85 -23.10 -101.36
C ILE L 432 -33.38 -23.33 -101.69
N ALA L 433 -33.03 -24.56 -102.10
CA ALA L 433 -31.64 -24.86 -102.46
C ALA L 433 -31.20 -24.06 -103.67
N GLN L 434 -32.07 -23.89 -104.66
CA GLN L 434 -31.72 -23.09 -105.83
C GLN L 434 -31.51 -21.63 -105.45
N ARG L 435 -32.35 -21.10 -104.56
CA ARG L 435 -32.15 -19.73 -104.09
C ARG L 435 -30.83 -19.58 -103.36
N LEU L 436 -30.48 -20.55 -102.51
CA LEU L 436 -29.22 -20.47 -101.78
C LEU L 436 -28.03 -20.58 -102.72
N MET L 437 -28.12 -21.46 -103.72
CA MET L 437 -27.07 -21.56 -104.72
C MET L 437 -26.90 -20.25 -105.48
N GLN L 438 -28.02 -19.64 -105.88
CA GLN L 438 -27.95 -18.36 -106.58
C GLN L 438 -27.30 -17.29 -105.72
N SER L 439 -27.68 -17.25 -104.43
CA SER L 439 -27.10 -16.26 -103.52
C SER L 439 -25.59 -16.45 -103.40
N LYS L 440 -25.16 -17.68 -103.12
CA LYS L 440 -23.73 -17.91 -102.89
C LYS L 440 -22.92 -17.83 -104.18
N GLN L 441 -23.57 -17.94 -105.34
CA GLN L 441 -22.83 -17.86 -106.60
C GLN L 441 -22.77 -16.43 -107.14
N THR L 442 -23.78 -15.61 -106.86
CA THR L 442 -23.83 -14.27 -107.45
C THR L 442 -23.54 -13.16 -106.47
N ILE L 443 -23.55 -13.42 -105.16
CA ILE L 443 -23.36 -12.39 -104.15
C ILE L 443 -22.00 -12.62 -103.49
N PRO L 444 -21.03 -11.71 -103.64
CA PRO L 444 -19.75 -11.88 -102.93
C PRO L 444 -19.84 -11.55 -101.45
N HIS L 445 -20.25 -12.53 -100.65
CA HIS L 445 -20.45 -12.30 -99.22
C HIS L 445 -19.14 -11.92 -98.54
N TYR L 446 -19.22 -11.04 -97.55
CA TYR L 446 -18.16 -10.88 -96.57
C TYR L 446 -18.77 -10.52 -95.22
N TYR L 447 -18.17 -11.01 -94.15
CA TYR L 447 -18.82 -11.06 -92.85
C TYR L 447 -18.10 -10.15 -91.87
N LEU L 448 -18.87 -9.40 -91.07
CA LEU L 448 -18.33 -8.53 -90.03
C LEU L 448 -19.03 -8.83 -88.71
N SER L 449 -18.25 -9.08 -87.66
CA SER L 449 -18.79 -9.49 -86.38
C SER L 449 -18.45 -8.46 -85.29
N VAL L 450 -19.42 -8.18 -84.42
CA VAL L 450 -19.21 -7.31 -83.27
C VAL L 450 -19.91 -7.91 -82.05
N ASP L 451 -19.62 -7.33 -80.89
CA ASP L 451 -20.24 -7.70 -79.62
C ASP L 451 -21.01 -6.52 -79.06
N VAL L 452 -22.23 -6.79 -78.61
CA VAL L 452 -23.15 -5.78 -78.14
C VAL L 452 -23.50 -6.07 -76.68
N ASN L 453 -23.38 -5.05 -75.83
CA ASN L 453 -23.71 -5.19 -74.42
C ASN L 453 -25.22 -5.06 -74.23
N MET L 454 -25.81 -6.03 -73.56
CA MET L 454 -27.26 -6.16 -73.51
C MET L 454 -27.86 -5.91 -72.13
N GLY L 455 -27.08 -5.41 -71.17
CA GLY L 455 -27.61 -5.18 -69.84
C GLY L 455 -28.73 -4.15 -69.84
N GLU L 456 -28.51 -3.03 -70.52
CA GLU L 456 -29.53 -1.98 -70.55
C GLU L 456 -30.77 -2.44 -71.31
N VAL L 457 -30.58 -3.21 -72.39
CA VAL L 457 -31.73 -3.75 -73.11
C VAL L 457 -32.52 -4.68 -72.21
N LEU L 458 -31.85 -5.53 -71.43
CA LEU L 458 -32.55 -6.43 -70.53
C LEU L 458 -33.32 -5.65 -69.46
N LEU L 459 -32.71 -4.60 -68.90
CA LEU L 459 -33.39 -3.80 -67.90
C LEU L 459 -34.63 -3.10 -68.49
N VAL L 460 -34.47 -2.50 -69.66
CA VAL L 460 -35.58 -1.81 -70.31
C VAL L 460 -36.67 -2.80 -70.67
N ARG L 461 -36.30 -4.00 -71.11
CA ARG L 461 -37.29 -5.01 -71.46
C ARG L 461 -38.06 -5.47 -70.24
N LYS L 462 -37.37 -5.65 -69.11
CA LYS L 462 -38.06 -6.02 -67.88
C LYS L 462 -39.05 -4.94 -67.46
N GLU L 463 -38.62 -3.68 -67.52
CA GLU L 463 -39.51 -2.59 -67.15
C GLU L 463 -40.72 -2.51 -68.10
N LEU L 464 -40.48 -2.67 -69.39
CA LEU L 464 -41.57 -2.61 -70.37
C LEU L 464 -42.55 -3.77 -70.18
N ASN L 465 -42.03 -4.96 -69.89
CA ASN L 465 -42.90 -6.10 -69.65
C ASN L 465 -43.71 -5.92 -68.37
N LYS L 466 -43.10 -5.33 -67.33
CA LYS L 466 -43.86 -5.03 -66.12
C LYS L 466 -44.96 -4.01 -66.41
N MET L 467 -44.66 -2.98 -67.20
CA MET L 467 -45.67 -1.98 -67.53
C MET L 467 -46.79 -2.56 -68.39
N LEU L 468 -46.46 -3.51 -69.28
CA LEU L 468 -47.45 -4.08 -70.18
C LEU L 468 -48.55 -4.85 -69.45
N GLU L 469 -48.26 -5.38 -68.25
CA GLU L 469 -49.25 -6.05 -67.41
C GLU L 469 -49.92 -7.22 -68.14
N GLY L 470 -49.12 -7.94 -68.93
CA GLY L 470 -49.60 -9.13 -69.59
C GLY L 470 -50.36 -8.91 -70.88
N ARG L 471 -50.57 -7.66 -71.29
CA ARG L 471 -51.23 -7.41 -72.57
C ARG L 471 -50.37 -7.92 -73.73
N SER L 472 -49.06 -7.71 -73.65
CA SER L 472 -48.12 -8.28 -74.60
C SER L 472 -46.83 -8.62 -73.86
N LYS L 473 -45.87 -9.20 -74.58
CA LYS L 473 -44.57 -9.54 -74.03
C LYS L 473 -43.50 -9.09 -75.02
N ILE L 474 -42.62 -8.19 -74.58
CA ILE L 474 -41.56 -7.70 -75.45
C ILE L 474 -40.35 -8.63 -75.32
N SER L 475 -39.86 -9.10 -76.46
CA SER L 475 -38.72 -10.00 -76.50
C SER L 475 -37.47 -9.27 -76.98
N VAL L 476 -36.32 -9.92 -76.80
CA VAL L 476 -35.05 -9.34 -77.23
C VAL L 476 -35.00 -9.20 -78.74
N ASN L 477 -35.62 -10.14 -79.47
CA ASN L 477 -35.64 -10.04 -80.92
C ASN L 477 -36.41 -8.81 -81.38
N ASP L 478 -37.38 -8.34 -80.60
CA ASP L 478 -38.07 -7.10 -80.96
C ASP L 478 -37.13 -5.90 -80.88
N PHE L 479 -36.33 -5.81 -79.82
CA PHE L 479 -35.32 -4.77 -79.72
C PHE L 479 -34.34 -4.87 -80.88
N ILE L 480 -33.94 -6.10 -81.22
CA ILE L 480 -32.98 -6.30 -82.31
C ILE L 480 -33.57 -5.83 -83.63
N ILE L 481 -34.84 -6.16 -83.90
CA ILE L 481 -35.47 -5.75 -85.14
C ILE L 481 -35.59 -4.22 -85.21
N LYS L 482 -35.99 -3.60 -84.10
CA LYS L 482 -36.13 -2.14 -84.08
C LYS L 482 -34.78 -1.47 -84.30
N ALA L 483 -33.73 -1.96 -83.64
CA ALA L 483 -32.41 -1.39 -83.81
C ALA L 483 -31.90 -1.58 -85.23
N SER L 484 -32.17 -2.75 -85.82
CA SER L 484 -31.76 -3.00 -87.20
C SER L 484 -32.47 -2.04 -88.15
N ALA L 485 -33.76 -1.81 -87.93
CA ALA L 485 -34.50 -0.88 -88.80
C ALA L 485 -33.96 0.54 -88.67
N LEU L 486 -33.67 0.98 -87.44
CA LEU L 486 -33.15 2.33 -87.27
C LEU L 486 -31.74 2.47 -87.86
N ALA L 487 -30.91 1.44 -87.71
CA ALA L 487 -29.58 1.48 -88.30
C ALA L 487 -29.67 1.47 -89.82
N CYS L 488 -30.65 0.75 -90.38
CA CYS L 488 -30.87 0.78 -91.82
C CYS L 488 -31.30 2.16 -92.28
N LEU L 489 -32.13 2.84 -91.49
CA LEU L 489 -32.47 4.23 -91.83
C LEU L 489 -31.24 5.13 -91.81
N LYS L 490 -30.37 4.95 -90.81
CA LYS L 490 -29.20 5.83 -90.69
C LYS L 490 -28.18 5.53 -91.78
N VAL L 491 -28.06 4.27 -92.19
CA VAL L 491 -27.10 3.87 -93.22
C VAL L 491 -27.86 3.19 -94.35
N PRO L 492 -28.39 3.93 -95.32
CA PRO L 492 -29.26 3.32 -96.33
C PRO L 492 -28.56 2.36 -97.27
N GLU L 493 -27.23 2.32 -97.30
CA GLU L 493 -26.54 1.40 -98.19
C GLU L 493 -26.85 -0.05 -97.84
N ALA L 494 -26.97 -0.36 -96.55
CA ALA L 494 -27.36 -1.70 -96.13
C ALA L 494 -28.81 -2.01 -96.50
N ASN L 495 -29.59 -1.00 -96.86
CA ASN L 495 -30.97 -1.18 -97.30
C ASN L 495 -31.11 -1.04 -98.82
N SER L 496 -30.14 -1.56 -99.56
CA SER L 496 -30.12 -1.45 -101.01
C SER L 496 -30.20 -2.85 -101.64
N SER L 497 -30.27 -2.86 -102.96
CA SER L 497 -30.32 -4.08 -103.74
C SER L 497 -29.59 -3.86 -105.06
N TRP L 498 -28.87 -4.88 -105.50
CA TRP L 498 -28.11 -4.82 -106.74
C TRP L 498 -28.93 -5.43 -107.87
N LEU L 499 -29.15 -4.66 -108.94
CA LEU L 499 -29.98 -5.09 -110.06
C LEU L 499 -29.20 -5.07 -111.37
N ASP L 500 -27.87 -5.09 -111.27
CA ASP L 500 -26.95 -5.24 -112.38
C ASP L 500 -26.90 -4.00 -113.28
N THR L 501 -27.80 -3.05 -113.05
CA THR L 501 -27.77 -1.77 -113.76
C THR L 501 -27.84 -0.58 -112.83
N VAL L 502 -28.62 -0.67 -111.75
CA VAL L 502 -28.74 0.38 -110.75
C VAL L 502 -28.72 -0.27 -109.38
N ILE L 503 -28.43 0.55 -108.36
CA ILE L 503 -28.48 0.13 -106.97
C ILE L 503 -29.74 0.71 -106.35
N ARG L 504 -30.75 -0.13 -106.19
CA ARG L 504 -32.04 0.31 -105.66
C ARG L 504 -31.94 0.52 -104.16
N GLN L 505 -32.05 1.77 -103.72
CA GLN L 505 -31.92 2.12 -102.31
C GLN L 505 -33.32 2.25 -101.70
N ASN L 506 -33.78 1.21 -101.02
CA ASN L 506 -35.13 1.21 -100.48
C ASN L 506 -35.25 2.22 -99.35
N HIS L 507 -36.30 3.04 -99.40
CA HIS L 507 -36.56 4.04 -98.38
C HIS L 507 -37.40 3.51 -97.23
N VAL L 508 -37.97 2.31 -97.35
CA VAL L 508 -38.69 1.66 -96.28
C VAL L 508 -37.89 0.42 -95.86
N VAL L 509 -38.08 0.00 -94.62
CA VAL L 509 -37.33 -1.11 -94.05
C VAL L 509 -38.32 -2.22 -93.73
N ASP L 510 -38.35 -3.24 -94.57
CA ASP L 510 -39.19 -4.42 -94.37
C ASP L 510 -38.27 -5.55 -93.89
N ILE L 511 -38.35 -5.87 -92.61
CA ILE L 511 -37.41 -6.80 -91.98
C ILE L 511 -37.98 -8.22 -92.11
N SER L 512 -37.34 -9.03 -92.94
CA SER L 512 -37.63 -10.46 -92.94
C SER L 512 -37.02 -11.09 -91.69
N VAL L 513 -37.77 -11.97 -91.05
CA VAL L 513 -37.32 -12.63 -89.82
C VAL L 513 -37.28 -14.14 -90.09
N ALA L 514 -36.11 -14.73 -89.93
CA ALA L 514 -35.96 -16.17 -90.15
C ALA L 514 -36.67 -16.93 -89.04
N VAL L 515 -37.52 -17.88 -89.42
CA VAL L 515 -38.29 -18.69 -88.49
C VAL L 515 -38.14 -20.13 -88.92
N SER L 516 -37.82 -21.01 -87.96
CA SER L 516 -37.67 -22.43 -88.24
C SER L 516 -38.98 -23.16 -87.95
N THR L 517 -39.47 -23.88 -88.94
CA THR L 517 -40.68 -24.67 -88.88
C THR L 517 -40.33 -26.09 -89.30
N PRO L 518 -41.19 -27.07 -88.99
CA PRO L 518 -40.88 -28.45 -89.40
C PRO L 518 -40.70 -28.62 -90.90
N ALA L 519 -41.21 -27.71 -91.71
CA ALA L 519 -41.03 -27.77 -93.17
C ALA L 519 -39.79 -27.04 -93.65
N GLY L 520 -39.07 -26.34 -92.77
CA GLY L 520 -37.86 -25.66 -93.15
C GLY L 520 -37.79 -24.24 -92.61
N LEU L 521 -36.96 -23.42 -93.26
CA LEU L 521 -36.79 -22.04 -92.85
C LEU L 521 -37.67 -21.14 -93.71
N ILE L 522 -38.44 -20.25 -93.06
CA ILE L 522 -39.29 -19.31 -93.78
C ILE L 522 -39.07 -17.92 -93.18
N THR L 523 -39.32 -16.90 -93.98
CA THR L 523 -38.96 -15.52 -93.63
C THR L 523 -40.19 -14.61 -93.72
N PRO L 524 -41.06 -14.65 -92.72
CA PRO L 524 -42.14 -13.65 -92.65
C PRO L 524 -41.58 -12.25 -92.50
N ILE L 525 -42.26 -11.29 -93.12
CA ILE L 525 -41.76 -9.92 -93.23
C ILE L 525 -42.54 -9.03 -92.28
N VAL L 526 -41.82 -8.29 -91.43
CA VAL L 526 -42.40 -7.21 -90.64
C VAL L 526 -42.20 -5.95 -91.46
N PHE L 527 -43.29 -5.42 -92.00
CA PHE L 527 -43.22 -4.23 -92.85
C PHE L 527 -43.17 -2.98 -91.98
N ASN L 528 -42.44 -1.98 -92.47
CA ASN L 528 -42.34 -0.67 -91.81
C ASN L 528 -41.88 -0.81 -90.36
N ALA L 529 -40.86 -1.65 -90.16
CA ALA L 529 -40.30 -1.82 -88.83
C ALA L 529 -39.58 -0.57 -88.35
N HIS L 530 -39.27 0.35 -89.28
CA HIS L 530 -38.60 1.59 -88.89
C HIS L 530 -39.56 2.57 -88.24
N ILE L 531 -40.87 2.36 -88.41
CA ILE L 531 -41.87 3.23 -87.79
C ILE L 531 -42.76 2.48 -86.82
N LYS L 532 -42.79 1.15 -86.86
CA LYS L 532 -43.57 0.40 -85.88
C LYS L 532 -42.91 0.43 -84.51
N GLY L 533 -43.74 0.41 -83.46
CA GLY L 533 -43.21 0.39 -82.12
C GLY L 533 -42.85 -1.02 -81.67
N LEU L 534 -42.26 -1.11 -80.48
CA LEU L 534 -41.81 -2.40 -79.97
C LEU L 534 -42.99 -3.34 -79.73
N GLU L 535 -44.08 -2.83 -79.17
CA GLU L 535 -45.25 -3.68 -78.95
C GLU L 535 -45.86 -4.15 -80.26
N THR L 536 -45.98 -3.24 -81.23
CA THR L 536 -46.49 -3.62 -82.54
C THR L 536 -45.57 -4.63 -83.23
N ILE L 537 -44.27 -4.42 -83.14
CA ILE L 537 -43.31 -5.35 -83.74
C ILE L 537 -43.43 -6.72 -83.09
N ALA L 538 -43.54 -6.76 -81.77
CA ALA L 538 -43.67 -8.03 -81.07
C ALA L 538 -44.95 -8.76 -81.47
N ASN L 539 -46.06 -8.03 -81.53
CA ASN L 539 -47.32 -8.65 -81.93
C ASN L 539 -47.25 -9.18 -83.35
N ASP L 540 -46.66 -8.39 -84.26
CA ASP L 540 -46.51 -8.84 -85.64
C ASP L 540 -45.64 -10.09 -85.72
N VAL L 541 -44.55 -10.12 -84.95
CA VAL L 541 -43.66 -11.27 -84.97
C VAL L 541 -44.36 -12.52 -84.46
N VAL L 542 -45.11 -12.40 -83.36
CA VAL L 542 -45.83 -13.55 -82.82
C VAL L 542 -46.87 -14.04 -83.82
N SER L 543 -47.63 -13.12 -84.42
CA SER L 543 -48.66 -13.52 -85.37
C SER L 543 -48.06 -14.21 -86.58
N LEU L 544 -46.99 -13.64 -87.13
CA LEU L 544 -46.37 -14.22 -88.33
C LEU L 544 -45.69 -15.55 -88.00
N ALA L 545 -45.11 -15.68 -86.81
CA ALA L 545 -44.51 -16.94 -86.41
C ALA L 545 -45.57 -18.03 -86.27
N THR L 546 -46.72 -17.68 -85.68
CA THR L 546 -47.82 -18.65 -85.58
C THR L 546 -48.30 -19.06 -86.98
N LYS L 547 -48.45 -18.08 -87.88
CA LYS L 547 -48.87 -18.39 -89.24
C LYS L 547 -47.85 -19.30 -89.93
N ALA L 548 -46.56 -19.02 -89.76
CA ALA L 548 -45.53 -19.83 -90.39
C ALA L 548 -45.52 -21.25 -89.85
N ARG L 549 -45.66 -21.40 -88.53
CA ARG L 549 -45.69 -22.73 -87.94
C ARG L 549 -46.93 -23.50 -88.36
N GLU L 550 -48.05 -22.81 -88.56
CA GLU L 550 -49.27 -23.45 -89.02
C GLU L 550 -49.32 -23.61 -90.53
N GLY L 551 -48.36 -23.07 -91.27
CA GLY L 551 -48.32 -23.22 -92.70
C GLY L 551 -49.35 -22.41 -93.45
N LYS L 552 -49.76 -21.28 -92.89
CA LYS L 552 -50.81 -20.45 -93.48
C LYS L 552 -50.30 -19.14 -94.07
N LEU L 553 -48.98 -18.98 -94.20
CA LEU L 553 -48.44 -17.73 -94.71
C LEU L 553 -48.76 -17.55 -96.19
N GLN L 554 -49.21 -16.35 -96.54
CA GLN L 554 -49.43 -15.99 -97.94
C GLN L 554 -48.10 -15.59 -98.59
N PRO L 555 -47.98 -15.75 -99.91
CA PRO L 555 -46.70 -15.44 -100.58
C PRO L 555 -46.21 -14.02 -100.36
N HIS L 556 -47.12 -13.04 -100.30
CA HIS L 556 -46.69 -11.67 -100.09
C HIS L 556 -46.19 -11.43 -98.67
N GLU L 557 -46.52 -12.31 -97.73
CA GLU L 557 -46.08 -12.14 -96.36
C GLU L 557 -44.66 -12.64 -96.11
N PHE L 558 -44.07 -13.37 -97.05
CA PHE L 558 -42.69 -13.81 -96.91
C PHE L 558 -41.82 -13.59 -98.14
N GLN L 559 -42.37 -13.06 -99.23
CA GLN L 559 -41.57 -12.74 -100.41
C GLN L 559 -41.31 -11.24 -100.44
N GLY L 560 -40.04 -10.86 -100.52
CA GLY L 560 -39.66 -9.46 -100.54
C GLY L 560 -38.77 -9.07 -99.39
N GLY L 561 -38.99 -7.88 -98.84
CA GLY L 561 -38.18 -7.38 -97.75
C GLY L 561 -36.88 -6.75 -98.24
N THR L 562 -36.27 -5.97 -97.34
CA THR L 562 -35.02 -5.28 -97.66
C THR L 562 -33.87 -5.67 -96.74
N PHE L 563 -34.14 -6.35 -95.63
CA PHE L 563 -33.11 -6.71 -94.67
C PHE L 563 -33.60 -7.90 -93.86
N THR L 564 -32.72 -8.89 -93.70
CA THR L 564 -33.09 -10.14 -93.05
C THR L 564 -32.38 -10.26 -91.71
N ILE L 565 -33.07 -10.84 -90.74
CA ILE L 565 -32.50 -11.12 -89.41
C ILE L 565 -32.74 -12.59 -89.10
N SER L 566 -31.65 -13.31 -88.82
CA SER L 566 -31.71 -14.72 -88.44
C SER L 566 -31.11 -14.85 -87.06
N ASN L 567 -31.94 -15.20 -86.08
CA ASN L 567 -31.52 -15.28 -84.68
C ASN L 567 -31.50 -16.75 -84.26
N LEU L 568 -30.32 -17.24 -83.90
CA LEU L 568 -30.17 -18.60 -83.39
C LEU L 568 -29.66 -18.61 -81.95
N GLY L 569 -29.85 -17.53 -81.21
CA GLY L 569 -29.38 -17.49 -79.83
C GLY L 569 -30.09 -18.48 -78.94
N MET L 570 -31.37 -18.74 -79.22
CA MET L 570 -32.14 -19.67 -78.40
C MET L 570 -31.62 -21.10 -78.48
N PHE L 571 -30.80 -21.41 -79.49
CA PHE L 571 -30.19 -22.73 -79.62
C PHE L 571 -28.78 -22.77 -79.06
N GLY L 572 -28.30 -21.69 -78.46
CA GLY L 572 -27.00 -21.69 -77.84
C GLY L 572 -25.83 -21.40 -78.74
N ILE L 573 -26.08 -20.95 -79.97
CA ILE L 573 -25.00 -20.63 -80.89
C ILE L 573 -24.32 -19.34 -80.44
N LYS L 574 -23.00 -19.39 -80.28
CA LYS L 574 -22.25 -18.19 -79.90
C LYS L 574 -22.30 -17.15 -81.00
N ASN L 575 -21.97 -17.56 -82.23
CA ASN L 575 -22.12 -16.69 -83.40
C ASN L 575 -22.13 -17.56 -84.64
N PHE L 576 -22.61 -16.99 -85.74
CA PHE L 576 -22.65 -17.72 -87.00
C PHE L 576 -22.74 -16.73 -88.16
N SER L 577 -22.46 -17.23 -89.35
CA SER L 577 -22.50 -16.44 -90.58
C SER L 577 -23.58 -17.01 -91.48
N ALA L 578 -24.51 -16.16 -91.90
CA ALA L 578 -25.65 -16.60 -92.68
C ALA L 578 -25.47 -16.28 -94.16
N ILE L 579 -26.43 -16.74 -94.96
CA ILE L 579 -26.42 -16.52 -96.40
C ILE L 579 -27.40 -15.40 -96.72
N ILE L 580 -26.96 -14.44 -97.54
CA ILE L 580 -27.81 -13.32 -97.92
C ILE L 580 -28.98 -13.81 -98.75
N ASN L 581 -30.20 -13.43 -98.34
CA ASN L 581 -31.41 -13.77 -99.08
C ASN L 581 -31.57 -12.79 -100.23
N PRO L 582 -31.55 -13.24 -101.48
CA PRO L 582 -31.62 -12.32 -102.61
C PRO L 582 -32.99 -11.68 -102.72
N PRO L 583 -33.10 -10.48 -103.29
CA PRO L 583 -32.01 -9.65 -103.83
C PRO L 583 -31.45 -8.67 -102.81
N GLN L 584 -31.60 -8.94 -101.52
CA GLN L 584 -31.16 -8.01 -100.49
C GLN L 584 -29.63 -7.93 -100.45
N ALA L 585 -29.13 -6.98 -99.66
CA ALA L 585 -27.70 -6.72 -99.60
C ALA L 585 -27.04 -7.17 -98.31
N CYS L 586 -27.82 -7.42 -97.26
CA CYS L 586 -27.26 -7.80 -95.97
C CYS L 586 -28.20 -8.75 -95.24
N ILE L 587 -27.64 -9.47 -94.28
CA ILE L 587 -28.42 -10.29 -93.35
C ILE L 587 -27.70 -10.30 -92.02
N LEU L 588 -28.44 -10.07 -90.94
CA LEU L 588 -27.88 -10.00 -89.60
C LEU L 588 -28.06 -11.34 -88.90
N ALA L 589 -26.94 -11.98 -88.58
CA ALA L 589 -26.94 -13.25 -87.86
C ALA L 589 -26.71 -12.99 -86.39
N VAL L 590 -27.63 -13.45 -85.55
CA VAL L 590 -27.66 -13.13 -84.13
C VAL L 590 -27.38 -14.40 -83.34
N GLY L 591 -26.42 -14.33 -82.43
CA GLY L 591 -26.07 -15.44 -81.57
C GLY L 591 -26.66 -15.31 -80.18
N ALA L 592 -26.14 -16.14 -79.27
CA ALA L 592 -26.66 -16.19 -77.91
C ALA L 592 -26.01 -15.13 -77.03
N SER L 593 -26.73 -14.75 -75.98
CA SER L 593 -26.21 -13.81 -74.99
C SER L 593 -25.60 -14.56 -73.82
N GLU L 594 -24.34 -14.25 -73.53
CA GLU L 594 -23.58 -14.91 -72.47
C GLU L 594 -22.91 -13.88 -71.59
N ASP L 595 -22.76 -14.21 -70.31
CA ASP L 595 -22.10 -13.33 -69.36
C ASP L 595 -20.59 -13.42 -69.53
N ARG L 596 -19.93 -12.27 -69.63
CA ARG L 596 -18.48 -12.22 -69.80
C ARG L 596 -17.87 -11.19 -68.84
N LEU L 597 -16.65 -11.49 -68.39
CA LEU L 597 -15.93 -10.60 -67.49
C LEU L 597 -15.19 -9.53 -68.29
N PHE L 598 -15.15 -8.31 -67.75
CA PHE L 598 -14.52 -7.19 -68.43
C PHE L 598 -13.78 -6.30 -67.44
N PRO L 599 -12.74 -5.59 -67.90
CA PRO L 599 -12.04 -4.65 -67.02
C PRO L 599 -12.97 -3.57 -66.50
N ALA L 600 -12.78 -3.18 -65.24
CA ALA L 600 -13.55 -2.12 -64.63
C ALA L 600 -12.69 -1.42 -63.59
N ASP L 601 -12.98 -0.13 -63.37
CA ASP L 601 -12.26 0.67 -62.39
C ASP L 601 -12.97 0.57 -61.03
N ASN L 602 -12.95 -0.65 -60.49
CA ASN L 602 -13.57 -0.92 -59.20
C ASN L 602 -12.59 -1.72 -58.35
N GLU L 603 -13.03 -2.03 -57.12
CA GLU L 603 -12.17 -2.75 -56.19
C GLU L 603 -11.84 -4.15 -56.68
N LYS L 604 -12.84 -4.88 -57.20
CA LYS L 604 -12.60 -6.21 -57.73
C LYS L 604 -11.76 -6.20 -58.99
N GLY L 605 -11.75 -5.09 -59.73
CA GLY L 605 -11.02 -5.01 -60.98
C GLY L 605 -11.77 -5.53 -62.18
N PHE L 606 -13.01 -5.97 -62.02
CA PHE L 606 -13.77 -6.49 -63.15
C PHE L 606 -15.27 -6.35 -62.89
N ASP L 607 -16.04 -6.51 -63.96
CA ASP L 607 -17.49 -6.48 -63.91
C ASP L 607 -18.04 -7.57 -64.83
N VAL L 608 -19.32 -7.88 -64.65
CA VAL L 608 -20.00 -8.91 -65.43
C VAL L 608 -21.02 -8.23 -66.33
N ALA L 609 -20.93 -8.50 -67.63
CA ALA L 609 -21.84 -7.92 -68.62
C ALA L 609 -22.33 -9.01 -69.56
N SER L 610 -23.62 -8.94 -69.90
CA SER L 610 -24.23 -9.91 -70.80
C SER L 610 -24.11 -9.39 -72.22
N MET L 611 -23.21 -9.98 -73.00
CA MET L 611 -22.97 -9.55 -74.37
C MET L 611 -23.57 -10.53 -75.36
N MET L 612 -23.91 -10.02 -76.53
CA MET L 612 -24.43 -10.79 -77.64
C MET L 612 -23.53 -10.54 -78.84
N SER L 613 -23.17 -11.60 -79.56
CA SER L 613 -22.30 -11.47 -80.72
C SER L 613 -23.14 -11.53 -81.99
N VAL L 614 -23.05 -10.48 -82.79
CA VAL L 614 -23.85 -10.38 -84.01
C VAL L 614 -22.91 -10.25 -85.21
N THR L 615 -23.22 -10.99 -86.26
CA THR L 615 -22.42 -11.02 -87.49
C THR L 615 -23.31 -10.60 -88.65
N LEU L 616 -22.91 -9.52 -89.32
CA LEU L 616 -23.60 -9.04 -90.51
C LEU L 616 -22.87 -9.54 -91.75
N SER L 617 -23.58 -10.25 -92.62
CA SER L 617 -23.04 -10.70 -93.88
C SER L 617 -23.49 -9.74 -94.97
N CYS L 618 -22.52 -9.12 -95.65
CA CYS L 618 -22.79 -8.02 -96.56
C CYS L 618 -22.38 -8.40 -97.98
N ASP L 619 -23.15 -7.90 -98.95
CA ASP L 619 -22.80 -7.97 -100.36
C ASP L 619 -21.74 -6.91 -100.65
N HIS L 620 -20.52 -7.35 -100.97
CA HIS L 620 -19.43 -6.41 -101.16
C HIS L 620 -19.60 -5.55 -102.41
N ARG L 621 -20.51 -5.91 -103.31
CA ARG L 621 -20.81 -5.03 -104.43
C ARG L 621 -21.49 -3.75 -103.99
N VAL L 622 -22.35 -3.83 -102.99
CA VAL L 622 -23.15 -2.68 -102.53
C VAL L 622 -22.55 -2.07 -101.27
N VAL L 623 -22.23 -2.90 -100.29
CA VAL L 623 -21.78 -2.43 -98.97
C VAL L 623 -20.30 -2.77 -98.84
N ASP L 624 -19.46 -1.74 -98.75
CA ASP L 624 -18.04 -1.97 -98.51
C ASP L 624 -17.78 -2.07 -97.00
N GLY L 625 -16.52 -2.30 -96.66
CA GLY L 625 -16.17 -2.55 -95.27
C GLY L 625 -16.50 -1.39 -94.36
N ALA L 626 -16.21 -0.17 -94.78
CA ALA L 626 -16.49 1.00 -93.95
C ALA L 626 -17.98 1.17 -93.72
N VAL L 627 -18.79 0.98 -94.76
CA VAL L 627 -20.24 1.12 -94.61
C VAL L 627 -20.80 0.04 -93.69
N GLY L 628 -20.35 -1.21 -93.86
CA GLY L 628 -20.81 -2.27 -92.98
C GLY L 628 -20.42 -2.02 -91.54
N ALA L 629 -19.20 -1.54 -91.32
CA ALA L 629 -18.75 -1.23 -89.96
C ALA L 629 -19.56 -0.08 -89.37
N GLN L 630 -19.88 0.93 -90.17
CA GLN L 630 -20.71 2.03 -89.68
C GLN L 630 -22.10 1.53 -89.29
N TRP L 631 -22.68 0.64 -90.12
CA TRP L 631 -23.98 0.06 -89.79
C TRP L 631 -23.92 -0.70 -88.47
N LEU L 632 -22.88 -1.51 -88.29
CA LEU L 632 -22.77 -2.29 -87.06
C LEU L 632 -22.56 -1.39 -85.85
N ALA L 633 -21.79 -0.31 -86.01
CA ALA L 633 -21.60 0.64 -84.92
C ALA L 633 -22.90 1.32 -84.53
N GLU L 634 -23.70 1.72 -85.53
CA GLU L 634 -24.99 2.33 -85.23
C GLU L 634 -25.92 1.35 -84.53
N PHE L 635 -25.94 0.10 -85.01
CA PHE L 635 -26.75 -0.93 -84.38
C PHE L 635 -26.35 -1.16 -82.93
N ARG L 636 -25.03 -1.23 -82.69
CA ARG L 636 -24.53 -1.43 -81.33
C ARG L 636 -24.87 -0.26 -80.43
N LYS L 637 -24.76 0.97 -80.95
CA LYS L 637 -25.12 2.13 -80.15
C LYS L 637 -26.60 2.12 -79.79
N TYR L 638 -27.46 1.80 -80.77
CA TYR L 638 -28.90 1.75 -80.51
C TYR L 638 -29.23 0.70 -79.46
N LEU L 639 -28.60 -0.47 -79.52
CA LEU L 639 -28.88 -1.48 -78.51
C LEU L 639 -28.30 -1.13 -77.15
N GLU L 640 -27.10 -0.55 -77.11
CA GLU L 640 -26.47 -0.24 -75.83
C GLU L 640 -27.14 0.94 -75.13
N LYS L 641 -27.85 1.79 -75.87
CA LYS L 641 -28.63 2.87 -75.27
C LYS L 641 -30.05 2.81 -75.84
N PRO L 642 -30.92 2.01 -75.24
CA PRO L 642 -32.28 1.84 -75.80
C PRO L 642 -33.07 3.13 -75.87
N ILE L 643 -32.78 4.11 -75.01
CA ILE L 643 -33.52 5.37 -75.06
C ILE L 643 -33.20 6.13 -76.34
N THR L 644 -32.09 5.81 -77.00
CA THR L 644 -31.74 6.48 -78.24
C THR L 644 -32.57 6.02 -79.42
N MET L 645 -33.35 4.95 -79.28
CA MET L 645 -34.30 4.61 -80.32
C MET L 645 -35.47 5.58 -80.38
N LEU L 646 -35.61 6.44 -79.38
CA LEU L 646 -36.62 7.50 -79.42
C LEU L 646 -36.22 8.63 -80.37
N LEU L 647 -34.94 8.78 -80.68
CA LEU L 647 -34.49 9.84 -81.57
C LEU L 647 -34.81 9.50 -83.02
N PHE M 420 -47.53 99.45 -1.82
CA PHE M 420 -48.18 98.82 -0.67
C PHE M 420 -49.69 98.92 -0.75
N THR M 421 -50.38 98.19 0.12
CA THR M 421 -51.83 98.21 0.20
C THR M 421 -52.25 98.36 1.66
N ASP M 422 -53.14 99.31 1.93
CA ASP M 422 -53.62 99.55 3.28
C ASP M 422 -54.92 98.78 3.48
N ILE M 423 -54.87 97.75 4.32
CA ILE M 423 -56.04 96.93 4.62
C ILE M 423 -56.67 97.47 5.90
N PRO M 424 -57.92 97.92 5.86
CA PRO M 424 -58.56 98.44 7.08
C PRO M 424 -58.63 97.38 8.17
N ILE M 425 -58.45 97.82 9.41
CA ILE M 425 -58.49 96.92 10.56
C ILE M 425 -59.95 96.75 11.00
N SER M 426 -60.40 95.50 11.07
CA SER M 426 -61.76 95.24 11.53
C SER M 426 -61.86 95.48 13.03
N ASN M 427 -63.10 95.63 13.51
CA ASN M 427 -63.31 95.82 14.94
C ASN M 427 -62.92 94.57 15.73
N ILE M 428 -63.18 93.39 15.16
CA ILE M 428 -62.77 92.15 15.82
C ILE M 428 -61.25 92.10 15.96
N ARG M 429 -60.54 92.45 14.89
CA ARG M 429 -59.08 92.47 14.94
C ARG M 429 -58.58 93.51 15.93
N ARG M 430 -59.25 94.66 16.00
CA ARG M 430 -58.89 95.69 16.97
C ARG M 430 -59.05 95.18 18.39
N VAL M 431 -60.15 94.46 18.65
CA VAL M 431 -60.38 93.91 19.98
C VAL M 431 -59.30 92.89 20.32
N ILE M 432 -58.96 92.01 19.37
CA ILE M 432 -57.94 91.00 19.61
C ILE M 432 -56.59 91.66 19.87
N ALA M 433 -56.25 92.69 19.08
CA ALA M 433 -54.99 93.39 19.26
C ALA M 433 -54.95 94.10 20.62
N GLN M 434 -56.06 94.69 21.04
CA GLN M 434 -56.11 95.35 22.34
C GLN M 434 -55.94 94.34 23.47
N ARG M 435 -56.56 93.17 23.34
CA ARG M 435 -56.38 92.12 24.34
C ARG M 435 -54.93 91.67 24.41
N LEU M 436 -54.28 91.49 23.26
CA LEU M 436 -52.88 91.07 23.25
C LEU M 436 -51.98 92.14 23.84
N MET M 437 -52.25 93.41 23.53
CA MET M 437 -51.49 94.50 24.12
C MET M 437 -51.65 94.52 25.63
N GLN M 438 -52.89 94.35 26.12
CA GLN M 438 -53.12 94.32 27.55
C GLN M 438 -52.37 93.18 28.21
N SER M 439 -52.40 91.99 27.58
CA SER M 439 -51.70 90.84 28.13
C SER M 439 -50.20 91.11 28.22
N LYS M 440 -49.60 91.56 27.13
CA LYS M 440 -48.15 91.74 27.12
C LYS M 440 -47.71 92.95 27.96
N GLN M 441 -48.63 93.87 28.26
CA GLN M 441 -48.26 95.02 29.06
C GLN M 441 -48.47 94.78 30.55
N THR M 442 -49.45 93.95 30.93
CA THR M 442 -49.77 93.77 32.34
C THR M 442 -49.34 92.43 32.91
N ILE M 443 -48.99 91.46 32.08
CA ILE M 443 -48.62 90.12 32.54
C ILE M 443 -47.13 89.93 32.31
N PRO M 444 -46.33 89.78 33.36
CA PRO M 444 -44.89 89.50 33.17
C PRO M 444 -44.62 88.07 32.75
N HIS M 445 -44.71 87.80 31.45
CA HIS M 445 -44.55 86.44 30.95
C HIS M 445 -43.15 85.91 31.24
N TYR M 446 -43.06 84.61 31.51
CA TYR M 446 -41.79 83.90 31.42
C TYR M 446 -42.06 82.47 30.98
N TYR M 447 -41.15 81.92 30.19
CA TYR M 447 -41.42 80.72 29.41
C TYR M 447 -40.55 79.57 29.89
N LEU M 448 -41.16 78.38 30.03
CA LEU M 448 -40.45 77.17 30.40
C LEU M 448 -40.74 76.06 29.39
N SER M 449 -39.70 75.45 28.86
CA SER M 449 -39.85 74.45 27.79
C SER M 449 -39.33 73.09 28.24
N VAL M 450 -40.05 72.04 27.87
CA VAL M 450 -39.62 70.67 28.13
C VAL M 450 -39.92 69.81 26.92
N ASP M 451 -39.39 68.59 26.93
CA ASP M 451 -39.60 67.59 25.90
C ASP M 451 -40.32 66.37 26.49
N VAL M 452 -41.35 65.92 25.78
CA VAL M 452 -42.20 64.83 26.24
C VAL M 452 -42.11 63.69 25.25
N ASN M 453 -41.85 62.48 25.74
CA ASN M 453 -41.78 61.29 24.91
C ASN M 453 -43.20 60.80 24.64
N MET M 454 -43.53 60.63 23.36
CA MET M 454 -44.91 60.38 22.95
C MET M 454 -45.16 58.99 22.41
N GLY M 455 -44.20 58.06 22.55
CA GLY M 455 -44.39 56.72 22.02
C GLY M 455 -45.54 55.99 22.67
N GLU M 456 -45.62 56.04 24.00
CA GLU M 456 -46.70 55.36 24.70
C GLU M 456 -48.05 56.00 24.40
N VAL M 457 -48.08 57.33 24.27
CA VAL M 457 -49.32 58.00 23.89
C VAL M 457 -49.76 57.55 22.51
N LEU M 458 -48.83 57.44 21.56
CA LEU M 458 -49.19 56.99 20.22
C LEU M 458 -49.72 55.56 20.25
N LEU M 459 -49.08 54.68 21.01
CA LEU M 459 -49.54 53.30 21.10
C LEU M 459 -50.94 53.22 21.71
N VAL M 460 -51.16 53.94 22.81
CA VAL M 460 -52.47 53.94 23.47
C VAL M 460 -53.52 54.55 22.55
N ARG M 461 -53.16 55.58 21.80
CA ARG M 461 -54.11 56.20 20.88
C ARG M 461 -54.48 55.26 19.75
N LYS M 462 -53.51 54.52 19.23
CA LYS M 462 -53.81 53.53 18.20
C LYS M 462 -54.75 52.46 18.72
N GLU M 463 -54.48 51.95 19.93
CA GLU M 463 -55.34 50.93 20.52
C GLU M 463 -56.75 51.47 20.77
N LEU M 464 -56.85 52.69 21.28
CA LEU M 464 -58.16 53.29 21.55
C LEU M 464 -58.94 53.53 20.26
N ASN M 465 -58.25 53.98 19.20
CA ASN M 465 -58.93 54.18 17.93
C ASN M 465 -59.38 52.85 17.33
N LYS M 466 -58.58 51.80 17.48
CA LYS M 466 -59.02 50.48 17.03
C LYS M 466 -60.25 50.01 17.81
N MET M 467 -60.26 50.23 19.12
CA MET M 467 -61.41 49.82 19.92
C MET M 467 -62.66 50.63 19.59
N LEU M 468 -62.49 51.91 19.25
CA LEU M 468 -63.62 52.78 18.96
C LEU M 468 -64.41 52.35 17.74
N GLU M 469 -63.77 51.65 16.78
CA GLU M 469 -64.44 51.09 15.62
C GLU M 469 -65.16 52.17 14.80
N GLY M 470 -64.54 53.34 14.71
CA GLY M 470 -65.06 54.41 13.89
C GLY M 470 -66.15 55.26 14.52
N ARG M 471 -66.57 54.94 15.74
CA ARG M 471 -67.56 55.78 16.41
C ARG M 471 -67.00 57.17 16.68
N SER M 472 -65.74 57.24 17.10
CA SER M 472 -65.03 58.50 17.24
C SER M 472 -63.57 58.28 16.89
N LYS M 473 -62.79 59.36 16.92
CA LYS M 473 -61.36 59.29 16.64
C LYS M 473 -60.64 60.11 17.70
N ILE M 474 -59.76 59.45 18.47
CA ILE M 474 -59.01 60.13 19.50
C ILE M 474 -57.73 60.71 18.91
N SER M 475 -57.52 62.00 19.13
CA SER M 475 -56.34 62.69 18.61
C SER M 475 -55.34 62.96 19.72
N VAL M 476 -54.12 63.34 19.32
CA VAL M 476 -53.07 63.65 20.28
C VAL M 476 -53.44 64.87 21.11
N ASN M 477 -54.13 65.84 20.51
CA ASN M 477 -54.54 67.02 21.26
C ASN M 477 -55.52 66.66 22.38
N ASP M 478 -56.28 65.58 22.23
CA ASP M 478 -57.16 65.14 23.31
C ASP M 478 -56.35 64.65 24.50
N PHE M 479 -55.31 63.85 24.25
CA PHE M 479 -54.41 63.45 25.32
C PHE M 479 -53.75 64.65 25.97
N ILE M 480 -53.35 65.62 25.15
CA ILE M 480 -52.70 66.82 25.69
C ILE M 480 -53.65 67.60 26.58
N ILE M 481 -54.91 67.75 26.15
CA ILE M 481 -55.89 68.49 26.95
C ILE M 481 -56.16 67.76 28.26
N LYS M 482 -56.32 66.43 28.20
CA LYS M 482 -56.57 65.68 29.43
C LYS M 482 -55.40 65.78 30.40
N ALA M 483 -54.17 65.65 29.88
CA ALA M 483 -53.00 65.75 30.73
C ALA M 483 -52.87 67.14 31.32
N SER M 484 -53.17 68.18 30.53
CA SER M 484 -53.12 69.54 31.04
C SER M 484 -54.14 69.74 32.15
N ALA M 485 -55.35 69.20 31.99
CA ALA M 485 -56.36 69.34 33.03
C ALA M 485 -55.94 68.62 34.31
N LEU M 486 -55.39 67.41 34.18
CA LEU M 486 -54.96 66.69 35.38
C LEU M 486 -53.78 67.38 36.07
N ALA M 487 -52.84 67.92 35.28
CA ALA M 487 -51.73 68.65 35.88
C ALA M 487 -52.22 69.93 36.55
N CYS M 488 -53.24 70.57 35.97
CA CYS M 488 -53.83 71.74 36.62
C CYS M 488 -54.48 71.36 37.94
N LEU M 489 -55.14 70.20 37.99
CA LEU M 489 -55.68 69.73 39.26
C LEU M 489 -54.57 69.50 40.28
N LYS M 490 -53.47 68.89 39.85
CA LYS M 490 -52.39 68.57 40.80
C LYS M 490 -51.67 69.83 41.26
N VAL M 491 -51.55 70.83 40.40
CA VAL M 491 -50.86 72.07 40.72
C VAL M 491 -51.82 73.24 40.49
N PRO M 492 -52.65 73.58 41.47
CA PRO M 492 -53.70 74.59 41.23
C PRO M 492 -53.19 75.99 40.98
N GLU M 493 -51.91 76.28 41.24
CA GLU M 493 -51.39 77.62 41.00
C GLU M 493 -51.47 77.99 39.53
N ALA M 494 -51.22 77.03 38.64
CA ALA M 494 -51.36 77.28 37.21
C ALA M 494 -52.82 77.47 36.80
N ASN M 495 -53.76 77.13 37.68
CA ASN M 495 -55.18 77.33 37.44
C ASN M 495 -55.72 78.53 38.24
N SER M 496 -54.95 79.59 38.34
CA SER M 496 -55.31 80.77 39.10
C SER M 496 -55.43 81.98 38.17
N SER M 497 -55.82 83.10 38.76
CA SER M 497 -55.97 84.36 38.05
C SER M 497 -55.64 85.50 39.00
N TRP M 498 -54.96 86.53 38.48
CA TRP M 498 -54.58 87.69 39.27
C TRP M 498 -55.61 88.79 39.09
N LEU M 499 -56.16 89.28 40.20
CA LEU M 499 -57.22 90.28 40.17
C LEU M 499 -56.82 91.52 40.96
N ASP M 500 -55.51 91.69 41.17
CA ASP M 500 -54.90 92.88 41.75
C ASP M 500 -55.21 93.04 43.25
N THR M 501 -56.09 92.20 43.77
CA THR M 501 -56.38 92.17 45.21
C THR M 501 -56.30 90.77 45.79
N VAL M 502 -56.77 89.76 45.04
CA VAL M 502 -56.71 88.36 45.46
C VAL M 502 -56.28 87.53 44.28
N ILE M 503 -55.80 86.31 44.58
CA ILE M 503 -55.45 85.33 43.56
C ILE M 503 -56.55 84.29 43.51
N ARG M 504 -57.40 84.38 42.50
CA ARG M 504 -58.54 83.48 42.37
C ARG M 504 -58.06 82.13 41.88
N GLN M 505 -58.18 81.11 42.72
CA GLN M 505 -57.71 79.77 42.40
C GLN M 505 -58.90 78.93 41.95
N ASN M 506 -59.08 78.79 40.63
CA ASN M 506 -60.23 78.08 40.10
C ASN M 506 -60.15 76.60 40.42
N HIS M 507 -61.25 76.04 40.93
CA HIS M 507 -61.31 74.62 41.26
C HIS M 507 -61.78 73.75 40.10
N VAL M 508 -62.24 74.36 39.01
CA VAL M 508 -62.59 73.64 37.80
C VAL M 508 -61.60 74.05 36.71
N VAL M 509 -61.42 73.17 35.74
CA VAL M 509 -60.44 73.38 34.66
C VAL M 509 -61.21 73.48 33.35
N ASP M 510 -61.37 74.70 32.85
CA ASP M 510 -62.01 74.96 31.57
C ASP M 510 -60.90 75.29 30.57
N ILE M 511 -60.61 74.35 29.69
CA ILE M 511 -59.45 74.45 28.79
C ILE M 511 -59.89 75.16 27.51
N SER M 512 -59.42 76.39 27.33
CA SER M 512 -59.57 77.05 26.03
C SER M 512 -58.61 76.42 25.04
N VAL M 513 -59.07 76.17 23.82
CA VAL M 513 -58.26 75.56 22.77
C VAL M 513 -58.15 76.53 21.61
N ALA M 514 -56.93 76.89 21.25
CA ALA M 514 -56.72 77.83 20.16
C ALA M 514 -57.01 77.15 18.83
N VAL M 515 -57.88 77.75 18.04
CA VAL M 515 -58.28 77.25 16.73
C VAL M 515 -58.12 78.37 15.73
N SER M 516 -57.46 78.06 14.61
CA SER M 516 -57.26 79.03 13.55
C SER M 516 -58.36 78.92 12.50
N THR M 517 -59.03 80.02 12.24
CA THR M 517 -60.11 80.14 11.27
C THR M 517 -59.75 81.27 10.32
N PRO M 518 -60.41 81.34 9.15
CA PRO M 518 -60.09 82.43 8.21
C PRO M 518 -60.30 83.81 8.80
N ALA M 519 -61.08 83.95 9.86
CA ALA M 519 -61.30 85.24 10.51
C ALA M 519 -60.30 85.53 11.63
N GLY M 520 -59.44 84.58 11.97
CA GLY M 520 -58.44 84.77 13.00
C GLY M 520 -58.36 83.61 13.97
N LEU M 521 -57.81 83.90 15.15
CA LEU M 521 -57.67 82.90 16.19
C LEU M 521 -58.83 83.01 17.18
N ILE M 522 -59.47 81.89 17.48
CA ILE M 522 -60.55 81.86 18.45
C ILE M 522 -60.32 80.71 19.42
N THR M 523 -60.87 80.84 20.63
CA THR M 523 -60.57 79.91 21.72
C THR M 523 -61.86 79.32 22.28
N PRO M 524 -62.43 78.32 21.60
CA PRO M 524 -63.54 77.57 22.21
C PRO M 524 -63.09 76.84 23.46
N ILE M 525 -63.99 76.77 24.43
CA ILE M 525 -63.67 76.27 25.76
C ILE M 525 -64.25 74.88 25.94
N VAL M 526 -63.40 73.92 26.33
CA VAL M 526 -63.85 72.60 26.78
C VAL M 526 -63.99 72.71 28.28
N PHE M 527 -65.24 72.70 28.76
CA PHE M 527 -65.50 72.84 30.19
C PHE M 527 -65.34 71.49 30.88
N ASN M 528 -64.86 71.54 32.12
CA ASN M 528 -64.71 70.34 32.97
C ASN M 528 -63.87 69.28 32.27
N ALA M 529 -62.76 69.71 31.66
CA ALA M 529 -61.86 68.77 31.02
C ALA M 529 -61.16 67.87 32.04
N HIS M 530 -61.18 68.26 33.31
CA HIS M 530 -60.55 67.44 34.35
C HIS M 530 -61.41 66.22 34.69
N ILE M 531 -62.69 66.23 34.32
CA ILE M 531 -63.56 65.09 34.56
C ILE M 531 -64.09 64.47 33.29
N LYS M 532 -64.01 65.16 32.15
CA LYS M 532 -64.43 64.57 30.89
C LYS M 532 -63.44 63.51 30.42
N GLY M 533 -63.96 62.48 29.75
CA GLY M 533 -63.09 61.45 29.22
C GLY M 533 -62.50 61.84 27.87
N LEU M 534 -61.62 60.98 27.37
CA LEU M 534 -60.93 61.28 26.11
C LEU M 534 -61.91 61.33 24.95
N GLU M 535 -62.86 60.39 24.90
CA GLU M 535 -63.85 60.41 23.82
C GLU M 535 -64.73 61.65 23.89
N THR M 536 -65.19 62.00 25.10
CA THR M 536 -65.99 63.20 25.27
C THR M 536 -65.19 64.46 24.92
N ILE M 537 -63.93 64.51 25.32
CA ILE M 537 -63.08 65.66 25.00
C ILE M 537 -62.91 65.78 23.49
N ALA M 538 -62.66 64.65 22.83
CA ALA M 538 -62.48 64.67 21.38
C ALA M 538 -63.75 65.14 20.67
N ASN M 539 -64.90 64.62 21.10
CA ASN M 539 -66.16 65.04 20.48
C ASN M 539 -66.42 66.52 20.69
N ASP M 540 -66.16 67.01 21.92
CA ASP M 540 -66.34 68.43 22.20
C ASP M 540 -65.40 69.28 21.34
N VAL M 541 -64.15 68.84 21.19
CA VAL M 541 -63.19 69.60 20.39
C VAL M 541 -63.62 69.66 18.93
N VAL M 542 -64.06 68.52 18.37
CA VAL M 542 -64.50 68.51 16.98
C VAL M 542 -65.72 69.41 16.80
N SER M 543 -66.69 69.32 17.71
CA SER M 543 -67.90 70.14 17.59
C SER M 543 -67.57 71.62 17.68
N LEU M 544 -66.74 72.00 18.66
CA LEU M 544 -66.41 73.41 18.83
C LEU M 544 -65.55 73.93 17.68
N ALA M 545 -64.66 73.08 17.14
CA ALA M 545 -63.87 73.49 15.99
C ALA M 545 -64.75 73.72 14.77
N THR M 546 -65.73 72.83 14.56
CA THR M 546 -66.67 73.03 13.45
C THR M 546 -67.46 74.33 13.64
N LYS M 547 -67.93 74.58 14.87
CA LYS M 547 -68.66 75.81 15.14
C LYS M 547 -67.78 77.03 14.88
N ALA M 548 -66.52 76.98 15.32
CA ALA M 548 -65.62 78.11 15.13
C ALA M 548 -65.34 78.36 13.65
N ARG M 549 -65.11 77.29 12.89
CA ARG M 549 -64.87 77.45 11.46
C ARG M 549 -66.09 77.96 10.74
N GLU M 550 -67.29 77.58 11.19
CA GLU M 550 -68.52 78.07 10.59
C GLU M 550 -68.95 79.42 11.14
N GLY M 551 -68.27 79.95 12.15
CA GLY M 551 -68.59 81.25 12.69
C GLY M 551 -69.86 81.29 13.51
N LYS M 552 -70.21 80.18 14.15
CA LYS M 552 -71.45 80.07 14.92
C LYS M 552 -71.23 80.01 16.42
N LEU M 553 -70.02 80.28 16.90
CA LEU M 553 -69.75 80.19 18.33
C LEU M 553 -70.46 81.29 19.10
N GLN M 554 -71.10 80.91 20.20
CA GLN M 554 -71.70 81.87 21.11
C GLN M 554 -70.63 82.47 22.03
N PRO M 555 -70.85 83.69 22.53
CA PRO M 555 -69.83 84.34 23.37
C PRO M 555 -69.43 83.53 24.60
N HIS M 556 -70.38 82.83 25.23
CA HIS M 556 -70.04 82.05 26.40
C HIS M 556 -69.21 80.82 26.06
N GLU M 557 -69.20 80.40 24.80
CA GLU M 557 -68.43 79.23 24.39
C GLU M 557 -66.96 79.53 24.15
N PHE M 558 -66.57 80.81 24.08
CA PHE M 558 -65.16 81.16 23.92
C PHE M 558 -64.68 82.25 24.86
N GLN M 559 -65.53 82.82 25.71
CA GLN M 559 -65.11 83.79 26.69
C GLN M 559 -65.00 83.13 28.06
N GLY M 560 -63.83 83.24 28.69
CA GLY M 560 -63.61 82.63 29.98
C GLY M 560 -62.49 81.62 29.97
N GLY M 561 -62.66 80.52 30.70
CA GLY M 561 -61.65 79.50 30.81
C GLY M 561 -60.59 79.84 31.85
N THR M 562 -59.83 78.80 32.22
CA THR M 562 -58.79 78.94 33.22
C THR M 562 -57.40 78.58 32.70
N PHE M 563 -57.30 77.92 31.55
CA PHE M 563 -56.03 77.47 31.01
C PHE M 563 -56.18 77.30 29.51
N THR M 564 -55.20 77.81 28.76
CA THR M 564 -55.27 77.82 27.31
C THR M 564 -54.23 76.87 26.73
N ILE M 565 -54.59 76.21 25.64
CA ILE M 565 -53.67 75.34 24.91
C ILE M 565 -53.67 75.76 23.45
N SER M 566 -52.49 76.08 22.93
CA SER M 566 -52.31 76.44 21.53
C SER M 566 -51.36 75.44 20.90
N ASN M 567 -51.87 74.63 19.97
CA ASN M 567 -51.10 73.57 19.34
C ASN M 567 -50.83 73.95 17.89
N LEU M 568 -49.55 74.10 17.55
CA LEU M 568 -49.14 74.37 16.17
C LEU M 568 -48.27 73.27 15.60
N GLY M 569 -48.35 72.05 16.16
CA GLY M 569 -47.55 70.96 15.65
C GLY M 569 -47.92 70.56 14.24
N MET M 570 -49.18 70.72 13.87
CA MET M 570 -49.64 70.34 12.53
C MET M 570 -49.01 71.22 11.45
N PHE M 571 -48.46 72.37 11.82
CA PHE M 571 -47.78 73.25 10.87
C PHE M 571 -46.28 73.06 10.86
N GLY M 572 -45.77 72.09 11.62
CA GLY M 572 -44.34 71.81 11.59
C GLY M 572 -43.49 72.64 12.52
N ILE M 573 -44.10 73.41 13.42
CA ILE M 573 -43.33 74.23 14.35
C ILE M 573 -42.68 73.32 15.39
N LYS M 574 -41.36 73.45 15.55
CA LYS M 574 -40.66 72.68 16.56
C LYS M 574 -41.10 73.08 17.97
N ASN M 575 -41.07 74.38 18.25
CA ASN M 575 -41.59 74.92 19.50
C ASN M 575 -41.85 76.40 19.32
N PHE M 576 -42.66 76.97 20.22
CA PHE M 576 -42.96 78.38 20.17
C PHE M 576 -43.44 78.86 21.53
N SER M 577 -43.43 80.18 21.72
CA SER M 577 -43.86 80.81 22.96
C SER M 577 -45.09 81.65 22.65
N ALA M 578 -46.17 81.42 23.38
CA ALA M 578 -47.42 82.10 23.12
C ALA M 578 -47.68 83.22 24.12
N ILE M 579 -48.77 83.94 23.90
CA ILE M 579 -49.16 85.05 24.76
C ILE M 579 -50.29 84.60 25.67
N ILE M 580 -50.17 84.89 26.96
CA ILE M 580 -51.19 84.49 27.92
C ILE M 580 -52.49 85.22 27.64
N ASN M 581 -53.58 84.47 27.54
CA ASN M 581 -54.89 85.04 27.33
C ASN M 581 -55.44 85.50 28.67
N PRO M 582 -55.72 86.80 28.85
CA PRO M 582 -56.17 87.27 30.15
C PRO M 582 -57.57 86.79 30.44
N PRO M 583 -57.93 86.66 31.73
CA PRO M 583 -57.11 86.90 32.93
C PRO M 583 -56.39 85.65 33.42
N GLN M 584 -56.17 84.66 32.55
CA GLN M 584 -55.56 83.42 32.99
C GLN M 584 -54.10 83.61 33.35
N ALA M 585 -53.50 82.57 33.91
CA ALA M 585 -52.14 82.65 34.43
C ALA M 585 -51.12 81.90 33.58
N CYS M 586 -51.57 80.99 32.71
CA CYS M 586 -50.65 80.19 31.91
C CYS M 586 -51.28 79.88 30.56
N ILE M 587 -50.43 79.52 29.60
CA ILE M 587 -50.86 79.01 28.30
C ILE M 587 -49.81 78.01 27.83
N LEU M 588 -50.26 76.86 27.37
CA LEU M 588 -49.37 75.79 26.93
C LEU M 588 -49.24 75.83 25.42
N ALA M 589 -48.03 76.08 24.94
CA ALA M 589 -47.73 76.11 23.52
C ALA M 589 -47.12 74.76 23.12
N VAL M 590 -47.74 74.10 22.14
CA VAL M 590 -47.40 72.74 21.77
C VAL M 590 -46.84 72.75 20.36
N GLY M 591 -45.68 72.12 20.18
CA GLY M 591 -45.03 72.02 18.88
C GLY M 591 -45.24 70.67 18.24
N ALA M 592 -44.42 70.40 17.22
CA ALA M 592 -44.56 69.18 16.44
C ALA M 592 -43.80 68.02 17.09
N SER M 593 -44.26 66.81 16.79
CA SER M 593 -43.59 65.60 17.25
C SER M 593 -42.62 65.10 16.19
N GLU M 594 -41.36 64.93 16.59
CA GLU M 594 -40.30 64.51 15.68
C GLU M 594 -39.51 63.37 16.31
N ASP M 595 -39.00 62.47 15.46
CA ASP M 595 -38.20 61.35 15.92
C ASP M 595 -36.80 61.82 16.23
N ARG M 596 -36.29 61.46 17.41
CA ARG M 596 -34.96 61.84 17.84
C ARG M 596 -34.22 60.64 18.41
N LEU M 597 -32.91 60.61 18.21
CA LEU M 597 -32.07 59.55 18.74
C LEU M 597 -31.68 59.84 20.18
N PHE M 598 -31.65 58.79 21.00
CA PHE M 598 -31.33 58.92 22.41
C PHE M 598 -30.43 57.78 22.87
N PRO M 599 -29.61 58.00 23.89
CA PRO M 599 -28.77 56.92 24.42
C PRO M 599 -29.62 55.77 24.92
N ALA M 600 -29.13 54.54 24.71
CA ALA M 600 -29.79 53.34 25.19
C ALA M 600 -28.75 52.28 25.51
N ASP M 601 -29.10 51.38 26.43
CA ASP M 601 -28.21 50.29 26.82
C ASP M 601 -28.53 49.05 25.96
N ASN M 602 -28.26 49.20 24.66
CA ASN M 602 -28.48 48.13 23.71
C ASN M 602 -27.25 47.99 22.82
N GLU M 603 -27.32 47.02 21.90
CA GLU M 603 -26.18 46.74 21.03
C GLU M 603 -25.87 47.92 20.12
N LYS M 604 -26.90 48.54 19.53
CA LYS M 604 -26.68 49.69 18.67
C LYS M 604 -26.21 50.92 19.45
N GLY M 605 -26.50 50.99 20.74
CA GLY M 605 -26.14 52.14 21.55
C GLY M 605 -27.12 53.29 21.50
N PHE M 606 -28.23 53.14 20.79
CA PHE M 606 -29.21 54.21 20.69
C PHE M 606 -30.58 53.65 20.38
N ASP M 607 -31.59 54.49 20.57
CA ASP M 607 -32.99 54.17 20.27
C ASP M 607 -33.64 55.39 19.63
N VAL M 608 -34.80 55.17 19.04
CA VAL M 608 -35.57 56.22 18.37
C VAL M 608 -36.86 56.45 19.15
N ALA M 609 -37.09 57.71 19.54
CA ALA M 609 -38.27 58.08 20.30
C ALA M 609 -38.91 59.31 19.68
N SER M 610 -40.24 59.30 19.62
CA SER M 610 -40.99 60.43 19.08
C SER M 610 -41.25 61.43 20.19
N MET M 611 -40.52 62.54 20.19
CA MET M 611 -40.57 63.53 21.25
C MET M 611 -41.33 64.76 20.79
N MET M 612 -42.00 65.42 21.73
CA MET M 612 -42.79 66.62 21.48
C MET M 612 -42.34 67.69 22.46
N SER M 613 -42.07 68.88 21.95
CA SER M 613 -41.56 69.98 22.78
C SER M 613 -42.69 70.94 23.13
N VAL M 614 -42.91 71.14 24.42
CA VAL M 614 -43.99 72.00 24.89
C VAL M 614 -43.41 73.12 25.74
N THR M 615 -43.92 74.32 25.51
CA THR M 615 -43.47 75.53 26.21
C THR M 615 -44.66 76.14 26.93
N LEU M 616 -44.57 76.22 28.25
CA LEU M 616 -45.60 76.86 29.08
C LEU M 616 -45.17 78.29 29.37
N SER M 617 -46.01 79.25 29.01
CA SER M 617 -45.79 80.64 29.32
C SER M 617 -46.59 81.01 30.56
N CYS M 618 -45.89 81.45 31.60
CA CYS M 618 -46.49 81.63 32.92
C CYS M 618 -46.44 83.09 33.33
N ASP M 619 -47.46 83.51 34.06
CA ASP M 619 -47.50 84.81 34.72
C ASP M 619 -46.66 84.73 35.99
N HIS M 620 -45.53 85.44 36.02
CA HIS M 620 -44.62 85.33 37.14
C HIS M 620 -45.19 85.93 38.43
N ARG M 621 -46.27 86.70 38.34
CA ARG M 621 -46.94 87.17 39.55
C ARG M 621 -47.59 86.02 40.31
N VAL M 622 -48.16 85.07 39.59
CA VAL M 622 -48.89 83.96 40.20
C VAL M 622 -48.05 82.69 40.27
N VAL M 623 -47.41 82.33 39.17
CA VAL M 623 -46.67 81.07 39.06
C VAL M 623 -45.19 81.39 39.02
N ASP M 624 -44.45 80.96 40.04
CA ASP M 624 -43.01 81.13 40.02
C ASP M 624 -42.35 79.95 39.30
N GLY M 625 -41.03 80.00 39.21
CA GLY M 625 -40.30 79.01 38.43
C GLY M 625 -40.49 77.61 38.93
N ALA M 626 -40.44 77.41 40.24
CA ALA M 626 -40.60 76.07 40.81
C ALA M 626 -41.98 75.52 40.54
N VAL M 627 -43.02 76.34 40.68
CA VAL M 627 -44.38 75.88 40.43
C VAL M 627 -44.58 75.54 38.95
N GLY M 628 -44.08 76.39 38.05
CA GLY M 628 -44.18 76.09 36.63
C GLY M 628 -43.46 74.81 36.26
N ALA M 629 -42.27 74.61 36.83
CA ALA M 629 -41.51 73.39 36.57
C ALA M 629 -42.24 72.16 37.11
N GLN M 630 -42.85 72.28 38.29
CA GLN M 630 -43.62 71.16 38.83
C GLN M 630 -44.81 70.83 37.93
N TRP M 631 -45.49 71.87 37.42
CA TRP M 631 -46.61 71.64 36.51
C TRP M 631 -46.13 70.91 35.25
N LEU M 632 -45.01 71.35 34.68
CA LEU M 632 -44.52 70.72 33.47
C LEU M 632 -44.07 69.28 33.73
N ALA M 633 -43.48 69.02 34.90
CA ALA M 633 -43.09 67.66 35.25
C ALA M 633 -44.30 66.76 35.39
N GLU M 634 -45.38 67.25 36.03
CA GLU M 634 -46.59 66.46 36.14
C GLU M 634 -47.21 66.19 34.78
N PHE M 635 -47.24 67.21 33.92
CA PHE M 635 -47.76 67.04 32.57
C PHE M 635 -46.97 66.00 31.79
N ARG M 636 -45.64 66.08 31.89
CA ARG M 636 -44.78 65.12 31.19
C ARG M 636 -44.98 63.71 31.72
N LYS M 637 -45.12 63.55 33.04
CA LYS M 637 -45.37 62.23 33.60
C LYS M 637 -46.70 61.66 33.10
N TYR M 638 -47.75 62.49 33.11
CA TYR M 638 -49.06 62.03 32.64
C TYR M 638 -48.99 61.60 31.18
N LEU M 639 -48.30 62.35 30.34
CA LEU M 639 -48.21 61.96 28.94
C LEU M 639 -47.33 60.73 28.74
N GLU M 640 -46.21 60.63 29.47
CA GLU M 640 -45.31 59.51 29.27
C GLU M 640 -45.88 58.20 29.83
N LYS M 641 -46.83 58.27 30.76
CA LYS M 641 -47.52 57.09 31.25
C LYS M 641 -49.02 57.35 31.16
N PRO M 642 -49.64 57.06 30.01
CA PRO M 642 -51.07 57.38 29.84
C PRO M 642 -51.97 56.65 30.82
N ILE M 643 -51.56 55.49 31.33
CA ILE M 643 -52.39 54.76 32.28
C ILE M 643 -52.49 55.52 33.59
N THR M 644 -51.57 56.44 33.86
CA THR M 644 -51.62 57.23 35.08
C THR M 644 -52.69 58.31 35.06
N MET M 645 -53.30 58.58 33.90
CA MET M 645 -54.46 59.46 33.89
C MET M 645 -55.69 58.80 34.51
N LEU M 646 -55.64 57.50 34.76
CA LEU M 646 -56.71 56.82 35.48
C LEU M 646 -56.69 57.14 36.98
N LEU M 647 -55.56 57.56 37.52
CA LEU M 647 -55.45 57.87 38.94
C LEU M 647 -56.11 59.21 39.25
N PHE N 420 -55.34 -56.76 76.60
CA PHE N 420 -55.60 -57.54 75.40
C PHE N 420 -57.09 -57.80 75.20
N THR N 421 -57.45 -58.30 74.03
CA THR N 421 -58.83 -58.64 73.71
C THR N 421 -58.86 -60.03 73.07
N ASP N 422 -59.73 -60.90 73.58
CA ASP N 422 -59.86 -62.26 73.06
C ASP N 422 -60.98 -62.28 72.03
N ILE N 423 -60.62 -62.46 70.77
CA ILE N 423 -61.58 -62.52 69.68
C ILE N 423 -61.91 -63.99 69.42
N PRO N 424 -63.16 -64.42 69.56
CA PRO N 424 -63.50 -65.82 69.31
C PRO N 424 -63.19 -66.23 67.88
N ILE N 425 -62.73 -67.47 67.72
CA ILE N 425 -62.38 -67.99 66.41
C ILE N 425 -63.65 -68.56 65.76
N SER N 426 -63.95 -68.08 64.56
CA SER N 426 -65.11 -68.58 63.83
C SER N 426 -64.83 -70.00 63.32
N ASN N 427 -65.91 -70.70 62.97
CA ASN N 427 -65.76 -72.05 62.43
C ASN N 427 -65.07 -72.02 61.07
N ILE N 428 -65.35 -71.00 60.26
CA ILE N 428 -64.67 -70.86 58.97
C ILE N 428 -63.17 -70.68 59.18
N ARG N 429 -62.80 -69.82 60.13
CA ARG N 429 -61.39 -69.60 60.43
C ARG N 429 -60.74 -70.87 60.98
N ARG N 430 -61.48 -71.62 61.80
CA ARG N 430 -60.96 -72.88 62.31
C ARG N 430 -60.71 -73.87 61.18
N VAL N 431 -61.63 -73.94 60.21
CA VAL N 431 -61.45 -74.82 59.06
C VAL N 431 -60.22 -74.41 58.26
N ILE N 432 -60.07 -73.11 58.01
CA ILE N 432 -58.93 -72.62 57.24
C ILE N 432 -57.63 -72.92 57.98
N ALA N 433 -57.61 -72.70 59.29
CA ALA N 433 -56.41 -72.97 60.08
C ALA N 433 -56.08 -74.46 60.07
N GLN N 434 -57.09 -75.32 60.16
CA GLN N 434 -56.85 -76.76 60.12
C GLN N 434 -56.30 -77.18 58.76
N ARG N 435 -56.83 -76.61 57.68
CA ARG N 435 -56.29 -76.90 56.35
C ARG N 435 -54.84 -76.47 56.23
N LEU N 436 -54.51 -75.28 56.75
CA LEU N 436 -53.12 -74.81 56.68
C LEU N 436 -52.20 -75.67 57.52
N MET N 437 -52.66 -76.09 58.70
CA MET N 437 -51.88 -77.00 59.53
C MET N 437 -51.64 -78.32 58.81
N GLN N 438 -52.68 -78.87 58.19
CA GLN N 438 -52.53 -80.11 57.45
C GLN N 438 -51.52 -79.96 56.31
N SER N 439 -51.61 -78.84 55.58
CA SER N 439 -50.68 -78.61 54.48
C SER N 439 -49.24 -78.54 54.98
N LYS N 440 -49.00 -77.73 56.00
CA LYS N 440 -47.62 -77.55 56.46
C LYS N 440 -47.09 -78.78 57.21
N GLN N 441 -47.98 -79.67 57.67
CA GLN N 441 -47.53 -80.85 58.37
C GLN N 441 -47.32 -82.03 57.43
N THR N 442 -48.08 -82.12 56.34
CA THR N 442 -48.00 -83.28 55.47
C THR N 442 -47.30 -83.02 54.14
N ILE N 443 -47.10 -81.77 53.75
CA ILE N 443 -46.50 -81.42 52.47
C ILE N 443 -45.11 -80.86 52.72
N PRO N 444 -44.05 -81.53 52.27
CA PRO N 444 -42.69 -80.96 52.42
C PRO N 444 -42.42 -79.85 51.43
N HIS N 445 -42.82 -78.62 51.79
CA HIS N 445 -42.67 -77.49 50.88
C HIS N 445 -41.20 -77.22 50.58
N TYR N 446 -40.92 -76.78 49.36
CA TYR N 446 -39.66 -76.12 49.06
C TYR N 446 -39.90 -75.08 47.97
N TYR N 447 -39.18 -73.97 48.04
CA TYR N 447 -39.54 -72.77 47.31
C TYR N 447 -38.48 -72.43 46.29
N LEU N 448 -38.91 -72.07 45.07
CA LEU N 448 -38.02 -71.66 44.00
C LEU N 448 -38.45 -70.30 43.46
N SER N 449 -37.54 -69.35 43.39
CA SER N 449 -37.87 -67.98 42.99
C SER N 449 -37.13 -67.59 41.72
N VAL N 450 -37.82 -66.88 40.83
CA VAL N 450 -37.22 -66.34 39.61
C VAL N 450 -37.75 -64.94 39.37
N ASP N 451 -37.11 -64.25 38.42
CA ASP N 451 -37.50 -62.91 37.99
C ASP N 451 -37.92 -62.93 36.53
N VAL N 452 -39.06 -62.30 36.24
CA VAL N 452 -39.66 -62.30 34.92
C VAL N 452 -39.71 -60.87 34.42
N ASN N 453 -39.23 -60.64 33.19
CA ASN N 453 -39.27 -59.32 32.57
C ASN N 453 -40.66 -59.11 31.98
N MET N 454 -41.30 -58.01 32.35
CA MET N 454 -42.70 -57.79 32.04
C MET N 454 -42.95 -56.68 31.03
N GLY N 455 -41.90 -56.17 30.37
CA GLY N 455 -42.11 -55.09 29.42
C GLY N 455 -42.98 -55.48 28.25
N GLU N 456 -42.71 -56.64 27.67
CA GLU N 456 -43.50 -57.10 26.53
C GLU N 456 -44.93 -57.41 26.94
N VAL N 457 -45.12 -57.97 28.14
CA VAL N 457 -46.48 -58.21 28.63
C VAL N 457 -47.22 -56.89 28.80
N LEU N 458 -46.56 -55.87 29.33
CA LEU N 458 -47.22 -54.57 29.48
C LEU N 458 -47.58 -53.98 28.12
N LEU N 459 -46.69 -54.07 27.15
CA LEU N 459 -46.98 -53.54 25.82
C LEU N 459 -48.16 -54.27 25.18
N VAL N 460 -48.14 -55.61 25.24
CA VAL N 460 -49.23 -56.40 24.67
C VAL N 460 -50.54 -56.12 25.39
N ARG N 461 -50.48 -55.94 26.70
CA ARG N 461 -51.69 -55.64 27.46
C ARG N 461 -52.26 -54.28 27.10
N LYS N 462 -51.39 -53.29 26.91
CA LYS N 462 -51.87 -51.98 26.47
C LYS N 462 -52.53 -52.06 25.10
N GLU N 463 -51.90 -52.78 24.17
CA GLU N 463 -52.48 -52.93 22.84
C GLU N 463 -53.82 -53.67 22.89
N LEU N 464 -53.90 -54.73 23.69
CA LEU N 464 -55.14 -55.50 23.80
C LEU N 464 -56.25 -54.67 24.44
N ASN N 465 -55.91 -53.87 25.46
CA ASN N 465 -56.91 -53.01 26.08
C ASN N 465 -57.38 -51.93 25.12
N LYS N 466 -56.47 -51.38 24.30
CA LYS N 466 -56.89 -50.42 23.29
C LYS N 466 -57.82 -51.07 22.26
N MET N 467 -57.51 -52.30 21.84
CA MET N 467 -58.37 -52.99 20.88
C MET N 467 -59.73 -53.34 21.47
N LEU N 468 -59.77 -53.66 22.77
CA LEU N 468 -61.02 -54.05 23.42
C LEU N 468 -62.06 -52.94 23.44
N GLU N 469 -61.63 -51.67 23.41
CA GLU N 469 -62.53 -50.53 23.33
C GLU N 469 -63.53 -50.50 24.48
N GLY N 470 -63.06 -50.90 25.67
CA GLY N 470 -63.88 -50.83 26.86
C GLY N 470 -64.84 -51.99 27.07
N ARG N 471 -64.90 -52.94 26.14
CA ARG N 471 -65.75 -54.11 26.35
C ARG N 471 -65.27 -54.93 27.54
N SER N 472 -63.95 -55.09 27.67
CA SER N 472 -63.35 -55.71 28.84
C SER N 472 -62.02 -55.03 29.12
N LYS N 473 -61.36 -55.45 30.20
CA LYS N 473 -60.06 -54.92 30.57
C LYS N 473 -59.16 -56.09 30.94
N ILE N 474 -58.05 -56.25 30.20
CA ILE N 474 -57.13 -57.33 30.47
C ILE N 474 -56.10 -56.88 31.51
N SER N 475 -55.96 -57.67 32.56
CA SER N 475 -55.03 -57.36 33.64
C SER N 475 -53.80 -58.25 33.57
N VAL N 476 -52.78 -57.88 34.34
CA VAL N 476 -51.54 -58.66 34.38
C VAL N 476 -51.79 -60.03 34.97
N ASN N 477 -52.70 -60.14 35.94
CA ASN N 477 -53.01 -61.43 36.52
C ASN N 477 -53.62 -62.38 35.49
N ASP N 478 -54.30 -61.85 34.48
CA ASP N 478 -54.81 -62.72 33.41
C ASP N 478 -53.68 -63.33 32.61
N PHE N 479 -52.67 -62.53 32.25
CA PHE N 479 -51.48 -63.07 31.60
C PHE N 479 -50.80 -64.10 32.48
N ILE N 480 -50.72 -63.82 33.77
CA ILE N 480 -50.06 -64.75 34.70
C ILE N 480 -50.81 -66.07 34.76
N ILE N 481 -52.15 -66.01 34.82
CA ILE N 481 -52.95 -67.23 34.88
C ILE N 481 -52.80 -68.04 33.59
N LYS N 482 -52.84 -67.35 32.44
CA LYS N 482 -52.69 -68.06 31.17
C LYS N 482 -51.32 -68.71 31.05
N ALA N 483 -50.26 -67.98 31.44
CA ALA N 483 -48.93 -68.54 31.38
C ALA N 483 -48.77 -69.71 32.33
N SER N 484 -49.37 -69.62 33.53
CA SER N 484 -49.31 -70.72 34.48
C SER N 484 -50.02 -71.95 33.92
N ALA N 485 -51.17 -71.76 33.28
CA ALA N 485 -51.89 -72.90 32.69
C ALA N 485 -51.08 -73.55 31.58
N LEU N 486 -50.47 -72.73 30.72
CA LEU N 486 -49.67 -73.30 29.63
C LEU N 486 -48.43 -74.02 30.15
N ALA N 487 -47.78 -73.45 31.18
CA ALA N 487 -46.62 -74.11 31.77
C ALA N 487 -47.03 -75.40 32.46
N CYS N 488 -48.22 -75.43 33.07
CA CYS N 488 -48.73 -76.67 33.65
C CYS N 488 -48.98 -77.72 32.58
N LEU N 489 -49.49 -77.30 31.42
CA LEU N 489 -49.63 -78.24 30.31
C LEU N 489 -48.28 -78.79 29.86
N LYS N 490 -47.27 -77.92 29.77
CA LYS N 490 -45.96 -78.37 29.29
C LYS N 490 -45.27 -79.26 30.31
N VAL N 491 -45.47 -78.99 31.60
CA VAL N 491 -44.83 -79.77 32.66
C VAL N 491 -45.92 -80.33 33.57
N PRO N 492 -46.50 -81.48 33.24
CA PRO N 492 -47.66 -81.97 34.00
C PRO N 492 -47.37 -82.37 35.44
N GLU N 493 -46.10 -82.49 35.83
CA GLU N 493 -45.79 -82.87 37.20
C GLU N 493 -46.28 -81.82 38.18
N ALA N 494 -46.18 -80.54 37.82
CA ALA N 494 -46.73 -79.48 38.66
C ALA N 494 -48.24 -79.49 38.71
N ASN N 495 -48.88 -80.24 37.82
CA ASN N 495 -50.33 -80.41 37.81
C ASN N 495 -50.75 -81.77 38.35
N SER N 496 -50.07 -82.25 39.39
CA SER N 496 -50.34 -83.54 39.98
C SER N 496 -50.81 -83.38 41.43
N SER N 497 -51.15 -84.51 42.03
CA SER N 497 -51.59 -84.58 43.41
C SER N 497 -51.12 -85.88 44.02
N TRP N 498 -50.71 -85.82 45.29
CA TRP N 498 -50.24 -87.00 46.01
C TRP N 498 -51.37 -87.59 46.83
N LEU N 499 -51.66 -88.87 46.63
CA LEU N 499 -52.77 -89.54 47.30
C LEU N 499 -52.29 -90.76 48.08
N ASP N 500 -50.99 -90.78 48.39
CA ASP N 500 -50.36 -91.76 49.28
C ASP N 500 -50.28 -93.15 48.66
N THR N 501 -50.92 -93.34 47.50
CA THR N 501 -50.81 -94.59 46.76
C THR N 501 -50.46 -94.38 45.30
N VAL N 502 -51.01 -93.33 44.67
CA VAL N 502 -50.72 -92.98 43.29
C VAL N 502 -50.53 -91.48 43.21
N ILE N 503 -49.90 -91.04 42.13
CA ILE N 503 -49.73 -89.63 41.82
C ILE N 503 -50.71 -89.27 40.71
N ARG N 504 -51.79 -88.60 41.07
CA ARG N 504 -52.84 -88.25 40.12
C ARG N 504 -52.37 -87.08 39.27
N GLN N 505 -52.16 -87.31 37.98
CA GLN N 505 -51.68 -86.28 37.07
C GLN N 505 -52.86 -85.68 36.31
N ASN N 506 -53.37 -84.55 36.78
CA ASN N 506 -54.56 -83.96 36.16
C ASN N 506 -54.24 -83.48 34.75
N HIS N 507 -55.12 -83.83 33.81
CA HIS N 507 -54.98 -83.41 32.42
C HIS N 507 -55.63 -82.08 32.12
N VAL N 508 -56.43 -81.55 33.04
CA VAL N 508 -57.02 -80.22 32.91
C VAL N 508 -56.39 -79.32 33.97
N VAL N 509 -56.39 -78.01 33.70
CA VAL N 509 -55.75 -77.04 34.58
C VAL N 509 -56.84 -76.12 35.11
N ASP N 510 -57.24 -76.34 36.37
CA ASP N 510 -58.22 -75.49 37.05
C ASP N 510 -57.43 -74.61 38.02
N ILE N 511 -57.30 -73.34 37.68
CA ILE N 511 -56.44 -72.42 38.43
C ILE N 511 -57.26 -71.77 39.54
N SER N 512 -56.97 -72.14 40.78
CA SER N 512 -57.51 -71.39 41.91
C SER N 512 -56.80 -70.07 42.03
N VAL N 513 -57.54 -69.00 42.29
CA VAL N 513 -56.97 -67.66 42.41
C VAL N 513 -57.27 -67.14 43.80
N ALA N 514 -56.22 -66.79 44.54
CA ALA N 514 -56.39 -66.29 45.89
C ALA N 514 -56.96 -64.88 45.86
N VAL N 515 -58.06 -64.67 46.57
CA VAL N 515 -58.74 -63.38 46.65
C VAL N 515 -58.95 -63.06 48.12
N SER N 516 -58.58 -61.84 48.50
CA SER N 516 -58.76 -61.39 49.87
C SER N 516 -60.08 -60.65 50.02
N THR N 517 -60.89 -61.09 50.96
CA THR N 517 -62.20 -60.53 51.28
C THR N 517 -62.21 -60.22 52.77
N PRO N 518 -63.15 -59.39 53.23
CA PRO N 518 -63.19 -59.08 54.67
C PRO N 518 -63.37 -60.30 55.55
N ALA N 519 -63.85 -61.42 55.01
CA ALA N 519 -64.01 -62.65 55.78
C ALA N 519 -62.78 -63.56 55.72
N GLY N 520 -61.78 -63.22 54.92
CA GLY N 520 -60.57 -64.00 54.82
C GLY N 520 -60.13 -64.23 53.39
N LEU N 521 -59.32 -65.28 53.22
CA LEU N 521 -58.82 -65.63 51.90
C LEU N 521 -59.68 -66.74 51.30
N ILE N 522 -60.11 -66.56 50.05
CA ILE N 522 -60.90 -67.55 49.36
C ILE N 522 -60.31 -67.76 47.97
N THR N 523 -60.54 -68.95 47.40
CA THR N 523 -59.87 -69.36 46.17
C THR N 523 -60.91 -69.77 45.12
N PRO N 524 -61.54 -68.81 44.45
CA PRO N 524 -62.38 -69.15 43.30
C PRO N 524 -61.55 -69.76 42.19
N ILE N 525 -62.15 -70.71 41.48
CA ILE N 525 -61.45 -71.54 40.50
C ILE N 525 -61.84 -71.10 39.10
N VAL N 526 -60.83 -70.80 38.28
CA VAL N 526 -61.02 -70.60 36.84
C VAL N 526 -60.77 -71.96 36.21
N PHE N 527 -61.84 -72.58 35.72
CA PHE N 527 -61.73 -73.91 35.12
C PHE N 527 -61.27 -73.80 33.67
N ASN N 528 -60.48 -74.78 33.25
CA ASN N 528 -60.01 -74.88 31.85
C ASN N 528 -59.29 -73.60 31.43
N ALA N 529 -58.43 -73.10 32.31
CA ALA N 529 -57.64 -71.92 31.99
C ALA N 529 -56.62 -72.20 30.90
N HIS N 530 -56.34 -73.48 30.63
CA HIS N 530 -55.39 -73.83 29.58
C HIS N 530 -56.00 -73.67 28.20
N ILE N 531 -57.33 -73.60 28.11
CA ILE N 531 -58.00 -73.40 26.82
C ILE N 531 -58.79 -72.11 26.76
N LYS N 532 -59.07 -71.47 27.91
CA LYS N 532 -59.75 -70.19 27.90
C LYS N 532 -58.82 -69.08 27.41
N GLY N 533 -59.40 -68.09 26.72
CA GLY N 533 -58.62 -66.97 26.26
C GLY N 533 -58.44 -65.92 27.34
N LEU N 534 -57.64 -64.90 27.02
CA LEU N 534 -57.34 -63.86 28.00
C LEU N 534 -58.59 -63.07 28.37
N GLU N 535 -59.43 -62.74 27.39
CA GLU N 535 -60.66 -62.02 27.70
C GLU N 535 -61.61 -62.86 28.55
N THR N 536 -61.76 -64.14 28.19
CA THR N 536 -62.60 -65.03 28.99
C THR N 536 -62.04 -65.21 30.40
N ILE N 537 -60.73 -65.35 30.52
CA ILE N 537 -60.11 -65.49 31.84
C ILE N 537 -60.35 -64.24 32.67
N ALA N 538 -60.18 -63.07 32.06
CA ALA N 538 -60.39 -61.82 32.78
C ALA N 538 -61.83 -61.69 33.25
N ASN N 539 -62.78 -62.00 32.37
CA ASN N 539 -64.19 -61.92 32.75
C ASN N 539 -64.52 -62.89 33.87
N ASP N 540 -64.00 -64.12 33.78
CA ASP N 540 -64.23 -65.09 34.84
C ASP N 540 -63.63 -64.62 36.16
N VAL N 541 -62.43 -64.04 36.12
CA VAL N 541 -61.79 -63.57 37.34
C VAL N 541 -62.59 -62.44 37.97
N VAL N 542 -63.05 -61.48 37.16
CA VAL N 542 -63.84 -60.38 37.70
C VAL N 542 -65.14 -60.90 38.31
N SER N 543 -65.82 -61.80 37.60
CA SER N 543 -67.09 -62.33 38.11
C SER N 543 -66.89 -63.09 39.41
N LEU N 544 -65.88 -63.94 39.47
CA LEU N 544 -65.64 -64.74 40.67
C LEU N 544 -65.16 -63.86 41.83
N ALA N 545 -64.37 -62.83 41.54
CA ALA N 545 -63.95 -61.91 42.58
C ALA N 545 -65.14 -61.15 43.16
N THR N 546 -66.05 -60.71 42.29
CA THR N 546 -67.26 -60.04 42.78
C THR N 546 -68.10 -60.99 43.64
N LYS N 547 -68.25 -62.24 43.19
CA LYS N 547 -68.99 -63.22 43.97
C LYS N 547 -68.33 -63.46 45.33
N ALA N 548 -67.00 -63.57 45.35
CA ALA N 548 -66.29 -63.80 46.60
C ALA N 548 -66.43 -62.62 47.55
N ARG N 549 -66.31 -61.40 47.03
CA ARG N 549 -66.47 -60.22 47.88
C ARG N 549 -67.88 -60.09 48.40
N GLU N 550 -68.88 -60.51 47.61
CA GLU N 550 -70.26 -60.47 48.05
C GLU N 550 -70.66 -61.69 48.87
N GLY N 551 -69.78 -62.68 49.00
CA GLY N 551 -70.08 -63.85 49.81
C GLY N 551 -71.08 -64.80 49.19
N LYS N 552 -71.14 -64.85 47.87
CA LYS N 552 -72.13 -65.67 47.16
C LYS N 552 -71.51 -66.87 46.46
N LEU N 553 -70.25 -67.19 46.73
CA LEU N 553 -69.61 -68.31 46.05
C LEU N 553 -70.19 -69.64 46.50
N GLN N 554 -70.48 -70.50 45.52
CA GLN N 554 -70.91 -71.86 45.80
C GLN N 554 -69.70 -72.74 46.12
N PRO N 555 -69.89 -73.81 46.89
CA PRO N 555 -68.74 -74.66 47.28
C PRO N 555 -67.96 -75.23 46.10
N HIS N 556 -68.65 -75.58 45.01
CA HIS N 556 -67.94 -76.13 43.86
C HIS N 556 -67.12 -75.07 43.13
N GLU N 557 -67.40 -73.79 43.35
CA GLU N 557 -66.66 -72.72 42.70
C GLU N 557 -65.34 -72.39 43.37
N PHE N 558 -65.10 -72.90 44.58
CA PHE N 558 -63.82 -72.69 45.25
C PHE N 558 -63.21 -73.94 45.87
N GLN N 559 -63.86 -75.09 45.78
CA GLN N 559 -63.29 -76.34 46.26
C GLN N 559 -62.76 -77.14 45.08
N GLY N 560 -61.49 -77.51 45.13
CA GLY N 560 -60.88 -78.27 44.06
C GLY N 560 -59.71 -77.55 43.42
N GLY N 561 -59.58 -77.66 42.10
CA GLY N 561 -58.49 -77.05 41.39
C GLY N 561 -57.23 -77.90 41.41
N THR N 562 -56.31 -77.56 40.51
CA THR N 562 -55.05 -78.29 40.39
C THR N 562 -53.83 -77.42 40.60
N PHE N 563 -53.97 -76.09 40.59
CA PHE N 563 -52.84 -75.18 40.72
C PHE N 563 -53.37 -73.85 41.22
N THR N 564 -52.68 -73.29 42.22
CA THR N 564 -53.12 -72.08 42.89
C THR N 564 -52.18 -70.93 42.55
N ILE N 565 -52.75 -69.73 42.41
CA ILE N 565 -51.98 -68.51 42.19
C ILE N 565 -52.41 -67.48 43.22
N SER N 566 -51.44 -66.99 43.99
CA SER N 566 -51.67 -65.95 44.99
C SER N 566 -50.83 -64.74 44.62
N ASN N 567 -51.48 -63.65 44.25
CA ASN N 567 -50.81 -62.44 43.78
C ASN N 567 -50.97 -61.36 44.83
N LEU N 568 -49.84 -60.90 45.39
CA LEU N 568 -49.84 -59.80 46.34
C LEU N 568 -49.05 -58.60 45.83
N GLY N 569 -48.88 -58.48 44.52
CA GLY N 569 -48.14 -57.36 43.98
C GLY N 569 -48.82 -56.03 44.22
N MET N 570 -50.15 -56.03 44.24
CA MET N 570 -50.89 -54.79 44.44
C MET N 570 -50.67 -54.20 45.83
N PHE N 571 -50.16 -54.98 46.77
CA PHE N 571 -49.83 -54.50 48.10
C PHE N 571 -48.36 -54.12 48.27
N GLY N 572 -47.58 -54.18 47.18
CA GLY N 572 -46.20 -53.76 47.24
C GLY N 572 -45.22 -54.80 47.72
N ILE N 573 -45.64 -56.06 47.84
CA ILE N 573 -44.73 -57.12 48.27
C ILE N 573 -43.74 -57.42 47.15
N LYS N 574 -42.45 -57.39 47.47
CA LYS N 574 -41.44 -57.73 46.48
C LYS N 574 -41.52 -59.20 46.09
N ASN N 575 -41.55 -60.08 47.08
CA ASN N 575 -41.77 -61.51 46.85
C ASN N 575 -42.20 -62.15 48.16
N PHE N 576 -42.80 -63.33 48.06
CA PHE N 576 -43.22 -64.05 49.25
C PHE N 576 -43.37 -65.53 48.91
N SER N 577 -43.44 -66.34 49.97
CA SER N 577 -43.59 -67.79 49.86
C SER N 577 -44.93 -68.17 50.47
N ALA N 578 -45.74 -68.88 49.70
CA ALA N 578 -47.08 -69.22 50.15
C ALA N 578 -47.16 -70.68 50.62
N ILE N 579 -48.34 -71.05 51.09
CA ILE N 579 -48.59 -72.40 51.58
C ILE N 579 -49.40 -73.16 50.52
N ILE N 580 -48.97 -74.38 50.21
CA ILE N 580 -49.66 -75.18 49.20
C ILE N 580 -51.05 -75.55 49.70
N ASN N 581 -52.05 -75.28 48.87
CA ASN N 581 -53.43 -75.64 49.18
C ASN N 581 -53.65 -77.10 48.84
N PRO N 582 -53.99 -77.94 49.81
CA PRO N 582 -54.11 -79.36 49.53
C PRO N 582 -55.34 -79.64 48.68
N PRO N 583 -55.34 -80.72 47.90
CA PRO N 583 -54.26 -81.71 47.73
C PRO N 583 -53.32 -81.37 46.58
N GLN N 584 -53.24 -80.10 46.17
CA GLN N 584 -52.43 -79.73 45.03
C GLN N 584 -50.95 -79.87 45.33
N ALA N 585 -50.13 -79.72 44.30
CA ALA N 585 -48.69 -79.93 44.43
C ALA N 585 -47.87 -78.66 44.38
N CYS N 586 -48.44 -77.55 43.91
CA CYS N 586 -47.70 -76.30 43.78
C CYS N 586 -48.63 -75.11 44.00
N ILE N 587 -48.03 -73.97 44.31
CA ILE N 587 -48.73 -72.69 44.39
C ILE N 587 -47.76 -71.60 43.96
N LEU N 588 -48.20 -70.73 43.07
CA LEU N 588 -47.37 -69.66 42.54
C LEU N 588 -47.65 -68.38 43.29
N ALA N 589 -46.64 -67.87 43.99
CA ALA N 589 -46.72 -66.63 44.73
C ALA N 589 -46.12 -65.52 43.90
N VAL N 590 -46.91 -64.47 43.65
CA VAL N 590 -46.55 -63.41 42.71
C VAL N 590 -46.38 -62.11 43.49
N GLY N 591 -45.25 -61.43 43.27
CA GLY N 591 -44.96 -60.17 43.93
C GLY N 591 -45.21 -58.99 43.02
N ALA N 592 -44.66 -57.84 43.42
CA ALA N 592 -44.89 -56.60 42.70
C ALA N 592 -43.88 -56.43 41.57
N SER N 593 -44.29 -55.65 40.56
CA SER N 593 -43.41 -55.32 39.46
C SER N 593 -42.71 -54.00 39.71
N GLU N 594 -41.38 -54.02 39.65
CA GLU N 594 -40.56 -52.84 39.92
C GLU N 594 -39.53 -52.66 38.81
N ASP N 595 -39.19 -51.40 38.53
CA ASP N 595 -38.20 -51.09 37.51
C ASP N 595 -36.80 -51.32 38.08
N ARG N 596 -35.97 -52.04 37.32
CA ARG N 596 -34.61 -52.35 37.74
C ARG N 596 -33.65 -52.11 36.60
N LEU N 597 -32.44 -51.69 36.94
CA LEU N 597 -31.40 -51.45 35.95
C LEU N 597 -30.67 -52.75 35.62
N PHE N 598 -30.33 -52.91 34.35
CA PHE N 598 -29.66 -54.11 33.87
C PHE N 598 -28.57 -53.76 32.86
N PRO N 599 -27.54 -54.60 32.76
CA PRO N 599 -26.49 -54.34 31.75
C PRO N 599 -27.07 -54.36 30.35
N ALA N 600 -26.54 -53.47 29.50
CA ALA N 600 -26.94 -53.40 28.11
C ALA N 600 -25.76 -52.94 27.26
N ASP N 601 -25.77 -53.35 26.00
CA ASP N 601 -24.72 -52.98 25.05
C ASP N 601 -25.13 -51.69 24.32
N ASN N 602 -25.22 -50.61 25.10
CA ASN N 602 -25.59 -49.31 24.57
C ASN N 602 -24.63 -48.26 25.11
N GLU N 603 -24.85 -47.01 24.69
CA GLU N 603 -23.96 -45.93 25.09
C GLU N 603 -24.00 -45.69 26.59
N LYS N 604 -25.20 -45.68 27.18
CA LYS N 604 -25.33 -45.49 28.62
C LYS N 604 -24.79 -46.67 29.42
N GLY N 605 -24.73 -47.86 28.82
CA GLY N 605 -24.28 -49.05 29.51
C GLY N 605 -25.34 -49.76 30.32
N PHE N 606 -26.58 -49.29 30.29
CA PHE N 606 -27.65 -49.93 31.06
C PHE N 606 -29.00 -49.63 30.43
N ASP N 607 -30.00 -50.40 30.85
CA ASP N 607 -31.38 -50.23 30.42
C ASP N 607 -32.29 -50.42 31.62
N VAL N 608 -33.54 -50.02 31.46
CA VAL N 608 -34.55 -50.12 32.52
C VAL N 608 -35.60 -51.14 32.09
N ALA N 609 -35.84 -52.13 32.95
CA ALA N 609 -36.80 -53.18 32.67
C ALA N 609 -37.70 -53.38 33.88
N SER N 610 -38.99 -53.58 33.62
CA SER N 610 -39.96 -53.81 34.69
C SER N 610 -40.00 -55.30 34.98
N MET N 611 -39.41 -55.72 36.10
CA MET N 611 -39.28 -57.12 36.45
C MET N 611 -40.24 -57.48 37.56
N MET N 612 -40.70 -58.73 37.55
CA MET N 612 -41.63 -59.27 38.54
C MET N 612 -41.04 -60.55 39.10
N SER N 613 -41.02 -60.66 40.43
CA SER N 613 -40.42 -61.81 41.09
C SER N 613 -41.50 -62.79 41.52
N VAL N 614 -41.39 -64.03 41.05
CA VAL N 614 -42.38 -65.06 41.35
C VAL N 614 -41.71 -66.22 42.05
N THR N 615 -42.37 -66.73 43.08
CA THR N 615 -41.86 -67.84 43.89
C THR N 615 -42.88 -68.98 43.84
N LEU N 616 -42.45 -70.12 43.32
CA LEU N 616 -43.28 -71.32 43.27
C LEU N 616 -42.92 -72.21 44.45
N SER N 617 -43.92 -72.53 45.27
CA SER N 617 -43.76 -73.44 46.38
C SER N 617 -44.23 -74.83 45.96
N CYS N 618 -43.33 -75.81 46.00
CA CYS N 618 -43.57 -77.12 45.42
C CYS N 618 -43.54 -78.18 46.50
N ASP N 619 -44.38 -79.21 46.31
CA ASP N 619 -44.36 -80.42 47.11
C ASP N 619 -43.21 -81.30 46.64
N HIS N 620 -42.19 -81.47 47.47
CA HIS N 620 -41.00 -82.20 47.05
C HIS N 620 -41.27 -83.69 46.85
N ARG N 621 -42.40 -84.20 47.33
CA ARG N 621 -42.78 -85.58 47.04
C ARG N 621 -43.09 -85.78 45.56
N VAL N 622 -43.73 -84.78 44.95
CA VAL N 622 -44.18 -84.89 43.57
C VAL N 622 -43.24 -84.16 42.61
N VAL N 623 -42.88 -82.93 42.94
CA VAL N 623 -42.08 -82.07 42.06
C VAL N 623 -40.70 -81.93 42.67
N ASP N 624 -39.68 -82.45 41.98
CA ASP N 624 -38.31 -82.25 42.43
C ASP N 624 -37.76 -80.92 41.89
N GLY N 625 -36.52 -80.63 42.25
CA GLY N 625 -35.94 -79.35 41.92
C GLY N 625 -35.86 -79.11 40.43
N ALA N 626 -35.44 -80.11 39.66
CA ALA N 626 -35.32 -79.95 38.22
C ALA N 626 -36.67 -79.70 37.57
N VAL N 627 -37.71 -80.42 38.01
CA VAL N 627 -39.04 -80.23 37.44
C VAL N 627 -39.59 -78.85 37.78
N GLY N 628 -39.42 -78.41 39.04
CA GLY N 628 -39.86 -77.08 39.41
C GLY N 628 -39.15 -75.99 38.63
N ALA N 629 -37.84 -76.16 38.44
CA ALA N 629 -37.07 -75.19 37.67
C ALA N 629 -37.51 -75.17 36.21
N GLN N 630 -37.80 -76.34 35.64
CA GLN N 630 -38.29 -76.39 34.26
C GLN N 630 -39.64 -75.68 34.15
N TRP N 631 -40.53 -75.89 35.13
CA TRP N 631 -41.82 -75.20 35.12
C TRP N 631 -41.62 -73.69 35.18
N LEU N 632 -40.74 -73.22 36.06
CA LEU N 632 -40.52 -71.79 36.18
C LEU N 632 -39.89 -71.21 34.91
N ALA N 633 -38.99 -71.96 34.27
CA ALA N 633 -38.40 -71.51 33.01
C ALA N 633 -39.45 -71.40 31.92
N GLU N 634 -40.35 -72.38 31.83
CA GLU N 634 -41.42 -72.31 30.83
C GLU N 634 -42.35 -71.13 31.10
N PHE N 635 -42.69 -70.91 32.37
CA PHE N 635 -43.53 -69.78 32.74
C PHE N 635 -42.88 -68.46 32.37
N ARG N 636 -41.58 -68.34 32.67
CA ARG N 636 -40.85 -67.11 32.35
C ARG N 636 -40.78 -66.89 30.84
N LYS N 637 -40.54 -67.95 30.08
CA LYS N 637 -40.52 -67.82 28.62
C LYS N 637 -41.87 -67.36 28.09
N TYR N 638 -42.96 -67.97 28.58
CA TYR N 638 -44.28 -67.58 28.13
C TYR N 638 -44.57 -66.12 28.43
N LEU N 639 -44.19 -65.66 29.63
CA LEU N 639 -44.45 -64.25 29.95
C LEU N 639 -43.54 -63.31 29.16
N GLU N 640 -42.27 -63.67 28.98
CA GLU N 640 -41.35 -62.78 28.29
C GLU N 640 -41.63 -62.69 26.81
N LYS N 641 -42.30 -63.70 26.23
CA LYS N 641 -42.74 -63.65 24.84
C LYS N 641 -44.23 -63.98 24.80
N PRO N 642 -45.09 -62.98 24.98
CA PRO N 642 -46.54 -63.25 25.01
C PRO N 642 -47.07 -63.87 23.73
N ILE N 643 -46.42 -63.61 22.60
CA ILE N 643 -46.87 -64.20 21.33
C ILE N 643 -46.68 -65.71 21.32
N THR N 644 -45.84 -66.23 22.22
CA THR N 644 -45.65 -67.68 22.29
C THR N 644 -46.79 -68.40 23.00
N MET N 645 -47.71 -67.68 23.65
CA MET N 645 -48.89 -68.34 24.17
C MET N 645 -49.85 -68.79 23.07
N LEU N 646 -49.61 -68.36 21.83
CA LEU N 646 -50.39 -68.85 20.69
C LEU N 646 -50.03 -70.28 20.31
N LEU N 647 -48.82 -70.73 20.62
CA LEU N 647 -48.43 -72.12 20.42
C LEU N 647 -49.19 -73.06 21.36
N PHE O 420 -54.01 74.98 -59.99
CA PHE O 420 -53.66 75.75 -58.79
C PHE O 420 -54.88 76.44 -58.20
N THR O 421 -54.71 77.02 -57.02
CA THR O 421 -55.76 77.76 -56.34
C THR O 421 -55.17 79.05 -55.79
N ASP O 422 -55.83 80.17 -56.10
CA ASP O 422 -55.38 81.49 -55.64
C ASP O 422 -56.07 81.81 -54.33
N ILE O 423 -55.30 81.84 -53.24
CA ILE O 423 -55.82 82.15 -51.91
C ILE O 423 -55.57 83.63 -51.65
N PRO O 424 -56.61 84.45 -51.47
CA PRO O 424 -56.40 85.88 -51.21
C PRO O 424 -55.59 86.11 -49.95
N ILE O 425 -54.74 87.13 -49.98
CA ILE O 425 -53.88 87.45 -48.85
C ILE O 425 -54.66 88.34 -47.89
N SER O 426 -54.77 87.91 -46.63
CA SER O 426 -55.43 88.72 -45.63
C SER O 426 -54.58 89.92 -45.27
N ASN O 427 -55.21 90.93 -44.66
CA ASN O 427 -54.49 92.13 -44.25
C ASN O 427 -53.48 91.82 -43.15
N ILE O 428 -53.84 90.91 -42.24
CA ILE O 428 -52.90 90.50 -41.20
C ILE O 428 -51.66 89.85 -41.81
N ARG O 429 -51.87 88.96 -42.79
CA ARG O 429 -50.75 88.33 -43.46
C ARG O 429 -49.93 89.35 -44.24
N ARG O 430 -50.60 90.34 -44.84
CA ARG O 430 -49.87 91.38 -45.55
C ARG O 430 -48.99 92.18 -44.59
N VAL O 431 -49.52 92.50 -43.40
CA VAL O 431 -48.73 93.23 -42.40
C VAL O 431 -47.54 92.40 -41.95
N ILE O 432 -47.75 91.11 -41.70
CA ILE O 432 -46.65 90.25 -41.27
C ILE O 432 -45.59 90.15 -42.37
N ALA O 433 -46.03 90.00 -43.61
CA ALA O 433 -45.10 89.91 -44.73
C ALA O 433 -44.31 91.21 -44.89
N GLN O 434 -44.97 92.36 -44.73
CA GLN O 434 -44.28 93.63 -44.83
C GLN O 434 -43.27 93.80 -43.71
N ARG O 435 -43.61 93.36 -42.50
CA ARG O 435 -42.63 93.40 -41.42
C ARG O 435 -41.43 92.52 -41.71
N LEU O 436 -41.66 91.33 -42.29
CA LEU O 436 -40.55 90.46 -42.62
C LEU O 436 -39.68 91.06 -43.73
N MET O 437 -40.31 91.69 -44.73
CA MET O 437 -39.56 92.44 -45.74
C MET O 437 -38.68 93.50 -45.08
N GLN O 438 -39.27 94.30 -44.19
CA GLN O 438 -38.51 95.37 -43.56
C GLN O 438 -37.34 94.81 -42.77
N SER O 439 -37.56 93.73 -42.03
CA SER O 439 -36.49 93.12 -41.25
C SER O 439 -35.36 92.64 -42.16
N LYS O 440 -35.69 91.84 -43.18
CA LYS O 440 -34.63 91.26 -44.01
C LYS O 440 -34.00 92.29 -44.93
N GLN O 441 -34.63 93.45 -45.12
CA GLN O 441 -34.04 94.46 -46.00
C GLN O 441 -33.19 95.47 -45.22
N THR O 442 -33.56 95.77 -43.98
CA THR O 442 -32.86 96.80 -43.22
C THR O 442 -31.96 96.25 -42.13
N ILE O 443 -32.05 94.97 -41.80
CA ILE O 443 -31.27 94.37 -40.72
C ILE O 443 -30.27 93.40 -41.32
N PRO O 444 -28.96 93.66 -41.25
CA PRO O 444 -27.98 92.72 -41.76
C PRO O 444 -27.78 91.52 -40.83
N HIS O 445 -28.63 90.50 -41.00
CA HIS O 445 -28.59 89.34 -40.11
C HIS O 445 -27.26 88.60 -40.24
N TYR O 446 -26.78 88.07 -39.12
CA TYR O 446 -25.76 87.03 -39.14
C TYR O 446 -26.00 86.09 -37.98
N TYR O 447 -25.71 84.81 -38.20
CA TYR O 447 -26.22 83.74 -37.34
C TYR O 447 -25.06 83.02 -36.67
N LEU O 448 -25.21 82.73 -35.38
CA LEU O 448 -24.21 81.98 -34.62
C LEU O 448 -24.88 80.83 -33.88
N SER O 449 -24.32 79.63 -34.02
CA SER O 449 -24.93 78.42 -33.49
C SER O 449 -24.03 77.78 -32.43
N VAL O 450 -24.65 77.31 -31.36
CA VAL O 450 -23.94 76.55 -30.31
C VAL O 450 -24.80 75.38 -29.87
N ASP O 451 -24.17 74.46 -29.15
CA ASP O 451 -24.85 73.31 -28.55
C ASP O 451 -24.83 73.41 -27.03
N VAL O 452 -25.97 73.13 -26.43
CA VAL O 452 -26.15 73.25 -24.98
C VAL O 452 -26.51 71.88 -24.43
N ASN O 453 -25.78 71.45 -23.41
CA ASN O 453 -26.06 70.18 -22.73
C ASN O 453 -27.20 70.40 -21.75
N MET O 454 -28.25 69.60 -21.85
CA MET O 454 -29.47 69.84 -21.10
C MET O 454 -29.76 68.77 -20.04
N GLY O 455 -28.77 67.94 -19.68
CA GLY O 455 -29.02 66.93 -18.67
C GLY O 455 -29.36 67.53 -17.32
N GLU O 456 -28.58 68.53 -16.89
CA GLU O 456 -28.84 69.18 -15.61
C GLU O 456 -30.16 69.94 -15.64
N VAL O 457 -30.49 70.57 -16.78
CA VAL O 457 -31.78 71.25 -16.90
C VAL O 457 -32.92 70.24 -16.76
N LEU O 458 -32.81 69.08 -17.39
CA LEU O 458 -33.85 68.08 -17.28
C LEU O 458 -33.99 67.57 -15.85
N LEU O 459 -32.87 67.33 -15.17
CA LEU O 459 -32.92 66.86 -13.79
C LEU O 459 -33.56 67.90 -12.88
N VAL O 460 -33.15 69.16 -13.02
CA VAL O 460 -33.71 70.23 -12.19
C VAL O 460 -35.18 70.42 -12.49
N ARG O 461 -35.57 70.32 -13.77
CA ARG O 461 -36.97 70.47 -14.14
C ARG O 461 -37.81 69.34 -13.54
N LYS O 462 -37.30 68.11 -13.55
CA LYS O 462 -38.01 67.00 -12.95
C LYS O 462 -38.19 67.23 -11.45
N GLU O 463 -37.13 67.67 -10.77
CA GLU O 463 -37.24 67.93 -9.33
C GLU O 463 -38.24 69.06 -9.04
N LEU O 464 -38.19 70.13 -9.84
CA LEU O 464 -39.12 71.24 -9.65
C LEU O 464 -40.57 70.81 -9.89
N ASN O 465 -40.80 69.99 -10.93
CA ASN O 465 -42.14 69.51 -11.19
C ASN O 465 -42.64 68.60 -10.07
N LYS O 466 -41.76 67.77 -9.51
CA LYS O 466 -42.16 66.93 -8.40
C LYS O 466 -42.52 67.76 -7.17
N MET O 467 -41.73 68.81 -6.89
CA MET O 467 -42.05 69.69 -5.78
C MET O 467 -43.34 70.48 -6.01
N LEU O 468 -43.61 70.90 -7.25
CA LEU O 468 -44.80 71.69 -7.54
C LEU O 468 -46.09 70.95 -7.23
N GLU O 469 -46.08 69.61 -7.26
CA GLU O 469 -47.22 68.79 -6.85
C GLU O 469 -48.48 69.14 -7.66
N GLY O 470 -48.29 69.44 -8.94
CA GLY O 470 -49.38 69.71 -9.83
C GLY O 470 -49.93 71.12 -9.81
N ARG O 471 -49.42 71.99 -8.93
CA ARG O 471 -49.87 73.37 -8.93
C ARG O 471 -49.50 74.07 -10.23
N SER O 472 -48.29 73.80 -10.72
CA SER O 472 -47.84 74.28 -12.03
C SER O 472 -46.90 73.26 -12.62
N LYS O 473 -46.64 73.38 -13.91
CA LYS O 473 -45.71 72.51 -14.62
C LYS O 473 -44.70 73.38 -15.35
N ILE O 474 -43.42 73.11 -15.12
CA ILE O 474 -42.36 73.90 -15.74
C ILE O 474 -41.85 73.19 -16.99
N SER O 475 -41.79 73.92 -18.10
CA SER O 475 -41.30 73.39 -19.35
C SER O 475 -39.86 73.84 -19.58
N VAL O 476 -39.22 73.20 -20.56
CA VAL O 476 -37.84 73.57 -20.92
C VAL O 476 -37.79 74.99 -21.47
N ASN O 477 -38.85 75.42 -22.14
CA ASN O 477 -38.88 76.79 -22.67
C ASN O 477 -38.85 77.82 -21.55
N ASP O 478 -39.33 77.47 -20.36
CA ASP O 478 -39.23 78.39 -19.23
C ASP O 478 -37.79 78.58 -18.79
N PHE O 479 -37.03 77.48 -18.69
CA PHE O 479 -35.60 77.58 -18.43
C PHE O 479 -34.90 78.39 -19.51
N ILE O 480 -35.28 78.17 -20.77
CA ILE O 480 -34.65 78.89 -21.87
C ILE O 480 -34.94 80.38 -21.77
N ILE O 481 -36.18 80.75 -21.44
CA ILE O 481 -36.54 82.16 -21.31
C ILE O 481 -35.77 82.81 -20.16
N LYS O 482 -35.69 82.12 -19.03
CA LYS O 482 -34.96 82.67 -17.89
C LYS O 482 -33.48 82.85 -18.21
N ALA O 483 -32.88 81.84 -18.85
CA ALA O 483 -31.46 81.94 -19.21
C ALA O 483 -31.23 83.05 -20.22
N SER O 484 -32.14 83.21 -21.18
CA SER O 484 -32.01 84.29 -22.16
C SER O 484 -32.10 85.65 -21.48
N ALA O 485 -33.03 85.80 -20.53
CA ALA O 485 -33.15 87.07 -19.82
C ALA O 485 -31.89 87.38 -19.02
N LEU O 486 -31.35 86.39 -18.32
CA LEU O 486 -30.14 86.63 -17.52
C LEU O 486 -28.94 86.92 -18.42
N ALA O 487 -28.83 86.22 -19.55
CA ALA O 487 -27.75 86.50 -20.49
C ALA O 487 -27.89 87.88 -21.09
N CYS O 488 -29.12 88.33 -21.35
CA CYS O 488 -29.35 89.69 -21.82
C CYS O 488 -28.94 90.71 -20.77
N LEU O 489 -29.20 90.41 -19.49
CA LEU O 489 -28.69 91.28 -18.42
C LEU O 489 -27.16 91.35 -18.45
N LYS O 490 -26.51 90.20 -18.59
CA LYS O 490 -25.04 90.17 -18.55
C LYS O 490 -24.44 90.88 -19.76
N VAL O 491 -25.07 90.73 -20.93
CA VAL O 491 -24.57 91.32 -22.17
C VAL O 491 -25.65 92.23 -22.75
N PRO O 492 -25.72 93.51 -22.35
CA PRO O 492 -26.85 94.36 -22.77
C PRO O 492 -26.85 94.71 -24.24
N GLU O 493 -25.79 94.42 -25.00
CA GLU O 493 -25.77 94.75 -26.41
C GLU O 493 -26.85 93.99 -27.17
N ALA O 494 -27.06 92.72 -26.82
CA ALA O 494 -28.15 91.95 -27.43
C ALA O 494 -29.52 92.48 -27.03
N ASN O 495 -29.60 93.33 -26.01
CA ASN O 495 -30.84 93.94 -25.57
C ASN O 495 -30.94 95.39 -26.03
N SER O 496 -30.50 95.70 -27.23
CA SER O 496 -30.52 97.05 -27.77
C SER O 496 -31.41 97.12 -29.00
N SER O 497 -31.50 98.31 -29.56
CA SER O 497 -32.28 98.58 -30.76
C SER O 497 -31.63 99.70 -31.54
N TRP O 498 -31.57 99.54 -32.87
CA TRP O 498 -30.98 100.54 -33.74
C TRP O 498 -32.07 101.50 -34.21
N LEU O 499 -31.87 102.79 -33.99
CA LEU O 499 -32.85 103.81 -34.30
C LEU O 499 -32.29 104.86 -35.25
N ASP O 500 -31.19 104.51 -35.93
CA ASP O 500 -30.58 105.29 -37.02
C ASP O 500 -29.90 106.55 -36.52
N THR O 501 -30.07 106.88 -35.24
CA THR O 501 -29.37 108.00 -34.62
C THR O 501 -28.70 107.62 -33.31
N VAL O 502 -29.33 106.76 -32.51
CA VAL O 502 -28.77 106.26 -31.27
C VAL O 502 -29.07 104.78 -31.16
N ILE O 503 -28.31 104.10 -30.31
CA ILE O 503 -28.53 102.69 -30.00
C ILE O 503 -29.22 102.61 -28.65
N ARG O 504 -30.52 102.35 -28.66
CA ARG O 504 -31.31 102.31 -27.43
C ARG O 504 -31.01 101.01 -26.70
N GLN O 505 -30.38 101.10 -25.53
CA GLN O 505 -30.01 99.93 -24.75
C GLN O 505 -31.03 99.70 -23.65
N ASN O 506 -31.96 98.78 -23.88
CA ASN O 506 -33.04 98.56 -22.92
C ASN O 506 -32.49 97.93 -21.64
N HIS O 507 -32.88 98.52 -20.51
CA HIS O 507 -32.47 98.01 -19.20
C HIS O 507 -33.39 96.93 -18.66
N VAL O 508 -34.53 96.71 -19.29
CA VAL O 508 -35.44 95.63 -18.92
C VAL O 508 -35.48 94.63 -20.06
N VAL O 509 -35.84 93.39 -19.72
CA VAL O 509 -35.84 92.29 -20.68
C VAL O 509 -37.28 91.82 -20.84
N ASP O 510 -37.90 92.18 -21.96
CA ASP O 510 -39.23 91.73 -22.32
C ASP O 510 -39.08 90.69 -23.42
N ILE O 511 -39.33 89.43 -23.08
CA ILE O 511 -39.06 88.31 -23.99
C ILE O 511 -40.32 88.01 -24.79
N SER O 512 -40.31 88.31 -26.08
CA SER O 512 -41.35 87.82 -26.97
C SER O 512 -41.16 86.33 -27.18
N VAL O 513 -42.26 85.59 -27.21
CA VAL O 513 -42.22 84.14 -27.39
C VAL O 513 -43.02 83.80 -28.64
N ALA O 514 -42.40 83.09 -29.57
CA ALA O 514 -43.08 82.74 -30.81
C ALA O 514 -44.11 81.64 -30.54
N VAL O 515 -45.36 81.91 -30.88
CA VAL O 515 -46.46 80.97 -30.72
C VAL O 515 -47.13 80.79 -32.07
N SER O 516 -47.32 79.53 -32.47
CA SER O 516 -47.97 79.22 -33.73
C SER O 516 -49.45 78.93 -33.48
N THR O 517 -50.31 79.67 -34.16
CA THR O 517 -51.75 79.57 -34.08
C THR O 517 -52.29 79.34 -35.49
N PRO O 518 -53.52 78.86 -35.62
CA PRO O 518 -54.07 78.65 -36.97
C PRO O 518 -54.10 79.90 -37.82
N ALA O 519 -54.08 81.09 -37.21
CA ALA O 519 -54.06 82.35 -37.95
C ALA O 519 -52.65 82.81 -38.30
N GLY O 520 -51.61 82.15 -37.80
CA GLY O 520 -50.25 82.50 -38.12
C GLY O 520 -49.34 82.51 -36.91
N LEU O 521 -48.26 83.27 -37.02
CA LEU O 521 -47.28 83.37 -35.94
C LEU O 521 -47.52 84.64 -35.14
N ILE O 522 -47.56 84.52 -33.82
CA ILE O 522 -47.74 85.67 -32.95
C ILE O 522 -46.67 85.63 -31.87
N THR O 523 -46.44 86.77 -31.22
CA THR O 523 -45.35 86.93 -30.26
C THR O 523 -45.86 87.57 -28.97
N PRO O 524 -46.51 86.81 -28.10
CA PRO O 524 -46.84 87.33 -26.77
C PRO O 524 -45.58 87.62 -25.98
N ILE O 525 -45.64 88.67 -25.16
CA ILE O 525 -44.47 89.21 -24.48
C ILE O 525 -44.55 88.84 -23.00
N VAL O 526 -43.48 88.21 -22.49
CA VAL O 526 -43.30 88.01 -21.06
C VAL O 526 -42.45 89.19 -20.59
N PHE O 527 -43.09 90.10 -19.86
CA PHE O 527 -42.40 91.29 -19.39
C PHE O 527 -41.58 90.99 -18.15
N ASN O 528 -40.41 91.62 -18.04
CA ASN O 528 -39.55 91.50 -16.86
C ASN O 528 -39.18 90.05 -16.59
N ALA O 529 -38.78 89.34 -17.64
CA ALA O 529 -38.35 87.95 -17.48
C ALA O 529 -37.06 87.85 -16.70
N HIS O 530 -36.31 88.96 -16.58
CA HIS O 530 -35.08 88.94 -15.83
C HIS O 530 -35.32 88.89 -14.33
N ILE O 531 -36.51 89.28 -13.88
CA ILE O 531 -36.85 89.23 -12.46
C ILE O 531 -37.97 88.24 -12.16
N LYS O 532 -38.73 87.81 -13.15
CA LYS O 532 -39.74 86.79 -12.92
C LYS O 532 -39.11 85.43 -12.67
N GLY O 533 -39.74 84.64 -11.80
CA GLY O 533 -39.26 83.30 -11.53
C GLY O 533 -39.73 82.30 -12.57
N LEU O 534 -39.24 81.06 -12.44
CA LEU O 534 -39.59 80.02 -13.41
C LEU O 534 -41.08 79.70 -13.36
N GLU O 535 -41.65 79.61 -12.15
CA GLU O 535 -43.08 79.33 -12.05
C GLU O 535 -43.91 80.47 -12.64
N THR O 536 -43.53 81.71 -12.33
CA THR O 536 -44.25 82.86 -12.89
C THR O 536 -44.10 82.91 -14.39
N ILE O 537 -42.90 82.63 -14.91
CA ILE O 537 -42.69 82.63 -16.35
C ILE O 537 -43.54 81.54 -17.02
N ALA O 538 -43.59 80.36 -16.41
CA ALA O 538 -44.38 79.27 -16.97
C ALA O 538 -45.86 79.63 -16.99
N ASN O 539 -46.37 80.19 -15.90
CA ASN O 539 -47.78 80.57 -15.85
C ASN O 539 -48.09 81.65 -16.87
N ASP O 540 -47.21 82.66 -16.99
CA ASP O 540 -47.42 83.71 -17.97
C ASP O 540 -47.41 83.16 -19.38
N VAL O 541 -46.48 82.26 -19.68
CA VAL O 541 -46.39 81.68 -21.02
C VAL O 541 -47.65 80.87 -21.33
N VAL O 542 -48.14 80.09 -20.36
CA VAL O 542 -49.34 79.30 -20.58
C VAL O 542 -50.54 80.21 -20.84
N SER O 543 -50.69 81.25 -20.02
CA SER O 543 -51.83 82.15 -20.17
C SER O 543 -51.78 82.88 -21.51
N LEU O 544 -50.61 83.39 -21.89
CA LEU O 544 -50.49 84.12 -23.15
C LEU O 544 -50.65 83.20 -24.34
N ALA O 545 -50.18 81.96 -24.25
CA ALA O 545 -50.38 81.01 -25.33
C ALA O 545 -51.86 80.67 -25.50
N THR O 546 -52.58 80.50 -24.38
CA THR O 546 -54.01 80.26 -24.47
C THR O 546 -54.72 81.46 -25.09
N LYS O 547 -54.34 82.68 -24.69
CA LYS O 547 -54.94 83.88 -25.26
C LYS O 547 -54.67 83.97 -26.76
N ALA O 548 -53.44 83.65 -27.18
CA ALA O 548 -53.08 83.71 -28.59
C ALA O 548 -53.86 82.68 -29.39
N ARG O 549 -53.98 81.46 -28.86
CA ARG O 549 -54.72 80.42 -29.56
C ARG O 549 -56.21 80.76 -29.67
N GLU O 550 -56.76 81.42 -28.64
CA GLU O 550 -58.16 81.84 -28.69
C GLU O 550 -58.34 83.18 -29.39
N GLY O 551 -57.26 83.83 -29.81
CA GLY O 551 -57.38 85.09 -30.54
C GLY O 551 -57.81 86.27 -29.71
N LYS O 552 -57.45 86.28 -28.42
CA LYS O 552 -57.87 87.34 -27.50
C LYS O 552 -56.74 88.25 -27.08
N LEU O 553 -55.58 88.18 -27.73
CA LEU O 553 -54.44 89.00 -27.33
C LEU O 553 -54.68 90.47 -27.64
N GLN O 554 -54.38 91.33 -26.66
CA GLN O 554 -54.43 92.76 -26.86
C GLN O 554 -53.16 93.24 -27.54
N PRO O 555 -53.21 94.37 -28.26
CA PRO O 555 -52.02 94.83 -29.01
C PRO O 555 -50.80 95.04 -28.15
N HIS O 556 -50.94 95.55 -26.92
CA HIS O 556 -49.78 95.77 -26.08
C HIS O 556 -49.18 94.47 -25.56
N GLU O 557 -49.93 93.37 -25.63
CA GLU O 557 -49.42 92.08 -25.16
C GLU O 557 -48.54 91.38 -26.18
N PHE O 558 -48.51 91.85 -27.44
CA PHE O 558 -47.62 91.28 -28.44
C PHE O 558 -46.87 92.31 -29.27
N GLN O 559 -47.03 93.60 -29.02
CA GLN O 559 -46.27 94.62 -29.70
C GLN O 559 -45.19 95.15 -28.77
N GLY O 560 -43.94 95.14 -29.25
CA GLY O 560 -42.83 95.62 -28.46
C GLY O 560 -41.81 94.54 -28.16
N GLY O 561 -41.31 94.51 -26.94
CA GLY O 561 -40.31 93.54 -26.56
C GLY O 561 -38.90 93.95 -26.97
N THR O 562 -37.91 93.34 -26.31
CA THR O 562 -36.52 93.62 -26.59
C THR O 562 -35.75 92.42 -27.13
N PHE O 563 -36.27 91.21 -26.95
CA PHE O 563 -35.58 89.99 -27.36
C PHE O 563 -36.63 88.91 -27.59
N THR O 564 -36.44 88.16 -28.66
CA THR O 564 -37.43 87.17 -29.09
C THR O 564 -36.85 85.77 -29.01
N ILE O 565 -37.69 84.80 -28.64
CA ILE O 565 -37.32 83.40 -28.61
C ILE O 565 -38.33 82.62 -29.44
N SER O 566 -37.85 81.89 -30.44
CA SER O 566 -38.67 81.04 -31.28
C SER O 566 -38.20 79.60 -31.11
N ASN O 567 -39.05 78.76 -30.55
CA ASN O 567 -38.70 77.38 -30.24
C ASN O 567 -39.47 76.46 -31.19
N LEU O 568 -38.74 75.65 -31.95
CA LEU O 568 -39.34 74.65 -32.82
C LEU O 568 -38.86 73.25 -32.53
N GLY O 569 -38.37 72.99 -31.31
CA GLY O 569 -37.92 71.66 -30.97
C GLY O 569 -39.05 70.66 -30.88
N MET O 570 -40.26 71.14 -30.56
CA MET O 570 -41.42 70.25 -30.49
C MET O 570 -41.74 69.63 -31.84
N PHE O 571 -41.32 70.25 -32.94
CA PHE O 571 -41.56 69.74 -34.28
C PHE O 571 -40.38 68.93 -34.82
N GLY O 572 -39.34 68.72 -34.02
CA GLY O 572 -38.23 67.89 -34.44
C GLY O 572 -37.15 68.59 -35.23
N ILE O 573 -37.20 69.92 -35.34
CA ILE O 573 -36.18 70.65 -36.06
C ILE O 573 -34.86 70.58 -35.30
N LYS O 574 -33.80 70.15 -35.97
CA LYS O 574 -32.49 70.10 -35.34
C LYS O 574 -31.99 71.49 -35.01
N ASN O 575 -32.01 72.40 -35.99
CA ASN O 575 -31.67 73.80 -35.78
C ASN O 575 -32.23 74.61 -36.93
N PHE O 576 -32.40 75.91 -36.71
CA PHE O 576 -32.93 76.78 -37.74
C PHE O 576 -32.50 78.21 -37.45
N SER O 577 -32.58 79.04 -38.49
CA SER O 577 -32.21 80.46 -38.41
C SER O 577 -33.46 81.29 -38.61
N ALA O 578 -33.78 82.13 -37.63
CA ALA O 578 -35.01 82.91 -37.67
C ALA O 578 -34.74 84.33 -38.17
N ILE O 579 -35.83 85.06 -38.38
CA ILE O 579 -35.76 86.45 -38.83
C ILE O 579 -35.95 87.36 -37.63
N ILE O 580 -35.08 88.37 -37.52
CA ILE O 580 -35.15 89.29 -36.40
C ILE O 580 -36.44 90.10 -36.47
N ASN O 581 -37.18 90.12 -35.36
CA ASN O 581 -38.40 90.90 -35.28
C ASN O 581 -38.04 92.34 -34.96
N PRO O 582 -38.36 93.29 -35.84
CA PRO O 582 -37.94 94.67 -35.62
C PRO O 582 -38.71 95.32 -34.48
N PRO O 583 -38.13 96.31 -33.81
CA PRO O 583 -36.78 96.87 -34.01
C PRO O 583 -35.74 96.22 -33.11
N GLN O 584 -35.94 94.97 -32.71
CA GLN O 584 -35.01 94.30 -31.81
C GLN O 584 -33.69 93.99 -32.53
N ALA O 585 -32.70 93.58 -31.75
CA ALA O 585 -31.37 93.34 -32.27
C ALA O 585 -31.01 91.87 -32.40
N CYS O 586 -31.78 90.97 -31.78
CA CYS O 586 -31.46 89.56 -31.80
C CYS O 586 -32.74 88.74 -31.71
N ILE O 587 -32.62 87.46 -32.07
CA ILE O 587 -33.68 86.47 -31.91
C ILE O 587 -33.04 85.11 -31.73
N LEU O 588 -33.47 84.37 -30.72
CA LEU O 588 -32.90 83.06 -30.41
C LEU O 588 -33.79 81.97 -30.98
N ALA O 589 -33.24 81.18 -31.90
CA ALA O 589 -33.94 80.08 -32.52
C ALA O 589 -33.51 78.78 -31.84
N VAL O 590 -34.45 78.07 -31.24
CA VAL O 590 -34.18 76.88 -30.45
C VAL O 590 -34.67 75.66 -31.21
N GLY O 591 -33.80 74.66 -31.34
CA GLY O 591 -34.15 73.42 -31.99
C GLY O 591 -34.46 72.31 -31.02
N ALA O 592 -34.49 71.08 -31.54
CA ALA O 592 -34.83 69.92 -30.73
C ALA O 592 -33.63 69.44 -29.93
N SER O 593 -33.91 68.81 -28.80
CA SER O 593 -32.87 68.20 -27.98
C SER O 593 -32.77 66.71 -28.27
N GLU O 594 -31.56 66.25 -28.55
CA GLU O 594 -31.33 64.87 -28.96
C GLU O 594 -30.15 64.29 -28.18
N ASP O 595 -30.17 62.98 -27.97
CA ASP O 595 -29.08 62.29 -27.29
C ASP O 595 -27.93 62.10 -28.27
N ARG O 596 -26.73 62.49 -27.84
CA ARG O 596 -25.53 62.37 -28.65
C ARG O 596 -24.41 61.76 -27.83
N LEU O 597 -23.55 60.99 -28.50
CA LEU O 597 -22.41 60.38 -27.84
C LEU O 597 -21.23 61.34 -27.82
N PHE O 598 -20.60 61.44 -26.65
CA PHE O 598 -19.45 62.30 -26.49
C PHE O 598 -18.35 61.57 -25.74
N PRO O 599 -17.08 61.87 -26.04
CA PRO O 599 -15.99 61.17 -25.36
C PRO O 599 -15.98 61.44 -23.87
N ALA O 600 -15.60 60.44 -23.09
CA ALA O 600 -15.50 60.56 -21.65
C ALA O 600 -14.37 59.66 -21.15
N ASP O 601 -13.84 59.99 -19.97
CA ASP O 601 -12.74 59.24 -19.37
C ASP O 601 -13.31 58.13 -18.49
N ASN O 602 -13.99 57.18 -19.14
CA ASN O 602 -14.55 56.03 -18.46
C ASN O 602 -14.16 54.76 -19.21
N GLU O 603 -14.62 53.62 -18.69
CA GLU O 603 -14.28 52.34 -19.31
C GLU O 603 -14.87 52.22 -20.70
N LYS O 604 -16.12 52.63 -20.89
CA LYS O 604 -16.74 52.56 -22.21
C LYS O 604 -16.12 53.52 -23.21
N GLY O 605 -15.49 54.60 -22.73
CA GLY O 605 -14.90 55.58 -23.62
C GLY O 605 -15.84 56.65 -24.12
N PHE O 606 -17.11 56.61 -23.72
CA PHE O 606 -18.08 57.59 -24.18
C PHE O 606 -19.20 57.71 -23.18
N ASP O 607 -19.99 58.78 -23.32
CA ASP O 607 -21.16 59.04 -22.50
C ASP O 607 -22.29 59.55 -23.39
N VAL O 608 -23.50 59.55 -22.85
CA VAL O 608 -24.68 59.99 -23.56
C VAL O 608 -25.21 61.25 -22.88
N ALA O 609 -25.38 62.32 -23.66
CA ALA O 609 -25.87 63.59 -23.16
C ALA O 609 -26.94 64.12 -24.09
N SER O 610 -27.98 64.71 -23.50
CA SER O 610 -29.06 65.31 -24.27
C SER O 610 -28.67 66.75 -24.60
N MET O 611 -28.30 67.00 -25.85
CA MET O 611 -27.81 68.30 -26.27
C MET O 611 -28.85 69.00 -27.14
N MET O 612 -28.97 70.31 -26.98
CA MET O 612 -29.94 71.12 -27.70
C MET O 612 -29.21 72.27 -28.39
N SER O 613 -29.43 72.40 -29.69
CA SER O 613 -28.69 73.36 -30.52
C SER O 613 -29.50 74.63 -30.69
N VAL O 614 -28.87 75.78 -30.43
CA VAL O 614 -29.52 77.07 -30.55
C VAL O 614 -28.73 77.95 -31.51
N THR O 615 -29.47 78.70 -32.32
CA THR O 615 -28.89 79.63 -33.30
C THR O 615 -29.42 81.02 -33.00
N LEU O 616 -28.51 81.92 -32.64
CA LEU O 616 -28.85 83.32 -32.39
C LEU O 616 -28.61 84.12 -33.65
N SER O 617 -29.64 84.80 -34.13
CA SER O 617 -29.54 85.68 -35.29
C SER O 617 -29.42 87.11 -34.81
N CYS O 618 -28.31 87.76 -35.15
CA CYS O 618 -27.97 89.06 -34.59
C CYS O 618 -27.92 90.11 -35.68
N ASP O 619 -28.30 91.33 -35.32
CA ASP O 619 -28.14 92.50 -36.17
C ASP O 619 -26.70 92.97 -36.07
N HIS O 620 -25.95 92.87 -37.17
CA HIS O 620 -24.53 93.16 -37.12
C HIS O 620 -24.22 94.63 -36.91
N ARG O 621 -25.19 95.53 -37.09
CA ARG O 621 -24.99 96.92 -36.72
C ARG O 621 -24.79 97.08 -35.23
N VAL O 622 -25.55 96.34 -34.42
CA VAL O 622 -25.55 96.50 -32.98
C VAL O 622 -24.65 95.48 -32.30
N VAL O 623 -24.79 94.20 -32.65
CA VAL O 623 -24.07 93.10 -32.00
C VAL O 623 -23.06 92.55 -33.00
N ASP O 624 -21.78 92.70 -32.67
CA ASP O 624 -20.75 92.10 -33.50
C ASP O 624 -20.50 90.64 -33.08
N GLY O 625 -19.57 89.99 -33.78
CA GLY O 625 -19.36 88.57 -33.59
C GLY O 625 -18.92 88.23 -32.17
N ALA O 626 -17.99 89.00 -31.62
CA ALA O 626 -17.50 88.72 -30.27
C ALA O 626 -18.60 88.88 -29.24
N VAL O 627 -19.43 89.93 -29.37
CA VAL O 627 -20.51 90.14 -28.41
C VAL O 627 -21.57 89.04 -28.52
N GLY O 628 -21.92 88.66 -29.75
CA GLY O 628 -22.87 87.56 -29.91
C GLY O 628 -22.34 86.26 -29.33
N ALA O 629 -21.06 85.99 -29.54
CA ALA O 629 -20.45 84.78 -28.98
C ALA O 629 -20.45 84.83 -27.45
N GLN O 630 -20.17 86.01 -26.87
CA GLN O 630 -20.22 86.14 -25.42
C GLN O 630 -21.62 85.90 -24.89
N TRP O 631 -22.63 86.42 -25.58
CA TRP O 631 -24.01 86.18 -25.18
C TRP O 631 -24.34 84.69 -25.21
N LEU O 632 -23.93 84.02 -26.28
CA LEU O 632 -24.23 82.60 -26.39
C LEU O 632 -23.48 81.79 -25.34
N ALA O 633 -22.25 82.18 -25.01
CA ALA O 633 -21.51 81.51 -23.95
C ALA O 633 -22.18 81.68 -22.60
N GLU O 634 -22.66 82.89 -22.30
CA GLU O 634 -23.36 83.11 -21.05
C GLU O 634 -24.65 82.29 -20.98
N PHE O 635 -25.40 82.26 -22.08
CA PHE O 635 -26.62 81.47 -22.16
C PHE O 635 -26.32 79.99 -21.93
N ARG O 636 -25.27 79.48 -22.57
CA ARG O 636 -24.90 78.09 -22.44
C ARG O 636 -24.49 77.76 -21.01
N LYS O 637 -23.73 78.65 -20.37
CA LYS O 637 -23.34 78.41 -18.98
C LYS O 637 -24.56 78.38 -18.08
N TYR O 638 -25.47 79.33 -18.26
CA TYR O 638 -26.68 79.37 -17.44
C TYR O 638 -27.49 78.10 -17.58
N LEU O 639 -27.64 77.60 -18.81
CA LEU O 639 -28.41 76.37 -18.99
C LEU O 639 -27.65 75.14 -18.50
N GLU O 640 -26.33 75.09 -18.71
CA GLU O 640 -25.58 73.91 -18.31
C GLU O 640 -25.46 73.79 -16.80
N LYS O 641 -25.60 74.88 -16.06
CA LYS O 641 -25.70 74.82 -14.60
C LYS O 641 -26.86 75.70 -14.14
N PRO O 642 -28.05 75.12 -13.97
CA PRO O 642 -29.21 75.93 -13.59
C PRO O 642 -29.08 76.63 -12.26
N ILE O 643 -28.28 76.09 -11.33
CA ILE O 643 -28.12 76.74 -10.02
C ILE O 643 -27.46 78.10 -10.17
N THR O 644 -26.74 78.33 -11.26
CA THR O 644 -26.15 79.64 -11.51
C THR O 644 -27.18 80.68 -11.92
N MET O 645 -28.41 80.27 -12.21
CA MET O 645 -29.47 81.25 -12.45
C MET O 645 -29.87 82.00 -11.19
N LEU O 646 -29.43 81.53 -10.01
CA LEU O 646 -29.72 82.21 -8.75
C LEU O 646 -28.83 83.43 -8.52
N LEU O 647 -27.73 83.55 -9.26
CA LEU O 647 -26.81 84.67 -9.08
C LEU O 647 -27.39 85.96 -9.69
N PHE P 420 -74.56 3.54 81.02
CA PHE P 420 -73.99 2.21 81.21
C PHE P 420 -75.06 1.13 81.27
N THR P 421 -74.64 -0.12 81.26
CA THR P 421 -75.55 -1.27 81.37
C THR P 421 -74.96 -2.27 82.36
N ASP P 422 -75.77 -2.69 83.32
CA ASP P 422 -75.34 -3.65 84.33
C ASP P 422 -75.69 -5.05 83.87
N ILE P 423 -74.68 -5.85 83.55
CA ILE P 423 -74.85 -7.22 83.10
C ILE P 423 -74.68 -8.14 84.31
N PRO P 424 -75.70 -8.89 84.71
CA PRO P 424 -75.55 -9.77 85.87
C PRO P 424 -74.47 -10.81 85.65
N ILE P 425 -73.76 -11.14 86.73
CA ILE P 425 -72.68 -12.11 86.67
C ILE P 425 -73.26 -13.51 86.82
N SER P 426 -72.99 -14.37 85.84
CA SER P 426 -73.44 -15.75 85.94
C SER P 426 -72.63 -16.50 86.99
N ASN P 427 -73.17 -17.63 87.44
CA ASN P 427 -72.49 -18.44 88.43
C ASN P 427 -71.20 -19.04 87.87
N ILE P 428 -71.22 -19.42 86.59
CA ILE P 428 -70.00 -19.92 85.94
C ILE P 428 -68.92 -18.86 85.94
N ARG P 429 -69.30 -17.62 85.58
CA ARG P 429 -68.33 -16.53 85.58
C ARG P 429 -67.85 -16.23 86.99
N ARG P 430 -68.73 -16.34 87.98
CA ARG P 430 -68.31 -16.12 89.36
C ARG P 430 -67.30 -17.18 89.79
N VAL P 431 -67.52 -18.44 89.40
CA VAL P 431 -66.57 -19.50 89.73
C VAL P 431 -65.23 -19.26 89.06
N ILE P 432 -65.24 -18.86 87.79
CA ILE P 432 -64.00 -18.59 87.08
C ILE P 432 -63.26 -17.42 87.73
N ALA P 433 -63.99 -16.37 88.08
CA ALA P 433 -63.38 -15.21 88.71
C ALA P 433 -62.79 -15.58 90.07
N GLN P 434 -63.49 -16.40 90.85
CA GLN P 434 -62.97 -16.83 92.14
C GLN P 434 -61.72 -17.67 91.98
N ARG P 435 -61.69 -18.54 90.97
CA ARG P 435 -60.47 -19.30 90.71
C ARG P 435 -59.31 -18.40 90.34
N LEU P 436 -59.57 -17.36 89.53
CA LEU P 436 -58.51 -16.43 89.17
C LEU P 436 -58.03 -15.63 90.37
N MET P 437 -58.95 -15.22 91.25
CA MET P 437 -58.56 -14.60 92.52
C MET P 437 -57.65 -15.52 93.31
N GLN P 438 -58.06 -16.78 93.47
CA GLN P 438 -57.26 -17.71 94.25
C GLN P 438 -55.87 -17.89 93.65
N SER P 439 -55.79 -18.02 92.33
CA SER P 439 -54.50 -18.17 91.67
C SER P 439 -53.60 -16.96 91.91
N LYS P 440 -54.12 -15.76 91.63
CA LYS P 440 -53.27 -14.57 91.73
C LYS P 440 -52.99 -14.19 93.18
N GLN P 441 -53.76 -14.72 94.13
CA GLN P 441 -53.52 -14.37 95.53
C GLN P 441 -52.59 -15.38 96.22
N THR P 442 -52.65 -16.65 95.83
CA THR P 442 -51.87 -17.67 96.52
C THR P 442 -50.67 -18.16 95.72
N ILE P 443 -50.55 -17.82 94.45
CA ILE P 443 -49.47 -18.29 93.60
C ILE P 443 -48.58 -17.11 93.25
N PRO P 444 -47.33 -17.07 93.72
CA PRO P 444 -46.42 -15.98 93.34
C PRO P 444 -45.89 -16.13 91.93
N HIS P 445 -46.64 -15.65 90.95
CA HIS P 445 -46.25 -15.81 89.55
C HIS P 445 -44.95 -15.10 89.25
N TYR P 446 -44.15 -15.69 88.36
CA TYR P 446 -43.07 -14.96 87.70
C TYR P 446 -42.92 -15.52 86.29
N TYR P 447 -42.58 -14.63 85.35
CA TYR P 447 -42.74 -14.93 83.94
C TYR P 447 -41.38 -14.92 83.25
N LEU P 448 -41.16 -15.90 82.37
CA LEU P 448 -39.94 -15.99 81.58
C LEU P 448 -40.28 -16.16 80.10
N SER P 449 -39.67 -15.34 79.25
CA SER P 449 -40.00 -15.30 77.83
C SER P 449 -38.80 -15.71 76.99
N VAL P 450 -39.06 -16.50 75.95
CA VAL P 450 -38.04 -16.88 74.96
C VAL P 450 -38.64 -16.82 73.57
N ASP P 451 -37.77 -16.87 72.57
CA ASP P 451 -38.15 -16.92 71.17
C ASP P 451 -37.74 -18.25 70.56
N VAL P 452 -38.66 -18.83 69.80
CA VAL P 452 -38.46 -20.15 69.19
C VAL P 452 -38.53 -20.01 67.69
N ASN P 453 -37.52 -20.52 67.00
CA ASN P 453 -37.50 -20.51 65.53
C ASN P 453 -38.35 -21.67 65.03
N MET P 454 -39.32 -21.38 64.16
CA MET P 454 -40.31 -22.36 63.77
C MET P 454 -40.21 -22.77 62.30
N GLY P 455 -39.10 -22.48 61.63
CA GLY P 455 -38.98 -22.88 60.23
C GLY P 455 -39.00 -24.38 60.06
N GLU P 456 -38.23 -25.10 60.89
CA GLU P 456 -38.21 -26.56 60.80
C GLU P 456 -39.55 -27.16 61.19
N VAL P 457 -40.22 -26.56 62.19
CA VAL P 457 -41.56 -27.03 62.56
C VAL P 457 -42.52 -26.86 61.39
N LEU P 458 -42.47 -25.73 60.71
CA LEU P 458 -43.36 -25.52 59.57
C LEU P 458 -43.06 -26.50 58.44
N LEU P 459 -41.79 -26.75 58.16
CA LEU P 459 -41.43 -27.70 57.10
C LEU P 459 -41.91 -29.10 57.45
N VAL P 460 -41.66 -29.54 58.68
CA VAL P 460 -42.08 -30.87 59.11
C VAL P 460 -43.59 -30.98 59.10
N ARG P 461 -44.29 -29.92 59.52
CA ARG P 461 -45.75 -29.93 59.53
C ARG P 461 -46.29 -30.03 58.10
N LYS P 462 -45.69 -29.32 57.16
CA LYS P 462 -46.11 -29.41 55.77
C LYS P 462 -45.91 -30.83 55.24
N GLU P 463 -44.76 -31.43 55.52
CA GLU P 463 -44.51 -32.80 55.07
C GLU P 463 -45.49 -33.79 55.69
N LEU P 464 -45.76 -33.64 56.99
CA LEU P 464 -46.71 -34.52 57.67
C LEU P 464 -48.12 -34.36 57.11
N ASN P 465 -48.53 -33.12 56.83
CA ASN P 465 -49.85 -32.91 56.26
C ASN P 465 -49.95 -33.49 54.85
N LYS P 466 -48.88 -33.39 54.06
CA LYS P 466 -48.90 -33.99 52.73
C LYS P 466 -48.99 -35.51 52.82
N MET P 467 -48.26 -36.13 53.75
CA MET P 467 -48.36 -37.57 53.94
C MET P 467 -49.73 -38.00 54.45
N LEU P 468 -50.35 -37.21 55.32
CA LEU P 468 -51.64 -37.58 55.89
C LEU P 468 -52.74 -37.70 54.84
N GLU P 469 -52.61 -37.01 53.70
CA GLU P 469 -53.52 -37.16 52.57
C GLU P 469 -54.97 -36.88 52.98
N GLY P 470 -55.15 -35.91 53.87
CA GLY P 470 -56.46 -35.48 54.29
C GLY P 470 -57.12 -36.31 55.37
N ARG P 471 -56.48 -37.39 55.82
CA ARG P 471 -57.04 -38.17 56.92
C ARG P 471 -57.09 -37.34 58.21
N SER P 472 -56.03 -36.57 58.45
CA SER P 472 -55.99 -35.62 59.56
C SER P 472 -55.14 -34.44 59.15
N LYS P 473 -55.25 -33.35 59.91
CA LYS P 473 -54.45 -32.15 59.68
C LYS P 473 -53.76 -31.78 60.98
N ILE P 474 -52.44 -31.61 60.91
CA ILE P 474 -51.66 -31.28 62.09
C ILE P 474 -51.43 -29.78 62.17
N SER P 475 -51.73 -29.19 63.32
CA SER P 475 -51.55 -27.78 63.55
C SER P 475 -50.26 -27.54 64.34
N VAL P 476 -49.84 -26.27 64.38
CA VAL P 476 -48.65 -25.90 65.14
C VAL P 476 -48.87 -26.13 66.64
N ASN P 477 -50.11 -25.97 67.10
CA ASN P 477 -50.40 -26.22 68.52
C ASN P 477 -50.17 -27.67 68.89
N ASP P 478 -50.29 -28.60 67.94
CA ASP P 478 -49.99 -29.99 68.23
C ASP P 478 -48.50 -30.19 68.49
N PHE P 479 -47.64 -29.59 67.66
CA PHE P 479 -46.21 -29.60 67.92
C PHE P 479 -45.90 -28.96 69.26
N ILE P 480 -46.58 -27.85 69.58
CA ILE P 480 -46.33 -27.16 70.84
C ILE P 480 -46.72 -28.04 72.02
N ILE P 481 -47.85 -28.74 71.93
CA ILE P 481 -48.30 -29.62 73.01
C ILE P 481 -47.31 -30.77 73.20
N LYS P 482 -46.88 -31.37 72.09
CA LYS P 482 -45.93 -32.48 72.19
C LYS P 482 -44.61 -32.02 72.81
N ALA P 483 -44.10 -30.87 72.36
CA ALA P 483 -42.85 -30.36 72.91
C ALA P 483 -43.00 -30.01 74.39
N SER P 484 -44.13 -29.44 74.77
CA SER P 484 -44.37 -29.12 76.18
C SER P 484 -44.40 -30.39 77.02
N ALA P 485 -45.06 -31.44 76.52
CA ALA P 485 -45.11 -32.70 77.27
C ALA P 485 -43.72 -33.30 77.42
N LEU P 486 -42.92 -33.31 76.36
CA LEU P 486 -41.58 -33.88 76.45
C LEU P 486 -40.68 -33.04 77.37
N ALA P 487 -40.80 -31.71 77.30
CA ALA P 487 -40.05 -30.86 78.20
C ALA P 487 -40.47 -31.07 79.65
N CYS P 488 -41.76 -31.30 79.89
CA CYS P 488 -42.22 -31.62 81.24
C CYS P 488 -41.65 -32.94 81.72
N LEU P 489 -41.52 -33.92 80.81
CA LEU P 489 -40.84 -35.17 81.18
C LEU P 489 -39.39 -34.90 81.56
N LYS P 490 -38.69 -34.08 80.78
CA LYS P 490 -37.28 -33.84 81.04
C LYS P 490 -37.08 -33.05 82.34
N VAL P 491 -37.97 -32.11 82.63
CA VAL P 491 -37.87 -31.27 83.82
C VAL P 491 -39.16 -31.42 84.63
N PRO P 492 -39.23 -32.40 85.53
CA PRO P 492 -40.50 -32.68 86.22
C PRO P 492 -40.93 -31.61 87.22
N GLU P 493 -40.07 -30.63 87.53
CA GLU P 493 -40.46 -29.60 88.47
C GLU P 493 -41.62 -28.77 87.93
N ALA P 494 -41.62 -28.47 86.63
CA ALA P 494 -42.75 -27.77 86.03
C ALA P 494 -44.01 -28.63 86.01
N ASN P 495 -43.90 -29.93 86.26
CA ASN P 495 -45.03 -30.84 86.32
C ASN P 495 -45.39 -31.19 87.76
N SER P 496 -45.30 -30.24 88.67
CA SER P 496 -45.59 -30.46 90.09
C SER P 496 -46.77 -29.61 90.52
N SER P 497 -47.12 -29.75 91.79
CA SER P 497 -48.21 -29.02 92.41
C SER P 497 -47.89 -28.79 93.88
N TRP P 498 -48.17 -27.58 94.36
CA TRP P 498 -47.93 -27.23 95.75
C TRP P 498 -49.18 -27.50 96.57
N LEU P 499 -49.05 -28.31 97.62
CA LEU P 499 -50.17 -28.73 98.44
C LEU P 499 -49.98 -28.34 99.90
N ASP P 500 -49.07 -27.39 100.14
CA ASP P 500 -48.84 -26.75 101.44
C ASP P 500 -48.17 -27.68 102.45
N THR P 501 -48.03 -28.95 102.09
CA THR P 501 -47.30 -29.91 102.92
C THR P 501 -46.27 -30.70 102.13
N VAL P 502 -46.59 -31.06 100.89
CA VAL P 502 -45.69 -31.77 100.00
C VAL P 502 -45.80 -31.17 98.61
N ILE P 503 -44.78 -31.42 97.79
CA ILE P 503 -44.79 -31.02 96.39
C ILE P 503 -45.09 -32.25 95.55
N ARG P 504 -46.31 -32.35 95.06
CA ARG P 504 -46.75 -33.51 94.29
C ARG P 504 -46.15 -33.43 92.90
N GLN P 505 -45.25 -34.35 92.57
CA GLN P 505 -44.58 -34.36 91.28
C GLN P 505 -45.24 -35.37 90.36
N ASN P 506 -46.12 -34.88 89.48
CA ASN P 506 -46.88 -35.79 88.61
C ASN P 506 -45.96 -36.45 87.60
N HIS P 507 -46.09 -37.78 87.50
CA HIS P 507 -45.30 -38.56 86.55
C HIS P 507 -45.94 -38.65 85.17
N VAL P 508 -47.18 -38.21 85.03
CA VAL P 508 -47.86 -38.16 83.74
C VAL P 508 -48.10 -36.70 83.39
N VAL P 509 -48.25 -36.43 82.10
CA VAL P 509 -48.40 -35.06 81.59
C VAL P 509 -49.78 -34.96 80.96
N ASP P 510 -50.71 -34.31 81.66
CA ASP P 510 -52.04 -34.02 81.16
C ASP P 510 -52.08 -32.54 80.80
N ILE P 511 -52.11 -32.24 79.51
CA ILE P 511 -51.99 -30.87 79.02
C ILE P 511 -53.39 -30.28 78.86
N SER P 512 -53.74 -29.34 79.71
CA SER P 512 -54.93 -28.53 79.50
C SER P 512 -54.66 -27.57 78.34
N VAL P 513 -55.66 -27.37 77.49
CA VAL P 513 -55.54 -26.49 76.33
C VAL P 513 -56.60 -25.41 76.45
N ALA P 514 -56.18 -24.16 76.40
CA ALA P 514 -57.13 -23.06 76.52
C ALA P 514 -57.95 -22.93 75.24
N VAL P 515 -59.26 -23.00 75.37
CA VAL P 515 -60.19 -22.87 74.25
C VAL P 515 -61.16 -21.76 74.58
N SER P 516 -61.33 -20.83 73.64
CA SER P 516 -62.27 -19.73 73.81
C SER P 516 -63.59 -20.06 73.14
N THR P 517 -64.67 -20.01 73.91
CA THR P 517 -66.02 -20.30 73.49
C THR P 517 -66.88 -19.09 73.82
N PRO P 518 -68.06 -18.96 73.22
CA PRO P 518 -68.92 -17.81 73.54
C PRO P 518 -69.29 -17.73 75.01
N ALA P 519 -69.22 -18.83 75.76
CA ALA P 519 -69.51 -18.83 77.18
C ALA P 519 -68.29 -18.50 78.04
N GLY P 520 -67.11 -18.40 77.46
CA GLY P 520 -65.91 -18.06 78.19
C GLY P 520 -64.72 -18.92 77.83
N LEU P 521 -63.78 -19.01 78.77
CA LEU P 521 -62.57 -19.79 78.56
C LEU P 521 -62.71 -21.14 79.24
N ILE P 522 -62.38 -22.21 78.52
CA ILE P 522 -62.43 -23.56 79.06
C ILE P 522 -61.12 -24.26 78.75
N THR P 523 -60.83 -25.34 79.48
CA THR P 523 -59.55 -26.03 79.41
C THR P 523 -59.76 -27.54 79.26
N PRO P 524 -60.09 -28.01 78.06
CA PRO P 524 -60.10 -29.46 77.83
C PRO P 524 -58.71 -30.04 77.97
N ILE P 525 -58.66 -31.27 78.49
CA ILE P 525 -57.40 -31.90 78.88
C ILE P 525 -57.05 -32.98 77.87
N VAL P 526 -55.84 -32.90 77.32
CA VAL P 526 -55.25 -33.98 76.52
C VAL P 526 -54.44 -34.82 77.50
N PHE P 527 -54.94 -36.00 77.81
CA PHE P 527 -54.27 -36.87 78.76
C PHE P 527 -53.13 -37.62 78.10
N ASN P 528 -52.03 -37.81 78.84
CA ASN P 528 -50.89 -38.60 78.37
C ASN P 528 -50.33 -38.03 77.07
N ALA P 529 -50.15 -36.71 77.03
CA ALA P 529 -49.57 -36.08 75.85
C ALA P 529 -48.11 -36.45 75.67
N HIS P 530 -47.47 -36.97 76.73
CA HIS P 530 -46.08 -37.36 76.62
C HIS P 530 -45.92 -38.66 75.84
N ILE P 531 -46.98 -39.45 75.71
CA ILE P 531 -46.93 -40.69 74.95
C ILE P 531 -47.83 -40.66 73.72
N LYS P 532 -48.78 -39.75 73.64
CA LYS P 532 -49.60 -39.62 72.45
C LYS P 532 -48.80 -39.04 71.30
N GLY P 533 -49.11 -39.49 70.08
CA GLY P 533 -48.45 -38.96 68.91
C GLY P 533 -49.08 -37.67 68.42
N LEU P 534 -48.46 -37.08 67.40
CA LEU P 534 -48.95 -35.81 66.88
C LEU P 534 -50.34 -35.96 66.26
N GLU P 535 -50.57 -37.04 65.51
CA GLU P 535 -51.89 -37.25 64.92
C GLU P 535 -52.95 -37.47 66.00
N THR P 536 -52.62 -38.28 67.01
CA THR P 536 -53.55 -38.51 68.10
C THR P 536 -53.82 -37.24 68.88
N ILE P 537 -52.77 -36.44 69.13
CA ILE P 537 -52.95 -35.18 69.83
C ILE P 537 -53.84 -34.23 69.03
N ALA P 538 -53.62 -34.16 67.71
CA ALA P 538 -54.42 -33.29 66.87
C ALA P 538 -55.88 -33.72 66.87
N ASN P 539 -56.14 -35.02 66.75
CA ASN P 539 -57.51 -35.51 66.76
C ASN P 539 -58.18 -35.24 68.10
N ASP P 540 -57.46 -35.48 69.20
CA ASP P 540 -58.01 -35.22 70.52
C ASP P 540 -58.32 -33.74 70.70
N VAL P 541 -57.42 -32.87 70.26
CA VAL P 541 -57.64 -31.43 70.39
C VAL P 541 -58.86 -31.00 69.58
N VAL P 542 -58.99 -31.51 68.35
CA VAL P 542 -60.14 -31.15 67.52
C VAL P 542 -61.44 -31.61 68.18
N SER P 543 -61.47 -32.85 68.66
CA SER P 543 -62.68 -33.39 69.27
C SER P 543 -63.05 -32.60 70.53
N LEU P 544 -62.07 -32.32 71.39
CA LEU P 544 -62.36 -31.60 72.63
C LEU P 544 -62.75 -30.15 72.35
N ALA P 545 -62.15 -29.53 71.33
CA ALA P 545 -62.54 -28.18 70.97
C ALA P 545 -63.97 -28.13 70.45
N THR P 546 -64.35 -29.12 69.64
CA THR P 546 -65.73 -29.20 69.17
C THR P 546 -66.69 -29.40 70.35
N LYS P 547 -66.33 -30.27 71.29
CA LYS P 547 -67.17 -30.50 72.46
C LYS P 547 -67.31 -29.23 73.29
N ALA P 548 -66.20 -28.49 73.46
CA ALA P 548 -66.24 -27.26 74.24
C ALA P 548 -67.10 -26.21 73.56
N ARG P 549 -66.97 -26.07 72.24
CA ARG P 549 -67.77 -25.09 71.52
C ARG P 549 -69.25 -25.45 71.55
N GLU P 550 -69.57 -26.74 71.52
CA GLU P 550 -70.97 -27.17 71.61
C GLU P 550 -71.45 -27.28 73.05
N GLY P 551 -70.59 -27.05 74.04
CA GLY P 551 -71.01 -27.08 75.43
C GLY P 551 -71.30 -28.45 75.97
N LYS P 552 -70.63 -29.48 75.46
CA LYS P 552 -70.89 -30.86 75.86
C LYS P 552 -69.78 -31.47 76.69
N LEU P 553 -68.83 -30.67 77.18
CA LEU P 553 -67.71 -31.21 77.93
C LEU P 553 -68.16 -31.73 79.29
N GLN P 554 -67.69 -32.93 79.64
CA GLN P 554 -67.92 -33.49 80.96
C GLN P 554 -66.92 -32.91 81.96
N PRO P 555 -67.27 -32.87 83.25
CA PRO P 555 -66.37 -32.25 84.23
C PRO P 555 -64.98 -32.86 84.28
N HIS P 556 -64.85 -34.18 84.11
CA HIS P 556 -63.52 -34.79 84.17
C HIS P 556 -62.70 -34.47 82.93
N GLU P 557 -63.33 -34.00 81.85
CA GLU P 557 -62.60 -33.66 80.63
C GLU P 557 -61.95 -32.28 80.69
N PHE P 558 -62.30 -31.45 81.68
CA PHE P 558 -61.66 -30.15 81.84
C PHE P 558 -61.25 -29.83 83.26
N GLN P 559 -61.46 -30.71 84.23
CA GLN P 559 -61.00 -30.51 85.59
C GLN P 559 -59.76 -31.36 85.84
N GLY P 560 -58.70 -30.72 86.31
CA GLY P 560 -57.46 -31.42 86.60
C GLY P 560 -56.30 -30.95 85.74
N GLY P 561 -55.50 -31.88 85.25
CA GLY P 561 -54.35 -31.54 84.45
C GLY P 561 -53.15 -31.13 85.29
N THR P 562 -51.97 -31.21 84.66
CA THR P 562 -50.73 -30.85 85.33
C THR P 562 -50.02 -29.66 84.70
N PHE P 563 -50.36 -29.30 83.47
CA PHE P 563 -49.68 -28.23 82.75
C PHE P 563 -50.66 -27.68 81.71
N THR P 564 -50.69 -26.36 81.59
CA THR P 564 -51.66 -25.69 80.74
C THR P 564 -50.95 -24.94 79.62
N ILE P 565 -51.57 -24.93 78.44
CA ILE P 565 -51.08 -24.19 77.28
C ILE P 565 -52.20 -23.28 76.79
N SER P 566 -51.92 -21.99 76.72
CA SER P 566 -52.85 -21.00 76.20
C SER P 566 -52.23 -20.33 74.99
N ASN P 567 -52.82 -20.55 73.82
CA ASN P 567 -52.28 -20.06 72.55
C ASN P 567 -53.18 -18.95 72.04
N LEU P 568 -52.60 -17.76 71.84
CA LEU P 568 -53.32 -16.64 71.27
C LEU P 568 -52.65 -16.09 70.01
N GLY P 569 -51.84 -16.92 69.34
CA GLY P 569 -51.19 -16.45 68.13
C GLY P 569 -52.16 -16.24 66.98
N MET P 570 -53.28 -16.96 66.99
CA MET P 570 -54.29 -16.79 65.96
C MET P 570 -54.90 -15.39 65.97
N PHE P 571 -54.84 -14.69 67.11
CA PHE P 571 -55.37 -13.35 67.24
C PHE P 571 -54.31 -12.27 67.04
N GLY P 572 -53.08 -12.66 66.70
CA GLY P 572 -52.05 -11.69 66.42
C GLY P 572 -51.29 -11.16 67.61
N ILE P 573 -51.48 -11.75 68.80
CA ILE P 573 -50.76 -11.31 69.98
C ILE P 573 -49.29 -11.69 69.84
N LYS P 574 -48.41 -10.70 70.00
CA LYS P 574 -46.98 -10.97 69.94
C LYS P 574 -46.53 -11.86 71.10
N ASN P 575 -46.90 -11.48 72.32
CA ASN P 575 -46.64 -12.30 73.50
C ASN P 575 -47.56 -11.82 74.61
N PHE P 576 -47.79 -12.69 75.59
CA PHE P 576 -48.64 -12.35 76.72
C PHE P 576 -48.29 -13.23 77.91
N SER P 577 -48.71 -12.78 79.08
CA SER P 577 -48.47 -13.49 80.35
C SER P 577 -49.80 -13.96 80.89
N ALA P 578 -49.93 -15.27 81.10
CA ALA P 578 -51.19 -15.84 81.53
C ALA P 578 -51.20 -16.08 83.04
N ILE P 579 -52.37 -16.47 83.53
CA ILE P 579 -52.55 -16.76 84.96
C ILE P 579 -52.50 -18.27 85.15
N ILE P 580 -51.72 -18.70 86.14
CA ILE P 580 -51.59 -20.14 86.41
C ILE P 580 -52.91 -20.71 86.87
N ASN P 581 -53.34 -21.80 86.22
CA ASN P 581 -54.56 -22.48 86.60
C ASN P 581 -54.27 -23.40 87.77
N PRO P 582 -54.89 -23.19 88.93
CA PRO P 582 -54.56 -23.99 90.11
C PRO P 582 -55.06 -25.41 89.97
N PRO P 583 -54.42 -26.37 90.65
CA PRO P 583 -53.23 -26.24 91.50
C PRO P 583 -51.93 -26.48 90.74
N GLN P 584 -51.90 -26.23 89.43
CA GLN P 584 -50.71 -26.49 88.64
C GLN P 584 -49.61 -25.48 88.98
N ALA P 585 -48.41 -25.76 88.48
CA ALA P 585 -47.25 -24.94 88.79
C ALA P 585 -46.81 -24.04 87.65
N CYS P 586 -47.29 -24.27 86.43
CA CYS P 586 -46.85 -23.49 85.28
C CYS P 586 -47.98 -23.39 84.27
N ILE P 587 -47.85 -22.42 83.36
CA ILE P 587 -48.74 -22.26 82.22
C ILE P 587 -47.94 -21.61 81.09
N LEU P 588 -48.02 -22.18 79.90
CA LEU P 588 -47.28 -21.68 78.75
C LEU P 588 -48.18 -20.82 77.89
N ALA P 589 -47.81 -19.55 77.74
CA ALA P 589 -48.55 -18.60 76.93
C ALA P 589 -47.83 -18.44 75.59
N VAL P 590 -48.52 -18.78 74.50
CA VAL P 590 -47.94 -18.81 73.17
C VAL P 590 -48.50 -17.65 72.37
N GLY P 591 -47.61 -16.87 71.75
CA GLY P 591 -48.00 -15.76 70.92
C GLY P 591 -47.93 -16.09 69.43
N ALA P 592 -48.00 -15.05 68.63
CA ALA P 592 -48.00 -15.21 67.18
C ALA P 592 -46.59 -15.43 66.64
N SER P 593 -46.50 -16.12 65.51
CA SER P 593 -45.24 -16.33 64.83
C SER P 593 -45.08 -15.34 63.69
N GLU P 594 -43.94 -14.63 63.68
CA GLU P 594 -43.69 -13.57 62.73
C GLU P 594 -42.32 -13.72 62.12
N ASP P 595 -42.16 -13.24 60.89
CA ASP P 595 -40.87 -13.28 60.20
C ASP P 595 -40.00 -12.14 60.73
N ARG P 596 -38.77 -12.48 61.13
CA ARG P 596 -37.83 -11.51 61.64
C ARG P 596 -36.47 -11.70 60.98
N LEU P 597 -35.75 -10.58 60.80
CA LEU P 597 -34.43 -10.63 60.21
C LEU P 597 -33.38 -10.91 61.27
N PHE P 598 -32.47 -11.84 60.95
CA PHE P 598 -31.40 -12.19 61.87
C PHE P 598 -30.08 -12.26 61.12
N PRO P 599 -28.98 -11.92 61.78
CA PRO P 599 -27.68 -11.95 61.09
C PRO P 599 -27.31 -13.35 60.64
N ALA P 600 -26.64 -13.43 59.50
CA ALA P 600 -26.17 -14.69 58.95
C ALA P 600 -24.88 -14.47 58.18
N ASP P 601 -24.09 -15.53 58.03
CA ASP P 601 -22.81 -15.46 57.34
C ASP P 601 -23.02 -15.77 55.86
N ASN P 602 -23.75 -14.86 55.20
CA ASN P 602 -24.01 -14.97 53.77
C ASN P 602 -23.71 -13.63 53.11
N GLU P 603 -23.91 -13.58 51.79
CA GLU P 603 -23.64 -12.36 51.04
C GLU P 603 -24.55 -11.23 51.45
N LYS P 604 -25.84 -11.50 51.64
CA LYS P 604 -26.78 -10.46 52.06
C LYS P 604 -26.53 -9.98 53.47
N GLY P 605 -25.90 -10.80 54.31
CA GLY P 605 -25.66 -10.44 55.70
C GLY P 605 -26.79 -10.71 56.65
N PHE P 606 -27.90 -11.27 56.17
CA PHE P 606 -29.05 -11.54 57.02
C PHE P 606 -29.87 -12.66 56.43
N ASP P 607 -30.77 -13.22 57.25
CA ASP P 607 -31.70 -14.25 56.84
C ASP P 607 -33.06 -13.96 57.46
N VAL P 608 -34.08 -14.65 56.96
CA VAL P 608 -35.45 -14.48 57.42
C VAL P 608 -35.90 -15.78 58.09
N ALA P 609 -36.36 -15.68 59.33
CA ALA P 609 -36.81 -16.83 60.09
C ALA P 609 -38.14 -16.50 60.75
N SER P 610 -39.04 -17.48 60.77
CA SER P 610 -40.33 -17.33 61.42
C SER P 610 -40.18 -17.70 62.90
N MET P 611 -40.17 -16.70 63.76
CA MET P 611 -39.93 -16.90 65.18
C MET P 611 -41.22 -16.70 65.97
N MET P 612 -41.42 -17.51 66.99
CA MET P 612 -42.62 -17.49 67.82
C MET P 612 -42.20 -17.34 69.28
N SER P 613 -42.76 -16.34 69.95
CA SER P 613 -42.36 -15.99 71.31
C SER P 613 -43.30 -16.62 72.33
N VAL P 614 -42.73 -17.30 73.32
CA VAL P 614 -43.51 -17.96 74.36
C VAL P 614 -43.09 -17.45 75.72
N THR P 615 -44.08 -17.26 76.59
CA THR P 615 -43.87 -16.79 77.96
C THR P 615 -44.42 -17.83 78.92
N LEU P 616 -43.54 -18.42 79.72
CA LEU P 616 -43.93 -19.40 80.73
C LEU P 616 -44.10 -18.68 82.05
N SER P 617 -45.29 -18.80 82.64
CA SER P 617 -45.57 -18.24 83.96
C SER P 617 -45.46 -19.34 85.00
N CYS P 618 -44.55 -19.17 85.95
CA CYS P 618 -44.19 -20.23 86.88
C CYS P 618 -44.52 -19.81 88.30
N ASP P 619 -44.91 -20.81 89.10
CA ASP P 619 -45.09 -20.64 90.54
C ASP P 619 -43.72 -20.69 91.20
N HIS P 620 -43.28 -19.57 91.78
CA HIS P 620 -41.93 -19.50 92.30
C HIS P 620 -41.71 -20.36 93.54
N ARG P 621 -42.78 -20.83 94.19
CA ARG P 621 -42.62 -21.80 95.27
C ARG P 621 -42.04 -23.10 94.75
N VAL P 622 -42.49 -23.56 93.59
CA VAL P 622 -42.13 -24.85 93.05
C VAL P 622 -40.98 -24.76 92.04
N VAL P 623 -41.10 -23.85 91.08
CA VAL P 623 -40.15 -23.72 89.99
C VAL P 623 -39.38 -22.43 90.18
N ASP P 624 -38.08 -22.53 90.43
CA ASP P 624 -37.26 -21.34 90.51
C ASP P 624 -36.76 -20.93 89.12
N GLY P 625 -36.00 -19.84 89.08
CA GLY P 625 -35.62 -19.27 87.80
C GLY P 625 -34.79 -20.20 86.94
N ALA P 626 -33.83 -20.89 87.55
CA ALA P 626 -32.97 -21.80 86.79
C ALA P 626 -33.77 -22.96 86.22
N VAL P 627 -34.70 -23.52 87.01
CA VAL P 627 -35.51 -24.63 86.52
C VAL P 627 -36.44 -24.19 85.41
N GLY P 628 -37.07 -23.02 85.56
CA GLY P 628 -37.92 -22.51 84.50
C GLY P 628 -37.15 -22.25 83.22
N ALA P 629 -35.94 -21.71 83.35
CA ALA P 629 -35.10 -21.47 82.18
C ALA P 629 -34.70 -22.79 81.51
N GLN P 630 -34.39 -23.81 82.32
CA GLN P 630 -34.07 -25.12 81.75
C GLN P 630 -35.25 -25.71 81.00
N TRP P 631 -36.46 -25.57 81.56
CA TRP P 631 -37.65 -26.05 80.88
C TRP P 631 -37.84 -25.33 79.55
N LEU P 632 -37.67 -24.01 79.55
CA LEU P 632 -37.85 -23.27 78.31
C LEU P 632 -36.78 -23.62 77.28
N ALA P 633 -35.55 -23.87 77.73
CA ALA P 633 -34.50 -24.29 76.81
C ALA P 633 -34.80 -25.65 76.19
N GLU P 634 -35.29 -26.59 77.00
CA GLU P 634 -35.66 -27.90 76.46
C GLU P 634 -36.80 -27.78 75.46
N PHE P 635 -37.81 -26.97 75.78
CA PHE P 635 -38.93 -26.73 74.88
C PHE P 635 -38.45 -26.14 73.56
N ARG P 636 -37.55 -25.14 73.65
CA ARG P 636 -37.04 -24.49 72.46
C ARG P 636 -36.24 -25.46 71.60
N LYS P 637 -35.42 -26.31 72.23
CA LYS P 637 -34.66 -27.29 71.46
C LYS P 637 -35.59 -28.27 70.76
N TYR P 638 -36.61 -28.76 71.48
CA TYR P 638 -37.55 -29.70 70.88
C TYR P 638 -38.26 -29.09 69.68
N LEU P 639 -38.67 -27.83 69.78
CA LEU P 639 -39.34 -27.21 68.65
C LEU P 639 -38.37 -26.86 67.52
N GLU P 640 -37.16 -26.42 67.84
CA GLU P 640 -36.22 -26.03 66.80
C GLU P 640 -35.69 -27.23 66.03
N LYS P 641 -35.74 -28.43 66.60
CA LYS P 641 -35.45 -29.65 65.85
C LYS P 641 -36.52 -30.69 66.16
N PRO P 642 -37.56 -30.77 65.33
CA PRO P 642 -38.66 -31.71 65.60
C PRO P 642 -38.24 -33.17 65.62
N ILE P 643 -37.18 -33.53 64.89
CA ILE P 643 -36.74 -34.92 64.88
C ILE P 643 -36.28 -35.36 66.25
N THR P 644 -35.88 -34.41 67.11
CA THR P 644 -35.50 -34.75 68.48
C THR P 644 -36.70 -35.10 69.35
N MET P 645 -37.93 -34.89 68.87
CA MET P 645 -39.09 -35.36 69.60
C MET P 645 -39.21 -36.88 69.58
N LEU P 646 -38.45 -37.57 68.73
CA LEU P 646 -38.45 -39.01 68.69
C LEU P 646 -37.65 -39.66 69.80
N LEU P 647 -36.80 -38.90 70.49
CA LEU P 647 -35.98 -39.44 71.56
C LEU P 647 -36.81 -39.67 72.83
N PHE Q 420 -50.67 -84.09 -49.99
CA PHE Q 420 -49.95 -83.47 -51.11
C PHE Q 420 -50.87 -83.19 -52.28
N THR Q 421 -50.35 -82.48 -53.28
CA THR Q 421 -51.08 -82.16 -54.49
C THR Q 421 -50.16 -82.39 -55.69
N ASP Q 422 -50.66 -83.15 -56.67
CA ASP Q 422 -49.89 -83.45 -57.87
C ASP Q 422 -50.22 -82.42 -58.94
N ILE Q 423 -49.24 -81.57 -59.26
CA ILE Q 423 -49.41 -80.53 -60.28
C ILE Q 423 -48.84 -81.07 -61.58
N PRO Q 424 -49.65 -81.22 -62.64
CA PRO Q 424 -49.13 -81.73 -63.91
C PRO Q 424 -48.04 -80.83 -64.48
N ILE Q 425 -47.05 -81.45 -65.10
CA ILE Q 425 -45.94 -80.72 -65.67
C ILE Q 425 -46.31 -80.26 -67.07
N SER Q 426 -46.24 -78.95 -67.32
CA SER Q 426 -46.52 -78.43 -68.64
C SER Q 426 -45.40 -78.80 -69.60
N ASN Q 427 -45.69 -78.71 -70.90
CA ASN Q 427 -44.70 -79.03 -71.91
C ASN Q 427 -43.56 -78.02 -71.90
N ILE Q 428 -43.88 -76.74 -71.64
CA ILE Q 428 -42.83 -75.72 -71.52
C ILE Q 428 -41.89 -76.04 -70.37
N ARG Q 429 -42.46 -76.43 -69.22
CA ARG Q 429 -41.64 -76.80 -68.08
C ARG Q 429 -40.83 -78.05 -68.37
N ARG Q 430 -41.41 -79.00 -69.10
CA ARG Q 430 -40.66 -80.20 -69.47
C ARG Q 430 -39.47 -79.86 -70.36
N VAL Q 431 -39.68 -78.94 -71.32
CA VAL Q 431 -38.58 -78.51 -72.19
C VAL Q 431 -37.49 -77.82 -71.39
N ILE Q 432 -37.87 -76.94 -70.46
CA ILE Q 432 -36.88 -76.24 -69.64
C ILE Q 432 -36.12 -77.24 -68.78
N ALA Q 433 -36.82 -78.20 -68.19
CA ALA Q 433 -36.18 -79.20 -67.35
C ALA Q 433 -35.22 -80.06 -68.18
N GLN Q 434 -35.61 -80.43 -69.39
CA GLN Q 434 -34.74 -81.22 -70.24
C GLN Q 434 -33.50 -80.44 -70.64
N ARG Q 435 -33.65 -79.14 -70.91
CA ARG Q 435 -32.47 -78.31 -71.20
C ARG Q 435 -31.55 -78.24 -70.00
N LEU Q 436 -32.11 -78.13 -68.78
CA LEU Q 436 -31.27 -78.09 -67.60
C LEU Q 436 -30.56 -79.42 -67.36
N MET Q 437 -31.26 -80.54 -67.60
CA MET Q 437 -30.60 -81.84 -67.58
C MET Q 437 -29.44 -81.89 -68.55
N GLN Q 438 -29.67 -81.47 -69.79
CA GLN Q 438 -28.61 -81.53 -70.79
C GLN Q 438 -27.42 -80.68 -70.37
N SER Q 439 -27.67 -79.47 -69.85
CA SER Q 439 -26.60 -78.60 -69.41
C SER Q 439 -25.79 -79.25 -68.29
N LYS Q 440 -26.47 -79.70 -67.24
CA LYS Q 440 -25.73 -80.23 -66.08
C LYS Q 440 -25.13 -81.59 -66.36
N GLN Q 441 -25.56 -82.28 -67.42
CA GLN Q 441 -24.99 -83.59 -67.71
C GLN Q 441 -23.83 -83.50 -68.71
N THR Q 442 -23.87 -82.55 -69.63
CA THR Q 442 -22.84 -82.48 -70.67
C THR Q 442 -21.85 -81.34 -70.47
N ILE Q 443 -22.11 -80.41 -69.57
CA ILE Q 443 -21.24 -79.26 -69.35
C ILE Q 443 -20.59 -79.38 -67.99
N PRO Q 444 -19.27 -79.57 -67.90
CA PRO Q 444 -18.60 -79.62 -66.61
C PRO Q 444 -18.44 -78.25 -65.97
N HIS Q 445 -19.47 -77.81 -65.25
CA HIS Q 445 -19.46 -76.46 -64.67
C HIS Q 445 -18.35 -76.33 -63.63
N TYR Q 446 -17.75 -75.15 -63.58
CA TYR Q 446 -16.96 -74.74 -62.42
C TYR Q 446 -17.12 -73.25 -62.22
N TYR Q 447 -17.13 -72.82 -60.95
CA TYR Q 447 -17.63 -71.51 -60.58
C TYR Q 447 -16.51 -70.68 -59.98
N LEU Q 448 -16.44 -69.40 -60.37
CA LEU Q 448 -15.46 -68.47 -59.82
C LEU Q 448 -16.16 -67.20 -59.36
N SER Q 449 -15.87 -66.77 -58.13
CA SER Q 449 -16.57 -65.65 -57.51
C SER Q 449 -15.60 -64.51 -57.23
N VAL Q 450 -16.05 -63.29 -57.48
CA VAL Q 450 -15.30 -62.07 -57.14
C VAL Q 450 -16.25 -61.03 -56.57
N ASP Q 451 -15.66 -60.01 -55.97
CA ASP Q 451 -16.39 -58.86 -55.44
C ASP Q 451 -16.04 -57.60 -56.23
N VAL Q 452 -17.06 -56.84 -56.57
CA VAL Q 452 -16.91 -55.63 -57.38
C VAL Q 452 -17.39 -54.44 -56.57
N ASN Q 453 -16.55 -53.41 -56.49
CA ASN Q 453 -16.92 -52.17 -55.80
C ASN Q 453 -17.76 -51.33 -56.74
N MET Q 454 -18.94 -50.92 -56.29
CA MET Q 454 -19.91 -50.27 -57.16
C MET Q 454 -20.16 -48.81 -56.82
N GLY Q 455 -19.29 -48.18 -56.02
CA GLY Q 455 -19.50 -46.77 -55.70
C GLY Q 455 -19.43 -45.88 -56.92
N GLU Q 456 -18.41 -46.08 -57.76
CA GLU Q 456 -18.28 -45.28 -58.97
C GLU Q 456 -19.41 -45.56 -59.95
N VAL Q 457 -19.85 -46.82 -60.04
CA VAL Q 457 -20.99 -47.15 -60.89
C VAL Q 457 -22.24 -46.42 -60.41
N LEU Q 458 -22.47 -46.40 -59.10
CA LEU Q 458 -23.64 -45.70 -58.58
C LEU Q 458 -23.56 -44.20 -58.85
N LEU Q 459 -22.39 -43.60 -58.65
CA LEU Q 459 -22.24 -42.17 -58.92
C LEU Q 459 -22.47 -41.84 -60.39
N VAL Q 460 -21.87 -42.64 -61.28
CA VAL Q 460 -22.04 -42.41 -62.72
C VAL Q 460 -23.48 -42.62 -63.12
N ARG Q 461 -24.14 -43.64 -62.55
CA ARG Q 461 -25.54 -43.90 -62.87
C ARG Q 461 -26.43 -42.74 -62.41
N LYS Q 462 -26.16 -42.19 -61.24
CA LYS Q 462 -26.92 -41.05 -60.76
C LYS Q 462 -26.74 -39.85 -61.69
N GLU Q 463 -25.50 -39.58 -62.11
CA GLU Q 463 -25.26 -38.47 -63.02
C GLU Q 463 -25.95 -38.68 -64.37
N LEU Q 464 -25.87 -39.91 -64.89
CA LEU Q 464 -26.53 -40.22 -66.17
C LEU Q 464 -28.03 -40.07 -66.06
N ASN Q 465 -28.62 -40.53 -64.96
CA ASN Q 465 -30.06 -40.40 -64.78
C ASN Q 465 -30.48 -38.94 -64.66
N LYS Q 466 -29.66 -38.12 -63.98
CA LYS Q 466 -29.97 -36.70 -63.89
C LYS Q 466 -29.90 -36.02 -65.26
N MET Q 467 -28.90 -36.38 -66.07
CA MET Q 467 -28.81 -35.84 -67.42
C MET Q 467 -29.95 -36.31 -68.31
N LEU Q 468 -30.39 -37.56 -68.16
CA LEU Q 468 -31.45 -38.09 -69.02
C LEU Q 468 -32.77 -37.34 -68.86
N GLU Q 469 -33.00 -36.69 -67.72
CA GLU Q 469 -34.17 -35.83 -67.52
C GLU Q 469 -35.48 -36.58 -67.77
N GLY Q 470 -35.50 -37.86 -67.38
CA GLY Q 470 -36.70 -38.66 -67.48
C GLY Q 470 -36.96 -39.29 -68.83
N ARG Q 471 -36.13 -39.01 -69.84
CA ARG Q 471 -36.30 -39.65 -71.13
C ARG Q 471 -36.09 -41.15 -71.02
N SER Q 472 -35.09 -41.57 -70.25
CA SER Q 472 -34.85 -42.97 -69.94
C SER Q 472 -34.24 -43.05 -68.55
N LYS Q 473 -34.25 -44.26 -68.00
CA LYS Q 473 -33.66 -44.52 -66.68
C LYS Q 473 -32.68 -45.67 -66.82
N ILE Q 474 -31.46 -45.46 -66.33
CA ILE Q 474 -30.42 -46.49 -66.45
C ILE Q 474 -30.32 -47.26 -65.14
N SER Q 475 -30.37 -48.58 -65.23
CA SER Q 475 -30.25 -49.45 -64.07
C SER Q 475 -28.83 -50.01 -63.97
N VAL Q 476 -28.53 -50.60 -62.82
CA VAL Q 476 -27.23 -51.21 -62.59
C VAL Q 476 -27.03 -52.39 -63.53
N ASN Q 477 -28.11 -53.09 -63.87
CA ASN Q 477 -28.00 -54.22 -64.79
C ASN Q 477 -27.54 -53.78 -66.18
N ASP Q 478 -27.82 -52.53 -66.56
CA ASP Q 478 -27.32 -52.03 -67.83
C ASP Q 478 -25.80 -51.88 -67.81
N PHE Q 479 -25.26 -51.31 -66.73
CA PHE Q 479 -23.81 -51.27 -66.56
C PHE Q 479 -23.23 -52.67 -66.56
N ILE Q 480 -23.89 -53.61 -65.90
CA ILE Q 480 -23.39 -54.98 -65.83
C ILE Q 480 -23.36 -55.61 -67.22
N ILE Q 481 -24.42 -55.39 -68.01
CA ILE Q 481 -24.48 -55.95 -69.36
C ILE Q 481 -23.38 -55.35 -70.23
N LYS Q 482 -23.19 -54.04 -70.15
CA LYS Q 482 -22.16 -53.40 -70.95
C LYS Q 482 -20.77 -53.90 -70.57
N ALA Q 483 -20.51 -54.01 -69.26
CA ALA Q 483 -19.21 -54.49 -68.81
C ALA Q 483 -18.99 -55.95 -69.22
N SER Q 484 -20.03 -56.77 -69.15
CA SER Q 484 -19.92 -58.16 -69.58
C SER Q 484 -19.61 -58.25 -71.06
N ALA Q 485 -20.28 -57.42 -71.88
CA ALA Q 485 -20.01 -57.44 -73.31
C ALA Q 485 -18.58 -57.01 -73.62
N LEU Q 486 -18.09 -55.96 -72.96
CA LEU Q 486 -16.73 -55.51 -73.22
C LEU Q 486 -15.70 -56.54 -72.73
N ALA Q 487 -15.96 -57.17 -71.58
CA ALA Q 487 -15.08 -58.22 -71.10
C ALA Q 487 -15.08 -59.41 -72.04
N CYS Q 488 -16.23 -59.74 -72.62
CA CYS Q 488 -16.30 -60.81 -73.61
C CYS Q 488 -15.50 -60.45 -74.86
N LEU Q 489 -15.53 -59.17 -75.26
CA LEU Q 489 -14.66 -58.73 -76.36
C LEU Q 489 -13.19 -58.93 -76.00
N LYS Q 490 -12.80 -58.54 -74.79
CA LYS Q 490 -11.39 -58.63 -74.40
C LYS Q 490 -10.94 -60.08 -74.27
N VAL Q 491 -11.81 -60.95 -73.78
CA VAL Q 491 -11.48 -62.36 -73.58
C VAL Q 491 -12.47 -63.21 -74.36
N PRO Q 492 -12.22 -63.50 -75.65
CA PRO Q 492 -13.24 -64.18 -76.47
C PRO Q 492 -13.48 -65.63 -76.09
N GLU Q 493 -12.67 -66.23 -75.22
CA GLU Q 493 -12.90 -67.62 -74.84
C GLU Q 493 -14.23 -67.79 -74.12
N ALA Q 494 -14.60 -66.84 -73.27
CA ALA Q 494 -15.91 -66.88 -72.62
C ALA Q 494 -17.04 -66.67 -73.60
N ASN Q 495 -16.74 -66.21 -74.81
CA ASN Q 495 -17.73 -66.02 -75.87
C ASN Q 495 -17.67 -67.13 -76.92
N SER Q 496 -17.43 -68.36 -76.50
CA SER Q 496 -17.32 -69.50 -77.40
C SER Q 496 -18.42 -70.51 -77.12
N SER Q 497 -18.41 -71.58 -77.90
CA SER Q 497 -19.36 -72.67 -77.78
C SER Q 497 -18.68 -73.97 -78.20
N TRP Q 498 -18.94 -75.03 -77.44
CA TRP Q 498 -18.37 -76.34 -77.72
C TRP Q 498 -19.34 -77.12 -78.60
N LEU Q 499 -18.86 -77.59 -79.75
CA LEU Q 499 -19.69 -78.28 -80.74
C LEU Q 499 -19.15 -79.68 -81.03
N ASP Q 500 -18.30 -80.18 -80.13
CA ASP Q 500 -17.80 -81.57 -80.13
C ASP Q 500 -16.81 -81.83 -81.25
N THR Q 501 -16.65 -80.87 -82.16
CA THR Q 501 -15.64 -80.96 -83.21
C THR Q 501 -14.79 -79.71 -83.31
N VAL Q 502 -15.39 -78.53 -83.13
CA VAL Q 502 -14.70 -77.26 -83.14
C VAL Q 502 -15.22 -76.40 -82.00
N ILE Q 503 -14.43 -75.40 -81.62
CA ILE Q 503 -14.84 -74.41 -80.63
C ILE Q 503 -15.23 -73.15 -81.36
N ARG Q 504 -16.53 -72.90 -81.48
CA ARG Q 504 -17.04 -71.75 -82.22
C ARG Q 504 -16.85 -70.50 -81.39
N GLN Q 505 -15.98 -69.61 -81.83
CA GLN Q 505 -15.66 -68.39 -81.11
C GLN Q 505 -16.46 -67.23 -81.69
N ASN Q 506 -17.58 -66.88 -81.05
CA ASN Q 506 -18.44 -65.84 -81.58
C ASN Q 506 -17.77 -64.47 -81.50
N HIS Q 507 -17.80 -63.75 -82.63
CA HIS Q 507 -17.21 -62.42 -82.69
C HIS Q 507 -18.18 -61.31 -82.27
N VAL Q 508 -19.45 -61.64 -82.08
CA VAL Q 508 -20.45 -60.70 -81.58
C VAL Q 508 -20.91 -61.17 -80.22
N VAL Q 509 -21.42 -60.25 -79.41
CA VAL Q 509 -21.82 -60.52 -78.04
C VAL Q 509 -23.32 -60.29 -77.95
N ASP Q 510 -24.08 -61.39 -77.90
CA ASP Q 510 -25.53 -61.35 -77.70
C ASP Q 510 -25.80 -61.79 -76.27
N ILE Q 511 -26.19 -60.84 -75.42
CA ILE Q 511 -26.33 -61.09 -73.99
C ILE Q 511 -27.77 -61.50 -73.70
N SER Q 512 -27.97 -62.76 -73.36
CA SER Q 512 -29.25 -63.20 -72.81
C SER Q 512 -29.38 -62.66 -71.39
N VAL Q 513 -30.58 -62.21 -71.03
CA VAL Q 513 -30.85 -61.65 -69.72
C VAL Q 513 -31.94 -62.48 -69.06
N ALA Q 514 -31.66 -63.00 -67.87
CA ALA Q 514 -32.65 -63.82 -67.18
C ALA Q 514 -33.77 -62.95 -66.64
N VAL Q 515 -35.00 -63.25 -67.04
CA VAL Q 515 -36.19 -62.54 -66.61
C VAL Q 515 -37.15 -63.55 -66.01
N SER Q 516 -37.65 -63.25 -64.81
CA SER Q 516 -38.60 -64.12 -64.13
C SER Q 516 -40.02 -63.63 -64.38
N THR Q 517 -40.86 -64.51 -64.92
CA THR Q 517 -42.25 -64.25 -65.26
C THR Q 517 -43.09 -65.30 -64.55
N PRO Q 518 -44.40 -65.06 -64.40
CA PRO Q 518 -45.25 -66.07 -63.75
C PRO Q 518 -45.22 -67.43 -64.43
N ALA Q 519 -44.85 -67.49 -65.71
CA ALA Q 519 -44.76 -68.76 -66.43
C ALA Q 519 -43.39 -69.42 -66.29
N GLY Q 520 -42.42 -68.76 -65.69
CA GLY Q 520 -41.11 -69.34 -65.48
C GLY Q 520 -39.98 -68.37 -65.81
N LEU Q 521 -38.82 -68.96 -66.11
CA LEU Q 521 -37.64 -68.17 -66.45
C LEU Q 521 -37.47 -68.09 -67.95
N ILE Q 522 -37.25 -66.89 -68.47
CA ILE Q 522 -37.04 -66.69 -69.90
C ILE Q 522 -35.78 -65.84 -70.07
N THR Q 523 -35.22 -65.87 -71.28
CA THR Q 523 -33.94 -65.22 -71.58
C THR Q 523 -34.04 -64.39 -72.85
N PRO Q 524 -34.63 -63.19 -72.77
CA PRO Q 524 -34.57 -62.27 -73.92
C PRO Q 524 -33.14 -61.85 -74.20
N ILE Q 525 -32.84 -61.67 -75.48
CA ILE Q 525 -31.47 -61.45 -75.94
C ILE Q 525 -31.30 -59.99 -76.34
N VAL Q 526 -30.28 -59.34 -75.76
CA VAL Q 526 -29.83 -58.03 -76.20
C VAL Q 526 -28.72 -58.29 -77.20
N PHE Q 527 -29.01 -58.05 -78.47
CA PHE Q 527 -28.03 -58.30 -79.52
C PHE Q 527 -27.04 -57.16 -79.62
N ASN Q 528 -25.78 -57.49 -79.90
CA ASN Q 528 -24.73 -56.49 -80.12
C ASN Q 528 -24.59 -55.56 -78.91
N ALA Q 529 -24.54 -56.16 -77.72
CA ALA Q 529 -24.36 -55.37 -76.51
C ALA Q 529 -22.97 -54.76 -76.44
N HIS Q 530 -22.03 -55.28 -77.24
CA HIS Q 530 -20.69 -54.74 -77.24
C HIS Q 530 -20.61 -53.40 -77.96
N ILE Q 531 -21.60 -53.09 -78.81
CA ILE Q 531 -21.63 -51.82 -79.51
C ILE Q 531 -22.82 -50.96 -79.11
N LYS Q 532 -23.84 -51.53 -78.48
CA LYS Q 532 -24.96 -50.73 -77.99
C LYS Q 532 -24.54 -49.89 -76.79
N GLY Q 533 -25.11 -48.69 -76.69
CA GLY Q 533 -24.84 -47.84 -75.55
C GLY Q 533 -25.69 -48.19 -74.35
N LEU Q 534 -25.41 -47.51 -73.23
CA LEU Q 534 -26.14 -47.79 -72.00
C LEU Q 534 -27.63 -47.45 -72.13
N GLU Q 535 -27.94 -46.31 -72.77
CA GLU Q 535 -29.35 -45.95 -72.95
C GLU Q 535 -30.06 -46.94 -73.86
N THR Q 536 -29.40 -47.34 -74.96
CA THR Q 536 -29.99 -48.32 -75.86
C THR Q 536 -30.16 -49.66 -75.17
N ILE Q 537 -29.16 -50.08 -74.38
CA ILE Q 537 -29.26 -51.34 -73.66
C ILE Q 537 -30.42 -51.29 -72.66
N ALA Q 538 -30.56 -50.17 -71.95
CA ALA Q 538 -31.63 -50.04 -70.97
C ALA Q 538 -33.00 -50.10 -71.65
N ASN Q 539 -33.15 -49.39 -72.77
CA ASN Q 539 -34.43 -49.40 -73.48
C ASN Q 539 -34.74 -50.80 -74.01
N ASP Q 540 -33.73 -51.48 -74.57
CA ASP Q 540 -33.95 -52.83 -75.07
C ASP Q 540 -34.33 -53.78 -73.95
N VAL Q 541 -33.67 -53.67 -72.80
CA VAL Q 541 -33.97 -54.54 -71.67
C VAL Q 541 -35.40 -54.29 -71.17
N VAL Q 542 -35.80 -53.02 -71.08
CA VAL Q 542 -37.15 -52.71 -70.63
C VAL Q 542 -38.18 -53.28 -71.60
N SER Q 543 -37.97 -53.07 -72.89
CA SER Q 543 -38.93 -53.54 -73.89
C SER Q 543 -39.02 -55.07 -73.88
N LEU Q 544 -37.89 -55.75 -73.82
CA LEU Q 544 -37.91 -57.22 -73.83
C LEU Q 544 -38.48 -57.78 -72.54
N ALA Q 545 -38.23 -57.12 -71.41
CA ALA Q 545 -38.83 -57.55 -70.16
C ALA Q 545 -40.35 -57.40 -70.18
N THR Q 546 -40.83 -56.28 -70.74
CA THR Q 546 -42.27 -56.11 -70.87
C THR Q 546 -42.86 -57.18 -71.79
N LYS Q 547 -42.19 -57.47 -72.90
CA LYS Q 547 -42.67 -58.51 -73.82
C LYS Q 547 -42.70 -59.87 -73.13
N ALA Q 548 -41.66 -60.18 -72.34
CA ALA Q 548 -41.61 -61.46 -71.65
C ALA Q 548 -42.71 -61.57 -70.61
N ARG Q 549 -42.94 -60.49 -69.86
CA ARG Q 549 -43.99 -60.51 -68.85
C ARG Q 549 -45.38 -60.63 -69.48
N GLU Q 550 -45.57 -60.02 -70.65
CA GLU Q 550 -46.85 -60.15 -71.35
C GLU Q 550 -46.93 -61.40 -72.21
N GLY Q 551 -45.86 -62.19 -72.29
CA GLY Q 551 -45.90 -63.43 -73.04
C GLY Q 551 -45.91 -63.27 -74.54
N LYS Q 552 -45.30 -62.19 -75.05
CA LYS Q 552 -45.32 -61.89 -76.48
C LYS Q 552 -43.97 -62.08 -77.16
N LEU Q 553 -43.01 -62.72 -76.49
CA LEU Q 553 -41.68 -62.88 -77.07
C LEU Q 553 -41.71 -63.86 -78.23
N GLN Q 554 -41.06 -63.48 -79.34
CA GLN Q 554 -40.88 -64.36 -80.47
C GLN Q 554 -39.72 -65.31 -80.23
N PRO Q 555 -39.71 -66.48 -80.87
CA PRO Q 555 -38.65 -67.46 -80.59
C PRO Q 555 -37.24 -66.94 -80.85
N HIS Q 556 -37.04 -66.12 -81.88
CA HIS Q 556 -35.70 -65.62 -82.16
C HIS Q 556 -35.26 -64.58 -81.13
N GLU Q 557 -36.19 -64.01 -80.37
CA GLU Q 557 -35.84 -63.02 -79.36
C GLU Q 557 -35.33 -63.63 -78.06
N PHE Q 558 -35.49 -64.95 -77.87
CA PHE Q 558 -34.95 -65.61 -76.70
C PHE Q 558 -34.21 -66.91 -76.99
N GLN Q 559 -34.08 -67.32 -78.24
CA GLN Q 559 -33.29 -68.49 -78.59
C GLN Q 559 -31.96 -68.05 -79.19
N GLY Q 560 -30.87 -68.58 -78.63
CA GLY Q 560 -29.55 -68.24 -79.11
C GLY Q 560 -28.70 -67.54 -78.06
N GLY Q 561 -27.97 -66.51 -78.47
CA GLY Q 561 -27.11 -65.79 -77.56
C GLY Q 561 -25.77 -66.48 -77.35
N THR Q 562 -24.80 -65.70 -76.89
CA THR Q 562 -23.47 -66.21 -76.62
C THR Q 562 -23.06 -66.15 -75.16
N PHE Q 563 -23.74 -65.34 -74.35
CA PHE Q 563 -23.39 -65.14 -72.96
C PHE Q 563 -24.64 -64.73 -72.20
N THR Q 564 -24.83 -65.28 -71.02
CA THR Q 564 -26.05 -65.07 -70.24
C THR Q 564 -25.72 -64.36 -68.94
N ILE Q 565 -26.62 -63.47 -68.52
CA ILE Q 565 -26.53 -62.78 -67.24
C ILE Q 565 -27.82 -63.02 -66.46
N SER Q 566 -27.70 -63.56 -65.25
CA SER Q 566 -28.82 -63.78 -64.36
C SER Q 566 -28.60 -62.97 -63.09
N ASN Q 567 -29.45 -61.98 -62.87
CA ASN Q 567 -29.31 -61.06 -61.75
C ASN Q 567 -30.40 -61.34 -60.73
N LEU Q 568 -30.01 -61.66 -59.50
CA LEU Q 568 -30.96 -61.87 -58.42
C LEU Q 568 -30.70 -60.95 -57.23
N GLY Q 569 -30.03 -59.82 -57.46
CA GLY Q 569 -29.76 -58.91 -56.36
C GLY Q 569 -31.01 -58.22 -55.85
N MET Q 570 -32.02 -58.08 -56.72
CA MET Q 570 -33.27 -57.47 -56.30
C MET Q 570 -33.99 -58.29 -55.23
N PHE Q 571 -33.69 -59.60 -55.14
CA PHE Q 571 -34.29 -60.47 -54.15
C PHE Q 571 -33.43 -60.64 -52.91
N GLY Q 572 -32.30 -59.94 -52.83
CA GLY Q 572 -31.47 -60.00 -51.65
C GLY Q 572 -30.48 -61.12 -51.59
N ILE Q 573 -30.30 -61.87 -52.68
CA ILE Q 573 -29.33 -62.96 -52.69
C ILE Q 573 -27.93 -62.39 -52.65
N LYS Q 574 -27.12 -62.85 -51.69
CA LYS Q 574 -25.74 -62.40 -51.60
C LYS Q 574 -24.93 -62.86 -52.80
N ASN Q 575 -24.99 -64.15 -53.12
CA ASN Q 575 -24.37 -64.70 -54.31
C ASN Q 575 -25.00 -66.04 -54.61
N PHE Q 576 -24.88 -66.48 -55.86
CA PHE Q 576 -25.44 -67.77 -56.26
C PHE Q 576 -24.70 -68.26 -57.49
N SER Q 577 -24.84 -69.56 -57.74
CA SER Q 577 -24.21 -70.24 -58.88
C SER Q 577 -25.31 -70.70 -59.82
N ALA Q 578 -25.25 -70.25 -61.07
CA ALA Q 578 -26.30 -70.56 -62.03
C ALA Q 578 -25.89 -71.73 -62.93
N ILE Q 579 -26.84 -72.17 -63.74
CA ILE Q 579 -26.62 -73.26 -64.69
C ILE Q 579 -26.38 -72.66 -66.07
N ILE Q 580 -25.33 -73.15 -66.74
CA ILE Q 580 -25.00 -72.63 -68.06
C ILE Q 580 -26.10 -72.98 -69.05
N ASN Q 581 -26.58 -71.97 -69.78
CA ASN Q 581 -27.59 -72.17 -70.80
C ASN Q 581 -26.92 -72.65 -72.07
N PRO Q 582 -27.23 -73.85 -72.55
CA PRO Q 582 -26.52 -74.39 -73.71
C PRO Q 582 -26.91 -73.66 -74.99
N PRO Q 583 -26.03 -73.63 -75.99
CA PRO Q 583 -24.67 -74.20 -76.01
C PRO Q 583 -23.61 -73.20 -75.61
N GLN Q 584 -23.95 -72.21 -74.78
CA GLN Q 584 -22.98 -71.19 -74.39
C GLN Q 584 -21.93 -71.78 -73.45
N ALA Q 585 -20.88 -70.99 -73.20
CA ALA Q 585 -19.76 -71.45 -72.41
C ALA Q 585 -19.71 -70.86 -71.01
N CYS Q 586 -20.49 -69.81 -70.74
CA CYS Q 586 -20.44 -69.15 -69.44
C CYS Q 586 -21.80 -68.54 -69.12
N ILE Q 587 -21.99 -68.22 -67.85
CA ILE Q 587 -23.17 -67.49 -67.37
C ILE Q 587 -22.76 -66.72 -66.12
N LEU Q 588 -23.09 -65.44 -66.07
CA LEU Q 588 -22.72 -64.57 -64.96
C LEU Q 588 -23.90 -64.44 -64.00
N ALA Q 589 -23.70 -64.89 -62.76
CA ALA Q 589 -24.71 -64.81 -61.72
C ALA Q 589 -24.39 -63.62 -60.82
N VAL Q 590 -25.31 -62.66 -60.75
CA VAL Q 590 -25.09 -61.41 -60.04
C VAL Q 590 -25.95 -61.42 -58.79
N GLY Q 591 -25.33 -61.11 -57.65
CA GLY Q 591 -26.02 -61.03 -56.38
C GLY Q 591 -26.32 -59.60 -55.98
N ALA Q 592 -26.68 -59.45 -54.70
CA ALA Q 592 -27.06 -58.14 -54.19
C ALA Q 592 -25.82 -57.32 -53.83
N SER Q 593 -25.98 -56.00 -53.88
CA SER Q 593 -24.92 -55.09 -53.49
C SER Q 593 -25.15 -54.58 -52.07
N GLU Q 594 -24.14 -54.72 -51.22
CA GLU Q 594 -24.24 -54.40 -49.81
C GLU Q 594 -23.06 -53.54 -49.38
N ASP Q 595 -23.28 -52.72 -48.36
CA ASP Q 595 -22.22 -51.89 -47.81
C ASP Q 595 -21.35 -52.73 -46.89
N ARG Q 596 -20.04 -52.68 -47.11
CA ARG Q 596 -19.08 -53.43 -46.31
C ARG Q 596 -17.93 -52.52 -45.88
N LEU Q 597 -17.41 -52.79 -44.68
CA LEU Q 597 -16.28 -52.02 -44.17
C LEU Q 597 -14.98 -52.58 -44.70
N PHE Q 598 -14.10 -51.69 -45.16
CA PHE Q 598 -12.79 -52.09 -45.65
C PHE Q 598 -11.72 -51.18 -45.10
N PRO Q 599 -10.52 -51.71 -44.87
CA PRO Q 599 -9.44 -50.87 -44.31
C PRO Q 599 -9.07 -49.73 -45.23
N ALA Q 600 -8.73 -48.59 -44.63
CA ALA Q 600 -8.30 -47.42 -45.37
C ALA Q 600 -7.28 -46.64 -44.55
N ASP Q 601 -6.47 -45.84 -45.24
CA ASP Q 601 -5.43 -45.06 -44.59
C ASP Q 601 -5.99 -43.69 -44.21
N ASN Q 602 -6.95 -43.71 -43.27
CA ASN Q 602 -7.56 -42.50 -42.76
C ASN Q 602 -7.57 -42.55 -41.24
N GLU Q 603 -8.11 -41.49 -40.64
CA GLU Q 603 -8.16 -41.41 -39.18
C GLU Q 603 -9.03 -42.50 -38.58
N LYS Q 604 -10.20 -42.76 -39.17
CA LYS Q 604 -11.09 -43.80 -38.67
C LYS Q 604 -10.52 -45.19 -38.86
N GLY Q 605 -9.62 -45.38 -39.82
CA GLY Q 605 -9.06 -46.69 -40.09
C GLY Q 605 -9.87 -47.57 -41.01
N PHE Q 606 -11.01 -47.09 -41.50
CA PHE Q 606 -11.86 -47.88 -42.36
C PHE Q 606 -12.71 -46.97 -43.23
N ASP Q 607 -13.30 -47.56 -44.27
CA ASP Q 607 -14.21 -46.86 -45.18
C ASP Q 607 -15.38 -47.78 -45.50
N VAL Q 608 -16.42 -47.21 -46.07
CA VAL Q 608 -17.63 -47.93 -46.42
C VAL Q 608 -17.77 -47.93 -47.94
N ALA Q 609 -17.89 -49.12 -48.53
CA ALA Q 609 -18.02 -49.27 -49.97
C ALA Q 609 -19.16 -50.24 -50.28
N SER Q 610 -19.92 -49.93 -51.31
CA SER Q 610 -21.01 -50.79 -51.75
C SER Q 610 -20.44 -51.83 -52.72
N MET Q 611 -20.30 -53.06 -52.25
CA MET Q 611 -19.68 -54.12 -53.03
C MET Q 611 -20.73 -55.13 -53.49
N MET Q 612 -20.57 -55.62 -54.71
CA MET Q 612 -21.51 -56.56 -55.32
C MET Q 612 -20.74 -57.79 -55.78
N SER Q 613 -21.19 -58.96 -55.35
CA SER Q 613 -20.49 -60.22 -55.58
C SER Q 613 -21.06 -60.94 -56.80
N VAL Q 614 -20.19 -61.33 -57.72
CA VAL Q 614 -20.61 -62.02 -58.94
C VAL Q 614 -19.89 -63.36 -59.03
N THR Q 615 -20.63 -64.37 -59.48
CA THR Q 615 -20.11 -65.72 -59.67
C THR Q 615 -20.30 -66.12 -61.12
N LEU Q 616 -19.19 -66.34 -61.81
CA LEU Q 616 -19.20 -66.78 -63.20
C LEU Q 616 -19.09 -68.29 -63.23
N SER Q 617 -20.06 -68.95 -63.85
CA SER Q 617 -20.04 -70.40 -64.04
C SER Q 617 -19.56 -70.71 -65.44
N CYS Q 618 -18.45 -71.43 -65.55
CA CYS Q 618 -17.76 -71.63 -66.81
C CYS Q 618 -17.74 -73.10 -67.18
N ASP Q 619 -17.82 -73.35 -68.49
CA ASP Q 619 -17.63 -74.69 -69.05
C ASP Q 619 -16.13 -74.97 -69.11
N HIS Q 620 -15.66 -75.94 -68.32
CA HIS Q 620 -14.23 -76.17 -68.22
C HIS Q 620 -13.62 -76.75 -69.48
N ARG Q 621 -14.44 -77.27 -70.41
CA ARG Q 621 -13.91 -77.66 -71.71
C ARG Q 621 -13.37 -76.47 -72.47
N VAL Q 622 -14.06 -75.34 -72.43
CA VAL Q 622 -13.73 -74.17 -73.22
C VAL Q 622 -12.91 -73.16 -72.43
N VAL Q 623 -13.36 -72.81 -71.23
CA VAL Q 623 -12.74 -71.78 -70.41
C VAL Q 623 -12.07 -72.44 -69.23
N ASP Q 624 -10.75 -72.36 -69.16
CA ASP Q 624 -10.05 -72.88 -68.00
C ASP Q 624 -9.98 -71.81 -66.90
N GLY Q 625 -9.35 -72.18 -65.78
CA GLY Q 625 -9.38 -71.32 -64.62
C GLY Q 625 -8.72 -69.97 -64.85
N ALA Q 626 -7.57 -69.96 -65.52
CA ALA Q 626 -6.87 -68.71 -65.78
C ALA Q 626 -7.68 -67.79 -66.68
N VAL Q 627 -8.31 -68.35 -67.72
CA VAL Q 627 -9.10 -67.54 -68.63
C VAL Q 627 -10.34 -66.99 -67.93
N GLY Q 628 -11.01 -67.81 -67.12
CA GLY Q 628 -12.16 -67.32 -66.37
C GLY Q 628 -11.78 -66.22 -65.39
N ALA Q 629 -10.63 -66.38 -64.73
CA ALA Q 629 -10.16 -65.35 -63.81
C ALA Q 629 -9.82 -64.06 -64.56
N GLN Q 630 -9.21 -64.18 -65.75
CA GLN Q 630 -8.93 -62.99 -66.54
C GLN Q 630 -10.21 -62.28 -66.95
N TRP Q 631 -11.24 -63.04 -67.34
CA TRP Q 631 -12.52 -62.45 -67.69
C TRP Q 631 -13.11 -61.70 -66.50
N LEU Q 632 -13.08 -62.34 -65.33
CA LEU Q 632 -13.64 -61.69 -64.15
C LEU Q 632 -12.85 -60.44 -63.75
N ALA Q 633 -11.53 -60.48 -63.91
CA ALA Q 633 -10.72 -59.29 -63.64
C ALA Q 633 -11.05 -58.15 -64.58
N GLU Q 634 -11.22 -58.45 -65.87
CA GLU Q 634 -11.60 -57.41 -66.83
C GLU Q 634 -12.97 -56.83 -66.50
N PHE Q 635 -13.92 -57.70 -66.16
CA PHE Q 635 -15.26 -57.25 -65.77
C PHE Q 635 -15.20 -56.35 -64.55
N ARG Q 636 -14.41 -56.75 -63.55
CA ARG Q 636 -14.29 -55.97 -62.33
C ARG Q 636 -13.65 -54.61 -62.60
N LYS Q 637 -12.62 -54.58 -63.45
CA LYS Q 637 -12.00 -53.30 -63.79
C LYS Q 637 -12.99 -52.39 -64.50
N TYR Q 638 -13.73 -52.93 -65.47
CA TYR Q 638 -14.71 -52.13 -66.19
C TYR Q 638 -15.76 -51.55 -65.26
N LEU Q 639 -16.24 -52.34 -64.31
CA LEU Q 639 -17.25 -51.81 -63.39
C LEU Q 639 -16.64 -50.85 -62.38
N GLU Q 640 -15.43 -51.12 -61.88
CA GLU Q 640 -14.84 -50.26 -60.87
C GLU Q 640 -14.43 -48.92 -61.43
N LYS Q 641 -14.21 -48.81 -62.74
CA LYS Q 641 -14.01 -47.51 -63.39
C LYS Q 641 -14.87 -47.45 -64.65
N PRO Q 642 -16.07 -46.89 -64.56
CA PRO Q 642 -16.98 -46.86 -65.72
C PRO Q 642 -16.43 -46.07 -66.90
N ILE Q 643 -15.57 -45.08 -66.66
CA ILE Q 643 -15.02 -44.29 -67.76
C ILE Q 643 -14.18 -45.16 -68.68
N THR Q 644 -13.66 -46.29 -68.17
CA THR Q 644 -12.91 -47.20 -69.02
C THR Q 644 -13.79 -47.98 -69.97
N MET Q 645 -15.12 -47.91 -69.82
CA MET Q 645 -16.00 -48.51 -70.81
C MET Q 645 -15.98 -47.76 -72.13
N LEU Q 646 -15.41 -46.56 -72.17
CA LEU Q 646 -15.29 -45.80 -73.40
C LEU Q 646 -14.17 -46.27 -74.31
N LEU Q 647 -13.24 -47.08 -73.79
CA LEU Q 647 -12.12 -47.56 -74.58
C LEU Q 647 -12.56 -48.67 -75.54
N PHE R 420 -4.73 93.42 58.38
CA PHE R 420 -3.94 92.54 59.24
C PHE R 420 -4.52 92.48 60.65
N THR R 421 -3.95 91.60 61.47
CA THR R 421 -4.36 91.44 62.86
C THR R 421 -3.11 91.31 63.72
N ASP R 422 -3.03 92.11 64.78
CA ASP R 422 -1.89 92.09 65.69
C ASP R 422 -2.21 91.17 66.87
N ILE R 423 -1.55 90.01 66.90
CA ILE R 423 -1.74 89.03 67.97
C ILE R 423 -0.70 89.31 69.05
N PRO R 424 -1.11 89.62 70.29
CA PRO R 424 -0.13 89.88 71.34
C PRO R 424 0.75 88.67 71.60
N ILE R 425 2.02 88.92 71.90
CA ILE R 425 2.97 87.86 72.17
C ILE R 425 2.90 87.49 73.64
N SER R 426 2.64 86.21 73.93
CA SER R 426 2.61 85.75 75.31
C SER R 426 4.02 85.71 75.88
N ASN R 427 4.10 85.66 77.21
CA ASN R 427 5.40 85.59 77.87
C ASN R 427 6.09 84.27 77.57
N ILE R 428 5.34 83.18 77.46
CA ILE R 428 5.92 81.89 77.10
C ILE R 428 6.54 81.96 75.70
N ARG R 429 5.81 82.56 74.75
CA ARG R 429 6.33 82.70 73.40
C ARG R 429 7.54 83.62 73.38
N ARG R 430 7.54 84.67 74.20
CA ARG R 430 8.70 85.55 74.28
C ARG R 430 9.91 84.79 74.81
N VAL R 431 9.72 83.94 75.81
CA VAL R 431 10.82 83.14 76.36
C VAL R 431 11.35 82.19 75.29
N ILE R 432 10.45 81.53 74.56
CA ILE R 432 10.88 80.60 73.52
C ILE R 432 11.65 81.34 72.43
N ALA R 433 11.15 82.50 72.01
CA ALA R 433 11.83 83.29 70.99
C ALA R 433 13.20 83.75 71.47
N GLN R 434 13.31 84.16 72.73
CA GLN R 434 14.60 84.58 73.27
C GLN R 434 15.58 83.41 73.32
N ARG R 435 15.10 82.22 73.70
CA ARG R 435 15.98 81.05 73.69
C ARG R 435 16.46 80.73 72.28
N LEU R 436 15.56 80.78 71.30
CA LEU R 436 15.95 80.50 69.92
C LEU R 436 16.94 81.54 69.40
N MET R 437 16.70 82.81 69.72
CA MET R 437 17.65 83.86 69.33
C MET R 437 19.01 83.63 69.95
N GLN R 438 19.04 83.29 71.24
CA GLN R 438 20.31 83.01 71.90
C GLN R 438 21.03 81.85 71.26
N SER R 439 20.29 80.78 70.94
CA SER R 439 20.90 79.61 70.30
C SER R 439 21.51 79.98 68.96
N LYS R 440 20.75 80.66 68.10
CA LYS R 440 21.24 80.98 66.77
C LYS R 440 22.34 82.03 66.80
N GLN R 441 22.40 82.85 67.86
CA GLN R 441 23.41 83.88 67.93
C GLN R 441 24.71 83.38 68.55
N THR R 442 24.65 82.42 69.47
CA THR R 442 25.84 81.98 70.19
C THR R 442 26.35 80.62 69.77
N ILE R 443 25.57 79.83 69.04
CA ILE R 443 25.96 78.47 68.66
C ILE R 443 26.19 78.45 67.15
N PRO R 444 27.42 78.20 66.69
CA PRO R 444 27.65 78.09 65.24
C PRO R 444 27.15 76.78 64.66
N HIS R 445 25.86 76.74 64.32
CA HIS R 445 25.26 75.52 63.80
C HIS R 445 25.91 75.09 62.49
N TYR R 446 26.05 73.78 62.31
CA TYR R 446 26.32 73.21 60.99
C TYR R 446 25.67 71.83 60.92
N TYR R 447 25.16 71.49 59.75
CA TYR R 447 24.19 70.42 59.61
C TYR R 447 24.75 69.29 58.75
N LEU R 448 24.52 68.05 59.17
CA LEU R 448 24.94 66.87 58.42
C LEU R 448 23.74 65.95 58.20
N SER R 449 23.52 65.52 56.96
CA SER R 449 22.34 64.72 56.62
C SER R 449 22.76 63.36 56.08
N VAL R 450 22.06 62.32 56.51
CA VAL R 450 22.26 60.97 56.01
C VAL R 450 20.91 60.29 55.81
N ASP R 451 20.94 59.14 55.13
CA ASP R 451 19.78 58.31 54.88
C ASP R 451 19.95 56.96 55.57
N VAL R 452 18.89 56.50 56.22
CA VAL R 452 18.90 55.28 57.01
C VAL R 452 17.86 54.32 56.44
N ASN R 453 18.27 53.08 56.16
CA ASN R 453 17.35 52.05 55.69
C ASN R 453 16.61 51.49 56.89
N MET R 454 15.29 51.45 56.82
CA MET R 454 14.47 51.12 57.98
C MET R 454 13.66 49.86 57.81
N GLY R 455 13.98 49.00 56.83
CA GLY R 455 13.24 47.76 56.67
C GLY R 455 13.39 46.85 57.88
N GLU R 456 14.63 46.71 58.37
CA GLU R 456 14.87 45.87 59.53
C GLU R 456 14.18 46.44 60.77
N VAL R 457 14.21 47.76 60.92
CA VAL R 457 13.52 48.40 62.05
C VAL R 457 12.02 48.11 61.98
N LEU R 458 11.44 48.24 60.79
CA LEU R 458 10.00 47.97 60.64
C LEU R 458 9.68 46.52 60.96
N LEU R 459 10.50 45.58 60.50
CA LEU R 459 10.25 44.17 60.77
C LEU R 459 10.33 43.87 62.26
N VAL R 460 11.39 44.36 62.91
CA VAL R 460 11.56 44.13 64.34
C VAL R 460 10.43 44.78 65.12
N ARG R 461 10.01 45.98 64.72
CA ARG R 461 8.92 46.66 65.40
C ARG R 461 7.62 45.90 65.24
N LYS R 462 7.36 45.36 64.05
CA LYS R 462 6.16 44.56 63.84
C LYS R 462 6.16 43.34 64.74
N GLU R 463 7.28 42.63 64.81
CA GLU R 463 7.37 41.44 65.66
C GLU R 463 7.17 41.81 67.13
N LEU R 464 7.82 42.89 67.57
CA LEU R 464 7.71 43.32 68.96
C LEU R 464 6.28 43.72 69.29
N ASN R 465 5.61 44.44 68.40
CA ASN R 465 4.23 44.85 68.65
C ASN R 465 3.30 43.64 68.65
N LYS R 466 3.57 42.66 67.79
CA LYS R 466 2.77 41.44 67.81
C LYS R 466 2.91 40.71 69.14
N MET R 467 4.12 40.65 69.70
CA MET R 467 4.30 39.90 70.93
C MET R 467 3.93 40.70 72.17
N LEU R 468 3.88 42.03 72.08
CA LEU R 468 3.37 42.79 73.23
C LEU R 468 1.90 42.52 73.51
N GLU R 469 1.14 42.07 72.51
CA GLU R 469 -0.25 41.65 72.69
C GLU R 469 -1.11 42.76 73.27
N GLY R 470 -0.84 43.99 72.87
CA GLY R 470 -1.63 45.13 73.29
C GLY R 470 -1.24 45.74 74.62
N ARG R 471 -0.29 45.15 75.34
CA ARG R 471 0.17 45.75 76.59
C ARG R 471 0.85 47.09 76.34
N SER R 472 1.63 47.18 75.27
CA SER R 472 2.24 48.43 74.84
C SER R 472 2.45 48.36 73.33
N LYS R 473 2.70 49.52 72.72
CA LYS R 473 2.94 49.61 71.29
C LYS R 473 4.27 50.33 71.06
N ILE R 474 5.22 49.63 70.46
CA ILE R 474 6.52 50.21 70.17
C ILE R 474 6.45 50.99 68.87
N SER R 475 6.87 52.25 68.91
CA SER R 475 6.86 53.12 67.75
C SER R 475 8.26 53.30 67.19
N VAL R 476 8.33 53.86 65.98
CA VAL R 476 9.61 54.10 65.33
C VAL R 476 10.43 55.12 66.09
N ASN R 477 9.78 56.11 66.70
CA ASN R 477 10.50 57.11 67.48
C ASN R 477 11.19 56.47 68.68
N ASP R 478 10.65 55.37 69.21
CA ASP R 478 11.32 54.67 70.30
C ASP R 478 12.65 54.07 69.83
N PHE R 479 12.64 53.44 68.66
CA PHE R 479 13.88 52.95 68.08
C PHE R 479 14.85 54.09 67.83
N ILE R 480 14.36 55.22 67.33
CA ILE R 480 15.22 56.36 67.05
C ILE R 480 15.85 56.88 68.35
N ILE R 481 15.06 56.97 69.42
CA ILE R 481 15.58 57.46 70.70
C ILE R 481 16.64 56.49 71.24
N LYS R 482 16.36 55.18 71.16
CA LYS R 482 17.33 54.20 71.66
C LYS R 482 18.63 54.27 70.87
N ALA R 483 18.53 54.35 69.54
CA ALA R 483 19.72 54.43 68.70
C ALA R 483 20.50 55.71 68.97
N SER R 484 19.79 56.83 69.16
CA SER R 484 20.47 58.09 69.48
C SER R 484 21.20 58.00 70.81
N ALA R 485 20.58 57.38 71.81
CA ALA R 485 21.24 57.24 73.11
C ALA R 485 22.48 56.35 73.01
N LEU R 486 22.39 55.24 72.28
CA LEU R 486 23.55 54.37 72.13
C LEU R 486 24.67 55.05 71.34
N ALA R 487 24.31 55.80 70.29
CA ALA R 487 25.32 56.53 69.53
C ALA R 487 25.95 57.62 70.38
N CYS R 488 25.17 58.25 71.26
CA CYS R 488 25.73 59.23 72.19
C CYS R 488 26.70 58.58 73.15
N LEU R 489 26.39 57.38 73.63
CA LEU R 489 27.34 56.64 74.46
C LEU R 489 28.63 56.35 73.70
N LYS R 490 28.51 55.91 72.44
CA LYS R 490 29.69 55.59 71.66
C LYS R 490 30.54 56.82 71.36
N VAL R 491 29.88 57.95 71.08
CA VAL R 491 30.59 59.19 70.74
C VAL R 491 30.17 60.26 71.74
N PRO R 492 30.86 60.39 72.87
CA PRO R 492 30.41 61.33 73.91
C PRO R 492 30.54 62.80 73.54
N GLU R 493 31.23 63.13 72.45
CA GLU R 493 31.37 64.54 72.07
C GLU R 493 30.02 65.16 71.75
N ALA R 494 29.14 64.41 71.08
CA ALA R 494 27.79 64.89 70.82
C ALA R 494 26.97 65.00 72.10
N ASN R 495 27.43 64.42 73.19
CA ASN R 495 26.78 64.51 74.49
C ASN R 495 27.49 65.48 75.43
N SER R 496 27.98 66.60 74.90
CA SER R 496 28.70 67.59 75.68
C SER R 496 27.97 68.92 75.65
N SER R 497 28.51 69.87 76.42
CA SER R 497 27.97 71.21 76.52
C SER R 497 29.10 72.21 76.65
N TRP R 498 28.98 73.34 75.96
CA TRP R 498 29.98 74.39 76.01
C TRP R 498 29.61 75.40 77.07
N LEU R 499 30.53 75.68 78.00
CA LEU R 499 30.29 76.59 79.11
C LEU R 499 31.32 77.71 79.17
N ASP R 500 31.98 77.94 78.03
CA ASP R 500 32.88 79.08 77.81
C ASP R 500 34.18 78.95 78.59
N THR R 501 34.28 77.95 79.46
CA THR R 501 35.51 77.66 80.19
C THR R 501 35.88 76.19 80.16
N VAL R 502 34.89 75.30 80.09
CA VAL R 502 35.11 73.86 80.02
C VAL R 502 34.06 73.26 79.09
N ILE R 503 34.34 72.06 78.61
CA ILE R 503 33.39 71.28 77.83
C ILE R 503 32.86 70.16 78.71
N ARG R 504 31.65 70.34 79.22
CA ARG R 504 31.04 69.38 80.13
C ARG R 504 30.56 68.18 79.33
N GLN R 505 31.21 67.04 79.53
CA GLN R 505 30.89 65.82 78.78
C GLN R 505 29.96 64.95 79.63
N ASN R 506 28.67 65.02 79.36
CA ASN R 506 27.70 64.30 80.17
C ASN R 506 27.85 62.79 79.98
N HIS R 507 27.92 62.06 81.09
CA HIS R 507 28.03 60.61 81.05
C HIS R 507 26.68 59.91 80.98
N VAL R 508 25.59 60.63 81.16
CA VAL R 508 24.25 60.09 81.01
C VAL R 508 23.59 60.74 79.80
N VAL R 509 22.60 60.06 79.23
CA VAL R 509 21.92 60.53 78.04
C VAL R 509 20.47 60.79 78.40
N ASP R 510 20.11 62.07 78.52
CA ASP R 510 18.73 62.50 78.75
C ASP R 510 18.21 63.08 77.44
N ILE R 511 17.32 62.35 76.78
CA ILE R 511 16.88 62.71 75.44
C ILE R 511 15.61 63.56 75.54
N SER R 512 15.73 64.84 75.21
CA SER R 512 14.55 65.67 75.04
C SER R 512 13.87 65.29 73.73
N VAL R 513 12.55 65.22 73.74
CA VAL R 513 11.76 64.85 72.57
C VAL R 513 10.83 66.01 72.25
N ALA R 514 10.94 66.54 71.03
CA ALA R 514 10.11 67.66 70.62
C ALA R 514 8.67 67.20 70.44
N VAL R 515 7.75 67.82 71.17
CA VAL R 515 6.33 67.52 71.11
C VAL R 515 5.60 68.81 70.77
N SER R 516 4.72 68.75 69.77
CA SER R 516 3.93 69.90 69.37
C SER R 516 2.58 69.87 70.06
N THR R 517 2.24 70.95 70.74
CA THR R 517 1.00 71.14 71.48
C THR R 517 0.37 72.43 71.01
N PRO R 518 -0.92 72.63 71.27
CA PRO R 518 -1.56 73.89 70.84
C PRO R 518 -0.91 75.14 71.40
N ALA R 519 -0.17 75.02 72.50
CA ALA R 519 0.52 76.16 73.09
C ALA R 519 1.93 76.36 72.53
N GLY R 520 2.42 75.44 71.71
CA GLY R 520 3.73 75.57 71.11
C GLY R 520 4.53 74.28 71.15
N LEU R 521 5.84 74.43 71.04
CA LEU R 521 6.73 73.29 71.08
C LEU R 521 7.31 73.12 72.48
N ILE R 522 7.26 71.89 72.99
CA ILE R 522 7.81 71.58 74.30
C ILE R 522 8.74 70.37 74.17
N THR R 523 9.61 70.18 75.15
CA THR R 523 10.65 69.16 75.10
C THR R 523 10.66 68.33 76.38
N PRO R 524 9.71 67.41 76.55
CA PRO R 524 9.79 66.46 77.65
C PRO R 524 11.02 65.57 77.51
N ILE R 525 11.62 65.23 78.65
CA ILE R 525 12.91 64.56 78.69
C ILE R 525 12.72 63.11 79.12
N VAL R 526 13.22 62.19 78.30
CA VAL R 526 13.33 60.78 78.67
C VAL R 526 14.71 60.63 79.30
N PHE R 527 14.74 60.41 80.61
CA PHE R 527 16.00 60.30 81.34
C PHE R 527 16.57 58.90 81.21
N ASN R 528 17.90 58.82 81.11
CA ASN R 528 18.61 57.55 81.05
C ASN R 528 18.11 56.67 79.90
N ALA R 529 17.96 57.29 78.73
CA ALA R 529 17.52 56.54 77.56
C ALA R 529 18.58 55.56 77.10
N HIS R 530 19.82 55.71 77.58
CA HIS R 530 20.88 54.80 77.18
C HIS R 530 20.74 53.46 77.88
N ILE R 531 20.06 53.42 79.03
CA ILE R 531 19.84 52.17 79.76
C ILE R 531 18.39 51.74 79.77
N LYS R 532 17.45 52.62 79.44
CA LYS R 532 16.05 52.22 79.34
C LYS R 532 15.83 51.35 78.11
N GLY R 533 14.90 50.41 78.23
CA GLY R 533 14.54 49.58 77.10
C GLY R 533 13.51 50.23 76.20
N LEU R 534 13.20 49.53 75.10
CA LEU R 534 12.25 50.08 74.13
C LEU R 534 10.86 50.22 74.74
N GLU R 535 10.42 49.23 75.52
CA GLU R 535 9.12 49.33 76.17
C GLU R 535 9.07 50.49 77.15
N THR R 536 10.10 50.63 77.98
CA THR R 536 10.14 51.73 78.93
C THR R 536 10.20 53.08 78.22
N ILE R 537 10.98 53.17 77.14
CA ILE R 537 11.07 54.42 76.39
C ILE R 537 9.72 54.77 75.78
N ALA R 538 9.04 53.78 75.21
CA ALA R 538 7.74 54.03 74.59
C ALA R 538 6.72 54.49 75.64
N ASN R 539 6.66 53.80 76.78
CA ASN R 539 5.73 54.19 77.83
C ASN R 539 6.03 55.59 78.35
N ASP R 540 7.32 55.89 78.57
CA ASP R 540 7.70 57.20 79.06
C ASP R 540 7.34 58.29 78.06
N VAL R 541 7.58 58.03 76.77
CA VAL R 541 7.26 59.01 75.73
C VAL R 541 5.76 59.24 75.67
N VAL R 542 4.96 58.18 75.75
CA VAL R 542 3.51 58.34 75.72
C VAL R 542 3.02 59.16 76.92
N SER R 543 3.54 58.83 78.10
CA SER R 543 3.13 59.56 79.32
C SER R 543 3.51 61.03 79.23
N LEU R 544 4.74 61.33 78.81
CA LEU R 544 5.17 62.71 78.73
C LEU R 544 4.43 63.46 77.63
N ALA R 545 4.11 62.79 76.52
CA ALA R 545 3.34 63.44 75.47
C ALA R 545 1.94 63.79 75.95
N THR R 546 1.30 62.88 76.69
CA THR R 546 -0.01 63.19 77.27
C THR R 546 0.09 64.35 78.24
N LYS R 547 1.11 64.34 79.09
CA LYS R 547 1.29 65.44 80.05
C LYS R 547 1.52 66.76 79.34
N ALA R 548 2.30 66.75 78.25
CA ALA R 548 2.55 67.97 77.48
C ALA R 548 1.28 68.48 76.81
N ARG R 549 0.52 67.58 76.19
CA ARG R 549 -0.70 67.98 75.52
C ARG R 549 -1.73 68.53 76.50
N GLU R 550 -1.84 67.93 77.68
CA GLU R 550 -2.81 68.40 78.66
C GLU R 550 -2.25 69.48 79.59
N GLY R 551 -0.98 69.86 79.44
CA GLY R 551 -0.45 71.01 80.14
C GLY R 551 -0.10 70.80 81.60
N LYS R 552 0.32 69.60 81.99
CA LYS R 552 0.73 69.34 83.37
C LYS R 552 2.22 69.08 83.53
N LEU R 553 3.05 69.43 82.54
CA LEU R 553 4.48 69.16 82.64
C LEU R 553 5.11 70.03 83.72
N GLN R 554 5.88 69.38 84.60
CA GLN R 554 6.66 70.08 85.60
C GLN R 554 7.95 70.62 84.97
N PRO R 555 8.51 71.71 85.52
CA PRO R 555 9.71 72.30 84.92
C PRO R 555 10.89 71.34 84.81
N HIS R 556 11.06 70.44 85.79
CA HIS R 556 12.16 69.50 85.73
C HIS R 556 11.96 68.44 84.65
N GLU R 557 10.72 68.24 84.19
CA GLU R 557 10.43 67.24 83.18
C GLU R 557 10.70 67.73 81.76
N PHE R 558 10.95 69.03 81.57
CA PHE R 558 11.29 69.54 80.25
C PHE R 558 12.45 70.53 80.23
N GLN R 559 13.09 70.80 81.38
CA GLN R 559 14.27 71.64 81.41
C GLN R 559 15.51 70.77 81.62
N GLY R 560 16.51 70.97 80.79
CA GLY R 560 17.73 70.19 80.88
C GLY R 560 17.98 69.32 79.67
N GLY R 561 18.45 68.10 79.90
CA GLY R 561 18.75 67.18 78.82
C GLY R 561 20.13 67.41 78.23
N THR R 562 20.60 66.39 77.50
CA THR R 562 21.89 66.44 76.85
C THR R 562 21.83 66.30 75.34
N PHE R 563 20.71 65.81 74.81
CA PHE R 563 20.55 65.60 73.38
C PHE R 563 19.05 65.70 73.06
N THR R 564 18.73 66.27 71.90
CA THR R 564 17.36 66.54 71.53
C THR R 564 17.01 65.82 70.23
N ILE R 565 15.78 65.34 70.14
CA ILE R 565 15.27 64.69 68.93
C ILE R 565 13.97 65.36 68.53
N SER R 566 13.92 65.89 67.32
CA SER R 566 12.72 66.50 66.76
C SER R 566 12.31 65.71 65.52
N ASN R 567 11.17 65.03 65.61
CA ASN R 567 10.69 64.15 64.56
C ASN R 567 9.49 64.80 63.88
N LEU R 568 9.59 65.06 62.59
CA LEU R 568 8.48 65.59 61.81
C LEU R 568 8.09 64.69 60.66
N GLY R 569 8.37 63.39 60.75
CA GLY R 569 8.02 62.48 59.66
C GLY R 569 6.53 62.25 59.56
N MET R 570 5.81 62.45 60.66
CA MET R 570 4.36 62.26 60.63
C MET R 570 3.67 63.34 59.82
N PHE R 571 4.35 64.45 59.53
CA PHE R 571 3.78 65.53 58.74
C PHE R 571 4.24 65.50 57.29
N GLY R 572 4.99 64.47 56.89
CA GLY R 572 5.39 64.35 55.50
C GLY R 572 6.65 65.09 55.13
N ILE R 573 7.39 65.64 56.09
CA ILE R 573 8.61 66.36 55.79
C ILE R 573 9.70 65.38 55.38
N LYS R 574 10.32 65.63 54.22
CA LYS R 574 11.40 64.77 53.76
C LYS R 574 12.62 64.89 54.68
N ASN R 575 13.06 66.12 54.94
CA ASN R 575 14.10 66.38 55.92
C ASN R 575 14.05 67.85 56.31
N PHE R 576 14.69 68.18 57.42
CA PHE R 576 14.72 69.56 57.88
C PHE R 576 15.90 69.75 58.82
N SER R 577 16.25 71.02 59.04
CA SER R 577 17.36 71.40 59.92
C SER R 577 16.78 72.15 61.11
N ALA R 578 17.04 71.64 62.31
CA ALA R 578 16.47 72.22 63.51
C ALA R 578 17.46 73.15 64.20
N ILE R 579 16.99 73.81 65.25
CA ILE R 579 17.81 74.73 66.04
C ILE R 579 18.22 74.02 67.32
N ILE R 580 19.51 74.10 67.65
CA ILE R 580 20.02 73.43 68.84
C ILE R 580 19.42 74.07 70.09
N ASN R 581 18.89 73.23 70.98
CA ASN R 581 18.34 73.69 72.24
C ASN R 581 19.47 73.87 73.25
N PRO R 582 19.70 75.09 73.74
CA PRO R 582 20.84 75.31 74.62
C PRO R 582 20.61 74.66 75.96
N PRO R 583 21.68 74.31 76.68
CA PRO R 583 23.10 74.45 76.32
C PRO R 583 23.65 73.21 75.63
N GLN R 584 22.79 72.40 75.01
CA GLN R 584 23.24 71.17 74.37
C GLN R 584 24.09 71.48 73.13
N ALA R 585 24.72 70.44 72.60
CA ALA R 585 25.62 70.59 71.48
C ALA R 585 25.09 70.02 70.17
N CYS R 586 23.99 69.28 70.20
CA CYS R 586 23.45 68.66 69.00
C CYS R 586 21.93 68.54 69.10
N ILE R 587 21.31 68.33 67.96
CA ILE R 587 19.89 68.03 67.86
C ILE R 587 19.66 67.23 66.58
N LEU R 588 18.93 66.13 66.69
CA LEU R 588 18.66 65.24 65.57
C LEU R 588 17.28 65.54 65.01
N ALA R 589 17.23 65.95 63.74
CA ALA R 589 15.98 66.22 63.05
C ALA R 589 15.65 65.03 62.16
N VAL R 590 14.48 64.43 62.38
CA VAL R 590 14.08 63.20 61.70
C VAL R 590 12.96 63.53 60.72
N GLY R 591 13.11 63.09 59.48
CA GLY R 591 12.10 63.28 58.46
C GLY R 591 11.24 62.05 58.26
N ALA R 592 10.53 62.04 57.13
CA ALA R 592 9.58 60.97 56.84
C ALA R 592 10.27 59.79 56.18
N SER R 593 9.69 58.61 56.36
CA SER R 593 10.17 57.41 55.71
C SER R 593 9.43 57.19 54.40
N GLU R 594 10.19 57.06 53.32
CA GLU R 594 9.63 56.89 51.99
C GLU R 594 10.33 55.75 51.27
N ASP R 595 9.58 55.05 50.42
CA ASP R 595 10.14 53.95 49.65
C ASP R 595 10.94 54.51 48.47
N ARG R 596 12.17 54.02 48.31
CA ARG R 596 13.04 54.45 47.24
C ARG R 596 13.67 53.25 46.55
N LEU R 597 13.85 53.36 45.23
CA LEU R 597 14.47 52.29 44.47
C LEU R 597 15.99 52.35 44.59
N PHE R 598 16.61 51.19 44.68
CA PHE R 598 18.06 51.13 44.80
C PHE R 598 18.62 49.98 43.97
N PRO R 599 19.81 50.16 43.39
CA PRO R 599 20.40 49.08 42.58
C PRO R 599 20.65 47.83 43.43
N ALA R 600 20.43 46.68 42.80
CA ALA R 600 20.64 45.40 43.47
C ALA R 600 21.06 44.36 42.44
N ASP R 601 21.75 43.33 42.90
CA ASP R 601 22.24 42.26 42.03
C ASP R 601 21.18 41.17 41.91
N ASN R 602 20.07 41.53 41.27
CA ASN R 602 18.98 40.61 41.02
C ASN R 602 18.54 40.75 39.57
N GLU R 603 17.53 39.95 39.20
CA GLU R 603 17.05 39.94 37.83
C GLU R 603 16.44 41.27 37.42
N LYS R 604 15.64 41.88 38.30
CA LYS R 604 15.04 43.18 38.01
C LYS R 604 16.07 44.30 37.98
N GLY R 605 17.21 44.11 38.64
CA GLY R 605 18.22 45.15 38.69
C GLY R 605 18.02 46.19 39.78
N PHE R 606 16.97 46.07 40.58
CA PHE R 606 16.70 47.05 41.62
C PHE R 606 15.88 46.41 42.73
N ASP R 607 15.83 47.10 43.86
CA ASP R 607 15.05 46.69 45.03
C ASP R 607 14.41 47.93 45.64
N VAL R 608 13.40 47.68 46.48
CA VAL R 608 12.65 48.75 47.14
C VAL R 608 13.00 48.73 48.62
N ALA R 609 13.47 49.87 49.12
CA ALA R 609 13.85 50.01 50.52
C ALA R 609 13.22 51.27 51.09
N SER R 610 12.73 51.18 52.32
CA SER R 610 12.10 52.31 52.99
C SER R 610 13.16 53.08 53.75
N MET R 611 13.67 54.15 53.15
CA MET R 611 14.71 54.97 53.76
C MET R 611 14.10 56.18 54.46
N MET R 612 14.82 56.69 55.45
CA MET R 612 14.39 57.80 56.29
C MET R 612 15.58 58.69 56.59
N SER R 613 15.48 59.97 56.22
CA SER R 613 16.61 60.89 56.26
C SER R 613 16.66 61.63 57.59
N VAL R 614 17.86 61.76 58.16
CA VAL R 614 18.06 62.50 59.39
C VAL R 614 19.14 63.55 59.17
N THR R 615 18.90 64.74 59.76
CA THR R 615 19.84 65.85 59.72
C THR R 615 20.23 66.21 61.15
N LEU R 616 21.48 65.96 61.50
CA LEU R 616 22.03 66.32 62.79
C LEU R 616 22.62 67.72 62.71
N SER R 617 22.09 68.63 63.53
CA SER R 617 22.64 69.98 63.64
C SER R 617 23.60 70.02 64.82
N CYS R 618 24.83 70.43 64.58
CA CYS R 618 25.89 70.33 65.57
C CYS R 618 26.47 71.70 65.86
N ASP R 619 26.85 71.89 67.12
CA ASP R 619 27.65 73.04 67.55
C ASP R 619 29.09 72.80 67.14
N HIS R 620 29.59 73.61 66.20
CA HIS R 620 30.93 73.38 65.68
C HIS R 620 32.03 73.66 66.70
N ARG R 621 31.72 74.35 67.81
CA ARG R 621 32.70 74.54 68.86
C ARG R 621 33.04 73.23 69.55
N VAL R 622 32.05 72.36 69.74
CA VAL R 622 32.23 71.10 70.46
C VAL R 622 32.40 69.93 69.52
N VAL R 623 31.55 69.83 68.50
CA VAL R 623 31.52 68.69 67.59
C VAL R 623 32.01 69.16 66.23
N ASP R 624 33.16 68.65 65.80
CA ASP R 624 33.63 68.96 64.46
C ASP R 624 33.05 67.97 63.45
N GLY R 625 33.41 68.17 62.18
CA GLY R 625 32.77 67.41 61.11
C GLY R 625 33.01 65.92 61.23
N ALA R 626 34.24 65.52 61.53
CA ALA R 626 34.54 64.09 61.65
C ALA R 626 33.76 63.45 62.78
N VAL R 627 33.66 64.14 63.93
CA VAL R 627 32.93 63.59 65.06
C VAL R 627 31.44 63.48 64.75
N GLY R 628 30.86 64.51 64.12
CA GLY R 628 29.47 64.43 63.74
C GLY R 628 29.20 63.31 62.75
N ALA R 629 30.10 63.14 61.78
CA ALA R 629 29.96 62.05 60.82
C ALA R 629 30.06 60.69 61.50
N GLN R 630 30.98 60.55 62.45
CA GLN R 630 31.09 59.29 63.19
C GLN R 630 29.83 59.00 63.99
N TRP R 631 29.27 60.04 64.62
CA TRP R 631 28.02 59.86 65.36
C TRP R 631 26.90 59.40 64.44
N LEU R 632 26.78 60.03 63.26
CA LEU R 632 25.73 59.64 62.33
C LEU R 632 25.94 58.23 61.81
N ALA R 633 27.21 57.85 61.59
CA ALA R 633 27.49 56.48 61.15
C ALA R 633 27.09 55.46 62.21
N GLU R 634 27.41 55.72 63.48
CA GLU R 634 27.01 54.81 64.55
C GLU R 634 25.48 54.73 64.66
N PHE R 635 24.81 55.87 64.57
CA PHE R 635 23.35 55.90 64.64
C PHE R 635 22.74 55.10 63.49
N ARG R 636 23.28 55.28 62.28
CA ARG R 636 22.79 54.56 61.13
C ARG R 636 23.02 53.05 61.28
N LYS R 637 24.18 52.66 61.78
CA LYS R 637 24.45 51.24 61.98
C LYS R 637 23.47 50.63 62.98
N TYR R 638 23.23 51.33 64.10
CA TYR R 638 22.29 50.83 65.09
C TYR R 638 20.90 50.68 64.51
N LEU R 639 20.45 51.65 63.71
CA LEU R 639 19.12 51.52 63.13
C LEU R 639 19.05 50.43 62.05
N GLU R 640 20.06 50.35 61.19
CA GLU R 640 20.03 49.37 60.12
C GLU R 640 20.13 47.94 60.63
N LYS R 641 20.75 47.72 61.79
CA LYS R 641 20.75 46.41 62.43
C LYS R 641 20.31 46.56 63.89
N PRO R 642 19.00 46.46 64.14
CA PRO R 642 18.51 46.67 65.52
C PRO R 642 19.06 45.67 66.52
N ILE R 643 19.44 44.47 66.08
CA ILE R 643 19.99 43.48 66.99
C ILE R 643 21.31 43.95 67.58
N THR R 644 21.99 44.89 66.90
CA THR R 644 23.22 45.46 67.45
C THR R 644 22.96 46.41 68.61
N MET R 645 21.71 46.78 68.87
CA MET R 645 21.40 47.56 70.06
C MET R 645 21.59 46.77 71.34
N LEU R 646 21.65 45.44 71.26
CA LEU R 646 21.90 44.60 72.42
C LEU R 646 23.33 44.72 72.94
N LEU R 647 24.28 45.07 72.08
CA LEU R 647 25.67 45.29 72.50
C LEU R 647 25.78 46.49 73.43
N PHE S 420 2.13 -96.90 52.56
CA PHE S 420 3.19 -97.05 51.58
C PHE S 420 3.02 -98.32 50.75
N THR S 421 3.86 -98.48 49.73
CA THR S 421 3.85 -99.64 48.86
C THR S 421 5.29 -100.08 48.62
N ASP S 422 5.57 -101.36 48.83
CA ASP S 422 6.90 -101.92 48.64
C ASP S 422 6.99 -102.51 47.23
N ILE S 423 7.73 -101.84 46.35
CA ILE S 423 7.93 -102.29 44.98
C ILE S 423 9.19 -103.16 44.94
N PRO S 424 9.09 -104.43 44.55
CA PRO S 424 10.29 -105.27 44.49
C PRO S 424 11.31 -104.73 43.51
N ILE S 425 12.58 -104.88 43.85
CA ILE S 425 13.67 -104.40 43.01
C ILE S 425 14.02 -105.48 42.00
N SER S 426 13.96 -105.13 40.71
CA SER S 426 14.33 -106.07 39.67
C SER S 426 15.84 -106.28 39.67
N ASN S 427 16.28 -107.37 39.03
CA ASN S 427 17.70 -107.66 38.93
C ASN S 427 18.42 -106.60 38.07
N ILE S 428 17.76 -106.12 37.04
CA ILE S 428 18.34 -105.06 36.21
C ILE S 428 18.56 -103.80 37.04
N ARG S 429 17.55 -103.43 37.85
CA ARG S 429 17.70 -102.26 38.70
C ARG S 429 18.77 -102.47 39.76
N ARG S 430 18.88 -103.69 40.28
CA ARG S 430 19.94 -103.99 41.25
C ARG S 430 21.30 -103.84 40.60
N VAL S 431 21.47 -104.31 39.36
CA VAL S 431 22.73 -104.16 38.66
C VAL S 431 23.06 -102.68 38.44
N ILE S 432 22.07 -101.90 38.02
CA ILE S 432 22.29 -100.48 37.79
C ILE S 432 22.67 -99.78 39.08
N ALA S 433 21.98 -100.10 40.17
CA ALA S 433 22.29 -99.50 41.47
C ALA S 433 23.69 -99.89 41.94
N GLN S 434 24.08 -101.14 41.73
CA GLN S 434 25.43 -101.57 42.11
C GLN S 434 26.48 -100.84 41.29
N ARG S 435 26.24 -100.66 39.99
CA ARG S 435 27.19 -99.91 39.17
C ARG S 435 27.31 -98.47 39.64
N LEU S 436 26.18 -97.83 39.95
CA LEU S 436 26.22 -96.45 40.43
C LEU S 436 26.93 -96.34 41.77
N MET S 437 26.68 -97.29 42.67
CA MET S 437 27.38 -97.31 43.95
C MET S 437 28.88 -97.47 43.75
N GLN S 438 29.28 -98.38 42.87
CA GLN S 438 30.70 -98.58 42.59
C GLN S 438 31.33 -97.32 42.04
N SER S 439 30.63 -96.65 41.10
CA SER S 439 31.16 -95.42 40.52
C SER S 439 31.35 -94.35 41.59
N LYS S 440 30.34 -94.11 42.41
CA LYS S 440 30.43 -93.05 43.40
C LYS S 440 31.39 -93.40 44.52
N GLN S 441 31.65 -94.69 44.75
CA GLN S 441 32.55 -95.08 45.82
C GLN S 441 34.01 -95.12 45.38
N THR S 442 34.28 -95.43 44.11
CA THR S 442 35.65 -95.60 43.65
C THR S 442 36.16 -94.47 42.77
N ILE S 443 35.29 -93.60 42.26
CA ILE S 443 35.68 -92.53 41.36
C ILE S 443 35.52 -91.20 42.08
N PRO S 444 36.60 -90.46 42.33
CA PRO S 444 36.46 -89.13 42.96
C PRO S 444 35.94 -88.08 42.00
N HIS S 445 34.61 -88.00 41.85
CA HIS S 445 34.02 -87.07 40.91
C HIS S 445 34.34 -85.62 41.28
N TYR S 446 34.55 -84.79 40.26
CA TYR S 446 34.51 -83.35 40.44
C TYR S 446 34.00 -82.72 39.15
N TYR S 447 33.23 -81.64 39.28
CA TYR S 447 32.35 -81.17 38.21
C TYR S 447 32.78 -79.78 37.77
N LEU S 448 32.78 -79.56 36.45
CA LEU S 448 33.09 -78.25 35.87
C LEU S 448 31.97 -77.83 34.93
N SER S 449 31.48 -76.61 35.09
CA SER S 449 30.34 -76.13 34.31
C SER S 449 30.73 -74.93 33.46
N VAL S 450 30.24 -74.90 32.22
CA VAL S 450 30.43 -73.76 31.33
C VAL S 450 29.15 -73.50 30.55
N ASP S 451 29.12 -72.34 29.89
CA ASP S 451 28.00 -71.94 29.04
C ASP S 451 28.47 -71.82 27.60
N VAL S 452 27.67 -72.35 26.68
CA VAL S 452 27.99 -72.40 25.26
C VAL S 452 26.94 -71.63 24.49
N ASN S 453 27.37 -70.70 23.64
CA ASN S 453 26.48 -69.94 22.78
C ASN S 453 26.13 -70.81 21.58
N MET S 454 24.84 -70.98 21.31
CA MET S 454 24.39 -71.95 20.32
C MET S 454 23.67 -71.33 19.13
N GLY S 455 23.80 -70.02 18.93
CA GLY S 455 23.17 -69.40 17.76
C GLY S 455 23.72 -69.94 16.45
N GLU S 456 25.05 -70.05 16.37
CA GLU S 456 25.67 -70.59 15.16
C GLU S 456 25.27 -72.04 14.94
N VAL S 457 25.21 -72.83 16.01
CA VAL S 457 24.80 -74.22 15.89
C VAL S 457 23.37 -74.29 15.37
N LEU S 458 22.48 -73.45 15.89
CA LEU S 458 21.09 -73.47 15.43
C LEU S 458 20.99 -73.07 13.96
N LEU S 459 21.75 -72.05 13.55
CA LEU S 459 21.71 -71.62 12.15
C LEU S 459 22.22 -72.73 11.22
N VAL S 460 23.37 -73.33 11.57
CA VAL S 460 23.93 -74.39 10.75
C VAL S 460 23.00 -75.59 10.70
N ARG S 461 22.37 -75.92 11.84
CA ARG S 461 21.45 -77.04 11.88
C ARG S 461 20.23 -76.78 11.00
N LYS S 462 19.71 -75.54 11.04
CA LYS S 462 18.57 -75.21 10.19
C LYS S 462 18.93 -75.34 8.72
N GLU S 463 20.10 -74.84 8.33
CA GLU S 463 20.52 -74.94 6.93
C GLU S 463 20.73 -76.40 6.52
N LEU S 464 21.35 -77.19 7.40
CA LEU S 464 21.57 -78.61 7.11
C LEU S 464 20.25 -79.36 6.97
N ASN S 465 19.28 -79.07 7.85
CA ASN S 465 17.98 -79.71 7.75
C ASN S 465 17.25 -79.29 6.48
N LYS S 466 17.39 -78.03 6.08
CA LYS S 466 16.78 -77.59 4.82
C LYS S 466 17.35 -78.34 3.63
N MET S 467 18.67 -78.50 3.58
CA MET S 467 19.28 -79.19 2.46
C MET S 467 19.13 -80.70 2.53
N LEU S 468 18.84 -81.24 3.72
CA LEU S 468 18.56 -82.67 3.80
C LEU S 468 17.25 -83.06 3.13
N GLU S 469 16.31 -82.14 3.03
CA GLU S 469 15.06 -82.34 2.28
C GLU S 469 14.27 -83.56 2.78
N GLY S 470 14.32 -83.77 4.10
CA GLY S 470 13.55 -84.83 4.71
C GLY S 470 14.19 -86.20 4.70
N ARG S 471 15.35 -86.35 4.05
CA ARG S 471 16.05 -87.64 4.08
C ARG S 471 16.50 -87.98 5.50
N SER S 472 16.98 -86.98 6.23
CA SER S 472 17.32 -87.12 7.64
C SER S 472 17.10 -85.78 8.32
N LYS S 473 17.12 -85.79 9.65
CA LYS S 473 16.95 -84.59 10.45
C LYS S 473 18.09 -84.50 11.45
N ILE S 474 18.92 -83.47 11.32
CA ILE S 474 20.04 -83.28 12.23
C ILE S 474 19.55 -82.59 13.49
N SER S 475 19.86 -83.17 14.64
CA SER S 475 19.45 -82.62 15.93
C SER S 475 20.64 -81.98 16.63
N VAL S 476 20.33 -81.22 17.69
CA VAL S 476 21.37 -80.55 18.47
C VAL S 476 22.26 -81.56 19.16
N ASN S 477 21.70 -82.69 19.60
CA ASN S 477 22.51 -83.71 20.25
C ASN S 477 23.55 -84.29 19.29
N ASP S 478 23.27 -84.29 17.99
CA ASP S 478 24.27 -84.74 17.02
C ASP S 478 25.47 -83.80 17.00
N PHE S 479 25.21 -82.49 17.00
CA PHE S 479 26.31 -81.52 17.10
C PHE S 479 27.06 -81.71 18.40
N ILE S 480 26.35 -81.94 19.50
CA ILE S 480 27.01 -82.12 20.80
C ILE S 480 27.90 -83.36 20.77
N ILE S 481 27.41 -84.45 20.20
CA ILE S 481 28.21 -85.68 20.13
C ILE S 481 29.46 -85.47 19.27
N LYS S 482 29.29 -84.80 18.12
CA LYS S 482 30.43 -84.56 17.24
C LYS S 482 31.47 -83.68 17.94
N ALA S 483 31.01 -82.61 18.60
CA ALA S 483 31.94 -81.73 19.31
C ALA S 483 32.64 -82.45 20.45
N SER S 484 31.90 -83.30 21.18
CA SER S 484 32.52 -84.07 22.26
C SER S 484 33.58 -85.02 21.72
N ALA S 485 33.30 -85.67 20.59
CA ALA S 485 34.29 -86.58 20.01
C ALA S 485 35.54 -85.82 19.56
N LEU S 486 35.36 -84.67 18.91
CA LEU S 486 36.52 -83.89 18.47
C LEU S 486 37.32 -83.36 19.66
N ALA S 487 36.63 -82.91 20.71
CA ALA S 487 37.33 -82.44 21.90
C ALA S 487 38.07 -83.59 22.59
N CYS S 488 37.49 -84.80 22.56
CA CYS S 488 38.18 -85.97 23.09
C CYS S 488 39.43 -86.28 22.29
N LEU S 489 39.36 -86.15 20.96
CA LEU S 489 40.56 -86.30 20.15
C LEU S 489 41.62 -85.28 20.52
N LYS S 490 41.21 -84.02 20.70
CA LYS S 490 42.18 -82.98 21.03
C LYS S 490 42.80 -83.18 22.40
N VAL S 491 42.00 -83.63 23.38
CA VAL S 491 42.46 -83.83 24.74
C VAL S 491 42.23 -85.28 25.12
N PRO S 492 43.18 -86.19 24.85
CA PRO S 492 42.93 -87.62 25.08
C PRO S 492 42.82 -88.01 26.55
N GLU S 493 43.16 -87.12 27.49
CA GLU S 493 43.07 -87.48 28.90
C GLU S 493 41.63 -87.76 29.31
N ALA S 494 40.69 -86.99 28.78
CA ALA S 494 39.27 -87.26 29.04
C ALA S 494 38.80 -88.55 28.37
N ASN S 495 39.60 -89.10 27.46
CA ASN S 495 39.30 -90.37 26.80
C ASN S 495 40.15 -91.51 27.36
N SER S 496 40.37 -91.53 28.66
CA SER S 496 41.18 -92.55 29.31
C SER S 496 40.33 -93.33 30.31
N SER S 497 40.97 -94.35 30.89
CA SER S 497 40.35 -95.20 31.89
C SER S 497 41.39 -95.61 32.93
N TRP S 498 40.98 -95.61 34.19
CA TRP S 498 41.87 -95.99 35.29
C TRP S 498 41.69 -97.47 35.60
N LEU S 499 42.78 -98.21 35.61
CA LEU S 499 42.75 -99.65 35.81
C LEU S 499 43.66 -100.08 36.97
N ASP S 500 43.97 -99.12 37.85
CA ASP S 500 44.67 -99.34 39.12
C ASP S 500 46.15 -99.68 38.91
N THR S 501 46.56 -99.91 37.66
CA THR S 501 47.96 -100.15 37.33
C THR S 501 48.44 -99.31 36.16
N VAL S 502 47.55 -98.99 35.22
CA VAL S 502 47.88 -98.17 34.06
C VAL S 502 46.69 -97.29 33.74
N ILE S 503 46.95 -96.22 32.99
CA ILE S 503 45.90 -95.34 32.48
C ILE S 503 45.73 -95.64 30.99
N ARG S 504 44.68 -96.38 30.66
CA ARG S 504 44.43 -96.78 29.28
C ARG S 504 43.86 -95.60 28.52
N GLN S 505 44.64 -95.07 27.58
CA GLN S 505 44.25 -93.89 26.81
C GLN S 505 43.67 -94.34 25.47
N ASN S 506 42.34 -94.39 25.38
CA ASN S 506 41.69 -94.90 24.18
C ASN S 506 41.93 -93.95 23.00
N HIS S 507 42.36 -94.52 21.88
CA HIS S 507 42.58 -93.75 20.67
C HIS S 507 41.34 -93.58 19.81
N VAL S 508 40.27 -94.29 20.13
CA VAL S 508 38.99 -94.15 19.45
C VAL S 508 37.98 -93.57 20.43
N VAL S 509 36.94 -92.94 19.90
CA VAL S 509 35.93 -92.27 20.71
C VAL S 509 34.61 -92.98 20.47
N ASP S 510 34.17 -93.78 21.44
CA ASP S 510 32.88 -94.44 21.41
C ASP S 510 31.98 -93.72 22.42
N ILE S 511 31.02 -92.96 21.90
CA ILE S 511 30.21 -92.08 22.74
C ILE S 511 28.94 -92.82 23.16
N SER S 512 28.85 -93.16 24.43
CA SER S 512 27.59 -93.64 24.99
C SER S 512 26.63 -92.47 25.12
N VAL S 513 25.37 -92.69 24.78
CA VAL S 513 24.34 -91.66 24.84
C VAL S 513 23.26 -92.13 25.79
N ALA S 514 22.99 -91.35 26.83
CA ALA S 514 21.99 -91.72 27.81
C ALA S 514 20.60 -91.59 27.19
N VAL S 515 19.85 -92.69 27.20
CA VAL S 515 18.49 -92.74 26.68
C VAL S 515 17.58 -93.24 27.80
N SER S 516 16.48 -92.52 28.02
CA SER S 516 15.51 -92.91 29.03
C SER S 516 14.40 -93.72 28.40
N THR S 517 14.16 -94.90 28.95
CA THR S 517 13.14 -95.84 28.51
C THR S 517 12.29 -96.20 29.71
N PRO S 518 11.10 -96.76 29.49
CA PRO S 518 10.25 -97.13 30.64
C PRO S 518 10.92 -98.12 31.59
N ALA S 519 11.92 -98.86 31.14
CA ALA S 519 12.64 -99.80 31.99
C ALA S 519 13.82 -99.17 32.71
N GLY S 520 14.16 -97.92 32.40
CA GLY S 520 15.25 -97.24 33.07
C GLY S 520 16.15 -96.48 32.11
N LEU S 521 17.36 -96.23 32.56
CA LEU S 521 18.34 -95.52 31.74
C LEU S 521 19.28 -96.51 31.07
N ILE S 522 19.48 -96.35 29.76
CA ILE S 522 20.38 -97.20 29.01
C ILE S 522 21.35 -96.32 28.23
N THR S 523 22.46 -96.90 27.78
CA THR S 523 23.54 -96.15 27.15
C THR S 523 23.96 -96.82 25.84
N PRO S 524 23.18 -96.68 24.78
CA PRO S 524 23.63 -97.13 23.46
C PRO S 524 24.86 -96.34 23.02
N ILE S 525 25.77 -97.02 22.32
CA ILE S 525 27.08 -96.48 22.00
C ILE S 525 27.14 -96.15 20.52
N VAL S 526 27.49 -94.91 20.20
CA VAL S 526 27.83 -94.51 18.84
C VAL S 526 29.33 -94.72 18.71
N PHE S 527 29.73 -95.71 17.91
CA PHE S 527 31.14 -96.04 17.75
C PHE S 527 31.78 -95.12 16.72
N ASN S 528 33.04 -94.76 16.98
CA ASN S 528 33.83 -93.94 16.06
C ASN S 528 33.12 -92.62 15.73
N ALA S 529 32.61 -91.97 16.77
CA ALA S 529 31.95 -90.68 16.58
C ALA S 529 32.94 -89.61 16.17
N HIS S 530 34.24 -89.86 16.34
CA HIS S 530 35.25 -88.89 15.95
C HIS S 530 35.41 -88.83 14.44
N ILE S 531 35.08 -89.91 13.73
CA ILE S 531 35.17 -89.95 12.29
C ILE S 531 33.81 -90.00 11.60
N LYS S 532 32.74 -90.33 12.32
CA LYS S 532 31.42 -90.30 11.73
C LYS S 532 30.95 -88.87 11.49
N GLY S 533 30.18 -88.67 10.44
CA GLY S 533 29.62 -87.36 10.16
C GLY S 533 28.33 -87.12 10.92
N LEU S 534 27.81 -85.90 10.77
CA LEU S 534 26.59 -85.52 11.49
C LEU S 534 25.40 -86.36 11.04
N GLU S 535 25.28 -86.62 9.73
CA GLU S 535 24.18 -87.45 9.24
C GLU S 535 24.28 -88.87 9.78
N THR S 536 25.48 -89.45 9.73
CA THR S 536 25.67 -90.80 10.26
C THR S 536 25.41 -90.85 11.76
N ILE S 537 25.88 -89.85 12.50
CA ILE S 537 25.64 -89.82 13.93
C ILE S 537 24.16 -89.72 14.24
N ALA S 538 23.44 -88.87 13.51
CA ALA S 538 22.01 -88.71 13.73
C ALA S 538 21.26 -90.01 13.43
N ASN S 539 21.58 -90.65 12.30
CA ASN S 539 20.91 -91.90 11.96
C ASN S 539 21.21 -92.99 12.98
N ASP S 540 22.48 -93.09 13.41
CA ASP S 540 22.85 -94.09 14.40
C ASP S 540 22.14 -93.84 15.72
N VAL S 541 22.06 -92.58 16.14
CA VAL S 541 21.39 -92.25 17.40
C VAL S 541 19.91 -92.59 17.31
N VAL S 542 19.26 -92.27 16.19
CA VAL S 542 17.84 -92.59 16.05
C VAL S 542 17.62 -94.10 16.09
N SER S 543 18.45 -94.85 15.37
CA SER S 543 18.31 -96.30 15.35
C SER S 543 18.52 -96.91 16.74
N LEU S 544 19.56 -96.48 17.45
CA LEU S 544 19.83 -97.02 18.77
C LEU S 544 18.76 -96.59 19.77
N ALA S 545 18.22 -95.38 19.63
CA ALA S 545 17.15 -94.96 20.52
C ALA S 545 15.89 -95.80 20.30
N THR S 546 15.55 -96.09 19.04
CA THR S 546 14.43 -96.97 18.77
C THR S 546 14.67 -98.35 19.34
N LYS S 547 15.87 -98.88 19.16
CA LYS S 547 16.20 -100.20 19.70
C LYS S 547 16.10 -100.22 21.22
N ALA S 548 16.57 -99.15 21.87
CA ALA S 548 16.50 -99.07 23.33
C ALA S 548 15.05 -98.99 23.81
N ARG S 549 14.24 -98.15 23.16
CA ARG S 549 12.86 -98.00 23.57
C ARG S 549 12.08 -99.29 23.37
N GLU S 550 12.34 -100.02 22.29
CA GLU S 550 11.62 -101.26 22.03
C GLU S 550 12.30 -102.49 22.65
N GLY S 551 13.44 -102.31 23.31
CA GLY S 551 14.04 -103.38 24.09
C GLY S 551 14.77 -104.45 23.31
N LYS S 552 15.38 -104.10 22.18
CA LYS S 552 16.16 -105.07 21.41
C LYS S 552 17.66 -104.80 21.42
N LEU S 553 18.17 -103.99 22.36
CA LEU S 553 19.59 -103.67 22.38
C LEU S 553 20.41 -104.90 22.75
N GLN S 554 21.43 -105.19 21.95
CA GLN S 554 22.38 -106.24 22.26
C GLN S 554 23.41 -105.74 23.28
N PRO S 555 23.98 -106.64 24.08
CA PRO S 555 24.93 -106.20 25.13
C PRO S 555 26.12 -105.42 24.59
N HIS S 556 26.62 -105.78 23.40
CA HIS S 556 27.75 -105.05 22.85
C HIS S 556 27.37 -103.64 22.38
N GLU S 557 26.08 -103.39 22.17
CA GLU S 557 25.62 -102.08 21.72
C GLU S 557 25.48 -101.07 22.85
N PHE S 558 25.54 -101.51 24.11
CA PHE S 558 25.47 -100.59 25.23
C PHE S 558 26.49 -100.85 26.33
N GLN S 559 27.38 -101.84 26.18
CA GLN S 559 28.45 -102.07 27.13
C GLN S 559 29.77 -101.59 26.54
N GLY S 560 30.50 -100.80 27.31
CA GLY S 560 31.77 -100.27 26.86
C GLY S 560 31.76 -98.76 26.71
N GLY S 561 32.39 -98.26 25.65
CA GLY S 561 32.48 -96.83 25.42
C GLY S 561 33.63 -96.19 26.18
N THR S 562 33.98 -94.98 25.74
CA THR S 562 35.05 -94.22 26.35
C THR S 562 34.60 -92.88 26.92
N PHE S 563 33.44 -92.39 26.51
CA PHE S 563 32.92 -91.10 26.95
C PHE S 563 31.40 -91.16 26.87
N THR S 564 30.73 -90.52 27.83
CA THR S 564 29.29 -90.59 27.95
C THR S 564 28.68 -89.20 27.86
N ILE S 565 27.53 -89.09 27.22
CA ILE S 565 26.77 -87.85 27.11
C ILE S 565 25.35 -88.09 27.61
N SER S 566 24.94 -87.33 28.61
CA SER S 566 23.58 -87.38 29.15
C SER S 566 22.94 -86.02 28.94
N ASN S 567 21.93 -85.96 28.08
CA ASN S 567 21.27 -84.72 27.71
C ASN S 567 19.88 -84.70 28.33
N LEU S 568 19.61 -83.69 29.16
CA LEU S 568 18.29 -83.51 29.75
C LEU S 568 17.70 -82.15 29.44
N GLY S 569 18.11 -81.53 28.33
CA GLY S 569 17.58 -80.22 27.98
C GLY S 569 16.14 -80.29 27.51
N MET S 570 15.72 -81.46 27.02
CA MET S 570 14.33 -81.62 26.57
C MET S 570 13.35 -81.59 27.72
N PHE S 571 13.82 -81.78 28.95
CA PHE S 571 12.98 -81.75 30.14
C PHE S 571 13.05 -80.42 30.88
N GLY S 572 13.74 -79.42 30.33
CA GLY S 572 13.78 -78.12 30.94
C GLY S 572 14.82 -77.93 32.03
N ILE S 573 15.74 -78.88 32.19
CA ILE S 573 16.77 -78.76 33.22
C ILE S 573 17.80 -77.73 32.80
N LYS S 574 18.06 -76.77 33.67
CA LYS S 574 19.06 -75.75 33.38
C LYS S 574 20.46 -76.36 33.31
N ASN S 575 20.84 -77.12 34.34
CA ASN S 575 22.08 -77.89 34.34
C ASN S 575 21.98 -78.95 35.42
N PHE S 576 22.87 -79.95 35.32
CA PHE S 576 22.89 -81.02 36.30
C PHE S 576 24.25 -81.69 36.27
N SER S 577 24.54 -82.44 37.34
CA SER S 577 25.79 -83.17 37.49
C SER S 577 25.48 -84.66 37.47
N ALA S 578 26.09 -85.38 36.52
CA ALA S 578 25.81 -86.79 36.35
C ALA S 578 26.86 -87.65 37.05
N ILE S 579 26.61 -88.96 37.04
CA ILE S 579 27.51 -89.93 37.63
C ILE S 579 28.32 -90.59 36.52
N ILE S 580 29.63 -90.67 36.70
CA ILE S 580 30.50 -91.26 35.69
C ILE S 580 30.19 -92.74 35.53
N ASN S 581 29.99 -93.17 34.29
CA ASN S 581 29.75 -94.57 33.99
C ASN S 581 31.08 -95.30 33.91
N PRO S 582 31.33 -96.27 34.78
CA PRO S 582 32.64 -96.93 34.80
C PRO S 582 32.84 -97.80 33.57
N PRO S 583 34.09 -98.04 33.16
CA PRO S 583 35.34 -97.54 33.75
C PRO S 583 35.80 -96.23 33.13
N GLN S 584 34.89 -95.47 32.53
CA GLN S 584 35.26 -94.23 31.86
C GLN S 584 35.72 -93.19 32.87
N ALA S 585 36.27 -92.09 32.35
CA ALA S 585 36.84 -91.05 33.19
C ALA S 585 36.03 -89.75 33.19
N CYS S 586 35.06 -89.62 32.31
CA CYS S 586 34.28 -88.38 32.22
C CYS S 586 32.86 -88.69 31.75
N ILE S 587 31.98 -87.73 31.96
CA ILE S 587 30.61 -87.76 31.45
C ILE S 587 30.13 -86.32 31.30
N LEU S 588 29.56 -86.00 30.15
CA LEU S 588 29.10 -84.65 29.85
C LEU S 588 27.60 -84.58 30.08
N ALA S 589 27.17 -83.72 31.00
CA ALA S 589 25.77 -83.50 31.30
C ALA S 589 25.34 -82.20 30.61
N VAL S 590 24.32 -82.31 29.75
CA VAL S 590 23.87 -81.20 28.92
C VAL S 590 22.50 -80.74 29.42
N GLY S 591 22.36 -79.44 29.64
CA GLY S 591 21.11 -78.86 30.08
C GLY S 591 20.33 -78.23 28.92
N ALA S 592 19.36 -77.40 29.29
CA ALA S 592 18.48 -76.80 28.30
C ALA S 592 19.07 -75.52 27.73
N SER S 593 18.67 -75.19 26.51
CA SER S 593 19.07 -73.96 25.88
C SER S 593 18.04 -72.87 26.14
N GLU S 594 18.49 -71.74 26.69
CA GLU S 594 17.62 -70.63 27.04
C GLU S 594 18.21 -69.33 26.53
N ASP S 595 17.34 -68.40 26.17
CA ASP S 595 17.77 -67.09 25.69
C ASP S 595 18.18 -66.23 26.88
N ARG S 596 19.37 -65.63 26.80
CA ARG S 596 19.89 -64.78 27.85
C ARG S 596 20.41 -63.48 27.26
N LEU S 597 20.24 -62.39 27.99
CA LEU S 597 20.73 -61.09 27.56
C LEU S 597 22.21 -60.95 27.87
N PHE S 598 22.95 -60.33 26.96
CA PHE S 598 24.37 -60.13 27.15
C PHE S 598 24.80 -58.75 26.67
N PRO S 599 25.77 -58.13 27.33
CA PRO S 599 26.23 -56.81 26.90
C PRO S 599 26.80 -56.86 25.49
N ALA S 600 26.54 -55.79 24.74
CA ALA S 600 27.03 -55.67 23.37
C ALA S 600 27.25 -54.21 23.04
N ASP S 601 28.14 -53.96 22.09
CA ASP S 601 28.49 -52.59 21.67
C ASP S 601 27.53 -52.15 20.56
N ASN S 602 26.27 -51.99 20.94
CA ASN S 602 25.24 -51.51 20.02
C ASN S 602 24.42 -50.44 20.72
N GLU S 603 23.43 -49.91 19.99
CA GLU S 603 22.61 -48.83 20.52
C GLU S 603 21.79 -49.27 21.73
N LYS S 604 21.20 -50.46 21.68
CA LYS S 604 20.43 -50.97 22.80
C LYS S 604 21.30 -51.31 24.00
N GLY S 605 22.59 -51.58 23.78
CA GLY S 605 23.48 -51.96 24.85
C GLY S 605 23.47 -53.42 25.21
N PHE S 606 22.68 -54.24 24.52
CA PHE S 606 22.61 -55.66 24.82
C PHE S 606 22.17 -56.43 23.59
N ASP S 607 22.36 -57.75 23.65
CA ASP S 607 21.95 -58.66 22.59
C ASP S 607 21.37 -59.91 23.24
N VAL S 608 20.66 -60.69 22.44
CA VAL S 608 20.02 -61.93 22.89
C VAL S 608 20.75 -63.11 22.27
N ALA S 609 21.22 -64.01 23.11
CA ALA S 609 21.94 -65.20 22.68
C ALA S 609 21.36 -66.42 23.36
N SER S 610 21.23 -67.51 22.60
CA SER S 610 20.69 -68.76 23.14
C SER S 610 21.84 -69.60 23.68
N MET S 611 22.07 -69.52 24.99
CA MET S 611 23.15 -70.26 25.64
C MET S 611 22.63 -71.56 26.23
N MET S 612 23.53 -72.54 26.35
CA MET S 612 23.22 -73.87 26.84
C MET S 612 24.38 -74.34 27.71
N SER S 613 24.07 -74.69 28.96
CA SER S 613 25.08 -74.97 29.97
C SER S 613 25.41 -76.46 30.00
N VAL S 614 26.70 -76.77 30.11
CA VAL S 614 27.15 -78.16 30.22
C VAL S 614 28.03 -78.31 31.46
N THR S 615 27.84 -79.43 32.15
CA THR S 615 28.63 -79.79 33.33
C THR S 615 29.35 -81.11 33.06
N LEU S 616 30.67 -81.04 32.94
CA LEU S 616 31.50 -82.22 32.77
C LEU S 616 31.91 -82.75 34.14
N SER S 617 31.54 -83.99 34.43
CA SER S 617 31.97 -84.65 35.66
C SER S 617 33.20 -85.50 35.35
N CYS S 618 34.28 -85.27 36.07
CA CYS S 618 35.57 -85.86 35.75
C CYS S 618 36.08 -86.69 36.92
N ASP S 619 36.76 -87.79 36.58
CA ASP S 619 37.53 -88.57 37.54
C ASP S 619 38.82 -87.84 37.83
N HIS S 620 38.99 -87.36 39.06
CA HIS S 620 40.16 -86.56 39.38
C HIS S 620 41.45 -87.36 39.39
N ARG S 621 41.38 -88.70 39.40
CA ARG S 621 42.59 -89.50 39.29
C ARG S 621 43.21 -89.37 37.91
N VAL S 622 42.38 -89.28 36.87
CA VAL S 622 42.86 -89.23 35.48
C VAL S 622 42.90 -87.81 34.94
N VAL S 623 41.82 -87.06 35.15
CA VAL S 623 41.66 -85.73 34.58
C VAL S 623 41.73 -84.72 35.72
N ASP S 624 42.76 -83.89 35.72
CA ASP S 624 42.84 -82.82 36.70
C ASP S 624 42.11 -81.58 36.19
N GLY S 625 42.10 -80.53 37.02
CA GLY S 625 41.28 -79.37 36.73
C GLY S 625 41.67 -78.68 35.45
N ALA S 626 42.97 -78.51 35.22
CA ALA S 626 43.42 -77.85 34.00
C ALA S 626 43.03 -78.63 32.75
N VAL S 627 43.17 -79.96 32.80
CA VAL S 627 42.82 -80.78 31.65
C VAL S 627 41.31 -80.74 31.39
N GLY S 628 40.50 -80.83 32.44
CA GLY S 628 39.07 -80.72 32.26
C GLY S 628 38.65 -79.37 31.70
N ALA S 629 39.28 -78.30 32.18
CA ALA S 629 38.99 -76.98 31.66
C ALA S 629 39.39 -76.85 30.20
N GLN S 630 40.54 -77.41 29.83
CA GLN S 630 40.96 -77.39 28.43
C GLN S 630 39.99 -78.16 27.54
N TRP S 631 39.52 -79.31 28.02
CA TRP S 631 38.52 -80.08 27.27
C TRP S 631 37.26 -79.27 27.06
N LEU S 632 36.77 -78.62 28.13
CA LEU S 632 35.56 -77.83 28.00
C LEU S 632 35.76 -76.65 27.07
N ALA S 633 36.95 -76.04 27.09
CA ALA S 633 37.23 -74.92 26.19
C ALA S 633 37.21 -75.39 24.73
N GLU S 634 37.83 -76.54 24.44
CA GLU S 634 37.81 -77.06 23.08
C GLU S 634 36.38 -77.39 22.64
N PHE S 635 35.60 -78.01 23.52
CA PHE S 635 34.22 -78.35 23.21
C PHE S 635 33.41 -77.09 22.93
N ARG S 636 33.59 -76.06 23.75
CA ARG S 636 32.89 -74.81 23.56
C ARG S 636 33.28 -74.14 22.24
N LYS S 637 34.57 -74.16 21.92
CA LYS S 637 35.01 -73.57 20.65
C LYS S 637 34.38 -74.30 19.47
N TYR S 638 34.39 -75.64 19.50
CA TYR S 638 33.80 -76.41 18.41
C TYR S 638 32.32 -76.09 18.26
N LEU S 639 31.59 -75.97 19.36
CA LEU S 639 30.16 -75.66 19.25
C LEU S 639 29.92 -74.22 18.80
N GLU S 640 30.67 -73.26 19.33
CA GLU S 640 30.44 -71.87 18.97
C GLU S 640 30.82 -71.57 17.53
N LYS S 641 31.73 -72.33 16.94
CA LYS S 641 32.02 -72.22 15.50
C LYS S 641 31.96 -73.61 14.88
N PRO S 642 30.79 -74.02 14.40
CA PRO S 642 30.66 -75.38 13.84
C PRO S 642 31.54 -75.63 12.63
N ILE S 643 31.90 -74.58 11.88
CA ILE S 643 32.76 -74.76 10.71
C ILE S 643 34.14 -75.26 11.13
N THR S 644 34.53 -75.04 12.39
CA THR S 644 35.80 -75.55 12.89
C THR S 644 35.77 -77.05 13.12
N MET S 645 34.60 -77.69 13.05
CA MET S 645 34.54 -79.14 13.11
C MET S 645 35.14 -79.79 11.88
N LEU S 646 35.30 -79.05 10.78
CA LEU S 646 35.92 -79.57 9.57
C LEU S 646 37.42 -79.81 9.73
N LEU S 647 38.07 -79.09 10.64
CA LEU S 647 39.49 -79.29 10.91
C LEU S 647 39.74 -80.65 11.55
N PHE T 420 24.82 4.18 -107.35
CA PHE T 420 25.60 5.28 -106.80
C PHE T 420 25.32 6.58 -107.54
N THR T 421 25.88 7.68 -107.03
CA THR T 421 25.75 8.99 -107.65
C THR T 421 27.11 9.68 -107.60
N ASP T 422 27.55 10.19 -108.75
CA ASP T 422 28.84 10.88 -108.86
C ASP T 422 28.60 12.38 -108.70
N ILE T 423 29.03 12.93 -107.57
CA ILE T 423 28.90 14.35 -107.28
C ILE T 423 30.17 15.05 -107.74
N PRO T 424 30.09 16.00 -108.68
CA PRO T 424 31.31 16.68 -109.12
C PRO T 424 31.98 17.43 -107.99
N ILE T 425 33.31 17.45 -108.02
CA ILE T 425 34.08 18.12 -106.98
C ILE T 425 34.25 19.58 -107.38
N SER T 426 33.83 20.49 -106.49
CA SER T 426 34.00 21.91 -106.74
C SER T 426 35.47 22.29 -106.61
N ASN T 427 35.82 23.46 -107.15
CA ASN T 427 37.19 23.94 -107.06
C ASN T 427 37.55 24.27 -105.62
N ILE T 428 36.60 24.79 -104.85
CA ILE T 428 36.85 25.07 -103.43
C ILE T 428 37.16 23.78 -102.69
N ARG T 429 36.37 22.72 -102.95
CA ARG T 429 36.62 21.44 -102.30
C ARG T 429 37.95 20.85 -102.75
N ARG T 430 38.31 21.04 -104.02
CA ARG T 430 39.61 20.56 -104.51
C ARG T 430 40.74 21.28 -103.79
N VAL T 431 40.61 22.59 -103.59
CA VAL T 431 41.63 23.35 -102.87
C VAL T 431 41.75 22.86 -101.43
N ILE T 432 40.61 22.65 -100.77
CA ILE T 432 40.63 22.17 -99.39
C ILE T 432 41.27 20.80 -99.30
N ALA T 433 40.93 19.91 -100.23
CA ALA T 433 41.51 18.57 -100.24
C ALA T 433 43.01 18.62 -100.50
N GLN T 434 43.45 19.49 -101.40
CA GLN T 434 44.88 19.63 -101.66
C GLN T 434 45.61 20.16 -100.44
N ARG T 435 45.02 21.12 -99.74
CA ARG T 435 45.65 21.62 -98.51
C ARG T 435 45.75 20.53 -97.46
N LEU T 436 44.70 19.73 -97.29
CA LEU T 436 44.72 18.65 -96.31
C LEU T 436 45.75 17.59 -96.69
N MET T 437 45.83 17.25 -97.98
CA MET T 437 46.85 16.30 -98.44
C MET T 437 48.25 16.83 -98.17
N GLN T 438 48.49 18.11 -98.46
CA GLN T 438 49.79 18.70 -98.21
C GLN T 438 50.14 18.66 -96.74
N SER T 439 49.16 18.99 -95.88
CA SER T 439 49.40 18.96 -94.43
C SER T 439 49.77 17.56 -93.97
N LYS T 440 48.98 16.56 -94.35
CA LYS T 440 49.24 15.21 -93.87
C LYS T 440 50.49 14.61 -94.49
N GLN T 441 50.92 15.11 -95.66
CA GLN T 441 52.10 14.56 -96.30
C GLN T 441 53.39 15.22 -95.82
N THR T 442 53.34 16.50 -95.44
CA THR T 442 54.55 17.22 -95.09
C THR T 442 54.70 17.50 -93.61
N ILE T 443 53.66 17.34 -92.81
CA ILE T 443 53.70 17.65 -91.38
C ILE T 443 53.61 16.33 -90.60
N PRO T 444 54.64 15.95 -89.85
CA PRO T 444 54.55 14.73 -89.03
C PRO T 444 53.70 14.93 -87.79
N HIS T 445 52.39 14.78 -87.93
CA HIS T 445 51.47 14.99 -86.82
C HIS T 445 51.75 14.02 -85.68
N TYR T 446 51.60 14.51 -84.44
CA TYR T 446 51.48 13.63 -83.29
C TYR T 446 50.59 14.32 -82.26
N TYR T 447 49.79 13.52 -81.55
CA TYR T 447 48.62 14.03 -80.84
C TYR T 447 48.79 13.80 -79.35
N LEU T 448 48.42 14.80 -78.54
CA LEU T 448 48.45 14.70 -77.09
C LEU T 448 47.09 15.08 -76.52
N SER T 449 46.54 14.25 -75.65
CA SER T 449 45.19 14.46 -75.12
C SER T 449 45.23 14.64 -73.61
N VAL T 450 44.44 15.59 -73.10
CA VAL T 450 44.28 15.82 -71.67
C VAL T 450 42.82 16.12 -71.36
N ASP T 451 42.51 16.09 -70.07
CA ASP T 451 41.18 16.40 -69.55
C ASP T 451 41.25 17.66 -68.69
N VAL T 452 40.27 18.54 -68.88
CA VAL T 452 40.22 19.83 -68.20
C VAL T 452 38.93 19.92 -67.41
N ASN T 453 39.04 20.22 -66.11
CA ASN T 453 37.88 20.42 -65.27
C ASN T 453 37.32 21.81 -65.54
N MET T 454 36.02 21.89 -65.82
CA MET T 454 35.42 23.13 -66.29
C MET T 454 34.37 23.70 -65.35
N GLY T 455 34.32 23.26 -64.10
CA GLY T 455 33.35 23.81 -63.16
C GLY T 455 33.59 25.29 -62.90
N GLU T 456 34.85 25.67 -62.69
CA GLU T 456 35.17 27.07 -62.46
C GLU T 456 34.87 27.92 -63.70
N VAL T 457 35.16 27.39 -64.89
CA VAL T 457 34.86 28.10 -66.12
C VAL T 457 33.36 28.31 -66.24
N LEU T 458 32.56 27.28 -65.94
CA LEU T 458 31.11 27.42 -66.02
C LEU T 458 30.59 28.45 -65.03
N LEU T 459 31.12 28.44 -63.80
CA LEU T 459 30.67 29.40 -62.79
C LEU T 459 31.01 30.83 -63.20
N VAL T 460 32.25 31.05 -63.65
CA VAL T 460 32.67 32.38 -64.07
C VAL T 460 31.87 32.83 -65.27
N ARG T 461 31.60 31.93 -66.22
CA ARG T 461 30.82 32.28 -67.40
C ARG T 461 29.40 32.64 -67.03
N LYS T 462 28.80 31.91 -66.08
CA LYS T 462 27.46 32.24 -65.62
C LYS T 462 27.42 33.62 -65.00
N GLU T 463 28.38 33.93 -64.13
CA GLU T 463 28.42 35.25 -63.51
C GLU T 463 28.62 36.35 -64.54
N LEU T 464 29.53 36.13 -65.49
CA LEU T 464 29.79 37.13 -66.53
C LEU T 464 28.56 37.34 -67.39
N ASN T 465 27.86 36.27 -67.77
CA ASN T 465 26.66 36.41 -68.59
C ASN T 465 25.55 37.10 -67.82
N LYS T 466 25.44 36.84 -66.51
CA LYS T 466 24.47 37.53 -65.70
C LYS T 466 24.74 39.03 -65.66
N MET T 467 26.01 39.42 -65.54
CA MET T 467 26.31 40.85 -65.43
C MET T 467 26.35 41.56 -66.79
N LEU T 468 26.52 40.81 -67.88
CA LEU T 468 26.42 41.47 -69.19
C LEU T 468 25.01 41.98 -69.47
N GLU T 469 23.99 41.41 -68.84
CA GLU T 469 22.62 41.91 -68.92
C GLU T 469 22.11 41.94 -70.36
N GLY T 470 22.52 40.95 -71.15
CA GLY T 470 22.06 40.82 -72.51
C GLY T 470 22.83 41.63 -73.55
N ARG T 471 23.78 42.46 -73.12
CA ARG T 471 24.59 43.19 -74.09
C ARG T 471 25.44 42.24 -74.93
N SER T 472 25.98 41.20 -74.31
CA SER T 472 26.68 40.15 -75.01
C SER T 472 26.54 38.86 -74.21
N LYS T 473 26.93 37.75 -74.83
CA LYS T 473 26.87 36.44 -74.19
C LYS T 473 28.22 35.75 -74.33
N ILE T 474 28.88 35.51 -73.21
CA ILE T 474 30.18 34.84 -73.24
C ILE T 474 29.97 33.34 -73.32
N SER T 475 30.62 32.71 -74.29
CA SER T 475 30.52 31.27 -74.49
C SER T 475 31.78 30.57 -74.01
N VAL T 476 31.69 29.24 -73.92
CA VAL T 476 32.83 28.44 -73.48
C VAL T 476 33.97 28.51 -74.49
N ASN T 477 33.65 28.60 -75.78
CA ASN T 477 34.69 28.71 -76.79
C ASN T 477 35.49 30.00 -76.63
N ASP T 478 34.87 31.05 -76.08
CA ASP T 478 35.62 32.28 -75.81
C ASP T 478 36.69 32.06 -74.75
N PHE T 479 36.32 31.36 -73.67
CA PHE T 479 37.31 30.98 -72.65
C PHE T 479 38.39 30.11 -73.25
N ILE T 480 38.01 29.17 -74.11
CA ILE T 480 39.00 28.28 -74.73
C ILE T 480 39.97 29.08 -75.60
N ILE T 481 39.45 30.03 -76.38
CA ILE T 481 40.31 30.84 -77.24
C ILE T 481 41.27 31.69 -76.39
N LYS T 482 40.74 32.30 -75.32
CA LYS T 482 41.59 33.13 -74.47
C LYS T 482 42.69 32.29 -73.82
N ALA T 483 42.32 31.12 -73.30
CA ALA T 483 43.31 30.25 -72.67
C ALA T 483 44.35 29.77 -73.67
N SER T 484 43.91 29.44 -74.90
CA SER T 484 44.86 29.02 -75.93
C SER T 484 45.82 30.15 -76.28
N ALA T 485 45.33 31.38 -76.38
CA ALA T 485 46.21 32.50 -76.68
C ALA T 485 47.22 32.74 -75.56
N LEU T 486 46.77 32.68 -74.30
CA LEU T 486 47.69 32.88 -73.19
C LEU T 486 48.73 31.75 -73.12
N ALA T 487 48.30 30.51 -73.36
CA ALA T 487 49.24 29.40 -73.36
C ALA T 487 50.23 29.53 -74.51
N CYS T 488 49.78 30.05 -75.66
CA CYS T 488 50.70 30.31 -76.76
C CYS T 488 51.71 31.37 -76.40
N LEU T 489 51.29 32.41 -75.69
CA LEU T 489 52.24 33.40 -75.19
C LEU T 489 53.26 32.78 -74.27
N LYS T 490 52.80 31.92 -73.35
CA LYS T 490 53.72 31.30 -72.40
C LYS T 490 54.69 30.34 -73.08
N VAL T 491 54.22 29.60 -74.08
CA VAL T 491 55.04 28.62 -74.79
C VAL T 491 55.06 28.99 -76.27
N PRO T 492 55.97 29.84 -76.72
CA PRO T 492 55.93 30.31 -78.11
C PRO T 492 56.25 29.24 -79.15
N GLU T 493 56.75 28.07 -78.75
CA GLU T 493 57.06 27.03 -79.73
C GLU T 493 55.81 26.57 -80.46
N ALA T 494 54.69 26.45 -79.75
CA ALA T 494 53.43 26.11 -80.40
C ALA T 494 52.92 27.23 -81.29
N ASN T 495 53.49 28.42 -81.18
CA ASN T 495 53.15 29.56 -82.03
C ASN T 495 54.21 29.81 -83.09
N SER T 496 54.77 28.76 -83.67
CA SER T 496 55.81 28.86 -84.68
C SER T 496 55.34 28.25 -85.99
N SER T 497 56.19 28.38 -87.00
CA SER T 497 55.94 27.84 -88.32
C SER T 497 57.25 27.36 -88.93
N TRP T 498 57.19 26.22 -89.62
CA TRP T 498 58.36 25.65 -90.26
C TRP T 498 58.42 26.09 -91.72
N LEU T 499 59.54 26.66 -92.14
CA LEU T 499 59.70 27.20 -93.48
C LEU T 499 60.91 26.59 -94.18
N ASP T 500 61.36 25.42 -93.68
CA ASP T 500 62.38 24.59 -94.31
C ASP T 500 63.77 25.21 -94.22
N THR T 501 63.86 26.45 -93.74
CA THR T 501 65.14 27.10 -93.51
C THR T 501 65.23 27.77 -92.15
N VAL T 502 64.09 28.25 -91.63
CA VAL T 502 64.03 28.89 -90.32
C VAL T 502 62.71 28.49 -89.66
N ILE T 503 62.66 28.64 -88.34
CA ILE T 503 61.45 28.45 -87.57
C ILE T 503 60.92 29.81 -87.18
N ARG T 504 59.88 30.27 -87.88
CA ARG T 504 59.32 31.60 -87.64
C ARG T 504 58.47 31.55 -86.38
N GLN T 505 58.92 32.23 -85.33
CA GLN T 505 58.24 32.22 -84.04
C GLN T 505 57.37 33.47 -83.94
N ASN T 506 56.08 33.33 -84.21
CA ASN T 506 55.18 34.48 -84.22
C ASN T 506 55.01 35.05 -82.82
N HIS T 507 55.18 36.36 -82.70
CA HIS T 507 55.01 37.04 -81.42
C HIS T 507 53.56 37.45 -81.15
N VAL T 508 52.69 37.35 -82.13
CA VAL T 508 51.27 37.62 -81.96
C VAL T 508 50.51 36.31 -82.13
N VAL T 509 49.31 36.25 -81.56
CA VAL T 509 48.49 35.05 -81.57
C VAL T 509 47.23 35.36 -82.34
N ASP T 510 47.14 34.86 -83.57
CA ASP T 510 45.94 34.98 -84.41
C ASP T 510 45.28 33.60 -84.43
N ILE T 511 44.15 33.49 -83.74
CA ILE T 511 43.51 32.19 -83.54
C ILE T 511 42.47 31.97 -84.64
N SER T 512 42.75 31.04 -85.54
CA SER T 512 41.74 30.58 -86.47
C SER T 512 40.73 29.71 -85.72
N VAL T 513 39.46 29.88 -86.02
CA VAL T 513 38.39 29.13 -85.37
C VAL T 513 37.64 28.35 -86.45
N ALA T 514 37.59 27.03 -86.31
CA ALA T 514 36.91 26.21 -87.29
C ALA T 514 35.40 26.41 -87.19
N VAL T 515 34.79 26.81 -88.30
CA VAL T 515 33.35 27.03 -88.38
C VAL T 515 32.82 26.17 -89.52
N SER T 516 31.76 25.42 -89.23
CA SER T 516 31.13 24.57 -90.23
C SER T 516 29.97 25.31 -90.88
N THR T 517 29.98 25.39 -92.20
CA THR T 517 28.98 26.05 -93.02
C THR T 517 28.51 25.05 -94.06
N PRO T 518 27.36 25.30 -94.69
CA PRO T 518 26.89 24.35 -95.72
C PRO T 518 27.86 24.16 -96.87
N ALA T 519 28.78 25.10 -97.10
CA ALA T 519 29.77 24.98 -98.14
C ALA T 519 31.05 24.27 -97.69
N GLY T 520 31.17 23.97 -96.41
CA GLY T 520 32.34 23.27 -95.89
C GLY T 520 32.87 23.87 -94.61
N LEU T 521 34.14 23.58 -94.34
CA LEU T 521 34.79 24.10 -93.15
C LEU T 521 35.61 25.34 -93.50
N ILE T 522 35.45 26.40 -92.71
CA ILE T 522 36.19 27.63 -92.91
C ILE T 522 36.83 28.02 -91.58
N THR T 523 37.84 28.89 -91.65
CA THR T 523 38.63 29.25 -90.48
C THR T 523 38.77 30.78 -90.37
N PRO T 524 37.72 31.47 -89.92
CA PRO T 524 37.86 32.89 -89.61
C PRO T 524 38.84 33.09 -88.46
N ILE T 525 39.59 34.19 -88.53
CA ILE T 525 40.72 34.43 -87.64
C ILE T 525 40.35 35.54 -86.67
N VAL T 526 40.50 35.25 -85.37
CA VAL T 526 40.43 36.27 -84.33
C VAL T 526 41.86 36.76 -84.13
N PHE T 527 42.12 38.00 -84.54
CA PHE T 527 43.46 38.55 -84.46
C PHE T 527 43.73 39.09 -83.06
N ASN T 528 44.96 38.92 -82.59
CA ASN T 528 45.41 39.44 -81.29
C ASN T 528 44.52 38.93 -80.16
N ALA T 529 44.24 37.63 -80.19
CA ALA T 529 43.44 37.03 -79.13
C ALA T 529 44.18 37.02 -77.81
N HIS T 530 45.50 37.25 -77.83
CA HIS T 530 46.27 37.27 -76.60
C HIS T 530 46.03 38.55 -75.82
N ILE T 531 45.62 39.63 -76.49
CA ILE T 531 45.33 40.89 -75.83
C ILE T 531 43.85 41.26 -75.85
N LYS T 532 43.05 40.60 -76.69
CA LYS T 532 41.62 40.85 -76.67
C LYS T 532 40.98 40.25 -75.42
N GLY T 533 39.93 40.91 -74.93
CA GLY T 533 39.20 40.38 -73.80
C GLY T 533 38.14 39.38 -74.20
N LEU T 534 37.49 38.81 -73.19
CA LEU T 534 36.47 37.79 -73.45
C LEU T 534 35.29 38.37 -74.22
N GLU T 535 34.85 39.58 -73.86
CA GLU T 535 33.75 40.21 -74.58
C GLU T 535 34.12 40.48 -76.03
N THR T 536 35.32 41.02 -76.26
CA THR T 536 35.76 41.29 -77.62
C THR T 536 35.91 40.01 -78.42
N ILE T 537 36.46 38.96 -77.79
CA ILE T 537 36.61 37.68 -78.48
C ILE T 537 35.25 37.11 -78.85
N ALA T 538 34.29 37.17 -77.92
CA ALA T 538 32.96 36.63 -78.19
C ALA T 538 32.29 37.40 -79.33
N ASN T 539 32.35 38.73 -79.30
CA ASN T 539 31.74 39.53 -80.35
C ASN T 539 32.39 39.26 -81.70
N ASP T 540 33.73 39.18 -81.72
CA ASP T 540 34.44 38.91 -82.96
C ASP T 540 34.09 37.53 -83.51
N VAL T 541 34.00 36.53 -82.63
CA VAL T 541 33.65 35.18 -83.07
C VAL T 541 32.24 35.15 -83.63
N VAL T 542 31.29 35.82 -82.98
CA VAL T 542 29.92 35.85 -83.48
C VAL T 542 29.86 36.52 -84.85
N SER T 543 30.54 37.66 -84.99
CA SER T 543 30.54 38.38 -86.27
C SER T 543 31.16 37.53 -87.38
N LEU T 544 32.30 36.91 -87.11
CA LEU T 544 32.96 36.11 -88.14
C LEU T 544 32.15 34.85 -88.46
N ALA T 545 31.49 34.27 -87.46
CA ALA T 545 30.65 33.11 -87.73
C ALA T 545 29.46 33.48 -88.61
N THR T 546 28.84 34.62 -88.36
CA THR T 546 27.76 35.09 -89.22
C THR T 546 28.27 35.34 -90.63
N LYS T 547 29.43 35.98 -90.75
CA LYS T 547 30.00 36.24 -92.08
C LYS T 547 30.32 34.95 -92.81
N ALA T 548 30.84 33.94 -92.09
CA ALA T 548 31.14 32.65 -92.70
C ALA T 548 29.88 31.94 -93.16
N ARG T 549 28.85 31.93 -92.31
CA ARG T 549 27.61 31.25 -92.66
C ARG T 549 26.93 31.92 -93.84
N GLU T 550 26.96 33.25 -93.92
CA GLU T 550 26.32 33.95 -95.02
C GLU T 550 27.25 34.17 -96.21
N GLY T 551 28.51 33.73 -96.14
CA GLY T 551 29.38 33.71 -97.29
C GLY T 551 29.98 35.04 -97.70
N LYS T 552 30.24 35.93 -96.75
CA LYS T 552 30.88 37.21 -97.06
C LYS T 552 32.29 37.34 -96.52
N LEU T 553 32.95 36.24 -96.15
CA LEU T 553 34.29 36.33 -95.59
C LEU T 553 35.29 36.77 -96.65
N GLN T 554 36.08 37.78 -96.31
CA GLN T 554 37.18 38.22 -97.16
C GLN T 554 38.39 37.29 -96.99
N PRO T 555 39.23 37.17 -98.02
CA PRO T 555 40.38 36.24 -97.92
C PRO T 555 41.30 36.52 -96.75
N HIS T 556 41.51 37.80 -96.40
CA HIS T 556 42.38 38.11 -95.28
C HIS T 556 41.76 37.74 -93.94
N GLU T 557 40.44 37.55 -93.89
CA GLU T 557 39.77 37.19 -92.65
C GLU T 557 39.83 35.71 -92.34
N PHE T 558 40.26 34.87 -93.29
CA PHE T 558 40.40 33.45 -93.03
C PHE T 558 41.69 32.83 -93.54
N GLN T 559 42.60 33.62 -94.13
CA GLN T 559 43.90 33.13 -94.55
C GLN T 559 44.97 33.62 -93.58
N GLY T 560 45.80 32.71 -93.11
CA GLY T 560 46.84 33.07 -92.17
C GLY T 560 46.67 32.44 -90.80
N GLY T 561 46.95 33.20 -89.75
CA GLY T 561 46.84 32.70 -88.40
C GLY T 561 48.08 31.95 -87.96
N THR T 562 48.19 31.79 -86.64
CA THR T 562 49.31 31.08 -86.03
C THR T 562 48.90 29.85 -85.24
N PHE T 563 47.63 29.74 -84.87
CA PHE T 563 47.13 28.63 -84.07
C PHE T 563 45.66 28.45 -84.40
N THR T 564 45.21 27.20 -84.44
CA THR T 564 43.85 26.86 -84.86
C THR T 564 43.12 26.14 -83.74
N ILE T 565 41.83 26.41 -83.60
CA ILE T 565 40.97 25.74 -82.63
C ILE T 565 39.76 25.19 -83.37
N SER T 566 39.55 23.88 -83.26
CA SER T 566 38.40 23.20 -83.84
C SER T 566 37.60 22.58 -82.70
N ASN T 567 36.40 23.09 -82.47
CA ASN T 567 35.56 22.66 -81.36
C ASN T 567 34.38 21.88 -81.93
N LEU T 568 34.24 20.62 -81.49
CA LEU T 568 33.11 19.79 -81.89
C LEU T 568 32.34 19.27 -80.69
N GLY T 569 32.38 19.97 -79.56
CA GLY T 569 31.66 19.52 -78.39
C GLY T 569 30.15 19.69 -78.53
N MET T 570 29.73 20.61 -79.40
CA MET T 570 28.30 20.82 -79.62
C MET T 570 27.65 19.64 -80.33
N PHE T 571 28.45 18.78 -80.96
CA PHE T 571 27.94 17.61 -81.66
C PHE T 571 28.08 16.33 -80.85
N GLY T 572 28.53 16.43 -79.60
CA GLY T 572 28.60 15.25 -78.74
C GLY T 572 29.87 14.45 -78.86
N ILE T 573 30.87 14.95 -79.57
CA ILE T 573 32.12 14.20 -79.72
C ILE T 573 32.91 14.24 -78.42
N LYS T 574 33.29 13.06 -77.94
CA LYS T 574 34.09 12.99 -76.71
C LYS T 574 35.46 13.61 -76.92
N ASN T 575 36.17 13.18 -77.97
CA ASN T 575 37.43 13.80 -78.37
C ASN T 575 37.72 13.39 -79.80
N PHE T 576 38.64 14.14 -80.42
CA PHE T 576 39.02 13.85 -81.80
C PHE T 576 40.38 14.45 -82.09
N SER T 577 41.00 13.98 -83.16
CA SER T 577 42.32 14.44 -83.60
C SER T 577 42.15 15.14 -84.94
N ALA T 578 42.56 16.41 -85.00
CA ALA T 578 42.37 17.21 -86.20
C ALA T 578 43.63 17.24 -87.05
N ILE T 579 43.52 17.86 -88.21
CA ILE T 579 44.65 18.01 -89.14
C ILE T 579 45.17 19.43 -89.03
N ILE T 580 46.50 19.55 -88.91
CA ILE T 580 47.12 20.87 -88.76
C ILE T 580 46.92 21.69 -90.03
N ASN T 581 46.44 22.91 -89.87
CA ASN T 581 46.26 23.82 -90.98
C ASN T 581 47.59 24.49 -91.30
N PRO T 582 48.14 24.29 -92.50
CA PRO T 582 49.46 24.83 -92.80
C PRO T 582 49.40 26.34 -92.93
N PRO T 583 50.51 27.03 -92.68
CA PRO T 583 51.82 26.52 -92.26
C PRO T 583 51.98 26.49 -90.74
N GLN T 584 50.88 26.44 -90.00
CA GLN T 584 50.95 26.46 -88.55
C GLN T 584 51.56 25.16 -88.02
N ALA T 585 51.86 25.16 -86.72
CA ALA T 585 52.53 24.04 -86.10
C ALA T 585 51.64 23.25 -85.15
N CYS T 586 50.45 23.74 -84.82
CA CYS T 586 49.57 23.07 -83.88
C CYS T 586 48.11 23.36 -84.23
N ILE T 587 47.23 22.53 -83.68
CA ILE T 587 45.79 22.73 -83.76
C ILE T 587 45.15 22.05 -82.55
N LEU T 588 44.27 22.76 -81.86
CA LEU T 588 43.62 22.25 -80.66
C LEU T 588 42.23 21.75 -81.01
N ALA T 589 42.00 20.46 -80.79
CA ALA T 589 40.70 19.84 -81.02
C ALA T 589 39.98 19.70 -79.69
N VAL T 590 38.79 20.29 -79.59
CA VAL T 590 38.04 20.36 -78.35
C VAL T 590 36.81 19.46 -78.47
N GLY T 591 36.62 18.60 -77.48
CA GLY T 591 35.47 17.71 -77.44
C GLY T 591 34.37 18.24 -76.53
N ALA T 592 33.45 17.33 -76.19
CA ALA T 592 32.29 17.70 -75.40
C ALA T 592 32.60 17.65 -73.91
N SER T 593 31.86 18.45 -73.15
CA SER T 593 31.97 18.45 -71.69
C SER T 593 30.93 17.50 -71.10
N GLU T 594 31.41 16.55 -70.29
CA GLU T 594 30.56 15.54 -69.68
C GLU T 594 30.88 15.43 -68.20
N ASP T 595 29.86 15.12 -67.41
CA ASP T 595 30.03 14.94 -65.97
C ASP T 595 30.66 13.58 -65.69
N ARG T 596 31.71 13.57 -64.89
CA ARG T 596 32.41 12.35 -64.53
C ARG T 596 32.64 12.30 -63.03
N LEU T 597 32.56 11.10 -62.46
CA LEU T 597 32.80 10.90 -61.04
C LEU T 597 34.30 10.84 -60.75
N PHE T 598 34.70 11.45 -59.64
CA PHE T 598 36.11 11.44 -59.26
C PHE T 598 36.26 11.25 -57.76
N PRO T 599 37.31 10.56 -57.33
CA PRO T 599 37.51 10.34 -55.90
C PRO T 599 37.70 11.67 -55.16
N ALA T 600 37.15 11.73 -53.95
CA ALA T 600 37.25 12.92 -53.12
C ALA T 600 37.25 12.50 -51.66
N ASP T 601 37.82 13.35 -50.81
CA ASP T 601 37.91 13.09 -49.38
C ASP T 601 36.67 13.63 -48.67
N ASN T 602 35.54 13.01 -48.98
CA ASN T 602 34.27 13.35 -48.36
C ASN T 602 33.56 12.07 -47.93
N GLU T 603 32.37 12.25 -47.34
CA GLU T 603 31.63 11.11 -46.84
C GLU T 603 31.19 10.15 -47.94
N LYS T 604 30.72 10.69 -49.06
CA LYS T 604 30.33 9.84 -50.19
C LYS T 604 31.51 9.16 -50.85
N GLY T 605 32.71 9.72 -50.70
CA GLY T 605 33.88 9.16 -51.34
C GLY T 605 34.11 9.58 -52.77
N PHE T 606 33.24 10.44 -53.32
CA PHE T 606 33.39 10.88 -54.71
C PHE T 606 32.73 12.23 -54.88
N ASP T 607 33.05 12.87 -56.00
CA ASP T 607 32.46 14.14 -56.41
C ASP T 607 32.16 14.09 -57.90
N VAL T 608 31.36 15.05 -58.36
CA VAL T 608 30.97 15.16 -59.76
C VAL T 608 31.61 16.41 -60.34
N ALA T 609 32.38 16.23 -61.41
CA ALA T 609 33.06 17.34 -62.08
C ALA T 609 32.80 17.25 -63.58
N SER T 610 32.56 18.41 -64.19
CA SER T 610 32.31 18.49 -65.62
C SER T 610 33.63 18.65 -66.36
N MET T 611 34.19 17.54 -66.84
CA MET T 611 35.47 17.56 -67.55
C MET T 611 35.25 17.62 -69.04
N MET T 612 36.24 18.15 -69.76
CA MET T 612 36.20 18.36 -71.20
C MET T 612 37.58 18.07 -71.78
N SER T 613 37.65 17.13 -72.71
CA SER T 613 38.91 16.60 -73.21
C SER T 613 39.36 17.36 -74.44
N VAL T 614 40.66 17.68 -74.50
CA VAL T 614 41.25 18.36 -75.64
C VAL T 614 42.43 17.54 -76.15
N THR T 615 42.55 17.48 -77.49
CA THR T 615 43.64 16.80 -78.17
C THR T 615 44.38 17.82 -79.03
N LEU T 616 45.61 18.13 -78.65
CA LEU T 616 46.47 19.01 -79.41
C LEU T 616 47.28 18.19 -80.40
N SER T 617 47.11 18.49 -81.69
CA SER T 617 47.91 17.86 -82.74
C SER T 617 49.08 18.77 -83.07
N CYS T 618 50.29 18.24 -82.97
CA CYS T 618 51.50 19.05 -83.07
C CYS T 618 52.37 18.56 -84.22
N ASP T 619 53.04 19.52 -84.86
CA ASP T 619 54.10 19.25 -85.82
C ASP T 619 55.35 18.87 -85.05
N HIS T 620 55.79 17.62 -85.17
CA HIS T 620 56.92 17.16 -84.39
C HIS T 620 58.24 17.80 -84.81
N ARG T 621 58.30 18.43 -85.98
CA ARG T 621 59.50 19.15 -86.37
C ARG T 621 59.73 20.37 -85.49
N VAL T 622 58.66 21.06 -85.11
CA VAL T 622 58.74 22.30 -84.33
C VAL T 622 58.51 22.05 -82.84
N VAL T 623 57.45 21.30 -82.52
CA VAL T 623 57.03 21.09 -81.14
C VAL T 623 57.30 19.63 -80.78
N ASP T 624 58.22 19.41 -79.85
CA ASP T 624 58.45 18.06 -79.36
C ASP T 624 57.50 17.74 -78.21
N GLY T 625 57.61 16.51 -77.70
CA GLY T 625 56.64 16.03 -76.74
C GLY T 625 56.61 16.85 -75.46
N ALA T 626 57.79 17.19 -74.94
CA ALA T 626 57.84 17.98 -73.71
C ALA T 626 57.21 19.35 -73.89
N VAL T 627 57.48 20.00 -75.03
CA VAL T 627 56.91 21.32 -75.28
C VAL T 627 55.40 21.24 -75.44
N GLY T 628 54.90 20.24 -76.16
CA GLY T 628 53.47 20.08 -76.29
C GLY T 628 52.80 19.81 -74.96
N ALA T 629 53.42 18.98 -74.13
CA ALA T 629 52.89 18.71 -72.80
C ALA T 629 52.88 19.96 -71.93
N GLN T 630 53.94 20.77 -72.01
CA GLN T 630 53.97 22.02 -71.25
C GLN T 630 52.87 22.97 -71.71
N TRP T 631 52.65 23.05 -73.03
CA TRP T 631 51.57 23.89 -73.55
C TRP T 631 50.23 23.43 -73.02
N LEU T 632 49.98 22.11 -73.05
CA LEU T 632 48.70 21.60 -72.56
C LEU T 632 48.54 21.83 -71.07
N ALA T 633 49.63 21.73 -70.31
CA ALA T 633 49.57 22.00 -68.88
C ALA T 633 49.22 23.46 -68.61
N GLU T 634 49.84 24.39 -69.34
CA GLU T 634 49.50 25.80 -69.17
C GLU T 634 48.05 26.08 -69.54
N PHE T 635 47.59 25.51 -70.65
CA PHE T 635 46.21 25.68 -71.08
C PHE T 635 45.25 25.14 -70.04
N ARG T 636 45.55 23.96 -69.49
CA ARG T 636 44.70 23.37 -68.47
C ARG T 636 44.67 24.23 -67.21
N LYS T 637 45.82 24.75 -66.81
CA LYS T 637 45.86 25.61 -65.62
C LYS T 637 45.01 26.86 -65.83
N TYR T 638 45.15 27.50 -67.00
CA TYR T 638 44.37 28.70 -67.28
C TYR T 638 42.88 28.40 -67.25
N LEU T 639 42.46 27.27 -67.80
CA LEU T 639 41.03 26.95 -67.79
C LEU T 639 40.55 26.57 -66.39
N GLU T 640 41.32 25.78 -65.65
CA GLU T 640 40.88 25.34 -64.33
C GLU T 640 40.83 26.49 -63.33
N LYS T 641 41.62 27.54 -63.52
CA LYS T 641 41.51 28.75 -62.71
C LYS T 641 41.42 29.97 -63.62
N PRO T 642 40.21 30.36 -64.00
CA PRO T 642 40.06 31.48 -64.94
C PRO T 642 40.61 32.80 -64.41
N ILE T 643 40.66 32.97 -63.09
CA ILE T 643 41.21 34.21 -62.53
C ILE T 643 42.68 34.36 -62.86
N THR T 644 43.36 33.25 -63.16
CA THR T 644 44.76 33.32 -63.57
C THR T 644 44.93 33.87 -64.98
N MET T 645 43.85 34.03 -65.74
CA MET T 645 43.94 34.69 -67.03
C MET T 645 44.26 36.17 -66.90
N LEU T 646 44.05 36.76 -65.73
CA LEU T 646 44.38 38.16 -65.48
C LEU T 646 45.88 38.41 -65.45
N LEU T 647 46.68 37.40 -65.11
CA LEU T 647 48.13 37.53 -65.12
C LEU T 647 48.67 37.72 -66.53
N PHE U 420 51.94 -16.97 95.70
CA PHE U 420 52.15 -18.24 95.02
C PHE U 420 51.73 -19.41 95.90
N THR U 421 51.69 -20.60 95.31
CA THR U 421 51.36 -21.84 96.01
C THR U 421 52.35 -22.92 95.61
N ASP U 422 52.94 -23.58 96.60
CA ASP U 422 53.90 -24.66 96.35
C ASP U 422 53.16 -25.98 96.35
N ILE U 423 53.06 -26.60 95.18
CA ILE U 423 52.41 -27.90 95.03
C ILE U 423 53.49 -28.98 95.10
N PRO U 424 53.42 -29.88 96.07
CA PRO U 424 54.44 -30.94 96.17
C PRO U 424 54.46 -31.81 94.93
N ILE U 425 55.67 -32.24 94.55
CA ILE U 425 55.85 -33.08 93.38
C ILE U 425 55.64 -34.54 93.79
N SER U 426 54.70 -35.22 93.12
CA SER U 426 54.48 -36.63 93.38
C SER U 426 55.65 -37.45 92.84
N ASN U 427 55.74 -38.70 93.33
CA ASN U 427 56.79 -39.59 92.86
C ASN U 427 56.60 -39.95 91.39
N ILE U 428 55.34 -40.10 90.96
CA ILE U 428 55.07 -40.37 89.56
C ILE U 428 55.55 -39.22 88.69
N ARG U 429 55.25 -37.99 89.10
CA ARG U 429 55.70 -36.83 88.35
C ARG U 429 57.22 -36.71 88.38
N ARG U 430 57.85 -37.08 89.50
CA ARG U 430 59.30 -37.07 89.56
C ARG U 430 59.90 -38.08 88.58
N VAL U 431 59.30 -39.25 88.48
CA VAL U 431 59.78 -40.26 87.54
C VAL U 431 59.62 -39.77 86.10
N ILE U 432 58.46 -39.16 85.80
CA ILE U 432 58.23 -38.65 84.45
C ILE U 432 59.24 -37.56 84.12
N ALA U 433 59.48 -36.65 85.06
CA ALA U 433 60.43 -35.56 84.84
C ALA U 433 61.84 -36.11 84.66
N GLN U 434 62.23 -37.12 85.44
CA GLN U 434 63.55 -37.71 85.30
C GLN U 434 63.70 -38.38 83.94
N ARG U 435 62.66 -39.08 83.47
CA ARG U 435 62.72 -39.69 82.15
C ARG U 435 62.86 -38.63 81.07
N LEU U 436 62.11 -37.53 81.17
CA LEU U 436 62.20 -36.48 80.18
C LEU U 436 63.59 -35.81 80.20
N MET U 437 64.13 -35.59 81.39
CA MET U 437 65.49 -35.05 81.50
C MET U 437 66.50 -35.98 80.85
N GLN U 438 66.40 -37.28 81.12
CA GLN U 438 67.31 -38.24 80.52
C GLN U 438 67.19 -38.23 79.01
N SER U 439 65.97 -38.19 78.49
CA SER U 439 65.76 -38.16 77.05
C SER U 439 66.40 -36.93 76.42
N LYS U 440 66.11 -35.74 76.97
CA LYS U 440 66.63 -34.52 76.36
C LYS U 440 68.12 -34.36 76.57
N GLN U 441 68.70 -35.06 77.56
CA GLN U 441 70.13 -34.93 77.80
C GLN U 441 70.94 -35.94 77.01
N THR U 442 70.40 -37.12 76.75
CA THR U 442 71.18 -38.17 76.10
C THR U 442 70.78 -38.43 74.65
N ILE U 443 69.65 -37.91 74.19
CA ILE U 443 69.16 -38.15 72.84
C ILE U 443 69.28 -36.85 72.05
N PRO U 444 70.14 -36.77 71.04
CA PRO U 444 70.23 -35.55 70.22
C PRO U 444 69.08 -35.40 69.26
N HIS U 445 67.97 -34.84 69.74
CA HIS U 445 66.76 -34.72 68.93
C HIS U 445 67.00 -33.83 67.72
N TYR U 446 66.36 -34.18 66.61
CA TYR U 446 66.17 -33.25 65.51
C TYR U 446 64.85 -33.55 64.83
N TYR U 447 64.19 -32.51 64.33
CA TYR U 447 62.78 -32.57 63.99
C TYR U 447 62.56 -32.36 62.50
N LEU U 448 61.66 -33.14 61.90
CA LEU U 448 61.30 -33.00 60.50
C LEU U 448 59.78 -32.92 60.38
N SER U 449 59.28 -31.93 59.65
CA SER U 449 57.84 -31.70 59.54
C SER U 449 57.40 -31.80 58.08
N VAL U 450 56.24 -32.43 57.88
CA VAL U 450 55.62 -32.51 56.56
C VAL U 450 54.11 -32.30 56.70
N ASP U 451 53.45 -32.13 55.56
CA ASP U 451 52.01 -32.01 55.48
C ASP U 451 51.43 -33.18 54.70
N VAL U 452 50.31 -33.71 55.19
CA VAL U 452 49.66 -34.88 54.60
C VAL U 452 48.24 -34.50 54.20
N ASN U 453 47.89 -34.81 52.95
CA ASN U 453 46.54 -34.56 52.46
C ASN U 453 45.63 -35.68 52.95
N MET U 454 44.55 -35.33 53.64
CA MET U 454 43.75 -36.31 54.35
C MET U 454 42.34 -36.45 53.80
N GLY U 455 42.05 -35.92 52.61
CA GLY U 455 40.72 -36.08 52.04
C GLY U 455 40.39 -37.53 51.76
N GLU U 456 41.34 -38.27 51.19
CA GLU U 456 41.13 -39.69 50.93
C GLU U 456 40.95 -40.46 52.23
N VAL U 457 41.74 -40.11 53.26
CA VAL U 457 41.58 -40.76 54.56
C VAL U 457 40.19 -40.52 55.12
N LEU U 458 39.69 -39.28 55.01
CA LEU U 458 38.37 -38.97 55.52
C LEU U 458 37.29 -39.73 54.76
N LEU U 459 37.41 -39.81 53.43
CA LEU U 459 36.42 -40.54 52.64
C LEU U 459 36.42 -42.02 53.00
N VAL U 460 37.62 -42.62 53.08
CA VAL U 460 37.73 -44.04 53.42
C VAL U 460 37.19 -44.30 54.82
N ARG U 461 37.50 -43.41 55.76
CA ARG U 461 37.01 -43.57 57.12
C ARG U 461 35.50 -43.49 57.18
N LYS U 462 34.91 -42.56 56.42
CA LYS U 462 33.45 -42.45 56.37
C LYS U 462 32.83 -43.73 55.81
N GLU U 463 33.40 -44.26 54.73
CA GLU U 463 32.86 -45.49 54.15
C GLU U 463 32.98 -46.67 55.13
N LEU U 464 34.13 -46.79 55.79
CA LEU U 464 34.32 -47.87 56.75
C LEU U 464 33.37 -47.75 57.93
N ASN U 465 33.18 -46.52 58.43
CA ASN U 465 32.24 -46.32 59.53
C ASN U 465 30.82 -46.64 59.12
N LYS U 466 30.44 -46.29 57.89
CA LYS U 466 29.10 -46.64 57.41
C LYS U 466 28.93 -48.16 57.31
N MET U 467 29.93 -48.86 56.79
CA MET U 467 29.85 -50.31 56.70
C MET U 467 29.83 -50.97 58.08
N LEU U 468 30.48 -50.36 59.07
CA LEU U 468 30.55 -50.98 60.38
C LEU U 468 29.20 -51.06 61.08
N GLU U 469 28.25 -50.20 60.74
CA GLU U 469 26.88 -50.26 61.27
C GLU U 469 26.86 -50.20 62.79
N GLY U 470 27.78 -49.41 63.36
CA GLY U 470 27.81 -49.17 64.78
C GLY U 470 28.55 -50.21 65.60
N ARG U 471 29.04 -51.29 64.99
CA ARG U 471 29.79 -52.29 65.75
C ARG U 471 31.09 -51.70 66.28
N SER U 472 31.76 -50.87 65.49
CA SER U 472 32.92 -50.12 65.94
C SER U 472 32.96 -48.79 65.20
N LYS U 473 33.89 -47.93 65.60
CA LYS U 473 34.06 -46.62 64.98
C LYS U 473 35.55 -46.42 64.70
N ILE U 474 35.91 -46.37 63.42
CA ILE U 474 37.29 -46.13 63.04
C ILE U 474 37.59 -44.64 63.10
N SER U 475 38.64 -44.28 63.82
CA SER U 475 39.05 -42.89 63.98
C SER U 475 40.28 -42.59 63.13
N VAL U 476 40.60 -41.31 63.05
CA VAL U 476 41.77 -40.87 62.27
C VAL U 476 43.06 -41.38 62.89
N ASN U 477 43.11 -41.46 64.22
CA ASN U 477 44.31 -41.94 64.88
C ASN U 477 44.58 -43.40 64.55
N ASP U 478 43.54 -44.18 64.25
CA ASP U 478 43.76 -45.56 63.83
C ASP U 478 44.48 -45.63 62.49
N PHE U 479 44.04 -44.82 61.52
CA PHE U 479 44.76 -44.72 60.26
C PHE U 479 46.19 -44.28 60.48
N ILE U 480 46.39 -43.30 61.36
CA ILE U 480 47.74 -42.79 61.61
C ILE U 480 48.62 -43.87 62.22
N ILE U 481 48.07 -44.65 63.17
CA ILE U 481 48.86 -45.70 63.82
C ILE U 481 49.23 -46.79 62.83
N LYS U 482 48.27 -47.23 62.01
CA LYS U 482 48.56 -48.28 61.04
C LYS U 482 49.56 -47.80 60.00
N ALA U 483 49.42 -46.56 59.53
CA ALA U 483 50.36 -46.01 58.58
C ALA U 483 51.75 -45.88 59.17
N SER U 484 51.84 -45.48 60.44
CA SER U 484 53.14 -45.42 61.11
C SER U 484 53.77 -46.79 61.22
N ALA U 485 52.96 -47.81 61.53
CA ALA U 485 53.49 -49.17 61.62
C ALA U 485 54.02 -49.65 60.27
N LEU U 486 53.27 -49.39 59.20
CA LEU U 486 53.73 -49.79 57.88
C LEU U 486 54.99 -49.04 57.46
N ALA U 487 55.06 -47.75 57.77
CA ALA U 487 56.26 -46.98 57.47
C ALA U 487 57.45 -47.50 58.28
N CYS U 488 57.22 -47.90 59.53
CA CYS U 488 58.28 -48.50 60.33
C CYS U 488 58.76 -49.80 59.72
N LEU U 489 57.84 -50.62 59.20
CA LEU U 489 58.24 -51.82 58.50
C LEU U 489 59.10 -51.50 57.28
N LYS U 490 58.69 -50.50 56.49
CA LYS U 490 59.44 -50.16 55.28
C LYS U 490 60.82 -49.59 55.61
N VAL U 491 60.92 -48.79 56.68
CA VAL U 491 62.17 -48.15 57.06
C VAL U 491 62.49 -48.55 58.50
N PRO U 492 63.17 -49.69 58.71
CA PRO U 492 63.36 -50.19 60.09
C PRO U 492 64.29 -49.35 60.94
N GLU U 493 65.00 -48.37 60.36
CA GLU U 493 65.89 -47.54 61.17
C GLU U 493 65.12 -46.74 62.21
N ALA U 494 63.94 -46.23 61.84
CA ALA U 494 63.09 -45.54 62.81
C ALA U 494 62.55 -46.48 63.87
N ASN U 495 62.66 -47.80 63.67
CA ASN U 495 62.25 -48.80 64.63
C ASN U 495 63.43 -49.43 65.36
N SER U 496 64.44 -48.63 65.70
CA SER U 496 65.63 -49.11 66.36
C SER U 496 65.76 -48.46 67.73
N SER U 497 66.81 -48.88 68.44
CA SER U 497 67.14 -48.36 69.77
C SER U 497 68.64 -48.35 69.95
N TRP U 498 69.15 -47.26 70.52
CA TRP U 498 70.58 -47.11 70.75
C TRP U 498 70.92 -47.63 72.14
N LEU U 499 71.77 -48.67 72.20
CA LEU U 499 72.13 -49.33 73.45
C LEU U 499 73.60 -49.10 73.79
N ASP U 500 74.21 -48.11 73.13
CA ASP U 500 75.56 -47.63 73.41
C ASP U 500 76.64 -48.62 72.99
N THR U 501 76.24 -49.82 72.57
CA THR U 501 77.14 -50.80 72.00
C THR U 501 76.64 -51.38 70.68
N VAL U 502 75.33 -51.60 70.57
CA VAL U 502 74.70 -52.07 69.35
C VAL U 502 73.43 -51.26 69.12
N ILE U 503 72.98 -51.26 67.88
CA ILE U 503 71.72 -50.63 67.50
C ILE U 503 70.68 -51.73 67.33
N ARG U 504 69.81 -51.88 68.32
CA ARG U 504 68.81 -52.94 68.31
C ARG U 504 67.71 -52.56 67.33
N GLN U 505 67.61 -53.29 66.23
CA GLN U 505 66.63 -53.02 65.19
C GLN U 505 65.42 -53.92 65.39
N ASN U 506 64.37 -53.40 66.02
CA ASN U 506 63.22 -54.22 66.35
C ASN U 506 62.45 -54.61 65.10
N HIS U 507 62.13 -55.91 65.00
CA HIS U 507 61.40 -56.44 63.86
C HIS U 507 59.89 -56.37 64.03
N VAL U 508 59.41 -56.05 65.22
CA VAL U 508 57.98 -55.85 65.48
C VAL U 508 57.75 -54.38 65.78
N VAL U 509 56.53 -53.93 65.54
CA VAL U 509 56.16 -52.52 65.72
C VAL U 509 55.14 -52.46 66.84
N ASP U 510 55.57 -51.96 68.00
CA ASP U 510 54.70 -51.77 69.16
C ASP U 510 54.53 -50.27 69.35
N ILE U 511 53.37 -49.75 68.95
CA ILE U 511 53.14 -48.31 68.90
C ILE U 511 52.60 -47.85 70.25
N SER U 512 53.41 -47.11 70.99
CA SER U 512 52.91 -46.39 72.15
C SER U 512 52.05 -45.23 71.68
N VAL U 513 50.92 -45.01 72.34
CA VAL U 513 50.01 -43.92 71.99
C VAL U 513 49.89 -43.01 73.20
N ALA U 514 50.26 -41.74 73.03
CA ALA U 514 50.19 -40.80 74.14
C ALA U 514 48.73 -40.46 74.44
N VAL U 515 48.36 -40.60 75.70
CA VAL U 515 47.00 -40.33 76.18
C VAL U 515 47.11 -39.42 77.39
N SER U 516 46.31 -38.37 77.40
CA SER U 516 46.30 -37.43 78.52
C SER U 516 45.19 -37.80 79.50
N THR U 517 45.56 -37.98 80.75
CA THR U 517 44.67 -38.32 81.85
C THR U 517 44.87 -37.29 82.95
N PRO U 518 43.94 -37.17 83.89
CA PRO U 518 44.13 -36.19 84.98
C PRO U 518 45.39 -36.39 85.78
N ALA U 519 45.97 -37.59 85.77
CA ALA U 519 47.22 -37.86 86.48
C ALA U 519 48.46 -37.58 85.63
N GLY U 520 48.30 -37.27 84.35
CA GLY U 520 49.42 -36.93 83.50
C GLY U 520 49.35 -37.61 82.13
N LEU U 521 50.51 -37.74 81.52
CA LEU U 521 50.60 -38.39 80.21
C LEU U 521 51.01 -39.85 80.37
N ILE U 522 50.26 -40.74 79.75
CA ILE U 522 50.54 -42.17 79.82
C ILE U 522 50.53 -42.74 78.40
N THR U 523 51.33 -43.77 78.17
CA THR U 523 51.57 -44.30 76.84
C THR U 523 51.22 -45.78 76.77
N PRO U 524 49.92 -46.11 76.66
CA PRO U 524 49.55 -47.50 76.40
C PRO U 524 50.06 -47.95 75.04
N ILE U 525 50.44 -49.21 74.95
CA ILE U 525 51.12 -49.76 73.78
C ILE U 525 50.17 -50.65 73.00
N VAL U 526 49.99 -50.35 71.72
CA VAL U 526 49.30 -51.23 70.79
C VAL U 526 50.37 -52.13 70.19
N PHE U 527 50.37 -53.39 70.60
CA PHE U 527 51.38 -54.33 70.13
C PHE U 527 51.02 -54.85 68.74
N ASN U 528 52.04 -55.13 67.94
CA ASN U 528 51.88 -55.71 66.61
C ASN U 528 50.94 -54.89 65.75
N ALA U 529 51.13 -53.56 65.78
CA ALA U 529 50.31 -52.68 64.97
C ALA U 529 50.61 -52.84 63.49
N HIS U 530 51.72 -53.50 63.15
CA HIS U 530 52.06 -53.71 61.75
C HIS U 530 51.24 -54.83 61.14
N ILE U 531 50.64 -55.68 61.97
CA ILE U 531 49.80 -56.77 61.48
C ILE U 531 48.34 -56.65 61.93
N LYS U 532 48.06 -55.85 62.95
CA LYS U 532 46.68 -55.64 63.36
C LYS U 532 45.93 -54.80 62.33
N GLY U 533 44.63 -55.08 62.19
CA GLY U 533 43.82 -54.30 61.28
C GLY U 533 43.34 -53.01 61.91
N LEU U 534 42.64 -52.21 61.11
CA LEU U 534 42.15 -50.93 61.61
C LEU U 534 41.11 -51.11 62.71
N GLU U 535 40.23 -52.10 62.57
CA GLU U 535 39.27 -52.37 63.65
C GLU U 535 39.95 -52.85 64.91
N THR U 536 40.92 -53.76 64.79
CA THR U 536 41.63 -54.23 65.97
C THR U 536 42.38 -53.08 66.63
N ILE U 537 43.01 -52.22 65.83
CA ILE U 537 43.74 -51.08 66.37
C ILE U 537 42.78 -50.14 67.09
N ALA U 538 41.63 -49.86 66.48
CA ALA U 538 40.67 -48.94 67.08
C ALA U 538 40.13 -49.49 68.39
N ASN U 539 39.76 -50.76 68.42
CA ASN U 539 39.26 -51.37 69.65
C ASN U 539 40.33 -51.38 70.73
N ASP U 540 41.57 -51.72 70.36
CA ASP U 540 42.67 -51.72 71.32
C ASP U 540 42.90 -50.32 71.89
N VAL U 541 42.88 -49.31 71.02
CA VAL U 541 43.10 -47.94 71.47
C VAL U 541 41.99 -47.51 72.42
N VAL U 542 40.74 -47.83 72.09
CA VAL U 542 39.62 -47.45 72.95
C VAL U 542 39.75 -48.13 74.31
N SER U 543 40.06 -49.43 74.32
CA SER U 543 40.16 -50.16 75.57
C SER U 543 41.31 -49.64 76.42
N LEU U 544 42.48 -49.41 75.82
CA LEU U 544 43.63 -48.93 76.58
C LEU U 544 43.42 -47.50 77.05
N ALA U 545 42.73 -46.67 76.26
CA ALA U 545 42.42 -45.32 76.71
C ALA U 545 41.47 -45.34 77.91
N THR U 546 40.48 -46.22 77.87
CA THR U 546 39.58 -46.36 79.02
C THR U 546 40.35 -46.83 80.25
N LYS U 547 41.24 -47.81 80.08
CA LYS U 547 42.05 -48.29 81.20
C LYS U 547 42.93 -47.18 81.75
N ALA U 548 43.54 -46.39 80.86
CA ALA U 548 44.41 -45.30 81.30
C ALA U 548 43.64 -44.25 82.07
N ARG U 549 42.46 -43.87 81.56
CA ARG U 549 41.64 -42.88 82.25
C ARG U 549 41.14 -43.41 83.59
N GLU U 550 40.88 -44.71 83.69
CA GLU U 550 40.45 -45.31 84.94
C GLU U 550 41.60 -45.69 85.86
N GLY U 551 42.85 -45.52 85.41
CA GLY U 551 43.99 -45.81 86.24
C GLY U 551 44.25 -47.29 86.46
N LYS U 552 43.83 -48.14 85.54
CA LYS U 552 43.94 -49.57 85.69
C LYS U 552 44.99 -50.19 84.77
N LEU U 553 45.89 -49.39 84.19
CA LEU U 553 46.90 -49.92 83.29
C LEU U 553 47.94 -50.71 84.05
N GLN U 554 48.27 -51.90 83.55
CA GLN U 554 49.36 -52.69 84.08
C GLN U 554 50.70 -52.19 83.53
N PRO U 555 51.79 -52.39 84.28
CA PRO U 555 53.09 -51.87 83.82
C PRO U 555 53.51 -52.37 82.45
N HIS U 556 53.21 -53.62 82.11
CA HIS U 556 53.59 -54.14 80.80
C HIS U 556 52.77 -53.53 79.68
N GLU U 557 51.62 -52.93 80.00
CA GLU U 557 50.77 -52.33 78.97
C GLU U 557 51.20 -50.93 78.58
N PHE U 558 52.13 -50.31 79.32
CA PHE U 558 52.63 -48.99 78.95
C PHE U 558 54.14 -48.86 79.00
N GLN U 559 54.87 -49.88 79.47
CA GLN U 559 56.33 -49.84 79.48
C GLN U 559 56.86 -50.59 78.27
N GLY U 560 57.77 -49.96 77.53
CA GLY U 560 58.33 -50.57 76.35
C GLY U 560 57.99 -49.84 75.07
N GLY U 561 57.60 -50.58 74.05
CA GLY U 561 57.26 -49.99 72.78
C GLY U 561 58.47 -49.74 71.90
N THR U 562 58.21 -49.52 70.62
CA THR U 562 59.25 -49.26 69.65
C THR U 562 59.10 -47.94 68.91
N PHE U 563 57.92 -47.32 68.98
CA PHE U 563 57.63 -46.09 68.27
C PHE U 563 56.43 -45.44 68.92
N THR U 564 56.51 -44.14 69.18
CA THR U 564 55.49 -43.43 69.92
C THR U 564 54.76 -42.45 69.01
N ILE U 565 53.46 -42.31 69.21
CA ILE U 565 52.62 -41.36 68.50
C ILE U 565 51.92 -40.48 69.52
N SER U 566 52.15 -39.17 69.44
CA SER U 566 51.48 -38.20 70.28
C SER U 566 50.63 -37.30 69.40
N ASN U 567 49.32 -37.39 69.55
CA ASN U 567 48.37 -36.67 68.71
C ASN U 567 47.71 -35.59 69.56
N LEU U 568 47.86 -34.33 69.15
CA LEU U 568 47.21 -33.21 69.81
C LEU U 568 46.31 -32.42 68.86
N GLY U 569 45.83 -33.04 67.80
CA GLY U 569 44.98 -32.32 66.86
C GLY U 569 43.61 -32.02 67.43
N MET U 570 43.17 -32.80 68.41
CA MET U 570 41.89 -32.55 69.05
C MET U 570 41.89 -31.25 69.84
N PHE U 571 43.06 -30.72 70.19
CA PHE U 571 43.17 -29.48 70.95
C PHE U 571 43.47 -28.29 70.06
N GLY U 572 43.47 -28.45 68.75
CA GLY U 572 43.67 -27.32 67.86
C GLY U 572 45.11 -26.96 67.58
N ILE U 573 46.07 -27.79 67.97
CA ILE U 573 47.47 -27.50 67.71
C ILE U 573 47.77 -27.70 66.24
N LYS U 574 48.34 -26.67 65.61
CA LYS U 574 48.71 -26.78 64.20
C LYS U 574 49.83 -27.79 64.02
N ASN U 575 50.91 -27.66 64.80
CA ASN U 575 51.99 -28.63 64.82
C ASN U 575 52.78 -28.44 66.10
N PHE U 576 53.53 -29.47 66.47
CA PHE U 576 54.36 -29.40 67.66
C PHE U 576 55.47 -30.43 67.58
N SER U 577 56.48 -30.25 68.43
CA SER U 577 57.64 -31.13 68.50
C SER U 577 57.66 -31.79 69.87
N ALA U 578 57.63 -33.12 69.90
CA ALA U 578 57.57 -33.85 71.15
C ALA U 578 58.96 -34.30 71.57
N ILE U 579 59.02 -34.92 72.74
CA ILE U 579 60.27 -35.47 73.29
C ILE U 579 60.28 -36.97 73.08
N ILE U 580 61.40 -37.49 72.57
CA ILE U 580 61.51 -38.92 72.32
C ILE U 580 61.46 -39.68 73.63
N ASN U 581 60.56 -40.67 73.69
CA ASN U 581 60.43 -41.51 74.86
C ASN U 581 61.51 -42.60 74.82
N PRO U 582 62.40 -42.66 75.80
CA PRO U 582 63.49 -43.63 75.75
C PRO U 582 62.97 -45.05 75.95
N PRO U 583 63.68 -46.06 75.43
CA PRO U 583 64.92 -45.99 74.65
C PRO U 583 64.64 -45.94 73.14
N GLN U 584 63.44 -45.56 72.74
CA GLN U 584 63.09 -45.54 71.32
C GLN U 584 63.86 -44.46 70.59
N ALA U 585 63.77 -44.49 69.25
CA ALA U 585 64.57 -43.60 68.42
C ALA U 585 63.75 -42.50 67.76
N CYS U 586 62.42 -42.59 67.76
CA CYS U 586 61.59 -41.59 67.10
C CYS U 586 60.27 -41.42 67.85
N ILE U 587 59.60 -40.32 67.57
CA ILE U 587 58.26 -40.05 68.07
C ILE U 587 57.55 -39.16 67.05
N LEU U 588 56.34 -39.53 66.68
CA LEU U 588 55.57 -38.80 65.69
C LEU U 588 54.57 -37.90 66.39
N ALA U 589 54.71 -36.59 66.18
CA ALA U 589 53.83 -35.60 66.76
C ALA U 589 52.82 -35.15 65.69
N VAL U 590 51.54 -35.33 65.98
CA VAL U 590 50.47 -35.08 65.02
C VAL U 590 49.69 -33.86 65.47
N GLY U 591 49.52 -32.90 64.56
CA GLY U 591 48.74 -31.71 64.82
C GLY U 591 47.32 -31.83 64.28
N ALA U 592 46.66 -30.69 64.19
CA ALA U 592 45.28 -30.65 63.73
C ALA U 592 45.20 -30.59 62.21
N SER U 593 44.10 -31.09 61.68
CA SER U 593 43.86 -31.03 60.24
C SER U 593 42.97 -29.84 59.91
N GLU U 594 43.42 -29.03 58.94
CA GLU U 594 42.74 -27.80 58.57
C GLU U 594 42.62 -27.71 57.05
N ASP U 595 41.59 -27.01 56.59
CA ASP U 595 41.36 -26.82 55.16
C ASP U 595 42.28 -25.72 54.63
N ARG U 596 42.97 -26.01 53.54
CA ARG U 596 43.89 -25.05 52.94
C ARG U 596 43.69 -25.02 51.43
N LEU U 597 43.86 -23.83 50.85
CA LEU U 597 43.79 -23.69 49.40
C LEU U 597 45.11 -24.08 48.75
N PHE U 598 45.01 -24.79 47.63
CA PHE U 598 46.18 -25.17 46.86
C PHE U 598 45.89 -25.02 45.38
N PRO U 599 46.89 -24.65 44.59
CA PRO U 599 46.66 -24.44 43.15
C PRO U 599 46.20 -25.72 42.46
N ALA U 600 45.31 -25.56 41.49
CA ALA U 600 44.79 -26.67 40.70
C ALA U 600 44.51 -26.20 39.29
N ASP U 601 44.54 -27.15 38.35
CA ASP U 601 44.30 -26.84 36.93
C ASP U 601 42.80 -26.91 36.64
N ASN U 602 42.07 -25.97 37.24
CA ASN U 602 40.64 -25.86 37.03
C ASN U 602 40.28 -24.41 36.76
N GLU U 603 38.97 -24.17 36.56
CA GLU U 603 38.51 -22.82 36.26
C GLU U 603 38.75 -21.86 37.41
N LYS U 604 38.46 -22.28 38.64
CA LYS U 604 38.68 -21.42 39.79
C LYS U 604 40.16 -21.18 40.07
N GLY U 605 41.03 -22.06 39.59
CA GLY U 605 42.46 -21.91 39.84
C GLY U 605 42.94 -22.45 41.16
N PHE U 606 42.06 -23.04 41.97
CA PHE U 606 42.45 -23.56 43.26
C PHE U 606 41.47 -24.64 43.70
N ASP U 607 41.87 -25.38 44.73
CA ASP U 607 41.04 -26.41 45.34
C ASP U 607 41.23 -26.36 46.85
N VAL U 608 40.33 -27.04 47.56
CA VAL U 608 40.35 -27.10 49.02
C VAL U 608 40.70 -28.52 49.44
N ALA U 609 41.75 -28.65 50.24
CA ALA U 609 42.20 -29.94 50.73
C ALA U 609 42.42 -29.88 52.23
N SER U 610 41.98 -30.91 52.95
CA SER U 610 42.17 -30.98 54.39
C SER U 610 43.53 -31.59 54.67
N MET U 611 44.48 -30.76 55.08
CA MET U 611 45.85 -31.18 55.32
C MET U 611 46.16 -31.22 56.81
N MET U 612 47.01 -32.17 57.19
CA MET U 612 47.39 -32.39 58.58
C MET U 612 48.91 -32.44 58.66
N SER U 613 49.46 -31.65 59.58
CA SER U 613 50.91 -31.48 59.69
C SER U 613 51.47 -32.41 60.75
N VAL U 614 52.51 -33.16 60.40
CA VAL U 614 53.14 -34.08 61.34
C VAL U 614 54.63 -33.75 61.44
N THR U 615 55.13 -33.82 62.67
CA THR U 615 56.53 -33.55 62.97
C THR U 615 57.13 -34.76 63.65
N LEU U 616 58.03 -35.45 62.96
CA LEU U 616 58.75 -36.60 63.50
C LEU U 616 60.02 -36.11 64.16
N SER U 617 60.20 -36.44 65.44
CA SER U 617 61.42 -36.13 66.17
C SER U 617 62.29 -37.37 66.20
N CYS U 618 63.52 -37.25 65.69
CA CYS U 618 64.39 -38.39 65.48
C CYS U 618 65.66 -38.25 66.30
N ASP U 619 66.15 -39.40 66.76
CA ASP U 619 67.46 -39.50 67.40
C ASP U 619 68.52 -39.53 66.32
N HIS U 620 69.37 -38.50 66.26
CA HIS U 620 70.31 -38.39 65.15
C HIS U 620 71.44 -39.41 65.22
N ARG U 621 71.63 -40.09 66.36
CA ARG U 621 72.57 -41.20 66.40
C ARG U 621 72.10 -42.37 65.55
N VAL U 622 70.79 -42.61 65.52
CA VAL U 622 70.22 -43.76 64.83
C VAL U 622 69.65 -43.38 63.47
N VAL U 623 68.84 -42.33 63.41
CA VAL U 623 68.13 -41.92 62.22
C VAL U 623 68.75 -40.63 61.71
N ASP U 624 69.39 -40.68 60.54
CA ASP U 624 69.90 -39.46 59.95
C ASP U 624 68.81 -38.77 59.12
N GLY U 625 69.17 -37.63 58.54
CA GLY U 625 68.17 -36.82 57.86
C GLY U 625 67.51 -37.54 56.69
N ALA U 626 68.30 -38.23 55.88
CA ALA U 626 67.75 -38.93 54.73
C ALA U 626 66.80 -40.04 55.16
N VAL U 627 67.17 -40.79 56.21
CA VAL U 627 66.31 -41.87 56.68
C VAL U 627 65.01 -41.31 57.25
N GLY U 628 65.08 -40.24 58.04
CA GLY U 628 63.88 -39.63 58.56
C GLY U 628 62.97 -39.11 57.47
N ALA U 629 63.56 -38.47 56.45
CA ALA U 629 62.77 -37.98 55.33
C ALA U 629 62.12 -39.12 54.56
N GLN U 630 62.84 -40.23 54.38
CA GLN U 630 62.27 -41.39 53.71
C GLN U 630 61.09 -41.95 54.50
N TRP U 631 61.25 -42.05 55.82
CA TRP U 631 60.16 -42.52 56.66
C TRP U 631 58.94 -41.62 56.52
N LEU U 632 59.15 -40.31 56.57
CA LEU U 632 58.02 -39.39 56.46
C LEU U 632 57.37 -39.48 55.08
N ALA U 633 58.17 -39.68 54.03
CA ALA U 633 57.60 -39.84 52.70
C ALA U 633 56.74 -41.09 52.59
N GLU U 634 57.21 -42.20 53.15
CA GLU U 634 56.41 -43.43 53.13
C GLU U 634 55.12 -43.25 53.92
N PHE U 635 55.22 -42.63 55.10
CA PHE U 635 54.05 -42.36 55.92
C PHE U 635 53.04 -41.50 55.17
N ARG U 636 53.54 -40.47 54.48
CA ARG U 636 52.67 -39.59 53.72
C ARG U 636 51.99 -40.33 52.58
N LYS U 637 52.73 -41.19 51.87
CA LYS U 637 52.11 -41.95 50.79
C LYS U 637 51.01 -42.87 51.32
N TYR U 638 51.29 -43.59 52.41
CA TYR U 638 50.29 -44.47 52.99
C TYR U 638 49.03 -43.70 53.38
N LEU U 639 49.19 -42.53 53.99
CA LEU U 639 48.00 -41.78 54.39
C LEU U 639 47.28 -41.17 53.20
N GLU U 640 48.01 -40.58 52.25
CA GLU U 640 47.36 -39.94 51.11
C GLU U 640 46.62 -40.91 50.22
N LYS U 641 47.02 -42.19 50.19
CA LYS U 641 46.21 -43.22 49.50
C LYS U 641 46.11 -44.45 50.38
N PRO U 642 44.99 -44.61 51.09
CA PRO U 642 44.84 -45.75 52.00
C PRO U 642 44.75 -47.10 51.32
N ILE U 643 44.53 -47.13 50.00
CA ILE U 643 44.45 -48.42 49.32
C ILE U 643 45.82 -49.09 49.27
N THR U 644 46.89 -48.30 49.23
CA THR U 644 48.23 -48.86 49.30
C THR U 644 48.54 -49.46 50.66
N MET U 645 47.72 -49.17 51.67
CA MET U 645 47.88 -49.73 53.01
C MET U 645 47.63 -51.23 53.03
N LEU U 646 47.00 -51.77 51.99
CA LEU U 646 46.78 -53.21 51.85
C LEU U 646 48.03 -53.96 51.40
N LEU U 647 48.98 -53.28 50.77
CA LEU U 647 50.19 -53.92 50.27
C LEU U 647 51.09 -54.35 51.43
N PHE V 420 76.58 -63.10 -47.95
CA PHE V 420 76.72 -61.85 -48.69
C PHE V 420 76.66 -62.08 -50.20
N THR V 421 76.58 -60.99 -50.95
CA THR V 421 76.56 -61.03 -52.40
C THR V 421 77.51 -59.97 -52.95
N ASP V 422 78.38 -60.37 -53.86
CA ASP V 422 79.35 -59.45 -54.47
C ASP V 422 78.76 -58.92 -55.78
N ILE V 423 78.41 -57.63 -55.78
CA ILE V 423 77.86 -56.98 -56.96
C ILE V 423 79.02 -56.31 -57.72
N PRO V 424 79.30 -56.70 -58.96
CA PRO V 424 80.41 -56.07 -59.69
C PRO V 424 80.18 -54.58 -59.87
N ILE V 425 81.27 -53.82 -59.81
CA ILE V 425 81.22 -52.37 -59.96
C ILE V 425 81.27 -52.03 -61.44
N SER V 426 80.25 -51.29 -61.91
CA SER V 426 80.24 -50.85 -63.29
C SER V 426 81.29 -49.77 -63.52
N ASN V 427 81.62 -49.55 -64.79
CA ASN V 427 82.59 -48.51 -65.12
C ASN V 427 82.05 -47.12 -64.80
N ILE V 428 80.74 -46.91 -64.99
CA ILE V 428 80.14 -45.64 -64.63
C ILE V 428 80.27 -45.39 -63.14
N ARG V 429 79.98 -46.41 -62.33
CA ARG V 429 80.10 -46.27 -60.89
C ARG V 429 81.56 -46.07 -60.48
N ARG V 430 82.49 -46.72 -61.18
CA ARG V 430 83.90 -46.51 -60.91
C ARG V 430 84.31 -45.07 -61.19
N VAL V 431 83.81 -44.51 -62.30
CA VAL V 431 84.12 -43.12 -62.62
C VAL V 431 83.55 -42.18 -61.57
N ILE V 432 82.30 -42.44 -61.15
CA ILE V 432 81.68 -41.59 -60.12
C ILE V 432 82.46 -41.67 -58.82
N ALA V 433 82.86 -42.88 -58.42
CA ALA V 433 83.61 -43.06 -57.19
C ALA V 433 84.97 -42.37 -57.28
N GLN V 434 85.63 -42.46 -58.44
CA GLN V 434 86.92 -41.80 -58.60
C GLN V 434 86.78 -40.29 -58.52
N ARG V 435 85.72 -39.74 -59.12
CA ARG V 435 85.48 -38.31 -59.02
C ARG V 435 85.23 -37.89 -57.58
N LEU V 436 84.44 -38.66 -56.84
CA LEU V 436 84.17 -38.33 -55.45
C LEU V 436 85.44 -38.42 -54.60
N MET V 437 86.26 -39.44 -54.84
CA MET V 437 87.54 -39.55 -54.14
C MET V 437 88.43 -38.35 -54.43
N GLN V 438 88.51 -37.95 -55.70
CA GLN V 438 89.33 -36.81 -56.06
C GLN V 438 88.82 -35.54 -55.38
N SER V 439 87.50 -35.35 -55.36
CA SER V 439 86.93 -34.18 -54.71
C SER V 439 87.26 -34.15 -53.22
N LYS V 440 87.01 -35.26 -52.52
CA LYS V 440 87.24 -35.26 -51.08
C LYS V 440 88.71 -35.24 -50.72
N GLN V 441 89.59 -35.63 -51.66
CA GLN V 441 91.02 -35.63 -51.36
C GLN V 441 91.68 -34.31 -51.69
N THR V 442 91.21 -33.60 -52.71
CA THR V 442 91.88 -32.38 -53.15
C THR V 442 91.14 -31.10 -52.78
N ILE V 443 89.88 -31.18 -52.37
CA ILE V 443 89.09 -30.00 -52.04
C ILE V 443 88.87 -29.96 -50.54
N PRO V 444 89.43 -28.98 -49.82
CA PRO V 444 89.19 -28.89 -48.38
C PRO V 444 87.81 -28.35 -48.04
N HIS V 445 86.82 -29.25 -48.01
CA HIS V 445 85.43 -28.84 -47.79
C HIS V 445 85.26 -28.21 -46.42
N TYR V 446 84.38 -27.22 -46.33
CA TYR V 446 83.83 -26.78 -45.06
C TYR V 446 82.41 -26.29 -45.29
N TYR V 447 81.55 -26.51 -44.29
CA TYR V 447 80.11 -26.45 -44.49
C TYR V 447 79.49 -25.34 -43.66
N LEU V 448 78.55 -24.60 -44.25
CA LEU V 448 77.81 -23.56 -43.56
C LEU V 448 76.32 -23.77 -43.74
N SER V 449 75.55 -23.74 -42.66
CA SER V 449 74.13 -24.01 -42.71
C SER V 449 73.33 -22.82 -42.21
N VAL V 450 72.21 -22.55 -42.91
CA VAL V 450 71.28 -21.50 -42.50
C VAL V 450 69.85 -22.01 -42.70
N ASP V 451 68.90 -21.25 -42.16
CA ASP V 451 67.48 -21.51 -42.33
C ASP V 451 66.83 -20.36 -43.09
N VAL V 452 65.93 -20.72 -44.01
CA VAL V 452 65.26 -19.76 -44.88
C VAL V 452 63.76 -19.86 -44.67
N ASN V 453 63.12 -18.71 -44.44
CA ASN V 453 61.67 -18.67 -44.28
C ASN V 453 61.03 -18.69 -45.66
N MET V 454 60.14 -19.65 -45.90
CA MET V 454 59.65 -19.91 -47.24
C MET V 454 58.16 -19.64 -47.40
N GLY V 455 57.52 -18.95 -46.46
CA GLY V 455 56.11 -18.63 -46.61
C GLY V 455 55.85 -17.73 -47.80
N GLU V 456 56.69 -16.70 -47.98
CA GLU V 456 56.55 -15.82 -49.12
C GLU V 456 56.79 -16.57 -50.42
N VAL V 457 57.79 -17.47 -50.44
CA VAL V 457 58.03 -18.28 -51.63
C VAL V 457 56.82 -19.12 -51.97
N LEU V 458 56.20 -19.74 -50.95
CA LEU V 458 55.03 -20.57 -51.20
C LEU V 458 53.87 -19.74 -51.73
N LEU V 459 53.64 -18.56 -51.16
CA LEU V 459 52.55 -17.70 -51.63
C LEU V 459 52.79 -17.26 -53.07
N VAL V 460 54.01 -16.82 -53.38
CA VAL V 460 54.34 -16.38 -54.73
C VAL V 460 54.21 -17.53 -55.71
N ARG V 461 54.68 -18.72 -55.31
CA ARG V 461 54.58 -19.88 -56.19
C ARG V 461 53.13 -20.25 -56.46
N LYS V 462 52.28 -20.17 -55.43
CA LYS V 462 50.86 -20.46 -55.62
C LYS V 462 50.23 -19.46 -56.60
N GLU V 463 50.55 -18.17 -56.43
CA GLU V 463 49.99 -17.17 -57.34
C GLU V 463 50.47 -17.38 -58.78
N LEU V 464 51.76 -17.67 -58.96
CA LEU V 464 52.30 -17.92 -60.29
C LEU V 464 51.68 -19.15 -60.92
N ASN V 465 51.51 -20.22 -60.14
CA ASN V 465 50.89 -21.43 -60.67
C ASN V 465 49.44 -21.18 -61.05
N LYS V 466 48.72 -20.38 -60.26
CA LYS V 466 47.34 -20.04 -60.63
C LYS V 466 47.29 -19.24 -61.92
N MET V 467 48.18 -18.26 -62.08
CA MET V 467 48.22 -17.48 -63.30
C MET V 467 48.62 -18.32 -64.51
N LEU V 468 49.45 -19.35 -64.30
CA LEU V 468 49.91 -20.14 -65.43
C LEU V 468 48.81 -20.93 -66.11
N GLU V 469 47.73 -21.25 -65.41
CA GLU V 469 46.56 -21.92 -65.99
C GLU V 469 46.93 -23.24 -66.64
N GLY V 470 47.89 -23.95 -66.03
CA GLY V 470 48.27 -25.26 -66.48
C GLY V 470 49.29 -25.30 -67.60
N ARG V 471 49.70 -24.16 -68.14
CA ARG V 471 50.72 -24.16 -69.20
C ARG V 471 52.05 -24.68 -68.67
N SER V 472 52.40 -24.30 -67.45
CA SER V 472 53.57 -24.83 -66.76
C SER V 472 53.29 -24.86 -65.27
N LYS V 473 54.21 -25.46 -64.52
CA LYS V 473 54.09 -25.56 -63.07
C LYS V 473 55.43 -25.15 -62.45
N ILE V 474 55.43 -24.02 -61.74
CA ILE V 474 56.64 -23.56 -61.07
C ILE V 474 56.80 -24.30 -59.75
N SER V 475 57.97 -24.90 -59.55
CA SER V 475 58.27 -25.65 -58.34
C SER V 475 59.21 -24.86 -57.44
N VAL V 476 59.37 -25.37 -56.22
CA VAL V 476 60.24 -24.71 -55.24
C VAL V 476 61.70 -24.75 -55.70
N ASN V 477 62.10 -25.83 -56.37
CA ASN V 477 63.47 -25.93 -56.84
C ASN V 477 63.79 -24.87 -57.89
N ASP V 478 62.77 -24.41 -58.63
CA ASP V 478 63.00 -23.33 -59.59
C ASP V 478 63.35 -22.03 -58.88
N PHE V 479 62.60 -21.69 -57.82
CA PHE V 479 62.95 -20.54 -57.01
C PHE V 479 64.34 -20.69 -56.43
N ILE V 480 64.68 -21.88 -55.95
CA ILE V 480 65.99 -22.11 -55.35
C ILE V 480 67.09 -21.92 -56.37
N ILE V 481 66.89 -22.44 -57.59
CA ILE V 481 67.91 -22.32 -58.64
C ILE V 481 68.11 -20.86 -59.04
N LYS V 482 67.01 -20.14 -59.25
CA LYS V 482 67.14 -18.73 -59.64
C LYS V 482 67.78 -17.90 -58.53
N ALA V 483 67.40 -18.16 -57.28
CA ALA V 483 68.01 -17.44 -56.17
C ALA V 483 69.49 -17.76 -56.04
N SER V 484 69.87 -19.02 -56.26
CA SER V 484 71.28 -19.38 -56.25
C SER V 484 72.05 -18.67 -57.35
N ALA V 485 71.45 -18.58 -58.54
CA ALA V 485 72.11 -17.87 -59.64
C ALA V 485 72.30 -16.40 -59.32
N LEU V 486 71.28 -15.76 -58.76
CA LEU V 486 71.41 -14.35 -58.40
C LEU V 486 72.44 -14.13 -57.30
N ALA V 487 72.48 -15.04 -56.31
CA ALA V 487 73.48 -14.95 -55.26
C ALA V 487 74.88 -15.15 -55.83
N CYS V 488 75.03 -16.06 -56.80
CA CYS V 488 76.31 -16.24 -57.47
C CYS V 488 76.73 -14.98 -58.21
N LEU V 489 75.78 -14.30 -58.86
CA LEU V 489 76.10 -13.03 -59.49
C LEU V 489 76.57 -12.01 -58.47
N LYS V 490 75.88 -11.92 -57.33
CA LYS V 490 76.25 -10.92 -56.32
C LYS V 490 77.61 -11.23 -55.69
N VAL V 491 77.91 -12.51 -55.48
CA VAL V 491 79.15 -12.93 -54.85
C VAL V 491 79.87 -13.89 -55.78
N PRO V 492 80.69 -13.38 -56.72
CA PRO V 492 81.27 -14.26 -57.75
C PRO V 492 82.31 -15.22 -57.22
N GLU V 493 82.75 -15.10 -55.96
CA GLU V 493 83.75 -16.03 -55.43
C GLU V 493 83.20 -17.45 -55.39
N ALA V 494 81.92 -17.61 -55.03
CA ALA V 494 81.30 -18.93 -55.06
C ALA V 494 81.15 -19.46 -56.47
N ASN V 495 81.32 -18.61 -57.48
CA ASN V 495 81.27 -19.00 -58.88
C ASN V 495 82.66 -19.09 -59.51
N SER V 496 83.64 -19.59 -58.77
CA SER V 496 85.01 -19.69 -59.24
C SER V 496 85.43 -21.15 -59.29
N SER V 497 86.66 -21.36 -59.75
CA SER V 497 87.27 -22.68 -59.85
C SER V 497 88.77 -22.56 -59.61
N TRP V 498 89.31 -23.49 -58.83
CA TRP V 498 90.73 -23.50 -58.50
C TRP V 498 91.47 -24.36 -59.53
N LEU V 499 92.39 -23.73 -60.27
CA LEU V 499 93.13 -24.39 -61.34
C LEU V 499 94.61 -24.53 -60.99
N ASP V 500 94.93 -24.36 -59.71
CA ASP V 500 96.26 -24.59 -59.14
C ASP V 500 97.27 -23.53 -59.57
N THR V 501 96.89 -22.66 -60.50
CA THR V 501 97.71 -21.51 -60.90
C THR V 501 96.93 -20.21 -60.88
N VAL V 502 95.65 -20.24 -61.30
CA VAL V 502 94.78 -19.09 -61.27
C VAL V 502 93.42 -19.53 -60.73
N ILE V 503 92.66 -18.56 -60.26
CA ILE V 503 91.29 -18.79 -59.80
C ILE V 503 90.35 -18.28 -60.89
N ARG V 504 89.79 -19.20 -61.65
CA ARG V 504 88.92 -18.85 -62.77
C ARG V 504 87.58 -18.42 -62.23
N GLN V 505 87.26 -17.13 -62.37
CA GLN V 505 86.02 -16.57 -61.86
C GLN V 505 85.00 -16.51 -62.98
N ASN V 506 84.10 -17.49 -63.04
CA ASN V 506 83.16 -17.58 -64.14
C ASN V 506 82.13 -16.46 -64.07
N HIS V 507 81.91 -15.79 -65.20
CA HIS V 507 80.96 -14.70 -65.29
C HIS V 507 79.55 -15.15 -65.62
N VAL V 508 79.37 -16.41 -66.00
CA VAL V 508 78.06 -16.99 -66.24
C VAL V 508 77.77 -18.02 -65.16
N VAL V 509 76.49 -18.27 -64.92
CA VAL V 509 76.06 -19.18 -63.87
C VAL V 509 75.37 -20.35 -64.54
N ASP V 510 76.04 -21.51 -64.56
CA ASP V 510 75.49 -22.74 -65.11
C ASP V 510 75.23 -23.68 -63.94
N ILE V 511 73.97 -23.82 -63.56
CA ILE V 511 73.60 -24.54 -62.34
C ILE V 511 73.39 -26.01 -62.68
N SER V 512 74.31 -26.86 -62.21
CA SER V 512 74.06 -28.29 -62.24
C SER V 512 73.00 -28.63 -61.19
N VAL V 513 72.07 -29.51 -61.54
CA VAL V 513 71.00 -29.92 -60.64
C VAL V 513 71.11 -31.41 -60.44
N ALA V 514 71.31 -31.83 -59.19
CA ALA V 514 71.45 -33.26 -58.90
C ALA V 514 70.10 -33.94 -59.06
N VAL V 515 70.08 -35.04 -59.83
CA VAL V 515 68.88 -35.81 -60.10
C VAL V 515 69.22 -37.27 -59.85
N SER V 516 68.35 -37.96 -59.12
CA SER V 516 68.54 -39.37 -58.83
C SER V 516 67.77 -40.22 -59.83
N THR V 517 68.47 -41.13 -60.49
CA THR V 517 67.94 -42.05 -61.49
C THR V 517 68.33 -43.45 -61.05
N PRO V 518 67.67 -44.48 -61.59
CA PRO V 518 68.03 -45.85 -61.21
C PRO V 518 69.49 -46.20 -61.48
N ALA V 519 70.15 -45.49 -62.39
CA ALA V 519 71.56 -45.72 -62.69
C ALA V 519 72.50 -44.92 -61.79
N GLY V 520 71.99 -44.02 -60.97
CA GLY V 520 72.80 -43.26 -60.05
C GLY V 520 72.44 -41.78 -60.02
N LEU V 521 73.41 -40.97 -59.61
CA LEU V 521 73.22 -39.53 -59.54
C LEU V 521 73.79 -38.86 -60.79
N ILE V 522 72.98 -38.03 -61.43
CA ILE V 522 73.40 -37.32 -62.64
C ILE V 522 73.07 -35.85 -62.47
N THR V 523 73.88 -34.99 -63.08
CA THR V 523 73.80 -33.54 -62.87
C THR V 523 73.59 -32.82 -64.20
N PRO V 524 72.35 -32.80 -64.70
CA PRO V 524 72.05 -31.95 -65.86
C PRO V 524 72.21 -30.48 -65.50
N ILE V 525 72.68 -29.70 -66.47
CA ILE V 525 73.08 -28.32 -66.26
C ILE V 525 72.04 -27.39 -66.87
N VAL V 526 71.50 -26.49 -66.05
CA VAL V 526 70.68 -25.38 -66.53
C VAL V 526 71.64 -24.23 -66.79
N PHE V 527 71.86 -23.95 -68.08
CA PHE V 527 72.79 -22.90 -68.46
C PHE V 527 72.13 -21.53 -68.35
N ASN V 528 72.93 -20.52 -68.00
CA ASN V 528 72.47 -19.14 -67.92
C ASN V 528 71.27 -18.99 -67.01
N ALA V 529 71.34 -19.64 -65.84
CA ALA V 529 70.25 -19.54 -64.88
C ALA V 529 70.17 -18.16 -64.27
N HIS V 530 71.21 -17.34 -64.45
CA HIS V 530 71.18 -15.98 -63.91
C HIS V 530 70.34 -15.05 -64.76
N ILE V 531 70.06 -15.45 -66.01
CA ILE V 531 69.22 -14.65 -66.90
C ILE V 531 67.94 -15.35 -67.30
N LYS V 532 67.85 -16.67 -67.15
CA LYS V 532 66.62 -17.37 -67.45
C LYS V 532 65.56 -17.06 -66.41
N GLY V 533 64.29 -17.03 -66.85
CA GLY V 533 63.21 -16.81 -65.93
C GLY V 533 62.79 -18.07 -65.21
N LEU V 534 61.82 -17.91 -64.29
CA LEU V 534 61.37 -19.07 -63.53
C LEU V 534 60.68 -20.10 -64.41
N GLU V 535 59.90 -19.65 -65.38
CA GLU V 535 59.27 -20.60 -66.31
C GLU V 535 60.31 -21.31 -67.17
N THR V 536 61.29 -20.58 -67.70
CA THR V 536 62.33 -21.21 -68.50
C THR V 536 63.12 -22.21 -67.66
N ILE V 537 63.43 -21.84 -66.41
CA ILE V 537 64.16 -22.74 -65.53
C ILE V 537 63.34 -23.99 -65.25
N ALA V 538 62.05 -23.82 -64.97
CA ALA V 538 61.19 -24.96 -64.65
C ALA V 538 61.08 -25.91 -65.84
N ASN V 539 60.85 -25.36 -67.03
CA ASN V 539 60.75 -26.20 -68.22
C ASN V 539 62.06 -26.91 -68.51
N ASP V 540 63.19 -26.20 -68.37
CA ASP V 540 64.49 -26.81 -68.59
C ASP V 540 64.74 -27.94 -67.60
N VAL V 541 64.38 -27.72 -66.32
CA VAL V 541 64.60 -28.74 -65.31
C VAL V 541 63.73 -29.96 -65.60
N VAL V 542 62.47 -29.75 -65.98
CA VAL V 542 61.60 -30.87 -66.29
C VAL V 542 62.15 -31.67 -67.47
N SER V 543 62.56 -30.96 -68.54
CA SER V 543 63.05 -31.64 -69.73
C SER V 543 64.33 -32.42 -69.43
N LEU V 544 65.27 -31.80 -68.71
CA LEU V 544 66.53 -32.47 -68.41
C LEU V 544 66.32 -33.64 -67.44
N ALA V 545 65.39 -33.50 -66.50
CA ALA V 545 65.08 -34.61 -65.61
C ALA V 545 64.48 -35.78 -66.37
N THR V 546 63.59 -35.50 -67.32
CA THR V 546 63.05 -36.57 -68.16
C THR V 546 64.14 -37.24 -68.97
N LYS V 547 65.05 -36.44 -69.55
CA LYS V 547 66.14 -37.00 -70.32
C LYS V 547 67.05 -37.85 -69.45
N ALA V 548 67.33 -37.39 -68.23
CA ALA V 548 68.19 -38.15 -67.31
C ALA V 548 67.55 -39.46 -66.92
N ARG V 549 66.25 -39.43 -66.60
CA ARG V 549 65.56 -40.66 -66.23
C ARG V 549 65.48 -41.63 -67.41
N GLU V 550 65.37 -41.11 -68.63
CA GLU V 550 65.33 -41.95 -69.81
C GLU V 550 66.72 -42.33 -70.32
N GLY V 551 67.78 -41.79 -69.72
CA GLY V 551 69.13 -42.15 -70.12
C GLY V 551 69.58 -41.56 -71.43
N LYS V 552 69.00 -40.42 -71.83
CA LYS V 552 69.28 -39.82 -73.11
C LYS V 552 70.12 -38.55 -73.00
N LEU V 553 70.75 -38.29 -71.86
CA LEU V 553 71.53 -37.07 -71.69
C LEU V 553 72.81 -37.13 -72.49
N GLN V 554 73.10 -36.05 -73.21
CA GLN V 554 74.37 -35.90 -73.92
C GLN V 554 75.46 -35.45 -72.96
N PRO V 555 76.72 -35.78 -73.24
CA PRO V 555 77.80 -35.41 -72.31
C PRO V 555 77.89 -33.92 -72.02
N HIS V 556 77.63 -33.06 -73.00
CA HIS V 556 77.70 -31.63 -72.77
C HIS V 556 76.56 -31.14 -71.89
N GLU V 557 75.48 -31.92 -71.77
CA GLU V 557 74.34 -31.50 -70.95
C GLU V 557 74.52 -31.79 -69.47
N PHE V 558 75.55 -32.55 -69.08
CA PHE V 558 75.81 -32.80 -67.68
C PHE V 558 77.27 -32.64 -67.27
N GLN V 559 78.18 -32.39 -68.21
CA GLN V 559 79.58 -32.15 -67.88
C GLN V 559 79.84 -30.65 -67.85
N GLY V 560 80.46 -30.18 -66.78
CA GLY V 560 80.76 -28.77 -66.64
C GLY V 560 80.02 -28.11 -65.49
N GLY V 561 79.44 -26.95 -65.74
CA GLY V 561 78.73 -26.23 -64.71
C GLY V 561 79.64 -25.39 -63.84
N THR V 562 79.03 -24.46 -63.11
CA THR V 562 79.76 -23.57 -62.22
C THR V 562 79.30 -23.64 -60.77
N PHE V 563 78.12 -24.22 -60.52
CA PHE V 563 77.55 -24.29 -59.19
C PHE V 563 76.50 -25.38 -59.19
N THR V 564 76.53 -26.23 -58.16
CA THR V 564 75.67 -27.40 -58.11
C THR V 564 74.65 -27.26 -56.99
N ILE V 565 73.43 -27.73 -57.24
CA ILE V 565 72.35 -27.76 -56.27
C ILE V 565 71.86 -29.19 -56.13
N SER V 566 71.95 -29.73 -54.92
CA SER V 566 71.43 -31.05 -54.61
C SER V 566 70.30 -30.91 -53.60
N ASN V 567 69.09 -31.23 -54.03
CA ASN V 567 67.89 -31.06 -53.21
C ASN V 567 67.38 -32.43 -52.81
N LEU V 568 67.30 -32.69 -51.50
CA LEU V 568 66.74 -33.92 -50.99
C LEU V 568 65.56 -33.68 -50.05
N GLY V 569 64.88 -32.56 -50.20
CA GLY V 569 63.75 -32.27 -49.32
C GLY V 569 62.56 -33.16 -49.61
N MET V 570 62.46 -33.68 -50.83
CA MET V 570 61.38 -34.58 -51.18
C MET V 570 61.46 -35.90 -50.42
N PHE V 571 62.63 -36.24 -49.88
CA PHE V 571 62.82 -37.49 -49.14
C PHE V 571 62.77 -37.28 -47.64
N GLY V 572 62.43 -36.08 -47.17
CA GLY V 572 62.29 -35.86 -45.75
C GLY V 572 63.56 -35.53 -45.00
N ILE V 573 64.67 -35.28 -45.70
CA ILE V 573 65.92 -34.95 -45.04
C ILE V 573 65.83 -33.54 -44.47
N LYS V 574 66.12 -33.42 -43.17
CA LYS V 574 66.12 -32.10 -42.54
C LYS V 574 67.24 -31.23 -43.09
N ASN V 575 68.47 -31.77 -43.11
CA ASN V 575 69.60 -31.10 -43.73
C ASN V 575 70.68 -32.14 -43.99
N PHE V 576 71.59 -31.80 -44.90
CA PHE V 576 72.69 -32.69 -45.21
C PHE V 576 73.84 -31.91 -45.83
N SER V 577 75.02 -32.53 -45.86
CA SER V 577 76.23 -31.93 -46.41
C SER V 577 76.66 -32.76 -47.60
N ALA V 578 76.77 -32.13 -48.76
CA ALA V 578 77.11 -32.84 -49.98
C ALA V 578 78.60 -32.72 -50.28
N ILE V 579 79.02 -33.38 -51.35
CA ILE V 579 80.40 -33.34 -51.80
C ILE V 579 80.51 -32.41 -53.00
N ILE V 580 81.50 -31.53 -52.98
CA ILE V 580 81.67 -30.57 -54.07
C ILE V 580 82.03 -31.31 -55.34
N ASN V 581 81.28 -31.04 -56.41
CA ASN V 581 81.53 -31.64 -57.71
C ASN V 581 82.66 -30.86 -58.40
N PRO V 582 83.79 -31.50 -58.72
CA PRO V 582 84.90 -30.78 -59.30
C PRO V 582 84.59 -30.33 -60.72
N PRO V 583 85.23 -29.26 -61.21
CA PRO V 583 86.20 -28.40 -60.53
C PRO V 583 85.54 -27.20 -59.84
N GLN V 584 84.24 -27.26 -59.59
CA GLN V 584 83.54 -26.14 -58.99
C GLN V 584 83.98 -25.92 -57.55
N ALA V 585 83.55 -24.79 -56.98
CA ALA V 585 84.01 -24.38 -55.66
C ALA V 585 82.95 -24.52 -54.58
N CYS V 586 81.69 -24.72 -54.94
CA CYS V 586 80.62 -24.81 -53.95
C CYS V 586 79.54 -25.77 -54.43
N ILE V 587 78.72 -26.21 -53.48
CA ILE V 587 77.53 -27.01 -53.76
C ILE V 587 76.51 -26.72 -52.68
N LEU V 588 75.27 -26.44 -53.08
CA LEU V 588 74.21 -26.11 -52.15
C LEU V 588 73.35 -27.34 -51.90
N ALA V 589 73.31 -27.78 -50.65
CA ALA V 589 72.52 -28.93 -50.24
C ALA V 589 71.24 -28.44 -49.58
N VAL V 590 70.10 -28.82 -50.14
CA VAL V 590 68.79 -28.33 -49.70
C VAL V 590 68.05 -29.47 -49.02
N GLY V 591 67.55 -29.20 -47.81
CA GLY V 591 66.77 -30.16 -47.07
C GLY V 591 65.27 -29.91 -47.22
N ALA V 592 64.50 -30.52 -46.33
CA ALA V 592 63.06 -30.41 -46.38
C ALA V 592 62.58 -29.16 -45.64
N SER V 593 61.42 -28.66 -46.05
CA SER V 593 60.81 -27.52 -45.38
C SER V 593 59.76 -27.98 -44.39
N GLU V 594 59.86 -27.49 -43.16
CA GLU V 594 59.00 -27.91 -42.06
C GLU V 594 58.47 -26.70 -41.31
N ASP V 595 57.30 -26.84 -40.71
CA ASP V 595 56.69 -25.77 -39.94
C ASP V 595 57.33 -25.70 -38.55
N ARG V 596 57.73 -24.50 -38.14
CA ARG V 596 58.36 -24.30 -36.85
C ARG V 596 57.77 -23.08 -36.17
N LEU V 597 57.68 -23.15 -34.84
CA LEU V 597 57.22 -22.01 -34.06
C LEU V 597 58.34 -21.02 -33.82
N PHE V 598 58.03 -19.73 -33.94
CA PHE V 598 58.98 -18.68 -33.66
C PHE V 598 58.31 -17.55 -32.92
N PRO V 599 59.02 -16.87 -32.02
CA PRO V 599 58.41 -15.81 -31.23
C PRO V 599 57.90 -14.67 -32.11
N ALA V 600 56.78 -14.09 -31.71
CA ALA V 600 56.17 -12.97 -32.41
C ALA V 600 55.49 -12.05 -31.41
N ASP V 601 55.36 -10.78 -31.79
CA ASP V 601 54.73 -9.78 -30.92
C ASP V 601 53.22 -9.77 -31.16
N ASN V 602 52.59 -10.88 -30.77
CA ASN V 602 51.15 -11.02 -30.88
C ASN V 602 50.60 -11.59 -29.59
N GLU V 603 49.27 -11.78 -29.56
CA GLU V 603 48.62 -12.27 -28.35
C GLU V 603 49.06 -13.68 -28.00
N LYS V 604 49.14 -14.57 -29.01
CA LYS V 604 49.59 -15.94 -28.75
C LYS V 604 51.06 -16.02 -28.37
N GLY V 605 51.85 -15.02 -28.71
CA GLY V 605 53.27 -15.03 -28.40
C GLY V 605 54.13 -15.80 -29.37
N PHE V 606 53.55 -16.35 -30.44
CA PHE V 606 54.32 -17.12 -31.40
C PHE V 606 53.58 -17.13 -32.74
N ASP V 607 54.31 -17.56 -33.77
CA ASP V 607 53.77 -17.71 -35.11
C ASP V 607 54.34 -18.98 -35.73
N VAL V 608 53.73 -19.41 -36.83
CA VAL V 608 54.14 -20.62 -37.55
C VAL V 608 54.71 -20.20 -38.89
N ALA V 609 55.95 -20.62 -39.16
CA ALA V 609 56.62 -20.31 -40.41
C ALA V 609 57.23 -21.57 -40.99
N SER V 610 57.08 -21.74 -42.31
CA SER V 610 57.65 -22.89 -43.01
C SER V 610 59.09 -22.58 -43.36
N MET V 611 60.03 -23.17 -42.64
CA MET V 611 61.45 -22.91 -42.82
C MET V 611 62.14 -24.09 -43.48
N MET V 612 63.13 -23.79 -44.30
CA MET V 612 63.89 -24.78 -45.06
C MET V 612 65.37 -24.56 -44.81
N SER V 613 66.08 -25.62 -44.44
CA SER V 613 67.47 -25.54 -44.03
C SER V 613 68.38 -25.88 -45.22
N VAL V 614 69.36 -25.01 -45.48
CA VAL V 614 70.29 -25.23 -46.57
C VAL V 614 71.72 -25.21 -46.04
N THR V 615 72.54 -26.11 -46.56
CA THR V 615 73.95 -26.24 -46.17
C THR V 615 74.82 -26.11 -47.41
N LEU V 616 75.55 -25.01 -47.49
CA LEU V 616 76.49 -24.76 -48.57
C LEU V 616 77.85 -25.33 -48.20
N SER V 617 78.36 -26.24 -49.03
CA SER V 617 79.70 -26.78 -48.84
C SER V 617 80.67 -26.02 -49.75
N CYS V 618 81.71 -25.44 -49.15
CA CYS V 618 82.59 -24.52 -49.84
C CYS V 618 84.01 -25.05 -49.85
N ASP V 619 84.71 -24.78 -50.94
CA ASP V 619 86.15 -25.03 -51.05
C ASP V 619 86.89 -23.90 -50.36
N HIS V 620 87.59 -24.21 -49.27
CA HIS V 620 88.19 -23.16 -48.46
C HIS V 620 89.39 -22.50 -49.14
N ARG V 621 89.93 -23.09 -50.20
CA ARG V 621 90.94 -22.39 -50.98
C ARG V 621 90.37 -21.17 -51.69
N VAL V 622 89.13 -21.27 -52.17
CA VAL V 622 88.51 -20.22 -52.97
C VAL V 622 87.57 -19.36 -52.14
N VAL V 623 86.70 -20.00 -51.36
CA VAL V 623 85.66 -19.30 -50.60
C VAL V 623 86.00 -19.41 -49.12
N ASP V 624 86.31 -18.28 -48.50
CA ASP V 624 86.53 -18.29 -47.05
C ASP V 624 85.20 -18.13 -46.32
N GLY V 625 85.28 -18.13 -44.98
CA GLY V 625 84.07 -18.15 -44.19
C GLY V 625 83.20 -16.92 -44.40
N ALA V 626 83.81 -15.74 -44.46
CA ALA V 626 83.04 -14.52 -44.65
C ALA V 626 82.35 -14.51 -46.00
N VAL V 627 83.04 -14.96 -47.06
CA VAL V 627 82.44 -14.98 -48.38
C VAL V 627 81.29 -15.98 -48.44
N GLY V 628 81.48 -17.17 -47.87
CA GLY V 628 80.39 -18.14 -47.83
C GLY V 628 79.19 -17.64 -47.07
N ALA V 629 79.43 -16.98 -45.93
CA ALA V 629 78.33 -16.42 -45.15
C ALA V 629 77.61 -15.32 -45.92
N GLN V 630 78.36 -14.48 -46.63
CA GLN V 630 77.73 -13.44 -47.44
C GLN V 630 76.87 -14.04 -48.54
N TRP V 631 77.37 -15.09 -49.20
CA TRP V 631 76.59 -15.77 -50.22
C TRP V 631 75.30 -16.32 -49.64
N LEU V 632 75.39 -16.98 -48.49
CA LEU V 632 74.19 -17.55 -47.88
C LEU V 632 73.21 -16.45 -47.46
N ALA V 633 73.73 -15.32 -46.98
CA ALA V 633 72.84 -14.21 -46.62
C ALA V 633 72.11 -13.66 -47.83
N GLU V 634 72.81 -13.49 -48.95
CA GLU V 634 72.15 -13.01 -50.16
C GLU V 634 71.10 -14.01 -50.65
N PHE V 635 71.44 -15.30 -50.63
CA PHE V 635 70.50 -16.34 -51.02
C PHE V 635 69.26 -16.31 -50.14
N ARG V 636 69.46 -16.16 -48.83
CA ARG V 636 68.35 -16.10 -47.90
C ARG V 636 67.47 -14.88 -48.16
N LYS V 637 68.08 -13.73 -48.42
CA LYS V 637 67.28 -12.53 -48.71
C LYS V 637 66.45 -12.73 -49.97
N TYR V 638 67.06 -13.25 -51.04
CA TYR V 638 66.33 -13.49 -52.28
C TYR V 638 65.16 -14.42 -52.06
N LEU V 639 65.36 -15.50 -51.30
CA LEU V 639 64.24 -16.42 -51.09
C LEU V 639 63.18 -15.84 -50.16
N GLU V 640 63.58 -15.18 -49.07
CA GLU V 640 62.61 -14.64 -48.13
C GLU V 640 61.78 -13.51 -48.73
N LYS V 641 62.28 -12.81 -49.74
CA LYS V 641 61.47 -11.83 -50.46
C LYS V 641 61.66 -12.01 -51.95
N PRO V 642 60.77 -12.75 -52.61
CA PRO V 642 60.92 -13.02 -54.05
C PRO V 642 60.78 -11.79 -54.92
N ILE V 643 60.23 -10.69 -54.40
CA ILE V 643 60.11 -9.48 -55.22
C ILE V 643 61.47 -8.87 -55.49
N THR V 644 62.42 -9.02 -54.56
CA THR V 644 63.78 -8.56 -54.79
C THR V 644 64.49 -9.37 -55.86
N MET V 645 63.93 -10.50 -56.26
CA MET V 645 64.49 -11.33 -57.32
C MET V 645 64.40 -10.66 -58.68
N LEU V 646 63.57 -9.61 -58.80
CA LEU V 646 63.46 -8.82 -60.02
C LEU V 646 64.61 -7.83 -60.20
N LEU V 647 65.32 -7.50 -59.13
CA LEU V 647 66.40 -6.53 -59.20
C LEU V 647 67.62 -7.11 -59.92
N PHE W 420 66.80 86.13 -16.19
CA PHE W 420 66.63 86.16 -14.75
C PHE W 420 66.20 87.54 -14.26
N THR W 421 65.82 87.63 -13.00
CA THR W 421 65.43 88.88 -12.36
C THR W 421 66.09 88.98 -11.00
N ASP W 422 66.75 90.11 -10.75
CA ASP W 422 67.42 90.35 -9.47
C ASP W 422 66.46 91.07 -8.54
N ILE W 423 66.01 90.38 -7.49
CA ILE W 423 65.11 90.96 -6.50
C ILE W 423 65.97 91.46 -5.34
N PRO W 424 65.93 92.76 -5.04
CA PRO W 424 66.74 93.27 -3.92
C PRO W 424 66.35 92.64 -2.60
N ILE W 425 67.34 92.41 -1.74
CA ILE W 425 67.12 91.81 -0.44
C ILE W 425 66.74 92.91 0.55
N SER W 426 65.57 92.75 1.19
CA SER W 426 65.16 93.70 2.20
C SER W 426 66.01 93.54 3.46
N ASN W 427 65.98 94.57 4.31
CA ASN W 427 66.73 94.52 5.56
C ASN W 427 66.16 93.45 6.49
N ILE W 428 64.84 93.27 6.49
CA ILE W 428 64.23 92.21 7.29
C ILE W 428 64.72 90.85 6.85
N ARG W 429 64.75 90.62 5.53
CA ARG W 429 65.24 89.35 5.01
C ARG W 429 66.73 89.17 5.30
N ARG W 430 67.50 90.26 5.26
CA ARG W 430 68.91 90.18 5.61
C ARG W 430 69.09 89.78 7.07
N VAL W 431 68.27 90.35 7.96
CA VAL W 431 68.35 89.98 9.37
C VAL W 431 67.99 88.52 9.57
N ILE W 432 66.93 88.06 8.90
CA ILE W 432 66.52 86.66 9.02
C ILE W 432 67.62 85.74 8.52
N ALA W 433 68.22 86.08 7.37
CA ALA W 433 69.28 85.26 6.80
C ALA W 433 70.50 85.24 7.72
N GLN W 434 70.84 86.39 8.32
CA GLN W 434 71.98 86.43 9.23
C GLN W 434 71.72 85.58 10.47
N ARG W 435 70.49 85.62 11.00
CA ARG W 435 70.15 84.78 12.14
C ARG W 435 70.26 83.31 11.78
N LEU W 436 69.76 82.92 10.61
CA LEU W 436 69.84 81.53 10.20
C LEU W 436 71.29 81.09 9.99
N MET W 437 72.11 81.96 9.39
CA MET W 437 73.53 81.65 9.24
C MET W 437 74.19 81.46 10.60
N GLN W 438 73.91 82.36 11.55
CA GLN W 438 74.49 82.23 12.87
C GLN W 438 74.06 80.93 13.54
N SER W 439 72.78 80.58 13.42
CA SER W 439 72.29 79.34 14.01
C SER W 439 73.00 78.13 13.42
N LYS W 440 73.05 78.04 12.09
CA LYS W 440 73.65 76.86 11.47
C LYS W 440 75.15 76.82 11.62
N GLN W 441 75.79 77.97 11.91
CA GLN W 441 77.24 77.98 12.07
C GLN W 441 77.67 77.72 13.50
N THR W 442 76.88 78.14 14.48
CA THR W 442 77.29 78.03 15.88
C THR W 442 76.56 76.94 16.66
N ILE W 443 75.47 76.40 16.13
CA ILE W 443 74.68 75.39 16.83
C ILE W 443 74.86 74.06 16.13
N PRO W 444 75.50 73.07 16.76
CA PRO W 444 75.63 71.75 16.12
C PRO W 444 74.35 70.95 16.13
N HIS W 445 73.49 71.19 15.14
CA HIS W 445 72.18 70.54 15.10
C HIS W 445 72.32 69.03 14.97
N TYR W 446 71.41 68.31 15.61
CA TYR W 446 71.17 66.91 15.28
C TYR W 446 69.70 66.60 15.51
N TYR W 447 69.15 65.70 14.68
CA TYR W 447 67.71 65.58 14.52
C TYR W 447 67.24 64.21 14.97
N LEU W 448 66.10 64.17 15.67
CA LEU W 448 65.49 62.92 16.10
C LEU W 448 64.02 62.91 15.70
N SER W 449 63.56 61.84 15.06
CA SER W 449 62.21 61.77 14.54
C SER W 449 61.46 60.60 15.18
N VAL W 450 60.18 60.84 15.50
CA VAL W 450 59.29 59.81 16.02
C VAL W 450 57.92 59.96 15.38
N ASP W 451 57.08 58.96 15.58
CA ASP W 451 55.69 58.96 15.14
C ASP W 451 54.76 58.92 16.35
N VAL W 452 53.69 59.71 16.27
CA VAL W 452 52.73 59.85 17.37
C VAL W 452 51.35 59.45 16.86
N ASN W 453 50.69 58.56 17.61
CA ASN W 453 49.34 58.13 17.27
C ASN W 453 48.36 59.20 17.75
N MET W 454 47.54 59.72 16.85
CA MET W 454 46.74 60.89 17.14
C MET W 454 45.24 60.62 17.14
N GLY W 455 44.81 59.36 17.17
CA GLY W 455 43.38 59.07 17.22
C GLY W 455 42.74 59.59 18.49
N GLU W 456 43.40 59.37 19.63
CA GLU W 456 42.88 59.88 20.90
C GLU W 456 42.84 61.40 20.90
N VAL W 457 43.88 62.04 20.34
CA VAL W 457 43.88 63.50 20.24
C VAL W 457 42.71 63.99 19.41
N LEU W 458 42.43 63.32 18.29
CA LEU W 458 41.32 63.73 17.44
C LEU W 458 39.99 63.55 18.16
N LEU W 459 39.81 62.44 18.86
CA LEU W 459 38.56 62.21 19.59
C LEU W 459 38.37 63.25 20.68
N VAL W 460 39.42 63.52 21.47
CA VAL W 460 39.34 64.50 22.54
C VAL W 460 39.07 65.89 21.97
N ARG W 461 39.73 66.23 20.86
CA ARG W 461 39.51 67.53 20.25
C ARG W 461 38.08 67.68 19.75
N LYS W 462 37.53 66.61 19.16
CA LYS W 462 36.14 66.65 18.71
C LYS W 462 35.19 66.87 19.88
N GLU W 463 35.42 66.14 20.99
CA GLU W 463 34.55 66.31 22.15
C GLU W 463 34.65 67.73 22.73
N LEU W 464 35.87 68.25 22.83
CA LEU W 464 36.06 69.60 23.35
C LEU W 464 35.42 70.65 22.45
N ASN W 465 35.56 70.48 21.13
CA ASN W 465 34.93 71.42 20.20
C ASN W 465 33.42 71.36 20.29
N LYS W 466 32.86 70.16 20.47
CA LYS W 466 31.41 70.04 20.64
C LYS W 466 30.95 70.73 21.92
N MET W 467 31.67 70.54 23.02
CA MET W 467 31.31 71.19 24.27
C MET W 467 31.46 72.71 24.18
N LEU W 468 32.41 73.19 23.38
CA LEU W 468 32.63 74.63 23.32
C LEU W 468 31.46 75.40 22.71
N GLU W 469 30.64 74.77 21.88
CA GLU W 469 29.43 75.38 21.34
C GLU W 469 29.74 76.66 20.57
N GLY W 470 30.88 76.67 19.89
CA GLY W 470 31.26 77.78 19.04
C GLY W 470 31.94 78.94 19.73
N ARG W 471 32.09 78.90 21.05
CA ARG W 471 32.78 79.98 21.75
C ARG W 471 34.25 80.03 21.35
N SER W 472 34.88 78.87 21.18
CA SER W 472 36.23 78.77 20.65
C SER W 472 36.35 77.47 19.87
N LYS W 473 37.49 77.30 19.21
CA LYS W 473 37.78 76.11 18.43
C LYS W 473 39.17 75.61 18.77
N ILE W 474 39.26 74.45 19.42
CA ILE W 474 40.55 73.88 19.75
C ILE W 474 41.12 73.16 18.54
N SER W 475 42.35 73.51 18.18
CA SER W 475 43.03 72.91 17.04
C SER W 475 44.08 71.92 17.50
N VAL W 476 44.62 71.17 16.53
CA VAL W 476 45.65 70.18 16.83
C VAL W 476 46.93 70.85 17.31
N ASN W 477 47.24 72.03 16.78
CA ASN W 477 48.44 72.73 17.20
C ASN W 477 48.37 73.15 18.66
N ASP W 478 47.16 73.37 19.18
CA ASP W 478 47.03 73.68 20.61
C ASP W 478 47.43 72.49 21.47
N PHE W 479 46.95 71.29 21.12
CA PHE W 479 47.40 70.09 21.80
C PHE W 479 48.90 69.93 21.71
N ILE W 480 49.46 70.18 20.52
CA ILE W 480 50.90 70.02 20.33
C ILE W 480 51.67 71.00 21.19
N ILE W 481 51.21 72.25 21.27
CA ILE W 481 51.90 73.27 22.06
C ILE W 481 51.85 72.92 23.55
N LYS W 482 50.67 72.53 24.04
CA LYS W 482 50.56 72.19 25.46
C LYS W 482 51.39 70.95 25.79
N ALA W 483 51.39 69.95 24.92
CA ALA W 483 52.19 68.76 25.15
C ALA W 483 53.68 69.08 25.13
N SER W 484 54.10 69.97 24.22
CA SER W 484 55.50 70.39 24.20
C SER W 484 55.88 71.12 25.48
N ALA W 485 54.98 71.97 25.99
CA ALA W 485 55.26 72.67 27.24
C ALA W 485 55.39 71.69 28.40
N LEU W 486 54.50 70.72 28.48
CA LEU W 486 54.59 69.73 29.56
C LEU W 486 55.85 68.88 29.45
N ALA W 487 56.22 68.50 28.22
CA ALA W 487 57.46 67.76 28.02
C ALA W 487 58.67 68.59 28.40
N CYS W 488 58.64 69.89 28.10
CA CYS W 488 59.71 70.78 28.52
C CYS W 488 59.80 70.86 30.03
N LEU W 489 58.66 70.90 30.72
CA LEU W 489 58.68 70.86 32.18
C LEU W 489 59.30 69.57 32.69
N LYS W 490 58.93 68.43 32.10
CA LYS W 490 59.46 67.15 32.57
C LYS W 490 60.96 67.02 32.29
N VAL W 491 61.42 67.53 31.15
CA VAL W 491 62.82 67.43 30.76
C VAL W 491 63.36 68.84 30.51
N PRO W 492 63.85 69.53 31.56
CA PRO W 492 64.23 70.94 31.41
C PRO W 492 65.45 71.17 30.54
N GLU W 493 66.19 70.12 30.16
CA GLU W 493 67.37 70.32 29.32
C GLU W 493 66.99 70.89 27.96
N ALA W 494 65.87 70.44 27.39
CA ALA W 494 65.39 71.00 26.13
C ALA W 494 64.92 72.43 26.30
N ASN W 495 64.74 72.90 27.53
CA ASN W 495 64.37 74.27 27.83
C ASN W 495 65.53 75.11 28.34
N SER W 496 66.72 74.90 27.77
CA SER W 496 67.92 75.60 28.18
C SER W 496 68.45 76.45 27.04
N SER W 497 69.53 77.17 27.33
CA SER W 497 70.21 78.02 26.37
C SER W 497 71.70 78.04 26.67
N TRP W 498 72.51 77.94 25.62
CA TRP W 498 73.96 77.93 25.76
C TRP W 498 74.48 79.36 25.65
N LEU W 499 75.11 79.84 26.72
CA LEU W 499 75.60 81.22 26.80
C LEU W 499 77.13 81.26 26.83
N ASP W 500 77.76 80.15 26.46
CA ASP W 500 79.21 80.03 26.27
C ASP W 500 79.97 80.05 27.60
N THR W 501 79.27 80.33 28.70
CA THR W 501 79.85 80.24 30.04
C THR W 501 78.98 79.44 31.00
N VAL W 502 77.66 79.57 30.89
CA VAL W 502 76.71 78.81 31.69
C VAL W 502 75.59 78.33 30.78
N ILE W 503 74.90 77.30 31.24
CA ILE W 503 73.73 76.78 30.54
C ILE W 503 72.49 77.27 31.28
N ARG W 504 71.84 78.28 30.72
CA ARG W 504 70.68 78.90 31.36
C ARG W 504 69.49 77.97 31.20
N GLN W 505 69.03 77.39 32.31
CA GLN W 505 67.91 76.45 32.30
C GLN W 505 66.63 77.19 32.65
N ASN W 506 65.85 77.56 31.65
CA ASN W 506 64.66 78.37 31.88
C ASN W 506 63.59 77.55 32.60
N HIS W 507 63.02 78.14 33.65
CA HIS W 507 61.98 77.49 34.44
C HIS W 507 60.58 77.74 33.90
N VAL W 508 60.43 78.66 32.95
CA VAL W 508 59.15 78.91 32.29
C VAL W 508 59.26 78.46 30.85
N VAL W 509 58.12 78.14 30.25
CA VAL W 509 58.06 77.63 28.89
C VAL W 509 57.33 78.65 28.05
N ASP W 510 58.08 79.36 27.20
CA ASP W 510 57.52 80.35 26.28
C ASP W 510 57.67 79.78 24.87
N ILE W 511 56.56 79.29 24.31
CA ILE W 511 56.60 78.55 23.05
C ILE W 511 56.45 79.52 21.89
N SER W 512 57.52 79.73 21.14
CA SER W 512 57.41 80.42 19.87
C SER W 512 56.70 79.51 18.87
N VAL W 513 55.80 80.07 18.08
CA VAL W 513 55.04 79.32 17.09
C VAL W 513 55.34 79.91 15.73
N ALA W 514 55.90 79.10 14.83
CA ALA W 514 56.24 79.59 13.50
C ALA W 514 54.97 79.82 12.69
N VAL W 515 54.85 81.01 12.12
CA VAL W 515 53.69 81.41 11.32
C VAL W 515 54.22 81.99 10.01
N SER W 516 53.64 81.55 8.91
CA SER W 516 54.04 82.04 7.59
C SER W 516 53.11 83.18 7.16
N THR W 517 53.69 84.32 6.84
CA THR W 517 53.01 85.52 6.38
C THR W 517 53.62 85.93 5.05
N PRO W 518 52.95 86.77 4.28
CA PRO W 518 53.52 87.20 3.00
C PRO W 518 54.88 87.87 3.13
N ALA W 519 55.22 88.41 4.30
CA ALA W 519 56.51 89.04 4.53
C ALA W 519 57.57 88.05 5.01
N GLY W 520 57.21 86.81 5.29
CA GLY W 520 58.17 85.80 5.70
C GLY W 520 57.69 84.97 6.88
N LEU W 521 58.66 84.40 7.59
CA LEU W 521 58.35 83.59 8.76
C LEU W 521 58.51 84.41 10.03
N ILE W 522 57.49 84.39 10.88
CA ILE W 522 57.52 85.14 12.13
C ILE W 522 57.10 84.20 13.26
N THR W 523 57.64 84.45 14.45
CA THR W 523 57.49 83.54 15.58
C THR W 523 56.87 84.25 16.77
N PRO W 524 55.54 84.44 16.76
CA PRO W 524 54.87 84.94 17.96
C PRO W 524 54.98 83.94 19.10
N ILE W 525 55.11 84.46 20.32
CA ILE W 525 55.42 83.66 21.50
C ILE W 525 54.17 83.52 22.36
N VAL W 526 53.79 82.29 22.64
CA VAL W 526 52.76 81.98 23.64
C VAL W 526 53.52 81.82 24.95
N PHE W 527 53.36 82.80 25.84
CA PHE W 527 54.06 82.77 27.12
C PHE W 527 53.33 81.87 28.11
N ASN W 528 54.09 81.22 28.99
CA ASN W 528 53.55 80.38 30.05
C ASN W 528 52.62 79.32 29.49
N ALA W 529 53.05 78.66 28.41
CA ALA W 529 52.26 77.60 27.83
C ALA W 529 52.21 76.37 28.72
N HIS W 530 53.08 76.31 29.73
CA HIS W 530 53.07 75.17 30.65
C HIS W 530 51.96 75.28 31.66
N ILE W 531 51.39 76.49 31.84
CA ILE W 531 50.28 76.68 32.77
C ILE W 531 49.00 77.14 32.08
N LYS W 532 49.09 77.65 30.85
CA LYS W 532 47.89 78.03 30.12
C LYS W 532 47.11 76.79 29.69
N GLY W 533 45.78 76.93 29.66
CA GLY W 533 44.96 75.83 29.20
C GLY W 533 44.86 75.78 27.69
N LEU W 534 44.17 74.75 27.20
CA LEU W 534 44.03 74.59 25.75
C LEU W 534 43.24 75.73 25.12
N GLU W 535 42.18 76.18 25.80
CA GLU W 535 41.44 77.33 25.28
C GLU W 535 42.26 78.60 25.28
N THR W 536 43.00 78.86 26.36
CA THR W 536 43.84 80.04 26.40
C THR W 536 44.92 79.97 25.32
N ILE W 537 45.51 78.79 25.13
CA ILE W 537 46.53 78.62 24.10
C ILE W 537 45.93 78.86 22.72
N ALA W 538 44.74 78.31 22.47
CA ALA W 538 44.12 78.45 21.16
C ALA W 538 43.78 79.90 20.86
N ASN W 539 43.20 80.59 21.84
CA ASN W 539 42.86 82.01 21.65
C ASN W 539 44.11 82.84 21.44
N ASP W 540 45.17 82.58 22.23
CA ASP W 540 46.42 83.30 22.08
C ASP W 540 47.02 83.08 20.69
N VAL W 541 47.00 81.82 20.23
CA VAL W 541 47.56 81.51 18.92
C VAL W 541 46.77 82.21 17.82
N VAL W 542 45.45 82.20 17.92
CA VAL W 542 44.62 82.86 16.90
C VAL W 542 44.90 84.36 16.88
N SER W 543 44.97 84.99 18.07
CA SER W 543 45.19 86.43 18.14
C SER W 543 46.57 86.79 17.60
N LEU W 544 47.60 86.05 17.99
CA LEU W 544 48.95 86.36 17.54
C LEU W 544 49.11 86.07 16.05
N ALA W 545 48.45 85.04 15.53
CA ALA W 545 48.49 84.79 14.10
C ALA W 545 47.82 85.91 13.32
N THR W 546 46.70 86.41 13.82
CA THR W 546 46.05 87.56 13.17
C THR W 546 46.96 88.78 13.20
N LYS W 547 47.60 89.03 14.34
CA LYS W 547 48.52 90.17 14.44
C LYS W 547 49.70 90.00 13.49
N ALA W 548 50.24 88.79 13.38
CA ALA W 548 51.36 88.54 12.49
C ALA W 548 50.98 88.75 11.04
N ARG W 549 49.80 88.24 10.64
CA ARG W 549 49.35 88.41 9.27
C ARG W 549 49.05 89.88 8.97
N GLU W 550 48.58 90.64 9.95
CA GLU W 550 48.32 92.05 9.77
C GLU W 550 49.55 92.92 9.97
N GLY W 551 50.68 92.34 10.36
CA GLY W 551 51.90 93.10 10.52
C GLY W 551 51.93 94.00 11.74
N LYS W 552 51.17 93.66 12.78
CA LYS W 552 51.05 94.50 13.95
C LYS W 552 51.75 93.92 15.18
N LEU W 553 52.63 92.94 15.00
CA LEU W 553 53.32 92.33 16.13
C LEU W 553 54.34 93.28 16.73
N GLN W 554 54.33 93.41 18.05
CA GLN W 554 55.34 94.17 18.76
C GLN W 554 56.60 93.32 18.94
N PRO W 555 57.77 93.96 19.06
CA PRO W 555 59.02 93.19 19.17
C PRO W 555 59.05 92.22 20.33
N HIS W 556 58.46 92.58 21.47
CA HIS W 556 58.45 91.67 22.61
C HIS W 556 57.54 90.48 22.39
N GLU W 557 56.61 90.56 21.44
CA GLU W 557 55.69 89.46 21.19
C GLU W 557 56.28 88.38 20.29
N PHE W 558 57.44 88.62 19.67
CA PHE W 558 58.09 87.60 18.86
C PHE W 558 59.58 87.44 19.11
N GLN W 559 60.19 88.28 19.95
CA GLN W 559 61.59 88.14 20.30
C GLN W 559 61.71 87.42 21.63
N GLY W 560 62.55 86.38 21.68
CA GLY W 560 62.73 85.62 22.89
C GLY W 560 62.27 84.18 22.77
N GLY W 561 61.54 83.71 23.77
CA GLY W 561 61.06 82.35 23.76
C GLY W 561 62.09 81.36 24.28
N THR W 562 61.61 80.16 24.61
CA THR W 562 62.45 79.10 25.12
C THR W 562 62.40 77.82 24.30
N PHE W 563 61.39 77.68 23.43
CA PHE W 563 61.19 76.48 22.64
C PHE W 563 60.29 76.84 21.48
N THR W 564 60.66 76.40 20.28
CA THR W 564 59.96 76.77 19.06
C THR W 564 59.26 75.57 18.46
N ILE W 565 58.07 75.79 17.91
CA ILE W 565 57.29 74.78 17.21
C ILE W 565 56.99 75.29 15.81
N SER W 566 57.44 74.55 14.80
CA SER W 566 57.15 74.85 13.41
C SER W 566 56.31 73.72 12.84
N ASN W 567 55.07 74.02 12.50
CA ASN W 567 54.12 73.02 12.02
C ASN W 567 53.85 73.27 10.55
N LEU W 568 54.14 72.28 9.70
CA LEU W 568 53.86 72.36 8.28
C LEU W 568 52.95 71.23 7.81
N GLY W 569 52.15 70.66 8.71
CA GLY W 569 51.27 69.57 8.31
C GLY W 569 50.13 70.04 7.43
N MET W 570 49.77 71.32 7.53
CA MET W 570 48.72 71.86 6.68
C MET W 570 49.12 71.90 5.21
N PHE W 571 50.42 71.82 4.91
CA PHE W 571 50.92 71.85 3.55
C PHE W 571 51.23 70.46 3.01
N GLY W 572 50.92 69.41 3.76
CA GLY W 572 51.14 68.06 3.26
C GLY W 572 52.53 67.51 3.47
N ILE W 573 53.38 68.17 4.24
CA ILE W 573 54.73 67.67 4.48
C ILE W 573 54.66 66.47 5.41
N LYS W 574 55.27 65.37 4.98
CA LYS W 574 55.31 64.17 5.82
C LYS W 574 56.16 64.42 7.06
N ASN W 575 57.39 64.92 6.87
CA ASN W 575 58.25 65.33 7.97
C ASN W 575 59.32 66.26 7.42
N PHE W 576 59.92 67.03 8.32
CA PHE W 576 60.98 67.94 7.92
C PHE W 576 61.85 68.28 9.13
N SER W 577 63.02 68.84 8.85
CA SER W 577 63.99 69.22 9.87
C SER W 577 64.17 70.73 9.80
N ALA W 578 63.91 71.42 10.90
CA ALA W 578 63.98 72.87 10.93
C ALA W 578 65.32 73.33 11.48
N ILE W 579 65.51 74.64 11.48
CA ILE W 579 66.72 75.27 12.02
C ILE W 579 66.41 75.83 13.39
N ILE W 580 67.29 75.55 14.36
CA ILE W 580 67.08 76.04 15.72
C ILE W 580 67.16 77.55 15.75
N ASN W 581 66.13 78.18 16.32
CA ASN W 581 66.09 79.63 16.45
C ASN W 581 66.92 80.03 17.68
N PRO W 582 67.97 80.82 17.50
CA PRO W 582 68.83 81.16 18.64
C PRO W 582 68.11 82.09 19.61
N PRO W 583 68.50 82.08 20.89
CA PRO W 583 69.53 81.26 21.52
C PRO W 583 68.97 79.96 22.10
N GLN W 584 67.80 79.53 21.66
CA GLN W 584 67.17 78.33 22.20
C GLN W 584 67.96 77.09 21.82
N ALA W 585 67.59 75.97 22.45
CA ALA W 585 68.34 74.73 22.29
C ALA W 585 67.62 73.69 21.44
N CYS W 586 66.33 73.86 21.17
CA CYS W 586 65.57 72.87 20.41
C CYS W 586 64.50 73.56 19.57
N ILE W 587 64.00 72.82 18.59
CA ILE W 587 62.86 73.24 17.78
C ILE W 587 62.13 71.99 17.32
N LEU W 588 60.81 71.96 17.48
CA LEU W 588 60.01 70.81 17.13
C LEU W 588 59.35 71.06 15.77
N ALA W 589 59.69 70.21 14.80
CA ALA W 589 59.14 70.30 13.45
C ALA W 589 58.04 69.25 13.30
N VAL W 590 56.84 69.71 12.99
CA VAL W 590 55.65 68.86 12.94
C VAL W 590 55.22 68.71 11.49
N GLY W 591 55.04 67.46 11.05
CA GLY W 591 54.56 67.16 9.73
C GLY W 591 53.07 66.89 9.70
N ALA W 592 52.62 66.30 8.60
CA ALA W 592 51.21 66.02 8.42
C ALA W 592 50.82 64.68 9.04
N SER W 593 49.56 64.57 9.43
CA SER W 593 49.04 63.33 9.97
C SER W 593 48.34 62.53 8.89
N GLU W 594 48.71 61.25 8.77
CA GLU W 594 48.21 60.38 7.73
C GLU W 594 47.79 59.04 8.31
N ASP W 595 46.83 58.39 7.66
CA ASP W 595 46.35 57.08 8.11
C ASP W 595 47.32 55.99 7.66
N ARG W 596 47.71 55.13 8.58
CA ARG W 596 48.64 54.05 8.30
C ARG W 596 48.14 52.75 8.91
N LEU W 597 48.40 51.64 8.23
CA LEU W 597 48.05 50.33 8.75
C LEU W 597 49.10 49.85 9.73
N PHE W 598 48.65 49.24 10.82
CA PHE W 598 49.55 48.66 11.80
C PHE W 598 48.99 47.34 12.29
N PRO W 599 49.85 46.37 12.60
CA PRO W 599 49.37 45.05 13.03
C PRO W 599 48.55 45.13 14.31
N ALA W 600 47.51 44.31 14.38
CA ALA W 600 46.64 44.23 15.55
C ALA W 600 46.17 42.80 15.73
N ASP W 601 45.82 42.46 16.98
CA ASP W 601 45.35 41.11 17.31
C ASP W 601 43.84 41.03 17.11
N ASN W 602 43.44 41.15 15.84
CA ASN W 602 42.04 41.04 15.47
C ASN W 602 41.90 40.13 14.27
N GLU W 603 40.66 39.95 13.81
CA GLU W 603 40.39 39.06 12.69
C GLU W 603 41.03 39.55 11.40
N LYS W 604 40.94 40.85 11.13
CA LYS W 604 41.56 41.40 9.93
C LYS W 604 43.07 41.40 10.00
N GLY W 605 43.66 41.34 11.19
CA GLY W 605 45.10 41.34 11.33
C GLY W 605 45.75 42.69 11.29
N PHE W 606 44.97 43.76 11.18
CA PHE W 606 45.52 45.10 11.12
C PHE W 606 44.47 46.11 11.57
N ASP W 607 44.93 47.33 11.83
CA ASP W 607 44.08 48.44 12.21
C ASP W 607 44.57 49.70 11.51
N VAL W 608 43.74 50.74 11.52
CA VAL W 608 44.06 52.02 10.90
C VAL W 608 44.21 53.06 12.01
N ALA W 609 45.36 53.72 12.03
CA ALA W 609 45.66 54.74 13.02
C ALA W 609 46.21 55.98 12.32
N SER W 610 45.74 57.15 12.75
CA SER W 610 46.20 58.41 12.20
C SER W 610 47.46 58.84 12.93
N MET W 611 48.61 58.69 12.29
CA MET W 611 49.90 58.97 12.90
C MET W 611 50.50 60.25 12.33
N MET W 612 51.21 60.98 13.17
CA MET W 612 51.83 62.25 12.82
C MET W 612 53.30 62.20 13.21
N SER W 613 54.17 62.55 12.28
CA SER W 613 55.61 62.43 12.47
C SER W 613 56.20 63.76 12.91
N VAL W 614 57.00 63.73 13.98
CA VAL W 614 57.63 64.93 14.49
C VAL W 614 59.14 64.72 14.56
N THR W 615 59.87 65.77 14.18
CA THR W 615 61.32 65.76 14.18
C THR W 615 61.82 66.91 15.05
N LEU W 616 62.41 66.56 16.19
CA LEU W 616 63.00 67.53 17.10
C LEU W 616 64.47 67.74 16.72
N SER W 617 64.83 68.99 16.44
CA SER W 617 66.21 69.35 16.17
C SER W 617 66.82 69.91 17.44
N CYS W 618 67.92 69.32 17.88
CA CYS W 618 68.51 69.61 19.18
C CYS W 618 69.92 70.14 19.02
N ASP W 619 70.29 71.06 19.90
CA ASP W 619 71.66 71.54 20.04
C ASP W 619 72.44 70.53 20.85
N HIS W 620 73.43 69.88 20.23
CA HIS W 620 74.13 68.78 20.89
C HIS W 620 75.04 69.25 22.02
N ARG W 621 75.33 70.55 22.11
CA ARG W 621 76.04 71.05 23.28
C ARG W 621 75.19 70.94 24.54
N VAL W 622 73.89 71.15 24.42
CA VAL W 622 72.98 71.19 25.56
C VAL W 622 72.22 69.89 25.72
N VAL W 623 71.63 69.38 24.64
CA VAL W 623 70.77 68.21 24.67
C VAL W 623 71.50 67.08 23.97
N ASP W 624 71.86 66.04 24.71
CA ASP W 624 72.45 64.87 24.09
C ASP W 624 71.36 63.91 23.61
N GLY W 625 71.78 62.81 23.00
CA GLY W 625 70.83 61.91 22.36
C GLY W 625 69.82 61.32 23.34
N ALA W 626 70.29 60.90 24.51
CA ALA W 626 69.39 60.31 25.49
C ALA W 626 68.36 61.32 25.98
N VAL W 627 68.79 62.56 26.23
CA VAL W 627 67.87 63.59 26.69
C VAL W 627 66.84 63.92 25.62
N GLY W 628 67.28 64.06 24.37
CA GLY W 628 66.34 64.32 23.29
C GLY W 628 65.34 63.20 23.12
N ALA W 629 65.81 61.95 23.21
CA ALA W 629 64.91 60.81 23.10
C ALA W 629 63.91 60.78 24.25
N GLN W 630 64.36 61.11 25.46
CA GLN W 630 63.46 61.16 26.61
C GLN W 630 62.39 62.23 26.41
N TRP W 631 62.80 63.40 25.92
CA TRP W 631 61.84 64.47 25.64
C TRP W 631 60.80 64.01 24.63
N LEU W 632 61.25 63.38 23.55
CA LEU W 632 60.32 62.93 22.52
C LEU W 632 59.38 61.84 23.07
N ALA W 633 59.90 60.97 23.94
CA ALA W 633 59.04 59.95 24.53
C ALA W 633 57.97 60.56 25.42
N GLU W 634 58.33 61.56 26.24
CA GLU W 634 57.33 62.22 27.07
C GLU W 634 56.29 62.94 26.21
N PHE W 635 56.75 63.63 25.17
CA PHE W 635 55.85 64.31 24.25
C PHE W 635 54.88 63.32 23.60
N ARG W 636 55.41 62.17 23.18
CA ARG W 636 54.57 61.15 22.55
C ARG W 636 53.54 60.61 23.53
N LYS W 637 53.95 60.36 24.78
CA LYS W 637 52.99 59.86 25.76
C LYS W 637 51.87 60.88 26.00
N TYR W 638 52.24 62.15 26.18
CA TYR W 638 51.23 63.19 26.40
C TYR W 638 50.25 63.26 25.24
N LEU W 639 50.75 63.18 24.00
CA LEU W 639 49.83 63.27 22.88
C LEU W 639 49.00 62.00 22.71
N GLU W 640 49.61 60.82 22.85
CA GLU W 640 48.87 59.58 22.66
C GLU W 640 47.78 59.37 23.70
N LYS W 641 47.92 59.94 24.91
CA LYS W 641 46.82 59.93 25.88
C LYS W 641 46.68 61.31 26.50
N PRO W 642 45.72 62.11 26.01
CA PRO W 642 45.56 63.48 26.51
C PRO W 642 45.08 63.57 27.95
N ILE W 643 44.59 62.47 28.52
CA ILE W 643 44.13 62.54 29.91
C ILE W 643 45.31 62.70 30.86
N THR W 644 46.48 62.16 30.49
CA THR W 644 47.68 62.38 31.29
C THR W 644 48.15 63.83 31.25
N MET W 645 47.62 64.63 30.32
CA MET W 645 47.96 66.04 30.21
C MET W 645 47.45 66.84 31.41
N LEU W 646 46.53 66.27 32.19
CA LEU W 646 46.02 66.88 33.41
C LEU W 646 46.99 66.76 34.58
N LEU W 647 47.89 65.78 34.54
CA LEU W 647 48.84 65.58 35.64
C LEU W 647 49.87 66.70 35.70
N PHE X 420 37.72 -103.62 0.44
CA PHE X 420 37.13 -103.50 -0.90
C PHE X 420 36.16 -104.64 -1.17
N THR X 421 35.43 -104.53 -2.28
CA THR X 421 34.48 -105.55 -2.70
C THR X 421 34.65 -105.78 -4.20
N ASP X 422 34.80 -107.05 -4.59
CA ASP X 422 34.98 -107.42 -5.99
C ASP X 422 33.62 -107.76 -6.59
N ILE X 423 33.12 -106.90 -7.46
CA ILE X 423 31.84 -107.10 -8.13
C ILE X 423 32.11 -107.81 -9.45
N PRO X 424 31.57 -109.01 -9.67
CA PRO X 424 31.80 -109.71 -10.94
C PRO X 424 31.27 -108.91 -12.13
N ILE X 425 31.98 -109.00 -13.24
CA ILE X 425 31.60 -108.28 -14.46
C ILE X 425 30.64 -109.16 -15.26
N SER X 426 29.45 -108.62 -15.56
CA SER X 426 28.49 -109.34 -16.36
C SER X 426 28.95 -109.40 -17.82
N ASN X 427 28.35 -110.31 -18.58
CA ASN X 427 28.69 -110.43 -19.99
C ASN X 427 28.24 -109.21 -20.77
N ILE X 428 27.11 -108.61 -20.40
CA ILE X 428 26.66 -107.38 -21.06
C ILE X 428 27.66 -106.26 -20.82
N ARG X 429 28.14 -106.12 -19.58
CA ARG X 429 29.13 -105.10 -19.28
C ARG X 429 30.45 -105.39 -19.99
N ARG X 430 30.81 -106.67 -20.12
CA ARG X 430 32.02 -107.01 -20.86
C ARG X 430 31.89 -106.63 -22.34
N VAL X 431 30.71 -106.86 -22.92
CA VAL X 431 30.49 -106.47 -24.32
C VAL X 431 30.56 -104.96 -24.47
N ILE X 432 29.95 -104.22 -23.55
CA ILE X 432 29.98 -102.76 -23.62
C ILE X 432 31.43 -102.25 -23.48
N ALA X 433 32.17 -102.82 -22.54
CA ALA X 433 33.56 -102.42 -22.35
C ALA X 433 34.40 -102.74 -23.58
N GLN X 434 34.18 -103.90 -24.19
CA GLN X 434 34.93 -104.25 -25.40
C GLN X 434 34.60 -103.30 -26.55
N ARG X 435 33.33 -102.94 -26.69
CA ARG X 435 32.96 -101.97 -27.72
C ARG X 435 33.62 -100.62 -27.49
N LEU X 436 33.62 -100.15 -26.23
CA LEU X 436 34.25 -98.86 -25.93
C LEU X 436 35.75 -98.91 -26.17
N MET X 437 36.39 -100.03 -25.79
CA MET X 437 37.81 -100.19 -26.08
C MET X 437 38.07 -100.16 -27.58
N GLN X 438 37.26 -100.89 -28.36
CA GLN X 438 37.45 -100.89 -29.80
C GLN X 438 37.32 -99.50 -30.37
N SER X 439 36.31 -98.75 -29.90
CA SER X 439 36.13 -97.39 -30.37
C SER X 439 37.35 -96.52 -30.07
N LYS X 440 37.84 -96.57 -28.83
CA LYS X 440 38.93 -95.67 -28.45
C LYS X 440 40.27 -96.10 -29.05
N GLN X 441 40.42 -97.37 -29.42
CA GLN X 441 41.68 -97.78 -30.05
C GLN X 441 41.66 -97.65 -31.56
N THR X 442 40.50 -97.72 -32.20
CA THR X 442 40.46 -97.70 -33.65
C THR X 442 39.93 -96.40 -34.26
N ILE X 443 39.29 -95.55 -33.47
CA ILE X 443 38.71 -94.31 -33.98
C ILE X 443 39.50 -93.14 -33.41
N PRO X 444 40.20 -92.36 -34.24
CA PRO X 444 40.92 -91.18 -33.73
C PRO X 444 39.98 -90.02 -33.41
N HIS X 445 39.42 -90.02 -32.21
CA HIS X 445 38.45 -88.99 -31.82
C HIS X 445 39.08 -87.62 -31.81
N TYR X 446 38.30 -86.61 -32.18
CA TYR X 446 38.62 -85.22 -31.87
C TYR X 446 37.33 -84.45 -31.67
N TYR X 447 37.36 -83.50 -30.74
CA TYR X 447 36.15 -82.92 -30.18
C TYR X 447 36.06 -81.44 -30.51
N LEU X 448 34.87 -81.00 -30.96
CA LEU X 448 34.61 -79.59 -31.23
C LEU X 448 33.37 -79.15 -30.45
N SER X 449 33.48 -78.02 -29.74
CA SER X 449 32.42 -77.56 -28.87
C SER X 449 31.93 -76.18 -29.29
N VAL X 450 30.62 -75.96 -29.23
CA VAL X 450 30.01 -74.66 -29.49
C VAL X 450 28.90 -74.41 -28.48
N ASP X 451 28.40 -73.17 -28.48
CA ASP X 451 27.28 -72.77 -27.66
C ASP X 451 26.09 -72.37 -28.54
N VAL X 452 24.91 -72.84 -28.16
CA VAL X 452 23.69 -72.62 -28.93
C VAL X 452 22.70 -71.88 -28.06
N ASN X 453 22.11 -70.81 -28.60
CA ASN X 453 21.12 -70.02 -27.88
C ASN X 453 19.78 -70.75 -27.92
N MET X 454 19.19 -70.98 -26.75
CA MET X 454 18.01 -71.82 -26.62
C MET X 454 16.71 -71.05 -26.43
N GLY X 455 16.75 -69.71 -26.49
CA GLY X 455 15.54 -68.95 -26.20
C GLY X 455 14.43 -69.19 -27.20
N GLU X 456 14.76 -69.16 -28.49
CA GLU X 456 13.76 -69.38 -29.51
C GLU X 456 13.21 -70.81 -29.44
N VAL X 457 14.07 -71.79 -29.17
CA VAL X 457 13.62 -73.16 -29.03
C VAL X 457 12.66 -73.28 -27.85
N LEU X 458 12.98 -72.64 -26.73
CA LEU X 458 12.10 -72.69 -25.58
C LEU X 458 10.74 -72.05 -25.87
N LEU X 459 10.75 -70.90 -26.55
CA LEU X 459 9.48 -70.24 -26.88
C LEU X 459 8.64 -71.11 -27.81
N VAL X 460 9.26 -71.65 -28.85
CA VAL X 460 8.54 -72.49 -29.80
C VAL X 460 8.01 -73.75 -29.12
N ARG X 461 8.81 -74.33 -28.23
CA ARG X 461 8.39 -75.53 -27.51
C ARG X 461 7.21 -75.23 -26.60
N LYS X 462 7.23 -74.08 -25.91
CA LYS X 462 6.10 -73.70 -25.08
C LYS X 462 4.84 -73.53 -25.91
N GLU X 463 4.94 -72.85 -27.05
CA GLU X 463 3.78 -72.66 -27.91
C GLU X 463 3.24 -74.00 -28.42
N LEU X 464 4.14 -74.88 -28.86
CA LEU X 464 3.72 -76.19 -29.37
C LEU X 464 3.06 -77.02 -28.28
N ASN X 465 3.62 -77.00 -27.07
CA ASN X 465 3.03 -77.74 -25.97
C ASN X 465 1.64 -77.19 -25.63
N LYS X 466 1.49 -75.86 -25.66
CA LYS X 466 0.16 -75.29 -25.41
C LYS X 466 -0.84 -75.70 -26.48
N MET X 467 -0.42 -75.72 -27.75
CA MET X 467 -1.31 -76.20 -28.80
C MET X 467 -1.66 -77.68 -28.65
N LEU X 468 -0.71 -78.51 -28.20
CA LEU X 468 -0.97 -79.94 -28.10
C LEU X 468 -2.11 -80.28 -27.13
N GLU X 469 -2.36 -79.44 -26.14
CA GLU X 469 -3.47 -79.64 -25.20
C GLU X 469 -3.38 -81.00 -24.50
N GLY X 470 -2.16 -81.40 -24.16
CA GLY X 470 -1.93 -82.62 -23.42
C GLY X 470 -1.90 -83.89 -24.22
N ARG X 471 -2.13 -83.83 -25.53
CA ARG X 471 -2.04 -85.03 -26.35
C ARG X 471 -0.62 -85.57 -26.39
N SER X 472 0.37 -84.68 -26.45
CA SER X 472 1.77 -85.06 -26.37
C SER X 472 2.54 -83.91 -25.72
N LYS X 473 3.80 -84.18 -25.41
CA LYS X 473 4.70 -83.18 -24.83
C LYS X 473 6.04 -83.27 -25.54
N ILE X 474 6.50 -82.13 -26.07
CA ILE X 474 7.79 -82.10 -26.76
C ILE X 474 8.86 -81.59 -25.80
N SER X 475 9.96 -82.33 -25.71
CA SER X 475 11.11 -81.93 -24.91
C SER X 475 12.17 -81.28 -25.81
N VAL X 476 13.15 -80.65 -25.16
CA VAL X 476 14.23 -80.01 -25.90
C VAL X 476 15.05 -81.04 -26.66
N ASN X 477 15.10 -82.27 -26.15
CA ASN X 477 15.84 -83.32 -26.85
C ASN X 477 15.20 -83.65 -28.20
N ASP X 478 13.89 -83.47 -28.33
CA ASP X 478 13.25 -83.68 -29.63
C ASP X 478 13.72 -82.63 -30.64
N PHE X 479 13.79 -81.36 -30.22
CA PHE X 479 14.35 -80.33 -31.08
C PHE X 479 15.80 -80.64 -31.44
N ILE X 480 16.57 -81.13 -30.46
CA ILE X 480 17.97 -81.46 -30.71
C ILE X 480 18.08 -82.58 -31.73
N ILE X 481 17.23 -83.61 -31.61
CA ILE X 481 17.27 -84.72 -32.55
C ILE X 481 16.89 -84.25 -33.96
N LYS X 482 15.86 -83.43 -34.06
CA LYS X 482 15.46 -82.93 -35.37
C LYS X 482 16.56 -82.09 -36.01
N ALA X 483 17.17 -81.21 -35.21
CA ALA X 483 18.25 -80.36 -35.74
C ALA X 483 19.45 -81.21 -36.15
N SER X 484 19.77 -82.24 -35.36
CA SER X 484 20.88 -83.13 -35.72
C SER X 484 20.61 -83.86 -37.02
N ALA X 485 19.37 -84.34 -37.19
CA ALA X 485 19.04 -85.03 -38.44
C ALA X 485 19.12 -84.10 -39.64
N LEU X 486 18.61 -82.87 -39.51
CA LEU X 486 18.68 -81.93 -40.62
C LEU X 486 20.12 -81.54 -40.93
N ALA X 487 20.94 -81.34 -39.89
CA ALA X 487 22.35 -81.01 -40.10
C ALA X 487 23.08 -82.18 -40.75
N CYS X 488 22.72 -83.41 -40.38
CA CYS X 488 23.31 -84.58 -41.03
C CYS X 488 22.92 -84.65 -42.50
N LEU X 489 21.68 -84.28 -42.83
CA LEU X 489 21.29 -84.19 -44.24
C LEU X 489 22.12 -83.13 -44.97
N LYS X 490 22.32 -81.98 -44.34
CA LYS X 490 23.06 -80.91 -45.01
C LYS X 490 24.54 -81.26 -45.17
N VAL X 491 25.11 -81.96 -44.20
CA VAL X 491 26.52 -82.34 -44.23
C VAL X 491 26.61 -83.85 -44.09
N PRO X 492 26.52 -84.60 -45.21
CA PRO X 492 26.45 -86.07 -45.10
C PRO X 492 27.73 -86.73 -44.61
N GLU X 493 28.85 -85.99 -44.51
CA GLU X 493 30.09 -86.59 -44.04
C GLU X 493 29.95 -87.08 -42.60
N ALA X 494 29.25 -86.31 -41.76
CA ALA X 494 28.99 -86.75 -40.40
C ALA X 494 28.06 -87.95 -40.36
N ASN X 495 27.38 -88.27 -41.47
CA ASN X 495 26.52 -89.42 -41.58
C ASN X 495 27.18 -90.56 -42.36
N SER X 496 28.48 -90.76 -42.18
CA SER X 496 29.24 -91.77 -42.88
C SER X 496 29.82 -92.78 -41.89
N SER X 497 30.47 -93.80 -42.43
CA SER X 497 31.12 -94.83 -41.65
C SER X 497 32.38 -95.30 -42.38
N TRP X 498 33.41 -95.60 -41.60
CA TRP X 498 34.68 -96.07 -42.16
C TRP X 498 34.72 -97.59 -42.13
N LEU X 499 34.92 -98.20 -43.30
CA LEU X 499 34.88 -99.65 -43.45
C LEU X 499 36.21 -100.17 -43.98
N ASP X 500 37.26 -99.36 -43.85
CA ASP X 500 38.65 -99.74 -44.13
C ASP X 500 38.93 -99.92 -45.62
N THR X 501 37.88 -99.88 -46.44
CA THR X 501 38.03 -99.91 -47.89
C THR X 501 37.23 -98.82 -48.58
N VAL X 502 36.04 -98.51 -48.08
CA VAL X 502 35.20 -97.44 -48.61
C VAL X 502 34.61 -96.68 -47.43
N ILE X 503 34.15 -95.46 -47.71
CA ILE X 503 33.45 -94.64 -46.74
C ILE X 503 31.96 -94.70 -47.06
N ARG X 504 31.22 -95.46 -46.26
CA ARG X 504 29.80 -95.66 -46.50
C ARG X 504 29.04 -94.41 -46.06
N GLN X 505 28.49 -93.67 -47.02
CA GLN X 505 27.78 -92.44 -46.74
C GLN X 505 26.28 -92.71 -46.68
N ASN X 506 25.74 -92.86 -45.47
CA ASN X 506 24.34 -93.21 -45.33
C ASN X 506 23.44 -92.07 -45.78
N HIS X 507 22.42 -92.40 -46.57
CA HIS X 507 21.46 -91.42 -47.06
C HIS X 507 20.26 -91.26 -46.13
N VAL X 508 20.11 -92.12 -45.14
CA VAL X 508 19.08 -91.98 -44.12
C VAL X 508 19.74 -91.68 -42.79
N VAL X 509 19.00 -91.01 -41.91
CA VAL X 509 19.51 -90.58 -40.62
C VAL X 509 18.74 -91.34 -39.55
N ASP X 510 19.40 -92.33 -38.94
CA ASP X 510 18.85 -93.09 -37.83
C ASP X 510 19.60 -92.65 -36.57
N ILE X 511 18.93 -91.89 -35.72
CA ILE X 511 19.58 -91.26 -34.57
C ILE X 511 19.48 -92.19 -33.37
N SER X 512 20.60 -92.76 -32.96
CA SER X 512 20.66 -93.43 -31.68
C SER X 512 20.61 -92.40 -30.56
N VAL X 513 19.84 -92.68 -29.52
CA VAL X 513 19.68 -91.78 -28.39
C VAL X 513 20.14 -92.50 -27.13
N ALA X 514 21.12 -91.91 -26.44
CA ALA X 514 21.63 -92.54 -25.22
C ALA X 514 20.60 -92.44 -24.12
N VAL X 515 20.30 -93.58 -23.49
CA VAL X 515 19.36 -93.66 -22.38
C VAL X 515 20.05 -94.42 -21.25
N SER X 516 19.99 -93.85 -20.05
CA SER X 516 20.56 -94.49 -18.88
C SER X 516 19.50 -95.29 -18.14
N THR X 517 19.79 -96.56 -17.90
CA THR X 517 18.93 -97.51 -17.21
C THR X 517 19.73 -98.15 -16.10
N PRO X 518 19.07 -98.77 -15.12
CA PRO X 518 19.82 -99.42 -14.04
C PRO X 518 20.80 -100.48 -14.52
N ALA X 519 20.58 -101.05 -15.70
CA ALA X 519 21.49 -102.05 -16.26
C ALA X 519 22.63 -101.43 -17.06
N GLY X 520 22.62 -100.12 -17.29
CA GLY X 520 23.68 -99.46 -18.01
C GLY X 520 23.17 -98.48 -19.05
N LEU X 521 24.03 -98.19 -20.01
CA LEU X 521 23.67 -97.27 -21.08
C LEU X 521 23.21 -98.05 -22.31
N ILE X 522 22.08 -97.65 -22.88
CA ILE X 522 21.55 -98.28 -24.08
C ILE X 522 21.22 -97.19 -25.09
N THR X 523 21.11 -97.58 -26.36
CA THR X 523 20.95 -96.63 -27.46
C THR X 523 19.79 -97.03 -28.37
N PRO X 524 18.55 -96.79 -27.95
CA PRO X 524 17.43 -96.96 -28.87
C PRO X 524 17.54 -96.01 -30.05
N ILE X 525 17.11 -96.48 -31.22
CA ILE X 525 17.31 -95.77 -32.48
C ILE X 525 15.98 -95.21 -32.95
N VAL X 526 15.95 -93.90 -33.18
CA VAL X 526 14.83 -93.24 -33.86
C VAL X 526 15.19 -93.28 -35.35
N PHE X 527 14.46 -94.10 -36.10
CA PHE X 527 14.73 -94.26 -37.52
C PHE X 527 14.10 -93.13 -38.32
N ASN X 528 14.78 -92.70 -39.38
CA ASN X 528 14.28 -91.68 -40.29
C ASN X 528 13.90 -90.40 -39.54
N ALA X 529 14.79 -89.97 -38.63
CA ALA X 529 14.55 -88.73 -37.90
C ALA X 529 14.64 -87.52 -38.82
N HIS X 530 15.19 -87.69 -40.02
CA HIS X 530 15.28 -86.58 -40.95
C HIS X 530 13.93 -86.27 -41.59
N ILE X 531 13.00 -87.23 -41.56
CA ILE X 531 11.67 -87.01 -42.12
C ILE X 531 10.57 -87.08 -41.07
N LYS X 532 10.85 -87.63 -39.89
CA LYS X 532 9.86 -87.64 -38.82
C LYS X 532 9.65 -86.25 -38.27
N GLY X 533 8.42 -85.98 -37.80
CA GLY X 533 8.13 -84.69 -37.20
C GLY X 533 8.48 -84.67 -35.72
N LEU X 534 8.30 -83.49 -35.11
CA LEU X 534 8.63 -83.34 -33.70
C LEU X 534 7.73 -84.20 -32.82
N GLU X 535 6.43 -84.25 -33.13
CA GLU X 535 5.53 -85.11 -32.37
C GLU X 535 5.91 -86.58 -32.52
N THR X 536 6.19 -87.01 -33.75
CA THR X 536 6.59 -88.40 -33.97
C THR X 536 7.90 -88.71 -33.25
N ILE X 537 8.86 -87.79 -33.31
CA ILE X 537 10.13 -88.00 -32.63
C ILE X 537 9.92 -88.12 -31.13
N ALA X 538 9.11 -87.22 -30.56
CA ALA X 538 8.87 -87.25 -29.11
C ALA X 538 8.19 -88.54 -28.69
N ASN X 539 7.17 -88.96 -29.44
CA ASN X 539 6.46 -90.19 -29.10
C ASN X 539 7.38 -91.41 -29.23
N ASP X 540 8.18 -91.46 -30.29
CA ASP X 540 9.10 -92.57 -30.48
C ASP X 540 10.14 -92.61 -29.37
N VAL X 541 10.66 -91.45 -28.97
CA VAL X 541 11.65 -91.40 -27.90
C VAL X 541 11.04 -91.85 -26.59
N VAL X 542 9.81 -91.41 -26.29
CA VAL X 542 9.17 -91.83 -25.05
C VAL X 542 8.95 -93.34 -25.04
N SER X 543 8.43 -93.88 -26.15
CA SER X 543 8.16 -95.32 -26.21
C SER X 543 9.45 -96.13 -26.08
N LEU X 544 10.49 -95.72 -26.79
CA LEU X 544 11.75 -96.45 -26.76
C LEU X 544 12.43 -96.33 -25.40
N ALA X 545 12.31 -95.17 -24.75
CA ALA X 545 12.88 -95.01 -23.41
C ALA X 545 12.16 -95.89 -22.41
N THR X 546 10.83 -95.97 -22.51
CA THR X 546 10.09 -96.88 -21.63
C THR X 546 10.50 -98.32 -21.87
N LYS X 547 10.63 -98.71 -23.14
CA LYS X 547 11.05 -100.07 -23.46
C LYS X 547 12.45 -100.35 -22.92
N ALA X 548 13.35 -99.38 -23.01
CA ALA X 548 14.70 -99.54 -22.51
C ALA X 548 14.71 -99.70 -20.99
N ARG X 549 13.94 -98.85 -20.30
CA ARG X 549 13.90 -98.90 -18.84
C ARG X 549 13.31 -100.20 -18.34
N GLU X 550 12.27 -100.71 -19.02
CA GLU X 550 11.67 -101.97 -18.62
C GLU X 550 12.36 -103.19 -19.24
N GLY X 551 13.35 -102.98 -20.10
CA GLY X 551 14.17 -104.09 -20.58
C GLY X 551 13.54 -104.96 -21.65
N LYS X 552 12.69 -104.40 -22.50
CA LYS X 552 12.13 -105.18 -23.61
C LYS X 552 12.63 -104.74 -24.97
N LEU X 553 13.77 -104.03 -25.05
CA LEU X 553 14.28 -103.60 -26.35
C LEU X 553 14.73 -104.79 -27.16
N GLN X 554 14.28 -104.85 -28.42
CA GLN X 554 14.76 -105.86 -29.35
C GLN X 554 16.12 -105.45 -29.91
N PRO X 555 16.94 -106.42 -30.31
CA PRO X 555 18.29 -106.07 -30.82
C PRO X 555 18.28 -105.11 -32.00
N HIS X 556 17.30 -105.22 -32.89
CA HIS X 556 17.24 -104.33 -34.05
C HIS X 556 16.86 -102.90 -33.64
N GLU X 557 16.27 -102.73 -32.46
CA GLU X 557 15.86 -101.41 -32.01
C GLU X 557 16.97 -100.61 -31.35
N PHE X 558 18.13 -101.23 -31.08
CA PHE X 558 19.27 -100.51 -30.54
C PHE X 558 20.59 -100.84 -31.21
N GLN X 559 20.62 -101.73 -32.20
CA GLN X 559 21.84 -102.02 -32.94
C GLN X 559 21.79 -101.30 -34.29
N GLY X 560 22.86 -100.59 -34.62
CA GLY X 560 22.92 -99.87 -35.87
C GLY X 560 22.99 -98.37 -35.68
N GLY X 561 22.24 -97.63 -36.49
CA GLY X 561 22.24 -96.18 -36.42
C GLY X 561 23.37 -95.56 -37.22
N THR X 562 23.22 -94.27 -37.51
CA THR X 562 24.23 -93.52 -38.26
C THR X 562 24.79 -92.34 -37.49
N PHE X 563 24.09 -91.87 -36.45
CA PHE X 563 24.53 -90.73 -35.66
C PHE X 563 23.94 -90.89 -34.27
N THR X 564 24.73 -90.56 -33.25
CA THR X 564 24.34 -90.77 -31.86
C THR X 564 24.23 -89.44 -31.14
N ILE X 565 23.27 -89.33 -30.23
CA ILE X 565 23.09 -88.17 -29.38
C ILE X 565 23.06 -88.63 -27.93
N SER X 566 23.96 -88.09 -27.12
CA SER X 566 24.01 -88.38 -25.70
C SER X 566 23.80 -87.07 -24.94
N ASN X 567 22.68 -86.98 -24.21
CA ASN X 567 22.30 -85.77 -23.52
C ASN X 567 22.43 -86.00 -22.02
N LEU X 568 23.24 -85.18 -21.35
CA LEU X 568 23.37 -85.21 -19.91
C LEU X 568 23.03 -83.87 -19.26
N GLY X 569 22.24 -83.05 -19.94
CA GLY X 569 21.90 -81.75 -19.37
C GLY X 569 20.98 -81.87 -18.17
N MET X 570 20.19 -82.93 -18.10
CA MET X 570 19.29 -83.13 -16.97
C MET X 570 20.06 -83.42 -15.68
N PHE X 571 21.34 -83.76 -15.77
CA PHE X 571 22.18 -84.03 -14.61
C PHE X 571 23.06 -82.85 -14.23
N GLY X 572 22.91 -81.71 -14.91
CA GLY X 572 23.67 -80.54 -14.55
C GLY X 572 25.06 -80.44 -15.16
N ILE X 573 25.40 -81.30 -16.12
CA ILE X 573 26.70 -81.23 -16.75
C ILE X 573 26.75 -80.04 -17.69
N LYS X 574 27.78 -79.19 -17.53
CA LYS X 574 27.93 -78.06 -18.43
C LYS X 574 28.25 -78.51 -19.84
N ASN X 575 29.24 -79.38 -19.99
CA ASN X 575 29.53 -80.02 -21.27
C ASN X 575 30.38 -81.26 -21.00
N PHE X 576 30.44 -82.14 -22.00
CA PHE X 576 31.24 -83.35 -21.87
C PHE X 576 31.60 -83.87 -23.25
N SER X 577 32.58 -84.76 -23.29
CA SER X 577 33.05 -85.37 -24.53
C SER X 577 32.74 -86.86 -24.46
N ALA X 578 32.00 -87.37 -25.44
CA ALA X 578 31.56 -88.75 -25.43
C ALA X 578 32.46 -89.62 -26.29
N ILE X 579 32.18 -90.92 -26.28
CA ILE X 579 32.90 -91.89 -27.09
C ILE X 579 32.05 -92.28 -28.28
N ILE X 580 32.64 -92.25 -29.47
CA ILE X 580 31.91 -92.58 -30.68
C ILE X 580 31.47 -94.04 -30.65
N ASN X 581 30.19 -94.27 -30.92
CA ASN X 581 29.66 -95.63 -30.97
C ASN X 581 29.94 -96.22 -32.35
N PRO X 582 30.72 -97.30 -32.44
CA PRO X 582 31.10 -97.83 -33.75
C PRO X 582 29.92 -98.47 -34.44
N PRO X 583 29.91 -98.51 -35.78
CA PRO X 583 30.92 -97.96 -36.70
C PRO X 583 30.60 -96.54 -37.15
N GLN X 584 29.84 -95.78 -36.37
CA GLN X 584 29.48 -94.43 -36.76
C GLN X 584 30.70 -93.51 -36.74
N ALA X 585 30.52 -92.31 -37.30
CA ALA X 585 31.61 -91.37 -37.43
C ALA X 585 31.54 -90.20 -36.46
N CYS X 586 30.40 -89.99 -35.78
CA CYS X 586 30.24 -88.86 -34.90
C CYS X 586 29.30 -89.21 -33.76
N ILE X 587 29.35 -88.40 -32.70
CA ILE X 587 28.42 -88.46 -31.59
C ILE X 587 28.30 -87.07 -30.99
N LEU X 588 27.07 -86.61 -30.78
CA LEU X 588 26.81 -85.28 -30.26
C LEU X 588 26.55 -85.38 -28.77
N ALA X 589 27.41 -84.73 -27.97
CA ALA X 589 27.26 -84.69 -26.53
C ALA X 589 26.63 -83.36 -26.13
N VAL X 590 25.51 -83.44 -25.42
CA VAL X 590 24.71 -82.26 -25.09
C VAL X 590 24.77 -82.06 -23.57
N GLY X 591 25.09 -80.83 -23.17
CA GLY X 591 25.13 -80.47 -21.76
C GLY X 591 23.91 -79.68 -21.33
N ALA X 592 24.02 -79.10 -20.14
CA ALA X 592 22.91 -78.36 -19.56
C ALA X 592 22.78 -76.98 -20.19
N SER X 593 21.55 -76.46 -20.18
CA SER X 593 21.30 -75.10 -20.62
C SER X 593 21.24 -74.17 -19.43
N GLU X 594 22.02 -73.09 -19.49
CA GLU X 594 22.16 -72.18 -18.37
C GLU X 594 22.04 -70.74 -18.87
N ASP X 595 21.64 -69.85 -17.96
CA ASP X 595 21.48 -68.44 -18.31
C ASP X 595 22.82 -67.73 -18.21
N ARG X 596 23.20 -67.02 -19.27
CA ARG X 596 24.46 -66.30 -19.32
C ARG X 596 24.23 -64.88 -19.82
N LEU X 597 25.00 -63.93 -19.29
CA LEU X 597 24.91 -62.56 -19.72
C LEU X 597 25.73 -62.34 -20.98
N PHE X 598 25.16 -61.61 -21.93
CA PHE X 598 25.87 -61.29 -23.15
C PHE X 598 25.68 -59.82 -23.51
N PRO X 599 26.67 -59.19 -24.12
CA PRO X 599 26.55 -57.77 -24.46
C PRO X 599 25.42 -57.52 -25.45
N ALA X 600 24.76 -56.38 -25.29
CA ALA X 600 23.67 -55.98 -26.18
C ALA X 600 23.66 -54.46 -26.29
N ASP X 601 23.08 -53.98 -27.40
CA ASP X 601 23.00 -52.53 -27.65
C ASP X 601 21.70 -51.99 -27.04
N ASN X 602 21.65 -52.05 -25.71
CA ASN X 602 20.51 -51.55 -24.96
C ASN X 602 21.02 -50.68 -23.81
N GLU X 603 20.06 -50.12 -23.06
CA GLU X 603 20.43 -49.21 -21.96
C GLU X 603 21.23 -49.93 -20.89
N LYS X 604 20.82 -51.15 -20.53
CA LYS X 604 21.53 -51.91 -19.51
C LYS X 604 22.91 -52.37 -19.97
N GLY X 605 23.13 -52.47 -21.27
CA GLY X 605 24.39 -52.92 -21.80
C GLY X 605 24.54 -54.42 -21.92
N PHE X 606 23.53 -55.19 -21.53
CA PHE X 606 23.61 -56.64 -21.57
C PHE X 606 22.22 -57.24 -21.66
N ASP X 607 22.17 -58.52 -22.01
CA ASP X 607 20.94 -59.28 -22.07
C ASP X 607 21.18 -60.66 -21.45
N VAL X 608 20.10 -61.37 -21.18
CA VAL X 608 20.15 -62.71 -20.60
C VAL X 608 19.63 -63.70 -21.63
N ALA X 609 20.46 -64.67 -21.98
CA ALA X 609 20.11 -65.70 -22.96
C ALA X 609 20.44 -67.07 -22.40
N SER X 610 19.53 -68.01 -22.59
CA SER X 610 19.74 -69.39 -22.13
C SER X 610 20.51 -70.13 -23.21
N MET X 611 21.79 -70.42 -22.93
CA MET X 611 22.67 -71.08 -23.90
C MET X 611 22.97 -72.49 -23.46
N MET X 612 23.10 -73.39 -24.43
CA MET X 612 23.42 -74.79 -24.20
C MET X 612 24.69 -75.13 -24.97
N SER X 613 25.65 -75.76 -24.29
CA SER X 613 26.92 -76.10 -24.91
C SER X 613 26.88 -77.52 -25.44
N VAL X 614 27.21 -77.69 -26.72
CA VAL X 614 27.20 -79.00 -27.36
C VAL X 614 28.60 -79.30 -27.88
N THR X 615 29.02 -80.54 -27.64
CA THR X 615 30.35 -81.01 -28.04
C THR X 615 30.19 -82.21 -28.96
N LEU X 616 30.63 -82.07 -30.20
CA LEU X 616 30.59 -83.14 -31.19
C LEU X 616 31.95 -83.82 -31.26
N SER X 617 31.97 -85.13 -31.03
CA SER X 617 33.18 -85.92 -31.16
C SER X 617 33.17 -86.61 -32.52
N CYS X 618 34.22 -86.38 -33.31
CA CYS X 618 34.26 -86.81 -34.70
C CYS X 618 35.43 -87.75 -34.93
N ASP X 619 35.20 -88.72 -35.82
CA ASP X 619 36.26 -89.57 -36.34
C ASP X 619 37.04 -88.79 -37.39
N HIS X 620 38.31 -88.51 -37.11
CA HIS X 620 39.10 -87.67 -38.00
C HIS X 620 39.43 -88.35 -39.32
N ARG X 621 39.21 -89.66 -39.43
CA ARG X 621 39.41 -90.32 -40.73
C ARG X 621 38.35 -89.91 -41.73
N VAL X 622 37.11 -89.73 -41.27
CA VAL X 622 35.98 -89.39 -42.15
C VAL X 622 35.68 -87.90 -42.10
N VAL X 623 35.59 -87.32 -40.91
CA VAL X 623 35.18 -85.93 -40.72
C VAL X 623 36.42 -85.15 -40.29
N ASP X 624 36.86 -84.21 -41.13
CA ASP X 624 37.94 -83.33 -40.73
C ASP X 624 37.38 -82.10 -40.00
N GLY X 625 38.29 -81.22 -39.58
CA GLY X 625 37.89 -80.11 -38.74
C GLY X 625 36.90 -79.18 -39.40
N ALA X 626 37.14 -78.85 -40.69
CA ALA X 626 36.24 -77.95 -41.39
C ALA X 626 34.84 -78.55 -41.53
N VAL X 627 34.76 -79.85 -41.84
CA VAL X 627 33.47 -80.50 -41.99
C VAL X 627 32.73 -80.56 -40.66
N GLY X 628 33.44 -80.91 -39.58
CA GLY X 628 32.80 -80.91 -38.28
C GLY X 628 32.30 -79.54 -37.87
N ALA X 629 33.10 -78.51 -38.14
CA ALA X 629 32.68 -77.14 -37.84
C ALA X 629 31.47 -76.73 -38.65
N GLN X 630 31.43 -77.13 -39.93
CA GLN X 630 30.27 -76.83 -40.75
C GLN X 630 29.01 -77.52 -40.23
N TRP X 631 29.15 -78.78 -39.80
CA TRP X 631 28.01 -79.49 -39.22
C TRP X 631 27.51 -78.77 -37.98
N LEU X 632 28.44 -78.37 -37.10
CA LEU X 632 28.03 -77.68 -35.88
C LEU X 632 27.38 -76.33 -36.20
N ALA X 633 27.87 -75.65 -37.25
CA ALA X 633 27.26 -74.38 -37.64
C ALA X 633 25.83 -74.58 -38.13
N GLU X 634 25.60 -75.60 -38.96
CA GLU X 634 24.23 -75.86 -39.42
C GLU X 634 23.32 -76.25 -38.25
N PHE X 635 23.83 -77.08 -37.34
CA PHE X 635 23.06 -77.48 -36.17
C PHE X 635 22.68 -76.27 -35.33
N ARG X 636 23.64 -75.37 -35.11
CA ARG X 636 23.39 -74.17 -34.33
C ARG X 636 22.38 -73.26 -35.02
N LYS X 637 22.50 -73.10 -36.34
CA LYS X 637 21.53 -72.27 -37.06
C LYS X 637 20.13 -72.83 -36.94
N TYR X 638 19.99 -74.15 -37.12
CA TYR X 638 18.68 -74.79 -37.00
C TYR X 638 18.09 -74.57 -35.61
N LEU X 639 18.91 -74.70 -34.57
CA LEU X 639 18.37 -74.55 -33.22
C LEU X 639 18.08 -73.10 -32.86
N GLU X 640 18.90 -72.16 -33.31
CA GLU X 640 18.63 -70.76 -32.98
C GLU X 640 17.48 -70.18 -33.78
N LYS X 641 17.13 -70.77 -34.93
CA LYS X 641 15.91 -70.40 -35.65
C LYS X 641 15.13 -71.66 -35.98
N PRO X 642 14.24 -72.08 -35.08
CA PRO X 642 13.50 -73.34 -35.32
C PRO X 642 12.63 -73.31 -36.56
N ILE X 643 12.16 -72.13 -36.97
CA ILE X 643 11.33 -72.03 -38.16
C ILE X 643 12.12 -72.40 -39.41
N THR X 644 13.45 -72.38 -39.34
CA THR X 644 14.26 -72.86 -40.45
C THR X 644 14.27 -74.37 -40.58
N MET X 645 13.76 -75.10 -39.58
CA MET X 645 13.62 -76.55 -39.75
C MET X 645 12.50 -76.92 -40.72
N LEU X 646 11.68 -75.95 -41.12
CA LEU X 646 10.68 -76.19 -42.15
C LEU X 646 11.29 -76.27 -43.55
N LEU X 647 12.51 -75.79 -43.74
CA LEU X 647 13.19 -75.88 -45.03
C LEU X 647 13.52 -77.32 -45.38
N PHE Y 420 45.94 58.21 -81.61
CA PHE Y 420 45.01 59.18 -81.02
C PHE Y 420 44.11 59.80 -82.08
N THR Y 421 43.11 60.54 -81.62
CA THR Y 421 42.18 61.24 -82.50
C THR Y 421 41.98 62.66 -81.98
N ASP Y 422 42.13 63.64 -82.86
CA ASP Y 422 41.97 65.04 -82.49
C ASP Y 422 40.54 65.48 -82.79
N ILE Y 423 39.75 65.69 -81.75
CA ILE Y 423 38.36 66.13 -81.89
C ILE Y 423 38.34 67.65 -81.83
N PRO Y 424 37.87 68.34 -82.88
CA PRO Y 424 37.83 69.81 -82.84
C PRO Y 424 36.94 70.31 -81.72
N ILE Y 425 37.34 71.43 -81.13
CA ILE Y 425 36.58 72.03 -80.03
C ILE Y 425 35.53 72.98 -80.62
N SER Y 426 34.27 72.74 -80.26
CA SER Y 426 33.21 73.61 -80.72
C SER Y 426 33.26 74.95 -79.99
N ASN Y 427 32.56 75.94 -80.56
CA ASN Y 427 32.54 77.26 -79.95
C ASN Y 427 31.79 77.23 -78.62
N ILE Y 428 30.75 76.41 -78.51
CA ILE Y 428 30.02 76.27 -77.25
C ILE Y 428 30.95 75.70 -76.18
N ARG Y 429 31.71 74.66 -76.53
CA ARG Y 429 32.65 74.08 -75.58
C ARG Y 429 33.75 75.07 -75.22
N ARG Y 430 34.19 75.88 -76.19
CA ARG Y 430 35.19 76.91 -75.89
C ARG Y 430 34.64 77.94 -74.90
N VAL Y 431 33.38 78.34 -75.08
CA VAL Y 431 32.76 79.28 -74.15
C VAL Y 431 32.65 78.67 -72.76
N ILE Y 432 32.23 77.41 -72.68
CA ILE Y 432 32.11 76.74 -71.38
C ILE Y 432 33.49 76.64 -70.70
N ALA Y 433 34.51 76.26 -71.47
CA ALA Y 433 35.85 76.16 -70.93
C ALA Y 433 36.37 77.51 -70.46
N GLN Y 434 36.10 78.57 -71.22
CA GLN Y 434 36.53 79.91 -70.81
C GLN Y 434 35.83 80.35 -69.53
N ARG Y 435 34.54 80.05 -69.41
CA ARG Y 435 33.82 80.37 -68.18
C ARG Y 435 34.39 79.63 -66.99
N LEU Y 436 34.68 78.33 -67.16
CA LEU Y 436 35.24 77.54 -66.06
C LEU Y 436 36.62 78.05 -65.68
N MET Y 437 37.45 78.40 -66.68
CA MET Y 437 38.75 78.99 -66.39
C MET Y 437 38.60 80.29 -65.62
N GLN Y 438 37.69 81.17 -66.06
CA GLN Y 438 37.49 82.43 -65.36
C GLN Y 438 37.08 82.19 -63.92
N SER Y 439 36.17 81.23 -63.70
CA SER Y 439 35.74 80.92 -62.34
C SER Y 439 36.91 80.46 -61.49
N LYS Y 440 37.72 79.52 -61.99
CA LYS Y 440 38.78 78.95 -61.17
C LYS Y 440 39.94 79.91 -60.98
N GLN Y 441 40.12 80.89 -61.87
CA GLN Y 441 41.19 81.85 -61.67
C GLN Y 441 40.77 83.07 -60.86
N THR Y 442 39.49 83.43 -60.87
CA THR Y 442 39.07 84.65 -60.19
C THR Y 442 38.30 84.42 -58.90
N ILE Y 443 37.80 83.21 -58.66
CA ILE Y 443 36.99 82.91 -57.49
C ILE Y 443 37.79 81.99 -56.57
N PRO Y 444 38.17 82.43 -55.37
CA PRO Y 444 38.88 81.55 -54.43
C PRO Y 444 37.97 80.52 -53.78
N HIS Y 445 37.74 79.40 -54.46
CA HIS Y 445 36.82 78.39 -53.97
C HIS Y 445 37.30 77.80 -52.64
N TYR Y 446 36.36 77.48 -51.76
CA TYR Y 446 36.62 76.58 -50.64
C TYR Y 446 35.36 75.78 -50.34
N TYR Y 447 35.55 74.53 -49.94
CA TYR Y 447 34.48 73.54 -49.96
C TYR Y 447 34.17 73.07 -48.55
N LEU Y 448 32.88 73.01 -48.21
CA LEU Y 448 32.42 72.49 -46.93
C LEU Y 448 31.40 71.38 -47.17
N SER Y 449 31.58 70.25 -46.51
CA SER Y 449 30.74 69.08 -46.72
C SER Y 449 30.04 68.66 -45.43
N VAL Y 450 28.77 68.26 -45.57
CA VAL Y 450 28.00 67.72 -44.45
C VAL Y 450 27.18 66.53 -44.93
N ASP Y 451 26.57 65.84 -43.97
CA ASP Y 451 25.67 64.72 -44.24
C ASP Y 451 24.27 65.05 -43.73
N VAL Y 452 23.27 64.76 -44.55
CA VAL Y 452 21.88 65.07 -44.26
C VAL Y 452 21.08 63.77 -44.20
N ASN Y 453 20.31 63.59 -43.13
CA ASN Y 453 19.47 62.41 -42.99
C ASN Y 453 18.23 62.59 -43.87
N MET Y 454 17.97 61.62 -44.73
CA MET Y 454 16.98 61.78 -45.78
C MET Y 454 15.71 60.97 -45.54
N GLY Y 455 15.59 60.31 -44.39
CA GLY Y 455 14.44 59.44 -44.17
C GLY Y 455 13.13 60.20 -44.10
N GLU Y 456 13.11 61.31 -43.38
CA GLU Y 456 11.89 62.11 -43.30
C GLU Y 456 11.50 62.65 -44.66
N VAL Y 457 12.48 63.09 -45.45
CA VAL Y 457 12.18 63.57 -46.80
C VAL Y 457 11.59 62.45 -47.64
N LEU Y 458 12.16 61.25 -47.53
CA LEU Y 458 11.63 60.12 -48.30
C LEU Y 458 10.19 59.80 -47.90
N LEU Y 459 9.90 59.81 -46.60
CA LEU Y 459 8.54 59.53 -46.14
C LEU Y 459 7.57 60.60 -46.63
N VAL Y 460 7.95 61.87 -46.50
CA VAL Y 460 7.08 62.95 -46.93
C VAL Y 460 6.87 62.90 -48.44
N ARG Y 461 7.93 62.58 -49.19
CA ARG Y 461 7.82 62.50 -50.64
C ARG Y 461 6.90 61.36 -51.05
N LYS Y 462 7.00 60.22 -50.37
CA LYS Y 462 6.09 59.11 -50.67
C LYS Y 462 4.65 59.49 -50.40
N GLU Y 463 4.39 60.15 -49.26
CA GLU Y 463 3.03 60.57 -48.95
C GLU Y 463 2.51 61.57 -49.97
N LEU Y 464 3.33 62.54 -50.35
CA LEU Y 464 2.91 63.54 -51.32
C LEU Y 464 2.65 62.93 -52.68
N ASN Y 465 3.50 61.99 -53.10
CA ASN Y 465 3.28 61.31 -54.38
C ASN Y 465 2.00 60.50 -54.35
N LYS Y 466 1.71 59.84 -53.23
CA LYS Y 466 0.46 59.09 -53.12
C LYS Y 466 -0.75 60.02 -53.19
N MET Y 467 -0.68 61.19 -52.53
CA MET Y 467 -1.77 62.16 -52.65
C MET Y 467 -1.92 62.70 -54.07
N LEU Y 468 -0.82 62.90 -54.79
CA LEU Y 468 -0.91 63.48 -56.13
C LEU Y 468 -1.71 62.63 -57.10
N GLU Y 469 -1.77 61.32 -56.89
CA GLU Y 469 -2.57 60.42 -57.72
C GLU Y 469 -2.17 60.52 -59.20
N GLY Y 470 -0.88 60.66 -59.45
CA GLY Y 470 -0.35 60.67 -60.79
C GLY Y 470 -0.41 62.00 -61.52
N ARG Y 471 -0.98 63.04 -60.90
CA ARG Y 471 -1.01 64.35 -61.54
C ARG Y 471 0.39 64.91 -61.69
N SER Y 472 1.24 64.71 -60.70
CA SER Y 472 2.65 65.08 -60.77
C SER Y 472 3.46 64.12 -59.92
N LYS Y 473 4.78 64.22 -60.03
CA LYS Y 473 5.70 63.39 -59.25
C LYS Y 473 6.81 64.28 -58.70
N ILE Y 474 6.99 64.27 -57.39
CA ILE Y 474 8.04 65.07 -56.77
C ILE Y 474 9.27 64.20 -56.55
N SER Y 475 10.42 64.68 -57.00
CA SER Y 475 11.69 64.00 -56.80
C SER Y 475 12.42 64.62 -55.60
N VAL Y 476 13.50 63.93 -55.19
CA VAL Y 476 14.30 64.41 -54.09
C VAL Y 476 14.97 65.74 -54.43
N ASN Y 477 15.27 65.96 -55.72
CA ASN Y 477 15.88 67.21 -56.13
C ASN Y 477 14.95 68.39 -55.90
N ASP Y 478 13.64 68.18 -55.96
CA ASP Y 478 12.70 69.25 -55.66
C ASP Y 478 12.78 69.68 -54.20
N PHE Y 479 12.85 68.70 -53.29
CA PHE Y 479 13.07 69.01 -51.88
C PHE Y 479 14.39 69.73 -51.68
N ILE Y 480 15.42 69.28 -52.39
CA ILE Y 480 16.74 69.91 -52.27
C ILE Y 480 16.69 71.37 -52.74
N ILE Y 481 16.00 71.62 -53.85
CA ILE Y 481 15.89 72.98 -54.37
C ILE Y 481 15.12 73.87 -53.40
N LYS Y 482 14.01 73.36 -52.85
CA LYS Y 482 13.24 74.15 -51.90
C LYS Y 482 14.06 74.46 -50.66
N ALA Y 483 14.76 73.47 -50.13
CA ALA Y 483 15.60 73.69 -48.94
C ALA Y 483 16.71 74.67 -49.23
N SER Y 484 17.32 74.58 -50.41
CA SER Y 484 18.37 75.52 -50.78
C SER Y 484 17.84 76.95 -50.87
N ALA Y 485 16.65 77.11 -51.45
CA ALA Y 485 16.07 78.45 -51.55
C ALA Y 485 15.75 79.02 -50.17
N LEU Y 486 15.18 78.20 -49.28
CA LEU Y 486 14.86 78.69 -47.94
C LEU Y 486 16.13 79.02 -47.16
N ALA Y 487 17.17 78.18 -47.29
CA ALA Y 487 18.44 78.47 -46.62
C ALA Y 487 19.08 79.73 -47.18
N CYS Y 488 18.95 79.97 -48.48
CA CYS Y 488 19.44 81.20 -49.06
C CYS Y 488 18.69 82.41 -48.52
N LEU Y 489 17.38 82.27 -48.32
CA LEU Y 489 16.63 83.36 -47.67
C LEU Y 489 17.14 83.60 -46.26
N LYS Y 490 17.39 82.53 -45.50
CA LYS Y 490 17.83 82.70 -44.11
C LYS Y 490 19.24 83.29 -44.03
N VAL Y 491 20.10 82.92 -44.96
CA VAL Y 491 21.49 83.39 -44.98
C VAL Y 491 21.75 84.05 -46.33
N PRO Y 492 21.44 85.35 -46.49
CA PRO Y 492 21.54 85.97 -47.81
C PRO Y 492 22.96 86.12 -48.34
N GLU Y 493 23.99 85.88 -47.52
CA GLU Y 493 25.36 86.00 -47.99
C GLU Y 493 25.65 85.00 -49.10
N ALA Y 494 25.12 83.78 -48.98
CA ALA Y 494 25.27 82.79 -50.04
C ALA Y 494 24.50 83.19 -51.29
N ASN Y 495 23.59 84.16 -51.19
CA ASN Y 495 22.84 84.69 -52.32
C ASN Y 495 23.38 86.03 -52.79
N SER Y 496 24.69 86.20 -52.79
CA SER Y 496 25.33 87.45 -53.19
C SER Y 496 26.23 87.21 -54.38
N SER Y 497 26.81 88.31 -54.87
CA SER Y 497 27.74 88.27 -55.99
C SER Y 497 28.79 89.35 -55.78
N TRP Y 498 30.03 89.04 -56.19
CA TRP Y 498 31.14 89.97 -56.06
C TRP Y 498 31.33 90.72 -57.38
N LEU Y 499 31.27 92.05 -57.32
CA LEU Y 499 31.33 92.89 -58.51
C LEU Y 499 32.51 93.85 -58.44
N ASP Y 500 33.49 93.52 -57.58
CA ASP Y 500 34.77 94.21 -57.49
C ASP Y 500 34.66 95.61 -56.90
N THR Y 501 33.44 96.10 -56.71
CA THR Y 501 33.21 97.36 -56.03
C THR Y 501 32.15 97.26 -54.93
N VAL Y 502 31.11 96.46 -55.15
CA VAL Y 502 30.07 96.22 -54.16
C VAL Y 502 29.74 94.74 -54.17
N ILE Y 503 29.11 94.29 -53.08
CA ILE Y 503 28.62 92.92 -52.98
C ILE Y 503 27.12 92.95 -53.19
N ARG Y 504 26.68 92.51 -54.37
CA ARG Y 504 25.27 92.55 -54.73
C ARG Y 504 24.55 91.42 -54.02
N GLN Y 505 23.70 91.77 -53.05
CA GLN Y 505 22.97 90.78 -52.26
C GLN Y 505 21.57 90.59 -52.85
N ASN Y 506 21.38 89.55 -53.64
CA ASN Y 506 20.11 89.34 -54.31
C ASN Y 506 19.02 88.99 -53.30
N HIS Y 507 17.86 89.64 -53.43
CA HIS Y 507 16.73 89.38 -52.57
C HIS Y 507 15.80 88.30 -53.11
N VAL Y 508 16.00 87.86 -54.34
CA VAL Y 508 15.26 86.74 -54.90
C VAL Y 508 16.22 85.58 -55.12
N VAL Y 509 15.67 84.37 -55.11
CA VAL Y 509 16.47 83.15 -55.22
C VAL Y 509 16.08 82.49 -56.53
N ASP Y 510 16.96 82.59 -57.52
CA ASP Y 510 16.79 81.92 -58.81
C ASP Y 510 17.81 80.78 -58.86
N ILE Y 511 17.32 79.55 -58.73
CA ILE Y 511 18.18 78.38 -58.59
C ILE Y 511 18.48 77.82 -59.96
N SER Y 512 19.73 77.95 -60.41
CA SER Y 512 20.18 77.21 -61.57
C SER Y 512 20.33 75.74 -61.20
N VAL Y 513 19.90 74.87 -62.10
CA VAL Y 513 19.95 73.42 -61.87
C VAL Y 513 20.79 72.80 -62.97
N ALA Y 514 21.86 72.10 -62.59
CA ALA Y 514 22.73 71.48 -63.58
C ALA Y 514 22.02 70.30 -64.22
N VAL Y 515 21.99 70.28 -65.55
CA VAL Y 515 21.39 69.21 -66.33
C VAL Y 515 22.42 68.76 -67.36
N SER Y 516 22.63 67.45 -67.45
CA SER Y 516 23.55 66.88 -68.42
C SER Y 516 22.79 66.46 -69.67
N THR Y 517 23.25 66.94 -70.82
CA THR Y 517 22.69 66.67 -72.13
C THR Y 517 23.82 66.20 -73.03
N PRO Y 518 23.50 65.55 -74.15
CA PRO Y 518 24.56 65.10 -75.06
C PRO Y 518 25.47 66.21 -75.54
N ALA Y 519 25.01 67.46 -75.54
CA ALA Y 519 25.82 68.59 -75.94
C ALA Y 519 26.65 69.18 -74.81
N GLY Y 520 26.46 68.71 -73.57
CA GLY Y 520 27.23 69.18 -72.45
C GLY Y 520 26.37 69.49 -71.23
N LEU Y 521 26.92 70.32 -70.35
CA LEU Y 521 26.21 70.70 -69.14
C LEU Y 521 25.52 72.05 -69.34
N ILE Y 522 24.25 72.12 -68.97
CA ILE Y 522 23.49 73.36 -69.07
C ILE Y 522 22.79 73.61 -67.73
N THR Y 523 22.39 74.86 -67.51
CA THR Y 523 21.86 75.28 -66.21
C THR Y 523 20.55 76.04 -66.39
N PRO Y 524 19.44 75.34 -66.62
CA PRO Y 524 18.14 76.00 -66.59
C PRO Y 524 17.85 76.54 -65.20
N ILE Y 525 17.18 77.70 -65.15
CA ILE Y 525 16.97 78.44 -63.92
C ILE Y 525 15.51 78.31 -63.50
N VAL Y 526 15.31 77.86 -62.26
CA VAL Y 526 13.99 77.90 -61.62
C VAL Y 526 13.95 79.24 -60.89
N PHE Y 527 13.12 80.16 -61.40
CA PHE Y 527 13.03 81.49 -60.82
C PHE Y 527 12.10 81.48 -59.62
N ASN Y 528 12.44 82.29 -58.62
CA ASN Y 528 11.62 82.46 -57.42
C ASN Y 528 11.34 81.12 -56.74
N ALA Y 529 12.39 80.30 -56.61
CA ALA Y 529 12.25 79.02 -55.92
C ALA Y 529 11.98 79.21 -54.44
N HIS Y 530 12.21 80.41 -53.92
CA HIS Y 530 11.94 80.66 -52.51
C HIS Y 530 10.45 80.80 -52.23
N ILE Y 531 9.66 81.09 -53.26
CA ILE Y 531 8.21 81.21 -53.10
C ILE Y 531 7.43 80.15 -53.88
N LYS Y 532 8.06 79.48 -54.83
CA LYS Y 532 7.39 78.39 -55.55
C LYS Y 532 7.21 77.19 -54.64
N GLY Y 533 6.13 76.45 -54.87
CA GLY Y 533 5.89 75.23 -54.11
C GLY Y 533 6.61 74.04 -54.70
N LEU Y 534 6.49 72.90 -54.00
CA LEU Y 534 7.16 71.69 -54.46
C LEU Y 534 6.61 71.20 -55.79
N GLU Y 535 5.28 71.25 -55.96
CA GLU Y 535 4.70 70.87 -57.24
C GLU Y 535 5.16 71.80 -58.36
N THR Y 536 5.15 73.11 -58.10
CA THR Y 536 5.60 74.05 -59.12
C THR Y 536 7.06 73.85 -59.44
N ILE Y 537 7.90 73.62 -58.43
CA ILE Y 537 9.32 73.38 -58.65
C ILE Y 537 9.52 72.13 -59.49
N ALA Y 538 8.81 71.05 -59.15
CA ALA Y 538 8.96 69.79 -59.89
C ALA Y 538 8.54 69.95 -61.35
N ASN Y 539 7.40 70.61 -61.57
CA ASN Y 539 6.92 70.81 -62.94
C ASN Y 539 7.87 71.69 -63.73
N ASP Y 540 8.37 72.76 -63.12
CA ASP Y 540 9.31 73.65 -63.79
C ASP Y 540 10.60 72.91 -64.13
N VAL Y 541 11.10 72.09 -63.20
CA VAL Y 541 12.33 71.35 -63.45
C VAL Y 541 12.13 70.35 -64.57
N VAL Y 542 10.99 69.65 -64.59
CA VAL Y 542 10.73 68.69 -65.65
C VAL Y 542 10.66 69.38 -67.00
N SER Y 543 9.93 70.49 -67.07
CA SER Y 543 9.78 71.22 -68.34
C SER Y 543 11.13 71.75 -68.82
N LEU Y 544 11.91 72.35 -67.92
CA LEU Y 544 13.20 72.92 -68.31
C LEU Y 544 14.19 71.82 -68.69
N ALA Y 545 14.14 70.67 -68.01
CA ALA Y 545 15.02 69.57 -68.38
C ALA Y 545 14.67 69.02 -69.75
N THR Y 546 13.38 68.89 -70.06
CA THR Y 546 12.99 68.46 -71.39
C THR Y 546 13.44 69.46 -72.44
N LYS Y 547 13.28 70.76 -72.16
CA LYS Y 547 13.72 71.79 -73.10
C LYS Y 547 15.23 71.73 -73.30
N ALA Y 548 15.98 71.49 -72.23
CA ALA Y 548 17.44 71.40 -72.32
C ALA Y 548 17.86 70.19 -73.15
N ARG Y 549 17.23 69.03 -72.89
CA ARG Y 549 17.59 67.83 -73.61
C ARG Y 549 17.25 67.95 -75.09
N GLU Y 550 16.13 68.58 -75.42
CA GLU Y 550 15.75 68.75 -76.82
C GLU Y 550 16.34 70.01 -77.46
N GLY Y 551 17.07 70.82 -76.71
CA GLY Y 551 17.83 71.92 -77.29
C GLY Y 551 17.05 73.15 -77.65
N LYS Y 552 15.96 73.45 -76.94
CA LYS Y 552 15.20 74.67 -77.19
C LYS Y 552 15.27 75.69 -76.06
N LEU Y 553 16.30 75.63 -75.21
CA LEU Y 553 16.40 76.60 -74.12
C LEU Y 553 16.74 77.98 -74.67
N GLN Y 554 15.97 78.98 -74.25
CA GLN Y 554 16.28 80.36 -74.58
C GLN Y 554 17.40 80.88 -73.68
N PRO Y 555 18.17 81.86 -74.16
CA PRO Y 555 19.31 82.36 -73.35
C PRO Y 555 18.90 82.88 -71.98
N HIS Y 556 17.72 83.52 -71.87
CA HIS Y 556 17.29 84.03 -70.57
C HIS Y 556 16.89 82.90 -69.62
N GLU Y 557 16.62 81.71 -70.14
CA GLU Y 557 16.22 80.58 -69.30
C GLU Y 557 17.40 79.84 -68.69
N PHE Y 558 18.63 80.14 -69.10
CA PHE Y 558 19.80 79.53 -68.49
C PHE Y 558 20.93 80.50 -68.18
N GLN Y 559 20.78 81.79 -68.49
CA GLN Y 559 21.78 82.79 -68.14
C GLN Y 559 21.30 83.55 -66.91
N GLY Y 560 22.19 83.68 -65.92
CA GLY Y 560 21.85 84.39 -64.70
C GLY Y 560 21.82 83.49 -63.49
N GLY Y 561 20.82 83.67 -62.63
CA GLY Y 561 20.71 82.89 -61.42
C GLY Y 561 21.53 83.47 -60.28
N THR Y 562 21.19 83.04 -59.07
CA THR Y 562 21.89 83.48 -57.87
C THR Y 562 22.52 82.34 -57.08
N PHE Y 563 22.08 81.11 -57.30
CA PHE Y 563 22.60 79.95 -56.59
C PHE Y 563 22.41 78.74 -57.49
N THR Y 564 23.41 77.86 -57.52
CA THR Y 564 23.42 76.72 -58.42
C THR Y 564 23.38 75.42 -57.63
N ILE Y 565 22.68 74.43 -58.16
CA ILE Y 565 22.63 73.08 -57.58
C ILE Y 565 23.01 72.09 -58.65
N SER Y 566 24.05 71.30 -58.38
CA SER Y 566 24.50 70.24 -59.28
C SER Y 566 24.37 68.91 -58.55
N ASN Y 567 23.51 68.04 -59.05
CA ASN Y 567 23.19 66.77 -58.39
C ASN Y 567 23.73 65.64 -59.26
N LEU Y 568 24.60 64.81 -58.68
CA LEU Y 568 25.12 63.63 -59.36
C LEU Y 568 24.84 62.36 -58.57
N GLY Y 569 23.82 62.36 -57.71
CA GLY Y 569 23.52 61.19 -56.93
C GLY Y 569 22.96 60.05 -57.77
N MET Y 570 22.32 60.39 -58.89
CA MET Y 570 21.77 59.36 -59.77
C MET Y 570 22.88 58.55 -60.46
N PHE Y 571 24.11 59.04 -60.44
CA PHE Y 571 25.25 58.34 -61.04
C PHE Y 571 26.08 57.59 -60.01
N GLY Y 572 25.66 57.58 -58.74
CA GLY Y 572 26.38 56.83 -57.74
C GLY Y 572 27.53 57.55 -57.08
N ILE Y 573 27.69 58.85 -57.31
CA ILE Y 573 28.77 59.59 -56.69
C ILE Y 573 28.46 59.81 -55.21
N LYS Y 574 29.41 59.43 -54.34
CA LYS Y 574 29.22 59.66 -52.92
C LYS Y 574 29.20 61.14 -52.58
N ASN Y 575 30.19 61.88 -53.06
CA ASN Y 575 30.19 63.33 -52.96
C ASN Y 575 31.20 63.88 -53.98
N PHE Y 576 31.07 65.18 -54.26
CA PHE Y 576 31.99 65.82 -55.19
C PHE Y 576 32.01 67.31 -54.93
N SER Y 577 33.03 67.97 -55.47
CA SER Y 577 33.21 69.41 -55.33
C SER Y 577 33.07 70.04 -56.72
N ALA Y 578 32.15 70.99 -56.85
CA ALA Y 578 31.86 71.58 -58.14
C ALA Y 578 32.57 72.91 -58.30
N ILE Y 579 32.42 73.50 -59.48
CA ILE Y 579 33.00 74.80 -59.80
C ILE Y 579 31.90 75.85 -59.77
N ILE Y 580 32.16 76.95 -59.06
CA ILE Y 580 31.17 78.01 -58.94
C ILE Y 580 30.89 78.63 -60.31
N ASN Y 581 29.61 78.73 -60.66
CA ASN Y 581 29.21 79.36 -61.91
C ASN Y 581 29.18 80.87 -61.72
N PRO Y 582 30.01 81.63 -62.44
CA PRO Y 582 30.07 83.07 -62.22
C PRO Y 582 28.82 83.76 -62.70
N PRO Y 583 28.46 84.91 -62.11
CA PRO Y 583 29.13 85.61 -61.01
C PRO Y 583 28.58 85.23 -59.64
N GLN Y 584 27.99 84.04 -59.50
CA GLN Y 584 27.41 83.64 -58.24
C GLN Y 584 28.50 83.38 -57.20
N ALA Y 585 28.07 83.21 -55.95
CA ALA Y 585 29.01 83.06 -54.84
C ALA Y 585 29.08 81.64 -54.30
N CYS Y 586 28.14 80.76 -54.67
CA CYS Y 586 28.11 79.42 -54.13
C CYS Y 586 27.54 78.45 -55.16
N ILE Y 587 27.79 77.16 -54.93
CA ILE Y 587 27.20 76.08 -55.71
C ILE Y 587 27.11 74.86 -54.80
N LEU Y 588 25.94 74.23 -54.76
CA LEU Y 588 25.71 73.07 -53.91
C LEU Y 588 25.85 71.80 -54.74
N ALA Y 589 26.82 70.96 -54.36
CA ALA Y 589 27.06 69.70 -55.03
C ALA Y 589 26.44 68.59 -54.21
N VAL Y 590 25.55 67.82 -54.82
CA VAL Y 590 24.76 66.79 -54.13
C VAL Y 590 25.21 65.43 -54.65
N GLY Y 591 25.49 64.52 -53.71
CA GLY Y 591 25.87 63.16 -54.04
C GLY Y 591 24.74 62.18 -53.81
N ALA Y 592 25.11 60.89 -53.84
CA ALA Y 592 24.13 59.84 -53.71
C ALA Y 592 23.70 59.66 -52.25
N SER Y 593 22.48 59.16 -52.08
CA SER Y 593 21.99 58.82 -50.74
C SER Y 593 22.17 57.32 -50.50
N GLU Y 594 22.80 56.99 -49.38
CA GLU Y 594 23.15 55.61 -49.07
C GLU Y 594 22.77 55.30 -47.63
N ASP Y 595 22.54 54.02 -47.34
CA ASP Y 595 22.17 53.58 -46.00
C ASP Y 595 23.43 53.39 -45.16
N ARG Y 596 23.44 53.99 -43.98
CA ARG Y 596 24.57 53.90 -43.07
C ARG Y 596 24.09 53.57 -41.66
N LEU Y 597 24.88 52.79 -40.94
CA LEU Y 597 24.56 52.42 -39.58
C LEU Y 597 24.98 53.53 -38.62
N PHE Y 598 24.14 53.79 -37.62
CA PHE Y 598 24.42 54.83 -36.65
C PHE Y 598 24.05 54.36 -35.25
N PRO Y 599 24.81 54.77 -34.23
CA PRO Y 599 24.48 54.37 -32.86
C PRO Y 599 23.10 54.88 -32.44
N ALA Y 600 22.40 54.06 -31.67
CA ALA Y 600 21.08 54.41 -31.17
C ALA Y 600 20.87 53.75 -29.81
N ASP Y 601 19.99 54.35 -29.01
CA ASP Y 601 19.68 53.84 -27.67
C ASP Y 601 18.55 52.81 -27.76
N ASN Y 602 18.86 51.70 -28.43
CA ASN Y 602 17.92 50.61 -28.58
C ASN Y 602 18.62 49.30 -28.27
N GLU Y 603 17.85 48.20 -28.33
CA GLU Y 603 18.40 46.89 -27.99
C GLU Y 603 19.51 46.48 -28.94
N LYS Y 604 19.31 46.70 -30.25
CA LYS Y 604 20.33 46.34 -31.22
C LYS Y 604 21.57 47.21 -31.12
N GLY Y 605 21.47 48.40 -30.54
CA GLY Y 605 22.59 49.30 -30.42
C GLY Y 605 22.85 50.16 -31.63
N PHE Y 606 22.05 50.02 -32.69
CA PHE Y 606 22.26 50.81 -33.90
C PHE Y 606 20.95 50.93 -34.67
N ASP Y 607 20.93 51.86 -35.61
CA ASP Y 607 19.81 52.09 -36.51
C ASP Y 607 20.34 52.28 -37.92
N VAL Y 608 19.43 52.23 -38.89
CA VAL Y 608 19.76 52.41 -40.30
C VAL Y 608 19.08 53.69 -40.78
N ALA Y 609 19.89 54.63 -41.28
CA ALA Y 609 19.39 55.90 -41.78
C ALA Y 609 20.00 56.17 -43.14
N SER Y 610 19.17 56.66 -44.06
CA SER Y 610 19.62 56.99 -45.41
C SER Y 610 20.14 58.42 -45.41
N MET Y 611 21.46 58.59 -45.45
CA MET Y 611 22.08 59.91 -45.47
C MET Y 611 22.57 60.25 -46.87
N MET Y 612 22.55 61.54 -47.20
CA MET Y 612 23.07 62.08 -48.44
C MET Y 612 24.10 63.15 -48.11
N SER Y 613 25.26 63.06 -48.75
CA SER Y 613 26.35 63.99 -48.47
C SER Y 613 26.31 65.14 -49.46
N VAL Y 614 26.32 66.36 -48.94
CA VAL Y 614 26.28 67.56 -49.77
C VAL Y 614 27.51 68.41 -49.49
N THR Y 615 28.11 68.91 -50.58
CA THR Y 615 29.31 69.72 -50.51
C THR Y 615 29.03 71.06 -51.16
N LEU Y 616 29.10 72.13 -50.37
CA LEU Y 616 28.89 73.49 -50.84
C LEU Y 616 30.24 74.13 -51.11
N SER Y 617 30.45 74.60 -52.35
CA SER Y 617 31.65 75.33 -52.71
C SER Y 617 31.35 76.83 -52.68
N CYS Y 618 32.12 77.57 -51.90
CA CYS Y 618 31.83 78.96 -51.62
C CYS Y 618 32.99 79.85 -52.08
N ASP Y 619 32.63 81.04 -52.55
CA ASP Y 619 33.59 82.10 -52.83
C ASP Y 619 33.98 82.74 -51.50
N HIS Y 620 35.25 82.59 -51.12
CA HIS Y 620 35.70 83.08 -49.82
C HIS Y 620 35.73 84.60 -49.73
N ARG Y 621 35.61 85.31 -50.86
CA ARG Y 621 35.53 86.77 -50.79
C ARG Y 621 34.21 87.22 -50.19
N VAL Y 622 33.12 86.51 -50.51
CA VAL Y 622 31.78 86.87 -50.04
C VAL Y 622 31.36 86.04 -48.84
N VAL Y 623 31.53 84.73 -48.92
CA VAL Y 623 31.06 83.80 -47.89
C VAL Y 623 32.29 83.27 -47.15
N ASP Y 624 32.40 83.59 -45.87
CA ASP Y 624 33.46 83.02 -45.07
C ASP Y 624 33.01 81.68 -44.46
N GLY Y 625 33.91 81.06 -43.71
CA GLY Y 625 33.65 79.71 -43.22
C GLY Y 625 32.43 79.63 -42.32
N ALA Y 626 32.29 80.60 -41.40
CA ALA Y 626 31.16 80.58 -40.48
C ALA Y 626 29.84 80.74 -41.22
N VAL Y 627 29.80 81.64 -42.22
CA VAL Y 627 28.58 81.85 -42.98
C VAL Y 627 28.22 80.62 -43.80
N GLY Y 628 29.22 80.01 -44.45
CA GLY Y 628 28.95 78.78 -45.19
C GLY Y 628 28.45 77.66 -44.30
N ALA Y 629 29.05 77.53 -43.12
CA ALA Y 629 28.60 76.51 -42.17
C ALA Y 629 27.19 76.78 -41.69
N GLN Y 630 26.85 78.05 -41.45
CA GLN Y 630 25.49 78.39 -41.06
C GLN Y 630 24.49 78.05 -42.16
N TRP Y 631 24.84 78.35 -43.41
CA TRP Y 631 23.97 78.00 -44.53
C TRP Y 631 23.76 76.49 -44.59
N LEU Y 632 24.83 75.72 -44.46
CA LEU Y 632 24.70 74.27 -44.51
C LEU Y 632 23.86 73.75 -43.34
N ALA Y 633 24.00 74.38 -42.17
CA ALA Y 633 23.19 73.97 -41.01
C ALA Y 633 21.70 74.22 -41.26
N GLU Y 634 21.36 75.39 -41.81
CA GLU Y 634 19.95 75.66 -42.11
C GLU Y 634 19.42 74.70 -43.17
N PHE Y 635 20.23 74.44 -44.21
CA PHE Y 635 19.83 73.49 -45.25
C PHE Y 635 19.57 72.11 -44.66
N ARG Y 636 20.47 71.66 -43.80
CA ARG Y 636 20.33 70.35 -43.17
C ARG Y 636 19.09 70.30 -42.28
N LYS Y 637 18.84 71.36 -41.51
CA LYS Y 637 17.65 71.38 -40.66
C LYS Y 637 16.38 71.29 -41.51
N TYR Y 638 16.32 72.07 -42.60
CA TYR Y 638 15.17 72.05 -43.47
C TYR Y 638 14.93 70.66 -44.05
N LEU Y 639 16.01 69.99 -44.48
CA LEU Y 639 15.80 68.66 -45.07
C LEU Y 639 15.47 67.60 -44.03
N GLU Y 640 16.08 67.66 -42.84
CA GLU Y 640 15.78 66.64 -41.84
C GLU Y 640 14.41 66.83 -41.20
N LYS Y 641 13.83 68.03 -41.27
CA LYS Y 641 12.44 68.23 -40.87
C LYS Y 641 11.72 68.99 -41.97
N PRO Y 642 11.14 68.28 -42.94
CA PRO Y 642 10.49 68.96 -44.07
C PRO Y 642 9.33 69.85 -43.65
N ILE Y 643 8.65 69.51 -42.55
CA ILE Y 643 7.54 70.32 -42.08
C ILE Y 643 7.99 71.72 -41.66
N THR Y 644 9.29 71.88 -41.39
CA THR Y 644 9.82 73.22 -41.13
C THR Y 644 9.94 74.08 -42.37
N MET Y 645 9.78 73.50 -43.57
CA MET Y 645 9.73 74.34 -44.76
C MET Y 645 8.44 75.14 -44.87
N LEU Y 646 7.46 74.85 -44.02
CA LEU Y 646 6.25 75.65 -43.96
C LEU Y 646 6.47 76.99 -43.26
N LEU Y 647 7.55 77.14 -42.50
CA LEU Y 647 7.88 78.40 -41.84
C LEU Y 647 8.23 79.48 -42.85
N PHE Z 420 17.32 48.54 97.48
CA PHE Z 420 16.49 47.39 97.85
C PHE Z 420 15.28 47.81 98.68
N THR Z 421 14.37 46.87 98.91
CA THR Z 421 13.18 47.10 99.72
C THR Z 421 12.99 45.91 100.65
N ASP Z 422 12.82 46.20 101.94
CA ASP Z 422 12.64 45.16 102.95
C ASP Z 422 11.14 44.94 103.16
N ILE Z 423 10.64 43.80 102.70
CA ILE Z 423 9.22 43.44 102.85
C ILE Z 423 9.08 42.63 104.13
N PRO Z 424 8.29 43.09 105.11
CA PRO Z 424 8.13 42.32 106.35
C PRO Z 424 7.52 40.95 106.08
N ILE Z 425 7.95 39.97 106.85
CA ILE Z 425 7.45 38.60 106.71
C ILE Z 425 6.21 38.43 107.57
N SER Z 426 5.11 38.03 106.94
CA SER Z 426 3.88 37.78 107.67
C SER Z 426 4.01 36.51 108.51
N ASN Z 427 3.10 36.36 109.48
CA ASN Z 427 3.11 35.18 110.32
C ASN Z 427 2.74 33.93 109.53
N ILE Z 428 1.84 34.06 108.55
CA ILE Z 428 1.49 32.92 107.70
C ILE Z 428 2.71 32.47 106.90
N ARG Z 429 3.45 33.43 106.34
CA ARG Z 429 4.66 33.09 105.60
C ARG Z 429 5.72 32.49 106.51
N ARG Z 430 5.81 32.99 107.75
CA ARG Z 430 6.75 32.41 108.70
C ARG Z 430 6.39 30.96 109.02
N VAL Z 431 5.09 30.68 109.18
CA VAL Z 431 4.65 29.31 109.44
C VAL Z 431 4.98 28.41 108.25
N ILE Z 432 4.71 28.89 107.03
CA ILE Z 432 5.00 28.10 105.83
C ILE Z 432 6.51 27.83 105.72
N ALA Z 433 7.32 28.86 105.97
CA ALA Z 433 8.76 28.70 105.90
C ALA Z 433 9.25 27.72 106.96
N GLN Z 434 8.70 27.79 108.17
CA GLN Z 434 9.10 26.85 109.22
C GLN Z 434 8.72 25.42 108.86
N ARG Z 435 7.54 25.23 108.28
CA ARG Z 435 7.15 23.89 107.84
C ARG Z 435 8.07 23.36 106.77
N LEU Z 436 8.43 24.21 105.79
CA LEU Z 436 9.33 23.77 104.72
C LEU Z 436 10.71 23.45 105.27
N MET Z 437 11.20 24.27 106.21
CA MET Z 437 12.48 23.97 106.86
C MET Z 437 12.42 22.64 107.59
N GLN Z 438 11.34 22.41 108.36
CA GLN Z 438 11.22 21.16 109.07
C GLN Z 438 11.23 19.98 108.12
N SER Z 439 10.50 20.10 107.00
CA SER Z 439 10.47 19.03 106.02
C SER Z 439 11.87 18.74 105.47
N LYS Z 440 12.59 19.79 105.07
CA LYS Z 440 13.88 19.57 104.42
C LYS Z 440 14.96 19.14 105.41
N GLN Z 441 14.80 19.44 106.69
CA GLN Z 441 15.80 18.99 107.66
C GLN Z 441 15.49 17.62 108.24
N THR Z 442 14.23 17.22 108.29
CA THR Z 442 13.89 15.96 108.94
C THR Z 442 13.49 14.84 107.98
N ILE Z 443 13.20 15.15 106.72
CA ILE Z 443 12.76 14.15 105.76
C ILE Z 443 13.85 13.98 104.70
N PRO Z 444 14.50 12.82 104.61
CA PRO Z 444 15.51 12.60 103.56
C PRO Z 444 14.89 12.38 102.19
N HIS Z 445 14.60 13.47 101.49
CA HIS Z 445 13.94 13.38 100.19
C HIS Z 445 14.80 12.65 99.18
N TYR Z 446 14.16 11.90 98.30
CA TYR Z 446 14.79 11.44 97.06
C TYR Z 446 13.73 11.35 95.97
N TYR Z 447 14.13 11.68 94.74
CA TYR Z 447 13.19 11.98 93.68
C TYR Z 447 13.31 10.97 92.56
N LEU Z 448 12.16 10.47 92.07
CA LEU Z 448 12.10 9.57 90.94
C LEU Z 448 11.16 10.13 89.89
N SER Z 449 11.62 10.17 88.64
CA SER Z 449 10.86 10.78 87.55
C SER Z 449 10.57 9.77 86.45
N VAL Z 450 9.35 9.85 85.90
CA VAL Z 450 8.96 9.04 84.76
C VAL Z 450 8.15 9.88 83.78
N ASP Z 451 7.89 9.30 82.61
CA ASP Z 451 7.05 9.92 81.59
C ASP Z 451 5.81 9.07 81.35
N VAL Z 452 4.66 9.73 81.26
CA VAL Z 452 3.37 9.07 81.11
C VAL Z 452 2.73 9.53 79.80
N ASN Z 453 2.30 8.57 78.98
CA ASN Z 453 1.63 8.88 77.72
C ASN Z 453 0.20 9.30 78.02
N MET Z 454 -0.19 10.47 77.52
CA MET Z 454 -1.43 11.10 77.95
C MET Z 454 -2.51 11.06 76.87
N GLY Z 455 -2.27 10.40 75.75
CA GLY Z 455 -3.23 10.44 74.65
C GLY Z 455 -4.54 9.76 75.00
N GLU Z 456 -4.47 8.59 75.63
CA GLU Z 456 -5.70 7.90 76.02
C GLU Z 456 -6.48 8.70 77.03
N VAL Z 457 -5.79 9.34 77.98
CA VAL Z 457 -6.48 10.19 78.95
C VAL Z 457 -7.16 11.35 78.26
N LEU Z 458 -6.47 11.97 77.29
CA LEU Z 458 -7.08 13.08 76.57
C LEU Z 458 -8.33 12.64 75.80
N LEU Z 459 -8.26 11.47 75.14
CA LEU Z 459 -9.42 10.98 74.41
C LEU Z 459 -10.59 10.68 75.34
N VAL Z 460 -10.30 10.00 76.46
CA VAL Z 460 -11.35 9.67 77.42
C VAL Z 460 -11.94 10.94 78.03
N ARG Z 461 -11.09 11.92 78.32
CA ARG Z 461 -11.57 13.17 78.89
C ARG Z 461 -12.46 13.92 77.90
N LYS Z 462 -12.08 13.93 76.62
CA LYS Z 462 -12.92 14.57 75.63
C LYS Z 462 -14.28 13.89 75.53
N GLU Z 463 -14.29 12.55 75.51
CA GLU Z 463 -15.55 11.83 75.44
C GLU Z 463 -16.41 12.10 76.67
N LEU Z 464 -15.81 12.08 77.86
CA LEU Z 464 -16.56 12.33 79.08
C LEU Z 464 -17.12 13.74 79.11
N ASN Z 465 -16.32 14.72 78.69
CA ASN Z 465 -16.80 16.11 78.65
C ASN Z 465 -17.95 16.25 77.66
N LYS Z 466 -17.87 15.57 76.52
CA LYS Z 466 -18.98 15.62 75.56
C LYS Z 466 -20.24 15.00 76.14
N MET Z 467 -20.11 13.87 76.86
CA MET Z 467 -21.27 13.29 77.52
C MET Z 467 -21.85 14.19 78.61
N LEU Z 468 -20.99 14.90 79.35
CA LEU Z 468 -21.48 15.73 80.45
C LEU Z 468 -22.43 16.84 80.00
N GLU Z 469 -22.32 17.30 78.75
CA GLU Z 469 -23.22 18.31 78.20
C GLU Z 469 -23.23 19.58 79.05
N GLY Z 470 -22.07 19.96 79.56
CA GLY Z 470 -21.92 21.19 80.30
C GLY Z 470 -22.29 21.13 81.76
N ARG Z 471 -22.77 19.99 82.25
CA ARG Z 471 -23.08 19.87 83.67
C ARG Z 471 -21.82 19.98 84.52
N SER Z 472 -20.73 19.39 84.06
CA SER Z 472 -19.43 19.52 84.71
C SER Z 472 -18.35 19.42 83.64
N LYS Z 473 -17.12 19.72 84.06
CA LYS Z 473 -15.95 19.64 83.17
C LYS Z 473 -14.83 18.93 83.93
N ILE Z 474 -14.31 17.86 83.34
CA ILE Z 474 -13.20 17.14 83.97
C ILE Z 474 -11.88 17.62 83.38
N SER Z 475 -10.95 17.96 84.26
CA SER Z 475 -9.61 18.37 83.86
C SER Z 475 -8.64 17.18 83.98
N VAL Z 476 -7.45 17.37 83.42
CA VAL Z 476 -6.42 16.33 83.49
C VAL Z 476 -6.00 16.08 84.93
N ASN Z 477 -6.07 17.12 85.77
CA ASN Z 477 -5.71 16.95 87.18
C ASN Z 477 -6.66 16.01 87.90
N ASP Z 478 -7.91 15.92 87.45
CA ASP Z 478 -8.83 14.96 88.06
C ASP Z 478 -8.40 13.53 87.76
N PHE Z 479 -8.01 13.25 86.51
CA PHE Z 479 -7.46 11.94 86.18
C PHE Z 479 -6.21 11.66 86.98
N ILE Z 480 -5.36 12.67 87.14
CA ILE Z 480 -4.12 12.49 87.90
C ILE Z 480 -4.42 12.16 89.36
N ILE Z 481 -5.40 12.85 89.95
CA ILE Z 481 -5.77 12.59 91.34
C ILE Z 481 -6.33 11.19 91.50
N LYS Z 482 -7.21 10.77 90.57
CA LYS Z 482 -7.78 9.43 90.65
C LYS Z 482 -6.69 8.37 90.52
N ALA Z 483 -5.78 8.55 89.57
CA ALA Z 483 -4.69 7.59 89.38
C ALA Z 483 -3.79 7.54 90.59
N SER Z 484 -3.50 8.70 91.19
CA SER Z 484 -2.68 8.74 92.39
C SER Z 484 -3.35 8.00 93.55
N ALA Z 485 -4.66 8.20 93.71
CA ALA Z 485 -5.37 7.50 94.79
C ALA Z 485 -5.36 6.00 94.58
N LEU Z 486 -5.60 5.54 93.34
CA LEU Z 486 -5.60 4.11 93.08
C LEU Z 486 -4.21 3.52 93.26
N ALA Z 487 -3.17 4.24 92.82
CA ALA Z 487 -1.80 3.76 93.02
C ALA Z 487 -1.44 3.72 94.51
N CYS Z 488 -1.93 4.68 95.28
CA CYS Z 488 -1.73 4.64 96.72
C CYS Z 488 -2.42 3.45 97.35
N LEU Z 489 -3.61 3.10 96.87
CA LEU Z 489 -4.26 1.88 97.34
C LEU Z 489 -3.43 0.65 97.01
N LYS Z 490 -2.89 0.59 95.79
CA LYS Z 490 -2.11 -0.59 95.39
C LYS Z 490 -0.80 -0.69 96.15
N VAL Z 491 -0.18 0.44 96.44
CA VAL Z 491 1.11 0.47 97.15
C VAL Z 491 0.94 1.34 98.39
N PRO Z 492 0.49 0.77 99.52
CA PRO Z 492 0.17 1.59 100.69
C PRO Z 492 1.39 2.22 101.36
N GLU Z 493 2.61 1.84 100.99
CA GLU Z 493 3.80 2.43 101.60
C GLU Z 493 3.87 3.92 101.31
N ALA Z 494 3.51 4.33 100.09
CA ALA Z 494 3.47 5.75 99.76
C ALA Z 494 2.36 6.47 100.51
N ASN Z 495 1.43 5.73 101.12
CA ASN Z 495 0.36 6.29 101.94
C ASN Z 495 0.63 6.12 103.43
N SER Z 496 1.88 6.27 103.85
CA SER Z 496 2.26 6.10 105.24
C SER Z 496 2.85 7.40 105.77
N SER Z 497 3.17 7.38 107.07
CA SER Z 497 3.77 8.51 107.75
C SER Z 497 4.73 8.00 108.81
N TRP Z 498 5.84 8.72 108.98
CA TRP Z 498 6.86 8.35 109.96
C TRP Z 498 6.62 9.13 111.25
N LEU Z 499 6.45 8.40 112.35
CA LEU Z 499 6.12 9.01 113.65
C LEU Z 499 7.20 8.69 114.68
N ASP Z 500 8.38 8.30 114.22
CA ASP Z 500 9.58 8.11 115.03
C ASP Z 500 9.50 6.89 115.94
N THR Z 501 8.34 6.26 116.02
CA THR Z 501 8.17 5.01 116.75
C THR Z 501 7.46 3.95 115.93
N VAL Z 502 6.47 4.34 115.13
CA VAL Z 502 5.75 3.43 114.24
C VAL Z 502 5.57 4.12 112.90
N ILE Z 503 5.30 3.31 111.88
CA ILE Z 503 4.98 3.80 110.55
C ILE Z 503 3.47 3.70 110.36
N ARG Z 504 2.79 4.83 110.43
CA ARG Z 504 1.33 4.86 110.34
C ARG Z 504 0.93 4.69 108.88
N GLN Z 505 0.33 3.55 108.56
CA GLN Z 505 -0.07 3.23 107.19
C GLN Z 505 -1.55 3.56 107.01
N ASN Z 506 -1.83 4.72 106.43
CA ASN Z 506 -3.22 5.15 106.29
C ASN Z 506 -3.97 4.27 105.30
N HIS Z 507 -5.17 3.85 105.68
CA HIS Z 507 -6.01 3.04 104.82
C HIS Z 507 -6.94 3.87 103.94
N VAL Z 508 -7.04 5.16 104.17
CA VAL Z 508 -7.79 6.06 103.32
C VAL Z 508 -6.82 7.00 102.62
N VAL Z 509 -7.23 7.50 101.45
CA VAL Z 509 -6.38 8.34 100.62
C VAL Z 509 -7.04 9.72 100.57
N ASP Z 510 -6.46 10.67 101.30
CA ASP Z 510 -6.90 12.06 101.28
C ASP Z 510 -5.83 12.86 100.54
N ILE Z 511 -6.15 13.27 99.32
CA ILE Z 511 -5.18 13.89 98.42
C ILE Z 511 -5.20 15.40 98.64
N SER Z 512 -4.13 15.93 99.22
CA SER Z 512 -3.93 17.37 99.21
C SER Z 512 -3.56 17.82 97.80
N VAL Z 513 -4.13 18.93 97.36
CA VAL Z 513 -3.88 19.47 96.03
C VAL Z 513 -3.30 20.87 96.19
N ALA Z 514 -2.11 21.08 95.62
CA ALA Z 514 -1.48 22.40 95.73
C ALA Z 514 -2.22 23.40 94.87
N VAL Z 515 -2.59 24.53 95.46
CA VAL Z 515 -3.27 25.61 94.77
C VAL Z 515 -2.51 26.90 95.07
N SER Z 516 -2.22 27.66 94.02
CA SER Z 516 -1.54 28.94 94.17
C SER Z 516 -2.55 30.07 94.23
N THR Z 517 -2.46 30.88 95.27
CA THR Z 517 -3.32 32.03 95.53
C THR Z 517 -2.43 33.24 95.77
N PRO Z 518 -2.97 34.45 95.67
CA PRO Z 518 -2.14 35.64 95.92
C PRO Z 518 -1.50 35.66 97.29
N ALA Z 519 -2.06 34.95 98.27
CA ALA Z 519 -1.49 34.88 99.60
C ALA Z 519 -0.45 33.77 99.75
N GLY Z 520 -0.26 32.93 98.75
CA GLY Z 520 0.73 31.88 98.79
C GLY Z 520 0.19 30.54 98.31
N LEU Z 521 0.87 29.48 98.73
CA LEU Z 521 0.47 28.13 98.35
C LEU Z 521 -0.36 27.50 99.46
N ILE Z 522 -1.50 26.92 99.09
CA ILE Z 522 -2.37 26.25 100.05
C ILE Z 522 -2.70 24.87 99.50
N THR Z 523 -3.15 23.98 100.39
CA THR Z 523 -3.36 22.57 100.05
C THR Z 523 -4.74 22.10 100.51
N PRO Z 524 -5.79 22.45 99.78
CA PRO Z 524 -7.10 21.85 100.06
C PRO Z 524 -7.06 20.35 99.82
N ILE Z 525 -7.80 19.61 100.65
CA ILE Z 525 -7.75 18.15 100.68
C ILE Z 525 -9.02 17.59 100.07
N VAL Z 526 -8.85 16.74 99.07
CA VAL Z 526 -9.95 15.93 98.53
C VAL Z 526 -9.93 14.63 99.34
N PHE Z 527 -10.94 14.46 100.19
CA PHE Z 527 -11.00 13.29 101.05
C PHE Z 527 -11.57 12.10 100.30
N ASN Z 528 -11.06 10.91 100.61
CA ASN Z 528 -11.54 9.66 100.03
C ASN Z 528 -11.52 9.70 98.50
N ALA Z 529 -10.39 10.19 97.95
CA ALA Z 529 -10.24 10.23 96.50
C ALA Z 529 -10.12 8.83 95.92
N HIS Z 530 -9.88 7.83 96.76
CA HIS Z 530 -9.78 6.46 96.27
C HIS Z 530 -11.15 5.88 95.95
N ILE Z 531 -12.22 6.46 96.51
CA ILE Z 531 -13.57 6.00 96.24
C ILE Z 531 -14.43 7.05 95.52
N LYS Z 532 -14.01 8.31 95.52
CA LYS Z 532 -14.74 9.33 94.77
C LYS Z 532 -14.57 9.12 93.28
N GLY Z 533 -15.60 9.49 92.51
CA GLY Z 533 -15.51 9.42 91.07
C GLY Z 533 -14.87 10.64 90.46
N LEU Z 534 -14.69 10.59 89.13
CA LEU Z 534 -14.05 11.71 88.44
C LEU Z 534 -14.89 12.98 88.52
N GLU Z 535 -16.21 12.85 88.36
CA GLU Z 535 -17.08 14.02 88.51
C GLU Z 535 -17.02 14.59 89.92
N THR Z 536 -17.08 13.72 90.93
CA THR Z 536 -17.00 14.19 92.30
C THR Z 536 -15.66 14.83 92.58
N ILE Z 537 -14.57 14.24 92.09
CA ILE Z 537 -13.24 14.81 92.28
C ILE Z 537 -13.15 16.19 91.64
N ALA Z 538 -13.65 16.31 90.40
CA ALA Z 538 -13.58 17.59 89.69
C ALA Z 538 -14.38 18.66 90.42
N ASN Z 539 -15.60 18.32 90.85
CA ASN Z 539 -16.44 19.29 91.55
C ASN Z 539 -15.81 19.70 92.87
N ASP Z 540 -15.27 18.73 93.62
CA ASP Z 540 -14.62 19.03 94.89
C ASP Z 540 -13.41 19.93 94.68
N VAL Z 541 -12.60 19.64 93.65
CA VAL Z 541 -11.42 20.44 93.38
C VAL Z 541 -11.82 21.86 92.99
N VAL Z 542 -12.85 22.01 92.16
CA VAL Z 542 -13.29 23.34 91.77
C VAL Z 542 -13.78 24.13 92.98
N SER Z 543 -14.60 23.50 93.82
CA SER Z 543 -15.14 24.18 95.00
C SER Z 543 -14.03 24.57 95.96
N LEU Z 544 -13.09 23.66 96.22
CA LEU Z 544 -12.01 23.94 97.16
C LEU Z 544 -11.06 24.99 96.60
N ALA Z 545 -10.82 24.98 95.29
CA ALA Z 545 -9.96 26.00 94.69
C ALA Z 545 -10.61 27.37 94.78
N THR Z 546 -11.92 27.46 94.54
CA THR Z 546 -12.61 28.73 94.70
C THR Z 546 -12.54 29.20 96.14
N LYS Z 547 -12.75 28.29 97.10
CA LYS Z 547 -12.66 28.66 98.51
C LYS Z 547 -11.26 29.13 98.86
N ALA Z 548 -10.23 28.48 98.32
CA ALA Z 548 -8.86 28.88 98.60
C ALA Z 548 -8.55 30.25 98.02
N ARG Z 549 -8.98 30.49 96.77
CA ARG Z 549 -8.71 31.78 96.14
C ARG Z 549 -9.44 32.90 96.86
N GLU Z 550 -10.66 32.67 97.32
CA GLU Z 550 -11.40 33.70 98.03
C GLU Z 550 -11.12 33.72 99.53
N GLY Z 551 -10.30 32.81 100.04
CA GLY Z 551 -9.83 32.90 101.41
C GLY Z 551 -10.78 32.44 102.49
N LYS Z 552 -11.67 31.49 102.18
CA LYS Z 552 -12.58 30.95 103.18
C LYS Z 552 -12.31 29.51 103.56
N LEU Z 553 -11.10 29.00 103.32
CA LEU Z 553 -10.80 27.62 103.69
C LEU Z 553 -10.74 27.46 105.20
N GLN Z 554 -11.46 26.46 105.71
CA GLN Z 554 -11.39 26.11 107.11
C GLN Z 554 -10.12 25.29 107.38
N PRO Z 555 -9.59 25.35 108.61
CA PRO Z 555 -8.34 24.62 108.91
C PRO Z 555 -8.42 23.12 108.64
N HIS Z 556 -9.58 22.50 108.89
CA HIS Z 556 -9.70 21.07 108.64
C HIS Z 556 -9.73 20.75 107.14
N GLU Z 557 -10.01 21.73 106.30
CA GLU Z 557 -10.07 21.51 104.86
C GLU Z 557 -8.71 21.58 104.18
N PHE Z 558 -7.66 22.01 104.88
CA PHE Z 558 -6.33 22.00 104.32
C PHE Z 558 -5.25 21.46 105.25
N GLN Z 559 -5.60 21.06 106.47
CA GLN Z 559 -4.64 20.45 107.38
C GLN Z 559 -4.84 18.94 107.38
N GLY Z 560 -3.74 18.20 107.22
CA GLY Z 560 -3.82 16.75 107.19
C GLY Z 560 -3.44 16.17 105.85
N GLY Z 561 -4.19 15.17 105.40
CA GLY Z 561 -3.91 14.51 104.14
C GLY Z 561 -2.88 13.41 104.29
N THR Z 562 -2.85 12.53 103.29
CA THR Z 562 -1.90 11.42 103.26
C THR Z 562 -0.98 11.43 102.05
N PHE Z 563 -1.35 12.16 100.99
CA PHE Z 563 -0.55 12.23 99.78
C PHE Z 563 -0.86 13.56 99.11
N THR Z 564 0.18 14.20 98.57
CA THR Z 564 0.05 15.54 98.01
C THR Z 564 0.34 15.51 96.52
N ILE Z 565 -0.37 16.34 95.75
CA ILE Z 565 -0.15 16.50 94.33
C ILE Z 565 0.04 17.98 94.04
N SER Z 566 1.17 18.32 93.44
CA SER Z 566 1.47 19.69 93.05
C SER Z 566 1.67 19.71 91.53
N ASN Z 567 0.77 20.40 90.83
CA ASN Z 567 0.76 20.43 89.38
C ASN Z 567 1.15 21.82 88.92
N LEU Z 568 2.23 21.91 88.12
CA LEU Z 568 2.64 23.16 87.52
C LEU Z 568 2.70 23.08 86.00
N GLY Z 569 1.95 22.16 85.41
CA GLY Z 569 1.98 22.03 83.95
C GLY Z 569 1.33 23.22 83.26
N MET Z 570 0.39 23.88 83.92
CA MET Z 570 -0.27 25.04 83.33
C MET Z 570 0.68 26.22 83.18
N PHE Z 571 1.82 26.19 83.85
CA PHE Z 571 2.82 27.25 83.76
C PHE Z 571 3.96 26.91 82.82
N GLY Z 572 3.89 25.77 82.13
CA GLY Z 572 4.91 25.42 81.17
C GLY Z 572 6.13 24.72 81.73
N ILE Z 573 6.10 24.29 82.99
CA ILE Z 573 7.23 23.59 83.57
C ILE Z 573 7.30 22.18 83.01
N LYS Z 574 8.47 21.81 82.48
CA LYS Z 574 8.65 20.45 81.97
C LYS Z 574 8.58 19.42 83.09
N ASN Z 575 9.34 19.64 84.16
CA ASN Z 575 9.23 18.83 85.37
C ASN Z 575 9.88 19.60 86.52
N PHE Z 576 9.56 19.17 87.74
CA PHE Z 576 10.14 19.81 88.92
C PHE Z 576 10.09 18.85 90.08
N SER Z 577 10.87 19.16 91.12
CA SER Z 577 10.95 18.37 92.33
C SER Z 577 10.39 19.20 93.48
N ALA Z 578 9.38 18.67 94.17
CA ALA Z 578 8.71 19.41 95.22
C ALA Z 578 9.23 19.01 96.59
N ILE Z 579 8.72 19.70 97.61
CA ILE Z 579 9.07 19.42 98.99
C ILE Z 579 7.93 18.67 99.66
N ILE Z 580 8.26 17.57 100.34
CA ILE Z 580 7.24 16.76 100.98
C ILE Z 580 6.56 17.55 102.09
N ASN Z 581 5.23 17.56 102.07
CA ASN Z 581 4.45 18.24 103.11
C ASN Z 581 4.33 17.32 104.32
N PRO Z 582 4.86 17.71 105.47
CA PRO Z 582 4.85 16.81 106.63
C PRO Z 582 3.45 16.65 107.18
N PRO Z 583 3.17 15.50 107.83
CA PRO Z 583 4.04 14.35 108.06
C PRO Z 583 3.90 13.28 106.99
N GLN Z 584 3.48 13.64 105.78
CA GLN Z 584 3.29 12.67 104.72
C GLN Z 584 4.64 12.12 104.25
N ALA Z 585 4.57 11.06 103.44
CA ALA Z 585 5.77 10.37 102.99
C ALA Z 585 6.12 10.63 101.53
N CYS Z 586 5.19 11.21 100.75
CA CYS Z 586 5.43 11.42 99.34
C CYS Z 586 4.71 12.67 98.86
N ILE Z 587 5.12 13.17 97.69
CA ILE Z 587 4.45 14.25 97.00
C ILE Z 587 4.72 14.08 95.51
N LEU Z 588 3.67 14.14 94.70
CA LEU Z 588 3.77 13.96 93.26
C LEU Z 588 3.81 15.31 92.58
N ALA Z 589 4.92 15.59 91.89
CA ALA Z 589 5.09 16.84 91.16
C ALA Z 589 4.81 16.58 89.69
N VAL Z 590 3.86 17.32 89.12
CA VAL Z 590 3.39 17.10 87.76
C VAL Z 590 3.80 18.30 86.91
N GLY Z 591 4.41 18.01 85.75
CA GLY Z 591 4.82 19.04 84.82
C GLY Z 591 3.88 19.13 83.63
N ALA Z 592 4.34 19.86 82.62
CA ALA Z 592 3.53 20.09 81.43
C ALA Z 592 3.52 18.87 80.52
N SER Z 593 2.44 18.75 79.75
CA SER Z 593 2.35 17.70 78.74
C SER Z 593 2.73 18.27 77.37
N GLU Z 594 3.66 17.60 76.70
CA GLU Z 594 4.20 18.09 75.44
C GLU Z 594 4.24 16.95 74.43
N ASP Z 595 4.22 17.32 73.15
CA ASP Z 595 4.25 16.33 72.07
C ASP Z 595 5.70 15.95 71.79
N ARG Z 596 5.97 14.64 71.75
CA ARG Z 596 7.30 14.12 71.49
C ARG Z 596 7.23 13.01 70.46
N LEU Z 597 8.25 12.94 69.62
CA LEU Z 597 8.34 11.90 68.60
C LEU Z 597 8.89 10.62 69.21
N PHE Z 598 8.34 9.48 68.78
CA PHE Z 598 8.77 8.20 69.29
C PHE Z 598 8.81 7.17 68.16
N PRO Z 599 9.77 6.25 68.21
CA PRO Z 599 9.85 5.22 67.17
C PRO Z 599 8.59 4.36 67.12
N ALA Z 600 8.19 3.99 65.91
CA ALA Z 600 7.03 3.14 65.70
C ALA Z 600 7.24 2.28 64.47
N ASP Z 601 6.55 1.14 64.42
CA ASP Z 601 6.65 0.21 63.31
C ASP Z 601 5.64 0.59 62.22
N ASN Z 602 5.86 1.77 61.64
CA ASN Z 602 5.02 2.27 60.57
C ASN Z 602 5.90 2.78 59.44
N GLU Z 603 5.24 3.24 58.37
CA GLU Z 603 5.98 3.71 57.19
C GLU Z 603 6.83 4.93 57.51
N LYS Z 604 6.29 5.88 58.26
CA LYS Z 604 7.04 7.08 58.62
C LYS Z 604 8.19 6.78 59.58
N GLY Z 605 8.12 5.68 60.31
CA GLY Z 605 9.15 5.34 61.26
C GLY Z 605 8.99 5.98 62.62
N PHE Z 606 7.96 6.80 62.83
CA PHE Z 606 7.77 7.47 64.11
C PHE Z 606 6.31 7.82 64.29
N ASP Z 607 5.95 8.15 65.53
CA ASP Z 607 4.62 8.60 65.90
C ASP Z 607 4.74 9.79 66.84
N VAL Z 608 3.62 10.48 67.05
CA VAL Z 608 3.55 11.63 67.92
C VAL Z 608 2.65 11.28 69.11
N ALA Z 609 3.21 11.38 70.31
CA ALA Z 609 2.48 11.08 71.53
C ALA Z 609 2.68 12.21 72.53
N SER Z 610 1.60 12.60 73.20
CA SER Z 610 1.65 13.65 74.20
C SER Z 610 2.01 13.04 75.55
N MET Z 611 3.25 13.23 75.98
CA MET Z 611 3.72 12.71 77.26
C MET Z 611 3.79 13.81 78.30
N MET Z 612 3.57 13.44 79.56
CA MET Z 612 3.69 14.32 80.71
C MET Z 612 4.67 13.70 81.70
N SER Z 613 5.62 14.49 82.16
CA SER Z 613 6.66 14.00 83.05
C SER Z 613 6.26 14.25 84.50
N VAL Z 614 6.29 13.20 85.31
CA VAL Z 614 5.92 13.30 86.72
C VAL Z 614 7.10 12.88 87.58
N THR Z 615 7.34 13.65 88.64
CA THR Z 615 8.44 13.41 89.56
C THR Z 615 7.87 13.24 90.95
N LEU Z 616 8.05 12.05 91.53
CA LEU Z 616 7.60 11.74 92.87
C LEU Z 616 8.77 11.89 93.83
N SER Z 617 8.59 12.74 94.84
CA SER Z 617 9.58 12.91 95.90
C SER Z 617 9.17 12.08 97.11
N CYS Z 618 10.04 11.19 97.55
CA CYS Z 618 9.71 10.20 98.56
C CYS Z 618 10.62 10.36 99.78
N ASP Z 619 10.04 10.10 100.94
CA ASP Z 619 10.79 9.98 102.19
C ASP Z 619 11.46 8.61 102.21
N HIS Z 620 12.79 8.60 102.18
CA HIS Z 620 13.51 7.34 102.09
C HIS Z 620 13.43 6.51 103.36
N ARG Z 621 12.95 7.09 104.47
CA ARG Z 621 12.75 6.28 105.68
C ARG Z 621 11.60 5.31 105.52
N VAL Z 622 10.54 5.73 104.83
CA VAL Z 622 9.34 4.91 104.64
C VAL Z 622 9.33 4.23 103.28
N VAL Z 623 9.60 4.99 102.22
CA VAL Z 623 9.50 4.49 100.85
C VAL Z 623 10.92 4.36 100.30
N ASP Z 624 11.34 3.13 100.02
CA ASP Z 624 12.62 2.93 99.37
C ASP Z 624 12.47 3.00 97.84
N GLY Z 625 13.59 2.83 97.15
CA GLY Z 625 13.59 3.04 95.70
C GLY Z 625 12.67 2.10 94.97
N ALA Z 626 12.69 0.81 95.35
CA ALA Z 626 11.84 -0.16 94.67
C ALA Z 626 10.36 0.14 94.88
N VAL Z 627 9.98 0.53 96.10
CA VAL Z 627 8.59 0.84 96.38
C VAL Z 627 8.14 2.09 95.62
N GLY Z 628 8.99 3.13 95.61
CA GLY Z 628 8.65 4.32 94.83
C GLY Z 628 8.50 4.03 93.35
N ALA Z 629 9.40 3.21 92.81
CA ALA Z 629 9.32 2.83 91.41
C ALA Z 629 8.06 2.03 91.12
N GLN Z 630 7.68 1.13 92.03
CA GLN Z 630 6.44 0.38 91.86
C GLN Z 630 5.22 1.29 91.87
N TRP Z 631 5.21 2.27 92.78
CA TRP Z 631 4.11 3.24 92.82
C TRP Z 631 4.03 4.00 91.50
N LEU Z 632 5.17 4.47 91.00
CA LEU Z 632 5.16 5.21 89.74
C LEU Z 632 4.71 4.32 88.58
N ALA Z 633 5.09 3.04 88.61
CA ALA Z 633 4.66 2.12 87.56
C ALA Z 633 3.14 1.93 87.57
N GLU Z 634 2.56 1.75 88.75
CA GLU Z 634 1.10 1.61 88.83
C GLU Z 634 0.41 2.89 88.39
N PHE Z 635 0.92 4.05 88.80
CA PHE Z 635 0.36 5.33 88.39
C PHE Z 635 0.39 5.47 86.87
N ARG Z 636 1.53 5.14 86.27
CA ARG Z 636 1.67 5.23 84.83
C ARG Z 636 0.72 4.27 84.11
N LYS Z 637 0.59 3.04 84.62
CA LYS Z 637 -0.34 2.10 84.00
C LYS Z 637 -1.76 2.62 84.05
N TYR Z 638 -2.17 3.14 85.21
CA TYR Z 638 -3.52 3.69 85.35
C TYR Z 638 -3.76 4.83 84.37
N LEU Z 639 -2.79 5.73 84.21
CA LEU Z 639 -3.01 6.85 83.30
C LEU Z 639 -2.96 6.42 81.84
N GLU Z 640 -2.08 5.51 81.46
CA GLU Z 640 -2.00 5.11 80.07
C GLU Z 640 -3.17 4.22 79.65
N LYS Z 641 -3.85 3.57 80.59
CA LYS Z 641 -5.10 2.85 80.29
C LYS Z 641 -6.15 3.28 81.30
N PRO Z 642 -6.88 4.36 81.01
CA PRO Z 642 -7.88 4.87 81.97
C PRO Z 642 -8.96 3.87 82.30
N ILE Z 643 -9.29 2.97 81.37
CA ILE Z 643 -10.32 1.97 81.62
C ILE Z 643 -9.90 1.01 82.72
N THR Z 644 -8.60 0.93 83.02
CA THR Z 644 -8.14 0.14 84.16
C THR Z 644 -8.44 0.79 85.50
N MET Z 645 -8.85 2.06 85.52
CA MET Z 645 -9.29 2.64 86.78
C MET Z 645 -10.63 2.10 87.25
N LEU Z 646 -11.33 1.34 86.40
CA LEU Z 646 -12.55 0.67 86.81
C LEU Z 646 -12.27 -0.55 87.69
N LEU Z 647 -11.05 -1.07 87.69
CA LEU Z 647 -10.68 -2.20 88.54
C LEU Z 647 -10.70 -1.81 90.02
N PHE AA 420 -79.39 24.26 72.53
CA PHE AA 420 -79.34 25.47 71.72
C PHE AA 420 -79.21 26.72 72.57
N THR AA 421 -78.94 27.85 71.93
CA THR AA 421 -78.83 29.14 72.59
C THR AA 421 -79.62 30.17 71.81
N ASP AA 422 -80.48 30.92 72.51
CA ASP AA 422 -81.30 31.94 71.88
C ASP AA 422 -80.58 33.28 72.01
N ILE AA 423 -80.11 33.80 70.88
CA ILE AA 423 -79.41 35.09 70.84
C ILE AA 423 -80.44 36.17 70.49
N PRO AA 424 -80.66 37.16 71.35
CA PRO AA 424 -81.64 38.20 71.03
C PRO AA 424 -81.25 38.96 69.77
N ILE AA 425 -82.27 39.33 68.98
CA ILE AA 425 -82.05 40.06 67.74
C ILE AA 425 -81.96 41.54 68.06
N SER AA 426 -80.87 42.17 67.64
CA SER AA 426 -80.71 43.60 67.83
C SER AA 426 -81.65 44.37 66.91
N ASN AA 427 -81.87 45.65 67.25
CA ASN AA 427 -82.72 46.49 66.42
C ASN AA 427 -82.08 46.73 65.04
N ILE AA 428 -80.75 46.87 65.01
CA ILE AA 428 -80.05 47.02 63.74
C ILE AA 428 -80.25 45.79 62.86
N ARG AA 429 -80.13 44.61 63.46
CA ARG AA 429 -80.33 43.38 62.71
C ARG AA 429 -81.78 43.24 62.26
N ARG AA 430 -82.73 43.67 63.10
CA ARG AA 430 -84.13 43.65 62.70
C ARG AA 430 -84.38 44.57 61.51
N VAL AA 431 -83.76 45.75 61.51
CA VAL AA 431 -83.90 46.68 60.39
C VAL AA 431 -83.32 46.07 59.12
N ILE AA 432 -82.13 45.45 59.23
CA ILE AA 432 -81.50 44.83 58.07
C ILE AA 432 -82.36 43.70 57.53
N ALA AA 433 -82.89 42.87 58.43
CA ALA AA 433 -83.75 41.77 58.02
C ALA AA 433 -85.02 42.27 57.35
N GLN AA 434 -85.60 43.35 57.88
CA GLN AA 434 -86.80 43.92 57.27
C GLN AA 434 -86.50 44.46 55.88
N ARG AA 435 -85.36 45.13 55.72
CA ARG AA 435 -84.98 45.61 54.39
C ARG AA 435 -84.79 44.47 53.41
N LEU AA 436 -84.12 43.40 53.84
CA LEU AA 436 -83.92 42.25 52.96
C LEU AA 436 -85.23 41.58 52.60
N MET AA 437 -86.15 41.46 53.57
CA MET AA 437 -87.46 40.90 53.30
C MET AA 437 -88.21 41.77 52.28
N GLN AA 438 -88.17 43.09 52.47
CA GLN AA 438 -88.82 43.99 51.53
C GLN AA 438 -88.24 43.84 50.13
N SER AA 439 -86.91 43.76 50.04
CA SER AA 439 -86.28 43.60 48.73
C SER AA 439 -86.71 42.32 48.04
N LYS AA 440 -86.63 41.19 48.76
CA LYS AA 440 -86.94 39.91 48.14
C LYS AA 440 -88.44 39.75 47.89
N GLN AA 441 -89.27 40.54 48.57
CA GLN AA 441 -90.71 40.42 48.36
C GLN AA 441 -91.23 41.36 47.27
N THR AA 442 -90.58 42.51 47.07
CA THR AA 442 -91.08 43.50 46.14
C THR AA 442 -90.26 43.61 44.85
N ILE AA 443 -89.05 43.06 44.82
CA ILE AA 443 -88.17 43.18 43.67
C ILE AA 443 -88.06 41.82 43.00
N PRO AA 444 -88.54 41.65 41.78
CA PRO AA 444 -88.37 40.36 41.08
C PRO AA 444 -86.96 40.17 40.56
N HIS AA 445 -86.07 39.67 41.41
CA HIS AA 445 -84.67 39.50 41.04
C HIS AA 445 -84.51 38.51 39.89
N TYR AA 446 -83.55 38.78 39.02
CA TYR AA 446 -83.03 37.75 38.12
C TYR AA 446 -81.55 38.01 37.88
N TYR AA 447 -80.79 36.93 37.74
CA TYR AA 447 -79.34 36.98 37.87
C TYR AA 447 -78.67 36.65 36.54
N LEU AA 448 -77.66 37.42 36.17
CA LEU AA 448 -76.87 37.18 34.96
C LEU AA 448 -75.39 37.13 35.31
N SER AA 449 -74.71 36.06 34.89
CA SER AA 449 -73.32 35.85 35.25
C SER AA 449 -72.43 35.83 34.02
N VAL AA 450 -71.25 36.45 34.14
CA VAL AA 450 -70.25 36.43 33.08
C VAL AA 450 -68.87 36.24 33.71
N ASP AA 451 -67.89 35.98 32.84
CA ASP AA 451 -66.49 35.84 33.22
C ASP AA 451 -65.66 36.92 32.55
N VAL AA 452 -64.80 37.55 33.34
CA VAL AA 452 -64.00 38.69 32.91
C VAL AA 452 -62.52 38.32 33.04
N ASN AA 453 -61.76 38.56 31.97
CA ASN AA 453 -60.33 38.28 31.97
C ASN AA 453 -59.59 39.43 32.65
N MET AA 454 -58.76 39.12 33.63
CA MET AA 454 -58.18 40.13 34.49
C MET AA 454 -56.67 40.29 34.33
N GLY AA 455 -56.06 39.69 33.31
CA GLY AA 455 -54.62 39.81 33.14
C GLY AA 455 -54.19 41.24 32.90
N GLU AA 456 -54.89 41.93 32.00
CA GLU AA 456 -54.52 43.31 31.70
C GLU AA 456 -54.77 44.23 32.89
N VAL AA 457 -55.86 43.98 33.64
CA VAL AA 457 -56.11 44.76 34.84
C VAL AA 457 -54.99 44.55 35.85
N LEU AA 458 -54.54 43.30 36.03
CA LEU AA 458 -53.45 43.05 36.96
C LEU AA 458 -52.16 43.74 36.51
N LEU AA 459 -51.85 43.70 35.22
CA LEU AA 459 -50.65 44.37 34.72
C LEU AA 459 -50.73 45.88 34.94
N VAL AA 460 -51.87 46.48 34.60
CA VAL AA 460 -52.04 47.92 34.76
C VAL AA 460 -51.99 48.29 36.23
N ARG AA 461 -52.55 47.46 37.10
CA ARG AA 461 -52.53 47.73 38.53
C ARG AA 461 -51.11 47.67 39.07
N LYS AA 462 -50.32 46.69 38.62
CA LYS AA 462 -48.94 46.61 39.05
C LYS AA 462 -48.16 47.85 38.61
N GLU AA 463 -48.35 48.27 37.36
CA GLU AA 463 -47.66 49.46 36.87
C GLU AA 463 -48.09 50.71 37.64
N LEU AA 464 -49.38 50.85 37.91
CA LEU AA 464 -49.88 52.01 38.65
C LEU AA 464 -49.36 52.03 40.08
N ASN AA 465 -49.31 50.86 40.72
CA ASN AA 465 -48.77 50.79 42.08
C ASN AA 465 -47.28 51.11 42.09
N LYS AA 466 -46.54 50.66 41.09
CA LYS AA 466 -45.13 51.03 40.99
C LYS AA 466 -44.97 52.54 40.81
N MET AA 467 -45.80 53.15 39.97
CA MET AA 467 -45.71 54.59 39.76
C MET AA 467 -46.10 55.37 41.01
N LEU AA 468 -47.06 54.86 41.78
CA LEU AA 468 -47.54 55.56 42.97
C LEU AA 468 -46.47 55.72 44.05
N GLU AA 469 -45.47 54.82 44.08
CA GLU AA 469 -44.33 54.93 44.99
C GLU AA 469 -44.78 54.99 46.45
N GLY AA 470 -45.82 54.22 46.77
CA GLY AA 470 -46.27 54.10 48.14
C GLY AA 470 -47.19 55.21 48.63
N ARG AA 471 -47.47 56.21 47.79
CA ARG AA 471 -48.41 57.25 48.20
C ARG AA 471 -49.81 56.68 48.40
N SER AA 472 -50.22 55.78 47.50
CA SER AA 472 -51.46 55.04 47.66
C SER AA 472 -51.26 53.64 47.09
N LYS AA 473 -52.30 52.81 47.20
CA LYS AA 473 -52.27 51.46 46.66
C LYS AA 473 -53.59 51.21 45.92
N ILE AA 474 -53.49 50.92 44.63
CA ILE AA 474 -54.68 50.67 43.83
C ILE AA 474 -55.03 49.18 43.91
N SER AA 475 -56.27 48.90 44.27
CA SER AA 475 -56.75 47.53 44.40
C SER AA 475 -57.65 47.16 43.22
N VAL AA 476 -57.92 45.86 43.11
CA VAL AA 476 -58.78 45.36 42.03
C VAL AA 476 -60.20 45.88 42.20
N ASN AA 477 -60.66 46.04 43.44
CA ASN AA 477 -61.99 46.57 43.67
C ASN AA 477 -62.12 48.00 43.16
N ASP AA 478 -61.03 48.76 43.14
CA ASP AA 478 -61.09 50.11 42.57
C ASP AA 478 -61.34 50.06 41.07
N PHE AA 479 -60.65 49.17 40.35
CA PHE AA 479 -60.92 48.97 38.94
C PHE AA 479 -62.36 48.53 38.72
N ILE AA 480 -62.85 47.63 39.59
CA ILE AA 480 -64.21 47.14 39.45
C ILE AA 480 -65.22 48.26 39.65
N ILE AA 481 -65.00 49.12 40.66
CA ILE AA 481 -65.91 50.23 40.91
C ILE AA 481 -65.90 51.21 39.74
N LYS AA 482 -64.72 51.52 39.22
CA LYS AA 482 -64.63 52.45 38.10
C LYS AA 482 -65.33 51.89 36.86
N ALA AA 483 -65.10 50.60 36.57
CA ALA AA 483 -65.74 49.98 35.43
C ALA AA 483 -67.26 49.94 35.60
N SER AA 484 -67.72 49.65 36.82
CA SER AA 484 -69.16 49.64 37.08
C SER AA 484 -69.76 51.02 36.87
N ALA AA 485 -69.08 52.06 37.33
CA ALA AA 485 -69.58 53.43 37.13
C ALA AA 485 -69.65 53.79 35.66
N LEU AA 486 -68.61 53.44 34.90
CA LEU AA 486 -68.62 53.76 33.47
C LEU AA 486 -69.69 52.97 32.72
N ALA AA 487 -69.88 51.69 33.09
CA ALA AA 487 -70.93 50.90 32.46
C ALA AA 487 -72.31 51.44 32.83
N CYS AA 488 -72.46 51.94 34.06
CA CYS AA 488 -73.72 52.57 34.44
C CYS AA 488 -73.97 53.83 33.63
N LEU AA 489 -72.92 54.61 33.35
CA LEU AA 489 -73.08 55.76 32.47
C LEU AA 489 -73.51 55.33 31.07
N LYS AA 490 -72.90 54.27 30.55
CA LYS AA 490 -73.21 53.85 29.18
C LYS AA 490 -74.62 53.25 29.10
N VAL AA 491 -75.06 52.56 30.14
CA VAL AA 491 -76.37 51.93 30.16
C VAL AA 491 -77.15 52.47 31.36
N PRO AA 492 -77.84 53.60 31.22
CA PRO AA 492 -78.46 54.23 32.40
C PRO AA 492 -79.62 53.44 33.00
N GLU AA 493 -80.13 52.42 32.33
CA GLU AA 493 -81.23 51.64 32.89
C GLU AA 493 -80.82 50.94 34.17
N ALA AA 494 -79.58 50.45 34.23
CA ALA AA 494 -79.07 49.86 35.46
C ALA AA 494 -78.87 50.88 36.56
N ASN AA 495 -78.90 52.16 36.23
CA ASN AA 495 -78.80 53.24 37.20
C ASN AA 495 -80.15 53.90 37.47
N SER AA 496 -81.21 53.11 37.52
CA SER AA 496 -82.56 53.60 37.72
C SER AA 496 -83.14 53.06 39.03
N SER AA 497 -84.34 53.52 39.34
CA SER AA 497 -85.07 53.11 40.52
C SER AA 497 -86.56 53.08 40.22
N TRP AA 498 -87.26 52.09 40.76
CA TRP AA 498 -88.68 51.95 40.55
C TRP AA 498 -89.44 52.57 41.72
N LEU AA 499 -90.34 53.50 41.42
CA LEU AA 499 -91.07 54.25 42.44
C LEU AA 499 -92.57 54.08 42.27
N ASP AA 500 -92.97 53.03 41.55
CA ASP AA 500 -94.36 52.59 41.40
C ASP AA 500 -95.19 53.55 40.54
N THR AA 501 -94.62 54.70 40.19
CA THR AA 501 -95.28 55.64 39.28
C THR AA 501 -94.36 56.08 38.16
N VAL AA 502 -93.08 56.28 38.44
CA VAL AA 502 -92.08 56.66 37.43
C VAL AA 502 -90.83 55.85 37.68
N ILE AA 503 -89.99 55.78 36.64
CA ILE AA 503 -88.68 55.13 36.74
C ILE AA 503 -87.63 56.23 36.81
N ARG AA 504 -87.11 56.46 38.01
CA ARG AA 504 -86.14 57.53 38.24
C ARG AA 504 -84.79 57.10 37.70
N GLN AA 505 -84.31 57.76 36.66
CA GLN AA 505 -83.04 57.42 36.02
C GLN AA 505 -81.96 58.36 36.53
N ASN AA 506 -81.18 57.90 37.51
CA ASN AA 506 -80.16 58.76 38.12
C ASN AA 506 -79.06 59.08 37.13
N HIS AA 507 -78.70 60.36 37.04
CA HIS AA 507 -77.63 60.80 36.15
C HIS AA 507 -76.25 60.78 36.80
N VAL AA 508 -76.19 60.56 38.11
CA VAL AA 508 -74.93 60.39 38.82
C VAL AA 508 -74.86 58.95 39.32
N VAL AA 509 -73.65 58.47 39.51
CA VAL AA 509 -73.41 57.08 39.91
C VAL AA 509 -72.76 57.09 41.29
N ASP AA 510 -73.55 56.79 42.31
CA ASP AA 510 -73.07 56.69 43.68
C ASP AA 510 -72.98 55.20 44.01
N ILE AA 511 -71.77 54.67 44.06
CA ILE AA 511 -71.55 53.24 44.19
C ILE AA 511 -71.49 52.88 45.68
N SER AA 512 -72.51 52.20 46.18
CA SER AA 512 -72.42 51.60 47.50
C SER AA 512 -71.50 50.39 47.44
N VAL AA 513 -70.64 50.24 48.43
CA VAL AA 513 -69.69 49.14 48.50
C VAL AA 513 -69.97 48.34 49.75
N ALA AA 514 -70.25 47.05 49.58
CA ALA AA 514 -70.54 46.19 50.72
C ALA AA 514 -69.26 45.94 51.50
N VAL AA 515 -69.30 46.16 52.81
CA VAL AA 515 -68.17 45.98 53.70
C VAL AA 515 -68.64 45.18 54.90
N SER AA 516 -67.90 44.13 55.24
CA SER AA 516 -68.23 43.29 56.38
C SER AA 516 -67.49 43.77 57.62
N THR AA 517 -68.24 44.04 58.68
CA THR AA 517 -67.75 44.48 59.97
C THR AA 517 -68.28 43.53 61.02
N PRO AA 518 -67.70 43.52 62.22
CA PRO AA 518 -68.21 42.62 63.27
C PRO AA 518 -69.67 42.86 63.61
N ALA AA 519 -70.22 44.03 63.30
CA ALA AA 519 -71.64 44.32 63.55
C ALA AA 519 -72.54 43.95 62.39
N GLY AA 520 -71.98 43.53 61.26
CA GLY AA 520 -72.77 43.12 60.10
C GLY AA 520 -72.27 43.71 58.81
N LEU AA 521 -73.17 43.75 57.82
CA LEU AA 521 -72.82 44.30 56.51
C LEU AA 521 -73.29 45.75 56.42
N ILE AA 522 -72.39 46.63 55.98
CA ILE AA 522 -72.72 48.03 55.80
C ILE AA 522 -72.22 48.48 54.43
N THR AA 523 -72.87 49.51 53.88
CA THR AA 523 -72.65 49.92 52.50
C THR AA 523 -72.26 51.40 52.44
N PRO AA 524 -71.00 51.73 52.73
CA PRO AA 524 -70.52 53.09 52.48
C PRO AA 524 -70.57 53.42 51.00
N ILE AA 525 -70.88 54.68 50.70
CA ILE AA 525 -71.14 55.13 49.33
C ILE AA 525 -69.96 55.93 48.83
N VAL AA 526 -69.43 55.54 47.67
CA VAL AA 526 -68.46 56.35 46.94
C VAL AA 526 -69.28 57.18 45.95
N PHE AA 527 -69.37 58.48 46.22
CA PHE AA 527 -70.15 59.37 45.39
C PHE AA 527 -69.35 59.78 44.16
N ASN AA 528 -70.07 59.96 43.03
CA ASN AA 528 -69.46 60.43 41.78
C ASN AA 528 -68.30 59.53 41.36
N ALA AA 529 -68.51 58.22 41.46
CA ALA AA 529 -67.47 57.28 41.03
C ALA AA 529 -67.28 57.32 39.52
N HIS AA 530 -68.24 57.88 38.79
CA HIS AA 530 -68.11 57.97 37.34
C HIS AA 530 -67.13 59.06 36.92
N ILE AA 531 -66.82 59.99 37.83
CA ILE AA 531 -65.85 61.04 37.53
C ILE AA 531 -64.63 60.99 38.42
N LYS AA 532 -64.67 60.25 39.54
CA LYS AA 532 -63.49 60.11 40.38
C LYS AA 532 -62.46 59.19 39.72
N GLY AA 533 -61.18 59.49 39.97
CA GLY AA 533 -60.13 58.65 39.44
C GLY AA 533 -59.88 57.43 40.30
N LEU AA 534 -58.99 56.57 39.82
CA LEU AA 534 -58.70 55.32 40.54
C LEU AA 534 -58.06 55.60 41.89
N GLU AA 535 -57.12 56.54 41.94
CA GLU AA 535 -56.49 56.87 43.22
C GLU AA 535 -57.49 57.47 44.20
N THR AA 536 -58.33 58.39 43.71
CA THR AA 536 -59.37 58.97 44.56
C THR AA 536 -60.36 57.92 45.03
N ILE AA 537 -60.76 57.01 44.14
CA ILE AA 537 -61.68 55.94 44.51
C ILE AA 537 -61.06 55.05 45.57
N ALA AA 538 -59.79 54.69 45.39
CA ALA AA 538 -59.12 53.84 46.37
C ALA AA 538 -59.02 54.52 47.73
N ASN AA 539 -58.65 55.81 47.74
CA ASN AA 539 -58.57 56.52 49.01
C ASN AA 539 -59.92 56.61 49.69
N ASP AA 540 -60.97 56.90 48.91
CA ASP AA 540 -62.32 56.96 49.47
C ASP AA 540 -62.73 55.61 50.05
N VAL AA 541 -62.43 54.53 49.33
CA VAL AA 541 -62.80 53.20 49.80
C VAL AA 541 -62.07 52.86 51.10
N VAL AA 542 -60.77 53.15 51.17
CA VAL AA 542 -60.03 52.85 52.40
C VAL AA 542 -60.58 53.67 53.56
N SER AA 543 -60.83 54.97 53.33
CA SER AA 543 -61.34 55.82 54.41
C SER AA 543 -62.70 55.35 54.90
N LEU AA 544 -63.60 55.04 53.97
CA LEU AA 544 -64.95 54.61 54.35
C LEU AA 544 -64.92 53.24 55.01
N ALA AA 545 -64.03 52.34 54.56
CA ALA AA 545 -63.91 51.04 55.19
C ALA AA 545 -63.39 51.18 56.62
N THR AA 546 -62.42 52.06 56.84
CA THR AA 546 -61.93 52.31 58.20
C THR AA 546 -63.05 52.88 59.08
N LYS AA 547 -63.82 53.83 58.54
CA LYS AA 547 -64.93 54.39 59.29
C LYS AA 547 -65.96 53.32 59.63
N ALA AA 548 -66.28 52.45 58.67
CA ALA AA 548 -67.27 51.40 58.90
C ALA AA 548 -66.78 50.41 59.96
N ARG AA 549 -65.51 50.02 59.88
CA ARG AA 549 -64.97 49.09 60.88
C ARG AA 549 -64.91 49.72 62.25
N GLU AA 550 -64.67 51.04 62.33
CA GLU AA 550 -64.66 51.73 63.61
C GLU AA 550 -66.05 52.15 64.06
N GLY AA 551 -67.08 51.96 63.25
CA GLY AA 551 -68.43 52.30 63.65
C GLY AA 551 -68.72 53.78 63.68
N LYS AA 552 -68.04 54.56 62.87
CA LYS AA 552 -68.18 56.02 62.87
C LYS AA 552 -68.89 56.56 61.64
N LEU AA 553 -69.50 55.70 60.83
CA LEU AA 553 -70.16 56.17 59.62
C LEU AA 553 -71.41 56.97 59.94
N GLN AA 554 -71.55 58.12 59.27
CA GLN AA 554 -72.76 58.92 59.37
C GLN AA 554 -73.85 58.35 58.47
N PRO AA 555 -75.12 58.58 58.80
CA PRO AA 555 -76.21 58.00 58.00
C PRO AA 555 -76.17 58.37 56.52
N HIS AA 556 -75.76 59.61 56.20
CA HIS AA 556 -75.71 60.00 54.80
C HIS AA 556 -74.57 59.32 54.05
N GLU AA 557 -73.58 58.77 54.75
CA GLU AA 557 -72.47 58.10 54.11
C GLU AA 557 -72.78 56.66 53.70
N PHE AA 558 -73.89 56.09 54.16
CA PHE AA 558 -74.28 54.75 53.76
C PHE AA 558 -75.74 54.60 53.37
N GLN AA 559 -76.55 55.65 53.45
CA GLN AA 559 -77.92 55.61 53.00
C GLN AA 559 -78.03 56.29 51.63
N GLY AA 560 -78.57 55.56 50.65
CA GLY AA 560 -78.71 56.09 49.32
C GLY AA 560 -77.96 55.27 48.29
N GLY AA 561 -77.36 55.95 47.31
CA GLY AA 561 -76.65 55.29 46.24
C GLY AA 561 -77.57 54.82 45.13
N THR AA 562 -76.95 54.51 43.98
CA THR AA 562 -77.69 54.07 42.81
C THR AA 562 -77.27 52.69 42.33
N PHE AA 563 -76.15 52.15 42.80
CA PHE AA 563 -75.65 50.86 42.34
C PHE AA 563 -74.74 50.30 43.42
N THR AA 564 -74.92 49.03 43.73
CA THR AA 564 -74.21 48.37 44.83
C THR AA 564 -73.23 47.35 44.27
N ILE AA 565 -72.08 47.24 44.92
CA ILE AA 565 -71.06 46.24 44.58
C ILE AA 565 -70.71 45.47 45.84
N SER AA 566 -70.87 44.15 45.80
CA SER AA 566 -70.51 43.27 46.90
C SER AA 566 -69.46 42.30 46.41
N ASN AA 567 -68.25 42.42 46.95
CA ASN AA 567 -67.10 41.63 46.51
C ASN AA 567 -66.74 40.64 47.61
N LEU AA 568 -66.86 39.34 47.30
CA LEU AA 568 -66.45 38.30 48.23
C LEU AA 568 -65.32 37.44 47.68
N GLY AA 569 -64.54 37.98 46.75
CA GLY AA 569 -63.44 37.20 46.18
C GLY AA 569 -62.35 36.91 47.20
N MET AA 570 -62.16 37.81 48.16
CA MET AA 570 -61.12 37.61 49.17
C MET AA 570 -61.42 36.41 50.07
N PHE AA 571 -62.66 35.93 50.09
CA PHE AA 571 -63.02 34.76 50.87
C PHE AA 571 -63.03 33.48 50.04
N GLY AA 572 -62.63 33.55 48.77
CA GLY AA 572 -62.53 32.36 47.95
C GLY AA 572 -63.81 31.94 47.26
N ILE AA 573 -64.85 32.77 47.28
CA ILE AA 573 -66.10 32.43 46.61
C ILE AA 573 -65.90 32.50 45.10
N LYS AA 574 -66.25 31.43 44.40
CA LYS AA 574 -66.16 31.44 42.95
C LYS AA 574 -67.15 32.42 42.34
N ASN AA 575 -68.41 32.33 42.75
CA ASN AA 575 -69.43 33.29 42.35
C ASN AA 575 -70.60 33.19 43.32
N PHE AA 576 -71.43 34.23 43.34
CA PHE AA 576 -72.59 34.23 44.21
C PHE AA 576 -73.62 35.23 43.68
N SER AA 577 -74.84 35.11 44.17
CA SER AA 577 -75.96 35.97 43.79
C SER AA 577 -76.39 36.75 45.03
N ALA AA 578 -76.43 38.07 44.91
CA ALA AA 578 -76.73 38.91 46.06
C ALA AA 578 -78.18 39.42 46.00
N ILE AA 579 -78.56 40.16 47.04
CA ILE AA 579 -79.89 40.73 47.14
C ILE AA 579 -79.82 42.22 46.82
N ILE AA 580 -80.73 42.69 45.96
CA ILE AA 580 -80.73 44.09 45.57
C ILE AA 580 -81.08 44.96 46.77
N ASN AA 581 -80.25 45.96 47.02
CA ASN AA 581 -80.50 46.92 48.10
C ASN AA 581 -81.49 47.96 47.62
N PRO AA 582 -82.65 48.08 48.24
CA PRO AA 582 -83.66 49.01 47.75
C PRO AA 582 -83.22 50.44 47.99
N PRO AA 583 -83.70 51.39 47.18
CA PRO AA 583 -84.60 51.22 46.02
C PRO AA 583 -83.84 51.03 44.71
N GLN AA 584 -82.59 50.58 44.75
CA GLN AA 584 -81.80 50.47 43.54
C GLN AA 584 -82.32 49.35 42.65
N ALA AA 585 -81.76 49.26 41.44
CA ALA AA 585 -82.23 48.32 40.44
C ALA AA 585 -81.29 47.16 40.20
N CYS AA 586 -80.02 47.27 40.61
CA CYS AA 586 -79.04 46.23 40.36
C CYS AA 586 -78.04 46.16 41.50
N ILE AA 587 -77.36 45.02 41.60
CA ILE AA 587 -76.23 44.85 42.50
C ILE AA 587 -75.26 43.88 41.85
N LEU AA 588 -73.98 44.24 41.84
CA LEU AA 588 -72.94 43.44 41.21
C LEU AA 588 -72.25 42.58 42.26
N ALA AA 589 -72.36 41.27 42.13
CA ALA AA 589 -71.73 40.32 43.02
C ALA AA 589 -70.44 39.82 42.39
N VAL AA 590 -69.33 40.00 43.09
CA VAL AA 590 -68.00 39.76 42.55
C VAL AA 590 -67.38 38.58 43.29
N GLY AA 591 -66.88 37.60 42.52
CA GLY AA 591 -66.24 36.43 43.08
C GLY AA 591 -64.73 36.51 43.01
N ALA AA 592 -64.10 35.36 43.22
CA ALA AA 592 -62.64 35.29 43.27
C ALA AA 592 -62.05 35.13 41.88
N SER AA 593 -60.80 35.58 41.74
CA SER AA 593 -60.07 35.41 40.49
C SER AA 593 -59.22 34.15 40.54
N GLU AA 594 -59.42 33.28 39.55
CA GLU AA 594 -58.72 32.01 39.48
C GLU AA 594 -58.14 31.80 38.09
N ASP AA 595 -57.01 31.10 38.03
CA ASP AA 595 -56.36 30.81 36.76
C ASP AA 595 -57.08 29.67 36.06
N ARG AA 596 -57.40 29.86 34.78
CA ARG AA 596 -58.10 28.85 33.99
C ARG AA 596 -57.41 28.67 32.64
N LEU AA 597 -57.46 27.43 32.13
CA LEU AA 597 -56.88 27.12 30.83
C LEU AA 597 -57.88 27.42 29.73
N PHE AA 598 -57.38 27.92 28.59
CA PHE AA 598 -58.22 28.30 27.47
C PHE AA 598 -57.57 27.94 26.14
N PRO AA 599 -58.36 27.70 25.10
CA PRO AA 599 -57.79 27.44 23.78
C PRO AA 599 -56.96 28.61 23.29
N ALA AA 600 -55.85 28.28 22.61
CA ALA AA 600 -54.97 29.28 22.03
C ALA AA 600 -54.31 28.72 20.78
N ASP AA 601 -53.98 29.60 19.84
CA ASP AA 601 -53.33 29.21 18.60
C ASP AA 601 -51.81 29.26 18.79
N ASN AA 602 -51.33 28.38 19.67
CA ASN AA 602 -49.91 28.28 19.97
C ASN AA 602 -49.49 26.82 19.92
N GLU AA 603 -48.20 26.59 20.16
CA GLU AA 603 -47.66 25.23 20.11
C GLU AA 603 -48.27 24.34 21.18
N LYS AA 604 -48.39 24.84 22.41
CA LYS AA 604 -48.99 24.05 23.48
C LYS AA 604 -50.47 23.82 23.28
N GLY AA 605 -51.14 24.68 22.51
CA GLY AA 605 -52.57 24.57 22.30
C GLY AA 605 -53.42 25.21 23.37
N PHE AA 606 -52.81 25.85 24.37
CA PHE AA 606 -53.58 26.48 25.43
C PHE AA 606 -52.79 27.61 26.07
N ASP AA 607 -53.49 28.44 26.83
CA ASP AA 607 -52.91 29.54 27.57
C ASP AA 607 -53.57 29.62 28.95
N VAL AA 608 -52.94 30.35 29.85
CA VAL AA 608 -53.42 30.52 31.22
C VAL AA 608 -53.87 31.97 31.39
N ALA AA 609 -55.12 32.15 31.83
CA ALA AA 609 -55.69 33.48 32.04
C ALA AA 609 -56.39 33.53 33.38
N SER AA 610 -56.23 34.64 34.09
CA SER AA 610 -56.85 34.84 35.39
C SER AA 610 -58.20 35.49 35.19
N MET AA 611 -59.27 34.71 35.34
CA MET AA 611 -60.63 35.21 35.14
C MET AA 611 -61.34 35.40 36.47
N MET AA 612 -62.29 36.32 36.47
CA MET AA 612 -63.14 36.62 37.60
C MET AA 612 -64.58 36.46 37.15
N SER AA 613 -65.40 35.80 37.97
CA SER AA 613 -66.79 35.59 37.63
C SER AA 613 -67.67 36.58 38.39
N VAL AA 614 -68.43 37.37 37.64
CA VAL AA 614 -69.26 38.41 38.23
C VAL AA 614 -70.72 38.15 37.86
N THR AA 615 -71.59 38.30 38.85
CA THR AA 615 -73.02 38.06 38.69
C THR AA 615 -73.77 39.33 39.05
N LEU AA 616 -74.53 39.86 38.10
CA LEU AA 616 -75.37 41.03 38.32
C LEU AA 616 -76.79 40.58 38.58
N SER AA 617 -77.35 40.99 39.72
CA SER AA 617 -78.73 40.72 40.05
C SER AA 617 -79.57 41.95 39.72
N CYS AA 618 -80.55 41.79 38.84
CA CYS AA 618 -81.29 42.90 38.27
C CYS AA 618 -82.76 42.81 38.64
N ASP AA 619 -83.36 43.98 38.84
CA ASP AA 619 -84.80 44.12 38.99
C ASP AA 619 -85.44 44.02 37.61
N HIS AA 620 -86.21 42.95 37.38
CA HIS AA 620 -86.77 42.72 36.05
C HIS AA 620 -87.85 43.73 35.68
N ARG AA 621 -88.33 44.52 36.63
CA ARG AA 621 -89.28 45.59 36.28
C ARG AA 621 -88.58 46.71 35.54
N VAL AA 622 -87.33 47.00 35.88
CA VAL AA 622 -86.58 48.10 35.29
C VAL AA 622 -85.61 47.62 34.22
N VAL AA 623 -84.84 46.58 34.51
CA VAL AA 623 -83.80 46.09 33.63
C VAL AA 623 -84.23 44.74 33.09
N ASP AA 624 -84.44 44.66 31.77
CA ASP AA 624 -84.73 43.39 31.16
C ASP AA 624 -83.44 42.66 30.80
N GLY AA 625 -83.60 41.47 30.23
CA GLY AA 625 -82.44 40.62 29.96
C GLY AA 625 -81.45 41.25 29.01
N ALA AA 626 -81.94 41.87 27.94
CA ALA AA 626 -81.05 42.48 26.96
C ALA AA 626 -80.27 43.64 27.57
N VAL AA 627 -80.93 44.47 28.39
CA VAL AA 627 -80.26 45.60 29.01
C VAL AA 627 -79.22 45.11 30.02
N GLY AA 628 -79.57 44.12 30.83
CA GLY AA 628 -78.58 43.58 31.76
C GLY AA 628 -77.39 42.97 31.06
N ALA AA 629 -77.63 42.25 29.97
CA ALA AA 629 -76.54 41.67 29.20
C ALA AA 629 -75.66 42.75 28.58
N GLN AA 630 -76.28 43.82 28.08
CA GLN AA 630 -75.49 44.93 27.53
C GLN AA 630 -74.63 45.57 28.61
N TRP AA 631 -75.19 45.75 29.81
CA TRP AA 631 -74.41 46.31 30.90
C TRP AA 631 -73.23 45.41 31.23
N LEU AA 632 -73.45 44.10 31.31
CA LEU AA 632 -72.36 43.19 31.65
C LEU AA 632 -71.31 43.17 30.54
N ALA AA 633 -71.73 43.26 29.28
CA ALA AA 633 -70.77 43.30 28.19
C ALA AA 633 -69.91 44.57 28.24
N GLU AA 634 -70.54 45.71 28.55
CA GLU AA 634 -69.77 46.95 28.68
C GLU AA 634 -68.79 46.87 29.85
N PHE AA 635 -69.24 46.32 30.97
CA PHE AA 635 -68.37 46.14 32.13
C PHE AA 635 -67.18 45.25 31.81
N ARG AA 636 -67.45 44.14 31.11
CA ARG AA 636 -66.38 43.22 30.74
C ARG AA 636 -65.39 43.87 29.78
N LYS AA 637 -65.90 44.65 28.81
CA LYS AA 637 -65.01 45.34 27.89
C LYS AA 637 -64.12 46.34 28.63
N TYR AA 638 -64.72 47.12 29.55
CA TYR AA 638 -63.94 48.09 30.30
C TYR AA 638 -62.86 47.41 31.13
N LEU AA 639 -63.17 46.28 31.76
CA LEU AA 639 -62.14 45.61 32.55
C LEU AA 639 -61.09 44.94 31.66
N GLU AA 640 -61.50 44.35 30.54
CA GLU AA 640 -60.54 43.65 29.70
C GLU AA 640 -59.60 44.61 28.96
N LYS AA 641 -60.03 45.87 28.76
CA LYS AA 641 -59.16 46.90 28.19
C LYS AA 641 -59.18 48.10 29.11
N PRO AA 642 -58.29 48.12 30.12
CA PRO AA 642 -58.31 49.22 31.09
C PRO AA 642 -58.06 50.59 30.48
N ILE AA 643 -57.36 50.66 29.35
CA ILE AA 643 -57.11 51.95 28.72
C ILE AA 643 -58.40 52.56 28.19
N THR AA 644 -59.43 51.74 27.97
CA THR AA 644 -60.71 52.25 27.50
C THR AA 644 -61.49 53.00 28.56
N MET AA 645 -61.09 52.91 29.83
CA MET AA 645 -61.71 53.77 30.83
C MET AA 645 -61.32 55.22 30.67
N LEU AA 646 -60.32 55.52 29.84
CA LEU AA 646 -59.97 56.90 29.52
C LEU AA 646 -60.97 57.55 28.57
N LEU AA 647 -61.74 56.76 27.83
CA LEU AA 647 -62.72 57.30 26.90
C LEU AA 647 -63.96 57.81 27.64
N PHE BA 420 17.56 93.58 -55.56
CA PHE BA 420 18.86 93.35 -54.93
C PHE BA 420 19.35 94.58 -54.17
N THR BA 421 20.40 94.41 -53.39
CA THR BA 421 21.01 95.50 -52.64
C THR BA 421 22.53 95.44 -52.83
N ASP BA 422 23.13 96.57 -53.19
CA ASP BA 422 24.57 96.65 -53.40
C ASP BA 422 25.23 97.13 -52.11
N ILE BA 423 25.95 96.24 -51.45
CA ILE BA 423 26.66 96.56 -50.22
C ILE BA 423 28.09 96.94 -50.58
N PRO BA 424 28.54 98.17 -50.26
CA PRO BA 424 29.91 98.56 -50.60
C PRO BA 424 30.93 97.67 -49.91
N ILE BA 425 32.02 97.40 -50.62
CA ILE BA 425 33.09 96.55 -50.09
C ILE BA 425 34.03 97.42 -49.27
N SER BA 426 34.24 97.03 -48.02
CA SER BA 426 35.18 97.75 -47.17
C SER BA 426 36.61 97.50 -47.61
N ASN BA 427 37.52 98.37 -47.17
CA ASN BA 427 38.93 98.20 -47.49
C ASN BA 427 39.50 96.94 -46.84
N ILE BA 428 39.05 96.62 -45.62
CA ILE BA 428 39.48 95.40 -44.97
C ILE BA 428 39.05 94.18 -45.77
N ARG BA 429 37.80 94.18 -46.24
CA ARG BA 429 37.31 93.07 -47.04
C ARG BA 429 38.04 92.99 -48.36
N ARG BA 430 38.38 94.14 -48.96
CA ARG BA 430 39.16 94.13 -50.19
C ARG BA 430 40.54 93.53 -49.98
N VAL BA 431 41.18 93.87 -48.85
CA VAL BA 431 42.48 93.29 -48.53
C VAL BA 431 42.38 91.79 -48.35
N ILE BA 432 41.35 91.34 -47.63
CA ILE BA 432 41.17 89.90 -47.40
C ILE BA 432 40.93 89.18 -48.73
N ALA BA 433 40.09 89.76 -49.59
CA ALA BA 433 39.81 89.16 -50.88
C ALA BA 433 41.06 89.11 -51.75
N GLN BA 434 41.88 90.16 -51.72
CA GLN BA 434 43.12 90.16 -52.49
C GLN BA 434 44.08 89.10 -51.97
N ARG BA 435 44.17 88.94 -50.65
CA ARG BA 435 45.02 87.88 -50.10
C ARG BA 435 44.54 86.51 -50.52
N LEU BA 436 43.23 86.27 -50.47
CA LEU BA 436 42.69 84.98 -50.88
C LEU BA 436 42.92 84.72 -52.36
N MET BA 437 42.75 85.75 -53.19
CA MET BA 437 43.02 85.61 -54.62
C MET BA 437 44.48 85.27 -54.85
N GLN BA 438 45.39 85.96 -54.16
CA GLN BA 438 46.81 85.68 -54.30
C GLN BA 438 47.12 84.24 -53.89
N SER BA 439 46.54 83.79 -52.78
CA SER BA 439 46.78 82.42 -52.32
C SER BA 439 46.31 81.41 -53.36
N LYS BA 440 45.06 81.55 -53.82
CA LYS BA 440 44.52 80.56 -54.75
C LYS BA 440 45.16 80.65 -56.13
N GLN BA 441 45.79 81.78 -56.45
CA GLN BA 441 46.42 81.91 -57.76
C GLN BA 441 47.88 81.48 -57.76
N THR BA 442 48.58 81.61 -56.63
CA THR BA 442 50.00 81.33 -56.59
C THR BA 442 50.36 80.04 -55.84
N ILE BA 443 49.43 79.48 -55.07
CA ILE BA 443 49.71 78.29 -54.26
C ILE BA 443 48.94 77.13 -54.86
N PRO BA 444 49.60 76.10 -55.38
CA PRO BA 444 48.88 74.93 -55.88
C PRO BA 444 48.38 74.03 -54.76
N HIS BA 445 47.20 74.34 -54.23
CA HIS BA 445 46.66 73.60 -53.10
C HIS BA 445 46.39 72.15 -53.48
N TYR BA 446 46.60 71.25 -52.52
CA TYR BA 446 46.03 69.91 -52.61
C TYR BA 446 45.70 69.43 -51.19
N TYR BA 447 44.62 68.67 -51.07
CA TYR BA 447 43.98 68.43 -49.79
C TYR BA 447 44.09 66.96 -49.40
N LEU BA 448 44.42 66.70 -48.14
CA LEU BA 448 44.48 65.35 -47.60
C LEU BA 448 43.63 65.26 -46.35
N SER BA 449 42.74 64.28 -46.28
CA SER BA 449 41.79 64.15 -45.18
C SER BA 449 41.99 62.84 -44.44
N VAL BA 450 41.90 62.90 -43.11
CA VAL BA 450 41.97 61.71 -42.27
C VAL BA 450 40.94 61.83 -41.15
N ASP BA 451 40.74 60.71 -40.45
CA ASP BA 451 39.84 60.63 -39.31
C ASP BA 451 40.63 60.29 -38.04
N VAL BA 452 40.36 61.03 -36.98
CA VAL BA 452 41.09 60.91 -35.72
C VAL BA 452 40.11 60.48 -34.63
N ASN BA 453 40.45 59.44 -33.89
CA ASN BA 453 39.63 58.96 -32.79
C ASN BA 453 39.88 59.85 -31.57
N MET BA 454 38.83 60.39 -30.99
CA MET BA 454 38.95 61.43 -29.97
C MET BA 454 38.51 60.97 -28.58
N GLY BA 455 38.28 59.67 -28.37
CA GLY BA 455 37.82 59.22 -27.07
C GLY BA 455 38.84 59.47 -25.97
N GLU BA 456 40.11 59.13 -26.25
CA GLU BA 456 41.15 59.34 -25.26
C GLU BA 456 41.38 60.83 -24.99
N VAL BA 457 41.29 61.65 -26.04
CA VAL BA 457 41.41 63.09 -25.84
C VAL BA 457 40.29 63.61 -24.96
N LEU BA 458 39.06 63.13 -25.19
CA LEU BA 458 37.95 63.57 -24.35
C LEU BA 458 38.14 63.14 -22.90
N LEU BA 459 38.59 61.91 -22.67
CA LEU BA 459 38.82 61.45 -21.31
C LEU BA 459 39.91 62.28 -20.62
N VAL BA 460 41.02 62.50 -21.32
CA VAL BA 460 42.12 63.27 -20.76
C VAL BA 460 41.69 64.70 -20.49
N ARG BA 461 40.89 65.28 -21.40
CA ARG BA 461 40.41 66.64 -21.22
C ARG BA 461 39.50 66.75 -20.02
N LYS BA 462 38.62 65.75 -19.83
CA LYS BA 462 37.75 65.76 -18.66
C LYS BA 462 38.57 65.68 -17.37
N GLU BA 463 39.58 64.81 -17.35
CA GLU BA 463 40.42 64.70 -16.16
C GLU BA 463 41.18 65.99 -15.88
N LEU BA 464 41.74 66.60 -16.93
CA LEU BA 464 42.47 67.86 -16.77
C LEU BA 464 41.54 68.98 -16.29
N ASN BA 465 40.32 69.04 -16.83
CA ASN BA 465 39.37 70.06 -16.37
C ASN BA 465 38.98 69.83 -14.91
N LYS BA 466 38.81 68.57 -14.51
CA LYS BA 466 38.53 68.28 -13.11
C LYS BA 466 39.70 68.71 -12.21
N MET BA 467 40.93 68.43 -12.65
CA MET BA 467 42.09 68.81 -11.85
C MET BA 467 42.27 70.33 -11.78
N LEU BA 468 41.92 71.05 -12.85
CA LEU BA 468 42.09 72.49 -12.89
C LEU BA 468 41.24 73.22 -11.86
N GLU BA 469 40.11 72.64 -11.44
CA GLU BA 469 39.27 73.19 -10.37
C GLU BA 469 38.80 74.61 -10.71
N GLY BA 470 38.51 74.84 -11.99
CA GLY BA 470 37.95 76.10 -12.42
C GLY BA 470 38.95 77.22 -12.65
N ARG BA 471 40.25 76.97 -12.41
CA ARG BA 471 41.24 77.99 -12.70
C ARG BA 471 41.31 78.28 -14.19
N SER BA 472 41.23 77.23 -15.01
CA SER BA 472 41.12 77.37 -16.46
C SER BA 472 40.24 76.25 -16.99
N LYS BA 473 40.00 76.27 -18.30
CA LYS BA 473 39.21 75.24 -18.96
C LYS BA 473 39.94 74.83 -20.23
N ILE BA 474 40.31 73.55 -20.31
CA ILE BA 474 41.00 73.05 -21.48
C ILE BA 474 39.98 72.59 -22.53
N SER BA 475 40.13 73.10 -23.74
CA SER BA 475 39.22 72.77 -24.83
C SER BA 475 39.89 71.82 -25.82
N VAL BA 476 39.06 71.24 -26.70
CA VAL BA 476 39.57 70.32 -27.71
C VAL BA 476 40.50 71.04 -28.68
N ASN BA 477 40.21 72.31 -28.98
CA ASN BA 477 41.08 73.06 -29.87
C ASN BA 477 42.47 73.24 -29.28
N ASP BA 478 42.60 73.26 -27.96
CA ASP BA 478 43.93 73.32 -27.35
C ASP BA 478 44.72 72.06 -27.62
N PHE BA 479 44.09 70.89 -27.47
CA PHE BA 479 44.74 69.64 -27.84
C PHE BA 479 45.12 69.63 -29.31
N ILE BA 480 44.23 70.14 -30.16
CA ILE BA 480 44.50 70.17 -31.60
C ILE BA 480 45.70 71.07 -31.91
N ILE BA 481 45.77 72.23 -31.27
CA ILE BA 481 46.88 73.14 -31.50
C ILE BA 481 48.20 72.52 -31.03
N LYS BA 482 48.17 71.90 -29.85
CA LYS BA 482 49.39 71.27 -29.33
C LYS BA 482 49.86 70.13 -30.24
N ALA BA 483 48.92 69.29 -30.69
CA ALA BA 483 49.27 68.20 -31.57
C ALA BA 483 49.80 68.72 -32.90
N SER BA 484 49.20 69.79 -33.43
CA SER BA 484 49.67 70.37 -34.68
C SER BA 484 51.09 70.91 -34.52
N ALA BA 485 51.37 71.56 -33.40
CA ALA BA 485 52.73 72.08 -33.16
C ALA BA 485 53.74 70.95 -33.06
N LEU BA 486 53.39 69.88 -32.35
CA LEU BA 486 54.33 68.77 -32.23
C LEU BA 486 54.55 68.06 -33.56
N ALA BA 487 53.47 67.90 -34.35
CA ALA BA 487 53.62 67.29 -35.67
C ALA BA 487 54.45 68.19 -36.59
N CYS BA 488 54.30 69.50 -36.46
CA CYS BA 488 55.14 70.42 -37.22
C CYS BA 488 56.60 70.29 -36.82
N LEU BA 489 56.88 70.09 -35.53
CA LEU BA 489 58.25 69.84 -35.11
C LEU BA 489 58.78 68.55 -35.72
N LYS BA 490 57.96 67.50 -35.73
CA LYS BA 490 58.44 66.20 -36.24
C LYS BA 490 58.62 66.24 -37.76
N VAL BA 491 57.79 66.99 -38.46
CA VAL BA 491 57.85 67.07 -39.92
C VAL BA 491 58.02 68.54 -40.31
N PRO BA 492 59.24 69.06 -40.34
CA PRO BA 492 59.42 70.51 -40.55
C PRO BA 492 59.02 71.01 -41.93
N GLU BA 493 58.79 70.12 -42.90
CA GLU BA 493 58.40 70.58 -44.23
C GLU BA 493 57.07 71.30 -44.19
N ALA BA 494 56.13 70.84 -43.36
CA ALA BA 494 54.86 71.54 -43.20
C ALA BA 494 55.03 72.88 -42.50
N ASN BA 495 56.19 73.12 -41.89
CA ASN BA 495 56.50 74.39 -41.25
C ASN BA 495 57.46 75.24 -42.09
N SER BA 496 57.28 75.23 -43.40
CA SER BA 496 58.14 75.94 -44.32
C SER BA 496 57.34 77.02 -45.07
N SER BA 497 58.05 77.78 -45.87
CA SER BA 497 57.48 78.84 -46.70
C SER BA 497 58.25 78.93 -48.00
N TRP BA 498 57.53 79.17 -49.09
CA TRP BA 498 58.13 79.29 -50.41
C TRP BA 498 58.37 80.77 -50.73
N LEU BA 499 59.61 81.13 -51.05
CA LEU BA 499 59.99 82.50 -51.31
C LEU BA 499 60.59 82.67 -52.70
N ASP BA 500 60.30 81.70 -53.58
CA ASP BA 500 60.63 81.75 -55.00
C ASP BA 500 62.13 81.59 -55.26
N THR BA 501 62.94 81.62 -54.20
CA THR BA 501 64.37 81.37 -54.32
C THR BA 501 64.87 80.33 -53.32
N VAL BA 502 64.34 80.34 -52.10
CA VAL BA 502 64.68 79.36 -51.07
C VAL BA 502 63.40 78.92 -50.38
N ILE BA 503 63.49 77.78 -49.70
CA ILE BA 503 62.40 77.26 -48.88
C ILE BA 503 62.75 77.52 -47.43
N ARG BA 504 62.12 78.52 -46.83
CA ARG BA 504 62.42 78.92 -45.46
C ARG BA 504 61.76 77.92 -44.51
N GLN BA 505 62.58 77.17 -43.78
CA GLN BA 505 62.08 76.15 -42.87
C GLN BA 505 62.08 76.71 -41.45
N ASN BA 506 60.93 77.18 -40.98
CA ASN BA 506 60.86 77.81 -39.67
C ASN BA 506 61.10 76.79 -38.57
N HIS BA 507 61.97 77.14 -37.62
CA HIS BA 507 62.28 76.28 -36.50
C HIS BA 507 61.36 76.50 -35.30
N VAL BA 508 60.54 77.54 -35.33
CA VAL BA 508 59.52 77.77 -34.31
C VAL BA 508 58.16 77.60 -34.95
N VAL BA 509 57.17 77.26 -34.14
CA VAL BA 509 55.82 76.98 -34.62
C VAL BA 509 54.89 78.03 -34.02
N ASP BA 510 54.50 79.01 -34.84
CA ASP BA 510 53.55 80.05 -34.45
C ASP BA 510 52.22 79.69 -35.11
N ILE BA 511 51.27 79.21 -34.32
CA ILE BA 511 50.01 78.68 -34.85
C ILE BA 511 49.00 79.82 -34.93
N SER BA 512 48.67 80.23 -36.15
CA SER BA 512 47.54 81.13 -36.35
C SER BA 512 46.25 80.35 -36.15
N VAL BA 513 45.29 80.94 -35.46
CA VAL BA 513 44.01 80.30 -35.17
C VAL BA 513 42.91 81.15 -35.80
N ALA BA 514 42.12 80.53 -36.68
CA ALA BA 514 41.04 81.25 -37.34
C ALA BA 514 39.90 81.50 -36.36
N VAL BA 515 39.50 82.76 -36.23
CA VAL BA 515 38.43 83.18 -35.34
C VAL BA 515 37.45 84.01 -36.15
N SER BA 516 36.17 83.69 -36.02
CA SER BA 516 35.12 84.43 -36.71
C SER BA 516 34.56 85.52 -35.81
N THR BA 517 34.58 86.74 -36.30
CA THR BA 517 34.09 87.94 -35.62
C THR BA 517 33.09 88.60 -36.55
N PRO BA 518 32.25 89.51 -36.02
CA PRO BA 518 31.28 90.19 -36.89
C PRO BA 518 31.92 90.95 -38.03
N ALA BA 519 33.20 91.30 -37.94
CA ALA BA 519 33.91 92.00 -39.01
C ALA BA 519 34.58 91.05 -40.01
N GLY BA 520 34.56 89.74 -39.75
CA GLY BA 520 35.14 88.78 -40.66
C GLY BA 520 36.00 87.75 -39.95
N LEU BA 521 36.89 87.13 -40.72
CA LEU BA 521 37.79 86.13 -40.18
C LEU BA 521 39.14 86.76 -39.86
N ILE BA 522 39.64 86.50 -38.65
CA ILE BA 522 40.94 87.00 -38.24
C ILE BA 522 41.74 85.86 -37.62
N THR BA 523 43.07 85.98 -37.67
CA THR BA 523 43.96 84.88 -37.30
C THR BA 523 44.94 85.33 -36.23
N PRO BA 524 44.51 85.40 -34.97
CA PRO BA 524 45.47 85.63 -33.88
C PRO BA 524 46.45 84.48 -33.78
N ILE BA 525 47.69 84.81 -33.43
CA ILE BA 525 48.80 83.87 -33.46
C ILE BA 525 49.16 83.45 -32.04
N VAL BA 526 49.19 82.14 -31.79
CA VAL BA 526 49.75 81.58 -30.56
C VAL BA 526 51.20 81.28 -30.88
N PHE BA 527 52.10 82.07 -30.30
CA PHE BA 527 53.53 81.89 -30.56
C PHE BA 527 54.10 80.79 -29.68
N ASN BA 528 55.07 80.06 -30.23
CA ASN BA 528 55.78 79.00 -29.50
C ASN BA 528 54.80 77.97 -28.94
N ALA BA 529 53.84 77.57 -29.76
CA ALA BA 529 52.89 76.55 -29.34
C ALA BA 529 53.56 75.18 -29.18
N HIS BA 530 54.76 75.02 -29.75
CA HIS BA 530 55.47 73.75 -29.63
C HIS BA 530 56.08 73.59 -28.24
N ILE BA 531 56.21 74.68 -27.49
CA ILE BA 531 56.75 74.61 -26.13
C ILE BA 531 55.76 75.06 -25.08
N LYS BA 532 54.68 75.75 -25.47
CA LYS BA 532 53.66 76.12 -24.50
C LYS BA 532 52.84 74.91 -24.07
N GLY BA 533 52.39 74.93 -22.81
CA GLY BA 533 51.56 73.85 -22.32
C GLY BA 533 50.10 74.04 -22.70
N LEU BA 534 49.29 73.04 -22.37
CA LEU BA 534 47.86 73.09 -22.72
C LEU BA 534 47.16 74.23 -22.00
N GLU BA 535 47.45 74.43 -20.72
CA GLU BA 535 46.82 75.52 -19.98
C GLU BA 535 47.23 76.88 -20.54
N THR BA 536 48.53 77.04 -20.82
CA THR BA 536 49.00 78.28 -21.41
C THR BA 536 48.39 78.51 -22.79
N ILE BA 537 48.30 77.46 -23.60
CA ILE BA 537 47.71 77.58 -24.93
C ILE BA 537 46.24 77.98 -24.82
N ALA BA 538 45.52 77.36 -23.89
CA ALA BA 538 44.11 77.69 -23.71
C ALA BA 538 43.93 79.14 -23.27
N ASN BA 539 44.75 79.58 -22.31
CA ASN BA 539 44.65 80.97 -21.86
C ASN BA 539 44.96 81.94 -22.98
N ASP BA 540 46.01 81.65 -23.76
CA ASP BA 540 46.36 82.51 -24.88
C ASP BA 540 45.23 82.55 -25.91
N VAL BA 541 44.62 81.40 -26.19
CA VAL BA 541 43.54 81.36 -27.17
C VAL BA 541 42.34 82.18 -26.69
N VAL BA 542 41.97 82.03 -25.41
CA VAL BA 542 40.84 82.81 -24.90
C VAL BA 542 41.14 84.29 -24.95
N SER BA 543 42.34 84.69 -24.52
CA SER BA 543 42.70 86.11 -24.52
C SER BA 543 42.68 86.69 -25.93
N LEU BA 544 43.27 85.97 -26.88
CA LEU BA 544 43.34 86.47 -28.25
C LEU BA 544 41.96 86.47 -28.90
N ALA BA 545 41.12 85.49 -28.58
CA ALA BA 545 39.76 85.48 -29.11
C ALA BA 545 38.96 86.66 -28.58
N THR BA 546 39.11 86.96 -27.28
CA THR BA 546 38.44 88.14 -26.72
C THR BA 546 38.93 89.42 -27.39
N LYS BA 547 40.25 89.53 -27.59
CA LYS BA 547 40.78 90.71 -28.27
C LYS BA 547 40.25 90.83 -29.69
N ALA BA 548 40.18 89.71 -30.41
CA ALA BA 548 39.68 89.73 -31.78
C ALA BA 548 38.22 90.12 -31.83
N ARG BA 549 37.40 89.58 -30.93
CA ARG BA 549 35.99 89.93 -30.90
C ARG BA 549 35.78 91.38 -30.51
N GLU BA 550 36.64 91.92 -29.65
CA GLU BA 550 36.55 93.32 -29.27
C GLU BA 550 37.25 94.26 -30.26
N GLY BA 551 37.94 93.72 -31.26
CA GLY BA 551 38.58 94.55 -32.26
C GLY BA 551 39.82 95.26 -31.78
N LYS BA 552 40.52 94.69 -30.81
CA LYS BA 552 41.69 95.33 -30.21
C LYS BA 552 43.00 94.66 -30.58
N LEU BA 553 43.00 93.75 -31.55
CA LEU BA 553 44.22 93.05 -31.91
C LEU BA 553 45.22 93.97 -32.58
N GLN BA 554 46.48 93.89 -32.15
CA GLN BA 554 47.56 94.62 -32.80
C GLN BA 554 48.03 93.86 -34.05
N PRO BA 555 48.59 94.57 -35.03
CA PRO BA 555 49.00 93.90 -36.28
C PRO BA 555 49.98 92.76 -36.08
N HIS BA 556 50.90 92.88 -35.12
CA HIS BA 556 51.85 91.80 -34.90
C HIS BA 556 51.21 90.57 -34.27
N GLU BA 557 50.02 90.73 -33.68
CA GLU BA 557 49.34 89.60 -33.05
C GLU BA 557 48.58 88.74 -34.04
N PHE BA 558 48.39 89.19 -35.28
CA PHE BA 558 47.73 88.38 -36.29
C PHE BA 558 48.43 88.34 -37.64
N GLN BA 559 49.54 89.04 -37.81
CA GLN BA 559 50.32 88.98 -39.04
C GLN BA 559 51.53 88.09 -38.82
N GLY BA 560 51.68 87.08 -39.66
CA GLY BA 560 52.79 86.15 -39.55
C GLY BA 560 52.35 84.72 -39.32
N GLY BA 561 53.08 84.00 -38.48
CA GLY BA 561 52.77 82.62 -38.20
C GLY BA 561 53.36 81.68 -39.26
N THR BA 562 53.40 80.39 -38.89
CA THR BA 562 53.95 79.37 -39.78
C THR BA 562 52.95 78.27 -40.11
N PHE BA 563 51.83 78.18 -39.40
CA PHE BA 563 50.85 77.13 -39.61
C PHE BA 563 49.51 77.61 -39.08
N THR BA 564 48.46 77.40 -39.86
CA THR BA 564 47.13 77.91 -39.55
C THR BA 564 46.20 76.76 -39.22
N ILE BA 565 45.30 76.99 -38.26
CA ILE BA 565 44.27 76.03 -37.89
C ILE BA 565 42.93 76.73 -37.94
N SER BA 566 42.01 76.18 -38.74
CA SER BA 566 40.65 76.70 -38.85
C SER BA 566 39.69 75.59 -38.42
N ASN BA 567 39.01 75.81 -37.29
CA ASN BA 567 38.12 74.81 -36.71
C ASN BA 567 36.69 75.27 -36.87
N LEU BA 568 35.89 74.51 -37.61
CA LEU BA 568 34.48 74.78 -37.78
C LEU BA 568 33.60 73.67 -37.22
N GLY BA 569 34.12 72.86 -36.30
CA GLY BA 569 33.34 71.78 -35.73
C GLY BA 569 32.15 72.28 -34.92
N MET BA 570 32.29 73.44 -34.29
CA MET BA 570 31.21 73.99 -33.48
C MET BA 570 29.99 74.37 -34.31
N PHE BA 571 30.14 74.49 -35.63
CA PHE BA 571 29.02 74.78 -36.51
C PHE BA 571 28.45 73.53 -37.17
N GLY BA 572 28.94 72.35 -36.81
CA GLY BA 572 28.39 71.12 -37.33
C GLY BA 572 28.94 70.66 -38.66
N ILE BA 573 30.02 71.28 -39.14
CA ILE BA 573 30.61 70.87 -40.41
C ILE BA 573 31.31 69.53 -40.23
N LYS BA 574 30.98 68.57 -41.08
CA LYS BA 574 31.65 67.27 -41.02
C LYS BA 574 33.12 67.39 -41.40
N ASN BA 575 33.39 68.03 -42.54
CA ASN BA 575 34.76 68.34 -42.95
C ASN BA 575 34.71 69.44 -43.99
N PHE BA 576 35.85 70.10 -44.20
CA PHE BA 576 35.93 71.15 -45.19
C PHE BA 576 37.40 71.35 -45.59
N SER BA 577 37.58 72.05 -46.71
CA SER BA 577 38.90 72.35 -47.25
C SER BA 577 39.08 73.87 -47.22
N ALA BA 578 40.17 74.31 -46.59
CA ALA BA 578 40.39 75.74 -46.42
C ALA BA 578 41.43 76.26 -47.41
N ILE BA 579 41.65 77.57 -47.38
CA ILE BA 579 42.61 78.23 -48.24
C ILE BA 579 43.86 78.54 -47.45
N ILE BA 580 45.03 78.22 -48.02
CA ILE BA 580 46.29 78.46 -47.34
C ILE BA 580 46.53 79.95 -47.19
N ASN BA 581 46.81 80.38 -45.96
CA ASN BA 581 47.12 81.77 -45.68
C ASN BA 581 48.58 82.03 -46.01
N PRO BA 582 48.88 82.90 -46.96
CA PRO BA 582 50.26 83.12 -47.39
C PRO BA 582 51.07 83.81 -46.30
N PRO BA 583 52.39 83.61 -46.26
CA PRO BA 583 53.19 82.75 -47.14
C PRO BA 583 53.36 81.33 -46.60
N GLN BA 584 52.46 80.88 -45.73
CA GLN BA 584 52.61 79.56 -45.11
C GLN BA 584 52.41 78.45 -46.15
N ALA BA 585 52.68 77.23 -45.72
CA ALA BA 585 52.65 76.08 -46.62
C ALA BA 585 51.47 75.15 -46.38
N CYS BA 586 50.81 75.24 -45.22
CA CYS BA 586 49.71 74.34 -44.90
C CYS BA 586 48.69 75.07 -44.04
N ILE BA 587 47.48 74.51 -44.01
CA ILE BA 587 46.42 74.95 -43.10
C ILE BA 587 45.58 73.73 -42.74
N LEU BA 588 45.31 73.54 -41.46
CA LEU BA 588 44.56 72.40 -40.97
C LEU BA 588 43.11 72.80 -40.78
N ALA BA 589 42.21 72.17 -41.52
CA ALA BA 589 40.79 72.41 -41.43
C ALA BA 589 40.16 71.31 -40.58
N VAL BA 590 39.49 71.71 -39.50
CA VAL BA 590 38.98 70.78 -38.50
C VAL BA 590 37.47 70.80 -38.53
N GLY BA 591 36.87 69.61 -38.60
CA GLY BA 591 35.43 69.46 -38.60
C GLY BA 591 34.88 69.05 -37.25
N ALA BA 592 33.62 68.61 -37.27
CA ALA BA 592 32.94 68.26 -36.04
C ALA BA 592 33.23 66.82 -35.63
N SER BA 593 33.10 66.56 -34.33
CA SER BA 593 33.26 65.22 -33.80
C SER BA 593 31.91 64.52 -33.69
N GLU BA 594 31.80 63.35 -34.31
CA GLU BA 594 30.56 62.59 -34.35
C GLU BA 594 30.84 61.15 -33.97
N ASP BA 595 29.85 60.51 -33.34
CA ASP BA 595 29.96 59.12 -32.94
C ASP BA 595 29.72 58.22 -34.14
N ARG BA 596 30.62 57.25 -34.35
CA ARG BA 596 30.53 56.33 -35.46
C ARG BA 596 30.77 54.91 -34.99
N LEU BA 597 30.10 53.97 -35.64
CA LEU BA 597 30.26 52.55 -35.33
C LEU BA 597 31.45 51.97 -36.06
N PHE BA 598 32.19 51.10 -35.38
CA PHE BA 598 33.38 50.49 -35.94
C PHE BA 598 33.45 49.01 -35.58
N PRO BA 599 34.10 48.20 -36.41
CA PRO BA 599 34.25 46.78 -36.08
C PRO BA 599 35.03 46.60 -34.79
N ALA BA 600 34.63 45.59 -34.01
CA ALA BA 600 35.30 45.26 -32.76
C ALA BA 600 35.19 43.76 -32.51
N ASP BA 601 36.16 43.22 -31.78
CA ASP BA 601 36.18 41.81 -31.44
C ASP BA 601 35.48 41.60 -30.09
N ASN BA 602 34.18 41.88 -30.09
CA ASN BA 602 33.36 41.73 -28.90
C ASN BA 602 32.08 41.00 -29.26
N GLU BA 603 31.23 40.79 -28.25
CA GLU BA 603 30.00 40.04 -28.45
C GLU BA 603 29.06 40.76 -29.41
N LYS BA 604 28.90 42.08 -29.24
CA LYS BA 604 28.04 42.85 -30.13
C LYS BA 604 28.60 42.95 -31.54
N GLY BA 605 29.92 42.80 -31.71
CA GLY BA 605 30.54 42.94 -33.00
C GLY BA 605 30.88 44.35 -33.41
N PHE BA 606 30.63 45.35 -32.55
CA PHE BA 606 30.93 46.73 -32.90
C PHE BA 606 31.14 47.54 -31.62
N ASP BA 607 31.71 48.73 -31.81
CA ASP BA 607 31.94 49.68 -30.74
C ASP BA 607 31.63 51.08 -31.25
N VAL BA 608 31.48 52.02 -30.32
CA VAL BA 608 31.16 53.41 -30.63
C VAL BA 608 32.37 54.27 -30.30
N ALA BA 609 32.84 55.04 -31.28
CA ALA BA 609 33.99 55.91 -31.10
C ALA BA 609 33.67 57.29 -31.64
N SER BA 610 34.11 58.32 -30.92
CA SER BA 610 33.91 59.70 -31.32
C SER BA 610 35.06 60.12 -32.23
N MET BA 611 34.79 60.23 -33.53
CA MET BA 611 35.81 60.50 -34.53
C MET BA 611 35.69 61.93 -35.04
N MET BA 612 36.83 62.52 -35.39
CA MET BA 612 36.90 63.87 -35.89
C MET BA 612 37.67 63.84 -37.21
N SER BA 613 37.12 64.48 -38.24
CA SER BA 613 37.71 64.46 -39.57
C SER BA 613 38.47 65.75 -39.82
N VAL BA 614 39.75 65.63 -40.14
CA VAL BA 614 40.60 66.79 -40.36
C VAL BA 614 41.19 66.73 -41.76
N THR BA 615 41.19 67.88 -42.42
CA THR BA 615 41.69 68.01 -43.79
C THR BA 615 42.81 69.04 -43.81
N LEU BA 616 44.01 68.60 -44.18
CA LEU BA 616 45.16 69.48 -44.32
C LEU BA 616 45.30 69.89 -45.78
N SER BA 617 45.29 71.19 -46.04
CA SER BA 617 45.52 71.72 -47.36
C SER BA 617 46.98 72.15 -47.48
N CYS BA 618 47.69 71.57 -48.44
CA CYS BA 618 49.13 71.72 -48.53
C CYS BA 618 49.52 72.38 -49.84
N ASP BA 619 50.58 73.18 -49.77
CA ASP BA 619 51.24 73.74 -50.96
C ASP BA 619 52.09 72.64 -51.58
N HIS BA 620 51.72 72.20 -52.79
CA HIS BA 620 52.42 71.08 -53.41
C HIS BA 620 53.83 71.43 -53.85
N ARG BA 621 54.19 72.72 -53.87
CA ARG BA 621 55.57 73.09 -54.16
C ARG BA 621 56.49 72.72 -53.00
N VAL BA 622 56.02 72.84 -51.77
CA VAL BA 622 56.82 72.58 -50.58
C VAL BA 622 56.56 71.20 -50.01
N VAL BA 623 55.29 70.83 -49.85
CA VAL BA 623 54.90 69.59 -49.20
C VAL BA 623 54.31 68.67 -50.25
N ASP BA 624 54.97 67.54 -50.50
CA ASP BA 624 54.42 66.55 -51.40
C ASP BA 624 53.49 65.61 -50.65
N GLY BA 625 52.91 64.66 -51.39
CA GLY BA 625 51.90 63.79 -50.81
C GLY BA 625 52.41 62.97 -49.65
N ALA BA 626 53.62 62.40 -49.79
CA ALA BA 626 54.17 61.58 -48.72
C ALA BA 626 54.43 62.39 -47.47
N VAL BA 627 54.96 63.60 -47.62
CA VAL BA 627 55.23 64.45 -46.45
C VAL BA 627 53.93 64.87 -45.77
N GLY BA 628 52.93 65.26 -46.56
CA GLY BA 628 51.64 65.61 -45.96
C GLY BA 628 51.00 64.44 -45.24
N ALA BA 629 51.09 63.25 -45.83
CA ALA BA 629 50.54 62.06 -45.18
C ALA BA 629 51.29 61.74 -43.89
N GLN BA 630 52.62 61.90 -43.90
CA GLN BA 630 53.39 61.67 -42.68
C GLN BA 630 52.99 62.66 -41.59
N TRP BA 631 52.79 63.93 -41.97
CA TRP BA 631 52.35 64.93 -40.99
C TRP BA 631 51.00 64.55 -40.40
N LEU BA 632 50.06 64.13 -41.25
CA LEU BA 632 48.74 63.77 -40.76
C LEU BA 632 48.80 62.54 -39.87
N ALA BA 633 49.66 61.56 -40.21
CA ALA BA 633 49.81 60.38 -39.38
C ALA BA 633 50.38 60.74 -38.01
N GLU BA 634 51.38 61.63 -37.97
CA GLU BA 634 51.93 62.06 -36.69
C GLU BA 634 50.89 62.80 -35.86
N PHE BA 635 50.12 63.68 -36.50
CA PHE BA 635 49.05 64.40 -35.82
C PHE BA 635 48.02 63.45 -35.23
N ARG BA 636 47.62 62.45 -36.03
CA ARG BA 636 46.63 61.47 -35.57
C ARG BA 636 47.17 60.65 -34.41
N LYS BA 637 48.45 60.26 -34.47
CA LYS BA 637 49.04 59.51 -33.37
C LYS BA 637 49.06 60.34 -32.10
N TYR BA 638 49.47 61.61 -32.21
CA TYR BA 638 49.51 62.48 -31.04
C TYR BA 638 48.14 62.65 -30.42
N LEU BA 639 47.11 62.82 -31.25
CA LEU BA 639 45.77 62.96 -30.68
C LEU BA 639 45.24 61.65 -30.11
N GLU BA 640 45.48 60.53 -30.78
CA GLU BA 640 44.96 59.25 -30.31
C GLU BA 640 45.65 58.77 -29.05
N LYS BA 641 46.87 59.24 -28.78
CA LYS BA 641 47.57 58.95 -27.53
C LYS BA 641 48.04 60.26 -26.93
N PRO BA 642 47.20 60.93 -26.15
CA PRO BA 642 47.58 62.24 -25.59
C PRO BA 642 48.80 62.18 -24.70
N ILE BA 643 49.07 61.04 -24.08
CA ILE BA 643 50.24 60.90 -23.21
C ILE BA 643 51.53 60.97 -24.02
N THR BA 644 51.44 60.77 -25.34
CA THR BA 644 52.63 60.87 -26.18
C THR BA 644 53.04 62.31 -26.48
N MET BA 645 52.21 63.30 -26.15
CA MET BA 645 52.66 64.67 -26.26
C MET BA 645 53.69 65.04 -25.21
N LEU BA 646 53.91 64.18 -24.22
CA LEU BA 646 54.97 64.37 -23.25
C LEU BA 646 56.36 64.11 -23.84
N LEU BA 647 56.45 63.29 -24.88
CA LEU BA 647 57.71 63.07 -25.59
C LEU BA 647 58.14 64.33 -26.35
N PHE CA 420 -34.40 102.67 -20.32
CA PHE CA 420 -33.41 102.48 -21.38
C PHE CA 420 -32.39 103.61 -21.41
N THR CA 421 -31.35 103.44 -22.21
CA THR CA 421 -30.32 104.45 -22.39
C THR CA 421 -30.01 104.58 -23.87
N ASP CA 422 -30.03 105.81 -24.38
CA ASP CA 422 -29.75 106.08 -25.79
C ASP CA 422 -28.27 106.38 -25.95
N ILE CA 423 -27.55 105.47 -26.61
CA ILE CA 423 -26.12 105.63 -26.85
C ILE CA 423 -25.94 106.21 -28.25
N PRO CA 424 -25.37 107.40 -28.40
CA PRO CA 424 -25.20 107.99 -29.73
C PRO CA 424 -24.32 107.11 -30.61
N ILE CA 425 -24.65 107.06 -31.89
CA ILE CA 425 -23.92 106.24 -32.85
C ILE CA 425 -22.72 107.04 -33.35
N SER CA 426 -21.53 106.49 -33.19
CA SER CA 426 -20.32 107.13 -33.70
C SER CA 426 -20.30 107.06 -35.23
N ASN CA 427 -19.47 107.92 -35.83
CA ASN CA 427 -19.34 107.94 -37.27
C ASN CA 427 -18.70 106.66 -37.79
N ILE CA 428 -17.74 106.12 -37.03
CA ILE CA 428 -17.12 104.85 -37.40
C ILE CA 428 -18.17 103.74 -37.42
N ARG CA 429 -19.01 103.69 -36.38
CA ARG CA 429 -20.06 102.68 -36.33
C ARG CA 429 -21.07 102.89 -37.45
N ARG CA 430 -21.37 104.15 -37.78
CA ARG CA 430 -22.28 104.42 -38.89
C ARG CA 430 -21.70 103.91 -40.21
N VAL CA 431 -20.40 104.12 -40.42
CA VAL CA 431 -19.75 103.63 -41.64
C VAL CA 431 -19.79 102.12 -41.69
N ILE CA 432 -19.50 101.45 -40.58
CA ILE CA 432 -19.52 99.99 -40.55
C ILE CA 432 -20.94 99.48 -40.82
N ALA CA 433 -21.93 100.12 -40.21
CA ALA CA 433 -23.31 99.71 -40.41
C ALA CA 433 -23.73 99.91 -41.87
N GLN CA 434 -23.32 101.02 -42.48
CA GLN CA 434 -23.66 101.26 -43.87
C GLN CA 434 -23.00 100.23 -44.78
N ARG CA 435 -21.75 99.86 -44.48
CA ARG CA 435 -21.10 98.81 -45.25
C ARG CA 435 -21.84 97.48 -45.13
N LEU CA 436 -22.31 97.16 -43.91
CA LEU CA 436 -23.05 95.92 -43.73
C LEU CA 436 -24.39 95.95 -44.46
N MET CA 437 -25.07 97.11 -44.44
CA MET CA 437 -26.26 97.27 -45.26
C MET CA 437 -25.98 97.02 -46.72
N GLN CA 438 -24.92 97.64 -47.24
CA GLN CA 438 -24.59 97.49 -48.65
C GLN CA 438 -24.31 96.03 -48.99
N SER CA 439 -23.55 95.34 -48.13
CA SER CA 439 -23.24 93.94 -48.36
C SER CA 439 -24.51 93.09 -48.39
N LYS CA 440 -25.35 93.21 -47.36
CA LYS CA 440 -26.52 92.35 -47.28
C LYS CA 440 -27.60 92.73 -48.28
N GLN CA 441 -27.52 93.93 -48.85
CA GLN CA 441 -28.54 94.34 -49.82
C GLN CA 441 -28.11 94.04 -51.25
N THR CA 442 -26.82 94.10 -51.55
CA THR CA 442 -26.37 93.92 -52.93
C THR CA 442 -25.69 92.58 -53.18
N ILE CA 443 -25.37 91.82 -52.15
CA ILE CA 443 -24.67 90.55 -52.30
C ILE CA 443 -25.62 89.42 -51.92
N PRO CA 444 -26.02 88.57 -52.85
CA PRO CA 444 -26.88 87.42 -52.49
C PRO CA 444 -26.11 86.30 -51.81
N HIS CA 445 -25.96 86.42 -50.49
CA HIS CA 445 -25.17 85.45 -49.73
C HIS CA 445 -25.80 84.06 -49.81
N TYR CA 446 -24.94 83.04 -49.86
CA TYR CA 446 -25.38 81.68 -49.56
C TYR CA 446 -24.22 80.94 -48.91
N TYR CA 447 -24.55 80.05 -47.96
CA TYR CA 447 -23.58 79.56 -47.00
C TYR CA 447 -23.39 78.06 -47.16
N LEU CA 448 -22.14 77.60 -47.07
CA LEU CA 448 -21.82 76.18 -47.14
C LEU CA 448 -20.93 75.80 -45.96
N SER CA 449 -21.29 74.74 -45.26
CA SER CA 449 -20.58 74.32 -44.05
C SER CA 449 -19.95 72.95 -44.24
N VAL CA 450 -18.71 72.80 -43.75
CA VAL CA 450 -18.02 71.52 -43.73
C VAL CA 450 -17.31 71.36 -42.39
N ASP CA 451 -16.88 70.13 -42.13
CA ASP CA 451 -16.10 69.79 -40.95
C ASP CA 451 -14.70 69.36 -41.34
N VAL CA 452 -13.72 69.88 -40.62
CA VAL CA 452 -12.30 69.63 -40.91
C VAL CA 452 -11.67 68.94 -39.71
N ASN CA 453 -11.01 67.82 -39.96
CA ASN CA 453 -10.30 67.10 -38.91
C ASN CA 453 -8.96 67.77 -38.68
N MET CA 454 -8.68 68.14 -37.43
CA MET CA 454 -7.51 68.97 -37.12
C MET CA 454 -6.44 68.24 -36.31
N GLY CA 455 -6.49 66.91 -36.23
CA GLY CA 455 -5.47 66.20 -35.47
C GLY CA 455 -4.09 66.38 -36.05
N GLU CA 456 -3.97 66.24 -37.37
CA GLU CA 456 -2.67 66.39 -38.01
C GLU CA 456 -2.19 67.84 -37.94
N VAL CA 457 -3.12 68.80 -38.04
CA VAL CA 457 -2.75 70.20 -37.88
C VAL CA 457 -2.20 70.44 -36.48
N LEU CA 458 -2.85 69.89 -35.45
CA LEU CA 458 -2.37 70.08 -34.10
C LEU CA 458 -1.00 69.44 -33.90
N LEU CA 459 -0.79 68.24 -34.45
CA LEU CA 459 0.50 67.58 -34.31
C LEU CA 459 1.61 68.38 -35.00
N VAL CA 460 1.34 68.83 -36.23
CA VAL CA 460 2.33 69.61 -36.97
C VAL CA 460 2.60 70.93 -36.26
N ARG CA 461 1.57 71.56 -35.72
CA ARG CA 461 1.75 72.82 -35.01
C ARG CA 461 2.59 72.63 -33.76
N LYS CA 462 2.37 71.53 -33.02
CA LYS CA 462 3.18 71.25 -31.86
C LYS CA 462 4.64 71.05 -32.25
N GLU CA 463 4.89 70.29 -33.31
CA GLU CA 463 6.26 70.07 -33.76
C GLU CA 463 6.93 71.38 -34.20
N LEU CA 464 6.18 72.21 -34.94
CA LEU CA 464 6.72 73.49 -35.39
C LEU CA 464 7.03 74.41 -34.21
N ASN CA 465 6.13 74.44 -33.22
CA ASN CA 465 6.39 75.26 -32.04
C ASN CA 465 7.59 74.77 -31.26
N LYS CA 466 7.77 73.45 -31.16
CA LYS CA 466 8.95 72.93 -30.48
C LYS CA 466 10.23 73.29 -31.22
N MET CA 467 10.21 73.21 -32.55
CA MET CA 467 11.37 73.61 -33.34
C MET CA 467 11.66 75.11 -33.24
N LEU CA 468 10.62 75.94 -33.18
CA LEU CA 468 10.80 77.38 -33.14
C LEU CA 468 11.55 77.84 -31.89
N GLU CA 469 11.51 77.08 -30.80
CA GLU CA 469 12.30 77.34 -29.60
C GLU CA 469 12.02 78.75 -29.05
N GLY CA 470 10.76 79.17 -29.14
CA GLY CA 470 10.34 80.44 -28.59
C GLY CA 470 10.60 81.65 -29.45
N ARG CA 471 11.23 81.49 -30.62
CA ARG CA 471 11.42 82.63 -31.51
C ARG CA 471 10.09 83.15 -32.03
N SER CA 472 9.18 82.24 -32.35
CA SER CA 472 7.81 82.59 -32.72
C SER CA 472 6.90 81.46 -32.28
N LYS CA 473 5.60 81.75 -32.25
CA LYS CA 473 4.58 80.76 -31.89
C LYS CA 473 3.54 80.72 -33.00
N ILE CA 474 3.26 79.53 -33.51
CA ILE CA 474 2.32 79.37 -34.61
C ILE CA 474 0.96 78.97 -34.05
N SER CA 475 -0.08 79.69 -34.45
CA SER CA 475 -1.44 79.41 -34.03
C SER CA 475 -2.19 78.65 -35.13
N VAL CA 476 -3.35 78.11 -34.76
CA VAL CA 476 -4.18 77.39 -35.71
C VAL CA 476 -4.68 78.33 -36.80
N ASN CA 477 -4.91 79.60 -36.45
CA ASN CA 477 -5.36 80.57 -37.45
C ASN CA 477 -4.32 80.78 -38.54
N ASP CA 478 -3.04 80.58 -38.23
CA ASP CA 478 -2.01 80.68 -39.26
C ASP CA 478 -2.14 79.55 -40.28
N PHE CA 479 -2.35 78.31 -39.81
CA PHE CA 479 -2.64 77.21 -40.71
C PHE CA 479 -3.89 77.48 -41.53
N ILE CA 480 -4.92 78.04 -40.89
CA ILE CA 480 -6.16 78.33 -41.60
C ILE CA 480 -5.94 79.36 -42.68
N ILE CA 481 -5.16 80.41 -42.39
CA ILE CA 481 -4.89 81.45 -43.38
C ILE CA 481 -4.10 80.88 -44.55
N LYS CA 482 -3.09 80.07 -44.26
CA LYS CA 482 -2.29 79.48 -45.33
C LYS CA 482 -3.14 78.56 -46.21
N ALA CA 483 -3.97 77.73 -45.58
CA ALA CA 483 -4.83 76.82 -46.34
C ALA CA 483 -5.84 77.60 -47.18
N SER CA 484 -6.39 78.68 -46.62
CA SER CA 484 -7.33 79.51 -47.38
C SER CA 484 -6.65 80.14 -48.58
N ALA CA 485 -5.42 80.63 -48.41
CA ALA CA 485 -4.69 81.23 -49.52
C ALA CA 485 -4.41 80.20 -50.61
N LEU CA 486 -3.97 79.01 -50.23
CA LEU CA 486 -3.68 77.99 -51.24
C LEU CA 486 -4.96 77.52 -51.93
N ALA CA 487 -6.06 77.39 -51.19
CA ALA CA 487 -7.33 77.03 -51.81
C ALA CA 487 -7.81 78.12 -52.75
N CYS CA 488 -7.59 79.38 -52.40
CA CYS CA 488 -7.92 80.49 -53.31
C CYS CA 488 -7.08 80.43 -54.57
N LEU CA 489 -5.80 80.06 -54.45
CA LEU CA 489 -4.99 79.83 -55.65
C LEU CA 489 -5.57 78.72 -56.51
N LYS CA 490 -5.96 77.62 -55.90
CA LYS CA 490 -6.48 76.48 -56.67
C LYS CA 490 -7.82 76.80 -57.32
N VAL CA 491 -8.66 77.57 -56.65
CA VAL CA 491 -9.99 77.92 -57.15
C VAL CA 491 -10.11 79.44 -57.18
N PRO CA 492 -9.70 80.09 -58.27
CA PRO CA 492 -9.65 81.56 -58.28
C PRO CA 492 -11.02 82.24 -58.27
N GLU CA 493 -12.12 81.50 -58.45
CA GLU CA 493 -13.43 82.12 -58.44
C GLU CA 493 -13.74 82.73 -57.09
N ALA CA 494 -13.35 82.07 -56.00
CA ALA CA 494 -13.53 82.63 -54.67
C ALA CA 494 -12.64 83.85 -54.44
N ASN CA 495 -11.66 84.07 -55.31
CA ASN CA 495 -10.77 85.23 -55.23
C ASN CA 495 -11.14 86.28 -56.27
N SER CA 496 -12.42 86.49 -56.52
CA SER CA 496 -12.89 87.45 -57.50
C SER CA 496 -13.70 88.55 -56.83
N SER CA 497 -14.17 89.48 -57.65
CA SER CA 497 -14.98 90.60 -57.21
C SER CA 497 -15.94 91.00 -58.33
N TRP CA 498 -17.19 91.28 -57.95
CA TRP CA 498 -18.20 91.68 -58.91
C TRP CA 498 -18.22 93.20 -59.01
N LEU CA 499 -18.06 93.72 -60.23
CA LEU CA 499 -17.98 95.15 -60.47
C LEU CA 499 -19.05 95.62 -61.44
N ASP CA 500 -20.10 94.80 -61.61
CA ASP CA 500 -21.32 95.12 -62.35
C ASP CA 500 -21.09 95.17 -63.86
N THR CA 501 -19.83 95.09 -64.29
CA THR CA 501 -19.50 95.01 -65.71
C THR CA 501 -18.54 93.87 -66.02
N VAL CA 502 -17.57 93.62 -65.14
CA VAL CA 502 -16.64 92.51 -65.28
C VAL CA 502 -16.46 91.85 -63.93
N ILE CA 503 -15.96 90.62 -63.95
CA ILE CA 503 -15.61 89.88 -62.74
C ILE CA 503 -14.10 89.94 -62.58
N ARG CA 504 -13.63 90.77 -61.66
CA ARG CA 504 -12.20 90.96 -61.45
C ARG CA 504 -11.65 89.77 -60.70
N GLN CA 505 -10.80 88.98 -61.35
CA GLN CA 505 -10.23 87.78 -60.74
C GLN CA 505 -8.83 88.07 -60.23
N ASN CA 506 -8.72 88.33 -58.93
CA ASN CA 506 -7.42 88.71 -58.36
C ASN CA 506 -6.45 87.55 -58.40
N HIS CA 507 -5.25 87.81 -58.90
CA HIS CA 507 -4.20 86.80 -58.97
C HIS CA 507 -3.36 86.70 -57.70
N VAL CA 508 -3.53 87.64 -56.78
CA VAL CA 508 -2.86 87.60 -55.48
C VAL CA 508 -3.92 87.39 -54.41
N VAL CA 509 -3.51 86.87 -53.26
CA VAL CA 509 -4.41 86.53 -52.17
C VAL CA 509 -4.03 87.41 -50.98
N ASP CA 510 -4.83 88.44 -50.72
CA ASP CA 510 -4.68 89.30 -49.56
C ASP CA 510 -5.77 88.92 -48.56
N ILE CA 511 -5.39 88.28 -47.47
CA ILE CA 511 -6.34 87.73 -46.52
C ILE CA 511 -6.61 88.76 -45.43
N SER CA 512 -7.81 89.33 -45.43
CA SER CA 512 -8.26 90.11 -44.29
C SER CA 512 -8.55 89.18 -43.12
N VAL CA 513 -8.18 89.59 -41.92
CA VAL CA 513 -8.38 88.79 -40.72
C VAL CA 513 -9.25 89.59 -39.76
N ALA CA 514 -10.36 89.01 -39.34
CA ALA CA 514 -11.26 89.71 -38.42
C ALA CA 514 -10.65 89.78 -37.03
N VAL CA 515 -10.48 90.99 -36.51
CA VAL CA 515 -9.93 91.23 -35.18
C VAL CA 515 -10.95 92.05 -34.40
N SER CA 516 -11.27 91.60 -33.19
CA SER CA 516 -12.20 92.31 -32.33
C SER CA 516 -11.43 93.18 -31.34
N THR CA 517 -11.73 94.47 -31.35
CA THR CA 517 -11.11 95.48 -30.50
C THR CA 517 -12.23 96.19 -29.75
N PRO CA 518 -11.90 96.89 -28.66
CA PRO CA 518 -12.96 97.61 -27.92
C PRO CA 518 -13.71 98.63 -28.77
N ALA CA 519 -13.14 99.10 -29.87
CA ALA CA 519 -13.81 100.03 -30.77
C ALA CA 519 -14.65 99.34 -31.83
N GLY CA 520 -14.58 98.02 -31.94
CA GLY CA 520 -15.39 97.29 -32.91
C GLY CA 520 -14.60 96.22 -33.65
N LEU CA 521 -15.09 95.88 -34.82
CA LEU CA 521 -14.45 94.86 -35.65
C LEU CA 521 -13.60 95.54 -36.72
N ILE CA 522 -12.36 95.07 -36.87
CA ILE CA 522 -11.46 95.59 -37.89
C ILE CA 522 -10.87 94.41 -38.65
N THR CA 523 -10.33 94.69 -39.85
CA THR CA 523 -9.84 93.66 -40.75
C THR CA 523 -8.44 94.01 -41.26
N PRO CA 524 -7.41 93.79 -40.45
CA PRO CA 524 -6.04 93.92 -40.98
C PRO CA 524 -5.77 92.88 -42.05
N ILE CA 525 -4.97 93.28 -43.04
CA ILE CA 525 -4.76 92.49 -44.25
C ILE CA 525 -3.37 91.87 -44.20
N VAL CA 526 -3.31 90.55 -44.36
CA VAL CA 526 -2.06 89.83 -44.59
C VAL CA 526 -1.91 89.74 -46.10
N PHE CA 527 -0.98 90.51 -46.66
CA PHE CA 527 -0.78 90.52 -48.10
C PHE CA 527 0.06 89.34 -48.53
N ASN CA 528 -0.26 88.78 -49.71
CA ASN CA 528 0.51 87.70 -50.30
C ASN CA 528 0.60 86.50 -49.36
N ALA CA 529 -0.54 86.11 -48.79
CA ALA CA 529 -0.57 84.95 -47.91
C ALA CA 529 -0.33 83.66 -48.70
N HIS CA 530 -0.47 83.70 -50.02
CA HIS CA 530 -0.24 82.51 -50.81
C HIS CA 530 1.24 82.20 -50.95
N ILE CA 531 2.10 83.19 -50.71
CA ILE CA 531 3.55 82.97 -50.78
C ILE CA 531 4.23 83.14 -49.43
N LYS CA 532 3.59 83.79 -48.47
CA LYS CA 532 4.16 83.91 -47.13
C LYS CA 532 4.14 82.56 -46.42
N GLY CA 533 5.17 82.32 -45.60
CA GLY CA 533 5.21 81.10 -44.82
C GLY CA 533 4.41 81.21 -43.53
N LEU CA 534 4.33 80.08 -42.82
CA LEU CA 534 3.55 80.06 -41.58
C LEU CA 534 4.14 80.99 -40.52
N GLU CA 535 5.47 80.99 -40.38
CA GLU CA 535 6.10 81.88 -39.42
C GLU CA 535 5.88 83.34 -39.78
N THR CA 536 6.04 83.68 -41.06
CA THR CA 536 5.81 85.05 -41.51
C THR CA 536 4.36 85.44 -41.32
N ILE CA 537 3.43 84.53 -41.64
CA ILE CA 537 2.01 84.82 -41.45
C ILE CA 537 1.69 85.06 -39.98
N ALA CA 538 2.26 84.22 -39.10
CA ALA CA 538 2.01 84.37 -37.67
C ALA CA 538 2.55 85.70 -37.16
N ASN CA 539 3.76 86.06 -37.57
CA ASN CA 539 4.34 87.34 -37.13
C ASN CA 539 3.52 88.52 -37.65
N ASP CA 540 3.10 88.46 -38.92
CA ASP CA 540 2.29 89.53 -39.48
C ASP CA 540 0.96 89.65 -38.75
N VAL CA 541 0.33 88.52 -38.45
CA VAL CA 541 -0.96 88.54 -37.75
C VAL CA 541 -0.79 89.13 -36.35
N VAL CA 542 0.28 88.74 -35.64
CA VAL CA 542 0.50 89.28 -34.30
C VAL CA 542 0.72 90.78 -34.35
N SER CA 543 1.56 91.24 -35.29
CA SER CA 543 1.86 92.66 -35.39
C SER CA 543 0.61 93.46 -35.74
N LEU CA 544 -0.17 92.99 -36.71
CA LEU CA 544 -1.37 93.71 -37.12
C LEU CA 544 -2.44 93.68 -36.04
N ALA CA 545 -2.54 92.58 -35.29
CA ALA CA 545 -3.48 92.52 -34.19
C ALA CA 545 -3.10 93.50 -33.08
N THR CA 546 -1.80 93.60 -32.78
CA THR CA 546 -1.35 94.59 -31.80
C THR CA 546 -1.65 96.00 -32.28
N LYS CA 547 -1.40 96.28 -33.56
CA LYS CA 547 -1.68 97.61 -34.10
C LYS CA 547 -3.17 97.92 -34.02
N ALA CA 548 -4.03 96.93 -34.35
CA ALA CA 548 -5.46 97.14 -34.29
C ALA CA 548 -5.93 97.39 -32.87
N ARG CA 549 -5.42 96.62 -31.92
CA ARG CA 549 -5.81 96.80 -30.52
C ARG CA 549 -5.35 98.16 -29.99
N GLU CA 550 -4.19 98.63 -30.43
CA GLU CA 550 -3.70 99.95 -30.01
C GLU CA 550 -4.25 101.07 -30.87
N GLY CA 551 -5.04 100.76 -31.90
CA GLY CA 551 -5.65 101.80 -32.72
C GLY CA 551 -4.70 102.54 -33.63
N LYS CA 552 -3.64 101.87 -34.08
CA LYS CA 552 -2.62 102.51 -34.91
C LYS CA 552 -2.63 102.04 -36.35
N LEU CA 553 -3.67 101.33 -36.79
CA LEU CA 553 -3.70 100.81 -38.14
C LEU CA 553 -3.88 101.93 -39.16
N GLN CA 554 -3.07 101.89 -40.22
CA GLN CA 554 -3.21 102.81 -41.33
C GLN CA 554 -4.31 102.34 -42.27
N PRO CA 555 -4.95 103.26 -43.01
CA PRO CA 555 -6.07 102.85 -43.87
C PRO CA 555 -5.73 101.77 -44.89
N HIS CA 556 -4.53 101.79 -45.47
CA HIS CA 556 -4.17 100.77 -46.45
C HIS CA 556 -3.94 99.41 -45.81
N GLU CA 557 -3.74 99.37 -44.49
CA GLU CA 557 -3.51 98.10 -43.80
C GLU CA 557 -4.80 97.35 -43.50
N PHE CA 558 -5.96 97.99 -43.65
CA PHE CA 558 -7.24 97.30 -43.45
C PHE CA 558 -8.27 97.58 -44.53
N GLN CA 559 -7.95 98.37 -45.55
CA GLN CA 559 -8.86 98.59 -46.67
C GLN CA 559 -8.39 97.78 -47.87
N GLY CA 560 -9.30 96.99 -48.44
CA GLY CA 560 -8.97 96.17 -49.58
C GLY CA 560 -9.09 94.69 -49.31
N GLY CA 561 -8.14 93.90 -49.79
CA GLY CA 561 -8.17 92.47 -49.61
C GLY CA 561 -9.07 91.77 -50.62
N THR CA 562 -8.83 90.48 -50.79
CA THR CA 562 -9.61 89.66 -51.71
C THR CA 562 -10.41 88.57 -51.03
N PHE CA 563 -10.07 88.20 -49.80
CA PHE CA 563 -10.72 87.10 -49.09
C PHE CA 563 -10.58 87.36 -47.60
N THR CA 564 -11.65 87.12 -46.86
CA THR CA 564 -11.70 87.44 -45.44
C THR CA 564 -11.87 86.17 -44.62
N ILE CA 565 -11.22 86.12 -43.46
CA ILE CA 565 -11.35 85.04 -42.50
C ILE CA 565 -11.76 85.62 -41.15
N SER CA 566 -12.87 85.14 -40.62
CA SER CA 566 -13.37 85.54 -39.30
C SER CA 566 -13.41 84.31 -38.42
N ASN CA 567 -12.58 84.29 -37.38
CA ASN CA 567 -12.44 83.14 -36.50
C ASN CA 567 -13.05 83.49 -35.15
N LEU CA 568 -14.04 82.71 -34.72
CA LEU CA 568 -14.64 82.88 -33.40
C LEU CA 568 -14.57 81.61 -32.56
N GLY CA 569 -13.62 80.72 -32.86
CA GLY CA 569 -13.50 79.50 -32.08
C GLY CA 569 -13.01 79.75 -30.67
N MET CA 570 -12.26 80.84 -30.48
CA MET CA 570 -11.78 81.19 -29.15
C MET CA 570 -12.93 81.50 -28.18
N PHE CA 571 -14.10 81.88 -28.70
CA PHE CA 571 -15.26 82.18 -27.89
C PHE CA 571 -16.21 81.00 -27.76
N GLY CA 572 -15.85 79.85 -28.30
CA GLY CA 572 -16.67 78.66 -28.14
C GLY CA 572 -17.80 78.49 -29.12
N ILE CA 573 -17.85 79.33 -30.17
CA ILE CA 573 -18.90 79.20 -31.17
C ILE CA 573 -18.67 77.93 -31.98
N LYS CA 574 -19.71 77.09 -32.06
CA LYS CA 574 -19.60 75.86 -32.85
C LYS CA 574 -19.47 76.18 -34.33
N ASN CA 575 -20.35 77.02 -34.86
CA ASN CA 575 -20.26 77.50 -36.23
C ASN CA 575 -21.11 78.75 -36.35
N PHE CA 576 -20.81 79.56 -37.37
CA PHE CA 576 -21.57 80.78 -37.60
C PHE CA 576 -21.43 81.18 -39.06
N SER CA 577 -22.35 82.04 -39.49
CA SER CA 577 -22.40 82.55 -40.87
C SER CA 577 -22.10 84.04 -40.83
N ALA CA 578 -21.06 84.46 -41.55
CA ALA CA 578 -20.63 85.84 -41.51
C ALA CA 578 -21.17 86.61 -42.72
N ILE CA 579 -20.95 87.92 -42.69
CA ILE CA 579 -21.37 88.81 -43.77
C ILE CA 579 -20.17 89.10 -44.66
N ILE CA 580 -20.37 88.99 -45.98
CA ILE CA 580 -19.28 89.21 -46.92
C ILE CA 580 -18.87 90.67 -46.88
N ASN CA 581 -17.56 90.90 -46.72
CA ASN CA 581 -17.02 92.25 -46.72
C ASN CA 581 -16.83 92.71 -48.16
N PRO CA 582 -17.52 93.76 -48.59
CA PRO CA 582 -17.45 94.17 -49.99
C PRO CA 582 -16.10 94.76 -50.33
N PRO CA 583 -15.68 94.69 -51.60
CA PRO CA 583 -16.35 94.04 -52.73
C PRO CA 583 -15.91 92.60 -52.94
N GLN CA 584 -15.49 91.91 -51.89
CA GLN CA 584 -15.01 90.54 -52.02
C GLN CA 584 -16.18 89.60 -52.34
N ALA CA 585 -15.82 88.36 -52.69
CA ALA CA 585 -16.81 87.38 -53.10
C ALA CA 585 -17.08 86.31 -52.07
N CYS CA 586 -16.24 86.19 -51.04
CA CYS CA 586 -16.39 85.13 -50.05
C CYS CA 586 -15.85 85.60 -48.70
N ILE CA 587 -16.25 84.89 -47.65
CA ILE CA 587 -15.72 85.08 -46.31
C ILE CA 587 -15.82 83.76 -45.57
N LEU CA 588 -14.73 83.34 -44.93
CA LEU CA 588 -14.67 82.06 -44.24
C LEU CA 588 -14.89 82.29 -42.75
N ALA CA 589 -15.96 81.71 -42.22
CA ALA CA 589 -16.29 81.81 -40.80
C ALA CA 589 -15.86 80.52 -40.11
N VAL CA 590 -14.95 80.64 -39.15
CA VAL CA 590 -14.33 79.50 -38.48
C VAL CA 590 -14.87 79.41 -37.07
N GLY CA 591 -15.34 78.22 -36.69
CA GLY CA 591 -15.84 77.98 -35.35
C GLY CA 591 -14.83 77.27 -34.48
N ALA CA 592 -15.33 76.76 -33.35
CA ALA CA 592 -14.46 76.09 -32.38
C ALA CA 592 -14.18 74.66 -32.79
N SER CA 593 -13.04 74.15 -32.33
CA SER CA 593 -12.67 72.77 -32.57
C SER CA 593 -12.98 71.92 -31.35
N GLU CA 594 -13.71 70.83 -31.56
CA GLU CA 594 -14.19 69.98 -30.48
C GLU CA 594 -13.91 68.52 -30.79
N ASP CA 595 -13.74 67.73 -29.75
CA ASP CA 595 -13.52 66.29 -29.90
C ASP CA 595 -14.86 65.60 -30.17
N ARG CA 596 -14.91 64.80 -31.22
CA ARG CA 596 -16.11 64.07 -31.60
C ARG CA 596 -15.78 62.61 -31.88
N LEU CA 597 -16.72 61.73 -31.55
CA LEU CA 597 -16.55 60.31 -31.80
C LEU CA 597 -16.94 59.97 -33.23
N PHE CA 598 -16.09 59.18 -33.89
CA PHE CA 598 -16.37 58.75 -35.25
C PHE CA 598 -16.09 57.27 -35.39
N PRO CA 599 -16.84 56.57 -36.25
CA PRO CA 599 -16.63 55.13 -36.40
C PRO CA 599 -15.24 54.81 -36.93
N ALA CA 600 -14.68 53.71 -36.45
CA ALA CA 600 -13.36 53.25 -36.91
C ALA CA 600 -13.34 51.72 -36.87
N ASP CA 601 -12.44 51.14 -37.68
CA ASP CA 601 -12.30 49.70 -37.78
C ASP CA 601 -11.29 49.21 -36.74
N ASN CA 602 -11.66 49.38 -35.48
CA ASN CA 602 -10.83 48.93 -34.36
C ASN CA 602 -11.70 48.14 -33.38
N GLU CA 603 -11.06 47.67 -32.31
CA GLU CA 603 -11.78 46.88 -31.31
C GLU CA 603 -12.86 47.68 -30.61
N LYS CA 604 -12.56 48.93 -30.24
CA LYS CA 604 -13.56 49.77 -29.59
C LYS CA 604 -14.70 50.16 -30.51
N GLY CA 605 -14.48 50.15 -31.82
CA GLY CA 605 -15.50 50.55 -32.76
C GLY CA 605 -15.60 52.03 -33.02
N PHE CA 606 -14.76 52.85 -32.40
CA PHE CA 606 -14.81 54.29 -32.59
C PHE CA 606 -13.45 54.89 -32.29
N ASP CA 607 -13.28 56.15 -32.71
CA ASP CA 607 -12.08 56.92 -32.45
C ASP CA 607 -12.48 58.34 -32.09
N VAL CA 608 -11.52 59.09 -31.55
CA VAL CA 608 -11.74 60.47 -31.14
C VAL CA 608 -10.89 61.38 -32.02
N ALA CA 609 -11.54 62.36 -32.65
CA ALA CA 609 -10.87 63.30 -33.53
C ALA CA 609 -11.32 64.71 -33.20
N SER CA 610 -10.38 65.65 -33.24
CA SER CA 610 -10.68 67.06 -33.00
C SER CA 610 -11.11 67.69 -34.31
N MET CA 611 -12.40 67.94 -34.47
CA MET CA 611 -12.96 68.45 -35.71
C MET CA 611 -13.37 69.91 -35.55
N MET CA 612 -13.15 70.70 -36.58
CA MET CA 612 -13.44 72.13 -36.59
C MET CA 612 -14.34 72.45 -37.78
N SER CA 613 -15.47 73.09 -37.52
CA SER CA 613 -16.49 73.34 -38.52
C SER CA 613 -16.33 74.74 -39.09
N VAL CA 614 -16.29 74.83 -40.43
CA VAL CA 614 -16.15 76.11 -41.12
C VAL CA 614 -17.32 76.32 -42.07
N THR CA 615 -17.79 77.57 -42.12
CA THR CA 615 -18.89 77.96 -42.98
C THR CA 615 -18.41 79.08 -43.91
N LEU CA 616 -18.38 78.80 -45.20
CA LEU CA 616 -18.00 79.77 -46.22
C LEU CA 616 -19.26 80.43 -46.75
N SER CA 617 -19.32 81.77 -46.65
CA SER CA 617 -20.42 82.54 -47.20
C SER CA 617 -19.99 83.12 -48.53
N CYS CA 618 -20.71 82.76 -49.60
CA CYS CA 618 -20.31 83.06 -50.96
C CYS CA 618 -21.32 83.97 -51.62
N ASP CA 619 -20.81 84.85 -52.48
CA ASP CA 619 -21.64 85.68 -53.36
C ASP CA 619 -22.08 84.82 -54.54
N HIS CA 620 -23.38 84.54 -54.64
CA HIS CA 620 -23.86 83.61 -55.65
C HIS CA 620 -23.75 84.16 -57.07
N ARG CA 621 -23.55 85.47 -57.24
CA ARG CA 621 -23.25 86.01 -58.57
C ARG CA 621 -21.95 85.46 -59.10
N VAL CA 622 -20.93 85.36 -58.26
CA VAL CA 622 -19.58 84.99 -58.67
C VAL CA 622 -19.30 83.52 -58.46
N VAL CA 623 -19.60 83.01 -57.26
CA VAL CA 623 -19.27 81.63 -56.88
C VAL CA 623 -20.59 80.86 -56.79
N ASP CA 624 -20.76 79.87 -57.66
CA ASP CA 624 -21.92 79.01 -57.56
C ASP CA 624 -21.65 77.86 -56.60
N GLY CA 625 -22.65 77.00 -56.42
CA GLY CA 625 -22.56 75.97 -55.40
C GLY CA 625 -21.43 75.00 -55.63
N ALA CA 626 -21.25 74.56 -56.88
CA ALA CA 626 -20.18 73.60 -57.18
C ALA CA 626 -18.81 74.21 -56.92
N VAL CA 627 -18.61 75.48 -57.31
CA VAL CA 627 -17.32 76.12 -57.10
C VAL CA 627 -17.05 76.32 -55.61
N GLY CA 628 -18.06 76.75 -54.85
CA GLY CA 628 -17.87 76.89 -53.41
C GLY CA 628 -17.55 75.57 -52.74
N ALA CA 629 -18.23 74.50 -53.17
CA ALA CA 629 -17.95 73.18 -52.62
C ALA CA 629 -16.54 72.72 -52.98
N GLN CA 630 -16.09 73.01 -54.19
CA GLN CA 630 -14.71 72.67 -54.58
C GLN CA 630 -13.71 73.43 -53.73
N TRP CA 631 -13.96 74.71 -53.48
CA TRP CA 631 -13.07 75.48 -52.62
C TRP CA 631 -13.01 74.89 -51.22
N LEU CA 632 -14.16 74.54 -50.66
CA LEU CA 632 -14.18 73.97 -49.32
C LEU CA 632 -13.49 72.62 -49.27
N ALA CA 633 -13.65 71.81 -50.33
CA ALA CA 633 -12.94 70.53 -50.38
C ALA CA 633 -11.44 70.71 -50.43
N GLU CA 634 -10.96 71.67 -51.23
CA GLU CA 634 -9.53 71.94 -51.29
C GLU CA 634 -9.01 72.43 -49.94
N PHE CA 635 -9.76 73.33 -49.29
CA PHE CA 635 -9.38 73.82 -47.96
C PHE CA 635 -9.30 72.67 -46.96
N ARG CA 636 -10.30 71.79 -46.98
CA ARG CA 636 -10.33 70.66 -46.06
C ARG CA 636 -9.16 69.71 -46.30
N LYS CA 637 -8.85 69.45 -47.58
CA LYS CA 637 -7.72 68.59 -47.88
C LYS CA 637 -6.41 69.20 -47.39
N TYR CA 638 -6.22 70.50 -47.63
CA TYR CA 638 -5.01 71.18 -47.18
C TYR CA 638 -4.86 71.10 -45.67
N LEU CA 639 -5.94 71.32 -44.93
CA LEU CA 639 -5.84 71.25 -43.48
C LEU CA 639 -5.67 69.82 -42.98
N GLU CA 640 -6.36 68.86 -43.60
CA GLU CA 640 -6.27 67.48 -43.12
C GLU CA 640 -4.92 66.85 -43.40
N LYS CA 641 -4.20 67.31 -44.42
CA LYS CA 641 -2.82 66.90 -44.65
C LYS CA 641 -1.95 68.13 -44.80
N PRO CA 642 -1.37 68.63 -43.70
CA PRO CA 642 -0.57 69.86 -43.77
C PRO CA 642 0.63 69.76 -44.67
N ILE CA 643 1.20 68.57 -44.86
CA ILE CA 643 2.37 68.43 -45.73
C ILE CA 643 2.02 68.77 -47.16
N THR CA 644 0.74 68.67 -47.53
CA THR CA 644 0.32 69.06 -48.88
C THR CA 644 0.33 70.57 -49.09
N MET CA 645 0.51 71.36 -48.03
CA MET CA 645 0.69 72.79 -48.20
C MET CA 645 2.02 73.13 -48.86
N LEU CA 646 2.95 72.18 -48.96
CA LEU CA 646 4.23 72.39 -49.61
C LEU CA 646 4.13 72.34 -51.13
N LEU CA 647 3.03 71.81 -51.67
CA LEU CA 647 2.89 71.71 -53.12
C LEU CA 647 2.55 73.06 -53.74
N PHE DA 420 102.99 33.09 20.84
CA PHE DA 420 102.93 31.84 21.57
C PHE DA 420 103.38 32.02 23.03
N THR DA 421 103.19 30.98 23.83
CA THR DA 421 103.60 30.98 25.23
C THR DA 421 104.29 29.65 25.54
N ASP DA 422 105.48 29.72 26.12
CA ASP DA 422 106.24 28.53 26.47
C ASP DA 422 105.92 28.13 27.91
N ILE DA 423 105.23 27.01 28.07
CA ILE DA 423 104.86 26.49 29.38
C ILE DA 423 105.90 25.46 29.80
N PRO DA 424 106.64 25.68 30.89
CA PRO DA 424 107.65 24.69 31.29
C PRO DA 424 107.02 23.34 31.61
N ILE DA 425 107.76 22.28 31.28
CA ILE DA 425 107.29 20.93 31.50
C ILE DA 425 107.62 20.51 32.93
N SER DA 426 106.60 20.13 33.69
CA SER DA 426 106.83 19.64 35.04
C SER DA 426 107.49 18.27 35.00
N ASN DA 427 108.09 17.89 36.13
CA ASN DA 427 108.75 16.60 36.23
C ASN DA 427 107.74 15.46 36.14
N ILE DA 428 106.55 15.66 36.72
CA ILE DA 428 105.49 14.65 36.62
C ILE DA 428 105.11 14.44 35.15
N ARG DA 429 104.93 15.54 34.42
CA ARG DA 429 104.59 15.45 33.01
C ARG DA 429 105.72 14.81 32.22
N ARG DA 430 106.96 15.11 32.58
CA ARG DA 430 108.09 14.48 31.90
C ARG DA 430 108.10 12.97 32.13
N VAL DA 431 107.80 12.54 33.36
CA VAL DA 431 107.74 11.11 33.66
C VAL DA 431 106.62 10.44 32.86
N ILE DA 432 105.45 11.08 32.81
CA ILE DA 432 104.33 10.51 32.07
C ILE DA 432 104.68 10.42 30.58
N ALA DA 433 105.29 11.47 30.04
CA ALA DA 433 105.67 11.47 28.64
C ALA DA 433 106.71 10.39 28.34
N GLN DA 434 107.67 10.20 29.24
CA GLN DA 434 108.67 9.16 29.05
C GLN DA 434 108.04 7.78 29.09
N ARG DA 435 107.08 7.57 30.00
CA ARG DA 435 106.37 6.29 30.03
C ARG DA 435 105.62 6.05 28.73
N LEU DA 436 104.98 7.10 28.18
CA LEU DA 436 104.26 6.94 26.92
C LEU DA 436 105.22 6.65 25.77
N MET DA 437 106.38 7.32 25.75
CA MET DA 437 107.42 6.98 24.78
C MET DA 437 107.80 5.51 24.89
N GLN DA 438 108.07 5.05 26.10
CA GLN DA 438 108.50 3.67 26.28
C GLN DA 438 107.42 2.70 25.80
N SER DA 439 106.16 2.98 26.13
CA SER DA 439 105.07 2.12 25.70
C SER DA 439 104.98 2.06 24.17
N LYS DA 440 104.93 3.23 23.52
CA LYS DA 440 104.73 3.24 22.07
C LYS DA 440 105.97 2.80 21.32
N GLN DA 441 107.13 2.77 21.97
CA GLN DA 441 108.35 2.35 21.28
C GLN DA 441 108.62 0.86 21.47
N THR DA 442 108.26 0.29 22.61
CA THR DA 442 108.59 -1.10 22.90
C THR DA 442 107.40 -2.04 22.81
N ILE DA 443 106.18 -1.54 22.73
CA ILE DA 443 104.99 -2.36 22.70
C ILE DA 443 104.35 -2.24 21.32
N PRO DA 444 104.31 -3.32 20.52
CA PRO DA 444 103.65 -3.26 19.22
C PRO DA 444 102.13 -3.32 19.35
N HIS DA 445 101.50 -2.16 19.55
CA HIS DA 445 100.06 -2.09 19.76
C HIS DA 445 99.31 -2.58 18.53
N TYR DA 446 98.19 -3.26 18.76
CA TYR DA 446 97.18 -3.44 17.73
C TYR DA 446 95.81 -3.45 18.38
N TYR DA 447 94.83 -2.90 17.66
CA TYR DA 447 93.56 -2.50 18.28
C TYR DA 447 92.42 -3.30 17.69
N LEU DA 448 91.51 -3.76 18.54
CA LEU DA 448 90.32 -4.49 18.11
C LEU DA 448 89.07 -3.87 18.73
N SER DA 449 88.07 -3.59 17.91
CA SER DA 449 86.88 -2.87 18.34
C SER DA 449 85.64 -3.75 18.20
N VAL DA 450 84.76 -3.68 19.20
CA VAL DA 450 83.47 -4.35 19.16
C VAL DA 450 82.39 -3.44 19.72
N ASP DA 451 81.15 -3.82 19.48
CA ASP DA 451 79.98 -3.12 20.01
C ASP DA 451 79.24 -4.00 21.02
N VAL DA 452 78.87 -3.40 22.13
CA VAL DA 452 78.21 -4.11 23.23
C VAL DA 452 76.83 -3.50 23.46
N ASN DA 453 75.81 -4.35 23.47
CA ASN DA 453 74.45 -3.90 23.74
C ASN DA 453 74.28 -3.76 25.25
N MET DA 454 73.84 -2.59 25.70
CA MET DA 454 73.83 -2.28 27.12
C MET DA 454 72.42 -2.13 27.70
N GLY DA 455 71.38 -2.61 27.01
CA GLY DA 455 70.04 -2.48 27.55
C GLY DA 455 69.86 -3.28 28.84
N GLU DA 456 70.34 -4.52 28.84
CA GLU DA 456 70.23 -5.35 30.03
C GLU DA 456 71.08 -4.80 31.16
N VAL DA 457 72.26 -4.26 30.84
CA VAL DA 457 73.10 -3.64 31.86
C VAL DA 457 72.37 -2.45 32.49
N LEU DA 458 71.73 -1.62 31.66
CA LEU DA 458 71.01 -0.47 32.19
C LEU DA 458 69.84 -0.91 33.07
N LEU DA 459 69.10 -1.93 32.64
CA LEU DA 459 67.98 -2.41 33.44
C LEU DA 459 68.45 -2.97 34.78
N VAL DA 460 69.51 -3.79 34.76
CA VAL DA 460 70.03 -4.37 35.98
C VAL DA 460 70.59 -3.29 36.89
N ARG DA 461 71.25 -2.29 36.31
CA ARG DA 461 71.78 -1.18 37.11
C ARG DA 461 70.67 -0.39 37.77
N LYS DA 462 69.58 -0.14 37.03
CA LYS DA 462 68.45 0.56 37.63
C LYS DA 462 67.84 -0.23 38.78
N GLU DA 463 67.66 -1.53 38.58
CA GLU DA 463 67.10 -2.36 39.66
C GLU DA 463 68.03 -2.39 40.87
N LEU DA 464 69.34 -2.52 40.64
CA LEU DA 464 70.30 -2.56 41.74
C LEU DA 464 70.33 -1.24 42.49
N ASN DA 465 70.28 -0.12 41.76
CA ASN DA 465 70.25 1.19 42.42
C ASN DA 465 68.99 1.38 43.22
N LYS DA 466 67.85 0.91 42.72
CA LYS DA 466 66.61 1.02 43.48
C LYS DA 466 66.65 0.15 44.73
N MET DA 467 67.27 -1.03 44.64
CA MET DA 467 67.44 -1.87 45.82
C MET DA 467 68.40 -1.24 46.83
N LEU DA 468 69.45 -0.56 46.36
CA LEU DA 468 70.46 0.01 47.25
C LEU DA 468 69.90 1.09 48.16
N GLU DA 469 68.81 1.75 47.77
CA GLU DA 469 68.12 2.72 48.62
C GLU DA 469 69.03 3.84 49.08
N GLY DA 470 69.95 4.25 48.20
CA GLY DA 470 70.82 5.37 48.46
C GLY DA 470 72.06 5.05 49.28
N ARG DA 471 72.24 3.81 49.73
CA ARG DA 471 73.45 3.45 50.45
C ARG DA 471 74.67 3.57 49.53
N SER DA 472 74.52 3.14 48.28
CA SER DA 472 75.55 3.31 47.27
C SER DA 472 74.87 3.46 45.91
N LYS DA 473 75.64 3.93 44.93
CA LYS DA 473 75.14 4.10 43.56
C LYS DA 473 76.09 3.37 42.62
N ILE DA 474 75.54 2.49 41.79
CA ILE DA 474 76.35 1.72 40.87
C ILE DA 474 76.36 2.38 39.50
N SER DA 475 77.55 2.59 38.95
CA SER DA 475 77.71 3.19 37.63
C SER DA 475 77.98 2.10 36.59
N VAL DA 476 77.88 2.50 35.33
CA VAL DA 476 78.16 1.58 34.22
C VAL DA 476 79.61 1.14 34.23
N ASN DA 477 80.51 2.02 34.68
CA ASN DA 477 81.93 1.66 34.75
C ASN DA 477 82.16 0.53 35.74
N ASP DA 478 81.31 0.39 36.75
CA ASP DA 478 81.45 -0.73 37.68
C ASP DA 478 81.14 -2.05 36.99
N PHE DA 479 80.05 -2.10 36.20
CA PHE DA 479 79.76 -3.27 35.38
C PHE DA 479 80.90 -3.56 34.42
N ILE DA 480 81.47 -2.51 33.82
CA ILE DA 480 82.56 -2.69 32.87
C ILE DA 480 83.78 -3.28 33.56
N ILE DA 481 84.11 -2.79 34.76
CA ILE DA 481 85.26 -3.29 35.49
C ILE DA 481 85.05 -4.75 35.87
N LYS DA 482 83.85 -5.09 36.35
CA LYS DA 482 83.57 -6.47 36.74
C LYS DA 482 83.66 -7.40 35.53
N ALA DA 483 83.08 -6.99 34.40
CA ALA DA 483 83.13 -7.81 33.20
C ALA DA 483 84.56 -7.96 32.69
N SER DA 484 85.35 -6.89 32.76
CA SER DA 484 86.75 -6.98 32.34
C SER DA 484 87.52 -7.94 33.23
N ALA DA 485 87.28 -7.89 34.54
CA ALA DA 485 87.97 -8.81 35.45
C ALA DA 485 87.59 -10.25 35.16
N LEU DA 486 86.31 -10.53 34.96
CA LEU DA 486 85.89 -11.90 34.68
C LEU DA 486 86.42 -12.39 33.33
N ALA DA 487 86.43 -11.51 32.32
CA ALA DA 487 86.99 -11.88 31.03
C ALA DA 487 88.49 -12.12 31.14
N CYS DA 488 89.19 -11.36 31.97
CA CYS DA 488 90.61 -11.62 32.21
C CYS DA 488 90.82 -12.96 32.89
N LEU DA 489 89.92 -13.33 33.82
CA LEU DA 489 89.98 -14.68 34.39
C LEU DA 489 89.80 -15.74 33.32
N LYS DA 490 88.83 -15.56 32.44
CA LYS DA 490 88.55 -16.57 31.41
C LYS DA 490 89.69 -16.67 30.40
N VAL DA 491 90.30 -15.54 30.06
CA VAL DA 491 91.38 -15.51 29.07
C VAL DA 491 92.61 -14.89 29.72
N PRO DA 492 93.46 -15.68 30.38
CA PRO DA 492 94.57 -15.09 31.16
C PRO DA 492 95.67 -14.46 30.31
N GLU DA 493 95.66 -14.65 28.99
CA GLU DA 493 96.69 -14.05 28.16
C GLU DA 493 96.64 -12.53 28.21
N ALA DA 494 95.44 -11.95 28.24
CA ALA DA 494 95.31 -10.51 28.39
C ALA DA 494 95.74 -10.04 29.76
N ASN DA 495 95.91 -10.95 30.72
CA ASN DA 495 96.38 -10.63 32.05
C ASN DA 495 97.84 -11.02 32.25
N SER DA 496 98.67 -10.82 31.24
CA SER DA 496 100.09 -11.17 31.29
C SER DA 496 100.95 -9.93 31.14
N SER DA 497 102.26 -10.15 31.19
CA SER DA 497 103.25 -9.10 31.04
C SER DA 497 104.50 -9.67 30.40
N TRP DA 498 105.06 -8.91 29.47
CA TRP DA 498 106.28 -9.33 28.76
C TRP DA 498 107.49 -8.79 29.50
N LEU DA 499 108.41 -9.67 29.87
CA LEU DA 499 109.59 -9.31 30.65
C LEU DA 499 110.88 -9.70 29.92
N ASP DA 500 110.77 -9.92 28.60
CA ASP DA 500 111.89 -10.14 27.70
C ASP DA 500 112.56 -11.50 27.90
N THR DA 501 112.17 -12.21 28.95
CA THR DA 501 112.64 -13.58 29.16
C THR DA 501 111.51 -14.57 29.42
N VAL DA 502 110.48 -14.14 30.15
CA VAL DA 502 109.31 -14.96 30.42
C VAL DA 502 108.07 -14.09 30.27
N ILE DA 503 106.93 -14.75 30.10
CA ILE DA 503 105.63 -14.08 30.05
C ILE DA 503 104.94 -14.30 31.39
N ARG DA 504 104.93 -13.27 32.23
CA ARG DA 504 104.36 -13.37 33.57
C ARG DA 504 102.84 -13.33 33.46
N GLN DA 505 102.19 -14.45 33.79
CA GLN DA 505 100.74 -14.56 33.70
C GLN DA 505 100.14 -14.33 35.07
N ASN DA 506 99.64 -13.12 35.33
CA ASN DA 506 99.11 -12.79 36.64
C ASN DA 506 97.83 -13.55 36.91
N HIS DA 507 97.76 -14.18 38.08
CA HIS DA 507 96.57 -14.93 38.48
C HIS DA 507 95.53 -14.07 39.18
N VAL DA 508 95.87 -12.83 39.51
CA VAL DA 508 94.92 -11.88 40.10
C VAL DA 508 94.71 -10.76 39.10
N VAL DA 509 93.57 -10.08 39.22
CA VAL DA 509 93.17 -9.03 38.29
C VAL DA 509 93.11 -7.72 39.07
N ASP DA 510 94.11 -6.87 38.89
CA ASP DA 510 94.15 -5.54 39.48
C ASP DA 510 93.86 -4.54 38.36
N ILE DA 511 92.67 -3.95 38.39
CA ILE DA 511 92.19 -3.10 37.30
C ILE DA 511 92.57 -1.65 37.60
N SER DA 512 93.52 -1.11 36.84
CA SER DA 512 93.76 0.32 36.85
C SER DA 512 92.61 1.03 36.16
N VAL DA 513 92.19 2.17 36.71
CA VAL DA 513 91.08 2.94 36.16
C VAL DA 513 91.60 4.33 35.82
N ALA DA 514 91.42 4.75 34.58
CA ALA DA 514 91.91 6.06 34.16
C ALA DA 514 91.02 7.15 34.75
N VAL DA 515 91.63 8.06 35.50
CA VAL DA 515 90.94 9.19 36.11
C VAL DA 515 91.63 10.47 35.66
N SER DA 516 90.83 11.42 35.17
CA SER DA 516 91.36 12.70 34.74
C SER DA 516 91.22 13.73 35.86
N THR DA 517 92.34 14.33 36.24
CA THR DA 517 92.44 15.32 37.28
C THR DA 517 93.10 16.56 36.69
N PRO DA 518 92.97 17.71 37.34
CA PRO DA 518 93.61 18.93 36.80
C PRO DA 518 95.12 18.80 36.63
N ALA DA 519 95.76 17.88 37.34
CA ALA DA 519 97.20 17.65 37.21
C ALA DA 519 97.55 16.64 36.12
N GLY DA 520 96.57 15.98 35.52
CA GLY DA 520 96.81 15.05 34.45
C GLY DA 520 96.01 13.76 34.59
N LEU DA 521 96.53 12.71 33.96
CA LEU DA 521 95.88 11.41 34.00
C LEU DA 521 96.54 10.53 35.05
N ILE DA 522 95.73 9.89 35.89
CA ILE DA 522 96.23 8.99 36.92
C ILE DA 522 95.44 7.69 36.83
N THR DA 523 96.00 6.63 37.42
CA THR DA 523 95.44 5.28 37.32
C THR DA 523 95.36 4.62 38.69
N PRO DA 524 94.36 4.98 39.50
CA PRO DA 524 94.13 4.23 40.74
C PRO DA 524 93.73 2.79 40.44
N ILE DA 525 94.18 1.89 41.31
CA ILE DA 525 94.06 0.45 41.07
C ILE DA 525 92.97 -0.12 41.98
N VAL DA 526 92.02 -0.81 41.37
CA VAL DA 526 91.04 -1.62 42.11
C VAL DA 526 91.63 -3.03 42.15
N PHE DA 527 92.09 -3.43 43.33
CA PHE DA 527 92.71 -4.74 43.49
C PHE DA 527 91.65 -5.82 43.62
N ASN DA 528 91.93 -6.99 43.04
CA ASN DA 528 91.05 -8.16 43.15
C ASN DA 528 89.65 -7.85 42.66
N ALA DA 529 89.57 -7.22 41.49
CA ALA DA 529 88.27 -6.92 40.90
C ALA DA 529 87.55 -8.19 40.46
N HIS DA 530 88.29 -9.30 40.32
CA HIS DA 530 87.66 -10.54 39.92
C HIS DA 530 86.86 -11.17 41.06
N ILE DA 531 87.13 -10.77 42.30
CA ILE DA 531 86.38 -11.28 43.44
C ILE DA 531 85.56 -10.20 44.14
N LYS DA 532 85.88 -8.93 43.92
CA LYS DA 532 85.07 -7.86 44.50
C LYS DA 532 83.71 -7.78 43.83
N GLY DA 533 82.69 -7.42 44.61
CA GLY DA 533 81.36 -7.25 44.06
C GLY DA 533 81.17 -5.88 43.44
N LEU DA 534 80.00 -5.69 42.82
CA LEU DA 534 79.71 -4.42 42.15
C LEU DA 534 79.66 -3.26 43.15
N GLU DA 535 79.03 -3.48 44.31
CA GLU DA 535 78.97 -2.42 45.31
C GLU DA 535 80.36 -2.08 45.84
N THR DA 536 81.16 -3.11 46.12
CA THR DA 536 82.52 -2.89 46.60
C THR DA 536 83.36 -2.19 45.53
N ILE DA 537 83.21 -2.60 44.27
CA ILE DA 537 83.95 -1.96 43.19
C ILE DA 537 83.55 -0.49 43.05
N ALA DA 538 82.25 -0.21 43.14
CA ALA DA 538 81.79 1.16 43.03
C ALA DA 538 82.33 2.03 44.17
N ASN DA 539 82.28 1.51 45.39
CA ASN DA 539 82.79 2.26 46.53
C ASN DA 539 84.29 2.50 46.40
N ASP DA 540 85.04 1.47 45.99
CA ASP DA 540 86.48 1.63 45.80
C ASP DA 540 86.78 2.66 44.72
N VAL DA 541 86.05 2.61 43.61
CA VAL DA 541 86.28 3.56 42.53
C VAL DA 541 85.99 4.99 42.99
N VAL DA 542 84.89 5.18 43.73
CA VAL DA 542 84.55 6.51 44.22
C VAL DA 542 85.64 7.03 45.16
N SER DA 543 86.07 6.18 46.10
CA SER DA 543 87.08 6.61 47.06
C SER DA 543 88.40 6.94 46.37
N LEU DA 544 88.84 6.10 45.44
CA LEU DA 544 90.11 6.34 44.75
C LEU DA 544 90.02 7.55 43.83
N ALA DA 545 88.86 7.77 43.20
CA ALA DA 545 88.68 8.96 42.37
C ALA DA 545 88.74 10.23 43.22
N THR DA 546 88.11 10.20 44.40
CA THR DA 546 88.20 11.35 45.30
C THR DA 546 89.64 11.59 45.73
N LYS DA 547 90.36 10.52 46.07
CA LYS DA 547 91.76 10.66 46.47
C LYS DA 547 92.60 11.23 45.33
N ALA DA 548 92.36 10.77 44.10
CA ALA DA 548 93.12 11.26 42.95
C ALA DA 548 92.82 12.72 42.69
N ARG DA 549 91.55 13.11 42.77
CA ARG DA 549 91.19 14.51 42.55
C ARG DA 549 91.76 15.42 43.63
N GLU DA 550 91.84 14.93 44.87
CA GLU DA 550 92.44 15.71 45.95
C GLU DA 550 93.95 15.56 46.01
N GLY DA 551 94.55 14.73 45.16
CA GLY DA 551 95.99 14.60 45.12
C GLY DA 551 96.59 13.87 46.30
N LYS DA 552 95.85 12.92 46.88
CA LYS DA 552 96.30 12.21 48.08
C LYS DA 552 96.64 10.75 47.82
N LEU DA 553 96.75 10.34 46.55
CA LEU DA 553 97.02 8.95 46.24
C LEU DA 553 98.45 8.57 46.63
N GLN DA 554 98.58 7.41 47.29
CA GLN DA 554 99.88 6.85 47.61
C GLN DA 554 100.44 6.12 46.40
N PRO DA 555 101.77 6.00 46.29
CA PRO DA 555 102.36 5.36 45.10
C PRO DA 555 101.88 3.94 44.84
N HIS DA 556 101.65 3.15 45.89
CA HIS DA 556 101.20 1.77 45.66
C HIS DA 556 99.75 1.73 45.20
N GLU DA 557 99.00 2.81 45.38
CA GLU DA 557 97.60 2.83 44.96
C GLU DA 557 97.43 3.11 43.47
N PHE DA 558 98.49 3.54 42.78
CA PHE DA 558 98.41 3.75 41.34
C PHE DA 558 99.59 3.18 40.56
N GLN DA 559 100.55 2.53 41.21
CA GLN DA 559 101.64 1.87 40.51
C GLN DA 559 101.41 0.38 40.50
N GLY DA 560 101.46 -0.22 39.31
CA GLY DA 560 101.25 -1.64 39.16
C GLY DA 560 100.03 -1.98 38.32
N GLY DA 561 99.26 -2.97 38.75
CA GLY DA 561 98.10 -3.39 38.02
C GLY DA 561 98.43 -4.34 36.87
N THR DA 562 97.42 -5.07 36.42
CA THR DA 562 97.58 -6.02 35.33
C THR DA 562 96.75 -5.67 34.10
N PHE DA 563 95.74 -4.83 34.24
CA PHE DA 563 94.84 -4.49 33.14
C PHE DA 563 94.24 -3.12 33.42
N THR DA 564 94.16 -2.30 32.39
CA THR DA 564 93.75 -0.91 32.53
C THR DA 564 92.44 -0.67 31.77
N ILE DA 565 91.58 0.18 32.33
CA ILE DA 565 90.35 0.59 31.69
C ILE DA 565 90.32 2.11 31.64
N SER DA 566 90.17 2.66 30.44
CA SER DA 566 90.05 4.10 30.24
C SER DA 566 88.71 4.39 29.60
N ASN DA 567 87.83 5.07 30.34
CA ASN DA 567 86.47 5.34 29.90
C ASN DA 567 86.35 6.83 29.57
N LEU DA 568 85.97 7.13 28.33
CA LEU DA 568 85.72 8.50 27.92
C LEU DA 568 84.31 8.70 27.36
N GLY DA 569 83.37 7.83 27.74
CA GLY DA 569 82.01 7.98 27.25
C GLY DA 569 81.31 9.20 27.83
N MET DA 570 81.73 9.62 29.02
CA MET DA 570 81.15 10.81 29.63
C MET DA 570 81.41 12.07 28.81
N PHE DA 571 82.45 12.06 27.97
CA PHE DA 571 82.79 13.20 27.13
C PHE DA 571 82.23 13.07 25.72
N GLY DA 572 81.46 12.03 25.45
CA GLY DA 572 80.83 11.90 24.15
C GLY DA 572 81.65 11.24 23.08
N ILE DA 573 82.82 10.68 23.42
CA ILE DA 573 83.65 10.02 22.43
C ILE DA 573 82.97 8.74 21.98
N LYS DA 574 82.81 8.58 20.67
CA LYS DA 574 82.21 7.36 20.13
C LYS DA 574 83.11 6.15 20.38
N ASN DA 575 84.39 6.26 20.03
CA ASN DA 575 85.37 5.24 20.32
C ASN DA 575 86.75 5.86 20.21
N PHE DA 576 87.74 5.22 20.84
CA PHE DA 576 89.10 5.71 20.79
C PHE DA 576 90.06 4.56 21.08
N SER DA 577 91.32 4.77 20.71
CA SER DA 577 92.39 3.79 20.90
C SER DA 577 93.38 4.36 21.91
N ALA DA 578 93.60 3.63 22.99
CA ALA DA 578 94.46 4.13 24.05
C ALA DA 578 95.86 3.53 23.95
N ILE DA 579 96.76 4.03 24.79
CA ILE DA 579 98.14 3.56 24.85
C ILE DA 579 98.28 2.59 26.01
N ILE DA 580 98.90 1.44 25.76
CA ILE DA 580 99.06 0.43 26.80
C ILE DA 580 99.98 0.97 27.89
N ASN DA 581 99.53 0.87 29.14
CA ASN DA 581 100.32 1.29 30.28
C ASN DA 581 101.29 0.17 30.63
N PRO DA 582 102.59 0.41 30.56
CA PRO DA 582 103.55 -0.67 30.79
C PRO DA 582 103.57 -1.06 32.27
N PRO DA 583 103.94 -2.31 32.57
CA PRO DA 583 104.30 -3.40 31.65
C PRO DA 583 103.12 -4.30 31.31
N GLN DA 584 101.89 -3.76 31.36
CA GLN DA 584 100.72 -4.56 31.08
C GLN DA 584 100.64 -4.93 29.61
N ALA DA 585 99.72 -5.84 29.29
CA ALA DA 585 99.60 -6.36 27.93
C ALA DA 585 98.39 -5.81 27.18
N CYS DA 586 97.45 -5.18 27.86
CA CYS DA 586 96.23 -4.70 27.23
C CYS DA 586 95.70 -3.47 27.95
N ILE DA 587 94.81 -2.76 27.28
CA ILE DA 587 94.08 -1.63 27.86
C ILE DA 587 92.75 -1.51 27.12
N LEU DA 588 91.66 -1.39 27.87
CA LEU DA 588 90.33 -1.31 27.29
C LEU DA 588 89.88 0.14 27.24
N ALA DA 589 89.63 0.63 26.03
CA ALA DA 589 89.16 1.99 25.82
C ALA DA 589 87.66 1.96 25.57
N VAL DA 590 86.90 2.63 26.44
CA VAL DA 590 85.45 2.59 26.42
C VAL DA 590 84.94 3.93 25.93
N GLY DA 591 84.04 3.89 24.94
CA GLY DA 591 83.43 5.09 24.40
C GLY DA 591 82.02 5.31 24.95
N ALA DA 592 81.31 6.21 24.27
CA ALA DA 592 79.96 6.56 24.72
C ALA DA 592 78.94 5.54 24.24
N SER DA 593 77.84 5.44 24.99
CA SER DA 593 76.74 4.57 24.61
C SER DA 593 75.63 5.38 23.94
N GLU DA 594 75.22 4.93 22.76
CA GLU DA 594 74.26 5.65 21.94
C GLU DA 594 73.18 4.71 21.46
N ASP DA 595 71.98 5.26 21.24
CA ASP DA 595 70.88 4.48 20.70
C ASP DA 595 71.05 4.30 19.20
N ARG DA 596 70.96 3.05 18.74
CA ARG DA 596 71.10 2.72 17.33
C ARG DA 596 69.97 1.80 16.89
N LEU DA 597 69.55 1.96 15.63
CA LEU DA 597 68.51 1.12 15.07
C LEU DA 597 69.10 -0.18 14.54
N PHE DA 598 68.47 -1.30 14.87
CA PHE DA 598 68.91 -2.59 14.39
C PHE DA 598 67.72 -3.40 13.90
N PRO DA 599 67.92 -4.24 12.89
CA PRO DA 599 66.79 -5.03 12.35
C PRO DA 599 66.22 -5.97 13.39
N ALA DA 600 64.91 -6.16 13.33
CA ALA DA 600 64.22 -7.08 14.22
C ALA DA 600 63.02 -7.68 13.50
N ASP DA 601 62.58 -8.84 13.97
CA ASP DA 601 61.46 -9.56 13.37
C ASP DA 601 60.16 -9.11 14.03
N ASN DA 602 59.83 -7.83 13.82
CA ASN DA 602 58.60 -7.25 14.33
C ASN DA 602 57.90 -6.50 13.20
N GLU DA 603 56.75 -5.91 13.54
CA GLU DA 603 55.97 -5.18 12.54
C GLU DA 603 56.71 -3.97 12.01
N LYS DA 604 57.36 -3.21 12.90
CA LYS DA 604 58.11 -2.03 12.47
C LYS DA 604 59.34 -2.39 11.66
N GLY DA 605 59.87 -3.60 11.82
CA GLY DA 605 61.07 -4.01 11.11
C GLY DA 605 62.38 -3.61 11.76
N PHE DA 606 62.33 -2.93 12.90
CA PHE DA 606 63.55 -2.49 13.57
C PHE DA 606 63.28 -2.32 15.05
N ASP DA 607 64.36 -2.22 15.81
CA ASP DA 607 64.32 -1.98 17.25
C ASP DA 607 65.41 -0.98 17.62
N VAL DA 608 65.31 -0.44 18.83
CA VAL DA 608 66.25 0.54 19.34
C VAL DA 608 67.01 -0.07 20.51
N ALA DA 609 68.34 -0.06 20.42
CA ALA DA 609 69.20 -0.61 21.46
C ALA DA 609 70.31 0.37 21.77
N SER DA 610 70.65 0.49 23.05
CA SER DA 610 71.74 1.35 23.49
C SER DA 610 73.04 0.57 23.41
N MET DA 611 73.86 0.86 22.41
CA MET DA 611 75.08 0.12 22.16
C MET DA 611 76.30 0.97 22.53
N MET DA 612 77.31 0.33 23.10
CA MET DA 612 78.52 0.99 23.56
C MET DA 612 79.72 0.30 22.92
N SER DA 613 80.57 1.09 22.26
CA SER DA 613 81.69 0.56 21.48
C SER DA 613 82.97 0.60 22.31
N VAL DA 614 83.66 -0.54 22.36
CA VAL DA 614 84.91 -0.65 23.11
C VAL DA 614 86.03 -1.11 22.18
N THR DA 615 87.21 -0.52 22.39
CA THR DA 615 88.40 -0.85 21.62
C THR DA 615 89.49 -1.32 22.57
N LEU DA 616 89.89 -2.57 22.42
CA LEU DA 616 90.96 -3.15 23.22
C LEU DA 616 92.28 -3.03 22.46
N SER DA 617 93.26 -2.38 23.07
CA SER DA 617 94.59 -2.25 22.50
C SER DA 617 95.49 -3.30 23.14
N CYS DA 618 96.04 -4.20 22.32
CA CYS DA 618 96.76 -5.36 22.81
C CYS DA 618 98.21 -5.32 22.35
N ASP DA 619 99.08 -5.84 23.21
CA ASP DA 619 100.48 -6.06 22.89
C ASP DA 619 100.59 -7.34 22.06
N HIS DA 620 100.97 -7.21 20.79
CA HIS DA 620 100.95 -8.35 19.90
C HIS DA 620 102.02 -9.39 20.24
N ARG DA 621 103.01 -9.06 21.07
CA ARG DA 621 103.93 -10.08 21.56
C ARG DA 621 103.22 -11.10 22.43
N VAL DA 622 102.29 -10.65 23.27
CA VAL DA 622 101.64 -11.51 24.25
C VAL DA 622 100.28 -12.00 23.75
N VAL DA 623 99.45 -11.09 23.28
CA VAL DA 623 98.08 -11.40 22.87
C VAL DA 623 98.00 -11.29 21.35
N ASP DA 624 97.73 -12.42 20.69
CA ASP DA 624 97.52 -12.39 19.26
C ASP DA 624 96.05 -12.08 18.94
N GLY DA 625 95.75 -12.02 17.65
CA GLY DA 625 94.43 -11.58 17.22
C GLY DA 625 93.31 -12.48 17.73
N ALA DA 626 93.51 -13.79 17.64
CA ALA DA 626 92.47 -14.73 18.09
C ALA DA 626 92.22 -14.60 19.58
N VAL DA 627 93.29 -14.48 20.38
CA VAL DA 627 93.12 -14.35 21.82
C VAL DA 627 92.44 -13.03 22.19
N GLY DA 628 92.84 -11.94 21.54
CA GLY DA 628 92.17 -10.67 21.79
C GLY DA 628 90.70 -10.70 21.42
N ALA DA 629 90.38 -11.35 20.30
CA ALA DA 629 88.99 -11.48 19.89
C ALA DA 629 88.20 -12.33 20.89
N GLN DA 630 88.81 -13.40 21.40
CA GLN DA 630 88.15 -14.22 22.41
C GLN DA 630 87.89 -13.43 23.68
N TRP DA 631 88.86 -12.61 24.10
CA TRP DA 631 88.66 -11.77 25.27
C TRP DA 631 87.50 -10.80 25.05
N LEU DA 632 87.47 -10.17 23.88
CA LEU DA 632 86.39 -9.22 23.60
C LEU DA 632 85.03 -9.91 23.54
N ALA DA 633 84.99 -11.12 22.99
CA ALA DA 633 83.74 -11.88 22.96
C ALA DA 633 83.26 -12.23 24.35
N GLU DA 634 84.17 -12.65 25.23
CA GLU DA 634 83.79 -12.95 26.60
C GLU DA 634 83.28 -11.71 27.32
N PHE DA 635 83.98 -10.58 27.13
CA PHE DA 635 83.55 -9.31 27.72
C PHE DA 635 82.17 -8.92 27.24
N ARG DA 636 81.92 -9.06 25.93
CA ARG DA 636 80.64 -8.70 25.36
C ARG DA 636 79.53 -9.59 25.90
N LYS DA 637 79.80 -10.90 26.03
CA LYS DA 637 78.78 -11.80 26.58
C LYS DA 637 78.47 -11.43 28.02
N TYR DA 638 79.50 -11.16 28.83
CA TYR DA 638 79.28 -10.80 30.22
C TYR DA 638 78.44 -9.55 30.34
N LEU DA 639 78.71 -8.54 29.51
CA LEU DA 639 77.92 -7.32 29.59
C LEU DA 639 76.52 -7.51 29.02
N GLU DA 640 76.37 -8.27 27.93
CA GLU DA 640 75.06 -8.43 27.32
C GLU DA 640 74.13 -9.27 28.17
N LYS DA 641 74.66 -10.11 29.07
CA LYS DA 641 73.84 -10.79 30.06
C LYS DA 641 74.50 -10.68 31.43
N PRO DA 642 74.11 -9.68 32.22
CA PRO DA 642 74.76 -9.46 33.52
C PRO DA 642 74.60 -10.63 34.49
N ILE DA 643 73.53 -11.41 34.37
CA ILE DA 643 73.33 -12.54 35.28
C ILE DA 643 74.43 -13.57 35.11
N THR DA 644 75.09 -13.59 33.94
CA THR DA 644 76.21 -14.50 33.74
C THR DA 644 77.46 -14.07 34.50
N MET DA 645 77.48 -12.87 35.08
CA MET DA 645 78.58 -12.48 35.95
C MET DA 645 78.59 -13.26 37.26
N LEU DA 646 77.50 -13.97 37.58
CA LEU DA 646 77.44 -14.78 38.77
C LEU DA 646 78.17 -16.11 38.65
N LEU DA 647 78.51 -16.52 37.43
CA LEU DA 647 79.18 -17.80 37.22
C LEU DA 647 80.66 -17.70 37.60
N PHE EA 420 57.41 38.87 -85.73
CA PHE EA 420 57.90 37.49 -85.61
C PHE EA 420 59.43 37.46 -85.53
N THR EA 421 59.97 36.27 -85.29
CA THR EA 421 61.40 36.05 -85.22
C THR EA 421 61.73 34.76 -85.95
N ASP EA 422 62.70 34.82 -86.86
CA ASP EA 422 63.12 33.67 -87.65
C ASP EA 422 64.32 33.01 -86.95
N ILE EA 423 64.09 31.84 -86.37
CA ILE EA 423 65.13 31.08 -85.68
C ILE EA 423 65.75 30.12 -86.69
N PRO EA 424 67.06 30.22 -86.97
CA PRO EA 424 67.67 29.29 -87.92
C PRO EA 424 67.56 27.85 -87.45
N ILE EA 425 67.38 26.95 -88.40
CA ILE EA 425 67.26 25.53 -88.10
C ILE EA 425 68.65 24.91 -88.05
N SER EA 426 68.99 24.29 -86.92
CA SER EA 426 70.27 23.61 -86.80
C SER EA 426 70.28 22.34 -87.65
N ASN EA 427 71.48 21.84 -87.92
CA ASN EA 427 71.61 20.60 -88.69
C ASN EA 427 71.04 19.41 -87.92
N ILE EA 428 71.21 19.40 -86.60
CA ILE EA 428 70.64 18.33 -85.79
C ILE EA 428 69.12 18.34 -85.89
N ARG EA 429 68.52 19.54 -85.80
CA ARG EA 429 67.07 19.64 -85.93
C ARG EA 429 66.61 19.26 -87.32
N ARG EA 430 67.39 19.61 -88.34
CA ARG EA 430 67.06 19.21 -89.70
C ARG EA 430 67.08 17.69 -89.84
N VAL EA 431 68.07 17.03 -89.25
CA VAL EA 431 68.15 15.58 -89.29
C VAL EA 431 66.95 14.96 -88.58
N ILE EA 432 66.60 15.49 -87.41
CA ILE EA 432 65.46 14.96 -86.67
C ILE EA 432 64.17 15.14 -87.46
N ALA EA 433 63.99 16.31 -88.07
CA ALA EA 433 62.80 16.57 -88.87
C ALA EA 433 62.74 15.65 -90.09
N GLN EA 434 63.88 15.41 -90.73
CA GLN EA 434 63.90 14.50 -91.88
C GLN EA 434 63.56 13.08 -91.45
N ARG EA 435 64.08 12.64 -90.31
CA ARG EA 435 63.72 11.30 -89.81
C ARG EA 435 62.23 11.19 -89.52
N LEU EA 436 61.65 12.22 -88.89
CA LEU EA 436 60.22 12.20 -88.59
C LEU EA 436 59.39 12.20 -89.86
N MET EA 437 59.79 13.01 -90.85
CA MET EA 437 59.10 13.02 -92.13
C MET EA 437 59.16 11.66 -92.80
N GLN EA 438 60.34 11.04 -92.80
CA GLN EA 438 60.48 9.71 -93.39
C GLN EA 438 59.60 8.70 -92.68
N SER EA 439 59.56 8.75 -91.35
CA SER EA 439 58.73 7.81 -90.60
C SER EA 439 57.26 7.99 -90.96
N LYS EA 440 56.76 9.23 -90.93
CA LYS EA 440 55.34 9.44 -91.19
C LYS EA 440 54.98 9.21 -92.65
N GLN EA 441 55.96 9.30 -93.56
CA GLN EA 441 55.66 9.09 -94.97
C GLN EA 441 55.75 7.63 -95.38
N THR EA 442 56.61 6.85 -94.74
CA THR EA 442 56.82 5.47 -95.17
C THR EA 442 56.23 4.43 -94.23
N ILE EA 443 55.82 4.80 -93.03
CA ILE EA 443 55.30 3.85 -92.04
C ILE EA 443 53.81 4.15 -91.85
N PRO EA 444 52.92 3.22 -92.21
CA PRO EA 444 51.49 3.43 -91.95
C PRO EA 444 51.12 3.25 -90.49
N HIS EA 445 51.28 4.30 -89.70
CA HIS EA 445 51.01 4.22 -88.27
C HIS EA 445 49.55 3.88 -88.00
N TYR EA 446 49.31 3.08 -86.98
CA TYR EA 446 47.98 2.95 -86.38
C TYR EA 446 48.12 2.68 -84.90
N TYR EA 447 47.22 3.24 -84.10
CA TYR EA 447 47.43 3.40 -82.68
C TYR EA 447 46.41 2.60 -81.89
N LEU EA 448 46.87 1.92 -80.83
CA LEU EA 448 45.99 1.17 -79.94
C LEU EA 448 46.23 1.61 -78.50
N SER EA 449 45.15 1.91 -77.78
CA SER EA 449 45.26 2.45 -76.43
C SER EA 449 44.58 1.53 -75.43
N VAL EA 450 45.22 1.34 -74.26
CA VAL EA 450 44.66 0.57 -73.17
C VAL EA 450 44.97 1.26 -71.84
N ASP EA 451 44.30 0.79 -70.79
CA ASP EA 451 44.49 1.28 -69.44
C ASP EA 451 45.05 0.16 -68.56
N VAL EA 452 46.05 0.50 -67.76
CA VAL EA 452 46.76 -0.46 -66.92
C VAL EA 452 46.60 -0.04 -65.46
N ASN EA 453 46.17 -0.99 -64.61
CA ASN EA 453 46.04 -0.74 -63.18
C ASN EA 453 47.43 -0.88 -62.56
N MET EA 454 47.85 0.13 -61.81
CA MET EA 454 49.23 0.20 -61.33
C MET EA 454 49.36 0.15 -59.81
N GLY EA 455 48.31 -0.28 -59.10
CA GLY EA 455 48.43 -0.39 -57.66
C GLY EA 455 49.47 -1.40 -57.23
N GLU EA 456 49.46 -2.57 -57.88
CA GLU EA 456 50.45 -3.60 -57.57
C GLU EA 456 51.85 -3.13 -57.91
N VAL EA 457 52.01 -2.44 -59.04
CA VAL EA 457 53.32 -1.91 -59.41
C VAL EA 457 53.80 -0.91 -58.37
N LEU EA 458 52.92 -0.04 -57.91
CA LEU EA 458 53.32 0.94 -56.90
C LEU EA 458 53.71 0.25 -55.59
N LEU EA 459 52.95 -0.76 -55.17
CA LEU EA 459 53.27 -1.47 -53.93
C LEU EA 459 54.62 -2.18 -54.04
N VAL EA 460 54.84 -2.89 -55.14
CA VAL EA 460 56.10 -3.61 -55.34
C VAL EA 460 57.26 -2.63 -55.42
N ARG EA 461 57.06 -1.50 -56.10
CA ARG EA 461 58.11 -0.50 -56.20
C ARG EA 461 58.45 0.09 -54.84
N LYS EA 462 57.43 0.36 -54.01
CA LYS EA 462 57.68 0.88 -52.68
C LYS EA 462 58.47 -0.12 -51.84
N GLU EA 463 58.09 -1.40 -51.91
CA GLU EA 463 58.80 -2.42 -51.14
C GLU EA 463 60.24 -2.57 -51.63
N LEU EA 464 60.45 -2.55 -52.95
CA LEU EA 464 61.78 -2.65 -53.51
C LEU EA 464 62.65 -1.47 -53.10
N ASN EA 465 62.08 -0.25 -53.15
CA ASN EA 465 62.84 0.92 -52.74
C ASN EA 465 63.18 0.89 -51.26
N LYS EA 466 62.25 0.39 -50.43
CA LYS EA 466 62.55 0.22 -49.01
C LYS EA 466 63.70 -0.76 -48.81
N MET EA 467 63.70 -1.87 -49.54
CA MET EA 467 64.76 -2.87 -49.35
C MET EA 467 66.09 -2.39 -49.93
N LEU EA 468 66.06 -1.48 -50.91
CA LEU EA 468 67.30 -1.00 -51.51
C LEU EA 468 68.11 -0.13 -50.55
N GLU EA 469 67.46 0.52 -49.58
CA GLU EA 469 68.15 1.27 -48.53
C GLU EA 469 69.04 2.37 -49.11
N GLY EA 470 68.58 2.99 -50.20
CA GLY EA 470 69.28 4.11 -50.79
C GLY EA 470 70.38 3.76 -51.77
N ARG EA 471 70.70 2.47 -51.94
CA ARG EA 471 71.71 2.09 -52.92
C ARG EA 471 71.24 2.44 -54.34
N SER EA 472 69.96 2.24 -54.64
CA SER EA 472 69.36 2.65 -55.89
C SER EA 472 67.90 2.97 -55.63
N LYS EA 473 67.25 3.55 -56.64
CA LYS EA 473 65.84 3.89 -56.57
C LYS EA 473 65.14 3.37 -57.82
N ILE EA 474 64.22 2.43 -57.63
CA ILE EA 474 63.49 1.86 -58.76
C ILE EA 474 62.32 2.78 -59.10
N SER EA 475 62.22 3.16 -60.37
CA SER EA 475 61.16 4.04 -60.84
C SER EA 475 60.13 3.26 -61.63
N VAL EA 476 58.99 3.92 -61.88
CA VAL EA 476 57.91 3.29 -62.63
C VAL EA 476 58.33 3.01 -64.07
N ASN EA 477 59.15 3.89 -64.65
CA ASN EA 477 59.62 3.66 -66.01
C ASN EA 477 60.47 2.40 -66.10
N ASP EA 478 61.14 2.02 -65.01
CA ASP EA 478 61.89 0.76 -65.03
C ASP EA 478 60.96 -0.44 -65.15
N PHE EA 479 59.86 -0.42 -64.39
CA PHE EA 479 58.84 -1.47 -64.54
C PHE EA 479 58.27 -1.48 -65.94
N ILE EA 480 58.02 -0.29 -66.50
CA ILE EA 480 57.45 -0.20 -67.85
C ILE EA 480 58.43 -0.79 -68.87
N ILE EA 481 59.72 -0.47 -68.74
CA ILE EA 481 60.72 -1.00 -69.67
C ILE EA 481 60.82 -2.52 -69.56
N LYS EA 482 60.82 -3.03 -68.32
CA LYS EA 482 60.92 -4.48 -68.14
C LYS EA 482 59.69 -5.18 -68.73
N ALA EA 483 58.50 -4.63 -68.47
CA ALA EA 483 57.28 -5.23 -69.02
C ALA EA 483 57.26 -5.17 -70.54
N SER EA 484 57.71 -4.06 -71.11
CA SER EA 484 57.78 -3.94 -72.57
C SER EA 484 58.75 -4.96 -73.15
N ALA EA 485 59.90 -5.17 -72.52
CA ALA EA 485 60.85 -6.15 -73.02
C ALA EA 485 60.28 -7.57 -72.94
N LEU EA 486 59.62 -7.91 -71.83
CA LEU EA 486 59.04 -9.24 -71.71
C LEU EA 486 57.90 -9.44 -72.71
N ALA EA 487 57.07 -8.42 -72.92
CA ALA EA 487 56.00 -8.52 -73.90
C ALA EA 487 56.57 -8.65 -75.31
N CYS EA 488 57.69 -7.97 -75.59
CA CYS EA 488 58.36 -8.12 -76.87
C CYS EA 488 58.88 -9.53 -77.06
N LEU EA 489 59.43 -10.14 -75.99
CA LEU EA 489 59.82 -11.54 -76.08
C LEU EA 489 58.64 -12.44 -76.38
N LYS EA 490 57.50 -12.20 -75.70
CA LYS EA 490 56.34 -13.05 -75.91
C LYS EA 490 55.76 -12.88 -77.32
N VAL EA 491 55.76 -11.65 -77.84
CA VAL EA 491 55.20 -11.37 -79.16
C VAL EA 491 56.30 -10.75 -80.02
N PRO EA 492 57.10 -11.55 -80.72
CA PRO EA 492 58.25 -11.00 -81.45
C PRO EA 492 57.88 -10.14 -82.66
N GLU EA 493 56.61 -10.13 -83.08
CA GLU EA 493 56.23 -9.31 -84.23
C GLU EA 493 56.45 -7.83 -83.95
N ALA EA 494 56.14 -7.39 -82.73
CA ALA EA 494 56.41 -6.00 -82.35
C ALA EA 494 57.90 -5.71 -82.25
N ASN EA 495 58.74 -6.75 -82.25
CA ASN EA 495 60.19 -6.61 -82.23
C ASN EA 495 60.81 -6.88 -83.59
N SER EA 496 60.15 -6.44 -84.66
CA SER EA 496 60.61 -6.67 -86.02
C SER EA 496 60.89 -5.34 -86.71
N SER EA 497 61.41 -5.44 -87.93
CA SER EA 497 61.72 -4.30 -88.76
C SER EA 497 61.44 -4.63 -90.22
N TRP EA 498 60.88 -3.66 -90.94
CA TRP EA 498 60.57 -3.85 -92.35
C TRP EA 498 61.72 -3.31 -93.20
N LEU EA 499 62.23 -4.13 -94.11
CA LEU EA 499 63.37 -3.78 -94.94
C LEU EA 499 63.05 -3.94 -96.42
N ASP EA 500 61.75 -3.95 -96.74
CA ASP EA 500 61.22 -3.91 -98.11
C ASP EA 500 61.47 -5.22 -98.86
N THR EA 501 62.22 -6.14 -98.27
CA THR EA 501 62.43 -7.46 -98.84
C THR EA 501 62.24 -8.57 -97.83
N VAL EA 502 62.53 -8.32 -96.55
CA VAL EA 502 62.36 -9.28 -95.48
C VAL EA 502 61.89 -8.54 -94.23
N ILE EA 503 61.31 -9.29 -93.30
CA ILE EA 503 60.93 -8.78 -92.00
C ILE EA 503 61.93 -9.29 -90.98
N ARG EA 504 62.85 -8.42 -90.57
CA ARG EA 504 63.92 -8.80 -89.64
C ARG EA 504 63.33 -8.88 -88.24
N GLN EA 505 63.25 -10.09 -87.69
CA GLN EA 505 62.66 -10.31 -86.37
C GLN EA 505 63.77 -10.38 -85.34
N ASN EA 506 64.01 -9.27 -84.64
CA ASN EA 506 65.11 -9.20 -83.69
C ASN EA 506 64.85 -10.11 -82.49
N HIS EA 507 65.84 -10.94 -82.15
CA HIS EA 507 65.75 -11.85 -81.03
C HIS EA 507 66.17 -11.20 -79.71
N VAL EA 508 66.76 -10.01 -79.75
CA VAL EA 508 67.11 -9.27 -78.56
C VAL EA 508 66.25 -8.02 -78.50
N VAL EA 509 66.08 -7.47 -77.30
CA VAL EA 509 65.22 -6.32 -77.07
C VAL EA 509 66.11 -5.19 -76.58
N ASP EA 510 66.37 -4.22 -77.45
CA ASP EA 510 67.10 -3.00 -77.11
C ASP EA 510 66.09 -1.86 -77.05
N ILE EA 511 65.80 -1.39 -75.84
CA ILE EA 511 64.71 -0.44 -75.62
C ILE EA 511 65.30 0.97 -75.66
N SER EA 512 64.98 1.71 -76.71
CA SER EA 512 65.26 3.14 -76.72
C SER EA 512 64.30 3.85 -75.77
N VAL EA 513 64.81 4.80 -75.01
CA VAL EA 513 64.00 5.55 -74.05
C VAL EA 513 64.07 7.02 -74.44
N ALA EA 514 62.90 7.63 -74.69
CA ALA EA 514 62.86 9.02 -75.08
C ALA EA 514 63.21 9.91 -73.89
N VAL EA 515 64.24 10.73 -74.05
CA VAL EA 515 64.70 11.66 -73.02
C VAL EA 515 64.68 13.06 -73.63
N SER EA 516 64.08 14.00 -72.90
CA SER EA 516 64.02 15.38 -73.34
C SER EA 516 65.16 16.17 -72.73
N THR EA 517 65.94 16.83 -73.57
CA THR EA 517 67.08 17.64 -73.20
C THR EA 517 66.90 19.02 -73.83
N PRO EA 518 67.63 20.03 -73.35
CA PRO EA 518 67.48 21.36 -73.95
C PRO EA 518 67.78 21.41 -75.44
N ALA EA 519 68.54 20.45 -75.96
CA ALA EA 519 68.84 20.39 -77.38
C ALA EA 519 67.81 19.61 -78.19
N GLY EA 520 66.84 18.97 -77.53
CA GLY EA 520 65.80 18.24 -78.23
C GLY EA 520 65.52 16.89 -77.60
N LEU EA 521 64.93 16.01 -78.41
CA LEU EA 521 64.62 14.67 -77.96
C LEU EA 521 65.70 13.70 -78.42
N ILE EA 522 66.18 12.86 -77.48
CA ILE EA 522 67.19 11.86 -77.79
C ILE EA 522 66.69 10.51 -77.28
N THR EA 523 67.28 9.43 -77.78
CA THR EA 523 66.83 8.08 -77.49
C THR EA 523 68.00 7.19 -77.08
N PRO EA 524 68.49 7.33 -75.85
CA PRO EA 524 69.48 6.38 -75.35
C PRO EA 524 68.87 4.98 -75.24
N ILE EA 525 69.70 3.99 -75.52
CA ILE EA 525 69.24 2.60 -75.67
C ILE EA 525 69.69 1.80 -74.46
N VAL EA 526 68.73 1.14 -73.82
CA VAL EA 526 69.01 0.12 -72.79
C VAL EA 526 69.08 -1.20 -73.54
N PHE EA 527 70.29 -1.76 -73.64
CA PHE EA 527 70.48 -3.01 -74.37
C PHE EA 527 70.13 -4.21 -73.50
N ASN EA 528 69.54 -5.22 -74.13
CA ASN EA 528 69.20 -6.48 -73.46
C ASN EA 528 68.31 -6.24 -72.24
N ALA EA 529 67.29 -5.40 -72.43
CA ALA EA 529 66.35 -5.13 -71.35
C ALA EA 529 65.51 -6.35 -71.02
N HIS EA 530 65.51 -7.35 -71.91
CA HIS EA 530 64.74 -8.56 -71.65
C HIS EA 530 65.41 -9.44 -70.61
N ILE EA 531 66.73 -9.31 -70.46
CA ILE EA 531 67.47 -10.09 -69.47
C ILE EA 531 68.01 -9.25 -68.33
N LYS EA 532 68.07 -7.92 -68.49
CA LYS EA 532 68.48 -7.06 -67.39
C LYS EA 532 67.41 -7.01 -66.30
N GLY EA 533 67.86 -6.89 -65.06
CA GLY EA 533 66.93 -6.75 -63.95
C GLY EA 533 66.47 -5.32 -63.77
N LEU EA 534 65.59 -5.12 -62.78
CA LEU EA 534 65.05 -3.78 -62.53
C LEU EA 534 66.13 -2.82 -62.04
N GLU EA 535 67.01 -3.30 -61.17
CA GLU EA 535 68.11 -2.45 -60.70
C GLU EA 535 69.05 -2.08 -61.84
N THR EA 536 69.41 -3.05 -62.67
CA THR EA 536 70.30 -2.76 -63.80
C THR EA 536 69.63 -1.80 -64.77
N ILE EA 537 68.34 -1.99 -65.04
CA ILE EA 537 67.62 -1.10 -65.95
C ILE EA 537 67.58 0.31 -65.38
N ALA EA 538 67.29 0.44 -64.08
CA ALA EA 538 67.20 1.75 -63.46
C ALA EA 538 68.55 2.46 -63.50
N ASN EA 539 69.63 1.76 -63.15
CA ASN EA 539 70.95 2.37 -63.17
C ASN EA 539 71.35 2.78 -64.58
N ASP EA 540 71.08 1.90 -65.56
CA ASP EA 540 71.41 2.22 -66.94
C ASP EA 540 70.63 3.43 -67.43
N VAL EA 541 69.34 3.51 -67.08
CA VAL EA 541 68.52 4.63 -67.50
C VAL EA 541 69.02 5.92 -66.87
N VAL EA 542 69.37 5.89 -65.58
CA VAL EA 542 69.89 7.09 -64.92
C VAL EA 542 71.19 7.54 -65.58
N SER EA 543 72.10 6.59 -65.83
CA SER EA 543 73.38 6.94 -66.45
C SER EA 543 73.20 7.53 -67.83
N LEU EA 544 72.35 6.90 -68.65
CA LEU EA 544 72.13 7.40 -70.01
C LEU EA 544 71.39 8.73 -70.01
N ALA EA 545 70.48 8.93 -69.06
CA ALA EA 545 69.79 10.22 -68.96
C ALA EA 545 70.77 11.33 -68.59
N THR EA 546 71.68 11.06 -67.65
CA THR EA 546 72.70 12.04 -67.32
C THR EA 546 73.60 12.33 -68.52
N LYS EA 547 74.00 11.28 -69.24
CA LYS EA 547 74.84 11.48 -70.43
C LYS EA 547 74.11 12.29 -71.49
N ALA EA 548 72.82 12.04 -71.67
CA ALA EA 548 72.04 12.79 -72.66
C ALA EA 548 71.90 14.25 -72.25
N ARG EA 549 71.60 14.50 -70.97
CA ARG EA 549 71.43 15.88 -70.51
C ARG EA 549 72.73 16.66 -70.60
N GLU EA 550 73.87 16.04 -70.29
CA GLU EA 550 75.13 16.74 -70.37
C GLU EA 550 75.81 16.61 -71.73
N GLY EA 551 75.20 15.92 -72.69
CA GLY EA 551 75.66 15.95 -74.06
C GLY EA 551 76.89 15.12 -74.38
N LYS EA 552 77.07 13.99 -73.70
CA LYS EA 552 78.20 13.10 -73.99
C LYS EA 552 77.77 11.77 -74.61
N LEU EA 553 76.56 11.66 -75.13
CA LEU EA 553 76.12 10.39 -75.70
C LEU EA 553 76.89 10.05 -76.96
N GLN EA 554 77.42 8.83 -77.02
CA GLN EA 554 78.06 8.33 -78.22
C GLN EA 554 77.02 7.86 -79.23
N PRO EA 555 77.34 7.90 -80.53
CA PRO EA 555 76.33 7.51 -81.54
C PRO EA 555 75.79 6.10 -81.37
N HIS EA 556 76.61 5.15 -80.93
CA HIS EA 556 76.13 3.78 -80.72
C HIS EA 556 75.19 3.68 -79.53
N GLU EA 557 75.23 4.65 -78.61
CA GLU EA 557 74.37 4.62 -77.43
C GLU EA 557 72.97 5.13 -77.70
N PHE EA 558 72.72 5.75 -78.85
CA PHE EA 558 71.37 6.20 -79.19
C PHE EA 558 70.94 5.89 -80.61
N GLN EA 559 71.77 5.21 -81.41
CA GLN EA 559 71.38 4.78 -82.75
C GLN EA 559 71.10 3.28 -82.74
N GLY EA 560 69.95 2.89 -83.28
CA GLY EA 560 69.57 1.49 -83.32
C GLY EA 560 68.34 1.19 -82.48
N GLY EA 561 68.36 0.06 -81.78
CA GLY EA 561 67.24 -0.36 -80.97
C GLY EA 561 66.18 -1.09 -81.78
N THR EA 562 65.31 -1.79 -81.05
CA THR EA 562 64.23 -2.54 -81.66
C THR EA 562 62.84 -2.10 -81.21
N PHE EA 563 62.76 -1.37 -80.09
CA PHE EA 563 61.49 -0.92 -79.54
C PHE EA 563 61.76 0.36 -78.77
N THR EA 564 60.81 1.31 -78.83
CA THR EA 564 60.97 2.62 -78.23
C THR EA 564 59.89 2.87 -77.20
N ILE EA 565 60.25 3.55 -76.12
CA ILE EA 565 59.31 3.95 -75.08
C ILE EA 565 59.44 5.45 -74.85
N SER EA 566 58.34 6.16 -75.00
CA SER EA 566 58.27 7.60 -74.75
C SER EA 566 57.27 7.84 -73.63
N ASN EA 567 57.76 8.28 -72.48
CA ASN EA 567 56.95 8.48 -71.29
C ASN EA 567 56.79 9.97 -71.05
N LEU EA 568 55.54 10.44 -71.03
CA LEU EA 568 55.25 11.84 -70.72
C LEU EA 568 54.29 11.98 -69.55
N GLY EA 569 54.26 11.00 -68.65
CA GLY EA 569 53.37 11.08 -67.50
C GLY EA 569 53.82 12.10 -66.48
N MET EA 570 55.12 12.42 -66.48
CA MET EA 570 55.63 13.41 -65.55
C MET EA 570 55.16 14.82 -65.89
N PHE EA 571 54.66 15.03 -67.11
CA PHE EA 571 54.15 16.32 -67.53
C PHE EA 571 52.63 16.41 -67.47
N GLY EA 572 51.97 15.39 -66.95
CA GLY EA 572 50.53 15.43 -66.78
C GLY EA 572 49.72 15.03 -67.98
N ILE EA 573 50.35 14.48 -69.01
CA ILE EA 573 49.62 14.07 -70.21
C ILE EA 573 48.82 12.80 -69.92
N LYS EA 574 47.52 12.85 -70.21
CA LYS EA 574 46.68 11.67 -70.00
C LYS EA 574 47.08 10.54 -70.94
N ASN EA 575 47.18 10.83 -72.24
CA ASN EA 575 47.70 9.88 -73.22
C ASN EA 575 48.10 10.64 -74.46
N PHE EA 576 48.90 10.00 -75.30
CA PHE EA 576 49.34 10.62 -76.55
C PHE EA 576 49.78 9.54 -77.52
N SER EA 577 49.87 9.92 -78.79
CA SER EA 577 50.27 9.04 -79.87
C SER EA 577 51.60 9.53 -80.42
N ALA EA 578 52.62 8.66 -80.37
CA ALA EA 578 53.96 9.05 -80.79
C ALA EA 578 54.24 8.62 -82.23
N ILE EA 579 55.39 9.04 -82.73
CA ILE EA 579 55.84 8.69 -84.07
C ILE EA 579 56.86 7.57 -83.97
N ILE EA 580 56.69 6.54 -84.79
CA ILE EA 580 57.60 5.40 -84.77
C ILE EA 580 58.99 5.82 -85.21
N ASN EA 581 59.99 5.47 -84.42
CA ASN EA 581 61.38 5.75 -84.75
C ASN EA 581 61.89 4.68 -85.70
N PRO EA 582 62.27 5.05 -86.92
CA PRO EA 582 62.68 4.03 -87.90
C PRO EA 582 64.01 3.41 -87.53
N PRO EA 583 64.27 2.17 -87.97
CA PRO EA 583 63.41 1.29 -88.76
C PRO EA 583 62.54 0.39 -87.91
N GLN EA 584 62.28 0.77 -86.66
CA GLN EA 584 61.50 -0.07 -85.76
C GLN EA 584 60.05 -0.15 -86.22
N ALA EA 585 59.29 -1.05 -85.60
CA ALA EA 585 57.92 -1.30 -85.98
C ALA EA 585 56.89 -0.81 -84.96
N CYS EA 586 57.32 -0.42 -83.77
CA CYS EA 586 56.40 0.00 -82.73
C CYS EA 586 57.05 1.06 -81.84
N ILE EA 587 56.22 1.77 -81.10
CA ILE EA 587 56.65 2.70 -80.07
C ILE EA 587 55.54 2.82 -79.03
N LEU EA 588 55.89 2.70 -77.76
CA LEU EA 588 54.94 2.75 -76.67
C LEU EA 588 54.93 4.14 -76.06
N ALA EA 589 53.79 4.81 -76.11
CA ALA EA 589 53.61 6.13 -75.52
C ALA EA 589 52.89 5.97 -74.19
N VAL EA 590 53.52 6.45 -73.12
CA VAL EA 590 53.02 6.26 -71.76
C VAL EA 590 52.54 7.61 -71.23
N GLY EA 591 51.32 7.62 -70.69
CA GLY EA 591 50.75 8.82 -70.11
C GLY EA 591 50.87 8.83 -68.59
N ALA EA 592 50.08 9.72 -67.98
CA ALA EA 592 50.15 9.91 -66.54
C ALA EA 592 49.26 8.92 -65.81
N SER EA 593 49.63 8.63 -64.56
CA SER EA 593 48.82 7.78 -63.71
C SER EA 593 47.88 8.62 -62.86
N GLU EA 594 46.58 8.32 -62.95
CA GLU EA 594 45.56 9.06 -62.23
C GLU EA 594 44.61 8.10 -61.54
N ASP EA 595 44.09 8.52 -60.39
CA ASP EA 595 43.14 7.72 -59.63
C ASP EA 595 41.77 7.80 -60.29
N ARG EA 596 41.16 6.64 -60.52
CA ARG EA 596 39.84 6.56 -61.12
C ARG EA 596 38.96 5.61 -60.33
N LEU EA 597 37.67 5.95 -60.26
CA LEU EA 597 36.71 5.10 -59.57
C LEU EA 597 36.26 3.95 -60.45
N PHE EA 598 36.09 2.78 -59.85
CA PHE EA 598 35.66 1.62 -60.60
C PHE EA 598 34.67 0.80 -59.80
N PRO EA 599 33.69 0.18 -60.46
CA PRO EA 599 32.71 -0.63 -59.74
C PRO EA 599 33.38 -1.80 -59.02
N ALA EA 600 32.86 -2.11 -57.82
CA ALA EA 600 33.38 -3.20 -57.03
C ALA EA 600 32.25 -3.79 -56.19
N ASP EA 601 32.40 -5.05 -55.82
CA ASP EA 601 31.40 -5.76 -55.03
C ASP EA 601 31.66 -5.55 -53.54
N ASN EA 602 31.49 -4.30 -53.12
CA ASN EA 602 31.65 -3.93 -51.72
C ASN EA 602 30.47 -3.06 -51.30
N GLU EA 603 30.49 -2.64 -50.03
CA GLU EA 603 29.39 -1.86 -49.49
C GLU EA 603 29.26 -0.50 -50.18
N LYS EA 604 30.39 0.18 -50.42
CA LYS EA 604 30.36 1.47 -51.10
C LYS EA 604 29.96 1.34 -52.57
N GLY EA 605 30.16 0.17 -53.16
CA GLY EA 605 29.85 -0.02 -54.56
C GLY EA 605 30.94 0.39 -55.52
N PHE EA 606 32.07 0.87 -55.02
CA PHE EA 606 33.16 1.31 -55.89
C PHE EA 606 34.48 1.21 -55.15
N ASP EA 607 35.56 1.29 -55.92
CA ASP EA 607 36.92 1.28 -55.40
C ASP EA 607 37.75 2.29 -56.19
N VAL EA 608 38.91 2.65 -55.62
CA VAL EA 608 39.81 3.62 -56.22
C VAL EA 608 41.05 2.88 -56.70
N ALA EA 609 41.37 3.01 -57.98
CA ALA EA 609 42.52 2.37 -58.59
C ALA EA 609 43.31 3.40 -59.39
N SER EA 610 44.64 3.32 -59.30
CA SER EA 610 45.51 4.24 -60.02
C SER EA 610 45.83 3.64 -61.39
N MET EA 611 45.10 4.07 -62.41
CA MET EA 611 45.28 3.56 -63.76
C MET EA 611 46.17 4.50 -64.56
N MET EA 612 46.86 3.94 -65.56
CA MET EA 612 47.80 4.65 -66.41
C MET EA 612 47.64 4.15 -67.84
N SER EA 613 47.37 5.07 -68.76
CA SER EA 613 46.99 4.72 -70.13
C SER EA 613 48.22 4.70 -71.03
N VAL EA 614 48.30 3.69 -71.89
CA VAL EA 614 49.38 3.57 -72.87
C VAL EA 614 48.80 3.44 -74.27
N THR EA 615 49.46 4.09 -75.22
CA THR EA 615 49.09 4.04 -76.63
C THR EA 615 50.27 3.50 -77.43
N LEU EA 616 50.13 2.30 -77.96
CA LEU EA 616 51.14 1.68 -78.81
C LEU EA 616 50.87 2.06 -80.26
N SER EA 617 51.83 2.73 -80.89
CA SER EA 617 51.75 3.05 -82.31
C SER EA 617 52.50 1.99 -83.09
N CYS EA 618 51.81 1.36 -84.03
CA CYS EA 618 52.33 0.19 -84.72
C CYS EA 618 52.41 0.45 -86.23
N ASP EA 619 53.44 -0.11 -86.84
CA ASP EA 619 53.55 -0.19 -88.30
C ASP EA 619 52.63 -1.30 -88.79
N HIS EA 620 51.58 -0.92 -89.53
CA HIS EA 620 50.59 -1.91 -89.94
C HIS EA 620 51.13 -2.89 -90.97
N ARG EA 621 52.29 -2.62 -91.58
CA ARG EA 621 52.89 -3.58 -92.49
C ARG EA 621 53.42 -4.80 -91.75
N VAL EA 622 53.92 -4.60 -90.53
CA VAL EA 622 54.52 -5.67 -89.75
C VAL EA 622 53.57 -6.19 -88.69
N VAL EA 623 52.94 -5.29 -87.93
CA VAL EA 623 52.09 -5.66 -86.80
C VAL EA 623 50.65 -5.33 -87.18
N ASP EA 624 49.82 -6.35 -87.30
CA ASP EA 624 48.40 -6.11 -87.53
C ASP EA 624 47.67 -5.91 -86.21
N GLY EA 625 46.36 -5.67 -86.31
CA GLY EA 625 45.59 -5.29 -85.13
C GLY EA 625 45.58 -6.36 -84.06
N ALA EA 626 45.40 -7.62 -84.45
CA ALA EA 626 45.37 -8.70 -83.48
C ALA EA 626 46.71 -8.84 -82.75
N VAL EA 627 47.82 -8.72 -83.49
CA VAL EA 627 49.14 -8.84 -82.88
C VAL EA 627 49.39 -7.68 -81.92
N GLY EA 628 49.04 -6.46 -82.34
CA GLY EA 628 49.21 -5.32 -81.45
C GLY EA 628 48.38 -5.45 -80.19
N ALA EA 629 47.14 -5.93 -80.33
CA ALA EA 629 46.29 -6.13 -79.16
C ALA EA 629 46.85 -7.21 -78.24
N GLN EA 630 47.39 -8.28 -78.82
CA GLN EA 630 48.01 -9.33 -78.00
C GLN EA 630 49.22 -8.79 -77.24
N TRP EA 631 50.04 -7.97 -77.91
CA TRP EA 631 51.18 -7.35 -77.24
C TRP EA 631 50.73 -6.48 -76.08
N LEU EA 632 49.70 -5.67 -76.31
CA LEU EA 632 49.22 -4.80 -75.23
C LEU EA 632 48.64 -5.61 -74.09
N ALA EA 633 47.97 -6.72 -74.40
CA ALA EA 633 47.43 -7.58 -73.35
C ALA EA 633 48.54 -8.19 -72.51
N GLU EA 634 49.60 -8.68 -73.15
CA GLU EA 634 50.73 -9.23 -72.40
C GLU EA 634 51.40 -8.16 -71.54
N PHE EA 635 51.59 -6.96 -72.11
CA PHE EA 635 52.19 -5.86 -71.36
C PHE EA 635 51.34 -5.51 -70.14
N ARG EA 636 50.03 -5.43 -70.34
CA ARG EA 636 49.12 -5.12 -69.24
C ARG EA 636 49.15 -6.19 -68.17
N LYS EA 637 49.17 -7.47 -68.57
CA LYS EA 637 49.24 -8.55 -67.59
C LYS EA 637 50.52 -8.46 -66.77
N TYR EA 638 51.65 -8.23 -67.43
CA TYR EA 638 52.92 -8.11 -66.72
C TYR EA 638 52.89 -6.97 -65.73
N LEU EA 639 52.31 -5.82 -66.12
CA LEU EA 639 52.28 -4.70 -65.18
C LEU EA 639 51.30 -4.93 -64.04
N GLU EA 640 50.10 -5.46 -64.33
CA GLU EA 640 49.11 -5.67 -63.28
C GLU EA 640 49.53 -6.74 -62.28
N LYS EA 641 50.38 -7.69 -62.68
CA LYS EA 641 50.95 -8.64 -61.73
C LYS EA 641 52.47 -8.67 -61.92
N PRO EA 642 53.20 -7.82 -61.19
CA PRO EA 642 54.65 -7.77 -61.37
C PRO EA 642 55.36 -9.07 -61.05
N ILE EA 643 54.79 -9.91 -60.18
CA ILE EA 643 55.42 -11.19 -59.84
C ILE EA 643 55.48 -12.09 -61.06
N THR EA 644 54.62 -11.86 -62.06
CA THR EA 644 54.68 -12.63 -63.29
C THR EA 644 55.86 -12.25 -64.17
N MET EA 645 56.58 -11.18 -63.85
CA MET EA 645 57.81 -10.87 -64.56
C MET EA 645 58.91 -11.87 -64.27
N LEU EA 646 58.79 -12.65 -63.20
CA LEU EA 646 59.77 -13.69 -62.88
C LEU EA 646 59.72 -14.86 -63.85
N LEU EA 647 58.57 -15.11 -64.48
CA LEU EA 647 58.45 -16.17 -65.48
C LEU EA 647 59.28 -15.86 -66.72
N PHE FA 420 46.46 -73.65 67.64
CA PHE FA 420 45.14 -74.23 67.38
C PHE FA 420 44.42 -74.56 68.69
N THR FA 421 43.16 -74.97 68.57
CA THR FA 421 42.35 -75.36 69.71
C THR FA 421 41.57 -76.62 69.34
N ASP FA 422 41.65 -77.64 70.20
CA ASP FA 422 40.96 -78.91 69.97
C ASP FA 422 39.61 -78.87 70.70
N ILE FA 423 38.54 -78.78 69.92
CA ILE FA 423 37.18 -78.75 70.47
C ILE FA 423 36.67 -80.19 70.51
N PRO FA 424 36.32 -80.71 71.68
CA PRO FA 424 35.80 -82.09 71.75
C PRO FA 424 34.51 -82.24 70.94
N ILE FA 425 34.36 -83.41 70.32
CA ILE FA 425 33.19 -83.69 69.51
C ILE FA 425 32.10 -84.25 70.41
N SER FA 426 30.93 -83.60 70.41
CA SER FA 426 29.82 -84.10 71.19
C SER FA 426 29.24 -85.37 70.55
N ASN FA 427 28.48 -86.11 71.35
CA ASN FA 427 27.85 -87.33 70.84
C ASN FA 427 26.81 -87.00 69.76
N ILE FA 428 26.10 -85.90 69.93
CA ILE FA 428 25.13 -85.48 68.91
C ILE FA 428 25.84 -85.18 67.60
N ARG FA 429 26.96 -84.45 67.66
CA ARG FA 429 27.72 -84.15 66.47
C ARG FA 429 28.31 -85.42 65.85
N ARG FA 430 28.73 -86.37 66.69
CA ARG FA 430 29.22 -87.63 66.16
C ARG FA 430 28.12 -88.38 65.42
N VAL FA 431 26.91 -88.39 65.98
CA VAL FA 431 25.79 -89.05 65.32
C VAL FA 431 25.48 -88.38 63.98
N ILE FA 432 25.48 -87.04 63.96
CA ILE FA 432 25.19 -86.31 62.72
C ILE FA 432 26.26 -86.61 61.68
N ALA FA 433 27.54 -86.61 62.10
CA ALA FA 433 28.62 -86.91 61.17
C ALA FA 433 28.54 -88.33 60.64
N GLN FA 434 28.18 -89.28 61.51
CA GLN FA 434 28.03 -90.66 61.06
C GLN FA 434 26.89 -90.80 60.06
N ARG FA 435 25.77 -90.11 60.31
CA ARG FA 435 24.67 -90.15 59.36
C ARG FA 435 25.07 -89.55 58.01
N LEU FA 436 25.77 -88.42 58.03
CA LEU FA 436 26.20 -87.79 56.78
C LEU FA 436 27.18 -88.66 56.02
N MET FA 437 28.14 -89.28 56.73
CA MET FA 437 29.09 -90.17 56.09
C MET FA 437 28.38 -91.38 55.49
N GLN FA 438 27.42 -91.94 56.22
CA GLN FA 438 26.65 -93.08 55.69
C GLN FA 438 25.90 -92.68 54.44
N SER FA 439 25.28 -91.50 54.45
CA SER FA 439 24.54 -91.03 53.28
C SER FA 439 25.45 -90.88 52.08
N LYS FA 440 26.59 -90.22 52.25
CA LYS FA 440 27.48 -89.99 51.12
C LYS FA 440 28.17 -91.27 50.67
N GLN FA 441 28.29 -92.27 51.54
CA GLN FA 441 28.93 -93.51 51.15
C GLN FA 441 27.97 -94.49 50.49
N THR FA 442 26.69 -94.48 50.88
CA THR FA 442 25.75 -95.48 50.38
C THR FA 442 24.77 -94.95 49.35
N ILE FA 443 24.64 -93.63 49.20
CA ILE FA 443 23.66 -93.04 48.29
C ILE FA 443 24.42 -92.38 47.14
N PRO FA 444 24.26 -92.84 45.90
CA PRO FA 444 24.90 -92.17 44.76
C PRO FA 444 24.21 -90.88 44.38
N HIS FA 445 24.58 -89.79 45.05
CA HIS FA 445 23.94 -88.50 44.80
C HIS FA 445 24.19 -88.03 43.37
N TYR FA 446 23.18 -87.39 42.79
CA TYR FA 446 23.37 -86.59 41.59
C TYR FA 446 22.38 -85.43 41.61
N TYR FA 447 22.81 -84.28 41.11
CA TYR FA 447 22.15 -83.02 41.40
C TYR FA 447 21.60 -82.40 40.13
N LEU FA 448 20.38 -81.86 40.21
CA LEU FA 448 19.74 -81.16 39.09
C LEU FA 448 19.29 -79.78 39.54
N SER FA 449 19.64 -78.75 38.77
CA SER FA 449 19.36 -77.38 39.15
C SER FA 449 18.45 -76.71 38.13
N VAL FA 450 17.48 -75.94 38.61
CA VAL FA 450 16.60 -75.16 37.75
C VAL FA 450 16.35 -73.79 38.39
N ASP FA 451 15.77 -72.89 37.60
CA ASP FA 451 15.40 -71.55 38.03
C ASP FA 451 13.89 -71.39 37.96
N VAL FA 452 13.33 -70.80 39.02
CA VAL FA 452 11.88 -70.63 39.17
C VAL FA 452 11.57 -69.14 39.26
N ASN FA 453 10.64 -68.68 38.43
CA ASN FA 453 10.18 -67.29 38.48
C ASN FA 453 9.19 -67.15 39.62
N MET FA 454 9.44 -66.20 40.51
CA MET FA 454 8.67 -66.11 41.74
C MET FA 454 7.83 -64.83 41.85
N GLY FA 455 7.62 -64.11 40.75
CA GLY FA 455 6.79 -62.92 40.82
C GLY FA 455 5.36 -63.22 41.21
N GLU FA 456 4.79 -64.27 40.61
CA GLU FA 456 3.43 -64.66 40.96
C GLU FA 456 3.34 -65.13 42.40
N VAL FA 457 4.35 -65.87 42.86
CA VAL FA 457 4.36 -66.32 44.26
C VAL FA 457 4.40 -65.11 45.20
N LEU FA 458 5.24 -64.12 44.88
CA LEU FA 458 5.31 -62.94 45.73
C LEU FA 458 3.99 -62.17 45.75
N LEU FA 459 3.35 -62.03 44.59
CA LEU FA 459 2.08 -61.32 44.53
C LEU FA 459 1.00 -62.04 45.32
N VAL FA 460 0.90 -63.36 45.14
CA VAL FA 460 -0.09 -64.15 45.86
C VAL FA 460 0.18 -64.12 47.36
N ARG FA 461 1.47 -64.17 47.75
CA ARG FA 461 1.81 -64.11 49.16
C ARG FA 461 1.45 -62.77 49.77
N LYS FA 462 1.68 -61.68 49.04
CA LYS FA 462 1.31 -60.36 49.54
C LYS FA 462 -0.20 -60.26 49.72
N GLU FA 463 -0.96 -60.73 48.74
CA GLU FA 463 -2.42 -60.69 48.85
C GLU FA 463 -2.93 -61.56 50.00
N LEU FA 464 -2.34 -62.74 50.16
CA LEU FA 464 -2.72 -63.63 51.24
C LEU FA 464 -2.42 -63.00 52.60
N ASN FA 465 -1.25 -62.38 52.74
CA ASN FA 465 -0.91 -61.73 54.00
C ASN FA 465 -1.84 -60.56 54.28
N LYS FA 466 -2.21 -59.79 53.26
CA LYS FA 466 -3.14 -58.69 53.46
C LYS FA 466 -4.52 -59.19 53.89
N MET FA 467 -5.01 -60.27 53.28
CA MET FA 467 -6.26 -60.87 53.75
C MET FA 467 -6.13 -61.42 55.16
N LEU FA 468 -4.94 -61.88 55.54
CA LEU FA 468 -4.75 -62.50 56.85
C LEU FA 468 -4.95 -61.52 58.01
N GLU FA 469 -4.66 -60.24 57.81
CA GLU FA 469 -4.88 -59.20 58.82
C GLU FA 469 -4.14 -59.51 60.12
N GLY FA 470 -2.94 -60.08 59.99
CA GLY FA 470 -2.08 -60.32 61.12
C GLY FA 470 -2.35 -61.58 61.92
N ARG FA 471 -3.38 -62.36 61.56
CA ARG FA 471 -3.61 -63.61 62.26
C ARG FA 471 -2.46 -64.58 62.05
N SER FA 472 -1.94 -64.65 60.83
CA SER FA 472 -0.75 -65.42 60.51
C SER FA 472 -0.02 -64.75 59.36
N LYS FA 473 1.22 -65.16 59.14
CA LYS FA 473 2.04 -64.60 58.07
C LYS FA 473 2.54 -65.74 57.20
N ILE FA 474 2.14 -65.73 55.93
CA ILE FA 474 2.57 -66.76 54.99
C ILE FA 474 3.94 -66.39 54.43
N SER FA 475 4.89 -67.31 54.51
CA SER FA 475 6.23 -67.09 54.02
C SER FA 475 6.46 -67.85 52.71
N VAL FA 476 7.56 -67.51 52.05
CA VAL FA 476 7.92 -68.15 50.78
C VAL FA 476 8.22 -69.63 50.99
N ASN FA 477 8.81 -69.99 52.12
CA ASN FA 477 9.10 -71.39 52.39
C ASN FA 477 7.81 -72.21 52.51
N ASP FA 478 6.71 -71.58 52.91
CA ASP FA 478 5.43 -72.30 52.94
C ASP FA 478 4.98 -72.66 51.53
N PHE FA 479 5.09 -71.72 50.60
CA PHE FA 479 4.80 -72.02 49.19
C PHE FA 479 5.72 -73.11 48.67
N ILE FA 480 7.00 -73.04 49.03
CA ILE FA 480 7.96 -74.05 48.56
C ILE FA 480 7.59 -75.43 49.10
N ILE FA 481 7.21 -75.51 50.38
CA ILE FA 481 6.83 -76.79 50.97
C ILE FA 481 5.57 -77.35 50.30
N LYS FA 482 4.58 -76.48 50.07
CA LYS FA 482 3.35 -76.93 49.44
C LYS FA 482 3.62 -77.43 48.02
N ALA FA 483 4.42 -76.68 47.26
CA ALA FA 483 4.75 -77.09 45.90
C ALA FA 483 5.54 -78.39 45.88
N SER FA 484 6.47 -78.55 46.82
CA SER FA 484 7.23 -79.80 46.91
C SER FA 484 6.32 -80.97 47.22
N ALA FA 485 5.37 -80.79 48.13
CA ALA FA 485 4.45 -81.88 48.46
C ALA FA 485 3.57 -82.25 47.26
N LEU FA 486 3.07 -81.24 46.54
CA LEU FA 486 2.24 -81.53 45.37
C LEU FA 486 3.05 -82.22 44.27
N ALA FA 487 4.28 -81.77 44.06
CA ALA FA 487 5.14 -82.40 43.06
C ALA FA 487 5.48 -83.83 43.47
N CYS FA 488 5.66 -84.07 44.77
CA CYS FA 488 5.87 -85.44 45.25
C CYS FA 488 4.65 -86.31 45.00
N LEU FA 489 3.45 -85.77 45.19
CA LEU FA 489 2.25 -86.51 44.84
C LEU FA 489 2.21 -86.84 43.36
N LYS FA 490 2.55 -85.86 42.51
CA LYS FA 490 2.51 -86.10 41.07
C LYS FA 490 3.56 -87.12 40.63
N VAL FA 491 4.74 -87.07 41.23
CA VAL FA 491 5.84 -87.97 40.87
C VAL FA 491 6.26 -88.75 42.11
N PRO FA 492 5.64 -89.89 42.39
CA PRO FA 492 5.92 -90.60 43.65
C PRO FA 492 7.32 -91.21 43.74
N GLU FA 493 8.08 -91.25 42.63
CA GLU FA 493 9.42 -91.82 42.69
C GLU FA 493 10.32 -91.02 43.62
N ALA FA 494 10.20 -89.70 43.59
CA ALA FA 494 10.96 -88.87 44.52
C ALA FA 494 10.49 -89.04 45.96
N ASN FA 495 9.35 -89.67 46.17
CA ASN FA 495 8.82 -89.97 47.50
C ASN FA 495 9.01 -91.43 47.88
N SER FA 496 10.13 -92.03 47.50
CA SER FA 496 10.42 -93.42 47.77
C SER FA 496 11.64 -93.56 48.67
N SER FA 497 11.94 -94.80 49.03
CA SER FA 497 13.08 -95.12 49.86
C SER FA 497 13.65 -96.47 49.43
N TRP FA 498 14.97 -96.56 49.41
CA TRP FA 498 15.66 -97.79 49.01
C TRP FA 498 15.98 -98.59 50.26
N LEU FA 499 15.57 -99.86 50.29
CA LEU FA 499 15.75 -100.74 51.44
C LEU FA 499 16.49 -102.01 51.06
N ASP FA 500 17.18 -101.98 49.92
CA ASP FA 500 18.10 -103.03 49.47
C ASP FA 500 17.36 -104.28 49.01
N THR FA 501 16.05 -104.33 49.22
CA THR FA 501 15.22 -105.43 48.74
C THR FA 501 13.97 -104.96 48.03
N VAL FA 502 13.43 -103.80 48.44
CA VAL FA 502 12.24 -103.22 47.83
C VAL FA 502 12.41 -101.70 47.81
N ILE FA 503 11.63 -101.05 46.95
CA ILE FA 503 11.56 -99.60 46.90
C ILE FA 503 10.25 -99.17 47.53
N ARG FA 504 10.31 -98.70 48.77
CA ARG FA 504 9.12 -98.31 49.52
C ARG FA 504 8.64 -96.96 48.99
N GLN FA 505 7.48 -96.96 48.34
CA GLN FA 505 6.93 -95.74 47.74
C GLN FA 505 5.90 -95.14 48.69
N ASN FA 506 6.31 -94.14 49.45
CA ASN FA 506 5.43 -93.55 50.46
C ASN FA 506 4.28 -92.81 49.80
N HIS FA 507 3.06 -93.12 50.25
CA HIS FA 507 1.86 -92.47 49.74
C HIS FA 507 1.54 -91.16 50.45
N VAL FA 508 2.22 -90.86 51.56
CA VAL FA 508 2.06 -89.60 52.25
C VAL FA 508 3.35 -88.81 52.12
N VAL FA 509 3.27 -87.49 52.27
CA VAL FA 509 4.40 -86.60 52.10
C VAL FA 509 4.65 -85.93 53.44
N ASP FA 510 5.70 -86.36 54.13
CA ASP FA 510 6.15 -85.75 55.38
C ASP FA 510 7.43 -84.97 55.07
N ILE FA 511 7.32 -83.64 55.06
CA ILE FA 511 8.42 -82.79 54.61
C ILE FA 511 9.26 -82.39 55.81
N SER FA 512 10.47 -82.92 55.89
CA SER FA 512 11.45 -82.42 56.84
C SER FA 512 11.95 -81.05 56.37
N VAL FA 513 12.08 -80.12 57.31
CA VAL FA 513 12.54 -78.77 57.00
C VAL FA 513 13.83 -78.52 57.77
N ALA FA 514 14.90 -78.19 57.06
CA ALA FA 514 16.18 -77.95 57.71
C ALA FA 514 16.13 -76.64 58.48
N VAL FA 515 16.40 -76.70 59.77
CA VAL FA 515 16.41 -75.54 60.66
C VAL FA 515 17.78 -75.49 61.32
N SER FA 516 18.41 -74.31 61.28
CA SER FA 516 19.70 -74.12 61.91
C SER FA 516 19.52 -73.54 63.31
N THR FA 517 20.10 -74.20 64.29
CA THR FA 517 20.04 -73.85 65.70
C THR FA 517 21.48 -73.78 66.21
N PRO FA 518 21.71 -73.13 67.35
CA PRO FA 518 23.09 -73.07 67.88
C PRO FA 518 23.71 -74.43 68.14
N ALA FA 519 22.90 -75.47 68.30
CA ALA FA 519 23.41 -76.82 68.51
C ALA FA 519 23.65 -77.58 67.21
N GLY FA 520 23.26 -77.02 66.07
CA GLY FA 520 23.48 -77.67 64.79
C GLY FA 520 22.27 -77.61 63.89
N LEU FA 521 22.24 -78.53 62.93
CA LEU FA 521 21.13 -78.60 61.99
C LEU FA 521 20.14 -79.68 62.44
N ILE FA 522 18.85 -79.32 62.46
CA ILE FA 522 17.81 -80.26 62.83
C ILE FA 522 16.74 -80.24 61.74
N THR FA 523 15.90 -81.27 61.70
CA THR FA 523 14.92 -81.46 60.64
C THR FA 523 13.54 -81.76 61.23
N PRO FA 524 12.85 -80.75 61.75
CA PRO FA 524 11.45 -80.94 62.14
C PRO FA 524 10.59 -81.28 60.92
N ILE FA 525 9.61 -82.14 61.12
CA ILE FA 525 8.82 -82.73 60.04
C ILE FA 525 7.43 -82.11 60.05
N VAL FA 526 7.03 -81.57 58.90
CA VAL FA 526 5.64 -81.17 58.67
C VAL FA 526 4.96 -82.38 58.06
N PHE FA 527 4.06 -83.00 58.82
CA PHE FA 527 3.38 -84.21 58.36
C PHE FA 527 2.19 -83.85 57.47
N ASN FA 528 1.97 -84.66 56.45
CA ASN FA 528 0.84 -84.51 55.54
C ASN FA 528 0.81 -83.12 54.90
N ALA FA 529 1.99 -82.68 54.43
CA ALA FA 529 2.07 -81.38 53.77
C ALA FA 529 1.35 -81.40 52.44
N HIS FA 530 1.00 -82.57 51.92
CA HIS FA 530 0.29 -82.65 50.66
C HIS FA 530 -1.17 -82.27 50.82
N ILE FA 531 -1.72 -82.42 52.04
CA ILE FA 531 -3.11 -82.05 52.31
C ILE FA 531 -3.23 -80.85 53.22
N LYS FA 532 -2.17 -80.45 53.91
CA LYS FA 532 -2.23 -79.24 54.72
C LYS FA 532 -2.25 -78.00 53.84
N GLY FA 533 -2.94 -76.96 54.31
CA GLY FA 533 -2.96 -75.70 53.59
C GLY FA 533 -1.77 -74.83 53.94
N LEU FA 534 -1.70 -73.67 53.27
CA LEU FA 534 -0.59 -72.75 53.49
C LEU FA 534 -0.61 -72.20 54.92
N GLU FA 535 -1.79 -71.89 55.44
CA GLU FA 535 -1.89 -71.42 56.82
C GLU FA 535 -1.40 -72.48 57.80
N THR FA 536 -1.86 -73.72 57.64
CA THR FA 536 -1.45 -74.79 58.54
C THR FA 536 0.04 -75.07 58.40
N ILE FA 537 0.56 -75.06 57.17
CA ILE FA 537 1.99 -75.30 56.96
C ILE FA 537 2.81 -74.21 57.63
N ALA FA 538 2.41 -72.95 57.47
CA ALA FA 538 3.15 -71.85 58.06
C ALA FA 538 3.14 -71.93 59.58
N ASN FA 539 1.96 -72.19 60.17
CA ASN FA 539 1.87 -72.29 61.62
C ASN FA 539 2.70 -73.45 62.15
N ASP FA 540 2.62 -74.61 61.48
CA ASP FA 540 3.39 -75.77 61.89
C ASP FA 540 4.89 -75.50 61.81
N VAL FA 541 5.32 -74.85 60.73
CA VAL FA 541 6.74 -74.54 60.56
C VAL FA 541 7.21 -73.58 61.66
N VAL FA 542 6.41 -72.57 61.97
CA VAL FA 542 6.79 -71.63 63.02
C VAL FA 542 6.89 -72.34 64.36
N SER FA 543 5.91 -73.19 64.67
CA SER FA 543 5.92 -73.89 65.95
C SER FA 543 7.12 -74.84 66.06
N LEU FA 544 7.39 -75.59 64.99
CA LEU FA 544 8.52 -76.52 65.03
C LEU FA 544 9.85 -75.79 65.06
N ALA FA 545 9.95 -74.64 64.37
CA ALA FA 545 11.17 -73.85 64.43
C ALA FA 545 11.42 -73.32 65.82
N THR FA 546 10.37 -72.85 66.50
CA THR FA 546 10.52 -72.41 67.88
C THR FA 546 10.94 -73.57 68.78
N LYS FA 547 10.32 -74.74 68.60
CA LYS FA 547 10.67 -75.90 69.41
C LYS FA 547 12.12 -76.31 69.16
N ALA FA 548 12.57 -76.25 67.91
CA ALA FA 548 13.95 -76.60 67.59
C ALA FA 548 14.93 -75.62 68.20
N ARG FA 549 14.65 -74.32 68.09
CA ARG FA 549 15.54 -73.31 68.63
C ARG FA 549 15.63 -73.39 70.14
N GLU FA 550 14.51 -73.66 70.82
CA GLU FA 550 14.54 -73.76 72.28
C GLU FA 550 14.80 -75.17 72.78
N GLY FA 551 15.01 -76.14 71.88
CA GLY FA 551 15.49 -77.45 72.28
C GLY FA 551 14.48 -78.38 72.92
N LYS FA 552 13.22 -78.31 72.54
CA LYS FA 552 12.20 -79.21 73.06
C LYS FA 552 11.66 -80.19 72.02
N LEU FA 553 12.35 -80.39 70.90
CA LEU FA 553 11.84 -81.29 69.89
C LEU FA 553 11.86 -82.73 70.36
N GLN FA 554 10.73 -83.43 70.22
CA GLN FA 554 10.65 -84.84 70.50
C GLN FA 554 11.23 -85.65 69.35
N PRO FA 555 11.75 -86.85 69.62
CA PRO FA 555 12.37 -87.65 68.53
C PRO FA 555 11.44 -87.94 67.37
N HIS FA 556 10.15 -88.15 67.62
CA HIS FA 556 9.21 -88.41 66.52
C HIS FA 556 8.96 -87.17 65.68
N GLU FA 557 9.25 -85.98 66.20
CA GLU FA 557 9.02 -84.74 65.47
C GLU FA 557 10.14 -84.41 64.50
N PHE FA 558 11.28 -85.10 64.58
CA PHE FA 558 12.36 -84.87 63.62
C PHE FA 558 12.99 -86.14 63.07
N GLN FA 559 12.50 -87.33 63.44
CA GLN FA 559 12.99 -88.57 62.86
C GLN FA 559 11.96 -89.10 61.87
N GLY FA 560 12.41 -89.45 60.67
CA GLY FA 560 11.52 -89.96 59.65
C GLY FA 560 11.41 -89.04 58.45
N GLY FA 561 10.20 -88.90 57.91
CA GLY FA 561 9.98 -88.08 56.75
C GLY FA 561 10.26 -88.82 55.45
N THR FA 562 9.74 -88.25 54.36
CA THR FA 562 9.93 -88.82 53.04
C THR FA 562 10.64 -87.89 52.06
N PHE FA 563 10.70 -86.60 52.37
CA PHE FA 563 11.32 -85.60 51.51
C PHE FA 563 11.82 -84.46 52.39
N THR FA 564 12.97 -83.89 52.03
CA THR FA 564 13.61 -82.87 52.84
C THR FA 564 13.77 -81.59 52.04
N ILE FA 565 13.62 -80.45 52.71
CA ILE FA 565 13.82 -79.14 52.11
C ILE FA 565 14.80 -78.36 52.97
N SER FA 566 15.89 -77.92 52.37
CA SER FA 566 16.90 -77.09 53.03
C SER FA 566 16.97 -75.76 52.30
N ASN FA 567 16.54 -74.69 52.97
CA ASN FA 567 16.46 -73.36 52.38
C ASN FA 567 17.56 -72.49 52.98
N LEU FA 568 18.45 -71.99 52.14
CA LEU FA 568 19.50 -71.06 52.58
C LEU FA 568 19.43 -69.74 51.85
N GLY FA 569 18.27 -69.35 51.35
CA GLY FA 569 18.16 -68.08 50.63
C GLY FA 569 18.26 -66.89 51.55
N MET FA 570 17.94 -67.08 52.84
CA MET FA 570 18.04 -65.98 53.79
C MET FA 570 19.48 -65.59 54.06
N PHE FA 571 20.44 -66.44 53.71
CA PHE FA 571 21.86 -66.15 53.91
C PHE FA 571 22.53 -65.67 52.64
N GLY FA 572 21.79 -65.46 51.56
CA GLY FA 572 22.37 -64.93 50.34
C GLY FA 572 22.98 -65.95 49.41
N ILE FA 573 22.79 -67.25 49.67
CA ILE FA 573 23.36 -68.28 48.82
C ILE FA 573 22.59 -68.33 47.50
N LYS FA 574 23.33 -68.25 46.39
CA LYS FA 574 22.69 -68.33 45.08
C LYS FA 574 22.10 -69.71 44.85
N ASN FA 575 22.90 -70.76 45.05
CA ASN FA 575 22.42 -72.13 45.02
C ASN FA 575 23.44 -73.02 45.73
N PHE FA 576 23.01 -74.22 46.09
CA PHE FA 576 23.89 -75.16 46.75
C PHE FA 576 23.35 -76.57 46.58
N SER FA 577 24.23 -77.55 46.83
CA SER FA 577 23.89 -78.97 46.72
C SER FA 577 23.96 -79.58 48.11
N ALA FA 578 22.85 -80.16 48.55
CA ALA FA 578 22.77 -80.70 49.91
C ALA FA 578 23.01 -82.20 49.91
N ILE FA 579 23.08 -82.76 51.11
CA ILE FA 579 23.27 -84.19 51.30
C ILE FA 579 21.92 -84.83 51.64
N ILE FA 580 21.61 -85.94 50.96
CA ILE FA 580 20.34 -86.61 51.18
C ILE FA 580 20.28 -87.18 52.58
N ASN FA 581 19.20 -86.87 53.30
CA ASN FA 581 18.99 -87.40 54.64
C ASN FA 581 18.40 -88.80 54.54
N PRO FA 582 19.10 -89.83 55.02
CA PRO FA 582 18.62 -91.20 54.86
C PRO FA 582 17.40 -91.46 55.70
N PRO FA 583 16.55 -92.41 55.31
CA PRO FA 583 16.63 -93.26 54.11
C PRO FA 583 15.89 -92.66 52.92
N GLN FA 584 15.70 -91.34 52.91
CA GLN FA 584 14.96 -90.70 51.82
C GLN FA 584 15.74 -90.78 50.52
N ALA FA 585 15.08 -90.41 49.43
CA ALA FA 585 15.66 -90.50 48.11
C ALA FA 585 15.98 -89.15 47.48
N CYS FA 586 15.52 -88.06 48.06
CA CYS FA 586 15.74 -86.73 47.49
C CYS FA 586 15.83 -85.69 48.60
N ILE FA 587 16.38 -84.53 48.24
CA ILE FA 587 16.42 -83.35 49.10
C ILE FA 587 16.48 -82.13 48.21
N LEU FA 588 15.63 -81.14 48.49
CA LEU FA 588 15.56 -79.92 47.69
C LEU FA 588 16.31 -78.81 48.39
N ALA FA 589 17.35 -78.30 47.74
CA ALA FA 589 18.14 -77.19 48.24
C ALA FA 589 17.68 -75.90 47.57
N VAL FA 590 17.26 -74.92 48.37
CA VAL FA 590 16.68 -73.68 47.86
C VAL FA 590 17.66 -72.56 48.12
N GLY FA 591 17.93 -71.76 47.09
CA GLY FA 591 18.81 -70.62 47.19
C GLY FA 591 18.04 -69.31 47.32
N ALA FA 592 18.76 -68.22 47.10
CA ALA FA 592 18.18 -66.90 47.28
C ALA FA 592 17.45 -66.44 46.03
N SER FA 593 16.47 -65.56 46.22
CA SER FA 593 15.76 -64.96 45.12
C SER FA 593 16.40 -63.63 44.73
N GLU FA 594 16.75 -63.51 43.46
CA GLU FA 594 17.42 -62.32 42.95
C GLU FA 594 16.76 -61.86 41.66
N ASP FA 595 16.75 -60.55 41.43
CA ASP FA 595 16.17 -59.97 40.23
C ASP FA 595 17.14 -60.17 39.07
N ARG FA 596 16.63 -60.69 37.96
CA ARG FA 596 17.42 -60.92 36.76
C ARG FA 596 16.70 -60.39 35.54
N LEU FA 597 17.47 -59.86 34.59
CA LEU FA 597 16.90 -59.36 33.35
C LEU FA 597 16.64 -60.50 32.38
N PHE FA 598 15.53 -60.41 31.66
CA PHE FA 598 15.17 -61.44 30.69
C PHE FA 598 14.60 -60.82 29.43
N PRO FA 599 14.86 -61.41 28.27
CA PRO FA 599 14.32 -60.86 27.02
C PRO FA 599 12.79 -60.88 27.04
N ALA FA 600 12.20 -59.83 26.45
CA ALA FA 600 10.76 -59.71 26.37
C ALA FA 600 10.39 -58.94 25.12
N ASP FA 601 9.18 -59.16 24.63
CA ASP FA 601 8.69 -58.51 23.42
C ASP FA 601 8.01 -57.19 23.78
N ASN FA 602 8.84 -56.26 24.26
CA ASN FA 602 8.38 -54.92 24.60
C ASN FA 602 9.35 -53.90 24.02
N GLU FA 603 9.05 -52.62 24.27
CA GLU FA 603 9.87 -51.54 23.71
C GLU FA 603 11.28 -51.55 24.27
N LYS FA 604 11.43 -51.77 25.58
CA LYS FA 604 12.76 -51.84 26.18
C LYS FA 604 13.54 -53.07 25.75
N GLY FA 605 12.85 -54.12 25.32
CA GLY FA 605 13.52 -55.35 24.93
C GLY FA 605 13.83 -56.29 26.07
N PHE FA 606 13.46 -55.95 27.30
CA PHE FA 606 13.75 -56.80 28.44
C PHE FA 606 12.75 -56.54 29.56
N ASP FA 607 12.72 -57.44 30.52
CA ASP FA 607 11.87 -57.34 31.70
C ASP FA 607 12.67 -57.83 32.91
N VAL FA 608 12.19 -57.47 34.10
CA VAL FA 608 12.83 -57.83 35.36
C VAL FA 608 11.96 -58.86 36.06
N ALA FA 609 12.54 -60.01 36.37
CA ALA FA 609 11.85 -61.11 37.05
C ALA FA 609 12.69 -61.58 38.23
N SER FA 610 12.02 -61.87 39.34
CA SER FA 610 12.69 -62.34 40.54
C SER FA 610 12.76 -63.87 40.50
N MET FA 611 13.89 -64.40 40.07
CA MET FA 611 14.07 -65.84 39.95
C MET FA 611 14.80 -66.38 41.17
N MET FA 612 14.56 -67.65 41.46
CA MET FA 612 15.10 -68.35 42.63
C MET FA 612 15.48 -69.77 42.22
N SER FA 613 16.74 -70.13 42.42
CA SER FA 613 17.30 -71.37 41.89
C SER FA 613 17.19 -72.48 42.94
N VAL FA 614 16.80 -73.67 42.49
CA VAL FA 614 16.71 -74.84 43.35
C VAL FA 614 17.54 -75.98 42.74
N THR FA 615 18.23 -76.70 43.63
CA THR FA 615 19.02 -77.87 43.26
C THR FA 615 18.48 -79.08 44.01
N LEU FA 616 17.89 -80.01 43.27
CA LEU FA 616 17.40 -81.26 43.82
C LEU FA 616 18.50 -82.30 43.76
N SER FA 617 18.90 -82.83 44.91
CA SER FA 617 19.87 -83.92 44.98
C SER FA 617 19.11 -85.23 45.08
N CYS FA 618 19.38 -86.14 44.16
CA CYS FA 618 18.60 -87.36 44.02
C CYS FA 618 19.48 -88.59 44.19
N ASP FA 619 18.89 -89.62 44.79
CA ASP FA 619 19.48 -90.96 44.83
C ASP FA 619 19.28 -91.61 43.48
N HIS FA 620 20.37 -91.85 42.74
CA HIS FA 620 20.25 -92.37 41.40
C HIS FA 620 19.75 -93.81 41.36
N ARG FA 621 19.78 -94.53 42.49
CA ARG FA 621 19.21 -95.87 42.52
C ARG FA 621 17.69 -95.83 42.36
N VAL FA 622 17.03 -94.83 42.93
CA VAL FA 622 15.58 -94.73 42.92
C VAL FA 622 15.09 -93.77 41.84
N VAL FA 623 15.69 -92.59 41.77
CA VAL FA 623 15.24 -91.53 40.87
C VAL FA 623 16.29 -91.36 39.78
N ASP FA 624 15.92 -91.67 38.54
CA ASP FA 624 16.82 -91.42 37.43
C ASP FA 624 16.64 -89.99 36.91
N GLY FA 625 17.43 -89.65 35.89
CA GLY FA 625 17.48 -88.27 35.44
C GLY FA 625 16.16 -87.76 34.92
N ALA FA 626 15.46 -88.58 34.13
CA ALA FA 626 14.17 -88.16 33.59
C ALA FA 626 13.15 -87.93 34.69
N VAL FA 627 13.12 -88.81 35.70
CA VAL FA 627 12.17 -88.65 36.79
C VAL FA 627 12.49 -87.41 37.62
N GLY FA 628 13.77 -87.18 37.90
CA GLY FA 628 14.13 -85.97 38.63
C GLY FA 628 13.78 -84.71 37.87
N ALA FA 629 14.02 -84.72 36.55
CA ALA FA 629 13.67 -83.57 35.73
C ALA FA 629 12.16 -83.35 35.71
N GLN FA 630 11.38 -84.43 35.62
CA GLN FA 630 9.92 -84.30 35.66
C GLN FA 630 9.45 -83.72 36.99
N TRP FA 631 10.05 -84.18 38.09
CA TRP FA 631 9.71 -83.62 39.40
C TRP FA 631 10.01 -82.14 39.46
N LEU FA 632 11.18 -81.73 38.97
CA LEU FA 632 11.53 -80.32 39.01
C LEU FA 632 10.61 -79.50 38.12
N ALA FA 633 10.20 -80.06 36.98
CA ALA FA 633 9.26 -79.36 36.10
C ALA FA 633 7.91 -79.16 36.78
N GLU FA 634 7.40 -80.19 37.45
CA GLU FA 634 6.13 -80.04 38.17
C GLU FA 634 6.25 -79.02 39.29
N PHE FA 635 7.35 -79.06 40.05
CA PHE FA 635 7.57 -78.11 41.13
C PHE FA 635 7.62 -76.68 40.58
N ARG FA 636 8.34 -76.49 39.48
CA ARG FA 636 8.44 -75.18 38.86
C ARG FA 636 7.09 -74.69 38.38
N LYS FA 637 6.30 -75.57 37.75
CA LYS FA 637 4.97 -75.17 37.29
C LYS FA 637 4.10 -74.73 38.46
N TYR FA 638 4.11 -75.51 39.54
CA TYR FA 638 3.31 -75.16 40.71
C TYR FA 638 3.72 -73.81 41.28
N LEU FA 639 5.02 -73.54 41.35
CA LEU FA 639 5.45 -72.25 41.89
C LEU FA 639 5.14 -71.10 40.93
N GLU FA 640 5.39 -71.27 39.63
CA GLU FA 640 5.15 -70.18 38.69
C GLU FA 640 3.67 -69.85 38.54
N LYS FA 641 2.77 -70.80 38.79
CA LYS FA 641 1.33 -70.51 38.82
C LYS FA 641 0.75 -71.07 40.11
N PRO FA 642 0.74 -70.28 41.19
CA PRO FA 642 0.25 -70.78 42.48
C PRO FA 642 -1.20 -71.22 42.44
N ILE FA 643 -2.02 -70.65 41.55
CA ILE FA 643 -3.42 -71.04 41.47
C ILE FA 643 -3.55 -72.49 41.05
N THR FA 644 -2.53 -73.05 40.40
CA THR FA 644 -2.55 -74.47 40.05
C THR FA 644 -2.36 -75.38 41.25
N MET FA 645 -1.98 -74.84 42.42
CA MET FA 645 -1.93 -75.65 43.63
C MET FA 645 -3.31 -76.08 44.09
N LEU FA 646 -4.37 -75.43 43.62
CA LEU FA 646 -5.74 -75.82 43.95
C LEU FA 646 -6.15 -77.14 43.31
N LEU FA 647 -5.54 -77.51 42.18
CA LEU FA 647 -5.81 -78.79 41.53
C LEU FA 647 -5.34 -79.95 42.39
N PHE GA 420 69.24 -79.02 -33.28
CA PHE GA 420 68.51 -79.69 -32.22
C PHE GA 420 69.46 -80.33 -31.21
N THR GA 421 68.89 -80.80 -30.10
CA THR GA 421 69.65 -81.47 -29.05
C THR GA 421 68.89 -82.72 -28.61
N ASP GA 422 69.59 -83.85 -28.57
CA ASP GA 422 68.98 -85.12 -28.17
C ASP GA 422 69.23 -85.32 -26.68
N ILE GA 423 68.17 -85.23 -25.88
CA ILE GA 423 68.25 -85.43 -24.44
C ILE GA 423 67.92 -86.89 -24.15
N PRO GA 424 68.83 -87.67 -23.56
CA PRO GA 424 68.52 -89.07 -23.28
C PRO GA 424 67.34 -89.21 -22.33
N ILE GA 425 66.54 -90.24 -22.54
CA ILE GA 425 65.37 -90.50 -21.70
C ILE GA 425 65.80 -91.30 -20.49
N SER GA 426 65.52 -90.77 -19.30
CA SER GA 426 65.83 -91.49 -18.08
C SER GA 426 64.89 -92.68 -17.92
N ASN GA 427 65.28 -93.61 -17.04
CA ASN GA 427 64.44 -94.78 -16.78
C ASN GA 427 63.15 -94.38 -16.08
N ILE GA 428 63.21 -93.38 -15.21
CA ILE GA 428 62.00 -92.88 -14.55
C ILE GA 428 61.03 -92.31 -15.57
N ARG GA 429 61.55 -91.51 -16.50
CA ARG GA 429 60.70 -90.95 -17.56
C ARG GA 429 60.16 -92.04 -18.47
N ARG GA 430 60.96 -93.07 -18.74
CA ARG GA 430 60.48 -94.19 -19.54
C ARG GA 430 59.34 -94.91 -18.84
N VAL GA 431 59.45 -95.11 -17.52
CA VAL GA 431 58.38 -95.75 -16.76
C VAL GA 431 57.11 -94.89 -16.80
N ILE GA 432 57.28 -93.58 -16.62
CA ILE GA 432 56.12 -92.68 -16.63
C ILE GA 432 55.44 -92.71 -18.00
N ALA GA 433 56.25 -92.67 -19.06
CA ALA GA 433 55.70 -92.70 -20.42
C ALA GA 433 55.00 -94.02 -20.69
N GLN GA 434 55.57 -95.13 -20.23
CA GLN GA 434 54.93 -96.43 -20.43
C GLN GA 434 53.61 -96.51 -19.69
N ARG GA 435 53.56 -95.99 -18.46
CA ARG GA 435 52.30 -95.97 -17.73
C ARG GA 435 51.26 -95.12 -18.44
N LEU GA 436 51.65 -93.96 -18.95
CA LEU GA 436 50.70 -93.09 -19.64
C LEU GA 436 50.19 -93.74 -20.93
N MET GA 437 51.08 -94.38 -21.70
CA MET GA 437 50.66 -95.08 -22.90
C MET GA 437 49.71 -96.22 -22.56
N GLN GA 438 50.02 -96.98 -21.51
CA GLN GA 438 49.14 -98.06 -21.09
C GLN GA 438 47.76 -97.53 -20.70
N SER GA 439 47.72 -96.42 -19.98
CA SER GA 439 46.44 -95.83 -19.58
C SER GA 439 45.64 -95.41 -20.80
N LYS GA 440 46.26 -94.66 -21.72
CA LYS GA 440 45.53 -94.15 -22.87
C LYS GA 440 45.16 -95.26 -23.85
N GLN GA 441 45.85 -96.40 -23.80
CA GLN GA 441 45.53 -97.49 -24.71
C GLN GA 441 44.48 -98.44 -24.15
N THR GA 442 44.48 -98.65 -22.83
CA THR GA 442 43.58 -99.63 -22.24
C THR GA 442 42.45 -99.03 -21.42
N ILE GA 443 42.33 -97.71 -21.36
CA ILE GA 443 41.26 -97.05 -20.61
C ILE GA 443 40.50 -96.14 -21.57
N PRO GA 444 39.24 -96.44 -21.88
CA PRO GA 444 38.46 -95.56 -22.76
C PRO GA 444 38.01 -94.29 -22.06
N HIS GA 445 38.87 -93.28 -22.04
CA HIS GA 445 38.58 -92.04 -21.32
C HIS GA 445 37.38 -91.32 -21.92
N TYR GA 446 36.58 -90.69 -21.07
CA TYR GA 446 35.64 -89.67 -21.51
C TYR GA 446 35.51 -88.63 -20.41
N TYR GA 447 35.31 -87.38 -20.81
CA TYR GA 447 35.52 -86.24 -19.93
C TYR GA 447 34.22 -85.49 -19.69
N LEU GA 448 33.98 -85.08 -18.44
CA LEU GA 448 32.82 -84.27 -18.08
C LEU GA 448 33.27 -83.04 -17.31
N SER GA 449 32.80 -81.86 -17.71
CA SER GA 449 33.23 -80.61 -17.10
C SER GA 449 32.06 -79.87 -16.48
N VAL GA 450 32.28 -79.30 -15.31
CA VAL GA 450 31.29 -78.45 -14.64
C VAL GA 450 31.98 -77.25 -14.03
N ASP GA 451 31.17 -76.28 -13.59
CA ASP GA 451 31.63 -75.09 -12.89
C ASP GA 451 31.10 -75.08 -11.47
N VAL GA 452 31.96 -74.70 -10.53
CA VAL GA 452 31.65 -74.70 -9.11
C VAL GA 452 31.80 -73.29 -8.57
N ASN GA 453 30.77 -72.80 -7.87
CA ASN GA 453 30.83 -71.48 -7.26
C ASN GA 453 31.61 -71.59 -5.95
N MET GA 454 32.65 -70.78 -5.80
CA MET GA 454 33.59 -70.96 -4.71
C MET GA 454 33.60 -69.80 -3.73
N GLY GA 455 32.62 -68.91 -3.76
CA GLY GA 455 32.58 -67.81 -2.80
C GLY GA 455 32.42 -68.31 -1.38
N GLU GA 456 31.52 -69.28 -1.17
CA GLU GA 456 31.34 -69.85 0.16
C GLU GA 456 32.60 -70.56 0.62
N VAL GA 457 33.28 -71.28 -0.30
CA VAL GA 457 34.53 -71.94 0.06
C VAL GA 457 35.57 -70.92 0.49
N LEU GA 458 35.67 -69.80 -0.23
CA LEU GA 458 36.64 -68.78 0.13
C LEU GA 458 36.32 -68.17 1.48
N LEU GA 459 35.05 -67.89 1.75
CA LEU GA 459 34.66 -67.30 3.04
C LEU GA 459 34.97 -68.27 4.18
N VAL GA 460 34.60 -69.54 4.01
CA VAL GA 460 34.84 -70.55 5.04
C VAL GA 460 36.34 -70.73 5.26
N ARG GA 461 37.11 -70.75 4.18
CA ARG GA 461 38.55 -70.90 4.30
C ARG GA 461 39.18 -69.72 5.03
N LYS GA 462 38.70 -68.50 4.74
CA LYS GA 462 39.19 -67.33 5.45
C LYS GA 462 38.90 -67.41 6.94
N GLU GA 463 37.67 -67.81 7.29
CA GLU GA 463 37.32 -67.92 8.70
C GLU GA 463 38.16 -68.99 9.41
N LEU GA 464 38.34 -70.14 8.76
CA LEU GA 464 39.15 -71.21 9.34
C LEU GA 464 40.59 -70.78 9.52
N ASN GA 465 41.15 -70.09 8.51
CA ASN GA 465 42.53 -69.62 8.62
C ASN GA 465 42.67 -68.59 9.74
N LYS GA 466 41.68 -67.72 9.91
CA LYS GA 466 41.72 -66.76 11.01
C LYS GA 466 41.67 -67.46 12.36
N MET GA 467 40.80 -68.47 12.50
CA MET GA 467 40.73 -69.21 13.75
C MET GA 467 42.00 -70.00 14.02
N LEU GA 468 42.69 -70.45 12.97
CA LEU GA 468 43.87 -71.27 13.17
C LEU GA 468 45.02 -70.52 13.84
N GLU GA 469 45.07 -69.20 13.70
CA GLU GA 469 46.07 -68.36 14.38
C GLU GA 469 47.49 -68.79 14.03
N GLY GA 470 47.69 -69.21 12.78
CA GLY GA 470 49.00 -69.54 12.29
C GLY GA 470 49.48 -70.95 12.58
N ARG GA 471 48.71 -71.75 13.32
CA ARG GA 471 49.11 -73.13 13.58
C ARG GA 471 49.14 -73.94 12.30
N SER GA 472 48.17 -73.72 11.42
CA SER GA 472 48.15 -74.32 10.09
C SER GA 472 47.48 -73.35 9.13
N LYS GA 473 47.51 -73.69 7.84
CA LYS GA 473 46.90 -72.88 6.80
C LYS GA 473 46.09 -73.79 5.89
N ILE GA 474 44.77 -73.63 5.92
CA ILE GA 474 43.90 -74.43 5.05
C ILE GA 474 43.87 -73.82 3.66
N SER GA 475 44.16 -74.64 2.66
CA SER GA 475 44.18 -74.20 1.28
C SER GA 475 42.94 -74.69 0.54
N VAL GA 476 42.75 -74.17 -0.68
CA VAL GA 476 41.61 -74.55 -1.50
C VAL GA 476 41.69 -76.02 -1.90
N ASN GA 477 42.91 -76.52 -2.13
CA ASN GA 477 43.07 -77.92 -2.51
C ASN GA 477 42.64 -78.86 -1.39
N ASP GA 478 42.72 -78.41 -0.14
CA ASP GA 478 42.24 -79.24 0.96
C ASP GA 478 40.73 -79.41 0.90
N PHE GA 479 40.00 -78.31 0.66
CA PHE GA 479 38.57 -78.40 0.45
C PHE GA 479 38.25 -79.31 -0.72
N ILE GA 480 39.00 -79.17 -1.82
CA ILE GA 480 38.75 -79.97 -3.00
C ILE GA 480 38.97 -81.45 -2.72
N ILE GA 481 40.04 -81.78 -1.98
CA ILE GA 481 40.33 -83.18 -1.67
C ILE GA 481 39.25 -83.78 -0.77
N LYS GA 482 38.85 -83.04 0.27
CA LYS GA 482 37.82 -83.57 1.17
C LYS GA 482 36.48 -83.71 0.44
N ALA GA 483 36.13 -82.75 -0.40
CA ALA GA 483 34.90 -82.86 -1.17
C ALA GA 483 34.93 -84.03 -2.14
N SER GA 484 36.09 -84.26 -2.77
CA SER GA 484 36.23 -85.41 -3.65
C SER GA 484 36.08 -86.72 -2.89
N ALA GA 485 36.65 -86.78 -1.68
CA ALA GA 485 36.51 -87.99 -0.87
C ALA GA 485 35.05 -88.24 -0.49
N LEU GA 486 34.35 -87.19 -0.09
CA LEU GA 486 32.94 -87.35 0.26
C LEU GA 486 32.09 -87.75 -0.94
N ALA GA 487 32.38 -87.16 -2.11
CA ALA GA 487 31.67 -87.54 -3.33
C ALA GA 487 31.97 -88.99 -3.70
N CYS GA 488 33.21 -89.43 -3.50
CA CYS GA 488 33.55 -90.83 -3.74
C CYS GA 488 32.78 -91.75 -2.80
N LEU GA 489 32.62 -91.35 -1.54
CA LEU GA 489 31.80 -92.13 -0.62
C LEU GA 489 30.36 -92.21 -1.10
N LYS GA 490 29.80 -91.08 -1.54
CA LYS GA 490 28.40 -91.08 -1.98
C LYS GA 490 28.21 -91.89 -3.26
N VAL GA 491 29.17 -91.84 -4.18
CA VAL GA 491 29.07 -92.55 -5.45
C VAL GA 491 30.27 -93.47 -5.59
N PRO GA 492 30.21 -94.70 -5.06
CA PRO GA 492 31.39 -95.56 -5.02
C PRO GA 492 31.85 -96.05 -6.39
N GLU GA 493 31.08 -95.84 -7.46
CA GLU GA 493 31.50 -96.30 -8.78
C GLU GA 493 32.77 -95.58 -9.23
N ALA GA 494 32.88 -94.28 -8.94
CA ALA GA 494 34.10 -93.55 -9.24
C ALA GA 494 35.27 -94.01 -8.39
N ASN GA 495 35.02 -94.78 -7.34
CA ASN GA 495 36.05 -95.35 -6.48
C ASN GA 495 36.28 -96.83 -6.75
N SER GA 496 36.23 -97.24 -8.01
CA SER GA 496 36.40 -98.63 -8.40
C SER GA 496 37.63 -98.79 -9.28
N SER GA 497 37.89 -100.04 -9.64
CA SER GA 497 39.00 -100.40 -10.50
C SER GA 497 38.61 -101.59 -11.36
N TRP GA 498 38.97 -101.53 -12.64
CA TRP GA 498 38.66 -102.60 -13.57
C TRP GA 498 39.82 -103.60 -13.62
N LEU GA 499 39.54 -104.85 -13.25
CA LEU GA 499 40.55 -105.90 -13.14
C LEU GA 499 40.32 -106.99 -14.18
N ASP GA 500 39.51 -106.68 -15.19
CA ASP GA 500 39.27 -107.52 -16.37
C ASP GA 500 38.46 -108.76 -16.05
N THR GA 501 38.20 -109.01 -14.77
CA THR GA 501 37.32 -110.09 -14.33
C THR GA 501 36.28 -109.62 -13.33
N VAL GA 502 36.66 -108.72 -12.43
CA VAL GA 502 35.75 -108.13 -11.45
C VAL GA 502 36.02 -106.63 -11.38
N ILE GA 503 35.03 -105.90 -10.89
CA ILE GA 503 35.16 -104.47 -10.66
C ILE GA 503 35.37 -104.26 -9.16
N ARG GA 504 36.61 -104.00 -8.77
CA ARG GA 504 36.96 -103.84 -7.36
C ARG GA 504 36.47 -102.49 -6.88
N GLN GA 505 35.47 -102.49 -6.01
CA GLN GA 505 34.88 -101.26 -5.49
C GLN GA 505 35.50 -100.93 -4.15
N ASN GA 506 36.48 -100.03 -4.14
CA ASN GA 506 37.21 -99.73 -2.91
C ASN GA 506 36.32 -98.98 -1.92
N HIS GA 507 36.33 -99.45 -0.67
CA HIS GA 507 35.53 -98.84 0.38
C HIS GA 507 36.25 -97.71 1.11
N VAL GA 508 37.55 -97.54 0.86
CA VAL GA 508 38.32 -96.43 1.41
C VAL GA 508 38.71 -95.51 0.27
N VAL GA 509 38.95 -94.25 0.60
CA VAL GA 509 39.26 -93.22 -0.38
C VAL GA 509 40.69 -92.76 -0.12
N ASP GA 510 41.61 -93.16 -0.99
CA ASP GA 510 43.01 -92.76 -0.91
C ASP GA 510 43.28 -91.83 -2.09
N ILE GA 511 43.35 -90.53 -1.80
CA ILE GA 511 43.41 -89.51 -2.85
C ILE GA 511 44.87 -89.26 -3.22
N SER GA 512 45.27 -89.68 -4.41
CA SER GA 512 46.55 -89.26 -4.96
C SER GA 512 46.44 -87.79 -5.36
N VAL GA 513 47.48 -87.02 -5.06
CA VAL GA 513 47.52 -85.59 -5.39
C VAL GA 513 48.69 -85.35 -6.31
N ALA GA 514 48.42 -84.86 -7.51
CA ALA GA 514 49.49 -84.61 -8.48
C ALA GA 514 50.32 -83.41 -8.03
N VAL GA 515 51.63 -83.60 -7.97
CA VAL GA 515 52.58 -82.57 -7.56
C VAL GA 515 53.67 -82.51 -8.61
N SER GA 516 54.00 -81.29 -9.04
CA SER GA 516 55.06 -81.09 -10.03
C SER GA 516 56.37 -80.77 -9.33
N THR GA 517 57.40 -81.56 -9.63
CA THR GA 517 58.74 -81.43 -9.09
C THR GA 517 59.70 -81.33 -10.27
N PRO GA 518 60.92 -80.86 -10.06
CA PRO GA 518 61.88 -80.77 -11.17
C PRO GA 518 62.14 -82.10 -11.85
N ALA GA 519 61.91 -83.22 -11.18
CA ALA GA 519 62.10 -84.54 -11.78
C ALA GA 519 60.85 -85.04 -12.50
N GLY GA 520 59.73 -84.35 -12.42
CA GLY GA 520 58.52 -84.75 -13.12
C GLY GA 520 57.27 -84.65 -12.25
N LEU GA 521 56.26 -85.42 -12.64
CA LEU GA 521 55.01 -85.44 -11.90
C LEU GA 521 54.98 -86.64 -10.96
N ILE GA 522 54.67 -86.39 -9.69
CA ILE GA 522 54.61 -87.45 -8.69
C ILE GA 522 53.29 -87.32 -7.93
N THR GA 523 52.76 -88.44 -7.47
CA THR GA 523 51.42 -88.51 -6.89
C THR GA 523 51.47 -89.07 -5.48
N PRO GA 524 51.85 -88.25 -4.49
CA PRO GA 524 51.72 -88.68 -3.10
C PRO GA 524 50.26 -88.89 -2.73
N ILE GA 525 50.01 -89.88 -1.88
CA ILE GA 525 48.67 -90.34 -1.57
C ILE GA 525 48.29 -89.88 -0.17
N VAL GA 526 47.17 -89.18 -0.06
CA VAL GA 526 46.55 -88.87 1.22
C VAL GA 526 45.57 -90.01 1.49
N PHE GA 527 45.94 -90.86 2.45
CA PHE GA 527 45.11 -92.02 2.77
C PHE GA 527 43.96 -91.61 3.68
N ASN GA 528 42.82 -92.29 3.52
CA ASN GA 528 41.64 -92.08 4.35
C ASN GA 528 41.20 -90.62 4.35
N ALA GA 529 41.18 -90.03 3.16
CA ALA GA 529 40.74 -88.64 3.04
C ALA GA 529 39.26 -88.50 3.30
N HIS GA 530 38.52 -89.61 3.31
CA HIS GA 530 37.09 -89.54 3.59
C HIS GA 530 36.80 -89.37 5.07
N ILE GA 531 37.79 -89.68 5.93
CA ILE GA 531 37.64 -89.51 7.37
C ILE GA 531 38.59 -88.48 7.95
N LYS GA 532 39.66 -88.12 7.25
CA LYS GA 532 40.56 -87.09 7.73
C LYS GA 532 39.90 -85.72 7.66
N GLY GA 533 40.24 -84.85 8.61
CA GLY GA 533 39.72 -83.51 8.59
C GLY GA 533 40.50 -82.60 7.67
N LEU GA 534 40.02 -81.35 7.55
CA LEU GA 534 40.70 -80.40 6.66
C LEU GA 534 42.10 -80.07 7.15
N GLU GA 535 42.29 -79.94 8.47
CA GLU GA 535 43.62 -79.69 8.98
C GLU GA 535 44.55 -80.88 8.75
N THR GA 536 44.06 -82.10 9.01
CA THR GA 536 44.88 -83.28 8.77
C THR GA 536 45.24 -83.39 7.29
N ILE GA 537 44.27 -83.13 6.41
CA ILE GA 537 44.52 -83.19 4.97
C ILE GA 537 45.55 -82.15 4.58
N ALA GA 538 45.42 -80.93 5.09
CA ALA GA 538 46.35 -79.85 4.73
C ALA GA 538 47.76 -80.18 5.20
N ASN GA 539 47.90 -80.64 6.44
CA ASN GA 539 49.23 -80.99 6.96
C ASN GA 539 49.83 -82.15 6.17
N ASP GA 540 49.02 -83.16 5.86
CA ASP GA 540 49.50 -84.30 5.08
C ASP GA 540 49.96 -83.85 3.70
N VAL GA 541 49.18 -82.97 3.05
CA VAL GA 541 49.54 -82.50 1.72
C VAL GA 541 50.84 -81.71 1.77
N VAL GA 542 50.98 -80.84 2.77
CA VAL GA 542 52.21 -80.05 2.89
C VAL GA 542 53.42 -80.96 3.09
N SER GA 543 53.28 -81.94 4.00
CA SER GA 543 54.40 -82.83 4.30
C SER GA 543 54.78 -83.67 3.07
N LEU GA 544 53.78 -84.23 2.39
CA LEU GA 544 54.06 -85.06 1.22
C LEU GA 544 54.61 -84.24 0.07
N ALA GA 545 54.14 -83.00 -0.09
CA ALA GA 545 54.69 -82.13 -1.13
C ALA GA 545 56.15 -81.79 -0.84
N THR GA 546 56.48 -81.52 0.42
CA THR GA 546 57.88 -81.29 0.79
C THR GA 546 58.73 -82.51 0.52
N LYS GA 547 58.22 -83.70 0.88
CA LYS GA 547 58.96 -84.92 0.62
C LYS GA 547 59.15 -85.16 -0.86
N ALA GA 548 58.13 -84.88 -1.67
CA ALA GA 548 58.23 -85.07 -3.12
C ALA GA 548 59.24 -84.11 -3.72
N ARG GA 549 59.20 -82.85 -3.30
CA ARG GA 549 60.17 -81.87 -3.81
C ARG GA 549 61.59 -82.22 -3.39
N GLU GA 550 61.75 -82.79 -2.20
CA GLU GA 550 63.06 -83.20 -1.72
C GLU GA 550 63.48 -84.58 -2.23
N GLY GA 551 62.60 -85.28 -2.93
CA GLY GA 551 62.95 -86.58 -3.48
C GLY GA 551 63.04 -87.69 -2.46
N LYS GA 552 62.32 -87.56 -1.35
CA LYS GA 552 62.40 -88.53 -0.25
C LYS GA 552 61.15 -89.40 -0.14
N LEU GA 553 60.29 -89.43 -1.16
CA LEU GA 553 59.07 -90.21 -1.07
C LEU GA 553 59.37 -91.70 -1.15
N GLN GA 554 58.76 -92.47 -0.25
CA GLN GA 554 58.84 -93.92 -0.29
C GLN GA 554 57.85 -94.47 -1.31
N PRO GA 555 58.13 -95.65 -1.88
CA PRO GA 555 57.22 -96.19 -2.91
C PRO GA 555 55.79 -96.37 -2.46
N HIS GA 556 55.56 -96.75 -1.20
CA HIS GA 556 54.20 -96.92 -0.72
C HIS GA 556 53.48 -95.60 -0.55
N GLU GA 557 54.20 -94.49 -0.49
CA GLU GA 557 53.58 -93.18 -0.31
C GLU GA 557 53.08 -92.58 -1.62
N PHE GA 558 53.43 -93.15 -2.77
CA PHE GA 558 52.92 -92.66 -4.04
C PHE GA 558 52.41 -93.75 -4.98
N GLN GA 559 52.56 -95.03 -4.63
CA GLN GA 559 52.02 -96.11 -5.45
C GLN GA 559 50.69 -96.57 -4.87
N GLY GA 560 49.68 -96.66 -5.73
CA GLY GA 560 48.36 -97.07 -5.29
C GLY GA 560 47.31 -95.99 -5.45
N GLY GA 561 46.50 -95.79 -4.43
CA GLY GA 561 45.45 -94.80 -4.47
C GLY GA 561 44.19 -95.31 -5.15
N THR GA 562 43.10 -94.58 -4.94
CA THR GA 562 41.82 -94.92 -5.51
C THR GA 562 41.21 -93.82 -6.37
N PHE GA 563 41.72 -92.59 -6.25
CA PHE GA 563 41.19 -91.44 -6.96
C PHE GA 563 42.26 -90.36 -6.97
N THR GA 564 42.48 -89.76 -8.14
CA THR GA 564 43.57 -88.80 -8.32
C THR GA 564 43.00 -87.41 -8.55
N ILE GA 565 43.67 -86.41 -8.00
CA ILE GA 565 43.34 -85.01 -8.20
C ILE GA 565 44.56 -84.29 -8.74
N SER GA 566 44.43 -83.69 -9.92
CA SER GA 566 45.47 -82.89 -10.53
C SER GA 566 44.98 -81.45 -10.63
N ASN GA 567 45.61 -80.56 -9.87
CA ASN GA 567 45.20 -79.16 -9.79
C ASN GA 567 46.24 -78.31 -10.49
N LEU GA 568 45.83 -77.57 -11.52
CA LEU GA 568 46.70 -76.65 -12.22
C LEU GA 568 46.17 -75.22 -12.19
N GLY GA 569 45.35 -74.88 -11.21
CA GLY GA 569 44.80 -73.53 -11.16
C GLY GA 569 45.85 -72.50 -10.79
N MET GA 570 46.91 -72.92 -10.10
CA MET GA 570 47.98 -72.01 -9.75
C MET GA 570 48.74 -71.51 -10.97
N PHE GA 571 48.63 -72.20 -12.10
CA PHE GA 571 49.31 -71.82 -13.33
C PHE GA 571 48.40 -71.08 -14.30
N GLY GA 572 47.18 -70.75 -13.90
CA GLY GA 572 46.30 -69.98 -14.75
C GLY GA 572 45.51 -70.77 -15.76
N ILE GA 573 45.51 -72.10 -15.68
CA ILE GA 573 44.75 -72.91 -16.62
C ILE GA 573 43.27 -72.79 -16.32
N LYS GA 574 42.48 -72.44 -17.34
CA LYS GA 574 41.04 -72.34 -17.16
C LYS GA 574 40.43 -73.72 -16.89
N ASN GA 575 40.76 -74.69 -17.75
CA ASN GA 575 40.36 -76.07 -17.53
C ASN GA 575 41.26 -76.97 -18.38
N PHE GA 576 41.31 -78.24 -18.00
CA PHE GA 576 42.11 -79.20 -18.75
C PHE GA 576 41.60 -80.61 -18.49
N SER GA 577 42.02 -81.54 -19.35
CA SER GA 577 41.64 -82.94 -19.25
C SER GA 577 42.90 -83.77 -19.01
N ALA GA 578 42.91 -84.51 -17.90
CA ALA GA 578 44.08 -85.28 -17.53
C ALA GA 578 43.95 -86.72 -18.00
N ILE GA 579 45.00 -87.50 -17.74
CA ILE GA 579 45.04 -88.92 -18.09
C ILE GA 579 44.81 -89.73 -16.82
N ILE GA 580 43.92 -90.72 -16.89
CA ILE GA 580 43.61 -91.54 -15.73
C ILE GA 580 44.84 -92.34 -15.34
N ASN GA 581 45.21 -92.26 -14.06
CA ASN GA 581 46.35 -93.01 -13.53
C ASN GA 581 45.89 -94.43 -13.23
N PRO GA 582 46.47 -95.45 -13.85
CA PRO GA 582 46.00 -96.81 -13.63
C PRO GA 582 46.35 -97.28 -12.24
N PRO GA 583 45.60 -98.23 -11.68
CA PRO GA 583 44.41 -98.89 -12.24
C PRO GA 583 43.12 -98.18 -11.84
N GLN GA 584 43.19 -96.93 -11.41
CA GLN GA 584 42.00 -96.22 -10.96
C GLN GA 584 41.05 -95.95 -12.11
N ALA GA 585 39.85 -95.49 -11.77
CA ALA GA 585 38.79 -95.31 -12.75
C ALA GA 585 38.50 -93.85 -13.09
N CYS GA 586 38.99 -92.90 -12.30
CA CYS GA 586 38.70 -91.50 -12.53
C CYS GA 586 39.90 -90.65 -12.11
N ILE GA 587 39.90 -89.40 -12.61
CA ILE GA 587 40.87 -88.39 -12.21
C ILE GA 587 40.20 -87.03 -12.34
N LEU GA 588 40.30 -86.20 -11.31
CA LEU GA 588 39.68 -84.89 -11.30
C LEU GA 588 40.71 -83.83 -11.64
N ALA GA 589 40.48 -83.13 -12.75
CA ALA GA 589 41.37 -82.07 -13.20
C ALA GA 589 40.76 -80.72 -12.81
N VAL GA 590 41.50 -79.95 -12.04
CA VAL GA 590 41.01 -78.69 -11.47
C VAL GA 590 41.74 -77.54 -12.16
N GLY GA 591 40.97 -76.57 -12.65
CA GLY GA 591 41.52 -75.38 -13.26
C GLY GA 591 41.55 -74.21 -12.30
N ALA GA 592 41.73 -73.02 -12.86
CA ALA GA 592 41.82 -71.82 -12.05
C ALA GA 592 40.44 -71.24 -11.76
N SER GA 593 40.34 -70.53 -10.65
CA SER GA 593 39.10 -69.86 -10.28
C SER GA 593 39.15 -68.40 -10.71
N GLU GA 594 38.09 -67.98 -11.41
CA GLU GA 594 38.02 -66.64 -11.99
C GLU GA 594 36.65 -66.02 -11.68
N ASP GA 595 36.62 -64.69 -11.61
CA ASP GA 595 35.39 -63.97 -11.36
C ASP GA 595 34.57 -63.87 -12.65
N ARG GA 596 33.28 -64.21 -12.57
CA ARG GA 596 32.40 -64.17 -13.72
C ARG GA 596 31.07 -63.52 -13.33
N LEU GA 597 30.49 -62.80 -14.28
CA LEU GA 597 29.17 -62.20 -14.07
C LEU GA 597 28.08 -63.22 -14.33
N PHE GA 598 27.07 -63.21 -13.47
CA PHE GA 598 25.91 -64.07 -13.63
C PHE GA 598 24.64 -63.30 -13.29
N PRO GA 599 23.53 -63.59 -13.98
CA PRO GA 599 22.30 -62.85 -13.74
C PRO GA 599 21.81 -63.02 -12.31
N ALA GA 600 21.25 -61.95 -11.76
CA ALA GA 600 20.69 -61.95 -10.41
C ALA GA 600 19.49 -61.02 -10.36
N ASP GA 601 18.59 -61.29 -9.41
CA ASP GA 601 17.37 -60.49 -9.25
C ASP GA 601 17.66 -59.30 -8.33
N ASN GA 602 18.50 -58.41 -8.83
CA ASN GA 602 18.84 -57.19 -8.11
C ASN GA 602 18.74 -56.00 -9.05
N GLU GA 603 19.05 -54.81 -8.51
CA GLU GA 603 18.96 -53.59 -9.30
C GLU GA 603 19.95 -53.58 -10.45
N LYS GA 604 21.20 -54.00 -10.19
CA LYS GA 604 22.20 -54.04 -11.24
C LYS GA 604 21.92 -55.12 -12.28
N GLY GA 605 21.13 -56.13 -11.93
CA GLY GA 605 20.82 -57.20 -12.88
C GLY GA 605 21.87 -58.28 -12.97
N PHE GA 606 22.94 -58.21 -12.19
CA PHE GA 606 23.99 -59.21 -12.24
C PHE GA 606 24.74 -59.21 -10.91
N ASP GA 607 25.54 -60.27 -10.72
CA ASP GA 607 26.38 -60.42 -9.55
C ASP GA 607 27.72 -61.00 -10.00
N VAL GA 608 28.71 -60.93 -9.10
CA VAL GA 608 30.06 -61.44 -9.36
C VAL GA 608 30.29 -62.65 -8.47
N ALA GA 609 30.64 -63.78 -9.08
CA ALA GA 609 30.90 -65.01 -8.36
C ALA GA 609 32.22 -65.61 -8.85
N SER GA 610 33.03 -66.09 -7.91
CA SER GA 610 34.29 -66.72 -8.23
C SER GA 610 34.05 -68.19 -8.52
N MET GA 611 34.09 -68.56 -9.80
CA MET GA 611 33.79 -69.91 -10.24
C MET GA 611 35.05 -70.64 -10.67
N MET GA 612 35.08 -71.94 -10.41
CA MET GA 612 36.22 -72.79 -10.72
C MET GA 612 35.74 -74.00 -11.52
N SER GA 613 36.39 -74.25 -12.64
CA SER GA 613 35.96 -75.29 -13.58
C SER GA 613 36.73 -76.57 -13.33
N VAL GA 614 36.00 -77.68 -13.22
CA VAL GA 614 36.61 -78.98 -12.99
C VAL GA 614 36.17 -79.95 -14.06
N THR GA 615 37.12 -80.76 -14.54
CA THR GA 615 36.88 -81.76 -15.57
C THR GA 615 37.28 -83.12 -15.03
N LEU GA 616 36.28 -83.98 -14.83
CA LEU GA 616 36.50 -85.35 -14.37
C LEU GA 616 36.64 -86.26 -15.60
N SER GA 617 37.76 -86.95 -15.68
CA SER GA 617 37.99 -87.94 -16.73
C SER GA 617 37.68 -89.33 -16.19
N CYS GA 618 36.77 -90.02 -16.85
CA CYS GA 618 36.23 -91.28 -16.35
C CYS GA 618 36.52 -92.42 -17.31
N ASP GA 619 36.77 -93.59 -16.74
CA ASP GA 619 36.86 -94.84 -17.49
C ASP GA 619 35.44 -95.31 -17.80
N HIS GA 620 35.07 -95.30 -19.08
CA HIS GA 620 33.70 -95.61 -19.46
C HIS GA 620 33.34 -97.07 -19.23
N ARG GA 621 34.32 -97.94 -18.98
CA ARG GA 621 33.99 -99.32 -18.61
C ARG GA 621 33.37 -99.39 -17.22
N VAL GA 622 33.81 -98.53 -16.31
CA VAL GA 622 33.37 -98.55 -14.92
C VAL GA 622 32.33 -97.48 -14.65
N VAL GA 623 32.58 -96.25 -15.09
CA VAL GA 623 31.72 -95.11 -14.79
C VAL GA 623 31.05 -94.67 -16.09
N ASP GA 624 29.73 -94.82 -16.15
CA ASP GA 624 29.01 -94.32 -17.30
C ASP GA 624 28.65 -92.84 -17.11
N GLY GA 625 27.99 -92.27 -18.12
CA GLY GA 625 27.75 -90.84 -18.11
C GLY GA 625 26.91 -90.39 -16.94
N ALA GA 626 25.84 -91.13 -16.63
CA ALA GA 626 24.97 -90.75 -15.53
C ALA GA 626 25.71 -90.81 -14.20
N VAL GA 627 26.53 -91.84 -13.99
CA VAL GA 627 27.28 -91.96 -12.74
C VAL GA 627 28.30 -90.83 -12.62
N GLY GA 628 29.01 -90.52 -13.70
CA GLY GA 628 29.97 -89.42 -13.65
C GLY GA 628 29.29 -88.10 -13.37
N ALA GA 629 28.14 -87.86 -14.00
CA ALA GA 629 27.40 -86.63 -13.76
C ALA GA 629 26.91 -86.55 -12.32
N GLN GA 630 26.45 -87.68 -11.76
CA GLN GA 630 26.03 -87.69 -10.37
C GLN GA 630 27.18 -87.38 -9.43
N TRP GA 631 28.35 -87.96 -9.71
CA TRP GA 631 29.54 -87.67 -8.90
C TRP GA 631 29.87 -86.19 -8.95
N LEU GA 632 29.86 -85.61 -10.15
CA LEU GA 632 30.19 -84.19 -10.28
C LEU GA 632 29.15 -83.32 -9.57
N ALA GA 633 27.88 -83.71 -9.63
CA ALA GA 633 26.85 -82.95 -8.92
C ALA GA 633 27.05 -82.99 -7.42
N GLU GA 634 27.37 -84.16 -6.87
CA GLU GA 634 27.63 -84.25 -5.43
C GLU GA 634 28.86 -83.42 -5.04
N PHE GA 635 29.92 -83.51 -5.84
CA PHE GA 635 31.12 -82.72 -5.59
C PHE GA 635 30.81 -81.23 -5.62
N ARG GA 636 30.00 -80.80 -6.59
CA ARG GA 636 29.63 -79.40 -6.70
C ARG GA 636 28.82 -78.95 -5.48
N LYS GA 637 27.87 -79.79 -5.04
CA LYS GA 637 27.08 -79.42 -3.86
C LYS GA 637 27.97 -79.27 -2.63
N TYR GA 638 28.87 -80.24 -2.41
CA TYR GA 638 29.77 -80.17 -1.26
C TYR GA 638 30.61 -78.90 -1.29
N LEU GA 639 31.14 -78.54 -2.47
CA LEU GA 639 31.96 -77.34 -2.52
C LEU GA 639 31.14 -76.06 -2.39
N GLU GA 640 29.99 -75.98 -3.07
CA GLU GA 640 29.19 -74.76 -3.02
C GLU GA 640 28.62 -74.48 -1.64
N LYS GA 641 28.41 -75.50 -0.81
CA LYS GA 641 28.07 -75.27 0.60
C LYS GA 641 28.90 -76.18 1.50
N PRO GA 642 29.97 -75.64 2.07
CA PRO GA 642 30.86 -76.47 2.91
C PRO GA 642 30.23 -76.95 4.19
N ILE GA 643 29.10 -76.40 4.61
CA ILE GA 643 28.47 -76.86 5.84
C ILE GA 643 27.91 -78.27 5.67
N THR GA 644 27.48 -78.61 4.45
CA THR GA 644 27.03 -79.97 4.17
C THR GA 644 28.17 -80.98 4.22
N MET GA 645 29.42 -80.50 4.24
CA MET GA 645 30.59 -81.36 4.34
C MET GA 645 30.69 -82.04 5.69
N LEU GA 646 29.94 -81.55 6.69
CA LEU GA 646 29.87 -82.17 8.01
C LEU GA 646 28.98 -83.40 8.05
N LEU GA 647 28.06 -83.53 7.10
CA LEU GA 647 27.14 -84.67 7.08
C LEU GA 647 27.87 -85.95 6.71
N PHE HA 420 -73.99 -79.13 20.20
CA PHE HA 420 -74.71 -78.29 19.24
C PHE HA 420 -76.09 -77.91 19.77
N THR HA 421 -76.75 -76.99 19.08
CA THR HA 421 -78.09 -76.54 19.42
C THR HA 421 -78.93 -76.47 18.15
N ASP HA 422 -80.10 -77.09 18.19
CA ASP HA 422 -81.01 -77.10 17.04
C ASP HA 422 -81.98 -75.94 17.18
N ILE HA 423 -81.85 -74.94 16.32
CA ILE HA 423 -82.74 -73.78 16.32
C ILE HA 423 -83.84 -74.04 15.30
N PRO HA 424 -85.10 -74.07 15.72
CA PRO HA 424 -86.20 -74.32 14.76
C PRO HA 424 -86.25 -73.24 13.69
N ILE HA 425 -86.59 -73.65 12.47
CA ILE HA 425 -86.69 -72.74 11.34
C ILE HA 425 -88.07 -72.10 11.34
N SER HA 426 -88.13 -70.78 11.38
CA SER HA 426 -89.40 -70.08 11.30
C SER HA 426 -89.98 -70.18 9.90
N ASN HA 427 -91.28 -69.90 9.80
CA ASN HA 427 -91.94 -69.94 8.49
C ASN HA 427 -91.42 -68.84 7.58
N ILE HA 428 -91.10 -67.68 8.15
CA ILE HA 428 -90.52 -66.59 7.36
C ILE HA 428 -89.18 -67.01 6.79
N ARG HA 429 -88.33 -67.63 7.61
CA ARG HA 429 -87.04 -68.10 7.14
C ARG HA 429 -87.21 -69.21 6.11
N ARG HA 430 -88.21 -70.07 6.29
CA ARG HA 430 -88.47 -71.11 5.30
C ARG HA 430 -88.87 -70.51 3.96
N VAL HA 431 -89.70 -69.46 3.98
CA VAL HA 431 -90.10 -68.79 2.75
C VAL HA 431 -88.89 -68.14 2.08
N ILE HA 432 -88.04 -67.48 2.86
CA ILE HA 432 -86.85 -66.84 2.31
C ILE HA 432 -85.93 -67.89 1.70
N ALA HA 433 -85.72 -69.00 2.40
CA ALA HA 433 -84.86 -70.06 1.89
C ALA HA 433 -85.43 -70.67 0.61
N GLN HA 434 -86.75 -70.86 0.57
CA GLN HA 434 -87.37 -71.41 -0.64
C GLN HA 434 -87.22 -70.47 -1.82
N ARG HA 435 -87.39 -69.16 -1.59
CA ARG HA 435 -87.19 -68.20 -2.65
C ARG HA 435 -85.75 -68.21 -3.15
N LEU HA 436 -84.78 -68.28 -2.23
CA LEU HA 436 -83.38 -68.29 -2.64
C LEU HA 436 -83.03 -69.56 -3.42
N MET HA 437 -83.54 -70.70 -2.97
CA MET HA 437 -83.32 -71.95 -3.70
C MET HA 437 -83.94 -71.89 -5.09
N GLN HA 438 -85.15 -71.35 -5.19
CA GLN HA 438 -85.79 -71.22 -6.50
C GLN HA 438 -84.99 -70.31 -7.41
N SER HA 439 -84.47 -69.20 -6.87
CA SER HA 439 -83.66 -68.29 -7.68
C SER HA 439 -82.41 -68.99 -8.18
N LYS HA 440 -81.68 -69.64 -7.29
CA LYS HA 440 -80.41 -70.26 -7.69
C LYS HA 440 -80.63 -71.49 -8.57
N GLN HA 441 -81.82 -72.08 -8.53
CA GLN HA 441 -82.07 -73.26 -9.36
C GLN HA 441 -82.62 -72.89 -10.73
N THR HA 442 -83.38 -71.81 -10.84
CA THR HA 442 -84.03 -71.47 -12.11
C THR HA 442 -83.38 -70.31 -12.85
N ILE HA 443 -82.53 -69.53 -12.19
CA ILE HA 443 -81.92 -68.36 -12.80
C ILE HA 443 -80.43 -68.64 -13.01
N PRO HA 444 -79.96 -68.72 -14.26
CA PRO HA 444 -78.53 -68.94 -14.50
C PRO HA 444 -77.70 -67.68 -14.26
N HIS HA 445 -77.32 -67.46 -13.00
CA HIS HA 445 -76.60 -66.24 -12.64
C HIS HA 445 -75.24 -66.18 -13.34
N TYR HA 446 -74.83 -64.97 -13.70
CA TYR HA 446 -73.43 -64.71 -14.02
C TYR HA 446 -73.10 -63.28 -13.61
N TYR HA 447 -71.86 -63.06 -13.17
CA TYR HA 447 -71.52 -61.87 -12.40
C TYR HA 447 -70.50 -61.03 -13.15
N LEU HA 448 -70.68 -59.71 -13.13
CA LEU HA 448 -69.75 -58.77 -13.72
C LEU HA 448 -69.37 -57.70 -12.72
N SER HA 449 -68.07 -57.44 -12.54
CA SER HA 449 -67.60 -56.51 -11.55
C SER HA 449 -66.82 -55.37 -12.19
N VAL HA 450 -67.05 -54.16 -11.68
CA VAL HA 450 -66.30 -52.98 -12.11
C VAL HA 450 -65.97 -52.12 -10.90
N ASP HA 451 -65.10 -51.14 -11.12
CA ASP HA 451 -64.73 -50.16 -10.11
C ASP HA 451 -65.17 -48.76 -10.54
N VAL HA 452 -65.70 -48.01 -9.59
CA VAL HA 452 -66.25 -46.68 -9.83
C VAL HA 452 -65.49 -45.67 -8.99
N ASN HA 453 -65.02 -44.61 -9.63
CA ASN HA 453 -64.33 -43.53 -8.93
C ASN HA 453 -65.38 -42.63 -8.28
N MET HA 454 -65.26 -42.41 -6.97
CA MET HA 454 -66.33 -41.77 -6.23
C MET HA 454 -65.92 -40.43 -5.61
N GLY HA 455 -64.80 -39.85 -6.03
CA GLY HA 455 -64.42 -38.55 -5.50
C GLY HA 455 -65.41 -37.46 -5.86
N GLU HA 456 -65.87 -37.46 -7.12
CA GLU HA 456 -66.87 -36.49 -7.54
C GLU HA 456 -68.19 -36.69 -6.79
N VAL HA 457 -68.58 -37.96 -6.58
CA VAL HA 457 -69.79 -38.23 -5.82
C VAL HA 457 -69.67 -37.71 -4.40
N LEU HA 458 -68.51 -37.91 -3.77
CA LEU HA 458 -68.32 -37.43 -2.40
C LEU HA 458 -68.37 -35.90 -2.35
N LEU HA 459 -67.73 -35.23 -3.32
CA LEU HA 459 -67.75 -33.77 -3.33
C LEU HA 459 -69.17 -33.24 -3.53
N VAL HA 460 -69.90 -33.81 -4.49
CA VAL HA 460 -71.27 -33.38 -4.75
C VAL HA 460 -72.15 -33.65 -3.54
N ARG HA 461 -71.97 -34.80 -2.90
CA ARG HA 461 -72.77 -35.13 -1.72
C ARG HA 461 -72.48 -34.16 -0.58
N LYS HA 462 -71.21 -33.80 -0.39
CA LYS HA 462 -70.87 -32.82 0.64
C LYS HA 462 -71.52 -31.47 0.36
N GLU HA 463 -71.46 -31.02 -0.90
CA GLU HA 463 -72.07 -29.74 -1.24
C GLU HA 463 -73.60 -29.77 -1.03
N LEU HA 464 -74.24 -30.86 -1.46
CA LEU HA 464 -75.68 -30.98 -1.28
C LEU HA 464 -76.06 -31.02 0.19
N ASN HA 465 -75.29 -31.75 1.01
CA ASN HA 465 -75.57 -31.80 2.43
C ASN HA 465 -75.39 -30.44 3.08
N LYS HA 466 -74.38 -29.68 2.65
CA LYS HA 466 -74.19 -28.33 3.17
C LYS HA 466 -75.36 -27.42 2.80
N MET HA 467 -75.82 -27.50 1.55
CA MET HA 467 -76.97 -26.70 1.13
C MET HA 467 -78.25 -27.11 1.86
N LEU HA 468 -78.37 -28.38 2.24
CA LEU HA 468 -79.60 -28.84 2.87
C LEU HA 468 -79.84 -28.25 4.24
N GLU HA 469 -78.79 -27.82 4.94
CA GLU HA 469 -78.91 -27.14 6.23
C GLU HA 469 -79.68 -27.99 7.25
N GLY HA 470 -79.46 -29.30 7.18
CA GLY HA 470 -80.04 -30.21 8.13
C GLY HA 470 -81.46 -30.65 7.87
N ARG HA 471 -82.10 -30.13 6.81
CA ARG HA 471 -83.46 -30.57 6.49
C ARG HA 471 -83.48 -32.04 6.08
N SER HA 472 -82.47 -32.47 5.33
CA SER HA 472 -82.28 -33.88 5.00
C SER HA 472 -80.79 -34.15 4.89
N LYS HA 473 -80.45 -35.43 4.72
CA LYS HA 473 -79.06 -35.85 4.58
C LYS HA 473 -78.97 -36.82 3.40
N ILE HA 474 -78.30 -36.40 2.34
CA ILE HA 474 -78.12 -37.26 1.18
C ILE HA 474 -76.97 -38.22 1.43
N SER HA 475 -77.23 -39.51 1.25
CA SER HA 475 -76.23 -40.55 1.46
C SER HA 475 -75.73 -41.08 0.13
N VAL HA 476 -74.67 -41.88 0.20
CA VAL HA 476 -74.08 -42.48 -0.99
C VAL HA 476 -75.05 -43.45 -1.65
N ASN HA 477 -75.83 -44.17 -0.85
CA ASN HA 477 -76.78 -45.11 -1.41
C ASN HA 477 -77.85 -44.41 -2.23
N ASP HA 478 -78.16 -43.16 -1.91
CA ASP HA 478 -79.11 -42.40 -2.73
C ASP HA 478 -78.56 -42.14 -4.13
N PHE HA 479 -77.30 -41.72 -4.21
CA PHE HA 479 -76.65 -41.58 -5.51
C PHE HA 479 -76.64 -42.90 -6.25
N ILE HA 480 -76.33 -43.99 -5.55
CA ILE HA 480 -76.26 -45.29 -6.19
C ILE HA 480 -77.63 -45.71 -6.73
N ILE HA 481 -78.69 -45.47 -5.95
CA ILE HA 481 -80.04 -45.84 -6.39
C ILE HA 481 -80.47 -45.03 -7.61
N LYS HA 482 -80.23 -43.72 -7.57
CA LYS HA 482 -80.62 -42.88 -8.70
C LYS HA 482 -79.82 -43.24 -9.96
N ALA HA 483 -78.52 -43.50 -9.80
CA ALA HA 483 -77.71 -43.89 -10.93
C ALA HA 483 -78.15 -45.24 -11.50
N SER HA 484 -78.51 -46.17 -10.63
CA SER HA 484 -79.03 -47.46 -11.09
C SER HA 484 -80.33 -47.29 -11.86
N ALA HA 485 -81.21 -46.40 -11.37
CA ALA HA 485 -82.46 -46.16 -12.08
C ALA HA 485 -82.21 -45.55 -13.46
N LEU HA 486 -81.30 -44.59 -13.55
CA LEU HA 486 -81.00 -43.99 -14.85
C LEU HA 486 -80.35 -45.00 -15.80
N ALA HA 487 -79.46 -45.85 -15.27
CA ALA HA 487 -78.86 -46.89 -16.10
C ALA HA 487 -79.91 -47.88 -16.57
N CYS HA 488 -80.87 -48.21 -15.71
CA CYS HA 488 -81.97 -49.07 -16.12
C CYS HA 488 -82.81 -48.45 -17.22
N LEU HA 489 -83.04 -47.13 -17.14
CA LEU HA 489 -83.73 -46.45 -18.22
C LEU HA 489 -82.95 -46.53 -19.53
N LYS HA 490 -81.63 -46.32 -19.45
CA LYS HA 490 -80.82 -46.34 -20.67
C LYS HA 490 -80.75 -47.75 -21.27
N VAL HA 491 -80.67 -48.77 -20.42
CA VAL HA 491 -80.55 -50.16 -20.88
C VAL HA 491 -81.70 -50.96 -20.29
N PRO HA 492 -82.87 -50.99 -20.96
CA PRO HA 492 -84.06 -51.61 -20.35
C PRO HA 492 -83.97 -53.13 -20.22
N GLU HA 493 -82.96 -53.78 -20.80
CA GLU HA 493 -82.86 -55.23 -20.69
C GLU HA 493 -82.63 -55.64 -19.24
N ALA HA 494 -81.82 -54.88 -18.50
CA ALA HA 494 -81.65 -55.16 -17.07
C ALA HA 494 -82.91 -54.91 -16.28
N ASN HA 495 -83.90 -54.23 -16.86
CA ASN HA 495 -85.19 -53.98 -16.23
C ASN HA 495 -86.28 -54.87 -16.78
N SER HA 496 -85.97 -56.14 -17.05
CA SER HA 496 -86.92 -57.09 -17.60
C SER HA 496 -87.14 -58.23 -16.62
N SER HA 497 -88.03 -59.14 -17.02
CA SER HA 497 -88.37 -60.33 -16.25
C SER HA 497 -88.70 -61.47 -17.20
N TRP HA 498 -88.19 -62.65 -16.88
CA TRP HA 498 -88.42 -63.83 -17.71
C TRP HA 498 -89.66 -64.57 -17.19
N LEU HA 499 -90.68 -64.67 -18.05
CA LEU HA 499 -91.97 -65.27 -17.69
C LEU HA 499 -92.19 -66.58 -18.45
N ASP HA 500 -91.12 -67.13 -19.02
CA ASP HA 500 -91.09 -68.44 -19.66
C ASP HA 500 -91.85 -68.47 -20.98
N THR HA 501 -92.56 -67.38 -21.30
CA THR HA 501 -93.21 -67.23 -22.60
C THR HA 501 -92.88 -65.89 -23.25
N VAL HA 502 -92.79 -64.82 -22.46
CA VAL HA 502 -92.43 -63.50 -22.93
C VAL HA 502 -91.43 -62.89 -21.95
N ILE HA 503 -90.68 -61.90 -22.44
CA ILE HA 503 -89.76 -61.15 -21.61
C ILE HA 503 -90.41 -59.81 -21.29
N ARG HA 504 -90.93 -59.68 -20.09
CA ARG HA 504 -91.64 -58.46 -19.68
C ARG HA 504 -90.63 -57.37 -19.43
N GLN HA 505 -90.62 -56.35 -20.28
CA GLN HA 505 -89.68 -55.24 -20.17
C GLN HA 505 -90.35 -54.08 -19.44
N ASN HA 506 -90.07 -53.95 -18.14
CA ASN HA 506 -90.75 -52.94 -17.35
C ASN HA 506 -90.27 -51.54 -17.73
N HIS HA 507 -91.23 -50.64 -17.93
CA HIS HA 507 -90.94 -49.27 -18.30
C HIS HA 507 -90.74 -48.35 -17.10
N VAL HA 508 -91.04 -48.83 -15.90
CA VAL HA 508 -90.79 -48.08 -14.67
C VAL HA 508 -89.70 -48.80 -13.89
N VAL HA 509 -89.00 -48.05 -13.05
CA VAL HA 509 -87.88 -48.57 -12.29
C VAL HA 509 -88.26 -48.51 -10.82
N ASP HA 510 -88.54 -49.67 -10.23
CA ASP HA 510 -88.87 -49.79 -8.81
C ASP HA 510 -87.71 -50.51 -8.14
N ILE HA 511 -86.88 -49.74 -7.42
CA ILE HA 511 -85.62 -50.26 -6.88
C ILE HA 511 -85.88 -50.84 -5.50
N SER HA 512 -85.81 -52.17 -5.38
CA SER HA 512 -85.76 -52.79 -4.07
C SER HA 512 -84.40 -52.51 -3.44
N VAL HA 513 -84.40 -52.20 -2.15
CA VAL HA 513 -83.17 -51.91 -1.42
C VAL HA 513 -83.04 -52.92 -0.30
N ALA HA 514 -81.96 -53.70 -0.31
CA ALA HA 514 -81.77 -54.71 0.73
C ALA HA 514 -81.43 -54.04 2.04
N VAL HA 515 -82.16 -54.39 3.09
CA VAL HA 515 -81.97 -53.85 4.44
C VAL HA 515 -81.89 -55.02 5.40
N SER HA 516 -80.90 -54.98 6.28
CA SER HA 516 -80.73 -56.03 7.28
C SER HA 516 -81.38 -55.62 8.58
N THR HA 517 -82.27 -56.47 9.08
CA THR HA 517 -83.00 -56.28 10.33
C THR HA 517 -82.76 -57.51 11.18
N PRO HA 518 -83.04 -57.44 12.48
CA PRO HA 518 -82.84 -58.63 13.34
C PRO HA 518 -83.64 -59.84 12.89
N ALA HA 519 -84.72 -59.65 12.14
CA ALA HA 519 -85.52 -60.75 11.63
C ALA HA 519 -85.03 -61.29 10.29
N GLY HA 520 -84.06 -60.64 9.66
CA GLY HA 520 -83.50 -61.11 8.41
C GLY HA 520 -83.31 -60.00 7.39
N LEU HA 521 -83.28 -60.40 6.13
CA LEU HA 521 -83.12 -59.44 5.04
C LEU HA 521 -84.48 -59.11 4.44
N ILE HA 522 -84.76 -57.81 4.32
CA ILE HA 522 -86.03 -57.35 3.75
C ILE HA 522 -85.73 -56.30 2.69
N THR HA 523 -86.59 -56.23 1.68
CA THR HA 523 -86.34 -55.42 0.49
C THR HA 523 -87.48 -54.42 0.28
N PRO HA 524 -87.48 -53.31 1.03
CA PRO HA 524 -88.42 -52.24 0.73
C PRO HA 524 -88.14 -51.63 -0.63
N ILE HA 525 -89.20 -51.23 -1.32
CA ILE HA 525 -89.13 -50.81 -2.72
C ILE HA 525 -89.29 -49.29 -2.79
N VAL HA 526 -88.31 -48.62 -3.40
CA VAL HA 526 -88.43 -47.22 -3.77
C VAL HA 526 -89.03 -47.21 -5.17
N PHE HA 527 -90.29 -46.81 -5.27
CA PHE HA 527 -90.98 -46.79 -6.55
C PHE HA 527 -90.60 -45.54 -7.34
N ASN HA 528 -90.57 -45.67 -8.67
CA ASN HA 528 -90.30 -44.56 -9.57
C ASN HA 528 -89.00 -43.85 -9.23
N ALA HA 529 -87.95 -44.64 -8.97
CA ALA HA 529 -86.66 -44.07 -8.66
C ALA HA 529 -86.04 -43.40 -9.88
N HIS HA 530 -86.58 -43.67 -11.07
CA HIS HA 530 -86.05 -43.03 -12.27
C HIS HA 530 -86.51 -41.59 -12.41
N ILE HA 531 -87.58 -41.22 -11.69
CA ILE HA 531 -88.08 -39.85 -11.71
C ILE HA 531 -87.98 -39.15 -10.36
N LYS HA 532 -87.83 -39.89 -9.27
CA LYS HA 532 -87.66 -39.27 -7.97
C LYS HA 532 -86.29 -38.61 -7.87
N GLY HA 533 -86.23 -37.50 -7.12
CA GLY HA 533 -84.97 -36.84 -6.91
C GLY HA 533 -84.17 -37.46 -5.79
N LEU HA 534 -82.96 -36.94 -5.59
CA LEU HA 534 -82.09 -37.49 -4.54
C LEU HA 534 -82.67 -37.30 -3.16
N GLU HA 535 -83.29 -36.13 -2.90
CA GLU HA 535 -83.93 -35.92 -1.61
C GLU HA 535 -85.12 -36.84 -1.41
N THR HA 536 -85.96 -37.00 -2.43
CA THR HA 536 -87.10 -37.90 -2.30
C THR HA 536 -86.62 -39.32 -2.08
N ILE HA 537 -85.59 -39.75 -2.81
CA ILE HA 537 -85.05 -41.10 -2.64
C ILE HA 537 -84.50 -41.27 -1.24
N ALA HA 538 -83.76 -40.29 -0.74
CA ALA HA 538 -83.16 -40.39 0.59
C ALA HA 538 -84.24 -40.47 1.67
N ASN HA 539 -85.25 -39.61 1.59
CA ASN HA 539 -86.33 -39.64 2.57
C ASN HA 539 -87.10 -40.95 2.49
N ASP HA 540 -87.38 -41.44 1.29
CA ASP HA 540 -88.07 -42.71 1.13
C ASP HA 540 -87.26 -43.86 1.73
N VAL HA 541 -85.96 -43.87 1.47
CA VAL HA 541 -85.10 -44.92 2.00
C VAL HA 541 -85.07 -44.89 3.52
N VAL HA 542 -84.96 -43.69 4.10
CA VAL HA 542 -84.93 -43.58 5.55
C VAL HA 542 -86.25 -44.07 6.15
N SER HA 543 -87.37 -43.65 5.56
CA SER HA 543 -88.68 -44.04 6.09
C SER HA 543 -88.89 -45.55 5.97
N LEU HA 544 -88.56 -46.13 4.83
CA LEU HA 544 -88.76 -47.56 4.64
C LEU HA 544 -87.80 -48.37 5.50
N ALA HA 545 -86.57 -47.88 5.71
CA ALA HA 545 -85.66 -48.56 6.61
C ALA HA 545 -86.17 -48.55 8.03
N THR HA 546 -86.71 -47.41 8.48
CA THR HA 546 -87.31 -47.35 9.81
C THR HA 546 -88.48 -48.32 9.93
N LYS HA 547 -89.33 -48.36 8.91
CA LYS HA 547 -90.47 -49.29 8.93
C LYS HA 547 -89.99 -50.73 8.97
N ALA HA 548 -88.95 -51.06 8.19
CA ALA HA 548 -88.43 -52.42 8.16
C ALA HA 548 -87.85 -52.81 9.51
N ARG HA 549 -87.09 -51.91 10.13
CA ARG HA 549 -86.51 -52.20 11.43
C ARG HA 549 -87.59 -52.32 12.50
N GLU HA 550 -88.67 -51.57 12.38
CA GLU HA 550 -89.77 -51.66 13.33
C GLU HA 550 -90.76 -52.77 12.99
N GLY HA 551 -90.57 -53.46 11.86
CA GLY HA 551 -91.45 -54.56 11.50
C GLY HA 551 -92.83 -54.14 11.04
N LYS HA 552 -92.96 -52.92 10.51
CA LYS HA 552 -94.25 -52.38 10.12
C LYS HA 552 -94.44 -52.31 8.61
N LEU HA 553 -93.61 -53.01 7.84
CA LEU HA 553 -93.73 -52.95 6.38
C LEU HA 553 -94.95 -53.70 5.90
N GLN HA 554 -95.71 -53.08 5.01
CA GLN HA 554 -96.84 -53.72 4.36
C GLN HA 554 -96.33 -54.60 3.20
N PRO HA 555 -97.09 -55.64 2.85
CA PRO HA 555 -96.62 -56.55 1.78
C PRO HA 555 -96.35 -55.86 0.45
N HIS HA 556 -97.16 -54.87 0.09
CA HIS HA 556 -96.94 -54.16 -1.17
C HIS HA 556 -95.70 -53.29 -1.14
N GLU HA 557 -95.20 -52.96 0.04
CA GLU HA 557 -94.01 -52.12 0.16
C GLU HA 557 -92.70 -52.88 0.00
N PHE HA 558 -92.73 -54.22 0.00
CA PHE HA 558 -91.53 -55.00 -0.22
C PHE HA 558 -91.69 -56.14 -1.22
N GLN HA 559 -92.90 -56.40 -1.73
CA GLN HA 559 -93.11 -57.42 -2.74
C GLN HA 559 -93.16 -56.77 -4.11
N GLY HA 560 -92.39 -57.30 -5.05
CA GLY HA 560 -92.35 -56.76 -6.39
C GLY HA 560 -91.00 -56.20 -6.76
N GLY HA 561 -90.99 -55.00 -7.35
CA GLY HA 561 -89.76 -54.37 -7.77
C GLY HA 561 -89.28 -54.85 -9.13
N THR HA 562 -88.36 -54.09 -9.71
CA THR HA 562 -87.80 -54.40 -11.00
C THR HA 562 -86.27 -54.54 -10.99
N PHE HA 563 -85.61 -54.07 -9.94
CA PHE HA 563 -84.17 -54.09 -9.84
C PHE HA 563 -83.79 -53.93 -8.38
N THR HA 564 -82.87 -54.76 -7.91
CA THR HA 564 -82.51 -54.80 -6.49
C THR HA 564 -81.09 -54.29 -6.30
N ILE HA 565 -80.88 -53.56 -5.20
CA ILE HA 565 -79.58 -53.07 -4.80
C ILE HA 565 -79.29 -53.56 -3.39
N SER HA 566 -78.21 -54.31 -3.23
CA SER HA 566 -77.74 -54.78 -1.94
C SER HA 566 -76.39 -54.15 -1.65
N ASN HA 567 -76.34 -53.29 -0.65
CA ASN HA 567 -75.13 -52.54 -0.31
C ASN HA 567 -74.59 -53.06 1.01
N LEU HA 568 -73.35 -53.56 1.00
CA LEU HA 568 -72.69 -54.01 2.20
C LEU HA 568 -71.37 -53.27 2.45
N GLY HA 569 -71.24 -52.06 1.93
CA GLY HA 569 -70.00 -51.32 2.12
C GLY HA 569 -69.84 -50.83 3.55
N MET HA 570 -70.95 -50.69 4.28
CA MET HA 570 -70.88 -50.26 5.66
C MET HA 570 -70.24 -51.33 6.55
N PHE HA 571 -70.17 -52.57 6.09
CA PHE HA 571 -69.58 -53.66 6.85
C PHE HA 571 -68.16 -53.98 6.42
N GLY HA 572 -67.58 -53.18 5.52
CA GLY HA 572 -66.20 -53.39 5.13
C GLY HA 572 -65.98 -54.40 4.02
N ILE HA 573 -67.03 -54.87 3.36
CA ILE HA 573 -66.88 -55.84 2.29
C ILE HA 573 -66.29 -55.14 1.07
N LYS HA 574 -65.19 -55.69 0.55
CA LYS HA 574 -64.58 -55.14 -0.66
C LYS HA 574 -65.51 -55.31 -1.87
N ASN HA 575 -65.98 -56.55 -2.08
CA ASN HA 575 -66.97 -56.82 -3.10
C ASN HA 575 -67.63 -58.16 -2.79
N PHE HA 576 -68.81 -58.37 -3.37
CA PHE HA 576 -69.53 -59.62 -3.16
C PHE HA 576 -70.51 -59.84 -4.30
N SER HA 577 -70.99 -61.07 -4.41
CA SER HA 577 -71.94 -61.48 -5.44
C SER HA 577 -73.22 -61.92 -4.76
N ALA HA 578 -74.32 -61.26 -5.10
CA ALA HA 578 -75.59 -61.55 -4.46
C ALA HA 578 -76.42 -62.52 -5.29
N ILE HA 579 -77.59 -62.88 -4.76
CA ILE HA 579 -78.52 -63.76 -5.45
C ILE HA 579 -79.65 -62.93 -6.03
N ILE HA 580 -80.00 -63.18 -7.29
CA ILE HA 580 -81.05 -62.42 -7.94
C ILE HA 580 -82.39 -62.71 -7.27
N ASN HA 581 -83.09 -61.66 -6.88
CA ASN HA 581 -84.41 -61.80 -6.26
C ASN HA 581 -85.45 -61.98 -7.36
N PRO HA 582 -86.16 -63.10 -7.38
CA PRO HA 582 -87.11 -63.35 -8.46
C PRO HA 582 -88.30 -62.41 -8.37
N PRO HA 583 -88.98 -62.13 -9.50
CA PRO HA 583 -88.69 -62.59 -10.86
C PRO HA 583 -87.79 -61.62 -11.62
N GLN HA 584 -87.06 -60.76 -10.92
CA GLN HA 584 -86.23 -59.76 -11.56
C GLN HA 584 -85.06 -60.42 -12.30
N ALA HA 585 -84.36 -59.62 -13.10
CA ALA HA 585 -83.30 -60.13 -13.95
C ALA HA 585 -81.90 -59.76 -13.48
N CYS HA 586 -81.77 -58.81 -12.57
CA CYS HA 586 -80.46 -58.36 -12.13
C CYS HA 586 -80.51 -57.94 -10.66
N ILE HA 587 -79.34 -57.87 -10.05
CA ILE HA 587 -79.17 -57.34 -8.70
C ILE HA 587 -77.77 -56.74 -8.60
N LEU HA 588 -77.68 -55.52 -8.08
CA LEU HA 588 -76.42 -54.81 -7.97
C LEU HA 588 -75.89 -54.94 -6.55
N ALA HA 589 -74.72 -55.56 -6.42
CA ALA HA 589 -74.07 -55.75 -5.14
C ALA HA 589 -72.97 -54.70 -4.99
N VAL HA 590 -73.06 -53.89 -3.94
CA VAL HA 590 -72.17 -52.75 -3.73
C VAL HA 590 -71.28 -53.06 -2.54
N GLY HA 591 -69.96 -52.91 -2.74
CA GLY HA 591 -68.99 -53.09 -1.68
C GLY HA 591 -68.57 -51.77 -1.06
N ALA HA 592 -67.49 -51.82 -0.30
CA ALA HA 592 -66.99 -50.65 0.39
C ALA HA 592 -66.10 -49.81 -0.53
N SER HA 593 -66.04 -48.51 -0.24
CA SER HA 593 -65.18 -47.60 -0.98
C SER HA 593 -63.88 -47.39 -0.24
N GLU HA 594 -62.77 -47.57 -0.94
CA GLU HA 594 -61.43 -47.50 -0.36
C GLU HA 594 -60.53 -46.64 -1.23
N ASP HA 595 -59.53 -46.02 -0.60
CA ASP HA 595 -58.56 -45.18 -1.30
C ASP HA 595 -57.51 -46.06 -1.98
N ARG HA 596 -57.27 -45.82 -3.26
CA ARG HA 596 -56.31 -46.58 -4.03
C ARG HA 596 -55.43 -45.65 -4.85
N LEU HA 597 -54.16 -46.03 -5.01
CA LEU HA 597 -53.25 -45.27 -5.86
C LEU HA 597 -53.43 -45.63 -7.32
N PHE HA 598 -53.40 -44.61 -8.17
CA PHE HA 598 -53.49 -44.82 -9.61
C PHE HA 598 -52.52 -43.89 -10.32
N PRO HA 599 -51.94 -44.32 -11.43
CA PRO HA 599 -50.96 -43.50 -12.14
C PRO HA 599 -51.57 -42.18 -12.62
N ALA HA 600 -50.77 -41.12 -12.57
CA ALA HA 600 -51.18 -39.81 -13.03
C ALA HA 600 -49.98 -39.08 -13.61
N ASP HA 601 -50.27 -38.13 -14.50
CA ASP HA 601 -49.21 -37.35 -15.16
C ASP HA 601 -48.87 -36.13 -14.31
N ASN HA 602 -48.30 -36.41 -13.14
CA ASN HA 602 -47.87 -35.36 -12.22
C ASN HA 602 -46.47 -35.68 -11.73
N GLU HA 603 -45.95 -34.79 -10.87
CA GLU HA 603 -44.59 -34.95 -10.35
C GLU HA 603 -44.46 -36.22 -9.51
N LYS HA 604 -45.43 -36.48 -8.63
CA LYS HA 604 -45.37 -37.67 -7.79
C LYS HA 604 -45.56 -38.95 -8.59
N GLY HA 605 -46.17 -38.87 -9.77
CA GLY HA 605 -46.41 -40.05 -10.59
C GLY HA 605 -47.64 -40.84 -10.22
N PHE HA 606 -48.43 -40.38 -9.24
CA PHE HA 606 -49.63 -41.10 -8.83
C PHE HA 606 -50.59 -40.15 -8.16
N ASP HA 607 -51.83 -40.60 -7.99
CA ASP HA 607 -52.87 -39.86 -7.30
C ASP HA 607 -53.67 -40.83 -6.44
N VAL HA 608 -54.48 -40.27 -5.54
CA VAL HA 608 -55.32 -41.04 -4.63
C VAL HA 608 -56.77 -40.82 -5.01
N ALA HA 609 -57.48 -41.91 -5.28
CA ALA HA 609 -58.89 -41.85 -5.65
C ALA HA 609 -59.68 -42.85 -4.81
N SER HA 610 -60.84 -42.43 -4.33
CA SER HA 610 -61.72 -43.30 -3.55
C SER HA 610 -62.58 -44.10 -4.51
N MET HA 611 -62.27 -45.38 -4.68
CA MET HA 611 -62.96 -46.24 -5.62
C MET HA 611 -63.86 -47.23 -4.88
N MET HA 612 -64.98 -47.56 -5.51
CA MET HA 612 -65.98 -48.46 -4.94
C MET HA 612 -66.30 -49.54 -5.97
N SER HA 613 -66.24 -50.79 -5.56
CA SER HA 613 -66.38 -51.94 -6.46
C SER HA 613 -67.81 -52.44 -6.43
N VAL HA 614 -68.41 -52.60 -7.61
CA VAL HA 614 -69.77 -53.09 -7.71
C VAL HA 614 -69.81 -54.33 -8.60
N THR HA 615 -70.62 -55.31 -8.20
CA THR HA 615 -70.79 -56.56 -8.92
C THR HA 615 -72.25 -56.75 -9.25
N LEU HA 616 -72.58 -56.66 -10.53
CA LEU HA 616 -73.93 -56.89 -11.02
C LEU HA 616 -74.09 -58.36 -11.36
N SER HA 617 -75.07 -59.01 -10.73
CA SER HA 617 -75.41 -60.40 -11.04
C SER HA 617 -76.59 -60.41 -11.99
N CYS HA 618 -76.41 -61.04 -13.16
CA CYS HA 618 -77.38 -60.96 -14.24
C CYS HA 618 -77.92 -62.35 -14.57
N ASP HA 619 -79.19 -62.38 -14.95
CA ASP HA 619 -79.82 -63.57 -15.49
C ASP HA 619 -79.44 -63.71 -16.95
N HIS HA 620 -78.69 -64.75 -17.29
CA HIS HA 620 -78.14 -64.87 -18.64
C HIS HA 620 -79.21 -65.18 -19.68
N ARG HA 621 -80.42 -65.59 -19.28
CA ARG HA 621 -81.51 -65.72 -20.24
C ARG HA 621 -81.94 -64.37 -20.79
N VAL HA 622 -81.92 -63.33 -19.95
CA VAL HA 622 -82.41 -62.01 -20.31
C VAL HA 622 -81.27 -61.06 -20.68
N VAL HA 623 -80.23 -61.01 -19.85
CA VAL HA 623 -79.14 -60.07 -20.02
C VAL HA 623 -77.89 -60.85 -20.40
N ASP HA 624 -77.40 -60.64 -21.63
CA ASP HA 624 -76.15 -61.26 -22.03
C ASP HA 624 -74.97 -60.39 -21.59
N GLY HA 625 -73.77 -60.88 -21.89
CA GLY HA 625 -72.57 -60.22 -21.40
C GLY HA 625 -72.42 -58.79 -21.88
N ALA HA 626 -72.69 -58.56 -23.17
CA ALA HA 626 -72.57 -57.21 -23.72
C ALA HA 626 -73.57 -56.26 -23.08
N VAL HA 627 -74.81 -56.70 -22.88
CA VAL HA 627 -75.81 -55.85 -22.27
C VAL HA 627 -75.45 -55.53 -20.82
N GLY HA 628 -75.01 -56.54 -20.06
CA GLY HA 628 -74.59 -56.28 -18.69
C GLY HA 628 -73.43 -55.32 -18.61
N ALA HA 629 -72.44 -55.48 -19.50
CA ALA HA 629 -71.30 -54.57 -19.53
C ALA HA 629 -71.72 -53.16 -19.89
N GLN HA 630 -72.66 -53.02 -20.84
CA GLN HA 630 -73.16 -51.70 -21.19
C GLN HA 630 -73.87 -51.05 -20.02
N TRP HA 631 -74.68 -51.82 -19.30
CA TRP HA 631 -75.36 -51.29 -18.11
C TRP HA 631 -74.35 -50.81 -17.08
N LEU HA 632 -73.32 -51.62 -16.82
CA LEU HA 632 -72.31 -51.23 -15.84
C LEU HA 632 -71.54 -49.99 -16.29
N ALA HA 633 -71.28 -49.87 -17.60
CA ALA HA 633 -70.60 -48.70 -18.11
C ALA HA 633 -71.45 -47.44 -17.93
N GLU HA 634 -72.75 -47.53 -18.22
CA GLU HA 634 -73.62 -46.38 -18.01
C GLU HA 634 -73.70 -46.01 -16.53
N PHE HA 635 -73.81 -47.00 -15.66
CA PHE HA 635 -73.84 -46.76 -14.22
C PHE HA 635 -72.56 -46.07 -13.76
N ARG HA 636 -71.41 -46.53 -14.26
CA ARG HA 636 -70.13 -45.94 -13.89
C ARG HA 636 -70.04 -44.50 -14.38
N LYS HA 637 -70.49 -44.24 -15.61
CA LYS HA 637 -70.46 -42.87 -16.12
C LYS HA 637 -71.32 -41.95 -15.29
N TYR HA 638 -72.54 -42.40 -14.94
CA TYR HA 638 -73.42 -41.59 -14.11
C TYR HA 638 -72.79 -41.28 -12.77
N LEU HA 639 -72.15 -42.27 -12.14
CA LEU HA 639 -71.56 -42.01 -10.83
C LEU HA 639 -70.31 -41.13 -10.93
N GLU HA 640 -69.47 -41.35 -11.94
CA GLU HA 640 -68.24 -40.57 -12.06
C GLU HA 640 -68.49 -39.13 -12.50
N LYS HA 641 -69.61 -38.85 -13.14
CA LYS HA 641 -70.00 -37.47 -13.46
C LYS HA 641 -71.43 -37.24 -12.98
N PRO HA 642 -71.59 -36.81 -11.72
CA PRO HA 642 -72.94 -36.61 -11.18
C PRO HA 642 -73.74 -35.53 -11.87
N ILE HA 643 -73.08 -34.64 -12.62
CA ILE HA 643 -73.82 -33.62 -13.35
C ILE HA 643 -74.57 -34.22 -14.54
N THR HA 644 -74.03 -35.29 -15.13
CA THR HA 644 -74.74 -35.99 -16.20
C THR HA 644 -76.00 -36.67 -15.70
N MET HA 645 -76.17 -36.79 -14.39
CA MET HA 645 -77.36 -37.36 -13.79
C MET HA 645 -78.58 -36.47 -14.02
N LEU HA 646 -78.38 -35.22 -14.43
CA LEU HA 646 -79.45 -34.30 -14.78
C LEU HA 646 -80.03 -34.56 -16.16
N LEU HA 647 -79.28 -35.21 -17.04
CA LEU HA 647 -79.75 -35.47 -18.40
C LEU HA 647 -80.87 -36.51 -18.41
N PHE IA 420 -15.27 -88.11 64.51
CA PHE IA 420 -16.28 -87.18 65.01
C PHE IA 420 -16.19 -87.01 66.52
N THR IA 421 -16.93 -86.06 67.05
CA THR IA 421 -17.00 -85.78 68.48
C THR IA 421 -18.46 -85.58 68.87
N ASP IA 422 -18.89 -86.29 69.91
CA ASP IA 422 -20.26 -86.21 70.40
C ASP IA 422 -20.32 -85.18 71.53
N ILE IA 423 -20.93 -84.04 71.27
CA ILE IA 423 -21.08 -82.97 72.26
C ILE IA 423 -22.42 -83.17 72.96
N PRO IA 424 -22.44 -83.39 74.28
CA PRO IA 424 -23.71 -83.57 74.97
C PRO IA 424 -24.60 -82.34 74.85
N ILE IA 425 -25.90 -82.57 74.77
CA ILE IA 425 -26.88 -81.49 74.64
C ILE IA 425 -27.27 -81.01 76.03
N SER IA 426 -27.09 -79.71 76.29
CA SER IA 426 -27.49 -79.16 77.56
C SER IA 426 -29.01 -79.07 77.65
N ASN IA 427 -29.51 -78.90 78.88
CA ASN IA 427 -30.95 -78.79 79.07
C ASN IA 427 -31.49 -77.50 78.46
N ILE IA 428 -30.71 -76.43 78.52
CA ILE IA 428 -31.13 -75.17 77.89
C ILE IA 428 -31.27 -75.36 76.38
N ARG IA 429 -30.29 -76.02 75.76
CA ARG IA 429 -30.36 -76.28 74.33
C ARG IA 429 -31.52 -77.21 74.01
N ARG IA 430 -31.80 -78.18 74.87
CA ARG IA 430 -32.94 -79.07 74.66
C ARG IA 430 -34.25 -78.29 74.70
N VAL IA 431 -34.37 -77.34 75.65
CA VAL IA 431 -35.58 -76.53 75.74
C VAL IA 431 -35.72 -75.66 74.49
N ILE IA 432 -34.63 -75.06 74.04
CA ILE IA 432 -34.69 -74.21 72.85
C ILE IA 432 -35.09 -75.04 71.63
N ALA IA 433 -34.49 -76.22 71.48
CA ALA IA 433 -34.82 -77.09 70.37
C ALA IA 433 -36.28 -77.54 70.41
N GLN IA 434 -36.77 -77.86 71.61
CA GLN IA 434 -38.17 -78.27 71.74
C GLN IA 434 -39.10 -77.12 71.37
N ARG IA 435 -38.77 -75.90 71.80
CA ARG IA 435 -39.59 -74.75 71.41
C ARG IA 435 -39.59 -74.54 69.90
N LEU IA 436 -38.42 -74.66 69.27
CA LEU IA 436 -38.35 -74.47 67.82
C LEU IA 436 -39.13 -75.53 67.07
N MET IA 437 -39.00 -76.80 67.49
CA MET IA 437 -39.76 -77.86 66.86
C MET IA 437 -41.27 -77.65 67.06
N GLN IA 438 -41.68 -77.25 68.26
CA GLN IA 438 -43.08 -76.96 68.51
C GLN IA 438 -43.58 -75.87 67.58
N SER IA 439 -42.79 -74.81 67.42
CA SER IA 439 -43.18 -73.72 66.52
C SER IA 439 -43.34 -74.22 65.09
N LYS IA 440 -42.37 -75.01 64.60
CA LYS IA 440 -42.41 -75.41 63.20
C LYS IA 440 -43.47 -76.46 62.93
N GLN IA 441 -43.89 -77.22 63.95
CA GLN IA 441 -44.96 -78.19 63.72
C GLN IA 441 -46.35 -77.61 63.97
N THR IA 442 -46.48 -76.59 64.81
CA THR IA 442 -47.80 -76.08 65.16
C THR IA 442 -48.12 -74.72 64.56
N ILE IA 443 -47.20 -74.09 63.86
CA ILE IA 443 -47.41 -72.77 63.27
C ILE IA 443 -47.17 -72.87 61.77
N PRO IA 444 -48.18 -72.67 60.92
CA PRO IA 444 -47.96 -72.69 59.47
C PRO IA 444 -47.30 -71.42 58.97
N HIS IA 445 -45.97 -71.37 59.03
CA HIS IA 445 -45.23 -70.18 58.64
C HIS IA 445 -45.42 -69.86 57.17
N TYR IA 446 -45.49 -68.58 56.84
CA TYR IA 446 -45.30 -68.13 55.47
C TYR IA 446 -44.61 -66.77 55.49
N TYR IA 447 -43.74 -66.54 54.51
CA TYR IA 447 -42.76 -65.46 54.58
C TYR IA 447 -43.01 -64.44 53.48
N LEU IA 448 -42.98 -63.16 53.85
CA LEU IA 448 -43.11 -62.06 52.89
C LEU IA 448 -41.92 -61.11 53.03
N SER IA 449 -41.29 -60.77 51.91
CA SER IA 449 -40.07 -59.97 51.93
C SER IA 449 -40.27 -58.69 51.14
N VAL IA 450 -39.72 -57.58 51.66
CA VAL IA 450 -39.72 -56.29 50.97
C VAL IA 450 -38.36 -55.62 51.16
N ASP IA 451 -38.15 -54.54 50.41
CA ASP IA 451 -36.97 -53.72 50.53
C ASP IA 451 -37.34 -52.32 51.01
N VAL IA 452 -36.56 -51.81 51.95
CA VAL IA 452 -36.81 -50.52 52.59
C VAL IA 452 -35.62 -49.61 52.33
N ASN IA 453 -35.89 -48.39 51.89
CA ASN IA 453 -34.85 -47.40 51.63
C ASN IA 453 -34.39 -46.80 52.95
N MET IA 454 -33.09 -46.85 53.21
CA MET IA 454 -32.54 -46.49 54.51
C MET IA 454 -31.87 -45.12 54.54
N GLY IA 455 -31.91 -44.35 53.45
CA GLY IA 455 -31.19 -43.09 53.40
C GLY IA 455 -31.70 -42.08 54.41
N GLU IA 456 -33.02 -41.91 54.47
CA GLU IA 456 -33.61 -40.96 55.40
C GLU IA 456 -33.35 -41.37 56.84
N VAL IA 457 -33.45 -42.67 57.12
CA VAL IA 457 -33.16 -43.16 58.46
C VAL IA 457 -31.71 -42.88 58.84
N LEU IA 458 -30.78 -43.10 57.91
CA LEU IA 458 -29.38 -42.83 58.19
C LEU IA 458 -29.14 -41.35 58.46
N LEU IA 459 -29.75 -40.47 57.66
CA LEU IA 459 -29.58 -39.04 57.86
C LEU IA 459 -30.14 -38.60 59.22
N VAL IA 460 -31.35 -39.06 59.54
CA VAL IA 460 -31.97 -38.69 60.81
C VAL IA 460 -31.15 -39.24 61.97
N ARG IA 461 -30.64 -40.46 61.84
CA ARG IA 461 -29.84 -41.05 62.91
C ARG IA 461 -28.55 -40.27 63.11
N LYS IA 462 -27.91 -39.84 62.02
CA LYS IA 462 -26.71 -39.04 62.15
C LYS IA 462 -26.99 -37.73 62.86
N GLU IA 463 -28.08 -37.04 62.49
CA GLU IA 463 -28.42 -35.79 63.14
C GLU IA 463 -28.73 -36.00 64.62
N LEU IA 464 -29.49 -37.04 64.94
CA LEU IA 464 -29.83 -37.32 66.33
C LEU IA 464 -28.60 -37.66 67.15
N ASN IA 465 -27.69 -38.47 66.59
CA ASN IA 465 -26.46 -38.79 67.29
C ASN IA 465 -25.61 -37.55 67.52
N LYS IA 466 -25.56 -36.64 66.54
CA LYS IA 466 -24.81 -35.40 66.70
C LYS IA 466 -25.41 -34.54 67.82
N MET IA 467 -26.73 -34.40 67.87
CA MET IA 467 -27.34 -33.61 68.95
C MET IA 467 -27.27 -34.32 70.30
N LEU IA 468 -27.10 -35.65 70.31
CA LEU IA 468 -26.96 -36.33 71.59
C LEU IA 468 -25.67 -35.98 72.33
N GLU IA 469 -24.61 -35.60 71.60
CA GLU IA 469 -23.34 -35.16 72.21
C GLU IA 469 -22.75 -36.22 73.13
N GLY IA 470 -22.89 -37.50 72.73
CA GLY IA 470 -22.30 -38.60 73.46
C GLY IA 470 -23.10 -39.11 74.64
N ARG IA 471 -24.23 -38.48 74.97
CA ARG IA 471 -25.05 -38.98 76.07
C ARG IA 471 -25.62 -40.35 75.75
N SER IA 472 -26.02 -40.56 74.50
CA SER IA 472 -26.48 -41.87 74.03
C SER IA 472 -26.15 -42.00 72.55
N LYS IA 473 -26.34 -43.20 72.03
CA LYS IA 473 -26.11 -43.49 70.61
C LYS IA 473 -27.27 -44.33 70.10
N ILE IA 474 -27.92 -43.86 69.04
CA ILE IA 474 -29.03 -44.61 68.45
C ILE IA 474 -28.53 -45.43 67.27
N SER IA 475 -28.87 -46.70 67.26
CA SER IA 475 -28.55 -47.60 66.16
C SER IA 475 -29.75 -47.75 65.23
N VAL IA 476 -29.50 -48.33 64.06
CA VAL IA 476 -30.58 -48.55 63.10
C VAL IA 476 -31.61 -49.52 63.66
N ASN IA 477 -31.18 -50.42 64.54
CA ASN IA 477 -32.13 -51.36 65.14
C ASN IA 477 -33.14 -50.65 66.03
N ASP IA 478 -32.78 -49.51 66.61
CA ASP IA 478 -33.75 -48.74 67.38
C ASP IA 478 -34.85 -48.18 66.48
N PHE IA 479 -34.46 -47.63 65.32
CA PHE IA 479 -35.45 -47.20 64.35
C PHE IA 479 -36.32 -48.36 63.90
N ILE IA 480 -35.71 -49.52 63.68
CA ILE IA 480 -36.47 -50.70 63.26
C ILE IA 480 -37.48 -51.11 64.32
N ILE IA 481 -37.07 -51.09 65.59
CA ILE IA 481 -37.97 -51.46 66.67
C ILE IA 481 -39.13 -50.47 66.77
N LYS IA 482 -38.82 -49.18 66.67
CA LYS IA 482 -39.89 -48.18 66.75
C LYS IA 482 -40.87 -48.33 65.59
N ALA IA 483 -40.35 -48.54 64.37
CA ALA IA 483 -41.22 -48.71 63.23
C ALA IA 483 -42.07 -49.97 63.35
N SER IA 484 -41.47 -51.06 63.86
CA SER IA 484 -42.23 -52.29 64.07
C SER IA 484 -43.34 -52.10 65.09
N ALA IA 485 -43.06 -51.38 66.17
CA ALA IA 485 -44.10 -51.14 67.16
C ALA IA 485 -45.23 -50.29 66.59
N LEU IA 486 -44.89 -49.24 65.85
CA LEU IA 486 -45.94 -48.40 65.26
C LEU IA 486 -46.76 -49.17 64.22
N ALA IA 487 -46.09 -50.00 63.41
CA ALA IA 487 -46.81 -50.81 62.43
C ALA IA 487 -47.70 -51.84 63.12
N CYS IA 488 -47.24 -52.39 64.25
CA CYS IA 488 -48.09 -53.30 65.02
C CYS IA 488 -49.31 -52.58 65.58
N LEU IA 489 -49.14 -51.33 66.01
CA LEU IA 489 -50.30 -50.54 66.43
C LEU IA 489 -51.27 -50.34 65.28
N LYS IA 490 -50.75 -50.02 64.09
CA LYS IA 490 -51.63 -49.76 62.94
C LYS IA 490 -52.34 -51.01 62.47
N VAL IA 491 -51.66 -52.16 62.54
CA VAL IA 491 -52.22 -53.44 62.10
C VAL IA 491 -52.15 -54.42 63.27
N PRO IA 492 -53.16 -54.44 64.16
CA PRO IA 492 -53.05 -55.26 65.37
C PRO IA 492 -53.09 -56.76 65.12
N GLU IA 493 -53.40 -57.21 63.90
CA GLU IA 493 -53.43 -58.65 63.63
C GLU IA 493 -52.06 -59.27 63.80
N ALA IA 494 -51.00 -58.56 63.38
CA ALA IA 494 -49.64 -59.03 63.62
C ALA IA 494 -49.28 -59.03 65.09
N ASN IA 495 -50.06 -58.36 65.94
CA ASN IA 495 -49.87 -58.33 67.37
C ASN IA 495 -50.86 -59.25 68.11
N SER IA 496 -51.18 -60.40 67.53
CA SER IA 496 -52.12 -61.33 68.10
C SER IA 496 -51.43 -62.66 68.41
N SER IA 497 -52.20 -63.57 68.99
CA SER IA 497 -51.73 -64.90 69.34
C SER IA 497 -52.88 -65.89 69.20
N TRP IA 498 -52.55 -67.09 68.74
CA TRP IA 498 -53.54 -68.14 68.54
C TRP IA 498 -53.56 -69.05 69.77
N LEU IA 499 -54.72 -69.19 70.39
CA LEU IA 499 -54.88 -69.94 71.62
C LEU IA 499 -55.87 -71.09 71.46
N ASP IA 500 -56.13 -71.46 70.20
CA ASP IA 500 -56.91 -72.63 69.82
C ASP IA 500 -58.40 -72.48 70.12
N THR IA 501 -58.77 -71.41 70.82
CA THR IA 501 -60.17 -71.08 71.05
C THR IA 501 -60.51 -69.63 70.72
N VAL IA 502 -59.58 -68.72 71.01
CA VAL IA 502 -59.75 -67.30 70.69
C VAL IA 502 -58.42 -66.78 70.15
N ILE IA 503 -58.50 -65.65 69.46
CA ILE IA 503 -57.32 -64.95 68.96
C ILE IA 503 -57.06 -63.76 69.87
N ARG IA 504 -56.05 -63.89 70.73
CA ARG IA 504 -55.75 -62.85 71.71
C ARG IA 504 -55.04 -61.70 71.01
N GLN IA 505 -55.71 -60.56 70.90
CA GLN IA 505 -55.17 -59.39 70.21
C GLN IA 505 -54.56 -58.44 71.23
N ASN IA 506 -53.25 -58.49 71.39
CA ASN IA 506 -52.59 -57.68 72.40
C ASN IA 506 -52.65 -56.21 72.04
N HIS IA 507 -53.03 -55.38 73.02
CA HIS IA 507 -53.10 -53.94 72.83
C HIS IA 507 -51.80 -53.22 73.15
N VAL IA 508 -50.83 -53.91 73.73
CA VAL IA 508 -49.50 -53.37 73.98
C VAL IA 508 -48.51 -54.11 73.11
N VAL IA 509 -47.41 -53.44 72.79
CA VAL IA 509 -46.39 -53.99 71.89
C VAL IA 509 -45.13 -54.19 72.72
N ASP IA 510 -44.82 -55.44 73.04
CA ASP IA 510 -43.59 -55.80 73.74
C ASP IA 510 -42.69 -56.51 72.73
N ILE IA 511 -41.65 -55.83 72.28
CA ILE IA 511 -40.81 -56.32 71.19
C ILE IA 511 -39.67 -57.16 71.77
N SER IA 512 -39.72 -58.47 71.55
CA SER IA 512 -38.56 -59.30 71.81
C SER IA 512 -37.49 -59.01 70.76
N VAL IA 513 -36.24 -58.93 71.20
CA VAL IA 513 -35.12 -58.64 70.32
C VAL IA 513 -34.14 -59.80 70.41
N ALA IA 514 -33.84 -60.42 69.26
CA ALA IA 514 -32.92 -61.55 69.26
C ALA IA 514 -31.50 -61.06 69.51
N VAL IA 515 -30.83 -61.67 70.47
CA VAL IA 515 -29.45 -61.36 70.82
C VAL IA 515 -28.67 -62.67 70.84
N SER IA 516 -27.52 -62.68 70.17
CA SER IA 516 -26.66 -63.84 70.15
C SER IA 516 -25.60 -63.73 71.23
N THR IA 517 -25.50 -64.75 72.07
CA THR IA 517 -24.55 -64.86 73.17
C THR IA 517 -23.83 -66.18 73.04
N PRO IA 518 -22.69 -66.35 73.70
CA PRO IA 518 -21.97 -67.63 73.61
C PRO IA 518 -22.79 -68.82 74.05
N ALA IA 519 -23.82 -68.62 74.88
CA ALA IA 519 -24.69 -69.70 75.31
C ALA IA 519 -25.85 -69.96 74.36
N GLY IA 520 -26.04 -69.13 73.34
CA GLY IA 520 -27.09 -69.33 72.37
C GLY IA 520 -27.85 -68.05 72.05
N LEU IA 521 -29.06 -68.23 71.55
CA LEU IA 521 -29.91 -67.09 71.20
C LEU IA 521 -30.89 -66.81 72.33
N ILE IA 522 -30.98 -65.54 72.73
CA ILE IA 522 -31.92 -65.14 73.77
C ILE IA 522 -32.71 -63.95 73.27
N THR IA 523 -33.86 -63.68 73.90
CA THR IA 523 -34.80 -62.67 73.42
C THR IA 523 -35.22 -61.74 74.56
N PRO IA 524 -34.37 -60.79 74.94
CA PRO IA 524 -34.81 -59.76 75.87
C PRO IA 524 -35.93 -58.92 75.27
N ILE IA 525 -36.87 -58.51 76.12
CA ILE IA 525 -38.10 -57.86 75.69
C ILE IA 525 -38.02 -56.38 76.04
N VAL IA 526 -38.21 -55.53 75.02
CA VAL IA 526 -38.41 -54.09 75.23
C VAL IA 526 -39.93 -53.92 75.36
N PHE IA 527 -40.37 -53.60 76.58
CA PHE IA 527 -41.79 -53.46 76.85
C PHE IA 527 -42.28 -52.08 76.43
N ASN IA 528 -43.51 -52.02 75.92
CA ASN IA 528 -44.15 -50.76 75.54
C ASN IA 528 -43.29 -49.98 74.54
N ALA IA 529 -42.78 -50.69 73.53
CA ALA IA 529 -42.00 -50.04 72.50
C ALA IA 529 -42.85 -49.12 71.64
N HIS IA 530 -44.17 -49.25 71.73
CA HIS IA 530 -45.06 -48.39 70.94
C HIS IA 530 -45.13 -46.99 71.55
N ILE IA 531 -44.79 -46.85 72.83
CA ILE IA 531 -44.81 -45.54 73.49
C ILE IA 531 -43.42 -45.08 73.91
N LYS IA 532 -42.43 -45.98 73.99
CA LYS IA 532 -41.07 -45.57 74.32
C LYS IA 532 -40.47 -44.78 73.17
N GLY IA 533 -39.58 -43.84 73.51
CA GLY IA 533 -38.88 -43.08 72.49
C GLY IA 533 -37.64 -43.79 71.99
N LEU IA 534 -37.00 -43.16 71.00
CA LEU IA 534 -35.80 -43.77 70.41
C LEU IA 534 -34.67 -43.86 71.42
N GLU IA 535 -34.47 -42.81 72.22
CA GLU IA 535 -33.44 -42.86 73.26
C GLU IA 535 -33.74 -43.93 74.29
N THR IA 536 -35.00 -44.01 74.74
CA THR IA 536 -35.37 -45.04 75.70
C THR IA 536 -35.20 -46.43 75.12
N ILE IA 537 -35.59 -46.61 73.85
CA ILE IA 537 -35.44 -47.92 73.21
C ILE IA 537 -33.97 -48.30 73.11
N ALA IA 538 -33.13 -47.35 72.70
CA ALA IA 538 -31.70 -47.63 72.56
C ALA IA 538 -31.07 -47.99 73.90
N ASN IA 539 -31.39 -47.22 74.95
CA ASN IA 539 -30.84 -47.50 76.26
C ASN IA 539 -31.31 -48.84 76.79
N ASP IA 540 -32.60 -49.15 76.61
CA ASP IA 540 -33.14 -50.43 77.07
C ASP IA 540 -32.49 -51.58 76.32
N VAL IA 541 -32.29 -51.44 75.01
CA VAL IA 541 -31.67 -52.49 74.22
C VAL IA 541 -30.23 -52.70 74.66
N VAL IA 542 -29.49 -51.62 74.90
CA VAL IA 542 -28.11 -51.76 75.33
C VAL IA 542 -28.03 -52.45 76.68
N SER IA 543 -28.87 -52.03 77.63
CA SER IA 543 -28.86 -52.63 78.97
C SER IA 543 -29.23 -54.11 78.91
N LEU IA 544 -30.28 -54.44 78.16
CA LEU IA 544 -30.73 -55.83 78.08
C LEU IA 544 -29.71 -56.69 77.34
N ALA IA 545 -29.05 -56.14 76.32
CA ALA IA 545 -28.02 -56.90 75.62
C ALA IA 545 -26.83 -57.17 76.52
N THR IA 546 -26.42 -56.19 77.32
CA THR IA 546 -25.34 -56.41 78.28
C THR IA 546 -25.74 -57.47 79.29
N LYS IA 547 -26.98 -57.41 79.80
CA LYS IA 547 -27.45 -58.41 80.75
C LYS IA 547 -27.48 -59.79 80.12
N ALA IA 548 -27.89 -59.89 78.86
CA ALA IA 548 -27.93 -61.17 78.18
C ALA IA 548 -26.53 -61.74 77.98
N ARG IA 549 -25.59 -60.89 77.54
CA ARG IA 549 -24.23 -61.36 77.31
C ARG IA 549 -23.57 -61.79 78.61
N GLU IA 550 -23.83 -61.09 79.71
CA GLU IA 550 -23.23 -61.46 80.99
C GLU IA 550 -24.06 -62.47 81.77
N GLY IA 551 -25.23 -62.87 81.25
CA GLY IA 551 -25.97 -63.97 81.82
C GLY IA 551 -26.77 -63.68 83.07
N LYS IA 552 -27.25 -62.44 83.23
CA LYS IA 552 -28.09 -62.09 84.37
C LYS IA 552 -29.54 -61.79 84.01
N LEU IA 553 -30.02 -62.24 82.85
CA LEU IA 553 -31.41 -61.97 82.48
C LEU IA 553 -32.37 -62.75 83.38
N GLN IA 554 -33.35 -62.05 83.93
CA GLN IA 554 -34.41 -62.69 84.68
C GLN IA 554 -35.43 -63.31 83.73
N PRO IA 555 -36.13 -64.36 84.16
CA PRO IA 555 -37.09 -65.03 83.26
C PRO IA 555 -38.17 -64.10 82.72
N HIS IA 556 -38.64 -63.14 83.52
CA HIS IA 556 -39.66 -62.22 83.04
C HIS IA 556 -39.12 -61.24 82.01
N GLU IA 557 -37.80 -61.06 81.94
CA GLU IA 557 -37.20 -60.14 80.99
C GLU IA 557 -37.00 -60.74 79.61
N PHE IA 558 -37.19 -62.05 79.44
CA PHE IA 558 -37.11 -62.66 78.13
C PHE IA 558 -38.22 -63.65 77.81
N GLN IA 559 -39.16 -63.87 78.73
CA GLN IA 559 -40.31 -64.73 78.46
C GLN IA 559 -41.53 -63.85 78.18
N GLY IA 560 -42.22 -64.15 77.09
CA GLY IA 560 -43.40 -63.39 76.71
C GLY IA 560 -43.22 -62.64 75.41
N GLY IA 561 -43.67 -61.39 75.37
CA GLY IA 561 -43.59 -60.59 74.17
C GLY IA 561 -44.74 -60.84 73.22
N THR IA 562 -44.93 -59.90 72.30
CA THR IA 562 -45.99 -59.99 71.30
C THR IA 562 -45.47 -59.98 69.86
N PHE IA 563 -44.24 -59.51 69.65
CA PHE IA 563 -43.65 -59.44 68.32
C PHE IA 563 -42.14 -59.51 68.48
N THR IA 564 -41.49 -60.24 67.59
CA THR IA 564 -40.06 -60.50 67.69
C THR IA 564 -39.33 -59.88 66.51
N ILE IA 565 -38.12 -59.38 66.76
CA ILE IA 565 -37.25 -58.84 65.73
C ILE IA 565 -35.90 -59.53 65.83
N SER IA 566 -35.47 -60.16 64.75
CA SER IA 566 -34.18 -60.81 64.66
C SER IA 566 -33.37 -60.14 63.56
N ASN IA 567 -32.29 -59.47 63.93
CA ASN IA 567 -31.47 -58.69 63.01
C ASN IA 567 -30.14 -59.40 62.83
N LEU IA 568 -29.80 -59.75 61.58
CA LEU IA 568 -28.51 -60.32 61.25
C LEU IA 568 -27.77 -59.50 60.21
N GLY IA 569 -28.09 -58.22 60.09
CA GLY IA 569 -27.41 -57.39 59.11
C GLY IA 569 -25.96 -57.14 59.44
N MET IA 570 -25.62 -57.17 60.73
CA MET IA 570 -24.24 -56.96 61.14
C MET IA 570 -23.33 -58.11 60.71
N PHE IA 571 -23.90 -59.25 60.32
CA PHE IA 571 -23.13 -60.40 59.86
C PHE IA 571 -23.09 -60.51 58.34
N GLY IA 572 -23.66 -59.54 57.63
CA GLY IA 572 -23.58 -59.55 56.18
C GLY IA 572 -24.66 -60.35 55.48
N ILE IA 573 -25.69 -60.80 56.19
CA ILE IA 573 -26.76 -61.55 55.57
C ILE IA 573 -27.64 -60.61 54.75
N LYS IA 574 -27.85 -60.95 53.48
CA LYS IA 574 -28.73 -60.14 52.64
C LYS IA 574 -30.17 -60.19 53.13
N ASN IA 575 -30.68 -61.40 53.34
CA ASN IA 575 -31.99 -61.58 53.96
C ASN IA 575 -32.07 -63.02 54.47
N PHE IA 576 -33.05 -63.26 55.34
CA PHE IA 576 -33.24 -64.60 55.89
C PHE IA 576 -34.66 -64.73 56.40
N SER IA 577 -35.08 -65.97 56.61
CA SER IA 577 -36.41 -66.30 57.11
C SER IA 577 -36.25 -66.94 58.49
N ALA IA 578 -36.90 -66.36 59.49
CA ALA IA 578 -36.74 -66.82 60.86
C ALA IA 578 -37.90 -67.74 61.26
N ILE IA 579 -37.80 -68.26 62.48
CA ILE IA 579 -38.83 -69.13 63.05
C ILE IA 579 -39.63 -68.32 64.07
N ILE IA 580 -40.95 -68.38 63.96
CA ILE IA 580 -41.80 -67.64 64.88
C ILE IA 580 -41.64 -68.16 66.29
N ASN IA 581 -41.41 -67.25 67.23
CA ASN IA 581 -41.30 -67.60 68.64
C ASN IA 581 -42.69 -67.72 69.24
N PRO IA 582 -43.07 -68.90 69.72
CA PRO IA 582 -44.44 -69.08 70.22
C PRO IA 582 -44.65 -68.33 71.53
N PRO IA 583 -45.89 -67.92 71.83
CA PRO IA 583 -47.11 -68.09 71.02
C PRO IA 583 -47.39 -66.89 70.12
N GLN IA 584 -46.37 -66.13 69.75
CA GLN IA 584 -46.58 -64.96 68.92
C GLN IA 584 -46.99 -65.36 67.51
N ALA IA 585 -47.42 -64.36 66.74
CA ALA IA 585 -47.94 -64.60 65.39
C ALA IA 585 -46.99 -64.18 64.28
N CYS IA 586 -45.94 -63.41 64.59
CA CYS IA 586 -45.04 -62.92 63.56
C CYS IA 586 -43.63 -62.77 64.13
N ILE IA 587 -42.67 -62.66 63.22
CA ILE IA 587 -41.28 -62.35 63.55
C ILE IA 587 -40.66 -61.65 62.35
N LEU IA 588 -40.01 -60.51 62.60
CA LEU IA 588 -39.40 -59.72 61.54
C LEU IA 588 -37.92 -60.04 61.46
N ALA IA 589 -37.49 -60.57 60.32
CA ALA IA 589 -36.10 -60.90 60.07
C ALA IA 589 -35.47 -59.78 59.24
N VAL IA 590 -34.40 -59.20 59.76
CA VAL IA 590 -33.77 -58.02 59.16
C VAL IA 590 -32.39 -58.43 58.65
N GLY IA 591 -32.11 -58.09 57.39
CA GLY IA 591 -30.82 -58.36 56.79
C GLY IA 591 -29.95 -57.11 56.71
N ALA IA 592 -28.88 -57.24 55.94
CA ALA IA 592 -27.91 -56.15 55.81
C ALA IA 592 -28.43 -55.07 54.89
N SER IA 593 -27.95 -53.84 55.11
CA SER IA 593 -28.25 -52.73 54.22
C SER IA 593 -27.10 -52.53 53.26
N GLU IA 594 -27.43 -52.48 51.97
CA GLU IA 594 -26.43 -52.41 50.91
C GLU IA 594 -26.83 -51.34 49.90
N ASP IA 595 -25.82 -50.81 49.20
CA ASP IA 595 -26.06 -49.78 48.20
C ASP IA 595 -26.46 -50.42 46.89
N ARG IA 596 -27.57 -49.96 46.31
CA ARG IA 596 -28.08 -50.49 45.05
C ARG IA 596 -28.44 -49.34 44.12
N LEU IA 597 -28.20 -49.55 42.83
CA LEU IA 597 -28.56 -48.55 41.83
C LEU IA 597 -30.03 -48.65 41.47
N PHE IA 598 -30.69 -47.51 41.36
CA PHE IA 598 -32.09 -47.47 40.97
C PHE IA 598 -32.32 -46.38 39.94
N PRO IA 599 -33.25 -46.57 39.01
CA PRO IA 599 -33.49 -45.56 37.98
C PRO IA 599 -33.98 -44.26 38.59
N ALA IA 600 -33.57 -43.15 37.98
CA ALA IA 600 -33.98 -41.82 38.41
C ALA IA 600 -34.06 -40.90 37.20
N ASP IA 601 -34.87 -39.85 37.33
CA ASP IA 601 -35.05 -38.88 36.24
C ASP IA 601 -33.98 -37.78 36.37
N ASN IA 602 -32.74 -38.18 36.18
CA ASN IA 602 -31.61 -37.27 36.23
C ASN IA 602 -30.72 -37.52 35.02
N GLU IA 603 -29.66 -36.70 34.91
CA GLU IA 603 -28.77 -36.80 33.76
C GLU IA 603 -28.07 -38.16 33.70
N LYS IA 604 -27.61 -38.67 34.85
CA LYS IA 604 -26.94 -39.95 34.88
C LYS IA 604 -27.89 -41.12 34.62
N GLY IA 605 -29.18 -40.93 34.84
CA GLY IA 605 -30.15 -41.98 34.64
C GLY IA 605 -30.33 -42.92 35.81
N PHE IA 606 -29.60 -42.72 36.90
CA PHE IA 606 -29.70 -43.60 38.05
C PHE IA 606 -29.27 -42.86 39.31
N ASP IA 607 -29.60 -43.45 40.45
CA ASP IA 607 -29.21 -42.93 41.76
C ASP IA 607 -28.74 -44.10 42.62
N VAL IA 608 -28.11 -43.78 43.74
CA VAL IA 608 -27.60 -44.77 44.69
C VAL IA 608 -28.39 -44.62 45.99
N ALA IA 609 -29.04 -45.69 46.41
CA ALA IA 609 -29.82 -45.70 47.63
C ALA IA 609 -29.45 -46.92 48.47
N SER IA 610 -29.30 -46.71 49.77
CA SER IA 610 -28.98 -47.80 50.69
C SER IA 610 -30.28 -48.48 51.09
N MET IA 611 -30.50 -49.69 50.59
CA MET IA 611 -31.74 -50.43 50.85
C MET IA 611 -31.47 -51.61 51.76
N MET IA 612 -32.43 -51.92 52.62
CA MET IA 612 -32.35 -53.04 53.55
C MET IA 612 -33.55 -53.95 53.30
N SER IA 613 -33.28 -55.25 53.16
CA SER IA 613 -34.34 -56.22 52.88
C SER IA 613 -34.83 -56.84 54.18
N VAL IA 614 -36.14 -56.78 54.40
CA VAL IA 614 -36.75 -57.32 55.60
C VAL IA 614 -37.76 -58.39 55.21
N THR IA 615 -37.72 -59.51 55.94
CA THR IA 615 -38.59 -60.65 55.69
C THR IA 615 -39.40 -60.93 56.95
N LEU IA 616 -40.72 -60.79 56.85
CA LEU IA 616 -41.63 -61.06 57.94
C LEU IA 616 -42.21 -62.46 57.78
N SER IA 617 -42.02 -63.30 58.79
CA SER IA 617 -42.61 -64.63 58.82
C SER IA 617 -43.88 -64.58 59.67
N CYS IA 618 -45.00 -65.00 59.07
CA CYS IA 618 -46.31 -64.84 59.68
C CYS IA 618 -46.98 -66.19 59.86
N ASP IA 619 -47.74 -66.30 60.95
CA ASP IA 619 -48.63 -67.42 61.19
C ASP IA 619 -49.88 -67.24 60.35
N HIS IA 620 -50.10 -68.15 59.39
CA HIS IA 620 -51.21 -67.99 58.46
C HIS IA 620 -52.56 -68.23 59.12
N ARG IA 621 -52.61 -68.77 60.33
CA ARG IA 621 -53.88 -68.90 61.03
C ARG IA 621 -54.42 -67.54 61.47
N VAL IA 622 -53.52 -66.63 61.86
CA VAL IA 622 -53.92 -65.31 62.36
C VAL IA 622 -53.74 -64.23 61.30
N VAL IA 623 -52.58 -64.21 60.64
CA VAL IA 623 -52.25 -63.17 59.69
C VAL IA 623 -52.28 -63.78 58.29
N ASP IA 624 -53.22 -63.32 57.47
CA ASP IA 624 -53.24 -63.74 56.08
C ASP IA 624 -52.33 -62.85 55.24
N GLY IA 625 -52.27 -63.17 53.93
CA GLY IA 625 -51.31 -62.50 53.07
C GLY IA 625 -51.56 -61.00 52.97
N ALA IA 626 -52.82 -60.59 52.83
CA ALA IA 626 -53.13 -59.18 52.72
C ALA IA 626 -52.75 -58.42 53.99
N VAL IA 627 -53.02 -59.00 55.16
CA VAL IA 627 -52.70 -58.35 56.41
C VAL IA 627 -51.18 -58.24 56.59
N GLY IA 628 -50.45 -59.32 56.28
CA GLY IA 628 -49.00 -59.24 56.36
C GLY IA 628 -48.42 -58.20 55.42
N ALA IA 629 -48.95 -58.13 54.21
CA ALA IA 629 -48.49 -57.13 53.25
C ALA IA 629 -48.79 -55.72 53.73
N GLN IA 630 -49.97 -55.51 54.33
CA GLN IA 630 -50.30 -54.21 54.88
C GLN IA 630 -49.35 -53.82 56.01
N TRP IA 631 -49.03 -54.78 56.89
CA TRP IA 631 -48.08 -54.51 57.95
C TRP IA 631 -46.73 -54.11 57.39
N LEU IA 632 -46.25 -54.85 56.39
CA LEU IA 632 -44.96 -54.53 55.80
C LEU IA 632 -44.99 -53.17 55.11
N ALA IA 633 -46.12 -52.82 54.49
CA ALA IA 633 -46.25 -51.50 53.86
C ALA IA 633 -46.17 -50.38 54.89
N GLU IA 634 -46.87 -50.53 56.02
CA GLU IA 634 -46.79 -49.50 57.06
C GLU IA 634 -45.38 -49.41 57.63
N PHE IA 635 -44.74 -50.55 57.86
CA PHE IA 635 -43.37 -50.56 58.36
C PHE IA 635 -42.43 -49.84 57.41
N ARG IA 636 -42.57 -50.13 56.11
CA ARG IA 636 -41.73 -49.49 55.10
C ARG IA 636 -41.98 -47.99 55.04
N LYS IA 637 -43.25 -47.57 55.11
CA LYS IA 637 -43.55 -46.14 55.09
C LYS IA 637 -42.92 -45.43 56.28
N TYR IA 638 -43.06 -46.03 57.47
CA TYR IA 638 -42.47 -45.44 58.67
C TYR IA 638 -40.96 -45.31 58.54
N LEU IA 639 -40.30 -46.33 57.99
CA LEU IA 639 -38.84 -46.26 57.89
C LEU IA 639 -38.37 -45.31 56.79
N GLU IA 640 -39.08 -45.26 55.66
CA GLU IA 640 -38.66 -44.35 54.58
C GLU IA 640 -38.96 -42.90 54.90
N LYS IA 641 -39.91 -42.61 55.80
CA LYS IA 641 -40.11 -41.25 56.29
C LYS IA 641 -40.15 -41.28 57.82
N PRO IA 642 -38.99 -41.13 58.46
CA PRO IA 642 -38.95 -41.22 59.93
C PRO IA 642 -39.79 -40.16 60.63
N ILE IA 643 -39.97 -38.99 60.00
CA ILE IA 643 -40.77 -37.93 60.59
C ILE IA 643 -42.23 -38.35 60.72
N THR IA 644 -42.66 -39.37 59.98
CA THR IA 644 -44.00 -39.91 60.17
C THR IA 644 -44.14 -40.74 61.42
N MET IA 645 -43.04 -41.09 62.10
CA MET IA 645 -43.16 -41.76 63.39
C MET IA 645 -43.66 -40.82 64.48
N LEU IA 646 -43.71 -39.51 64.21
CA LEU IA 646 -44.29 -38.57 65.16
C LEU IA 646 -45.82 -38.64 65.18
N LEU IA 647 -46.45 -39.23 64.17
CA LEU IA 647 -47.89 -39.40 64.13
C LEU IA 647 -48.37 -40.37 65.21
N PHE JA 420 -91.91 24.17 -55.92
CA PHE JA 420 -91.01 25.24 -56.33
C PHE JA 420 -91.64 26.61 -56.14
N THR JA 421 -90.84 27.65 -56.31
CA THR JA 421 -91.30 29.03 -56.20
C THR JA 421 -90.71 29.83 -57.36
N ASP JA 422 -91.57 30.56 -58.07
CA ASP JA 422 -91.15 31.36 -59.21
C ASP JA 422 -90.89 32.79 -58.73
N ILE JA 423 -89.63 33.19 -58.69
CA ILE JA 423 -89.23 34.53 -58.28
C ILE JA 423 -89.15 35.40 -59.52
N PRO JA 424 -89.93 36.48 -59.63
CA PRO JA 424 -89.86 37.34 -60.81
C PRO JA 424 -88.48 37.96 -60.97
N ILE JA 425 -88.06 38.11 -62.22
CA ILE JA 425 -86.75 38.69 -62.53
C ILE JA 425 -86.89 40.20 -62.62
N SER JA 426 -86.10 40.91 -61.82
CA SER JA 426 -86.11 42.36 -61.87
C SER JA 426 -85.44 42.86 -63.14
N ASN JA 427 -85.68 44.13 -63.48
CA ASN JA 427 -85.08 44.71 -64.67
C ASN JA 427 -83.57 44.84 -64.51
N ILE JA 428 -83.10 45.13 -63.29
CA ILE JA 428 -81.66 45.19 -63.04
C ILE JA 428 -81.03 43.83 -63.28
N ARG JA 429 -81.65 42.77 -62.77
CA ARG JA 429 -81.13 41.43 -62.99
C ARG JA 429 -81.19 41.06 -64.47
N ARG JA 430 -82.23 41.49 -65.18
CA ARG JA 430 -82.31 41.24 -66.61
C ARG JA 430 -81.17 41.92 -67.36
N VAL JA 431 -80.87 43.16 -66.97
CA VAL JA 431 -79.76 43.88 -67.60
C VAL JA 431 -78.44 43.17 -67.33
N ILE JA 432 -78.22 42.74 -66.08
CA ILE JA 432 -76.99 42.04 -65.74
C ILE JA 432 -76.87 40.74 -66.53
N ALA JA 433 -77.98 40.00 -66.61
CA ALA JA 433 -77.97 38.74 -67.36
C ALA JA 433 -77.70 38.97 -68.83
N GLN JA 434 -78.29 40.02 -69.41
CA GLN JA 434 -78.06 40.32 -70.81
C GLN JA 434 -76.60 40.71 -71.06
N ARG JA 435 -76.01 41.49 -70.15
CA ARG JA 435 -74.60 41.83 -70.29
C ARG JA 435 -73.71 40.59 -70.22
N LEU JA 436 -74.01 39.69 -69.29
CA LEU JA 436 -73.22 38.45 -69.17
C LEU JA 436 -73.38 37.58 -70.40
N MET JA 437 -74.61 37.49 -70.93
CA MET JA 437 -74.83 36.74 -72.18
C MET JA 437 -74.02 37.35 -73.31
N GLN JA 438 -74.05 38.67 -73.44
CA GLN JA 438 -73.31 39.33 -74.51
C GLN JA 438 -71.81 39.06 -74.37
N SER JA 439 -71.30 39.13 -73.14
CA SER JA 439 -69.88 38.87 -72.92
C SER JA 439 -69.52 37.45 -73.34
N LYS JA 440 -70.30 36.46 -72.89
CA LYS JA 440 -69.93 35.08 -73.17
C LYS JA 440 -70.17 34.69 -74.61
N GLN JA 441 -71.05 35.41 -75.33
CA GLN JA 441 -71.28 35.08 -76.73
C GLN JA 441 -70.33 35.82 -77.67
N THR JA 442 -69.86 37.02 -77.30
CA THR JA 442 -69.06 37.81 -78.21
C THR JA 442 -67.58 37.86 -77.86
N ILE JA 443 -67.19 37.48 -76.64
CA ILE JA 443 -65.81 37.56 -76.20
C ILE JA 443 -65.27 36.13 -76.06
N PRO JA 444 -64.29 35.72 -76.87
CA PRO JA 444 -63.71 34.38 -76.71
C PRO JA 444 -62.77 34.29 -75.51
N HIS JA 445 -63.33 34.02 -74.34
CA HIS JA 445 -62.54 33.99 -73.12
C HIS JA 445 -61.51 32.87 -73.16
N TYR JA 446 -60.35 33.12 -72.56
CA TYR JA 446 -59.42 32.06 -72.20
C TYR JA 446 -58.68 32.46 -70.93
N TYR JA 447 -58.40 31.47 -70.08
CA TYR JA 447 -58.03 31.72 -68.69
C TYR JA 447 -56.62 31.25 -68.43
N LEU JA 448 -55.82 32.08 -67.75
CA LEU JA 448 -54.47 31.73 -67.33
C LEU JA 448 -54.33 31.95 -65.84
N SER JA 449 -53.80 30.94 -65.13
CA SER JA 449 -53.71 30.98 -63.68
C SER JA 449 -52.26 30.86 -63.22
N VAL JA 450 -51.92 31.64 -62.19
CA VAL JA 450 -50.61 31.56 -61.56
C VAL JA 450 -50.76 31.65 -60.04
N ASP JA 451 -49.66 31.41 -59.34
CA ASP JA 451 -49.59 31.54 -57.89
C ASP JA 451 -48.59 32.63 -57.51
N VAL JA 452 -48.99 33.47 -56.57
CA VAL JA 452 -48.19 34.61 -56.14
C VAL JA 452 -47.87 34.46 -54.65
N ASN JA 453 -46.58 34.60 -54.31
CA ASN JA 453 -46.16 34.52 -52.92
C ASN JA 453 -46.51 35.83 -52.23
N MET JA 454 -47.22 35.74 -51.11
CA MET JA 454 -47.83 36.91 -50.50
C MET JA 454 -47.15 37.34 -49.21
N GLY JA 455 -46.05 36.69 -48.83
CA GLY JA 455 -45.43 36.99 -47.54
C GLY JA 455 -44.86 38.40 -47.47
N GLU JA 456 -44.17 38.82 -48.52
CA GLU JA 456 -43.63 40.18 -48.54
C GLU JA 456 -44.74 41.21 -48.50
N VAL JA 457 -45.83 40.97 -49.22
CA VAL JA 457 -46.95 41.90 -49.19
C VAL JA 457 -47.55 41.96 -47.78
N LEU JA 458 -47.67 40.80 -47.12
CA LEU JA 458 -48.21 40.80 -45.76
C LEU JA 458 -47.31 41.59 -44.81
N LEU JA 459 -45.99 41.40 -44.92
CA LEU JA 459 -45.06 42.13 -44.05
C LEU JA 459 -45.14 43.63 -44.31
N VAL JA 460 -45.13 44.02 -45.58
CA VAL JA 460 -45.19 45.45 -45.92
C VAL JA 460 -46.52 46.05 -45.46
N ARG JA 461 -47.61 45.29 -45.61
CA ARG JA 461 -48.92 45.78 -45.19
C ARG JA 461 -48.97 45.96 -43.68
N LYS JA 462 -48.40 45.01 -42.94
CA LYS JA 462 -48.36 45.16 -41.49
C LYS JA 462 -47.57 46.39 -41.07
N GLU JA 463 -46.40 46.60 -41.70
CA GLU JA 463 -45.60 47.77 -41.37
C GLU JA 463 -46.33 49.07 -41.71
N LEU JA 464 -46.98 49.11 -42.87
CA LEU JA 464 -47.71 50.31 -43.28
C LEU JA 464 -48.88 50.58 -42.35
N ASN JA 465 -49.61 49.53 -41.96
CA ASN JA 465 -50.73 49.71 -41.03
C ASN JA 465 -50.23 50.20 -39.68
N LYS JA 466 -49.09 49.69 -39.21
CA LYS JA 466 -48.53 50.19 -37.95
C LYS JA 466 -48.14 51.65 -38.05
N MET JA 467 -47.54 52.06 -39.17
CA MET JA 467 -47.22 53.48 -39.36
C MET JA 467 -48.47 54.35 -39.43
N LEU JA 468 -49.55 53.85 -40.05
CA LEU JA 468 -50.74 54.68 -40.21
C LEU JA 468 -51.36 55.10 -38.88
N GLU JA 469 -51.17 54.32 -37.81
CA GLU JA 469 -51.66 54.68 -36.48
C GLU JA 469 -53.18 54.89 -36.48
N GLY JA 470 -53.89 54.07 -37.24
CA GLY JA 470 -55.33 54.10 -37.26
C GLY JA 470 -55.96 55.14 -38.17
N ARG JA 471 -55.15 55.97 -38.84
CA ARG JA 471 -55.72 56.95 -39.77
C ARG JA 471 -56.38 56.24 -40.95
N SER JA 472 -55.78 55.17 -41.43
CA SER JA 472 -56.35 54.35 -42.49
C SER JA 472 -55.87 52.91 -42.29
N LYS JA 473 -56.47 52.00 -43.06
CA LYS JA 473 -56.10 50.58 -43.03
C LYS JA 473 -55.99 50.09 -44.47
N ILE JA 474 -54.84 49.53 -44.82
CA ILE JA 474 -54.66 48.99 -46.16
C ILE JA 474 -54.93 47.50 -46.16
N SER JA 475 -55.77 47.06 -47.09
CA SER JA 475 -56.06 45.65 -47.27
C SER JA 475 -55.22 45.06 -48.40
N VAL JA 476 -55.25 43.74 -48.49
CA VAL JA 476 -54.50 43.05 -49.55
C VAL JA 476 -55.05 43.42 -50.92
N ASN JA 477 -56.35 43.71 -51.00
CA ASN JA 477 -56.94 44.10 -52.28
C ASN JA 477 -56.37 45.42 -52.78
N ASP JA 478 -55.93 46.30 -51.88
CA ASP JA 478 -55.29 47.53 -52.33
C ASP JA 478 -53.96 47.26 -53.02
N PHE JA 479 -53.16 46.36 -52.44
CA PHE JA 479 -51.93 45.93 -53.09
C PHE JA 479 -52.22 45.28 -54.43
N ILE JA 480 -53.27 44.47 -54.48
CA ILE JA 480 -53.63 43.79 -55.73
C ILE JA 480 -54.03 44.81 -56.80
N ILE JA 481 -54.80 45.84 -56.41
CA ILE JA 481 -55.22 46.86 -57.36
C ILE JA 481 -54.02 47.64 -57.87
N LYS JA 482 -53.11 48.01 -56.97
CA LYS JA 482 -51.92 48.76 -57.38
C LYS JA 482 -51.07 47.93 -58.34
N ALA JA 483 -50.85 46.65 -58.01
CA ALA JA 483 -50.06 45.78 -58.87
C ALA JA 483 -50.73 45.59 -60.22
N SER JA 484 -52.05 45.45 -60.25
CA SER JA 484 -52.77 45.30 -61.50
C SER JA 484 -52.63 46.56 -62.36
N ALA JA 485 -52.73 47.73 -61.74
CA ALA JA 485 -52.58 48.97 -62.50
C ALA JA 485 -51.18 49.11 -63.08
N LEU JA 486 -50.15 48.79 -62.28
CA LEU JA 486 -48.78 48.89 -62.78
C LEU JA 486 -48.52 47.88 -63.88
N ALA JA 487 -49.05 46.65 -63.73
CA ALA JA 487 -48.89 45.64 -64.78
C ALA JA 487 -49.63 46.05 -66.05
N CYS JA 488 -50.79 46.70 -65.91
CA CYS JA 488 -51.49 47.22 -67.07
C CYS JA 488 -50.69 48.31 -67.76
N LEU JA 489 -50.01 49.16 -66.99
CA LEU JA 489 -49.11 50.14 -67.61
C LEU JA 489 -47.99 49.46 -68.37
N LYS JA 490 -47.40 48.42 -67.78
CA LYS JA 490 -46.26 47.75 -68.42
C LYS JA 490 -46.71 46.99 -69.67
N VAL JA 491 -47.90 46.42 -69.66
CA VAL JA 491 -48.43 45.65 -70.79
C VAL JA 491 -49.77 46.25 -71.19
N PRO JA 492 -49.77 47.27 -72.06
CA PRO JA 492 -51.04 47.97 -72.35
C PRO JA 492 -52.04 47.15 -73.14
N GLU JA 493 -51.67 45.98 -73.65
CA GLU JA 493 -52.61 45.16 -74.40
C GLU JA 493 -53.77 44.71 -73.51
N ALA JA 494 -53.48 44.36 -72.25
CA ALA JA 494 -54.54 44.02 -71.31
C ALA JA 494 -55.40 45.23 -70.96
N ASN JA 495 -54.96 46.44 -71.30
CA ASN JA 495 -55.71 47.66 -71.09
C ASN JA 495 -56.34 48.18 -72.39
N SER JA 496 -56.81 47.28 -73.24
CA SER JA 496 -57.39 47.63 -74.52
C SER JA 496 -58.86 47.18 -74.57
N SER JA 497 -59.51 47.53 -75.68
CA SER JA 497 -60.89 47.16 -75.93
C SER JA 497 -61.08 46.92 -77.41
N TRP JA 498 -61.92 45.93 -77.74
CA TRP JA 498 -62.20 45.58 -79.12
C TRP JA 498 -63.48 46.28 -79.57
N LEU JA 499 -63.38 47.07 -80.64
CA LEU JA 499 -64.50 47.89 -81.12
C LEU JA 499 -64.85 47.51 -82.56
N ASP JA 500 -64.42 46.33 -82.99
CA ASP JA 500 -64.80 45.71 -84.26
C ASP JA 500 -64.19 46.41 -85.47
N THR JA 501 -63.56 47.55 -85.25
CA THR JA 501 -62.82 48.25 -86.30
C THR JA 501 -61.41 48.64 -85.87
N VAL JA 502 -61.24 49.05 -84.62
CA VAL JA 502 -59.93 49.38 -84.05
C VAL JA 502 -59.85 48.78 -82.66
N ILE JA 503 -58.61 48.66 -82.17
CA ILE JA 503 -58.35 48.21 -80.81
C ILE JA 503 -57.99 49.44 -79.98
N ARG JA 504 -58.93 49.88 -79.16
CA ARG JA 504 -58.74 51.09 -78.36
C ARG JA 504 -57.83 50.76 -77.18
N GLN JA 505 -56.61 51.31 -77.20
CA GLN JA 505 -55.62 51.05 -76.17
C GLN JA 505 -55.64 52.18 -75.14
N ASN JA 506 -56.33 51.96 -74.03
CA ASN JA 506 -56.47 53.02 -73.04
C ASN JA 506 -55.14 53.33 -72.37
N HIS JA 507 -54.83 54.62 -72.26
CA HIS JA 507 -53.60 55.06 -71.61
C HIS JA 507 -53.77 55.31 -70.11
N VAL JA 508 -55.00 55.29 -69.61
CA VAL JA 508 -55.26 55.39 -68.19
C VAL JA 508 -55.84 54.07 -67.71
N VAL JA 509 -55.64 53.78 -66.43
CA VAL JA 509 -56.06 52.52 -65.83
C VAL JA 509 -57.15 52.84 -64.81
N ASP JA 510 -58.40 52.54 -65.17
CA ASP JA 510 -59.54 52.68 -64.27
C ASP JA 510 -59.98 51.28 -63.87
N ILE JA 511 -59.69 50.91 -62.62
CA ILE JA 511 -59.90 49.54 -62.16
C ILE JA 511 -61.30 49.42 -61.59
N SER JA 512 -62.17 48.69 -62.28
CA SER JA 512 -63.43 48.29 -61.68
C SER JA 512 -63.17 47.22 -60.64
N VAL JA 513 -63.85 47.32 -59.49
CA VAL JA 513 -63.69 46.38 -58.39
C VAL JA 513 -65.03 45.73 -58.11
N ALA JA 514 -65.08 44.40 -58.20
CA ALA JA 514 -66.34 43.70 -57.95
C ALA JA 514 -66.69 43.76 -56.47
N VAL JA 515 -67.91 44.19 -56.18
CA VAL JA 515 -68.43 44.27 -54.82
C VAL JA 515 -69.77 43.56 -54.80
N SER JA 516 -69.95 42.67 -53.81
CA SER JA 516 -71.20 41.96 -53.64
C SER JA 516 -72.09 42.68 -52.65
N THR JA 517 -73.31 42.97 -53.05
CA THR JA 517 -74.33 43.65 -52.27
C THR JA 517 -75.59 42.81 -52.30
N PRO JA 518 -76.53 43.03 -51.38
CA PRO JA 518 -77.77 42.25 -51.40
C PRO JA 518 -78.54 42.35 -52.70
N ALA JA 519 -78.34 43.42 -53.47
CA ALA JA 519 -79.01 43.58 -54.76
C ALA JA 519 -78.25 42.93 -55.91
N GLY JA 520 -77.04 42.42 -55.68
CA GLY JA 520 -76.27 41.76 -56.71
C GLY JA 520 -74.82 42.20 -56.73
N LEU JA 521 -74.20 41.98 -57.88
CA LEU JA 521 -72.80 42.36 -58.06
C LEU JA 521 -72.71 43.72 -58.75
N ILE JA 522 -71.89 44.61 -58.20
CA ILE JA 522 -71.69 45.93 -58.79
C ILE JA 522 -70.18 46.17 -58.89
N THR JA 523 -69.80 47.12 -59.75
CA THR JA 523 -68.40 47.37 -60.07
C THR JA 523 -68.06 48.85 -59.95
N PRO JA 524 -67.88 49.35 -58.73
CA PRO JA 524 -67.35 50.71 -58.58
C PRO JA 524 -65.94 50.81 -59.15
N ILE JA 525 -65.63 51.96 -59.74
CA ILE JA 525 -64.40 52.16 -60.49
C ILE JA 525 -63.47 53.05 -59.69
N VAL JA 526 -62.25 52.56 -59.45
CA VAL JA 526 -61.16 53.38 -58.91
C VAL JA 526 -60.45 53.95 -60.13
N PHE JA 527 -60.61 55.26 -60.34
CA PHE JA 527 -60.01 55.92 -61.49
C PHE JA 527 -58.55 56.24 -61.23
N ASN JA 528 -57.73 56.14 -62.28
CA ASN JA 528 -56.31 56.47 -62.22
C ASN JA 528 -55.60 55.71 -61.11
N ALA JA 529 -55.88 54.40 -61.03
CA ALA JA 529 -55.22 53.56 -60.05
C ALA JA 529 -53.73 53.41 -60.35
N HIS JA 530 -53.31 53.76 -61.56
CA HIS JA 530 -51.90 53.66 -61.90
C HIS JA 530 -51.08 54.79 -61.27
N ILE JA 531 -51.74 55.88 -60.88
CA ILE JA 531 -51.05 56.99 -60.23
C ILE JA 531 -51.50 57.21 -58.79
N LYS JA 532 -52.64 56.65 -58.39
CA LYS JA 532 -53.07 56.76 -56.99
C LYS JA 532 -52.17 55.92 -56.09
N GLY JA 533 -52.00 56.39 -54.85
CA GLY JA 533 -51.23 55.63 -53.89
C GLY JA 533 -52.06 54.59 -53.17
N LEU JA 534 -51.38 53.81 -52.32
CA LEU JA 534 -52.07 52.75 -51.60
C LEU JA 534 -53.11 53.30 -50.63
N GLU JA 535 -52.78 54.39 -49.93
CA GLU JA 535 -53.76 55.02 -49.04
C GLU JA 535 -54.95 55.55 -49.83
N THR JA 536 -54.69 56.23 -50.94
CA THR JA 536 -55.78 56.75 -51.75
C THR JA 536 -56.63 55.62 -52.31
N ILE JA 537 -56.00 54.54 -52.77
CA ILE JA 537 -56.74 53.40 -53.29
C ILE JA 537 -57.62 52.79 -52.21
N ALA JA 538 -57.06 52.60 -51.01
CA ALA JA 538 -57.81 52.01 -49.92
C ALA JA 538 -59.01 52.87 -49.53
N ASN JA 539 -58.79 54.18 -49.41
CA ASN JA 539 -59.87 55.08 -49.04
C ASN JA 539 -60.95 55.11 -50.11
N ASP JA 540 -60.54 55.16 -51.38
CA ASP JA 540 -61.51 55.17 -52.48
C ASP JA 540 -62.31 53.87 -52.50
N VAL JA 541 -61.65 52.73 -52.28
CA VAL JA 541 -62.34 51.45 -52.28
C VAL JA 541 -63.33 51.39 -51.13
N VAL JA 542 -62.93 51.86 -49.94
CA VAL JA 542 -63.84 51.83 -48.80
C VAL JA 542 -65.06 52.71 -49.06
N SER JA 543 -64.83 53.92 -49.56
CA SER JA 543 -65.94 54.84 -49.83
C SER JA 543 -66.88 54.28 -50.88
N LEU JA 544 -66.33 53.75 -51.97
CA LEU JA 544 -67.15 53.22 -53.05
C LEU JA 544 -67.90 51.96 -52.62
N ALA JA 545 -67.27 51.13 -51.78
CA ALA JA 545 -67.95 49.94 -51.28
C ALA JA 545 -69.10 50.32 -50.37
N THR JA 546 -68.91 51.32 -49.50
CA THR JA 546 -70.01 51.79 -48.67
C THR JA 546 -71.13 52.35 -49.52
N LYS JA 547 -70.80 53.13 -50.55
CA LYS JA 547 -71.82 53.67 -51.45
C LYS JA 547 -72.56 52.57 -52.17
N ALA JA 548 -71.85 51.52 -52.60
CA ALA JA 548 -72.49 50.41 -53.28
C ALA JA 548 -73.42 49.64 -52.35
N ARG JA 549 -72.97 49.37 -51.12
CA ARG JA 549 -73.80 48.64 -50.18
C ARG JA 549 -75.04 49.43 -49.79
N GLU JA 550 -74.92 50.74 -49.65
CA GLU JA 550 -76.08 51.56 -49.30
C GLU JA 550 -76.86 52.04 -50.51
N GLY JA 551 -76.43 51.71 -51.73
CA GLY JA 551 -77.23 51.95 -52.91
C GLY JA 551 -77.25 53.37 -53.44
N LYS JA 552 -76.18 54.14 -53.24
CA LYS JA 552 -76.11 55.49 -53.77
C LYS JA 552 -75.08 55.66 -54.88
N LEU JA 553 -74.66 54.59 -55.54
CA LEU JA 553 -73.69 54.73 -56.62
C LEU JA 553 -74.30 55.44 -57.83
N GLN JA 554 -73.61 56.46 -58.31
CA GLN JA 554 -74.01 57.12 -59.55
C GLN JA 554 -73.58 56.28 -60.75
N PRO JA 555 -74.30 56.41 -61.87
CA PRO JA 555 -73.96 55.59 -63.05
C PRO JA 555 -72.53 55.77 -63.54
N HIS JA 556 -71.98 56.99 -63.45
CA HIS JA 556 -70.61 57.20 -63.89
C HIS JA 556 -69.59 56.56 -62.95
N GLU JA 557 -69.99 56.24 -61.72
CA GLU JA 557 -69.08 55.64 -60.76
C GLU JA 557 -68.96 54.13 -60.90
N PHE JA 558 -69.80 53.49 -61.73
CA PHE JA 558 -69.67 52.07 -61.98
C PHE JA 558 -69.79 51.67 -63.45
N GLN JA 559 -70.01 52.62 -64.35
CA GLN JA 559 -70.04 52.33 -65.79
C GLN JA 559 -68.71 52.75 -66.41
N GLY JA 560 -68.12 51.84 -67.18
CA GLY JA 560 -66.85 52.12 -67.82
C GLY JA 560 -65.73 51.24 -67.32
N GLY JA 561 -64.56 51.84 -67.10
CA GLY JA 561 -63.40 51.10 -66.64
C GLY JA 561 -62.64 50.45 -67.79
N THR JA 562 -61.39 50.08 -67.50
CA THR JA 562 -60.53 49.43 -68.48
C THR JA 562 -60.05 48.05 -68.05
N PHE JA 563 -60.11 47.74 -66.75
CA PHE JA 563 -59.67 46.46 -66.23
C PHE JA 563 -60.46 46.19 -64.95
N THR JA 564 -60.86 44.94 -64.76
CA THR JA 564 -61.72 44.57 -63.65
C THR JA 564 -60.99 43.60 -62.73
N ILE JA 565 -61.24 43.73 -61.43
CA ILE JA 565 -60.71 42.82 -60.42
C ILE JA 565 -61.87 42.28 -59.59
N SER JA 566 -62.00 40.97 -59.55
CA SER JA 566 -63.02 40.30 -58.76
C SER JA 566 -62.32 39.40 -57.74
N ASN JA 567 -62.45 39.73 -56.46
CA ASN JA 567 -61.77 39.03 -55.39
C ASN JA 567 -62.79 38.25 -54.58
N LEU JA 568 -62.59 36.93 -54.49
CA LEU JA 568 -63.43 36.08 -53.67
C LEU JA 568 -62.61 35.31 -52.62
N GLY JA 569 -61.44 35.82 -52.26
CA GLY JA 569 -60.62 35.12 -51.28
C GLY JA 569 -61.22 35.15 -49.89
N MET JA 570 -62.01 36.18 -49.59
CA MET JA 570 -62.64 36.28 -48.29
C MET JA 570 -63.70 35.20 -48.07
N PHE JA 571 -64.13 34.54 -49.14
CA PHE JA 571 -65.12 33.46 -49.05
C PHE JA 571 -64.49 32.08 -49.10
N GLY JA 572 -63.16 31.99 -49.12
CA GLY JA 572 -62.50 30.71 -49.08
C GLY JA 572 -62.31 30.04 -50.43
N ILE JA 573 -62.56 30.74 -51.53
CA ILE JA 573 -62.37 30.15 -52.85
C ILE JA 573 -60.89 30.05 -53.15
N LYS JA 574 -60.44 28.84 -53.53
CA LYS JA 574 -59.04 28.67 -53.90
C LYS JA 574 -58.70 29.43 -55.17
N ASN JA 575 -59.50 29.25 -56.21
CA ASN JA 575 -59.38 30.05 -57.43
C ASN JA 575 -60.69 29.93 -58.21
N PHE JA 576 -60.89 30.85 -59.15
CA PHE JA 576 -62.09 30.82 -59.98
C PHE JA 576 -61.83 31.57 -61.27
N SER JA 577 -62.70 31.35 -62.24
CA SER JA 577 -62.62 31.99 -63.55
C SER JA 577 -63.84 32.90 -63.70
N ALA JA 578 -63.60 34.18 -63.96
CA ALA JA 578 -64.68 35.15 -64.03
C ALA JA 578 -65.08 35.42 -65.48
N ILE JA 579 -66.11 36.24 -65.64
CA ILE JA 579 -66.59 36.64 -66.95
C ILE JA 579 -66.14 38.06 -67.22
N ILE JA 580 -65.57 38.29 -68.41
CA ILE JA 580 -65.07 39.60 -68.76
C ILE JA 580 -66.22 40.60 -68.85
N ASN JA 581 -66.07 41.74 -68.18
CA ASN JA 581 -67.07 42.79 -68.23
C ASN JA 581 -66.86 43.62 -69.48
N PRO JA 582 -67.83 43.66 -70.40
CA PRO JA 582 -67.62 44.37 -71.66
C PRO JA 582 -67.59 45.87 -71.46
N PRO JA 583 -66.89 46.60 -72.33
CA PRO JA 583 -66.11 46.15 -73.48
C PRO JA 583 -64.64 45.92 -73.15
N GLN JA 584 -64.31 45.65 -71.89
CA GLN JA 584 -62.93 45.46 -71.50
C GLN JA 584 -62.37 44.15 -72.08
N ALA JA 585 -61.06 43.99 -71.97
CA ALA JA 585 -60.38 42.85 -72.57
C ALA JA 585 -59.92 41.82 -71.55
N CYS JA 586 -59.93 42.13 -70.26
CA CYS JA 586 -59.44 41.22 -69.25
C CYS JA 586 -60.20 41.42 -67.94
N ILE JA 587 -60.11 40.42 -67.07
CA ILE JA 587 -60.62 40.49 -65.71
C ILE JA 587 -59.77 39.57 -64.84
N LEU JA 588 -59.30 40.08 -63.70
CA LEU JA 588 -58.45 39.33 -62.80
C LEU JA 588 -59.29 38.75 -61.67
N ALA JA 589 -59.32 37.42 -61.59
CA ALA JA 589 -60.05 36.72 -60.55
C ALA JA 589 -59.06 36.30 -59.46
N VAL JA 590 -59.32 36.73 -58.22
CA VAL JA 590 -58.40 36.51 -57.12
C VAL JA 590 -59.06 35.57 -56.13
N GLY JA 591 -58.31 34.53 -55.72
CA GLY JA 591 -58.79 33.56 -54.76
C GLY JA 591 -58.17 33.78 -53.38
N ALA JA 592 -58.35 32.78 -52.53
CA ALA JA 592 -57.88 32.87 -51.15
C ALA JA 592 -56.37 32.64 -51.07
N SER JA 593 -55.77 33.22 -50.05
CA SER JA 593 -54.36 32.97 -49.77
C SER JA 593 -54.22 31.91 -48.69
N GLU JA 594 -53.41 30.90 -48.97
CA GLU JA 594 -53.27 29.74 -48.09
C GLU JA 594 -51.80 29.40 -47.92
N ASP JA 595 -51.48 28.73 -46.82
CA ASP JA 595 -50.10 28.34 -46.53
C ASP JA 595 -49.79 27.03 -47.22
N ARG JA 596 -48.68 26.98 -47.96
CA ARG JA 596 -48.26 25.79 -48.69
C ARG JA 596 -46.78 25.54 -48.44
N LEU JA 597 -46.42 24.26 -48.34
CA LEU JA 597 -45.04 23.86 -48.16
C LEU JA 597 -44.29 23.89 -49.48
N PHE JA 598 -43.05 24.35 -49.44
CA PHE JA 598 -42.24 24.44 -50.64
C PHE JA 598 -40.80 24.01 -50.34
N PRO JA 599 -40.14 23.35 -51.29
CA PRO JA 599 -38.75 22.94 -51.07
C PRO JA 599 -37.84 24.15 -50.82
N ALA JA 600 -36.88 23.97 -49.94
CA ALA JA 600 -35.91 25.00 -49.61
C ALA JA 600 -34.58 24.36 -49.24
N ASP JA 601 -33.50 25.12 -49.41
CA ASP JA 601 -32.15 24.65 -49.10
C ASP JA 601 -31.84 24.94 -47.64
N ASN JA 602 -32.59 24.28 -46.75
CA ASN JA 602 -32.40 24.41 -45.32
C ASN JA 602 -32.38 23.03 -44.69
N GLU JA 603 -32.16 23.01 -43.37
CA GLU JA 603 -32.08 21.74 -42.66
C GLU JA 603 -33.39 20.95 -42.72
N LYS JA 604 -34.53 21.64 -42.53
CA LYS JA 604 -35.81 20.97 -42.59
C LYS JA 604 -36.17 20.49 -43.99
N GLY JA 605 -35.56 21.07 -45.02
CA GLY JA 605 -35.86 20.69 -46.38
C GLY JA 605 -37.06 21.38 -46.98
N PHE JA 606 -37.75 22.23 -46.23
CA PHE JA 606 -38.94 22.91 -46.74
C PHE JA 606 -39.17 24.20 -45.99
N ASP JA 607 -40.02 25.05 -46.55
CA ASP JA 607 -40.43 26.30 -45.94
C ASP JA 607 -41.94 26.46 -46.11
N VAL JA 608 -42.50 27.42 -45.38
CA VAL JA 608 -43.93 27.72 -45.43
C VAL JA 608 -44.10 29.12 -46.01
N ALA JA 609 -44.85 29.20 -47.11
CA ALA JA 609 -45.10 30.46 -47.79
C ALA JA 609 -46.59 30.59 -48.06
N SER JA 610 -47.13 31.78 -47.83
CA SER JA 610 -48.55 32.04 -48.07
C SER JA 610 -48.72 32.48 -49.52
N MET JA 611 -49.24 31.59 -50.36
CA MET JA 611 -49.47 31.88 -51.77
C MET JA 611 -50.95 32.15 -52.03
N MET JA 612 -51.22 33.01 -53.01
CA MET JA 612 -52.56 33.31 -53.48
C MET JA 612 -52.63 33.05 -54.97
N SER JA 613 -53.65 32.32 -55.41
CA SER JA 613 -53.78 31.93 -56.80
C SER JA 613 -54.67 32.93 -57.54
N VAL JA 614 -54.16 33.46 -58.64
CA VAL JA 614 -54.90 34.44 -59.43
C VAL JA 614 -55.09 33.91 -60.84
N THR JA 615 -56.31 34.08 -61.36
CA THR JA 615 -56.69 33.61 -62.68
C THR JA 615 -57.16 34.80 -63.49
N LEU JA 616 -56.43 35.11 -64.57
CA LEU JA 616 -56.78 36.20 -65.47
C LEU JA 616 -57.52 35.63 -66.67
N SER JA 617 -58.73 36.13 -66.91
CA SER JA 617 -59.51 35.75 -68.08
C SER JA 617 -59.35 36.83 -69.15
N CYS JA 618 -58.89 36.42 -70.33
CA CYS JA 618 -58.50 37.36 -71.38
C CYS JA 618 -59.34 37.13 -72.62
N ASP JA 619 -59.63 38.23 -73.31
CA ASP JA 619 -60.23 38.20 -74.65
C ASP JA 619 -59.14 37.85 -75.65
N HIS JA 620 -59.26 36.69 -76.29
CA HIS JA 620 -58.21 36.22 -77.18
C HIS JA 620 -58.11 37.04 -78.47
N ARG JA 621 -59.10 37.89 -78.76
CA ARG JA 621 -58.98 38.77 -79.92
C ARG JA 621 -57.94 39.85 -79.70
N VAL JA 622 -57.81 40.35 -78.48
CA VAL JA 622 -56.89 41.43 -78.15
C VAL JA 622 -55.63 40.89 -77.48
N VAL JA 623 -55.78 40.04 -76.47
CA VAL JA 623 -54.68 39.54 -75.68
C VAL JA 623 -54.46 38.08 -76.04
N ASP JA 624 -53.30 37.78 -76.64
CA ASP JA 624 -52.96 36.39 -76.90
C ASP JA 624 -52.25 35.79 -75.69
N GLY JA 625 -51.90 34.51 -75.81
CA GLY JA 625 -51.37 33.78 -74.67
C GLY JA 625 -50.09 34.37 -74.12
N ALA JA 626 -49.16 34.74 -75.03
CA ALA JA 626 -47.89 35.30 -74.59
C ALA JA 626 -48.09 36.63 -73.86
N VAL JA 627 -48.98 37.48 -74.37
CA VAL JA 627 -49.23 38.77 -73.74
C VAL JA 627 -49.88 38.58 -72.37
N GLY JA 628 -50.86 37.69 -72.27
CA GLY JA 628 -51.47 37.42 -70.98
C GLY JA 628 -50.47 36.88 -69.97
N ALA JA 629 -49.60 35.98 -70.42
CA ALA JA 629 -48.57 35.43 -69.54
C ALA JA 629 -47.60 36.51 -69.09
N GLN JA 630 -47.23 37.42 -70.00
CA GLN JA 630 -46.34 38.53 -69.63
C GLN JA 630 -47.01 39.42 -68.59
N TRP JA 631 -48.30 39.72 -68.77
CA TRP JA 631 -49.02 40.53 -67.80
C TRP JA 631 -49.02 39.85 -66.43
N LEU JA 632 -49.30 38.55 -66.41
CA LEU JA 632 -49.32 37.84 -65.14
C LEU JA 632 -47.93 37.80 -64.50
N ALA JA 633 -46.89 37.69 -65.32
CA ALA JA 633 -45.53 37.71 -64.79
C ALA JA 633 -45.20 39.05 -64.15
N GLU JA 634 -45.55 40.15 -64.79
CA GLU JA 634 -45.31 41.47 -64.20
C GLU JA 634 -46.11 41.66 -62.92
N PHE JA 635 -47.38 41.22 -62.93
CA PHE JA 635 -48.21 41.31 -61.73
C PHE JA 635 -47.59 40.53 -60.58
N ARG JA 636 -47.13 39.32 -60.87
CA ARG JA 636 -46.52 38.48 -59.85
C ARG JA 636 -45.24 39.11 -59.32
N LYS JA 637 -44.41 39.66 -60.21
CA LYS JA 637 -43.18 40.31 -59.76
C LYS JA 637 -43.49 41.48 -58.83
N TYR JA 638 -44.48 42.31 -59.22
CA TYR JA 638 -44.85 43.45 -58.40
C TYR JA 638 -45.32 43.01 -57.03
N LEU JA 639 -46.13 41.95 -56.96
CA LEU JA 639 -46.62 41.53 -55.65
C LEU JA 639 -45.55 40.85 -54.81
N GLU JA 640 -44.68 40.05 -55.42
CA GLU JA 640 -43.65 39.37 -54.64
C GLU JA 640 -42.55 40.32 -54.18
N LYS JA 641 -42.37 41.47 -54.83
CA LYS JA 641 -41.48 42.51 -54.33
C LYS JA 641 -42.22 43.84 -54.35
N PRO JA 642 -42.92 44.17 -53.26
CA PRO JA 642 -43.71 45.42 -53.24
C PRO JA 642 -42.88 46.66 -53.43
N ILE JA 643 -41.61 46.64 -53.01
CA ILE JA 643 -40.75 47.80 -53.17
C ILE JA 643 -40.50 48.13 -54.64
N THR JA 644 -40.74 47.15 -55.54
CA THR JA 644 -40.67 47.43 -56.96
C THR JA 644 -41.85 48.23 -57.48
N MET JA 645 -42.91 48.39 -56.69
CA MET JA 645 -43.99 49.28 -57.10
C MET JA 645 -43.60 50.75 -57.04
N LEU JA 646 -42.45 51.06 -56.44
CA LEU JA 646 -41.93 52.43 -56.47
C LEU JA 646 -41.34 52.80 -57.83
N LEU JA 647 -41.03 51.83 -58.68
CA LEU JA 647 -40.53 52.10 -60.02
C LEU JA 647 -41.58 52.77 -60.89
N PHE KA 420 104.52 -27.54 -21.70
CA PHE KA 420 103.78 -28.66 -22.28
C PHE KA 420 104.31 -30.00 -21.79
N THR KA 421 103.57 -31.06 -22.08
CA THR KA 421 103.97 -32.42 -21.72
C THR KA 421 103.78 -33.32 -22.93
N ASP KA 422 104.81 -34.09 -23.26
CA ASP KA 422 104.77 -35.01 -24.40
C ASP KA 422 104.36 -36.39 -23.89
N ILE KA 423 103.15 -36.81 -24.25
CA ILE KA 423 102.64 -38.12 -23.86
C ILE KA 423 102.92 -39.10 -24.99
N PRO KA 424 103.69 -40.16 -24.76
CA PRO KA 424 103.98 -41.12 -25.83
C PRO KA 424 102.70 -41.76 -26.36
N ILE KA 425 102.68 -42.00 -27.67
CA ILE KA 425 101.53 -42.61 -28.33
C ILE KA 425 101.65 -44.12 -28.21
N SER KA 426 100.61 -44.76 -27.66
CA SER KA 426 100.61 -46.21 -27.57
C SER KA 426 100.41 -46.83 -28.95
N ASN KA 427 100.74 -48.12 -29.05
CA ASN KA 427 100.55 -48.83 -30.31
C ASN KA 427 99.07 -48.96 -30.65
N ILE KA 428 98.22 -49.16 -29.63
CA ILE KA 428 96.78 -49.22 -29.86
C ILE KA 428 96.28 -47.90 -30.42
N ARG KA 429 96.72 -46.79 -29.83
CA ARG KA 429 96.32 -45.47 -30.31
C ARG KA 429 96.84 -45.23 -31.72
N ARG KA 430 98.06 -45.70 -32.02
CA ARG KA 430 98.60 -45.57 -33.36
C ARG KA 430 97.76 -46.34 -34.37
N VAL KA 431 97.33 -47.55 -34.00
CA VAL KA 431 96.49 -48.34 -34.88
C VAL KA 431 95.16 -47.64 -35.12
N ILE KA 432 94.55 -47.11 -34.06
CA ILE KA 432 93.27 -46.42 -34.20
C ILE KA 432 93.42 -45.18 -35.08
N ALA KA 433 94.50 -44.42 -34.87
CA ALA KA 433 94.74 -43.23 -35.67
C ALA KA 433 94.96 -43.59 -37.13
N GLN KA 434 95.69 -44.67 -37.40
CA GLN KA 434 95.92 -45.11 -38.77
C GLN KA 434 94.61 -45.53 -39.43
N ARG KA 435 93.75 -46.23 -38.69
CA ARG KA 435 92.45 -46.60 -39.23
C ARG KA 435 91.61 -45.37 -39.56
N LEU KA 436 91.62 -44.38 -38.67
CA LEU KA 436 90.85 -43.16 -38.91
C LEU KA 436 91.40 -42.40 -40.11
N MET KA 437 92.73 -42.33 -40.24
CA MET KA 437 93.34 -41.69 -41.39
C MET KA 437 92.94 -42.41 -42.68
N GLN KA 438 92.99 -43.74 -42.67
CA GLN KA 438 92.60 -44.50 -43.84
C GLN KA 438 91.15 -44.24 -44.22
N SER KA 439 90.26 -44.21 -43.21
CA SER KA 439 88.85 -43.95 -43.47
C SER KA 439 88.65 -42.58 -44.09
N LYS KA 440 89.23 -41.55 -43.49
CA LYS KA 440 89.00 -40.19 -43.99
C LYS KA 440 89.73 -39.92 -45.30
N GLN KA 441 90.73 -40.74 -45.64
CA GLN KA 441 91.44 -40.53 -46.89
C GLN KA 441 90.84 -41.32 -48.04
N THR KA 442 90.23 -42.47 -47.76
CA THR KA 442 89.74 -43.33 -48.84
C THR KA 442 88.22 -43.35 -48.96
N ILE KA 443 87.49 -42.87 -47.97
CA ILE KA 443 86.03 -42.91 -47.98
C ILE KA 443 85.51 -41.49 -48.16
N PRO KA 444 84.84 -41.18 -49.27
CA PRO KA 444 84.25 -39.84 -49.42
C PRO KA 444 82.98 -39.66 -48.59
N HIS KA 445 83.15 -39.29 -47.32
CA HIS KA 445 82.02 -39.16 -46.42
C HIS KA 445 81.07 -38.07 -46.88
N TYR KA 446 79.77 -38.28 -46.67
CA TYR KA 446 78.79 -37.20 -46.71
C TYR KA 446 77.69 -37.50 -45.70
N TYR KA 447 77.18 -36.46 -45.07
CA TYR KA 447 76.39 -36.60 -43.85
C TYR KA 447 74.95 -36.17 -44.09
N LEU KA 448 74.00 -36.95 -43.58
CA LEU KA 448 72.57 -36.62 -43.66
C LEU KA 448 71.96 -36.67 -42.27
N SER KA 449 71.27 -35.61 -41.88
CA SER KA 449 70.72 -35.50 -40.53
C SER KA 449 69.20 -35.41 -40.58
N VAL KA 450 68.55 -36.09 -39.64
CA VAL KA 450 67.09 -36.02 -39.48
C VAL KA 450 66.76 -35.97 -38.00
N ASP KA 451 65.49 -35.67 -37.72
CA ASP KA 451 64.94 -35.63 -36.37
C ASP KA 451 63.85 -36.69 -36.21
N VAL KA 452 63.93 -37.44 -35.12
CA VAL KA 452 63.04 -38.55 -34.85
C VAL KA 452 62.26 -38.27 -33.57
N ASN KA 453 60.94 -38.41 -33.64
CA ASN KA 453 60.08 -38.20 -32.47
C ASN KA 453 60.11 -39.45 -31.62
N MET KA 454 60.40 -39.29 -30.33
CA MET KA 454 60.68 -40.42 -29.45
C MET KA 454 59.62 -40.64 -28.38
N GLY KA 455 58.48 -39.96 -28.45
CA GLY KA 455 57.46 -40.15 -27.43
C GLY KA 455 56.92 -41.56 -27.37
N GLU KA 456 56.60 -42.12 -28.54
CA GLU KA 456 56.07 -43.48 -28.57
C GLU KA 456 57.12 -44.49 -28.15
N VAL KA 457 58.38 -44.27 -28.53
CA VAL KA 457 59.44 -45.17 -28.08
C VAL KA 457 59.58 -45.11 -26.57
N LEU KA 458 59.51 -43.92 -25.98
CA LEU KA 458 59.59 -43.81 -24.53
C LEU KA 458 58.44 -44.53 -23.84
N LEU KA 459 57.22 -44.35 -24.36
CA LEU KA 459 56.06 -45.03 -23.77
C LEU KA 459 56.20 -46.55 -23.86
N VAL KA 460 56.58 -47.04 -25.05
CA VAL KA 460 56.75 -48.48 -25.24
C VAL KA 460 57.86 -49.02 -24.36
N ARG KA 461 58.96 -48.27 -24.22
CA ARG KA 461 60.06 -48.69 -23.38
C ARG KA 461 59.64 -48.77 -21.92
N LYS KA 462 58.86 -47.79 -21.45
CA LYS KA 462 58.37 -47.82 -20.08
C LYS KA 462 57.48 -49.04 -19.85
N GLU KA 463 56.58 -49.32 -20.80
CA GLU KA 463 55.71 -50.48 -20.67
C GLU KA 463 56.51 -51.79 -20.66
N LEU KA 464 57.50 -51.90 -21.55
CA LEU KA 464 58.33 -53.10 -21.60
C LEU KA 464 59.15 -53.27 -20.33
N ASN KA 465 59.68 -52.17 -19.79
CA ASN KA 465 60.43 -52.26 -18.53
C ASN KA 465 59.53 -52.66 -17.38
N LYS KA 466 58.29 -52.15 -17.36
CA LYS KA 466 57.34 -52.58 -16.33
C LYS KA 466 57.02 -54.07 -16.46
N MET KA 467 56.83 -54.55 -17.70
CA MET KA 467 56.53 -55.97 -17.89
C MET KA 467 57.71 -56.86 -17.54
N LEU KA 468 58.93 -56.39 -17.77
CA LEU KA 468 60.13 -57.19 -17.52
C LEU KA 468 60.31 -57.52 -16.04
N GLU KA 469 59.78 -56.69 -15.13
CA GLU KA 469 59.80 -56.95 -13.70
C GLU KA 469 61.23 -57.14 -13.18
N GLY KA 470 62.15 -56.35 -13.73
CA GLY KA 470 63.52 -56.34 -13.25
C GLY KA 470 64.41 -57.46 -13.80
N ARG KA 471 63.87 -58.36 -14.63
CA ARG KA 471 64.71 -59.38 -15.23
C ARG KA 471 65.74 -58.76 -16.16
N SER KA 472 65.34 -57.75 -16.93
CA SER KA 472 66.25 -56.97 -17.75
C SER KA 472 65.74 -55.53 -17.79
N LYS KA 473 66.50 -54.66 -18.45
CA LYS KA 473 66.14 -53.27 -18.62
C LYS KA 473 66.36 -52.88 -20.08
N ILE KA 474 65.28 -52.46 -20.75
CA ILE KA 474 65.39 -52.06 -22.15
C ILE KA 474 65.75 -50.58 -22.22
N SER KA 475 66.81 -50.27 -22.96
CA SER KA 475 67.27 -48.90 -23.12
C SER KA 475 66.90 -48.37 -24.50
N VAL KA 476 67.04 -47.05 -24.65
CA VAL KA 476 66.74 -46.40 -25.92
C VAL KA 476 67.71 -46.86 -27.00
N ASN KA 477 68.97 -47.12 -26.63
CA ASN KA 477 69.94 -47.60 -27.61
C ASN KA 477 69.53 -48.97 -28.16
N ASP KA 478 68.81 -49.78 -27.39
CA ASP KA 478 68.33 -51.05 -27.92
C ASP KA 478 67.30 -50.83 -29.02
N PHE KA 479 66.36 -49.91 -28.81
CA PHE KA 479 65.41 -49.56 -29.86
C PHE KA 479 66.14 -49.02 -31.08
N ILE KA 480 67.17 -48.19 -30.85
CA ILE KA 480 67.92 -47.61 -31.97
C ILE KA 480 68.63 -48.70 -32.76
N ILE KA 481 69.24 -49.67 -32.06
CA ILE KA 481 69.94 -50.75 -32.75
C ILE KA 481 68.96 -51.61 -33.55
N LYS KA 482 67.81 -51.92 -32.96
CA LYS KA 482 66.82 -52.74 -33.66
C LYS KA 482 66.30 -52.02 -34.89
N ALA KA 483 66.00 -50.72 -34.76
CA ALA KA 483 65.51 -49.95 -35.89
C ALA KA 483 66.58 -49.84 -36.98
N SER KA 484 67.84 -49.67 -36.59
CA SER KA 484 68.92 -49.61 -37.56
C SER KA 484 69.05 -50.93 -38.32
N ALA KA 485 68.94 -52.05 -37.60
CA ALA KA 485 69.03 -53.35 -38.26
C ALA KA 485 67.88 -53.56 -39.24
N LEU KA 486 66.66 -53.19 -38.84
CA LEU KA 486 65.53 -53.36 -39.74
C LEU KA 486 65.62 -52.44 -40.96
N ALA KA 487 66.09 -51.20 -40.75
CA ALA KA 487 66.27 -50.29 -41.88
C ALA KA 487 67.37 -50.79 -42.80
N CYS KA 488 68.43 -51.40 -42.24
CA CYS KA 488 69.46 -52.02 -43.07
C CYS KA 488 68.90 -53.17 -43.89
N LEU KA 489 68.00 -53.97 -43.30
CA LEU KA 489 67.34 -55.02 -44.07
C LEU KA 489 66.52 -54.42 -45.21
N LYS KA 490 65.79 -53.34 -44.94
CA LYS KA 490 64.92 -52.77 -45.97
C LYS KA 490 65.73 -52.09 -47.06
N VAL KA 491 66.87 -51.49 -46.72
CA VAL KA 491 67.71 -50.80 -47.68
C VAL KA 491 69.10 -51.41 -47.63
N PRO KA 492 69.36 -52.49 -48.37
CA PRO KA 492 70.64 -53.21 -48.22
C PRO KA 492 71.86 -52.43 -48.69
N GLU KA 493 71.69 -51.31 -49.40
CA GLU KA 493 72.85 -50.55 -49.86
C GLU KA 493 73.65 -50.00 -48.68
N ALA KA 494 72.96 -49.59 -47.62
CA ALA KA 494 73.66 -49.14 -46.41
C ALA KA 494 74.36 -50.29 -45.69
N ASN KA 495 74.04 -51.53 -46.05
CA ASN KA 495 74.69 -52.71 -45.50
C ASN KA 495 75.69 -53.32 -46.48
N SER KA 496 76.43 -52.48 -47.20
CA SER KA 496 77.38 -52.93 -48.20
C SER KA 496 78.79 -52.50 -47.82
N SER KA 497 79.74 -52.92 -48.63
CA SER KA 497 81.15 -52.60 -48.45
C SER KA 497 81.82 -52.46 -49.81
N TRP KA 498 82.71 -51.50 -49.94
CA TRP KA 498 83.43 -51.26 -51.18
C TRP KA 498 84.78 -51.97 -51.13
N LEU KA 499 85.04 -52.81 -52.12
CA LEU KA 499 86.26 -53.62 -52.16
C LEU KA 499 87.05 -53.36 -53.44
N ASP KA 500 86.78 -52.22 -54.08
CA ASP KA 500 87.53 -51.70 -55.22
C ASP KA 500 87.30 -52.52 -56.49
N THR KA 501 86.63 -53.66 -56.38
CA THR KA 501 86.25 -54.46 -57.54
C THR KA 501 84.78 -54.83 -57.54
N VAL KA 502 84.21 -55.13 -56.37
CA VAL KA 502 82.79 -55.44 -56.23
C VAL KA 502 82.26 -54.73 -55.01
N ILE KA 503 80.94 -54.59 -54.95
CA ILE KA 503 80.25 -54.04 -53.79
C ILE KA 503 79.61 -55.18 -53.03
N ARG KA 504 80.24 -55.56 -51.92
CA ARG KA 504 79.77 -56.70 -51.13
C ARG KA 504 78.54 -56.28 -50.34
N GLN KA 505 77.39 -56.86 -50.66
CA GLN KA 505 76.13 -56.52 -50.00
C GLN KA 505 75.83 -57.56 -48.94
N ASN KA 506 76.15 -57.25 -47.68
CA ASN KA 506 75.97 -58.22 -46.60
C ASN KA 506 74.50 -58.48 -46.35
N HIS KA 507 74.14 -59.76 -46.26
CA HIS KA 507 72.77 -60.17 -45.99
C HIS KA 507 72.45 -60.28 -44.50
N VAL KA 508 73.45 -60.21 -43.64
CA VAL KA 508 73.26 -60.17 -42.20
C VAL KA 508 73.68 -58.80 -41.70
N VAL KA 509 73.13 -58.40 -40.56
CA VAL KA 509 73.37 -57.07 -40.00
C VAL KA 509 74.06 -57.26 -38.66
N ASP KA 510 75.37 -57.03 -38.64
CA ASP KA 510 76.17 -57.09 -37.42
C ASP KA 510 76.45 -55.65 -37.00
N ILE KA 511 75.77 -55.19 -35.95
CA ILE KA 511 75.83 -53.79 -35.55
C ILE KA 511 76.97 -53.60 -34.56
N SER KA 512 78.02 -52.91 -35.00
CA SER KA 512 79.05 -52.46 -34.08
C SER KA 512 78.51 -51.30 -33.25
N VAL KA 513 78.78 -51.30 -31.96
CA VAL KA 513 78.30 -50.26 -31.05
C VAL KA 513 79.51 -49.58 -30.43
N ALA KA 514 79.61 -48.27 -30.62
CA ALA KA 514 80.73 -47.52 -30.07
C ALA KA 514 80.59 -47.39 -28.56
N VAL KA 515 81.62 -47.80 -27.84
CA VAL KA 515 81.67 -47.75 -26.38
C VAL KA 515 82.94 -47.05 -25.97
N SER KA 516 82.81 -46.07 -25.07
CA SER KA 516 83.96 -45.34 -24.57
C SER KA 516 84.47 -45.97 -23.28
N THR KA 517 85.74 -46.31 -23.26
CA THR KA 517 86.44 -46.92 -22.14
C THR KA 517 87.65 -46.06 -21.83
N PRO KA 518 88.25 -46.20 -20.64
CA PRO KA 518 89.44 -45.40 -20.33
C PRO KA 518 90.58 -45.59 -21.30
N ALA KA 519 90.61 -46.69 -22.05
CA ALA KA 519 91.66 -46.93 -23.04
C ALA KA 519 91.30 -46.40 -24.43
N GLY KA 520 90.09 -45.89 -24.63
CA GLY KA 520 89.68 -45.33 -25.90
C GLY KA 520 88.32 -45.80 -26.35
N LEU KA 521 88.08 -45.70 -27.64
CA LEU KA 521 86.81 -46.12 -28.22
C LEU KA 521 86.94 -47.53 -28.79
N ILE KA 522 85.99 -48.40 -28.44
CA ILE KA 522 85.99 -49.76 -28.95
C ILE KA 522 84.58 -50.09 -29.44
N THR KA 523 84.49 -51.03 -30.38
CA THR KA 523 83.24 -51.31 -31.08
C THR KA 523 82.88 -52.79 -30.96
N PRO KA 524 82.33 -53.20 -29.82
CA PRO KA 524 81.77 -54.57 -29.73
C PRO KA 524 80.61 -54.73 -30.69
N ILE KA 525 80.49 -55.93 -31.25
CA ILE KA 525 79.55 -56.22 -32.33
C ILE KA 525 78.39 -57.03 -31.78
N VAL KA 526 77.17 -56.55 -32.01
CA VAL KA 526 75.95 -57.33 -31.77
C VAL KA 526 75.64 -58.01 -33.09
N PHE KA 527 75.83 -59.33 -33.14
CA PHE KA 527 75.60 -60.08 -34.36
C PHE KA 527 74.12 -60.41 -34.51
N ASN KA 528 73.66 -60.43 -35.77
CA ASN KA 528 72.28 -60.79 -36.09
C ASN KA 528 71.28 -59.92 -35.33
N ALA KA 529 71.54 -58.62 -35.30
CA ALA KA 529 70.63 -57.70 -34.64
C ALA KA 529 69.32 -57.58 -35.40
N HIS KA 530 69.29 -58.02 -36.66
CA HIS KA 530 68.06 -57.96 -37.44
C HIS KA 530 67.08 -59.05 -37.03
N ILE KA 531 67.55 -60.08 -36.33
CA ILE KA 531 66.68 -61.15 -35.85
C ILE KA 531 66.64 -61.25 -34.34
N LYS KA 532 67.59 -60.64 -33.63
CA LYS KA 532 67.54 -60.64 -32.18
C LYS KA 532 66.44 -59.72 -31.66
N GLY KA 533 65.85 -60.10 -30.53
CA GLY KA 533 64.83 -59.26 -29.93
C GLY KA 533 65.42 -58.15 -29.08
N LEU KA 534 64.54 -57.28 -28.58
CA LEU KA 534 65.00 -56.14 -27.79
C LEU KA 534 65.66 -56.59 -26.50
N GLU KA 535 65.09 -57.58 -25.82
CA GLU KA 535 65.70 -58.08 -24.59
C GLU KA 535 67.06 -58.72 -24.85
N THR KA 536 67.13 -59.54 -25.90
CA THR KA 536 68.41 -60.15 -26.27
C THR KA 536 69.44 -59.10 -26.67
N ILE KA 537 69.02 -58.09 -27.42
CA ILE KA 537 69.94 -57.03 -27.83
C ILE KA 537 70.44 -56.27 -26.60
N ALA KA 538 69.54 -55.97 -25.67
CA ALA KA 538 69.94 -55.26 -24.46
C ALA KA 538 70.93 -56.07 -23.64
N ASN KA 539 70.65 -57.37 -23.47
CA ASN KA 539 71.56 -58.22 -22.71
C ASN KA 539 72.93 -58.31 -23.38
N ASP KA 540 72.94 -58.46 -24.70
CA ASP KA 540 74.19 -58.51 -25.44
C ASP KA 540 74.97 -57.21 -25.29
N VAL KA 541 74.27 -56.07 -25.36
CA VAL KA 541 74.94 -54.78 -25.24
C VAL KA 541 75.54 -54.61 -23.85
N VAL KA 542 74.79 -54.98 -22.80
CA VAL KA 542 75.33 -54.85 -21.45
C VAL KA 542 76.54 -55.76 -21.27
N SER KA 543 76.45 -57.01 -21.74
CA SER KA 543 77.56 -57.94 -21.58
C SER KA 543 78.80 -57.45 -22.32
N LEU KA 544 78.63 -57.00 -23.56
CA LEU KA 544 79.77 -56.54 -24.35
C LEU KA 544 80.34 -55.25 -23.79
N ALA KA 545 79.50 -54.36 -23.27
CA ALA KA 545 79.99 -53.14 -22.65
C ALA KA 545 80.81 -53.45 -21.40
N THR KA 546 80.33 -54.40 -20.59
CA THR KA 546 81.11 -54.82 -19.41
C THR KA 546 82.45 -55.41 -19.82
N LYS KA 547 82.44 -56.27 -20.86
CA LYS KA 547 83.68 -56.84 -21.34
C LYS KA 547 84.64 -55.76 -21.84
N ALA KA 548 84.11 -54.78 -22.58
CA ALA KA 548 84.95 -53.71 -23.12
C ALA KA 548 85.54 -52.87 -21.99
N ARG KA 549 84.73 -52.53 -20.99
CA ARG KA 549 85.24 -51.74 -19.87
C ARG KA 549 86.26 -52.51 -19.06
N GLU KA 550 86.11 -53.83 -18.96
CA GLU KA 550 87.07 -54.66 -18.25
C GLU KA 550 88.26 -55.05 -19.12
N GLY KA 551 88.25 -54.73 -20.40
CA GLY KA 551 89.37 -55.03 -21.26
C GLY KA 551 89.50 -56.49 -21.63
N LYS KA 552 88.40 -57.22 -21.66
CA LYS KA 552 88.42 -58.66 -21.92
C LYS KA 552 87.84 -59.03 -23.28
N LEU KA 553 87.62 -58.07 -24.17
CA LEU KA 553 87.04 -58.37 -25.46
C LEU KA 553 88.01 -59.14 -26.34
N GLN KA 554 87.51 -60.20 -26.98
CA GLN KA 554 88.28 -60.95 -27.96
C GLN KA 554 88.27 -60.22 -29.31
N PRO KA 555 89.28 -60.43 -30.14
CA PRO KA 555 89.35 -59.71 -31.42
C PRO KA 555 88.13 -59.93 -32.32
N HIS KA 556 87.56 -61.15 -32.32
CA HIS KA 556 86.40 -61.40 -33.16
C HIS KA 556 85.15 -60.70 -32.64
N GLU KA 557 85.14 -60.28 -31.38
CA GLU KA 557 83.99 -59.60 -30.81
C GLU KA 557 83.93 -58.12 -31.15
N PHE KA 558 85.00 -57.55 -31.70
CA PHE KA 558 84.98 -56.15 -32.10
C PHE KA 558 85.56 -55.89 -33.48
N GLN KA 559 86.06 -56.91 -34.18
CA GLN KA 559 86.54 -56.74 -35.55
C GLN KA 559 85.49 -57.26 -36.52
N GLY KA 560 85.09 -56.42 -37.46
CA GLY KA 560 84.08 -56.79 -38.43
C GLY KA 560 82.85 -55.92 -38.38
N GLY KA 561 81.68 -56.52 -38.54
CA GLY KA 561 80.43 -55.79 -38.55
C GLY KA 561 80.14 -55.16 -39.91
N THR KA 562 78.87 -54.77 -40.08
CA THR KA 562 78.43 -54.17 -41.32
C THR KA 562 77.86 -52.76 -41.15
N PHE KA 563 77.58 -52.34 -39.92
CA PHE KA 563 76.98 -51.04 -39.66
C PHE KA 563 77.30 -50.64 -38.23
N THR KA 564 77.73 -49.39 -38.06
CA THR KA 564 78.20 -48.90 -36.77
C THR KA 564 77.21 -47.87 -36.22
N ILE KA 565 77.03 -47.89 -34.90
CA ILE KA 565 76.20 -46.91 -34.21
C ILE KA 565 77.02 -46.29 -33.09
N SER KA 566 77.15 -44.97 -33.11
CA SER KA 566 77.85 -44.22 -32.06
C SER KA 566 76.86 -43.26 -31.42
N ASN KA 567 76.54 -43.50 -30.16
CA ASN KA 567 75.54 -42.73 -29.43
C ASN KA 567 76.24 -41.88 -28.38
N LEU KA 568 76.14 -40.55 -28.52
CA LEU KA 568 76.68 -39.63 -27.54
C LEU KA 568 75.60 -38.79 -26.88
N GLY KA 569 74.36 -39.26 -26.88
CA GLY KA 569 73.28 -38.49 -26.28
C GLY KA 569 73.44 -38.36 -24.77
N MET KA 570 74.04 -39.35 -24.13
CA MET KA 570 74.22 -39.32 -22.68
C MET KA 570 75.18 -38.21 -22.25
N PHE KA 571 75.96 -37.66 -23.17
CA PHE KA 571 76.87 -36.56 -22.87
C PHE KA 571 76.27 -35.21 -23.24
N GLY KA 572 75.02 -35.17 -23.69
CA GLY KA 572 74.38 -33.91 -23.99
C GLY KA 572 74.63 -33.35 -25.37
N ILE KA 573 75.23 -34.13 -26.27
CA ILE KA 573 75.48 -33.65 -27.62
C ILE KA 573 74.16 -33.58 -28.39
N LYS KA 574 73.87 -32.42 -28.97
CA LYS KA 574 72.67 -32.29 -29.78
C LYS KA 574 72.74 -33.15 -31.03
N ASN KA 575 73.83 -33.03 -31.77
CA ASN KA 575 74.09 -33.90 -32.92
C ASN KA 575 75.58 -33.84 -33.25
N PHE KA 576 76.05 -34.83 -34.00
CA PHE KA 576 77.44 -34.87 -34.40
C PHE KA 576 77.59 -35.75 -35.64
N SER KA 577 78.74 -35.61 -36.30
CA SER KA 577 79.06 -36.37 -37.49
C SER KA 577 80.28 -37.25 -37.18
N ALA KA 578 80.14 -38.56 -37.40
CA ALA KA 578 81.19 -39.49 -37.04
C ALA KA 578 81.98 -39.92 -38.28
N ILE KA 579 83.00 -40.74 -38.03
CA ILE KA 579 83.87 -41.25 -39.09
C ILE KA 579 83.50 -42.69 -39.38
N ILE KA 580 83.34 -43.02 -40.66
CA ILE KA 580 82.97 -44.39 -41.04
C ILE KA 580 84.08 -45.35 -40.68
N ASN KA 581 83.73 -46.42 -39.99
CA ASN KA 581 84.67 -47.46 -39.63
C ASN KA 581 84.84 -48.40 -40.81
N PRO KA 582 86.05 -48.52 -41.37
CA PRO KA 582 86.22 -49.34 -42.56
C PRO KA 582 86.09 -50.81 -42.22
N PRO KA 583 85.68 -51.64 -43.19
CA PRO KA 583 85.32 -51.31 -44.57
C PRO KA 583 83.83 -51.03 -44.75
N GLN KA 584 83.12 -50.65 -43.68
CA GLN KA 584 81.68 -50.46 -43.77
C GLN KA 584 81.35 -49.22 -44.60
N ALA KA 585 80.07 -49.04 -44.88
CA ALA KA 585 79.61 -47.98 -45.76
C ALA KA 585 78.89 -46.85 -45.04
N CYS KA 586 78.44 -47.06 -43.81
CA CYS KA 586 77.71 -46.04 -43.08
C CYS KA 586 78.00 -46.16 -41.59
N ILE KA 587 77.73 -45.07 -40.86
CA ILE KA 587 77.76 -45.06 -39.41
C ILE KA 587 76.71 -44.07 -38.93
N LEU KA 588 75.91 -44.49 -37.95
CA LEU KA 588 74.82 -43.67 -37.44
C LEU KA 588 75.27 -42.98 -36.17
N ALA KA 589 75.30 -41.65 -36.20
CA ALA KA 589 75.68 -40.83 -35.06
C ALA KA 589 74.41 -40.34 -34.37
N VAL KA 590 74.28 -40.64 -33.09
CA VAL KA 590 73.05 -40.41 -32.33
C VAL KA 590 73.32 -39.34 -31.27
N GLY KA 591 72.47 -38.32 -31.24
CA GLY KA 591 72.58 -37.25 -30.27
C GLY KA 591 71.59 -37.40 -29.13
N ALA KA 592 71.43 -36.32 -28.37
CA ALA KA 592 70.60 -36.33 -27.19
C ALA KA 592 69.13 -36.05 -27.54
N SER KA 593 68.24 -36.56 -26.70
CA SER KA 593 66.82 -36.31 -26.85
C SER KA 593 66.40 -35.10 -26.02
N GLU KA 594 65.79 -34.12 -26.67
CA GLU KA 594 65.38 -32.89 -26.02
C GLU KA 594 63.94 -32.57 -26.38
N ASP KA 595 63.23 -31.94 -25.44
CA ASP KA 595 61.85 -31.55 -25.66
C ASP KA 595 61.81 -30.30 -26.54
N ARG KA 596 61.00 -30.34 -27.60
CA ARG KA 596 60.87 -29.23 -28.53
C ARG KA 596 59.40 -28.94 -28.80
N LEU KA 597 59.11 -27.67 -29.08
CA LEU KA 597 57.74 -27.24 -29.35
C LEU KA 597 57.43 -27.38 -30.83
N PHE KA 598 56.21 -27.84 -31.13
CA PHE KA 598 55.80 -28.07 -32.49
C PHE KA 598 54.37 -27.60 -32.72
N PRO KA 599 54.03 -27.21 -33.96
CA PRO KA 599 52.65 -26.80 -34.24
C PRO KA 599 51.67 -27.95 -34.00
N ALA KA 600 50.49 -27.60 -33.50
CA ALA KA 600 49.43 -28.57 -33.27
C ALA KA 600 48.08 -27.90 -33.45
N ASP KA 601 47.09 -28.70 -33.85
CA ASP KA 601 45.72 -28.20 -34.05
C ASP KA 601 44.95 -28.36 -32.74
N ASN KA 602 45.38 -27.60 -31.74
CA ASN KA 602 44.76 -27.60 -30.43
C ASN KA 602 44.54 -26.17 -29.97
N GLU KA 603 43.95 -26.03 -28.77
CA GLU KA 603 43.64 -24.71 -28.25
C GLU KA 603 44.90 -23.90 -27.99
N LYS KA 604 45.94 -24.51 -27.40
CA LYS KA 604 47.18 -23.81 -27.16
C LYS KA 604 47.94 -23.49 -28.44
N GLY KA 605 47.70 -24.24 -29.51
CA GLY KA 605 48.42 -24.04 -30.74
C GLY KA 605 49.75 -24.75 -30.84
N PHE KA 606 50.14 -25.51 -29.82
CA PHE KA 606 51.42 -26.20 -29.85
C PHE KA 606 51.37 -27.42 -28.94
N ASP KA 607 52.36 -28.29 -29.12
CA ASP KA 607 52.54 -29.49 -28.33
C ASP KA 607 54.01 -29.68 -28.02
N VAL KA 608 54.30 -30.57 -27.08
CA VAL KA 608 55.67 -30.86 -26.65
C VAL KA 608 56.01 -32.28 -27.07
N ALA KA 609 57.11 -32.43 -27.79
CA ALA KA 609 57.56 -33.72 -28.29
C ALA KA 609 59.04 -33.89 -28.00
N SER KA 610 59.42 -35.09 -27.55
CA SER KA 610 60.82 -35.41 -27.28
C SER KA 610 61.46 -35.92 -28.56
N MET KA 611 62.31 -35.09 -29.17
CA MET KA 611 62.91 -35.40 -30.47
C MET KA 611 64.38 -35.72 -30.30
N MET KA 612 64.88 -36.60 -31.18
CA MET KA 612 66.27 -37.01 -31.19
C MET KA 612 66.82 -36.74 -32.58
N SER KA 613 68.01 -36.13 -32.66
CA SER KA 613 68.63 -35.80 -33.93
C SER KA 613 69.70 -36.84 -34.27
N VAL KA 614 69.54 -37.52 -35.39
CA VAL KA 614 70.47 -38.56 -35.81
C VAL KA 614 71.07 -38.20 -37.15
N THR KA 615 72.38 -38.39 -37.26
CA THR KA 615 73.14 -38.07 -38.46
C THR KA 615 73.82 -39.33 -38.97
N LEU KA 616 73.49 -39.73 -40.18
CA LEU KA 616 74.11 -40.87 -40.84
C LEU KA 616 75.21 -40.37 -41.77
N SER KA 617 76.43 -40.86 -41.56
CA SER KA 617 77.55 -40.56 -42.43
C SER KA 617 77.73 -41.71 -43.42
N CYS KA 618 77.63 -41.40 -44.71
CA CYS KA 618 77.57 -42.41 -45.74
C CYS KA 618 78.77 -42.29 -46.69
N ASP KA 619 79.23 -43.45 -47.16
CA ASP KA 619 80.22 -43.52 -48.22
C ASP KA 619 79.53 -43.25 -49.55
N HIS KA 620 79.86 -42.12 -50.18
CA HIS KA 620 79.18 -41.72 -51.40
C HIS KA 620 79.49 -42.64 -52.58
N ARG KA 621 80.53 -43.47 -52.47
CA ARG KA 621 80.77 -44.47 -53.50
C ARG KA 621 79.68 -45.53 -53.56
N VAL KA 622 79.17 -45.92 -52.39
CA VAL KA 622 78.19 -47.00 -52.29
C VAL KA 622 76.77 -46.45 -52.13
N VAL KA 623 76.60 -45.49 -51.22
CA VAL KA 623 75.27 -44.97 -50.86
C VAL KA 623 75.17 -43.55 -51.39
N ASP KA 624 74.27 -43.33 -52.35
CA ASP KA 624 74.03 -41.98 -52.82
C ASP KA 624 72.98 -41.29 -51.94
N GLY KA 625 72.70 -40.04 -52.28
CA GLY KA 625 71.83 -39.23 -51.44
C GLY KA 625 70.44 -39.81 -51.29
N ALA KA 626 69.85 -40.28 -52.39
CA ALA KA 626 68.51 -40.85 -52.33
C ALA KA 626 68.46 -42.10 -51.47
N VAL KA 627 69.47 -42.97 -51.59
CA VAL KA 627 69.49 -44.19 -50.79
C VAL KA 627 69.68 -43.87 -49.31
N GLY KA 628 70.58 -42.94 -49.00
CA GLY KA 628 70.76 -42.55 -47.61
C GLY KA 628 69.51 -41.94 -47.01
N ALA KA 629 68.82 -41.10 -47.79
CA ALA KA 629 67.57 -40.50 -47.33
C ALA KA 629 66.49 -41.55 -47.12
N GLN KA 630 66.42 -42.54 -48.02
CA GLN KA 630 65.45 -43.62 -47.84
C GLN KA 630 65.74 -44.41 -46.58
N TRP KA 631 67.03 -44.69 -46.31
CA TRP KA 631 67.40 -45.40 -45.10
C TRP KA 631 66.98 -44.60 -43.87
N LEU KA 632 67.25 -43.29 -43.86
CA LEU KA 632 66.90 -42.48 -42.71
C LEU KA 632 65.38 -42.39 -42.53
N ALA KA 633 64.64 -42.32 -43.64
CA ALA KA 633 63.18 -42.32 -43.54
C ALA KA 633 62.64 -43.62 -42.96
N GLU KA 634 63.20 -44.75 -43.39
CA GLU KA 634 62.78 -46.04 -42.82
C GLU KA 634 63.11 -46.13 -41.34
N PHE KA 635 64.30 -45.68 -40.96
CA PHE KA 635 64.70 -45.67 -39.56
C PHE KA 635 63.76 -44.81 -38.73
N ARG KA 636 63.43 -43.62 -39.24
CA ARG KA 636 62.53 -42.72 -38.52
C ARG KA 636 61.14 -43.31 -38.39
N LYS KA 637 60.64 -43.96 -39.44
CA LYS KA 637 59.34 -44.60 -39.37
C LYS KA 637 59.33 -45.72 -38.33
N TYR KA 638 60.38 -46.55 -38.33
CA TYR KA 638 60.45 -47.63 -37.35
C TYR KA 638 60.47 -47.11 -35.93
N LEU KA 639 61.23 -46.03 -35.68
CA LEU KA 639 61.26 -45.49 -34.33
C LEU KA 639 59.95 -44.80 -33.96
N GLU KA 640 59.35 -44.07 -34.89
CA GLU KA 640 58.12 -43.33 -34.56
C GLU KA 640 56.92 -44.26 -34.39
N LYS KA 641 56.97 -45.47 -34.95
CA LYS KA 641 55.93 -46.47 -34.72
C LYS KA 641 56.61 -47.77 -34.29
N PRO KA 642 56.87 -47.94 -33.00
CA PRO KA 642 57.60 -49.13 -32.53
C PRO KA 642 56.89 -50.44 -32.85
N ILE KA 643 55.56 -50.43 -32.97
CA ILE KA 643 54.84 -51.66 -33.30
C ILE KA 643 55.18 -52.14 -34.70
N THR KA 644 55.69 -51.25 -35.56
CA THR KA 644 56.05 -51.64 -36.91
C THR KA 644 57.34 -52.45 -36.97
N MET KA 645 58.10 -52.52 -35.88
CA MET KA 645 59.23 -53.45 -35.86
C MET KA 645 58.78 -54.90 -35.78
N LEU KA 646 57.51 -55.15 -35.53
CA LEU KA 646 56.97 -56.51 -35.59
C LEU KA 646 56.80 -57.00 -37.02
N LEU KA 647 56.71 -56.10 -38.00
CA LEU KA 647 56.54 -56.49 -39.39
C LEU KA 647 57.85 -57.01 -39.97
N PHE LA 420 -56.62 57.77 -74.89
CA PHE LA 420 -56.52 56.46 -75.53
C PHE LA 420 -55.99 56.56 -76.95
N THR LA 421 -55.65 55.42 -77.54
CA THR LA 421 -55.17 55.34 -78.91
C THR LA 421 -55.91 54.23 -79.63
N ASP LA 422 -56.44 54.54 -80.81
CA ASP LA 422 -57.18 53.56 -81.61
C ASP LA 422 -56.22 52.93 -82.61
N ILE LA 423 -55.90 51.65 -82.40
CA ILE LA 423 -55.01 50.92 -83.29
C ILE LA 423 -55.87 50.17 -84.31
N PRO LA 424 -55.72 50.43 -85.61
CA PRO LA 424 -56.54 49.73 -86.60
C PRO LA 424 -56.29 48.23 -86.56
N ILE LA 425 -57.36 47.47 -86.78
CA ILE LA 425 -57.27 46.01 -86.76
C ILE LA 425 -56.85 45.54 -88.15
N SER LA 426 -55.77 44.76 -88.20
CA SER LA 426 -55.32 44.20 -89.46
C SER LA 426 -56.28 43.10 -89.93
N ASN LA 427 -56.18 42.79 -91.23
CA ASN LA 427 -57.01 41.72 -91.78
C ASN LA 427 -56.64 40.36 -91.18
N ILE LA 428 -55.35 40.14 -90.93
CA ILE LA 428 -54.92 38.90 -90.29
C ILE LA 428 -55.52 38.78 -88.90
N ARG LA 429 -55.49 39.88 -88.14
CA ARG LA 429 -56.07 39.86 -86.80
C ARG LA 429 -57.58 39.67 -86.86
N ARG LA 430 -58.23 40.27 -87.86
CA ARG LA 430 -59.67 40.06 -88.03
C ARG LA 430 -59.99 38.60 -88.32
N VAL LA 431 -59.18 37.96 -89.16
CA VAL LA 431 -59.37 36.54 -89.46
C VAL LA 431 -59.19 35.70 -88.21
N ILE LA 432 -58.14 35.99 -87.42
CA ILE LA 432 -57.89 35.24 -86.20
C ILE LA 432 -59.05 35.42 -85.21
N ALA LA 433 -59.52 36.66 -85.07
CA ALA LA 433 -60.63 36.94 -84.17
C ALA LA 433 -61.90 36.23 -84.62
N GLN LA 434 -62.15 36.20 -85.93
CA GLN LA 434 -63.33 35.50 -86.45
C GLN LA 434 -63.23 34.00 -86.19
N ARG LA 435 -62.05 33.43 -86.38
CA ARG LA 435 -61.86 32.01 -86.08
C ARG LA 435 -62.10 31.71 -84.61
N LEU LA 436 -61.56 32.56 -83.72
CA LEU LA 436 -61.76 32.35 -82.28
C LEU LA 436 -63.23 32.49 -81.90
N MET LA 437 -63.92 33.47 -82.48
CA MET LA 437 -65.35 33.63 -82.23
C MET LA 437 -66.11 32.40 -82.69
N GLN LA 438 -65.79 31.90 -83.88
CA GLN LA 438 -66.45 30.69 -84.38
C GLN LA 438 -66.22 29.52 -83.46
N SER LA 439 -64.97 29.35 -82.99
CA SER LA 439 -64.66 28.24 -82.10
C SER LA 439 -65.46 28.34 -80.80
N LYS LA 440 -65.44 29.51 -80.17
CA LYS LA 440 -66.11 29.64 -78.88
C LYS LA 440 -67.62 29.65 -79.01
N GLN LA 441 -68.15 29.92 -80.21
CA GLN LA 441 -69.59 29.93 -80.39
C GLN LA 441 -70.13 28.57 -80.82
N THR LA 442 -69.34 27.77 -81.53
CA THR LA 442 -69.85 26.51 -82.07
C THR LA 442 -69.30 25.27 -81.36
N ILE LA 443 -68.24 25.40 -80.57
CA ILE LA 443 -67.62 24.27 -79.90
C ILE LA 443 -67.90 24.37 -78.40
N PRO LA 444 -68.65 23.44 -77.82
CA PRO LA 444 -68.87 23.47 -76.37
C PRO LA 444 -67.66 22.99 -75.59
N HIS LA 445 -66.72 23.88 -75.32
CA HIS LA 445 -65.48 23.52 -74.65
C HIS LA 445 -65.75 23.01 -73.24
N TYR LA 446 -64.96 22.03 -72.81
CA TYR LA 446 -64.85 21.72 -71.39
C TYR LA 446 -63.42 21.25 -71.11
N TYR LA 447 -62.92 21.60 -69.92
CA TYR LA 447 -61.49 21.55 -69.65
C TYR LA 447 -61.19 20.51 -68.58
N LEU LA 448 -60.15 19.71 -68.80
CA LEU LA 448 -59.69 18.71 -67.83
C LEU LA 448 -58.22 18.91 -67.55
N SER LA 449 -57.84 19.00 -66.28
CA SER LA 449 -56.46 19.30 -65.90
C SER LA 449 -55.87 18.16 -65.08
N VAL LA 450 -54.60 17.85 -65.34
CA VAL LA 450 -53.87 16.86 -64.57
C VAL LA 450 -52.45 17.36 -64.33
N ASP LA 451 -51.73 16.65 -63.46
CA ASP LA 451 -50.35 16.92 -63.14
C ASP LA 451 -49.47 15.74 -63.54
N VAL LA 452 -48.37 16.03 -64.21
CA VAL LA 452 -47.46 15.02 -64.76
C VAL LA 452 -46.10 15.18 -64.11
N ASN LA 453 -45.55 14.08 -63.60
CA ASN LA 453 -44.23 14.09 -62.99
C ASN LA 453 -43.19 14.00 -64.10
N MET LA 454 -42.25 14.95 -64.10
CA MET LA 454 -41.33 15.12 -65.21
C MET LA 454 -39.89 14.76 -64.90
N GLY LA 455 -39.62 14.13 -63.75
CA GLY LA 455 -38.25 13.80 -63.40
C GLY LA 455 -37.61 12.83 -64.37
N GLU LA 456 -38.34 11.76 -64.73
CA GLU LA 456 -37.80 10.78 -65.65
C GLU LA 456 -37.62 11.37 -67.04
N VAL LA 457 -38.55 12.25 -67.47
CA VAL LA 457 -38.39 12.92 -68.75
C VAL LA 457 -37.14 13.78 -68.75
N LEU LA 458 -36.90 14.51 -67.65
CA LEU LA 458 -35.70 15.34 -67.58
C LEU LA 458 -34.44 14.50 -67.62
N LEU LA 459 -34.42 13.37 -66.91
CA LEU LA 459 -33.25 12.50 -66.92
C LEU LA 459 -33.00 11.94 -68.32
N VAL LA 460 -34.05 11.44 -68.97
CA VAL LA 460 -33.92 10.88 -70.31
C VAL LA 460 -33.49 11.96 -71.30
N ARG LA 461 -34.01 13.18 -71.14
CA ARG LA 461 -33.64 14.28 -72.02
C ARG LA 461 -32.17 14.65 -71.85
N LYS LA 462 -31.69 14.68 -70.61
CA LYS LA 462 -30.28 14.95 -70.37
C LYS LA 462 -29.40 13.88 -71.01
N GLU LA 463 -29.77 12.61 -70.84
CA GLU LA 463 -28.99 11.53 -71.45
C GLU LA 463 -29.00 11.61 -72.97
N LEU LA 464 -30.17 11.90 -73.55
CA LEU LA 464 -30.28 12.00 -75.01
C LEU LA 464 -29.47 13.17 -75.54
N ASN LA 465 -29.50 14.30 -74.84
CA ASN LA 465 -28.71 15.46 -75.27
C ASN LA 465 -27.22 15.18 -75.15
N LYS LA 466 -26.80 14.46 -74.11
CA LYS LA 466 -25.40 14.07 -74.01
C LYS LA 466 -25.01 13.14 -75.16
N MET LA 467 -25.87 12.19 -75.51
CA MET LA 467 -25.57 11.28 -76.61
C MET LA 467 -25.54 12.00 -77.96
N LEU LA 468 -26.39 13.02 -78.13
CA LEU LA 468 -26.47 13.74 -79.40
C LEU LA 468 -25.19 14.49 -79.75
N GLU LA 469 -24.39 14.87 -78.74
CA GLU LA 469 -23.09 15.49 -78.95
C GLU LA 469 -23.20 16.77 -79.80
N GLY LA 470 -24.27 17.52 -79.57
CA GLY LA 470 -24.44 18.80 -80.22
C GLY LA 470 -25.01 18.76 -81.62
N ARG LA 471 -25.28 17.56 -82.16
CA ARG LA 471 -25.90 17.48 -83.48
C ARG LA 471 -27.31 18.06 -83.45
N SER LA 472 -28.06 17.78 -82.38
CA SER LA 472 -29.35 18.40 -82.15
C SER LA 472 -29.54 18.59 -80.65
N LYS LA 473 -30.66 19.19 -80.27
CA LYS LA 473 -31.00 19.40 -78.87
C LYS LA 473 -32.46 19.01 -78.67
N ILE LA 474 -32.69 18.03 -77.80
CA ILE LA 474 -34.05 17.57 -77.53
C ILE LA 474 -34.64 18.42 -76.40
N SER LA 475 -35.81 18.99 -76.65
CA SER LA 475 -36.49 19.82 -75.67
C SER LA 475 -37.67 19.08 -75.05
N VAL LA 476 -38.19 19.65 -73.96
CA VAL LA 476 -39.33 19.05 -73.28
C VAL LA 476 -40.56 19.07 -74.16
N ASN LA 477 -40.72 20.11 -74.99
CA ASN LA 477 -41.85 20.15 -75.89
C ASN LA 477 -41.82 19.02 -76.91
N ASP LA 478 -40.64 18.52 -77.26
CA ASP LA 478 -40.57 17.36 -78.15
C ASP LA 478 -41.14 16.12 -77.48
N PHE LA 479 -40.78 15.88 -76.22
CA PHE LA 479 -41.39 14.79 -75.46
C PHE LA 479 -42.89 14.96 -75.37
N ILE LA 480 -43.34 16.19 -75.14
CA ILE LA 480 -44.78 16.45 -75.01
C ILE LA 480 -45.49 16.16 -76.32
N ILE LA 481 -44.91 16.57 -77.45
CA ILE LA 481 -45.53 16.32 -78.75
C ILE LA 481 -45.58 14.82 -79.04
N LYS LA 482 -44.50 14.11 -78.75
CA LYS LA 482 -44.48 12.67 -79.00
C LYS LA 482 -45.51 11.95 -78.14
N ALA LA 483 -45.59 12.32 -76.85
CA ALA LA 483 -46.56 11.69 -75.97
C ALA LA 483 -47.98 12.01 -76.41
N SER LA 484 -48.23 13.25 -76.85
CA SER LA 484 -49.55 13.62 -77.33
C SER LA 484 -49.93 12.80 -78.57
N ALA LA 485 -48.98 12.61 -79.49
CA ALA LA 485 -49.26 11.82 -80.68
C ALA LA 485 -49.56 10.37 -80.32
N LEU LA 486 -48.79 9.79 -79.40
CA LEU LA 486 -49.04 8.40 -79.02
C LEU LA 486 -50.36 8.26 -78.29
N ALA LA 487 -50.70 9.22 -77.42
CA ALA LA 487 -51.99 9.17 -76.73
C ALA LA 487 -53.13 9.35 -77.72
N CYS LA 488 -52.95 10.18 -78.75
CA CYS LA 488 -53.95 10.30 -79.80
C CYS LA 488 -54.13 8.99 -80.56
N LEU LA 489 -53.03 8.27 -80.81
CA LEU LA 489 -53.16 6.95 -81.43
C LEU LA 489 -53.95 6.00 -80.53
N LYS LA 490 -53.66 6.01 -79.23
CA LYS LA 490 -54.33 5.08 -78.32
C LYS LA 490 -55.81 5.44 -78.14
N VAL LA 491 -56.13 6.72 -78.16
CA VAL LA 491 -57.51 7.17 -77.97
C VAL LA 491 -57.91 8.01 -79.19
N PRO LA 492 -58.39 7.40 -80.26
CA PRO LA 492 -58.63 8.15 -81.50
C PRO LA 492 -59.75 9.18 -81.42
N GLU LA 493 -60.58 9.15 -80.38
CA GLU LA 493 -61.66 10.12 -80.27
C GLU LA 493 -61.12 11.54 -80.16
N ALA LA 494 -60.01 11.71 -79.44
CA ALA LA 494 -59.38 13.03 -79.37
C ALA LA 494 -58.76 13.45 -80.70
N ASN LA 495 -58.63 12.52 -81.64
CA ASN LA 495 -58.13 12.81 -82.97
C ASN LA 495 -59.25 12.84 -84.01
N SER LA 496 -60.40 13.38 -83.64
CA SER LA 496 -61.56 13.43 -84.51
C SER LA 496 -61.94 14.88 -84.81
N SER LA 497 -62.95 15.03 -85.65
CA SER LA 497 -63.48 16.32 -86.04
C SER LA 497 -64.98 16.21 -86.27
N TRP LA 498 -65.71 17.23 -85.86
CA TRP LA 498 -67.16 17.26 -86.02
C TRP LA 498 -67.52 18.02 -87.29
N LEU LA 499 -68.28 17.39 -88.17
CA LEU LA 499 -68.63 17.97 -89.47
C LEU LA 499 -70.14 18.04 -89.65
N ASP LA 500 -70.87 17.98 -88.52
CA ASP LA 500 -72.31 18.20 -88.45
C ASP LA 500 -73.11 17.06 -89.08
N THR LA 501 -72.43 16.13 -89.74
CA THR LA 501 -73.07 14.94 -90.29
C THR LA 501 -72.36 13.66 -89.91
N VAL LA 502 -71.02 13.69 -89.87
CA VAL LA 502 -70.21 12.54 -89.46
C VAL LA 502 -69.10 13.04 -88.56
N ILE LA 503 -68.52 12.11 -87.80
CA ILE LA 503 -67.37 12.39 -86.96
C ILE LA 503 -66.14 11.81 -87.65
N ARG LA 504 -65.35 12.68 -88.26
CA ARG LA 504 -64.17 12.25 -89.01
C ARG LA 504 -63.07 11.88 -88.04
N GLN LA 505 -62.70 10.60 -88.00
CA GLN LA 505 -61.68 10.11 -87.09
C GLN LA 505 -60.37 9.98 -87.84
N ASN LA 506 -59.49 10.98 -87.69
CA ASN LA 506 -58.24 10.98 -88.43
C ASN LA 506 -57.32 9.87 -87.95
N HIS LA 507 -56.76 9.12 -88.90
CA HIS LA 507 -55.84 8.03 -88.59
C HIS LA 507 -54.39 8.49 -88.51
N VAL LA 508 -54.09 9.71 -88.91
CA VAL LA 508 -52.76 10.29 -88.77
C VAL LA 508 -52.85 11.42 -87.76
N VAL LA 509 -51.73 11.73 -87.12
CA VAL LA 509 -51.68 12.74 -86.06
C VAL LA 509 -50.77 13.86 -86.54
N ASP LA 510 -51.36 14.97 -86.97
CA ASP LA 510 -50.64 16.15 -87.38
C ASP LA 510 -50.76 17.17 -86.25
N ILE LA 511 -49.68 17.36 -85.51
CA ILE LA 511 -49.71 18.18 -84.29
C ILE LA 511 -49.39 19.62 -84.67
N SER LA 512 -50.40 20.49 -84.58
CA SER LA 512 -50.14 21.92 -84.66
C SER LA 512 -49.49 22.39 -83.37
N VAL LA 513 -48.48 23.24 -83.48
CA VAL LA 513 -47.75 23.75 -82.32
C VAL LA 513 -47.91 25.27 -82.30
N ALA LA 514 -48.44 25.79 -81.20
CA ALA LA 514 -48.64 27.23 -81.08
C ALA LA 514 -47.31 27.92 -80.86
N VAL LA 515 -47.01 28.90 -81.71
CA VAL LA 515 -45.78 29.68 -81.65
C VAL LA 515 -46.16 31.15 -81.65
N SER LA 516 -45.56 31.89 -80.72
CA SER LA 516 -45.81 33.33 -80.62
C SER LA 516 -44.74 34.09 -81.40
N THR LA 517 -45.18 34.93 -82.31
CA THR LA 517 -44.36 35.78 -83.17
C THR LA 517 -44.83 37.21 -82.99
N PRO LA 518 -44.01 38.20 -83.38
CA PRO LA 518 -44.45 39.60 -83.24
C PRO LA 518 -45.74 39.91 -83.98
N ALA LA 519 -46.12 39.10 -84.97
CA ALA LA 519 -47.37 39.31 -85.71
C ALA LA 519 -48.56 38.57 -85.09
N GLY LA 520 -48.33 37.75 -84.07
CA GLY LA 520 -49.41 37.04 -83.40
C GLY LA 520 -49.09 35.58 -83.16
N LEU LA 521 -50.14 34.80 -82.98
CA LEU LA 521 -49.99 33.37 -82.75
C LEU LA 521 -50.18 32.61 -84.06
N ILE LA 522 -49.26 31.70 -84.36
CA ILE LA 522 -49.35 30.88 -85.56
C ILE LA 522 -49.09 29.43 -85.17
N THR LA 523 -49.63 28.50 -85.97
CA THR LA 523 -49.63 27.09 -85.62
C THR LA 523 -49.00 26.26 -86.74
N PRO LA 524 -47.67 26.23 -86.82
CA PRO LA 524 -47.01 25.29 -87.74
C PRO LA 524 -47.30 23.86 -87.34
N ILE LA 525 -47.43 23.00 -88.35
CA ILE LA 525 -47.89 21.62 -88.17
C ILE LA 525 -46.71 20.68 -88.31
N VAL LA 526 -46.51 19.83 -87.30
CA VAL LA 526 -45.58 18.70 -87.39
C VAL LA 526 -46.43 17.52 -87.86
N PHE LA 527 -46.22 17.11 -89.11
CA PHE LA 527 -46.99 16.01 -89.68
C PHE LA 527 -46.40 14.67 -89.25
N ASN LA 528 -47.29 13.69 -89.07
CA ASN LA 528 -46.88 12.32 -88.73
C ASN LA 528 -46.02 12.29 -87.47
N ALA LA 529 -46.44 13.05 -86.45
CA ALA LA 529 -45.70 13.05 -85.20
C ALA LA 529 -45.83 11.71 -84.47
N HIS LA 530 -46.80 10.89 -84.87
CA HIS LA 530 -46.97 9.59 -84.24
C HIS LA 530 -45.92 8.60 -84.72
N ILE LA 531 -45.25 8.89 -85.84
CA ILE LA 531 -44.19 8.01 -86.34
C ILE LA 531 -42.84 8.69 -86.38
N LYS LA 532 -42.78 10.02 -86.29
CA LYS LA 532 -41.50 10.71 -86.24
C LYS LA 532 -40.82 10.50 -84.89
N GLY LA 533 -39.48 10.45 -84.92
CA GLY LA 533 -38.74 10.31 -83.69
C GLY LA 533 -38.53 11.65 -82.99
N LEU LA 534 -37.94 11.58 -81.80
CA LEU LA 534 -37.74 12.79 -81.00
C LEU LA 534 -36.79 13.76 -81.69
N GLU LA 535 -35.70 13.25 -82.27
CA GLU LA 535 -34.77 14.13 -82.98
C GLU LA 535 -35.42 14.76 -84.20
N THR LA 536 -36.16 13.97 -84.97
CA THR LA 536 -36.87 14.50 -86.13
C THR LA 536 -37.92 15.53 -85.71
N ILE LA 537 -38.65 15.25 -84.64
CA ILE LA 537 -39.66 16.18 -84.15
C ILE LA 537 -39.01 17.49 -83.72
N ALA LA 538 -37.89 17.39 -83.00
CA ALA LA 538 -37.19 18.59 -82.55
C ALA LA 538 -36.70 19.42 -83.73
N ASN LA 539 -36.10 18.75 -84.73
CA ASN LA 539 -35.62 19.48 -85.90
C ASN LA 539 -36.76 20.15 -86.64
N ASP LA 540 -37.88 19.43 -86.81
CA ASP LA 540 -39.04 20.02 -87.47
C ASP LA 540 -39.57 21.22 -86.69
N VAL LA 541 -39.63 21.11 -85.37
CA VAL LA 541 -40.13 22.21 -84.55
C VAL LA 541 -39.23 23.44 -84.67
N VAL LA 542 -37.91 23.24 -84.62
CA VAL LA 542 -36.99 24.37 -84.74
C VAL LA 542 -37.13 25.01 -86.12
N SER LA 543 -37.18 24.19 -87.17
CA SER LA 543 -37.28 24.74 -88.53
C SER LA 543 -38.57 25.52 -88.71
N LEU LA 544 -39.69 24.96 -88.25
CA LEU LA 544 -40.98 25.63 -88.42
C LEU LA 544 -41.07 26.88 -87.55
N ALA LA 545 -40.48 26.85 -86.35
CA ALA LA 545 -40.46 28.04 -85.51
C ALA LA 545 -39.64 29.15 -86.16
N THR LA 546 -38.50 28.81 -86.74
CA THR LA 546 -37.70 29.81 -87.45
C THR LA 546 -38.49 30.39 -88.64
N LYS LA 547 -39.17 29.52 -89.40
CA LYS LA 547 -39.97 29.99 -90.51
C LYS LA 547 -41.09 30.92 -90.03
N ALA LA 548 -41.75 30.55 -88.94
CA ALA LA 548 -42.85 31.36 -88.41
C ALA LA 548 -42.34 32.72 -87.94
N ARG LA 549 -41.21 32.74 -87.23
CA ARG LA 549 -40.65 34.01 -86.77
C ARG LA 549 -40.19 34.87 -87.92
N GLU LA 550 -39.71 34.26 -89.00
CA GLU LA 550 -39.29 35.02 -90.18
C GLU LA 550 -40.46 35.33 -91.11
N GLY LA 551 -41.65 34.82 -90.85
CA GLY LA 551 -42.80 35.12 -91.66
C GLY LA 551 -42.81 34.44 -93.01
N LYS LA 552 -42.17 33.28 -93.12
CA LYS LA 552 -42.04 32.57 -94.40
C LYS LA 552 -42.88 31.31 -94.47
N LEU LA 553 -43.80 31.09 -93.53
CA LEU LA 553 -44.60 29.88 -93.54
C LEU LA 553 -45.58 29.87 -94.70
N GLN LA 554 -45.65 28.73 -95.40
CA GLN LA 554 -46.64 28.53 -96.44
C GLN LA 554 -47.99 28.14 -95.82
N PRO LA 555 -49.10 28.42 -96.51
CA PRO LA 555 -50.41 28.13 -95.93
C PRO LA 555 -50.62 26.66 -95.56
N HIS LA 556 -50.07 25.73 -96.34
CA HIS LA 556 -50.23 24.32 -96.02
C HIS LA 556 -49.42 23.91 -94.79
N GLU LA 557 -48.44 24.70 -94.40
CA GLU LA 557 -47.62 24.38 -93.24
C GLU LA 557 -48.26 24.77 -91.91
N PHE LA 558 -49.35 25.56 -91.94
CA PHE LA 558 -50.04 25.92 -90.71
C PHE LA 558 -51.56 25.79 -90.79
N GLN LA 559 -52.12 25.40 -91.93
CA GLN LA 559 -53.55 25.16 -92.05
C GLN LA 559 -53.81 23.66 -92.01
N GLY LA 560 -54.67 23.23 -91.09
CA GLY LA 560 -54.99 21.83 -90.96
C GLY LA 560 -54.63 21.28 -89.60
N GLY LA 561 -54.13 20.04 -89.56
CA GLY LA 561 -53.79 19.40 -88.32
C GLY LA 561 -55.00 18.74 -87.65
N THR LA 562 -54.70 17.86 -86.70
CA THR LA 562 -55.73 17.14 -85.98
C THR LA 562 -55.69 17.37 -84.47
N PHE LA 563 -54.61 17.94 -83.94
CA PHE LA 563 -54.46 18.14 -82.51
C PHE LA 563 -53.47 19.27 -82.29
N THR LA 564 -53.81 20.19 -81.40
CA THR LA 564 -53.02 21.39 -81.17
C THR LA 564 -52.38 21.33 -79.80
N ILE LA 565 -51.15 21.84 -79.69
CA ILE LA 565 -50.44 21.96 -78.43
C ILE LA 565 -49.98 23.40 -78.26
N SER LA 566 -50.38 24.02 -77.16
CA SER LA 566 -49.97 25.38 -76.83
C SER LA 566 -49.23 25.34 -75.50
N ASN LA 567 -47.93 25.63 -75.53
CA ASN LA 567 -47.07 25.54 -74.36
C ASN LA 567 -46.68 26.95 -73.94
N LEU LA 568 -47.09 27.34 -72.73
CA LEU LA 568 -46.70 28.63 -72.16
C LEU LA 568 -45.89 28.48 -70.89
N GLY LA 569 -45.23 27.33 -70.70
CA GLY LA 569 -44.43 27.12 -69.51
C GLY LA 569 -43.23 28.05 -69.44
N MET LA 570 -42.68 28.42 -70.59
CA MET LA 570 -41.51 29.29 -70.62
C MET LA 570 -41.82 30.69 -70.10
N PHE LA 571 -43.10 31.06 -70.02
CA PHE LA 571 -43.51 32.35 -69.48
C PHE LA 571 -43.92 32.27 -68.02
N GLY LA 572 -43.79 31.11 -67.39
CA GLY LA 572 -44.08 30.99 -65.98
C GLY LA 572 -45.53 30.72 -65.64
N ILE LA 573 -46.37 30.41 -66.63
CA ILE LA 573 -47.78 30.13 -66.36
C ILE LA 573 -47.89 28.77 -65.67
N LYS LA 574 -48.57 28.73 -64.52
CA LYS LA 574 -48.78 27.47 -63.84
C LYS LA 574 -49.68 26.55 -64.65
N ASN LA 575 -50.83 27.06 -65.09
CA ASN LA 575 -51.71 26.33 -66.00
C ASN LA 575 -52.65 27.33 -66.66
N PHE LA 576 -53.25 26.91 -67.77
CA PHE LA 576 -54.19 27.76 -68.48
C PHE LA 576 -55.10 26.90 -69.34
N SER LA 577 -56.20 27.50 -69.79
CA SER LA 577 -57.19 26.84 -70.64
C SER LA 577 -57.21 27.56 -71.98
N ALA LA 578 -57.01 26.81 -73.06
CA ALA LA 578 -56.91 27.41 -74.38
C ALA LA 578 -58.21 27.22 -75.16
N ILE LA 579 -58.23 27.79 -76.37
CA ILE LA 579 -59.39 27.72 -77.25
C ILE LA 579 -59.12 26.70 -78.34
N ILE LA 580 -60.08 25.81 -78.57
CA ILE LA 580 -59.91 24.78 -79.59
C ILE LA 580 -59.83 25.42 -80.97
N ASN LA 581 -58.80 25.05 -81.73
CA ASN LA 581 -58.63 25.53 -83.09
C ASN LA 581 -59.49 24.67 -84.01
N PRO LA 582 -60.46 25.25 -84.70
CA PRO LA 582 -61.37 24.46 -85.53
C PRO LA 582 -60.64 23.92 -86.76
N PRO LA 583 -61.10 22.78 -87.30
CA PRO LA 583 -62.23 21.96 -86.86
C PRO LA 583 -61.81 20.85 -85.89
N GLN LA 584 -60.69 20.99 -85.21
CA GLN LA 584 -60.19 19.94 -84.34
C GLN LA 584 -61.09 19.77 -83.11
N ALA LA 585 -60.82 18.72 -82.34
CA ALA LA 585 -61.66 18.37 -81.21
C ALA LA 585 -61.01 18.65 -79.86
N CYS LA 586 -59.70 18.84 -79.82
CA CYS LA 586 -59.00 19.06 -78.55
C CYS LA 586 -57.81 19.98 -78.77
N ILE LA 587 -57.33 20.56 -77.68
CA ILE LA 587 -56.09 21.33 -77.65
C ILE LA 587 -55.47 21.16 -76.27
N LEU LA 588 -54.18 20.87 -76.23
CA LEU LA 588 -53.47 20.62 -74.98
C LEU LA 588 -52.73 21.89 -74.57
N ALA LA 589 -53.12 22.44 -73.43
CA ALA LA 589 -52.49 23.63 -72.87
C ALA LA 589 -51.48 23.20 -71.81
N VAL LA 590 -50.23 23.61 -71.99
CA VAL LA 590 -49.13 23.14 -71.15
C VAL LA 590 -48.58 24.31 -70.36
N GLY LA 591 -48.44 24.11 -69.04
CA GLY LA 591 -47.91 25.13 -68.15
C GLY LA 591 -46.46 24.88 -67.79
N ALA LA 592 -46.02 25.57 -66.75
CA ALA LA 592 -44.62 25.50 -66.34
C ALA LA 592 -44.37 24.32 -65.39
N SER LA 593 -43.13 23.87 -65.38
CA SER LA 593 -42.72 22.81 -64.47
C SER LA 593 -42.13 23.40 -63.20
N GLU LA 594 -42.68 23.00 -62.06
CA GLU LA 594 -42.26 23.52 -60.76
C GLU LA 594 -42.03 22.36 -59.80
N ASP LA 595 -41.09 22.55 -58.88
CA ASP LA 595 -40.78 21.54 -57.88
C ASP LA 595 -41.83 21.58 -56.77
N ARG LA 596 -42.37 20.42 -56.42
CA ARG LA 596 -43.39 20.29 -55.40
C ARG LA 596 -43.06 19.15 -54.45
N LEU LA 597 -43.44 19.33 -53.19
CA LEU LA 597 -43.21 18.30 -52.18
C LEU LA 597 -44.35 17.29 -52.19
N PHE LA 598 -44.01 16.02 -52.02
CA PHE LA 598 -44.98 14.94 -52.05
C PHE LA 598 -44.69 13.93 -50.95
N PRO LA 599 -45.72 13.23 -50.46
CA PRO LA 599 -45.49 12.19 -49.45
C PRO LA 599 -44.57 11.10 -49.98
N ALA LA 600 -43.72 10.58 -49.09
CA ALA LA 600 -42.82 9.49 -49.43
C ALA LA 600 -42.58 8.64 -48.20
N ASP LA 601 -42.26 7.36 -48.43
CA ASP LA 601 -41.98 6.43 -47.34
C ASP LA 601 -40.47 6.42 -47.07
N ASN LA 602 -39.98 7.57 -46.60
CA ASN LA 602 -38.57 7.73 -46.28
C ASN LA 602 -38.45 8.40 -44.92
N GLU LA 603 -37.19 8.59 -44.50
CA GLU LA 603 -36.94 9.17 -43.18
C GLU LA 603 -37.46 10.59 -43.07
N LYS LA 604 -37.23 11.41 -44.10
CA LYS LA 604 -37.72 12.78 -44.09
C LYS LA 604 -39.24 12.86 -44.19
N GLY LA 605 -39.88 11.83 -44.74
CA GLY LA 605 -41.32 11.84 -44.93
C GLY LA 605 -41.80 12.52 -46.19
N PHE LA 606 -40.89 13.00 -47.03
CA PHE LA 606 -41.29 13.68 -48.26
C PHE LA 606 -40.18 13.59 -49.30
N ASP LA 607 -40.55 13.90 -50.54
CA ASP LA 607 -39.62 13.94 -51.66
C ASP LA 607 -39.96 15.16 -52.52
N VAL LA 608 -39.04 15.49 -53.42
CA VAL LA 608 -39.18 16.63 -54.32
C VAL LA 608 -39.31 16.10 -55.75
N ALA LA 609 -40.38 16.51 -56.43
CA ALA LA 609 -40.63 16.07 -57.80
C ALA LA 609 -40.98 17.28 -58.65
N SER LA 610 -40.47 17.30 -59.87
CA SER LA 610 -40.74 18.38 -60.81
C SER LA 610 -42.00 18.04 -61.59
N MET LA 611 -43.12 18.70 -61.26
CA MET LA 611 -44.41 18.39 -61.84
C MET LA 611 -44.82 19.47 -62.83
N MET LA 612 -45.55 19.06 -63.86
CA MET LA 612 -46.04 19.94 -64.91
C MET LA 612 -47.54 19.75 -65.03
N SER LA 613 -48.28 20.85 -65.04
CA SER LA 613 -49.74 20.81 -65.08
C SER LA 613 -50.23 21.06 -66.50
N VAL LA 614 -51.00 20.11 -67.03
CA VAL LA 614 -51.51 20.21 -68.39
C VAL LA 614 -53.03 20.17 -68.37
N THR LA 615 -53.62 21.04 -69.18
CA THR LA 615 -55.08 21.16 -69.28
C THR LA 615 -55.49 20.90 -70.73
N LEU LA 616 -56.29 19.86 -70.93
CA LEU LA 616 -56.83 19.54 -72.24
C LEU LA 616 -58.24 20.12 -72.36
N SER LA 617 -58.45 20.96 -73.37
CA SER LA 617 -59.76 21.51 -73.66
C SER LA 617 -60.41 20.68 -74.77
N CYS LA 618 -61.57 20.12 -74.49
CA CYS LA 618 -62.19 19.13 -75.36
C CYS LA 618 -63.55 19.62 -75.84
N ASP LA 619 -63.86 19.26 -77.08
CA ASP LA 619 -65.19 19.46 -77.65
C ASP LA 619 -66.12 18.38 -77.10
N HIS LA 620 -67.10 18.79 -76.29
CA HIS LA 620 -67.95 17.81 -75.62
C HIS LA 620 -68.88 17.08 -76.59
N ARG LA 621 -69.01 17.56 -77.83
CA ARG LA 621 -69.79 16.81 -78.82
C ARG LA 621 -69.07 15.54 -79.24
N VAL LA 622 -67.74 15.58 -79.31
CA VAL LA 622 -66.94 14.45 -79.78
C VAL LA 622 -66.33 13.68 -78.63
N VAL LA 623 -65.72 14.38 -77.68
CA VAL LA 623 -64.99 13.76 -76.58
C VAL LA 623 -65.76 14.01 -75.30
N ASP LA 624 -66.25 12.94 -74.68
CA ASP LA 624 -66.90 13.07 -73.39
C ASP LA 624 -65.87 13.00 -72.27
N GLY LA 625 -66.36 13.12 -71.04
CA GLY LA 625 -65.46 13.20 -69.89
C GLY LA 625 -64.59 11.98 -69.73
N ALA LA 626 -65.18 10.79 -69.89
CA ALA LA 626 -64.40 9.56 -69.72
C ALA LA 626 -63.32 9.44 -70.78
N VAL LA 627 -63.63 9.79 -72.03
CA VAL LA 627 -62.65 9.70 -73.10
C VAL LA 627 -61.52 10.71 -72.88
N GLY LA 628 -61.87 11.94 -72.51
CA GLY LA 628 -60.83 12.93 -72.22
C GLY LA 628 -59.94 12.52 -71.07
N ALA LA 629 -60.54 11.95 -70.01
CA ALA LA 629 -59.75 11.48 -68.88
C ALA LA 629 -58.85 10.32 -69.28
N GLN LA 630 -59.34 9.41 -70.12
CA GLN LA 630 -58.50 8.31 -70.60
C GLN LA 630 -57.33 8.84 -71.41
N TRP LA 631 -57.58 9.84 -72.27
CA TRP LA 631 -56.50 10.44 -73.04
C TRP LA 631 -55.46 11.06 -72.12
N LEU LA 632 -55.90 11.80 -71.11
CA LEU LA 632 -54.95 12.44 -70.21
C LEU LA 632 -54.17 11.40 -69.40
N ALA LA 633 -54.82 10.31 -69.00
CA ALA LA 633 -54.12 9.25 -68.29
C ALA LA 633 -53.05 8.61 -69.16
N GLU LA 634 -53.39 8.35 -70.43
CA GLU LA 634 -52.39 7.77 -71.34
C GLU LA 634 -51.22 8.73 -71.55
N PHE LA 635 -51.52 10.01 -71.73
CA PHE LA 635 -50.48 11.02 -71.88
C PHE LA 635 -49.56 11.08 -70.67
N ARG LA 636 -50.17 11.05 -69.48
CA ARG LA 636 -49.40 11.09 -68.24
C ARG LA 636 -48.53 9.85 -68.09
N LYS LA 637 -49.07 8.67 -68.44
CA LYS LA 637 -48.28 7.45 -68.36
C LYS LA 637 -47.08 7.51 -69.32
N TYR LA 638 -47.33 7.97 -70.55
CA TYR LA 638 -46.25 8.06 -71.53
C TYR LA 638 -45.16 9.01 -71.05
N LEU LA 639 -45.54 10.15 -70.46
CA LEU LA 639 -44.51 11.07 -69.98
C LEU LA 639 -43.80 10.54 -68.73
N GLU LA 640 -44.53 9.90 -67.82
CA GLU LA 640 -43.91 9.43 -66.58
C GLU LA 640 -43.01 8.22 -66.82
N LYS LA 641 -43.21 7.48 -67.91
CA LYS LA 641 -42.32 6.39 -68.28
C LYS LA 641 -41.91 6.59 -69.73
N PRO LA 642 -40.85 7.36 -69.98
CA PRO LA 642 -40.46 7.66 -71.38
C PRO LA 642 -40.10 6.43 -72.18
N ILE LA 643 -39.64 5.35 -71.54
CA ILE LA 643 -39.31 4.13 -72.27
C ILE LA 643 -40.55 3.50 -72.88
N THR LA 644 -41.73 3.82 -72.36
CA THR LA 644 -42.96 3.27 -72.90
C THR LA 644 -43.36 3.89 -74.23
N MET LA 645 -42.72 4.99 -74.64
CA MET LA 645 -42.95 5.48 -75.99
C MET LA 645 -42.34 4.58 -77.05
N LEU LA 646 -41.50 3.63 -76.65
CA LEU LA 646 -40.98 2.63 -77.58
C LEU LA 646 -42.02 1.58 -77.96
N LEU LA 647 -43.06 1.40 -77.15
CA LEU LA 647 -44.10 0.42 -77.43
C LEU LA 647 -45.03 0.92 -78.52
N PHE MA 420 -0.39 -98.12 -50.08
CA PHE MA 420 -1.82 -97.87 -49.92
C PHE MA 420 -2.52 -99.04 -49.25
N THR MA 421 -3.78 -98.85 -48.89
CA THR MA 421 -4.61 -99.89 -48.28
C THR MA 421 -5.98 -99.88 -48.94
N ASP MA 422 -6.43 -101.05 -49.39
CA ASP MA 422 -7.73 -101.18 -50.04
C ASP MA 422 -8.77 -101.54 -49.00
N ILE MA 423 -9.68 -100.61 -48.73
CA ILE MA 423 -10.76 -100.81 -47.76
C ILE MA 423 -12.00 -101.25 -48.53
N PRO MA 424 -12.53 -102.45 -48.29
CA PRO MA 424 -13.72 -102.89 -49.02
C PRO MA 424 -14.91 -101.97 -48.76
N ILE MA 425 -15.72 -101.79 -49.79
CA ILE MA 425 -16.89 -100.92 -49.70
C ILE MA 425 -18.06 -101.72 -49.13
N SER MA 426 -18.62 -101.24 -48.02
CA SER MA 426 -19.79 -101.90 -47.46
C SER MA 426 -21.00 -101.67 -48.34
N ASN MA 427 -22.03 -102.51 -48.14
CA ASN MA 427 -23.25 -102.38 -48.91
C ASN MA 427 -23.99 -101.08 -48.58
N ILE MA 428 -23.95 -100.67 -47.31
CA ILE MA 428 -24.55 -99.39 -46.91
C ILE MA 428 -23.87 -98.24 -47.63
N ARG MA 429 -22.53 -98.26 -47.67
CA ARG MA 429 -21.80 -97.22 -48.37
C ARG MA 429 -22.08 -97.26 -49.87
N ARG MA 430 -22.23 -98.46 -50.43
CA ARG MA 430 -22.56 -98.56 -51.85
C ARG MA 430 -23.94 -97.95 -52.13
N VAL MA 431 -24.91 -98.21 -51.25
CA VAL MA 431 -26.24 -97.63 -51.41
C VAL MA 431 -26.19 -96.11 -51.33
N ILE MA 432 -25.44 -95.58 -50.35
CA ILE MA 432 -25.33 -94.13 -50.20
C ILE MA 432 -24.66 -93.53 -51.44
N ALA MA 433 -23.60 -94.17 -51.92
CA ALA MA 433 -22.90 -93.67 -53.10
C ALA MA 433 -23.80 -93.69 -54.32
N GLN MA 434 -24.60 -94.76 -54.48
CA GLN MA 434 -25.51 -94.84 -55.61
C GLN MA 434 -26.58 -93.76 -55.53
N ARG MA 435 -27.09 -93.49 -54.32
CA ARG MA 435 -28.04 -92.39 -54.16
C ARG MA 435 -27.42 -91.05 -54.54
N LEU MA 436 -26.16 -90.83 -54.14
CA LEU MA 436 -25.50 -89.58 -54.49
C LEU MA 436 -25.26 -89.47 -55.99
N MET MA 437 -24.88 -90.58 -56.64
CA MET MA 437 -24.81 -90.61 -58.09
C MET MA 437 -26.14 -90.22 -58.72
N GLN MA 438 -27.22 -90.83 -58.26
CA GLN MA 438 -28.53 -90.55 -58.84
C GLN MA 438 -28.90 -89.08 -58.66
N SER MA 439 -28.64 -88.53 -57.48
CA SER MA 439 -28.94 -87.13 -57.23
C SER MA 439 -28.15 -86.22 -58.16
N LYS MA 440 -26.83 -86.40 -58.22
CA LYS MA 440 -26.01 -85.48 -59.01
C LYS MA 440 -26.17 -85.71 -60.50
N GLN MA 441 -26.73 -86.85 -60.91
CA GLN MA 441 -26.90 -87.10 -62.34
C GLN MA 441 -28.27 -86.68 -62.83
N THR MA 442 -29.30 -86.77 -62.00
CA THR MA 442 -30.66 -86.48 -62.45
C THR MA 442 -31.20 -85.15 -61.93
N ILE MA 443 -30.54 -84.52 -60.97
CA ILE MA 443 -31.02 -83.28 -60.38
C ILE MA 443 -30.07 -82.15 -60.79
N PRO MA 444 -30.53 -81.19 -61.59
CA PRO MA 444 -29.67 -80.05 -61.93
C PRO MA 444 -29.54 -79.04 -60.79
N HIS MA 445 -28.59 -79.29 -59.89
CA HIS MA 445 -28.43 -78.44 -58.72
C HIS MA 445 -28.05 -77.02 -59.12
N TYR MA 446 -28.54 -76.05 -58.35
CA TYR MA 446 -27.98 -74.70 -58.37
C TYR MA 446 -28.11 -74.11 -56.97
N TYR MA 447 -27.11 -73.31 -56.58
CA TYR MA 447 -26.92 -72.97 -55.18
C TYR MA 447 -27.08 -71.47 -54.98
N LEU MA 448 -27.77 -71.09 -53.91
CA LEU MA 448 -27.95 -69.68 -53.56
C LEU MA 448 -27.57 -69.47 -52.10
N SER MA 449 -26.74 -68.46 -51.84
CA SER MA 449 -26.19 -68.23 -50.51
C SER MA 449 -26.64 -66.87 -49.98
N VAL MA 450 -26.98 -66.85 -48.68
CA VAL MA 450 -27.32 -65.60 -47.99
C VAL MA 450 -26.68 -65.61 -46.60
N ASP MA 451 -26.66 -64.44 -45.98
CA ASP MA 451 -26.19 -64.27 -44.61
C ASP MA 451 -27.33 -63.87 -43.70
N VAL MA 452 -27.39 -64.51 -42.54
CA VAL MA 452 -28.46 -64.31 -41.57
C VAL MA 452 -27.86 -63.78 -40.28
N ASN MA 453 -28.40 -62.67 -39.78
CA ASN MA 453 -27.97 -62.10 -38.51
C ASN MA 453 -28.63 -62.86 -37.38
N MET MA 454 -27.84 -63.39 -36.44
CA MET MA 454 -28.34 -64.29 -35.43
C MET MA 454 -28.31 -63.70 -34.02
N GLY MA 455 -28.15 -62.39 -33.87
CA GLY MA 455 -28.14 -61.81 -32.53
C GLY MA 455 -29.45 -62.00 -31.80
N GLU MA 456 -30.56 -61.73 -32.49
CA GLU MA 456 -31.86 -61.88 -31.86
C GLU MA 456 -32.17 -63.36 -31.59
N VAL MA 457 -31.73 -64.25 -32.49
CA VAL MA 457 -31.91 -65.68 -32.24
C VAL MA 457 -31.15 -66.09 -30.98
N LEU MA 458 -29.91 -65.61 -30.83
CA LEU MA 458 -29.14 -65.97 -29.64
C LEU MA 458 -29.78 -65.42 -28.38
N LEU MA 459 -30.28 -64.19 -28.42
CA LEU MA 459 -30.92 -63.61 -27.24
C LEU MA 459 -32.18 -64.38 -26.87
N VAL MA 460 -33.02 -64.69 -27.87
CA VAL MA 460 -34.25 -65.44 -27.61
C VAL MA 460 -33.92 -66.84 -27.10
N ARG MA 461 -32.89 -67.47 -27.66
CA ARG MA 461 -32.51 -68.80 -27.22
C ARG MA 461 -32.01 -68.78 -25.78
N LYS MA 462 -31.24 -67.76 -25.40
CA LYS MA 462 -30.80 -67.65 -24.03
C LYS MA 462 -31.99 -67.48 -23.08
N GLU MA 463 -32.94 -66.63 -23.45
CA GLU MA 463 -34.12 -66.43 -22.61
C GLU MA 463 -34.94 -67.72 -22.49
N LEU MA 464 -35.12 -68.43 -23.61
CA LEU MA 464 -35.87 -69.69 -23.59
C LEU MA 464 -35.17 -70.73 -22.73
N ASN MA 465 -33.85 -70.82 -22.84
CA ASN MA 465 -33.10 -71.78 -22.02
C ASN MA 465 -33.19 -71.43 -20.54
N LYS MA 466 -33.16 -70.14 -20.20
CA LYS MA 466 -33.31 -69.75 -18.80
C LYS MA 466 -34.70 -70.09 -18.27
N MET MA 467 -35.73 -69.88 -19.09
CA MET MA 467 -37.08 -70.26 -18.68
C MET MA 467 -37.25 -71.77 -18.55
N LEU MA 468 -36.62 -72.54 -19.42
CA LEU MA 468 -36.77 -73.99 -19.40
C LEU MA 468 -36.26 -74.62 -18.10
N GLU MA 469 -35.33 -73.97 -17.40
CA GLU MA 469 -34.88 -74.40 -16.08
C GLU MA 469 -34.34 -75.83 -16.11
N GLY MA 470 -33.67 -76.18 -17.20
CA GLY MA 470 -33.04 -77.47 -17.33
C GLY MA 470 -33.94 -78.60 -17.78
N ARG MA 471 -35.24 -78.36 -17.96
CA ARG MA 471 -36.12 -79.40 -18.47
C ARG MA 471 -35.74 -79.80 -19.89
N SER MA 472 -35.39 -78.82 -20.71
CA SER MA 472 -34.88 -79.05 -22.05
C SER MA 472 -33.91 -77.94 -22.39
N LYS MA 473 -33.11 -78.16 -23.44
CA LYS MA 473 -32.17 -77.16 -23.92
C LYS MA 473 -32.41 -76.96 -25.41
N ILE MA 474 -32.59 -75.70 -25.81
CA ILE MA 474 -32.87 -75.38 -27.20
C ILE MA 474 -31.58 -74.97 -27.90
N SER MA 475 -31.30 -75.59 -29.04
CA SER MA 475 -30.13 -75.30 -29.84
C SER MA 475 -30.50 -74.38 -31.01
N VAL MA 476 -29.47 -73.82 -31.64
CA VAL MA 476 -29.68 -72.97 -32.81
C VAL MA 476 -30.29 -73.77 -33.96
N ASN MA 477 -29.94 -75.05 -34.06
CA ASN MA 477 -30.50 -75.88 -35.12
C ASN MA 477 -32.01 -76.04 -34.97
N ASP MA 478 -32.54 -75.93 -33.75
CA ASP MA 478 -33.98 -75.98 -33.57
C ASP MA 478 -34.65 -74.75 -34.17
N PHE MA 479 -34.09 -73.56 -33.92
CA PHE MA 479 -34.57 -72.35 -34.58
C PHE MA 479 -34.48 -72.47 -36.08
N ILE MA 480 -33.37 -73.04 -36.58
CA ILE MA 480 -33.18 -73.19 -38.01
C ILE MA 480 -34.24 -74.12 -38.60
N ILE MA 481 -34.53 -75.23 -37.92
CA ILE MA 481 -35.53 -76.17 -38.41
C ILE MA 481 -36.91 -75.52 -38.43
N LYS MA 482 -37.26 -74.79 -37.36
CA LYS MA 482 -38.56 -74.14 -37.31
C LYS MA 482 -38.69 -73.10 -38.42
N ALA MA 483 -37.65 -72.29 -38.62
CA ALA MA 483 -37.68 -71.27 -39.66
C ALA MA 483 -37.77 -71.91 -41.05
N SER MA 484 -37.05 -73.01 -41.26
CA SER MA 484 -37.12 -73.70 -42.55
C SER MA 484 -38.52 -74.24 -42.80
N ALA MA 485 -39.16 -74.81 -41.77
CA ALA MA 485 -40.51 -75.33 -41.93
C ALA MA 485 -41.49 -74.21 -42.25
N LEU MA 486 -41.39 -73.09 -41.56
CA LEU MA 486 -42.31 -71.98 -41.82
C LEU MA 486 -42.06 -71.38 -43.21
N ALA MA 487 -40.80 -71.27 -43.62
CA ALA MA 487 -40.50 -70.78 -44.96
C ALA MA 487 -41.00 -71.75 -46.02
N CYS MA 488 -40.93 -73.05 -45.76
CA CYS MA 488 -41.50 -74.03 -46.68
C CYS MA 488 -43.01 -73.89 -46.76
N LEU MA 489 -43.67 -73.60 -45.65
CA LEU MA 489 -45.10 -73.29 -45.69
C LEU MA 489 -45.38 -72.07 -46.57
N LYS MA 490 -44.59 -71.01 -46.40
CA LYS MA 490 -44.84 -69.78 -47.16
C LYS MA 490 -44.56 -69.97 -48.64
N VAL MA 491 -43.53 -70.75 -48.98
CA VAL MA 491 -43.15 -70.97 -50.37
C VAL MA 491 -43.18 -72.47 -50.65
N PRO MA 492 -44.32 -73.04 -51.04
CA PRO MA 492 -44.44 -74.50 -51.16
C PRO MA 492 -43.63 -75.09 -52.30
N GLU MA 493 -43.07 -74.29 -53.21
CA GLU MA 493 -42.30 -74.84 -54.31
C GLU MA 493 -41.06 -75.58 -53.80
N ALA MA 494 -40.40 -75.04 -52.78
CA ALA MA 494 -39.27 -75.74 -52.17
C ALA MA 494 -39.69 -77.01 -51.45
N ASN MA 495 -40.98 -77.19 -51.22
CA ASN MA 495 -41.53 -78.40 -50.59
C ASN MA 495 -42.18 -79.32 -51.61
N SER MA 496 -41.61 -79.44 -52.80
CA SER MA 496 -42.15 -80.27 -53.87
C SER MA 496 -41.18 -81.39 -54.22
N SER MA 497 -41.59 -82.20 -55.17
CA SER MA 497 -40.81 -83.32 -55.67
C SER MA 497 -41.13 -83.54 -57.14
N TRP MA 498 -40.09 -83.80 -57.93
CA TRP MA 498 -40.25 -84.04 -59.36
C TRP MA 498 -40.40 -85.54 -59.59
N LEU MA 499 -41.48 -85.94 -60.25
CA LEU MA 499 -41.80 -87.34 -60.48
C LEU MA 499 -41.94 -87.65 -61.96
N ASP MA 500 -41.39 -86.77 -62.81
CA ASP MA 500 -41.25 -86.95 -64.25
C ASP MA 500 -42.59 -86.86 -64.98
N THR MA 501 -43.69 -86.80 -64.23
CA THR MA 501 -45.01 -86.58 -64.82
C THR MA 501 -45.79 -85.47 -64.13
N VAL MA 502 -45.66 -85.35 -62.81
CA VAL MA 502 -46.29 -84.30 -62.04
C VAL MA 502 -45.29 -83.79 -61.01
N ILE MA 503 -45.55 -82.59 -60.50
CA ILE MA 503 -44.77 -82.00 -59.42
C ILE MA 503 -45.56 -82.15 -58.14
N ARG MA 504 -45.17 -83.10 -57.30
CA ARG MA 504 -45.88 -83.38 -56.06
C ARG MA 504 -45.55 -82.29 -55.05
N GLN MA 505 -46.55 -81.49 -54.68
CA GLN MA 505 -46.35 -80.39 -53.74
C GLN MA 505 -46.81 -80.81 -52.36
N ASN MA 506 -45.87 -81.20 -51.51
CA ASN MA 506 -46.22 -81.71 -50.18
C ASN MA 506 -46.78 -80.59 -49.32
N HIS MA 507 -47.93 -80.87 -48.69
CA HIS MA 507 -48.57 -79.91 -47.80
C HIS MA 507 -48.07 -79.98 -46.37
N VAL MA 508 -47.28 -81.00 -46.04
CA VAL MA 508 -46.66 -81.12 -44.72
C VAL MA 508 -45.16 -80.99 -44.90
N VAL MA 509 -44.48 -80.60 -43.82
CA VAL MA 509 -43.04 -80.34 -43.85
C VAL MA 509 -42.38 -81.35 -42.92
N ASP MA 510 -41.74 -82.36 -43.50
CA ASP MA 510 -40.96 -83.34 -42.77
C ASP MA 510 -39.48 -83.02 -43.00
N ILE MA 511 -38.82 -82.51 -41.97
CA ILE MA 511 -37.46 -82.01 -42.10
C ILE MA 511 -36.48 -83.13 -41.76
N SER MA 512 -35.78 -83.64 -42.77
CA SER MA 512 -34.65 -84.52 -42.52
C SER MA 512 -33.50 -83.69 -41.95
N VAL MA 513 -32.79 -84.25 -40.98
CA VAL MA 513 -31.67 -83.56 -40.33
C VAL MA 513 -30.43 -84.41 -40.52
N ALA MA 514 -29.38 -83.82 -41.09
CA ALA MA 514 -28.15 -84.57 -41.32
C ALA MA 514 -27.43 -84.81 -40.01
N VAL MA 515 -27.17 -86.06 -39.69
CA VAL MA 515 -26.46 -86.46 -38.48
C VAL MA 515 -25.28 -87.32 -38.90
N SER MA 516 -24.10 -86.99 -38.37
CA SER MA 516 -22.88 -87.73 -38.67
C SER MA 516 -22.62 -88.74 -37.56
N THR MA 517 -22.51 -90.00 -37.93
CA THR MA 517 -22.26 -91.13 -37.03
C THR MA 517 -21.02 -91.85 -37.54
N PRO MA 518 -20.40 -92.68 -36.69
CA PRO MA 518 -19.21 -93.41 -37.16
C PRO MA 518 -19.47 -94.29 -38.38
N ALA MA 519 -20.72 -94.68 -38.63
CA ALA MA 519 -21.07 -95.48 -39.79
C ALA MA 519 -21.36 -94.64 -41.04
N GLY MA 520 -21.42 -93.32 -40.91
CA GLY MA 520 -21.66 -92.45 -42.05
C GLY MA 520 -22.67 -91.36 -41.75
N LEU MA 521 -23.28 -90.87 -42.83
CA LEU MA 521 -24.28 -89.81 -42.71
C LEU MA 521 -25.67 -90.40 -42.75
N ILE MA 522 -26.52 -89.99 -41.82
CA ILE MA 522 -27.90 -90.44 -41.77
C ILE MA 522 -28.81 -89.23 -41.63
N THR MA 523 -30.10 -89.41 -41.96
CA THR MA 523 -31.06 -88.31 -42.00
C THR MA 523 -32.34 -88.68 -41.25
N PRO MA 524 -32.31 -88.61 -39.92
CA PRO MA 524 -33.56 -88.76 -39.16
C PRO MA 524 -34.53 -87.62 -39.49
N ILE MA 525 -35.82 -87.96 -39.49
CA ILE MA 525 -36.86 -87.05 -39.97
C ILE MA 525 -37.64 -86.52 -38.78
N VAL MA 526 -37.74 -85.19 -38.69
CA VAL MA 526 -38.65 -84.52 -37.76
C VAL MA 526 -39.93 -84.27 -38.54
N PHE MA 527 -40.97 -85.03 -38.22
CA PHE MA 527 -42.23 -84.91 -38.93
C PHE MA 527 -43.04 -83.72 -38.40
N ASN MA 528 -43.73 -83.04 -39.31
CA ASN MA 528 -44.62 -81.94 -38.94
C ASN MA 528 -43.87 -80.85 -38.18
N ALA MA 529 -42.71 -80.46 -38.70
CA ALA MA 529 -41.93 -79.40 -38.08
C ALA MA 529 -42.63 -78.05 -38.23
N HIS MA 530 -43.59 -77.94 -39.14
CA HIS MA 530 -44.30 -76.69 -39.31
C HIS MA 530 -45.30 -76.45 -38.19
N ILE MA 531 -45.69 -77.50 -37.46
CA ILE MA 531 -46.61 -77.35 -36.34
C ILE MA 531 -45.96 -77.70 -35.00
N LYS MA 532 -44.84 -78.41 -35.00
CA LYS MA 532 -44.14 -78.69 -33.76
C LYS MA 532 -43.49 -77.43 -33.20
N GLY MA 533 -43.46 -77.32 -31.87
CA GLY MA 533 -42.80 -76.19 -31.24
C GLY MA 533 -41.30 -76.39 -31.11
N LEU MA 534 -40.63 -75.35 -30.63
CA LEU MA 534 -39.17 -75.40 -30.50
C LEU MA 534 -38.74 -76.47 -29.49
N GLU MA 535 -39.44 -76.56 -28.35
CA GLU MA 535 -39.10 -77.57 -27.36
C GLU MA 535 -39.33 -78.98 -27.91
N THR MA 536 -40.46 -79.18 -28.59
CA THR MA 536 -40.75 -80.48 -29.18
C THR MA 536 -39.73 -80.82 -30.26
N ILE MA 537 -39.37 -79.84 -31.09
CA ILE MA 537 -38.38 -80.07 -32.13
C ILE MA 537 -37.03 -80.44 -31.52
N ALA MA 538 -36.63 -79.73 -30.46
CA ALA MA 538 -35.36 -80.02 -29.81
C ALA MA 538 -35.35 -81.43 -29.21
N ASN MA 539 -36.44 -81.80 -28.53
CA ASN MA 539 -36.51 -83.14 -27.95
C ASN MA 539 -36.47 -84.21 -29.03
N ASP MA 540 -37.22 -84.00 -30.12
CA ASP MA 540 -37.22 -84.97 -31.21
C ASP MA 540 -35.84 -85.09 -31.83
N VAL MA 541 -35.16 -83.97 -32.04
CA VAL MA 541 -33.83 -84.00 -32.64
C VAL MA 541 -32.85 -84.74 -31.72
N VAL MA 542 -32.92 -84.48 -30.41
CA VAL MA 542 -32.03 -85.16 -29.48
C VAL MA 542 -32.28 -86.66 -29.49
N SER MA 543 -33.55 -87.06 -29.44
CA SER MA 543 -33.89 -88.48 -29.41
C SER MA 543 -33.45 -89.17 -30.70
N LEU MA 544 -33.71 -88.56 -31.85
CA LEU MA 544 -33.34 -89.18 -33.12
C LEU MA 544 -31.84 -89.21 -33.31
N ALA MA 545 -31.13 -88.18 -32.83
CA ALA MA 545 -29.67 -88.20 -32.90
C ALA MA 545 -29.08 -89.30 -32.04
N THR MA 546 -29.64 -89.50 -30.84
CA THR MA 546 -29.19 -90.59 -29.99
C THR MA 546 -29.46 -91.94 -30.66
N LYS MA 547 -30.64 -92.10 -31.26
CA LYS MA 547 -30.96 -93.34 -31.95
C LYS MA 547 -30.01 -93.58 -33.12
N ALA MA 548 -29.70 -92.53 -33.89
CA ALA MA 548 -28.79 -92.67 -35.01
C ALA MA 548 -27.39 -93.04 -34.56
N ARG MA 549 -26.91 -92.40 -33.49
CA ARG MA 549 -25.58 -92.71 -32.98
C ARG MA 549 -25.50 -94.13 -32.44
N GLU MA 550 -26.58 -94.61 -31.82
CA GLU MA 550 -26.62 -95.99 -31.33
C GLU MA 550 -27.02 -96.99 -32.40
N GLY MA 551 -27.34 -96.53 -33.61
CA GLY MA 551 -27.66 -97.45 -34.70
C GLY MA 551 -29.00 -98.13 -34.57
N LYS MA 552 -29.97 -97.48 -33.94
CA LYS MA 552 -31.28 -98.08 -33.69
C LYS MA 552 -32.40 -97.46 -34.51
N LEU MA 553 -32.07 -96.67 -35.53
CA LEU MA 553 -33.10 -96.00 -36.32
C LEU MA 553 -33.85 -97.01 -37.18
N GLN MA 554 -35.18 -96.90 -37.18
CA GLN MA 554 -36.03 -97.69 -38.05
C GLN MA 554 -36.07 -97.07 -39.44
N PRO MA 555 -36.33 -97.86 -40.48
CA PRO MA 555 -36.30 -97.32 -41.85
C PRO MA 555 -37.26 -96.16 -42.08
N HIS MA 556 -38.45 -96.18 -41.48
CA HIS MA 556 -39.39 -95.08 -41.69
C HIS MA 556 -38.95 -93.81 -40.97
N GLU MA 557 -38.03 -93.92 -40.02
CA GLU MA 557 -37.55 -92.74 -39.29
C GLU MA 557 -36.49 -91.95 -40.05
N PHE MA 558 -35.93 -92.52 -41.13
CA PHE MA 558 -34.97 -91.79 -41.95
C PHE MA 558 -35.21 -91.91 -43.44
N GLN MA 559 -36.25 -92.60 -43.89
CA GLN MA 559 -36.60 -92.65 -45.30
C GLN MA 559 -37.79 -91.75 -45.57
N GLY MA 560 -37.65 -90.86 -46.54
CA GLY MA 560 -38.71 -89.95 -46.90
C GLY MA 560 -38.34 -88.49 -46.67
N GLY MA 561 -39.27 -87.71 -46.13
CA GLY MA 561 -39.04 -86.30 -45.90
C GLY MA 561 -39.25 -85.47 -47.15
N THR MA 562 -39.45 -84.16 -46.93
CA THR MA 562 -39.67 -83.23 -48.01
C THR MA 562 -38.59 -82.16 -48.12
N PHE MA 563 -37.81 -81.95 -47.07
CA PHE MA 563 -36.78 -80.91 -47.05
C PHE MA 563 -35.71 -81.31 -46.06
N THR MA 564 -34.46 -81.10 -46.44
CA THR MA 564 -33.32 -81.56 -45.66
C THR MA 564 -32.50 -80.37 -45.16
N ILE MA 565 -31.97 -80.49 -43.94
CA ILE MA 565 -31.09 -79.50 -43.36
C ILE MA 565 -29.80 -80.20 -42.94
N SER MA 566 -28.67 -79.72 -43.45
CA SER MA 566 -27.35 -80.22 -43.09
C SER MA 566 -26.56 -79.10 -42.47
N ASN MA 567 -26.25 -79.22 -41.18
CA ASN MA 567 -25.57 -78.18 -40.42
C ASN MA 567 -24.15 -78.64 -40.12
N LEU MA 568 -23.17 -77.85 -40.57
CA LEU MA 568 -21.77 -78.13 -40.27
C LEU MA 568 -21.08 -76.95 -39.58
N GLY MA 569 -21.85 -76.09 -38.91
CA GLY MA 569 -21.25 -74.96 -38.23
C GLY MA 569 -20.44 -75.39 -37.01
N MET MA 570 -20.80 -76.53 -36.41
CA MET MA 570 -20.06 -77.03 -35.27
C MET MA 570 -18.61 -77.38 -35.63
N PHE MA 571 -18.34 -77.64 -36.91
CA PHE MA 571 -17.00 -77.97 -37.37
C PHE MA 571 -16.25 -76.77 -37.92
N GLY MA 572 -16.84 -75.58 -37.84
CA GLY MA 572 -16.14 -74.38 -38.26
C GLY MA 572 -16.24 -74.05 -39.74
N ILE MA 573 -17.07 -74.77 -40.49
CA ILE MA 573 -17.22 -74.48 -41.91
C ILE MA 573 -17.93 -73.15 -42.09
N LYS MA 574 -17.33 -72.25 -42.87
CA LYS MA 574 -17.95 -70.96 -43.14
C LYS MA 574 -19.23 -71.13 -43.96
N ASN MA 575 -19.15 -71.86 -45.06
CA ASN MA 575 -20.31 -72.20 -45.86
C ASN MA 575 -19.96 -73.39 -46.74
N PHE MA 576 -20.99 -74.10 -47.20
CA PHE MA 576 -20.77 -75.25 -48.07
C PHE MA 576 -22.03 -75.51 -48.88
N SER MA 577 -21.86 -76.27 -49.95
CA SER MA 577 -22.94 -76.63 -50.86
C SER MA 577 -23.17 -78.13 -50.76
N ALA MA 578 -24.40 -78.52 -50.42
CA ALA MA 578 -24.70 -79.92 -50.20
C ALA MA 578 -25.36 -80.54 -51.43
N ILE MA 579 -25.55 -81.85 -51.38
CA ILE MA 579 -26.19 -82.60 -52.46
C ILE MA 579 -27.64 -82.86 -52.08
N ILE MA 580 -28.56 -82.59 -53.01
CA ILE MA 580 -29.97 -82.78 -52.74
C ILE MA 580 -30.27 -84.25 -52.53
N ASN MA 581 -30.95 -84.57 -51.44
CA ASN MA 581 -31.35 -85.93 -51.14
C ASN MA 581 -32.61 -86.25 -51.92
N PRO MA 582 -32.59 -87.22 -52.82
CA PRO MA 582 -33.76 -87.47 -53.65
C PRO MA 582 -34.88 -88.10 -52.83
N PRO MA 583 -36.13 -87.91 -53.25
CA PRO MA 583 -36.60 -87.14 -54.41
C PRO MA 583 -36.96 -85.70 -54.05
N GLN MA 584 -36.35 -85.15 -53.00
CA GLN MA 584 -36.68 -83.80 -52.57
C GLN MA 584 -36.17 -82.76 -53.58
N ALA MA 585 -36.60 -81.53 -53.38
CA ALA MA 585 -36.28 -80.46 -54.32
C ALA MA 585 -35.23 -79.48 -53.80
N CYS MA 586 -34.93 -79.51 -52.51
CA CYS MA 586 -34.00 -78.57 -51.91
C CYS MA 586 -33.28 -79.19 -50.73
N ILE MA 587 -32.19 -78.56 -50.33
CA ILE MA 587 -31.45 -78.92 -49.11
C ILE MA 587 -30.74 -77.67 -48.61
N LEU MA 588 -30.87 -77.38 -47.32
CA LEU MA 588 -30.28 -76.19 -46.73
C LEU MA 588 -28.99 -76.56 -46.03
N ALA MA 589 -27.88 -75.98 -46.50
CA ALA MA 589 -26.57 -76.20 -45.92
C ALA MA 589 -26.23 -75.02 -45.02
N VAL MA 590 -26.02 -75.29 -43.73
CA VAL MA 590 -25.81 -74.26 -42.73
C VAL MA 590 -24.35 -74.29 -42.30
N GLY MA 591 -23.70 -73.13 -42.31
CA GLY MA 591 -22.33 -72.99 -41.89
C GLY MA 591 -22.21 -72.43 -40.48
N ALA MA 592 -20.99 -72.01 -40.15
CA ALA MA 592 -20.71 -71.50 -38.81
C ALA MA 592 -21.14 -70.04 -38.69
N SER MA 593 -21.45 -69.65 -37.45
CA SER MA 593 -21.80 -68.27 -37.17
C SER MA 593 -20.60 -67.54 -36.58
N GLU MA 594 -20.26 -66.39 -37.18
CA GLU MA 594 -19.07 -65.64 -36.82
C GLU MA 594 -19.42 -64.17 -36.64
N ASP MA 595 -18.65 -63.50 -35.79
CA ASP MA 595 -18.83 -62.07 -35.56
C ASP MA 595 -18.20 -61.29 -36.71
N ARG MA 596 -18.96 -60.37 -37.30
CA ARG MA 596 -18.49 -59.55 -38.40
C ARG MA 596 -18.83 -58.09 -38.15
N LEU MA 597 -17.96 -57.20 -38.62
CA LEU MA 597 -18.19 -55.77 -38.48
C LEU MA 597 -19.06 -55.27 -39.62
N PHE MA 598 -20.07 -54.46 -39.26
CA PHE MA 598 -20.94 -53.88 -40.26
C PHE MA 598 -21.16 -52.41 -39.97
N PRO MA 599 -21.34 -51.58 -41.00
CA PRO MA 599 -21.52 -50.14 -40.78
C PRO MA 599 -22.77 -49.85 -39.96
N ALA MA 600 -22.69 -48.82 -39.12
CA ALA MA 600 -23.81 -48.38 -38.32
C ALA MA 600 -23.73 -46.88 -38.11
N ASP MA 601 -24.87 -46.27 -37.82
CA ASP MA 601 -24.96 -44.82 -37.62
C ASP MA 601 -24.73 -44.50 -36.14
N ASN MA 602 -23.51 -44.78 -35.69
CA ASN MA 602 -23.11 -44.49 -34.32
C ASN MA 602 -21.77 -43.77 -34.34
N GLU MA 603 -21.28 -43.45 -33.14
CA GLU MA 603 -20.02 -42.73 -33.02
C GLU MA 603 -18.84 -43.54 -33.54
N LYS MA 604 -18.80 -44.84 -33.21
CA LYS MA 604 -17.72 -45.69 -33.69
C LYS MA 604 -17.77 -45.92 -35.19
N GLY MA 605 -18.95 -45.79 -35.80
CA GLY MA 605 -19.10 -46.03 -37.22
C GLY MA 605 -19.31 -47.47 -37.61
N PHE MA 606 -19.37 -48.39 -36.66
CA PHE MA 606 -19.55 -49.79 -36.96
C PHE MA 606 -20.18 -50.50 -35.77
N ASP MA 607 -20.68 -51.71 -36.01
CA ASP MA 607 -21.24 -52.56 -34.98
C ASP MA 607 -20.80 -54.00 -35.23
N VAL MA 608 -20.99 -54.85 -34.23
CA VAL MA 608 -20.60 -56.25 -34.29
C VAL MA 608 -21.86 -57.10 -34.25
N ALA MA 609 -22.02 -57.98 -35.24
CA ALA MA 609 -23.17 -58.86 -35.33
C ALA MA 609 -22.71 -60.28 -35.64
N SER MA 610 -23.35 -61.25 -35.02
CA SER MA 610 -23.04 -62.65 -35.26
C SER MA 610 -23.86 -63.13 -36.45
N MET MA 611 -23.21 -63.29 -37.59
CA MET MA 611 -23.89 -63.64 -38.84
C MET MA 611 -23.58 -65.08 -39.21
N MET MA 612 -24.58 -65.77 -39.74
CA MET MA 612 -24.47 -67.18 -40.13
C MET MA 612 -24.89 -67.32 -41.59
N SER MA 613 -24.02 -67.93 -42.39
CA SER MA 613 -24.21 -68.03 -43.83
C SER MA 613 -24.83 -69.37 -44.19
N VAL MA 614 -25.91 -69.32 -44.97
CA VAL MA 614 -26.61 -70.53 -45.40
C VAL MA 614 -26.66 -70.58 -46.93
N THR MA 615 -26.48 -71.78 -47.47
CA THR MA 615 -26.52 -72.03 -48.89
C THR MA 615 -27.60 -73.06 -49.19
N LEU MA 616 -28.63 -72.65 -49.93
CA LEU MA 616 -29.71 -73.53 -50.33
C LEU MA 616 -29.41 -74.08 -51.72
N SER MA 617 -29.35 -75.41 -51.83
CA SER MA 617 -29.16 -76.07 -53.11
C SER MA 617 -30.51 -76.54 -53.64
N CYS MA 618 -30.90 -76.03 -54.81
CA CYS MA 618 -32.23 -76.21 -55.33
C CYS MA 618 -32.19 -76.99 -56.64
N ASP MA 619 -33.23 -77.80 -56.85
CA ASP MA 619 -33.46 -78.48 -58.12
C ASP MA 619 -34.08 -77.49 -59.09
N HIS MA 620 -33.35 -77.14 -60.15
CA HIS MA 620 -33.82 -76.08 -61.04
C HIS MA 620 -35.03 -76.49 -61.87
N ARG MA 621 -35.35 -77.78 -61.94
CA ARG MA 621 -36.61 -78.19 -62.56
C ARG MA 621 -37.80 -77.66 -61.79
N VAL MA 622 -37.75 -77.70 -60.46
CA VAL MA 622 -38.88 -77.36 -59.61
C VAL MA 622 -38.80 -75.93 -59.11
N VAL MA 623 -37.65 -75.53 -58.57
CA VAL MA 623 -37.47 -74.23 -57.95
C VAL MA 623 -36.56 -73.40 -58.83
N ASP MA 624 -37.09 -72.32 -59.40
CA ASP MA 624 -36.25 -71.42 -60.17
C ASP MA 624 -35.59 -70.39 -59.26
N GLY MA 625 -34.80 -69.51 -59.86
CA GLY MA 625 -34.00 -68.59 -59.07
C GLY MA 625 -34.83 -67.65 -58.20
N ALA MA 626 -35.90 -67.10 -58.77
CA ALA MA 626 -36.74 -66.18 -58.01
C ALA MA 626 -37.41 -66.87 -56.83
N VAL MA 627 -37.90 -68.10 -57.04
CA VAL MA 627 -38.55 -68.82 -55.96
C VAL MA 627 -37.55 -69.19 -54.86
N GLY MA 628 -36.36 -69.65 -55.25
CA GLY MA 628 -35.34 -69.94 -54.25
C GLY MA 628 -34.94 -68.71 -53.46
N ALA MA 629 -34.81 -67.58 -54.14
CA ALA MA 629 -34.48 -66.34 -53.45
C ALA MA 629 -35.59 -65.91 -52.51
N GLN MA 630 -36.85 -66.09 -52.91
CA GLN MA 630 -37.97 -65.79 -52.02
C GLN MA 630 -37.95 -66.67 -50.79
N TRP MA 631 -37.66 -67.97 -50.97
CA TRP MA 631 -37.56 -68.87 -49.84
C TRP MA 631 -36.46 -68.43 -48.88
N LEU MA 632 -35.30 -68.08 -49.43
CA LEU MA 632 -34.20 -67.65 -48.57
C LEU MA 632 -34.51 -66.35 -47.85
N ALA MA 633 -35.21 -65.43 -48.53
CA ALA MA 633 -35.61 -64.19 -47.87
C ALA MA 633 -36.58 -64.44 -46.73
N GLU MA 634 -37.55 -65.34 -46.93
CA GLU MA 634 -38.48 -65.67 -45.86
C GLU MA 634 -37.76 -66.32 -44.68
N PHE MA 635 -36.83 -67.24 -44.98
CA PHE MA 635 -36.04 -67.88 -43.93
C PHE MA 635 -35.23 -66.86 -43.15
N ARG MA 636 -34.59 -65.92 -43.86
CA ARG MA 636 -33.79 -64.90 -43.21
C ARG MA 636 -34.64 -63.99 -42.34
N LYS MA 637 -35.83 -63.62 -42.83
CA LYS MA 637 -36.72 -62.78 -42.03
C LYS MA 637 -37.16 -63.51 -40.75
N TYR MA 638 -37.53 -64.79 -40.89
CA TYR MA 638 -37.95 -65.56 -39.72
C TYR MA 638 -36.84 -65.66 -38.69
N LEU MA 639 -35.60 -65.90 -39.13
CA LEU MA 639 -34.51 -65.98 -38.16
C LEU MA 639 -34.15 -64.62 -37.59
N GLU MA 640 -34.17 -63.57 -38.40
CA GLU MA 640 -33.77 -62.26 -37.90
C GLU MA 640 -34.78 -61.67 -36.94
N LYS MA 641 -36.05 -62.06 -37.02
CA LYS MA 641 -37.05 -61.69 -36.03
C LYS MA 641 -37.77 -62.95 -35.55
N PRO MA 642 -37.27 -63.58 -34.49
CA PRO MA 642 -37.87 -64.84 -34.03
C PRO MA 642 -39.33 -64.72 -33.60
N ILE MA 643 -39.75 -63.53 -33.15
CA ILE MA 643 -41.14 -63.36 -32.73
C ILE MA 643 -42.09 -63.54 -33.91
N THR MA 644 -41.60 -63.34 -35.14
CA THR MA 644 -42.42 -63.56 -36.31
C THR MA 644 -42.67 -65.03 -36.58
N MET MA 645 -41.99 -65.94 -35.89
CA MET MA 645 -42.31 -67.35 -36.00
C MET MA 645 -43.66 -67.69 -35.37
N LEU MA 646 -44.24 -66.78 -34.60
CA LEU MA 646 -45.55 -66.99 -34.00
C LEU MA 646 -46.69 -66.78 -34.99
N LEU MA 647 -46.43 -66.14 -36.12
CA LEU MA 647 -47.48 -65.88 -37.11
C LEU MA 647 -47.84 -67.15 -37.89
N PHE NA 420 -18.45 -65.52 -86.63
CA PHE NA 420 -17.76 -66.42 -85.71
C PHE NA 420 -16.58 -67.11 -86.39
N THR NA 421 -15.79 -67.81 -85.60
CA THR NA 421 -14.64 -68.57 -86.11
C THR NA 421 -14.63 -69.94 -85.45
N ASP NA 422 -14.53 -70.98 -86.26
CA ASP NA 422 -14.51 -72.36 -85.77
C ASP NA 422 -13.06 -72.78 -85.56
N ILE NA 423 -12.68 -72.97 -84.30
CA ILE NA 423 -11.32 -73.39 -83.95
C ILE NA 423 -11.34 -74.90 -83.74
N PRO NA 424 -10.61 -75.67 -84.54
CA PRO NA 424 -10.61 -77.13 -84.37
C PRO NA 424 -10.11 -77.53 -82.99
N ILE NA 425 -10.71 -78.58 -82.44
CA ILE NA 425 -10.36 -79.07 -81.11
C ILE NA 425 -9.16 -80.01 -81.24
N SER NA 426 -8.08 -79.71 -80.53
CA SER NA 426 -6.92 -80.58 -80.53
C SER NA 426 -7.22 -81.86 -79.76
N ASN NA 427 -6.40 -82.88 -80.00
CA ASN NA 427 -6.58 -84.15 -79.31
C ASN NA 427 -6.30 -84.01 -77.82
N ILE NA 428 -5.32 -83.18 -77.45
CA ILE NA 428 -5.03 -82.92 -76.05
C ILE NA 428 -6.25 -82.29 -75.36
N ARG NA 429 -6.85 -81.30 -76.03
CA ARG NA 429 -8.04 -80.65 -75.48
C ARG NA 429 -9.20 -81.63 -75.40
N ARG NA 430 -9.32 -82.51 -76.39
CA ARG NA 430 -10.38 -83.52 -76.35
C ARG NA 430 -10.20 -84.46 -75.16
N VAL NA 431 -8.95 -84.86 -74.90
CA VAL NA 431 -8.67 -85.72 -73.75
C VAL NA 431 -9.00 -85.02 -72.45
N ILE NA 432 -8.61 -83.75 -72.33
CA ILE NA 432 -8.89 -82.99 -71.11
C ILE NA 432 -10.40 -82.84 -70.92
N ALA NA 433 -11.11 -82.54 -72.00
CA ALA NA 433 -12.56 -82.39 -71.93
C ALA NA 433 -13.23 -83.70 -71.53
N GLN NA 434 -12.76 -84.82 -72.08
CA GLN NA 434 -13.33 -86.11 -71.73
C GLN NA 434 -13.07 -86.44 -70.27
N ARG NA 435 -11.88 -86.12 -69.77
CA ARG NA 435 -11.60 -86.31 -68.34
C ARG NA 435 -12.54 -85.48 -67.48
N LEU NA 436 -12.79 -84.22 -67.89
CA LEU NA 436 -13.70 -83.37 -67.12
C LEU NA 436 -15.12 -83.90 -67.16
N MET NA 437 -15.56 -84.40 -68.33
CA MET NA 437 -16.85 -85.07 -68.41
C MET NA 437 -16.93 -86.23 -67.43
N GLN NA 438 -15.91 -87.09 -67.45
CA GLN NA 438 -15.92 -88.26 -66.58
C GLN NA 438 -15.98 -87.85 -65.11
N SER NA 439 -15.20 -86.84 -64.73
CA SER NA 439 -15.21 -86.37 -63.35
C SER NA 439 -16.59 -85.85 -62.95
N LYS NA 440 -17.16 -84.94 -63.75
CA LYS NA 440 -18.43 -84.33 -63.35
C LYS NA 440 -19.60 -85.29 -63.51
N GLN NA 441 -19.43 -86.39 -64.24
CA GLN NA 441 -20.53 -87.33 -64.41
C GLN NA 441 -20.48 -88.46 -63.38
N THR NA 442 -19.29 -88.87 -62.95
CA THR NA 442 -19.17 -90.01 -62.04
C THR NA 442 -18.82 -89.62 -60.62
N ILE NA 443 -18.43 -88.38 -60.36
CA ILE NA 443 -18.03 -87.94 -59.03
C ILE NA 443 -19.07 -86.96 -58.50
N PRO NA 444 -19.82 -87.30 -57.45
CA PRO NA 444 -20.76 -86.34 -56.88
C PRO NA 444 -20.09 -85.26 -56.04
N HIS NA 445 -19.65 -84.20 -56.71
CA HIS NA 445 -18.91 -83.14 -56.03
C HIS NA 445 -19.79 -82.46 -54.98
N TYR NA 446 -19.16 -82.06 -53.87
CA TYR NA 446 -19.77 -81.09 -52.97
C TYR NA 446 -18.65 -80.26 -52.34
N TYR NA 447 -18.93 -78.98 -52.11
CA TYR NA 447 -17.89 -77.99 -51.88
C TYR NA 447 -18.02 -77.40 -50.49
N LEU NA 448 -16.88 -77.21 -49.82
CA LEU NA 448 -16.84 -76.59 -48.50
C LEU NA 448 -15.82 -75.47 -48.48
N SER NA 449 -16.21 -74.30 -48.00
CA SER NA 449 -15.36 -73.11 -48.02
C SER NA 449 -15.04 -72.65 -46.61
N VAL NA 450 -13.77 -72.27 -46.38
CA VAL NA 450 -13.34 -71.68 -45.13
C VAL NA 450 -12.41 -70.51 -45.41
N ASP NA 451 -12.16 -69.71 -44.39
CA ASP NA 451 -11.23 -68.60 -44.44
C ASP NA 451 -10.05 -68.85 -43.52
N VAL NA 452 -8.86 -68.58 -44.04
CA VAL NA 452 -7.61 -68.84 -43.32
C VAL NA 452 -6.88 -67.52 -43.13
N ASN NA 453 -6.49 -67.24 -41.89
CA ASN NA 453 -5.72 -66.03 -41.58
C ASN NA 453 -4.26 -66.29 -41.90
N MET NA 454 -3.67 -65.43 -42.72
CA MET NA 454 -2.33 -65.69 -43.25
C MET NA 454 -1.27 -64.72 -42.73
N GLY NA 455 -1.54 -63.98 -41.66
CA GLY NA 455 -0.53 -63.07 -41.14
C GLY NA 455 0.71 -63.79 -40.66
N GLU NA 456 0.52 -64.87 -39.89
CA GLU NA 456 1.66 -65.61 -39.39
C GLU NA 456 2.40 -66.32 -40.53
N VAL NA 457 1.66 -66.80 -41.53
CA VAL NA 457 2.31 -67.39 -42.70
C VAL NA 457 3.18 -66.36 -43.41
N LEU NA 458 2.66 -65.14 -43.58
CA LEU NA 458 3.45 -64.11 -44.24
C LEU NA 458 4.69 -63.75 -43.44
N LEU NA 459 4.55 -63.64 -42.11
CA LEU NA 459 5.71 -63.31 -41.27
C LEU NA 459 6.76 -64.40 -41.34
N VAL NA 460 6.33 -65.67 -41.22
CA VAL NA 460 7.27 -66.79 -41.29
C VAL NA 460 7.92 -66.86 -42.66
N ARG NA 461 7.16 -66.61 -43.71
CA ARG NA 461 7.71 -66.65 -45.06
C ARG NA 461 8.75 -65.54 -45.26
N LYS NA 462 8.48 -64.34 -44.73
CA LYS NA 462 9.46 -63.28 -44.82
C LYS NA 462 10.74 -63.65 -44.08
N GLU NA 463 10.62 -64.21 -42.88
CA GLU NA 463 11.81 -64.61 -42.13
C GLU NA 463 12.59 -65.71 -42.85
N LEU NA 464 11.87 -66.69 -43.41
CA LEU NA 464 12.53 -67.77 -44.15
C LEU NA 464 13.24 -67.24 -45.40
N ASN NA 465 12.60 -66.32 -46.11
CA ASN NA 465 13.24 -65.73 -47.29
C ASN NA 465 14.47 -64.93 -46.92
N LYS NA 466 14.42 -64.20 -45.80
CA LYS NA 466 15.60 -63.46 -45.36
C LYS NA 466 16.74 -64.40 -44.99
N MET NA 467 16.43 -65.51 -44.30
CA MET NA 467 17.45 -66.49 -43.98
C MET NA 467 18.02 -67.18 -45.22
N LEU NA 468 17.18 -67.45 -46.22
CA LEU NA 468 17.64 -68.15 -47.42
C LEU NA 468 18.70 -67.37 -48.18
N GLU NA 469 18.75 -66.04 -48.05
CA GLU NA 469 19.81 -65.21 -48.62
C GLU NA 469 19.91 -65.41 -50.14
N GLY NA 470 18.76 -65.58 -50.79
CA GLY NA 470 18.71 -65.70 -52.23
C GLY NA 470 18.99 -67.08 -52.79
N ARG NA 471 19.33 -68.06 -51.95
CA ARG NA 471 19.54 -69.41 -52.45
C ARG NA 471 18.25 -69.99 -53.00
N SER NA 472 17.13 -69.73 -52.32
CA SER NA 472 15.81 -70.10 -52.81
C SER NA 472 14.82 -69.07 -52.29
N LYS NA 473 13.62 -69.07 -52.89
CA LYS NA 473 12.54 -68.18 -52.49
C LYS NA 473 11.30 -69.02 -52.22
N ILE NA 474 10.71 -68.83 -51.04
CA ILE NA 474 9.54 -69.61 -50.66
C ILE NA 474 8.28 -68.81 -50.93
N SER NA 475 7.33 -69.42 -51.62
CA SER NA 475 6.06 -68.79 -51.94
C SER NA 475 4.97 -69.29 -50.99
N VAL NA 476 3.84 -68.59 -51.00
CA VAL NA 476 2.71 -68.98 -50.17
C VAL NA 476 2.17 -70.34 -50.60
N ASN NA 477 2.26 -70.65 -51.89
CA ASN NA 477 1.79 -71.95 -52.37
C ASN NA 477 2.60 -73.09 -51.77
N ASP NA 478 3.86 -72.84 -51.40
CA ASP NA 478 4.65 -73.88 -50.74
C ASP NA 478 4.11 -74.18 -49.35
N PHE NA 479 3.78 -73.14 -48.58
CA PHE NA 479 3.11 -73.34 -47.30
C PHE NA 479 1.79 -74.06 -47.49
N ILE NA 480 1.04 -73.70 -48.52
CA ILE NA 480 -0.25 -74.34 -48.76
C ILE NA 480 -0.08 -75.81 -49.08
N ILE NA 481 0.92 -76.15 -49.90
CA ILE NA 481 1.17 -77.54 -50.25
C ILE NA 481 1.57 -78.34 -49.02
N LYS NA 482 2.46 -77.78 -48.20
CA LYS NA 482 2.90 -78.48 -47.00
C LYS NA 482 1.73 -78.70 -46.03
N ALA NA 483 0.90 -77.67 -45.84
CA ALA NA 483 -0.24 -77.80 -44.95
C ALA NA 483 -1.25 -78.81 -45.49
N SER NA 484 -1.46 -78.82 -46.80
CA SER NA 484 -2.37 -79.80 -47.40
C SER NA 484 -1.85 -81.21 -47.20
N ALA NA 485 -0.54 -81.42 -47.38
CA ALA NA 485 0.03 -82.75 -47.18
C ALA NA 485 -0.11 -83.20 -45.73
N LEU NA 486 0.16 -82.32 -44.78
CA LEU NA 486 0.05 -82.70 -43.37
C LEU NA 486 -1.41 -82.95 -42.99
N ALA NA 487 -2.34 -82.15 -43.51
CA ALA NA 487 -3.75 -82.38 -43.25
C ALA NA 487 -4.21 -83.69 -43.87
N CYS NA 488 -3.69 -84.04 -45.04
CA CYS NA 488 -4.00 -85.34 -45.64
C CYS NA 488 -3.47 -86.48 -44.80
N LEU NA 489 -2.28 -86.30 -44.20
CA LEU NA 489 -1.79 -87.30 -43.24
C LEU NA 489 -2.74 -87.44 -42.06
N LYS NA 490 -3.19 -86.32 -41.50
CA LYS NA 490 -4.05 -86.37 -40.32
C LYS NA 490 -5.42 -86.98 -40.64
N VAL NA 491 -5.95 -86.69 -41.83
CA VAL NA 491 -7.26 -87.18 -42.24
C VAL NA 491 -7.11 -87.96 -43.55
N PRO NA 492 -6.82 -89.26 -43.48
CA PRO NA 492 -6.51 -90.00 -44.72
C PRO NA 492 -7.69 -90.20 -45.65
N GLU NA 493 -8.92 -89.89 -45.23
CA GLU NA 493 -10.07 -90.07 -46.10
C GLU NA 493 -9.97 -89.18 -47.33
N ALA NA 494 -9.49 -87.95 -47.16
CA ALA NA 494 -9.28 -87.07 -48.31
C ALA NA 494 -8.16 -87.55 -49.20
N ASN NA 495 -7.35 -88.50 -48.74
CA ASN NA 495 -6.28 -89.09 -49.52
C ASN NA 495 -6.64 -90.49 -50.03
N SER NA 496 -7.89 -90.68 -50.43
CA SER NA 496 -8.37 -91.97 -50.91
C SER NA 496 -8.81 -91.86 -52.37
N SER NA 497 -9.26 -92.99 -52.90
CA SER NA 497 -9.74 -93.09 -54.27
C SER NA 497 -10.83 -94.17 -54.34
N TRP NA 498 -11.89 -93.86 -55.08
CA TRP NA 498 -12.99 -94.80 -55.24
C TRP NA 498 -12.76 -95.64 -56.48
N LEU NA 499 -12.76 -96.97 -56.32
CA LEU NA 499 -12.47 -97.90 -57.40
C LEU NA 499 -13.62 -98.86 -57.63
N ASP NA 500 -14.81 -98.51 -57.13
CA ASP NA 500 -16.07 -99.20 -57.39
C ASP NA 500 -16.16 -100.54 -56.67
N THR NA 501 -15.05 -100.98 -56.07
CA THR NA 501 -15.05 -102.20 -55.26
C THR NA 501 -14.40 -101.99 -53.90
N VAL NA 502 -13.34 -101.19 -53.84
CA VAL NA 502 -12.67 -100.85 -52.59
C VAL NA 502 -12.34 -99.37 -52.61
N ILE NA 503 -12.09 -98.82 -51.42
CA ILE NA 503 -11.64 -97.45 -51.27
C ILE NA 503 -10.14 -97.47 -50.99
N ARG NA 504 -9.34 -97.14 -52.00
CA ARG NA 504 -7.89 -97.19 -51.88
C ARG NA 504 -7.42 -95.99 -51.07
N GLN NA 505 -6.89 -96.24 -49.88
CA GLN NA 505 -6.44 -95.17 -48.99
C GLN NA 505 -4.93 -95.01 -49.11
N ASN NA 506 -4.50 -94.02 -49.90
CA ASN NA 506 -3.07 -93.84 -50.15
C ASN NA 506 -2.36 -93.39 -48.89
N HIS NA 507 -1.26 -94.06 -48.57
CA HIS NA 507 -0.45 -93.72 -47.40
C HIS NA 507 0.60 -92.65 -47.68
N VAL NA 508 0.80 -92.30 -48.95
CA VAL NA 508 1.71 -91.23 -49.34
C VAL NA 508 0.88 -90.10 -49.94
N VAL NA 509 1.42 -88.90 -49.91
CA VAL NA 509 0.72 -87.70 -50.37
C VAL NA 509 1.50 -87.15 -51.56
N ASP NA 510 0.97 -87.36 -52.76
CA ASP NA 510 1.52 -86.80 -53.99
C ASP NA 510 0.61 -85.66 -54.42
N ILE NA 511 1.08 -84.43 -54.28
CA ILE NA 511 0.26 -83.25 -54.50
C ILE NA 511 0.43 -82.80 -55.95
N SER NA 512 -0.62 -82.97 -56.75
CA SER NA 512 -0.68 -82.34 -58.05
C SER NA 512 -0.88 -80.84 -57.88
N VAL NA 513 -0.19 -80.04 -58.69
CA VAL NA 513 -0.29 -78.59 -58.62
C VAL NA 513 -0.77 -78.08 -59.97
N ALA NA 514 -1.86 -77.32 -59.96
CA ALA NA 514 -2.40 -76.80 -61.21
C ALA NA 514 -1.51 -75.69 -61.75
N VAL NA 515 -1.02 -75.86 -62.97
CA VAL NA 515 -0.17 -74.89 -63.64
C VAL NA 515 -0.83 -74.53 -64.97
N SER NA 516 -0.96 -73.24 -65.23
CA SER NA 516 -1.55 -72.76 -66.48
C SER NA 516 -0.45 -72.41 -67.47
N THR NA 517 -0.50 -73.03 -68.64
CA THR NA 517 0.46 -72.87 -69.72
C THR NA 517 -0.32 -72.47 -70.96
N PRO NA 518 0.35 -71.91 -71.98
CA PRO NA 518 -0.38 -71.54 -73.20
C PRO NA 518 -1.09 -72.70 -73.87
N ALA NA 519 -0.69 -73.94 -73.61
CA ALA NA 519 -1.35 -75.11 -74.16
C ALA NA 519 -2.51 -75.61 -73.30
N GLY NA 520 -2.71 -75.05 -72.12
CA GLY NA 520 -3.81 -75.44 -71.27
C GLY NA 520 -3.41 -75.63 -69.81
N LEU NA 521 -4.19 -76.42 -69.11
CA LEU NA 521 -3.94 -76.69 -67.70
C LEU NA 521 -3.22 -78.02 -67.55
N ILE NA 522 -2.15 -78.03 -66.75
CA ILE NA 522 -1.40 -79.26 -66.49
C ILE NA 522 -1.20 -79.38 -64.99
N THR NA 523 -0.89 -80.60 -64.53
CA THR NA 523 -0.79 -80.91 -63.11
C THR NA 523 0.50 -81.65 -62.80
N PRO NA 524 1.63 -80.95 -62.72
CA PRO NA 524 2.85 -81.59 -62.23
C PRO NA 524 2.70 -82.02 -60.78
N ILE NA 525 3.33 -83.15 -60.45
CA ILE NA 525 3.13 -83.81 -59.17
C ILE NA 525 4.37 -83.59 -58.30
N VAL NA 526 4.15 -83.08 -57.09
CA VAL NA 526 5.17 -83.03 -56.05
C VAL NA 526 4.98 -84.30 -55.23
N PHE NA 527 5.89 -85.25 -55.39
CA PHE NA 527 5.79 -86.51 -54.68
C PHE NA 527 6.29 -86.38 -53.26
N ASN NA 528 5.63 -87.08 -52.33
CA ASN NA 528 6.05 -87.13 -50.93
C ASN NA 528 6.11 -85.73 -50.32
N ALA NA 529 5.07 -84.94 -50.56
CA ALA NA 529 5.01 -83.60 -49.98
C ALA NA 529 4.84 -83.65 -48.47
N HIS NA 530 4.43 -84.80 -47.93
CA HIS NA 530 4.27 -84.91 -46.50
C HIS NA 530 5.61 -85.02 -45.78
N ILE NA 531 6.67 -85.38 -46.51
CA ILE NA 531 8.00 -85.46 -45.91
C ILE NA 531 8.97 -84.45 -46.50
N LYS NA 532 8.68 -83.88 -47.66
CA LYS NA 532 9.52 -82.84 -48.22
C LYS NA 532 9.41 -81.55 -47.42
N GLY NA 533 10.52 -80.82 -47.32
CA GLY NA 533 10.51 -79.55 -46.64
C GLY NA 533 10.02 -78.42 -47.54
N LEU NA 534 9.89 -77.23 -46.93
CA LEU NA 534 9.39 -76.08 -47.69
C LEU NA 534 10.36 -75.69 -48.81
N GLU NA 535 11.66 -75.69 -48.53
CA GLU NA 535 12.63 -75.36 -49.56
C GLU NA 535 12.61 -76.39 -50.69
N THR NA 536 12.56 -77.67 -50.34
CA THR NA 536 12.49 -78.71 -51.36
C THR NA 536 11.21 -78.62 -52.16
N ILE NA 537 10.09 -78.35 -51.48
CA ILE NA 537 8.82 -78.20 -52.19
C ILE NA 537 8.86 -77.02 -53.15
N ALA NA 538 9.44 -75.90 -52.70
CA ALA NA 538 9.52 -74.72 -53.55
C ALA NA 538 10.39 -74.99 -54.78
N ASN NA 539 11.54 -75.64 -54.57
CA ASN NA 539 12.42 -75.95 -55.70
C ASN NA 539 11.74 -76.91 -56.68
N ASP NA 540 11.06 -77.94 -56.15
CA ASP NA 540 10.36 -78.87 -57.02
C ASP NA 540 9.26 -78.18 -57.80
N VAL NA 541 8.50 -77.30 -57.15
CA VAL NA 541 7.42 -76.59 -57.83
C VAL NA 541 7.98 -75.69 -58.93
N VAL NA 542 9.09 -74.99 -58.65
CA VAL NA 542 9.68 -74.12 -59.66
C VAL NA 542 10.16 -74.94 -60.85
N SER NA 543 10.85 -76.05 -60.59
CA SER NA 543 11.38 -76.87 -61.67
C SER NA 543 10.25 -77.46 -62.51
N LEU NA 544 9.21 -77.98 -61.87
CA LEU NA 544 8.11 -78.59 -62.61
C LEU NA 544 7.31 -77.54 -63.36
N ALA NA 545 7.15 -76.34 -62.80
CA ALA NA 545 6.48 -75.27 -63.51
C ALA NA 545 7.25 -74.85 -64.75
N THR NA 546 8.58 -74.75 -64.63
CA THR NA 546 9.41 -74.44 -65.80
C THR NA 546 9.28 -75.53 -66.86
N LYS NA 547 9.30 -76.80 -66.44
CA LYS NA 547 9.15 -77.90 -67.38
C LYS NA 547 7.80 -77.85 -68.07
N ALA NA 548 6.73 -77.56 -67.31
CA ALA NA 548 5.40 -77.48 -67.89
C ALA NA 548 5.29 -76.34 -68.88
N ARG NA 549 5.84 -75.18 -68.53
CA ARG NA 549 5.79 -74.04 -69.44
C ARG NA 549 6.59 -74.29 -70.71
N GLU NA 550 7.71 -75.01 -70.61
CA GLU NA 550 8.50 -75.36 -71.78
C GLU NA 550 8.00 -76.61 -72.48
N GLY NA 551 6.97 -77.27 -71.95
CA GLY NA 551 6.40 -78.43 -72.62
C GLY NA 551 7.25 -79.67 -72.57
N LYS NA 552 8.06 -79.83 -71.51
CA LYS NA 552 8.99 -80.95 -71.41
C LYS NA 552 8.59 -81.97 -70.35
N LEU NA 553 7.37 -81.89 -69.82
CA LEU NA 553 6.95 -82.80 -68.76
C LEU NA 553 6.78 -84.21 -69.29
N GLN NA 554 7.33 -85.18 -68.55
CA GLN NA 554 7.13 -86.59 -68.86
C GLN NA 554 5.79 -87.06 -68.31
N PRO NA 555 5.19 -88.10 -68.90
CA PRO NA 555 3.86 -88.53 -68.46
C PRO NA 555 3.78 -88.90 -66.99
N HIS NA 556 4.81 -89.53 -66.42
CA HIS NA 556 4.76 -89.89 -65.01
C HIS NA 556 4.87 -88.68 -64.10
N GLU NA 557 5.33 -87.54 -64.61
CA GLU NA 557 5.46 -86.33 -63.80
C GLU NA 557 4.14 -85.58 -63.64
N PHE NA 558 3.12 -85.92 -64.43
CA PHE NA 558 1.81 -85.29 -64.26
C PHE NA 558 0.64 -86.27 -64.28
N GLN NA 559 0.87 -87.57 -64.39
CA GLN NA 559 -0.19 -88.56 -64.29
C GLN NA 559 -0.13 -89.23 -62.93
N GLY NA 560 -1.28 -89.25 -62.24
CA GLY NA 560 -1.35 -89.85 -60.93
C GLY NA 560 -1.68 -88.86 -59.83
N GLY NA 561 -1.01 -88.98 -58.69
CA GLY NA 561 -1.27 -88.11 -57.57
C GLY NA 561 -2.47 -88.55 -56.75
N THR NA 562 -2.52 -88.07 -55.51
CA THR NA 562 -3.61 -88.38 -54.60
C THR NA 562 -4.43 -87.17 -54.20
N PHE NA 563 -3.91 -85.96 -54.36
CA PHE NA 563 -4.59 -84.75 -53.94
C PHE NA 563 -4.10 -83.60 -54.80
N THR NA 564 -5.01 -82.74 -55.22
CA THR NA 564 -4.71 -81.67 -56.16
C THR NA 564 -4.93 -80.32 -55.51
N ILE NA 565 -4.07 -79.36 -55.84
CA ILE NA 565 -4.20 -77.98 -55.40
C ILE NA 565 -4.20 -77.07 -56.62
N SER NA 566 -5.25 -76.26 -56.75
CA SER NA 566 -5.37 -75.29 -57.82
C SER NA 566 -5.45 -73.90 -57.20
N ASN NA 567 -4.44 -73.08 -57.45
CA ASN NA 567 -4.34 -71.76 -56.85
C ASN NA 567 -4.57 -70.71 -57.92
N LEU NA 568 -5.58 -69.86 -57.72
CA LEU NA 568 -5.85 -68.76 -58.63
C LEU NA 568 -5.84 -67.40 -57.92
N GLY NA 569 -5.15 -67.31 -56.78
CA GLY NA 569 -5.10 -66.04 -56.08
C GLY NA 569 -4.28 -64.99 -56.82
N MET NA 570 -3.32 -65.44 -57.63
CA MET NA 570 -2.52 -64.51 -58.41
C MET NA 570 -3.36 -63.73 -59.42
N PHE NA 571 -4.52 -64.25 -59.81
CA PHE NA 571 -5.42 -63.60 -60.75
C PHE NA 571 -6.52 -62.81 -60.06
N GLY NA 572 -6.50 -62.73 -58.74
CA GLY NA 572 -7.47 -61.93 -58.03
C GLY NA 572 -8.79 -62.59 -57.72
N ILE NA 573 -8.91 -63.90 -57.96
CA ILE NA 573 -10.14 -64.60 -57.66
C ILE NA 573 -10.33 -64.68 -56.15
N LYS NA 574 -11.49 -64.24 -55.67
CA LYS NA 574 -11.79 -64.32 -54.25
C LYS NA 574 -11.90 -65.76 -53.79
N ASN NA 575 -12.71 -66.56 -54.49
CA ASN NA 575 -12.82 -67.99 -54.24
C ASN NA 575 -13.43 -68.64 -55.47
N PHE NA 576 -13.22 -69.95 -55.60
CA PHE NA 576 -13.77 -70.69 -56.73
C PHE NA 576 -13.87 -72.16 -56.36
N SER NA 577 -14.68 -72.87 -57.14
CA SER NA 577 -14.92 -74.31 -56.94
C SER NA 577 -14.35 -75.05 -58.14
N ALA NA 578 -13.43 -75.97 -57.89
CA ALA NA 578 -12.76 -76.67 -58.97
C ALA NA 578 -13.38 -78.04 -59.20
N ILE NA 579 -12.92 -78.69 -60.27
CA ILE NA 579 -13.40 -80.03 -60.63
C ILE NA 579 -12.38 -81.05 -60.15
N ILE NA 580 -12.86 -82.11 -59.50
CA ILE NA 580 -11.98 -83.13 -58.98
C ILE NA 580 -11.30 -83.87 -60.12
N ASN NA 581 -9.97 -83.96 -60.05
CA ASN NA 581 -9.20 -84.69 -61.04
C ASN NA 581 -9.24 -86.17 -60.72
N PRO NA 582 -9.79 -87.00 -61.59
CA PRO NA 582 -9.95 -88.42 -61.27
C PRO NA 582 -8.61 -89.14 -61.26
N PRO NA 583 -8.48 -90.23 -60.50
CA PRO NA 583 -9.49 -90.83 -59.61
C PRO NA 583 -9.38 -90.33 -58.18
N GLN NA 584 -8.87 -89.11 -57.97
CA GLN NA 584 -8.69 -88.59 -56.62
C GLN NA 584 -10.05 -88.28 -55.98
N ALA NA 585 -10.01 -88.00 -54.67
CA ALA NA 585 -11.23 -87.78 -53.91
C ALA NA 585 -11.47 -86.33 -53.56
N CYS NA 586 -10.46 -85.46 -53.70
CA CYS NA 586 -10.60 -84.06 -53.31
C CYS NA 586 -9.71 -83.19 -54.18
N ILE NA 587 -10.00 -81.89 -54.17
CA ILE NA 587 -9.18 -80.88 -54.82
C ILE NA 587 -9.36 -79.57 -54.06
N LEU NA 588 -8.26 -78.92 -53.71
CA LEU NA 588 -8.29 -77.68 -52.94
C LEU NA 588 -8.16 -76.49 -53.88
N ALA NA 589 -9.18 -75.65 -53.91
CA ALA NA 589 -9.18 -74.44 -54.72
C ALA NA 589 -8.85 -73.24 -53.84
N VAL NA 590 -7.76 -72.56 -54.16
CA VAL NA 590 -7.23 -71.47 -53.34
C VAL NA 590 -7.47 -70.17 -54.06
N GLY NA 591 -8.06 -69.20 -53.35
CA GLY NA 591 -8.31 -67.88 -53.89
C GLY NA 591 -7.29 -66.86 -53.44
N ALA NA 592 -7.62 -65.60 -53.65
CA ALA NA 592 -6.72 -64.51 -53.31
C ALA NA 592 -6.79 -64.17 -51.83
N SER NA 593 -5.69 -63.63 -51.31
CA SER NA 593 -5.64 -63.19 -49.93
C SER NA 593 -5.84 -61.67 -49.87
N GLU NA 594 -6.78 -61.24 -49.03
CA GLU NA 594 -7.16 -59.85 -48.94
C GLU NA 594 -7.24 -59.41 -47.49
N ASP NA 595 -7.00 -58.13 -47.24
CA ASP NA 595 -7.08 -57.57 -45.90
C ASP NA 595 -8.56 -57.34 -45.55
N ARG NA 596 -8.96 -57.84 -44.39
CA ARG NA 596 -10.33 -57.69 -43.91
C ARG NA 596 -10.34 -57.23 -42.46
N LEU NA 597 -11.35 -56.43 -42.11
CA LEU NA 597 -11.49 -55.95 -40.75
C LEU NA 597 -12.23 -56.97 -39.90
N PHE NA 598 -11.70 -57.22 -38.71
CA PHE NA 598 -12.33 -58.16 -37.79
C PHE NA 598 -12.35 -57.57 -36.39
N PRO NA 599 -13.38 -57.89 -35.60
CA PRO NA 599 -13.47 -57.32 -34.25
C PRO NA 599 -12.31 -57.75 -33.38
N ALA NA 600 -11.88 -56.85 -32.50
CA ALA NA 600 -10.81 -57.12 -31.56
C ALA NA 600 -11.04 -56.34 -30.28
N ASP NA 601 -10.45 -56.82 -29.18
CA ASP NA 601 -10.61 -56.19 -27.88
C ASP NA 601 -9.50 -55.15 -27.68
N ASN NA 602 -9.56 -54.11 -28.51
CA ASN NA 602 -8.62 -53.00 -28.42
C ASN NA 602 -9.39 -51.69 -28.44
N GLU NA 603 -8.64 -50.59 -28.37
CA GLU NA 603 -9.27 -49.27 -28.34
C GLU NA 603 -10.02 -48.96 -29.63
N LYS NA 604 -9.42 -49.30 -30.78
CA LYS NA 604 -10.08 -49.06 -32.06
C LYS NA 604 -11.30 -49.94 -32.27
N GLY NA 605 -11.36 -51.09 -31.59
CA GLY NA 605 -12.47 -52.01 -31.76
C GLY NA 605 -12.35 -52.96 -32.92
N PHE NA 606 -11.26 -52.91 -33.68
CA PHE NA 606 -11.08 -53.78 -34.83
C PHE NA 606 -9.61 -53.95 -35.12
N ASP NA 607 -9.30 -54.95 -35.95
CA ASP NA 607 -7.96 -55.23 -36.40
C ASP NA 607 -8.00 -55.59 -37.88
N VAL NA 608 -6.83 -55.59 -38.51
CA VAL NA 608 -6.70 -55.90 -39.93
C VAL NA 608 -5.90 -57.19 -40.07
N ALA NA 609 -6.48 -58.17 -40.78
CA ALA NA 609 -5.84 -59.45 -41.00
C ALA NA 609 -5.95 -59.83 -42.46
N SER NA 610 -4.88 -60.42 -42.99
CA SER NA 610 -4.86 -60.89 -44.38
C SER NA 610 -5.43 -62.29 -44.42
N MET NA 611 -6.66 -62.43 -44.89
CA MET NA 611 -7.36 -63.71 -44.90
C MET NA 611 -7.46 -64.26 -46.32
N MET NA 612 -7.31 -65.56 -46.45
CA MET NA 612 -7.34 -66.25 -47.73
C MET NA 612 -8.39 -67.36 -47.69
N SER NA 613 -9.30 -67.34 -48.65
CA SER NA 613 -10.45 -68.25 -48.67
C SER NA 613 -10.16 -69.45 -49.55
N VAL NA 614 -10.38 -70.64 -49.00
CA VAL NA 614 -10.16 -71.89 -49.73
C VAL NA 614 -11.44 -72.71 -49.78
N THR NA 615 -11.67 -73.33 -50.93
CA THR NA 615 -12.84 -74.17 -51.16
C THR NA 615 -12.36 -75.57 -51.55
N LEU NA 616 -12.66 -76.55 -50.70
CA LEU NA 616 -12.33 -77.94 -50.96
C LEU NA 616 -13.53 -78.62 -51.61
N SER NA 617 -13.32 -79.19 -52.80
CA SER NA 617 -14.35 -79.94 -53.49
C SER NA 617 -14.11 -81.42 -53.25
N CYS NA 618 -15.09 -82.09 -52.64
CA CYS NA 618 -14.93 -83.46 -52.16
C CYS NA 618 -15.88 -84.38 -52.89
N ASP NA 619 -15.41 -85.61 -53.11
CA ASP NA 619 -16.23 -86.71 -53.62
C ASP NA 619 -17.06 -87.26 -52.46
N HIS NA 620 -18.38 -87.08 -52.52
CA HIS NA 620 -19.22 -87.45 -51.40
C HIS NA 620 -19.32 -88.95 -51.18
N ARG NA 621 -18.92 -89.77 -52.15
CA ARG NA 621 -18.82 -91.20 -51.92
C ARG NA 621 -17.77 -91.52 -50.87
N VAL NA 622 -16.64 -90.83 -50.90
CA VAL NA 622 -15.49 -91.13 -50.05
C VAL NA 622 -15.45 -90.23 -48.82
N VAL NA 623 -15.58 -88.92 -49.02
CA VAL NA 623 -15.44 -87.94 -47.95
C VAL NA 623 -16.82 -87.35 -47.68
N ASP NA 624 -17.35 -87.60 -46.48
CA ASP NA 624 -18.61 -86.98 -46.10
C ASP NA 624 -18.36 -85.60 -45.50
N GLY NA 625 -19.44 -84.92 -45.12
CA GLY NA 625 -19.33 -83.54 -44.70
C GLY NA 625 -18.47 -83.35 -43.47
N ALA NA 626 -18.63 -84.23 -42.47
CA ALA NA 626 -17.85 -84.11 -41.25
C ALA NA 626 -16.37 -84.32 -41.52
N VAL NA 627 -16.02 -85.30 -42.36
CA VAL NA 627 -14.62 -85.56 -42.66
C VAL NA 627 -14.01 -84.41 -43.45
N GLY NA 628 -14.74 -83.87 -44.43
CA GLY NA 628 -14.24 -82.72 -45.16
C GLY NA 628 -14.03 -81.51 -44.27
N ALA NA 629 -14.97 -81.28 -43.35
CA ALA NA 629 -14.83 -80.18 -42.41
C ALA NA 629 -13.64 -80.38 -41.48
N GLN NA 630 -13.40 -81.62 -41.05
CA GLN NA 630 -12.22 -81.91 -40.22
C GLN NA 630 -10.94 -81.65 -40.99
N TRP NA 631 -10.90 -82.04 -42.26
CA TRP NA 631 -9.72 -81.78 -43.08
C TRP NA 631 -9.48 -80.28 -43.20
N LEU NA 632 -10.53 -79.51 -43.47
CA LEU NA 632 -10.37 -78.07 -43.61
C LEU NA 632 -9.95 -77.42 -42.30
N ALA NA 633 -10.47 -77.92 -41.17
CA ALA NA 633 -10.04 -77.39 -39.88
C ALA NA 633 -8.57 -77.66 -39.62
N GLU NA 634 -8.10 -78.87 -39.93
CA GLU NA 634 -6.69 -79.19 -39.76
C GLU NA 634 -5.82 -78.32 -40.66
N PHE NA 635 -6.23 -78.13 -41.92
CA PHE NA 635 -5.50 -77.28 -42.84
C PHE NA 635 -5.43 -75.85 -42.32
N ARG NA 636 -6.56 -75.33 -41.82
CA ARG NA 636 -6.60 -73.97 -41.30
C ARG NA 636 -5.70 -73.82 -40.08
N LYS NA 637 -5.72 -74.82 -39.19
CA LYS NA 637 -4.85 -74.75 -38.01
C LYS NA 637 -3.38 -74.75 -38.42
N TYR NA 638 -3.01 -75.62 -39.36
CA TYR NA 638 -1.62 -75.69 -39.81
C TYR NA 638 -1.18 -74.36 -40.42
N LEU NA 639 -2.03 -73.73 -41.23
CA LEU NA 639 -1.63 -72.46 -41.81
C LEU NA 639 -1.64 -71.33 -40.79
N GLU NA 640 -2.60 -71.32 -39.87
CA GLU NA 640 -2.67 -70.23 -38.90
C GLU NA 640 -1.55 -70.28 -37.88
N LYS NA 641 -0.98 -71.46 -37.61
CA LYS NA 641 0.22 -71.57 -36.79
C LYS NA 641 1.25 -72.40 -37.54
N PRO NA 642 2.13 -71.75 -38.32
CA PRO NA 642 3.10 -72.50 -39.12
C PRO NA 642 4.06 -73.34 -38.30
N ILE NA 643 4.34 -72.96 -37.06
CA ILE NA 643 5.26 -73.75 -36.23
C ILE NA 643 4.69 -75.13 -35.95
N THR NA 644 3.36 -75.29 -36.03
CA THR NA 644 2.75 -76.59 -35.84
C THR NA 644 3.00 -77.52 -37.02
N MET NA 645 3.53 -77.02 -38.13
CA MET NA 645 3.93 -77.90 -39.22
C MET NA 645 5.13 -78.76 -38.86
N LEU NA 646 5.82 -78.45 -37.76
CA LEU NA 646 6.96 -79.24 -37.30
C LEU NA 646 6.54 -80.51 -36.58
N LEU NA 647 5.28 -80.62 -36.17
CA LEU NA 647 4.81 -81.81 -35.46
C LEU NA 647 4.61 -82.98 -36.40
N PHE OA 420 -104.81 -32.68 -10.17
CA PHE OA 420 -104.95 -31.36 -9.57
C PHE OA 420 -105.81 -31.40 -8.31
N THR OA 421 -105.88 -30.27 -7.61
CA THR OA 421 -106.69 -30.13 -6.41
C THR OA 421 -107.41 -28.79 -6.46
N ASP OA 422 -108.72 -28.81 -6.25
CA ASP OA 422 -109.54 -27.60 -6.27
C ASP OA 422 -109.68 -27.09 -4.84
N ILE OA 423 -109.01 -25.97 -4.55
CA ILE OA 423 -109.07 -25.35 -3.23
C ILE OA 423 -110.20 -24.32 -3.24
N PRO OA 424 -111.22 -24.45 -2.39
CA PRO OA 424 -112.31 -23.46 -2.38
C PRO OA 424 -111.78 -22.08 -2.02
N ILE OA 425 -112.39 -21.07 -2.65
CA ILE OA 425 -111.99 -19.69 -2.42
C ILE OA 425 -112.78 -19.15 -1.23
N SER OA 426 -112.06 -18.67 -0.23
CA SER OA 426 -112.71 -18.07 0.94
C SER OA 426 -113.32 -16.72 0.57
N ASN OA 427 -114.25 -16.26 1.41
CA ASN OA 427 -114.87 -14.96 1.18
C ASN OA 427 -113.85 -13.83 1.31
N ILE OA 428 -112.91 -13.96 2.24
CA ILE OA 428 -111.86 -12.96 2.39
C ILE OA 428 -111.02 -12.88 1.12
N ARG OA 429 -110.63 -14.04 0.59
CA ARG OA 429 -109.86 -14.07 -0.65
C ARG OA 429 -110.67 -13.52 -1.82
N ARG OA 430 -111.98 -13.80 -1.85
CA ARG OA 430 -112.81 -13.24 -2.90
C ARG OA 430 -112.86 -11.72 -2.81
N VAL OA 431 -112.97 -11.19 -1.59
CA VAL OA 431 -112.98 -9.74 -1.42
C VAL OA 431 -111.66 -9.13 -1.86
N ILE OA 432 -110.54 -9.76 -1.50
CA ILE OA 432 -109.23 -9.26 -1.89
C ILE OA 432 -109.08 -9.28 -3.40
N ALA OA 433 -109.51 -10.38 -4.04
CA ALA OA 433 -109.43 -10.49 -5.49
C ALA OA 433 -110.30 -9.45 -6.18
N GLN OA 434 -111.50 -9.21 -5.63
CA GLN OA 434 -112.37 -8.19 -6.21
C GLN OA 434 -111.76 -6.80 -6.09
N ARG OA 435 -111.15 -6.51 -4.94
CA ARG OA 435 -110.49 -5.21 -4.78
C ARG OA 435 -109.33 -5.05 -5.77
N LEU OA 436 -108.53 -6.10 -5.93
CA LEU OA 436 -107.40 -6.02 -6.86
C LEU OA 436 -107.86 -5.86 -8.30
N MET OA 437 -108.91 -6.61 -8.69
CA MET OA 437 -109.45 -6.47 -10.03
C MET OA 437 -110.01 -5.08 -10.26
N GLN OA 438 -110.73 -4.54 -9.27
CA GLN OA 438 -111.25 -3.18 -9.39
C GLN OA 438 -110.13 -2.17 -9.54
N SER OA 439 -109.06 -2.33 -8.77
CA SER OA 439 -107.92 -1.42 -8.87
C SER OA 439 -107.29 -1.46 -10.25
N LYS OA 440 -107.03 -2.66 -10.75
CA LYS OA 440 -106.37 -2.78 -12.06
C LYS OA 440 -107.29 -2.38 -13.19
N GLN OA 441 -108.61 -2.45 -12.99
CA GLN OA 441 -109.53 -2.08 -14.06
C GLN OA 441 -109.83 -0.59 -14.08
N THR OA 442 -109.83 0.08 -12.93
CA THR OA 442 -110.23 1.48 -12.87
C THR OA 442 -109.08 2.45 -12.68
N ILE OA 443 -107.89 1.98 -12.32
CA ILE OA 443 -106.75 2.85 -12.04
C ILE OA 443 -105.70 2.62 -13.13
N PRO OA 444 -105.39 3.63 -13.95
CA PRO OA 444 -104.33 3.47 -14.95
C PRO OA 444 -102.93 3.53 -14.33
N HIS OA 445 -102.46 2.38 -13.85
CA HIS OA 445 -101.15 2.33 -13.19
C HIS OA 445 -100.03 2.71 -14.15
N TYR OA 446 -99.03 3.41 -13.64
CA TYR OA 446 -97.76 3.54 -14.33
C TYR OA 446 -96.65 3.65 -13.28
N TYR OA 447 -95.50 3.06 -13.59
CA TYR OA 447 -94.50 2.74 -12.57
C TYR OA 447 -93.22 3.51 -12.82
N LEU OA 448 -92.62 4.05 -11.75
CA LEU OA 448 -91.35 4.75 -11.83
C LEU OA 448 -90.37 4.15 -10.82
N SER OA 449 -89.17 3.83 -11.27
CA SER OA 449 -88.19 3.16 -10.42
C SER OA 449 -86.93 4.00 -10.27
N VAL OA 450 -86.40 4.03 -9.04
CA VAL OA 450 -85.15 4.72 -8.75
C VAL OA 450 -84.32 3.88 -7.77
N ASP OA 451 -83.06 4.27 -7.63
CA ASP OA 451 -82.13 3.64 -6.71
C ASP OA 451 -81.71 4.63 -5.62
N VAL OA 452 -81.71 4.16 -4.38
CA VAL OA 452 -81.42 4.99 -3.22
C VAL OA 452 -80.19 4.43 -2.51
N ASN OA 453 -79.20 5.29 -2.25
CA ASN OA 453 -78.01 4.91 -1.51
C ASN OA 453 -78.35 4.91 -0.02
N MET OA 454 -78.09 3.79 0.65
CA MET OA 454 -78.55 3.60 2.02
C MET OA 454 -77.43 3.51 3.04
N GLY OA 455 -76.20 3.89 2.68
CA GLY OA 455 -75.11 3.85 3.65
C GLY OA 455 -75.36 4.78 4.84
N GLU OA 456 -75.81 6.00 4.56
CA GLU OA 456 -76.10 6.94 5.63
C GLU OA 456 -77.25 6.45 6.49
N VAL OA 457 -78.28 5.87 5.87
CA VAL OA 457 -79.40 5.32 6.63
C VAL OA 457 -78.91 4.20 7.55
N LEU OA 458 -78.06 3.32 7.04
CA LEU OA 458 -77.55 2.23 7.87
C LEU OA 458 -76.71 2.76 9.03
N LEU OA 459 -75.87 3.76 8.78
CA LEU OA 459 -75.04 4.32 9.85
C LEU OA 459 -75.90 4.98 10.92
N VAL OA 460 -76.88 5.78 10.49
CA VAL OA 460 -77.76 6.47 11.44
C VAL OA 460 -78.59 5.44 12.22
N ARG OA 461 -79.04 4.39 11.55
CA ARG OA 461 -79.82 3.36 12.23
C ARG OA 461 -78.97 2.63 13.28
N LYS OA 462 -77.72 2.32 12.93
CA LYS OA 462 -76.83 1.68 13.90
C LYS OA 462 -76.60 2.56 15.11
N GLU OA 463 -76.34 3.85 14.88
CA GLU OA 463 -76.12 4.77 16.00
C GLU OA 463 -77.38 4.91 16.85
N LEU OA 464 -78.55 4.99 16.21
CA LEU OA 464 -79.81 5.11 16.93
C LEU OA 464 -80.06 3.86 17.79
N ASN OA 465 -79.82 2.68 17.22
CA ASN OA 465 -80.01 1.46 17.97
C ASN OA 465 -79.04 1.36 19.14
N LYS OA 466 -77.80 1.81 18.95
CA LYS OA 466 -76.84 1.79 20.05
C LYS OA 466 -77.26 2.75 21.16
N MET OA 467 -77.75 3.94 20.81
CA MET OA 467 -78.28 4.83 21.84
C MET OA 467 -79.51 4.25 22.53
N LEU OA 468 -80.33 3.50 21.79
CA LEU OA 468 -81.58 3.01 22.36
C LEU OA 468 -81.39 1.99 23.47
N GLU OA 469 -80.26 1.27 23.47
CA GLU OA 469 -79.90 0.36 24.56
C GLU OA 469 -80.98 -0.71 24.79
N GLY OA 470 -81.57 -1.19 23.70
CA GLY OA 470 -82.51 -2.28 23.76
C GLY OA 470 -83.93 -1.91 24.13
N ARG OA 471 -84.22 -0.64 24.40
CA ARG OA 471 -85.58 -0.23 24.67
C ARG OA 471 -86.48 -0.41 23.45
N SER OA 472 -85.94 -0.12 22.27
CA SER OA 472 -86.59 -0.42 21.00
C SER OA 472 -85.53 -0.69 19.97
N LYS OA 473 -85.97 -1.13 18.78
CA LYS OA 473 -85.07 -1.40 17.67
C LYS OA 473 -85.61 -0.70 16.43
N ILE OA 474 -84.85 0.26 15.91
CA ILE OA 474 -85.26 0.97 14.70
C ILE OA 474 -84.87 0.16 13.48
N SER OA 475 -85.83 -0.08 12.61
CA SER OA 475 -85.61 -0.85 11.39
C SER OA 475 -85.56 0.06 10.17
N VAL OA 476 -85.10 -0.51 9.05
CA VAL OA 476 -85.00 0.25 7.80
C VAL OA 476 -86.39 0.65 7.31
N ASN OA 477 -87.38 -0.20 7.52
CA ASN OA 477 -88.74 0.14 7.09
C ASN OA 477 -89.27 1.36 7.84
N ASP OA 478 -88.79 1.59 9.06
CA ASP OA 478 -89.19 2.80 9.78
C ASP OA 478 -88.66 4.05 9.09
N PHE OA 479 -87.40 4.02 8.67
CA PHE OA 479 -86.85 5.12 7.89
C PHE OA 479 -87.61 5.30 6.59
N ILE OA 480 -87.95 4.20 5.93
CA ILE OA 480 -88.68 4.28 4.66
C ILE OA 480 -90.05 4.91 4.88
N ILE OA 481 -90.75 4.52 5.95
CA ILE OA 481 -92.07 5.09 6.24
C ILE OA 481 -91.96 6.58 6.54
N LYS OA 482 -90.97 6.96 7.34
CA LYS OA 482 -90.80 8.38 7.67
C LYS OA 482 -90.49 9.20 6.42
N ALA OA 483 -89.59 8.69 5.57
CA ALA OA 483 -89.25 9.41 4.35
C ALA OA 483 -90.44 9.50 3.41
N SER OA 484 -91.23 8.43 3.31
CA SER OA 484 -92.43 8.47 2.47
C SER OA 484 -93.42 9.49 2.99
N ALA OA 485 -93.61 9.57 4.30
CA ALA OA 485 -94.54 10.55 4.86
C ALA OA 485 -94.05 11.98 4.60
N LEU OA 486 -92.76 12.24 4.78
CA LEU OA 486 -92.24 13.57 4.53
C LEU OA 486 -92.33 13.94 3.06
N ALA OA 487 -92.04 12.99 2.16
CA ALA OA 487 -92.16 13.25 0.73
C ALA OA 487 -93.62 13.48 0.35
N CYS OA 488 -94.56 12.78 1.00
CA CYS OA 488 -95.97 13.04 0.76
C CYS OA 488 -96.36 14.43 1.22
N LEU OA 489 -95.83 14.89 2.34
CA LEU OA 489 -96.06 16.26 2.76
C LEU OA 489 -95.53 17.26 1.73
N LYS OA 490 -94.31 17.01 1.22
CA LYS OA 490 -93.73 17.93 0.26
C LYS OA 490 -94.49 17.94 -1.06
N VAL OA 491 -94.97 16.78 -1.50
CA VAL OA 491 -95.70 16.65 -2.77
C VAL OA 491 -97.08 16.08 -2.48
N PRO OA 492 -98.08 16.90 -2.19
CA PRO OA 492 -99.39 16.37 -1.78
C PRO OA 492 -100.16 15.66 -2.89
N GLU OA 493 -99.72 15.74 -4.15
CA GLU OA 493 -100.45 15.07 -5.22
C GLU OA 493 -100.42 13.57 -5.04
N ALA OA 494 -99.29 13.02 -4.58
CA ALA OA 494 -99.23 11.59 -4.28
C ALA OA 494 -100.08 11.22 -3.08
N ASN OA 495 -100.53 12.20 -2.31
CA ASN OA 495 -101.40 11.99 -1.17
C ASN OA 495 -102.85 12.37 -1.46
N SER OA 496 -103.32 12.09 -2.67
CA SER OA 496 -104.67 12.42 -3.10
C SER OA 496 -105.45 11.16 -3.43
N SER OA 497 -106.72 11.37 -3.75
CA SER OA 497 -107.62 10.29 -4.12
C SER OA 497 -108.59 10.79 -5.19
N TRP OA 498 -108.88 9.93 -6.17
CA TRP OA 498 -109.79 10.27 -7.25
C TRP OA 498 -111.19 9.77 -6.90
N LEU OA 499 -112.18 10.65 -6.96
CA LEU OA 499 -113.55 10.33 -6.59
C LEU OA 499 -114.52 10.66 -7.72
N ASP OA 500 -113.98 10.77 -8.94
CA ASP OA 500 -114.75 10.90 -10.18
C ASP OA 500 -115.42 12.26 -10.31
N THR OA 501 -115.37 13.07 -9.26
CA THR OA 501 -115.88 14.44 -9.30
C THR OA 501 -114.90 15.46 -8.73
N VAL OA 502 -114.08 15.05 -7.75
CA VAL OA 502 -113.08 15.91 -7.14
C VAL OA 502 -111.84 15.06 -6.85
N ILE OA 503 -110.72 15.74 -6.67
CA ILE OA 503 -109.48 15.12 -6.23
C ILE OA 503 -109.26 15.47 -4.78
N ARG OA 504 -109.54 14.52 -3.89
CA ARG OA 504 -109.43 14.75 -2.45
C ARG OA 504 -107.96 14.71 -2.06
N GLN OA 505 -107.42 15.86 -1.67
CA GLN OA 505 -106.00 15.97 -1.32
C GLN OA 505 -105.85 15.87 0.20
N ASN OA 506 -105.50 14.69 0.70
CA ASN OA 506 -105.43 14.47 2.12
C ASN OA 506 -104.27 15.26 2.73
N HIS OA 507 -104.57 15.99 3.81
CA HIS OA 507 -103.57 16.79 4.50
C HIS OA 507 -102.81 15.98 5.57
N VAL OA 508 -103.27 14.79 5.88
CA VAL OA 508 -102.58 13.90 6.80
C VAL OA 508 -102.07 12.70 6.02
N VAL OA 509 -101.04 12.03 6.56
CA VAL OA 509 -100.40 10.91 5.90
C VAL OA 509 -100.61 9.69 6.77
N ASP OA 510 -101.51 8.81 6.36
CA ASP OA 510 -101.74 7.52 7.02
C ASP OA 510 -101.14 6.44 6.13
N ILE OA 511 -100.02 5.87 6.58
CA ILE OA 511 -99.24 4.95 5.76
C ILE OA 511 -99.70 3.52 6.05
N SER OA 512 -100.38 2.91 5.09
CA SER OA 512 -100.63 1.47 5.16
C SER OA 512 -99.33 0.73 4.89
N VAL OA 513 -99.08 -0.33 5.66
CA VAL OA 513 -97.87 -1.13 5.52
C VAL OA 513 -98.29 -2.56 5.18
N ALA OA 514 -97.80 -3.06 4.06
CA ALA OA 514 -98.16 -4.41 3.64
C ALA OA 514 -97.49 -5.43 4.55
N VAL OA 515 -98.27 -6.29 5.18
CA VAL OA 515 -97.80 -7.34 6.06
C VAL OA 515 -98.33 -8.66 5.55
N SER OA 516 -97.44 -9.64 5.40
CA SER OA 516 -97.83 -10.97 4.95
C SER OA 516 -98.07 -11.87 6.14
N THR OA 517 -99.25 -12.48 6.18
CA THR OA 517 -99.71 -13.38 7.23
C THR OA 517 -100.15 -14.68 6.56
N PRO OA 518 -100.27 -15.77 7.32
CA PRO OA 518 -100.72 -17.02 6.70
C PRO OA 518 -102.08 -16.93 6.04
N ALA OA 519 -102.91 -15.96 6.42
CA ALA OA 519 -104.21 -15.77 5.82
C ALA OA 519 -104.18 -14.86 4.59
N GLY OA 520 -103.04 -14.25 4.29
CA GLY OA 520 -102.92 -13.39 3.12
C GLY OA 520 -102.19 -12.10 3.41
N LEU OA 521 -102.43 -11.11 2.55
CA LEU OA 521 -101.81 -9.81 2.71
C LEU OA 521 -102.77 -8.85 3.39
N ILE OA 522 -102.29 -8.15 4.42
CA ILE OA 522 -103.09 -7.17 5.13
C ILE OA 522 -102.31 -5.86 5.19
N THR OA 523 -103.02 -4.76 5.47
CA THR OA 523 -102.44 -3.43 5.43
C THR OA 523 -102.79 -2.65 6.69
N PRO OA 524 -102.12 -2.94 7.81
CA PRO OA 524 -102.27 -2.09 8.99
C PRO OA 524 -101.75 -0.69 8.72
N ILE OA 525 -102.41 0.30 9.31
CA ILE OA 525 -102.19 1.70 9.00
C ILE OA 525 -101.46 2.36 10.16
N VAL OA 526 -100.34 2.99 9.86
CA VAL OA 526 -99.65 3.88 10.81
C VAL OA 526 -100.21 5.27 10.55
N PHE OA 527 -101.00 5.77 11.51
CA PHE OA 527 -101.64 7.07 11.35
C PHE OA 527 -100.67 8.19 11.71
N ASN OA 528 -100.76 9.29 10.97
CA ASN OA 528 -99.96 10.49 11.24
C ASN OA 528 -98.46 10.17 11.23
N ALA OA 529 -98.04 9.41 10.23
CA ALA OA 529 -96.62 9.08 10.10
C ALA OA 529 -95.79 10.30 9.76
N HIS OA 530 -96.43 11.38 9.33
CA HIS OA 530 -95.70 12.60 9.00
C HIS OA 530 -95.24 13.33 10.25
N ILE OA 531 -95.95 13.14 11.37
CA ILE OA 531 -95.57 13.78 12.63
C ILE OA 531 -95.02 12.78 13.65
N LYS OA 532 -95.26 11.49 13.47
CA LYS OA 532 -94.68 10.50 14.38
C LYS OA 532 -93.18 10.39 14.16
N GLY OA 533 -92.46 10.10 15.25
CA GLY OA 533 -91.03 9.90 15.15
C GLY OA 533 -90.68 8.48 14.76
N LEU OA 534 -89.38 8.24 14.60
CA LEU OA 534 -88.92 6.91 14.19
C LEU OA 534 -89.24 5.87 15.24
N GLU OA 535 -89.06 6.20 16.53
CA GLU OA 535 -89.38 5.24 17.59
C GLU OA 535 -90.87 4.93 17.62
N THR OA 536 -91.73 5.96 17.53
CA THR OA 536 -93.16 5.73 17.53
C THR OA 536 -93.58 4.92 16.32
N ILE OA 537 -93.00 5.21 15.15
CA ILE OA 537 -93.32 4.46 13.94
C ILE OA 537 -92.92 2.99 14.10
N ALA OA 538 -91.72 2.76 14.65
CA ALA OA 538 -91.24 1.39 14.82
C ALA OA 538 -92.13 0.62 15.79
N ASN OA 539 -92.46 1.23 16.93
CA ASN OA 539 -93.32 0.55 17.90
C ASN OA 539 -94.71 0.27 17.33
N ASP OA 540 -95.26 1.25 16.61
CA ASP OA 540 -96.58 1.07 16.02
C ASP OA 540 -96.55 -0.05 14.98
N VAL OA 541 -95.50 -0.09 14.16
CA VAL OA 541 -95.38 -1.13 13.13
C VAL OA 541 -95.26 -2.50 13.78
N VAL OA 542 -94.45 -2.61 14.84
CA VAL OA 542 -94.31 -3.90 15.52
C VAL OA 542 -95.64 -4.35 16.10
N SER OA 543 -96.35 -3.43 16.77
CA SER OA 543 -97.63 -3.78 17.38
C SER OA 543 -98.65 -4.21 16.34
N LEU OA 544 -98.74 -3.46 15.24
CA LEU OA 544 -99.71 -3.80 14.20
C LEU OA 544 -99.33 -5.08 13.48
N ALA OA 545 -98.03 -5.33 13.30
CA ALA OA 545 -97.60 -6.59 12.68
C ALA OA 545 -97.97 -7.78 13.57
N THR OA 546 -97.76 -7.65 14.88
CA THR OA 546 -98.17 -8.72 15.80
C THR OA 546 -99.68 -8.92 15.75
N LYS OA 547 -100.45 -7.83 15.74
CA LYS OA 547 -101.90 -7.94 15.68
C LYS OA 547 -102.34 -8.60 14.38
N ALA OA 548 -101.69 -8.27 13.26
CA ALA OA 548 -102.03 -8.87 11.98
C ALA OA 548 -101.70 -10.36 11.96
N ARG OA 549 -100.52 -10.73 12.46
CA ARG OA 549 -100.12 -12.12 12.46
C ARG OA 549 -101.02 -12.97 13.36
N GLU OA 550 -101.43 -12.43 14.50
CA GLU OA 550 -102.30 -13.18 15.41
C GLU OA 550 -103.78 -12.96 15.14
N GLY OA 551 -104.14 -12.15 14.14
CA GLY OA 551 -105.51 -12.06 13.68
C GLY OA 551 -106.46 -11.26 14.55
N LYS OA 552 -105.98 -10.21 15.21
CA LYS OA 552 -106.85 -9.35 16.01
C LYS OA 552 -107.01 -7.95 15.45
N LEU OA 553 -106.68 -7.72 14.18
CA LEU OA 553 -106.80 -6.38 13.62
C LEU OA 553 -108.26 -5.96 13.51
N GLN OA 554 -108.57 -4.76 14.02
CA GLN OA 554 -109.89 -4.18 13.86
C GLN OA 554 -110.01 -3.56 12.47
N PRO OA 555 -111.24 -3.47 11.94
CA PRO OA 555 -111.41 -2.93 10.57
C PRO OA 555 -110.87 -1.52 10.39
N HIS OA 556 -110.97 -0.67 11.42
CA HIS OA 556 -110.44 0.69 11.29
C HIS OA 556 -108.93 0.73 11.28
N GLU OA 557 -108.27 -0.34 11.75
CA GLU OA 557 -106.82 -0.38 11.79
C GLU OA 557 -106.19 -0.79 10.46
N PHE OA 558 -106.99 -1.27 9.51
CA PHE OA 558 -106.46 -1.62 8.20
C PHE OA 558 -107.31 -1.14 7.03
N GLN OA 559 -108.41 -0.42 7.27
CA GLN OA 559 -109.21 0.16 6.21
C GLN OA 559 -108.95 1.66 6.14
N GLY OA 560 -108.66 2.16 4.95
CA GLY OA 560 -108.39 3.57 4.77
C GLY OA 560 -106.96 3.85 4.33
N GLY OA 561 -106.37 4.91 4.89
CA GLY OA 561 -105.02 5.29 4.52
C GLY OA 561 -104.98 6.15 3.28
N THR OA 562 -103.84 6.82 3.10
CA THR OA 562 -103.62 7.69 1.95
C THR OA 562 -102.44 7.27 1.09
N PHE OA 563 -101.55 6.43 1.62
CA PHE OA 563 -100.36 5.99 0.89
C PHE OA 563 -99.97 4.62 1.44
N THR OA 564 -99.50 3.75 0.56
CA THR OA 564 -99.19 2.37 0.91
C THR OA 564 -97.72 2.07 0.64
N ILE OA 565 -97.13 1.26 1.51
CA ILE OA 565 -95.75 0.81 1.35
C ILE OA 565 -95.72 -0.71 1.44
N SER OA 566 -95.21 -1.35 0.40
CA SER OA 566 -95.04 -2.80 0.34
C SER OA 566 -93.55 -3.10 0.20
N ASN OA 567 -92.97 -3.69 1.24
CA ASN OA 567 -91.54 -3.96 1.30
C ASN OA 567 -91.32 -5.45 1.16
N LEU OA 568 -90.59 -5.87 0.13
CA LEU OA 568 -90.23 -7.27 -0.06
C LEU OA 568 -88.73 -7.48 -0.11
N GLY OA 569 -87.95 -6.59 0.49
CA GLY OA 569 -86.50 -6.75 0.47
C GLY OA 569 -86.03 -7.89 1.34
N MET OA 570 -86.83 -8.27 2.34
CA MET OA 570 -86.45 -9.39 3.19
C MET OA 570 -86.50 -10.72 2.46
N PHE OA 571 -87.17 -10.78 1.31
CA PHE OA 571 -87.27 -12.00 0.52
C PHE OA 571 -86.29 -12.01 -0.65
N GLY OA 572 -85.42 -11.01 -0.75
CA GLY OA 572 -84.42 -11.01 -1.81
C GLY OA 572 -84.86 -10.44 -3.13
N ILE OA 573 -86.04 -9.82 -3.20
CA ILE OA 573 -86.52 -9.25 -4.44
C ILE OA 573 -85.73 -7.99 -4.76
N LYS OA 574 -85.18 -7.93 -5.98
CA LYS OA 574 -84.44 -6.75 -6.39
C LYS OA 574 -85.36 -5.54 -6.52
N ASN OA 575 -86.46 -5.70 -7.26
CA ASN OA 575 -87.50 -4.69 -7.32
C ASN OA 575 -88.78 -5.33 -7.84
N PHE OA 576 -89.90 -4.64 -7.65
CA PHE OA 576 -91.18 -5.15 -8.11
C PHE OA 576 -92.17 -4.01 -8.24
N SER OA 577 -93.25 -4.27 -8.97
CA SER OA 577 -94.30 -3.29 -9.21
C SER OA 577 -95.57 -3.79 -8.54
N ALA OA 578 -96.12 -2.99 -7.62
CA ALA OA 578 -97.27 -3.40 -6.85
C ALA OA 578 -98.56 -2.83 -7.45
N ILE OA 579 -99.68 -3.26 -6.88
CA ILE OA 579 -100.99 -2.80 -7.29
C ILE OA 579 -101.48 -1.75 -6.31
N ILE OA 580 -101.98 -0.63 -6.84
CA ILE OA 580 -102.45 0.46 -5.98
C ILE OA 580 -103.67 0.01 -5.20
N ASN OA 581 -103.64 0.23 -3.89
CA ASN OA 581 -104.76 -0.10 -3.02
C ASN OA 581 -105.77 1.04 -3.08
N PRO OA 582 -107.00 0.80 -3.55
CA PRO OA 582 -107.96 1.88 -3.70
C PRO OA 582 -108.44 2.39 -2.37
N PRO OA 583 -108.88 3.65 -2.29
CA PRO OA 583 -108.94 4.65 -3.37
C PRO OA 583 -107.68 5.51 -3.44
N GLN OA 584 -106.56 5.02 -2.94
CA GLN OA 584 -105.33 5.79 -2.93
C GLN OA 584 -104.81 6.00 -4.35
N ALA OA 585 -103.81 6.86 -4.48
CA ALA OA 585 -103.27 7.22 -5.77
C ALA OA 585 -101.86 6.68 -6.02
N CYS OA 586 -101.19 6.15 -5.00
CA CYS OA 586 -99.84 5.67 -5.15
C CYS OA 586 -99.59 4.50 -4.20
N ILE OA 587 -98.52 3.76 -4.50
CA ILE OA 587 -98.02 2.70 -3.63
C ILE OA 587 -96.53 2.53 -3.90
N LEU OA 588 -95.73 2.50 -2.84
CA LEU OA 588 -94.29 2.39 -2.95
C LEU OA 588 -93.87 0.94 -2.72
N ALA OA 589 -93.24 0.34 -3.73
CA ALA OA 589 -92.74 -1.02 -3.65
C ALA OA 589 -91.24 -0.97 -3.40
N VAL OA 590 -90.80 -1.58 -2.31
CA VAL OA 590 -89.40 -1.51 -1.87
C VAL OA 590 -88.76 -2.88 -2.07
N GLY OA 591 -87.60 -2.89 -2.71
CA GLY OA 591 -86.85 -4.11 -2.94
C GLY OA 591 -85.72 -4.28 -1.94
N ALA OA 592 -84.80 -5.19 -2.28
CA ALA OA 592 -83.72 -5.53 -1.37
C ALA OA 592 -82.55 -4.57 -1.54
N SER OA 593 -81.77 -4.43 -0.47
CA SER OA 593 -80.55 -3.63 -0.50
C SER OA 593 -79.35 -4.51 -0.83
N GLU OA 594 -78.62 -4.13 -1.87
CA GLU OA 594 -77.47 -4.89 -2.33
C GLU OA 594 -76.29 -3.96 -2.56
N ASP OA 595 -75.09 -4.48 -2.33
CA ASP OA 595 -73.87 -3.70 -2.54
C ASP OA 595 -73.56 -3.65 -4.03
N ARG OA 596 -73.31 -2.44 -4.53
CA ARG OA 596 -72.98 -2.23 -5.93
C ARG OA 596 -71.77 -1.33 -6.06
N LEU OA 597 -70.94 -1.60 -7.06
CA LEU OA 597 -69.76 -0.79 -7.33
C LEU OA 597 -70.14 0.46 -8.10
N PHE OA 598 -69.50 1.58 -7.74
CA PHE OA 598 -69.77 2.84 -8.42
C PHE OA 598 -68.49 3.62 -8.63
N PRO OA 599 -68.39 4.35 -9.74
CA PRO OA 599 -67.18 5.14 -10.00
C PRO OA 599 -66.95 6.18 -8.91
N ALA OA 600 -65.68 6.39 -8.57
CA ALA OA 600 -65.31 7.37 -7.57
C ALA OA 600 -63.93 7.92 -7.90
N ASP OA 601 -63.66 9.13 -7.42
CA ASP OA 601 -62.39 9.81 -7.67
C ASP OA 601 -61.38 9.43 -6.59
N ASN OA 602 -61.01 8.16 -6.60
CA ASN OA 602 -60.01 7.63 -5.67
C ASN OA 602 -59.01 6.78 -6.44
N GLU OA 603 -58.03 6.24 -5.71
CA GLU OA 603 -56.98 5.45 -6.33
C GLU OA 603 -57.51 4.18 -6.98
N LYS OA 604 -58.42 3.48 -6.30
CA LYS OA 604 -59.02 2.27 -6.88
C LYS OA 604 -59.92 2.57 -8.05
N GLY OA 605 -60.46 3.79 -8.15
CA GLY OA 605 -61.37 4.14 -9.20
C GLY OA 605 -62.81 3.77 -8.97
N PHE OA 606 -63.14 3.19 -7.81
CA PHE OA 606 -64.51 2.79 -7.52
C PHE OA 606 -64.72 2.75 -6.03
N ASP OA 607 -65.99 2.70 -5.63
CA ASP OA 607 -66.41 2.58 -4.25
C ASP OA 607 -67.56 1.58 -4.17
N VAL OA 608 -67.87 1.14 -2.95
CA VAL OA 608 -68.94 0.19 -2.70
C VAL OA 608 -70.04 0.91 -1.92
N ALA OA 609 -71.25 0.89 -2.46
CA ALA OA 609 -72.40 1.52 -1.84
C ALA OA 609 -73.57 0.55 -1.81
N SER OA 610 -74.29 0.54 -0.69
CA SER OA 610 -75.44 -0.33 -0.52
C SER OA 610 -76.69 0.38 -1.04
N MET OA 611 -77.07 0.12 -2.28
CA MET OA 611 -78.24 0.75 -2.89
C MET OA 611 -79.45 -0.14 -2.76
N MET OA 612 -80.63 0.48 -2.79
CA MET OA 612 -81.92 -0.18 -2.61
C MET OA 612 -82.93 0.46 -3.54
N SER OA 613 -83.53 -0.33 -4.41
CA SER OA 613 -84.37 0.16 -5.50
C SER OA 613 -85.83 0.22 -5.07
N VAL OA 614 -86.51 1.30 -5.42
CA VAL OA 614 -87.93 1.46 -5.14
C VAL OA 614 -88.68 1.77 -6.43
N THR OA 615 -89.87 1.19 -6.53
CA THR OA 615 -90.77 1.41 -7.68
C THR OA 615 -92.09 1.95 -7.17
N LEU OA 616 -92.36 3.21 -7.48
CA LEU OA 616 -93.61 3.87 -7.13
C LEU OA 616 -94.62 3.65 -8.25
N SER OA 617 -95.73 3.00 -7.95
CA SER OA 617 -96.82 2.83 -8.89
C SER OA 617 -97.85 3.93 -8.66
N CYS OA 618 -98.14 4.69 -9.71
CA CYS OA 618 -98.95 5.89 -9.60
C CYS OA 618 -100.20 5.79 -10.46
N ASP OA 619 -101.28 6.36 -9.96
CA ASP OA 619 -102.50 6.58 -10.74
C ASP OA 619 -102.26 7.78 -11.65
N HIS OA 620 -102.23 7.54 -12.97
CA HIS OA 620 -101.91 8.61 -13.89
C HIS OA 620 -103.00 9.67 -13.99
N ARG OA 621 -104.20 9.40 -13.46
CA ARG OA 621 -105.24 10.41 -13.44
C ARG OA 621 -104.91 11.52 -12.44
N VAL OA 622 -104.27 11.18 -11.33
CA VAL OA 622 -103.96 12.13 -10.28
C VAL OA 622 -102.51 12.58 -10.34
N VAL OA 623 -101.57 11.64 -10.47
CA VAL OA 623 -100.14 11.93 -10.43
C VAL OA 623 -99.58 11.71 -11.83
N ASP OA 624 -99.12 12.79 -12.46
CA ASP OA 624 -98.46 12.64 -13.74
C ASP OA 624 -96.97 12.36 -13.55
N GLY OA 625 -96.26 12.18 -14.67
CA GLY OA 625 -94.89 11.72 -14.60
C GLY OA 625 -93.97 12.68 -13.86
N ALA OA 626 -94.11 13.98 -14.11
CA ALA OA 626 -93.26 14.95 -13.42
C ALA OA 626 -93.51 14.95 -11.92
N VAL OA 627 -94.77 14.85 -11.50
CA VAL OA 627 -95.08 14.84 -10.07
C VAL OA 627 -94.54 13.57 -9.42
N GLY OA 628 -94.72 12.41 -10.06
CA GLY OA 628 -94.17 11.19 -9.52
C GLY OA 628 -92.66 11.23 -9.40
N ALA OA 629 -91.99 11.78 -10.42
CA ALA OA 629 -90.54 11.91 -10.37
C ALA OA 629 -90.10 12.86 -9.27
N GLN OA 630 -90.82 13.96 -9.06
CA GLN OA 630 -90.50 14.88 -7.98
C GLN OA 630 -90.67 14.20 -6.62
N TRP OA 631 -91.74 13.41 -6.47
CA TRP OA 631 -91.93 12.67 -5.22
C TRP OA 631 -90.79 11.71 -4.97
N LEU OA 632 -90.38 10.98 -6.00
CA LEU OA 632 -89.28 10.03 -5.82
C LEU OA 632 -87.97 10.75 -5.52
N ALA OA 633 -87.75 11.92 -6.12
CA ALA OA 633 -86.55 12.69 -5.82
C ALA OA 633 -86.53 13.16 -4.38
N GLU OA 634 -87.67 13.65 -3.87
CA GLU OA 634 -87.72 14.06 -2.46
C GLU OA 634 -87.50 12.87 -1.53
N PHE OA 635 -88.13 11.74 -1.83
CA PHE OA 635 -87.95 10.53 -1.03
C PHE OA 635 -86.50 10.10 -1.00
N ARG OA 636 -85.86 10.12 -2.18
CA ARG OA 636 -84.46 9.73 -2.27
C ARG OA 636 -83.57 10.69 -1.48
N LYS OA 637 -83.84 12.00 -1.58
CA LYS OA 637 -83.05 12.96 -0.82
C LYS OA 637 -83.18 12.72 0.68
N TYR OA 638 -84.41 12.51 1.15
CA TYR OA 638 -84.63 12.25 2.57
C TYR OA 638 -83.88 11.01 3.02
N LEU OA 639 -83.90 9.94 2.23
CA LEU OA 639 -83.19 8.74 2.64
C LEU OA 639 -81.68 8.90 2.57
N GLU OA 640 -81.16 9.53 1.51
CA GLU OA 640 -79.72 9.67 1.37
C GLU OA 640 -79.12 10.60 2.41
N LYS OA 641 -79.90 11.55 2.95
CA LYS OA 641 -79.44 12.37 4.07
C LYS OA 641 -80.51 12.35 5.16
N PRO OA 642 -80.43 11.39 6.08
CA PRO OA 642 -81.46 11.28 7.12
C PRO OA 642 -81.57 12.50 8.00
N ILE OA 643 -80.49 13.27 8.17
CA ILE OA 643 -80.55 14.47 9.00
C ILE OA 643 -81.50 15.50 8.41
N THR OA 644 -81.78 15.41 7.11
CA THR OA 644 -82.76 16.30 6.49
C THR OA 644 -84.19 15.96 6.87
N MET OA 645 -84.42 14.81 7.52
CA MET OA 645 -85.75 14.52 8.03
C MET OA 645 -86.15 15.43 9.18
N LEU OA 646 -85.18 16.10 9.81
CA LEU OA 646 -85.47 17.04 10.88
C LEU OA 646 -86.15 18.31 10.38
N LEU OA 647 -85.94 18.68 9.12
CA LEU OA 647 -86.60 19.85 8.53
C LEU OA 647 -88.10 19.62 8.42
N PHE PA 420 44.33 -98.59 21.74
CA PHE PA 420 44.57 -97.85 22.98
C PHE PA 420 46.04 -97.90 23.37
N THR PA 421 46.40 -97.14 24.41
CA THR PA 421 47.75 -97.11 24.94
C THR PA 421 47.67 -97.13 26.46
N ASP PA 422 48.43 -98.04 27.08
CA ASP PA 422 48.45 -98.17 28.53
C ASP PA 422 49.63 -97.36 29.08
N ILE PA 423 49.32 -96.25 29.74
CA ILE PA 423 50.32 -95.38 30.34
C ILE PA 423 50.53 -95.82 31.78
N PRO PA 424 51.74 -96.23 32.17
CA PRO PA 424 51.96 -96.65 33.56
C PRO PA 424 51.70 -95.52 34.53
N ILE PA 425 51.16 -95.87 35.69
CA ILE PA 425 50.84 -94.88 36.72
C ILE PA 425 52.07 -94.67 37.59
N SER PA 426 52.52 -93.41 37.68
CA SER PA 426 53.65 -93.10 38.54
C SER PA 426 53.25 -93.19 40.00
N ASN PA 427 54.26 -93.27 40.87
CA ASN PA 427 54.00 -93.34 42.31
C ASN PA 427 53.39 -92.04 42.82
N ILE PA 428 53.83 -90.91 42.26
CA ILE PA 428 53.25 -89.62 42.64
C ILE PA 428 51.77 -89.58 42.28
N ARG PA 429 51.43 -90.03 41.06
CA ARG PA 429 50.04 -90.06 40.66
C ARG PA 429 49.23 -91.03 41.50
N ARG PA 430 49.83 -92.16 41.88
CA ARG PA 430 49.15 -93.10 42.76
C ARG PA 430 48.87 -92.47 44.12
N VAL PA 431 49.83 -91.72 44.66
CA VAL PA 431 49.62 -91.04 45.94
C VAL PA 431 48.50 -90.00 45.82
N ILE PA 432 48.51 -89.23 44.74
CA ILE PA 432 47.47 -88.22 44.54
C ILE PA 432 46.10 -88.88 44.42
N ALA PA 433 46.02 -89.96 43.66
CA ALA PA 433 44.75 -90.67 43.50
C ALA PA 433 44.27 -91.26 44.82
N GLN PA 434 45.19 -91.80 45.62
CA GLN PA 434 44.81 -92.33 46.92
C GLN PA 434 44.30 -91.23 47.85
N ARG PA 435 44.95 -90.06 47.83
CA ARG PA 435 44.47 -88.95 48.64
C ARG PA 435 43.09 -88.50 48.20
N LEU PA 436 42.85 -88.41 46.89
CA LEU PA 436 41.54 -88.01 46.40
C LEU PA 436 40.47 -89.03 46.76
N MET PA 437 40.80 -90.32 46.63
CA MET PA 437 39.86 -91.37 47.04
C MET PA 437 39.54 -91.28 48.51
N GLN PA 438 40.55 -91.07 49.36
CA GLN PA 438 40.32 -90.93 50.78
C GLN PA 438 39.44 -89.74 51.09
N SER PA 439 39.69 -88.61 50.42
CA SER PA 439 38.87 -87.42 50.64
C SER PA 439 37.42 -87.68 50.27
N LYS PA 440 37.17 -88.23 49.09
CA LYS PA 440 35.80 -88.43 48.65
C LYS PA 440 35.10 -89.54 49.42
N GLN PA 441 35.87 -90.46 50.02
CA GLN PA 441 35.25 -91.54 50.77
C GLN PA 441 34.98 -91.18 52.23
N THR PA 442 35.80 -90.30 52.82
CA THR PA 442 35.65 -90.01 54.24
C THR PA 442 35.09 -88.63 54.53
N ILE PA 443 35.02 -87.75 53.56
CA ILE PA 443 34.55 -86.37 53.76
C ILE PA 443 33.21 -86.21 53.04
N PRO PA 444 32.11 -85.97 53.76
CA PRO PA 444 30.83 -85.73 53.09
C PRO PA 444 30.75 -84.34 52.46
N HIS PA 445 31.27 -84.20 51.25
CA HIS PA 445 31.29 -82.90 50.58
C HIS PA 445 29.87 -82.37 50.36
N TYR PA 446 29.72 -81.06 50.51
CA TYR PA 446 28.54 -80.38 50.00
C TYR PA 446 28.94 -78.96 49.57
N TYR PA 447 28.33 -78.48 48.50
CA TYR PA 447 28.87 -77.35 47.76
C TYR PA 447 27.91 -76.17 47.80
N LEU PA 448 28.45 -74.96 48.01
CA LEU PA 448 27.66 -73.74 48.01
C LEU PA 448 28.27 -72.74 47.03
N SER PA 449 27.44 -72.17 46.16
CA SER PA 449 27.93 -71.28 45.11
C SER PA 449 27.31 -69.89 45.24
N VAL PA 450 28.14 -68.87 45.04
CA VAL PA 450 27.68 -67.48 45.04
C VAL PA 450 28.38 -66.71 43.92
N ASP PA 451 27.88 -65.52 43.66
CA ASP PA 451 28.44 -64.60 42.67
C ASP PA 451 28.95 -63.34 43.36
N VAL PA 452 30.14 -62.91 42.97
CA VAL PA 452 30.82 -61.76 43.57
C VAL PA 452 31.05 -60.71 42.50
N ASN PA 453 30.64 -59.48 42.79
CA ASN PA 453 30.87 -58.35 41.88
C ASN PA 453 32.30 -57.86 42.08
N MET PA 454 33.04 -57.77 40.99
CA MET PA 454 34.49 -57.53 41.08
C MET PA 454 34.91 -56.20 40.46
N GLY PA 455 33.98 -55.28 40.21
CA GLY PA 455 34.38 -53.98 39.66
C GLY PA 455 35.28 -53.21 40.61
N GLU PA 456 34.91 -53.19 41.89
CA GLU PA 456 35.74 -52.49 42.88
C GLU PA 456 37.11 -53.15 43.01
N VAL PA 457 37.15 -54.48 42.99
CA VAL PA 457 38.42 -55.19 43.06
C VAL PA 457 39.29 -54.84 41.86
N LEU PA 458 38.70 -54.79 40.67
CA LEU PA 458 39.48 -54.44 39.48
C LEU PA 458 40.00 -53.01 39.56
N LEU PA 459 39.18 -52.07 40.03
CA LEU PA 459 39.62 -50.68 40.13
C LEU PA 459 40.76 -50.54 41.14
N VAL PA 460 40.60 -51.16 42.32
CA VAL PA 460 41.64 -51.09 43.34
C VAL PA 460 42.92 -51.75 42.87
N ARG PA 461 42.78 -52.89 42.16
CA ARG PA 461 43.96 -53.58 41.63
C ARG PA 461 44.68 -52.72 40.61
N LYS PA 462 43.92 -52.05 39.73
CA LYS PA 462 44.55 -51.19 38.74
C LYS PA 462 45.31 -50.04 39.41
N GLU PA 463 44.70 -49.42 40.42
CA GLU PA 463 45.37 -48.33 41.13
C GLU PA 463 46.62 -48.83 41.86
N LEU PA 464 46.52 -49.99 42.50
CA LEU PA 464 47.66 -50.56 43.20
C LEU PA 464 48.79 -50.90 42.24
N ASN PA 465 48.46 -51.46 41.09
CA ASN PA 465 49.49 -51.77 40.09
C ASN PA 465 50.12 -50.51 39.53
N LYS PA 466 49.33 -49.45 39.35
CA LYS PA 466 49.89 -48.18 38.90
C LYS PA 466 50.90 -47.63 39.91
N MET PA 467 50.55 -47.66 41.19
CA MET PA 467 51.45 -47.11 42.20
C MET PA 467 52.61 -48.05 42.52
N LEU PA 468 52.49 -49.34 42.18
CA LEU PA 468 53.63 -50.23 42.35
C LEU PA 468 54.77 -49.93 41.40
N GLU PA 469 54.48 -49.33 40.24
CA GLU PA 469 55.50 -48.85 39.31
C GLU PA 469 56.44 -49.98 38.86
N GLY PA 470 55.88 -51.17 38.70
CA GLY PA 470 56.64 -52.29 38.20
C GLY PA 470 57.45 -53.06 39.22
N ARG PA 471 57.48 -52.59 40.48
CA ARG PA 471 58.18 -53.34 41.53
C ARG PA 471 57.51 -54.69 41.77
N SER PA 472 56.17 -54.71 41.75
CA SER PA 472 55.40 -55.95 41.82
C SER PA 472 54.10 -55.73 41.06
N LYS PA 473 53.40 -56.84 40.81
CA LYS PA 473 52.11 -56.81 40.12
C LYS PA 473 51.09 -57.55 40.96
N ILE PA 474 50.07 -56.84 41.42
CA ILE PA 474 49.02 -57.46 42.22
C ILE PA 474 48.00 -58.10 41.30
N SER PA 475 47.70 -59.37 41.53
CA SER PA 475 46.75 -60.12 40.72
C SER PA 475 45.44 -60.31 41.48
N VAL PA 476 44.42 -60.75 40.74
CA VAL PA 476 43.11 -60.98 41.34
C VAL PA 476 43.16 -62.12 42.35
N ASN PA 477 43.99 -63.13 42.10
CA ASN PA 477 44.11 -64.24 43.04
C ASN PA 477 44.69 -63.77 44.37
N ASP PA 478 45.48 -62.70 44.37
CA ASP PA 478 45.97 -62.15 45.64
C ASP PA 478 44.83 -61.58 46.46
N PHE PA 479 43.93 -60.83 45.81
CA PHE PA 479 42.74 -60.34 46.50
C PHE PA 479 41.89 -61.50 47.01
N ILE PA 480 41.75 -62.55 46.19
CA ILE PA 480 40.94 -63.70 46.59
C ILE PA 480 41.56 -64.38 47.82
N ILE PA 481 42.88 -64.54 47.83
CA ILE PA 481 43.55 -65.17 48.97
C ILE PA 481 43.39 -64.33 50.23
N LYS PA 482 43.56 -63.01 50.09
CA LYS PA 482 43.42 -62.14 51.26
C LYS PA 482 42.00 -62.18 51.80
N ALA PA 483 41.00 -62.12 50.91
CA ALA PA 483 39.61 -62.18 51.35
C ALA PA 483 39.29 -63.52 51.99
N SER PA 484 39.80 -64.61 51.43
CA SER PA 484 39.58 -65.93 52.03
C SER PA 484 40.20 -66.02 53.41
N ALA PA 485 41.40 -65.47 53.59
CA ALA PA 485 42.03 -65.50 54.91
C ALA PA 485 41.24 -64.67 55.93
N LEU PA 486 40.77 -63.49 55.53
CA LEU PA 486 40.00 -62.66 56.45
C LEU PA 486 38.66 -63.32 56.79
N ALA PA 487 38.01 -63.93 55.80
CA ALA PA 487 36.75 -64.63 56.06
C ALA PA 487 36.98 -65.84 56.96
N CYS PA 488 38.13 -66.52 56.81
CA CYS PA 488 38.47 -67.61 57.71
C CYS PA 488 38.67 -67.11 59.13
N LEU PA 489 39.31 -65.95 59.29
CA LEU PA 489 39.42 -65.35 60.61
C LEU PA 489 38.05 -65.06 61.21
N LYS PA 490 37.14 -64.49 60.40
CA LYS PA 490 35.82 -64.14 60.90
C LYS PA 490 35.01 -65.38 61.26
N VAL PA 491 35.12 -66.44 60.47
CA VAL PA 491 34.37 -67.67 60.68
C VAL PA 491 35.35 -68.82 60.85
N PRO PA 492 35.83 -69.10 62.06
CA PRO PA 492 36.88 -70.11 62.23
C PRO PA 492 36.43 -71.55 61.97
N GLU PA 493 35.12 -71.80 61.82
CA GLU PA 493 34.67 -73.16 61.55
C GLU PA 493 35.21 -73.67 60.23
N ALA PA 494 35.25 -72.82 59.21
CA ALA PA 494 35.84 -73.20 57.93
C ALA PA 494 37.35 -73.40 58.03
N ASN PA 495 37.96 -72.96 59.12
CA ASN PA 495 39.38 -73.15 59.38
C ASN PA 495 39.64 -74.25 60.40
N SER PA 496 38.87 -75.32 60.35
CA SER PA 496 38.99 -76.42 61.30
C SER PA 496 39.36 -77.71 60.56
N SER PA 497 39.58 -78.76 61.35
CA SER PA 497 39.91 -80.07 60.84
C SER PA 497 39.27 -81.14 61.72
N TRP PA 498 38.77 -82.19 61.09
CA TRP PA 498 38.13 -83.29 61.81
C TRP PA 498 39.16 -84.39 62.05
N LEU PA 499 39.31 -84.81 63.30
CA LEU PA 499 40.30 -85.81 63.69
C LEU PA 499 39.65 -86.98 64.43
N ASP PA 500 38.33 -87.13 64.24
CA ASP PA 500 37.55 -88.28 64.71
C ASP PA 500 37.38 -88.30 66.22
N THR PA 501 38.07 -87.40 66.92
CA THR PA 501 37.91 -87.25 68.36
C THR PA 501 37.73 -85.81 68.79
N VAL PA 502 38.32 -84.86 68.05
CA VAL PA 502 38.21 -83.44 68.34
C VAL PA 502 38.15 -82.69 67.01
N ILE PA 503 37.65 -81.46 67.06
CA ILE PA 503 37.65 -80.56 65.92
C ILE PA 503 38.73 -79.52 66.15
N ARG PA 504 39.86 -79.68 65.47
CA ARG PA 504 41.01 -78.79 65.64
C ARG PA 504 40.72 -77.49 64.91
N GLN PA 505 40.55 -76.41 65.66
CA GLN PA 505 40.21 -75.11 65.08
C GLN PA 505 41.48 -74.28 64.95
N ASN PA 506 42.07 -74.25 63.75
CA ASN PA 506 43.33 -73.57 63.55
C ASN PA 506 43.16 -72.06 63.69
N HIS PA 507 44.04 -71.46 64.51
CA HIS PA 507 44.01 -70.02 64.72
C HIS PA 507 44.81 -69.25 63.68
N VAL PA 508 45.58 -69.92 62.85
CA VAL PA 508 46.31 -69.31 61.76
C VAL PA 508 45.72 -69.79 60.44
N VAL PA 509 45.92 -69.02 59.38
CA VAL PA 509 45.35 -69.31 58.07
C VAL PA 509 46.51 -69.54 57.12
N ASP PA 510 46.76 -70.80 56.77
CA ASP PA 510 47.75 -71.18 55.77
C ASP PA 510 47.01 -71.60 54.52
N ILE PA 511 47.06 -70.76 53.48
CA ILE PA 511 46.25 -70.95 52.30
C ILE PA 511 47.05 -71.74 51.27
N SER PA 512 46.66 -72.98 51.03
CA SER PA 512 47.20 -73.74 49.91
C SER PA 512 46.60 -73.18 48.62
N VAL PA 513 47.42 -73.05 47.59
CA VAL PA 513 46.99 -72.52 46.30
C VAL PA 513 47.24 -73.59 45.25
N ALA PA 514 46.18 -74.00 44.55
CA ALA PA 514 46.31 -75.03 43.53
C ALA PA 514 47.06 -74.48 42.33
N VAL PA 515 48.17 -75.13 41.97
CA VAL PA 515 49.00 -74.74 40.84
C VAL PA 515 49.11 -75.96 39.92
N SER PA 516 48.85 -75.74 38.63
CA SER PA 516 48.96 -76.81 37.65
C SER PA 516 50.33 -76.78 37.00
N THR PA 517 51.02 -77.91 37.03
CA THR PA 517 52.35 -78.11 36.47
C THR PA 517 52.29 -79.31 35.55
N PRO PA 518 53.28 -79.47 34.66
CA PRO PA 518 53.25 -80.64 33.77
C PRO PA 518 53.24 -81.97 34.50
N ALA PA 519 53.68 -82.01 35.75
CA ALA PA 519 53.66 -83.23 36.54
C ALA PA 519 52.36 -83.45 37.30
N GLY PA 520 51.45 -82.47 37.29
CA GLY PA 520 50.17 -82.61 37.95
C GLY PA 520 49.78 -81.37 38.74
N LEU PA 521 48.89 -81.58 39.70
CA LEU PA 521 48.43 -80.49 40.55
C LEU PA 521 49.20 -80.49 41.87
N ILE PA 522 49.70 -79.32 42.26
CA ILE PA 522 50.42 -79.18 43.52
C ILE PA 522 49.80 -78.02 44.30
N THR PA 523 50.07 -77.97 45.60
CA THR PA 523 49.44 -77.00 46.48
C THR PA 523 50.50 -76.31 47.36
N PRO PA 524 51.25 -75.37 46.80
CA PRO PA 524 52.12 -74.55 47.63
C PRO PA 524 51.31 -73.71 48.61
N ILE PA 525 51.86 -73.52 49.81
CA ILE PA 525 51.14 -72.93 50.93
C ILE PA 525 51.67 -71.52 51.17
N VAL PA 526 50.77 -70.55 51.17
CA VAL PA 526 51.07 -69.19 51.64
C VAL PA 526 50.74 -69.18 53.12
N PHE PA 527 51.77 -69.09 53.96
CA PHE PA 527 51.58 -69.13 55.40
C PHE PA 527 51.20 -67.75 55.92
N ASN PA 528 50.32 -67.72 56.92
CA ASN PA 528 49.90 -66.49 57.58
C ASN PA 528 49.34 -65.48 56.58
N ALA PA 529 48.47 -65.97 55.69
CA ALA PA 529 47.85 -65.08 54.71
C ALA PA 529 46.89 -64.11 55.38
N HIS PA 530 46.51 -64.38 56.64
CA HIS PA 530 45.61 -63.48 57.34
C HIS PA 530 46.31 -62.21 57.78
N ILE PA 531 47.63 -62.26 57.95
CA ILE PA 531 48.40 -61.09 58.34
C ILE PA 531 49.32 -60.58 57.23
N LYS PA 532 49.58 -61.37 56.19
CA LYS PA 532 50.37 -60.90 55.08
C LYS PA 532 49.58 -59.89 54.25
N GLY PA 533 50.29 -58.93 53.68
CA GLY PA 533 49.65 -57.95 52.80
C GLY PA 533 49.53 -58.46 51.38
N LEU PA 534 48.89 -57.64 50.54
CA LEU PA 534 48.68 -58.04 49.15
C LEU PA 534 50.00 -58.17 48.40
N GLU PA 535 50.93 -57.25 48.63
CA GLU PA 535 52.24 -57.34 47.97
C GLU PA 535 52.98 -58.59 48.40
N THR PA 536 53.00 -58.87 49.70
CA THR PA 536 53.67 -60.07 50.20
C THR PA 536 53.01 -61.33 49.68
N ILE PA 537 51.67 -61.35 49.64
CA ILE PA 537 50.96 -62.52 49.13
C ILE PA 537 51.28 -62.73 47.66
N ALA PA 538 51.30 -61.66 46.87
CA ALA PA 538 51.59 -61.78 45.44
C ALA PA 538 53.01 -62.29 45.22
N ASN PA 539 53.99 -61.72 45.94
CA ASN PA 539 55.36 -62.17 45.78
C ASN PA 539 55.53 -63.62 46.20
N ASP PA 540 54.91 -64.02 47.31
CA ASP PA 540 54.99 -65.39 47.78
C ASP PA 540 54.37 -66.35 46.77
N VAL PA 541 53.21 -65.97 46.22
CA VAL PA 541 52.53 -66.81 45.23
C VAL PA 541 53.38 -66.97 43.99
N VAL PA 542 53.99 -65.88 43.51
CA VAL PA 542 54.84 -65.95 42.32
C VAL PA 542 56.04 -66.87 42.58
N SER PA 543 56.68 -66.70 43.74
CA SER PA 543 57.85 -67.52 44.06
C SER PA 543 57.48 -68.99 44.17
N LEU PA 544 56.39 -69.30 44.86
CA LEU PA 544 55.98 -70.70 45.01
C LEU PA 544 55.52 -71.29 43.68
N ALA PA 545 54.88 -70.49 42.83
CA ALA PA 545 54.48 -70.99 41.52
C ALA PA 545 55.70 -71.31 40.66
N THR PA 546 56.72 -70.45 40.69
CA THR PA 546 57.95 -70.75 39.98
C THR PA 546 58.61 -72.01 40.52
N LYS PA 547 58.65 -72.15 41.84
CA LYS PA 547 59.24 -73.34 42.45
C LYS PA 547 58.48 -74.60 42.06
N ALA PA 548 57.14 -74.51 42.02
CA ALA PA 548 56.32 -75.66 41.64
C ALA PA 548 56.54 -76.04 40.18
N ARG PA 549 56.56 -75.03 39.30
CA ARG PA 549 56.75 -75.31 37.88
C ARG PA 549 58.12 -75.89 37.60
N GLU PA 550 59.15 -75.42 38.29
CA GLU PA 550 60.49 -75.94 38.06
C GLU PA 550 60.84 -77.13 38.96
N GLY PA 551 59.93 -77.56 39.83
CA GLY PA 551 60.10 -78.80 40.55
C GLY PA 551 61.05 -78.76 41.73
N LYS PA 552 61.17 -77.63 42.41
CA LYS PA 552 62.02 -77.53 43.60
C LYS PA 552 61.25 -77.36 44.91
N LEU PA 553 59.95 -77.66 44.93
CA LEU PA 553 59.17 -77.47 46.15
C LEU PA 553 59.59 -78.47 47.22
N GLN PA 554 59.86 -77.96 48.41
CA GLN PA 554 60.14 -78.81 49.56
C GLN PA 554 58.83 -79.34 50.15
N PRO PA 555 58.87 -80.51 50.81
CA PRO PA 555 57.62 -81.09 51.34
C PRO PA 555 56.87 -80.19 52.30
N HIS PA 556 57.60 -79.41 53.13
CA HIS PA 556 56.92 -78.52 54.05
C HIS PA 556 56.25 -77.34 53.36
N GLU PA 557 56.65 -77.04 52.12
CA GLU PA 557 56.07 -75.93 51.38
C GLU PA 557 54.76 -76.28 50.70
N PHE PA 558 54.39 -77.56 50.64
CA PHE PA 558 53.11 -77.95 50.06
C PHE PA 558 52.34 -78.99 50.87
N GLN PA 559 52.85 -79.41 52.03
CA GLN PA 559 52.11 -80.31 52.91
C GLN PA 559 51.57 -79.53 54.10
N GLY PA 560 50.28 -79.70 54.38
CA GLY PA 560 49.65 -79.00 55.48
C GLY PA 560 48.59 -78.01 55.03
N GLY PA 561 48.55 -76.85 55.67
CA GLY PA 561 47.56 -75.84 55.35
C GLY PA 561 46.24 -76.08 56.07
N THR PA 562 45.43 -75.01 56.10
CA THR PA 562 44.13 -75.06 56.73
C THR PA 562 42.97 -74.76 55.78
N PHE PA 563 43.26 -74.17 54.63
CA PHE PA 563 42.24 -73.80 53.66
C PHE PA 563 42.89 -73.79 52.29
N THR PA 564 42.15 -74.22 51.27
CA THR PA 564 42.67 -74.38 49.92
C THR PA 564 41.89 -73.52 48.95
N ILE PA 565 42.59 -72.96 47.96
CA ILE PA 565 41.97 -72.17 46.90
C ILE PA 565 42.42 -72.73 45.57
N SER PA 566 41.46 -73.12 44.74
CA SER PA 566 41.71 -73.62 43.38
C SER PA 566 41.03 -72.67 42.41
N ASN PA 567 41.83 -71.95 41.62
CA ASN PA 567 41.33 -70.94 40.69
C ASN PA 567 41.50 -71.47 39.28
N LEU PA 568 40.39 -71.57 38.54
CA LEU PA 568 40.43 -71.97 37.14
C LEU PA 568 39.79 -70.93 36.22
N GLY PA 569 39.76 -69.67 36.65
CA GLY PA 569 39.16 -68.65 35.81
C GLY PA 569 39.99 -68.33 34.58
N MET PA 570 41.31 -68.59 34.66
CA MET PA 570 42.17 -68.33 33.52
C MET PA 570 41.90 -69.30 32.36
N PHE PA 571 41.20 -70.40 32.61
CA PHE PA 571 40.86 -71.36 31.58
C PHE PA 571 39.43 -71.21 31.08
N GLY PA 572 38.72 -70.17 31.52
CA GLY PA 572 37.38 -69.93 31.03
C GLY PA 572 36.27 -70.69 31.71
N ILE PA 573 36.56 -71.35 32.83
CA ILE PA 573 35.54 -72.12 33.53
C ILE PA 573 34.60 -71.16 34.26
N LYS PA 574 33.30 -71.32 34.02
CA LYS PA 574 32.32 -70.48 34.70
C LYS PA 574 32.30 -70.75 36.20
N ASN PA 575 32.18 -72.02 36.58
CA ASN PA 575 32.30 -72.45 37.97
C ASN PA 575 32.56 -73.94 38.00
N PHE PA 576 33.04 -74.41 39.15
CA PHE PA 576 33.32 -75.83 39.31
C PHE PA 576 33.33 -76.18 40.79
N SER PA 577 33.22 -77.47 41.07
CA SER PA 577 33.22 -78.00 42.43
C SER PA 577 34.48 -78.84 42.62
N ALA PA 578 35.30 -78.46 43.60
CA ALA PA 578 36.58 -79.14 43.81
C ALA PA 578 36.47 -80.18 44.92
N ILE PA 579 37.54 -80.94 45.09
CA ILE PA 579 37.63 -81.96 46.12
C ILE PA 579 38.42 -81.41 47.30
N ILE PA 580 37.90 -81.59 48.51
CA ILE PA 580 38.56 -81.08 49.70
C ILE PA 580 39.89 -81.81 49.91
N ASN PA 581 40.96 -81.04 50.10
CA ASN PA 581 42.27 -81.59 50.38
C ASN PA 581 42.36 -81.93 51.87
N PRO PA 582 42.54 -83.20 52.22
CA PRO PA 582 42.54 -83.58 53.64
C PRO PA 582 43.78 -83.06 54.34
N PRO PA 583 43.71 -82.85 55.66
CA PRO PA 583 42.56 -83.02 56.55
C PRO PA 583 41.73 -81.75 56.69
N GLN PA 584 41.81 -80.84 55.73
CA GLN PA 584 41.10 -79.58 55.82
C GLN PA 584 39.59 -79.80 55.72
N ALA PA 585 38.84 -78.74 55.99
CA ALA PA 585 37.39 -78.82 56.02
C ALA PA 585 36.71 -78.09 54.86
N CYS PA 586 37.44 -77.30 54.09
CA CYS PA 586 36.85 -76.53 53.02
C CYS PA 586 37.86 -76.35 51.89
N ILE PA 587 37.34 -75.98 50.72
CA ILE PA 587 38.15 -75.61 49.56
C ILE PA 587 37.32 -74.67 48.69
N LEU PA 588 37.90 -73.55 48.30
CA LEU PA 588 37.22 -72.54 47.51
C LEU PA 588 37.60 -72.70 46.04
N ALA PA 589 36.61 -72.97 45.20
CA ALA PA 589 36.81 -73.11 43.76
C ALA PA 589 36.37 -71.81 43.09
N VAL PA 590 37.28 -71.19 42.36
CA VAL PA 590 37.05 -69.88 41.76
C VAL PA 590 36.95 -70.05 40.25
N GLY PA 591 35.89 -69.48 39.67
CA GLY PA 591 35.69 -69.53 38.23
C GLY PA 591 36.12 -68.24 37.55
N ALA PA 592 35.65 -68.07 36.31
CA ALA PA 592 36.06 -66.93 35.50
C ALA PA 592 35.17 -65.73 35.77
N SER PA 593 35.73 -64.54 35.54
CA SER PA 593 34.99 -63.31 35.65
C SER PA 593 34.41 -62.91 34.30
N GLU PA 594 33.09 -62.71 34.26
CA GLU PA 594 32.39 -62.37 33.03
C GLU PA 594 31.45 -61.21 33.28
N ASP PA 595 31.27 -60.38 32.25
CA ASP PA 595 30.37 -59.24 32.33
C ASP PA 595 28.93 -59.72 32.21
N ARG PA 596 28.08 -59.28 33.13
CA ARG PA 596 26.68 -59.64 33.13
C ARG PA 596 25.82 -58.41 33.34
N LEU PA 597 24.66 -58.39 32.68
CA LEU PA 597 23.72 -57.28 32.82
C LEU PA 597 22.90 -57.44 34.10
N PHE PA 598 22.65 -56.31 34.76
CA PHE PA 598 21.86 -56.34 35.99
C PHE PA 598 20.92 -55.15 36.04
N PRO PA 599 19.74 -55.32 36.62
CA PRO PA 599 18.79 -54.20 36.71
C PRO PA 599 19.38 -53.06 37.55
N ALA PA 600 19.07 -51.83 37.12
CA ALA PA 600 19.53 -50.64 37.82
C ALA PA 600 18.52 -49.53 37.63
N ASP PA 601 18.51 -48.59 38.57
CA ASP PA 601 17.58 -47.46 38.54
C ASP PA 601 18.19 -46.31 37.74
N ASN PA 602 18.34 -46.55 36.45
CA ASN PA 602 18.85 -45.55 35.52
C ASN PA 602 17.97 -45.51 34.28
N GLU PA 603 18.32 -44.63 33.35
CA GLU PA 603 17.53 -44.46 32.14
C GLU PA 603 17.52 -45.71 31.28
N LYS PA 604 18.67 -46.35 31.11
CA LYS PA 604 18.73 -47.59 30.33
C LYS PA 604 18.02 -48.75 31.01
N GLY PA 605 17.87 -48.70 32.34
CA GLY PA 605 17.25 -49.77 33.07
C GLY PA 605 18.17 -50.92 33.44
N PHE PA 606 19.46 -50.82 33.10
CA PHE PA 606 20.39 -51.89 33.41
C PHE PA 606 21.80 -51.33 33.51
N ASP PA 607 22.69 -52.13 34.09
CA ASP PA 607 24.10 -51.81 34.21
C ASP PA 607 24.92 -53.06 33.89
N VAL PA 608 26.21 -52.87 33.68
CA VAL PA 608 27.14 -53.95 33.36
C VAL PA 608 28.10 -54.11 34.53
N ALA PA 609 28.16 -55.31 35.10
CA ALA PA 609 29.03 -55.62 36.22
C ALA PA 609 29.80 -56.89 35.93
N SER PA 610 31.08 -56.90 36.29
CA SER PA 610 31.94 -58.05 36.08
C SER PA 610 31.85 -58.97 37.29
N MET PA 611 31.00 -59.99 37.22
CA MET PA 611 30.80 -60.92 38.33
C MET PA 611 31.66 -62.15 38.14
N MET PA 612 31.99 -62.81 39.25
CA MET PA 612 32.86 -63.98 39.30
C MET PA 612 32.33 -64.95 40.34
N SER PA 613 32.03 -66.17 39.91
CA SER PA 613 31.32 -67.15 40.73
C SER PA 613 32.31 -68.03 41.48
N VAL PA 614 32.02 -68.27 42.76
CA VAL PA 614 32.83 -69.15 43.59
C VAL PA 614 31.95 -70.24 44.20
N THR PA 615 32.52 -71.44 44.27
CA THR PA 615 31.86 -72.61 44.87
C THR PA 615 32.72 -73.13 45.99
N LEU PA 616 32.25 -72.98 47.22
CA LEU PA 616 32.93 -73.50 48.40
C LEU PA 616 32.43 -74.91 48.68
N SER PA 617 33.35 -75.88 48.66
CA SER PA 617 33.03 -77.25 49.01
C SER PA 617 33.39 -77.47 50.47
N CYS PA 618 32.42 -77.90 51.26
CA CYS PA 618 32.56 -77.98 52.71
C CYS PA 618 32.37 -79.40 53.20
N ASP PA 619 33.13 -79.74 54.24
CA ASP PA 619 32.91 -80.97 55.00
C ASP PA 619 31.72 -80.75 55.93
N HIS PA 620 30.63 -81.48 55.67
CA HIS PA 620 29.41 -81.25 56.44
C HIS PA 620 29.53 -81.70 57.89
N ARG PA 621 30.57 -82.46 58.24
CA ARG PA 621 30.78 -82.83 59.63
C ARG PA 621 31.22 -81.63 60.46
N VAL PA 622 32.00 -80.73 59.87
CA VAL PA 622 32.54 -79.57 60.57
C VAL PA 622 31.75 -78.31 60.27
N VAL PA 623 31.47 -78.05 58.99
CA VAL PA 623 30.82 -76.82 58.56
C VAL PA 623 29.42 -77.17 58.08
N ASP PA 624 28.41 -76.69 58.78
CA ASP PA 624 27.04 -76.88 58.31
C ASP PA 624 26.66 -75.77 57.34
N GLY PA 625 25.42 -75.85 56.83
CA GLY PA 625 24.99 -74.96 55.77
C GLY PA 625 25.02 -73.50 56.18
N ALA PA 626 24.53 -73.19 57.38
CA ALA PA 626 24.51 -71.80 57.83
C ALA PA 626 25.92 -71.24 57.98
N VAL PA 627 26.85 -72.04 58.51
CA VAL PA 627 28.22 -71.57 58.66
C VAL PA 627 28.88 -71.35 57.31
N GLY PA 628 28.69 -72.28 56.38
CA GLY PA 628 29.24 -72.10 55.04
C GLY PA 628 28.68 -70.87 54.36
N ALA PA 629 27.38 -70.65 54.50
CA ALA PA 629 26.76 -69.46 53.91
C ALA PA 629 27.29 -68.18 54.55
N GLN PA 630 27.50 -68.18 55.86
CA GLN PA 630 28.08 -67.02 56.54
C GLN PA 630 29.49 -66.75 56.04
N TRP PA 631 30.28 -67.81 55.87
CA TRP PA 631 31.64 -67.65 55.34
C TRP PA 631 31.61 -67.04 53.95
N LEU PA 632 30.72 -67.54 53.08
CA LEU PA 632 30.65 -67.00 51.74
C LEU PA 632 30.17 -65.56 51.74
N ALA PA 633 29.26 -65.21 52.65
CA ALA PA 633 28.80 -63.83 52.74
C ALA PA 633 29.94 -62.90 53.17
N GLU PA 634 30.73 -63.32 54.16
CA GLU PA 634 31.87 -62.50 54.57
C GLU PA 634 32.89 -62.35 53.44
N PHE PA 635 33.17 -63.45 52.74
CA PHE PA 635 34.11 -63.40 51.62
C PHE PA 635 33.61 -62.46 50.53
N ARG PA 636 32.32 -62.54 50.22
CA ARG PA 636 31.74 -61.68 49.21
C ARG PA 636 31.79 -60.21 49.63
N LYS PA 637 31.51 -59.94 50.91
CA LYS PA 637 31.58 -58.55 51.39
C LYS PA 637 33.00 -58.01 51.26
N TYR PA 638 33.99 -58.81 51.68
CA TYR PA 638 35.38 -58.37 51.59
C TYR PA 638 35.77 -58.08 50.15
N LEU PA 639 35.35 -58.93 49.21
CA LEU PA 639 35.71 -58.68 47.81
C LEU PA 639 34.96 -57.49 47.23
N GLU PA 640 33.66 -57.36 47.52
CA GLU PA 640 32.88 -56.28 46.94
C GLU PA 640 33.30 -54.91 47.49
N LYS PA 641 33.85 -54.85 48.69
CA LYS PA 641 34.43 -53.61 49.21
C LYS PA 641 35.84 -53.89 49.72
N PRO PA 642 36.84 -53.76 48.86
CA PRO PA 642 38.22 -54.08 49.27
C PRO PA 642 38.73 -53.22 50.42
N ILE PA 643 38.21 -52.00 50.58
CA ILE PA 643 38.65 -51.13 51.67
C ILE PA 643 38.29 -51.74 53.01
N THR PA 644 37.29 -52.64 53.04
CA THR PA 644 36.95 -53.31 54.29
C THR PA 644 37.98 -54.37 54.68
N MET PA 645 38.93 -54.70 53.81
CA MET PA 645 40.02 -55.58 54.20
C MET PA 645 40.95 -54.93 55.21
N LEU PA 646 40.92 -53.61 55.35
CA LEU PA 646 41.73 -52.91 56.33
C LEU PA 646 41.27 -53.15 57.76
N LEU PA 647 39.99 -53.47 57.96
CA LEU PA 647 39.46 -53.79 59.28
C LEU PA 647 40.06 -55.08 59.82
N PHE QA 420 -64.46 78.39 42.95
CA PHE QA 420 -63.14 78.99 43.08
C PHE QA 420 -62.88 79.47 44.51
N THR QA 421 -61.64 79.85 44.78
CA THR QA 421 -61.23 80.38 46.08
C THR QA 421 -60.36 81.60 45.87
N ASP QA 422 -60.69 82.69 46.56
CA ASP QA 422 -59.94 83.94 46.46
C ASP QA 422 -58.90 83.97 47.58
N ILE QA 423 -57.63 83.86 47.20
CA ILE QA 423 -56.53 83.90 48.16
C ILE QA 423 -56.01 85.34 48.22
N PRO QA 424 -56.07 86.01 49.38
CA PRO QA 424 -55.58 87.39 49.45
C PRO QA 424 -54.11 87.48 49.10
N ILE QA 425 -53.73 88.57 48.44
CA ILE QA 425 -52.35 88.80 48.04
C ILE QA 425 -51.61 89.45 49.20
N SER QA 426 -50.52 88.82 49.64
CA SER QA 426 -49.70 89.39 50.69
C SER QA 426 -48.94 90.61 50.17
N ASN QA 427 -48.44 91.42 51.09
CA ASN QA 427 -47.66 92.59 50.71
C ASN QA 427 -46.34 92.19 50.06
N ILE QA 428 -45.74 91.10 50.54
CA ILE QA 428 -44.51 90.60 49.92
C ILE QA 428 -44.76 90.20 48.48
N ARG QA 429 -45.85 89.47 48.25
CA ARG QA 429 -46.20 89.06 46.89
C ARG QA 429 -46.53 90.27 46.03
N ARG QA 430 -47.18 91.29 46.60
CA ARG QA 430 -47.46 92.50 45.86
C ARG QA 430 -46.17 93.20 45.45
N VAL QA 431 -45.19 93.25 46.35
CA VAL QA 431 -43.91 93.87 46.03
C VAL QA 431 -43.20 93.09 44.91
N ILE QA 432 -43.22 91.75 45.01
CA ILE QA 432 -42.58 90.93 43.99
C ILE QA 432 -43.26 91.14 42.64
N ALA QA 433 -44.60 91.17 42.63
CA ALA QA 433 -45.34 91.36 41.39
C ALA QA 433 -45.06 92.74 40.80
N GLN QA 434 -44.98 93.77 41.65
CA GLN QA 434 -44.68 95.11 41.16
C GLN QA 434 -43.28 95.18 40.56
N ARG QA 435 -42.31 94.53 41.20
CA ARG QA 435 -40.96 94.49 40.64
C ARG QA 435 -40.94 93.77 39.29
N LEU QA 436 -41.65 92.66 39.18
CA LEU QA 436 -41.69 91.94 37.91
C LEU QA 436 -42.38 92.77 36.82
N MET QA 437 -43.46 93.45 37.18
CA MET QA 437 -44.13 94.34 36.22
C MET QA 437 -43.18 95.44 35.76
N GLN QA 438 -42.47 96.06 36.70
CA GLN QA 438 -41.53 97.11 36.33
C GLN QA 438 -40.45 96.58 35.41
N SER QA 439 -39.91 95.40 35.72
CA SER QA 439 -38.87 94.80 34.88
C SER QA 439 -39.38 94.56 33.47
N LYS QA 440 -40.54 93.90 33.34
CA LYS QA 440 -41.03 93.55 32.01
C LYS QA 440 -41.53 94.77 31.24
N GLN QA 441 -41.84 95.87 31.95
CA GLN QA 441 -42.33 97.06 31.26
C GLN QA 441 -41.20 98.00 30.86
N THR QA 442 -40.12 98.06 31.63
CA THR QA 442 -39.06 99.03 31.36
C THR QA 442 -37.80 98.41 30.77
N ILE QA 443 -37.65 97.09 30.82
CA ILE QA 443 -36.45 96.42 30.33
C ILE QA 443 -36.81 95.67 29.05
N PRO QA 444 -36.27 96.05 27.89
CA PRO QA 444 -36.55 95.30 26.65
C PRO QA 444 -35.79 93.99 26.58
N HIS QA 445 -36.34 92.94 27.18
CA HIS QA 445 -35.65 91.66 27.25
C HIS QA 445 -35.45 91.08 25.85
N TYR QA 446 -34.32 90.40 25.67
CA TYR QA 446 -34.15 89.48 24.55
C TYR QA 446 -33.24 88.34 24.99
N TYR QA 447 -33.50 87.15 24.46
CA TYR QA 447 -32.99 85.91 25.04
C TYR QA 447 -32.05 85.22 24.07
N LEU QA 448 -30.94 84.68 24.60
CA LEU QA 448 -29.99 83.90 23.81
C LEU QA 448 -29.72 82.58 24.51
N SER QA 449 -29.81 81.47 23.77
CA SER QA 449 -29.65 80.14 24.35
C SER QA 449 -28.48 79.41 23.70
N VAL QA 450 -27.72 78.70 24.54
CA VAL QA 450 -26.63 77.85 24.07
C VAL QA 450 -26.63 76.55 24.86
N ASP QA 451 -25.84 75.59 24.39
CA ASP QA 451 -25.63 74.32 25.05
C ASP QA 451 -24.18 74.17 25.48
N VAL QA 452 -23.98 73.66 26.69
CA VAL QA 452 -22.67 73.53 27.30
C VAL QA 452 -22.40 72.06 27.59
N ASN QA 453 -21.26 71.56 27.15
CA ASN QA 453 -20.85 70.18 27.42
C ASN QA 453 -20.29 70.12 28.83
N MET QA 454 -20.84 69.23 29.66
CA MET QA 454 -20.54 69.25 31.08
C MET QA 454 -19.83 67.99 31.57
N GLY QA 455 -19.30 67.16 30.67
CA GLY QA 455 -18.58 65.98 31.12
C GLY QA 455 -17.32 66.33 31.89
N GLU QA 456 -16.57 67.32 31.41
CA GLU QA 456 -15.38 67.76 32.12
C GLU QA 456 -15.74 68.36 33.48
N VAL QA 457 -16.84 69.13 33.53
CA VAL QA 457 -17.28 69.69 34.80
C VAL QA 457 -17.63 68.59 35.78
N LEU QA 458 -18.33 67.55 35.30
CA LEU QA 458 -18.68 66.44 36.19
C LEU QA 458 -17.45 65.70 36.70
N LEU QA 459 -16.48 65.46 35.81
CA LEU QA 459 -15.25 64.77 36.23
C LEU QA 459 -14.49 65.60 37.26
N VAL QA 460 -14.33 66.90 37.00
CA VAL QA 460 -13.60 67.77 37.91
C VAL QA 460 -14.34 67.85 39.24
N ARG QA 461 -15.67 67.94 39.21
CA ARG QA 461 -16.45 68.02 40.44
C ARG QA 461 -16.31 66.73 41.25
N LYS QA 462 -16.31 65.58 40.57
CA LYS QA 462 -16.12 64.31 41.28
C LYS QA 462 -14.75 64.26 41.94
N GLU QA 463 -13.70 64.68 41.23
CA GLU QA 463 -12.36 64.66 41.80
C GLU QA 463 -12.26 65.61 43.00
N LEU QA 464 -12.83 66.81 42.87
CA LEU QA 464 -12.79 67.76 43.97
C LEU QA 464 -13.56 67.25 45.18
N ASN QA 465 -14.72 66.64 44.95
CA ASN QA 465 -15.49 66.08 46.06
C ASN QA 465 -14.74 64.95 46.74
N LYS QA 466 -14.05 64.11 45.95
CA LYS QA 466 -13.24 63.05 46.55
C LYS QA 466 -12.11 63.61 47.40
N MET QA 467 -11.42 64.64 46.89
CA MET QA 467 -10.35 65.27 47.66
C MET QA 467 -10.88 65.95 48.92
N LEU QA 468 -12.11 66.45 48.89
CA LEU QA 468 -12.64 67.18 50.03
C LEU QA 468 -12.85 66.32 51.26
N GLU QA 469 -13.04 65.01 51.09
CA GLU QA 469 -13.15 64.06 52.20
C GLU QA 469 -14.28 64.45 53.16
N GLY QA 470 -15.36 64.98 52.59
CA GLY QA 470 -16.54 65.31 53.36
C GLY QA 470 -16.52 66.64 54.07
N ARG QA 471 -15.42 67.40 54.00
CA ARG QA 471 -15.40 68.71 54.62
C ARG QA 471 -16.39 69.67 53.95
N SER QA 472 -16.51 69.59 52.63
CA SER QA 472 -17.53 70.32 51.88
C SER QA 472 -17.93 69.49 50.67
N LYS QA 473 -18.94 69.96 49.97
CA LYS QA 473 -19.44 69.30 48.76
C LYS QA 473 -19.63 70.34 47.67
N ILE QA 474 -18.80 70.24 46.62
CA ILE QA 474 -18.92 71.17 45.50
C ILE QA 474 -20.03 70.71 44.58
N SER QA 475 -20.96 71.61 44.28
CA SER QA 475 -22.09 71.31 43.41
C SER QA 475 -21.89 71.94 42.04
N VAL QA 476 -22.77 71.56 41.11
CA VAL QA 476 -22.71 72.09 39.75
C VAL QA 476 -23.01 73.59 39.73
N ASN QA 477 -23.91 74.04 40.61
CA ASN QA 477 -24.23 75.46 40.64
C ASN QA 477 -23.03 76.30 41.08
N ASP QA 478 -22.12 75.72 41.85
CA ASP QA 478 -20.90 76.46 42.21
C ASP QA 478 -20.02 76.70 40.99
N PHE QA 479 -19.83 75.67 40.17
CA PHE QA 479 -19.11 75.86 38.91
C PHE QA 479 -19.80 76.90 38.05
N ILE QA 480 -21.13 76.84 37.97
CA ILE QA 480 -21.88 77.77 37.14
C ILE QA 480 -21.70 79.21 37.64
N ILE QA 481 -21.76 79.39 38.96
CA ILE QA 481 -21.62 80.74 39.53
C ILE QA 481 -20.23 81.30 39.28
N LYS QA 482 -19.20 80.48 39.51
CA LYS QA 482 -17.82 80.95 39.28
C LYS QA 482 -17.58 81.25 37.81
N ALA QA 483 -18.09 80.40 36.91
CA ALA QA 483 -17.94 80.64 35.49
C ALA QA 483 -18.66 81.90 35.06
N SER QA 484 -19.85 82.14 35.62
CA SER QA 484 -20.58 83.36 35.32
C SER QA 484 -19.82 84.59 35.79
N ALA QA 485 -19.21 84.50 36.98
CA ALA QA 485 -18.42 85.63 37.48
C ALA QA 485 -17.22 85.91 36.58
N LEU QA 486 -16.52 84.86 36.16
CA LEU QA 486 -15.37 85.06 35.28
C LEU QA 486 -15.80 85.62 33.91
N ALA QA 487 -16.92 85.14 33.38
CA ALA QA 487 -17.43 85.67 32.12
C ALA QA 487 -17.83 87.13 32.28
N CYS QA 488 -18.41 87.49 33.43
CA CYS QA 488 -18.74 88.90 33.70
C CYS QA 488 -17.48 89.75 33.75
N LEU QA 489 -16.40 89.23 34.34
CA LEU QA 489 -15.14 89.96 34.33
C LEU QA 489 -14.63 90.17 32.91
N LYS QA 490 -14.70 89.12 32.08
CA LYS QA 490 -14.20 89.23 30.71
C LYS QA 490 -15.06 90.18 29.88
N VAL QA 491 -16.36 90.18 30.08
CA VAL QA 491 -17.29 91.01 29.30
C VAL QA 491 -18.08 91.87 30.27
N PRO QA 492 -17.55 93.05 30.66
CA PRO QA 492 -18.21 93.85 31.71
C PRO QA 492 -19.55 94.45 31.31
N GLU QA 493 -19.92 94.39 30.03
CA GLU QA 493 -21.21 94.96 29.62
C GLU QA 493 -22.37 94.22 30.28
N ALA QA 494 -22.27 92.90 30.40
CA ALA QA 494 -23.30 92.14 31.12
C ALA QA 494 -23.31 92.45 32.60
N ASN QA 495 -22.28 93.12 33.11
CA ASN QA 495 -22.21 93.54 34.50
C ASN QA 495 -22.48 95.03 34.68
N SER QA 496 -23.43 95.57 33.92
CA SER QA 496 -23.76 96.98 33.96
C SER QA 496 -25.20 97.17 34.42
N SER QA 497 -25.59 98.43 34.54
CA SER QA 497 -26.93 98.83 34.94
C SER QA 497 -27.31 100.12 34.24
N TRP QA 498 -28.54 100.17 33.75
CA TRP QA 498 -29.04 101.35 33.04
C TRP QA 498 -29.72 102.28 34.04
N LEU QA 499 -29.18 103.49 34.18
CA LEU QA 499 -29.67 104.48 35.15
C LEU QA 499 -30.30 105.68 34.44
N ASP QA 500 -30.62 105.51 33.16
CA ASP QA 500 -31.38 106.48 32.36
C ASP QA 500 -30.56 107.73 32.03
N THR QA 501 -29.37 107.86 32.63
CA THR QA 501 -28.44 108.93 32.30
C THR QA 501 -27.04 108.42 32.04
N VAL QA 502 -26.59 107.40 32.79
CA VAL QA 502 -25.30 106.76 32.59
C VAL QA 502 -25.48 105.25 32.69
N ILE QA 503 -24.53 104.53 32.13
CA ILE QA 503 -24.50 103.07 32.23
C ILE QA 503 -23.46 102.70 33.27
N ARG QA 504 -23.92 102.34 34.46
CA ARG QA 504 -23.03 102.02 35.57
C ARG QA 504 -22.41 100.65 35.33
N GLN QA 505 -21.11 100.61 35.06
CA GLN QA 505 -20.41 99.37 34.78
C GLN QA 505 -19.74 98.87 36.05
N ASN QA 506 -20.37 97.92 36.73
CA ASN QA 506 -19.86 97.47 38.02
C ASN QA 506 -18.57 96.67 37.83
N HIS QA 507 -17.56 97.00 38.64
CA HIS QA 507 -16.27 96.33 38.58
C HIS QA 507 -16.20 95.10 39.47
N VAL QA 508 -17.19 94.88 40.33
CA VAL QA 508 -17.28 93.69 41.16
C VAL QA 508 -18.47 92.86 40.68
N VAL QA 509 -18.42 91.56 40.94
CA VAL QA 509 -19.44 90.63 40.49
C VAL QA 509 -20.12 90.08 41.73
N ASP QA 510 -21.35 90.52 41.99
CA ASP QA 510 -22.16 90.04 43.10
C ASP QA 510 -23.30 89.22 42.50
N ILE QA 511 -23.19 87.89 42.60
CA ILE QA 511 -24.11 86.99 41.91
C ILE QA 511 -25.30 86.70 42.81
N SER QA 512 -26.47 87.23 42.46
CA SER QA 512 -27.70 86.79 43.10
C SER QA 512 -28.03 85.39 42.62
N VAL QA 513 -28.46 84.53 43.55
CA VAL QA 513 -28.81 83.15 43.23
C VAL QA 513 -30.28 82.95 43.58
N ALA QA 514 -31.09 82.60 42.59
CA ALA QA 514 -32.51 82.40 42.82
C ALA QA 514 -32.72 81.12 43.63
N VAL QA 515 -33.48 81.23 44.72
CA VAL QA 515 -33.77 80.11 45.61
C VAL QA 515 -35.27 80.10 45.84
N SER QA 516 -35.89 78.93 45.72
CA SER QA 516 -37.31 78.77 45.94
C SER QA 516 -37.58 78.32 47.37
N THR QA 517 -38.40 79.07 48.08
CA THR QA 517 -38.80 78.82 49.46
C THR QA 517 -40.32 78.80 49.49
N PRO QA 518 -40.91 78.25 50.54
CA PRO QA 518 -42.38 78.22 50.62
C PRO QA 518 -43.02 79.60 50.55
N ALA QA 519 -42.28 80.66 50.88
CA ALA QA 519 -42.80 82.03 50.81
C ALA QA 519 -42.60 82.67 49.45
N GLY QA 520 -41.87 82.02 48.54
CA GLY QA 520 -41.68 82.54 47.20
C GLY QA 520 -40.23 82.42 46.72
N LEU QA 521 -39.89 83.28 45.77
CA LEU QA 521 -38.54 83.29 45.23
C LEU QA 521 -37.72 84.39 45.90
N ILE QA 522 -36.54 84.02 46.39
CA ILE QA 522 -35.65 84.97 47.05
C ILE QA 522 -34.26 84.83 46.45
N THR QA 523 -33.51 85.93 46.42
CA THR QA 523 -32.24 86.01 45.72
C THR QA 523 -31.12 86.42 46.66
N PRO QA 524 -30.61 85.47 47.47
CA PRO QA 524 -29.40 85.76 48.26
C PRO QA 524 -28.22 86.01 47.34
N ILE QA 525 -27.34 86.92 47.76
CA ILE QA 525 -26.25 87.41 46.93
C ILE QA 525 -24.93 86.83 47.42
N VAL QA 526 -24.21 86.18 46.53
CA VAL QA 526 -22.83 85.77 46.77
C VAL QA 526 -21.96 86.93 46.28
N PHE QA 527 -21.38 87.65 47.24
CA PHE QA 527 -20.56 88.81 46.90
C PHE QA 527 -19.16 88.37 46.49
N ASN QA 528 -18.56 89.12 45.56
CA ASN QA 528 -17.20 88.89 45.11
C ASN QA 528 -17.00 87.47 44.61
N ALA QA 529 -17.96 86.99 43.81
CA ALA QA 529 -17.87 85.65 43.25
C ALA QA 529 -16.76 85.56 42.22
N HIS QA 530 -16.25 86.70 41.76
CA HIS QA 530 -15.16 86.68 40.79
C HIS QA 530 -13.82 86.37 41.43
N ILE QA 531 -13.73 86.54 42.76
CA ILE QA 531 -12.50 86.22 43.49
C ILE QA 531 -12.67 85.09 44.49
N LYS QA 532 -13.89 84.76 44.87
CA LYS QA 532 -14.12 83.64 45.77
C LYS QA 532 -13.84 82.32 45.06
N GLY QA 533 -13.34 81.34 45.82
CA GLY QA 533 -13.11 80.03 45.25
C GLY QA 533 -14.36 79.18 45.22
N LEU QA 534 -14.23 77.99 44.66
CA LEU QA 534 -15.38 77.10 44.54
C LEU QA 534 -15.88 76.65 45.91
N GLU QA 535 -14.96 76.37 46.84
CA GLU QA 535 -15.37 76.01 48.19
C GLU QA 535 -16.06 77.17 48.91
N THR QA 536 -15.49 78.37 48.79
CA THR QA 536 -16.12 79.52 49.42
C THR QA 536 -17.50 79.77 48.83
N ILE QA 537 -17.62 79.66 47.51
CA ILE QA 537 -18.92 79.85 46.85
C ILE QA 537 -19.91 78.80 47.32
N ALA QA 538 -19.48 77.54 47.40
CA ALA QA 538 -20.39 76.47 47.81
C ALA QA 538 -20.86 76.67 49.23
N ASN QA 539 -19.94 76.98 50.14
CA ASN QA 539 -20.32 77.21 51.54
C ASN QA 539 -21.25 78.41 51.66
N ASP QA 540 -20.95 79.51 50.94
CA ASP QA 540 -21.80 80.68 50.97
C ASP QA 540 -23.20 80.35 50.45
N VAL QA 541 -23.28 79.60 49.36
CA VAL QA 541 -24.58 79.24 48.79
C VAL QA 541 -25.37 78.38 49.76
N VAL QA 542 -24.72 77.41 50.40
CA VAL QA 542 -25.41 76.55 51.35
C VAL QA 542 -25.93 77.37 52.53
N SER QA 543 -25.08 78.26 53.07
CA SER QA 543 -25.48 79.06 54.22
C SER QA 543 -26.63 80.00 53.87
N LEU QA 544 -26.55 80.68 52.73
CA LEU QA 544 -27.60 81.61 52.34
C LEU QA 544 -28.88 80.88 51.99
N ALA QA 545 -28.78 79.69 51.40
CA ALA QA 545 -29.98 78.90 51.13
C ALA QA 545 -30.66 78.47 52.42
N THR QA 546 -29.87 78.06 53.41
CA THR QA 546 -30.45 77.72 54.71
C THR QA 546 -31.12 78.93 55.35
N LYS QA 547 -30.47 80.09 55.28
CA LYS QA 547 -31.06 81.31 55.83
C LYS QA 547 -32.35 81.67 55.10
N ALA QA 548 -32.37 81.53 53.77
CA ALA QA 548 -33.56 81.84 53.00
C ALA QA 548 -34.71 80.91 53.35
N ARG QA 549 -34.42 79.61 53.46
CA ARG QA 549 -35.46 78.65 53.81
C ARG QA 549 -35.96 78.87 55.23
N GLU QA 550 -35.10 79.32 56.13
CA GLU QA 550 -35.50 79.61 57.50
C GLU QA 550 -36.08 81.00 57.67
N GLY QA 551 -36.07 81.82 56.62
CA GLY QA 551 -36.65 83.15 56.70
C GLY QA 551 -35.83 84.15 57.50
N LYS QA 552 -34.52 83.94 57.59
CA LYS QA 552 -33.66 84.78 58.40
C LYS QA 552 -32.76 85.69 57.57
N LEU QA 553 -33.05 85.88 56.29
CA LEU QA 553 -32.20 86.71 55.44
C LEU QA 553 -32.36 88.17 55.79
N GLN QA 554 -31.24 88.87 55.93
CA GLN QA 554 -31.25 90.31 56.12
C GLN QA 554 -31.42 91.03 54.78
N PRO QA 555 -31.98 92.23 54.77
CA PRO QA 555 -32.23 92.93 53.50
C PRO QA 555 -30.98 93.13 52.65
N HIS QA 556 -29.83 93.39 53.27
CA HIS QA 556 -28.61 93.58 52.50
C HIS QA 556 -28.11 92.29 51.89
N GLU QA 557 -28.56 91.14 52.39
CA GLU QA 557 -28.10 89.85 51.87
C GLU QA 557 -28.86 89.41 50.62
N PHE QA 558 -29.96 90.08 50.26
CA PHE QA 558 -30.68 89.76 49.05
C PHE QA 558 -31.05 90.96 48.19
N GLN QA 559 -30.80 92.19 48.65
CA GLN QA 559 -31.07 93.38 47.85
C GLN QA 559 -29.77 93.83 47.18
N GLY QA 560 -29.83 94.07 45.88
CA GLY QA 560 -28.67 94.50 45.14
C GLY QA 560 -28.21 93.50 44.10
N GLY QA 561 -26.91 93.24 44.05
CA GLY QA 561 -26.36 92.31 43.10
C GLY QA 561 -26.11 92.94 41.74
N THR QA 562 -25.31 92.26 40.93
CA THR QA 562 -24.96 92.72 39.61
C THR QA 562 -25.33 91.73 38.49
N PHE QA 563 -25.61 90.48 38.85
CA PHE QA 563 -25.92 89.45 37.88
C PHE QA 563 -26.62 88.32 38.60
N THR QA 564 -27.71 87.83 38.01
CA THR QA 564 -28.57 86.85 38.66
C THR QA 564 -28.48 85.52 37.94
N ILE QA 565 -28.50 84.43 38.70
CA ILE QA 565 -28.53 83.07 38.16
C ILE QA 565 -29.74 82.35 38.74
N SER QA 566 -30.62 81.89 37.86
CA SER QA 566 -31.78 81.10 38.24
C SER QA 566 -31.63 79.71 37.64
N ASN QA 567 -31.46 78.71 38.50
CA ASN QA 567 -31.22 77.34 38.07
C ASN QA 567 -32.46 76.52 38.40
N LEU QA 568 -33.05 75.90 37.37
CA LEU QA 568 -34.19 75.01 37.55
C LEU QA 568 -33.91 73.62 37.00
N GLY QA 569 -32.66 73.22 36.90
CA GLY QA 569 -32.35 71.90 36.36
C GLY QA 569 -32.74 70.79 37.30
N MET QA 570 -32.83 71.08 38.60
CA MET QA 570 -33.25 70.08 39.57
C MET QA 570 -34.70 69.67 39.38
N PHE QA 571 -35.50 70.48 38.69
CA PHE QA 571 -36.90 70.20 38.44
C PHE QA 571 -37.16 69.61 37.07
N GLY QA 572 -36.11 69.31 36.31
CA GLY QA 572 -36.29 68.67 35.01
C GLY QA 572 -36.56 69.60 33.86
N ILE QA 573 -36.43 70.92 34.04
CA ILE QA 573 -36.67 71.86 32.96
C ILE QA 573 -35.53 71.78 31.96
N LYS QA 574 -35.88 71.57 30.69
CA LYS QA 574 -34.87 71.53 29.64
C LYS QA 574 -34.22 72.90 29.46
N ASN QA 575 -35.04 73.95 29.31
CA ASN QA 575 -34.56 75.32 29.27
C ASN QA 575 -35.73 76.25 29.56
N PHE QA 576 -35.41 77.48 29.96
CA PHE QA 576 -36.43 78.46 30.24
C PHE QA 576 -35.84 79.86 30.14
N SER QA 577 -36.73 80.85 30.06
CA SER QA 577 -36.35 82.25 29.95
C SER QA 577 -36.88 82.98 31.18
N ALA QA 578 -35.97 83.60 31.93
CA ALA QA 578 -36.36 84.27 33.16
C ALA QA 578 -36.57 85.76 32.94
N ILE QA 579 -36.98 86.44 33.99
CA ILE QA 579 -37.19 87.89 33.96
C ILE QA 579 -36.01 88.57 34.63
N ILE QA 580 -35.47 89.60 33.98
CA ILE QA 580 -34.33 90.32 34.53
C ILE QA 580 -34.72 91.02 35.82
N ASN QA 581 -33.95 90.78 36.87
CA ASN QA 581 -34.17 91.41 38.16
C ASN QA 581 -33.57 92.81 38.13
N PRO QA 582 -34.38 93.86 38.32
CA PRO QA 582 -33.84 95.22 38.22
C PRO QA 582 -32.92 95.53 39.40
N PRO QA 583 -31.98 96.47 39.22
CA PRO QA 583 -31.66 97.23 38.01
C PRO QA 583 -30.59 96.55 37.16
N GLN QA 584 -30.36 95.26 37.34
CA GLN QA 584 -29.32 94.56 36.61
C GLN QA 584 -29.67 94.46 35.13
N ALA QA 585 -28.69 94.03 34.34
CA ALA QA 585 -28.83 94.01 32.89
C ALA QA 585 -29.00 92.61 32.31
N CYS QA 586 -28.72 91.56 33.08
CA CYS QA 586 -28.80 90.19 32.57
C CYS QA 586 -29.25 89.25 33.67
N ILE QA 587 -29.70 88.07 33.25
CA ILE QA 587 -30.02 86.98 34.15
C ILE QA 587 -29.80 85.67 33.39
N LEU QA 588 -29.08 84.74 34.01
CA LEU QA 588 -28.76 83.47 33.39
C LEU QA 588 -29.72 82.39 33.89
N ALA QA 589 -30.49 81.82 32.97
CA ALA QA 589 -31.44 80.77 33.29
C ALA QA 589 -30.83 79.42 32.91
N VAL QA 590 -30.71 78.54 33.88
CA VAL QA 590 -30.02 77.25 33.70
C VAL QA 590 -31.07 76.14 33.74
N GLY QA 591 -31.05 75.27 32.74
CA GLY QA 591 -31.92 74.13 32.68
C GLY QA 591 -31.23 72.86 33.17
N ALA QA 592 -31.85 71.73 32.85
CA ALA QA 592 -31.33 70.45 33.28
C ALA QA 592 -30.28 69.92 32.31
N SER QA 593 -29.38 69.10 32.82
CA SER QA 593 -28.37 68.46 31.99
C SER QA 593 -28.81 67.06 31.62
N GLU QA 594 -28.75 66.76 30.31
CA GLU QA 594 -29.22 65.49 29.77
C GLU QA 594 -28.18 64.92 28.81
N ASP QA 595 -28.18 63.59 28.69
CA ASP QA 595 -27.26 62.91 27.79
C ASP QA 595 -27.79 62.98 26.36
N ARG QA 596 -26.94 63.38 25.43
CA ARG QA 596 -27.30 63.50 24.03
C ARG QA 596 -26.23 62.89 23.14
N LEU QA 597 -26.66 62.30 22.03
CA LEU QA 597 -25.73 61.76 21.06
C LEU QA 597 -25.20 62.85 20.14
N PHE QA 598 -23.91 62.80 19.86
CA PHE QA 598 -23.29 63.73 18.93
C PHE QA 598 -22.29 63.00 18.05
N PRO QA 599 -22.15 63.42 16.79
CA PRO QA 599 -21.23 62.72 15.88
C PRO QA 599 -19.79 62.76 16.38
N ALA QA 600 -19.08 61.67 16.15
CA ALA QA 600 -17.68 61.56 16.52
C ALA QA 600 -16.95 60.69 15.50
N ASP QA 601 -15.64 60.91 15.39
CA ASP QA 601 -14.81 60.16 14.44
C ASP QA 601 -14.31 58.87 15.10
N ASN QA 602 -15.27 57.98 15.37
CA ASN QA 602 -14.97 56.68 15.95
C ASN QA 602 -15.72 55.61 15.19
N GLU QA 603 -15.53 54.35 15.63
CA GLU QA 603 -16.17 53.23 14.96
C GLU QA 603 -17.68 53.28 15.05
N LYS QA 604 -18.22 53.61 16.24
CA LYS QA 604 -19.66 53.71 16.40
C LYS QA 604 -20.25 54.90 15.66
N GLY QA 605 -19.44 55.91 15.35
CA GLY QA 605 -19.95 57.08 14.65
C GLY QA 605 -20.61 58.12 15.53
N PHE QA 606 -20.64 57.91 16.84
CA PHE QA 606 -21.26 58.86 17.75
C PHE QA 606 -20.68 58.68 19.15
N ASP QA 607 -20.95 59.67 20.00
CA ASP QA 607 -20.54 59.66 21.38
C ASP QA 607 -21.67 60.21 22.24
N VAL QA 608 -21.56 60.01 23.55
CA VAL QA 608 -22.57 60.46 24.51
C VAL QA 608 -21.94 61.56 25.36
N ALA QA 609 -22.58 62.72 25.39
CA ALA QA 609 -22.11 63.86 26.15
C ALA QA 609 -23.26 64.44 26.96
N SER QA 610 -22.99 64.77 28.22
CA SER QA 610 -23.98 65.37 29.10
C SER QA 610 -23.99 66.88 28.88
N MET QA 611 -25.00 67.37 28.18
CA MET QA 611 -25.10 68.78 27.82
C MET QA 611 -26.17 69.48 28.64
N MET QA 612 -25.92 70.74 28.95
CA MET QA 612 -26.82 71.57 29.76
C MET QA 612 -27.09 72.86 29.01
N SER QA 613 -28.37 73.21 28.88
CA SER QA 613 -28.80 74.34 28.08
C SER QA 613 -29.00 75.56 28.97
N VAL QA 614 -28.41 76.68 28.58
CA VAL QA 614 -28.54 77.93 29.33
C VAL QA 614 -29.06 79.03 28.44
N THR QA 615 -29.98 79.82 28.99
CA THR QA 615 -30.59 80.94 28.29
C THR QA 615 -30.33 82.22 29.06
N LEU QA 616 -29.53 83.11 28.49
CA LEU QA 616 -29.25 84.41 29.06
C LEU QA 616 -30.25 85.43 28.54
N SER QA 617 -30.96 86.08 29.45
CA SER QA 617 -31.89 87.15 29.10
C SER QA 617 -31.19 88.49 29.33
N CYS QA 618 -31.12 89.30 28.27
CA CYS QA 618 -30.33 90.51 28.28
C CYS QA 618 -31.21 91.73 28.05
N ASP QA 619 -30.86 92.82 28.71
CA ASP QA 619 -31.42 94.14 28.45
C ASP QA 619 -30.79 94.69 27.18
N HIS QA 620 -31.58 94.86 26.13
CA HIS QA 620 -31.03 95.26 24.84
C HIS QA 620 -30.55 96.71 24.84
N ARG QA 621 -30.90 97.50 25.85
CA ARG QA 621 -30.35 98.84 25.96
C ARG QA 621 -28.88 98.82 26.35
N VAL QA 622 -28.47 97.83 27.13
CA VAL QA 622 -27.11 97.73 27.64
C VAL QA 622 -26.29 96.69 26.87
N VAL QA 623 -26.86 95.51 26.66
CA VAL QA 623 -26.16 94.38 26.05
C VAL QA 623 -26.80 94.12 24.69
N ASP QA 624 -26.04 94.34 23.62
CA ASP QA 624 -26.54 94.00 22.30
C ASP QA 624 -26.25 92.53 21.98
N GLY QA 625 -26.68 92.10 20.79
CA GLY QA 625 -26.60 90.69 20.46
C GLY QA 625 -25.18 90.15 20.45
N ALA QA 626 -24.26 90.92 19.87
CA ALA QA 626 -22.86 90.48 19.81
C ALA QA 626 -22.26 90.36 21.20
N VAL QA 627 -22.54 91.32 22.08
CA VAL QA 627 -22.00 91.27 23.43
C VAL QA 627 -22.58 90.09 24.20
N GLY QA 628 -23.89 89.86 24.09
CA GLY QA 628 -24.48 88.70 24.75
C GLY QA 628 -23.92 87.39 24.25
N ALA QA 629 -23.73 87.28 22.94
CA ALA QA 629 -23.15 86.08 22.37
C ALA QA 629 -21.71 85.87 22.83
N GLN QA 630 -20.94 86.95 22.92
CA GLN QA 630 -19.57 86.85 23.42
C GLN QA 630 -19.56 86.39 24.87
N TRP QA 631 -20.45 86.93 25.70
CA TRP QA 631 -20.55 86.50 27.09
C TRP QA 631 -20.87 85.01 27.17
N LEU QA 632 -21.84 84.55 26.39
CA LEU QA 632 -22.20 83.14 26.43
C LEU QA 632 -21.07 82.26 25.93
N ALA QA 633 -20.31 82.73 24.93
CA ALA QA 633 -19.17 81.96 24.46
C ALA QA 633 -18.09 81.84 25.53
N GLU QA 634 -17.80 82.94 26.25
CA GLU QA 634 -16.82 82.86 27.32
C GLU QA 634 -17.30 81.94 28.44
N PHE QA 635 -18.57 82.03 28.80
CA PHE QA 635 -19.14 81.15 29.82
C PHE QA 635 -19.03 79.69 29.41
N ARG QA 636 -19.33 79.39 28.14
CA ARG QA 636 -19.24 78.02 27.64
C ARG QA 636 -17.80 77.53 27.67
N LYS QA 637 -16.85 78.38 27.26
CA LYS QA 637 -15.44 77.96 27.30
C LYS QA 637 -14.99 77.66 28.72
N TYR QA 638 -15.36 78.53 29.68
CA TYR QA 638 -15.00 78.29 31.07
C TYR QA 638 -15.57 76.98 31.57
N LEU QA 639 -16.82 76.68 31.24
CA LEU QA 639 -17.41 75.44 31.74
C LEU QA 639 -16.84 74.21 31.05
N GLU QA 640 -16.60 74.29 29.74
CA GLU QA 640 -16.09 73.12 29.01
C GLU QA 640 -14.63 72.84 29.31
N LYS QA 641 -13.86 73.82 29.77
CA LYS QA 641 -12.49 73.59 30.23
C LYS QA 641 -12.33 74.20 31.62
N PRO QA 642 -12.64 73.42 32.67
CA PRO QA 642 -12.54 73.96 34.03
C PRO QA 642 -11.15 74.36 34.46
N ILE QA 643 -10.11 73.88 33.77
CA ILE QA 643 -8.75 74.29 34.10
C ILE QA 643 -8.49 75.73 33.70
N THR QA 644 -9.14 76.20 32.62
CA THR QA 644 -9.03 77.60 32.24
C THR QA 644 -9.66 78.53 33.25
N MET QA 645 -10.44 77.99 34.20
CA MET QA 645 -11.04 78.77 35.27
C MET QA 645 -9.99 79.30 36.22
N LEU QA 646 -8.77 78.78 36.18
CA LEU QA 646 -7.66 79.26 36.98
C LEU QA 646 -7.03 80.53 36.42
N LEU QA 647 -7.21 80.81 35.13
CA LEU QA 647 -6.61 81.99 34.51
C LEU QA 647 -7.29 83.27 35.01
N PHE RA 420 45.03 4.30 100.49
CA PHE RA 420 44.43 5.62 100.38
C PHE RA 420 45.44 6.72 100.70
N THR RA 421 45.05 7.96 100.44
CA THR RA 421 45.86 9.13 100.73
C THR RA 421 45.00 10.20 101.38
N ASP RA 422 45.47 10.73 102.50
CA ASP RA 422 44.74 11.78 103.23
C ASP RA 422 45.25 13.13 102.78
N ILE RA 423 44.42 13.87 102.06
CA ILE RA 423 44.76 15.21 101.59
C ILE RA 423 44.23 16.23 102.60
N PRO RA 424 45.09 17.03 103.23
CA PRO RA 424 44.59 18.01 104.21
C PRO RA 424 43.64 19.00 103.57
N ILE RA 425 42.63 19.41 104.33
CA ILE RA 425 41.64 20.36 103.85
C ILE RA 425 42.16 21.77 104.09
N SER RA 426 42.23 22.56 103.02
CA SER RA 426 42.65 23.94 103.15
C SER RA 426 41.56 24.76 103.83
N ASN RA 427 41.96 25.94 104.32
CA ASN RA 427 40.99 26.82 104.97
C ASN RA 427 39.97 27.35 103.97
N ILE RA 428 40.39 27.59 102.72
CA ILE RA 428 39.46 28.03 101.68
C ILE RA 428 38.42 26.95 101.42
N ARG RA 429 38.87 25.70 101.31
CA ARG RA 429 37.94 24.59 101.09
C ARG RA 429 37.03 24.40 102.30
N ARG RA 430 37.55 24.61 103.51
CA ARG RA 430 36.72 24.52 104.70
C ARG RA 430 35.64 25.59 104.69
N VAL RA 431 35.98 26.81 104.27
CA VAL RA 431 34.99 27.89 104.18
C VAL RA 431 33.93 27.54 103.14
N ILE RA 432 34.37 27.03 101.99
CA ILE RA 432 33.41 26.68 100.93
C ILE RA 432 32.47 25.58 101.41
N ALA RA 433 33.03 24.56 102.08
CA ALA RA 433 32.22 23.46 102.59
C ALA RA 433 31.24 23.95 103.65
N GLN RA 434 31.68 24.85 104.53
CA GLN RA 434 30.79 25.38 105.55
C GLN RA 434 29.66 26.18 104.93
N ARG RA 435 29.96 26.99 103.91
CA ARG RA 435 28.91 27.72 103.22
C ARG RA 435 27.92 26.78 102.56
N LEU RA 436 28.40 25.72 101.91
CA LEU RA 436 27.50 24.79 101.25
C LEU RA 436 26.63 24.04 102.26
N MET RA 437 27.21 23.62 103.39
CA MET RA 437 26.42 22.98 104.43
C MET RA 437 25.37 23.93 104.98
N GLN RA 438 25.75 25.18 105.22
CA GLN RA 438 24.79 26.16 105.72
C GLN RA 438 23.65 26.36 104.73
N SER RA 439 23.96 26.44 103.44
CA SER RA 439 22.92 26.60 102.42
C SER RA 439 21.98 25.41 102.42
N LYS RA 440 22.52 24.19 102.37
CA LYS RA 440 21.67 23.02 102.28
C LYS RA 440 20.90 22.75 103.57
N GLN RA 441 21.37 23.30 104.70
CA GLN RA 441 20.66 23.09 105.96
C GLN RA 441 19.61 24.15 106.23
N THR RA 442 19.84 25.39 105.80
CA THR RA 442 18.92 26.47 106.12
C THR RA 442 18.12 26.99 104.93
N ILE RA 443 18.26 26.38 103.76
CA ILE RA 443 17.51 26.80 102.57
C ILE RA 443 16.74 25.59 102.05
N PRO RA 444 15.42 25.60 102.11
CA PRO RA 444 14.64 24.47 101.56
C PRO RA 444 14.58 24.47 100.05
N HIS RA 445 15.61 23.92 99.41
CA HIS RA 445 15.71 23.94 97.95
C HIS RA 445 14.56 23.18 97.31
N TYR RA 446 14.08 23.67 96.17
CA TYR RA 446 13.28 22.86 95.26
C TYR RA 446 13.57 23.31 93.84
N TYR RA 447 13.52 22.36 92.91
CA TYR RA 447 14.12 22.54 91.59
C TYR RA 447 13.06 22.48 90.51
N LEU RA 448 13.17 23.38 89.52
CA LEU RA 448 12.28 23.39 88.36
C LEU RA 448 13.10 23.41 87.08
N SER RA 449 12.78 22.52 86.14
CA SER RA 449 13.55 22.37 84.92
C SER RA 449 12.68 22.65 83.70
N VAL RA 450 13.25 23.35 82.71
CA VAL RA 450 12.60 23.60 81.44
C VAL RA 450 13.61 23.46 80.32
N ASP RA 451 13.09 23.43 79.09
CA ASP RA 451 13.92 23.41 77.89
C ASP RA 451 13.70 24.67 77.07
N VAL RA 452 14.79 25.21 76.54
CA VAL RA 452 14.78 26.46 75.80
C VAL RA 452 15.30 26.21 74.40
N ASN RA 453 14.55 26.65 73.39
CA ASN RA 453 14.97 26.53 72.00
C ASN RA 453 15.98 27.64 71.71
N MET RA 454 17.16 27.27 71.21
CA MET RA 454 18.25 28.21 71.11
C MET RA 454 18.70 28.48 69.67
N GLY RA 455 17.90 28.09 68.68
CA GLY RA 455 18.27 28.39 67.30
C GLY RA 455 18.32 29.87 67.02
N GLU RA 456 17.34 30.62 67.52
CA GLU RA 456 17.34 32.06 67.34
C GLU RA 456 18.52 32.71 68.07
N VAL RA 457 18.85 32.21 69.27
CA VAL RA 457 20.02 32.72 69.99
C VAL RA 457 21.28 32.47 69.18
N LEU RA 458 21.42 31.28 68.60
CA LEU RA 458 22.61 30.99 67.81
C LEU RA 458 22.70 31.89 66.58
N LEU RA 459 21.58 32.10 65.89
CA LEU RA 459 21.58 32.96 64.70
C LEU RA 459 21.94 34.40 65.07
N VAL RA 460 21.33 34.92 66.14
CA VAL RA 460 21.59 36.29 66.57
C VAL RA 460 23.03 36.43 67.03
N ARG RA 461 23.55 35.44 67.73
CA ARG RA 461 24.93 35.48 68.19
C ARG RA 461 25.90 35.46 67.02
N LYS RA 462 25.60 34.65 66.00
CA LYS RA 462 26.44 34.63 64.81
C LYS RA 462 26.44 35.99 64.11
N GLU RA 463 25.28 36.60 63.97
CA GLU RA 463 25.20 37.91 63.32
C GLU RA 463 25.96 38.97 64.12
N LEU RA 464 25.79 38.97 65.44
CA LEU RA 464 26.50 39.94 66.29
C LEU RA 464 27.99 39.73 66.23
N ASN RA 465 28.46 38.48 66.25
CA ASN RA 465 29.88 38.20 66.16
C ASN RA 465 30.44 38.64 64.81
N LYS RA 466 29.68 38.45 63.73
CA LYS RA 466 30.13 38.92 62.43
C LYS RA 466 30.23 40.43 62.38
N MET RA 467 29.24 41.13 62.93
CA MET RA 467 29.30 42.59 62.97
C MET RA 467 30.43 43.10 63.85
N LEU RA 468 30.80 42.36 64.89
CA LEU RA 468 31.83 42.83 65.81
C LEU RA 468 33.20 42.92 65.17
N GLU RA 469 33.47 42.13 64.12
CA GLU RA 469 34.72 42.22 63.36
C GLU RA 469 35.93 42.00 64.26
N GLY RA 470 35.79 41.11 65.25
CA GLY RA 470 36.88 40.73 66.10
C GLY RA 470 37.14 41.63 67.28
N ARG RA 471 36.40 42.74 67.42
CA ARG RA 471 36.59 43.62 68.57
C ARG RA 471 36.20 42.91 69.86
N SER RA 472 35.12 42.14 69.83
CA SER RA 472 34.72 41.29 70.94
C SER RA 472 34.06 40.04 70.39
N LYS RA 473 33.76 39.10 71.28
CA LYS RA 473 33.10 37.86 70.92
C LYS RA 473 31.96 37.60 71.89
N ILE RA 474 30.73 37.67 71.40
CA ILE RA 474 29.57 37.40 72.25
C ILE RA 474 29.36 35.90 72.36
N SER RA 475 29.27 35.41 73.60
CA SER RA 475 29.08 34.00 73.87
C SER RA 475 27.65 33.73 74.30
N VAL RA 476 27.31 32.44 74.38
CA VAL RA 476 25.97 32.03 74.78
C VAL RA 476 25.70 32.40 76.23
N ASN RA 477 26.73 32.34 77.08
CA ASN RA 477 26.54 32.69 78.48
C ASN RA 477 26.19 34.16 78.65
N ASP RA 478 26.62 35.01 77.72
CA ASP RA 478 26.23 36.43 77.78
C ASP RA 478 24.73 36.59 77.56
N PHE RA 479 24.19 35.91 76.54
CA PHE RA 479 22.75 35.91 76.34
C PHE RA 479 22.03 35.37 77.56
N ILE RA 480 22.56 34.30 78.15
CA ILE RA 480 21.91 33.70 79.31
C ILE RA 480 21.91 34.66 80.49
N ILE RA 481 23.03 35.36 80.71
CA ILE RA 481 23.13 36.30 81.83
C ILE RA 481 22.16 37.46 81.64
N LYS RA 482 22.13 38.03 80.43
CA LYS RA 482 21.23 39.16 80.19
C LYS RA 482 19.78 38.74 80.30
N ALA RA 483 19.43 37.56 79.79
CA ALA RA 483 18.07 37.07 79.90
C ALA RA 483 17.69 36.82 81.36
N SER RA 484 18.63 36.28 82.14
CA SER RA 484 18.36 36.07 83.56
C SER RA 484 18.14 37.40 84.28
N ALA RA 485 18.93 38.43 83.92
CA ALA RA 485 18.74 39.74 84.53
C ALA RA 485 17.38 40.32 84.19
N LEU RA 486 16.97 40.21 82.92
CA LEU RA 486 15.66 40.74 82.53
C LEU RA 486 14.52 39.97 83.20
N ALA RA 487 14.66 38.64 83.31
CA ALA RA 487 13.66 37.85 84.01
C ALA RA 487 13.60 38.22 85.49
N CYS RA 488 14.75 38.50 86.10
CA CYS RA 488 14.77 38.96 87.48
C CYS RA 488 14.07 40.29 87.64
N LEU RA 489 14.25 41.20 86.67
CA LEU RA 489 13.50 42.46 86.69
C LEU RA 489 12.01 42.22 86.60
N LYS RA 490 11.59 41.32 85.71
CA LYS RA 490 10.15 41.07 85.53
C LYS RA 490 9.55 40.39 86.75
N VAL RA 491 10.29 39.49 87.40
CA VAL RA 491 9.80 38.76 88.55
C VAL RA 491 10.76 38.98 89.71
N PRO RA 492 10.58 40.06 90.50
CA PRO RA 492 11.56 40.41 91.52
C PRO RA 492 11.63 39.43 92.68
N GLU RA 493 10.71 38.48 92.80
CA GLU RA 493 10.75 37.53 93.91
C GLU RA 493 12.01 36.67 93.84
N ALA RA 494 12.41 36.26 92.63
CA ALA RA 494 13.66 35.52 92.47
C ALA RA 494 14.87 36.37 92.79
N ASN RA 495 14.71 37.69 92.88
CA ASN RA 495 15.77 38.61 93.23
C ASN RA 495 15.67 39.10 94.67
N SER RA 496 15.28 38.22 95.60
CA SER RA 496 15.10 38.57 96.99
C SER RA 496 16.08 37.78 97.86
N SER RA 497 16.02 38.06 99.15
CA SER RA 497 16.84 37.39 100.15
C SER RA 497 16.07 37.29 101.45
N TRP RA 498 16.16 36.12 102.09
CA TRP RA 498 15.46 35.88 103.34
C TRP RA 498 16.38 36.23 104.51
N LEU RA 499 15.96 37.20 105.33
CA LEU RA 499 16.76 37.72 106.43
C LEU RA 499 16.12 37.39 107.77
N ASP RA 500 15.19 36.43 107.77
CA ASP RA 500 14.56 35.86 108.96
C ASP RA 500 13.62 36.83 109.65
N THR RA 501 13.60 38.09 109.20
CA THR RA 501 12.64 39.08 109.68
C THR RA 501 11.94 39.81 108.56
N VAL RA 502 12.66 40.10 107.47
CA VAL RA 502 12.10 40.73 106.28
C VAL RA 502 12.65 40.02 105.05
N ILE RA 503 11.94 40.17 103.94
CA ILE RA 503 12.37 39.64 102.66
C ILE RA 503 12.93 40.81 101.84
N ARG RA 504 14.25 40.90 101.77
CA ARG RA 504 14.91 42.01 101.08
C ARG RA 504 14.78 41.79 99.58
N GLN RA 505 14.00 42.64 98.92
CA GLN RA 505 13.77 42.52 97.48
C GLN RA 505 14.71 43.46 96.74
N ASN RA 506 15.82 42.93 96.23
CA ASN RA 506 16.83 43.77 95.60
C ASN RA 506 16.32 44.33 94.28
N HIS RA 507 16.50 45.64 94.10
CA HIS RA 507 16.07 46.32 92.89
C HIS RA 507 17.12 46.31 91.79
N VAL RA 508 18.34 45.90 92.10
CA VAL RA 508 19.40 45.75 91.11
C VAL RA 508 19.71 44.27 90.95
N VAL RA 509 20.24 43.90 89.79
CA VAL RA 509 20.53 42.51 89.46
C VAL RA 509 22.03 42.38 89.32
N ASP RA 510 22.67 41.74 90.31
CA ASP RA 510 24.10 41.48 90.30
C ASP RA 510 24.28 39.98 90.12
N ILE RA 511 24.65 39.57 88.91
CA ILE RA 511 24.68 38.15 88.55
C ILE RA 511 26.04 37.57 88.88
N SER RA 512 26.10 36.72 89.91
CA SER RA 512 27.29 35.92 90.13
C SER RA 512 27.38 34.85 89.04
N VAL RA 513 28.58 34.63 88.52
CA VAL RA 513 28.80 33.63 87.48
C VAL RA 513 29.79 32.61 88.01
N ALA RA 514 29.36 31.36 88.07
CA ALA RA 514 30.23 30.30 88.59
C ALA RA 514 31.34 30.01 87.59
N VAL RA 515 32.58 30.01 88.07
CA VAL RA 515 33.76 29.78 87.25
C VAL RA 515 34.61 28.74 87.97
N SER RA 516 35.07 27.73 87.23
CA SER RA 516 35.90 26.69 87.79
C SER RA 516 37.37 27.01 87.54
N THR RA 517 38.15 27.04 88.61
CA THR RA 517 39.58 27.32 88.61
C THR RA 517 40.27 26.17 89.32
N PRO RA 518 41.58 26.01 89.14
CA PRO RA 518 42.28 24.91 89.83
C PRO RA 518 42.14 24.96 91.34
N ALA RA 519 41.85 26.12 91.92
CA ALA RA 519 41.66 26.26 93.36
C ALA RA 519 40.22 26.00 93.80
N GLY RA 520 39.29 25.82 92.87
CA GLY RA 520 37.91 25.52 93.21
C GLY RA 520 36.91 26.34 92.41
N LEU RA 521 35.72 26.48 92.97
CA LEU RA 521 34.67 27.25 92.32
C LEU RA 521 34.62 28.66 92.90
N ILE RA 522 34.63 29.66 92.02
CA ILE RA 522 34.59 31.05 92.43
C ILE RA 522 33.51 31.76 91.63
N THR RA 523 32.88 32.77 92.23
CA THR RA 523 31.70 33.43 91.66
C THR RA 523 31.95 34.92 91.51
N PRO RA 524 32.67 35.32 90.45
CA PRO RA 524 32.76 36.76 90.14
C PRO RA 524 31.39 37.31 89.77
N ILE RA 525 31.15 38.56 90.14
CA ILE RA 525 29.84 39.18 90.04
C ILE RA 525 29.86 40.19 88.90
N VAL RA 526 28.93 40.04 87.96
CA VAL RA 526 28.65 41.05 86.95
C VAL RA 526 27.57 41.94 87.53
N PHE RA 527 27.97 43.16 87.90
CA PHE RA 527 27.02 44.09 88.52
C PHE RA 527 26.18 44.78 87.45
N ASN RA 528 24.93 45.08 87.81
CA ASN RA 528 24.00 45.81 86.94
C ASN RA 528 23.86 45.11 85.59
N ALA RA 529 23.69 43.79 85.62
CA ALA RA 529 23.50 43.04 84.39
C ALA RA 529 22.16 43.33 83.76
N HIS RA 530 21.25 43.97 84.50
CA HIS RA 530 19.95 44.30 83.94
C HIS RA 530 20.02 45.52 83.05
N ILE RA 531 21.09 46.32 83.16
CA ILE RA 531 21.27 47.49 82.31
C ILE RA 531 22.50 47.39 81.41
N LYS RA 532 23.44 46.51 81.72
CA LYS RA 532 24.59 46.33 80.86
C LYS RA 532 24.19 45.64 79.56
N GLY RA 533 24.88 46.00 78.47
CA GLY RA 533 24.62 45.36 77.21
C GLY RA 533 25.35 44.04 77.06
N LEU RA 534 25.10 43.36 75.95
CA LEU RA 534 25.73 42.07 75.72
C LEU RA 534 27.24 42.18 75.60
N GLU RA 535 27.72 43.24 74.91
CA GLU RA 535 29.16 43.44 74.83
C GLU RA 535 29.78 43.74 76.18
N THR RA 536 29.14 44.61 76.96
CA THR RA 536 29.66 44.92 78.28
C THR RA 536 29.67 43.67 79.16
N ILE RA 537 28.61 42.88 79.10
CA ILE RA 537 28.54 41.64 79.88
C ILE RA 537 29.64 40.68 79.44
N ALA RA 538 29.85 40.54 78.13
CA ALA RA 538 30.86 39.60 77.64
C ALA RA 538 32.25 40.03 78.06
N ASN RA 539 32.56 41.32 77.92
CA ASN RA 539 33.88 41.82 78.32
C ASN RA 539 34.08 41.66 79.82
N ASP RA 540 33.05 41.97 80.62
CA ASP RA 540 33.14 41.82 82.06
C ASP RA 540 33.38 40.36 82.45
N VAL RA 541 32.65 39.45 81.81
CA VAL RA 541 32.81 38.03 82.11
C VAL RA 541 34.21 37.56 81.75
N VAL RA 542 34.72 37.97 80.60
CA VAL RA 542 36.07 37.56 80.20
C VAL RA 542 37.10 38.09 81.18
N SER RA 543 36.98 39.37 81.57
CA SER RA 543 37.95 39.96 82.48
C SER RA 543 37.90 39.30 83.85
N LEU RA 544 36.70 39.07 84.38
CA LEU RA 544 36.58 38.46 85.70
C LEU RA 544 37.01 37.00 85.67
N ALA RA 545 36.76 36.30 84.57
CA ALA RA 545 37.23 34.92 84.46
C ALA RA 545 38.75 34.87 84.43
N THR RA 546 39.38 35.79 83.71
CA THR RA 546 40.84 35.86 83.71
C THR RA 546 41.37 36.16 85.10
N LYS RA 547 40.74 37.10 85.80
CA LYS RA 547 41.17 37.42 87.17
C LYS RA 547 41.00 36.22 88.09
N ALA RA 548 39.89 35.50 87.95
CA ALA RA 548 39.65 34.32 88.79
C ALA RA 548 40.67 33.24 88.53
N ARG RA 549 40.98 32.99 87.25
CA ARG RA 549 41.98 31.97 86.93
C ARG RA 549 43.36 32.38 87.39
N GLU RA 550 43.67 33.67 87.37
CA GLU RA 550 44.95 34.16 87.85
C GLU RA 550 44.99 34.37 89.36
N GLY RA 551 43.86 34.19 90.05
CA GLY RA 551 43.83 34.34 91.49
C GLY RA 551 43.93 35.76 91.98
N LYS RA 552 43.51 36.73 91.16
CA LYS RA 552 43.63 38.14 91.49
C LYS RA 552 42.30 38.79 91.85
N LEU RA 553 41.26 38.01 92.13
CA LEU RA 553 39.96 38.59 92.43
C LEU RA 553 39.95 39.23 93.80
N GLN RA 554 39.42 40.45 93.88
CA GLN RA 554 39.22 41.12 95.15
C GLN RA 554 37.96 40.61 95.83
N PRO RA 555 37.88 40.68 97.16
CA PRO RA 555 36.70 40.15 97.86
C PRO RA 555 35.38 40.76 97.42
N HIS RA 556 35.36 42.06 97.11
CA HIS RA 556 34.12 42.69 96.67
C HIS RA 556 33.71 42.23 95.29
N GLU RA 557 34.62 41.67 94.51
CA GLU RA 557 34.30 41.22 93.15
C GLU RA 557 33.65 39.84 93.11
N PHE RA 558 33.64 39.11 94.22
CA PHE RA 558 32.98 37.81 94.27
C PHE RA 558 32.09 37.60 95.48
N GLN RA 559 32.07 38.52 96.45
CA GLN RA 559 31.19 38.41 97.60
C GLN RA 559 29.95 39.25 97.37
N GLY RA 560 28.78 38.66 97.58
CA GLY RA 560 27.53 39.36 97.38
C GLY RA 560 26.69 38.78 96.26
N GLY RA 561 26.15 39.64 95.41
CA GLY RA 561 25.33 39.20 94.32
C GLY RA 561 23.88 38.98 94.73
N THR RA 562 23.01 38.91 93.72
CA THR RA 562 21.59 38.71 93.94
C THR RA 562 21.03 37.47 93.23
N PHE RA 563 21.78 36.91 92.28
CA PHE RA 563 21.33 35.77 91.50
C PHE RA 563 22.55 35.13 90.87
N THR RA 564 22.63 33.80 90.96
CA THR RA 564 23.80 33.07 90.52
C THR RA 564 23.48 32.23 89.29
N ILE RA 565 24.42 32.14 88.36
CA ILE RA 565 24.31 31.30 87.18
C ILE RA 565 25.51 30.37 87.14
N SER RA 566 25.24 29.07 87.15
CA SER RA 566 26.26 28.04 87.02
C SER RA 566 26.03 27.29 85.72
N ASN RA 567 26.96 27.43 84.78
CA ASN RA 567 26.83 26.84 83.45
C ASN RA 567 27.85 25.72 83.33
N LEU RA 568 27.37 24.50 83.07
CA LEU RA 568 28.24 23.36 82.84
C LEU RA 568 28.00 22.72 81.47
N GLY RA 569 27.47 23.47 80.52
CA GLY RA 569 27.20 22.90 79.21
C GLY RA 569 28.47 22.60 78.44
N MET RA 570 29.57 23.30 78.77
CA MET RA 570 30.84 23.06 78.10
C MET RA 570 31.40 21.68 78.45
N PHE RA 571 30.93 21.06 79.53
CA PHE RA 571 31.39 19.75 79.95
C PHE RA 571 30.46 18.63 79.53
N GLY RA 572 29.43 18.93 78.75
CA GLY RA 572 28.54 17.89 78.26
C GLY RA 572 27.42 17.49 79.19
N ILE RA 573 27.20 18.22 80.27
CA ILE RA 573 26.12 17.89 81.20
C ILE RA 573 24.78 18.22 80.56
N LYS RA 574 23.88 17.24 80.53
CA LYS RA 574 22.55 17.47 79.98
C LYS RA 574 21.77 18.44 80.87
N ASN RA 575 21.73 18.17 82.18
CA ASN RA 575 21.14 19.08 83.14
C ASN RA 575 21.66 18.72 84.53
N PHE RA 576 21.55 19.67 85.45
CA PHE RA 576 21.99 19.43 86.81
C PHE RA 576 21.30 20.40 87.75
N SER RA 577 21.35 20.09 89.05
CA SER RA 577 20.74 20.90 90.09
C SER RA 577 21.85 21.41 91.00
N ALA RA 578 21.96 22.72 91.13
CA ALA RA 578 23.02 23.32 91.92
C ALA RA 578 22.53 23.66 93.32
N ILE RA 579 23.45 24.17 94.14
CA ILE RA 579 23.15 24.57 95.50
C ILE RA 579 23.06 26.09 95.54
N ILE RA 580 22.01 26.60 96.18
CA ILE RA 580 21.80 28.04 96.26
C ILE RA 580 22.91 28.67 97.09
N ASN RA 581 23.56 29.68 96.52
CA ASN RA 581 24.61 30.42 97.21
C ASN RA 581 23.98 31.44 98.15
N PRO RA 582 24.22 31.36 99.45
CA PRO RA 582 23.56 32.27 100.38
C PRO RA 582 24.11 33.68 100.24
N PRO RA 583 23.32 34.70 100.59
CA PRO RA 583 21.94 34.65 101.09
C PRO RA 583 20.91 34.76 99.96
N GLN RA 584 21.30 34.50 98.73
CA GLN RA 584 20.40 34.65 97.60
C GLN RA 584 19.29 33.60 97.65
N ALA RA 585 18.29 33.78 96.79
CA ALA RA 585 17.10 32.93 96.81
C ALA RA 585 17.02 31.95 95.66
N CYS RA 586 17.83 32.11 94.62
CA CYS RA 586 17.77 31.23 93.46
C CYS RA 586 19.16 31.05 92.86
N ILE RA 587 19.28 30.01 92.04
CA ILE RA 587 20.48 29.77 91.24
C ILE RA 587 20.05 29.02 89.99
N LEU RA 588 20.52 29.50 88.83
CA LEU RA 588 20.17 28.91 87.55
C LEU RA 588 21.29 27.99 87.09
N ALA RA 589 20.97 26.70 86.94
CA ALA RA 589 21.92 25.70 86.48
C ALA RA 589 21.66 25.43 85.00
N VAL RA 590 22.68 25.63 84.18
CA VAL RA 590 22.56 25.54 82.72
C VAL RA 590 23.33 24.32 82.25
N GLY RA 591 22.65 23.47 81.47
CA GLY RA 591 23.27 22.30 80.88
C GLY RA 591 23.71 22.55 79.45
N ALA RA 592 24.01 21.46 78.76
CA ALA RA 592 24.48 21.54 77.39
C ALA RA 592 23.32 21.64 76.41
N SER RA 593 23.58 22.25 75.26
CA SER RA 593 22.59 22.35 74.20
C SER RA 593 22.80 21.25 73.18
N GLU RA 594 21.73 20.53 72.87
CA GLU RA 594 21.78 19.38 71.97
C GLU RA 594 20.64 19.46 70.96
N ASP RA 595 20.86 18.86 69.79
CA ASP RA 595 19.87 18.83 68.73
C ASP RA 595 18.85 17.75 69.03
N ARG RA 596 17.57 18.10 68.95
CA ARG RA 596 16.48 17.17 69.21
C ARG RA 596 15.40 17.30 68.14
N LEU RA 597 14.78 16.17 67.81
CA LEU RA 597 13.67 16.19 66.86
C LEU RA 597 12.37 16.57 67.56
N PHE RA 598 11.58 17.40 66.88
CA PHE RA 598 10.28 17.80 67.38
C PHE RA 598 9.28 17.82 66.24
N PRO RA 599 8.02 17.48 66.52
CA PRO RA 599 7.01 17.43 65.45
C PRO RA 599 6.81 18.80 64.80
N ALA RA 600 6.58 18.78 63.49
CA ALA RA 600 6.32 20.00 62.72
C ALA RA 600 5.35 19.69 61.60
N ASP RA 601 4.64 20.72 61.16
CA ASP RA 601 3.65 20.58 60.08
C ASP RA 601 4.33 20.76 58.73
N ASN RA 602 5.20 19.79 58.42
CA ASN RA 602 5.90 19.78 57.14
C ASN RA 602 5.84 18.39 56.55
N GLU RA 603 6.46 18.23 55.37
CA GLU RA 603 6.43 16.95 54.68
C GLU RA 603 7.15 15.86 55.46
N LYS RA 604 8.32 16.18 56.02
CA LYS RA 604 9.06 15.19 56.80
C LYS RA 604 8.38 14.85 58.12
N GLY RA 605 7.50 15.72 58.61
CA GLY RA 605 6.82 15.48 59.87
C GLY RA 605 7.60 15.85 61.10
N PHE RA 606 8.81 16.40 60.95
CA PHE RA 606 9.61 16.77 62.10
C PHE RA 606 10.62 17.84 61.69
N ASP RA 607 11.23 18.45 62.70
CA ASP RA 607 12.26 19.46 62.53
C ASP RA 607 13.35 19.24 63.57
N VAL RA 608 14.49 19.88 63.36
CA VAL RA 608 15.64 19.79 64.26
C VAL RA 608 15.83 21.13 64.94
N ALA RA 609 15.83 21.13 66.27
CA ALA RA 609 16.00 22.34 67.05
C ALA RA 609 17.06 22.11 68.12
N SER RA 610 17.95 23.08 68.31
CA SER RA 610 18.98 23.01 69.33
C SER RA 610 18.41 23.50 70.64
N MET RA 611 18.11 22.58 71.56
CA MET RA 611 17.48 22.90 72.83
C MET RA 611 18.48 22.78 73.97
N MET RA 612 18.31 23.64 74.97
CA MET RA 612 19.19 23.70 76.13
C MET RA 612 18.33 23.66 77.39
N SER RA 613 18.68 22.75 78.30
CA SER RA 613 17.88 22.50 79.50
C SER RA 613 18.43 23.28 80.67
N VAL RA 614 17.55 24.01 81.37
CA VAL RA 614 17.96 24.79 82.53
C VAL RA 614 17.12 24.39 83.73
N THR RA 615 17.79 24.30 84.88
CA THR RA 615 17.16 23.93 86.14
C THR RA 615 17.41 25.04 87.15
N LEU RA 616 16.33 25.73 87.52
CA LEU RA 616 16.39 26.79 88.53
C LEU RA 616 16.10 26.17 89.90
N SER RA 617 17.03 26.34 90.82
CA SER RA 617 16.85 25.90 92.20
C SER RA 617 16.41 27.10 93.05
N CYS RA 618 15.27 26.95 93.71
CA CYS RA 618 14.63 28.07 94.39
C CYS RA 618 14.50 27.77 95.88
N ASP RA 619 14.64 28.83 96.67
CA ASP RA 619 14.34 28.80 98.10
C ASP RA 619 12.83 28.90 98.28
N HIS RA 620 12.21 27.82 98.77
CA HIS RA 620 10.75 27.77 98.84
C HIS RA 620 10.18 28.74 99.87
N ARG RA 621 11.02 29.30 100.76
CA ARG RA 621 10.53 30.32 101.66
C ARG RA 621 10.21 31.61 100.92
N VAL RA 622 10.99 31.94 99.88
CA VAL RA 622 10.84 33.18 99.14
C VAL RA 622 10.09 32.97 97.83
N VAL RA 623 10.48 31.97 97.05
CA VAL RA 623 9.93 31.73 95.72
C VAL RA 623 9.09 30.46 95.79
N ASP RA 624 7.78 30.61 95.59
CA ASP RA 624 6.93 29.42 95.51
C ASP RA 624 6.91 28.89 94.08
N GLY RA 625 6.17 27.80 93.90
CA GLY RA 625 6.19 27.11 92.61
C GLY RA 625 5.71 27.97 91.46
N ALA RA 626 4.62 28.71 91.67
CA ALA RA 626 4.08 29.55 90.62
C ALA RA 626 5.06 30.66 90.24
N VAL RA 627 5.70 31.28 91.24
CA VAL RA 627 6.66 32.35 90.95
C VAL RA 627 7.87 31.80 90.21
N GLY RA 628 8.39 30.65 90.63
CA GLY RA 628 9.51 30.05 89.93
C GLY RA 628 9.17 29.69 88.50
N ALA RA 629 7.97 29.14 88.29
CA ALA RA 629 7.53 28.80 86.94
C ALA RA 629 7.38 30.04 86.08
N GLN RA 630 6.85 31.14 86.65
CA GLN RA 630 6.73 32.38 85.90
C GLN RA 630 8.10 32.92 85.52
N TRP RA 631 9.05 32.87 86.45
CA TRP RA 631 10.42 33.30 86.14
C TRP RA 631 11.00 32.48 85.00
N LEU RA 632 10.84 31.16 85.06
CA LEU RA 632 11.38 30.31 84.00
C LEU RA 632 10.70 30.58 82.67
N ALA RA 633 9.39 30.86 82.69
CA ALA RA 633 8.69 31.18 81.45
C ALA RA 633 9.20 32.47 80.82
N GLU RA 634 9.41 33.50 81.65
CA GLU RA 634 9.95 34.76 81.13
C GLU RA 634 11.35 34.56 80.57
N PHE RA 635 12.19 33.81 81.30
CA PHE RA 635 13.55 33.52 80.85
C PHE RA 635 13.53 32.77 79.53
N ARG RA 636 12.63 31.80 79.40
CA ARG RA 636 12.51 31.03 78.17
C ARG RA 636 12.08 31.91 77.02
N LYS RA 637 11.12 32.81 77.25
CA LYS RA 637 10.71 33.71 76.17
C LYS RA 637 11.86 34.60 75.71
N TYR RA 638 12.57 35.19 76.67
CA TYR RA 638 13.70 36.06 76.33
C TYR RA 638 14.75 35.31 75.53
N LEU RA 639 15.09 34.09 75.93
CA LEU RA 639 16.10 33.36 75.17
C LEU RA 639 15.58 32.88 73.82
N GLU RA 640 14.37 32.32 73.77
CA GLU RA 640 13.83 31.82 72.51
C GLU RA 640 13.67 32.91 71.47
N LYS RA 641 13.53 34.18 71.88
CA LYS RA 641 13.57 35.28 70.92
C LYS RA 641 14.34 36.46 71.49
N PRO RA 642 15.53 36.73 70.95
CA PRO RA 642 16.37 37.81 71.50
C PRO RA 642 15.88 39.21 71.17
N ILE RA 643 14.92 39.37 70.28
CA ILE RA 643 14.48 40.71 69.92
C ILE RA 643 13.69 41.35 71.05
N THR RA 644 12.92 40.56 71.80
CA THR RA 644 12.20 41.09 72.96
C THR RA 644 13.14 41.46 74.09
N MET RA 645 14.41 41.07 74.01
CA MET RA 645 15.43 41.47 74.96
C MET RA 645 15.67 42.98 74.93
N LEU RA 646 15.23 43.65 73.87
CA LEU RA 646 15.32 45.10 73.75
C LEU RA 646 14.24 45.82 74.55
N LEU RA 647 13.12 45.17 74.84
CA LEU RA 647 12.03 45.79 75.59
C LEU RA 647 12.42 46.05 77.04
N PHE SA 420 64.87 81.63 35.86
CA PHE SA 420 65.84 80.71 35.26
C PHE SA 420 66.97 80.38 36.22
N THR SA 421 67.78 79.41 35.85
CA THR SA 421 68.95 79.00 36.63
C THR SA 421 70.13 78.84 35.70
N ASP SA 422 71.26 79.45 36.05
CA ASP SA 422 72.48 79.39 35.25
C ASP SA 422 73.36 78.26 35.78
N ILE SA 423 73.46 77.18 35.02
CA ILE SA 423 74.28 76.02 35.39
C ILE SA 423 75.66 76.22 34.78
N PRO SA 424 76.73 76.30 35.57
CA PRO SA 424 78.07 76.47 35.00
C PRO SA 424 78.45 75.30 34.09
N ILE SA 425 79.18 75.61 33.03
CA ILE SA 425 79.62 74.60 32.07
C ILE SA 425 80.94 74.00 32.55
N SER SA 426 80.96 72.69 32.71
CA SER SA 426 82.19 72.01 33.10
C SER SA 426 83.17 72.00 31.94
N ASN SA 427 84.45 71.73 32.27
CA ASN SA 427 85.48 71.68 31.23
C ASN SA 427 85.25 70.49 30.30
N ILE SA 428 84.77 69.38 30.84
CA ILE SA 428 84.45 68.22 30.00
C ILE SA 428 83.36 68.56 29.00
N ARG SA 429 82.31 69.23 29.48
CA ARG SA 429 81.23 69.65 28.58
C ARG SA 429 81.73 70.67 27.57
N ARG SA 430 82.64 71.56 27.97
CA ARG SA 430 83.21 72.51 27.03
C ARG SA 430 83.99 71.80 25.94
N VAL SA 431 84.76 70.77 26.31
CA VAL SA 431 85.52 70.01 25.33
C VAL SA 431 84.58 69.29 24.37
N ILE SA 432 83.51 68.68 24.90
CA ILE SA 432 82.57 67.98 24.05
C ILE SA 432 81.89 68.95 23.08
N ALA SA 433 81.49 70.11 23.59
CA ALA SA 433 80.85 71.12 22.76
C ALA SA 433 81.80 71.62 21.67
N GLN SA 434 83.07 71.83 22.03
CA GLN SA 434 84.04 72.28 21.04
C GLN SA 434 84.26 71.22 19.96
N ARG SA 435 84.32 69.95 20.35
CA ARG SA 435 84.46 68.87 19.36
C ARG SA 435 83.25 68.84 18.43
N LEU SA 436 82.04 68.98 18.98
CA LEU SA 436 80.85 68.96 18.14
C LEU SA 436 80.82 70.15 17.20
N MET SA 437 81.20 71.33 17.70
CA MET SA 437 81.31 72.50 16.84
C MET SA 437 82.30 72.26 15.71
N GLN SA 438 83.48 71.73 16.04
CA GLN SA 438 84.48 71.48 15.02
C GLN SA 438 83.95 70.51 13.97
N SER SA 439 83.27 69.46 14.40
CA SER SA 439 82.69 68.51 13.45
C SER SA 439 81.69 69.19 12.53
N LYS SA 440 80.78 69.98 13.09
CA LYS SA 440 79.71 70.55 12.26
C LYS SA 440 80.20 71.66 11.36
N GLN SA 441 81.31 72.34 11.71
CA GLN SA 441 81.82 73.36 10.81
C GLN SA 441 82.84 72.84 9.80
N THR SA 442 83.53 71.73 10.12
CA THR SA 442 84.59 71.26 9.23
C THR SA 442 84.24 69.99 8.47
N ILE SA 443 83.09 69.38 8.73
CA ILE SA 443 82.68 68.14 8.06
C ILE SA 443 81.35 68.39 7.37
N PRO SA 444 81.28 68.35 6.04
CA PRO SA 444 79.99 68.50 5.35
C PRO SA 444 79.12 67.26 5.44
N HIS SA 445 78.36 67.14 6.52
CA HIS SA 445 77.54 65.96 6.75
C HIS SA 445 76.48 65.81 5.68
N TYR SA 446 76.20 64.57 5.29
CA TYR SA 446 74.97 64.25 4.57
C TYR SA 446 74.50 62.87 4.99
N TYR SA 447 73.19 62.69 5.06
CA TYR SA 447 72.59 61.57 5.77
C TYR SA 447 71.81 60.68 4.80
N LEU SA 448 72.02 59.36 4.92
CA LEU SA 448 71.29 58.38 4.12
C LEU SA 448 70.63 57.36 5.05
N SER SA 449 69.34 57.11 4.85
CA SER SA 449 68.57 56.25 5.73
C SER SA 449 68.00 55.06 4.97
N VAL SA 450 68.02 53.89 5.61
CA VAL SA 450 67.40 52.68 5.07
C VAL SA 450 66.70 51.94 6.19
N ASP SA 451 65.94 50.91 5.79
CA ASP SA 451 65.26 50.02 6.71
C ASP SA 451 65.79 48.60 6.56
N VAL SA 452 66.04 47.95 7.69
CA VAL SA 452 66.62 46.61 7.73
C VAL SA 452 65.65 45.67 8.41
N ASN SA 453 65.37 44.54 7.77
CA ASN SA 453 64.49 43.52 8.33
C ASN SA 453 65.25 42.75 9.40
N MET SA 454 64.68 42.69 10.61
CA MET SA 454 65.43 42.21 11.76
C MET SA 454 64.98 40.83 12.24
N GLY SA 455 64.06 40.18 11.53
CA GLY SA 455 63.52 38.92 12.00
C GLY SA 455 64.54 37.81 12.05
N GLU SA 456 65.36 37.69 11.00
CA GLU SA 456 66.39 36.66 10.98
C GLU SA 456 67.41 36.91 12.09
N VAL SA 457 67.78 38.17 12.33
CA VAL SA 457 68.70 38.48 13.41
C VAL SA 457 68.08 38.10 14.75
N LEU SA 458 66.80 38.38 14.95
CA LEU SA 458 66.14 38.01 16.20
C LEU SA 458 66.13 36.51 16.41
N LEU SA 459 65.83 35.75 15.35
CA LEU SA 459 65.81 34.30 15.46
C LEU SA 459 67.20 33.75 15.79
N VAL SA 460 68.22 34.23 15.06
CA VAL SA 460 69.59 33.78 15.30
C VAL SA 460 70.04 34.15 16.70
N ARG SA 461 69.69 35.35 17.16
CA ARG SA 461 70.07 35.79 18.50
C ARG SA 461 69.40 34.93 19.55
N LYS SA 462 68.13 34.58 19.37
CA LYS SA 462 67.46 33.71 20.31
C LYS SA 462 68.13 32.35 20.38
N GLU SA 463 68.46 31.77 19.22
CA GLU SA 463 69.12 30.46 19.21
C GLU SA 463 70.49 30.54 19.88
N LEU SA 464 71.26 31.58 19.58
CA LEU SA 464 72.58 31.73 20.18
C LEU SA 464 72.49 31.93 21.67
N ASN SA 465 71.55 32.74 22.14
CA ASN SA 465 71.37 32.93 23.58
C ASN SA 465 70.96 31.63 24.25
N LYS SA 466 70.11 30.83 23.61
CA LYS SA 466 69.73 29.53 24.17
C LYS SA 466 70.93 28.60 24.29
N MET SA 467 71.77 28.52 23.26
CA MET SA 467 72.95 27.67 23.34
C MET SA 467 74.02 28.22 24.28
N LEU SA 468 73.99 29.53 24.56
CA LEU SA 468 74.95 30.06 25.51
C LEU SA 468 74.73 29.57 26.94
N GLU SA 469 73.49 29.22 27.30
CA GLU SA 469 73.18 28.66 28.62
C GLU SA 469 73.60 29.60 29.76
N GLY SA 470 73.43 30.90 29.53
CA GLY SA 470 73.71 31.89 30.56
C GLY SA 470 75.15 32.31 30.69
N ARG SA 471 76.07 31.71 29.93
CA ARG SA 471 77.47 32.13 29.99
C ARG SA 471 77.64 33.55 29.49
N SER SA 472 76.90 33.93 28.44
CA SER SA 472 76.88 35.29 27.93
C SER SA 472 75.52 35.55 27.32
N LYS SA 473 75.28 36.82 26.97
CA LYS SA 473 74.04 37.24 26.32
C LYS SA 473 74.39 38.17 25.19
N ILE SA 474 73.93 37.84 23.98
CA ILE SA 474 74.18 38.70 22.82
C ILE SA 474 72.98 39.60 22.60
N SER SA 475 73.24 40.89 22.46
CA SER SA 475 72.21 41.87 22.17
C SER SA 475 72.20 42.20 20.67
N VAL SA 476 71.17 42.92 20.25
CA VAL SA 476 71.05 43.30 18.84
C VAL SA 476 72.18 44.24 18.46
N ASN SA 477 72.68 45.04 19.41
CA ASN SA 477 73.78 45.94 19.11
C ASN SA 477 75.05 45.18 18.75
N ASP SA 478 75.23 43.97 19.28
CA ASP SA 478 76.39 43.17 18.89
C ASP SA 478 76.31 42.76 17.42
N PHE SA 479 75.13 42.32 16.96
CA PHE SA 479 74.94 42.04 15.54
C PHE SA 479 75.17 43.29 14.72
N ILE SA 480 74.69 44.44 15.19
CA ILE SA 480 74.86 45.68 14.45
C ILE SA 480 76.34 46.04 14.34
N ILE SA 481 77.10 45.86 15.42
CA ILE SA 481 78.53 46.17 15.40
C ILE SA 481 79.26 45.24 14.44
N LYS SA 482 78.93 43.94 14.48
CA LYS SA 482 79.59 43.00 13.59
C LYS SA 482 79.28 43.31 12.13
N ALA SA 483 78.01 43.62 11.82
CA ALA SA 483 77.63 43.96 10.46
C ALA SA 483 78.31 45.25 10.00
N SER SA 484 78.41 46.23 10.89
CA SER SA 484 79.09 47.47 10.55
C SER SA 484 80.56 47.24 10.25
N ALA SA 485 81.22 46.39 11.05
CA ALA SA 485 82.63 46.10 10.81
C ALA SA 485 82.83 45.39 9.48
N LEU SA 486 81.98 44.40 9.19
CA LEU SA 486 82.13 43.69 7.92
C LEU SA 486 81.82 44.59 6.73
N ALA SA 487 80.82 45.47 6.86
CA ALA SA 487 80.52 46.41 5.78
C ALA SA 487 81.66 47.41 5.59
N CYS SA 488 82.30 47.81 6.69
CA CYS SA 488 83.47 48.67 6.58
C CYS SA 488 84.62 47.97 5.88
N LEU SA 489 84.80 46.68 6.13
CA LEU SA 489 85.79 45.91 5.39
C LEU SA 489 85.46 45.88 3.90
N LYS SA 490 84.19 45.65 3.57
CA LYS SA 490 83.81 45.56 2.16
C LYS SA 490 83.93 46.90 1.45
N VAL SA 491 83.63 47.99 2.15
CA VAL SA 491 83.68 49.33 1.57
C VAL SA 491 84.61 50.18 2.43
N PRO SA 492 85.93 50.16 2.16
CA PRO SA 492 86.87 50.85 3.07
C PRO SA 492 86.78 52.36 3.04
N GLU SA 493 86.02 52.95 2.10
CA GLU SA 493 85.90 54.41 2.06
C GLU SA 493 85.23 54.93 3.32
N ALA SA 494 84.22 54.22 3.83
CA ALA SA 494 83.61 54.59 5.10
C ALA SA 494 84.55 54.43 6.27
N ASN SA 495 85.66 53.71 6.09
CA ASN SA 495 86.68 53.54 7.11
C ASN SA 495 87.91 54.41 6.86
N SER SA 496 87.70 55.63 6.38
CA SER SA 496 88.78 56.55 6.07
C SER SA 496 88.67 57.79 6.94
N SER SA 497 89.65 58.68 6.78
CA SER SA 497 89.70 59.94 7.50
C SER SA 497 90.34 61.00 6.61
N TRP SA 498 89.84 62.22 6.71
CA TRP SA 498 90.35 63.34 5.92
C TRP SA 498 91.37 64.12 6.74
N LEU SA 499 92.58 64.24 6.20
CA LEU SA 499 93.68 64.88 6.91
C LEU SA 499 94.21 66.09 6.13
N ASP SA 500 93.39 66.59 5.20
CA ASP SA 500 93.63 67.84 4.47
C ASP SA 500 94.76 67.73 3.47
N THR SA 501 95.49 66.62 3.48
CA THR SA 501 96.51 66.34 2.48
C THR SA 501 96.37 64.96 1.87
N VAL SA 502 96.00 63.96 2.68
CA VAL SA 502 95.77 62.60 2.22
C VAL SA 502 94.52 62.07 2.88
N ILE SA 503 93.95 61.02 2.29
CA ILE SA 503 92.81 60.32 2.85
C ILE SA 503 93.31 59.03 3.48
N ARG SA 504 93.39 59.01 4.81
CA ARG SA 504 93.92 57.86 5.53
C ARG SA 504 92.87 56.76 5.55
N GLN SA 505 93.14 55.67 4.83
CA GLN SA 505 92.20 54.56 4.72
C GLN SA 505 92.59 53.47 5.72
N ASN SA 506 91.92 53.44 6.87
CA ASN SA 506 92.29 52.49 7.91
C ASN SA 506 91.96 51.07 7.49
N HIS SA 507 92.92 50.17 7.69
CA HIS SA 507 92.74 48.76 7.38
C HIS SA 507 92.16 47.96 8.53
N VAL SA 508 92.08 48.53 9.72
CA VAL SA 508 91.44 47.90 10.86
C VAL SA 508 90.18 48.67 11.20
N VAL SA 509 89.22 47.98 11.81
CA VAL SA 509 87.91 48.57 12.13
C VAL SA 509 87.82 48.61 13.65
N ASP SA 510 87.95 49.80 14.22
CA ASP SA 510 87.77 50.03 15.65
C ASP SA 510 86.46 50.80 15.82
N ILE SA 511 85.43 50.11 16.31
CA ILE SA 511 84.08 50.67 16.37
C ILE SA 511 83.90 51.39 17.71
N SER SA 512 83.81 52.71 17.67
CA SER SA 512 83.36 53.45 18.83
C SER SA 512 81.86 53.22 19.02
N VAL SA 513 81.44 53.02 20.27
CA VAL SA 513 80.05 52.77 20.59
C VAL SA 513 79.58 53.86 21.54
N ALA SA 514 78.53 54.58 21.15
CA ALA SA 514 78.02 55.66 22.00
C ALA SA 514 77.33 55.07 23.21
N VAL SA 515 77.71 55.55 24.39
CA VAL SA 515 77.14 55.13 25.66
C VAL SA 515 76.75 56.39 26.42
N SER SA 516 75.52 56.41 26.93
CA SER SA 516 75.03 57.53 27.73
C SER SA 516 75.24 57.24 29.20
N THR SA 517 75.88 58.18 29.89
CA THR SA 517 76.19 58.11 31.31
C THR SA 517 75.71 59.41 31.95
N PRO SA 518 75.55 59.44 33.27
CA PRO SA 518 75.11 60.69 33.91
C PRO SA 518 76.02 61.87 33.65
N ALA SA 519 77.29 61.63 33.31
CA ALA SA 519 78.22 62.70 33.00
C ALA SA 519 78.19 63.12 31.53
N GLY SA 520 77.45 62.42 30.68
CA GLY SA 520 77.33 62.76 29.28
C GLY SA 520 77.48 61.57 28.36
N LEU SA 521 77.82 61.86 27.12
CA LEU SA 521 78.00 60.81 26.12
C LEU SA 521 79.49 60.46 25.99
N ILE SA 522 79.80 59.18 26.02
CA ILE SA 522 81.17 58.71 25.87
C ILE SA 522 81.18 57.62 24.81
N THR SA 523 82.37 57.35 24.26
CA THR SA 523 82.52 56.44 23.13
C THR SA 523 83.63 55.42 23.39
N PRO SA 524 83.36 54.39 24.19
CA PRO SA 524 84.31 53.29 24.29
C PRO SA 524 84.47 52.58 22.96
N ILE SA 525 85.70 52.13 22.69
CA ILE SA 525 86.07 51.58 21.39
C ILE SA 525 86.23 50.08 21.50
N VAL SA 526 85.50 49.36 20.65
CA VAL SA 526 85.71 47.92 20.47
C VAL SA 526 86.73 47.81 19.33
N PHE SA 527 87.95 47.39 19.68
CA PHE SA 527 89.01 47.29 18.70
C PHE SA 527 88.91 45.99 17.92
N ASN SA 528 89.26 46.04 16.63
CA ASN SA 528 89.28 44.87 15.77
C ASN SA 528 87.92 44.15 15.76
N ALA SA 529 86.85 44.94 15.64
CA ALA SA 529 85.52 44.35 15.57
C ALA SA 529 85.32 43.57 14.28
N HIS SA 530 86.19 43.77 13.30
CA HIS SA 530 86.07 43.03 12.04
C HIS SA 530 86.53 41.59 12.20
N ILE SA 531 87.32 41.29 13.23
CA ILE SA 531 87.78 39.93 13.47
C ILE SA 531 87.26 39.35 14.78
N LYS SA 532 86.76 40.19 15.70
CA LYS SA 532 86.17 39.68 16.92
C LYS SA 532 84.85 38.98 16.64
N GLY SA 533 84.53 37.97 17.44
CA GLY SA 533 83.27 37.28 17.31
C GLY SA 533 82.15 37.98 18.06
N LEU SA 534 80.93 37.43 17.91
CA LEU SA 534 79.78 38.03 18.57
C LEU SA 534 79.90 37.95 20.08
N GLU SA 535 80.35 36.81 20.61
CA GLU SA 535 80.55 36.70 22.06
C GLU SA 535 81.61 37.69 22.55
N THR SA 536 82.72 37.78 21.83
CA THR SA 536 83.77 38.72 22.23
C THR SA 536 83.27 40.15 22.15
N ILE SA 537 82.52 40.49 21.10
CA ILE SA 537 81.98 41.84 20.96
C ILE SA 537 81.03 42.15 22.11
N ALA SA 538 80.15 41.21 22.44
CA ALA SA 538 79.18 41.43 23.51
C ALA SA 538 79.88 41.62 24.85
N ASN SA 539 80.86 40.76 25.15
CA ASN SA 539 81.58 40.87 26.41
C ASN SA 539 82.36 42.18 26.49
N ASP SA 540 83.02 42.56 25.39
CA ASP SA 540 83.77 43.82 25.37
C ASP SA 540 82.84 45.01 25.56
N VAL SA 541 81.68 44.99 24.91
CA VAL SA 541 80.73 46.09 25.03
C VAL SA 541 80.21 46.18 26.46
N VAL SA 542 79.89 45.03 27.08
CA VAL SA 542 79.40 45.06 28.45
C VAL SA 542 80.46 45.61 29.39
N SER SA 543 81.70 45.13 29.25
CA SER SA 543 82.78 45.59 30.13
C SER SA 543 83.04 47.08 29.96
N LEU SA 544 83.10 47.55 28.71
CA LEU SA 544 83.37 48.95 28.45
C LEU SA 544 82.21 49.83 28.90
N ALA SA 545 80.98 49.37 28.75
CA ALA SA 545 79.84 50.14 29.22
C ALA SA 545 79.84 50.25 30.73
N THR SA 546 80.17 49.17 31.44
CA THR SA 546 80.29 49.24 32.89
C THR SA 546 81.39 50.21 33.29
N LYS SA 547 82.53 50.15 32.61
CA LYS SA 547 83.63 51.07 32.92
C LYS SA 547 83.22 52.51 32.66
N ALA SA 548 82.47 52.76 31.58
CA ALA SA 548 82.02 54.11 31.27
C ALA SA 548 81.04 54.62 32.32
N ARG SA 549 80.08 53.78 32.71
CA ARG SA 549 79.10 54.19 33.70
C ARG SA 549 79.74 54.46 35.06
N GLU SA 550 80.73 53.66 35.44
CA GLU SA 550 81.41 53.86 36.72
C GLU SA 550 82.58 54.84 36.62
N GLY SA 551 82.90 55.34 35.44
CA GLY SA 551 83.86 56.42 35.31
C GLY SA 551 85.32 56.03 35.39
N LYS SA 552 85.68 54.82 34.98
CA LYS SA 552 87.07 54.40 34.97
C LYS SA 552 87.65 54.20 33.58
N LEU SA 553 87.06 54.80 32.54
CA LEU SA 553 87.59 54.64 31.20
C LEU SA 553 88.92 55.37 31.06
N GLN SA 554 89.92 54.66 30.54
CA GLN SA 554 91.20 55.28 30.22
C GLN SA 554 91.10 56.05 28.90
N PRO SA 555 91.91 57.08 28.72
CA PRO SA 555 91.82 57.88 27.47
C PRO SA 555 92.00 57.07 26.20
N HIS SA 556 92.87 56.05 26.22
CA HIS SA 556 93.07 55.24 25.02
C HIS SA 556 91.87 54.35 24.73
N GLU SA 557 91.00 54.12 25.71
CA GLU SA 557 89.84 53.26 25.52
C GLU SA 557 88.65 53.99 24.91
N PHE SA 558 88.70 55.32 24.79
CA PHE SA 558 87.65 56.06 24.13
C PHE SA 558 88.13 57.13 23.16
N GLN SA 559 89.43 57.31 23.00
CA GLN SA 559 89.97 58.24 22.01
C GLN SA 559 90.44 57.46 20.79
N GLY SA 560 90.01 57.91 19.61
CA GLY SA 560 90.39 57.25 18.37
C GLY SA 560 89.21 56.63 17.66
N GLY SA 561 89.39 55.42 17.14
CA GLY SA 561 88.35 54.74 16.40
C GLY SA 561 88.31 55.16 14.95
N THR SA 562 87.65 54.32 14.14
CA THR SA 562 87.51 54.57 12.71
C THR SA 562 86.05 54.68 12.26
N PHE SA 563 85.11 54.17 13.05
CA PHE SA 563 83.70 54.21 12.71
C PHE SA 563 82.92 54.18 14.02
N THR SA 564 81.85 54.97 14.07
CA THR SA 564 81.07 55.14 15.29
C THR SA 564 79.66 54.61 15.09
N ILE SA 565 79.10 54.02 16.15
CA ILE SA 565 77.72 53.55 16.16
C ILE SA 565 77.02 54.16 17.37
N SER SA 566 75.93 54.87 17.11
CA SER SA 566 75.11 55.47 18.16
C SER SA 566 73.71 54.87 18.06
N ASN SA 567 73.31 54.11 19.07
CA ASN SA 567 72.05 53.40 19.08
C ASN SA 567 71.12 54.05 20.10
N LEU SA 568 69.95 54.51 19.65
CA LEU SA 568 68.93 55.06 20.53
C LEU SA 568 67.61 54.30 20.41
N GLY SA 569 67.65 53.05 19.96
CA GLY SA 569 66.42 52.30 19.81
C GLY SA 569 65.78 51.94 21.14
N MET SA 570 66.60 51.82 22.19
CA MET SA 570 66.07 51.50 23.51
C MET SA 570 65.23 52.64 24.08
N PHE SA 571 65.34 53.84 23.52
CA PHE SA 571 64.57 54.99 23.96
C PHE SA 571 63.34 55.25 23.10
N GLY SA 572 63.07 54.40 22.12
CA GLY SA 572 61.88 54.55 21.31
C GLY SA 572 62.02 55.47 20.11
N ILE SA 573 63.24 55.89 19.77
CA ILE SA 573 63.43 56.76 18.63
C ILE SA 573 63.27 55.96 17.35
N LYS SA 574 62.41 56.44 16.44
CA LYS SA 574 62.24 55.76 15.16
C LYS SA 574 63.50 55.84 14.32
N ASN SA 575 64.04 57.04 14.16
CA ASN SA 575 65.34 57.23 13.52
C ASN SA 575 65.87 58.60 13.91
N PHE SA 576 67.17 58.81 13.69
CA PHE SA 576 67.78 60.09 14.01
C PHE SA 576 69.07 60.24 13.21
N SER SA 577 69.54 61.47 13.13
CA SER SA 577 70.77 61.82 12.41
C SER SA 577 71.80 62.30 13.43
N ALA SA 578 72.95 61.65 13.46
CA ALA SA 578 73.96 61.95 14.46
C ALA SA 578 75.03 62.88 13.88
N ILE SA 579 75.96 63.28 14.74
CA ILE SA 579 77.08 64.12 14.36
C ILE SA 579 78.33 63.26 14.27
N ILE SA 580 79.06 63.40 13.15
CA ILE SA 580 80.26 62.61 12.95
C ILE SA 580 81.32 62.98 13.99
N ASN SA 581 81.87 61.95 14.63
CA ASN SA 581 82.93 62.15 15.62
C ASN SA 581 84.26 62.28 14.88
N PRO SA 582 84.93 63.43 14.99
CA PRO SA 582 86.17 63.62 14.23
C PRO SA 582 87.29 62.76 14.77
N PRO SA 583 88.27 62.39 13.93
CA PRO SA 583 88.38 62.70 12.50
C PRO SA 583 87.78 61.62 11.61
N GLN SA 584 86.83 60.84 12.11
CA GLN SA 584 86.24 59.78 11.33
C GLN SA 584 85.39 60.34 10.20
N ALA SA 585 84.99 59.45 9.29
CA ALA SA 585 84.25 59.85 8.09
C ALA SA 585 82.78 59.51 8.13
N CYS SA 586 82.34 58.66 9.07
CA CYS SA 586 80.95 58.23 9.11
C CYS SA 586 80.54 57.95 10.55
N ILE SA 587 79.22 57.89 10.76
CA ILE SA 587 78.63 57.47 12.02
C ILE SA 587 77.27 56.87 11.72
N LEU SA 588 77.00 55.69 12.26
CA LEU SA 588 75.76 54.97 12.03
C LEU SA 588 74.81 55.23 13.18
N ALA SA 589 73.67 55.84 12.89
CA ALA SA 589 72.64 56.12 13.88
C ALA SA 589 71.55 55.07 13.76
N VAL SA 590 71.28 54.37 14.85
CA VAL SA 590 70.36 53.25 14.87
C VAL SA 590 69.14 53.63 15.71
N GLY SA 591 67.95 53.40 15.14
CA GLY SA 591 66.71 53.67 15.83
C GLY SA 591 66.05 52.40 16.34
N ALA SA 592 64.79 52.55 16.73
CA ALA SA 592 64.04 51.43 17.31
C ALA SA 592 63.57 50.47 16.23
N SER SA 593 63.39 49.21 16.63
CA SER SA 593 62.82 48.22 15.74
C SER SA 593 61.33 48.06 16.03
N GLU SA 594 60.52 48.16 14.99
CA GLU SA 594 59.07 48.14 15.13
C GLU SA 594 58.46 47.21 14.10
N ASP SA 595 57.27 46.70 14.41
CA ASP SA 595 56.56 45.79 13.51
C ASP SA 595 55.80 46.59 12.47
N ARG SA 596 55.98 46.24 11.19
CA ARG SA 596 55.32 46.92 10.09
C ARG SA 596 54.74 45.90 9.13
N LEU SA 597 53.58 46.24 8.56
CA LEU SA 597 52.93 45.37 7.60
C LEU SA 597 53.55 45.56 6.21
N PHE SA 598 53.71 44.46 5.49
CA PHE SA 598 54.29 44.51 4.16
C PHE SA 598 53.55 43.57 3.22
N PRO SA 599 53.41 43.94 1.95
CA PRO SA 599 52.73 43.06 0.99
C PRO SA 599 53.45 41.72 0.85
N ALA SA 600 52.66 40.66 0.69
CA ALA SA 600 53.19 39.32 0.51
C ALA SA 600 52.24 38.53 -0.37
N ASP SA 601 52.79 37.51 -1.03
CA ASP SA 601 52.01 36.64 -1.92
C ASP SA 601 51.41 35.49 -1.12
N ASN SA 602 50.52 35.85 -0.19
CA ASN SA 602 49.82 34.88 0.63
C ASN SA 602 48.34 35.21 0.64
N GLU SA 603 47.56 34.36 1.33
CA GLU SA 603 46.12 34.53 1.36
C GLU SA 603 45.71 35.85 2.01
N LYS SA 604 46.36 36.20 3.12
CA LYS SA 604 46.05 37.45 3.80
C LYS SA 604 46.47 38.67 3.02
N GLY SA 605 47.41 38.53 2.09
CA GLY SA 605 47.90 39.65 1.32
C GLY SA 605 48.98 40.47 1.98
N PHE SA 606 49.39 40.12 3.20
CA PHE SA 606 50.40 40.88 3.91
C PHE SA 606 51.09 40.00 4.93
N ASP SA 607 52.24 40.48 5.41
CA ASP SA 607 53.01 39.83 6.45
C ASP SA 607 53.48 40.87 7.46
N VAL SA 608 53.96 40.40 8.60
CA VAL SA 608 54.47 41.26 9.67
C VAL SA 608 55.95 41.02 9.81
N ALA SA 609 56.74 42.08 9.64
CA ALA SA 609 58.19 42.01 9.75
C ALA SA 609 58.69 43.12 10.66
N SER SA 610 59.63 42.78 11.54
CA SER SA 610 60.20 43.76 12.46
C SER SA 610 61.38 44.45 11.76
N MET SA 611 61.18 45.69 11.34
CA MET SA 611 62.22 46.47 10.68
C MET SA 611 62.81 47.50 11.63
N MET SA 612 64.09 47.80 11.43
CA MET SA 612 64.82 48.82 12.17
C MET SA 612 65.41 49.81 11.17
N SER SA 613 65.20 51.09 11.41
CA SER SA 613 65.66 52.13 10.49
C SER SA 613 67.02 52.64 10.93
N VAL SA 614 67.98 52.64 10.01
CA VAL SA 614 69.33 53.10 10.31
C VAL SA 614 69.68 54.25 9.38
N THR SA 615 70.28 55.28 9.96
CA THR SA 615 70.69 56.48 9.24
C THR SA 615 72.18 56.67 9.38
N LEU SA 616 72.90 56.59 8.26
CA LEU SA 616 74.34 56.79 8.23
C LEU SA 616 74.64 58.23 7.82
N SER SA 617 75.36 58.95 8.67
CA SER SA 617 75.81 60.30 8.36
C SER SA 617 77.25 60.23 7.85
N CYS SA 618 77.48 60.76 6.66
CA CYS SA 618 78.75 60.61 5.97
C CYS SA 618 79.37 61.96 5.69
N ASP SA 619 80.70 61.99 5.75
CA ASP SA 619 81.50 63.14 5.30
C ASP SA 619 81.58 63.11 3.79
N HIS SA 620 81.00 64.12 3.13
CA HIS SA 620 80.94 64.11 1.68
C HIS SA 620 82.29 64.35 1.02
N ARG SA 621 83.31 64.76 1.78
CA ARG SA 621 84.64 64.88 1.21
C ARG SA 621 85.25 63.51 0.92
N VAL SA 622 84.96 62.53 1.74
CA VAL SA 622 85.53 61.19 1.60
C VAL SA 622 84.53 60.21 0.99
N VAL SA 623 83.30 60.19 1.51
CA VAL SA 623 82.28 59.24 1.10
C VAL SA 623 81.24 59.98 0.29
N ASP SA 624 81.13 59.66 -0.99
CA ASP SA 624 80.07 60.24 -1.80
C ASP SA 624 78.80 59.40 -1.68
N GLY SA 625 77.74 59.84 -2.38
CA GLY SA 625 76.44 59.21 -2.21
C GLY SA 625 76.44 57.75 -2.62
N ALA SA 626 77.08 57.43 -3.75
CA ALA SA 626 77.09 56.04 -4.21
C ALA SA 626 77.84 55.14 -3.22
N VAL SA 627 78.96 55.61 -2.68
CA VAL SA 627 79.72 54.81 -1.73
C VAL SA 627 78.94 54.61 -0.44
N GLY SA 628 78.31 55.67 0.07
CA GLY SA 628 77.48 55.52 1.26
C GLY SA 628 76.33 54.56 1.05
N ALA SA 629 75.68 54.64 -0.11
CA ALA SA 629 74.60 53.72 -0.43
C ALA SA 629 75.09 52.29 -0.52
N GLN SA 630 76.27 52.08 -1.11
CA GLN SA 630 76.84 50.73 -1.18
C GLN SA 630 77.13 50.18 0.21
N TRP SA 631 77.68 51.04 1.09
CA TRP SA 631 77.94 50.61 2.46
C TRP SA 631 76.64 50.20 3.15
N LEU SA 632 75.60 51.02 3.00
CA LEU SA 632 74.33 50.69 3.63
C LEU SA 632 73.72 49.41 3.06
N ALA SA 633 73.91 49.18 1.75
CA ALA SA 633 73.42 47.95 1.14
C ALA SA 633 74.13 46.73 1.70
N GLU SA 634 75.45 46.79 1.84
CA GLU SA 634 76.18 45.67 2.42
C GLU SA 634 75.76 45.43 3.88
N PHE SA 635 75.61 46.51 4.64
CA PHE SA 635 75.17 46.40 6.04
C PHE SA 635 73.79 45.74 6.12
N ARG SA 636 72.88 46.17 5.25
CA ARG SA 636 71.53 45.61 5.24
C ARG SA 636 71.55 44.14 4.86
N LYS SA 637 72.37 43.77 3.87
CA LYS SA 637 72.47 42.37 3.49
C LYS SA 637 73.01 41.52 4.63
N TYR SA 638 74.05 42.00 5.31
CA TYR SA 638 74.61 41.26 6.42
C TYR SA 638 73.59 41.06 7.53
N LEU SA 639 72.81 42.09 7.85
CA LEU SA 639 71.83 41.93 8.92
C LEU SA 639 70.64 41.08 8.49
N GLU SA 640 70.20 41.18 7.24
CA GLU SA 640 69.06 40.40 6.80
C GLU SA 640 69.38 38.93 6.61
N LYS SA 641 70.64 38.58 6.38
CA LYS SA 641 71.07 37.18 6.37
C LYS SA 641 72.29 37.03 7.28
N PRO SA 642 72.08 36.71 8.56
CA PRO SA 642 73.20 36.64 9.49
C PRO SA 642 74.24 35.60 9.12
N ILE SA 643 73.86 34.51 8.47
CA ILE SA 643 74.81 33.48 8.11
C ILE SA 643 75.85 34.02 7.13
N THR SA 644 75.53 35.10 6.42
CA THR SA 644 76.49 35.73 5.53
C THR SA 644 77.61 36.46 6.28
N MET SA 645 77.48 36.66 7.59
CA MET SA 645 78.62 37.16 8.35
C MET SA 645 79.72 36.13 8.51
N LEU SA 646 79.46 34.87 8.17
CA LEU SA 646 80.51 33.85 8.16
C LEU SA 646 81.46 33.99 6.97
N LEU SA 647 81.07 34.74 5.95
CA LEU SA 647 81.92 34.92 4.77
C LEU SA 647 83.12 35.80 5.11
N PHE TA 420 -17.33 100.94 40.84
CA PHE TA 420 -18.02 101.01 39.56
C PHE TA 420 -17.59 102.22 38.74
N THR TA 421 -18.01 102.26 37.49
CA THR TA 421 -17.73 103.36 36.59
C THR TA 421 -19.01 103.74 35.85
N ASP TA 422 -19.34 105.03 35.86
CA ASP TA 422 -20.54 105.53 35.20
C ASP TA 422 -20.17 106.00 33.79
N ILE TA 423 -20.60 105.26 32.78
CA ILE TA 423 -20.34 105.60 31.38
C ILE TA 423 -21.52 106.43 30.88
N PRO TA 424 -21.30 107.67 30.45
CA PRO TA 424 -22.41 108.48 29.94
C PRO TA 424 -23.06 107.85 28.73
N ILE TA 425 -24.38 108.01 28.62
CA ILE TA 425 -25.14 107.45 27.50
C ILE TA 425 -25.14 108.44 26.35
N SER TA 426 -24.67 108.01 25.20
CA SER TA 426 -24.69 108.86 24.02
C SER TA 426 -26.12 109.04 23.51
N ASN TA 427 -26.31 110.06 22.67
CA ASN TA 427 -27.63 110.30 22.11
C ASN TA 427 -28.05 109.19 21.15
N ILE TA 428 -27.09 108.62 20.42
CA ILE TA 428 -27.39 107.49 19.53
C ILE TA 428 -27.87 106.30 20.35
N ARG TA 429 -27.18 106.00 21.46
CA ARG TA 429 -27.60 104.91 22.32
C ARG TA 429 -28.95 105.20 22.95
N ARG TA 430 -29.21 106.46 23.31
CA ARG TA 430 -30.52 106.83 23.85
C ARG TA 430 -31.62 106.59 22.83
N VAL TA 431 -31.37 106.95 21.57
CA VAL TA 431 -32.36 106.73 20.51
C VAL TA 431 -32.61 105.24 20.31
N ILE TA 432 -31.53 104.44 20.30
CA ILE TA 432 -31.68 103.00 20.12
C ILE TA 432 -32.48 102.40 21.27
N ALA TA 433 -32.15 102.80 22.50
CA ALA TA 433 -32.86 102.31 23.67
C ALA TA 433 -34.33 102.71 23.64
N GLN TA 434 -34.61 103.94 23.24
CA GLN TA 434 -36.00 104.39 23.16
C GLN TA 434 -36.77 103.58 22.11
N ARG TA 435 -36.14 103.31 20.96
CA ARG TA 435 -36.80 102.49 19.95
C ARG TA 435 -37.07 101.07 20.48
N LEU TA 436 -36.10 100.48 21.18
CA LEU TA 436 -36.30 99.13 21.70
C LEU TA 436 -37.40 99.09 22.74
N MET TA 437 -37.42 100.07 23.65
CA MET TA 437 -38.49 100.14 24.65
C MET TA 437 -39.84 100.33 23.98
N GLN TA 438 -39.91 101.21 22.97
CA GLN TA 438 -41.16 101.40 22.25
C GLN TA 438 -41.63 100.11 21.62
N SER TA 439 -40.71 99.37 21.00
CA SER TA 439 -41.08 98.09 20.40
C SER TA 439 -41.62 97.12 21.44
N LYS TA 440 -40.94 97.00 22.58
CA LYS TA 440 -41.34 96.00 23.56
C LYS TA 440 -42.61 96.39 24.30
N GLN TA 441 -42.94 97.68 24.36
CA GLN TA 441 -44.19 98.07 25.01
C GLN TA 441 -45.37 98.12 24.04
N THR TA 442 -45.12 98.35 22.75
CA THR TA 442 -46.23 98.52 21.81
C THR TA 442 -46.41 97.35 20.85
N ILE TA 443 -45.56 96.35 20.88
CA ILE TA 443 -45.64 95.20 19.98
C ILE TA 443 -45.74 93.94 20.83
N PRO TA 444 -46.86 93.20 20.78
CA PRO TA 444 -46.96 91.94 21.52
C PRO TA 444 -46.19 90.81 20.85
N HIS TA 445 -44.89 90.72 21.13
CA HIS TA 445 -44.04 89.72 20.49
C HIS TA 445 -44.47 88.31 20.86
N TYR TA 446 -44.38 87.39 19.91
CA TYR TA 446 -44.40 85.97 20.21
C TYR TA 446 -43.48 85.25 19.23
N TYR TA 447 -42.81 84.21 19.71
CA TYR TA 447 -41.65 83.64 19.02
C TYR TA 447 -41.94 82.20 18.60
N LEU TA 448 -41.60 81.88 17.35
CA LEU TA 448 -41.72 80.51 16.83
C LEU TA 448 -40.38 80.06 16.27
N SER TA 449 -39.94 78.87 16.67
CA SER TA 449 -38.62 78.37 16.30
C SER TA 449 -38.74 77.07 15.53
N VAL TA 450 -37.90 76.91 14.50
CA VAL TA 450 -37.81 75.67 13.72
C VAL TA 450 -36.35 75.38 13.43
N ASP TA 451 -36.10 74.17 12.91
CA ASP TA 451 -34.79 73.75 12.47
C ASP TA 451 -34.78 73.51 10.96
N VAL TA 452 -33.74 73.99 10.30
CA VAL TA 452 -33.62 73.92 8.85
C VAL TA 452 -32.36 73.14 8.51
N ASN TA 453 -32.48 72.17 7.61
CA ASN TA 453 -31.36 71.36 7.16
C ASN TA 453 -30.54 72.15 6.16
N MET TA 454 -29.24 72.29 6.42
CA MET TA 454 -28.37 73.18 5.66
C MET TA 454 -27.47 72.45 4.67
N GLY TA 455 -27.60 71.13 4.51
CA GLY TA 455 -26.68 70.40 3.65
C GLY TA 455 -26.78 70.81 2.20
N GLU TA 456 -28.01 70.90 1.68
CA GLU TA 456 -28.20 71.28 0.29
C GLU TA 456 -27.73 72.71 0.04
N VAL TA 457 -28.00 73.60 0.99
CA VAL TA 457 -27.53 74.98 0.86
C VAL TA 457 -26.01 75.02 0.82
N LEU TA 458 -25.35 74.25 1.69
CA LEU TA 458 -23.89 74.23 1.69
C LEU TA 458 -23.34 73.70 0.38
N LEU TA 459 -23.93 72.62 -0.16
CA LEU TA 459 -23.46 72.07 -1.42
C LEU TA 459 -23.63 73.07 -2.57
N VAL TA 460 -24.81 73.70 -2.65
CA VAL TA 460 -25.08 74.66 -3.70
C VAL TA 460 -24.15 75.86 -3.57
N ARG TA 461 -23.91 76.31 -2.33
CA ARG TA 461 -23.03 77.45 -2.11
C ARG TA 461 -21.60 77.11 -2.53
N LYS TA 462 -21.14 75.90 -2.22
CA LYS TA 462 -19.81 75.50 -2.65
C LYS TA 462 -19.69 75.49 -4.16
N GLU TA 463 -20.68 74.93 -4.85
CA GLU TA 463 -20.64 74.90 -6.30
C GLU TA 463 -20.67 76.31 -6.89
N LEU TA 464 -21.53 77.17 -6.36
CA LEU TA 464 -21.61 78.54 -6.85
C LEU TA 464 -20.32 79.30 -6.62
N ASN TA 465 -19.72 79.14 -5.44
CA ASN TA 465 -18.45 79.79 -5.16
C ASN TA 465 -17.35 79.28 -6.10
N LYS TA 466 -17.34 77.98 -6.40
CA LYS TA 466 -16.36 77.44 -7.33
C LYS TA 466 -16.54 78.03 -8.73
N MET TA 467 -17.77 78.12 -9.22
CA MET TA 467 -18.00 78.73 -10.55
C MET TA 467 -17.78 80.23 -10.55
N LEU TA 468 -17.85 80.88 -9.39
CA LEU TA 468 -17.57 82.32 -9.37
C LEU TA 468 -16.11 82.66 -9.66
N GLU TA 469 -15.17 81.74 -9.37
CA GLU TA 469 -13.76 81.93 -9.69
C GLU TA 469 -13.19 83.20 -9.06
N GLY TA 470 -13.64 83.50 -7.84
CA GLY TA 470 -13.12 84.62 -7.08
C GLY TA 470 -13.74 85.96 -7.41
N ARG TA 471 -14.64 86.04 -8.39
CA ARG TA 471 -15.29 87.31 -8.69
C ARG TA 471 -16.15 87.78 -7.52
N SER TA 472 -16.84 86.84 -6.88
CA SER TA 472 -17.62 87.13 -5.67
C SER TA 472 -17.63 85.89 -4.79
N LYS TA 473 -18.14 86.06 -3.58
CA LYS TA 473 -18.27 84.96 -2.62
C LYS TA 473 -19.65 85.05 -1.98
N ILE TA 474 -20.41 83.95 -2.06
CA ILE TA 474 -21.74 83.93 -1.45
C ILE TA 474 -21.66 83.27 -0.08
N SER TA 475 -22.22 83.93 0.92
CA SER TA 475 -22.31 83.39 2.27
C SER TA 475 -23.68 82.78 2.51
N VAL TA 476 -23.80 82.04 3.61
CA VAL TA 476 -25.07 81.42 3.96
C VAL TA 476 -26.12 82.48 4.25
N ASN TA 477 -25.69 83.65 4.72
CA ASN TA 477 -26.64 84.73 4.99
C ASN TA 477 -27.31 85.23 3.71
N ASP TA 478 -26.62 85.13 2.57
CA ASP TA 478 -27.25 85.51 1.31
C ASP TA 478 -28.39 84.55 0.96
N PHE TA 479 -28.17 83.24 1.14
CA PHE TA 479 -29.24 82.28 0.96
C PHE TA 479 -30.38 82.55 1.92
N ILE TA 480 -30.06 82.89 3.17
CA ILE TA 480 -31.09 83.17 4.16
C ILE TA 480 -31.91 84.39 3.75
N ILE TA 481 -31.25 85.44 3.26
CA ILE TA 481 -31.95 86.64 2.84
C ILE TA 481 -32.86 86.34 1.65
N LYS TA 482 -32.36 85.58 0.68
CA LYS TA 482 -33.18 85.24 -0.48
C LYS TA 482 -34.39 84.42 -0.08
N ALA TA 483 -34.18 83.43 0.79
CA ALA TA 483 -35.29 82.60 1.24
C ALA TA 483 -36.31 83.41 2.03
N SER TA 484 -35.83 84.34 2.87
CA SER TA 484 -36.74 85.20 3.62
C SER TA 484 -37.56 86.08 2.70
N ALA TA 485 -36.93 86.63 1.66
CA ALA TA 485 -37.68 87.47 0.72
C ALA TA 485 -38.73 86.66 -0.03
N LEU TA 486 -38.37 85.46 -0.48
CA LEU TA 486 -39.34 84.63 -1.19
C LEU TA 486 -40.49 84.19 -0.28
N ALA TA 487 -40.17 83.85 0.97
CA ALA TA 487 -41.22 83.47 1.92
C ALA TA 487 -42.11 84.67 2.24
N CYS TA 488 -41.54 85.87 2.31
CA CYS TA 488 -42.36 87.07 2.50
C CYS TA 488 -43.28 87.30 1.31
N LEU TA 489 -42.79 87.03 0.09
CA LEU TA 489 -43.68 87.11 -1.07
C LEU TA 489 -44.81 86.10 -0.97
N LYS TA 490 -44.50 84.87 -0.55
CA LYS TA 490 -45.54 83.84 -0.47
C LYS TA 490 -46.56 84.13 0.63
N VAL TA 491 -46.09 84.70 1.74
CA VAL TA 491 -46.96 85.01 2.88
C VAL TA 491 -46.83 86.49 3.19
N PRO TA 492 -47.61 87.36 2.53
CA PRO TA 492 -47.41 88.80 2.69
C PRO TA 492 -47.77 89.34 4.07
N GLU TA 493 -48.42 88.54 4.93
CA GLU TA 493 -48.76 89.03 6.27
C GLU TA 493 -47.52 89.36 7.07
N ALA TA 494 -46.46 88.55 6.94
CA ALA TA 494 -45.19 88.86 7.59
C ALA TA 494 -44.54 90.10 7.01
N ASN TA 495 -44.99 90.56 5.84
CA ASN TA 495 -44.50 91.78 5.21
C ASN TA 495 -45.46 92.95 5.38
N SER TA 496 -46.10 93.05 6.54
CA SER TA 496 -47.05 94.10 6.83
C SER TA 496 -46.57 94.97 7.98
N SER TA 497 -47.36 95.99 8.28
CA SER TA 497 -47.07 96.91 9.37
C SER TA 497 -48.39 97.39 9.98
N TRP TA 498 -48.39 97.56 11.30
CA TRP TA 498 -49.58 98.01 12.01
C TRP TA 498 -49.50 99.52 12.22
N LEU TA 499 -50.52 100.23 11.74
CA LEU TA 499 -50.55 101.68 11.77
C LEU TA 499 -51.74 102.21 12.56
N ASP TA 500 -52.33 101.32 13.38
CA ASP TA 500 -53.37 101.66 14.35
C ASP TA 500 -54.71 101.98 13.69
N THR TA 501 -54.73 102.08 12.36
CA THR TA 501 -55.96 102.25 11.61
C THR TA 501 -56.09 101.27 10.45
N VAL TA 502 -54.97 100.98 9.77
CA VAL TA 502 -54.93 100.01 8.68
C VAL TA 502 -53.68 99.17 8.84
N ILE TA 503 -53.69 98.01 8.18
CA ILE TA 503 -52.53 97.13 8.13
C ILE TA 503 -51.88 97.30 6.77
N ARG TA 504 -50.75 98.01 6.74
CA ARG TA 504 -50.06 98.30 5.49
C ARG TA 504 -49.32 97.06 5.03
N GLN TA 505 -49.78 96.46 3.93
CA GLN TA 505 -49.19 95.23 3.41
C GLN TA 505 -48.22 95.58 2.29
N ASN TA 506 -46.93 95.62 2.60
CA ASN TA 506 -45.94 96.03 1.62
C ASN TA 506 -45.81 94.99 0.52
N HIS TA 507 -45.81 95.45 -0.73
CA HIS TA 507 -45.65 94.58 -1.88
C HIS TA 507 -44.20 94.37 -2.29
N VAL TA 508 -43.28 95.14 -1.72
CA VAL TA 508 -41.85 94.96 -1.95
C VAL TA 508 -41.21 94.48 -0.65
N VAL TA 509 -40.10 93.77 -0.78
CA VAL TA 509 -39.41 93.17 0.36
C VAL TA 509 -38.06 93.86 0.48
N ASP TA 510 -37.93 94.74 1.46
CA ASP TA 510 -36.67 95.41 1.78
C ASP TA 510 -36.16 94.82 3.08
N ILE TA 511 -35.11 93.99 2.98
CA ILE TA 511 -34.62 93.22 4.12
C ILE TA 511 -33.57 94.04 4.85
N SER TA 512 -33.90 94.49 6.06
CA SER TA 512 -32.88 95.03 6.94
C SER TA 512 -32.03 93.89 7.47
N VAL TA 513 -30.71 94.10 7.52
CA VAL TA 513 -29.77 93.10 7.98
C VAL TA 513 -29.02 93.66 9.18
N ALA TA 514 -29.10 92.96 10.31
CA ALA TA 514 -28.41 93.43 11.51
C ALA TA 514 -26.91 93.27 11.35
N VAL TA 515 -26.17 94.34 11.60
CA VAL TA 515 -24.72 94.36 11.54
C VAL TA 515 -24.21 94.96 12.84
N SER TA 516 -23.25 94.28 13.46
CA SER TA 516 -22.63 94.76 14.69
C SER TA 516 -21.37 95.54 14.37
N THR TA 517 -21.28 96.75 14.87
CA THR TA 517 -20.17 97.67 14.71
C THR TA 517 -19.74 98.15 16.08
N PRO TA 518 -18.53 98.70 16.21
CA PRO TA 518 -18.10 99.20 17.53
C PRO TA 518 -19.02 100.25 18.11
N ALA TA 519 -19.80 100.95 17.29
CA ALA TA 519 -20.74 101.95 17.78
C ALA TA 519 -22.10 101.36 18.13
N GLY TA 520 -22.34 100.08 17.86
CA GLY TA 520 -23.59 99.44 18.20
C GLY TA 520 -24.15 98.61 17.06
N LEU TA 521 -25.45 98.37 17.13
CA LEU TA 521 -26.13 97.59 16.11
C LEU TA 521 -26.79 98.51 15.08
N ILE TA 522 -26.57 98.23 13.80
CA ILE TA 522 -27.17 99.02 12.73
C ILE TA 522 -27.81 98.06 11.74
N THR TA 523 -28.73 98.58 10.93
CA THR TA 523 -29.55 97.75 10.04
C THR TA 523 -29.55 98.31 8.62
N PRO TA 524 -28.48 98.08 7.87
CA PRO TA 524 -28.51 98.41 6.44
C PRO TA 524 -29.56 97.58 5.72
N ILE TA 525 -30.21 98.19 4.73
CA ILE TA 525 -31.36 97.61 4.06
C ILE TA 525 -30.95 97.16 2.66
N VAL TA 526 -31.19 95.89 2.36
CA VAL TA 526 -31.07 95.36 1.00
C VAL TA 526 -32.47 95.53 0.39
N PHE TA 527 -32.58 96.47 -0.56
CA PHE TA 527 -33.86 96.76 -1.18
C PHE TA 527 -34.16 95.75 -2.28
N ASN TA 528 -35.44 95.40 -2.42
CA ASN TA 528 -35.91 94.50 -3.47
C ASN TA 528 -35.15 93.17 -3.45
N ALA TA 529 -34.99 92.61 -2.25
CA ALA TA 529 -34.34 91.32 -2.12
C ALA TA 529 -35.17 90.20 -2.73
N HIS TA 530 -36.45 90.47 -3.00
CA HIS TA 530 -37.30 89.44 -3.60
C HIS TA 530 -37.00 89.28 -5.09
N ILE TA 531 -36.37 90.28 -5.71
CA ILE TA 531 -36.01 90.19 -7.12
C ILE TA 531 -34.50 90.21 -7.35
N LYS TA 532 -33.71 90.62 -6.36
CA LYS TA 532 -32.26 90.57 -6.50
C LYS TA 532 -31.77 89.13 -6.48
N GLY TA 533 -30.68 88.88 -7.20
CA GLY TA 533 -30.07 87.56 -7.20
C GLY TA 533 -29.12 87.37 -6.04
N LEU TA 534 -28.59 86.14 -5.93
CA LEU TA 534 -27.68 85.83 -4.84
C LEU TA 534 -26.39 86.63 -4.93
N GLU TA 535 -25.84 86.78 -6.14
CA GLU TA 535 -24.65 87.61 -6.31
C GLU TA 535 -24.92 89.06 -5.95
N THR TA 536 -26.04 89.60 -6.42
CA THR TA 536 -26.39 90.98 -6.09
C THR TA 536 -26.60 91.15 -4.60
N ILE TA 537 -27.27 90.19 -3.96
CA ILE TA 537 -27.51 90.27 -2.52
C ILE TA 537 -26.18 90.24 -1.77
N ALA TA 538 -25.28 89.33 -2.16
CA ALA TA 538 -23.99 89.22 -1.48
C ALA TA 538 -23.18 90.50 -1.63
N ASN TA 539 -23.13 91.05 -2.85
CA ASN TA 539 -22.37 92.27 -3.08
C ASN TA 539 -22.96 93.44 -2.31
N ASP TA 540 -24.29 93.56 -2.31
CA ASP TA 540 -24.95 94.63 -1.57
C ASP TA 540 -24.69 94.51 -0.08
N VAL TA 541 -24.75 93.29 0.46
CA VAL TA 541 -24.51 93.08 1.88
C VAL TA 541 -23.08 93.42 2.23
N VAL TA 542 -22.12 93.02 1.39
CA VAL TA 542 -20.72 93.34 1.67
C VAL TA 542 -20.50 94.84 1.66
N SER TA 543 -21.03 95.52 0.65
CA SER TA 543 -20.84 96.97 0.54
C SER TA 543 -21.48 97.70 1.72
N LEU TA 544 -22.71 97.31 2.07
CA LEU TA 544 -23.41 97.97 3.17
C LEU TA 544 -22.75 97.68 4.51
N ALA TA 545 -22.22 96.46 4.68
CA ALA TA 545 -21.53 96.14 5.93
C ALA TA 545 -20.24 96.94 6.05
N THR TA 546 -19.50 97.10 4.95
CA THR TA 546 -18.31 97.94 4.99
C THR TA 546 -18.67 99.38 5.31
N LYS TA 547 -19.74 99.90 4.69
CA LYS TA 547 -20.18 101.26 4.98
C LYS TA 547 -20.59 101.41 6.43
N ALA TA 548 -21.27 100.41 6.99
CA ALA TA 548 -21.68 100.47 8.38
C ALA TA 548 -20.49 100.45 9.32
N ARG TA 549 -19.52 99.56 9.05
CA ARG TA 549 -18.35 99.47 9.91
C ARG TA 549 -17.52 100.74 9.85
N GLU TA 550 -17.41 101.37 8.69
CA GLU TA 550 -16.63 102.60 8.56
C GLU TA 550 -17.46 103.85 8.84
N GLY TA 551 -18.76 103.71 9.12
CA GLY TA 551 -19.56 104.83 9.59
C GLY TA 551 -20.01 105.82 8.55
N LYS TA 552 -20.21 105.39 7.30
CA LYS TA 552 -20.71 106.28 6.27
C LYS TA 552 -22.12 105.95 5.79
N LEU TA 553 -22.91 105.22 6.58
CA LEU TA 553 -24.27 104.90 6.16
C LEU TA 553 -25.15 106.15 6.15
N GLN TA 554 -25.84 106.36 5.04
CA GLN TA 554 -26.83 107.43 4.96
C GLN TA 554 -28.12 107.01 5.66
N PRO TA 555 -28.89 107.97 6.16
CA PRO TA 555 -30.13 107.62 6.90
C PRO TA 555 -31.11 106.79 6.08
N HIS TA 556 -31.21 107.04 4.77
CA HIS TA 556 -32.13 106.26 3.94
C HIS TA 556 -31.64 104.83 3.73
N GLU TA 557 -30.36 104.57 3.96
CA GLU TA 557 -29.81 103.23 3.78
C GLU TA 557 -30.01 102.32 4.98
N PHE TA 558 -30.48 102.85 6.11
CA PHE TA 558 -30.78 102.02 7.26
C PHE TA 558 -32.10 102.34 7.95
N GLN TA 559 -32.85 103.33 7.46
CA GLN TA 559 -34.17 103.63 8.01
C GLN TA 559 -35.24 103.07 7.08
N GLY TA 560 -36.19 102.33 7.66
CA GLY TA 560 -37.25 101.74 6.88
C GLY TA 560 -37.21 100.22 6.89
N GLY TA 561 -37.44 99.61 5.73
CA GLY TA 561 -37.46 98.17 5.63
C GLY TA 561 -38.81 97.58 5.98
N THR TA 562 -39.01 96.34 5.55
CA THR TA 562 -40.26 95.62 5.82
C THR TA 562 -40.05 94.33 6.61
N PHE TA 563 -38.83 93.79 6.63
CA PHE TA 563 -38.53 92.56 7.34
C PHE TA 563 -37.06 92.60 7.72
N THR TA 564 -36.75 92.13 8.93
CA THR TA 564 -35.40 92.22 9.47
C THR TA 564 -34.84 90.82 9.68
N ILE TA 565 -33.53 90.67 9.46
CA ILE TA 565 -32.81 89.43 9.71
C ILE TA 565 -31.62 89.74 10.60
N SER TA 566 -31.55 89.08 11.75
CA SER TA 566 -30.45 89.22 12.68
C SER TA 566 -29.78 87.86 12.83
N ASN TA 567 -28.54 87.74 12.38
CA ASN TA 567 -27.81 86.49 12.37
C ASN TA 567 -26.69 86.56 13.39
N LEU TA 568 -26.70 85.63 14.35
CA LEU TA 568 -25.63 85.51 15.33
C LEU TA 568 -24.98 84.13 15.32
N GLY TA 569 -25.08 83.42 14.19
CA GLY TA 569 -24.48 82.09 14.13
C GLY TA 569 -22.97 82.13 14.14
N MET TA 570 -22.38 83.22 13.66
CA MET TA 570 -20.93 83.34 13.66
C MET TA 570 -20.36 83.46 15.07
N PHE TA 571 -21.20 83.74 16.06
CA PHE TA 571 -20.77 83.85 17.45
C PHE TA 571 -21.07 82.59 18.26
N GLY TA 572 -21.58 81.55 17.62
CA GLY TA 572 -21.82 80.30 18.31
C GLY TA 572 -23.15 80.19 19.03
N ILE TA 573 -24.07 81.12 18.81
CA ILE TA 573 -25.37 81.06 19.45
C ILE TA 573 -26.20 79.97 18.80
N LYS TA 574 -26.74 79.06 19.63
CA LYS TA 574 -27.61 78.01 19.09
C LYS TA 574 -28.90 78.59 18.54
N ASN TA 575 -29.57 79.42 19.33
CA ASN TA 575 -30.73 80.17 18.85
C ASN TA 575 -30.97 81.34 19.82
N PHE TA 576 -31.76 82.30 19.35
CA PHE TA 576 -32.08 83.46 20.19
C PHE TA 576 -33.36 84.10 19.69
N SER TA 577 -33.95 84.93 20.54
CA SER TA 577 -35.17 85.66 20.23
C SER TA 577 -34.85 87.14 20.18
N ALA TA 578 -35.16 87.78 19.05
CA ALA TA 578 -34.81 89.18 18.86
C ALA TA 578 -36.00 90.08 19.14
N ILE TA 579 -35.75 91.38 19.05
CA ILE TA 579 -36.78 92.40 19.25
C ILE TA 579 -37.18 92.95 17.88
N ILE TA 580 -38.49 93.02 17.64
CA ILE TA 580 -38.98 93.51 16.36
C ILE TA 580 -38.62 94.98 16.19
N ASN TA 581 -38.03 95.31 15.05
CA ASN TA 581 -37.70 96.69 14.73
C ASN TA 581 -38.93 97.40 14.19
N PRO TA 582 -39.41 98.43 14.86
CA PRO TA 582 -40.66 99.08 14.42
C PRO TA 582 -40.45 99.85 13.13
N PRO TA 583 -41.50 100.02 12.32
CA PRO TA 583 -42.87 99.52 12.51
C PRO TA 583 -43.11 98.18 11.84
N GLN TA 584 -42.07 97.38 11.63
CA GLN TA 584 -42.23 96.10 10.97
C GLN TA 584 -42.99 95.12 11.85
N ALA TA 585 -43.38 94.00 11.25
CA ALA TA 585 -44.21 93.01 11.94
C ALA TA 585 -43.46 91.75 12.35
N CYS TA 586 -42.24 91.55 11.84
CA CYS TA 586 -41.50 90.32 12.13
C CYS TA 586 -40.00 90.61 12.11
N ILE TA 587 -39.24 89.68 12.68
CA ILE TA 587 -37.78 89.68 12.63
C ILE TA 587 -37.31 88.24 12.75
N LEU TA 588 -36.43 87.83 11.85
CA LEU TA 588 -35.92 86.47 11.83
C LEU TA 588 -34.57 86.42 12.53
N ALA TA 589 -34.49 85.66 13.62
CA ALA TA 589 -33.27 85.48 14.37
C ALA TA 589 -32.64 84.15 13.98
N VAL TA 590 -31.39 84.21 13.52
CA VAL TA 590 -30.70 83.04 12.97
C VAL TA 590 -29.55 82.68 13.91
N GLY TA 591 -29.48 81.40 14.27
CA GLY TA 591 -28.42 80.90 15.12
C GLY TA 591 -27.37 80.13 14.33
N ALA TA 592 -26.53 79.43 15.07
CA ALA TA 592 -25.43 78.68 14.46
C ALA TA 592 -25.92 77.39 13.84
N SER TA 593 -25.19 76.93 12.82
CA SER TA 593 -25.45 75.64 12.21
C SER TA 593 -24.52 74.60 12.79
N GLU TA 594 -25.09 73.50 13.26
CA GLU TA 594 -24.34 72.45 13.95
C GLU TA 594 -24.74 71.09 13.41
N ASP TA 595 -23.82 70.13 13.54
CA ASP TA 595 -24.07 68.78 13.06
C ASP TA 595 -24.85 68.00 14.11
N ARG TA 596 -25.95 67.38 13.70
CA ARG TA 596 -26.80 66.60 14.59
C ARG TA 596 -27.13 65.26 13.95
N LEU TA 597 -27.21 64.23 14.79
CA LEU TA 597 -27.58 62.90 14.32
C LEU TA 597 -29.09 62.78 14.18
N PHE TA 598 -29.53 62.18 13.09
CA PHE TA 598 -30.95 61.95 12.87
C PHE TA 598 -31.19 60.54 12.36
N PRO TA 599 -32.31 59.92 12.71
CA PRO TA 599 -32.58 58.55 12.26
C PRO TA 599 -32.68 58.47 10.75
N ALA TA 600 -32.21 57.35 10.20
CA ALA TA 600 -32.27 57.10 8.77
C ALA TA 600 -32.43 55.61 8.53
N ASP TA 601 -32.98 55.27 7.37
CA ASP TA 601 -33.21 53.87 6.99
C ASP TA 601 -31.97 53.34 6.29
N ASN TA 602 -30.87 53.26 7.04
CA ASN TA 602 -29.61 52.74 6.54
C ASN TA 602 -29.06 51.73 7.54
N GLU TA 603 -27.92 51.13 7.19
CA GLU TA 603 -27.31 50.11 8.03
C GLU TA 603 -26.91 50.67 9.39
N LYS TA 604 -26.32 51.87 9.42
CA LYS TA 604 -25.90 52.48 10.67
C LYS TA 604 -27.08 52.92 11.53
N GLY TA 605 -28.24 53.14 10.93
CA GLY TA 605 -29.41 53.58 11.66
C GLY TA 605 -29.52 55.07 11.86
N PHE TA 606 -28.55 55.85 11.38
CA PHE TA 606 -28.56 57.29 11.57
C PHE TA 606 -27.75 57.96 10.47
N ASP TA 607 -27.93 59.27 10.36
CA ASP TA 607 -27.19 60.10 9.42
C ASP TA 607 -26.78 61.39 10.13
N VAL TA 608 -25.87 62.13 9.51
CA VAL TA 608 -25.37 63.39 10.04
C VAL TA 608 -25.82 64.51 9.10
N ALA TA 609 -26.56 65.47 9.65
CA ALA TA 609 -27.06 66.60 8.89
C ALA TA 609 -26.75 67.90 9.64
N SER TA 610 -26.29 68.90 8.89
CA SER TA 610 -25.99 70.20 9.48
C SER TA 610 -27.29 71.01 9.52
N MET TA 611 -27.82 71.21 10.72
CA MET TA 611 -29.09 71.91 10.91
C MET TA 611 -28.86 73.26 11.56
N MET TA 612 -29.66 74.25 11.17
CA MET TA 612 -29.60 75.59 11.71
C MET TA 612 -30.96 75.94 12.28
N SER TA 613 -30.97 76.45 13.52
CA SER TA 613 -32.22 76.79 14.19
C SER TA 613 -32.54 78.26 13.98
N VAL TA 614 -33.74 78.54 13.49
CA VAL TA 614 -34.18 79.91 13.23
C VAL TA 614 -35.43 80.19 14.06
N THR TA 615 -35.43 81.38 14.67
CA THR TA 615 -36.53 81.81 15.53
C THR TA 615 -37.10 83.11 14.98
N LEU TA 616 -38.36 83.08 14.56
CA LEU TA 616 -39.06 84.24 14.04
C LEU TA 616 -39.91 84.85 15.14
N SER TA 617 -39.67 86.13 15.44
CA SER TA 617 -40.47 86.87 16.40
C SER TA 617 -41.51 87.69 15.64
N CYS TA 618 -42.78 87.49 15.97
CA CYS TA 618 -43.88 88.06 15.21
C CYS TA 618 -44.73 88.95 16.09
N ASP TA 619 -45.26 90.01 15.48
CA ASP TA 619 -46.27 90.86 16.09
C ASP TA 619 -47.62 90.16 16.00
N HIS TA 620 -48.19 89.81 17.15
CA HIS TA 620 -49.42 89.03 17.16
C HIS TA 620 -50.63 89.84 16.70
N ARG TA 621 -50.52 91.16 16.58
CA ARG TA 621 -51.62 91.94 16.04
C ARG TA 621 -51.78 91.70 14.54
N VAL TA 622 -50.69 91.49 13.83
CA VAL TA 622 -50.72 91.30 12.38
C VAL TA 622 -50.57 89.83 12.00
N VAL TA 623 -49.60 89.15 12.58
CA VAL TA 623 -49.27 87.77 12.23
C VAL TA 623 -49.71 86.88 13.38
N ASP TA 624 -50.70 86.02 13.12
CA ASP TA 624 -51.09 85.05 14.12
C ASP TA 624 -50.23 83.79 14.00
N GLY TA 625 -50.50 82.82 14.89
CA GLY TA 625 -49.64 81.65 14.97
C GLY TA 625 -49.62 80.84 13.67
N ALA TA 626 -50.79 80.64 13.07
CA ALA TA 626 -50.85 79.86 11.84
C ALA TA 626 -50.08 80.54 10.71
N VAL TA 627 -50.21 81.87 10.59
CA VAL TA 627 -49.51 82.59 9.54
C VAL TA 627 -48.00 82.55 9.77
N GLY TA 628 -47.56 82.75 11.01
CA GLY TA 628 -46.14 82.66 11.29
C GLY TA 628 -45.58 81.27 11.00
N ALA TA 629 -46.34 80.24 11.36
CA ALA TA 629 -45.91 78.87 11.08
C ALA TA 629 -45.84 78.62 9.58
N GLN TA 630 -46.80 79.13 8.82
CA GLN TA 630 -46.77 78.99 7.38
C GLN TA 630 -45.55 79.68 6.77
N TRP TA 631 -45.23 80.88 7.26
CA TRP TA 631 -44.04 81.59 6.79
C TRP TA 631 -42.79 80.77 7.07
N LEU TA 632 -42.68 80.23 8.28
CA LEU TA 632 -41.50 79.44 8.62
C LEU TA 632 -41.43 78.17 7.78
N ALA TA 633 -42.59 77.57 7.46
CA ALA TA 633 -42.60 76.38 6.62
C ALA TA 633 -42.10 76.70 5.21
N GLU TA 634 -42.56 77.81 4.63
CA GLU TA 634 -42.08 78.19 3.30
C GLU TA 634 -40.58 78.50 3.33
N PHE TA 635 -40.14 79.21 4.36
CA PHE TA 635 -38.72 79.53 4.49
C PHE TA 635 -37.88 78.26 4.57
N ARG TA 636 -38.34 77.29 5.38
CA ARG TA 636 -37.63 76.02 5.52
C ARG TA 636 -37.61 75.25 4.21
N LYS TA 637 -38.73 75.22 3.49
CA LYS TA 637 -38.76 74.52 2.21
C LYS TA 637 -37.78 75.13 1.23
N TYR TA 638 -37.77 76.47 1.14
CA TYR TA 638 -36.85 77.16 0.25
C TYR TA 638 -35.40 76.84 0.60
N LEU TA 639 -35.07 76.81 1.89
CA LEU TA 639 -33.67 76.55 2.25
C LEU TA 639 -33.28 75.09 2.09
N GLU TA 640 -34.19 74.15 2.37
CA GLU TA 640 -33.85 72.74 2.22
C GLU TA 640 -33.80 72.31 0.76
N LYS TA 641 -34.47 73.04 -0.15
CA LYS TA 641 -34.31 72.80 -1.58
C LYS TA 641 -34.03 74.13 -2.27
N PRO TA 642 -32.76 74.50 -2.40
CA PRO TA 642 -32.43 75.81 -2.99
C PRO TA 642 -32.89 75.96 -4.43
N ILE TA 643 -32.98 74.85 -5.17
CA ILE TA 643 -33.43 74.91 -6.55
C ILE TA 643 -34.89 75.36 -6.64
N THR TA 644 -35.64 75.28 -5.55
CA THR TA 644 -36.99 75.82 -5.53
C THR TA 644 -37.01 77.34 -5.44
N MET TA 645 -35.88 77.99 -5.17
CA MET TA 645 -35.85 79.45 -5.23
C MET TA 645 -35.92 79.97 -6.66
N LEU TA 646 -35.79 79.09 -7.66
CA LEU TA 646 -35.98 79.49 -9.04
C LEU TA 646 -37.45 79.69 -9.40
N LEU TA 647 -38.38 79.16 -8.60
CA LEU TA 647 -39.80 79.35 -8.82
C LEU TA 647 -40.21 80.81 -8.62
N PHE UA 420 97.24 51.29 8.17
CA PHE UA 420 96.48 52.20 7.32
C PHE UA 420 97.24 52.55 6.05
N THR UA 421 96.56 53.19 5.11
CA THR UA 421 97.16 53.64 3.86
C THR UA 421 96.75 55.08 3.59
N ASP UA 422 97.72 55.94 3.30
CA ASP UA 422 97.46 57.34 3.03
C ASP UA 422 97.33 57.53 1.52
N ILE UA 423 96.12 57.82 1.07
CA ILE UA 423 95.85 58.05 -0.35
C ILE UA 423 95.91 59.54 -0.61
N PRO UA 424 96.82 60.02 -1.47
CA PRO UA 424 96.90 61.46 -1.74
C PRO UA 424 95.59 61.99 -2.32
N ILE UA 425 95.25 63.22 -1.92
CA ILE UA 425 94.03 63.87 -2.38
C ILE UA 425 94.31 64.55 -3.72
N SER UA 426 93.52 64.21 -4.73
CA SER UA 426 93.67 64.85 -6.03
C SER UA 426 93.18 66.30 -5.97
N ASN UA 427 93.59 67.09 -6.96
CA ASN UA 427 93.14 68.47 -7.03
C ASN UA 427 91.64 68.55 -7.30
N ILE UA 428 91.12 67.63 -8.12
CA ILE UA 428 89.68 67.60 -8.37
C ILE UA 428 88.92 67.31 -7.08
N ARG UA 429 89.40 66.35 -6.30
CA ARG UA 429 88.77 66.03 -5.03
C ARG UA 429 88.88 67.19 -4.06
N ARG UA 430 90.01 67.90 -4.07
CA ARG UA 430 90.17 69.08 -3.22
C ARG UA 430 89.17 70.16 -3.60
N VAL UA 431 88.96 70.37 -4.90
CA VAL UA 431 87.99 71.36 -5.35
C VAL UA 431 86.59 70.96 -4.92
N ILE UA 432 86.23 69.69 -5.08
CA ILE UA 432 84.90 69.23 -4.69
C ILE UA 432 84.71 69.39 -3.18
N ALA UA 433 85.72 69.02 -2.39
CA ALA UA 433 85.64 69.16 -0.95
C ALA UA 433 85.50 70.62 -0.54
N GLN UA 434 86.23 71.51 -1.20
CA GLN UA 434 86.13 72.94 -0.89
C GLN UA 434 84.74 73.47 -1.22
N ARG UA 435 84.17 73.03 -2.35
CA ARG UA 435 82.81 73.44 -2.69
C ARG UA 435 81.81 72.95 -1.66
N LEU UA 436 81.96 71.70 -1.21
CA LEU UA 436 81.03 71.16 -0.20
C LEU UA 436 81.18 71.89 1.12
N MET UA 437 82.42 72.21 1.51
CA MET UA 437 82.65 72.98 2.73
C MET UA 437 81.99 74.36 2.62
N GLN UA 438 82.17 75.02 1.48
CA GLN UA 438 81.55 76.32 1.28
C GLN UA 438 80.03 76.24 1.38
N SER UA 439 79.45 75.21 0.75
CA SER UA 439 78.00 75.04 0.80
C SER UA 439 77.52 74.85 2.23
N LYS UA 440 78.14 73.93 2.96
CA LYS UA 440 77.65 73.63 4.31
C LYS UA 440 77.98 74.75 5.30
N GLN UA 441 78.94 75.62 4.96
CA GLN UA 441 79.27 76.71 5.87
C GLN UA 441 78.47 77.97 5.60
N THR UA 442 78.06 78.19 4.34
CA THR UA 442 77.39 79.44 4.01
C THR UA 442 75.90 79.29 3.73
N ILE UA 443 75.41 78.07 3.52
CA ILE UA 443 74.01 77.83 3.18
C ILE UA 443 73.33 77.18 4.38
N PRO UA 444 72.36 77.83 5.03
CA PRO UA 444 71.63 77.18 6.13
C PRO UA 444 70.62 76.16 5.63
N HIS UA 445 71.07 74.94 5.41
CA HIS UA 445 70.22 73.90 4.86
C HIS UA 445 69.07 73.58 5.82
N TYR UA 446 67.91 73.26 5.25
CA TYR UA 446 66.86 72.57 6.01
C TYR UA 446 66.10 71.67 5.05
N TYR UA 447 65.67 70.51 5.55
CA TYR UA 447 65.25 69.41 4.70
C TYR UA 447 63.77 69.13 4.89
N LEU UA 448 63.05 68.92 3.78
CA LEU UA 448 61.64 68.57 3.79
C LEU UA 448 61.41 67.30 2.99
N SER UA 449 60.75 66.32 3.57
CA SER UA 449 60.56 65.02 2.92
C SER UA 449 59.09 64.72 2.72
N VAL UA 450 58.76 64.15 1.56
CA VAL UA 450 57.41 63.71 1.25
C VAL UA 450 57.47 62.36 0.53
N ASP UA 451 56.30 61.75 0.40
CA ASP UA 451 56.13 60.48 -0.31
C ASP UA 451 55.22 60.67 -1.52
N VAL UA 452 55.66 60.14 -2.65
CA VAL UA 452 54.96 60.31 -3.93
C VAL UA 452 54.53 58.94 -4.43
N ASN UA 453 53.25 58.81 -4.79
CA ASN UA 453 52.72 57.57 -5.33
C ASN UA 453 53.09 57.48 -6.81
N MET UA 454 53.71 56.38 -7.21
CA MET UA 454 54.32 56.26 -8.52
C MET UA 454 53.61 55.28 -9.44
N GLY UA 455 52.42 54.78 -9.06
CA GLY UA 455 51.74 53.81 -9.90
C GLY UA 455 51.36 54.37 -11.26
N GLU UA 456 50.79 55.57 -11.27
CA GLU UA 456 50.39 56.18 -12.53
C GLU UA 456 51.61 56.52 -13.39
N VAL UA 457 52.69 56.96 -12.76
CA VAL UA 457 53.92 57.21 -13.51
C VAL UA 457 54.44 55.93 -14.14
N LEU UA 458 54.41 54.82 -13.40
CA LEU UA 458 54.86 53.56 -13.96
C LEU UA 458 53.99 53.12 -15.13
N LEU UA 459 52.68 53.26 -15.00
CA LEU UA 459 51.78 52.89 -16.09
C LEU UA 459 52.03 53.74 -17.33
N VAL UA 460 52.13 55.06 -17.13
CA VAL UA 460 52.36 55.98 -18.24
C VAL UA 460 53.71 55.70 -18.89
N ARG UA 461 54.74 55.40 -18.07
CA ARG UA 461 56.06 55.10 -18.60
C ARG UA 461 56.05 53.83 -19.42
N LYS UA 462 55.33 52.80 -18.96
CA LYS UA 462 55.22 51.57 -19.72
C LYS UA 462 54.54 51.82 -21.06
N GLU UA 463 53.46 52.60 -21.06
CA GLU UA 463 52.76 52.91 -22.30
C GLU UA 463 53.65 53.69 -23.26
N LEU UA 464 54.37 54.69 -22.74
CA LEU UA 464 55.28 55.48 -23.58
C LEU UA 464 56.41 54.63 -24.14
N ASN UA 465 56.96 53.73 -23.33
CA ASN UA 465 58.01 52.84 -23.83
C ASN UA 465 57.49 51.90 -24.90
N LYS UA 466 56.26 51.40 -24.73
CA LYS UA 466 55.65 50.58 -25.77
C LYS UA 466 55.45 51.37 -27.06
N MET UA 467 54.99 52.62 -26.94
CA MET UA 467 54.78 53.44 -28.14
C MET UA 467 56.09 53.80 -28.82
N LEU UA 468 57.17 53.99 -28.05
CA LEU UA 468 58.45 54.39 -28.61
C LEU UA 468 59.04 53.34 -29.54
N GLU UA 469 58.69 52.06 -29.36
CA GLU UA 469 59.11 50.97 -30.24
C GLU UA 469 60.64 50.89 -30.34
N GLY UA 470 61.31 51.13 -29.21
CA GLY UA 470 62.75 50.98 -29.14
C GLY UA 470 63.56 52.15 -29.67
N ARG UA 471 62.91 53.20 -30.17
CA ARG UA 471 63.65 54.38 -30.60
C ARG UA 471 64.34 55.05 -29.42
N SER UA 472 63.66 55.13 -28.27
CA SER UA 472 64.24 55.59 -27.03
C SER UA 472 63.62 54.82 -25.88
N LYS UA 473 64.09 55.09 -24.67
CA LYS UA 473 63.57 54.46 -23.47
C LYS UA 473 63.36 55.55 -22.41
N ILE UA 474 62.12 55.72 -21.97
CA ILE UA 474 61.82 56.72 -20.96
C ILE UA 474 62.00 56.11 -19.57
N SER UA 475 62.80 56.78 -18.74
CA SER UA 475 63.07 56.31 -17.39
C SER UA 475 62.30 57.14 -16.37
N VAL UA 476 62.27 56.64 -15.13
CA VAL UA 476 61.59 57.34 -14.05
C VAL UA 476 62.28 58.66 -13.74
N ASN UA 477 63.61 58.71 -13.87
CA ASN UA 477 64.32 59.95 -13.63
C ASN UA 477 63.93 61.03 -14.64
N ASP UA 478 63.50 60.65 -15.84
CA ASP UA 478 63.02 61.65 -16.80
C ASP UA 478 61.73 62.28 -16.32
N PHE UA 479 60.79 61.47 -15.82
CA PHE UA 479 59.58 62.01 -15.22
C PHE UA 479 59.91 62.91 -14.04
N ILE UA 480 60.87 62.49 -13.23
CA ILE UA 480 61.25 63.29 -12.05
C ILE UA 480 61.83 64.63 -12.48
N ILE UA 481 62.69 64.64 -13.50
CA ILE UA 481 63.28 65.88 -13.97
C ILE UA 481 62.21 66.81 -14.55
N LYS UA 482 61.29 66.25 -15.34
CA LYS UA 482 60.23 67.07 -15.92
C LYS UA 482 59.33 67.66 -14.84
N ALA UA 483 58.96 66.85 -13.84
CA ALA UA 483 58.13 67.33 -12.76
C ALA UA 483 58.85 68.40 -11.95
N SER UA 484 60.15 68.21 -11.71
CA SER UA 484 60.93 69.20 -10.98
C SER UA 484 60.98 70.52 -11.74
N ALA UA 485 61.17 70.45 -13.06
CA ALA UA 485 61.19 71.68 -13.86
C ALA UA 485 59.86 72.40 -13.83
N LEU UA 486 58.76 71.65 -13.95
CA LEU UA 486 57.44 72.29 -13.92
C LEU UA 486 57.14 72.88 -12.54
N ALA UA 487 57.52 72.18 -11.47
CA ALA UA 487 57.32 72.71 -10.13
C ALA UA 487 58.18 73.94 -9.90
N CYS UA 488 59.39 73.97 -10.48
CA CYS UA 488 60.22 75.17 -10.40
C CYS UA 488 59.58 76.33 -11.13
N LEU UA 489 58.94 76.07 -12.28
CA LEU UA 489 58.21 77.12 -12.96
C LEU UA 489 57.06 77.64 -12.10
N LYS UA 490 56.33 76.74 -11.45
CA LYS UA 490 55.17 77.16 -10.65
C LYS UA 490 55.60 77.91 -9.40
N VAL UA 491 56.73 77.52 -8.80
CA VAL UA 491 57.22 78.15 -7.58
C VAL UA 491 58.63 78.66 -7.84
N PRO UA 492 58.78 79.88 -8.38
CA PRO UA 492 60.12 80.34 -8.79
C PRO UA 492 61.09 80.58 -7.65
N GLU UA 493 60.64 80.59 -6.40
CA GLU UA 493 61.56 80.81 -5.29
C GLU UA 493 62.58 79.69 -5.19
N ALA UA 494 62.17 78.45 -5.47
CA ALA UA 494 63.11 77.34 -5.50
C ALA UA 494 64.08 77.43 -6.67
N ASN UA 495 63.80 78.29 -7.64
CA ASN UA 495 64.68 78.53 -8.77
C ASN UA 495 65.43 79.85 -8.64
N SER UA 496 65.88 80.18 -7.43
CA SER UA 496 66.56 81.42 -7.15
C SER UA 496 67.99 81.14 -6.67
N SER UA 497 68.72 82.22 -6.46
CA SER UA 497 70.10 82.16 -5.97
C SER UA 497 70.37 83.38 -5.09
N TRP UA 498 71.11 83.16 -4.01
CA TRP UA 498 71.44 84.24 -3.08
C TRP UA 498 72.82 84.79 -3.42
N LEU UA 499 72.90 86.09 -3.65
CA LEU UA 499 74.13 86.75 -4.06
C LEU UA 499 74.53 87.85 -3.08
N ASP UA 500 73.99 87.77 -1.86
CA ASP UA 500 74.36 88.62 -0.73
C ASP UA 500 73.89 90.06 -0.89
N THR UA 501 73.38 90.41 -2.07
CA THR UA 501 72.79 91.73 -2.30
C THR UA 501 71.40 91.64 -2.93
N VAL UA 502 71.19 90.70 -3.84
CA VAL UA 502 69.90 90.47 -4.48
C VAL UA 502 69.64 88.97 -4.54
N ILE UA 503 68.37 88.62 -4.73
CA ILE UA 503 67.96 87.24 -4.93
C ILE UA 503 67.66 87.05 -6.40
N ARG UA 504 68.57 86.41 -7.12
CA ARG UA 504 68.44 86.22 -8.56
C ARG UA 504 67.43 85.11 -8.81
N GLN UA 505 66.29 85.46 -9.40
CA GLN UA 505 65.23 84.51 -9.69
C GLN UA 505 65.31 84.07 -11.14
N ASN UA 506 65.92 82.90 -11.38
CA ASN UA 506 66.13 82.44 -12.75
C ASN UA 506 64.80 82.09 -13.40
N HIS UA 507 64.60 82.58 -14.62
CA HIS UA 507 63.39 82.31 -15.38
C HIS UA 507 63.49 81.05 -16.24
N VAL UA 508 64.67 80.47 -16.36
CA VAL UA 508 64.85 79.19 -17.03
C VAL UA 508 65.27 78.16 -16.00
N VAL UA 509 65.00 76.90 -16.29
CA VAL UA 509 65.25 75.80 -15.36
C VAL UA 509 66.29 74.89 -16.00
N ASP UA 510 67.53 75.00 -15.53
CA ASP UA 510 68.62 74.14 -15.98
C ASP UA 510 68.87 73.12 -14.87
N ILE UA 511 68.46 71.88 -15.10
CA ILE UA 511 68.48 70.85 -14.06
C ILE UA 511 69.82 70.13 -14.12
N SER UA 512 70.65 70.35 -13.10
CA SER UA 512 71.84 69.53 -12.93
C SER UA 512 71.43 68.15 -12.42
N VAL UA 513 72.03 67.11 -12.97
CA VAL UA 513 71.71 65.73 -12.58
C VAL UA 513 72.97 65.09 -12.03
N ALA UA 514 72.90 64.61 -10.80
CA ALA UA 514 74.05 63.98 -10.17
C ALA UA 514 74.30 62.61 -10.78
N VAL UA 515 75.51 62.39 -11.25
CA VAL UA 515 75.93 61.14 -11.87
C VAL UA 515 77.20 60.68 -11.19
N SER UA 516 77.22 59.41 -10.79
CA SER UA 516 78.39 58.82 -10.15
C SER UA 516 79.27 58.14 -11.18
N THR UA 517 80.53 58.53 -11.22
CA THR UA 517 81.55 58.01 -12.12
C THR UA 517 82.72 57.54 -11.26
N PRO UA 518 83.62 56.72 -11.81
CA PRO UA 518 84.77 56.26 -11.01
C PRO UA 518 85.63 57.40 -10.50
N ALA UA 519 85.56 58.59 -11.09
CA ALA UA 519 86.33 59.74 -10.62
C ALA UA 519 85.58 60.58 -9.59
N GLY UA 520 84.32 60.27 -9.31
CA GLY UA 520 83.54 61.00 -8.33
C GLY UA 520 82.15 61.36 -8.82
N LEU UA 521 81.58 62.37 -8.18
CA LEU UA 521 80.25 62.83 -8.54
C LEU UA 521 80.35 64.04 -9.47
N ILE UA 522 79.61 64.01 -10.58
CA ILE UA 522 79.60 65.11 -11.52
C ILE UA 522 78.15 65.43 -11.87
N THR UA 523 77.90 66.69 -12.26
CA THR UA 523 76.55 67.19 -12.44
C THR UA 523 76.36 67.75 -13.85
N PRO UA 524 76.17 66.90 -14.85
CA PRO UA 524 75.78 67.40 -16.18
C PRO UA 524 74.43 68.08 -16.12
N ILE UA 525 74.29 69.13 -16.92
CA ILE UA 525 73.12 70.02 -16.87
C ILE UA 525 72.23 69.74 -18.07
N VAL UA 526 70.95 69.47 -17.80
CA VAL UA 526 69.92 69.44 -18.83
C VAL UA 526 69.33 70.84 -18.88
N PHE UA 527 69.63 71.57 -19.95
CA PHE UA 527 69.16 72.94 -20.09
C PHE UA 527 67.73 72.95 -20.61
N ASN UA 528 66.95 73.94 -20.14
CA ASN UA 528 65.58 74.15 -20.60
C ASN UA 528 64.74 72.89 -20.41
N ALA UA 529 64.88 72.26 -19.24
CA ALA UA 529 64.09 71.07 -18.94
C ALA UA 529 62.61 71.42 -18.76
N HIS UA 530 62.30 72.70 -18.57
CA HIS UA 530 60.91 73.11 -18.41
C HIS UA 530 60.17 73.12 -19.75
N ILE UA 531 60.91 73.12 -20.86
CA ILE UA 531 60.29 73.10 -22.19
C ILE UA 531 60.66 71.86 -22.99
N LYS UA 532 61.71 71.13 -22.58
CA LYS UA 532 62.04 69.89 -23.26
C LYS UA 532 61.03 68.79 -22.93
N GLY UA 533 60.79 67.91 -23.91
CA GLY UA 533 59.90 66.80 -23.68
C GLY UA 533 60.59 65.63 -22.99
N LEU UA 534 59.80 64.62 -22.66
CA LEU UA 534 60.34 63.46 -21.94
C LEU UA 534 61.35 62.71 -22.79
N GLU UA 535 61.07 62.53 -24.08
CA GLU UA 535 62.03 61.83 -24.95
C GLU UA 535 63.32 62.64 -25.10
N THR UA 536 63.20 63.96 -25.30
CA THR UA 536 64.38 64.80 -25.39
C THR UA 536 65.17 64.80 -24.08
N ILE UA 537 64.47 64.86 -22.95
CA ILE UA 537 65.15 64.84 -21.65
C ILE UA 537 65.88 63.52 -21.47
N ALA UA 538 65.24 62.41 -21.82
CA ALA UA 538 65.88 61.11 -21.69
C ALA UA 538 67.12 61.00 -22.56
N ASN UA 539 67.01 61.45 -23.81
CA ASN UA 539 68.16 61.40 -24.71
C ASN UA 539 69.31 62.26 -24.19
N ASP UA 540 68.99 63.46 -23.71
CA ASP UA 540 70.00 64.34 -23.15
C ASP UA 540 70.66 63.70 -21.93
N VAL UA 541 69.87 63.07 -21.06
CA VAL UA 541 70.42 62.45 -19.87
C VAL UA 541 71.35 61.30 -20.24
N VAL UA 542 70.94 60.45 -21.19
CA VAL UA 542 71.80 59.34 -21.60
C VAL UA 542 73.10 59.86 -22.21
N SER UA 543 73.00 60.87 -23.09
CA SER UA 543 74.20 61.40 -23.74
C SER UA 543 75.15 62.01 -22.70
N LEU UA 544 74.61 62.81 -21.78
CA LEU UA 544 75.46 63.46 -20.79
C LEU UA 544 76.04 62.44 -19.81
N ALA UA 545 75.28 61.40 -19.47
CA ALA UA 545 75.80 60.36 -18.60
C ALA UA 545 76.95 59.61 -19.27
N THR UA 546 76.79 59.31 -20.56
CA THR UA 546 77.88 58.66 -21.30
C THR UA 546 79.11 59.56 -21.34
N LYS UA 547 78.92 60.85 -21.60
CA LYS UA 547 80.04 61.77 -21.62
C LYS UA 547 80.73 61.84 -20.25
N ALA UA 548 79.93 61.88 -19.18
CA ALA UA 548 80.50 61.94 -17.83
C ALA UA 548 81.29 60.68 -17.50
N ARG UA 549 80.74 59.52 -17.84
CA ARG UA 549 81.44 58.26 -17.57
C ARG UA 549 82.71 58.16 -18.40
N GLU UA 550 82.71 58.70 -19.62
CA GLU UA 550 83.90 58.69 -20.45
C GLU UA 550 84.85 59.84 -20.14
N GLY UA 551 84.47 60.76 -19.27
CA GLY UA 551 85.35 61.85 -18.90
C GLY UA 551 85.52 62.91 -19.96
N LYS UA 552 84.51 63.11 -20.80
CA LYS UA 552 84.60 64.04 -21.92
C LYS UA 552 83.73 65.28 -21.74
N LEU UA 553 83.20 65.51 -20.54
CA LEU UA 553 82.31 66.65 -20.32
C LEU UA 553 83.09 67.96 -20.38
N GLN UA 554 82.54 68.93 -21.11
CA GLN UA 554 83.09 70.28 -21.13
C GLN UA 554 82.66 71.05 -19.90
N PRO UA 555 83.44 72.04 -19.47
CA PRO UA 555 83.09 72.79 -18.24
C PRO UA 555 81.71 73.43 -18.28
N HIS UA 556 81.28 73.93 -19.44
CA HIS UA 556 79.97 74.56 -19.52
C HIS UA 556 78.84 73.54 -19.41
N GLU UA 557 79.12 72.26 -19.64
CA GLU UA 557 78.09 71.23 -19.55
C GLU UA 557 77.82 70.77 -18.14
N PHE UA 558 78.65 71.14 -17.16
CA PHE UA 558 78.39 70.78 -15.77
C PHE UA 558 78.57 71.93 -14.79
N GLN UA 559 78.96 73.12 -15.23
CA GLN UA 559 79.05 74.28 -14.37
C GLN UA 559 77.84 75.17 -14.58
N GLY UA 560 77.12 75.47 -13.50
CA GLY UA 560 75.94 76.30 -13.59
C GLY UA 560 74.69 75.59 -13.12
N GLY UA 561 73.57 75.83 -13.80
CA GLY UA 561 72.31 75.24 -13.43
C GLY UA 561 71.61 76.03 -12.33
N THR UA 562 70.31 75.73 -12.17
CA THR UA 562 69.49 76.41 -11.18
C THR UA 562 68.87 75.45 -10.17
N PHE UA 563 68.88 74.15 -10.43
CA PHE UA 563 68.25 73.18 -9.56
C PHE UA 563 68.90 71.82 -9.81
N THR UA 564 69.24 71.13 -8.71
CA THR UA 564 69.97 69.88 -8.79
C THR UA 564 69.08 68.72 -8.37
N ILE UA 565 69.25 67.58 -9.03
CA ILE UA 565 68.54 66.34 -8.68
C ILE UA 565 69.57 65.24 -8.50
N SER UA 566 69.57 64.62 -7.32
CA SER UA 566 70.45 63.50 -7.01
C SER UA 566 69.58 62.29 -6.68
N ASN UA 567 69.62 61.28 -7.55
CA ASN UA 567 68.78 60.10 -7.42
C ASN UA 567 69.65 58.92 -7.02
N LEU UA 568 69.39 58.35 -5.85
CA LEU UA 568 70.08 57.17 -5.38
C LEU UA 568 69.14 55.99 -5.18
N GLY UA 569 67.98 55.99 -5.85
CA GLY UA 569 67.05 54.90 -5.70
C GLY UA 569 67.58 53.58 -6.24
N MET UA 570 68.43 53.65 -7.27
CA MET UA 570 68.97 52.44 -7.88
C MET UA 570 69.90 51.69 -6.92
N PHE UA 571 70.37 52.35 -5.86
CA PHE UA 571 71.21 51.71 -4.85
C PHE UA 571 70.42 51.24 -3.64
N GLY UA 572 69.09 51.37 -3.66
CA GLY UA 572 68.27 50.88 -2.57
C GLY UA 572 68.11 51.81 -1.40
N ILE UA 573 68.52 53.07 -1.54
CA ILE UA 573 68.36 54.03 -0.45
C ILE UA 573 66.89 54.40 -0.31
N LYS UA 574 66.36 54.27 0.90
CA LYS UA 574 64.97 54.66 1.14
C LYS UA 574 64.79 56.16 0.99
N ASN UA 575 65.63 56.94 1.66
CA ASN UA 575 65.66 58.39 1.49
C ASN UA 575 67.00 58.91 2.01
N PHE UA 576 67.34 60.12 1.60
CA PHE UA 576 68.58 60.74 2.05
C PHE UA 576 68.47 62.25 1.89
N SER UA 577 69.39 62.95 2.55
CA SER UA 577 69.47 64.41 2.52
C SER UA 577 70.79 64.80 1.87
N ALA UA 578 70.71 65.62 0.82
CA ALA UA 578 71.90 65.98 0.06
C ALA UA 578 72.38 67.39 0.43
N ILE UA 579 73.51 67.76 -0.16
CA ILE UA 579 74.12 69.07 0.07
C ILE UA 579 73.81 69.96 -1.13
N ILE UA 580 73.37 71.19 -0.85
CA ILE UA 580 73.03 72.12 -1.92
C ILE UA 580 74.29 72.50 -2.68
N ASN UA 581 74.22 72.38 -4.01
CA ASN UA 581 75.33 72.76 -4.88
C ASN UA 581 75.26 74.26 -5.11
N PRO UA 582 76.27 75.02 -4.70
CA PRO UA 582 76.21 76.48 -4.82
C PRO UA 582 76.29 76.91 -6.27
N PRO UA 583 75.74 78.07 -6.63
CA PRO UA 583 74.99 79.01 -5.77
C PRO UA 583 73.49 78.74 -5.76
N GLN UA 584 73.05 77.52 -6.07
CA GLN UA 584 71.64 77.23 -6.16
C GLN UA 584 70.99 77.26 -4.78
N ALA UA 585 69.65 77.17 -4.77
CA ALA UA 585 68.90 77.29 -3.54
C ALA UA 585 68.30 75.98 -3.05
N CYS UA 586 68.21 74.96 -3.90
CA CYS UA 586 67.60 73.70 -3.52
C CYS UA 586 68.28 72.55 -4.25
N ILE UA 587 68.10 71.35 -3.70
CA ILE UA 587 68.51 70.11 -4.35
C ILE UA 587 67.53 69.03 -3.95
N LEU UA 588 67.05 68.26 -4.92
CA LEU UA 588 66.07 67.22 -4.70
C LEU UA 588 66.78 65.88 -4.59
N ALA UA 589 66.68 65.25 -3.42
CA ALA UA 589 67.26 63.94 -3.17
C ALA UA 589 66.18 62.89 -3.32
N VAL UA 590 66.40 61.93 -4.21
CA VAL UA 590 65.39 60.95 -4.58
C VAL UA 590 65.84 59.57 -4.11
N GLY UA 591 64.94 58.87 -3.43
CA GLY UA 591 65.21 57.54 -2.93
C GLY UA 591 64.58 56.46 -3.80
N ALA UA 592 64.52 55.25 -3.24
CA ALA UA 592 64.03 54.11 -3.99
C ALA UA 592 62.51 54.00 -3.89
N SER UA 593 61.92 53.35 -4.89
CA SER UA 593 60.48 53.09 -4.89
C SER UA 593 60.20 51.71 -4.32
N GLU UA 594 59.34 51.67 -3.31
CA GLU UA 594 59.00 50.43 -2.62
C GLU UA 594 57.49 50.32 -2.49
N ASP UA 595 57.00 49.08 -2.51
CA ASP UA 595 55.56 48.82 -2.38
C ASP UA 595 55.17 48.92 -0.90
N ARG UA 596 54.11 49.67 -0.63
CA ARG UA 596 53.62 49.87 0.73
C ARG UA 596 52.12 49.70 0.78
N LEU UA 597 51.64 49.18 1.90
CA LEU UA 597 50.20 48.99 2.12
C LEU UA 597 49.57 50.27 2.62
N PHE UA 598 48.36 50.55 2.12
CA PHE UA 598 47.64 51.76 2.50
C PHE UA 598 46.17 51.46 2.72
N PRO UA 599 45.49 52.25 3.56
CA PRO UA 599 44.05 52.04 3.76
C PRO UA 599 43.29 52.23 2.46
N ALA UA 600 42.24 51.42 2.27
CA ALA UA 600 41.38 51.51 1.11
C ALA UA 600 39.97 51.10 1.49
N ASP UA 601 38.99 51.62 0.75
CA ASP UA 601 37.58 51.29 0.99
C ASP UA 601 37.20 50.11 0.09
N ASN UA 602 37.81 48.96 0.37
CA ASN UA 602 37.55 47.75 -0.37
C ASN UA 602 37.34 46.60 0.61
N GLU UA 603 37.07 45.41 0.05
CA GLU UA 603 36.79 44.25 0.88
C GLU UA 603 38.00 43.86 1.73
N LYS UA 604 39.20 43.86 1.13
CA LYS UA 604 40.40 43.52 1.88
C LYS UA 604 40.76 44.59 2.91
N GLY UA 605 40.32 45.83 2.72
CA GLY UA 605 40.66 46.90 3.61
C GLY UA 605 41.97 47.59 3.33
N PHE UA 606 42.68 47.18 2.28
CA PHE UA 606 43.97 47.80 1.98
C PHE UA 606 44.28 47.63 0.50
N ASP UA 607 45.26 48.41 0.04
CA ASP UA 607 45.75 48.36 -1.33
C ASP UA 607 47.27 48.48 -1.32
N VAL UA 608 47.89 48.14 -2.44
CA VAL UA 608 49.34 48.17 -2.59
C VAL UA 608 49.69 49.29 -3.58
N ALA UA 609 50.56 50.20 -3.14
CA ALA UA 609 50.98 51.32 -3.97
C ALA UA 609 52.49 51.44 -3.93
N SER UA 610 53.09 51.73 -5.09
CA SER UA 610 54.53 51.91 -5.19
C SER UA 610 54.87 53.37 -4.89
N MET UA 611 55.43 53.62 -3.71
CA MET UA 611 55.69 54.98 -3.25
C MET UA 611 57.18 55.28 -3.30
N MET UA 612 57.51 56.54 -3.56
CA MET UA 612 58.88 57.01 -3.65
C MET UA 612 59.04 58.20 -2.70
N SER UA 613 60.07 58.17 -1.87
CA SER UA 613 60.29 59.22 -0.88
C SER UA 613 61.34 60.20 -1.38
N VAL UA 614 60.96 61.48 -1.45
CA VAL UA 614 61.86 62.51 -1.94
C VAL UA 614 62.06 63.57 -0.86
N THR UA 615 63.31 63.99 -0.71
CA THR UA 615 63.70 64.99 0.29
C THR UA 615 64.33 66.17 -0.43
N LEU UA 616 63.72 67.34 -0.28
CA LEU UA 616 64.24 68.59 -0.84
C LEU UA 616 65.01 69.32 0.24
N SER UA 617 66.28 69.61 -0.02
CA SER UA 617 67.10 70.40 0.88
C SER UA 617 67.13 71.84 0.39
N CYS UA 618 66.66 72.76 1.22
CA CYS UA 618 66.42 74.13 0.82
C CYS UA 618 67.31 75.09 1.60
N ASP UA 619 67.74 76.15 0.92
CA ASP UA 619 68.42 77.27 1.55
C ASP UA 619 67.39 78.14 2.26
N HIS UA 620 67.43 78.16 3.59
CA HIS UA 620 66.42 78.88 4.35
C HIS UA 620 66.50 80.39 4.18
N ARG UA 621 67.60 80.90 3.62
CA ARG UA 621 67.65 82.32 3.30
C ARG UA 621 66.69 82.69 2.18
N VAL UA 622 66.54 81.81 1.20
CA VAL UA 622 65.72 82.08 0.01
C VAL UA 622 64.36 81.40 0.12
N VAL UA 623 64.34 80.13 0.48
CA VAL UA 623 63.11 79.33 0.49
C VAL UA 623 62.74 79.05 1.94
N ASP UA 624 61.60 79.58 2.38
CA ASP UA 624 61.13 79.26 3.71
C ASP UA 624 60.29 77.98 3.68
N GLY UA 625 59.81 77.59 4.86
CA GLY UA 625 59.12 76.32 4.98
C GLY UA 625 57.88 76.23 4.13
N ALA UA 626 57.07 77.28 4.10
CA ALA UA 626 55.85 77.27 3.31
C ALA UA 626 56.14 77.15 1.82
N VAL UA 627 57.16 77.88 1.33
CA VAL UA 627 57.50 77.81 -0.08
C VAL UA 627 58.04 76.44 -0.45
N GLY UA 628 58.91 75.87 0.40
CA GLY UA 628 59.41 74.53 0.13
C GLY UA 628 58.30 73.49 0.12
N ALA UA 629 57.36 73.61 1.06
CA ALA UA 629 56.23 72.69 1.10
C ALA UA 629 55.35 72.84 -0.13
N GLN UA 630 55.13 74.08 -0.58
CA GLN UA 630 54.34 74.29 -1.79
C GLN UA 630 55.03 73.67 -3.00
N TRP UA 631 56.36 73.82 -3.09
CA TRP UA 631 57.10 73.21 -4.19
C TRP UA 631 56.95 71.69 -4.15
N LEU UA 632 57.08 71.08 -2.98
CA LEU UA 632 56.97 69.64 -2.88
C LEU UA 632 55.56 69.17 -3.21
N ALA UA 633 54.54 69.93 -2.80
CA ALA UA 633 53.17 69.58 -3.14
C ALA UA 633 52.93 69.63 -4.64
N GLU UA 634 53.46 70.67 -5.30
CA GLU UA 634 53.32 70.75 -6.76
C GLU UA 634 54.03 69.60 -7.45
N PHE UA 635 55.24 69.27 -6.99
CA PHE UA 635 55.99 68.16 -7.54
C PHE UA 635 55.23 66.84 -7.39
N ARG UA 636 54.66 66.63 -6.19
CA ARG UA 636 53.91 65.41 -5.93
C ARG UA 636 52.66 65.33 -6.80
N LYS UA 637 51.97 66.47 -6.97
CA LYS UA 637 50.79 66.48 -7.84
C LYS UA 637 51.16 66.14 -9.28
N TYR UA 638 52.24 66.75 -9.78
CA TYR UA 638 52.67 66.48 -11.15
C TYR UA 638 53.02 65.02 -11.34
N LEU UA 639 53.71 64.41 -10.37
CA LEU UA 639 54.04 63.01 -10.52
C LEU UA 639 52.82 62.10 -10.37
N GLU UA 640 51.92 62.41 -9.42
CA GLU UA 640 50.77 61.55 -9.21
C GLU UA 640 49.76 61.64 -10.34
N LYS UA 641 49.77 62.72 -11.11
CA LYS UA 641 48.94 62.84 -12.31
C LYS UA 641 49.83 63.25 -13.47
N PRO UA 642 50.45 62.28 -14.15
CA PRO UA 642 51.36 62.62 -15.25
C PRO UA 642 50.71 63.39 -16.38
N ILE UA 643 49.40 63.22 -16.57
CA ILE UA 643 48.70 63.96 -17.63
C ILE UA 643 48.65 65.45 -17.33
N THR UA 644 48.88 65.83 -16.07
CA THR UA 644 48.89 67.25 -15.72
C THR UA 644 50.19 67.96 -16.12
N MET UA 645 51.22 67.23 -16.54
CA MET UA 645 52.38 67.89 -17.10
C MET UA 645 52.12 68.49 -18.47
N LEU UA 646 50.97 68.19 -19.07
CA LEU UA 646 50.57 68.82 -20.32
C LEU UA 646 50.12 70.27 -20.12
N LEU UA 647 49.66 70.62 -18.92
CA LEU UA 647 49.33 72.01 -18.59
C LEU UA 647 50.58 72.87 -18.53
N PHE VA 420 90.79 -14.65 60.79
CA PHE VA 420 89.75 -14.52 61.81
C PHE VA 420 90.12 -13.48 62.86
N THR VA 421 89.16 -13.13 63.70
CA THR VA 421 89.36 -12.19 64.79
C THR VA 421 88.77 -12.76 66.07
N ASP VA 422 89.55 -12.76 67.15
CA ASP VA 422 89.10 -13.27 68.43
C ASP VA 422 88.56 -12.11 69.26
N ILE VA 423 87.24 -12.10 69.47
CA ILE VA 423 86.59 -11.06 70.26
C ILE VA 423 86.45 -11.57 71.68
N PRO VA 424 87.04 -10.92 72.68
CA PRO VA 424 86.92 -11.39 74.06
C PRO VA 424 85.46 -11.41 74.51
N ILE VA 425 85.13 -12.42 75.32
CA ILE VA 425 83.77 -12.57 75.83
C ILE VA 425 83.63 -11.73 77.10
N SER VA 426 82.63 -10.85 77.11
CA SER VA 426 82.38 -10.04 78.29
C SER VA 426 81.79 -10.90 79.40
N ASN VA 427 81.85 -10.38 80.63
CA ASN VA 427 81.27 -11.09 81.77
C ASN VA 427 79.75 -11.18 81.64
N ILE VA 428 79.12 -10.12 81.12
CA ILE VA 428 77.68 -10.16 80.90
C ILE VA 428 77.32 -11.25 79.90
N ARG VA 429 78.07 -11.33 78.81
CA ARG VA 429 77.82 -12.37 77.81
C ARG VA 429 78.08 -13.76 78.39
N ARG VA 430 79.10 -13.89 79.24
CA ARG VA 430 79.36 -15.17 79.90
C ARG VA 430 78.20 -15.57 80.79
N VAL VA 431 77.64 -14.61 81.53
CA VAL VA 431 76.50 -14.90 82.39
C VAL VA 431 75.30 -15.33 81.56
N ILE VA 432 75.04 -14.62 80.46
CA ILE VA 432 73.90 -14.97 79.60
C ILE VA 432 74.10 -16.36 79.01
N ALA VA 433 75.32 -16.66 78.54
CA ALA VA 433 75.60 -17.97 77.97
C ALA VA 433 75.44 -19.07 79.02
N GLN VA 434 75.89 -18.82 80.24
CA GLN VA 434 75.73 -19.81 81.30
C GLN VA 434 74.26 -20.04 81.63
N ARG VA 435 73.46 -18.98 81.65
CA ARG VA 435 72.03 -19.14 81.87
C ARG VA 435 71.39 -19.96 80.76
N LEU VA 436 71.76 -19.69 79.51
CA LEU VA 436 71.19 -20.43 78.39
C LEU VA 436 71.61 -21.90 78.44
N MET VA 437 72.87 -22.16 78.79
CA MET VA 437 73.34 -23.53 78.94
C MET VA 437 72.55 -24.25 80.04
N GLN VA 438 72.36 -23.58 81.18
CA GLN VA 438 71.60 -24.18 82.26
C GLN VA 438 70.17 -24.49 81.83
N SER VA 439 69.54 -23.56 81.11
CA SER VA 439 68.18 -23.78 80.64
C SER VA 439 68.11 -24.99 79.71
N LYS VA 440 68.98 -25.03 78.71
CA LYS VA 440 68.90 -26.11 77.73
C LYS VA 440 69.37 -27.45 78.30
N GLN VA 441 70.12 -27.43 79.41
CA GLN VA 441 70.58 -28.67 79.99
C GLN VA 441 69.61 -29.22 81.04
N THR VA 442 68.88 -28.35 81.74
CA THR VA 442 68.03 -28.80 82.82
C THR VA 442 66.54 -28.76 82.50
N ILE VA 443 66.12 -28.07 81.44
CA ILE VA 443 64.71 -27.92 81.10
C ILE VA 443 64.43 -28.74 79.84
N PRO VA 444 63.61 -29.79 79.91
CA PRO VA 444 63.26 -30.53 78.69
C PRO VA 444 62.25 -29.79 77.82
N HIS VA 445 62.75 -28.90 76.97
CA HIS VA 445 61.88 -28.08 76.14
C HIS VA 445 61.06 -28.93 75.18
N TYR VA 446 59.82 -28.52 74.93
CA TYR VA 446 59.08 -29.00 73.77
C TYR VA 446 58.17 -27.89 73.27
N TYR VA 447 58.00 -27.81 71.96
CA TYR VA 447 57.47 -26.62 71.31
C TYR VA 447 56.13 -26.91 70.67
N LEU VA 448 55.17 -25.99 70.86
CA LEU VA 448 53.84 -26.09 70.24
C LEU VA 448 53.53 -24.81 69.49
N SER VA 449 53.13 -24.94 68.22
CA SER VA 449 52.91 -23.78 67.36
C SER VA 449 51.47 -23.72 66.90
N VAL VA 450 50.91 -22.51 66.86
CA VAL VA 450 49.57 -22.28 66.34
C VAL VA 450 49.56 -21.00 65.52
N ASP VA 451 48.46 -20.78 64.81
CA ASP VA 451 48.23 -19.60 64.02
C ASP VA 451 47.02 -18.83 64.55
N VAL VA 452 47.19 -17.52 64.70
CA VAL VA 452 46.18 -16.64 65.29
C VAL VA 452 45.76 -15.62 64.26
N ASN VA 453 44.44 -15.48 64.05
CA ASN VA 453 43.90 -14.50 63.12
C ASN VA 453 43.87 -13.14 63.82
N MET VA 454 44.48 -12.14 63.18
CA MET VA 454 44.71 -10.86 63.82
C MET VA 454 43.88 -9.71 63.24
N GLY VA 455 42.90 -10.00 62.40
CA GLY VA 455 42.10 -8.93 61.81
C GLY VA 455 41.33 -8.13 62.84
N GLU VA 456 40.67 -8.82 63.77
CA GLU VA 456 39.91 -8.12 64.79
C GLU VA 456 40.81 -7.35 65.73
N VAL VA 457 41.99 -7.90 66.04
CA VAL VA 457 42.95 -7.17 66.87
C VAL VA 457 43.40 -5.90 66.16
N LEU VA 458 43.66 -5.98 64.86
CA LEU VA 458 44.06 -4.79 64.13
C LEU VA 458 42.95 -3.74 64.11
N LEU VA 459 41.71 -4.17 63.90
CA LEU VA 459 40.60 -3.23 63.88
C LEU VA 459 40.43 -2.56 65.25
N VAL VA 460 40.46 -3.35 66.32
CA VAL VA 460 40.32 -2.81 67.67
C VAL VA 460 41.48 -1.88 68.00
N ARG VA 461 42.68 -2.23 67.56
CA ARG VA 461 43.84 -1.38 67.81
C ARG VA 461 43.73 -0.06 67.08
N LYS VA 462 43.26 -0.08 65.83
CA LYS VA 462 43.04 1.16 65.10
C LYS VA 462 42.02 2.04 65.80
N GLU VA 463 40.91 1.45 66.25
CA GLU VA 463 39.89 2.22 66.95
C GLU VA 463 40.42 2.80 68.26
N LEU VA 464 41.17 2.00 69.01
CA LEU VA 464 41.73 2.46 70.28
C LEU VA 464 42.75 3.57 70.07
N ASN VA 465 43.58 3.45 69.03
CA ASN VA 465 44.55 4.52 68.73
C ASN VA 465 43.84 5.79 68.29
N LYS VA 466 42.76 5.67 67.53
CA LYS VA 466 41.98 6.85 67.17
C LYS VA 466 41.37 7.51 68.41
N MET VA 467 40.84 6.70 69.33
CA MET VA 467 40.26 7.26 70.55
C MET VA 467 41.31 7.90 71.45
N LEU VA 468 42.52 7.34 71.47
CA LEU VA 468 43.58 7.86 72.33
C LEU VA 468 44.01 9.28 71.97
N GLU VA 469 43.84 9.69 70.71
CA GLU VA 469 44.12 11.05 70.27
C GLU VA 469 45.57 11.46 70.57
N GLY VA 470 46.48 10.51 70.40
CA GLY VA 470 47.89 10.79 70.54
C GLY VA 470 48.42 10.79 71.95
N ARG VA 471 47.57 10.57 72.96
CA ARG VA 471 48.06 10.49 74.33
C ARG VA 471 48.98 9.28 74.51
N SER VA 472 48.61 8.15 73.90
CA SER VA 472 49.46 6.97 73.85
C SER VA 472 49.23 6.27 72.52
N LYS VA 473 49.98 5.19 72.29
CA LYS VA 473 49.85 4.39 71.09
C LYS VA 473 49.83 2.92 71.49
N ILE VA 474 48.74 2.23 71.17
CA ILE VA 474 48.62 0.82 71.51
C ILE VA 474 49.22 -0.02 70.38
N SER VA 475 50.14 -0.90 70.74
CA SER VA 475 50.79 -1.77 69.77
C SER VA 475 50.25 -3.19 69.85
N VAL VA 476 50.59 -3.99 68.84
CA VAL VA 476 50.16 -5.39 68.81
C VAL VA 476 50.78 -6.18 69.95
N ASN VA 477 52.02 -5.85 70.33
CA ASN VA 477 52.65 -6.54 71.43
C ASN VA 477 51.91 -6.30 72.75
N ASP VA 478 51.23 -5.16 72.89
CA ASP VA 478 50.41 -4.94 74.09
C ASP VA 478 49.23 -5.90 74.14
N PHE VA 479 48.54 -6.09 73.01
CA PHE VA 479 47.49 -7.09 72.95
C PHE VA 479 48.03 -8.48 73.25
N ILE VA 480 49.21 -8.78 72.71
CA ILE VA 480 49.80 -10.10 72.94
C ILE VA 480 50.12 -10.31 74.41
N ILE VA 481 50.68 -9.28 75.07
CA ILE VA 481 51.01 -9.40 76.48
C ILE VA 481 49.75 -9.57 77.32
N LYS VA 482 48.70 -8.79 77.02
CA LYS VA 482 47.46 -8.90 77.77
C LYS VA 482 46.83 -10.28 77.59
N ALA VA 483 46.81 -10.78 76.35
CA ALA VA 483 46.24 -12.10 76.10
C ALA VA 483 47.05 -13.18 76.79
N SER VA 484 48.38 -13.05 76.79
CA SER VA 484 49.23 -14.03 77.47
C SER VA 484 48.95 -14.03 78.97
N ALA VA 485 48.80 -12.84 79.56
CA ALA VA 485 48.50 -12.77 81.00
C ALA VA 485 47.16 -13.40 81.32
N LEU VA 486 46.14 -13.13 80.50
CA LEU VA 486 44.83 -13.72 80.76
C LEU VA 486 44.84 -15.23 80.57
N ALA VA 487 45.55 -15.72 79.55
CA ALA VA 487 45.66 -17.16 79.34
C ALA VA 487 46.43 -17.80 80.49
N CYS VA 488 47.44 -17.11 81.03
CA CYS VA 488 48.15 -17.62 82.20
C CYS VA 488 47.23 -17.69 83.40
N LEU VA 489 46.34 -16.71 83.57
CA LEU VA 489 45.36 -16.79 84.64
C LEU VA 489 44.43 -17.99 84.46
N LYS VA 490 43.99 -18.23 83.22
CA LYS VA 490 43.05 -19.32 82.98
C LYS VA 490 43.72 -20.68 83.13
N VAL VA 491 45.00 -20.79 82.75
CA VAL VA 491 45.73 -22.04 82.84
C VAL VA 491 46.97 -21.82 83.69
N PRO VA 492 46.86 -21.94 85.02
CA PRO VA 492 47.99 -21.58 85.90
C PRO VA 492 49.21 -22.48 85.77
N GLU VA 493 49.10 -23.63 85.10
CA GLU VA 493 50.26 -24.51 84.98
C GLU VA 493 51.37 -23.84 84.18
N ALA VA 494 51.01 -23.07 83.16
CA ALA VA 494 52.01 -22.32 82.41
C ALA VA 494 52.62 -21.19 83.23
N ASN VA 495 52.02 -20.86 84.36
CA ASN VA 495 52.54 -19.86 85.28
C ASN VA 495 53.19 -20.49 86.51
N SER VA 496 53.90 -21.60 86.33
CA SER VA 496 54.52 -22.32 87.42
C SER VA 496 56.04 -22.33 87.25
N SER VA 497 56.70 -22.91 88.23
CA SER VA 497 58.15 -23.05 88.24
C SER VA 497 58.52 -24.34 88.94
N TRP VA 498 59.54 -25.02 88.41
CA TRP VA 498 60.01 -26.28 88.97
C TRP VA 498 61.19 -26.01 89.90
N LEU VA 499 61.09 -26.47 91.15
CA LEU VA 499 62.10 -26.21 92.17
C LEU VA 499 62.63 -27.52 92.74
N ASP VA 500 62.45 -28.61 92.01
CA ASP VA 500 63.02 -29.92 92.29
C ASP VA 500 62.40 -30.59 93.51
N THR VA 501 61.56 -29.86 94.24
CA THR VA 501 60.80 -30.43 95.36
C THR VA 501 59.33 -30.11 95.28
N VAL VA 502 58.97 -28.90 94.85
CA VAL VA 502 57.58 -28.49 94.68
C VAL VA 502 57.46 -27.74 93.37
N ILE VA 503 56.22 -27.64 92.88
CA ILE VA 503 55.90 -26.85 91.69
C ILE VA 503 55.24 -25.57 92.15
N ARG VA 504 56.00 -24.48 92.12
CA ARG VA 504 55.51 -23.18 92.59
C ARG VA 504 54.57 -22.60 91.55
N GLN VA 505 53.30 -22.48 91.89
CA GLN VA 505 52.29 -21.97 90.97
C GLN VA 505 52.03 -20.50 91.28
N ASN VA 506 52.66 -19.60 90.51
CA ASN VA 506 52.53 -18.17 90.79
C ASN VA 506 51.12 -17.69 90.51
N HIS VA 507 50.56 -16.94 91.45
CA HIS VA 507 49.22 -16.38 91.32
C HIS VA 507 49.21 -15.01 90.65
N VAL VA 508 50.37 -14.40 90.45
CA VAL VA 508 50.49 -13.16 89.70
C VAL VA 508 51.25 -13.44 88.42
N VAL VA 509 51.03 -12.61 87.41
CA VAL VA 509 51.62 -12.81 86.09
C VAL VA 509 52.53 -11.62 85.81
N ASP VA 510 53.84 -11.84 85.95
CA ASP VA 510 54.85 -10.84 85.65
C ASP VA 510 55.47 -11.22 84.31
N ILE VA 511 55.12 -10.48 83.25
CA ILE VA 511 55.52 -10.84 81.90
C ILE VA 511 56.86 -10.19 81.58
N SER VA 512 57.90 -11.01 81.48
CA SER VA 512 59.17 -10.53 80.94
C SER VA 512 59.03 -10.35 79.43
N VAL VA 513 59.56 -9.26 78.90
CA VAL VA 513 59.49 -8.95 77.48
C VAL VA 513 60.90 -8.87 76.93
N ALA VA 514 61.20 -9.69 75.93
CA ALA VA 514 62.53 -9.70 75.34
C ALA VA 514 62.73 -8.46 74.50
N VAL VA 515 63.80 -7.72 74.78
CA VAL VA 515 64.15 -6.49 74.08
C VAL VA 515 65.59 -6.61 73.63
N SER VA 516 65.84 -6.31 72.35
CA SER VA 516 67.18 -6.34 71.80
C SER VA 516 67.82 -4.97 71.87
N THR VA 517 68.98 -4.90 72.49
CA THR VA 517 69.78 -3.69 72.66
C THR VA 517 71.17 -3.97 72.11
N PRO VA 518 71.96 -2.93 71.84
CA PRO VA 518 73.32 -3.17 71.33
C PRO VA 518 74.18 -4.01 72.24
N ALA VA 519 73.85 -4.12 73.53
CA ALA VA 519 74.60 -4.95 74.47
C ALA VA 519 74.07 -6.38 74.56
N GLY VA 520 72.96 -6.69 73.90
CA GLY VA 520 72.40 -8.02 73.91
C GLY VA 520 70.91 -8.05 74.16
N LEU VA 521 70.43 -9.20 74.61
CA LEU VA 521 69.01 -9.36 74.90
C LEU VA 521 68.76 -9.16 76.39
N ILE VA 522 67.76 -8.34 76.72
CA ILE VA 522 67.40 -8.10 78.10
C ILE VA 522 65.89 -8.23 78.24
N THR VA 523 65.43 -8.56 79.45
CA THR VA 523 64.03 -8.91 79.68
C THR VA 523 63.43 -8.04 80.78
N PRO VA 524 63.07 -6.80 80.46
CA PRO VA 524 62.30 -5.99 81.43
C PRO VA 524 60.95 -6.63 81.71
N ILE VA 525 60.51 -6.50 82.95
CA ILE VA 525 59.32 -7.20 83.45
C ILE VA 525 58.18 -6.21 83.57
N VAL VA 526 57.04 -6.54 82.95
CA VAL VA 526 55.79 -5.83 83.18
C VAL VA 526 55.08 -6.60 84.29
N PHE VA 527 55.01 -6.01 85.48
CA PHE VA 527 54.40 -6.66 86.62
C PHE VA 527 52.88 -6.49 86.57
N ASN VA 528 52.17 -7.52 87.05
CA ASN VA 528 50.71 -7.49 87.15
C ASN VA 528 50.07 -7.17 85.80
N ALA VA 529 50.57 -7.82 84.75
CA ALA VA 529 50.00 -7.63 83.42
C ALA VA 529 48.60 -8.23 83.33
N HIS VA 530 48.23 -9.09 84.28
CA HIS VA 530 46.90 -9.68 84.27
C HIS VA 530 45.84 -8.69 84.74
N ILE VA 531 46.26 -7.61 85.42
CA ILE VA 531 45.32 -6.58 85.87
C ILE VA 531 45.58 -5.23 85.25
N LYS VA 532 46.75 -5.01 84.65
CA LYS VA 532 47.01 -3.76 83.97
C LYS VA 532 46.23 -3.67 82.66
N GLY VA 533 45.82 -2.45 82.30
CA GLY VA 533 45.13 -2.25 81.05
C GLY VA 533 46.08 -2.13 79.87
N LEU VA 534 45.50 -2.04 78.68
CA LEU VA 534 46.31 -1.98 77.47
C LEU VA 534 47.14 -0.70 77.42
N GLU VA 535 46.54 0.43 77.80
CA GLU VA 535 47.30 1.68 77.81
C GLU VA 535 48.43 1.65 78.83
N THR VA 536 48.13 1.14 80.03
CA THR VA 536 49.17 1.01 81.05
C THR VA 536 50.27 0.05 80.61
N ILE VA 537 49.89 -1.07 80.00
CA ILE VA 537 50.88 -2.03 79.53
C ILE VA 537 51.76 -1.39 78.45
N ALA VA 538 51.15 -0.66 77.53
CA ALA VA 538 51.92 -0.01 76.47
C ALA VA 538 52.89 1.02 77.04
N ASN VA 539 52.42 1.83 77.99
CA ASN VA 539 53.30 2.83 78.60
C ASN VA 539 54.45 2.17 79.34
N ASP VA 540 54.15 1.09 80.09
CA ASP VA 540 55.20 0.38 80.80
C ASP VA 540 56.21 -0.22 79.83
N VAL VA 541 55.74 -0.78 78.72
CA VAL VA 541 56.64 -1.38 77.74
C VAL VA 541 57.54 -0.33 77.12
N VAL VA 542 56.98 0.83 76.74
CA VAL VA 542 57.79 1.89 76.16
C VAL VA 542 58.83 2.38 77.16
N SER VA 543 58.41 2.61 78.41
CA SER VA 543 59.35 3.11 79.42
C SER VA 543 60.47 2.11 79.67
N LEU VA 544 60.13 0.83 79.81
CA LEU VA 544 61.15 -0.18 80.09
C LEU VA 544 62.05 -0.40 78.88
N ALA VA 545 61.51 -0.31 77.67
CA ALA VA 545 62.34 -0.43 76.48
C ALA VA 545 63.33 0.72 76.38
N THR VA 546 62.87 1.94 76.69
CA THR VA 546 63.78 3.09 76.70
C THR VA 546 64.88 2.90 77.74
N LYS VA 547 64.49 2.44 78.94
CA LYS VA 547 65.48 2.20 79.98
C LYS VA 547 66.49 1.14 79.55
N ALA VA 548 66.01 0.06 78.92
CA ALA VA 548 66.90 -1.01 78.48
C ALA VA 548 67.86 -0.52 77.40
N ARG VA 549 67.35 0.25 76.44
CA ARG VA 549 68.21 0.78 75.39
C ARG VA 549 69.22 1.77 75.94
N GLU VA 550 68.86 2.53 76.97
CA GLU VA 550 69.78 3.46 77.59
C GLU VA 550 70.67 2.80 78.64
N GLY VA 551 70.45 1.53 78.96
CA GLY VA 551 71.29 0.83 79.90
C GLY VA 551 71.07 1.23 81.35
N LYS VA 552 69.87 1.67 81.69
CA LYS VA 552 69.57 2.17 83.03
C LYS VA 552 68.67 1.23 83.83
N LEU VA 553 68.44 0.01 83.36
CA LEU VA 553 67.56 -0.90 84.06
C LEU VA 553 68.17 -1.37 85.37
N GLN VA 554 67.36 -1.34 86.44
CA GLN VA 554 67.76 -1.88 87.72
C GLN VA 554 67.59 -3.40 87.73
N PRO VA 555 68.36 -4.11 88.55
CA PRO VA 555 68.28 -5.58 88.55
C PRO VA 555 66.88 -6.13 88.84
N HIS VA 556 66.12 -5.48 89.72
CA HIS VA 556 64.78 -5.97 90.01
C HIS VA 556 63.82 -5.75 88.85
N GLU VA 557 64.15 -4.87 87.92
CA GLU VA 557 63.28 -4.62 86.77
C GLU VA 557 63.43 -5.64 85.66
N PHE VA 558 64.45 -6.50 85.71
CA PHE VA 558 64.60 -7.55 84.70
C PHE VA 558 64.92 -8.92 85.27
N GLN VA 559 65.07 -9.07 86.59
CA GLN VA 559 65.28 -10.36 87.20
C GLN VA 559 63.97 -10.85 87.82
N GLY VA 560 63.54 -12.04 87.43
CA GLY VA 560 62.30 -12.60 87.94
C GLY VA 560 61.29 -12.87 86.84
N GLY VA 561 60.02 -12.62 87.13
CA GLY VA 561 58.95 -12.87 86.19
C GLY VA 561 58.50 -14.32 86.21
N THR VA 562 57.32 -14.55 85.62
CA THR VA 562 56.73 -15.88 85.56
C THR VA 562 56.49 -16.37 84.15
N PHE VA 563 56.55 -15.50 83.14
CA PHE VA 563 56.27 -15.87 81.77
C PHE VA 563 56.95 -14.86 80.85
N THR VA 564 57.63 -15.38 79.82
CA THR VA 564 58.43 -14.56 78.93
C THR VA 564 57.79 -14.50 77.55
N ILE VA 565 57.89 -13.34 76.91
CA ILE VA 565 57.42 -13.15 75.55
C ILE VA 565 58.55 -12.56 74.72
N SER VA 566 58.91 -13.26 73.64
CA SER VA 566 59.94 -12.80 72.71
C SER VA 566 59.30 -12.63 71.34
N ASN VA 567 59.22 -11.39 70.87
CA ASN VA 567 58.55 -11.06 69.62
C ASN VA 567 59.60 -10.66 68.60
N LEU VA 568 59.71 -11.42 67.52
CA LEU VA 568 60.61 -11.09 66.42
C LEU VA 568 59.86 -10.84 65.12
N GLY VA 569 58.59 -10.48 65.20
CA GLY VA 569 57.82 -10.23 63.98
C GLY VA 569 58.32 -9.02 63.21
N MET VA 570 58.83 -8.02 63.93
CA MET VA 570 59.32 -6.82 63.26
C MET VA 570 60.53 -7.08 62.38
N PHE VA 571 61.20 -8.21 62.55
CA PHE VA 571 62.32 -8.60 61.72
C PHE VA 571 61.93 -9.54 60.59
N GLY VA 572 60.64 -9.83 60.45
CA GLY VA 572 60.19 -10.66 59.34
C GLY VA 572 60.24 -12.14 59.57
N ILE VA 573 60.50 -12.59 60.80
CA ILE VA 573 60.54 -14.02 61.09
C ILE VA 573 59.13 -14.59 61.03
N LYS VA 574 58.94 -15.65 60.25
CA LYS VA 574 57.64 -16.29 60.18
C LYS VA 574 57.29 -16.95 61.51
N ASN VA 575 58.20 -17.76 62.05
CA ASN VA 575 58.05 -18.33 63.38
C ASN VA 575 59.42 -18.78 63.87
N PHE VA 576 59.53 -18.97 65.18
CA PHE VA 576 60.78 -19.44 65.76
C PHE VA 576 60.50 -20.07 67.12
N SER VA 577 61.49 -20.82 67.61
CA SER VA 577 61.42 -21.50 68.89
C SER VA 577 62.48 -20.91 69.81
N ALA VA 578 62.06 -20.44 70.98
CA ALA VA 578 62.97 -19.76 71.89
C ALA VA 578 63.39 -20.68 73.03
N ILE VA 579 64.29 -20.16 73.86
CA ILE VA 579 64.81 -20.90 75.01
C ILE VA 579 64.12 -20.38 76.27
N ILE VA 580 63.65 -21.32 77.11
CA ILE VA 580 62.96 -20.93 78.34
C ILE VA 580 63.93 -20.24 79.28
N ASN VA 581 63.54 -19.07 79.77
CA ASN VA 581 64.33 -18.32 80.73
C ASN VA 581 64.07 -18.89 82.12
N PRO VA 582 65.08 -19.43 82.80
CA PRO VA 582 64.85 -20.07 84.10
C PRO VA 582 64.51 -19.03 85.16
N PRO VA 583 63.77 -19.41 86.20
CA PRO VA 583 63.19 -20.74 86.46
C PRO VA 583 61.78 -20.89 85.91
N GLN VA 584 61.40 -20.10 84.92
CA GLN VA 584 60.04 -20.14 84.40
C GLN VA 584 59.77 -21.45 83.66
N ALA VA 585 58.51 -21.64 83.30
CA ALA VA 585 58.08 -22.90 82.68
C ALA VA 585 57.76 -22.77 81.19
N CYS VA 586 57.55 -21.55 80.69
CA CYS VA 586 57.18 -21.36 79.30
C CYS VA 586 57.75 -20.04 78.78
N ILE VA 587 57.83 -19.95 77.46
CA ILE VA 587 58.17 -18.70 76.78
C ILE VA 587 57.43 -18.68 75.45
N LEU VA 588 56.79 -17.56 75.15
CA LEU VA 588 56.00 -17.41 73.94
C LEU VA 588 56.83 -16.70 72.88
N ALA VA 589 57.10 -17.40 71.78
CA ALA VA 589 57.85 -16.85 70.66
C ALA VA 589 56.87 -16.40 69.59
N VAL VA 590 56.94 -15.13 69.22
CA VAL VA 590 55.95 -14.50 68.34
C VAL VA 590 56.64 -14.13 67.03
N GLY VA 591 56.03 -14.54 65.92
CA GLY VA 591 56.54 -14.23 64.60
C GLY VA 591 55.80 -13.08 63.94
N ALA VA 592 56.02 -12.96 62.63
CA ALA VA 592 55.45 -11.84 61.88
C ALA VA 592 54.03 -12.15 61.43
N SER VA 593 53.25 -11.10 61.20
CA SER VA 593 51.90 -11.24 60.69
C SER VA 593 51.91 -11.08 59.17
N GLU VA 594 51.34 -12.07 58.48
CA GLU VA 594 51.30 -12.09 57.03
C GLU VA 594 49.90 -12.42 56.55
N ASP VA 595 49.53 -11.87 55.39
CA ASP VA 595 48.23 -12.14 54.80
C ASP VA 595 48.23 -13.50 54.13
N ARG VA 596 47.21 -14.31 54.44
CA ARG VA 596 47.08 -15.66 53.88
C ARG VA 596 45.66 -15.88 53.38
N LEU VA 597 45.54 -16.66 52.32
CA LEU VA 597 44.24 -17.00 51.77
C LEU VA 597 43.64 -18.18 52.50
N PHE VA 598 42.33 -18.14 52.72
CA PHE VA 598 41.62 -19.19 53.43
C PHE VA 598 40.29 -19.49 52.76
N PRO VA 599 39.78 -20.73 52.91
CA PRO VA 599 38.48 -21.05 52.34
C PRO VA 599 37.38 -20.18 52.95
N ALA VA 600 36.41 -19.81 52.11
CA ALA VA 600 35.26 -19.04 52.55
C ALA VA 600 34.05 -19.40 51.72
N ASP VA 601 32.87 -19.22 52.30
CA ASP VA 601 31.61 -19.52 51.61
C ASP VA 601 31.10 -18.23 50.94
N ASN VA 602 31.88 -17.79 49.95
CA ASN VA 602 31.55 -16.60 49.18
C ASN VA 602 31.71 -16.90 47.70
N GLU VA 603 31.41 -15.88 46.87
CA GLU VA 603 31.47 -16.06 45.43
C GLU VA 603 32.89 -16.36 44.96
N LYS VA 604 33.88 -15.64 45.48
CA LYS VA 604 35.27 -15.88 45.10
C LYS VA 604 35.79 -17.22 45.62
N GLY VA 605 35.19 -17.76 46.68
CA GLY VA 605 35.65 -18.99 47.27
C GLY VA 605 36.78 -18.85 48.26
N PHE VA 606 37.22 -17.63 48.54
CA PHE VA 606 38.32 -17.43 49.49
C PHE VA 606 38.24 -16.04 50.10
N ASP VA 607 39.00 -15.86 51.18
CA ASP VA 607 39.11 -14.58 51.86
C ASP VA 607 40.57 -14.38 52.28
N VAL VA 608 40.89 -13.15 52.65
CA VAL VA 608 42.25 -12.78 53.06
C VAL VA 608 42.22 -12.43 54.54
N ALA VA 609 43.09 -13.09 55.31
CA ALA VA 609 43.18 -12.88 56.75
C ALA VA 609 44.63 -12.68 57.15
N SER VA 610 44.87 -11.75 58.05
CA SER VA 610 46.21 -11.48 58.55
C SER VA 610 46.48 -12.39 59.74
N MET VA 611 47.29 -13.43 59.54
CA MET VA 611 47.54 -14.44 60.54
C MET VA 611 48.93 -14.28 61.13
N MET VA 612 49.07 -14.62 62.41
CA MET VA 612 50.31 -14.54 63.15
C MET VA 612 50.60 -15.89 63.77
N SER VA 613 51.82 -16.39 63.58
CA SER VA 613 52.19 -17.72 64.07
C SER VA 613 52.98 -17.59 65.36
N VAL VA 614 52.48 -18.24 66.42
CA VAL VA 614 53.12 -18.18 67.72
C VAL VA 614 53.50 -19.58 68.18
N THR VA 615 54.70 -19.69 68.74
CA THR VA 615 55.24 -20.96 69.21
C THR VA 615 55.55 -20.83 70.70
N LEU VA 616 54.89 -21.64 71.51
CA LEU VA 616 55.13 -21.69 72.94
C LEU VA 616 56.08 -22.84 73.24
N SER VA 617 57.22 -22.52 73.88
CA SER VA 617 58.17 -23.52 74.32
C SER VA 617 57.93 -23.83 75.79
N CYS VA 618 57.61 -25.08 76.10
CA CYS VA 618 57.15 -25.47 77.42
C CYS VA 618 58.13 -26.44 78.07
N ASP VA 619 58.24 -26.33 79.38
CA ASP VA 619 58.96 -27.30 80.21
C ASP VA 619 58.08 -28.52 80.41
N HIS VA 620 58.47 -29.65 79.83
CA HIS VA 620 57.63 -30.84 79.88
C HIS VA 620 57.52 -31.43 81.28
N ARG VA 621 58.38 -31.01 82.21
CA ARG VA 621 58.21 -31.43 83.59
C ARG VA 621 56.96 -30.84 84.23
N VAL VA 622 56.65 -29.60 83.89
CA VAL VA 622 55.53 -28.87 84.49
C VAL VA 622 54.30 -28.88 83.58
N VAL VA 623 54.50 -28.55 82.31
CA VAL VA 623 53.40 -28.39 81.35
C VAL VA 623 53.45 -29.54 80.37
N ASP VA 624 52.42 -30.39 80.39
CA ASP VA 624 52.34 -31.45 79.40
C ASP VA 624 51.65 -30.94 78.13
N GLY VA 625 51.53 -31.83 77.15
CA GLY VA 625 51.02 -31.43 75.85
C GLY VA 625 49.61 -30.88 75.91
N ALA VA 626 48.73 -31.53 76.66
CA ALA VA 626 47.35 -31.08 76.76
C ALA VA 626 47.26 -29.71 77.41
N VAL VA 627 48.04 -29.47 78.47
CA VAL VA 627 48.00 -28.18 79.14
C VAL VA 627 48.55 -27.08 78.23
N GLY VA 628 49.66 -27.36 77.54
CA GLY VA 628 50.19 -26.37 76.61
C GLY VA 628 49.22 -26.05 75.49
N ALA VA 629 48.55 -27.08 74.96
CA ALA VA 629 47.56 -26.86 73.91
C ALA VA 629 46.38 -26.05 74.43
N GLN VA 630 45.94 -26.33 75.65
CA GLN VA 630 44.84 -25.55 76.23
C GLN VA 630 45.25 -24.09 76.40
N TRP VA 631 46.49 -23.84 76.85
CA TRP VA 631 46.96 -22.48 76.98
C TRP VA 631 46.97 -21.78 75.63
N LEU VA 632 47.46 -22.45 74.59
CA LEU VA 632 47.52 -21.82 73.28
C LEU VA 632 46.12 -21.58 72.73
N ALA VA 633 45.17 -22.49 72.98
CA ALA VA 633 43.80 -22.28 72.55
C ALA VA 633 43.18 -21.07 73.24
N GLU VA 634 43.41 -20.93 74.55
CA GLU VA 634 42.88 -19.77 75.26
C GLU VA 634 43.50 -18.47 74.74
N PHE VA 635 44.80 -18.49 74.50
CA PHE VA 635 45.48 -17.32 73.95
C PHE VA 635 44.92 -16.94 72.58
N ARG VA 636 44.71 -17.95 71.73
CA ARG VA 636 44.16 -17.70 70.40
C ARG VA 636 42.74 -17.15 70.48
N LYS VA 637 41.93 -17.70 71.39
CA LYS VA 637 40.57 -17.18 71.54
C LYS VA 637 40.58 -15.73 72.00
N TYR VA 638 41.43 -15.41 72.99
CA TYR VA 638 41.51 -14.04 73.47
C TYR VA 638 41.93 -13.08 72.38
N LEU VA 639 42.90 -13.48 71.55
CA LEU VA 639 43.32 -12.58 70.47
C LEU VA 639 42.27 -12.49 69.36
N GLU VA 640 41.62 -13.60 69.01
CA GLU VA 640 40.65 -13.56 67.93
C GLU VA 640 39.38 -12.84 68.31
N LYS VA 641 39.08 -12.73 69.61
CA LYS VA 641 37.95 -11.93 70.09
C LYS VA 641 38.46 -10.98 71.17
N PRO VA 642 38.97 -9.81 70.78
CA PRO VA 642 39.53 -8.88 71.77
C PRO VA 642 38.53 -8.43 72.82
N ILE VA 643 37.24 -8.42 72.49
CA ILE VA 643 36.22 -8.02 73.46
C ILE VA 643 36.12 -9.03 74.60
N THR VA 644 36.64 -10.24 74.40
CA THR VA 644 36.61 -11.24 75.46
C THR VA 644 37.67 -11.01 76.53
N MET VA 645 38.62 -10.11 76.30
CA MET VA 645 39.54 -9.75 77.37
C MET VA 645 38.87 -8.94 78.47
N LEU VA 646 37.64 -8.49 78.25
CA LEU VA 646 36.87 -7.82 79.29
C LEU VA 646 36.36 -8.80 80.35
N LEU VA 647 36.19 -10.07 80.00
CA LEU VA 647 35.83 -11.10 80.97
C LEU VA 647 36.97 -11.35 81.96
N PHE WA 420 -28.87 5.80 106.16
CA PHE WA 420 -30.16 5.94 105.50
C PHE WA 420 -30.91 7.18 106.00
N THR WA 421 -32.01 7.50 105.33
CA THR WA 421 -32.87 8.62 105.71
C THR WA 421 -34.32 8.17 105.65
N ASP WA 422 -35.06 8.41 106.73
CA ASP WA 422 -36.47 8.03 106.81
C ASP WA 422 -37.31 9.21 106.36
N ILE WA 423 -37.97 9.06 105.20
CA ILE WA 423 -38.83 10.10 104.65
C ILE WA 423 -40.26 9.77 105.04
N PRO WA 424 -40.94 10.62 105.81
CA PRO WA 424 -42.32 10.34 106.21
C PRO WA 424 -43.24 10.21 105.01
N ILE WA 425 -44.19 9.30 105.10
CA ILE WA 425 -45.13 9.05 104.02
C ILE WA 425 -46.28 10.04 104.13
N SER WA 426 -46.51 10.81 103.07
CA SER WA 426 -47.64 11.73 103.05
C SER WA 426 -48.95 10.97 102.95
N ASN WA 427 -50.04 11.65 103.30
CA ASN WA 427 -51.36 11.04 103.22
C ASN WA 427 -51.75 10.75 101.78
N ILE WA 428 -51.38 11.64 100.86
CA ILE WA 428 -51.63 11.40 99.43
C ILE WA 428 -50.92 10.14 98.97
N ARG WA 429 -49.65 9.99 99.35
CA ARG WA 429 -48.90 8.80 98.98
C ARG WA 429 -49.49 7.56 99.63
N ARG WA 430 -49.97 7.68 100.87
CA ARG WA 430 -50.61 6.55 101.53
C ARG WA 430 -51.87 6.13 100.78
N VAL WA 431 -52.67 7.10 100.33
CA VAL WA 431 -53.88 6.80 99.57
C VAL WA 431 -53.53 6.11 98.26
N ILE WA 432 -52.52 6.61 97.56
CA ILE WA 432 -52.11 6.01 96.29
C ILE WA 432 -51.61 4.58 96.52
N ALA WA 433 -50.82 4.39 97.57
CA ALA WA 433 -50.30 3.06 97.87
C ALA WA 433 -51.43 2.11 98.22
N GLN WA 434 -52.42 2.56 98.99
CA GLN WA 434 -53.55 1.72 99.34
C GLN WA 434 -54.36 1.35 98.11
N ARG WA 435 -54.54 2.30 97.18
CA ARG WA 435 -55.22 1.98 95.92
C ARG WA 435 -54.46 0.93 95.13
N LEU WA 436 -53.12 1.04 95.09
CA LEU WA 436 -52.33 0.06 94.37
C LEU WA 436 -52.40 -1.31 95.03
N MET WA 437 -52.38 -1.35 96.37
CA MET WA 437 -52.62 -2.59 97.08
C MET WA 437 -53.96 -3.21 96.69
N GLN WA 438 -55.01 -2.41 96.72
CA GLN WA 438 -56.33 -2.92 96.40
C GLN WA 438 -56.38 -3.47 94.98
N SER WA 439 -55.79 -2.75 94.03
CA SER WA 439 -55.77 -3.20 92.65
C SER WA 439 -55.04 -4.54 92.52
N LYS WA 440 -53.81 -4.61 93.05
CA LYS WA 440 -53.02 -5.83 92.84
C LYS WA 440 -53.52 -6.99 93.69
N GLN WA 441 -54.36 -6.72 94.70
CA GLN WA 441 -54.87 -7.81 95.53
C GLN WA 441 -56.21 -8.32 95.03
N THR WA 442 -57.04 -7.46 94.46
CA THR WA 442 -58.39 -7.87 94.06
C THR WA 442 -58.56 -8.03 92.56
N ILE WA 443 -57.61 -7.58 91.75
CA ILE WA 443 -57.71 -7.65 90.30
C ILE WA 443 -56.69 -8.64 89.77
N PRO WA 444 -57.11 -9.78 89.20
CA PRO WA 444 -56.15 -10.72 88.63
C PRO WA 444 -55.60 -10.25 87.29
N HIS WA 445 -54.54 -9.44 87.33
CA HIS WA 445 -53.98 -8.86 86.11
C HIS WA 445 -53.44 -9.95 85.19
N TYR WA 446 -53.59 -9.75 83.89
CA TYR WA 446 -52.80 -10.47 82.90
C TYR WA 446 -52.53 -9.55 81.72
N TYR WA 447 -51.35 -9.71 81.13
CA TYR WA 447 -50.79 -8.69 80.24
C TYR WA 447 -50.63 -9.25 78.84
N LEU WA 448 -51.01 -8.46 77.84
CA LEU WA 448 -50.84 -8.83 76.44
C LEU WA 448 -50.13 -7.71 75.68
N SER WA 449 -49.10 -8.07 74.93
CA SER WA 449 -48.25 -7.09 74.26
C SER WA 449 -48.34 -7.26 72.75
N VAL WA 450 -48.37 -6.13 72.03
CA VAL WA 450 -48.31 -6.12 70.58
C VAL WA 450 -47.42 -4.98 70.11
N ASP WA 451 -47.06 -5.03 68.83
CA ASP WA 451 -46.28 -3.98 68.18
C ASP WA 451 -47.12 -3.29 67.12
N VAL WA 452 -47.05 -1.96 67.11
CA VAL WA 452 -47.83 -1.13 66.22
C VAL WA 452 -46.90 -0.34 65.32
N ASN WA 453 -47.11 -0.41 64.02
CA ASN WA 453 -46.32 0.36 63.06
C ASN WA 453 -46.86 1.78 63.01
N MET WA 454 -46.00 2.77 63.23
CA MET WA 454 -46.43 4.14 63.38
C MET WA 454 -46.00 5.06 62.25
N GLY WA 455 -45.58 4.52 61.11
CA GLY WA 455 -45.17 5.38 60.01
C GLY WA 455 -46.32 6.23 59.48
N GLU WA 456 -47.48 5.60 59.28
CA GLU WA 456 -48.63 6.35 58.78
C GLU WA 456 -49.14 7.34 59.82
N VAL WA 457 -49.07 6.97 61.10
CA VAL WA 457 -49.44 7.92 62.15
C VAL WA 457 -48.53 9.13 62.13
N LEU WA 458 -47.22 8.91 61.97
CA LEU WA 458 -46.30 10.04 61.93
C LEU WA 458 -46.55 10.92 60.72
N LEU WA 459 -46.80 10.31 59.55
CA LEU WA 459 -47.07 11.10 58.35
C LEU WA 459 -48.35 11.93 58.51
N VAL WA 460 -49.41 11.30 59.01
CA VAL WA 460 -50.68 12.00 59.21
C VAL WA 460 -50.52 13.11 60.24
N ARG WA 461 -49.76 12.84 61.30
CA ARG WA 461 -49.54 13.85 62.33
C ARG WA 461 -48.77 15.04 61.78
N LYS WA 462 -47.76 14.79 60.94
CA LYS WA 462 -47.02 15.87 60.32
C LYS WA 462 -47.94 16.71 59.43
N GLU WA 463 -48.78 16.06 58.63
CA GLU WA 463 -49.69 16.80 57.77
C GLU WA 463 -50.69 17.62 58.58
N LEU WA 464 -51.23 17.02 59.66
CA LEU WA 464 -52.18 17.74 60.52
C LEU WA 464 -51.51 18.93 61.18
N ASN WA 465 -50.28 18.77 61.66
CA ASN WA 465 -49.57 19.88 62.29
C ASN WA 465 -49.29 20.99 61.29
N LYS WA 466 -48.94 20.63 60.05
CA LYS WA 466 -48.72 21.65 59.03
C LYS WA 466 -50.01 22.41 58.71
N MET WA 467 -51.14 21.70 58.64
CA MET WA 467 -52.42 22.37 58.41
C MET WA 467 -52.83 23.25 59.59
N LEU WA 468 -52.55 22.82 60.82
CA LEU WA 468 -52.95 23.58 61.99
C LEU WA 468 -52.31 24.96 62.06
N GLU WA 469 -51.15 25.15 61.43
CA GLU WA 469 -50.51 26.46 61.30
C GLU WA 469 -50.27 27.10 62.67
N GLY WA 470 -49.92 26.27 63.64
CA GLY WA 470 -49.58 26.75 64.97
C GLY WA 470 -50.75 27.01 65.90
N ARG WA 471 -51.99 26.85 65.43
CA ARG WA 471 -53.13 27.02 66.32
C ARG WA 471 -53.14 25.96 67.41
N SER WA 472 -52.79 24.72 67.05
CA SER WA 472 -52.62 23.63 68.00
C SER WA 472 -51.56 22.70 67.47
N LYS WA 473 -51.05 21.83 68.35
CA LYS WA 473 -50.06 20.83 67.97
C LYS WA 473 -50.56 19.47 68.43
N ILE WA 474 -50.59 18.52 67.50
CA ILE WA 474 -51.09 17.18 67.80
C ILE WA 474 -49.93 16.26 68.12
N SER WA 475 -50.01 15.56 69.24
CA SER WA 475 -49.00 14.62 69.66
C SER WA 475 -49.44 13.18 69.33
N VAL WA 476 -48.48 12.27 69.42
CA VAL WA 476 -48.77 10.85 69.18
C VAL WA 476 -49.73 10.31 70.23
N ASN WA 477 -49.65 10.84 71.45
CA ASN WA 477 -50.57 10.39 72.50
C ASN WA 477 -52.02 10.73 72.17
N ASP WA 478 -52.25 11.78 71.38
CA ASP WA 478 -53.61 12.09 70.95
C ASP WA 478 -54.15 11.03 70.01
N PHE WA 479 -53.34 10.59 69.04
CA PHE WA 479 -53.72 9.47 68.19
C PHE WA 479 -53.97 8.22 69.01
N ILE WA 480 -53.11 7.98 70.02
CA ILE WA 480 -53.26 6.80 70.85
C ILE WA 480 -54.56 6.85 71.63
N ILE WA 481 -54.91 8.02 72.18
CA ILE WA 481 -56.14 8.17 72.95
C ILE WA 481 -57.35 7.95 72.04
N LYS WA 482 -57.33 8.54 70.84
CA LYS WA 482 -58.45 8.38 69.92
C LYS WA 482 -58.62 6.91 69.52
N ALA WA 483 -57.51 6.24 69.19
CA ALA WA 483 -57.57 4.84 68.81
C ALA WA 483 -58.06 3.97 69.97
N SER WA 484 -57.62 4.27 71.19
CA SER WA 484 -58.08 3.51 72.35
C SER WA 484 -59.58 3.70 72.55
N ALA WA 485 -60.08 4.93 72.39
CA ALA WA 485 -61.50 5.17 72.55
C ALA WA 485 -62.31 4.43 71.50
N LEU WA 486 -61.87 4.46 70.25
CA LEU WA 486 -62.60 3.76 69.19
C LEU WA 486 -62.54 2.25 69.39
N ALA WA 487 -61.39 1.72 69.82
CA ALA WA 487 -61.30 0.30 70.10
C ALA WA 487 -62.18 -0.09 71.27
N CYS WA 488 -62.29 0.77 72.28
CA CYS WA 488 -63.22 0.52 73.39
C CYS WA 488 -64.66 0.52 72.91
N LEU WA 489 -65.00 1.39 71.97
CA LEU WA 489 -66.33 1.34 71.36
C LEU WA 489 -66.56 0.00 70.66
N LYS WA 490 -65.57 -0.45 69.89
CA LYS WA 490 -65.74 -1.70 69.13
C LYS WA 490 -65.82 -2.91 70.05
N VAL WA 491 -65.05 -2.91 71.13
CA VAL WA 491 -65.01 -4.04 72.07
C VAL WA 491 -65.37 -3.52 73.46
N PRO WA 492 -66.66 -3.47 73.82
CA PRO WA 492 -67.06 -2.83 75.08
C PRO WA 492 -66.64 -3.59 76.32
N GLU WA 493 -66.14 -4.83 76.21
CA GLU WA 493 -65.73 -5.57 77.39
C GLU WA 493 -64.57 -4.89 78.10
N ALA WA 494 -63.62 -4.32 77.34
CA ALA WA 494 -62.54 -3.57 77.95
C ALA WA 494 -63.03 -2.27 78.59
N ASN WA 495 -64.26 -1.86 78.30
CA ASN WA 495 -64.86 -0.67 78.89
C ASN WA 495 -65.87 -1.03 79.97
N SER WA 496 -65.59 -2.05 80.77
CA SER WA 496 -66.49 -2.50 81.82
C SER WA 496 -65.84 -2.34 83.18
N SER WA 497 -66.58 -2.72 84.21
CA SER WA 497 -66.13 -2.66 85.59
C SER WA 497 -66.79 -3.79 86.38
N TRP WA 498 -66.00 -4.44 87.23
CA TRP WA 498 -66.50 -5.53 88.05
C TRP WA 498 -66.97 -4.97 89.39
N LEU WA 499 -68.22 -5.24 89.75
CA LEU WA 499 -68.84 -4.70 90.96
C LEU WA 499 -69.33 -5.82 91.87
N ASP WA 500 -68.83 -7.04 91.65
CA ASP WA 500 -69.03 -8.20 92.51
C ASP WA 500 -70.45 -8.76 92.42
N THR WA 501 -71.34 -8.04 91.73
CA THR WA 501 -72.69 -8.53 91.48
C THR WA 501 -73.08 -8.42 90.01
N VAL WA 502 -72.66 -7.35 89.34
CA VAL WA 502 -72.91 -7.15 87.92
C VAL WA 502 -71.65 -6.62 87.28
N ILE WA 503 -71.57 -6.75 85.95
CA ILE WA 503 -70.48 -6.19 85.16
C ILE WA 503 -71.01 -4.93 84.48
N ARG WA 504 -70.62 -3.77 85.01
CA ARG WA 504 -71.10 -2.50 84.49
C ARG WA 504 -70.37 -2.20 83.19
N GLN WA 505 -71.10 -2.19 82.07
CA GLN WA 505 -70.52 -1.95 80.76
C GLN WA 505 -70.75 -0.50 80.35
N ASN WA 506 -69.74 0.34 80.54
CA ASN WA 506 -69.89 1.77 80.27
C ASN WA 506 -70.05 2.00 78.77
N HIS WA 507 -71.07 2.79 78.42
CA HIS WA 507 -71.33 3.13 77.03
C HIS WA 507 -70.55 4.37 76.56
N VAL WA 508 -69.92 5.09 77.47
CA VAL WA 508 -69.07 6.23 77.14
C VAL WA 508 -67.64 5.87 77.49
N VAL WA 509 -66.69 6.54 76.84
CA VAL WA 509 -65.27 6.25 77.01
C VAL WA 509 -64.62 7.49 77.62
N ASP WA 510 -64.31 7.43 78.90
CA ASP WA 510 -63.59 8.49 79.61
C ASP WA 510 -62.16 7.99 79.83
N ILE WA 511 -61.22 8.56 79.10
CA ILE WA 511 -59.84 8.07 79.09
C ILE WA 511 -59.03 8.83 80.14
N SER WA 512 -58.66 8.15 81.22
CA SER WA 512 -57.68 8.69 82.14
C SER WA 512 -56.31 8.67 81.48
N VAL WA 513 -55.53 9.72 81.69
CA VAL WA 513 -54.20 9.83 81.11
C VAL WA 513 -53.20 9.98 82.24
N ALA WA 514 -52.20 9.11 82.27
CA ALA WA 514 -51.21 9.16 83.34
C ALA WA 514 -50.27 10.35 83.12
N VAL WA 515 -50.20 11.22 84.11
CA VAL WA 515 -49.33 12.40 84.09
C VAL WA 515 -48.44 12.35 85.31
N SER WA 516 -47.14 12.52 85.09
CA SER WA 516 -46.17 12.53 86.18
C SER WA 516 -45.87 13.97 86.59
N THR WA 517 -46.07 14.27 87.86
CA THR WA 517 -45.86 15.57 88.47
C THR WA 517 -44.90 15.39 89.63
N PRO WA 518 -44.28 16.46 90.11
CA PRO WA 518 -43.37 16.33 91.26
C PRO WA 518 -44.03 15.74 92.50
N ALA WA 519 -45.36 15.83 92.61
CA ALA WA 519 -46.08 15.26 93.74
C ALA WA 519 -46.47 13.79 93.52
N GLY WA 520 -46.26 13.25 92.34
CA GLY WA 520 -46.57 11.86 92.06
C GLY WA 520 -47.28 11.66 90.73
N LEU WA 521 -48.00 10.55 90.65
CA LEU WA 521 -48.74 10.21 89.44
C LEU WA 521 -50.20 10.60 89.59
N ILE WA 522 -50.74 11.28 88.59
CA ILE WA 522 -52.14 11.68 88.59
C ILE WA 522 -52.76 11.28 87.26
N THR WA 523 -54.09 11.21 87.22
CA THR WA 523 -54.83 10.70 86.07
C THR WA 523 -55.97 11.66 85.70
N PRO WA 524 -55.65 12.77 85.02
CA PRO WA 524 -56.73 13.61 84.48
C PRO WA 524 -57.52 12.85 83.41
N ILE WA 525 -58.81 13.13 83.36
CA ILE WA 525 -59.74 12.37 82.54
C ILE WA 525 -60.15 13.20 81.33
N VAL WA 526 -59.97 12.63 80.13
CA VAL WA 526 -60.53 13.18 78.90
C VAL WA 526 -61.88 12.49 78.72
N PHE WA 527 -62.95 13.24 78.94
CA PHE WA 527 -64.29 12.69 78.83
C PHE WA 527 -64.74 12.63 77.37
N ASN WA 528 -65.47 11.57 77.03
CA ASN WA 528 -66.04 11.42 75.69
C ASN WA 528 -64.96 11.46 74.61
N ALA WA 529 -63.88 10.72 74.83
CA ALA WA 529 -62.81 10.65 73.84
C ALA WA 529 -63.27 9.92 72.59
N HIS WA 530 -64.36 9.16 72.67
CA HIS WA 530 -64.85 8.46 71.50
C HIS WA 530 -65.53 9.40 70.51
N ILE WA 531 -65.94 10.58 70.96
CA ILE WA 531 -66.56 11.56 70.08
C ILE WA 531 -65.73 12.83 69.93
N LYS WA 532 -64.78 13.08 70.83
CA LYS WA 532 -63.90 14.23 70.67
C LYS WA 532 -62.93 14.01 69.51
N GLY WA 533 -62.60 15.11 68.82
CA GLY WA 533 -61.63 15.03 67.74
C GLY WA 533 -60.20 15.10 68.25
N LEU WA 534 -59.26 14.93 67.31
CA LEU WA 534 -57.85 14.93 67.69
C LEU WA 534 -57.41 16.30 68.23
N GLU WA 535 -57.87 17.39 67.60
CA GLU WA 535 -57.51 18.72 68.09
C GLU WA 535 -58.11 18.97 69.47
N THR WA 536 -59.38 18.59 69.66
CA THR WA 536 -60.01 18.75 70.96
C THR WA 536 -59.33 17.90 72.02
N ILE WA 537 -58.97 16.66 71.66
CA ILE WA 537 -58.28 15.78 72.60
C ILE WA 537 -56.92 16.37 72.99
N ALA WA 538 -56.19 16.89 72.00
CA ALA WA 538 -54.89 17.48 72.28
C ALA WA 538 -55.01 18.69 73.20
N ASN WA 539 -55.98 19.57 72.92
CA ASN WA 539 -56.17 20.74 73.76
C ASN WA 539 -56.56 20.35 75.18
N ASP WA 540 -57.47 19.37 75.31
CA ASP WA 540 -57.87 18.91 76.63
C ASP WA 540 -56.70 18.31 77.38
N VAL WA 541 -55.89 17.51 76.71
CA VAL WA 541 -54.73 16.89 77.36
C VAL WA 541 -53.74 17.95 77.82
N VAL WA 542 -53.49 18.96 76.98
CA VAL WA 542 -52.56 20.02 77.36
C VAL WA 542 -53.08 20.78 78.57
N SER WA 543 -54.36 21.14 78.55
CA SER WA 543 -54.94 21.91 79.65
C SER WA 543 -54.91 21.10 80.95
N LEU WA 544 -55.30 19.83 80.89
CA LEU WA 544 -55.32 19.01 82.10
C LEU WA 544 -53.92 18.72 82.61
N ALA WA 545 -52.95 18.55 81.70
CA ALA WA 545 -51.57 18.36 82.13
C ALA WA 545 -51.03 19.61 82.82
N THR WA 546 -51.35 20.79 82.28
CA THR WA 546 -50.93 22.02 82.94
C THR WA 546 -51.58 22.14 84.32
N LYS WA 547 -52.87 21.81 84.42
CA LYS WA 547 -53.55 21.87 85.71
C LYS WA 547 -52.93 20.89 86.70
N ALA WA 548 -52.59 19.68 86.25
CA ALA WA 548 -51.99 18.69 87.12
C ALA WA 548 -50.61 19.14 87.59
N ARG WA 549 -49.81 19.69 86.68
CA ARG WA 549 -48.48 20.16 87.06
C ARG WA 549 -48.56 21.33 88.04
N GLU WA 550 -49.55 22.21 87.87
CA GLU WA 550 -49.74 23.32 88.80
C GLU WA 550 -50.53 22.93 90.04
N GLY WA 551 -51.01 21.69 90.13
CA GLY WA 551 -51.71 21.24 91.32
C GLY WA 551 -53.09 21.81 91.49
N LYS WA 552 -53.78 22.13 90.39
CA LYS WA 552 -55.09 22.77 90.44
C LYS WA 552 -56.23 21.85 90.01
N LEU WA 553 -55.98 20.54 89.89
CA LEU WA 553 -57.01 19.63 89.42
C LEU WA 553 -58.10 19.45 90.47
N GLN WA 554 -59.35 19.53 90.02
CA GLN WA 554 -60.49 19.25 90.88
C GLN WA 554 -60.71 17.74 90.98
N PRO WA 555 -61.32 17.26 92.07
CA PRO WA 555 -61.48 15.81 92.25
C PRO WA 555 -62.24 15.12 91.12
N HIS WA 556 -63.26 15.76 90.55
CA HIS WA 556 -64.00 15.12 89.47
C HIS WA 556 -63.20 15.07 88.18
N GLU WA 557 -62.13 15.86 88.07
CA GLU WA 557 -61.31 15.85 86.85
C GLU WA 557 -60.31 14.70 86.82
N PHE WA 558 -60.10 14.01 87.95
CA PHE WA 558 -59.21 12.86 87.96
C PHE WA 558 -59.77 11.65 88.68
N GLN WA 559 -61.00 11.69 89.20
CA GLN WA 559 -61.63 10.54 89.81
C GLN WA 559 -62.67 9.97 88.86
N GLY WA 560 -62.57 8.67 88.59
CA GLY WA 560 -63.50 8.01 87.70
C GLY WA 560 -62.83 7.44 86.46
N GLY WA 561 -63.47 7.61 85.31
CA GLY WA 561 -62.93 7.09 84.08
C GLY WA 561 -63.25 5.61 83.88
N THR WA 562 -63.16 5.17 82.62
CA THR WA 562 -63.42 3.79 82.27
C THR WA 562 -62.21 3.06 81.70
N PHE WA 563 -61.20 3.79 81.25
CA PHE WA 563 -60.03 3.19 80.62
C PHE WA 563 -58.86 4.15 80.79
N THR WA 564 -57.70 3.60 81.11
CA THR WA 564 -56.53 4.40 81.44
C THR WA 564 -55.42 4.16 80.42
N ILE WA 565 -54.68 5.21 80.10
CA ILE WA 565 -53.52 5.14 79.22
C ILE WA 565 -52.33 5.74 79.95
N SER WA 566 -51.26 4.96 80.08
CA SER WA 566 -50.01 5.39 80.69
C SER WA 566 -48.92 5.29 79.65
N ASN WA 567 -48.37 6.44 79.25
CA ASN WA 567 -47.37 6.51 78.19
C ASN WA 567 -46.02 6.86 78.82
N LEU WA 568 -45.03 6.00 78.62
CA LEU WA 568 -43.67 6.26 79.08
C LEU WA 568 -42.66 6.20 77.95
N GLY WA 569 -43.09 6.41 76.71
CA GLY WA 569 -42.16 6.39 75.60
C GLY WA 569 -41.22 7.57 75.60
N MET WA 570 -41.64 8.69 76.20
CA MET WA 570 -40.79 9.86 76.29
C MET WA 570 -39.55 9.60 77.14
N PHE WA 571 -39.59 8.60 78.01
CA PHE WA 571 -38.45 8.24 78.86
C PHE WA 571 -37.63 7.10 78.29
N GLY WA 572 -37.96 6.63 77.08
CA GLY WA 572 -37.16 5.60 76.44
C GLY WA 572 -37.50 4.17 76.83
N ILE WA 573 -38.59 3.96 77.56
CA ILE WA 573 -38.98 2.60 77.94
C ILE WA 573 -39.45 1.85 76.70
N LYS WA 574 -38.87 0.68 76.46
CA LYS WA 574 -39.29 -0.14 75.33
C LYS WA 574 -40.72 -0.65 75.51
N ASN WA 575 -41.01 -1.23 76.67
CA ASN WA 575 -42.36 -1.65 77.02
C ASN WA 575 -42.42 -1.84 78.52
N PHE WA 576 -43.63 -1.80 79.07
CA PHE WA 576 -43.82 -1.99 80.50
C PHE WA 576 -45.25 -2.44 80.76
N SER WA 577 -45.44 -3.00 81.95
CA SER WA 577 -46.75 -3.51 82.40
C SER WA 577 -47.22 -2.65 83.56
N ALA WA 578 -48.39 -2.05 83.41
CA ALA WA 578 -48.90 -1.13 84.42
C ALA WA 578 -49.91 -1.83 85.33
N ILE WA 579 -50.31 -1.10 86.37
CA ILE WA 579 -51.29 -1.60 87.34
C ILE WA 579 -52.65 -1.01 86.99
N ILE WA 580 -53.67 -1.87 86.96
CA ILE WA 580 -55.01 -1.40 86.63
C ILE WA 580 -55.53 -0.47 87.70
N ASN WA 581 -56.00 0.71 87.28
CA ASN WA 581 -56.58 1.67 88.19
C ASN WA 581 -58.02 1.28 88.48
N PRO WA 582 -58.37 0.98 89.73
CA PRO WA 582 -59.72 0.51 90.03
C PRO WA 582 -60.74 1.61 89.89
N PRO WA 583 -62.01 1.28 89.59
CA PRO WA 583 -62.54 -0.07 89.34
C PRO WA 583 -62.54 -0.43 87.87
N GLN WA 584 -61.63 0.14 87.07
CA GLN WA 584 -61.61 -0.13 85.65
C GLN WA 584 -61.14 -1.56 85.37
N ALA WA 585 -61.28 -1.98 84.12
CA ALA WA 585 -60.97 -3.34 83.73
C ALA WA 585 -59.68 -3.47 82.94
N CYS WA 586 -59.14 -2.38 82.43
CA CYS WA 586 -57.94 -2.43 81.60
C CYS WA 586 -57.13 -1.15 81.77
N ILE WA 587 -55.86 -1.23 81.36
CA ILE WA 587 -54.97 -0.07 81.30
C ILE WA 587 -53.96 -0.33 80.20
N LEU WA 588 -53.76 0.65 79.32
CA LEU WA 588 -52.86 0.51 78.18
C LEU WA 588 -51.52 1.18 78.51
N ALA WA 589 -50.47 0.39 78.53
CA ALA WA 589 -49.12 0.88 78.79
C ALA WA 589 -48.39 1.03 77.46
N VAL WA 590 -47.95 2.25 77.16
CA VAL WA 590 -47.35 2.58 75.88
C VAL WA 590 -45.86 2.84 76.09
N GLY WA 591 -45.04 2.19 75.27
CA GLY WA 591 -43.60 2.36 75.32
C GLY WA 591 -43.10 3.28 74.23
N ALA WA 592 -41.77 3.25 74.04
CA ALA WA 592 -41.15 4.12 73.06
C ALA WA 592 -41.25 3.55 71.66
N SER WA 593 -41.22 4.44 70.67
CA SER WA 593 -41.24 4.02 69.28
C SER WA 593 -39.83 4.05 68.71
N GLU WA 594 -39.42 2.93 68.10
CA GLU WA 594 -38.07 2.75 67.61
C GLU WA 594 -38.09 2.22 66.19
N ASP WA 595 -37.05 2.54 65.43
CA ASP WA 595 -36.92 2.04 64.07
C ASP WA 595 -36.41 0.60 64.10
N ARG WA 596 -37.10 -0.29 63.40
CA ARG WA 596 -36.73 -1.70 63.34
C ARG WA 596 -36.73 -2.17 61.89
N LEU WA 597 -35.83 -3.10 61.58
CA LEU WA 597 -35.76 -3.67 60.25
C LEU WA 597 -36.75 -4.83 60.12
N PHE WA 598 -37.49 -4.83 59.01
CA PHE WA 598 -38.43 -5.89 58.74
C PHE WA 598 -38.30 -6.36 57.30
N PRO WA 599 -38.54 -7.64 57.04
CA PRO WA 599 -38.41 -8.15 55.66
C PRO WA 599 -39.38 -7.48 54.71
N ALA WA 600 -38.94 -7.28 53.48
CA ALA WA 600 -39.77 -6.70 52.44
C ALA WA 600 -39.37 -7.28 51.09
N ASP WA 601 -40.30 -7.23 50.14
CA ASP WA 601 -40.07 -7.77 48.80
C ASP WA 601 -39.48 -6.67 47.90
N ASN WA 602 -38.27 -6.25 48.25
CA ASN WA 602 -37.55 -5.26 47.48
C ASN WA 602 -36.13 -5.75 47.23
N GLU WA 603 -35.35 -4.93 46.53
CA GLU WA 603 -33.98 -5.30 46.19
C GLU WA 603 -33.12 -5.45 47.43
N LYS WA 604 -33.23 -4.53 48.39
CA LYS WA 604 -32.45 -4.62 49.62
C LYS WA 604 -32.86 -5.78 50.49
N GLY WA 605 -34.09 -6.27 50.36
CA GLY WA 605 -34.57 -7.36 51.18
C GLY WA 605 -35.13 -6.96 52.52
N PHE WA 606 -35.16 -5.67 52.83
CA PHE WA 606 -35.66 -5.21 54.13
C PHE WA 606 -36.14 -3.78 54.01
N ASP WA 607 -36.89 -3.34 55.01
CA ASP WA 607 -37.38 -1.97 55.12
C ASP WA 607 -37.26 -1.51 56.56
N VAL WA 608 -37.39 -0.21 56.77
CA VAL WA 608 -37.28 0.40 58.08
C VAL WA 608 -38.64 0.98 58.46
N ALA WA 609 -39.16 0.57 59.62
CA ALA WA 609 -40.45 1.04 60.10
C ALA WA 609 -40.32 1.43 61.56
N SER WA 610 -40.99 2.52 61.93
CA SER WA 610 -41.01 2.98 63.31
C SER WA 610 -42.13 2.27 64.05
N MET WA 611 -41.78 1.30 64.89
CA MET WA 611 -42.75 0.47 65.58
C MET WA 611 -42.79 0.84 67.06
N MET WA 612 -43.99 0.82 67.63
CA MET WA 612 -44.23 1.17 69.02
C MET WA 612 -44.96 0.03 69.71
N SER WA 613 -44.41 -0.44 70.83
CA SER WA 613 -44.91 -1.62 71.52
C SER WA 613 -45.83 -1.20 72.66
N VAL WA 614 -47.02 -1.80 72.70
CA VAL WA 614 -48.00 -1.50 73.74
C VAL WA 614 -48.38 -2.79 74.47
N THR WA 615 -48.54 -2.67 75.79
CA THR WA 615 -48.93 -3.77 76.64
C THR WA 615 -50.21 -3.41 77.37
N LEU WA 616 -51.28 -4.16 77.10
CA LEU WA 616 -52.56 -3.97 77.74
C LEU WA 616 -52.67 -4.92 78.93
N SER WA 617 -52.88 -4.36 80.12
CA SER WA 617 -53.09 -5.15 81.32
C SER WA 617 -54.57 -5.25 81.61
N CYS WA 618 -55.10 -6.47 81.62
CA CYS WA 618 -56.52 -6.71 81.67
C CYS WA 618 -56.90 -7.45 82.94
N ASP WA 619 -58.09 -7.13 83.45
CA ASP WA 619 -58.70 -7.86 84.55
C ASP WA 619 -59.32 -9.13 83.99
N HIS WA 620 -58.78 -10.29 84.38
CA HIS WA 620 -59.22 -11.54 83.77
C HIS WA 620 -60.63 -11.95 84.19
N ARG WA 621 -61.19 -11.33 85.22
CA ARG WA 621 -62.61 -11.55 85.53
C ARG WA 621 -63.50 -11.04 84.41
N VAL WA 622 -63.18 -9.88 83.85
CA VAL WA 622 -64.02 -9.21 82.87
C VAL WA 622 -63.57 -9.50 81.44
N VAL WA 623 -62.28 -9.33 81.16
CA VAL WA 623 -61.74 -9.46 79.82
C VAL WA 623 -60.89 -10.72 79.76
N ASP WA 624 -61.33 -11.70 78.97
CA ASP WA 624 -60.52 -12.89 78.79
C ASP WA 624 -59.50 -12.68 77.66
N GLY WA 625 -58.70 -13.71 77.40
CA GLY WA 625 -57.60 -13.56 76.47
C GLY WA 625 -58.05 -13.21 75.06
N ALA WA 626 -59.10 -13.87 74.57
CA ALA WA 626 -59.58 -13.60 73.21
C ALA WA 626 -60.10 -12.18 73.08
N VAL WA 627 -60.84 -11.70 74.09
CA VAL WA 627 -61.37 -10.34 74.03
C VAL WA 627 -60.25 -9.30 74.10
N GLY WA 628 -59.27 -9.53 74.98
CA GLY WA 628 -58.14 -8.62 75.04
C GLY WA 628 -57.35 -8.58 73.74
N ALA WA 629 -57.17 -9.75 73.12
CA ALA WA 629 -56.48 -9.80 71.84
C ALA WA 629 -57.28 -9.09 70.75
N GLN WA 630 -58.60 -9.24 70.77
CA GLN WA 630 -59.43 -8.52 69.79
C GLN WA 630 -59.32 -7.01 69.98
N TRP WA 631 -59.31 -6.56 71.24
CA TRP WA 631 -59.15 -5.14 71.50
C TRP WA 631 -57.81 -4.63 70.98
N LEU WA 632 -56.75 -5.39 71.24
CA LEU WA 632 -55.42 -4.97 70.77
C LEU WA 632 -55.34 -4.97 69.25
N ALA WA 633 -55.99 -5.94 68.61
CA ALA WA 633 -56.00 -5.96 67.15
C ALA WA 633 -56.74 -4.76 66.58
N GLU WA 634 -57.88 -4.40 67.17
CA GLU WA 634 -58.61 -3.22 66.71
C GLU WA 634 -57.79 -1.95 66.91
N PHE WA 635 -57.13 -1.83 68.07
CA PHE WA 635 -56.27 -0.68 68.34
C PHE WA 635 -55.14 -0.59 67.32
N ARG WA 636 -54.51 -1.73 67.03
CA ARG WA 636 -53.41 -1.75 66.07
C ARG WA 636 -53.88 -1.38 64.67
N LYS WA 637 -55.06 -1.88 64.27
CA LYS WA 637 -55.59 -1.52 62.96
C LYS WA 637 -55.87 -0.02 62.87
N TYR WA 638 -56.49 0.54 63.92
CA TYR WA 638 -56.79 1.97 63.94
C TYR WA 638 -55.53 2.80 63.83
N LEU WA 639 -54.48 2.43 64.55
CA LEU WA 639 -53.24 3.20 64.47
C LEU WA 639 -52.52 2.99 63.14
N GLU WA 640 -52.52 1.76 62.62
CA GLU WA 640 -51.79 1.50 61.38
C GLU WA 640 -52.45 2.13 60.17
N LYS WA 641 -53.77 2.37 60.21
CA LYS WA 641 -54.45 3.14 59.18
C LYS WA 641 -55.27 4.24 59.83
N PRO WA 642 -54.68 5.43 60.01
CA PRO WA 642 -55.40 6.51 60.70
C PRO WA 642 -56.67 6.94 60.02
N ILE WA 643 -56.78 6.79 58.70
CA ILE WA 643 -57.99 7.19 58.00
C ILE WA 643 -59.18 6.36 58.43
N THR WA 644 -58.93 5.16 58.97
CA THR WA 644 -60.01 4.32 59.48
C THR WA 644 -60.57 4.85 60.80
N MET WA 645 -59.94 5.84 61.42
CA MET WA 645 -60.53 6.48 62.58
C MET WA 645 -61.76 7.31 62.24
N LEU WA 646 -61.99 7.57 60.95
CA LEU WA 646 -63.16 8.31 60.50
C LEU WA 646 -64.42 7.46 60.48
N LEU WA 647 -64.30 6.14 60.53
CA LEU WA 647 -65.46 5.26 60.49
C LEU WA 647 -66.20 5.25 61.83
N PHE XA 420 -4.44 91.28 -61.52
CA PHE XA 420 -5.79 90.76 -61.68
C PHE XA 420 -6.18 90.64 -63.15
N THR XA 421 -7.32 90.01 -63.41
CA THR XA 421 -7.85 89.86 -64.76
C THR XA 421 -9.35 90.16 -64.72
N ASP XA 422 -9.78 91.04 -65.62
CA ASP XA 422 -11.19 91.43 -65.71
C ASP XA 422 -11.89 90.54 -66.72
N ILE XA 423 -12.76 89.66 -66.23
CA ILE XA 423 -13.53 88.75 -67.09
C ILE XA 423 -14.88 89.40 -67.37
N PRO XA 424 -15.21 89.69 -68.63
CA PRO XA 424 -16.51 90.31 -68.92
C PRO XA 424 -17.67 89.41 -68.48
N ILE XA 425 -18.74 90.04 -68.01
CA ILE XA 425 -19.92 89.32 -67.56
C ILE XA 425 -20.81 89.03 -68.75
N SER XA 426 -21.12 87.76 -68.97
CA SER XA 426 -22.03 87.39 -70.04
C SER XA 426 -23.45 87.80 -69.70
N ASN XA 427 -24.31 87.85 -70.73
CA ASN XA 427 -25.69 88.22 -70.51
C ASN XA 427 -26.44 87.15 -69.71
N ILE XA 428 -26.09 85.88 -69.92
CA ILE XA 428 -26.69 84.79 -69.14
C ILE XA 428 -26.33 84.95 -67.66
N ARG XA 429 -25.05 85.24 -67.39
CA ARG XA 429 -24.63 85.45 -66.01
C ARG XA 429 -25.29 86.69 -65.41
N ARG XA 430 -25.47 87.73 -66.22
CA ARG XA 430 -26.16 88.93 -65.73
C ARG XA 430 -27.60 88.61 -65.37
N VAL XA 431 -28.28 87.81 -66.19
CA VAL XA 431 -29.66 87.42 -65.89
C VAL XA 431 -29.72 86.61 -64.61
N ILE XA 432 -28.81 85.65 -64.45
CA ILE XA 432 -28.79 84.82 -63.25
C ILE XA 432 -28.53 85.68 -62.01
N ALA XA 433 -27.58 86.61 -62.12
CA ALA XA 433 -27.26 87.49 -61.01
C ALA XA 433 -28.43 88.37 -60.65
N GLN XA 434 -29.15 88.89 -61.65
CA GLN XA 434 -30.32 89.72 -61.39
C GLN XA 434 -31.43 88.91 -60.73
N ARG XA 435 -31.62 87.66 -61.15
CA ARG XA 435 -32.60 86.80 -60.48
C ARG XA 435 -32.22 86.57 -59.03
N LEU XA 436 -30.92 86.36 -58.75
CA LEU XA 436 -30.50 86.15 -57.38
C LEU XA 436 -30.68 87.41 -56.54
N MET XA 437 -30.38 88.58 -57.11
CA MET XA 437 -30.68 89.84 -56.46
C MET XA 437 -32.17 89.94 -56.11
N GLN XA 438 -33.03 89.65 -57.08
CA GLN XA 438 -34.46 89.76 -56.84
C GLN XA 438 -34.91 88.81 -55.73
N SER XA 439 -34.40 87.58 -55.75
CA SER XA 439 -34.75 86.62 -54.72
C SER XA 439 -34.33 87.10 -53.34
N LYS XA 440 -33.05 87.48 -53.19
CA LYS XA 440 -32.56 87.84 -51.86
C LYS XA 440 -33.08 89.19 -51.41
N GLN XA 441 -33.62 90.00 -52.32
CA GLN XA 441 -34.13 91.31 -51.91
C GLN XA 441 -35.62 91.26 -51.60
N THR XA 442 -36.38 90.42 -52.28
CA THR XA 442 -37.83 90.40 -52.11
C THR XA 442 -38.34 89.20 -51.32
N ILE XA 443 -37.52 88.19 -51.07
CA ILE XA 443 -37.93 86.98 -50.38
C ILE XA 443 -37.23 86.94 -49.03
N PRO XA 444 -37.97 87.06 -47.92
CA PRO XA 444 -37.34 86.94 -46.59
C PRO XA 444 -37.01 85.49 -46.23
N HIS XA 445 -35.84 85.03 -46.66
CA HIS XA 445 -35.46 83.64 -46.43
C HIS XA 445 -35.33 83.34 -44.95
N TYR XA 446 -35.69 82.12 -44.57
CA TYR XA 446 -35.28 81.56 -43.28
C TYR XA 446 -35.09 80.06 -43.45
N TYR XA 447 -34.11 79.51 -42.73
CA TYR XA 447 -33.58 78.19 -43.04
C TYR XA 447 -33.82 77.25 -41.87
N LEU XA 448 -34.24 76.02 -42.18
CA LEU XA 448 -34.45 74.99 -41.17
C LEU XA 448 -33.73 73.71 -41.58
N SER XA 449 -32.95 73.15 -40.66
CA SER XA 449 -32.09 72.01 -40.96
C SER XA 449 -32.52 70.79 -40.13
N VAL XA 450 -32.50 69.62 -40.77
CA VAL XA 450 -32.76 68.35 -40.09
C VAL XA 450 -31.78 67.30 -40.61
N ASP XA 451 -31.71 66.19 -39.89
CA ASP XA 451 -30.91 65.04 -40.27
C ASP XA 451 -31.81 63.85 -40.58
N VAL XA 452 -31.50 63.18 -41.69
CA VAL XA 452 -32.29 62.06 -42.19
C VAL XA 452 -31.43 60.81 -42.20
N ASN XA 453 -31.92 59.74 -41.59
CA ASN XA 453 -31.22 58.46 -41.59
C ASN XA 453 -31.49 57.76 -42.91
N MET XA 454 -30.44 57.37 -43.62
CA MET XA 454 -30.57 56.86 -44.98
C MET XA 454 -30.23 55.39 -45.12
N GLY XA 455 -30.15 54.63 -44.02
CA GLY XA 455 -29.83 53.22 -44.14
C GLY XA 455 -30.89 52.45 -44.91
N GLU XA 456 -32.16 52.69 -44.59
CA GLU XA 456 -33.23 52.00 -45.29
C GLU XA 456 -33.32 52.45 -46.75
N VAL XA 457 -33.06 53.73 -47.01
CA VAL XA 457 -33.02 54.20 -48.39
C VAL XA 457 -31.93 53.49 -49.17
N LEU XA 458 -30.75 53.34 -48.57
CA LEU XA 458 -29.66 52.66 -49.26
C LEU XA 458 -29.99 51.20 -49.52
N LEU XA 459 -30.60 50.52 -48.52
CA LEU XA 459 -30.96 49.11 -48.71
C LEU XA 459 -32.00 48.96 -49.82
N VAL XA 460 -33.03 49.80 -49.80
CA VAL XA 460 -34.08 49.74 -50.82
C VAL XA 460 -33.51 50.06 -52.19
N ARG XA 461 -32.61 51.04 -52.26
CA ARG XA 461 -32.00 51.40 -53.53
C ARG XA 461 -31.15 50.26 -54.08
N LYS XA 462 -30.40 49.57 -53.22
CA LYS XA 462 -29.63 48.43 -53.65
C LYS XA 462 -30.53 47.33 -54.19
N GLU XA 463 -31.63 47.04 -53.49
CA GLU XA 463 -32.56 46.02 -53.96
C GLU XA 463 -33.19 46.40 -55.29
N LEU XA 464 -33.59 47.67 -55.43
CA LEU XA 464 -34.19 48.15 -56.68
C LEU XA 464 -33.19 48.06 -57.82
N ASN XA 465 -31.93 48.45 -57.58
CA ASN XA 465 -30.93 48.36 -58.62
C ASN XA 465 -30.66 46.93 -59.03
N LYS XA 466 -30.65 46.00 -58.06
CA LYS XA 466 -30.47 44.59 -58.40
C LYS XA 466 -31.62 44.07 -59.24
N MET XA 467 -32.86 44.46 -58.89
CA MET XA 467 -34.01 44.05 -59.69
C MET XA 467 -34.00 44.66 -61.09
N LEU XA 468 -33.55 45.91 -61.22
CA LEU XA 468 -33.56 46.58 -62.51
C LEU XA 468 -32.67 45.88 -63.54
N GLU XA 469 -31.65 45.14 -63.11
CA GLU XA 469 -30.83 44.32 -63.99
C GLU XA 469 -30.19 45.16 -65.10
N GLY XA 470 -29.80 46.37 -64.76
CA GLY XA 470 -29.11 47.25 -65.68
C GLY XA 470 -29.99 48.03 -66.64
N ARG XA 471 -31.31 47.82 -66.61
CA ARG XA 471 -32.19 48.61 -67.47
C ARG XA 471 -32.16 50.08 -67.08
N SER XA 472 -32.13 50.35 -65.78
CA SER XA 472 -31.97 51.70 -65.24
C SER XA 472 -31.23 51.61 -63.93
N LYS XA 473 -30.72 52.75 -63.47
CA LYS XA 473 -30.03 52.83 -62.19
C LYS XA 473 -30.67 53.95 -61.37
N ILE XA 474 -31.07 53.63 -60.15
CA ILE XA 474 -31.73 54.60 -59.29
C ILE XA 474 -30.71 55.23 -58.34
N SER XA 475 -30.69 56.55 -58.29
CA SER XA 475 -29.80 57.29 -57.42
C SER XA 475 -30.55 57.76 -56.17
N VAL XA 476 -29.78 58.21 -55.18
CA VAL XA 476 -30.37 58.73 -53.95
C VAL XA 476 -31.17 59.99 -54.23
N ASN XA 477 -30.75 60.78 -55.22
CA ASN XA 477 -31.49 61.99 -55.57
C ASN XA 477 -32.89 61.67 -56.08
N ASP XA 478 -33.08 60.48 -56.67
CA ASP XA 478 -34.42 60.09 -57.09
C ASP XA 478 -35.33 59.86 -55.89
N PHE XA 479 -34.84 59.16 -54.87
CA PHE XA 479 -35.58 59.02 -53.62
C PHE XA 479 -35.88 60.38 -53.01
N ILE XA 480 -34.89 61.28 -53.05
CA ILE XA 480 -35.07 62.60 -52.47
C ILE XA 480 -36.15 63.37 -53.22
N ILE XA 481 -36.16 63.30 -54.55
CA ILE XA 481 -37.16 64.00 -55.35
C ILE XA 481 -38.55 63.44 -55.07
N LYS XA 482 -38.67 62.11 -55.00
CA LYS XA 482 -39.97 61.50 -54.74
C LYS XA 482 -40.48 61.90 -53.35
N ALA XA 483 -39.60 61.85 -52.35
CA ALA XA 483 -40.00 62.23 -51.00
C ALA XA 483 -40.39 63.70 -50.92
N SER XA 484 -39.65 64.56 -51.62
CA SER XA 484 -39.99 65.98 -51.64
C SER XA 484 -41.35 66.21 -52.28
N ALA XA 485 -41.65 65.50 -53.38
CA ALA XA 485 -42.94 65.65 -54.04
C ALA XA 485 -44.07 65.18 -53.13
N LEU XA 486 -43.90 64.05 -52.46
CA LEU XA 486 -44.95 63.56 -51.58
C LEU XA 486 -45.13 64.48 -50.37
N ALA XA 487 -44.04 65.00 -49.82
CA ALA XA 487 -44.14 65.95 -48.72
C ALA XA 487 -44.82 67.23 -49.16
N CYS XA 488 -44.56 67.68 -50.39
CA CYS XA 488 -45.26 68.85 -50.93
C CYS XA 488 -46.75 68.57 -51.08
N LEU XA 489 -47.11 67.35 -51.49
CA LEU XA 489 -48.53 66.99 -51.50
C LEU XA 489 -49.13 67.06 -50.10
N LYS XA 490 -48.43 66.53 -49.10
CA LYS XA 490 -48.98 66.51 -47.75
C LYS XA 490 -49.08 67.92 -47.16
N VAL XA 491 -48.12 68.79 -47.47
CA VAL XA 491 -48.10 70.15 -46.94
C VAL XA 491 -48.05 71.13 -48.12
N PRO XA 492 -49.21 71.52 -48.65
CA PRO XA 492 -49.21 72.33 -49.88
C PRO XA 492 -48.68 73.75 -49.71
N GLU XA 493 -48.46 74.21 -48.47
CA GLU XA 493 -47.95 75.56 -48.28
C GLU XA 493 -46.56 75.73 -48.88
N ALA XA 494 -45.71 74.71 -48.76
CA ALA XA 494 -44.40 74.76 -49.40
C ALA XA 494 -44.50 74.70 -50.92
N ASN XA 495 -45.67 74.36 -51.46
CA ASN XA 495 -45.91 74.33 -52.90
C ASN XA 495 -46.72 75.53 -53.35
N SER XA 496 -46.47 76.70 -52.79
CA SER XA 496 -47.19 77.92 -53.12
C SER XA 496 -46.25 78.95 -53.72
N SER XA 497 -46.82 80.10 -54.07
CA SER XA 497 -46.09 81.22 -54.64
C SER XA 497 -46.77 82.52 -54.22
N TRP XA 498 -45.95 83.51 -53.86
CA TRP XA 498 -46.45 84.80 -53.45
C TRP XA 498 -46.52 85.72 -54.66
N LEU XA 499 -47.70 86.28 -54.92
CA LEU XA 499 -47.94 87.11 -56.10
C LEU XA 499 -48.43 88.50 -55.71
N ASP XA 500 -48.21 88.88 -54.44
CA ASP XA 500 -48.44 90.22 -53.90
C ASP XA 500 -49.92 90.54 -53.76
N THR XA 501 -50.79 89.68 -54.29
CA THR XA 501 -52.23 89.82 -54.11
C THR XA 501 -52.89 88.54 -53.63
N VAL XA 502 -52.44 87.39 -54.11
CA VAL XA 502 -52.94 86.10 -53.69
C VAL XA 502 -51.76 85.15 -53.52
N ILE XA 503 -51.99 84.08 -52.77
CA ILE XA 503 -51.01 83.01 -52.60
C ILE XA 503 -51.42 81.85 -53.49
N ARG XA 504 -50.73 81.69 -54.61
CA ARG XA 504 -51.06 80.65 -55.57
C ARG XA 504 -50.58 79.31 -55.04
N GLN XA 505 -51.51 78.41 -54.72
CA GLN XA 505 -51.18 77.11 -54.16
C GLN XA 505 -51.22 76.06 -55.26
N ASN XA 506 -50.06 75.71 -55.79
CA ASN XA 506 -50.00 74.77 -56.92
C ASN XA 506 -50.42 73.38 -56.47
N HIS XA 507 -51.33 72.78 -57.24
CA HIS XA 507 -51.81 71.43 -56.96
C HIS XA 507 -50.94 70.34 -57.58
N VAL XA 508 -50.00 70.71 -58.45
CA VAL XA 508 -49.04 69.78 -59.03
C VAL XA 508 -47.66 70.13 -58.52
N VAL XA 509 -46.76 69.15 -58.54
CA VAL XA 509 -45.41 69.30 -58.00
C VAL XA 509 -44.44 69.14 -59.16
N ASP XA 510 -43.88 70.26 -59.62
CA ASP XA 510 -42.85 70.27 -60.65
C ASP XA 510 -41.52 70.57 -59.95
N ILE XA 511 -40.66 69.57 -59.85
CA ILE XA 511 -39.43 69.68 -59.08
C ILE XA 511 -38.30 70.13 -60.00
N SER XA 512 -37.84 71.37 -59.82
CA SER XA 512 -36.61 71.80 -60.46
C SER XA 512 -35.44 71.12 -59.76
N VAL XA 513 -34.45 70.70 -60.55
CA VAL XA 513 -33.27 70.02 -60.02
C VAL XA 513 -32.05 70.83 -60.41
N ALA XA 514 -31.24 71.22 -59.42
CA ALA XA 514 -30.06 72.01 -59.69
C ALA XA 514 -28.99 71.14 -60.36
N VAL XA 515 -28.54 71.56 -61.53
CA VAL XA 515 -27.51 70.86 -62.29
C VAL XA 515 -26.40 71.85 -62.58
N SER XA 516 -25.16 71.46 -62.28
CA SER XA 516 -24.01 72.30 -62.54
C SER XA 516 -23.36 71.91 -63.87
N THR XA 517 -23.24 72.87 -64.76
CA THR XA 517 -22.67 72.73 -66.09
C THR XA 517 -21.54 73.74 -66.23
N PRO XA 518 -20.65 73.56 -67.19
CA PRO XA 518 -19.56 74.53 -67.37
C PRO XA 518 -20.04 75.95 -67.62
N ALA XA 519 -21.27 76.13 -68.09
CA ALA XA 519 -21.84 77.45 -68.32
C ALA XA 519 -22.53 78.03 -67.08
N GLY XA 520 -22.67 77.26 -66.02
CA GLY XA 520 -23.28 77.75 -64.79
C GLY XA 520 -24.28 76.77 -64.20
N LEU XA 521 -25.19 77.32 -63.41
CA LEU XA 521 -26.21 76.51 -62.76
C LEU XA 521 -27.51 76.58 -63.54
N ILE XA 522 -28.12 75.43 -63.79
CA ILE XA 522 -29.39 75.36 -64.50
C ILE XA 522 -30.34 74.47 -63.71
N THR XA 523 -31.64 74.59 -63.99
CA THR XA 523 -32.68 73.92 -63.22
C THR XA 523 -33.67 73.23 -64.15
N PRO XA 524 -33.31 72.07 -64.70
CA PRO XA 524 -34.30 71.28 -65.44
C PRO XA 524 -35.42 70.81 -64.51
N ILE XA 525 -36.63 70.74 -65.07
CA ILE XA 525 -37.83 70.50 -64.28
C ILE XA 525 -38.32 69.08 -64.54
N VAL XA 526 -38.52 68.33 -63.45
CA VAL XA 526 -39.21 67.04 -63.49
C VAL XA 526 -40.66 67.35 -63.19
N PHE XA 527 -41.51 67.26 -64.21
CA PHE XA 527 -42.92 67.57 -64.04
C PHE XA 527 -43.66 66.38 -63.43
N ASN XA 528 -44.63 66.68 -62.57
CA ASN XA 528 -45.49 65.66 -61.97
C ASN XA 528 -44.67 64.61 -61.23
N ALA XA 529 -43.73 65.07 -60.41
CA ALA XA 529 -42.92 64.15 -59.62
C ALA XA 529 -43.75 63.48 -58.54
N HIS XA 530 -44.92 64.02 -58.22
CA HIS XA 530 -45.77 63.42 -57.22
C HIS XA 530 -46.46 62.16 -57.73
N ILE XA 531 -46.54 61.99 -59.05
CA ILE XA 531 -47.14 60.80 -59.64
C ILE XA 531 -46.14 59.96 -60.42
N LYS XA 532 -44.99 60.52 -60.80
CA LYS XA 532 -43.97 59.73 -61.47
C LYS XA 532 -43.32 58.75 -60.50
N GLY XA 533 -42.94 57.58 -61.02
CA GLY XA 533 -42.26 56.60 -60.20
C GLY XA 533 -40.76 56.87 -60.12
N LEU XA 534 -40.09 56.06 -59.30
CA LEU XA 534 -38.65 56.25 -59.10
C LEU XA 534 -37.87 56.00 -60.40
N GLU XA 535 -38.24 54.95 -61.14
CA GLU XA 535 -37.56 54.69 -62.40
C GLU XA 535 -37.79 55.81 -63.41
N THR XA 536 -39.04 56.27 -63.51
CA THR XA 536 -39.34 57.37 -64.42
C THR XA 536 -38.62 58.64 -64.00
N ILE XA 537 -38.58 58.92 -62.69
CA ILE XA 537 -37.88 60.10 -62.20
C ILE XA 537 -36.39 60.02 -62.52
N ALA XA 538 -35.80 58.84 -62.32
CA ALA XA 538 -34.38 58.66 -62.60
C ALA XA 538 -34.08 58.86 -64.08
N ASN XA 539 -34.91 58.27 -64.95
CA ASN XA 539 -34.70 58.43 -66.39
C ASN XA 539 -34.85 59.89 -66.81
N ASP XA 540 -35.88 60.57 -66.28
CA ASP XA 540 -36.08 61.98 -66.61
C ASP XA 540 -34.90 62.82 -66.14
N VAL XA 541 -34.41 62.56 -64.93
CA VAL XA 541 -33.28 63.32 -64.41
C VAL XA 541 -32.03 63.10 -65.26
N VAL XA 542 -31.78 61.85 -65.66
CA VAL XA 542 -30.61 61.56 -66.49
C VAL XA 542 -30.72 62.27 -67.83
N SER XA 543 -31.89 62.19 -68.46
CA SER XA 543 -32.07 62.81 -69.77
C SER XA 543 -31.93 64.33 -69.68
N LEU XA 544 -32.54 64.95 -68.68
CA LEU XA 544 -32.46 66.41 -68.54
C LEU XA 544 -31.06 66.86 -68.17
N ALA XA 545 -30.35 66.07 -67.35
CA ALA XA 545 -28.97 66.40 -67.03
C ALA XA 545 -28.07 66.33 -68.26
N THR XA 546 -28.28 65.31 -69.10
CA THR XA 546 -27.52 65.22 -70.34
C THR XA 546 -27.83 66.41 -71.25
N LYS XA 547 -29.10 66.78 -71.35
CA LYS XA 547 -29.48 67.93 -72.18
C LYS XA 547 -28.85 69.21 -71.64
N ALA XA 548 -28.85 69.39 -70.31
CA ALA XA 548 -28.26 70.58 -69.72
C ALA XA 548 -26.76 70.64 -69.96
N ARG XA 549 -26.08 69.50 -69.80
CA ARG XA 549 -24.64 69.47 -70.02
C ARG XA 549 -24.30 69.74 -71.48
N GLU XA 550 -25.13 69.25 -72.41
CA GLU XA 550 -24.90 69.52 -73.83
C GLU XA 550 -25.48 70.85 -74.28
N GLY XA 551 -26.14 71.59 -73.40
CA GLY XA 551 -26.65 72.90 -73.75
C GLY XA 551 -27.84 72.90 -74.68
N LYS XA 552 -28.67 71.85 -74.61
CA LYS XA 552 -29.81 71.70 -75.53
C LYS XA 552 -31.15 71.89 -74.85
N LEU XA 553 -31.18 72.41 -73.62
CA LEU XA 553 -32.43 72.56 -72.90
C LEU XA 553 -33.29 73.66 -73.52
N GLN XA 554 -34.58 73.35 -73.71
CA GLN XA 554 -35.54 74.34 -74.16
C GLN XA 554 -36.01 75.19 -72.99
N PRO XA 555 -36.46 76.42 -73.25
CA PRO XA 555 -36.84 77.31 -72.14
C PRO XA 555 -37.93 76.76 -71.24
N HIS XA 556 -38.91 76.04 -71.78
CA HIS XA 556 -39.97 75.50 -70.94
C HIS XA 556 -39.48 74.34 -70.08
N GLU XA 557 -38.33 73.75 -70.42
CA GLU XA 557 -37.80 72.63 -69.64
C GLU XA 557 -37.05 73.08 -68.39
N PHE XA 558 -36.74 74.38 -68.26
CA PHE XA 558 -36.10 74.89 -67.06
C PHE XA 558 -36.71 76.16 -66.52
N GLN XA 559 -37.77 76.70 -67.12
CA GLN XA 559 -38.46 77.86 -66.59
C GLN XA 559 -39.76 77.42 -65.95
N GLY XA 560 -39.97 77.83 -64.69
CA GLY XA 560 -41.16 77.47 -63.96
C GLY XA 560 -40.88 76.63 -62.74
N GLY XA 561 -41.70 75.61 -62.51
CA GLY XA 561 -41.55 74.75 -61.36
C GLY XA 561 -42.16 75.35 -60.10
N THR XA 562 -42.42 74.48 -59.13
CA THR XA 562 -43.00 74.89 -57.86
C THR XA 562 -42.09 74.65 -56.67
N PHE XA 563 -41.08 73.80 -56.80
CA PHE XA 563 -40.19 73.45 -55.71
C PHE XA 563 -38.87 73.02 -56.28
N THR XA 564 -37.78 73.45 -55.66
CA THR XA 564 -36.44 73.23 -56.18
C THR XA 564 -35.64 72.37 -55.22
N ILE XA 565 -34.80 71.49 -55.76
CA ILE XA 565 -33.88 70.67 -55.00
C ILE XA 565 -32.47 70.89 -55.52
N SER XA 566 -31.56 71.29 -54.64
CA SER XA 566 -30.15 71.48 -54.96
C SER XA 566 -29.33 70.53 -54.11
N ASN XA 567 -28.68 69.57 -54.75
CA ASN XA 567 -27.93 68.53 -54.06
C ASN XA 567 -26.45 68.77 -54.30
N LEU XA 568 -25.70 68.93 -53.21
CA LEU XA 568 -24.25 69.08 -53.29
C LEU XA 568 -23.51 68.03 -52.46
N GLY XA 569 -24.16 66.89 -52.18
CA GLY XA 569 -23.50 65.86 -51.40
C GLY XA 569 -22.37 65.19 -52.16
N MET XA 570 -22.45 65.19 -53.49
CA MET XA 570 -21.39 64.61 -54.30
C MET XA 570 -20.06 65.35 -54.14
N PHE XA 571 -20.10 66.61 -53.71
CA PHE XA 571 -18.91 67.42 -53.50
C PHE XA 571 -18.45 67.42 -52.05
N GLY XA 572 -19.11 66.65 -51.18
CA GLY XA 572 -18.66 66.54 -49.81
C GLY XA 572 -19.17 67.61 -48.87
N ILE XA 573 -20.10 68.45 -49.31
CA ILE XA 573 -20.65 69.48 -48.44
C ILE XA 573 -21.50 68.84 -47.35
N LYS XA 574 -21.21 69.16 -46.10
CA LYS XA 574 -21.99 68.63 -44.99
C LYS XA 574 -23.42 69.18 -45.02
N ASN XA 575 -23.57 70.49 -45.13
CA ASN XA 575 -24.86 71.12 -45.30
C ASN XA 575 -24.64 72.52 -45.84
N PHE XA 576 -25.69 73.08 -46.45
CA PHE XA 576 -25.60 74.43 -47.00
C PHE XA 576 -27.00 75.02 -47.11
N SER XA 577 -27.04 76.34 -47.24
CA SER XA 577 -28.29 77.10 -47.35
C SER XA 577 -28.35 77.71 -48.74
N ALA XA 578 -29.40 77.39 -49.49
CA ALA XA 578 -29.50 77.85 -50.87
C ALA XA 578 -30.40 79.08 -50.97
N ILE XA 579 -30.44 79.65 -52.16
CA ILE XA 579 -31.27 80.82 -52.45
C ILE XA 579 -32.54 80.36 -53.15
N ILE XA 580 -33.68 80.85 -52.67
CA ILE XA 580 -34.96 80.46 -53.26
C ILE XA 580 -35.06 80.97 -54.69
N ASN XA 581 -35.39 80.06 -55.61
CA ASN XA 581 -35.57 80.42 -57.01
C ASN XA 581 -36.97 80.99 -57.19
N PRO XA 582 -37.10 82.25 -57.60
CA PRO XA 582 -38.42 82.87 -57.69
C PRO XA 582 -39.23 82.29 -58.83
N PRO XA 583 -40.57 82.32 -58.74
CA PRO XA 583 -41.38 82.82 -57.63
C PRO XA 583 -41.75 81.73 -56.64
N GLN XA 584 -40.94 80.69 -56.51
CA GLN XA 584 -41.27 79.58 -55.62
C GLN XA 584 -41.14 80.02 -54.16
N ALA XA 585 -41.63 79.15 -53.27
CA ALA XA 585 -41.66 79.48 -51.85
C ALA XA 585 -40.61 78.73 -51.03
N CYS XA 586 -39.97 77.70 -51.59
CA CYS XA 586 -39.00 76.91 -50.84
C CYS XA 586 -37.96 76.35 -51.79
N ILE XA 587 -36.85 75.90 -51.20
CA ILE XA 587 -35.79 75.18 -51.92
C ILE XA 587 -35.09 74.27 -50.92
N LEU XA 588 -34.91 73.01 -51.30
CA LEU XA 588 -34.30 72.02 -50.42
C LEU XA 588 -32.84 71.85 -50.79
N ALA XA 589 -31.95 72.16 -49.84
CA ALA XA 589 -30.52 72.02 -50.02
C ALA XA 589 -30.06 70.73 -49.35
N VAL XA 590 -29.50 69.82 -50.14
CA VAL XA 590 -29.13 68.49 -49.67
C VAL XA 590 -27.62 68.41 -49.59
N GLY XA 591 -27.10 67.96 -48.44
CA GLY XA 591 -25.68 67.78 -48.24
C GLY XA 591 -25.25 66.33 -48.38
N ALA XA 592 -24.03 66.07 -47.91
CA ALA XA 592 -23.47 64.73 -48.03
C ALA XA 592 -23.98 63.82 -46.93
N SER XA 593 -23.98 62.51 -47.22
CA SER XA 593 -24.37 61.52 -46.23
C SER XA 593 -23.13 60.89 -45.62
N GLU XA 594 -23.07 60.88 -44.29
CA GLU XA 594 -21.91 60.42 -43.55
C GLU XA 594 -22.32 59.47 -42.45
N ASP XA 595 -21.43 58.55 -42.10
CA ASP XA 595 -21.67 57.62 -41.01
C ASP XA 595 -21.44 58.31 -39.68
N ARG XA 596 -22.41 58.22 -38.78
CA ARG XA 596 -22.33 58.84 -37.46
C ARG XA 596 -22.73 57.84 -36.39
N LEU XA 597 -22.09 57.94 -35.22
CA LEU XA 597 -22.40 57.07 -34.11
C LEU XA 597 -23.59 57.62 -33.32
N PHE XA 598 -24.54 56.74 -33.01
CA PHE XA 598 -25.70 57.12 -32.23
C PHE XA 598 -25.96 56.10 -31.13
N PRO XA 599 -26.48 56.54 -29.99
CA PRO XA 599 -26.73 55.60 -28.89
C PRO XA 599 -27.75 54.53 -29.27
N ALA XA 600 -27.53 53.32 -28.76
CA ALA XA 600 -28.44 52.21 -29.00
C ALA XA 600 -28.44 51.31 -27.77
N ASP XA 601 -29.53 50.55 -27.62
CA ASP XA 601 -29.70 49.64 -26.49
C ASP XA 601 -29.12 48.28 -26.84
N ASN XA 602 -27.81 48.25 -27.03
CA ASN XA 602 -27.09 47.02 -27.33
C ASN XA 602 -25.87 46.92 -26.42
N GLU XA 603 -25.12 45.83 -26.60
CA GLU XA 603 -23.94 45.60 -25.76
C GLU XA 603 -22.88 46.67 -25.98
N LYS XA 604 -22.62 47.04 -27.24
CA LYS XA 604 -21.63 48.07 -27.53
C LYS XA 604 -22.06 49.45 -27.05
N GLY XA 605 -23.36 49.69 -26.89
CA GLY XA 605 -23.85 50.98 -26.48
C GLY XA 605 -24.03 52.00 -27.58
N PHE XA 606 -23.75 51.63 -28.83
CA PHE XA 606 -23.87 52.55 -29.94
C PHE XA 606 -24.10 51.78 -31.23
N ASP XA 607 -24.53 52.49 -32.27
CA ASP XA 607 -24.72 51.95 -33.60
C ASP XA 607 -24.22 52.95 -34.62
N VAL XA 608 -24.07 52.49 -35.86
CA VAL XA 608 -23.58 53.31 -36.95
C VAL XA 608 -24.70 53.47 -37.97
N ALA XA 609 -25.03 54.72 -38.30
CA ALA XA 609 -26.08 55.03 -39.26
C ALA XA 609 -25.58 56.08 -40.24
N SER XA 610 -25.95 55.92 -41.50
CA SER XA 610 -25.59 56.88 -42.53
C SER XA 610 -26.64 57.98 -42.57
N MET XA 611 -26.31 59.15 -42.04
CA MET XA 611 -27.24 60.25 -41.91
C MET XA 611 -26.92 61.35 -42.92
N MET XA 612 -27.95 61.95 -43.48
CA MET XA 612 -27.82 63.00 -44.49
C MET XA 612 -28.59 64.23 -44.03
N SER XA 613 -27.91 65.38 -44.00
CA SER XA 613 -28.46 66.61 -43.46
C SER XA 613 -29.03 67.47 -44.57
N VAL XA 614 -30.28 67.91 -44.40
CA VAL XA 614 -30.94 68.75 -45.39
C VAL XA 614 -31.39 70.06 -44.73
N THR XA 615 -31.25 71.14 -45.49
CA THR XA 615 -31.64 72.47 -45.05
C THR XA 615 -32.66 73.03 -46.03
N LEU XA 616 -33.87 73.27 -45.55
CA LEU XA 616 -34.94 73.85 -46.35
C LEU XA 616 -34.96 75.36 -46.11
N SER XA 617 -34.82 76.13 -47.20
CA SER XA 617 -34.91 77.57 -47.14
C SER XA 617 -36.30 78.00 -47.58
N CYS XA 618 -37.02 78.67 -46.68
CA CYS XA 618 -38.43 78.96 -46.87
C CYS XA 618 -38.65 80.46 -46.93
N ASP XA 619 -39.63 80.85 -47.75
CA ASP XA 619 -40.12 82.23 -47.80
C ASP XA 619 -41.07 82.44 -46.63
N HIS XA 620 -40.68 83.30 -45.68
CA HIS XA 620 -41.46 83.44 -44.46
C HIS XA 620 -42.80 84.13 -44.68
N ARG XA 621 -43.01 84.77 -45.83
CA ARG XA 621 -44.35 85.27 -46.16
C ARG XA 621 -45.34 84.14 -46.31
N VAL XA 622 -44.93 83.04 -46.95
CA VAL XA 622 -45.83 81.94 -47.28
C VAL XA 622 -45.75 80.82 -46.26
N VAL XA 623 -44.54 80.37 -45.93
CA VAL XA 623 -44.33 79.23 -45.06
C VAL XA 623 -43.76 79.73 -43.74
N ASP XA 624 -44.52 79.58 -42.66
CA ASP XA 624 -44.00 79.94 -41.35
C ASP XA 624 -43.22 78.77 -40.75
N GLY XA 625 -42.70 78.99 -39.54
CA GLY XA 625 -41.81 78.00 -38.95
C GLY XA 625 -42.47 76.65 -38.71
N ALA XA 626 -43.69 76.66 -38.21
CA ALA XA 626 -44.39 75.40 -37.93
C ALA XA 626 -44.66 74.63 -39.21
N VAL XA 627 -45.07 75.33 -40.28
CA VAL XA 627 -45.35 74.65 -41.54
C VAL XA 627 -44.06 74.09 -42.16
N GLY XA 628 -42.98 74.86 -42.12
CA GLY XA 628 -41.71 74.35 -42.62
C GLY XA 628 -41.22 73.14 -41.84
N ALA XA 629 -41.39 73.18 -40.52
CA ALA XA 629 -41.00 72.03 -39.70
C ALA XA 629 -41.86 70.81 -40.01
N GLN XA 630 -43.15 71.02 -40.25
CA GLN XA 630 -44.03 69.90 -40.62
C GLN XA 630 -43.61 69.31 -41.95
N TRP XA 631 -43.26 70.16 -42.92
CA TRP XA 631 -42.78 69.67 -44.20
C TRP XA 631 -41.52 68.84 -44.03
N LEU XA 632 -40.58 69.34 -43.24
CA LEU XA 632 -39.33 68.61 -43.04
C LEU XA 632 -39.56 67.29 -42.31
N ALA XA 633 -40.50 67.27 -41.35
CA ALA XA 633 -40.83 66.03 -40.67
C ALA XA 633 -41.44 65.01 -41.62
N GLU XA 634 -42.34 65.45 -42.50
CA GLU XA 634 -42.92 64.53 -43.47
C GLU XA 634 -41.85 63.99 -44.43
N PHE XA 635 -40.96 64.87 -44.89
CA PHE XA 635 -39.87 64.45 -45.76
C PHE XA 635 -38.97 63.43 -45.07
N ARG XA 636 -38.64 63.68 -43.80
CA ARG XA 636 -37.79 62.77 -43.05
C ARG XA 636 -38.47 61.42 -42.85
N LYS XA 637 -39.77 61.43 -42.55
CA LYS XA 637 -40.49 60.17 -42.40
C LYS XA 637 -40.50 59.37 -43.69
N TYR XA 638 -40.78 60.05 -44.81
CA TYR XA 638 -40.80 59.38 -46.10
C TYR XA 638 -39.46 58.76 -46.43
N LEU XA 639 -38.36 59.47 -46.17
CA LEU XA 639 -37.06 58.90 -46.47
C LEU XA 639 -36.68 57.80 -45.48
N GLU XA 640 -37.01 57.96 -44.20
CA GLU XA 640 -36.62 56.95 -43.22
C GLU XA 640 -37.39 55.66 -43.37
N LYS XA 641 -38.60 55.69 -43.93
CA LYS XA 641 -39.33 54.48 -44.29
C LYS XA 641 -39.78 54.57 -45.74
N PRO XA 642 -38.96 54.08 -46.67
CA PRO XA 642 -39.30 54.20 -48.09
C PRO XA 642 -40.60 53.52 -48.48
N ILE XA 643 -41.00 52.47 -47.77
CA ILE XA 643 -42.24 51.77 -48.11
C ILE XA 643 -43.45 52.67 -47.91
N THR XA 644 -43.32 53.71 -47.07
CA THR XA 644 -44.39 54.67 -46.89
C THR XA 644 -44.56 55.59 -48.09
N MET XA 645 -43.64 55.58 -49.05
CA MET XA 645 -43.85 56.31 -50.28
C MET XA 645 -44.95 55.71 -51.15
N LEU XA 646 -45.39 54.49 -50.83
CA LEU XA 646 -46.47 53.85 -51.57
C LEU XA 646 -47.85 54.37 -51.17
N LEU XA 647 -47.96 55.06 -50.04
CA LEU XA 647 -49.25 55.58 -49.58
C LEU XA 647 -49.68 56.80 -50.39
N PHE YA 420 -108.80 17.23 4.87
CA PHE YA 420 -108.56 17.10 3.44
C PHE YA 420 -109.13 18.29 2.67
N THR YA 421 -108.84 18.34 1.37
CA THR YA 421 -109.35 19.38 0.48
C THR YA 421 -109.80 18.73 -0.83
N ASP YA 422 -111.02 19.05 -1.24
CA ASP YA 422 -111.58 18.51 -2.48
C ASP YA 422 -111.33 19.49 -3.61
N ILE YA 423 -110.43 19.13 -4.51
CA ILE YA 423 -110.09 19.96 -5.67
C ILE YA 423 -110.99 19.54 -6.83
N PRO YA 424 -111.81 20.43 -7.38
CA PRO YA 424 -112.67 20.05 -8.50
C PRO YA 424 -111.85 19.61 -9.70
N ILE YA 425 -112.37 18.63 -10.43
CA ILE YA 425 -111.69 18.10 -11.60
C ILE YA 425 -112.09 18.93 -12.81
N SER YA 426 -111.10 19.49 -13.50
CA SER YA 426 -111.37 20.26 -14.70
C SER YA 426 -111.79 19.32 -15.84
N ASN YA 427 -112.41 19.91 -16.86
CA ASN YA 427 -112.83 19.11 -18.02
C ASN YA 427 -111.62 18.57 -18.78
N ILE YA 428 -110.54 19.35 -18.84
CA ILE YA 428 -109.32 18.88 -19.49
C ILE YA 428 -108.76 17.67 -18.75
N ARG YA 429 -108.71 17.75 -17.42
CA ARG YA 429 -108.23 16.63 -16.62
C ARG YA 429 -109.15 15.42 -16.76
N ARG YA 430 -110.47 15.65 -16.85
CA ARG YA 430 -111.39 14.55 -17.06
C ARG YA 430 -111.14 13.87 -18.40
N VAL YA 431 -110.89 14.67 -19.44
CA VAL YA 431 -110.60 14.10 -20.75
C VAL YA 431 -109.31 13.28 -20.72
N ILE YA 432 -108.27 13.81 -20.06
CA ILE YA 432 -107.00 13.10 -19.96
C ILE YA 432 -107.18 11.79 -19.21
N ALA YA 433 -107.93 11.84 -18.09
CA ALA YA 433 -108.17 10.63 -17.30
C ALA YA 433 -108.97 9.60 -18.10
N GLN YA 434 -109.96 10.06 -18.87
CA GLN YA 434 -110.73 9.14 -19.69
C GLN YA 434 -109.87 8.50 -20.76
N ARG YA 435 -108.98 9.28 -21.38
CA ARG YA 435 -108.08 8.71 -22.38
C ARG YA 435 -107.15 7.67 -21.76
N LEU YA 436 -106.60 7.98 -20.58
CA LEU YA 436 -105.70 7.03 -19.92
C LEU YA 436 -106.41 5.76 -19.52
N MET YA 437 -107.64 5.89 -18.98
CA MET YA 437 -108.42 4.72 -18.62
C MET YA 437 -108.74 3.88 -19.84
N GLN YA 438 -109.12 4.53 -20.94
CA GLN YA 438 -109.40 3.79 -22.18
C GLN YA 438 -108.17 3.05 -22.67
N SER YA 439 -107.01 3.70 -22.61
CA SER YA 439 -105.77 3.06 -23.04
C SER YA 439 -105.47 1.83 -22.19
N LYS YA 440 -105.54 1.97 -20.88
CA LYS YA 440 -105.19 0.85 -20.00
C LYS YA 440 -106.25 -0.25 -20.05
N GLN YA 441 -107.49 0.08 -20.44
CA GLN YA 441 -108.53 -0.94 -20.50
C GLN YA 441 -108.54 -1.68 -21.83
N THR YA 442 -108.18 -1.02 -22.93
CA THR YA 442 -108.30 -1.62 -24.25
C THR YA 442 -106.97 -2.05 -24.85
N ILE YA 443 -105.84 -1.61 -24.31
CA ILE YA 443 -104.53 -1.91 -24.88
C ILE YA 443 -103.79 -2.84 -23.90
N PRO YA 444 -103.47 -4.07 -24.30
CA PRO YA 444 -102.70 -4.95 -23.42
C PRO YA 444 -101.22 -4.58 -23.39
N HIS YA 445 -100.87 -3.64 -22.52
CA HIS YA 445 -99.49 -3.16 -22.43
C HIS YA 445 -98.55 -4.28 -22.02
N TYR YA 446 -97.35 -4.29 -22.59
CA TYR YA 446 -96.24 -5.05 -22.05
C TYR YA 446 -94.94 -4.32 -22.33
N TYR YA 447 -94.00 -4.40 -21.39
CA TYR YA 447 -92.90 -3.45 -21.33
C TYR YA 447 -91.57 -4.17 -21.53
N LEU YA 448 -90.68 -3.57 -22.32
CA LEU YA 448 -89.34 -4.11 -22.54
C LEU YA 448 -88.30 -3.03 -22.24
N SER YA 449 -87.30 -3.36 -21.45
CA SER YA 449 -86.31 -2.39 -21.01
C SER YA 449 -84.91 -2.80 -21.47
N VAL YA 450 -84.13 -1.80 -21.92
CA VAL YA 450 -82.75 -2.01 -22.31
C VAL YA 450 -81.91 -0.84 -21.83
N ASP YA 451 -80.59 -1.00 -21.90
CA ASP YA 451 -79.62 0.01 -21.54
C ASP YA 451 -78.81 0.42 -22.78
N VAL YA 452 -78.63 1.72 -22.95
CA VAL YA 452 -77.96 2.28 -24.12
C VAL YA 452 -76.73 3.05 -23.65
N ASN YA 453 -75.58 2.75 -24.25
CA ASN YA 453 -74.35 3.48 -23.95
C ASN YA 453 -74.35 4.78 -24.72
N MET YA 454 -74.17 5.90 -24.01
CA MET YA 454 -74.36 7.21 -24.61
C MET YA 454 -73.08 8.03 -24.71
N GLY YA 455 -71.91 7.42 -24.55
CA GLY YA 455 -70.68 8.18 -24.68
C GLY YA 455 -70.49 8.77 -26.06
N GLU YA 456 -70.75 7.95 -27.09
CA GLU YA 456 -70.64 8.44 -28.47
C GLU YA 456 -71.65 9.54 -28.74
N VAL YA 457 -72.88 9.39 -28.23
CA VAL YA 457 -73.89 10.41 -28.42
C VAL YA 457 -73.44 11.72 -27.76
N LEU YA 458 -72.89 11.64 -26.55
CA LEU YA 458 -72.42 12.85 -25.88
C LEU YA 458 -71.29 13.51 -26.65
N LEU YA 459 -70.34 12.72 -27.15
CA LEU YA 459 -69.23 13.27 -27.90
C LEU YA 459 -69.70 13.95 -29.19
N VAL YA 460 -70.58 13.27 -29.93
CA VAL YA 460 -71.10 13.84 -31.17
C VAL YA 460 -71.92 15.09 -30.89
N ARG YA 461 -72.69 15.08 -29.80
CA ARG YA 461 -73.48 16.26 -29.44
C ARG YA 461 -72.59 17.44 -29.08
N LYS YA 462 -71.51 17.19 -28.34
CA LYS YA 462 -70.57 18.26 -28.01
C LYS YA 462 -69.95 18.84 -29.27
N GLU YA 463 -69.50 17.98 -30.18
CA GLU YA 463 -68.90 18.46 -31.42
C GLU YA 463 -69.90 19.24 -32.27
N LEU YA 464 -71.13 18.75 -32.34
CA LEU YA 464 -72.17 19.42 -33.10
C LEU YA 464 -72.47 20.79 -32.51
N ASN YA 465 -72.57 20.87 -31.18
CA ASN YA 465 -72.82 22.16 -30.54
C ASN YA 465 -71.67 23.13 -30.75
N LYS YA 466 -70.43 22.64 -30.71
CA LYS YA 466 -69.29 23.50 -30.97
C LYS YA 466 -69.29 24.02 -32.41
N MET YA 467 -69.61 23.17 -33.38
CA MET YA 467 -69.76 23.65 -34.76
C MET YA 467 -70.93 24.62 -34.89
N LEU YA 468 -71.96 24.47 -34.08
CA LEU YA 468 -73.14 25.32 -34.20
C LEU YA 468 -72.87 26.78 -33.87
N GLU YA 469 -71.92 27.06 -32.98
CA GLU YA 469 -71.51 28.43 -32.64
C GLU YA 469 -72.70 29.25 -32.14
N GLY YA 470 -73.58 28.60 -31.37
CA GLY YA 470 -74.67 29.29 -30.72
C GLY YA 470 -75.90 29.53 -31.58
N ARG YA 471 -75.89 29.15 -32.86
CA ARG YA 471 -77.08 29.31 -33.68
C ARG YA 471 -78.22 28.43 -33.16
N SER YA 472 -77.91 27.21 -32.76
CA SER YA 472 -78.86 26.31 -32.12
C SER YA 472 -78.10 25.40 -31.17
N LYS YA 473 -78.84 24.71 -30.30
CA LYS YA 473 -78.25 23.80 -29.33
C LYS YA 473 -78.92 22.44 -29.48
N ILE YA 474 -78.12 21.44 -29.84
CA ILE YA 474 -78.64 20.09 -30.00
C ILE YA 474 -78.67 19.40 -28.64
N SER YA 475 -79.83 18.85 -28.27
CA SER YA 475 -79.99 18.17 -27.00
C SER YA 475 -80.04 16.66 -27.20
N VAL YA 476 -79.93 15.94 -26.09
CA VAL YA 476 -79.97 14.47 -26.13
C VAL YA 476 -81.32 13.97 -26.60
N ASN YA 477 -82.40 14.67 -26.24
CA ASN YA 477 -83.72 14.25 -26.69
C ASN YA 477 -83.85 14.34 -28.20
N ASP YA 478 -83.10 15.24 -28.84
CA ASP YA 478 -83.11 15.29 -30.31
C ASP YA 478 -82.51 14.02 -30.91
N PHE YA 479 -81.39 13.56 -30.35
CA PHE YA 479 -80.82 12.29 -30.78
C PHE YA 479 -81.79 11.15 -30.53
N ILE YA 480 -82.47 11.16 -29.38
CA ILE YA 480 -83.42 10.10 -29.06
C ILE YA 480 -84.57 10.10 -30.05
N ILE YA 481 -85.09 11.28 -30.40
CA ILE YA 481 -86.20 11.37 -31.36
C ILE YA 481 -85.75 10.87 -32.74
N LYS YA 482 -84.56 11.28 -33.17
CA LYS YA 482 -84.07 10.84 -34.48
C LYS YA 482 -83.88 9.33 -34.51
N ALA YA 483 -83.28 8.77 -33.46
CA ALA YA 483 -83.08 7.32 -33.40
C ALA YA 483 -84.41 6.58 -33.37
N SER YA 484 -85.39 7.10 -32.62
CA SER YA 484 -86.70 6.47 -32.58
C SER YA 484 -87.36 6.49 -33.95
N ALA YA 485 -87.25 7.60 -34.67
CA ALA YA 485 -87.85 7.68 -36.00
C ALA YA 485 -87.18 6.70 -36.96
N LEU YA 486 -85.85 6.61 -36.92
CA LEU YA 486 -85.15 5.68 -37.81
C LEU YA 486 -85.48 4.23 -37.46
N ALA YA 487 -85.57 3.91 -36.16
CA ALA YA 487 -85.94 2.56 -35.75
C ALA YA 487 -87.37 2.24 -36.16
N CYS YA 488 -88.27 3.24 -36.11
CA CYS YA 488 -89.63 3.05 -36.59
C CYS YA 488 -89.65 2.78 -38.08
N LEU YA 489 -88.81 3.48 -38.85
CA LEU YA 489 -88.69 3.17 -40.28
C LEU YA 489 -88.22 1.74 -40.50
N LYS YA 490 -87.22 1.31 -39.73
CA LYS YA 490 -86.68 -0.04 -39.91
C LYS YA 490 -87.69 -1.12 -39.51
N VAL YA 491 -88.46 -0.86 -38.45
CA VAL YA 491 -89.44 -1.83 -37.95
C VAL YA 491 -90.80 -1.17 -37.95
N PRO YA 492 -91.56 -1.23 -39.05
CA PRO YA 492 -92.83 -0.49 -39.14
C PRO YA 492 -93.93 -1.02 -38.23
N GLU YA 493 -93.76 -2.19 -37.60
CA GLU YA 493 -94.80 -2.71 -36.73
C GLU YA 493 -95.01 -1.81 -35.53
N ALA YA 494 -93.94 -1.24 -34.98
CA ALA YA 494 -94.08 -0.29 -33.89
C ALA YA 494 -94.70 1.03 -34.36
N ASN YA 495 -94.80 1.23 -35.66
CA ASN YA 495 -95.44 2.41 -36.24
C ASN YA 495 -96.82 2.09 -36.81
N SER YA 496 -97.58 1.24 -36.13
CA SER YA 496 -98.90 0.83 -36.57
C SER YA 496 -99.95 1.24 -35.55
N SER YA 497 -101.20 0.98 -35.91
CA SER YA 497 -102.35 1.28 -35.07
C SER YA 497 -103.41 0.21 -35.25
N TRP YA 498 -104.04 -0.18 -34.15
CA TRP YA 498 -105.08 -1.20 -34.18
C TRP YA 498 -106.44 -0.52 -34.28
N LEU YA 499 -107.24 -0.92 -35.26
CA LEU YA 499 -108.54 -0.32 -35.52
C LEU YA 499 -109.65 -1.37 -35.53
N ASP YA 500 -109.37 -2.52 -34.92
CA ASP YA 500 -110.35 -3.58 -34.66
C ASP YA 500 -110.77 -4.31 -35.93
N THR YA 501 -110.35 -3.81 -37.09
CA THR YA 501 -110.59 -4.48 -38.36
C THR YA 501 -109.36 -4.59 -39.22
N VAL YA 502 -108.43 -3.62 -39.11
CA VAL YA 502 -107.19 -3.61 -39.86
C VAL YA 502 -106.09 -3.05 -38.96
N ILE YA 503 -104.85 -3.34 -39.32
CA ILE YA 503 -103.69 -2.77 -38.67
C ILE YA 503 -103.10 -1.71 -39.58
N ARG YA 504 -103.36 -0.45 -39.26
CA ARG YA 504 -102.91 0.67 -40.09
C ARG YA 504 -101.43 0.89 -39.85
N GLN YA 505 -100.61 0.61 -40.86
CA GLN YA 505 -99.16 0.72 -40.75
C GLN YA 505 -98.71 2.06 -41.33
N ASN YA 506 -98.49 3.05 -40.46
CA ASN YA 506 -98.16 4.38 -40.91
C ASN YA 506 -96.78 4.40 -41.56
N HIS YA 507 -96.70 4.99 -42.76
CA HIS YA 507 -95.45 5.10 -43.49
C HIS YA 507 -94.65 6.35 -43.10
N VAL YA 508 -95.24 7.26 -42.35
CA VAL YA 508 -94.55 8.43 -41.84
C VAL YA 508 -94.44 8.31 -40.33
N VAL YA 509 -93.47 9.01 -39.75
CA VAL YA 509 -93.19 8.94 -38.33
C VAL YA 509 -93.43 10.32 -37.75
N ASP YA 510 -94.55 10.49 -37.04
CA ASP YA 510 -94.87 11.72 -36.32
C ASP YA 510 -94.68 11.44 -34.84
N ILE YA 511 -93.61 12.01 -34.27
CA ILE YA 511 -93.21 11.69 -32.90
C ILE YA 511 -93.85 12.69 -31.95
N SER YA 512 -94.81 12.23 -31.17
CA SER YA 512 -95.30 13.03 -30.05
C SER YA 512 -94.24 13.05 -28.95
N VAL YA 513 -94.04 14.22 -28.35
CA VAL YA 513 -93.05 14.39 -27.28
C VAL YA 513 -93.79 14.84 -26.03
N ALA YA 514 -93.65 14.08 -24.95
CA ALA YA 514 -94.33 14.43 -23.71
C ALA YA 514 -93.68 15.65 -23.09
N VAL YA 515 -94.46 16.71 -22.86
CA VAL YA 515 -94.01 17.94 -22.26
C VAL YA 515 -94.87 18.20 -21.03
N SER YA 516 -94.22 18.48 -19.90
CA SER YA 516 -94.94 18.79 -18.67
C SER YA 516 -95.09 20.29 -18.52
N THR YA 517 -96.32 20.74 -18.33
CA THR YA 517 -96.71 22.14 -18.17
C THR YA 517 -97.51 22.24 -16.89
N PRO YA 518 -97.66 23.45 -16.34
CA PRO YA 518 -98.46 23.59 -15.11
C PRO YA 518 -99.89 23.10 -15.24
N ALA YA 519 -100.42 23.02 -16.46
CA ALA YA 519 -101.77 22.52 -16.69
C ALA YA 519 -101.83 21.01 -16.88
N GLY YA 520 -100.69 20.34 -16.96
CA GLY YA 520 -100.66 18.90 -17.11
C GLY YA 520 -99.66 18.43 -18.15
N LEU YA 521 -99.88 17.22 -18.65
CA LEU YA 521 -99.02 16.66 -19.67
C LEU YA 521 -99.62 16.85 -21.05
N ILE YA 522 -98.81 17.34 -21.99
CA ILE YA 522 -99.26 17.55 -23.36
C ILE YA 522 -98.26 16.87 -24.29
N THR YA 523 -98.68 16.63 -25.53
CA THR YA 523 -97.89 15.87 -26.50
C THR YA 523 -97.81 16.61 -27.83
N PRO YA 524 -96.99 17.66 -27.92
CA PRO YA 524 -96.73 18.26 -29.23
C PRO YA 524 -96.02 17.28 -30.15
N ILE YA 525 -96.36 17.36 -31.43
CA ILE YA 525 -95.96 16.37 -32.42
C ILE YA 525 -94.89 16.98 -33.33
N VAL YA 526 -93.76 16.30 -33.43
CA VAL YA 526 -92.74 16.61 -34.44
C VAL YA 526 -93.08 15.75 -35.64
N PHE YA 527 -93.53 16.39 -36.72
CA PHE YA 527 -93.94 15.66 -37.91
C PHE YA 527 -92.73 15.33 -38.78
N ASN YA 528 -92.77 14.15 -39.40
CA ASN YA 528 -91.73 13.71 -40.32
C ASN YA 528 -90.35 13.73 -39.66
N ALA YA 529 -90.28 13.20 -38.43
CA ALA YA 529 -89.01 13.13 -37.72
C ALA YA 529 -88.06 12.15 -38.39
N HIS YA 530 -88.58 11.30 -39.27
CA HIS YA 530 -87.72 10.34 -39.96
C HIS YA 530 -86.88 11.01 -41.03
N ILE YA 531 -87.35 12.16 -41.56
CA ILE YA 531 -86.60 12.88 -42.57
C ILE YA 531 -86.06 14.22 -42.07
N LYS YA 532 -86.55 14.72 -40.93
CA LYS YA 532 -85.99 15.94 -40.37
C LYS YA 532 -84.62 15.68 -39.78
N GLY YA 533 -83.75 16.70 -39.86
CA GLY YA 533 -82.43 16.58 -39.26
C GLY YA 533 -82.44 16.95 -37.79
N LEU YA 534 -81.26 16.82 -37.17
CA LEU YA 534 -81.14 17.11 -35.74
C LEU YA 534 -81.40 18.59 -35.47
N GLU YA 535 -80.91 19.47 -36.32
CA GLU YA 535 -81.17 20.90 -36.15
C GLU YA 535 -82.67 21.20 -36.23
N THR YA 536 -83.33 20.67 -37.26
CA THR YA 536 -84.77 20.91 -37.42
C THR YA 536 -85.55 20.30 -36.27
N ILE YA 537 -85.18 19.09 -35.83
CA ILE YA 537 -85.87 18.45 -34.72
C ILE YA 537 -85.71 19.28 -33.46
N ALA YA 538 -84.50 19.75 -33.18
CA ALA YA 538 -84.26 20.54 -31.97
C ALA YA 538 -85.05 21.84 -32.00
N ASN YA 539 -85.03 22.54 -33.14
CA ASN YA 539 -85.76 23.80 -33.24
C ASN YA 539 -87.26 23.57 -33.10
N ASP YA 540 -87.79 22.53 -33.74
CA ASP YA 540 -89.21 22.22 -33.65
C ASP YA 540 -89.60 21.88 -32.23
N VAL YA 541 -88.77 21.09 -31.54
CA VAL YA 541 -89.06 20.72 -30.16
C VAL YA 541 -89.06 21.95 -29.26
N VAL YA 542 -88.08 22.84 -29.44
CA VAL YA 542 -88.04 24.05 -28.62
C VAL YA 542 -89.28 24.90 -28.86
N SER YA 543 -89.65 25.08 -30.13
CA SER YA 543 -90.81 25.91 -30.45
C SER YA 543 -92.09 25.31 -29.88
N LEU YA 544 -92.27 23.99 -30.03
CA LEU YA 544 -93.48 23.37 -29.52
C LEU YA 544 -93.51 23.35 -28.00
N ALA YA 545 -92.34 23.19 -27.36
CA ALA YA 545 -92.29 23.26 -25.90
C ALA YA 545 -92.67 24.64 -25.40
N THR YA 546 -92.18 25.69 -26.06
CA THR YA 546 -92.57 27.05 -25.69
C THR YA 546 -94.08 27.25 -25.88
N LYS YA 547 -94.61 26.76 -27.01
CA LYS YA 547 -96.04 26.91 -27.27
C LYS YA 547 -96.86 26.16 -26.22
N ALA YA 548 -96.40 24.97 -25.82
CA ALA YA 548 -97.11 24.20 -24.80
C ALA YA 548 -97.07 24.89 -23.45
N ARG YA 549 -95.90 25.40 -23.05
CA ARG YA 549 -95.77 26.06 -21.77
C ARG YA 549 -96.61 27.33 -21.71
N GLU YA 550 -96.66 28.10 -22.80
CA GLU YA 550 -97.45 29.32 -22.79
C GLU YA 550 -98.89 29.11 -23.26
N GLY YA 551 -99.28 27.88 -23.58
CA GLY YA 551 -100.68 27.57 -23.80
C GLY YA 551 -101.27 28.01 -25.13
N LYS YA 552 -100.49 28.01 -26.20
CA LYS YA 552 -100.99 28.36 -27.52
C LYS YA 552 -101.01 27.19 -28.49
N LEU YA 553 -100.92 25.96 -28.01
CA LEU YA 553 -100.90 24.81 -28.92
C LEU YA 553 -102.25 24.64 -29.61
N GLN YA 554 -102.21 24.51 -30.94
CA GLN YA 554 -103.40 24.20 -31.71
C GLN YA 554 -103.71 22.70 -31.63
N PRO YA 555 -104.98 22.32 -31.77
CA PRO YA 555 -105.33 20.89 -31.65
C PRO YA 555 -104.59 19.98 -32.62
N HIS YA 556 -104.32 20.44 -33.84
CA HIS YA 556 -103.60 19.62 -34.80
C HIS YA 556 -102.13 19.44 -34.42
N GLU YA 557 -101.60 20.33 -33.56
CA GLU YA 557 -100.19 20.25 -33.16
C GLU YA 557 -99.95 19.25 -32.04
N PHE YA 558 -101.01 18.74 -31.40
CA PHE YA 558 -100.84 17.74 -30.36
C PHE YA 558 -101.81 16.56 -30.45
N GLN YA 559 -102.68 16.52 -31.46
CA GLN YA 559 -103.56 15.38 -31.67
C GLN YA 559 -103.05 14.56 -32.84
N GLY YA 560 -102.93 13.25 -32.64
CA GLY YA 560 -102.45 12.38 -33.69
C GLY YA 560 -101.12 11.72 -33.35
N GLY YA 561 -100.24 11.61 -34.34
CA GLY YA 561 -98.95 10.99 -34.14
C GLY YA 561 -99.01 9.48 -34.29
N THR YA 562 -97.83 8.89 -34.47
CA THR YA 562 -97.71 7.45 -34.62
C THR YA 562 -96.83 6.80 -33.55
N PHE YA 563 -96.01 7.59 -32.85
CA PHE YA 563 -95.11 7.08 -31.84
C PHE YA 563 -94.87 8.19 -30.82
N THR YA 564 -94.76 7.82 -29.56
CA THR YA 564 -94.65 8.79 -28.47
C THR YA 564 -93.35 8.57 -27.70
N ILE YA 565 -92.74 9.67 -27.26
CA ILE YA 565 -91.53 9.62 -26.44
C ILE YA 565 -91.76 10.46 -25.19
N SER YA 566 -91.61 9.83 -24.03
CA SER YA 566 -91.73 10.49 -22.74
C SER YA 566 -90.38 10.39 -22.02
N ASN YA 567 -89.71 11.52 -21.86
CA ASN YA 567 -88.38 11.57 -21.27
C ASN YA 567 -88.47 12.18 -19.88
N LEU YA 568 -88.06 11.43 -18.87
CA LEU YA 568 -88.02 11.92 -17.49
C LEU YA 568 -86.62 11.85 -16.91
N GLY YA 569 -85.58 11.86 -17.73
CA GLY YA 569 -84.22 11.78 -17.21
C GLY YA 569 -83.80 13.05 -16.51
N MET YA 570 -84.43 14.18 -16.86
CA MET YA 570 -84.09 15.44 -16.22
C MET YA 570 -84.54 15.48 -14.76
N PHE YA 571 -85.43 14.58 -14.36
CA PHE YA 571 -85.91 14.51 -12.98
C PHE YA 571 -85.22 13.42 -12.17
N GLY YA 572 -84.22 12.75 -12.74
CA GLY YA 572 -83.48 11.75 -12.00
C GLY YA 572 -84.08 10.36 -11.99
N ILE YA 573 -85.10 10.12 -12.80
CA ILE YA 573 -85.73 8.80 -12.83
C ILE YA 573 -84.80 7.81 -13.54
N LYS YA 574 -84.52 6.69 -12.88
CA LYS YA 574 -83.67 5.67 -13.50
C LYS YA 574 -84.37 5.05 -14.70
N ASN YA 575 -85.61 4.59 -14.52
CA ASN YA 575 -86.44 4.13 -15.62
C ASN YA 575 -87.89 4.12 -15.17
N PHE YA 576 -88.80 4.05 -16.13
CA PHE YA 576 -90.22 4.03 -15.82
C PHE YA 576 -90.99 3.44 -16.99
N SER YA 577 -92.22 3.03 -16.72
CA SER YA 577 -93.11 2.43 -17.72
C SER YA 577 -94.28 3.38 -17.94
N ALA YA 578 -94.46 3.82 -19.18
CA ALA YA 578 -95.49 4.80 -19.49
C ALA YA 578 -96.74 4.12 -20.03
N ILE YA 579 -97.78 4.92 -20.23
CA ILE YA 579 -99.04 4.46 -20.77
C ILE YA 579 -99.11 4.83 -22.25
N ILE YA 580 -99.50 3.86 -23.08
CA ILE YA 580 -99.57 4.10 -24.52
C ILE YA 580 -100.66 5.11 -24.83
N ASN YA 581 -100.32 6.13 -25.60
CA ASN YA 581 -101.27 7.14 -26.02
C ASN YA 581 -102.05 6.62 -27.23
N PRO YA 582 -103.36 6.45 -27.13
CA PRO YA 582 -104.13 5.86 -28.23
C PRO YA 582 -104.21 6.81 -29.40
N PRO YA 583 -104.38 6.29 -30.62
CA PRO YA 583 -104.49 4.87 -30.99
C PRO YA 583 -103.13 4.25 -31.35
N GLN YA 584 -102.05 4.83 -30.86
CA GLN YA 584 -100.72 4.34 -31.21
C GLN YA 584 -100.48 2.97 -30.59
N ALA YA 585 -99.38 2.33 -31.00
CA ALA YA 585 -99.07 0.99 -30.56
C ALA YA 585 -97.87 0.91 -29.63
N CYS YA 586 -97.11 2.00 -29.46
CA CYS YA 586 -95.93 1.98 -28.63
C CYS YA 586 -95.70 3.36 -28.02
N ILE YA 587 -94.88 3.37 -26.97
CA ILE YA 587 -94.41 4.60 -26.34
C ILE YA 587 -93.06 4.32 -25.68
N LEU YA 588 -92.08 5.17 -25.93
CA LEU YA 588 -90.74 5.00 -25.41
C LEU YA 588 -90.56 5.88 -24.19
N ALA YA 589 -90.27 5.25 -23.05
CA ALA YA 589 -90.02 5.95 -21.79
C ALA YA 589 -88.53 6.00 -21.56
N VAL YA 590 -87.98 7.20 -21.43
CA VAL YA 590 -86.54 7.42 -21.32
C VAL YA 590 -86.22 7.87 -19.91
N GLY YA 591 -85.24 7.21 -19.30
CA GLY YA 591 -84.79 7.56 -17.97
C GLY YA 591 -83.53 8.41 -17.98
N ALA YA 592 -82.88 8.48 -16.82
CA ALA YA 592 -81.71 9.32 -16.66
C ALA YA 592 -80.45 8.59 -17.08
N SER YA 593 -79.45 9.38 -17.49
CA SER YA 593 -78.14 8.84 -17.84
C SER YA 593 -77.22 8.89 -16.63
N GLU YA 594 -76.66 7.73 -16.28
CA GLU YA 594 -75.79 7.60 -15.12
C GLU YA 594 -74.54 6.83 -15.49
N ASP YA 595 -73.43 7.18 -14.84
CA ASP YA 595 -72.16 6.50 -15.08
C ASP YA 595 -72.16 5.16 -14.36
N ARG YA 596 -71.81 4.10 -15.09
CA ARG YA 596 -71.75 2.76 -14.53
C ARG YA 596 -70.44 2.09 -14.92
N LEU YA 597 -69.91 1.28 -14.00
CA LEU YA 597 -68.68 0.54 -14.26
C LEU YA 597 -68.97 -0.72 -15.06
N PHE YA 598 -68.08 -1.02 -16.01
CA PHE YA 598 -68.26 -2.21 -16.83
C PHE YA 598 -66.92 -2.90 -17.06
N PRO YA 599 -66.93 -4.23 -17.14
CA PRO YA 599 -65.67 -4.96 -17.37
C PRO YA 599 -65.04 -4.57 -18.70
N ALA YA 600 -63.70 -4.49 -18.70
CA ALA YA 600 -62.95 -4.15 -19.89
C ALA YA 600 -61.60 -4.84 -19.85
N ASP YA 601 -61.01 -5.05 -21.02
CA ASP YA 601 -59.73 -5.73 -21.14
C ASP YA 601 -58.60 -4.70 -21.06
N ASN YA 602 -58.48 -4.10 -19.88
CA ASN YA 602 -57.42 -3.14 -19.60
C ASN YA 602 -56.78 -3.47 -18.26
N GLU YA 603 -55.79 -2.66 -17.88
CA GLU YA 603 -55.06 -2.90 -16.65
C GLU YA 603 -55.93 -2.78 -15.42
N LYS YA 604 -56.79 -1.75 -15.38
CA LYS YA 604 -57.71 -1.60 -14.24
C LYS YA 604 -58.78 -2.68 -14.19
N GLY YA 605 -59.08 -3.31 -15.32
CA GLY YA 605 -60.11 -4.31 -15.37
C GLY YA 605 -61.52 -3.79 -15.54
N PHE YA 606 -61.69 -2.48 -15.67
CA PHE YA 606 -63.02 -1.90 -15.83
C PHE YA 606 -62.93 -0.57 -16.54
N ASP YA 607 -64.07 -0.09 -17.01
CA ASP YA 607 -64.21 1.21 -17.65
C ASP YA 607 -65.48 1.87 -17.15
N VAL YA 608 -65.60 3.17 -17.42
CA VAL YA 608 -66.75 3.96 -17.01
C VAL YA 608 -67.50 4.38 -18.27
N ALA YA 609 -68.79 4.03 -18.32
CA ALA YA 609 -69.65 4.36 -19.45
C ALA YA 609 -70.94 4.98 -18.94
N SER YA 610 -71.40 6.01 -19.64
CA SER YA 610 -72.63 6.70 -19.28
C SER YA 610 -73.80 6.02 -19.97
N MET YA 611 -74.48 5.11 -19.27
CA MET YA 611 -75.61 4.38 -19.83
C MET YA 611 -76.92 5.05 -19.46
N MET YA 612 -77.94 4.82 -20.29
CA MET YA 612 -79.26 5.43 -20.14
C MET YA 612 -80.31 4.40 -20.53
N SER YA 613 -81.22 4.10 -19.61
CA SER YA 613 -82.16 2.99 -19.75
C SER YA 613 -83.45 3.47 -20.37
N VAL YA 614 -83.99 2.69 -21.31
CA VAL YA 614 -85.26 2.98 -21.95
C VAL YA 614 -86.19 1.79 -21.81
N THR YA 615 -87.47 2.10 -21.59
CA THR YA 615 -88.53 1.09 -21.47
C THR YA 615 -89.59 1.38 -22.52
N LEU YA 616 -89.68 0.51 -23.51
CA LEU YA 616 -90.69 0.60 -24.56
C LEU YA 616 -91.93 -0.17 -24.12
N SER YA 617 -93.06 0.52 -24.01
CA SER YA 617 -94.34 -0.11 -23.71
C SER YA 617 -95.07 -0.36 -25.02
N CYS YA 618 -95.43 -1.62 -25.25
CA CYS YA 618 -95.97 -2.05 -26.54
C CYS YA 618 -97.37 -2.62 -26.37
N ASP YA 619 -98.20 -2.38 -27.38
CA ASP YA 619 -99.49 -3.05 -27.52
C ASP YA 619 -99.23 -4.45 -28.06
N HIS YA 620 -99.52 -5.47 -27.23
CA HIS YA 620 -99.21 -6.83 -27.63
C HIS YA 620 -100.08 -7.34 -28.77
N ARG YA 621 -101.17 -6.64 -29.10
CA ARG YA 621 -101.98 -7.03 -30.24
C ARG YA 621 -101.26 -6.75 -31.55
N VAL YA 622 -100.47 -5.68 -31.61
CA VAL YA 622 -99.77 -5.28 -32.82
C VAL YA 622 -98.31 -5.69 -32.80
N VAL YA 623 -97.62 -5.42 -31.69
CA VAL YA 623 -96.18 -5.66 -31.58
C VAL YA 623 -95.97 -6.81 -30.60
N ASP YA 624 -95.46 -7.93 -31.10
CA ASP YA 624 -95.13 -9.03 -30.22
C ASP YA 624 -93.71 -8.85 -29.67
N GLY YA 625 -93.29 -9.80 -28.82
CA GLY YA 625 -92.04 -9.64 -28.09
C GLY YA 625 -90.83 -9.56 -29.01
N ALA YA 626 -90.78 -10.41 -30.03
CA ALA YA 626 -89.64 -10.39 -30.95
C ALA YA 626 -89.57 -9.06 -31.71
N VAL YA 627 -90.70 -8.54 -32.15
CA VAL YA 627 -90.71 -7.28 -32.88
C VAL YA 627 -90.29 -6.12 -31.96
N GLY YA 628 -90.80 -6.09 -30.73
CA GLY YA 628 -90.39 -5.06 -29.80
C GLY YA 628 -88.90 -5.12 -29.50
N ALA YA 629 -88.38 -6.34 -29.31
CA ALA YA 629 -86.95 -6.50 -29.07
C ALA YA 629 -86.12 -6.06 -30.27
N GLN YA 630 -86.57 -6.37 -31.48
CA GLN YA 630 -85.87 -5.91 -32.68
C GLN YA 630 -85.86 -4.39 -32.78
N TRP YA 631 -87.00 -3.77 -32.46
CA TRP YA 631 -87.07 -2.31 -32.46
C TRP YA 631 -86.09 -1.72 -31.46
N LEU YA 632 -86.05 -2.27 -30.26
CA LEU YA 632 -85.13 -1.75 -29.25
C LEU YA 632 -83.68 -1.96 -29.65
N ALA YA 633 -83.38 -3.09 -30.31
CA ALA YA 633 -82.02 -3.33 -30.78
C ALA YA 633 -81.62 -2.31 -31.84
N GLU YA 634 -82.51 -2.02 -32.79
CA GLU YA 634 -82.20 -1.01 -33.81
C GLU YA 634 -82.01 0.37 -33.18
N PHE YA 635 -82.88 0.73 -32.24
CA PHE YA 635 -82.77 2.01 -31.54
C PHE YA 635 -81.45 2.11 -30.80
N ARG YA 636 -81.07 1.04 -30.10
CA ARG YA 636 -79.81 1.02 -29.37
C ARG YA 636 -78.62 1.14 -30.31
N LYS YA 637 -78.66 0.42 -31.45
CA LYS YA 637 -77.56 0.52 -32.40
C LYS YA 637 -77.41 1.94 -32.92
N TYR YA 638 -78.54 2.57 -33.29
CA TYR YA 638 -78.50 3.94 -33.78
C TYR YA 638 -77.91 4.88 -32.75
N LEU YA 639 -78.29 4.72 -31.48
CA LEU YA 639 -77.75 5.62 -30.46
C LEU YA 639 -76.27 5.34 -30.17
N GLU YA 640 -75.89 4.07 -30.07
CA GLU YA 640 -74.49 3.75 -29.75
C GLU YA 640 -73.54 4.13 -30.87
N LYS YA 641 -74.00 4.18 -32.12
CA LYS YA 641 -73.18 4.70 -33.22
C LYS YA 641 -73.98 5.74 -33.98
N PRO YA 642 -73.89 7.01 -33.58
CA PRO YA 642 -74.68 8.06 -34.24
C PRO YA 642 -74.38 8.22 -35.70
N ILE YA 643 -73.17 7.88 -36.15
CA ILE YA 643 -72.83 8.00 -37.56
C ILE YA 643 -73.67 7.06 -38.41
N THR YA 644 -74.23 6.02 -37.81
CA THR YA 644 -75.14 5.13 -38.54
C THR YA 644 -76.49 5.76 -38.80
N MET YA 645 -76.79 6.91 -38.18
CA MET YA 645 -78.02 7.62 -38.53
C MET YA 645 -77.99 8.20 -39.93
N LEU YA 646 -76.81 8.32 -40.53
CA LEU YA 646 -76.68 8.80 -41.90
C LEU YA 646 -77.21 7.80 -42.93
N LEU YA 647 -77.20 6.50 -42.60
CA LEU YA 647 -77.75 5.47 -43.49
C LEU YA 647 -79.26 5.63 -43.64
N PHE ZA 420 -100.31 5.68 -45.41
CA PHE ZA 420 -100.41 4.49 -44.57
C PHE ZA 420 -100.90 3.29 -45.37
N THR ZA 421 -100.89 2.12 -44.74
CA THR ZA 421 -101.36 0.88 -45.34
C THR ZA 421 -102.19 0.12 -44.31
N ASP ZA 422 -103.40 -0.29 -44.71
CA ASP ZA 422 -104.30 -1.02 -43.83
C ASP ZA 422 -104.11 -2.52 -44.07
N ILE ZA 423 -103.51 -3.20 -43.11
CA ILE ZA 423 -103.26 -4.64 -43.19
C ILE ZA 423 -104.44 -5.35 -42.54
N PRO ZA 424 -105.18 -6.19 -43.26
CA PRO ZA 424 -106.32 -6.89 -42.64
C PRO ZA 424 -105.86 -7.78 -41.49
N ILE ZA 425 -106.69 -7.87 -40.46
CA ILE ZA 425 -106.38 -8.68 -39.29
C ILE ZA 425 -106.87 -10.10 -39.55
N SER ZA 426 -105.96 -11.06 -39.44
CA SER ZA 426 -106.33 -12.46 -39.61
C SER ZA 426 -107.14 -12.93 -38.40
N ASN ZA 427 -107.85 -14.04 -38.59
CA ASN ZA 427 -108.63 -14.61 -37.49
C ASN ZA 427 -107.73 -15.11 -36.36
N ILE ZA 428 -106.57 -15.65 -36.71
CA ILE ZA 428 -105.61 -16.09 -35.69
C ILE ZA 428 -105.15 -14.90 -34.86
N ARG ZA 429 -104.80 -13.79 -35.53
CA ARG ZA 429 -104.38 -12.59 -34.82
C ARG ZA 429 -105.52 -12.02 -33.98
N ARG ZA 430 -106.76 -12.10 -34.48
CA ARG ZA 430 -107.89 -11.64 -33.69
C ARG ZA 430 -108.05 -12.48 -32.43
N VAL ZA 431 -107.89 -13.80 -32.55
CA VAL ZA 431 -107.98 -14.67 -31.39
C VAL ZA 431 -106.89 -14.36 -30.38
N ILE ZA 432 -105.66 -14.15 -30.86
CA ILE ZA 432 -104.55 -13.83 -29.97
C ILE ZA 432 -104.81 -12.50 -29.25
N ALA ZA 433 -105.28 -11.50 -30.01
CA ALA ZA 433 -105.57 -10.20 -29.41
C ALA ZA 433 -106.69 -10.29 -28.38
N GLN ZA 434 -107.72 -11.10 -28.67
CA GLN ZA 434 -108.80 -11.27 -27.72
C GLN ZA 434 -108.31 -11.96 -26.45
N ARG ZA 435 -107.45 -12.96 -26.59
CA ARG ZA 435 -106.89 -13.62 -25.41
C ARG ZA 435 -106.06 -12.66 -24.58
N LEU ZA 436 -105.23 -11.84 -25.24
CA LEU ZA 436 -104.40 -10.89 -24.50
C LEU ZA 436 -105.24 -9.84 -23.80
N MET ZA 437 -106.28 -9.33 -24.48
CA MET ZA 437 -107.16 -8.36 -23.86
C MET ZA 437 -107.89 -8.96 -22.67
N GLN ZA 438 -108.36 -10.20 -22.81
CA GLN ZA 438 -109.03 -10.87 -21.69
C GLN ZA 438 -108.08 -11.04 -20.51
N SER ZA 439 -106.83 -11.42 -20.79
CA SER ZA 439 -105.85 -11.58 -19.72
C SER ZA 439 -105.61 -10.27 -18.99
N LYS ZA 440 -105.37 -9.20 -19.74
CA LYS ZA 440 -105.07 -7.92 -19.10
C LYS ZA 440 -106.29 -7.32 -18.42
N GLN ZA 441 -107.50 -7.70 -18.84
CA GLN ZA 441 -108.70 -7.15 -18.23
C GLN ZA 441 -109.13 -7.93 -16.99
N THR ZA 442 -108.88 -9.24 -16.95
CA THR ZA 442 -109.39 -10.06 -15.86
C THR ZA 442 -108.32 -10.49 -14.86
N ILE ZA 443 -107.04 -10.35 -15.19
CA ILE ZA 443 -105.95 -10.81 -14.32
C ILE ZA 443 -105.21 -9.58 -13.80
N PRO ZA 444 -105.22 -9.33 -12.49
CA PRO ZA 444 -104.44 -8.21 -11.94
C PRO ZA 444 -102.95 -8.50 -11.89
N HIS ZA 445 -102.25 -8.26 -13.00
CA HIS ZA 445 -100.83 -8.55 -13.08
C HIS ZA 445 -100.05 -7.71 -12.08
N TYR ZA 446 -99.02 -8.32 -11.49
CA TYR ZA 446 -97.99 -7.56 -10.80
C TYR ZA 446 -96.66 -8.30 -10.96
N TYR ZA 447 -95.58 -7.55 -11.07
CA TYR ZA 447 -94.32 -8.06 -11.61
C TYR ZA 447 -93.22 -7.99 -10.57
N LEU ZA 448 -92.42 -9.06 -10.47
CA LEU ZA 448 -91.29 -9.11 -9.56
C LEU ZA 448 -90.03 -9.48 -10.34
N SER ZA 449 -88.96 -8.73 -10.16
CA SER ZA 449 -87.73 -8.92 -10.93
C SER ZA 449 -86.57 -9.24 -10.00
N VAL ZA 450 -85.74 -10.20 -10.43
CA VAL ZA 450 -84.52 -10.56 -9.72
C VAL ZA 450 -83.39 -10.81 -10.71
N ASP ZA 451 -82.18 -10.90 -10.19
CA ASP ZA 451 -80.98 -11.20 -10.96
C ASP ZA 451 -80.39 -12.53 -10.52
N VAL ZA 452 -80.01 -13.36 -11.50
CA VAL ZA 452 -79.51 -14.70 -11.25
C VAL ZA 452 -78.09 -14.80 -11.80
N ASN ZA 453 -77.16 -15.27 -10.97
CA ASN ZA 453 -75.78 -15.48 -11.40
C ASN ZA 453 -75.71 -16.81 -12.16
N MET ZA 454 -75.18 -16.77 -13.38
CA MET ZA 454 -75.25 -17.92 -14.27
C MET ZA 454 -73.89 -18.53 -14.58
N GLY ZA 455 -72.84 -18.20 -13.82
CA GLY ZA 455 -71.55 -18.80 -14.09
C GLY ZA 455 -71.55 -20.30 -13.89
N GLU ZA 456 -72.17 -20.76 -12.80
CA GLU ZA 456 -72.25 -22.19 -12.55
C GLU ZA 456 -73.09 -22.89 -13.61
N VAL ZA 457 -74.19 -22.27 -14.03
CA VAL ZA 457 -75.01 -22.84 -15.10
C VAL ZA 457 -74.20 -22.97 -16.39
N LEU ZA 458 -73.43 -21.94 -16.73
CA LEU ZA 458 -72.62 -22.00 -17.94
C LEU ZA 458 -71.57 -23.10 -17.85
N LEU ZA 459 -70.92 -23.22 -16.69
CA LEU ZA 459 -69.90 -24.26 -16.53
C LEU ZA 459 -70.50 -25.66 -16.64
N VAL ZA 460 -71.62 -25.88 -15.96
CA VAL ZA 460 -72.28 -27.18 -15.99
C VAL ZA 460 -72.77 -27.49 -17.39
N ARG ZA 461 -73.28 -26.47 -18.11
CA ARG ZA 461 -73.75 -26.68 -19.46
C ARG ZA 461 -72.61 -27.03 -20.40
N LYS ZA 462 -71.45 -26.37 -20.24
CA LYS ZA 462 -70.30 -26.71 -21.06
C LYS ZA 462 -69.84 -28.13 -20.81
N GLU ZA 463 -69.77 -28.54 -19.54
CA GLU ZA 463 -69.36 -29.90 -19.21
C GLU ZA 463 -70.36 -30.92 -19.75
N LEU ZA 464 -71.65 -30.63 -19.62
CA LEU ZA 464 -72.68 -31.53 -20.11
C LEU ZA 464 -72.60 -31.67 -21.63
N ASN ZA 465 -72.39 -30.56 -22.34
CA ASN ZA 465 -72.27 -30.62 -23.79
C ASN ZA 465 -71.03 -31.40 -24.21
N LYS ZA 466 -69.92 -31.24 -23.48
CA LYS ZA 466 -68.72 -31.99 -23.80
C LYS ZA 466 -68.92 -33.48 -23.57
N MET ZA 467 -69.59 -33.87 -22.48
CA MET ZA 467 -69.94 -35.28 -22.31
C MET ZA 467 -70.90 -35.79 -23.37
N LEU ZA 468 -71.76 -34.91 -23.88
CA LEU ZA 468 -72.76 -35.32 -24.85
C LEU ZA 468 -72.17 -35.79 -26.17
N GLU ZA 469 -71.01 -35.26 -26.58
CA GLU ZA 469 -70.31 -35.68 -27.78
C GLU ZA 469 -71.18 -35.54 -29.02
N GLY ZA 470 -71.99 -34.49 -29.06
CA GLY ZA 470 -72.79 -34.16 -30.22
C GLY ZA 470 -74.10 -34.90 -30.36
N ARG ZA 471 -74.42 -35.82 -29.44
CA ARG ZA 471 -75.71 -36.50 -29.51
C ARG ZA 471 -76.86 -35.51 -29.30
N SER ZA 472 -76.70 -34.58 -28.37
CA SER ZA 472 -77.64 -33.50 -28.15
C SER ZA 472 -76.88 -32.30 -27.62
N LYS ZA 473 -77.53 -31.14 -27.64
CA LYS ZA 473 -76.93 -29.90 -27.16
C LYS ZA 473 -77.85 -29.29 -26.11
N ILE ZA 474 -77.34 -29.17 -24.89
CA ILE ZA 474 -78.13 -28.58 -23.80
C ILE ZA 474 -78.00 -27.07 -23.86
N SER ZA 475 -79.13 -26.37 -23.87
CA SER ZA 475 -79.15 -24.92 -23.92
C SER ZA 475 -79.51 -24.34 -22.56
N VAL ZA 476 -79.31 -23.03 -22.43
CA VAL ZA 476 -79.62 -22.33 -21.19
C VAL ZA 476 -81.11 -22.36 -20.90
N ASN ZA 477 -81.94 -22.30 -21.94
CA ASN ZA 477 -83.39 -22.35 -21.73
C ASN ZA 477 -83.81 -23.70 -21.14
N ASP ZA 478 -83.05 -24.76 -21.40
CA ASP ZA 478 -83.36 -26.05 -20.77
C ASP ZA 478 -83.15 -25.99 -19.26
N PHE ZA 479 -82.04 -25.39 -18.84
CA PHE ZA 479 -81.82 -25.17 -17.41
C PHE ZA 479 -82.91 -24.30 -16.82
N ILE ZA 480 -83.31 -23.25 -17.53
CA ILE ZA 480 -84.35 -22.36 -17.03
C ILE ZA 480 -85.67 -23.11 -16.87
N ILE ZA 481 -86.02 -23.95 -17.85
CA ILE ZA 481 -87.27 -24.71 -17.77
C ILE ZA 481 -87.22 -25.69 -16.60
N LYS ZA 482 -86.09 -26.38 -16.43
CA LYS ZA 482 -85.97 -27.34 -15.33
C LYS ZA 482 -86.08 -26.63 -13.98
N ALA ZA 483 -85.39 -25.50 -13.84
CA ALA ZA 483 -85.45 -24.75 -12.58
C ALA ZA 483 -86.85 -24.22 -12.32
N SER ZA 484 -87.54 -23.74 -13.36
CA SER ZA 484 -88.91 -23.27 -13.19
C SER ZA 484 -89.83 -24.40 -12.76
N ALA ZA 485 -89.67 -25.59 -13.34
CA ALA ZA 485 -90.50 -26.72 -12.94
C ALA ZA 485 -90.24 -27.13 -11.49
N LEU ZA 486 -88.97 -27.17 -11.08
CA LEU ZA 486 -88.66 -27.53 -9.70
C LEU ZA 486 -89.17 -26.47 -8.72
N ALA ZA 487 -89.04 -25.19 -9.07
CA ALA ZA 487 -89.56 -24.13 -8.21
C ALA ZA 487 -91.08 -24.19 -8.14
N CYS ZA 488 -91.74 -24.57 -9.24
CA CYS ZA 488 -93.19 -24.76 -9.21
C CYS ZA 488 -93.57 -25.91 -8.30
N LEU ZA 489 -92.80 -27.00 -8.32
CA LEU ZA 489 -93.04 -28.08 -7.37
C LEU ZA 489 -92.90 -27.60 -5.93
N LYS ZA 490 -91.85 -26.82 -5.66
CA LYS ZA 490 -91.62 -26.35 -4.29
C LYS ZA 490 -92.70 -25.37 -3.83
N VAL ZA 491 -93.17 -24.51 -4.73
CA VAL ZA 491 -94.18 -23.51 -4.40
C VAL ZA 491 -95.38 -23.72 -5.32
N PRO ZA 492 -96.34 -24.57 -4.95
CA PRO ZA 492 -97.44 -24.89 -5.87
C PRO ZA 492 -98.41 -23.75 -6.14
N GLU ZA 493 -98.33 -22.64 -5.39
CA GLU ZA 493 -99.24 -21.53 -5.62
C GLU ZA 493 -99.03 -20.93 -7.00
N ALA ZA 494 -97.78 -20.83 -7.44
CA ALA ZA 494 -97.51 -20.36 -8.80
C ALA ZA 494 -97.97 -21.35 -9.85
N ASN ZA 495 -98.29 -22.57 -9.46
CA ASN ZA 495 -98.81 -23.60 -10.35
C ASN ZA 495 -100.32 -23.80 -10.19
N SER ZA 496 -101.06 -22.72 -9.98
CA SER ZA 496 -102.49 -22.77 -9.77
C SER ZA 496 -103.21 -22.00 -10.87
N SER ZA 497 -104.54 -22.07 -10.81
CA SER ZA 497 -105.41 -21.39 -11.76
C SER ZA 497 -106.66 -20.91 -11.04
N TRP ZA 498 -107.11 -19.70 -11.39
CA TRP ZA 498 -108.30 -19.13 -10.78
C TRP ZA 498 -109.51 -19.43 -11.67
N LEU ZA 499 -110.55 -20.00 -11.09
CA LEU ZA 499 -111.75 -20.40 -11.82
C LEU ZA 499 -113.00 -19.79 -11.22
N ASP ZA 500 -112.82 -18.71 -10.45
CA ASP ZA 500 -113.89 -17.86 -9.93
C ASP ZA 500 -114.70 -18.56 -8.83
N THR ZA 501 -114.45 -19.84 -8.61
CA THR ZA 501 -115.07 -20.58 -7.52
C THR ZA 501 -114.09 -21.39 -6.71
N VAL ZA 502 -113.00 -21.86 -7.33
CA VAL ZA 502 -111.96 -22.63 -6.66
C VAL ZA 502 -110.62 -22.23 -7.27
N ILE ZA 503 -109.55 -22.52 -6.53
CA ILE ZA 503 -108.19 -22.34 -7.01
C ILE ZA 503 -107.63 -23.71 -7.33
N ARG ZA 504 -107.57 -24.04 -8.62
CA ARG ZA 504 -107.12 -25.36 -9.07
C ARG ZA 504 -105.60 -25.39 -8.97
N GLN ZA 505 -105.08 -26.20 -8.05
CA GLN ZA 505 -103.64 -26.29 -7.82
C GLN ZA 505 -103.09 -27.50 -8.57
N ASN ZA 506 -102.51 -27.26 -9.74
CA ASN ZA 506 -102.04 -28.36 -10.58
C ASN ZA 506 -100.85 -29.05 -9.93
N HIS ZA 507 -100.92 -30.38 -9.86
CA HIS ZA 507 -99.85 -31.19 -9.29
C HIS ZA 507 -98.78 -31.54 -10.31
N VAL ZA 508 -99.01 -31.30 -11.59
CA VAL ZA 508 -98.03 -31.51 -12.64
C VAL ZA 508 -97.63 -30.16 -13.21
N VAL ZA 509 -96.44 -30.10 -13.81
CA VAL ZA 509 -95.89 -28.86 -14.34
C VAL ZA 509 -95.75 -29.03 -15.84
N ASP ZA 510 -96.64 -28.40 -16.60
CA ASP ZA 510 -96.58 -28.37 -18.05
C ASP ZA 510 -96.13 -26.96 -18.45
N ILE ZA 511 -94.88 -26.85 -18.92
CA ILE ZA 511 -94.27 -25.56 -19.17
C ILE ZA 511 -94.50 -25.17 -20.63
N SER ZA 512 -95.34 -24.18 -20.86
CA SER ZA 512 -95.43 -23.58 -22.18
C SER ZA 512 -94.19 -22.73 -22.43
N VAL ZA 513 -93.64 -22.81 -23.64
CA VAL ZA 513 -92.45 -22.07 -24.02
C VAL ZA 513 -92.81 -21.15 -25.17
N ALA ZA 514 -92.59 -19.85 -24.98
CA ALA ZA 514 -92.92 -18.89 -26.03
C ALA ZA 514 -91.93 -19.03 -27.19
N VAL ZA 515 -92.46 -19.28 -28.39
CA VAL ZA 515 -91.66 -19.42 -29.60
C VAL ZA 515 -92.19 -18.41 -30.61
N SER ZA 516 -91.28 -17.65 -31.20
CA SER ZA 516 -91.65 -16.67 -32.22
C SER ZA 516 -91.49 -17.28 -33.60
N THR ZA 517 -92.55 -17.22 -34.39
CA THR ZA 517 -92.63 -17.75 -35.75
C THR ZA 517 -93.11 -16.62 -36.64
N PRO ZA 518 -92.92 -16.73 -37.96
CA PRO ZA 518 -93.40 -15.67 -38.85
C PRO ZA 518 -94.89 -15.40 -38.76
N ALA ZA 519 -95.68 -16.36 -38.26
CA ALA ZA 519 -97.11 -16.19 -38.09
C ALA ZA 519 -97.48 -15.59 -36.74
N GLY ZA 520 -96.52 -15.43 -35.83
CA GLY ZA 520 -96.79 -14.85 -34.53
C GLY ZA 520 -96.13 -15.61 -33.40
N LEU ZA 521 -96.68 -15.41 -32.21
CA LEU ZA 521 -96.16 -16.08 -31.02
C LEU ZA 521 -97.00 -17.32 -30.72
N ILE ZA 522 -96.33 -18.45 -30.48
CA ILE ZA 522 -97.00 -19.69 -30.13
C ILE ZA 522 -96.37 -20.25 -28.88
N THR ZA 523 -97.07 -21.16 -28.21
CA THR ZA 523 -96.65 -21.69 -26.91
C THR ZA 523 -96.72 -23.21 -26.89
N PRO ZA 524 -95.76 -23.89 -27.52
CA PRO ZA 524 -95.68 -25.34 -27.37
C PRO ZA 524 -95.37 -25.71 -25.92
N ILE ZA 525 -95.94 -26.83 -25.49
CA ILE ZA 525 -95.94 -27.23 -24.08
C ILE ZA 525 -95.01 -28.41 -23.90
N VAL ZA 526 -94.05 -28.26 -22.98
CA VAL ZA 526 -93.23 -29.37 -22.51
C VAL ZA 526 -93.97 -29.95 -21.31
N PHE ZA 527 -94.52 -31.15 -21.48
CA PHE ZA 527 -95.29 -31.79 -20.42
C PHE ZA 527 -94.37 -32.48 -19.42
N ASN ZA 528 -94.75 -32.42 -18.15
CA ASN ZA 528 -94.03 -33.09 -17.07
C ASN ZA 528 -92.56 -32.66 -17.03
N ALA ZA 529 -92.34 -31.35 -17.13
CA ALA ZA 529 -90.98 -30.82 -17.07
C ALA ZA 529 -90.39 -30.99 -15.69
N HIS ZA 530 -91.22 -31.28 -14.68
CA HIS ZA 530 -90.72 -31.47 -13.33
C HIS ZA 530 -90.02 -32.81 -13.18
N ILE ZA 531 -90.36 -33.79 -14.03
CA ILE ZA 531 -89.73 -35.09 -13.99
C ILE ZA 531 -88.86 -35.38 -15.21
N LYS ZA 532 -89.00 -34.60 -16.28
CA LYS ZA 532 -88.12 -34.78 -17.43
C LYS ZA 532 -86.72 -34.27 -17.12
N GLY ZA 533 -85.73 -34.91 -17.72
CA GLY ZA 533 -84.36 -34.47 -17.55
C GLY ZA 533 -83.98 -33.39 -18.55
N LEU ZA 534 -82.75 -32.89 -18.41
CA LEU ZA 534 -82.28 -31.82 -19.29
C LEU ZA 534 -82.20 -32.30 -20.74
N GLU ZA 535 -81.74 -33.52 -20.96
CA GLU ZA 535 -81.70 -34.06 -22.31
C GLU ZA 535 -83.09 -34.14 -22.92
N THR ZA 536 -84.05 -34.70 -22.18
CA THR ZA 536 -85.41 -34.82 -22.68
C THR ZA 536 -86.03 -33.45 -22.90
N ILE ZA 537 -85.81 -32.52 -21.98
CA ILE ZA 537 -86.36 -31.17 -22.14
C ILE ZA 537 -85.78 -30.50 -23.38
N ALA ZA 538 -84.48 -30.62 -23.59
CA ALA ZA 538 -83.85 -29.99 -24.75
C ALA ZA 538 -84.38 -30.59 -26.05
N ASN ZA 539 -84.47 -31.93 -26.11
CA ASN ZA 539 -84.96 -32.58 -27.32
C ASN ZA 539 -86.42 -32.20 -27.59
N ASP ZA 540 -87.25 -32.18 -26.55
CA ASP ZA 540 -88.65 -31.82 -26.70
C ASP ZA 540 -88.79 -30.37 -27.16
N VAL ZA 541 -87.99 -29.47 -26.61
CA VAL ZA 541 -88.05 -28.07 -27.00
C VAL ZA 541 -87.63 -27.91 -28.46
N VAL ZA 542 -86.57 -28.61 -28.87
CA VAL ZA 542 -86.14 -28.51 -30.26
C VAL ZA 542 -87.22 -29.02 -31.20
N SER ZA 543 -87.81 -30.17 -30.86
CA SER ZA 543 -88.84 -30.76 -31.72
C SER ZA 543 -90.07 -29.84 -31.82
N LEU ZA 544 -90.51 -29.30 -30.68
CA LEU ZA 544 -91.69 -28.43 -30.70
C LEU ZA 544 -91.39 -27.11 -31.40
N ALA ZA 545 -90.16 -26.59 -31.26
CA ALA ZA 545 -89.80 -25.38 -31.97
C ALA ZA 545 -89.81 -25.60 -33.47
N THR ZA 546 -89.28 -26.73 -33.93
CA THR ZA 546 -89.33 -27.05 -35.35
C THR ZA 546 -90.78 -27.18 -35.83
N LYS ZA 547 -91.61 -27.86 -35.03
CA LYS ZA 547 -93.02 -28.02 -35.41
C LYS ZA 547 -93.72 -26.67 -35.48
N ALA ZA 548 -93.42 -25.77 -34.53
CA ALA ZA 548 -94.02 -24.45 -34.54
C ALA ZA 548 -93.58 -23.63 -35.74
N ARG ZA 549 -92.28 -23.65 -36.04
CA ARG ZA 549 -91.76 -22.88 -37.16
C ARG ZA 549 -92.32 -23.39 -38.49
N GLU ZA 550 -92.46 -24.70 -38.65
CA GLU ZA 550 -92.99 -25.24 -39.89
C GLU ZA 550 -94.51 -25.40 -39.88
N GLY ZA 551 -95.18 -25.03 -38.79
CA GLY ZA 551 -96.63 -24.94 -38.79
C GLY ZA 551 -97.39 -26.24 -38.70
N LYS ZA 552 -96.86 -27.24 -38.01
CA LYS ZA 552 -97.56 -28.51 -37.83
C LYS ZA 552 -97.99 -28.76 -36.39
N LEU ZA 553 -98.03 -27.74 -35.54
CA LEU ZA 553 -98.41 -27.96 -34.15
C LEU ZA 553 -99.88 -28.34 -34.03
N GLN ZA 554 -100.15 -29.42 -33.31
CA GLN ZA 554 -101.51 -29.82 -33.00
C GLN ZA 554 -102.06 -28.97 -31.85
N PRO ZA 555 -103.38 -28.79 -31.79
CA PRO ZA 555 -103.96 -27.94 -30.73
C PRO ZA 555 -103.62 -28.39 -29.32
N HIS ZA 556 -103.53 -29.69 -29.07
CA HIS ZA 556 -103.18 -30.18 -27.73
C HIS ZA 556 -101.73 -29.90 -27.39
N GLU ZA 557 -100.88 -29.66 -28.39
CA GLU ZA 557 -99.46 -29.40 -28.14
C GLU ZA 557 -99.18 -27.96 -27.75
N PHE ZA 558 -100.15 -27.05 -27.89
CA PHE ZA 558 -99.95 -25.67 -27.48
C PHE ZA 558 -101.12 -25.08 -26.69
N GLN ZA 559 -102.18 -25.84 -26.42
CA GLN ZA 559 -103.28 -25.37 -25.59
C GLN ZA 559 -103.19 -26.02 -24.21
N GLY ZA 560 -103.27 -25.21 -23.17
CA GLY ZA 560 -103.18 -25.71 -21.81
C GLY ZA 560 -101.96 -25.22 -21.07
N GLY ZA 561 -101.33 -26.10 -20.30
CA GLY ZA 561 -100.17 -25.73 -19.52
C GLY ZA 561 -100.54 -25.11 -18.19
N THR ZA 562 -99.55 -25.08 -17.29
CA THR ZA 562 -99.73 -24.50 -15.97
C THR ZA 562 -98.78 -23.34 -15.68
N PHE ZA 563 -97.70 -23.21 -16.46
CA PHE ZA 563 -96.72 -22.16 -16.26
C PHE ZA 563 -96.07 -21.86 -17.61
N THR ZA 564 -95.76 -20.59 -17.86
CA THR ZA 564 -95.25 -20.15 -19.14
C THR ZA 564 -93.88 -19.51 -18.97
N ILE ZA 565 -93.01 -19.73 -19.94
CA ILE ZA 565 -91.68 -19.12 -19.97
C ILE ZA 565 -91.49 -18.43 -21.31
N SER ZA 566 -91.22 -17.13 -21.28
CA SER ZA 566 -90.94 -16.34 -22.47
C SER ZA 566 -89.52 -15.79 -22.35
N ASN ZA 567 -88.63 -16.27 -23.21
CA ASN ZA 567 -87.21 -15.92 -23.18
C ASN ZA 567 -86.90 -15.02 -24.36
N LEU ZA 568 -86.44 -13.80 -24.08
CA LEU ZA 568 -86.01 -12.88 -25.13
C LEU ZA 568 -84.56 -12.46 -24.97
N GLY ZA 569 -83.73 -13.27 -24.32
CA GLY ZA 569 -82.34 -12.91 -24.14
C GLY ZA 569 -81.55 -12.98 -25.43
N MET ZA 570 -82.02 -13.78 -26.39
CA MET ZA 570 -81.33 -13.89 -27.66
C MET ZA 570 -81.44 -12.61 -28.48
N PHE ZA 571 -82.38 -11.73 -28.14
CA PHE ZA 571 -82.57 -10.47 -28.85
C PHE ZA 571 -81.93 -9.30 -28.12
N GLY ZA 572 -81.21 -9.54 -27.03
CA GLY ZA 572 -80.53 -8.47 -26.33
C GLY ZA 572 -81.37 -7.71 -25.31
N ILE ZA 573 -82.56 -8.19 -25.00
CA ILE ZA 573 -83.41 -7.50 -24.03
C ILE ZA 573 -82.85 -7.71 -22.63
N LYS ZA 574 -82.65 -6.61 -21.90
CA LYS ZA 574 -82.15 -6.71 -20.54
C LYS ZA 574 -83.18 -7.38 -19.63
N ASN ZA 575 -84.42 -6.88 -19.66
CA ASN ZA 575 -85.53 -7.51 -18.97
C ASN ZA 575 -86.84 -6.99 -19.56
N PHE ZA 576 -87.92 -7.70 -19.29
CA PHE ZA 576 -89.22 -7.29 -19.78
C PHE ZA 576 -90.32 -7.93 -18.95
N SER ZA 577 -91.52 -7.38 -19.05
CA SER ZA 577 -92.69 -7.86 -18.32
C SER ZA 577 -93.69 -8.41 -19.32
N ALA ZA 578 -94.04 -9.69 -19.18
CA ALA ZA 578 -94.91 -10.35 -20.13
C ALA ZA 578 -96.36 -10.36 -19.63
N ILE ZA 579 -97.24 -10.84 -20.49
CA ILE ZA 579 -98.66 -10.96 -20.18
C ILE ZA 579 -98.97 -12.40 -19.83
N ILE ZA 580 -99.69 -12.60 -18.73
CA ILE ZA 580 -100.02 -13.96 -18.29
C ILE ZA 580 -100.94 -14.63 -19.29
N ASN ZA 581 -100.59 -15.83 -19.70
CA ASN ZA 581 -101.41 -16.61 -20.62
C ASN ZA 581 -102.50 -17.32 -19.82
N PRO ZA 582 -103.77 -17.02 -20.07
CA PRO ZA 582 -104.84 -17.61 -19.27
C PRO ZA 582 -104.99 -19.09 -19.54
N PRO ZA 583 -105.51 -19.86 -18.59
CA PRO ZA 583 -105.95 -19.46 -17.24
C PRO ZA 583 -104.84 -19.59 -16.20
N GLN ZA 584 -103.59 -19.56 -16.63
CA GLN ZA 584 -102.47 -19.73 -15.70
C GLN ZA 584 -102.36 -18.54 -14.76
N ALA ZA 585 -101.52 -18.68 -13.75
CA ALA ZA 585 -101.37 -17.66 -12.73
C ALA ZA 585 -100.04 -16.93 -12.78
N CYS ZA 586 -99.07 -17.40 -13.58
CA CYS ZA 586 -97.77 -16.78 -13.64
C CYS ZA 586 -97.17 -16.96 -15.03
N ILE ZA 587 -96.15 -16.14 -15.31
CA ILE ZA 587 -95.35 -16.26 -16.52
C ILE ZA 587 -93.97 -15.67 -16.22
N LEU ZA 588 -92.92 -16.40 -16.58
CA LEU ZA 588 -91.56 -15.99 -16.32
C LEU ZA 588 -90.96 -15.39 -17.58
N ALA ZA 589 -90.57 -14.11 -17.50
CA ALA ZA 589 -89.94 -13.41 -18.61
C ALA ZA 589 -88.44 -13.37 -18.36
N VAL ZA 590 -87.67 -13.91 -19.30
CA VAL ZA 590 -86.22 -14.07 -19.16
C VAL ZA 590 -85.53 -13.10 -20.10
N GLY ZA 591 -84.58 -12.34 -19.57
CA GLY ZA 591 -83.81 -11.40 -20.36
C GLY ZA 591 -82.45 -11.95 -20.75
N ALA ZA 592 -81.57 -11.04 -21.17
CA ALA ZA 592 -80.26 -11.44 -21.66
C ALA ZA 592 -79.27 -11.56 -20.51
N SER ZA 593 -78.25 -12.40 -20.72
CA SER ZA 593 -77.16 -12.55 -19.76
C SER ZA 593 -76.02 -11.61 -20.12
N GLU ZA 594 -75.62 -10.79 -19.15
CA GLU ZA 594 -74.57 -9.81 -19.35
C GLU ZA 594 -73.58 -9.85 -18.20
N ASP ZA 595 -72.32 -9.57 -18.51
CA ASP ZA 595 -71.27 -9.56 -17.48
C ASP ZA 595 -71.37 -8.27 -16.68
N ARG ZA 596 -71.37 -8.40 -15.36
CA ARG ZA 596 -71.45 -7.26 -14.46
C ARG ZA 596 -70.40 -7.37 -13.37
N LEU ZA 597 -69.84 -6.23 -12.97
CA LEU ZA 597 -68.85 -6.20 -11.90
C LEU ZA 597 -69.53 -6.24 -10.54
N PHE ZA 598 -68.93 -6.98 -9.61
CA PHE ZA 598 -69.49 -7.09 -8.27
C PHE ZA 598 -68.38 -7.06 -7.23
N PRO ZA 599 -68.65 -6.47 -6.07
CA PRO ZA 599 -67.62 -6.42 -5.02
C PRO ZA 599 -67.22 -7.82 -4.57
N ALA ZA 600 -65.92 -7.98 -4.28
CA ALA ZA 600 -65.39 -9.24 -3.82
C ALA ZA 600 -64.21 -8.98 -2.90
N ASP ZA 601 -63.94 -9.94 -2.03
CA ASP ZA 601 -62.84 -9.84 -1.06
C ASP ZA 601 -61.56 -10.38 -1.68
N ASN ZA 602 -61.08 -9.67 -2.69
CA ASN ZA 602 -59.83 -10.01 -3.37
C ASN ZA 602 -59.00 -8.75 -3.53
N GLU ZA 603 -57.82 -8.92 -4.14
CA GLU ZA 603 -56.89 -7.80 -4.31
C GLU ZA 603 -57.46 -6.72 -5.21
N LYS ZA 604 -58.09 -7.12 -6.32
CA LYS ZA 604 -58.70 -6.14 -7.22
C LYS ZA 604 -59.91 -5.46 -6.61
N GLY ZA 605 -60.57 -6.09 -5.63
CA GLY ZA 605 -61.75 -5.53 -5.03
C GLY ZA 605 -63.04 -5.81 -5.76
N PHE ZA 606 -62.99 -6.56 -6.86
CA PHE ZA 606 -64.19 -6.85 -7.62
C PHE ZA 606 -64.00 -8.14 -8.40
N ASP ZA 607 -65.12 -8.68 -8.89
CA ASP ZA 607 -65.15 -9.88 -9.72
C ASP ZA 607 -66.15 -9.66 -10.85
N VAL ZA 608 -66.06 -10.51 -11.86
CA VAL ZA 608 -66.94 -10.45 -13.03
C VAL ZA 608 -67.85 -11.67 -13.00
N ALA ZA 609 -69.16 -11.43 -13.02
CA ALA ZA 609 -70.16 -12.48 -12.99
C ALA ZA 609 -71.18 -12.23 -14.09
N SER ZA 610 -71.59 -13.32 -14.77
CA SER ZA 610 -72.56 -13.23 -15.84
C SER ZA 610 -73.96 -13.38 -15.25
N MET ZA 611 -74.63 -12.26 -14.98
CA MET ZA 611 -75.97 -12.28 -14.40
C MET ZA 611 -77.02 -12.17 -15.48
N MET ZA 612 -78.22 -12.67 -15.18
CA MET ZA 612 -79.34 -12.73 -16.09
C MET ZA 612 -80.62 -12.45 -15.32
N SER ZA 613 -81.36 -11.42 -15.73
CA SER ZA 613 -82.50 -10.91 -14.98
C SER ZA 613 -83.78 -11.56 -15.44
N VAL ZA 614 -84.63 -11.93 -14.48
CA VAL ZA 614 -85.94 -12.51 -14.77
C VAL ZA 614 -87.03 -11.71 -14.07
N THR ZA 615 -88.15 -11.55 -14.77
CA THR ZA 615 -89.32 -10.86 -14.25
C THR ZA 615 -90.50 -11.80 -14.29
N LEU ZA 616 -90.97 -12.21 -13.12
CA LEU ZA 616 -92.14 -13.07 -12.97
C LEU ZA 616 -93.38 -12.19 -12.85
N SER ZA 617 -94.31 -12.33 -13.78
CA SER ZA 617 -95.59 -11.64 -13.72
C SER ZA 617 -96.62 -12.57 -13.09
N CYS ZA 618 -97.24 -12.12 -12.02
CA CYS ZA 618 -98.10 -12.96 -11.20
C CYS ZA 618 -99.52 -12.40 -11.16
N ASP ZA 619 -100.48 -13.32 -11.12
CA ASP ZA 619 -101.87 -12.99 -10.82
C ASP ZA 619 -102.00 -12.78 -9.32
N HIS ZA 620 -102.29 -11.53 -8.92
CA HIS ZA 620 -102.33 -11.22 -7.49
C HIS ZA 620 -103.50 -11.86 -6.77
N ARG ZA 621 -104.48 -12.40 -7.50
CA ARG ZA 621 -105.57 -13.12 -6.85
C ARG ZA 621 -105.10 -14.45 -6.29
N VAL ZA 622 -104.16 -15.10 -6.96
CA VAL ZA 622 -103.67 -16.42 -6.56
C VAL ZA 622 -102.34 -16.33 -5.84
N VAL ZA 623 -101.39 -15.57 -6.40
CA VAL ZA 623 -100.03 -15.49 -5.86
C VAL ZA 623 -99.84 -14.09 -5.29
N ASP ZA 624 -99.65 -14.01 -3.98
CA ASP ZA 624 -99.34 -12.73 -3.37
C ASP ZA 624 -97.84 -12.48 -3.40
N GLY ZA 625 -97.44 -11.31 -2.88
CA GLY ZA 625 -96.06 -10.88 -3.02
C GLY ZA 625 -95.07 -11.83 -2.35
N ALA ZA 626 -95.39 -12.29 -1.14
CA ALA ZA 626 -94.48 -13.19 -0.44
C ALA ZA 626 -94.32 -14.51 -1.19
N VAL ZA 627 -95.42 -15.05 -1.73
CA VAL ZA 627 -95.33 -16.30 -2.46
C VAL ZA 627 -94.53 -16.13 -3.75
N GLY ZA 628 -94.77 -15.04 -4.48
CA GLY ZA 628 -93.98 -14.79 -5.67
C GLY ZA 628 -92.51 -14.64 -5.37
N ALA ZA 629 -92.18 -13.92 -4.29
CA ALA ZA 629 -90.79 -13.76 -3.89
C ALA ZA 629 -90.16 -15.09 -3.50
N GLN ZA 630 -90.90 -15.95 -2.80
CA GLN ZA 630 -90.40 -17.27 -2.44
C GLN ZA 630 -90.14 -18.11 -3.68
N TRP ZA 631 -91.05 -18.04 -4.66
CA TRP ZA 631 -90.84 -18.76 -5.91
C TRP ZA 631 -89.59 -18.29 -6.61
N LEU ZA 632 -89.40 -16.98 -6.69
CA LEU ZA 632 -88.21 -16.45 -7.36
C LEU ZA 632 -86.94 -16.83 -6.61
N ALA ZA 633 -87.00 -16.86 -5.28
CA ALA ZA 633 -85.84 -17.28 -4.49
C ALA ZA 633 -85.48 -18.74 -4.76
N GLU ZA 634 -86.49 -19.62 -4.80
CA GLU ZA 634 -86.21 -21.03 -5.11
C GLU ZA 634 -85.65 -21.18 -6.51
N PHE ZA 635 -86.22 -20.48 -7.49
CA PHE ZA 635 -85.74 -20.52 -8.86
C PHE ZA 635 -84.29 -20.05 -8.94
N ARG ZA 636 -83.98 -18.95 -8.26
CA ARG ZA 636 -82.62 -18.43 -8.25
C ARG ZA 636 -81.65 -19.41 -7.60
N LYS ZA 637 -82.05 -20.03 -6.48
CA LYS ZA 637 -81.19 -21.01 -5.84
C LYS ZA 637 -80.89 -22.18 -6.76
N TYR ZA 638 -81.93 -22.70 -7.42
CA TYR ZA 638 -81.74 -23.81 -8.35
C TYR ZA 638 -80.79 -23.44 -9.46
N LEU ZA 639 -80.92 -22.24 -10.01
CA LEU ZA 639 -80.02 -21.86 -11.10
C LEU ZA 639 -78.59 -21.60 -10.61
N GLU ZA 640 -78.43 -20.91 -9.48
CA GLU ZA 640 -77.09 -20.61 -9.00
C GLU ZA 640 -76.33 -21.85 -8.55
N LYS ZA 641 -77.03 -22.91 -8.13
CA LYS ZA 641 -76.38 -24.19 -7.85
C LYS ZA 641 -77.12 -25.30 -8.59
N PRO ZA 642 -76.71 -25.59 -9.83
CA PRO ZA 642 -77.42 -26.61 -10.62
C PRO ZA 642 -77.41 -27.98 -10.00
N ILE ZA 643 -76.40 -28.31 -9.19
CA ILE ZA 643 -76.34 -29.62 -8.55
C ILE ZA 643 -77.50 -29.80 -7.59
N THR ZA 644 -78.11 -28.71 -7.13
CA THR ZA 644 -79.29 -28.81 -6.27
C THR ZA 644 -80.54 -29.23 -7.04
N MET ZA 645 -80.48 -29.24 -8.38
CA MET ZA 645 -81.61 -29.77 -9.14
C MET ZA 645 -81.76 -31.28 -8.97
N LEU ZA 646 -80.73 -31.97 -8.49
CA LEU ZA 646 -80.81 -33.40 -8.23
C LEU ZA 646 -81.71 -33.73 -7.04
N LEU ZA 647 -81.88 -32.81 -6.10
CA LEU ZA 647 -82.78 -33.01 -4.96
C LEU ZA 647 -84.23 -33.08 -5.42
N PHE AB 420 -38.54 3.90 -103.17
CA PHE AB 420 -37.13 3.59 -103.40
C PHE AB 420 -36.50 4.56 -104.39
N THR AB 421 -35.18 4.49 -104.52
CA THR AB 421 -34.42 5.31 -105.45
C THR AB 421 -33.40 4.44 -106.17
N ASP AB 422 -33.38 4.52 -107.49
CA ASP AB 422 -32.44 3.74 -108.31
C ASP AB 422 -31.21 4.60 -108.58
N ILE AB 423 -30.09 4.21 -107.98
CA ILE AB 423 -28.82 4.91 -108.17
C ILE AB 423 -28.05 4.20 -109.28
N PRO AB 424 -27.74 4.87 -110.39
CA PRO AB 424 -27.00 4.19 -111.47
C PRO AB 424 -25.64 3.71 -110.99
N ILE AB 425 -25.22 2.56 -111.52
CA ILE AB 425 -23.93 1.99 -111.16
C ILE AB 425 -22.85 2.58 -112.05
N SER AB 426 -21.84 3.18 -111.44
CA SER AB 426 -20.72 3.72 -112.19
C SER AB 426 -19.87 2.59 -112.77
N ASN AB 427 -19.05 2.94 -113.77
CA ASN AB 427 -18.18 1.95 -114.38
C ASN AB 427 -17.11 1.48 -113.39
N ILE AB 428 -16.63 2.37 -112.53
CA ILE AB 428 -15.68 1.98 -111.50
C ILE AB 428 -16.29 0.96 -110.56
N ARG AB 429 -17.53 1.22 -110.12
CA ARG AB 429 -18.21 0.29 -109.24
C ARG AB 429 -18.49 -1.03 -109.95
N ARG AB 430 -18.81 -0.98 -111.25
CA ARG AB 430 -19.01 -2.20 -112.01
C ARG AB 430 -17.73 -3.02 -112.07
N VAL AB 431 -16.59 -2.36 -112.28
CA VAL AB 431 -15.31 -3.07 -112.31
C VAL AB 431 -15.02 -3.70 -110.95
N ILE AB 432 -15.25 -2.95 -109.87
CA ILE AB 432 -15.01 -3.48 -108.53
C ILE AB 432 -15.90 -4.69 -108.26
N ALA AB 433 -17.18 -4.58 -108.63
CA ALA AB 433 -18.12 -5.68 -108.42
C ALA AB 433 -17.72 -6.90 -109.24
N GLN AB 434 -17.27 -6.69 -110.49
CA GLN AB 434 -16.85 -7.81 -111.32
C GLN AB 434 -15.62 -8.49 -110.73
N ARG AB 435 -14.67 -7.70 -110.22
CA ARG AB 435 -13.50 -8.29 -109.57
C ARG AB 435 -13.89 -9.10 -108.34
N LEU AB 436 -14.80 -8.57 -107.53
CA LEU AB 436 -15.23 -9.31 -106.35
C LEU AB 436 -15.97 -10.59 -106.72
N MET AB 437 -16.82 -10.53 -107.75
CA MET AB 437 -17.49 -11.73 -108.24
C MET AB 437 -16.48 -12.77 -108.70
N GLN AB 438 -15.48 -12.34 -109.48
CA GLN AB 438 -14.46 -13.26 -109.95
C GLN AB 438 -13.72 -13.89 -108.80
N SER AB 439 -13.36 -13.08 -107.80
CA SER AB 439 -12.64 -13.60 -106.63
C SER AB 439 -13.47 -14.66 -105.91
N LYS AB 440 -14.72 -14.32 -105.59
CA LYS AB 440 -15.54 -15.25 -104.81
C LYS AB 440 -15.96 -16.48 -105.63
N GLN AB 441 -15.91 -16.39 -106.96
CA GLN AB 441 -16.30 -17.53 -107.78
C GLN AB 441 -15.13 -18.45 -108.09
N THR AB 442 -13.92 -17.92 -108.22
CA THR AB 442 -12.79 -18.72 -108.63
C THR AB 442 -11.81 -19.04 -107.51
N ILE AB 443 -11.89 -18.36 -106.37
CA ILE AB 443 -10.97 -18.56 -105.26
C ILE AB 443 -11.72 -19.25 -104.12
N PRO AB 444 -11.37 -20.50 -103.78
CA PRO AB 444 -12.04 -21.16 -102.65
C PRO AB 444 -11.56 -20.64 -101.31
N HIS AB 445 -12.16 -19.55 -100.84
CA HIS AB 445 -11.72 -18.91 -99.59
C HIS AB 445 -11.92 -19.84 -98.41
N TYR AB 446 -11.00 -19.77 -97.45
CA TYR AB 446 -11.24 -20.29 -96.11
C TYR AB 446 -10.49 -19.43 -95.11
N TYR AB 447 -11.06 -19.27 -93.92
CA TYR AB 447 -10.68 -18.19 -93.01
C TYR AB 447 -10.10 -18.77 -91.73
N LEU AB 448 -9.03 -18.16 -91.22
CA LEU AB 448 -8.42 -18.52 -89.96
C LEU AB 448 -8.25 -17.29 -89.08
N SER AB 449 -8.69 -17.38 -87.83
CA SER AB 449 -8.67 -16.23 -86.93
C SER AB 449 -7.82 -16.53 -85.70
N VAL AB 450 -7.04 -15.53 -85.29
CA VAL AB 450 -6.25 -15.60 -84.06
C VAL AB 450 -6.33 -14.27 -83.32
N ASP AB 451 -5.84 -14.28 -82.09
CA ASP AB 451 -5.74 -13.09 -81.26
C ASP AB 451 -4.28 -12.78 -80.96
N VAL AB 452 -3.93 -11.50 -81.03
CA VAL AB 452 -2.56 -11.03 -80.85
C VAL AB 452 -2.52 -10.08 -79.67
N ASN AB 453 -1.60 -10.31 -78.74
CA ASN AB 453 -1.41 -9.43 -77.60
C ASN AB 453 -0.59 -8.23 -78.05
N MET AB 454 -1.10 -7.03 -77.81
CA MET AB 454 -0.51 -5.83 -78.42
C MET AB 454 0.04 -4.85 -77.39
N GLY AB 455 0.20 -5.27 -76.13
CA GLY AB 455 0.78 -4.36 -75.15
C GLY AB 455 2.21 -3.98 -75.47
N GLU AB 456 3.01 -4.96 -75.89
CA GLU AB 456 4.39 -4.68 -76.28
C GLU AB 456 4.44 -3.78 -77.51
N VAL AB 457 3.53 -4.01 -78.48
CA VAL AB 457 3.47 -3.15 -79.65
C VAL AB 457 3.14 -1.73 -79.26
N LEU AB 458 2.18 -1.55 -78.34
CA LEU AB 458 1.83 -0.21 -77.91
C LEU AB 458 2.98 0.49 -77.19
N LEU AB 459 3.68 -0.25 -76.33
CA LEU AB 459 4.82 0.35 -75.61
C LEU AB 459 5.92 0.75 -76.59
N VAL AB 460 6.26 -0.14 -77.53
CA VAL AB 460 7.30 0.15 -78.49
C VAL AB 460 6.89 1.32 -79.38
N ARG AB 461 5.63 1.37 -79.79
CA ARG AB 461 5.15 2.47 -80.62
C ARG AB 461 5.22 3.79 -79.87
N LYS AB 462 4.86 3.78 -78.58
CA LYS AB 462 4.96 5.00 -77.78
C LYS AB 462 6.40 5.47 -77.68
N GLU AB 463 7.33 4.55 -77.43
CA GLU AB 463 8.74 4.94 -77.33
C GLU AB 463 9.27 5.48 -78.66
N LEU AB 464 8.92 4.83 -79.77
CA LEU AB 464 9.35 5.30 -81.07
C LEU AB 464 8.77 6.66 -81.40
N ASN AB 465 7.50 6.88 -81.08
CA ASN AB 465 6.88 8.18 -81.32
C ASN AB 465 7.54 9.27 -80.48
N LYS AB 466 7.89 8.94 -79.23
CA LYS AB 466 8.59 9.91 -78.39
C LYS AB 466 9.96 10.26 -78.97
N MET AB 467 10.70 9.24 -79.42
CA MET AB 467 12.01 9.50 -80.02
C MET AB 467 11.89 10.29 -81.33
N LEU AB 468 10.79 10.13 -82.06
CA LEU AB 468 10.66 10.80 -83.35
C LEU AB 468 10.56 12.30 -83.23
N GLU AB 469 10.09 12.83 -82.10
CA GLU AB 469 10.05 14.27 -81.83
C GLU AB 469 9.24 15.01 -82.91
N GLY AB 470 8.18 14.35 -83.37
CA GLY AB 470 7.26 14.97 -84.32
C GLY AB 470 7.68 14.90 -85.77
N ARG AB 471 8.85 14.36 -86.09
CA ARG AB 471 9.25 14.24 -87.49
C ARG AB 471 8.33 13.28 -88.24
N SER AB 472 7.93 12.19 -87.59
CA SER AB 472 6.93 11.28 -88.14
C SER AB 472 6.14 10.69 -86.98
N LYS AB 473 5.10 9.94 -87.32
CA LYS AB 473 4.25 9.27 -86.34
C LYS AB 473 4.04 7.83 -86.76
N ILE AB 474 4.59 6.90 -85.98
CA ILE AB 474 4.41 5.48 -86.27
C ILE AB 474 3.06 5.02 -85.75
N SER AB 475 2.28 4.40 -86.62
CA SER AB 475 0.95 3.90 -86.26
C SER AB 475 0.98 2.39 -86.12
N VAL AB 476 -0.13 1.86 -85.59
CA VAL AB 476 -0.26 0.42 -85.40
C VAL AB 476 -0.28 -0.32 -86.73
N ASN AB 477 -0.88 0.29 -87.76
CA ASN AB 477 -0.92 -0.35 -89.06
C ASN AB 477 0.48 -0.50 -89.66
N ASP AB 478 1.41 0.36 -89.29
CA ASP AB 478 2.79 0.20 -89.76
C ASP AB 478 3.43 -1.06 -89.17
N PHE AB 479 3.25 -1.27 -87.87
CA PHE AB 479 3.71 -2.51 -87.26
C PHE AB 479 3.05 -3.72 -87.92
N ILE AB 480 1.75 -3.62 -88.18
CA ILE AB 480 1.03 -4.74 -88.78
C ILE AB 480 1.56 -5.04 -90.18
N ILE AB 481 1.82 -3.99 -90.97
CA ILE AB 481 2.32 -4.18 -92.33
C ILE AB 481 3.71 -4.81 -92.33
N LYS AB 482 4.60 -4.30 -91.47
CA LYS AB 482 5.96 -4.85 -91.40
C LYS AB 482 5.94 -6.30 -90.91
N ALA AB 483 5.10 -6.60 -89.91
CA ALA AB 483 5.00 -7.96 -89.42
C ALA AB 483 4.44 -8.89 -90.48
N SER AB 484 3.46 -8.42 -91.25
CA SER AB 484 2.92 -9.22 -92.34
C SER AB 484 3.98 -9.49 -93.40
N ALA AB 485 4.80 -8.48 -93.71
CA ALA AB 485 5.87 -8.68 -94.69
C ALA AB 485 6.88 -9.71 -94.20
N LEU AB 486 7.27 -9.62 -92.93
CA LEU AB 486 8.23 -10.58 -92.39
C LEU AB 486 7.64 -12.00 -92.35
N ALA AB 487 6.36 -12.12 -91.99
CA ALA AB 487 5.70 -13.42 -92.00
C ALA AB 487 5.62 -13.97 -93.41
N CYS AB 488 5.37 -13.11 -94.39
CA CYS AB 488 5.37 -13.54 -95.79
C CYS AB 488 6.74 -14.04 -96.22
N LEU AB 489 7.81 -13.37 -95.77
CA LEU AB 489 9.15 -13.85 -96.04
C LEU AB 489 9.38 -15.24 -95.43
N LYS AB 490 8.95 -15.42 -94.18
CA LYS AB 490 9.15 -16.70 -93.51
C LYS AB 490 8.34 -17.82 -94.16
N VAL AB 491 7.12 -17.52 -94.58
CA VAL AB 491 6.23 -18.52 -95.18
C VAL AB 491 5.83 -18.04 -96.56
N PRO AB 492 6.63 -18.34 -97.60
CA PRO AB 492 6.36 -17.76 -98.93
C PRO AB 492 5.11 -18.30 -99.61
N GLU AB 493 4.47 -19.34 -99.07
CA GLU AB 493 3.25 -19.86 -99.69
C GLU AB 493 2.14 -18.81 -99.68
N ALA AB 494 2.02 -18.05 -98.59
CA ALA AB 494 1.04 -16.96 -98.55
C ALA AB 494 1.39 -15.84 -99.50
N ASN AB 495 2.62 -15.83 -100.04
CA ASN AB 495 3.05 -14.85 -101.02
C ASN AB 495 3.10 -15.41 -102.43
N SER AB 496 2.13 -16.25 -102.78
CA SER AB 496 2.08 -16.88 -104.09
C SER AB 496 0.83 -16.44 -104.84
N SER AB 497 0.72 -16.94 -106.06
CA SER AB 497 -0.42 -16.67 -106.94
C SER AB 497 -0.69 -17.88 -107.81
N TRP AB 498 -1.97 -18.22 -107.95
CA TRP AB 498 -2.38 -19.37 -108.75
C TRP AB 498 -2.65 -18.91 -110.18
N LEU AB 499 -1.89 -19.44 -111.13
CA LEU AB 499 -1.97 -19.05 -112.54
C LEU AB 499 -2.51 -20.19 -113.39
N ASP AB 500 -3.11 -21.19 -112.75
CA ASP AB 500 -3.83 -22.30 -113.39
C ASP AB 500 -2.88 -23.27 -114.08
N THR AB 501 -1.59 -22.93 -114.16
CA THR AB 501 -0.56 -23.84 -114.67
C THR AB 501 0.63 -23.94 -113.75
N VAL AB 502 1.03 -22.83 -113.11
CA VAL AB 502 2.11 -22.80 -112.15
C VAL AB 502 1.68 -21.94 -110.96
N ILE AB 503 2.34 -22.15 -109.84
CA ILE AB 503 2.12 -21.35 -108.64
C ILE AB 503 3.28 -20.36 -108.53
N ARG AB 504 3.02 -19.11 -108.89
CA ARG AB 504 4.05 -18.07 -108.91
C ARG AB 504 4.34 -17.66 -107.47
N GLN AB 505 5.52 -17.99 -106.98
CA GLN AB 505 5.91 -17.68 -105.61
C GLN AB 505 6.73 -16.40 -105.59
N ASN AB 506 6.09 -15.28 -105.27
CA ASN AB 506 6.77 -13.99 -105.34
C ASN AB 506 7.82 -13.87 -104.25
N HIS AB 507 9.02 -13.43 -104.63
CA HIS AB 507 10.12 -13.27 -103.70
C HIS AB 507 10.15 -11.89 -103.05
N VAL AB 508 9.34 -10.96 -103.53
CA VAL AB 508 9.21 -9.64 -102.92
C VAL AB 508 7.82 -9.53 -102.31
N VAL AB 509 7.68 -8.66 -101.32
CA VAL AB 509 6.44 -8.49 -100.59
C VAL AB 509 5.94 -7.08 -100.87
N ASP AB 510 4.89 -6.97 -101.68
CA ASP AB 510 4.26 -5.69 -102.00
C ASP AB 510 2.88 -5.69 -101.34
N ILE AB 511 2.77 -4.96 -100.23
CA ILE AB 511 1.58 -5.02 -99.38
C ILE AB 511 0.57 -3.98 -99.87
N SER AB 512 -0.52 -4.44 -100.46
CA SER AB 512 -1.65 -3.56 -100.71
C SER AB 512 -2.33 -3.24 -99.38
N VAL AB 513 -2.71 -1.98 -99.20
CA VAL AB 513 -3.37 -1.53 -97.98
C VAL AB 513 -4.74 -0.99 -98.35
N ALA AB 514 -5.79 -1.60 -97.80
CA ALA AB 514 -7.14 -1.16 -98.12
C ALA AB 514 -7.41 0.19 -97.47
N VAL AB 515 -7.89 1.14 -98.26
CA VAL AB 515 -8.19 2.49 -97.80
C VAL AB 515 -9.59 2.84 -98.30
N SER AB 516 -10.41 3.38 -97.41
CA SER AB 516 -11.77 3.77 -97.75
C SER AB 516 -11.81 5.26 -98.10
N THR AB 517 -12.31 5.57 -99.28
CA THR AB 517 -12.45 6.92 -99.81
C THR AB 517 -13.90 7.10 -100.20
N PRO AB 518 -14.36 8.34 -100.38
CA PRO AB 518 -15.76 8.55 -100.78
C PRO AB 518 -16.13 7.87 -102.08
N ALA AB 519 -15.16 7.56 -102.94
CA ALA AB 519 -15.42 6.86 -104.20
C ALA AB 519 -15.39 5.34 -104.06
N GLY AB 520 -15.01 4.81 -102.90
CA GLY AB 520 -15.00 3.39 -102.67
C GLY AB 520 -13.73 2.91 -101.98
N LEU AB 521 -13.45 1.62 -102.16
CA LEU AB 521 -12.26 1.02 -101.57
C LEU AB 521 -11.13 0.98 -102.59
N ILE AB 522 -9.97 1.47 -102.20
CA ILE AB 522 -8.79 1.49 -103.08
C ILE AB 522 -7.61 0.91 -102.31
N THR AB 523 -6.70 0.27 -103.04
CA THR AB 523 -5.61 -0.49 -102.44
C THR AB 523 -4.26 0.01 -102.93
N PRO AB 524 -3.78 1.13 -102.37
CA PRO AB 524 -2.40 1.55 -102.67
C PRO AB 524 -1.40 0.53 -102.13
N ILE AB 525 -0.31 0.36 -102.87
CA ILE AB 525 0.65 -0.71 -102.62
C ILE AB 525 1.91 -0.11 -102.02
N VAL AB 526 2.30 -0.62 -100.84
CA VAL AB 526 3.60 -0.33 -100.25
C VAL AB 526 4.54 -1.41 -100.79
N PHE AB 527 5.43 -1.01 -101.69
CA PHE AB 527 6.36 -1.95 -102.30
C PHE AB 527 7.54 -2.22 -101.37
N ASN AB 528 8.06 -3.45 -101.42
CA ASN AB 528 9.24 -3.85 -100.66
C ASN AB 528 9.05 -3.58 -99.17
N ALA AB 529 7.88 -3.95 -98.65
CA ALA AB 529 7.61 -3.77 -97.23
C ALA AB 529 8.44 -4.72 -96.39
N HIS AB 530 9.04 -5.73 -97.01
CA HIS AB 530 9.88 -6.66 -96.25
C HIS AB 530 11.25 -6.07 -95.94
N ILE AB 531 11.64 -5.02 -96.67
CA ILE AB 531 12.91 -4.35 -96.42
C ILE AB 531 12.76 -2.91 -95.97
N LYS AB 532 11.60 -2.30 -96.18
CA LYS AB 532 11.37 -0.94 -95.71
C LYS AB 532 11.24 -0.93 -94.19
N GLY AB 533 11.71 0.17 -93.57
CA GLY AB 533 11.57 0.31 -92.15
C GLY AB 533 10.21 0.83 -91.74
N LEU AB 534 9.99 0.92 -90.43
CA LEU AB 534 8.70 1.37 -89.93
C LEU AB 534 8.42 2.82 -90.32
N GLU AB 535 9.45 3.68 -90.26
CA GLU AB 535 9.27 5.06 -90.69
C GLU AB 535 8.97 5.16 -92.18
N THR AB 536 9.71 4.42 -93.00
CA THR AB 536 9.45 4.44 -94.43
C THR AB 536 8.05 3.93 -94.73
N ILE AB 537 7.64 2.86 -94.05
CA ILE AB 537 6.29 2.32 -94.25
C ILE AB 537 5.24 3.33 -93.84
N ALA AB 538 5.44 4.00 -92.70
CA ALA AB 538 4.46 4.96 -92.22
C ALA AB 538 4.34 6.14 -93.17
N ASN AB 539 5.47 6.68 -93.61
CA ASN AB 539 5.44 7.80 -94.56
C ASN AB 539 4.80 7.40 -95.87
N ASP AB 540 5.12 6.21 -96.38
CA ASP AB 540 4.53 5.72 -97.61
C ASP AB 540 3.02 5.57 -97.47
N VAL AB 541 2.57 5.02 -96.34
CA VAL AB 541 1.14 4.83 -96.12
C VAL AB 541 0.43 6.17 -96.05
N VAL AB 542 1.01 7.13 -95.34
CA VAL AB 542 0.39 8.44 -95.24
C VAL AB 542 0.29 9.10 -96.62
N SER AB 543 1.38 9.04 -97.40
CA SER AB 543 1.39 9.67 -98.71
C SER AB 543 0.38 9.01 -99.65
N LEU AB 544 0.35 7.68 -99.67
CA LEU AB 544 -0.57 6.97 -100.55
C LEU AB 544 -2.02 7.16 -100.11
N ALA AB 545 -2.27 7.23 -98.80
CA ALA AB 545 -3.62 7.49 -98.33
C ALA AB 545 -4.09 8.89 -98.74
N THR AB 546 -3.20 9.88 -98.63
CA THR AB 546 -3.54 11.22 -99.09
C THR AB 546 -3.83 11.24 -100.58
N LYS AB 547 -3.00 10.54 -101.37
CA LYS AB 547 -3.22 10.48 -102.81
C LYS AB 547 -4.54 9.79 -103.13
N ALA AB 548 -4.87 8.72 -102.41
CA ALA AB 548 -6.12 8.00 -102.64
C ALA AB 548 -7.32 8.86 -102.30
N ARG AB 549 -7.26 9.57 -101.17
CA ARG AB 549 -8.36 10.44 -100.79
C ARG AB 549 -8.51 11.61 -101.77
N GLU AB 550 -7.41 12.08 -102.33
CA GLU AB 550 -7.45 13.15 -103.31
C GLU AB 550 -7.72 12.66 -104.73
N GLY AB 551 -7.78 11.34 -104.93
CA GLY AB 551 -8.07 10.80 -106.25
C GLY AB 551 -6.94 10.92 -107.25
N LYS AB 552 -5.70 10.98 -106.78
CA LYS AB 552 -4.55 11.19 -107.64
C LYS AB 552 -3.69 9.93 -107.79
N LEU AB 553 -4.20 8.76 -107.43
CA LEU AB 553 -3.40 7.54 -107.52
C LEU AB 553 -3.22 7.12 -108.97
N GLN AB 554 -1.99 6.79 -109.33
CA GLN AB 554 -1.69 6.23 -110.64
C GLN AB 554 -2.01 4.74 -110.67
N PRO AB 555 -2.33 4.19 -111.84
CA PRO AB 555 -2.70 2.76 -111.91
C PRO AB 555 -1.65 1.82 -111.35
N HIS AB 556 -0.36 2.11 -111.56
CA HIS AB 556 0.69 1.24 -111.04
C HIS AB 556 0.80 1.31 -109.53
N GLU AB 557 0.26 2.36 -108.90
CA GLU AB 557 0.35 2.51 -107.46
C GLU AB 557 -0.71 1.73 -106.71
N PHE AB 558 -1.72 1.18 -107.40
CA PHE AB 558 -2.73 0.36 -106.75
C PHE AB 558 -3.05 -0.94 -107.47
N GLN AB 559 -2.49 -1.18 -108.66
CA GLN AB 559 -2.69 -2.44 -109.37
C GLN AB 559 -1.50 -3.36 -109.11
N GLY AB 560 -1.79 -4.60 -108.72
CA GLY AB 560 -0.75 -5.56 -108.44
C GLY AB 560 -0.71 -5.99 -106.99
N GLY AB 561 0.48 -6.03 -106.41
CA GLY AB 561 0.64 -6.44 -105.03
C GLY AB 561 0.71 -7.95 -104.88
N THR AB 562 1.19 -8.38 -103.71
CA THR AB 562 1.33 -9.78 -103.40
C THR AB 562 0.56 -10.22 -102.15
N PHE AB 563 0.13 -9.26 -101.32
CA PHE AB 563 -0.55 -9.55 -100.08
C PHE AB 563 -1.29 -8.29 -99.64
N THR AB 564 -2.55 -8.46 -99.24
CA THR AB 564 -3.41 -7.33 -98.94
C THR AB 564 -3.72 -7.30 -97.45
N ILE AB 565 -3.78 -6.10 -96.88
CA ILE AB 565 -4.17 -5.88 -95.49
C ILE AB 565 -5.34 -4.92 -95.47
N SER AB 566 -6.46 -5.36 -94.90
CA SER AB 566 -7.64 -4.54 -94.71
C SER AB 566 -7.88 -4.37 -93.22
N ASN AB 567 -7.72 -3.15 -92.72
CA ASN AB 567 -7.82 -2.85 -91.30
C ASN AB 567 -9.09 -2.05 -91.07
N LEU AB 568 -9.99 -2.58 -90.25
CA LEU AB 568 -11.21 -1.87 -89.87
C LEU AB 568 -11.32 -1.69 -88.37
N GLY AB 569 -10.20 -1.69 -87.65
CA GLY AB 569 -10.25 -1.52 -86.21
C GLY AB 569 -10.65 -0.11 -85.79
N MET AB 570 -10.41 0.87 -86.68
CA MET AB 570 -10.79 2.24 -86.38
C MET AB 570 -12.31 2.42 -86.33
N PHE AB 571 -13.06 1.49 -86.90
CA PHE AB 571 -14.51 1.55 -86.92
C PHE AB 571 -15.16 0.68 -85.85
N GLY AB 572 -14.37 0.08 -84.97
CA GLY AB 572 -14.92 -0.70 -83.88
C GLY AB 572 -15.26 -2.14 -84.21
N ILE AB 573 -14.85 -2.64 -85.37
CA ILE AB 573 -15.14 -4.02 -85.74
C ILE AB 573 -14.27 -4.95 -84.90
N LYS AB 574 -14.91 -5.91 -84.23
CA LYS AB 574 -14.16 -6.89 -83.45
C LYS AB 574 -13.33 -7.78 -84.35
N ASN AB 575 -13.95 -8.36 -85.38
CA ASN AB 575 -13.25 -9.12 -86.40
C ASN AB 575 -14.14 -9.23 -87.62
N PHE AB 576 -13.52 -9.53 -88.77
CA PHE AB 576 -14.26 -9.68 -90.00
C PHE AB 576 -13.46 -10.52 -90.99
N SER AB 577 -14.15 -11.01 -92.02
CA SER AB 577 -13.55 -11.83 -93.06
C SER AB 577 -13.67 -11.08 -94.39
N ALA AB 578 -12.53 -10.83 -95.02
CA ALA AB 578 -12.52 -10.07 -96.25
C ALA AB 578 -12.50 -10.99 -97.47
N ILE AB 579 -12.53 -10.38 -98.65
CA ILE AB 579 -12.48 -11.11 -99.90
C ILE AB 579 -11.08 -10.98 -100.48
N ILE AB 580 -10.52 -12.10 -100.93
CA ILE AB 580 -9.17 -12.10 -101.48
C ILE AB 580 -9.15 -11.30 -102.77
N ASN AB 581 -8.23 -10.34 -102.85
CA ASN AB 581 -8.06 -9.52 -104.04
C ASN AB 581 -7.23 -10.30 -105.06
N PRO AB 582 -7.77 -10.59 -106.24
CA PRO AB 582 -7.03 -11.40 -107.21
C PRO AB 582 -5.84 -10.63 -107.78
N PRO AB 583 -4.80 -11.33 -108.24
CA PRO AB 583 -4.61 -12.78 -108.24
C PRO AB 583 -3.89 -13.28 -106.99
N GLN AB 584 -3.87 -12.50 -105.92
CA GLN AB 584 -3.14 -12.87 -104.72
C GLN AB 584 -3.81 -14.07 -104.04
N ALA AB 585 -3.11 -14.63 -103.05
CA ALA AB 585 -3.57 -15.85 -102.40
C ALA AB 585 -4.10 -15.64 -101.00
N CYS AB 586 -3.86 -14.48 -100.39
CA CYS AB 586 -4.30 -14.23 -99.02
C CYS AB 586 -4.67 -12.77 -98.83
N ILE AB 587 -5.40 -12.50 -97.77
CA ILE AB 587 -5.73 -11.15 -97.33
C ILE AB 587 -5.91 -11.17 -95.82
N LEU AB 588 -5.27 -10.24 -95.13
CA LEU AB 588 -5.32 -10.17 -93.68
C LEU AB 588 -6.33 -9.12 -93.26
N ALA AB 589 -7.37 -9.55 -92.55
CA ALA AB 589 -8.42 -8.66 -92.05
C ALA AB 589 -8.15 -8.38 -90.58
N VAL AB 590 -8.00 -7.11 -90.24
CA VAL AB 590 -7.61 -6.68 -88.89
C VAL AB 590 -8.81 -6.00 -88.25
N GLY AB 591 -9.15 -6.44 -87.04
CA GLY AB 591 -10.22 -5.83 -86.27
C GLY AB 591 -9.68 -4.85 -85.24
N ALA AB 592 -10.56 -4.48 -84.31
CA ALA AB 592 -10.20 -3.52 -83.29
C ALA AB 592 -9.51 -4.20 -82.11
N SER AB 593 -8.68 -3.43 -81.41
CA SER AB 593 -7.99 -3.93 -80.23
C SER AB 593 -8.75 -3.52 -78.98
N GLU AB 594 -9.02 -4.49 -78.11
CA GLU AB 594 -9.82 -4.29 -76.91
C GLU AB 594 -9.13 -4.93 -75.72
N ASP AB 595 -9.39 -4.37 -74.53
CA ASP AB 595 -8.82 -4.89 -73.29
C ASP AB 595 -9.62 -6.11 -72.83
N ARG AB 596 -8.92 -7.19 -72.51
CA ARG AB 596 -9.55 -8.42 -72.07
C ARG AB 596 -8.81 -8.98 -70.86
N LEU AB 597 -9.57 -9.60 -69.96
CA LEU AB 597 -8.97 -10.26 -68.80
C LEU AB 597 -8.46 -11.64 -69.17
N PHE AB 598 -7.28 -11.98 -68.65
CA PHE AB 598 -6.71 -13.30 -68.85
C PHE AB 598 -6.08 -13.78 -67.56
N PRO AB 599 -6.12 -15.09 -67.30
CA PRO AB 599 -5.57 -15.61 -66.04
C PRO AB 599 -4.07 -15.34 -65.93
N ALA AB 600 -3.63 -15.06 -64.70
CA ALA AB 600 -2.22 -14.82 -64.42
C ALA AB 600 -1.90 -15.33 -63.02
N ASP AB 601 -0.62 -15.65 -62.81
CA ASP AB 601 -0.16 -16.18 -61.52
C ASP AB 601 0.22 -15.02 -60.61
N ASN AB 602 -0.81 -14.25 -60.23
CA ASN AB 602 -0.64 -13.13 -59.32
C ASN AB 602 -1.71 -13.18 -58.25
N GLU AB 603 -1.67 -12.19 -57.35
CA GLU AB 603 -2.63 -12.15 -56.24
C GLU AB 603 -4.06 -11.96 -56.73
N LYS AB 604 -4.26 -11.05 -57.70
CA LYS AB 604 -5.59 -10.83 -58.24
C LYS AB 604 -6.09 -12.00 -59.06
N GLY AB 605 -5.20 -12.85 -59.57
CA GLY AB 605 -5.62 -13.99 -60.36
C GLY AB 605 -5.88 -13.68 -61.82
N PHE AB 606 -5.67 -12.45 -62.26
CA PHE AB 606 -5.91 -12.08 -63.65
C PHE AB 606 -5.08 -10.84 -63.99
N ASP AB 607 -4.99 -10.58 -65.29
CA ASP AB 607 -4.31 -9.41 -65.81
C ASP AB 607 -5.11 -8.84 -66.97
N VAL AB 608 -4.78 -7.62 -67.37
CA VAL AB 608 -5.45 -6.92 -68.47
C VAL AB 608 -4.47 -6.80 -69.63
N ALA AB 609 -4.87 -7.30 -70.79
CA ALA AB 609 -4.04 -7.25 -71.99
C ALA AB 609 -4.88 -6.73 -73.15
N SER AB 610 -4.28 -5.84 -73.94
CA SER AB 610 -4.94 -5.29 -75.12
C SER AB 610 -4.73 -6.23 -76.29
N MET AB 611 -5.75 -6.99 -76.66
CA MET AB 611 -5.66 -7.99 -77.71
C MET AB 611 -6.40 -7.53 -78.96
N MET AB 612 -5.86 -7.92 -80.11
CA MET AB 612 -6.39 -7.55 -81.41
C MET AB 612 -6.58 -8.81 -82.23
N SER AB 613 -7.78 -8.98 -82.80
CA SER AB 613 -8.14 -10.20 -83.51
C SER AB 613 -7.93 -10.02 -85.01
N VAL AB 614 -7.24 -10.98 -85.62
CA VAL AB 614 -6.98 -10.92 -87.06
C VAL AB 614 -7.48 -12.20 -87.71
N THR AB 615 -8.07 -12.04 -88.89
CA THR AB 615 -8.61 -13.15 -89.68
C THR AB 615 -7.97 -13.14 -91.05
N LEU AB 616 -7.15 -14.15 -91.31
CA LEU AB 616 -6.51 -14.33 -92.62
C LEU AB 616 -7.40 -15.20 -93.49
N SER AB 617 -7.78 -14.67 -94.66
CA SER AB 617 -8.54 -15.41 -95.63
C SER AB 617 -7.58 -15.95 -96.69
N CYS AB 618 -7.59 -17.27 -96.88
CA CYS AB 618 -6.60 -17.94 -97.71
C CYS AB 618 -7.28 -18.67 -98.87
N ASP AB 619 -6.59 -18.68 -100.00
CA ASP AB 619 -6.95 -19.50 -101.14
C ASP AB 619 -6.51 -20.93 -100.86
N HIS AB 620 -7.46 -21.85 -100.73
CA HIS AB 620 -7.12 -23.21 -100.33
C HIS AB 620 -6.40 -23.98 -101.42
N ARG AB 621 -6.38 -23.47 -102.65
CA ARG AB 621 -5.58 -24.10 -103.69
C ARG AB 621 -4.09 -23.89 -103.48
N VAL AB 622 -3.71 -22.76 -102.89
CA VAL AB 622 -2.32 -22.40 -102.68
C VAL AB 622 -1.89 -22.62 -101.23
N VAL AB 623 -2.70 -22.16 -100.28
CA VAL AB 623 -2.36 -22.19 -98.86
C VAL AB 623 -3.30 -23.16 -98.18
N ASP AB 624 -2.76 -24.27 -97.67
CA ASP AB 624 -3.57 -25.19 -96.90
C ASP AB 624 -3.63 -24.76 -95.44
N GLY AB 625 -4.37 -25.53 -94.64
CA GLY AB 625 -4.62 -25.12 -93.27
C GLY AB 625 -3.36 -24.99 -92.43
N ALA AB 626 -2.46 -25.96 -92.57
CA ALA AB 626 -1.21 -25.92 -91.80
C ALA AB 626 -0.36 -24.72 -92.19
N VAL AB 627 -0.27 -24.41 -93.49
CA VAL AB 627 0.52 -23.27 -93.92
C VAL AB 627 -0.09 -21.97 -93.43
N GLY AB 628 -1.41 -21.83 -93.53
CA GLY AB 628 -2.06 -20.63 -93.01
C GLY AB 628 -1.86 -20.46 -91.52
N ALA AB 629 -1.98 -21.55 -90.77
CA ALA AB 629 -1.76 -21.49 -89.34
C ALA AB 629 -0.32 -21.12 -88.99
N GLN AB 630 0.64 -21.66 -89.75
CA GLN AB 630 2.04 -21.30 -89.54
C GLN AB 630 2.27 -19.82 -89.81
N TRP AB 631 1.68 -19.30 -90.88
CA TRP AB 631 1.81 -17.88 -91.19
C TRP AB 631 1.24 -17.03 -90.05
N LEU AB 632 0.06 -17.39 -89.55
CA LEU AB 632 -0.54 -16.62 -88.47
C LEU AB 632 0.29 -16.71 -87.20
N ALA AB 633 0.89 -17.88 -86.94
CA ALA AB 633 1.75 -18.01 -85.77
C ALA AB 633 2.98 -17.13 -85.88
N GLU AB 634 3.62 -17.08 -87.06
CA GLU AB 634 4.77 -16.21 -87.24
C GLU AB 634 4.38 -14.74 -87.09
N PHE AB 635 3.24 -14.36 -87.67
CA PHE AB 635 2.74 -12.99 -87.55
C PHE AB 635 2.50 -12.62 -86.09
N ARG AB 636 1.89 -13.54 -85.33
CA ARG AB 636 1.62 -13.30 -83.92
C ARG AB 636 2.92 -13.16 -83.13
N LYS AB 637 3.91 -14.02 -83.42
CA LYS AB 637 5.19 -13.91 -82.71
C LYS AB 637 5.86 -12.58 -83.00
N TYR AB 638 5.87 -12.15 -84.27
CA TYR AB 638 6.46 -10.87 -84.61
C TYR AB 638 5.78 -9.73 -83.89
N LEU AB 639 4.45 -9.75 -83.81
CA LEU AB 639 3.77 -8.64 -83.15
C LEU AB 639 3.94 -8.68 -81.64
N GLU AB 640 3.91 -9.87 -81.03
CA GLU AB 640 4.03 -9.97 -79.57
C GLU AB 640 5.45 -9.70 -79.09
N LYS AB 641 6.46 -9.86 -79.93
CA LYS AB 641 7.83 -9.48 -79.59
C LYS AB 641 8.38 -8.59 -80.70
N PRO AB 642 8.18 -7.28 -80.61
CA PRO AB 642 8.65 -6.38 -81.67
C PRO AB 642 10.15 -6.35 -81.84
N ILE AB 643 10.91 -6.80 -80.84
CA ILE AB 643 12.37 -6.84 -80.99
C ILE AB 643 12.80 -7.93 -81.95
N THR AB 644 12.03 -9.03 -82.03
CA THR AB 644 12.32 -10.07 -83.01
C THR AB 644 12.09 -9.59 -84.43
N MET AB 645 11.44 -8.45 -84.61
CA MET AB 645 11.23 -7.85 -85.92
C MET AB 645 12.53 -7.39 -86.55
N LEU AB 646 13.61 -7.29 -85.75
CA LEU AB 646 14.92 -6.93 -86.24
C LEU AB 646 15.65 -8.11 -86.90
N LEU AB 647 15.26 -9.34 -86.58
CA LEU AB 647 15.91 -10.52 -87.15
C LEU AB 647 15.61 -10.67 -88.63
N PHE BB 420 -57.89 -87.29 34.24
CA PHE BB 420 -56.64 -87.46 34.97
C PHE BB 420 -56.06 -88.86 34.78
N THR BB 421 -54.84 -89.07 35.23
CA THR BB 421 -54.16 -90.35 35.17
C THR BB 421 -53.49 -90.63 36.51
N ASP BB 422 -53.74 -91.81 37.06
CA ASP BB 422 -53.15 -92.21 38.34
C ASP BB 422 -51.87 -92.98 38.07
N ILE BB 423 -50.73 -92.38 38.41
CA ILE BB 423 -49.43 -93.01 38.24
C ILE BB 423 -49.05 -93.67 39.56
N PRO BB 424 -48.86 -94.99 39.58
CA PRO BB 424 -48.50 -95.66 40.85
C PRO BB 424 -47.18 -95.14 41.39
N ILE BB 425 -47.10 -95.06 42.72
CA ILE BB 425 -45.90 -94.58 43.38
C ILE BB 425 -44.94 -95.75 43.57
N SER BB 426 -43.72 -95.61 43.05
CA SER BB 426 -42.71 -96.63 43.23
C SER BB 426 -42.22 -96.65 44.67
N ASN BB 427 -41.58 -97.76 45.06
CA ASN BB 427 -41.04 -97.87 46.41
C ASN BB 427 -39.91 -96.88 46.63
N ILE BB 428 -39.10 -96.63 45.60
CA ILE BB 428 -38.04 -95.63 45.71
C ILE BB 428 -38.62 -94.26 45.98
N ARG BB 429 -39.66 -93.90 45.23
CA ARG BB 429 -40.31 -92.61 45.43
C ARG BB 429 -40.97 -92.53 46.80
N ARG BB 430 -41.53 -93.65 47.28
CA ARG BB 430 -42.11 -93.68 48.61
C ARG BB 430 -41.04 -93.44 49.67
N VAL BB 431 -39.87 -94.06 49.50
CA VAL BB 431 -38.78 -93.85 50.45
C VAL BB 431 -38.33 -92.39 50.43
N ILE BB 432 -38.19 -91.81 49.24
CA ILE BB 432 -37.77 -90.41 49.14
C ILE BB 432 -38.80 -89.50 49.80
N ALA BB 433 -40.08 -89.75 49.55
CA ALA BB 433 -41.14 -88.93 50.14
C ALA BB 433 -41.15 -89.07 51.65
N GLN BB 434 -40.95 -90.29 52.16
CA GLN BB 434 -40.92 -90.49 53.61
C GLN BB 434 -39.74 -89.76 54.24
N ARG BB 435 -38.58 -89.80 53.58
CA ARG BB 435 -37.42 -89.06 54.09
C ARG BB 435 -37.69 -87.55 54.11
N LEU BB 436 -38.30 -87.03 53.04
CA LEU BB 436 -38.60 -85.61 53.01
C LEU BB 436 -39.63 -85.22 54.07
N MET BB 437 -40.64 -86.07 54.27
CA MET BB 437 -41.61 -85.82 55.34
C MET BB 437 -40.92 -85.80 56.70
N GLN BB 438 -40.05 -86.78 56.95
CA GLN BB 438 -39.34 -86.82 58.22
C GLN BB 438 -38.49 -85.57 58.42
N SER BB 439 -37.80 -85.15 57.37
CA SER BB 439 -36.96 -83.95 57.46
C SER BB 439 -37.80 -82.73 57.80
N LYS BB 440 -38.88 -82.50 57.04
CA LYS BB 440 -39.67 -81.29 57.25
C LYS BB 440 -40.46 -81.34 58.56
N GLN BB 441 -40.68 -82.54 59.11
CA GLN BB 441 -41.44 -82.64 60.35
C GLN BB 441 -40.55 -82.56 61.58
N THR BB 442 -39.31 -83.05 61.51
CA THR BB 442 -38.45 -83.11 62.69
C THR BB 442 -37.34 -82.07 62.69
N ILE BB 443 -37.06 -81.42 61.56
CA ILE BB 443 -35.98 -80.45 61.46
C ILE BB 443 -36.59 -79.06 61.33
N PRO BB 444 -36.41 -78.18 62.31
CA PRO BB 444 -36.93 -76.80 62.18
C PRO BB 444 -36.10 -75.95 61.24
N HIS BB 445 -36.38 -76.04 59.95
CA HIS BB 445 -35.58 -75.32 58.95
C HIS BB 445 -35.69 -73.82 59.13
N TYR BB 446 -34.60 -73.11 58.87
CA TYR BB 446 -34.64 -71.68 58.63
C TYR BB 446 -33.55 -71.32 57.63
N TYR BB 447 -33.82 -70.32 56.80
CA TYR BB 447 -33.07 -70.11 55.57
C TYR BB 447 -32.35 -68.76 55.62
N LEU BB 448 -31.10 -68.74 55.15
CA LEU BB 448 -30.32 -67.51 55.03
C LEU BB 448 -29.75 -67.39 53.63
N SER BB 449 -29.92 -66.23 53.01
CA SER BB 449 -29.50 -66.03 51.63
C SER BB 449 -28.49 -64.90 51.53
N VAL BB 450 -27.47 -65.12 50.69
CA VAL BB 450 -26.46 -64.10 50.41
C VAL BB 450 -26.14 -64.11 48.92
N ASP BB 451 -25.42 -63.09 48.48
CA ASP BB 451 -24.93 -62.98 47.11
C ASP BB 451 -23.40 -63.01 47.10
N VAL BB 452 -22.84 -63.74 46.14
CA VAL BB 452 -21.41 -63.95 46.02
C VAL BB 452 -20.95 -63.41 44.67
N ASN BB 453 -19.91 -62.57 44.69
CA ASN BB 453 -19.33 -62.05 43.46
C ASN BB 453 -18.41 -63.11 42.87
N MET BB 454 -18.63 -63.46 41.60
CA MET BB 454 -17.98 -64.62 41.03
C MET BB 454 -17.05 -64.28 39.86
N GLY BB 455 -16.71 -63.01 39.68
CA GLY BB 455 -15.78 -62.67 38.61
C GLY BB 455 -14.41 -63.27 38.81
N GLU BB 456 -13.91 -63.21 40.04
CA GLU BB 456 -12.61 -63.82 40.35
C GLU BB 456 -12.66 -65.33 40.16
N VAL BB 457 -13.77 -65.96 40.57
CA VAL BB 457 -13.92 -67.40 40.37
C VAL BB 457 -13.89 -67.74 38.90
N LEU BB 458 -14.59 -66.95 38.07
CA LEU BB 458 -14.60 -67.22 36.63
C LEU BB 458 -13.21 -67.05 36.02
N LEU BB 459 -12.49 -66.00 36.43
CA LEU BB 459 -11.14 -65.80 35.90
C LEU BB 459 -10.21 -66.93 36.29
N VAL BB 460 -10.25 -67.33 37.57
CA VAL BB 460 -9.40 -68.41 38.05
C VAL BB 460 -9.76 -69.71 37.35
N ARG BB 461 -11.05 -69.97 37.17
CA ARG BB 461 -11.48 -71.19 36.50
C ARG BB 461 -11.01 -71.21 35.05
N LYS BB 462 -11.09 -70.07 34.37
CA LYS BB 462 -10.60 -69.99 32.99
C LYS BB 462 -9.11 -70.28 32.93
N GLU BB 463 -8.33 -69.69 33.83
CA GLU BB 463 -6.89 -69.92 33.83
C GLU BB 463 -6.56 -71.39 34.12
N LEU BB 464 -7.25 -71.99 35.09
CA LEU BB 464 -7.02 -73.38 35.41
C LEU BB 464 -7.39 -74.29 34.26
N ASN BB 465 -8.51 -74.01 33.59
CA ASN BB 465 -8.91 -74.81 32.44
C ASN BB 465 -7.91 -74.69 31.30
N LYS BB 466 -7.37 -73.48 31.09
CA LYS BB 466 -6.34 -73.30 30.07
C LYS BB 466 -5.08 -74.10 30.40
N MET BB 467 -4.65 -74.05 31.66
CA MET BB 467 -3.47 -74.82 32.07
C MET BB 467 -3.71 -76.32 31.97
N LEU BB 468 -4.95 -76.77 32.15
CA LEU BB 468 -5.22 -78.20 32.15
C LEU BB 468 -5.03 -78.85 30.79
N GLU BB 469 -5.14 -78.09 29.70
CA GLU BB 469 -4.86 -78.58 28.35
C GLU BB 469 -5.73 -79.79 28.01
N GLY BB 470 -6.97 -79.77 28.50
CA GLY BB 470 -7.93 -80.80 28.17
C GLY BB 470 -7.85 -82.06 29.01
N ARG BB 471 -6.88 -82.18 29.92
CA ARG BB 471 -6.82 -83.36 30.77
C ARG BB 471 -8.04 -83.45 31.69
N SER BB 472 -8.48 -82.31 32.21
CA SER BB 472 -9.73 -82.23 32.97
C SER BB 472 -10.35 -80.87 32.73
N LYS BB 473 -11.56 -80.69 33.25
CA LYS BB 473 -12.28 -79.43 33.14
C LYS BB 473 -12.85 -79.06 34.50
N ILE BB 474 -12.33 -77.97 35.07
CA ILE BB 474 -12.82 -77.50 36.36
C ILE BB 474 -14.09 -76.69 36.16
N SER BB 475 -15.14 -77.06 36.88
CA SER BB 475 -16.43 -76.38 36.79
C SER BB 475 -16.65 -75.51 38.00
N VAL BB 476 -17.70 -74.69 37.92
CA VAL BB 476 -18.05 -73.79 39.02
C VAL BB 476 -18.48 -74.57 40.26
N ASN BB 477 -19.15 -75.70 40.06
CA ASN BB 477 -19.59 -76.50 41.19
C ASN BB 477 -18.40 -77.07 41.96
N ASP BB 478 -17.27 -77.27 41.30
CA ASP BB 478 -16.07 -77.72 42.02
C ASP BB 478 -15.56 -76.65 42.98
N PHE BB 479 -15.51 -75.40 42.52
CA PHE BB 479 -15.17 -74.30 43.41
C PHE BB 479 -16.15 -74.21 44.56
N ILE BB 480 -17.45 -74.36 44.26
CA ILE BB 480 -18.46 -74.25 45.29
C ILE BB 480 -18.30 -75.36 46.33
N ILE BB 481 -18.02 -76.59 45.88
CA ILE BB 481 -17.87 -77.71 46.80
C ILE BB 481 -16.64 -77.52 47.69
N LYS BB 482 -15.52 -77.12 47.10
CA LYS BB 482 -14.31 -76.92 47.90
C LYS BB 482 -14.49 -75.77 48.88
N ALA BB 483 -15.12 -74.68 48.45
CA ALA BB 483 -15.37 -73.57 49.35
C ALA BB 483 -16.31 -73.96 50.48
N SER BB 484 -17.33 -74.77 50.18
CA SER BB 484 -18.22 -75.26 51.23
C SER BB 484 -17.47 -76.13 52.23
N ALA BB 485 -16.56 -76.99 51.73
CA ALA BB 485 -15.78 -77.82 52.63
C ALA BB 485 -14.89 -76.98 53.54
N LEU BB 486 -14.23 -75.97 52.98
CA LEU BB 486 -13.38 -75.12 53.80
C LEU BB 486 -14.20 -74.32 54.82
N ALA BB 487 -15.38 -73.83 54.42
CA ALA BB 487 -16.25 -73.13 55.35
C ALA BB 487 -16.72 -74.06 56.46
N CYS BB 488 -17.01 -75.32 56.12
CA CYS BB 488 -17.37 -76.30 57.13
C CYS BB 488 -16.24 -76.55 58.11
N LEU BB 489 -15.00 -76.59 57.61
CA LEU BB 489 -13.86 -76.71 58.50
C LEU BB 489 -13.77 -75.52 59.45
N LYS BB 490 -13.95 -74.31 58.92
CA LYS BB 490 -13.84 -73.11 59.74
C LYS BB 490 -14.97 -73.04 60.78
N VAL BB 491 -16.18 -73.44 60.40
CA VAL BB 491 -17.34 -73.37 61.29
C VAL BB 491 -17.92 -74.77 61.42
N PRO BB 492 -17.43 -75.59 62.36
CA PRO BB 492 -17.86 -77.00 62.42
C PRO BB 492 -19.30 -77.20 62.85
N GLU BB 493 -19.99 -76.16 63.31
CA GLU BB 493 -21.39 -76.33 63.72
C GLU BB 493 -22.26 -76.73 62.54
N ALA BB 494 -22.01 -76.16 61.36
CA ALA BB 494 -22.74 -76.58 60.16
C ALA BB 494 -22.40 -77.99 59.75
N ASN BB 495 -21.33 -78.57 60.30
CA ASN BB 495 -20.94 -79.94 60.04
C ASN BB 495 -21.29 -80.88 61.18
N SER BB 496 -22.45 -80.68 61.80
CA SER BB 496 -22.89 -81.48 62.93
C SER BB 496 -24.17 -82.23 62.57
N SER BB 497 -24.62 -83.03 63.53
CA SER BB 497 -25.85 -83.82 63.40
C SER BB 497 -26.52 -83.94 64.76
N TRP BB 498 -27.83 -83.77 64.77
CA TRP BB 498 -28.60 -83.85 66.01
C TRP BB 498 -29.08 -85.29 66.21
N LEU BB 499 -28.64 -85.91 67.31
CA LEU BB 499 -28.95 -87.31 67.60
C LEU BB 499 -29.85 -87.43 68.83
N ASP BB 500 -30.48 -86.32 69.21
CA ASP BB 500 -31.50 -86.26 70.26
C ASP BB 500 -30.92 -86.45 71.66
N THR BB 501 -29.64 -86.81 71.74
CA THR BB 501 -28.92 -86.89 73.01
C THR BB 501 -27.60 -86.16 72.99
N VAL BB 502 -26.88 -86.20 71.85
CA VAL BB 502 -25.63 -85.49 71.67
C VAL BB 502 -25.64 -84.85 70.28
N ILE BB 503 -24.81 -83.84 70.11
CA ILE BB 503 -24.62 -83.19 68.82
C ILE BB 503 -23.31 -83.70 68.24
N ARG BB 504 -23.40 -84.61 67.28
CA ARG BB 504 -22.23 -85.23 66.68
C ARG BB 504 -21.57 -84.23 65.74
N GLN BB 505 -20.39 -83.74 66.10
CA GLN BB 505 -19.67 -82.75 65.31
C GLN BB 505 -18.65 -83.45 64.43
N ASN BB 506 -18.99 -83.68 63.17
CA ASN BB 506 -18.12 -84.45 62.29
C ASN BB 506 -16.86 -83.66 61.95
N HIS BB 507 -15.71 -84.32 62.08
CA HIS BB 507 -14.42 -83.70 61.79
C HIS BB 507 -14.00 -83.83 60.34
N VAL BB 508 -14.71 -84.63 59.55
CA VAL BB 508 -14.47 -84.75 58.12
C VAL BB 508 -15.66 -84.16 57.38
N VAL BB 509 -15.42 -83.72 56.15
CA VAL BB 509 -16.43 -83.06 55.34
C VAL BB 509 -16.71 -83.96 54.15
N ASP BB 510 -17.87 -84.62 54.15
CA ASP BB 510 -18.31 -85.47 53.05
C ASP BB 510 -19.49 -84.77 52.38
N ILE BB 511 -19.23 -84.17 51.22
CA ILE BB 511 -20.21 -83.30 50.57
C ILE BB 511 -21.09 -84.14 49.65
N SER BB 512 -22.35 -84.32 50.03
CA SER BB 512 -23.32 -84.87 49.10
C SER BB 512 -23.64 -83.83 48.04
N VAL BB 513 -23.74 -84.26 46.78
CA VAL BB 513 -24.03 -83.37 45.67
C VAL BB 513 -25.32 -83.83 45.03
N ALA BB 514 -26.33 -82.97 45.01
CA ALA BB 514 -27.61 -83.33 44.44
C ALA BB 514 -27.48 -83.41 42.92
N VAL BB 515 -27.94 -84.53 42.34
CA VAL BB 515 -27.89 -84.78 40.91
C VAL BB 515 -29.26 -85.25 40.48
N SER BB 516 -29.77 -84.67 39.40
CA SER BB 516 -31.07 -85.04 38.86
C SER BB 516 -30.91 -86.07 37.76
N THR BB 517 -31.58 -87.21 37.90
CA THR BB 517 -31.58 -88.32 36.97
C THR BB 517 -33.03 -88.62 36.62
N PRO BB 518 -33.27 -89.34 35.53
CA PRO BB 518 -34.66 -89.66 35.17
C PRO BB 518 -35.42 -90.41 36.25
N ALA BB 519 -34.72 -91.08 37.17
CA ALA BB 519 -35.36 -91.80 38.27
C ALA BB 519 -35.58 -90.92 39.49
N GLY BB 520 -35.07 -89.70 39.51
CA GLY BB 520 -35.28 -88.79 40.61
C GLY BB 520 -34.01 -88.06 41.04
N LEU BB 521 -34.01 -87.62 42.28
CA LEU BB 521 -32.86 -86.92 42.83
C LEU BB 521 -31.99 -87.88 43.64
N ILE BB 522 -30.70 -87.89 43.34
CA ILE BB 522 -29.76 -88.76 44.04
C ILE BB 522 -28.56 -87.93 44.49
N THR BB 523 -27.96 -88.32 45.60
CA THR BB 523 -26.92 -87.52 46.26
C THR BB 523 -25.64 -88.33 46.41
N PRO BB 524 -24.85 -88.45 45.33
CA PRO BB 524 -23.52 -89.04 45.47
C PRO BB 524 -22.64 -88.17 46.36
N ILE BB 525 -21.77 -88.81 47.13
CA ILE BB 525 -20.99 -88.16 48.17
C ILE BB 525 -19.54 -88.05 47.72
N VAL BB 526 -19.01 -86.82 47.70
CA VAL BB 526 -17.59 -86.57 47.53
C VAL BB 526 -17.00 -86.59 48.94
N PHE BB 527 -16.25 -87.65 49.25
CA PHE BB 527 -15.67 -87.79 50.57
C PHE BB 527 -14.38 -86.96 50.68
N ASN BB 528 -14.12 -86.44 51.88
CA ASN BB 528 -12.91 -85.69 52.18
C ASN BB 528 -12.73 -84.53 51.22
N ALA BB 529 -13.81 -83.79 50.98
CA ALA BB 529 -13.74 -82.63 50.11
C ALA BB 529 -12.94 -81.50 50.73
N HIS BB 530 -12.67 -81.59 52.04
CA HIS BB 530 -11.88 -80.55 52.70
C HIS BB 530 -10.40 -80.70 52.41
N ILE BB 531 -9.98 -81.89 51.96
CA ILE BB 531 -8.58 -82.13 51.61
C ILE BB 531 -8.37 -82.45 50.14
N LYS BB 532 -9.42 -82.83 49.41
CA LYS BB 532 -9.29 -83.08 47.99
C LYS BB 532 -9.09 -81.76 47.24
N GLY BB 533 -8.31 -81.82 46.15
CA GLY BB 533 -8.12 -80.65 45.33
C GLY BB 533 -9.25 -80.43 44.35
N LEU BB 534 -9.16 -79.33 43.61
CA LEU BB 534 -10.22 -79.00 42.66
C LEU BB 534 -10.30 -80.03 41.53
N GLU BB 535 -9.14 -80.51 41.05
CA GLU BB 535 -9.16 -81.55 40.03
C GLU BB 535 -9.73 -82.85 40.56
N THR BB 536 -9.33 -83.25 41.76
CA THR BB 536 -9.87 -84.48 42.33
C THR BB 536 -11.38 -84.35 42.54
N ILE BB 537 -11.83 -83.20 43.03
CA ILE BB 537 -13.27 -82.98 43.22
C ILE BB 537 -14.00 -83.03 41.89
N ALA BB 538 -13.45 -82.39 40.86
CA ALA BB 538 -14.11 -82.37 39.56
C ALA BB 538 -14.21 -83.76 38.97
N ASN BB 539 -13.12 -84.52 39.02
CA ASN BB 539 -13.14 -85.89 38.49
C ASN BB 539 -14.11 -86.76 39.27
N ASP BB 540 -14.11 -86.64 40.60
CA ASP BB 540 -15.03 -87.40 41.43
C ASP BB 540 -16.48 -87.06 41.10
N VAL BB 541 -16.78 -85.78 40.93
CA VAL BB 541 -18.14 -85.36 40.62
C VAL BB 541 -18.56 -85.90 39.26
N VAL BB 542 -17.68 -85.83 38.27
CA VAL BB 542 -18.01 -86.34 36.94
C VAL BB 542 -18.28 -87.84 36.99
N SER BB 543 -17.40 -88.58 37.69
CA SER BB 543 -17.56 -90.03 37.76
C SER BB 543 -18.85 -90.41 38.50
N LEU BB 544 -19.13 -89.77 39.63
CA LEU BB 544 -20.33 -90.10 40.39
C LEU BB 544 -21.58 -89.67 39.65
N ALA BB 545 -21.53 -88.56 38.91
CA ALA BB 545 -22.68 -88.16 38.11
C ALA BB 545 -22.96 -89.16 37.00
N THR BB 546 -21.90 -89.65 36.36
CA THR BB 546 -22.08 -90.69 35.34
C THR BB 546 -22.67 -91.95 35.95
N LYS BB 547 -22.17 -92.35 37.12
CA LYS BB 547 -22.71 -93.54 37.79
C LYS BB 547 -24.17 -93.34 38.17
N ALA BB 548 -24.52 -92.15 38.65
CA ALA BB 548 -25.90 -91.86 39.03
C ALA BB 548 -26.83 -91.91 37.83
N ARG BB 549 -26.40 -91.29 36.72
CA ARG BB 549 -27.21 -91.30 35.51
C ARG BB 549 -27.35 -92.72 34.94
N GLU BB 550 -26.32 -93.54 35.09
CA GLU BB 550 -26.38 -94.92 34.62
C GLU BB 550 -27.01 -95.87 35.62
N GLY BB 551 -27.36 -95.38 36.82
CA GLY BB 551 -28.02 -96.22 37.80
C GLY BB 551 -27.11 -97.24 38.47
N LYS BB 552 -25.81 -96.97 38.52
CA LYS BB 552 -24.85 -97.92 39.05
C LYS BB 552 -24.28 -97.51 40.40
N LEU BB 553 -24.92 -96.57 41.10
CA LEU BB 553 -24.40 -96.11 42.38
C LEU BB 553 -24.60 -97.17 43.45
N GLN BB 554 -23.55 -97.43 44.22
CA GLN BB 554 -23.64 -98.31 45.38
C GLN BB 554 -24.22 -97.55 46.57
N PRO BB 555 -24.88 -98.26 47.50
CA PRO BB 555 -25.52 -97.58 48.64
C PRO BB 555 -24.56 -96.72 49.46
N HIS BB 556 -23.32 -97.17 49.64
CA HIS BB 556 -22.36 -96.39 50.42
C HIS BB 556 -21.92 -95.13 49.69
N GLU BB 557 -22.12 -95.06 48.37
CA GLU BB 557 -21.70 -93.90 47.60
C GLU BB 557 -22.71 -92.76 47.64
N PHE BB 558 -23.92 -92.99 48.16
CA PHE BB 558 -24.90 -91.93 48.29
C PHE BB 558 -25.60 -91.88 49.64
N GLN BB 559 -25.35 -92.83 50.54
CA GLN BB 559 -25.93 -92.80 51.87
C GLN BB 559 -24.90 -92.22 52.85
N GLY BB 560 -25.32 -91.25 53.64
CA GLY BB 560 -24.43 -90.62 54.61
C GLY BB 560 -24.18 -89.16 54.31
N GLY BB 561 -22.92 -88.75 54.38
CA GLY BB 561 -22.56 -87.38 54.14
C GLY BB 561 -22.73 -86.50 55.36
N THR BB 562 -22.11 -85.32 55.31
CA THR BB 562 -22.17 -84.36 56.39
C THR BB 562 -22.72 -83.00 55.98
N PHE BB 563 -22.78 -82.72 54.68
CA PHE BB 563 -23.23 -81.44 54.17
C PHE BB 563 -23.62 -81.62 52.72
N THR BB 564 -24.77 -81.08 52.34
CA THR BB 564 -25.34 -81.31 51.02
C THR BB 564 -25.31 -80.01 50.22
N ILE BB 565 -25.04 -80.11 48.92
CA ILE BB 565 -25.07 -78.99 48.00
C ILE BB 565 -26.02 -79.33 46.86
N SER BB 566 -27.05 -78.52 46.68
CA SER BB 566 -27.99 -78.66 45.59
C SER BB 566 -27.88 -77.43 44.69
N ASN BB 567 -27.40 -77.63 43.47
CA ASN BB 567 -27.15 -76.54 42.54
C ASN BB 567 -28.17 -76.63 41.41
N LEU BB 568 -28.97 -75.57 41.24
CA LEU BB 568 -29.92 -75.48 40.15
C LEU BB 568 -29.68 -74.27 39.26
N GLY BB 569 -28.45 -73.76 39.24
CA GLY BB 569 -28.18 -72.59 38.41
C GLY BB 569 -28.21 -72.90 36.93
N MET BB 570 -27.98 -74.17 36.56
CA MET BB 570 -28.04 -74.57 35.17
C MET BB 570 -29.44 -74.47 34.60
N PHE BB 571 -30.47 -74.43 35.45
CA PHE BB 571 -31.85 -74.34 35.02
C PHE BB 571 -32.40 -72.93 35.10
N GLY BB 572 -31.57 -71.94 35.41
CA GLY BB 572 -32.02 -70.56 35.42
C GLY BB 572 -32.68 -70.10 36.70
N ILE BB 573 -32.62 -70.88 37.77
CA ILE BB 573 -33.22 -70.48 39.03
C ILE BB 573 -32.39 -69.38 39.66
N LYS BB 574 -33.04 -68.27 40.00
CA LYS BB 574 -32.34 -67.17 40.66
C LYS BB 574 -31.89 -67.59 42.06
N ASN BB 575 -32.81 -68.12 42.86
CA ASN BB 575 -32.49 -68.69 44.16
C ASN BB 575 -33.61 -69.61 44.58
N PHE BB 576 -33.31 -70.50 45.52
CA PHE BB 576 -34.32 -71.42 46.03
C PHE BB 576 -33.91 -71.93 47.40
N SER BB 577 -34.88 -72.51 48.11
CA SER BB 577 -34.67 -73.05 49.45
C SER BB 577 -34.92 -74.56 49.40
N ALA BB 578 -33.92 -75.33 49.78
CA ALA BB 578 -34.02 -76.78 49.70
C ALA BB 578 -34.42 -77.36 51.05
N ILE BB 579 -34.59 -78.69 51.07
CA ILE BB 579 -34.94 -79.41 52.28
C ILE BB 579 -33.70 -80.10 52.80
N ILE BB 580 -33.45 -79.98 54.11
CA ILE BB 580 -32.27 -80.58 54.71
C ILE BB 580 -32.37 -82.09 54.64
N ASN BB 581 -31.33 -82.73 54.11
CA ASN BB 581 -31.27 -84.18 54.01
C ASN BB 581 -30.83 -84.74 55.35
N PRO BB 582 -31.64 -85.57 56.01
CA PRO BB 582 -31.29 -86.07 57.33
C PRO BB 582 -30.13 -87.05 57.25
N PRO BB 583 -29.35 -87.19 58.32
CA PRO BB 583 -29.44 -86.48 59.60
C PRO BB 583 -28.57 -85.23 59.65
N GLN BB 584 -28.18 -84.70 58.49
CA GLN BB 584 -27.30 -83.54 58.45
C GLN BB 584 -28.02 -82.29 58.97
N ALA BB 585 -27.25 -81.23 59.17
CA ALA BB 585 -27.77 -80.02 59.79
C ALA BB 585 -27.95 -78.87 58.82
N CYS BB 586 -27.38 -78.94 57.62
CA CYS BB 586 -27.46 -77.85 56.67
C CYS BB 586 -27.50 -78.38 55.25
N ILE BB 587 -27.97 -77.54 54.33
CA ILE BB 587 -27.93 -77.81 52.90
C ILE BB 587 -27.80 -76.47 52.18
N LEU BB 588 -26.86 -76.41 51.24
CA LEU BB 588 -26.58 -75.18 50.50
C LEU BB 588 -27.29 -75.25 49.14
N ALA BB 589 -28.20 -74.32 48.91
CA ALA BB 589 -28.94 -74.24 47.66
C ALA BB 589 -28.33 -73.14 46.80
N VAL BB 590 -27.87 -73.49 45.61
CA VAL BB 590 -27.14 -72.58 44.73
C VAL BB 590 -28.03 -72.25 43.54
N GLY BB 591 -28.19 -70.96 43.26
CA GLY BB 591 -28.94 -70.51 42.11
C GLY BB 591 -28.04 -70.16 40.94
N ALA BB 592 -28.61 -69.44 39.98
CA ALA BB 592 -27.88 -69.07 38.78
C ALA BB 592 -27.08 -67.79 39.00
N SER BB 593 -26.00 -67.65 38.24
CA SER BB 593 -25.19 -66.44 38.28
C SER BB 593 -25.58 -65.50 37.15
N GLU BB 594 -25.83 -64.24 37.52
CA GLU BB 594 -26.32 -63.24 36.57
C GLU BB 594 -25.52 -61.95 36.74
N ASP BB 595 -25.42 -61.18 35.66
CA ASP BB 595 -24.72 -59.92 35.68
C ASP BB 595 -25.61 -58.84 36.29
N ARG BB 596 -25.06 -58.08 37.24
CA ARG BB 596 -25.80 -57.03 37.92
C ARG BB 596 -24.94 -55.77 38.02
N LEU BB 597 -25.59 -54.62 37.93
CA LEU BB 597 -24.90 -53.35 38.11
C LEU BB 597 -24.74 -53.02 39.59
N PHE BB 598 -23.57 -52.52 39.94
CA PHE BB 598 -23.30 -52.09 41.31
C PHE BB 598 -22.51 -50.80 41.29
N PRO BB 599 -22.73 -49.90 42.26
CA PRO BB 599 -22.04 -48.62 42.27
C PRO BB 599 -20.52 -48.80 42.38
N ALA BB 600 -19.79 -47.92 41.69
CA ALA BB 600 -18.34 -47.93 41.72
C ALA BB 600 -17.83 -46.50 41.60
N ASP BB 601 -16.62 -46.28 42.11
CA ASP BB 601 -16.00 -44.95 42.08
C ASP BB 601 -15.23 -44.77 40.77
N ASN BB 602 -16.00 -44.73 39.68
CA ASN BB 602 -15.44 -44.52 38.35
C ASN BB 602 -16.26 -43.48 37.62
N GLU BB 603 -15.86 -43.19 36.38
CA GLU BB 603 -16.53 -42.17 35.58
C GLU BB 603 -17.97 -42.56 35.27
N LYS BB 604 -18.19 -43.82 34.89
CA LYS BB 604 -19.55 -44.28 34.60
C LYS BB 604 -20.42 -44.35 35.84
N GLY BB 605 -19.82 -44.45 37.03
CA GLY BB 605 -20.60 -44.53 38.26
C GLY BB 605 -21.10 -45.92 38.60
N PHE BB 606 -20.76 -46.93 37.81
CA PHE BB 606 -21.22 -48.29 38.07
C PHE BB 606 -20.27 -49.27 37.41
N ASP BB 607 -20.40 -50.54 37.81
CA ASP BB 607 -19.63 -51.63 37.24
C ASP BB 607 -20.55 -52.84 37.08
N VAL BB 608 -20.09 -53.82 36.32
CA VAL BB 608 -20.84 -55.04 36.06
C VAL BB 608 -20.11 -56.21 36.75
N ALA BB 609 -20.83 -56.92 37.61
CA ALA BB 609 -20.28 -58.06 38.33
C ALA BB 609 -21.23 -59.24 38.21
N SER BB 610 -20.66 -60.42 37.98
CA SER BB 610 -21.45 -61.64 37.88
C SER BB 610 -21.65 -62.21 39.28
N MET BB 611 -22.86 -62.05 39.82
CA MET BB 611 -23.17 -62.46 41.18
C MET BB 611 -24.05 -63.70 41.17
N MET BB 612 -23.85 -64.55 42.17
CA MET BB 612 -24.57 -65.81 42.32
C MET BB 612 -25.15 -65.87 43.72
N SER BB 613 -26.44 -66.16 43.81
CA SER BB 613 -27.17 -66.14 45.07
C SER BB 613 -27.25 -67.53 45.67
N VAL BB 614 -26.89 -67.65 46.95
CA VAL BB 614 -26.93 -68.94 47.63
C VAL BB 614 -27.78 -68.82 48.89
N THR BB 615 -28.57 -69.86 49.14
CA THR BB 615 -29.45 -69.94 50.30
C THR BB 615 -29.12 -71.18 51.10
N LEU BB 616 -28.58 -70.98 52.29
CA LEU BB 616 -28.27 -72.08 53.21
C LEU BB 616 -29.46 -72.32 54.12
N SER BB 617 -29.98 -73.55 54.10
CA SER BB 617 -31.05 -73.95 54.99
C SER BB 617 -30.45 -74.68 56.19
N CYS BB 618 -30.74 -74.19 57.39
CA CYS BB 618 -30.09 -74.65 58.60
C CYS BB 618 -31.11 -75.23 59.57
N ASP BB 619 -30.69 -76.27 60.28
CA ASP BB 619 -31.43 -76.81 61.41
C ASP BB 619 -31.21 -75.89 62.61
N HIS BB 620 -32.26 -75.23 63.08
CA HIS BB 620 -32.10 -74.24 64.14
C HIS BB 620 -31.78 -74.87 65.48
N ARG BB 621 -31.92 -76.19 65.62
CA ARG BB 621 -31.49 -76.84 66.85
C ARG BB 621 -29.97 -76.90 66.96
N VAL BB 622 -29.28 -76.99 65.83
CA VAL BB 622 -27.82 -77.11 65.79
C VAL BB 622 -27.16 -75.80 65.42
N VAL BB 623 -27.65 -75.13 64.38
CA VAL BB 623 -27.03 -73.93 63.84
C VAL BB 623 -27.97 -72.76 64.10
N ASP BB 624 -27.55 -71.82 64.95
CA ASP BB 624 -28.34 -70.63 65.16
C ASP BB 624 -28.01 -69.57 64.10
N GLY BB 625 -28.70 -68.43 64.19
CA GLY BB 625 -28.57 -67.43 63.14
C GLY BB 625 -27.16 -66.90 62.99
N ALA BB 626 -26.49 -66.61 64.11
CA ALA BB 626 -25.14 -66.09 64.05
C ALA BB 626 -24.17 -67.09 63.43
N VAL BB 627 -24.30 -68.37 63.79
CA VAL BB 627 -23.43 -69.39 63.23
C VAL BB 627 -23.67 -69.56 61.74
N GLY BB 628 -24.94 -69.60 61.32
CA GLY BB 628 -25.22 -69.69 59.89
C GLY BB 628 -24.70 -68.51 59.11
N ALA BB 629 -24.85 -67.30 59.66
CA ALA BB 629 -24.33 -66.11 59.01
C ALA BB 629 -22.81 -66.14 58.92
N GLN BB 630 -22.14 -66.61 59.98
CA GLN BB 630 -20.69 -66.74 59.94
C GLN BB 630 -20.25 -67.74 58.87
N TRP BB 631 -20.95 -68.86 58.77
CA TRP BB 631 -20.63 -69.85 57.74
C TRP BB 631 -20.78 -69.24 56.35
N LEU BB 632 -21.88 -68.52 56.11
CA LEU BB 632 -22.09 -67.92 54.80
C LEU BB 632 -21.04 -66.85 54.51
N ALA BB 633 -20.62 -66.10 55.54
CA ALA BB 633 -19.57 -65.10 55.34
C ALA BB 633 -18.25 -65.75 54.95
N GLU BB 634 -17.89 -66.85 55.62
CA GLU BB 634 -16.65 -67.56 55.27
C GLU BB 634 -16.73 -68.13 53.86
N PHE BB 635 -17.88 -68.70 53.50
CA PHE BB 635 -18.07 -69.24 52.15
C PHE BB 635 -17.94 -68.13 51.11
N ARG BB 636 -18.54 -66.98 51.38
CA ARG BB 636 -18.45 -65.86 50.44
C ARG BB 636 -17.02 -65.37 50.31
N LYS BB 637 -16.29 -65.27 51.43
CA LYS BB 637 -14.90 -64.83 51.35
C LYS BB 637 -14.06 -65.80 50.52
N TYR BB 638 -14.24 -67.11 50.76
CA TYR BB 638 -13.50 -68.11 49.99
C TYR BB 638 -13.79 -67.98 48.51
N LEU BB 639 -15.06 -67.79 48.14
CA LEU BB 639 -15.38 -67.70 46.72
C LEU BB 639 -14.89 -66.39 46.09
N GLU BB 640 -15.02 -65.28 46.82
CA GLU BB 640 -14.62 -63.99 46.26
C GLU BB 640 -13.10 -63.83 46.18
N LYS BB 641 -12.33 -64.57 46.98
CA LYS BB 641 -10.88 -64.60 46.85
C LYS BB 641 -10.41 -66.05 46.76
N PRO BB 642 -10.37 -66.60 45.55
CA PRO BB 642 -9.97 -68.00 45.40
C PRO BB 642 -8.55 -68.31 45.84
N ILE BB 643 -7.69 -67.29 45.96
CA ILE BB 643 -6.33 -67.54 46.45
C ILE BB 643 -6.32 -67.87 47.93
N THR BB 644 -7.28 -67.31 48.69
CA THR BB 644 -7.39 -67.66 50.10
C THR BB 644 -7.82 -69.11 50.30
N MET BB 645 -8.28 -69.77 49.24
CA MET BB 645 -8.64 -71.18 49.29
C MET BB 645 -7.43 -72.07 49.52
N LEU BB 646 -6.22 -71.54 49.35
CA LEU BB 646 -4.98 -72.24 49.62
C LEU BB 646 -4.64 -72.30 51.12
N LEU BB 647 -5.18 -71.38 51.91
CA LEU BB 647 -4.88 -71.33 53.34
C LEU BB 647 -5.52 -72.51 54.07
N PHE CB 420 84.79 -15.81 -68.69
CA PHE CB 420 85.43 -15.95 -67.38
C PHE CB 420 86.65 -15.06 -67.25
N THR CB 421 87.19 -14.97 -66.05
CA THR CB 421 88.39 -14.20 -65.75
C THR CB 421 89.30 -15.03 -64.87
N ASP CB 422 90.57 -15.14 -65.26
CA ASP CB 422 91.56 -15.91 -64.51
C ASP CB 422 92.31 -14.97 -63.57
N ILE CB 423 92.05 -15.10 -62.28
CA ILE CB 423 92.71 -14.28 -61.25
C ILE CB 423 93.94 -15.04 -60.77
N PRO CB 424 95.14 -14.49 -60.93
CA PRO CB 424 96.34 -15.19 -60.46
C PRO CB 424 96.30 -15.43 -58.95
N ILE CB 425 96.84 -16.56 -58.53
CA ILE CB 425 96.87 -16.93 -57.11
C ILE CB 425 98.13 -16.34 -56.48
N SER CB 426 97.95 -15.54 -55.44
CA SER CB 426 99.09 -14.99 -54.72
C SER CB 426 99.79 -16.07 -53.92
N ASN CB 427 101.03 -15.77 -53.51
CA ASN CB 427 101.79 -16.74 -52.72
C ASN CB 427 101.16 -16.92 -51.33
N ILE CB 428 100.60 -15.85 -50.76
CA ILE CB 428 99.91 -15.97 -49.48
C ILE CB 428 98.72 -16.91 -49.60
N ARG CB 429 97.93 -16.74 -50.66
CA ARG CB 429 96.79 -17.61 -50.88
C ARG CB 429 97.23 -19.04 -51.15
N ARG CB 430 98.35 -19.22 -51.85
CA ARG CB 430 98.88 -20.56 -52.08
C ARG CB 430 99.28 -21.22 -50.76
N VAL CB 431 99.91 -20.45 -49.86
CA VAL CB 431 100.28 -21.00 -48.56
C VAL CB 431 99.05 -21.38 -47.75
N ILE CB 432 98.03 -20.51 -47.76
CA ILE CB 432 96.80 -20.80 -47.02
C ILE CB 432 96.14 -22.07 -47.58
N ALA CB 433 96.07 -22.17 -48.90
CA ALA CB 433 95.46 -23.33 -49.54
C ALA CB 433 96.24 -24.60 -49.21
N GLN CB 434 97.58 -24.52 -49.22
CA GLN CB 434 98.39 -25.69 -48.89
C GLN CB 434 98.18 -26.11 -47.44
N ARG CB 435 98.08 -25.14 -46.52
CA ARG CB 435 97.81 -25.47 -45.12
C ARG CB 435 96.45 -26.15 -44.97
N LEU CB 436 95.43 -25.63 -45.67
CA LEU CB 436 94.10 -26.24 -45.58
C LEU CB 436 94.09 -27.64 -46.16
N MET CB 437 94.79 -27.83 -47.29
CA MET CB 437 94.92 -29.16 -47.86
C MET CB 437 95.59 -30.11 -46.87
N GLN CB 438 96.70 -29.66 -46.26
CA GLN CB 438 97.40 -30.52 -45.31
C GLN CB 438 96.49 -30.89 -44.15
N SER CB 439 95.74 -29.93 -43.64
CA SER CB 439 94.81 -30.22 -42.55
C SER CB 439 93.78 -31.27 -42.96
N LYS CB 440 93.17 -31.09 -44.13
CA LYS CB 440 92.07 -31.99 -44.51
C LYS CB 440 92.56 -33.37 -44.90
N GLN CB 441 93.82 -33.50 -45.35
CA GLN CB 441 94.31 -34.84 -45.67
C GLN CB 441 94.98 -35.54 -44.49
N THR CB 442 95.51 -34.78 -43.51
CA THR CB 442 96.25 -35.41 -42.43
C THR CB 442 95.52 -35.40 -41.09
N ILE CB 443 94.36 -34.76 -41.00
CA ILE CB 443 93.60 -34.68 -39.75
C ILE CB 443 92.22 -35.28 -39.99
N PRO CB 444 91.87 -36.40 -39.35
CA PRO CB 444 90.52 -36.95 -39.50
C PRO CB 444 89.47 -36.17 -38.72
N HIS CB 445 88.95 -35.11 -39.32
CA HIS CB 445 87.99 -34.25 -38.64
C HIS CB 445 86.72 -35.00 -38.30
N TYR CB 446 86.14 -34.69 -37.15
CA TYR CB 446 84.75 -35.04 -36.86
C TYR CB 446 84.14 -33.94 -36.01
N TYR CB 447 82.85 -33.67 -36.24
CA TYR CB 447 82.23 -32.44 -35.77
C TYR CB 447 81.12 -32.76 -34.77
N LEU CB 448 81.09 -32.04 -33.65
CA LEU CB 448 80.05 -32.16 -32.65
C LEU CB 448 79.42 -30.79 -32.39
N SER CB 449 78.09 -30.72 -32.42
CA SER CB 449 77.38 -29.46 -32.30
C SER CB 449 76.46 -29.46 -31.10
N VAL CB 450 76.39 -28.34 -30.39
CA VAL CB 450 75.47 -28.14 -29.28
C VAL CB 450 74.89 -26.74 -29.35
N ASP CB 451 73.89 -26.50 -28.50
CA ASP CB 451 73.26 -25.20 -28.35
C ASP CB 451 73.48 -24.67 -26.93
N VAL CB 452 73.84 -23.39 -26.84
CA VAL CB 452 74.16 -22.75 -25.57
C VAL CB 452 73.19 -21.60 -25.35
N ASN CB 453 72.59 -21.56 -24.16
CA ASN CB 453 71.67 -20.49 -23.79
C ASN CB 453 72.49 -19.25 -23.44
N MET CB 454 72.18 -18.13 -24.08
CA MET CB 454 73.05 -16.97 -24.02
C MET CB 454 72.46 -15.82 -23.19
N GLY CB 455 71.31 -16.03 -22.55
CA GLY CB 455 70.66 -14.94 -21.84
C GLY CB 455 71.45 -14.44 -20.66
N GLU CB 456 71.99 -15.36 -19.86
CA GLU CB 456 72.80 -14.95 -18.71
C GLU CB 456 74.05 -14.22 -19.16
N VAL CB 457 74.68 -14.67 -20.23
CA VAL CB 457 75.86 -13.98 -20.76
C VAL CB 457 75.48 -12.58 -21.22
N LEU CB 458 74.33 -12.44 -21.88
CA LEU CB 458 73.90 -11.11 -22.32
C LEU CB 458 73.65 -10.19 -21.15
N LEU CB 459 73.00 -10.68 -20.10
CA LEU CB 459 72.75 -9.86 -18.92
C LEU CB 459 74.04 -9.44 -18.24
N VAL CB 460 74.96 -10.39 -18.05
CA VAL CB 460 76.24 -10.09 -17.42
C VAL CB 460 77.04 -9.12 -18.26
N ARG CB 461 77.01 -9.29 -19.58
CA ARG CB 461 77.74 -8.39 -20.47
C ARG CB 461 77.17 -6.99 -20.41
N LYS CB 462 75.84 -6.87 -20.35
CA LYS CB 462 75.23 -5.55 -20.23
C LYS CB 462 75.64 -4.87 -18.94
N GLU CB 463 75.61 -5.60 -17.82
CA GLU CB 463 76.01 -5.03 -16.54
C GLU CB 463 77.48 -4.61 -16.56
N LEU CB 464 78.35 -5.47 -17.10
CA LEU CB 464 79.77 -5.15 -17.16
C LEU CB 464 80.03 -3.94 -18.03
N ASN CB 465 79.37 -3.87 -19.19
CA ASN CB 465 79.52 -2.70 -20.06
C ASN CB 465 79.05 -1.43 -19.37
N LYS CB 466 77.95 -1.51 -18.61
CA LYS CB 466 77.47 -0.35 -17.88
C LYS CB 466 78.46 0.11 -16.83
N MET CB 467 79.03 -0.82 -16.05
CA MET CB 467 80.04 -0.44 -15.06
C MET CB 467 81.36 0.00 -15.69
N LEU CB 468 81.63 -0.40 -16.93
CA LEU CB 468 82.86 0.07 -17.57
C LEU CB 468 82.84 1.56 -17.89
N GLU CB 469 81.66 2.15 -18.08
CA GLU CB 469 81.52 3.60 -18.29
C GLU CB 469 82.34 4.07 -19.50
N GLY CB 470 82.38 3.25 -20.55
CA GLY CB 470 83.03 3.62 -21.79
C GLY CB 470 84.53 3.39 -21.82
N ARG CB 471 85.14 2.94 -20.72
CA ARG CB 471 86.57 2.66 -20.74
C ARG CB 471 86.89 1.51 -21.67
N SER CB 472 86.03 0.48 -21.69
CA SER CB 472 86.15 -0.63 -22.62
C SER CB 472 84.76 -1.15 -22.93
N LYS CB 473 84.69 -2.08 -23.88
CA LYS CB 473 83.44 -2.72 -24.26
C LYS CB 473 83.70 -4.21 -24.44
N ILE CB 474 82.94 -5.04 -23.73
CA ILE CB 474 83.10 -6.49 -23.86
C ILE CB 474 82.08 -7.02 -24.84
N SER CB 475 82.55 -7.80 -25.81
CA SER CB 475 81.69 -8.47 -26.78
C SER CB 475 81.43 -9.91 -26.36
N VAL CB 476 80.47 -10.53 -27.03
CA VAL CB 476 80.14 -11.92 -26.74
C VAL CB 476 81.31 -12.84 -27.06
N ASN CB 477 82.13 -12.46 -28.05
CA ASN CB 477 83.30 -13.26 -28.38
C ASN CB 477 84.30 -13.32 -27.24
N ASP CB 478 84.36 -12.27 -26.41
CA ASP CB 478 85.25 -12.32 -25.24
C ASP CB 478 84.78 -13.38 -24.24
N PHE CB 479 83.48 -13.44 -23.97
CA PHE CB 479 82.95 -14.50 -23.13
C PHE CB 479 83.23 -15.87 -23.74
N ILE CB 480 83.07 -15.98 -25.06
CA ILE CB 480 83.31 -17.25 -25.73
C ILE CB 480 84.77 -17.67 -25.58
N ILE CB 481 85.70 -16.71 -25.73
CA ILE CB 481 87.12 -17.02 -25.61
C ILE CB 481 87.45 -17.45 -24.19
N LYS CB 482 86.91 -16.73 -23.19
CA LYS CB 482 87.18 -17.10 -21.81
C LYS CB 482 86.63 -18.49 -21.48
N ALA CB 483 85.41 -18.78 -21.94
CA ALA CB 483 84.82 -20.09 -21.70
C ALA CB 483 85.61 -21.19 -22.39
N SER CB 484 86.08 -20.93 -23.61
CA SER CB 484 86.88 -21.90 -24.33
C SER CB 484 88.19 -22.18 -23.61
N ALA CB 485 88.84 -21.13 -23.09
CA ALA CB 485 90.08 -21.32 -22.37
C ALA CB 485 89.87 -22.13 -21.09
N LEU CB 486 88.81 -21.81 -20.34
CA LEU CB 486 88.55 -22.56 -19.11
C LEU CB 486 88.18 -24.01 -19.41
N ALA CB 487 87.40 -24.25 -20.47
CA ALA CB 487 87.06 -25.61 -20.85
C ALA CB 487 88.30 -26.38 -21.31
N CYS CB 488 89.22 -25.69 -21.99
CA CYS CB 488 90.48 -26.33 -22.36
C CYS CB 488 91.31 -26.69 -21.14
N LEU CB 489 91.29 -25.84 -20.12
CA LEU CB 489 91.95 -26.19 -18.87
C LEU CB 489 91.32 -27.43 -18.23
N LYS CB 490 89.99 -27.48 -18.22
CA LYS CB 490 89.30 -28.62 -17.59
C LYS CB 490 89.52 -29.91 -18.37
N VAL CB 491 89.58 -29.82 -19.69
CA VAL CB 491 89.76 -31.00 -20.55
C VAL CB 491 90.98 -30.76 -21.42
N PRO CB 492 92.19 -31.10 -20.93
CA PRO CB 492 93.40 -30.75 -21.69
C PRO CB 492 93.59 -31.52 -22.98
N GLU CB 493 92.77 -32.56 -23.25
CA GLU CB 493 92.92 -33.30 -24.50
C GLU CB 493 92.64 -32.42 -25.70
N ALA CB 494 91.64 -31.53 -25.59
CA ALA CB 494 91.39 -30.57 -26.66
C ALA CB 494 92.51 -29.56 -26.81
N ASN CB 495 93.41 -29.46 -25.83
CA ASN CB 495 94.56 -28.60 -25.89
C ASN CB 495 95.85 -29.36 -26.18
N SER CB 496 95.78 -30.36 -27.05
CA SER CB 496 96.92 -31.18 -27.41
C SER CB 496 97.23 -31.04 -28.89
N SER CB 497 98.29 -31.72 -29.31
CA SER CB 497 98.73 -31.73 -30.70
C SER CB 497 99.35 -33.09 -31.01
N TRP CB 498 99.11 -33.56 -32.23
CA TRP CB 498 99.63 -34.85 -32.68
C TRP CB 498 100.93 -34.62 -33.45
N LEU CB 499 102.00 -35.26 -32.99
CA LEU CB 499 103.33 -35.07 -33.56
C LEU CB 499 103.90 -36.39 -34.09
N ASP CB 500 103.01 -37.37 -34.30
CA ASP CB 500 103.32 -38.63 -34.96
C ASP CB 500 104.17 -39.55 -34.10
N THR CB 501 104.67 -39.05 -32.98
CA THR CB 501 105.39 -39.87 -32.01
C THR CB 501 104.87 -39.70 -30.59
N VAL CB 502 104.51 -38.47 -30.22
CA VAL CB 502 103.93 -38.17 -28.91
C VAL CB 502 102.77 -37.22 -29.10
N ILE CB 503 101.91 -37.15 -28.08
CA ILE CB 503 100.80 -36.21 -28.06
C ILE CB 503 101.18 -35.07 -27.12
N ARG CB 504 101.53 -33.93 -27.70
CA ARG CB 504 101.98 -32.78 -26.92
C ARG CB 504 100.78 -32.12 -26.27
N GLN CB 505 100.69 -32.22 -24.95
CA GLN CB 505 99.56 -31.67 -24.20
C GLN CB 505 99.94 -30.30 -23.64
N ASN CB 506 99.53 -29.24 -24.32
CA ASN CB 506 99.93 -27.90 -23.90
C ASN CB 506 99.26 -27.53 -22.59
N HIS CB 507 100.06 -26.99 -21.66
CA HIS CB 507 99.57 -26.54 -20.37
C HIS CB 507 99.10 -25.09 -20.37
N VAL CB 508 99.38 -24.35 -21.43
CA VAL CB 508 98.89 -22.99 -21.60
C VAL CB 508 97.89 -22.96 -22.73
N VAL CB 509 96.97 -22.01 -22.68
CA VAL CB 509 95.89 -21.90 -23.68
C VAL CB 509 96.12 -20.61 -24.43
N ASP CB 510 96.58 -20.72 -25.68
CA ASP CB 510 96.75 -19.58 -26.58
C ASP CB 510 95.67 -19.70 -27.65
N ILE CB 511 94.66 -18.84 -27.56
CA ILE CB 511 93.48 -18.94 -28.42
C ILE CB 511 93.72 -18.13 -29.69
N SER CB 512 93.87 -18.81 -30.81
CA SER CB 512 93.81 -18.14 -32.09
C SER CB 512 92.37 -17.72 -32.38
N VAL CB 513 92.20 -16.52 -32.90
CA VAL CB 513 90.88 -15.98 -33.21
C VAL CB 513 90.83 -15.66 -34.69
N ALA CB 514 89.87 -16.25 -35.40
CA ALA CB 514 89.75 -16.02 -36.83
C ALA CB 514 89.24 -14.61 -37.08
N VAL CB 515 89.94 -13.87 -37.93
CA VAL CB 515 89.58 -12.52 -38.31
C VAL CB 515 89.59 -12.45 -39.83
N SER CB 516 88.52 -11.91 -40.41
CA SER CB 516 88.43 -11.74 -41.85
C SER CB 516 88.88 -10.34 -42.24
N THR CB 517 89.82 -10.27 -43.18
CA THR CB 517 90.40 -9.04 -43.70
C THR CB 517 90.31 -9.10 -45.21
N PRO CB 518 90.44 -7.96 -45.89
CA PRO CB 518 90.38 -7.99 -47.36
C PRO CB 518 91.41 -8.88 -48.00
N ALA CB 519 92.52 -9.18 -47.31
CA ALA CB 519 93.54 -10.07 -47.83
C ALA CB 519 93.28 -11.54 -47.52
N GLY CB 520 92.26 -11.85 -46.72
CA GLY CB 520 91.92 -13.21 -46.39
C GLY CB 520 91.65 -13.43 -44.92
N LEU CB 521 91.77 -14.68 -44.51
CA LEU CB 521 91.55 -15.03 -43.11
C LEU CB 521 92.88 -15.11 -42.36
N ILE CB 522 92.95 -14.46 -41.21
CA ILE CB 522 94.15 -14.49 -40.38
C ILE CB 522 93.74 -14.85 -38.97
N THR CB 523 94.72 -15.31 -38.17
CA THR CB 523 94.46 -15.85 -36.83
C THR CB 523 95.39 -15.22 -35.80
N PRO CB 524 95.11 -13.99 -35.37
CA PRO CB 524 95.85 -13.43 -34.24
C PRO CB 524 95.59 -14.25 -32.98
N ILE CB 525 96.62 -14.37 -32.15
CA ILE CB 525 96.61 -15.26 -30.99
C ILE CB 525 96.51 -14.43 -29.72
N VAL CB 526 95.50 -14.73 -28.91
CA VAL CB 526 95.40 -14.19 -27.55
C VAL CB 526 96.12 -15.21 -26.66
N PHE CB 527 97.29 -14.81 -26.15
CA PHE CB 527 98.09 -15.70 -25.33
C PHE CB 527 97.58 -15.72 -23.90
N ASN CB 528 97.66 -16.88 -23.25
CA ASN CB 528 97.28 -17.05 -21.86
C ASN CB 528 95.85 -16.57 -21.60
N ALA CB 529 94.94 -16.97 -22.49
CA ALA CB 529 93.54 -16.62 -22.32
C ALA CB 529 92.93 -17.32 -21.11
N HIS CB 530 93.60 -18.34 -20.59
CA HIS CB 530 93.08 -19.05 -19.42
C HIS CB 530 93.29 -18.23 -18.15
N ILE CB 531 94.22 -17.27 -18.17
CA ILE CB 531 94.46 -16.43 -17.01
C ILE CB 531 94.13 -14.97 -17.26
N LYS CB 532 93.99 -14.55 -18.52
CA LYS CB 532 93.59 -13.18 -18.82
C LYS CB 532 92.13 -12.95 -18.44
N GLY CB 533 91.82 -11.73 -18.03
CA GLY CB 533 90.45 -11.39 -17.72
C GLY CB 533 89.65 -10.98 -18.94
N LEU CB 534 88.36 -10.72 -18.73
CA LEU CB 534 87.49 -10.36 -19.84
C LEU CB 534 87.89 -9.02 -20.46
N GLU CB 535 88.24 -8.03 -19.62
CA GLU CB 535 88.71 -6.76 -20.14
C GLU CB 535 90.00 -6.92 -20.92
N THR CB 536 90.95 -7.67 -20.37
CA THR CB 536 92.21 -7.90 -21.08
C THR CB 536 91.99 -8.64 -22.39
N ILE CB 537 91.10 -9.64 -22.38
CA ILE CB 537 90.81 -10.38 -23.61
C ILE CB 537 90.19 -9.46 -24.65
N ALA CB 538 89.23 -8.63 -24.23
CA ALA CB 538 88.57 -7.73 -25.17
C ALA CB 538 89.56 -6.73 -25.77
N ASN CB 539 90.41 -6.14 -24.92
CA ASN CB 539 91.38 -5.17 -25.41
C ASN CB 539 92.39 -5.83 -26.35
N ASP CB 540 92.86 -7.02 -25.99
CA ASP CB 540 93.81 -7.74 -26.85
C ASP CB 540 93.17 -8.08 -28.19
N VAL CB 541 91.92 -8.53 -28.18
CA VAL CB 541 91.23 -8.88 -29.42
C VAL CB 541 91.05 -7.65 -30.28
N VAL CB 542 90.66 -6.52 -29.69
CA VAL CB 542 90.48 -5.30 -30.47
C VAL CB 542 91.80 -4.86 -31.09
N SER CB 543 92.87 -4.86 -30.30
CA SER CB 543 94.18 -4.43 -30.81
C SER CB 543 94.66 -5.35 -31.92
N LEU CB 544 94.54 -6.66 -31.73
CA LEU CB 544 95.02 -7.61 -32.72
C LEU CB 544 94.16 -7.56 -33.98
N ALA CB 545 92.85 -7.33 -33.84
CA ALA CB 545 92.00 -7.21 -35.02
C ALA CB 545 92.34 -5.96 -35.81
N THR CB 546 92.60 -4.84 -35.13
CA THR CB 546 93.03 -3.64 -35.83
C THR CB 546 94.35 -3.87 -36.55
N LYS CB 547 95.30 -4.54 -35.89
CA LYS CB 547 96.58 -4.84 -36.52
C LYS CB 547 96.40 -5.74 -37.72
N ALA CB 548 95.51 -6.72 -37.64
CA ALA CB 548 95.26 -7.62 -38.76
C ALA CB 548 94.63 -6.88 -39.93
N ARG CB 549 93.63 -6.03 -39.65
CA ARG CB 549 92.97 -5.30 -40.71
C ARG CB 549 93.92 -4.32 -41.39
N GLU CB 550 94.80 -3.68 -40.63
CA GLU CB 550 95.76 -2.75 -41.22
C GLU CB 550 97.05 -3.41 -41.69
N GLY CB 551 97.20 -4.73 -41.49
CA GLY CB 551 98.29 -5.46 -42.10
C GLY CB 551 99.64 -5.33 -41.42
N LYS CB 552 99.67 -5.11 -40.10
CA LYS CB 552 100.93 -5.05 -39.38
C LYS CB 552 101.16 -6.20 -38.42
N LEU CB 553 100.49 -7.34 -38.61
CA LEU CB 553 100.69 -8.46 -37.70
C LEU CB 553 102.07 -9.07 -37.91
N GLN CB 554 102.79 -9.26 -36.81
CA GLN CB 554 104.06 -9.96 -36.84
C GLN CB 554 103.82 -11.47 -36.91
N PRO CB 555 104.76 -12.22 -37.49
CA PRO CB 555 104.57 -13.68 -37.62
C PRO CB 555 104.32 -14.39 -36.30
N HIS CB 556 104.98 -13.95 -35.22
CA HIS CB 556 104.77 -14.60 -33.93
C HIS CB 556 103.39 -14.29 -33.35
N GLU CB 557 102.72 -13.25 -33.83
CA GLU CB 557 101.40 -12.88 -33.33
C GLU CB 557 100.27 -13.66 -33.98
N PHE CB 558 100.54 -14.43 -35.03
CA PHE CB 558 99.52 -15.27 -35.64
C PHE CB 558 99.98 -16.68 -35.96
N GLN CB 559 101.22 -17.03 -35.70
CA GLN CB 559 101.71 -18.40 -35.89
C GLN CB 559 101.76 -19.11 -34.54
N GLY CB 560 101.18 -20.31 -34.49
CA GLY CB 560 101.17 -21.08 -33.26
C GLY CB 560 99.77 -21.28 -32.72
N GLY CB 561 99.62 -21.14 -31.40
CA GLY CB 561 98.34 -21.34 -30.76
C GLY CB 561 98.07 -22.80 -30.44
N THR CB 562 97.12 -23.01 -29.54
CA THR CB 562 96.72 -24.36 -29.13
C THR CB 562 95.25 -24.66 -29.40
N PHE CB 563 94.42 -23.64 -29.58
CA PHE CB 563 93.00 -23.82 -29.82
C PHE CB 563 92.51 -22.62 -30.61
N THR CB 564 91.64 -22.86 -31.58
CA THR CB 564 91.18 -21.82 -32.50
C THR CB 564 89.69 -21.60 -32.33
N ILE CB 565 89.27 -20.35 -32.46
CA ILE CB 565 87.86 -19.97 -32.43
C ILE CB 565 87.55 -19.17 -33.68
N SER CB 566 86.58 -19.65 -34.46
CA SER CB 566 86.12 -18.96 -35.66
C SER CB 566 84.65 -18.62 -35.47
N ASN CB 567 84.33 -17.33 -35.44
CA ASN CB 567 82.99 -16.85 -35.15
C ASN CB 567 82.43 -16.21 -36.41
N LEU CB 568 81.30 -16.71 -36.89
CA LEU CB 568 80.60 -16.13 -38.03
C LEU CB 568 79.17 -15.74 -37.69
N GLY CB 569 78.88 -15.51 -36.41
CA GLY CB 569 77.53 -15.15 -36.02
C GLY CB 569 77.13 -13.76 -36.50
N MET CB 570 78.12 -12.88 -36.67
CA MET CB 570 77.83 -11.53 -37.14
C MET CB 570 77.36 -11.53 -38.60
N PHE CB 571 77.56 -12.62 -39.32
CA PHE CB 571 77.12 -12.73 -40.71
C PHE CB 571 75.81 -13.51 -40.85
N GLY CB 572 75.19 -13.90 -39.74
CA GLY CB 572 73.90 -14.56 -39.81
C GLY CB 572 73.96 -16.07 -40.00
N ILE CB 573 75.13 -16.68 -39.89
CA ILE CB 573 75.24 -18.12 -40.04
C ILE CB 573 74.67 -18.81 -38.81
N LYS CB 574 73.74 -19.75 -39.03
CA LYS CB 574 73.18 -20.50 -37.90
C LYS CB 574 74.23 -21.38 -37.25
N ASN CB 575 74.94 -22.16 -38.06
CA ASN CB 575 76.09 -22.93 -37.58
C ASN CB 575 76.93 -23.33 -38.78
N PHE CB 576 78.17 -23.73 -38.51
CA PHE CB 576 79.06 -24.16 -39.58
C PHE CB 576 80.15 -25.04 -39.00
N SER CB 577 80.82 -25.78 -39.89
CA SER CB 577 81.91 -26.68 -39.52
C SER CB 577 83.20 -26.13 -40.13
N ALA CB 578 84.20 -25.89 -39.30
CA ALA CB 578 85.44 -25.28 -39.76
C ALA CB 578 86.51 -26.34 -39.99
N ILE CB 579 87.66 -25.88 -40.48
CA ILE CB 579 88.80 -26.74 -40.72
C ILE CB 579 89.83 -26.51 -39.63
N ILE CB 580 90.33 -27.60 -39.04
CA ILE CB 580 91.28 -27.49 -37.95
C ILE CB 580 92.59 -26.87 -38.47
N ASN CB 581 93.07 -25.85 -37.75
CA ASN CB 581 94.33 -25.21 -38.10
C ASN CB 581 95.47 -26.03 -37.52
N PRO CB 582 96.35 -26.57 -38.36
CA PRO CB 582 97.42 -27.43 -37.85
C PRO CB 582 98.45 -26.64 -37.08
N PRO CB 583 99.14 -27.27 -36.12
CA PRO CB 583 99.01 -28.67 -35.69
C PRO CB 583 98.05 -28.85 -34.52
N GLN CB 584 97.09 -27.94 -34.35
CA GLN CB 584 96.17 -28.03 -33.24
C GLN CB 584 95.22 -29.21 -33.41
N ALA CB 585 94.48 -29.51 -32.34
CA ALA CB 585 93.60 -30.67 -32.33
C ALA CB 585 92.12 -30.33 -32.44
N CYS CB 586 91.75 -29.06 -32.27
CA CYS CB 586 90.35 -28.68 -32.29
C CYS CB 586 90.20 -27.26 -32.83
N ILE CB 587 88.97 -26.93 -33.22
CA ILE CB 587 88.58 -25.57 -33.60
C ILE CB 587 87.10 -25.41 -33.30
N LEU CB 588 86.74 -24.33 -32.63
CA LEU CB 588 85.37 -24.06 -32.24
C LEU CB 588 84.74 -23.10 -33.24
N ALA CB 589 83.70 -23.55 -33.93
CA ALA CB 589 82.97 -22.75 -34.89
C ALA CB 589 81.71 -22.23 -34.23
N VAL CB 590 81.54 -20.91 -34.21
CA VAL CB 590 80.45 -20.24 -33.50
C VAL CB 590 79.53 -19.61 -34.54
N GLY CB 591 78.23 -19.87 -34.39
CA GLY CB 591 77.22 -19.29 -35.27
C GLY CB 591 76.47 -18.16 -34.60
N ALA CB 592 75.37 -17.77 -35.24
CA ALA CB 592 74.57 -16.66 -34.76
C ALA CB 592 73.71 -17.06 -33.57
N SER CB 593 73.40 -16.08 -32.73
CA SER CB 593 72.48 -16.29 -31.63
C SER CB 593 71.08 -15.82 -32.02
N GLU CB 594 70.10 -16.70 -31.83
CA GLU CB 594 68.73 -16.43 -32.27
C GLU CB 594 67.76 -16.80 -31.16
N ASP CB 595 66.58 -16.18 -31.18
CA ASP CB 595 65.56 -16.42 -30.19
C ASP CB 595 64.75 -17.65 -30.58
N ARG CB 596 64.60 -18.59 -29.65
CA ARG CB 596 63.86 -19.82 -29.89
C ARG CB 596 62.91 -20.09 -28.73
N LEU CB 597 61.74 -20.64 -29.06
CA LEU CB 597 60.75 -20.97 -28.05
C LEU CB 597 61.09 -22.32 -27.41
N PHE CB 598 60.88 -22.40 -26.09
CA PHE CB 598 61.18 -23.63 -25.37
C PHE CB 598 60.09 -23.90 -24.34
N PRO CB 599 59.76 -25.16 -24.10
CA PRO CB 599 58.74 -25.48 -23.10
C PRO CB 599 59.15 -25.02 -21.71
N ALA CB 600 58.18 -24.56 -20.94
CA ALA CB 600 58.41 -24.10 -19.57
C ALA CB 600 57.17 -24.37 -18.74
N ASP CB 601 57.37 -24.48 -17.43
CA ASP CB 601 56.28 -24.74 -16.50
C ASP CB 601 55.66 -23.42 -16.05
N ASN CB 602 55.06 -22.73 -17.01
CA ASN CB 602 54.38 -21.47 -16.76
C ASN CB 602 53.01 -21.48 -17.42
N GLU CB 603 52.27 -20.39 -17.21
CA GLU CB 603 50.91 -20.31 -17.76
C GLU CB 603 50.91 -20.36 -19.28
N LYS CB 604 51.82 -19.62 -19.93
CA LYS CB 604 51.88 -19.62 -21.38
C LYS CB 604 52.35 -20.95 -21.95
N GLY CB 605 53.04 -21.77 -21.15
CA GLY CB 605 53.54 -23.04 -21.62
C GLY CB 605 54.88 -22.97 -22.34
N PHE CB 606 55.46 -21.78 -22.48
CA PHE CB 606 56.73 -21.65 -23.18
C PHE CB 606 57.45 -20.39 -22.71
N ASP CB 607 58.74 -20.34 -23.04
CA ASP CB 607 59.59 -19.18 -22.78
C ASP CB 607 60.42 -18.89 -24.01
N VAL CB 608 61.05 -17.72 -24.02
CA VAL CB 608 61.90 -17.28 -25.11
C VAL CB 608 63.33 -17.17 -24.58
N ALA CB 609 64.24 -17.91 -25.21
CA ALA CB 609 65.65 -17.92 -24.82
C ALA CB 609 66.51 -17.74 -26.05
N SER CB 610 67.54 -16.91 -25.92
CA SER CB 610 68.47 -16.67 -27.03
C SER CB 610 69.57 -17.71 -26.98
N MET CB 611 69.52 -18.67 -27.89
CA MET CB 611 70.52 -19.72 -27.97
C MET CB 611 71.48 -19.47 -29.12
N MET CB 612 72.72 -19.92 -28.95
CA MET CB 612 73.75 -19.86 -29.98
C MET CB 612 74.30 -21.27 -30.18
N SER CB 613 74.39 -21.68 -31.44
CA SER CB 613 74.82 -23.03 -31.77
C SER CB 613 76.32 -23.03 -32.05
N VAL CB 614 77.04 -23.91 -31.37
CA VAL CB 614 78.49 -24.01 -31.55
C VAL CB 614 78.84 -25.42 -32.00
N THR CB 615 79.73 -25.49 -32.98
CA THR CB 615 80.19 -26.75 -33.56
C THR CB 615 81.69 -26.86 -33.39
N LEU CB 616 82.13 -27.85 -32.62
CA LEU CB 616 83.55 -28.11 -32.40
C LEU CB 616 84.01 -29.21 -33.35
N SER CB 617 85.02 -28.90 -34.16
CA SER CB 617 85.63 -29.88 -35.04
C SER CB 617 86.89 -30.41 -34.37
N CYS CB 618 86.96 -31.73 -34.21
CA CYS CB 618 88.01 -32.36 -33.43
C CYS CB 618 88.79 -33.34 -34.28
N ASP CB 619 90.09 -33.43 -33.99
CA ASP CB 619 90.97 -34.46 -34.55
C ASP CB 619 90.73 -35.76 -33.80
N HIS CB 620 90.22 -36.77 -34.50
CA HIS CB 620 89.85 -38.01 -33.84
C HIS CB 620 91.06 -38.82 -33.39
N ARG CB 621 92.27 -38.47 -33.82
CA ARG CB 621 93.45 -39.15 -33.31
C ARG CB 621 93.73 -38.77 -31.85
N VAL CB 622 93.44 -37.54 -31.47
CA VAL CB 622 93.71 -37.05 -30.12
C VAL CB 622 92.44 -36.99 -29.28
N VAL CB 623 91.37 -36.43 -29.82
CA VAL CB 623 90.13 -36.20 -29.09
C VAL CB 623 89.09 -37.18 -29.63
N ASP CB 624 88.66 -38.12 -28.79
CA ASP CB 624 87.58 -39.00 -29.19
C ASP CB 624 86.23 -38.36 -28.86
N GLY CB 625 85.15 -39.09 -29.19
CA GLY CB 625 83.82 -38.51 -29.07
C GLY CB 625 83.47 -38.13 -27.64
N ALA CB 626 83.78 -39.00 -26.68
CA ALA CB 626 83.45 -38.70 -25.29
C ALA CB 626 84.20 -37.48 -24.79
N VAL CB 627 85.48 -37.35 -25.15
CA VAL CB 627 86.26 -36.20 -24.71
C VAL CB 627 85.74 -34.92 -25.35
N GLY CB 628 85.43 -34.95 -26.63
CA GLY CB 628 84.87 -33.77 -27.27
C GLY CB 628 83.54 -33.37 -26.67
N ALA CB 629 82.69 -34.35 -26.37
CA ALA CB 629 81.42 -34.06 -25.73
C ALA CB 629 81.61 -33.47 -24.35
N GLN CB 630 82.58 -33.99 -23.59
CA GLN CB 630 82.87 -33.43 -22.26
C GLN CB 630 83.33 -31.98 -22.37
N TRP CB 631 84.20 -31.70 -23.35
CA TRP CB 631 84.66 -30.33 -23.55
C TRP CB 631 83.48 -29.41 -23.86
N LEU CB 632 82.60 -29.85 -24.76
CA LEU CB 632 81.45 -29.03 -25.11
C LEU CB 632 80.52 -28.83 -23.92
N ALA CB 633 80.38 -29.86 -23.07
CA ALA CB 633 79.56 -29.72 -21.87
C ALA CB 633 80.13 -28.70 -20.92
N GLU CB 634 81.44 -28.73 -20.69
CA GLU CB 634 82.06 -27.73 -19.81
C GLU CB 634 81.92 -26.33 -20.40
N PHE CB 635 82.12 -26.19 -21.71
CA PHE CB 635 81.97 -24.89 -22.37
C PHE CB 635 80.54 -24.37 -22.21
N ARG CB 636 79.57 -25.24 -22.41
CA ARG CB 636 78.17 -24.85 -22.28
C ARG CB 636 77.84 -24.44 -20.85
N LYS CB 637 78.36 -25.19 -19.87
CA LYS CB 637 78.11 -24.83 -18.48
C LYS CB 637 78.71 -23.47 -18.15
N TYR CB 638 79.94 -23.22 -18.60
CA TYR CB 638 80.58 -21.95 -18.34
C TYR CB 638 79.79 -20.79 -18.94
N LEU CB 639 79.30 -20.96 -20.17
CA LEU CB 639 78.55 -19.87 -20.78
C LEU CB 639 77.16 -19.71 -20.18
N GLU CB 640 76.50 -20.80 -19.80
CA GLU CB 640 75.16 -20.68 -19.24
C GLU CB 640 75.16 -20.13 -17.82
N LYS CB 641 76.26 -20.27 -17.09
CA LYS CB 641 76.42 -19.63 -15.78
C LYS CB 641 77.75 -18.89 -15.76
N PRO CB 642 77.76 -17.60 -16.13
CA PRO CB 642 79.02 -16.87 -16.21
C PRO CB 642 79.75 -16.76 -14.89
N ILE CB 643 79.04 -16.74 -13.77
CA ILE CB 643 79.69 -16.63 -12.47
C ILE CB 643 80.59 -17.84 -12.21
N THR CB 644 80.33 -18.96 -12.88
CA THR CB 644 81.18 -20.13 -12.74
C THR CB 644 82.54 -19.95 -13.41
N MET CB 645 82.74 -18.91 -14.22
CA MET CB 645 84.08 -18.62 -14.70
C MET CB 645 84.98 -18.07 -13.61
N LEU CB 646 84.43 -17.70 -12.46
CA LEU CB 646 85.25 -17.30 -11.31
C LEU CB 646 85.94 -18.47 -10.64
N LEU CB 647 85.49 -19.70 -10.90
CA LEU CB 647 86.09 -20.88 -10.29
C LEU CB 647 87.48 -21.15 -10.87
N PHE DB 420 64.16 -59.18 67.38
CA PHE DB 420 65.02 -58.04 67.06
C PHE DB 420 66.39 -58.48 66.57
N THR DB 421 67.17 -57.53 66.07
CA THR DB 421 68.52 -57.77 65.60
C THR DB 421 69.44 -56.68 66.14
N ASP DB 422 70.55 -57.08 66.74
CA ASP DB 422 71.51 -56.15 67.31
C ASP DB 422 72.60 -55.87 66.28
N ILE DB 423 72.60 -54.67 65.72
CA ILE DB 423 73.60 -54.26 64.73
C ILE DB 423 74.74 -53.58 65.47
N PRO DB 424 75.97 -54.09 65.39
CA PRO DB 424 77.09 -53.46 66.08
C PRO DB 424 77.32 -52.03 65.58
N ILE DB 425 77.72 -51.15 66.49
CA ILE DB 425 77.98 -49.76 66.15
C ILE DB 425 79.43 -49.62 65.69
N SER DB 426 79.63 -49.10 64.48
CA SER DB 426 80.96 -48.87 63.98
C SER DB 426 81.60 -47.70 64.71
N ASN DB 427 82.94 -47.61 64.60
CA ASN DB 427 83.66 -46.52 65.25
C ASN DB 427 83.31 -45.18 64.60
N ILE DB 428 83.08 -45.16 63.29
CA ILE DB 428 82.68 -43.93 62.62
C ILE DB 428 81.33 -43.46 63.15
N ARG DB 429 80.38 -44.39 63.29
CA ARG DB 429 79.08 -44.03 63.83
C ARG DB 429 79.19 -43.59 65.28
N ARG DB 430 80.08 -44.21 66.05
CA ARG DB 430 80.30 -43.79 67.43
C ARG DB 430 80.83 -42.36 67.48
N VAL DB 431 81.77 -42.03 66.59
CA VAL DB 431 82.30 -40.67 66.54
C VAL DB 431 81.22 -39.67 66.17
N ILE DB 432 80.39 -40.01 65.17
CA ILE DB 432 79.32 -39.12 64.76
C ILE DB 432 78.33 -38.91 65.91
N ALA DB 433 77.97 -39.99 66.58
CA ALA DB 433 77.04 -39.90 67.71
C ALA DB 433 77.62 -39.06 68.84
N GLN DB 434 78.92 -39.23 69.12
CA GLN DB 434 79.55 -38.44 70.17
C GLN DB 434 79.58 -36.96 69.81
N ARG DB 435 79.85 -36.64 68.53
CA ARG DB 435 79.82 -35.25 68.10
C ARG DB 435 78.42 -34.66 68.25
N LEU DB 436 77.39 -35.42 67.86
CA LEU DB 436 76.03 -34.91 67.98
C LEU DB 436 75.64 -34.72 69.44
N MET DB 437 76.03 -35.66 70.30
CA MET DB 437 75.80 -35.50 71.73
C MET DB 437 76.48 -34.24 72.25
N GLN DB 438 77.75 -34.04 71.88
CA GLN DB 438 78.46 -32.86 72.35
C GLN DB 438 77.77 -31.59 71.90
N SER DB 439 77.32 -31.55 70.64
CA SER DB 439 76.61 -30.39 70.14
C SER DB 439 75.34 -30.12 70.94
N LYS DB 440 74.54 -31.16 71.18
CA LYS DB 440 73.25 -30.94 71.83
C LYS DB 440 73.38 -30.64 73.31
N GLN DB 441 74.47 -31.07 73.96
CA GLN DB 441 74.63 -30.72 75.37
C GLN DB 441 75.39 -29.42 75.59
N THR DB 442 76.24 -29.01 74.64
CA THR DB 442 77.07 -27.83 74.86
C THR DB 442 76.65 -26.62 74.04
N ILE DB 443 75.67 -26.75 73.16
CA ILE DB 443 75.21 -25.63 72.31
C ILE DB 443 73.73 -25.42 72.57
N PRO DB 444 73.33 -24.28 73.13
CA PRO DB 444 71.89 -24.00 73.31
C PRO DB 444 71.19 -23.62 72.02
N HIS DB 445 70.76 -24.62 71.26
CA HIS DB 445 70.14 -24.37 69.96
C HIS DB 445 68.85 -23.59 70.10
N TYR DB 446 68.59 -22.70 69.16
CA TYR DB 446 67.26 -22.15 68.96
C TYR DB 446 67.05 -21.90 67.47
N TYR DB 447 65.81 -22.12 67.02
CA TYR DB 447 65.53 -22.27 65.59
C TYR DB 447 64.62 -21.14 65.11
N LEU DB 448 64.96 -20.54 63.98
CA LEU DB 448 64.15 -19.52 63.34
C LEU DB 448 63.85 -19.92 61.89
N SER DB 449 62.58 -19.86 61.50
CA SER DB 449 62.16 -20.32 60.19
C SER DB 449 61.52 -19.19 59.40
N VAL DB 450 61.81 -19.14 58.09
CA VAL DB 450 61.19 -18.20 57.18
C VAL DB 450 60.87 -18.90 55.87
N ASP DB 451 60.14 -18.19 55.01
CA ASP DB 451 59.81 -18.65 53.68
C ASP DB 451 60.41 -17.72 52.63
N VAL DB 452 61.01 -18.31 51.60
CA VAL DB 452 61.70 -17.56 50.55
C VAL DB 452 61.03 -17.85 49.22
N ASN DB 453 60.70 -16.80 48.48
CA ASN DB 453 60.10 -16.93 47.16
C ASN DB 453 61.18 -17.31 46.17
N MET DB 454 60.96 -18.40 45.43
CA MET DB 454 62.02 -19.00 44.65
C MET DB 454 61.84 -18.81 43.14
N GLY DB 455 60.83 -18.04 42.72
CA GLY DB 455 60.55 -17.92 41.30
C GLY DB 455 61.65 -17.22 40.53
N GLU DB 456 62.17 -16.12 41.08
CA GLU DB 456 63.26 -15.41 40.43
C GLU DB 456 64.50 -16.28 40.33
N VAL DB 457 64.80 -17.04 41.39
CA VAL DB 457 65.94 -17.94 41.35
C VAL DB 457 65.74 -19.00 40.27
N LEU DB 458 64.53 -19.54 40.16
CA LEU DB 458 64.26 -20.54 39.13
C LEU DB 458 64.45 -19.97 37.73
N LEU DB 459 63.94 -18.75 37.50
CA LEU DB 459 64.09 -18.13 36.19
C LEU DB 459 65.57 -17.87 35.86
N VAL DB 460 66.31 -17.31 36.83
CA VAL DB 460 67.72 -17.03 36.61
C VAL DB 460 68.50 -18.33 36.38
N ARG DB 461 68.16 -19.37 37.13
CA ARG DB 461 68.84 -20.66 36.97
C ARG DB 461 68.56 -21.25 35.61
N LYS DB 462 67.32 -21.15 35.12
CA LYS DB 462 67.00 -21.64 33.79
C LYS DB 462 67.79 -20.90 32.72
N GLU DB 463 67.86 -19.56 32.83
CA GLU DB 463 68.61 -18.78 31.85
C GLU DB 463 70.10 -19.14 31.90
N LEU DB 464 70.66 -19.26 33.10
CA LEU DB 464 72.07 -19.60 33.23
C LEU DB 464 72.36 -20.98 32.68
N ASN DB 465 71.50 -21.95 32.97
CA ASN DB 465 71.69 -23.30 32.43
C ASN DB 465 71.60 -23.30 30.91
N LYS DB 466 70.68 -22.51 30.34
CA LYS DB 466 70.59 -22.41 28.89
C LYS DB 466 71.85 -21.82 28.28
N MET DB 467 72.39 -20.75 28.86
CA MET DB 467 73.64 -20.18 28.34
C MET DB 467 74.85 -21.06 28.61
N LEU DB 468 74.77 -21.95 29.59
CA LEU DB 468 75.90 -22.85 29.82
C LEU DB 468 76.11 -23.86 28.69
N GLU DB 469 75.04 -24.21 27.96
CA GLU DB 469 75.14 -25.11 26.79
C GLU DB 469 75.76 -26.46 27.17
N GLY DB 470 75.42 -26.95 28.36
CA GLY DB 470 75.87 -28.26 28.80
C GLY DB 470 77.24 -28.32 29.40
N ARG DB 471 77.98 -27.21 29.44
CA ARG DB 471 79.30 -27.21 30.06
C ARG DB 471 79.21 -27.47 31.55
N SER DB 472 78.19 -26.90 32.20
CA SER DB 472 77.91 -27.15 33.61
C SER DB 472 76.41 -27.01 33.83
N LYS DB 473 75.98 -27.39 35.04
CA LYS DB 473 74.58 -27.29 35.44
C LYS DB 473 74.53 -26.72 36.84
N ILE DB 474 73.80 -25.62 37.01
CA ILE DB 474 73.65 -25.01 38.33
C ILE DB 474 72.36 -25.50 38.97
N SER DB 475 72.46 -25.98 40.20
CA SER DB 475 71.30 -26.41 40.97
C SER DB 475 70.87 -25.30 41.94
N VAL DB 476 69.69 -25.49 42.53
CA VAL DB 476 69.18 -24.52 43.49
C VAL DB 476 70.08 -24.45 44.72
N ASN DB 477 70.73 -25.57 45.07
CA ASN DB 477 71.63 -25.56 46.21
C ASN DB 477 72.82 -24.64 45.99
N ASP DB 478 73.24 -24.45 44.74
CA ASP DB 478 74.33 -23.51 44.47
C ASP DB 478 73.90 -22.07 44.79
N PHE DB 479 72.70 -21.69 44.37
CA PHE DB 479 72.16 -20.38 44.74
C PHE DB 479 72.05 -20.26 46.26
N ILE DB 480 71.61 -21.33 46.92
CA ILE DB 480 71.46 -21.29 48.37
C ILE DB 480 72.82 -21.09 49.04
N ILE DB 481 73.86 -21.78 48.54
CA ILE DB 481 75.19 -21.65 49.12
C ILE DB 481 75.73 -20.25 48.91
N LYS DB 482 75.55 -19.70 47.71
CA LYS DB 482 76.03 -18.34 47.44
C LYS DB 482 75.32 -17.32 48.33
N ALA DB 483 73.99 -17.45 48.46
CA ALA DB 483 73.24 -16.54 49.31
C ALA DB 483 73.65 -16.67 50.77
N SER DB 484 73.89 -17.89 51.23
CA SER DB 484 74.33 -18.09 52.60
C SER DB 484 75.70 -17.45 52.84
N ALA DB 485 76.61 -17.59 51.88
CA ALA DB 485 77.93 -16.98 52.04
C ALA DB 485 77.84 -15.46 52.08
N LEU DB 486 77.04 -14.88 51.19
CA LEU DB 486 76.91 -13.42 51.19
C LEU DB 486 76.23 -12.92 52.46
N ALA DB 487 75.22 -13.65 52.94
CA ALA DB 487 74.56 -13.26 54.18
C ALA DB 487 75.51 -13.39 55.37
N CYS DB 488 76.38 -14.40 55.35
CA CYS DB 488 77.39 -14.53 56.39
C CYS DB 488 78.38 -13.37 56.35
N LEU DB 489 78.73 -12.91 55.15
CA LEU DB 489 79.56 -11.72 55.04
C LEU DB 489 78.86 -10.49 55.63
N LYS DB 490 77.57 -10.34 55.32
CA LYS DB 490 76.84 -9.17 55.81
C LYS DB 490 76.65 -9.21 57.32
N VAL DB 491 76.44 -10.40 57.87
CA VAL DB 491 76.22 -10.57 59.31
C VAL DB 491 77.26 -11.55 59.84
N PRO DB 492 78.46 -11.07 60.22
CA PRO DB 492 79.53 -12.01 60.59
C PRO DB 492 79.30 -12.76 61.89
N GLU DB 493 78.27 -12.40 62.68
CA GLU DB 493 78.01 -13.11 63.92
C GLU DB 493 77.65 -14.56 63.66
N ALA DB 494 76.88 -14.83 62.59
CA ALA DB 494 76.58 -16.20 62.20
C ALA DB 494 77.82 -16.94 61.71
N ASN DB 495 78.90 -16.22 61.41
CA ASN DB 495 80.16 -16.81 61.01
C ASN DB 495 81.20 -16.81 62.13
N SER DB 496 80.76 -17.05 63.36
CA SER DB 496 81.63 -17.05 64.52
C SER DB 496 81.64 -18.43 65.17
N SER DB 497 82.45 -18.55 66.21
CA SER DB 497 82.58 -19.78 66.97
C SER DB 497 82.86 -19.43 68.43
N TRP DB 498 82.29 -20.23 69.34
CA TRP DB 498 82.46 -20.02 70.77
C TRP DB 498 83.59 -20.91 71.27
N LEU DB 499 84.60 -20.30 71.89
CA LEU DB 499 85.79 -21.00 72.34
C LEU DB 499 85.98 -20.86 73.85
N ASP DB 500 84.90 -20.47 74.54
CA ASP DB 500 84.82 -20.43 76.00
C ASP DB 500 85.66 -19.32 76.61
N THR DB 501 86.46 -18.64 75.80
CA THR DB 501 87.21 -17.47 76.23
C THR DB 501 87.04 -16.29 75.30
N VAL DB 502 86.99 -16.55 73.99
CA VAL DB 502 86.78 -15.51 72.97
C VAL DB 502 85.79 -16.05 71.95
N ILE DB 503 85.19 -15.12 71.20
CA ILE DB 503 84.30 -15.46 70.10
C ILE DB 503 85.07 -15.26 68.80
N ARG DB 504 85.49 -16.36 68.19
CA ARG DB 504 86.30 -16.30 66.98
C ARG DB 504 85.40 -15.96 65.80
N GLN DB 505 85.57 -14.76 65.25
CA GLN DB 505 84.75 -14.29 64.14
C GLN DB 505 85.48 -14.52 62.83
N ASN DB 506 85.14 -15.60 62.13
CA ASN DB 506 85.85 -15.94 60.91
C ASN DB 506 85.56 -14.94 59.81
N HIS DB 507 86.62 -14.48 59.14
CA HIS DB 507 86.50 -13.55 58.03
C HIS DB 507 86.31 -14.23 56.68
N VAL DB 508 86.49 -15.54 56.62
CA VAL DB 508 86.24 -16.31 55.41
C VAL DB 508 85.05 -17.21 55.65
N VAL DB 509 84.35 -17.56 54.58
CA VAL DB 509 83.12 -18.37 54.66
C VAL DB 509 83.43 -19.69 53.98
N ASP DB 510 83.59 -20.74 54.77
CA ASP DB 510 83.77 -22.10 54.27
C ASP DB 510 82.49 -22.87 54.57
N ILE DB 511 81.69 -23.13 53.54
CA ILE DB 511 80.37 -23.71 53.71
C ILE DB 511 80.47 -25.23 53.67
N SER DB 512 80.26 -25.87 54.81
CA SER DB 512 80.06 -27.31 54.82
C SER DB 512 78.69 -27.63 54.22
N VAL DB 513 78.64 -28.66 53.39
CA VAL DB 513 77.40 -29.07 52.73
C VAL DB 513 77.10 -30.51 53.13
N ALA DB 514 75.92 -30.72 53.71
CA ALA DB 514 75.55 -32.07 54.14
C ALA DB 514 75.27 -32.94 52.93
N VAL DB 515 75.90 -34.10 52.88
CA VAL DB 515 75.72 -35.07 51.81
C VAL DB 515 75.43 -36.42 52.46
N SER DB 516 74.38 -37.09 51.99
CA SER DB 516 74.02 -38.40 52.48
C SER DB 516 74.63 -39.48 51.60
N THR DB 517 75.34 -40.41 52.22
CA THR DB 517 76.02 -41.52 51.57
C THR DB 517 75.61 -42.79 52.30
N PRO DB 518 75.79 -43.96 51.68
CA PRO DB 518 75.42 -45.21 52.37
C PRO DB 518 76.12 -45.41 53.69
N ALA DB 519 77.27 -44.77 53.92
CA ALA DB 519 77.98 -44.87 55.18
C ALA DB 519 77.53 -43.84 56.21
N GLY DB 520 76.66 -42.90 55.84
CA GLY DB 520 76.15 -41.91 56.75
C GLY DB 520 76.16 -40.51 56.18
N LEU DB 521 76.14 -39.54 57.08
CA LEU DB 521 76.15 -38.14 56.68
C LEU DB 521 77.57 -37.58 56.75
N ILE DB 522 77.99 -36.91 55.69
CA ILE DB 522 79.32 -36.30 55.64
C ILE DB 522 79.16 -34.85 55.19
N THR DB 523 80.18 -34.04 55.46
CA THR DB 523 80.10 -32.59 55.24
C THR DB 523 81.33 -32.10 54.47
N PRO DB 524 81.38 -32.32 53.16
CA PRO DB 524 82.42 -31.68 52.36
C PRO DB 524 82.29 -30.17 52.40
N ILE DB 525 83.44 -29.49 52.39
CA ILE DB 525 83.50 -28.05 52.60
C ILE DB 525 83.83 -27.36 51.29
N VAL DB 526 82.97 -26.42 50.90
CA VAL DB 526 83.26 -25.50 49.79
C VAL DB 526 83.94 -24.30 50.43
N PHE DB 527 85.25 -24.17 50.16
CA PHE DB 527 86.03 -23.09 50.75
C PHE DB 527 85.84 -21.80 49.97
N ASN DB 528 85.83 -20.67 50.68
CA ASN DB 528 85.73 -19.35 50.08
C ASN DB 528 84.50 -19.23 49.18
N ALA DB 529 83.36 -19.72 49.69
CA ALA DB 529 82.12 -19.61 48.93
C ALA DB 529 81.66 -18.17 48.82
N HIS DB 530 82.22 -17.27 49.62
CA HIS DB 530 81.84 -15.86 49.55
C HIS DB 530 82.46 -15.20 48.32
N ILE DB 531 83.52 -15.77 47.76
CA ILE DB 531 84.15 -15.22 46.57
C ILE DB 531 84.04 -16.13 45.36
N LYS DB 532 83.73 -17.41 45.55
CA LYS DB 532 83.53 -18.31 44.42
C LYS DB 532 82.25 -17.96 43.68
N GLY DB 533 82.26 -18.20 42.36
CA GLY DB 533 81.07 -17.98 41.57
C GLY DB 533 80.13 -19.16 41.59
N LEU DB 534 78.97 -18.99 40.93
CA LEU DB 534 77.98 -20.05 40.90
C LEU DB 534 78.49 -21.27 40.16
N GLU DB 535 79.17 -21.07 39.03
CA GLU DB 535 79.76 -22.21 38.31
C GLU DB 535 80.80 -22.92 39.14
N THR DB 536 81.69 -22.16 39.80
CA THR DB 536 82.71 -22.77 40.64
C THR DB 536 82.08 -23.51 41.81
N ILE DB 537 81.05 -22.93 42.43
CA ILE DB 537 80.37 -23.58 43.54
C ILE DB 537 79.73 -24.88 43.08
N ALA DB 538 79.05 -24.85 41.93
CA ALA DB 538 78.39 -26.04 41.42
C ALA DB 538 79.39 -27.15 41.11
N ASN DB 539 80.49 -26.79 40.45
CA ASN DB 539 81.50 -27.78 40.11
C ASN DB 539 82.15 -28.36 41.36
N ASP DB 540 82.46 -27.50 42.33
CA ASP DB 540 83.06 -27.97 43.58
C ASP DB 540 82.11 -28.90 44.33
N VAL DB 541 80.82 -28.55 44.37
CA VAL DB 541 79.84 -29.38 45.06
C VAL DB 541 79.71 -30.72 44.37
N VAL DB 542 79.67 -30.73 43.03
CA VAL DB 542 79.56 -32.00 42.31
C VAL DB 542 80.77 -32.88 42.57
N SER DB 543 81.97 -32.30 42.49
CA SER DB 543 83.20 -33.07 42.70
C SER DB 543 83.26 -33.62 44.12
N LEU DB 544 82.94 -32.78 45.12
CA LEU DB 544 83.01 -33.21 46.51
C LEU DB 544 81.94 -34.24 46.82
N ALA DB 545 80.75 -34.11 46.21
CA ALA DB 545 79.71 -35.11 46.43
C ALA DB 545 80.10 -36.44 45.83
N THR DB 546 80.70 -36.44 44.64
CA THR DB 546 81.18 -37.68 44.06
C THR DB 546 82.26 -38.31 44.93
N LYS DB 547 83.19 -37.49 45.44
CA LYS DB 547 84.23 -38.00 46.32
C LYS DB 547 83.64 -38.58 47.59
N ALA DB 548 82.62 -37.93 48.15
CA ALA DB 548 81.98 -38.43 49.36
C ALA DB 548 81.27 -39.74 49.11
N ARG DB 549 80.53 -39.84 48.00
CA ARG DB 549 79.80 -41.06 47.70
C ARG DB 549 80.74 -42.22 47.44
N GLU DB 550 81.87 -41.97 46.77
CA GLU DB 550 82.84 -43.03 46.51
C GLU DB 550 83.86 -43.22 47.63
N GLY DB 551 83.80 -42.41 48.69
CA GLY DB 551 84.59 -42.66 49.87
C GLY DB 551 86.05 -42.27 49.81
N LYS DB 552 86.40 -41.25 49.02
CA LYS DB 552 87.77 -40.77 48.96
C LYS DB 552 87.98 -39.39 49.55
N LEU DB 553 87.09 -38.92 50.43
CA LEU DB 553 87.26 -37.60 51.02
C LEU DB 553 88.43 -37.60 51.99
N GLN DB 554 89.32 -36.63 51.83
CA GLN DB 554 90.41 -36.42 52.78
C GLN DB 554 89.89 -35.71 54.02
N PRO DB 555 90.53 -35.92 55.17
CA PRO DB 555 90.04 -35.29 56.42
C PRO DB 555 89.96 -33.77 56.34
N HIS DB 556 90.90 -33.12 55.64
CA HIS DB 556 90.84 -31.66 55.54
C HIS DB 556 89.70 -31.19 54.65
N GLU DB 557 89.15 -32.07 53.82
CA GLU DB 557 88.05 -31.69 52.93
C GLU DB 557 86.69 -31.76 53.59
N PHE DB 558 86.58 -32.31 54.80
CA PHE DB 558 85.33 -32.32 55.52
C PHE DB 558 85.43 -31.94 56.99
N GLN DB 559 86.63 -31.65 57.49
CA GLN DB 559 86.80 -31.18 58.87
C GLN DB 559 87.00 -29.67 58.85
N GLY DB 560 86.24 -28.97 59.70
CA GLY DB 560 86.34 -27.53 59.78
C GLY DB 560 85.07 -26.83 59.33
N GLY DB 561 85.23 -25.75 58.56
CA GLY DB 561 84.10 -24.98 58.10
C GLY DB 561 83.63 -23.96 59.12
N THR DB 562 82.87 -22.98 58.63
CA THR DB 562 82.33 -21.92 59.48
C THR DB 562 80.80 -21.87 59.48
N PHE DB 563 80.16 -22.45 58.48
CA PHE DB 563 78.71 -22.44 58.37
C PHE DB 563 78.30 -23.68 57.59
N THR DB 564 77.21 -24.31 58.01
CA THR DB 564 76.77 -25.57 57.43
C THR DB 564 75.42 -25.40 56.78
N ILE DB 565 75.21 -26.10 55.66
CA ILE DB 565 73.93 -26.13 54.96
C ILE DB 565 73.51 -27.59 54.78
N SER DB 566 72.34 -27.92 55.29
CA SER DB 566 71.77 -29.26 55.14
C SER DB 566 70.46 -29.14 54.38
N ASN DB 567 70.40 -29.69 53.18
CA ASN DB 567 69.26 -29.57 52.30
C ASN DB 567 68.58 -30.93 52.19
N LEU DB 568 67.30 -30.99 52.55
CA LEU DB 568 66.50 -32.20 52.39
C LEU DB 568 65.27 -31.96 51.52
N GLY DB 569 65.30 -30.95 50.67
CA GLY DB 569 64.15 -30.68 49.83
C GLY DB 569 63.92 -31.74 48.77
N MET DB 570 64.99 -32.41 48.36
CA MET DB 570 64.86 -33.47 47.36
C MET DB 570 64.10 -34.68 47.90
N PHE DB 571 63.94 -34.78 49.22
CA PHE DB 571 63.21 -35.87 49.84
C PHE DB 571 61.78 -35.50 50.21
N GLY DB 572 61.35 -34.29 49.87
CA GLY DB 572 59.98 -33.90 50.13
C GLY DB 572 59.71 -33.32 51.50
N ILE DB 573 60.75 -33.02 52.28
CA ILE DB 573 60.56 -32.44 53.60
C ILE DB 573 60.14 -30.99 53.46
N LYS DB 574 59.03 -30.62 54.11
CA LYS DB 574 58.59 -29.23 54.08
C LYS DB 574 59.58 -28.32 54.81
N ASN DB 575 59.95 -28.69 56.03
CA ASN DB 575 61.01 -28.00 56.76
C ASN DB 575 61.49 -28.92 57.88
N PHE DB 576 62.66 -28.60 58.42
CA PHE DB 576 63.22 -29.39 59.51
C PHE DB 576 64.22 -28.55 60.27
N SER DB 577 64.55 -29.01 61.48
CA SER DB 577 65.51 -28.35 62.37
C SER DB 577 66.72 -29.27 62.52
N ALA DB 578 67.90 -28.76 62.19
CA ALA DB 578 69.10 -29.57 62.20
C ALA DB 578 69.89 -29.34 63.49
N ILE DB 579 70.97 -30.10 63.63
CA ILE DB 579 71.86 -29.99 64.77
C ILE DB 579 73.12 -29.26 64.33
N ILE DB 580 73.52 -28.25 65.12
CA ILE DB 580 74.69 -27.46 64.78
C ILE DB 580 75.94 -28.33 64.84
N ASN DB 581 76.73 -28.26 63.77
CA ASN DB 581 78.00 -29.00 63.72
C ASN DB 581 79.06 -28.20 64.45
N PRO DB 582 79.64 -28.74 65.52
CA PRO DB 582 80.61 -27.97 66.30
C PRO DB 582 81.91 -27.79 65.55
N PRO DB 583 82.66 -26.72 65.82
CA PRO DB 583 82.37 -25.63 66.77
C PRO DB 583 81.65 -24.45 66.12
N GLN DB 584 80.94 -24.67 65.02
CA GLN DB 584 80.27 -23.58 64.34
C GLN DB 584 79.10 -23.06 65.17
N ALA DB 585 78.56 -21.91 64.74
CA ALA DB 585 77.50 -21.24 65.49
C ALA DB 585 76.13 -21.37 64.86
N CYS DB 586 76.03 -21.82 63.61
CA CYS DB 586 74.75 -21.90 62.93
C CYS DB 586 74.76 -23.06 61.93
N ILE DB 587 73.56 -23.44 61.51
CA ILE DB 587 73.36 -24.41 60.44
C ILE DB 587 72.03 -24.10 59.78
N LEU DB 588 72.02 -24.03 58.45
CA LEU DB 588 70.84 -23.70 57.69
C LEU DB 588 70.20 -24.98 57.17
N ALA DB 589 68.97 -25.25 57.59
CA ALA DB 589 68.21 -26.41 57.16
C ALA DB 589 67.23 -25.99 56.09
N VAL DB 590 67.32 -26.61 54.92
CA VAL DB 590 66.55 -26.24 53.75
C VAL DB 590 65.56 -27.36 53.44
N GLY DB 591 64.29 -26.98 53.26
CA GLY DB 591 63.25 -27.93 52.91
C GLY DB 591 62.87 -27.85 51.44
N ALA DB 592 61.76 -28.49 51.13
CA ALA DB 592 61.29 -28.56 49.74
C ALA DB 592 60.64 -27.25 49.31
N SER DB 593 60.69 -26.99 48.00
CA SER DB 593 60.00 -25.85 47.44
C SER DB 593 58.66 -26.29 46.85
N GLU DB 594 57.60 -25.60 47.25
CA GLU DB 594 56.25 -25.99 46.87
C GLU DB 594 55.48 -24.75 46.41
N ASP DB 595 54.46 -24.98 45.59
CA ASP DB 595 53.64 -23.89 45.06
C ASP DB 595 52.55 -23.56 46.08
N ARG DB 596 52.43 -22.27 46.41
CA ARG DB 596 51.44 -21.79 47.36
C ARG DB 596 50.72 -20.57 46.80
N LEU DB 597 49.43 -20.48 47.11
CA LEU DB 597 48.63 -19.34 46.67
C LEU DB 597 48.84 -18.15 47.61
N PHE DB 598 48.91 -16.96 47.02
CA PHE DB 598 49.12 -15.75 47.80
C PHE DB 598 48.24 -14.62 47.27
N PRO DB 599 47.74 -13.76 48.15
CA PRO DB 599 46.92 -12.64 47.69
C PRO DB 599 47.69 -11.71 46.76
N ALA DB 600 46.99 -11.20 45.75
CA ALA DB 600 47.58 -10.28 44.79
C ALA DB 600 46.52 -9.30 44.31
N ASP DB 601 46.96 -8.13 43.85
CA ASP DB 601 46.06 -7.09 43.36
C ASP DB 601 45.80 -7.31 41.86
N ASN DB 602 45.15 -8.43 41.57
CA ASN DB 602 44.79 -8.77 40.20
C ASN DB 602 43.33 -9.21 40.17
N GLU DB 603 42.85 -9.52 38.96
CA GLU DB 603 41.45 -9.90 38.78
C GLU DB 603 41.12 -11.19 39.52
N LYS DB 604 42.01 -12.19 39.44
CA LYS DB 604 41.76 -13.46 40.13
C LYS DB 604 41.84 -13.32 41.65
N GLY DB 605 42.52 -12.28 42.15
CA GLY DB 605 42.67 -12.10 43.57
C GLY DB 605 43.80 -12.87 44.20
N PHE DB 606 44.55 -13.65 43.43
CA PHE DB 606 45.64 -14.45 43.97
C PHE DB 606 46.66 -14.74 42.89
N ASP DB 607 47.84 -15.18 43.32
CA ASP DB 607 48.92 -15.60 42.45
C ASP DB 607 49.53 -16.88 42.98
N VAL DB 608 50.35 -17.52 42.14
CA VAL DB 608 51.02 -18.76 42.50
C VAL DB 608 52.52 -18.49 42.54
N ALA DB 609 53.14 -18.74 43.69
CA ALA DB 609 54.56 -18.53 43.88
C ALA DB 609 55.17 -19.76 44.52
N SER DB 610 56.34 -20.17 44.03
CA SER DB 610 57.04 -21.32 44.57
C SER DB 610 57.92 -20.87 45.73
N MET DB 611 57.51 -21.16 46.95
CA MET DB 611 58.26 -20.81 48.14
C MET DB 611 58.99 -22.01 48.71
N MET DB 612 60.14 -21.76 49.33
CA MET DB 612 60.93 -22.76 50.03
C MET DB 612 61.14 -22.29 51.46
N SER DB 613 60.89 -23.17 52.41
CA SER DB 613 60.99 -22.83 53.83
C SER DB 613 62.37 -23.21 54.35
N VAL DB 614 63.04 -22.26 54.97
CA VAL DB 614 64.37 -22.48 55.52
C VAL DB 614 64.36 -22.21 57.02
N THR DB 615 65.00 -23.11 57.76
CA THR DB 615 65.09 -23.01 59.21
C THR DB 615 66.54 -22.96 59.62
N LEU DB 616 66.95 -21.84 60.22
CA LEU DB 616 68.31 -21.65 60.71
C LEU DB 616 68.35 -21.96 62.20
N SER DB 617 69.20 -22.91 62.58
CA SER DB 617 69.42 -23.23 63.98
C SER DB 617 70.68 -22.51 64.45
N CYS DB 618 70.54 -21.72 65.51
CA CYS DB 618 71.60 -20.83 65.96
C CYS DB 618 71.99 -21.15 67.39
N ASP DB 619 73.28 -20.97 67.67
CA ASP DB 619 73.82 -21.02 69.03
C ASP DB 619 73.51 -19.70 69.72
N HIS DB 620 72.68 -19.76 70.77
CA HIS DB 620 72.24 -18.54 71.43
C HIS DB 620 73.35 -17.85 72.22
N ARG DB 621 74.48 -18.51 72.43
CA ARG DB 621 75.60 -17.84 73.08
C ARG DB 621 76.24 -16.80 72.16
N VAL DB 622 76.27 -17.06 70.87
CA VAL DB 622 76.90 -16.17 69.90
C VAL DB 622 75.87 -15.35 69.13
N VAL DB 623 74.83 -16.00 68.62
CA VAL DB 623 73.83 -15.37 67.77
C VAL DB 623 72.55 -15.25 68.57
N ASP DB 624 72.13 -14.02 68.86
CA ASP DB 624 70.85 -13.82 69.51
C ASP DB 624 69.74 -13.73 68.47
N GLY DB 625 68.50 -13.55 68.95
CA GLY DB 625 67.36 -13.61 68.05
C GLY DB 625 67.38 -12.54 66.98
N ALA DB 626 67.73 -11.31 67.36
CA ALA DB 626 67.75 -10.23 66.38
C ALA DB 626 68.81 -10.48 65.31
N VAL DB 627 69.99 -10.97 65.70
CA VAL DB 627 71.04 -11.24 64.73
C VAL DB 627 70.64 -12.38 63.80
N GLY DB 628 70.07 -13.44 64.34
CA GLY DB 628 69.61 -14.53 63.49
C GLY DB 628 68.53 -14.09 62.52
N ALA DB 629 67.60 -13.26 62.99
CA ALA DB 629 66.56 -12.73 62.12
C ALA DB 629 67.14 -11.85 61.02
N GLN DB 630 68.14 -11.03 61.37
CA GLN DB 630 68.80 -10.19 60.36
C GLN DB 630 69.49 -11.05 59.30
N TRP DB 631 70.17 -12.12 59.74
CA TRP DB 631 70.81 -13.01 58.80
C TRP DB 631 69.79 -13.63 57.86
N LEU DB 632 68.68 -14.11 58.41
CA LEU DB 632 67.65 -14.71 57.57
C LEU DB 632 67.04 -13.70 56.61
N ALA DB 633 66.90 -12.44 57.05
CA ALA DB 633 66.38 -11.40 56.17
C ALA DB 633 67.31 -11.14 55.01
N GLU DB 634 68.63 -11.04 55.27
CA GLU DB 634 69.57 -10.84 54.18
C GLU DB 634 69.58 -12.04 53.23
N PHE DB 635 69.53 -13.25 53.78
CA PHE DB 635 69.48 -14.46 52.94
C PHE DB 635 68.24 -14.45 52.05
N ARG DB 636 67.10 -14.10 52.62
CA ARG DB 636 65.85 -14.06 51.85
C ARG DB 636 65.91 -12.99 50.78
N LYS DB 637 66.47 -11.82 51.08
CA LYS DB 637 66.60 -10.78 50.08
C LYS DB 637 67.49 -11.23 48.93
N TYR DB 638 68.62 -11.85 49.24
CA TYR DB 638 69.53 -12.32 48.22
C TYR DB 638 68.85 -13.35 47.31
N LEU DB 639 68.10 -14.27 47.89
CA LEU DB 639 67.45 -15.28 47.06
C LEU DB 639 66.27 -14.71 46.27
N GLU DB 640 65.51 -13.78 46.84
CA GLU DB 640 64.37 -13.24 46.13
C GLU DB 640 64.77 -12.28 45.02
N LYS DB 641 65.96 -11.67 45.09
CA LYS DB 641 66.49 -10.89 43.98
C LYS DB 641 67.91 -11.36 43.69
N PRO DB 642 68.08 -12.33 42.79
CA PRO DB 642 69.41 -12.88 42.53
C PRO DB 642 70.41 -11.87 42.01
N ILE DB 643 69.96 -10.84 41.29
CA ILE DB 643 70.88 -9.83 40.77
C ILE DB 643 71.58 -9.10 41.90
N THR DB 644 70.98 -9.09 43.10
CA THR DB 644 71.61 -8.46 44.25
C THR DB 644 72.81 -9.25 44.76
N MET DB 645 73.02 -10.49 44.31
CA MET DB 645 74.26 -11.17 44.63
C MET DB 645 75.46 -10.60 43.90
N LEU DB 646 75.24 -9.73 42.91
CA LEU DB 646 76.33 -9.02 42.26
C LEU DB 646 76.92 -7.91 43.13
N LEU DB 647 76.21 -7.49 44.15
CA LEU DB 647 76.70 -6.42 45.04
C LEU DB 647 77.86 -6.92 45.90
N PHE EB 420 -6.38 3.63 109.99
CA PHE EB 420 -4.95 3.45 109.78
C PHE EB 420 -4.41 2.29 110.60
N THR EB 421 -3.16 1.90 110.30
CA THR EB 421 -2.48 0.83 111.02
C THR EB 421 -1.07 1.31 111.37
N ASP EB 422 -0.71 1.16 112.64
CA ASP EB 422 0.62 1.56 113.11
C ASP EB 422 1.55 0.35 113.07
N ILE EB 423 2.50 0.38 112.15
CA ILE EB 423 3.48 -0.70 111.99
C ILE EB 423 4.72 -0.33 112.80
N PRO EB 424 5.12 -1.12 113.79
CA PRO EB 424 6.31 -0.78 114.57
C PRO EB 424 7.56 -0.72 113.71
N ILE EB 425 8.45 0.19 114.04
CA ILE EB 425 9.69 0.37 113.28
C ILE EB 425 10.74 -0.59 113.84
N SER EB 426 11.31 -1.42 112.98
CA SER EB 426 12.37 -2.33 113.40
C SER EB 426 13.65 -1.55 113.69
N ASN EB 427 14.55 -2.20 114.43
CA ASN EB 427 15.84 -1.58 114.72
C ASN EB 427 16.67 -1.40 113.46
N ILE EB 428 16.59 -2.36 112.53
CA ILE EB 428 17.28 -2.23 111.26
C ILE EB 428 16.77 -1.02 110.49
N ARG EB 429 15.45 -0.85 110.45
CA ARG EB 429 14.87 0.29 109.76
C ARG EB 429 15.23 1.59 110.45
N ARG EB 430 15.29 1.58 111.79
CA ARG EB 430 15.72 2.77 112.51
C ARG EB 430 17.16 3.15 112.18
N VAL EB 431 18.03 2.14 112.09
CA VAL EB 431 19.42 2.39 111.72
C VAL EB 431 19.51 2.97 110.32
N ILE EB 432 18.76 2.40 109.38
CA ILE EB 432 18.77 2.89 107.99
C ILE EB 432 18.26 4.33 107.94
N ALA EB 433 17.18 4.61 108.66
CA ALA EB 433 16.62 5.95 108.68
C ALA EB 433 17.60 6.95 109.30
N GLN EB 434 18.30 6.54 110.36
CA GLN EB 434 19.29 7.42 110.98
C GLN EB 434 20.45 7.69 110.02
N ARG EB 435 20.90 6.68 109.30
CA ARG EB 435 21.95 6.89 108.31
C ARG EB 435 21.51 7.84 107.22
N LEU EB 436 20.28 7.68 106.72
CA LEU EB 436 19.78 8.57 105.67
C LEU EB 436 19.63 9.99 106.18
N MET EB 437 19.15 10.15 107.43
CA MET EB 437 19.05 11.48 108.02
C MET EB 437 20.43 12.12 108.14
N GLN EB 438 21.42 11.35 108.61
CA GLN EB 438 22.77 11.88 108.72
C GLN EB 438 23.31 12.30 107.36
N SER EB 439 23.08 11.47 106.34
CA SER EB 439 23.56 11.82 105.00
C SER EB 439 22.93 13.11 104.50
N LYS EB 440 21.60 13.21 104.58
CA LYS EB 440 20.93 14.39 104.04
C LYS EB 440 21.17 15.63 104.89
N GLN EB 441 21.59 15.46 106.15
CA GLN EB 441 21.83 16.62 107.00
C GLN EB 441 23.28 17.09 106.93
N THR EB 442 24.23 16.20 106.67
CA THR EB 442 25.64 16.57 106.70
C THR EB 442 26.29 16.64 105.32
N ILE EB 443 25.66 16.09 104.29
CA ILE EB 443 26.25 16.06 102.95
C ILE EB 443 25.46 17.00 102.06
N PRO EB 444 26.06 18.08 101.55
CA PRO EB 444 25.35 18.96 100.62
C PRO EB 444 25.24 18.37 99.23
N HIS EB 445 24.21 17.54 99.00
CA HIS EB 445 24.06 16.85 97.73
C HIS EB 445 23.84 17.84 96.60
N TYR EB 446 24.37 17.52 95.42
CA TYR EB 446 23.93 18.16 94.19
C TYR EB 446 24.03 17.14 93.05
N TYR EB 447 23.09 17.22 92.11
CA TYR EB 447 22.83 16.13 91.19
C TYR EB 447 23.17 16.55 89.76
N LEU EB 448 23.85 15.68 89.03
CA LEU EB 448 24.17 15.90 87.62
C LEU EB 448 23.69 14.73 86.78
N SER EB 449 22.95 15.00 85.73
CA SER EB 449 22.34 13.95 84.91
C SER EB 449 22.85 14.02 83.48
N VAL EB 450 23.11 12.85 82.90
CA VAL EB 450 23.50 12.74 81.50
C VAL EB 450 22.80 11.55 80.87
N ASP EB 451 22.89 11.48 79.54
CA ASP EB 451 22.33 10.38 78.75
C ASP EB 451 23.45 9.63 78.04
N VAL EB 452 23.40 8.30 78.13
CA VAL EB 452 24.45 7.43 77.59
C VAL EB 452 23.83 6.54 76.52
N ASN EB 453 24.45 6.50 75.35
CA ASN EB 453 24.00 5.65 74.26
C ASN EB 453 24.48 4.23 74.51
N MET EB 454 23.57 3.27 74.50
CA MET EB 454 23.85 1.91 74.94
C MET EB 454 23.84 0.88 73.82
N GLY EB 455 23.79 1.31 72.55
CA GLY EB 455 23.74 0.35 71.46
C GLY EB 455 24.98 -0.52 71.39
N GLU EB 456 26.15 0.12 71.49
CA GLU EB 456 27.40 -0.65 71.42
C GLU EB 456 27.55 -1.55 72.63
N VAL EB 457 27.12 -1.10 73.80
CA VAL EB 457 27.15 -1.97 74.98
C VAL EB 457 26.25 -3.18 74.79
N LEU EB 458 25.06 -2.97 74.22
CA LEU EB 458 24.17 -4.10 73.98
C LEU EB 458 24.77 -5.09 72.98
N LEU EB 459 25.38 -4.58 71.91
CA LEU EB 459 26.00 -5.46 70.93
C LEU EB 459 27.15 -6.26 71.55
N VAL EB 460 28.01 -5.57 72.30
CA VAL EB 460 29.15 -6.23 72.94
C VAL EB 460 28.67 -7.25 73.96
N ARG EB 461 27.61 -6.91 74.71
CA ARG EB 461 27.08 -7.84 75.70
C ARG EB 461 26.50 -9.07 75.04
N LYS EB 462 25.80 -8.90 73.92
CA LYS EB 462 25.27 -10.06 73.20
C LYS EB 462 26.40 -10.96 72.70
N GLU EB 463 27.46 -10.36 72.16
CA GLU EB 463 28.59 -11.15 71.69
C GLU EB 463 29.28 -11.89 72.83
N LEU EB 464 29.48 -11.20 73.96
CA LEU EB 464 30.10 -11.84 75.12
C LEU EB 464 29.24 -12.97 75.68
N ASN EB 465 27.92 -12.77 75.72
CA ASN EB 465 27.03 -13.84 76.18
C ASN EB 465 27.05 -15.03 75.24
N LYS EB 466 27.12 -14.77 73.93
CA LYS EB 466 27.25 -15.87 72.97
C LYS EB 466 28.56 -16.63 73.17
N MET EB 467 29.65 -15.89 73.39
CA MET EB 467 30.95 -16.55 73.59
C MET EB 467 30.99 -17.33 74.91
N LEU EB 468 30.31 -16.84 75.94
CA LEU EB 468 30.33 -17.50 77.24
C LEU EB 468 29.72 -18.89 77.22
N GLU EB 469 28.80 -19.17 76.29
CA GLU EB 469 28.22 -20.50 76.09
C GLU EB 469 27.56 -21.00 77.37
N GLY EB 470 26.91 -20.09 78.10
CA GLY EB 470 26.14 -20.45 79.27
C GLY EB 470 26.94 -20.64 80.55
N ARG EB 471 28.27 -20.48 80.50
CA ARG EB 471 29.06 -20.56 81.72
C ARG EB 471 28.70 -19.43 82.67
N SER EB 472 28.51 -18.22 82.13
CA SER EB 472 28.01 -17.09 82.90
C SER EB 472 27.12 -16.25 81.99
N LYS EB 473 26.55 -15.19 82.56
CA LYS EB 473 25.72 -14.26 81.81
C LYS EB 473 26.12 -12.84 82.19
N ILE EB 474 26.57 -12.06 81.21
CA ILE EB 474 26.98 -10.69 81.46
C ILE EB 474 25.76 -9.77 81.34
N SER EB 475 25.54 -8.97 82.37
CA SER EB 475 24.41 -8.05 82.40
C SER EB 475 24.88 -6.62 82.17
N VAL EB 476 23.91 -5.74 81.91
CA VAL EB 476 24.22 -4.33 81.70
C VAL EB 476 24.79 -3.69 82.95
N ASN EB 477 24.32 -4.12 84.13
CA ASN EB 477 24.85 -3.59 85.36
C ASN EB 477 26.32 -3.92 85.54
N ASP EB 478 26.80 -5.02 84.97
CA ASP EB 478 28.22 -5.33 85.03
C ASP EB 478 29.03 -4.32 84.22
N PHE EB 479 28.57 -3.98 83.02
CA PHE EB 479 29.21 -2.93 82.25
C PHE EB 479 29.19 -1.61 83.00
N ILE EB 480 28.07 -1.31 83.64
CA ILE EB 480 27.95 -0.05 84.39
C ILE EB 480 28.93 -0.01 85.55
N ILE EB 481 29.06 -1.13 86.28
CA ILE EB 481 29.99 -1.18 87.41
C ILE EB 481 31.43 -1.03 86.93
N LYS EB 482 31.78 -1.71 85.84
CA LYS EB 482 33.14 -1.62 85.32
C LYS EB 482 33.45 -0.20 84.85
N ALA EB 483 32.51 0.43 84.14
CA ALA EB 483 32.73 1.79 83.67
C ALA EB 483 32.83 2.75 84.85
N SER EB 484 32.01 2.55 85.89
CA SER EB 484 32.09 3.41 87.07
C SER EB 484 33.44 3.27 87.75
N ALA EB 485 33.95 2.04 87.87
CA ALA EB 485 35.25 1.84 88.48
C ALA EB 485 36.37 2.50 87.68
N LEU EB 486 36.32 2.36 86.35
CA LEU EB 486 37.36 2.98 85.53
C LEU EB 486 37.28 4.51 85.58
N ALA EB 487 36.06 5.06 85.58
CA ALA EB 487 35.91 6.51 85.69
C ALA EB 487 36.37 6.99 87.06
N CYS EB 488 36.14 6.20 88.11
CA CYS EB 488 36.67 6.54 89.43
C CYS EB 488 38.19 6.54 89.44
N LEU EB 489 38.81 5.59 88.73
CA LEU EB 489 40.27 5.61 88.61
C LEU EB 489 40.74 6.87 87.89
N LYS EB 490 40.04 7.26 86.81
CA LYS EB 490 40.48 8.42 86.03
C LYS EB 490 40.25 9.72 86.80
N VAL EB 491 39.19 9.79 87.60
CA VAL EB 491 38.88 10.99 88.36
C VAL EB 491 38.79 10.62 89.83
N PRO EB 492 39.91 10.61 90.56
CA PRO EB 492 39.90 10.10 91.94
C PRO EB 492 39.11 10.95 92.92
N GLU EB 493 38.71 12.17 92.56
CA GLU EB 493 37.94 13.00 93.48
C GLU EB 493 36.61 12.36 93.81
N ALA EB 494 35.97 11.71 92.83
CA ALA EB 494 34.73 11.00 93.10
C ALA EB 494 34.95 9.77 93.96
N ASN EB 495 36.20 9.34 94.13
CA ASN EB 495 36.55 8.22 94.99
C ASN EB 495 37.17 8.69 96.31
N SER EB 496 36.65 9.77 96.87
CA SER EB 496 37.17 10.35 98.10
C SER EB 496 36.11 10.30 99.20
N SER EB 497 36.51 10.74 100.38
CA SER EB 497 35.65 10.80 101.55
C SER EB 497 36.04 12.00 102.39
N TRP EB 498 35.04 12.67 102.95
CA TRP EB 498 35.26 13.84 103.79
C TRP EB 498 35.26 13.42 105.26
N LEU EB 499 36.34 13.74 105.98
CA LEU EB 499 36.51 13.34 107.37
C LEU EB 499 36.71 14.55 108.27
N ASP EB 500 36.29 15.72 107.79
CA ASP EB 500 36.23 16.97 108.55
C ASP EB 500 37.61 17.54 108.86
N THR EB 501 38.67 16.77 108.55
CA THR EB 501 40.03 17.26 108.69
C THR EB 501 40.87 17.02 107.45
N VAL EB 502 40.68 15.89 106.78
CA VAL EB 502 41.37 15.57 105.53
C VAL EB 502 40.36 14.97 104.56
N ILE EB 503 40.73 14.98 103.28
CA ILE EB 503 39.95 14.34 102.23
C ILE EB 503 40.64 13.05 101.85
N ARG EB 504 40.10 11.92 102.31
CA ARG EB 504 40.71 10.61 102.08
C ARG EB 504 40.42 10.19 100.65
N GLN EB 505 41.46 10.11 99.83
CA GLN EB 505 41.32 9.74 98.43
C GLN EB 505 41.64 8.27 98.25
N ASN EB 506 40.62 7.42 98.20
CA ASN EB 506 40.83 5.98 98.13
C ASN EB 506 41.45 5.60 96.79
N HIS EB 507 42.50 4.78 96.84
CA HIS EB 507 43.18 4.31 95.64
C HIS EB 507 42.58 3.02 95.08
N VAL EB 508 41.69 2.38 95.82
CA VAL EB 508 40.96 1.21 95.33
C VAL EB 508 39.50 1.59 95.20
N VAL EB 509 38.79 0.89 94.33
CA VAL EB 509 37.39 1.19 94.02
C VAL EB 509 36.56 -0.01 94.46
N ASP EB 510 35.88 0.12 95.60
CA ASP EB 510 34.97 -0.90 96.11
C ASP EB 510 33.56 -0.41 95.84
N ILE EB 511 32.90 -1.01 94.86
CA ILE EB 511 31.60 -0.53 94.38
C ILE EB 511 30.50 -1.21 95.18
N SER EB 512 29.83 -0.44 96.03
CA SER EB 512 28.61 -0.93 96.66
C SER EB 512 27.49 -0.95 95.63
N VAL EB 513 26.69 -2.01 95.62
CA VAL EB 513 25.60 -2.16 94.66
C VAL EB 513 24.30 -2.26 95.46
N ALA EB 514 23.37 -1.35 95.17
CA ALA EB 514 22.09 -1.35 95.87
C ALA EB 514 21.23 -2.51 95.39
N VAL EB 515 20.77 -3.32 96.33
CA VAL EB 515 19.94 -4.48 96.06
C VAL EB 515 18.70 -4.39 96.95
N SER EB 516 17.53 -4.58 96.34
CA SER EB 516 16.27 -4.55 97.07
C SER EB 516 15.88 -5.96 97.48
N THR EB 517 15.65 -6.15 98.76
CA THR EB 517 15.25 -7.41 99.38
C THR EB 517 13.98 -7.15 100.17
N PRO EB 518 13.23 -8.20 100.53
CA PRO EB 518 12.01 -7.97 101.32
C PRO EB 518 12.25 -7.27 102.64
N ALA EB 519 13.48 -7.29 103.16
CA ALA EB 519 13.81 -6.60 104.41
C ALA EB 519 14.28 -5.16 104.19
N GLY EB 520 14.45 -4.73 102.94
CA GLY EB 520 14.86 -3.37 102.65
C GLY EB 520 15.96 -3.30 101.62
N LEU EB 521 16.67 -2.18 101.63
CA LEU EB 521 17.77 -1.97 100.70
C LEU EB 521 19.09 -2.31 101.38
N ILE EB 522 19.92 -3.12 100.70
CA ILE EB 522 21.23 -3.47 101.22
C ILE EB 522 22.26 -3.28 100.12
N THR EB 523 23.52 -3.05 100.52
CA THR EB 523 24.57 -2.66 99.59
C THR EB 523 25.76 -3.61 99.69
N PRO EB 524 25.66 -4.79 99.08
CA PRO EB 524 26.85 -5.65 98.97
C PRO EB 524 27.93 -4.98 98.13
N ILE EB 525 29.18 -5.21 98.52
CA ILE EB 525 30.32 -4.52 97.95
C ILE EB 525 31.08 -5.45 97.02
N VAL EB 526 31.29 -4.99 95.78
CA VAL EB 526 32.21 -5.65 94.85
C VAL EB 526 33.55 -4.97 95.03
N PHE EB 527 34.49 -5.69 95.64
CA PHE EB 527 35.81 -5.12 95.90
C PHE EB 527 36.69 -5.21 94.66
N ASN EB 528 37.54 -4.20 94.49
CA ASN EB 528 38.52 -4.16 93.39
C ASN EB 528 37.82 -4.30 92.04
N ALA EB 529 36.71 -3.58 91.87
CA ALA EB 529 36.01 -3.60 90.60
C ALA EB 529 36.82 -2.93 89.49
N HIS EB 530 37.84 -2.15 89.87
CA HIS EB 530 38.67 -1.50 88.86
C HIS EB 530 39.63 -2.48 88.21
N ILE EB 531 39.86 -3.63 88.83
CA ILE EB 531 40.74 -4.65 88.26
C ILE EB 531 40.02 -5.95 87.95
N LYS EB 532 38.82 -6.16 88.50
CA LYS EB 532 38.06 -7.35 88.16
C LYS EB 532 37.49 -7.26 86.75
N GLY EB 533 37.39 -8.42 86.08
CA GLY EB 533 36.82 -8.45 84.76
C GLY EB 533 35.30 -8.50 84.79
N LEU EB 534 34.70 -8.42 83.60
CA LEU EB 534 33.24 -8.40 83.51
C LEU EB 534 32.64 -9.72 84.01
N GLU EB 535 33.25 -10.85 83.65
CA GLU EB 535 32.73 -12.13 84.12
C GLU EB 535 32.85 -12.26 85.63
N THR EB 536 34.01 -11.87 86.18
CA THR EB 536 34.20 -11.90 87.62
C THR EB 536 33.23 -10.95 88.33
N ILE EB 537 33.03 -9.76 87.77
CA ILE EB 537 32.10 -8.81 88.37
C ILE EB 537 30.68 -9.37 88.36
N ALA EB 538 30.28 -9.98 87.24
CA ALA EB 538 28.95 -10.55 87.15
C ALA EB 538 28.75 -11.68 88.15
N ASN EB 539 29.75 -12.56 88.27
CA ASN EB 539 29.65 -13.66 89.23
C ASN EB 539 29.57 -13.14 90.65
N ASP EB 540 30.39 -12.14 90.98
CA ASP EB 540 30.35 -11.55 92.31
C ASP EB 540 29.00 -10.91 92.59
N VAL EB 541 28.44 -10.21 91.60
CA VAL EB 541 27.15 -9.56 91.79
C VAL EB 541 26.05 -10.59 92.02
N VAL EB 542 26.04 -11.67 91.23
CA VAL EB 542 25.02 -12.70 91.41
C VAL EB 542 25.16 -13.35 92.79
N SER EB 543 26.39 -13.68 93.18
CA SER EB 543 26.60 -14.33 94.48
C SER EB 543 26.16 -13.43 95.62
N LEU EB 544 26.55 -12.15 95.57
CA LEU EB 544 26.20 -11.23 96.65
C LEU EB 544 24.71 -10.93 96.66
N ALA EB 545 24.07 -10.87 95.49
CA ALA EB 545 22.64 -10.66 95.44
C ALA EB 545 21.89 -11.85 96.05
N THR EB 546 22.35 -13.07 95.74
CA THR EB 546 21.75 -14.26 96.36
C THR EB 546 21.92 -14.24 97.87
N LYS EB 547 23.12 -13.88 98.34
CA LYS EB 547 23.35 -13.79 99.77
C LYS EB 547 22.46 -12.75 100.43
N ALA EB 548 22.30 -11.59 99.77
CA ALA EB 548 21.46 -10.54 100.32
C ALA EB 548 20.00 -10.96 100.38
N ARG EB 549 19.51 -11.60 99.32
CA ARG EB 549 18.13 -12.06 99.31
C ARG EB 549 17.90 -13.14 100.34
N GLU EB 550 18.90 -13.99 100.60
CA GLU EB 550 18.78 -15.02 101.60
C GLU EB 550 19.10 -14.53 103.01
N GLY EB 551 19.55 -13.28 103.16
CA GLY EB 551 19.83 -12.73 104.46
C GLY EB 551 21.08 -13.27 105.12
N LYS EB 552 22.06 -13.68 104.33
CA LYS EB 552 23.28 -14.29 104.85
C LYS EB 552 24.51 -13.40 104.71
N LEU EB 553 24.34 -12.12 104.37
CA LEU EB 553 25.48 -11.24 104.19
C LEU EB 553 26.17 -10.95 105.51
N GLN EB 554 27.51 -11.05 105.50
CA GLN EB 554 28.31 -10.66 106.65
C GLN EB 554 28.50 -9.14 106.68
N PRO EB 555 28.71 -8.56 107.86
CA PRO EB 555 28.84 -7.09 107.95
C PRO EB 555 29.94 -6.51 107.08
N HIS EB 556 31.07 -7.22 106.93
CA HIS EB 556 32.14 -6.69 106.10
C HIS EB 556 31.80 -6.73 104.61
N GLU EB 557 30.80 -7.52 104.23
CA GLU EB 557 30.42 -7.62 102.82
C GLU EB 557 29.51 -6.49 102.37
N PHE EB 558 28.96 -5.70 103.30
CA PHE EB 558 28.13 -4.56 102.92
C PHE EB 558 28.46 -3.28 103.66
N GLN EB 559 29.42 -3.28 104.58
CA GLN EB 559 29.85 -2.05 105.25
C GLN EB 559 31.15 -1.58 104.64
N GLY EB 560 31.17 -0.33 104.18
CA GLY EB 560 32.35 0.23 103.57
C GLY EB 560 32.12 0.67 102.14
N GLY EB 561 33.10 0.44 101.27
CA GLY EB 561 33.01 0.85 99.89
C GLY EB 561 33.37 2.32 99.69
N THR EB 562 33.65 2.66 98.43
CA THR EB 562 34.02 4.02 98.07
C THR EB 562 33.08 4.67 97.07
N PHE EB 563 32.20 3.91 96.43
CA PHE EB 563 31.30 4.43 95.42
C PHE EB 563 30.11 3.49 95.30
N THR EB 564 28.92 4.07 95.27
CA THR EB 564 27.67 3.31 95.29
C THR EB 564 26.97 3.43 93.94
N ILE EB 565 26.34 2.34 93.51
CA ILE EB 565 25.54 2.32 92.30
C ILE EB 565 24.16 1.76 92.64
N SER EB 566 23.12 2.54 92.35
CA SER EB 566 21.74 2.13 92.56
C SER EB 566 21.03 2.14 91.21
N ASN EB 567 20.65 0.95 90.73
CA ASN EB 567 20.05 0.79 89.42
C ASN EB 567 18.59 0.44 89.59
N LEU EB 568 17.70 1.30 89.10
CA LEU EB 568 16.27 1.04 89.12
C LEU EB 568 15.67 0.97 87.72
N GLY EB 569 16.50 0.68 86.71
CA GLY EB 569 15.99 0.60 85.35
C GLY EB 569 15.02 -0.55 85.16
N MET EB 570 15.21 -1.64 85.90
CA MET EB 570 14.34 -2.80 85.76
C MET EB 570 12.91 -2.51 86.22
N PHE EB 571 12.69 -1.42 86.96
CA PHE EB 571 11.37 -1.02 87.39
C PHE EB 571 10.76 0.05 86.50
N GLY EB 572 11.44 0.42 85.42
CA GLY EB 572 10.88 1.37 84.48
C GLY EB 572 11.11 2.83 84.82
N ILE EB 573 11.96 3.13 85.80
CA ILE EB 573 12.23 4.52 86.16
C ILE EB 573 13.08 5.16 85.07
N LYS EB 574 12.63 6.30 84.56
CA LYS EB 574 13.40 7.02 83.55
C LYS EB 574 14.70 7.55 84.14
N ASN EB 575 14.60 8.24 85.27
CA ASN EB 575 15.78 8.69 86.01
C ASN EB 575 15.36 9.01 87.44
N PHE EB 576 16.34 9.07 88.33
CA PHE EB 576 16.06 9.40 89.72
C PHE EB 576 17.34 9.91 90.38
N SER EB 577 17.16 10.54 91.54
CA SER EB 577 18.26 11.09 92.33
C SER EB 577 18.30 10.35 93.66
N ALA EB 578 19.47 9.79 93.98
CA ALA EB 578 19.60 8.97 95.17
C ALA EB 578 20.29 9.75 96.30
N ILE EB 579 20.38 9.10 97.46
CA ILE EB 579 21.01 9.68 98.63
C ILE EB 579 22.40 9.09 98.79
N ILE EB 580 23.40 9.95 99.02
CA ILE EB 580 24.77 9.48 99.18
C ILE EB 580 24.90 8.65 100.45
N ASN EB 581 25.45 7.45 100.30
CA ASN EB 581 25.70 6.57 101.44
C ASN EB 581 26.99 7.00 102.12
N PRO EB 582 26.94 7.42 103.38
CA PRO EB 582 28.14 7.93 104.05
C PRO EB 582 29.13 6.81 104.31
N PRO EB 583 30.43 7.12 104.39
CA PRO EB 583 31.05 8.43 104.23
C PRO EB 583 31.48 8.71 102.79
N GLN EB 584 30.90 8.04 101.81
CA GLN EB 584 31.31 8.21 100.43
C GLN EB 584 30.96 9.60 99.90
N ALA EB 585 31.44 9.90 98.71
CA ALA EB 585 31.28 11.22 98.13
C ALA EB 585 30.30 11.26 96.97
N CYS EB 586 29.97 10.12 96.37
CA CYS EB 586 29.08 10.09 95.22
C CYS EB 586 28.25 8.81 95.23
N ILE EB 587 27.15 8.85 94.48
CA ILE EB 587 26.33 7.66 94.22
C ILE EB 587 25.73 7.81 92.83
N LEU EB 588 25.83 6.77 92.02
CA LEU EB 588 25.34 6.79 90.65
C LEU EB 588 23.97 6.15 90.60
N ALA EB 589 22.97 6.94 90.23
CA ALA EB 589 21.59 6.48 90.08
C ALA EB 589 21.32 6.20 88.61
N VAL EB 590 20.91 4.97 88.32
CA VAL EB 590 20.79 4.49 86.94
C VAL EB 590 19.31 4.22 86.66
N GLY EB 591 18.82 4.75 85.54
CA GLY EB 591 17.45 4.56 85.14
C GLY EB 591 17.32 3.53 84.04
N ALA EB 592 16.15 3.54 83.38
CA ALA EB 592 15.85 2.54 82.37
C ALA EB 592 16.37 2.97 81.00
N SER EB 593 16.61 1.97 80.15
CA SER EB 593 17.03 2.23 78.78
C SER EB 593 15.83 2.23 77.85
N GLU EB 594 15.67 3.32 77.11
CA GLU EB 594 14.54 3.50 76.20
C GLU EB 594 15.04 3.95 74.84
N ASP EB 595 14.31 3.54 73.81
CA ASP EB 595 14.65 3.93 72.43
C ASP EB 595 14.19 5.35 72.17
N ARG EB 596 15.09 6.18 71.62
CA ARG EB 596 14.80 7.56 71.32
C ARG EB 596 15.28 7.92 69.93
N LEU EB 597 14.55 8.81 69.28
CA LEU EB 597 14.93 9.27 67.94
C LEU EB 597 15.93 10.41 68.04
N PHE EB 598 16.90 10.41 67.12
CA PHE EB 598 17.96 11.41 67.10
C PHE EB 598 18.24 11.85 65.68
N PRO EB 599 18.73 13.08 65.50
CA PRO EB 599 19.10 13.54 64.15
C PRO EB 599 20.20 12.66 63.56
N ALA EB 600 20.11 12.43 62.25
CA ALA EB 600 21.12 11.67 61.52
C ALA EB 600 21.22 12.19 60.10
N ASP EB 601 22.39 12.01 59.50
CA ASP EB 601 22.62 12.44 58.11
C ASP EB 601 22.32 11.26 57.18
N ASN EB 602 21.05 10.88 57.15
CA ASN EB 602 20.59 9.79 56.30
C ASN EB 602 19.33 10.23 55.57
N GLU EB 603 18.81 9.32 54.74
CA GLU EB 603 17.63 9.65 53.93
C GLU EB 603 16.41 9.92 54.80
N LYS EB 604 16.18 9.10 55.82
CA LYS EB 604 15.05 9.32 56.72
C LYS EB 604 15.21 10.56 57.58
N GLY EB 605 16.45 11.01 57.80
CA GLY EB 605 16.69 12.16 58.65
C GLY EB 605 16.79 11.86 60.12
N PHE EB 606 16.68 10.59 60.52
CA PHE EB 606 16.75 10.24 61.94
C PHE EB 606 17.21 8.80 62.10
N ASP EB 607 17.59 8.47 63.33
CA ASP EB 607 18.01 7.12 63.71
C ASP EB 607 17.42 6.81 65.08
N VAL EB 608 17.47 5.53 65.43
CA VAL EB 608 16.95 5.04 66.71
C VAL EB 608 18.12 4.55 67.55
N ALA EB 609 18.23 5.08 68.77
CA ALA EB 609 19.31 4.71 69.68
C ALA EB 609 18.73 4.42 71.05
N SER EB 610 19.25 3.37 71.69
CA SER EB 610 18.82 2.98 73.03
C SER EB 610 19.65 3.76 74.04
N MET EB 611 19.04 4.77 74.68
CA MET EB 611 19.74 5.66 75.58
C MET EB 611 19.34 5.36 77.02
N MET EB 612 20.29 5.57 77.93
CA MET EB 612 20.10 5.34 79.36
C MET EB 612 20.50 6.61 80.09
N SER EB 613 19.64 7.06 81.00
CA SER EB 613 19.86 8.31 81.73
C SER EB 613 20.41 8.01 83.11
N VAL EB 614 21.57 8.58 83.43
CA VAL EB 614 22.22 8.34 84.71
C VAL EB 614 22.42 9.66 85.42
N THR EB 615 22.14 9.65 86.72
CA THR EB 615 22.25 10.84 87.57
C THR EB 615 23.22 10.55 88.70
N LEU EB 616 24.32 11.30 88.75
CA LEU EB 616 25.31 11.19 89.80
C LEU EB 616 25.02 12.25 90.86
N SER EB 617 24.82 11.81 92.10
CA SER EB 617 24.64 12.72 93.22
C SER EB 617 25.98 12.87 93.95
N CYS EB 618 26.46 14.10 94.05
CA CYS EB 618 27.81 14.37 94.51
C CYS EB 618 27.78 15.22 95.77
N ASP EB 619 28.74 14.96 96.65
CA ASP EB 619 29.01 15.81 97.81
C ASP EB 619 29.76 17.04 97.34
N HIS EB 620 29.13 18.22 97.44
CA HIS EB 620 29.74 19.43 96.90
C HIS EB 620 30.95 19.88 97.71
N ARG EB 621 31.17 19.32 98.90
CA ARG EB 621 32.39 19.64 99.64
C ARG EB 621 33.61 19.01 98.99
N VAL EB 622 33.47 17.82 98.42
CA VAL EB 622 34.57 17.09 97.82
C VAL EB 622 34.60 17.24 96.30
N VAL EB 623 33.46 17.06 95.65
CA VAL EB 623 33.37 17.06 94.20
C VAL EB 623 32.61 18.30 93.77
N ASP EB 624 33.29 19.19 93.05
CA ASP EB 624 32.62 20.35 92.49
C ASP EB 624 32.00 20.01 91.14
N GLY EB 625 31.34 21.00 90.54
CA GLY EB 625 30.61 20.77 89.31
C GLY EB 625 31.48 20.29 88.18
N ALA EB 626 32.65 20.91 88.01
CA ALA EB 626 33.54 20.52 86.92
C ALA EB 626 34.04 19.10 87.09
N VAL EB 627 34.40 18.71 88.32
CA VAL EB 627 34.88 17.36 88.56
C VAL EB 627 33.77 16.33 88.34
N GLY EB 628 32.56 16.62 88.82
CA GLY EB 628 31.46 15.70 88.58
C GLY EB 628 31.14 15.55 87.11
N ALA EB 629 31.18 16.66 86.37
CA ALA EB 629 30.94 16.61 84.93
C ALA EB 629 32.03 15.82 84.22
N GLN EB 630 33.28 15.98 84.64
CA GLN EB 630 34.37 15.20 84.04
C GLN EB 630 34.18 13.72 84.31
N TRP EB 631 33.77 13.37 85.53
CA TRP EB 631 33.51 11.96 85.85
C TRP EB 631 32.40 11.40 84.97
N LEU EB 632 31.31 12.16 84.81
CA LEU EB 632 30.21 11.67 83.99
C LEU EB 632 30.61 11.55 82.53
N ALA EB 633 31.44 12.48 82.03
CA ALA EB 633 31.92 12.39 80.66
C ALA EB 633 32.79 11.16 80.45
N GLU EB 634 33.67 10.87 81.41
CA GLU EB 634 34.50 9.66 81.31
C GLU EB 634 33.65 8.40 81.34
N PHE EB 635 32.66 8.37 82.23
CA PHE EB 635 31.75 7.24 82.32
C PHE EB 635 30.99 7.02 81.01
N ARG EB 636 30.50 8.12 80.44
CA ARG EB 636 29.76 8.04 79.17
C ARG EB 636 30.66 7.57 78.04
N LYS EB 637 31.91 8.05 78.00
CA LYS EB 637 32.83 7.60 76.97
C LYS EB 637 33.12 6.11 77.10
N TYR EB 638 33.36 5.64 78.34
CA TYR EB 638 33.64 4.23 78.56
C TYR EB 638 32.45 3.37 78.12
N LEU EB 639 31.23 3.79 78.43
CA LEU EB 639 30.08 3.00 78.01
C LEU EB 639 29.84 3.08 76.51
N GLU EB 640 30.02 4.24 75.90
CA GLU EB 640 29.75 4.38 74.47
C GLU EB 640 30.80 3.68 73.62
N LYS EB 641 32.00 3.44 74.15
CA LYS EB 641 33.02 2.67 73.46
C LYS EB 641 33.52 1.59 74.41
N PRO EB 642 32.86 0.43 74.44
CA PRO EB 642 33.24 -0.62 75.40
C PRO EB 642 34.66 -1.12 75.21
N ILE EB 643 35.22 -1.03 74.00
CA ILE EB 643 36.59 -1.50 73.79
C ILE EB 643 37.58 -0.61 74.53
N THR EB 644 37.18 0.61 74.89
CA THR EB 644 38.07 1.50 75.63
C THR EB 644 38.24 1.11 77.09
N MET EB 645 37.42 0.19 77.60
CA MET EB 645 37.68 -0.34 78.93
C MET EB 645 38.91 -1.24 78.96
N LEU EB 646 39.44 -1.62 77.80
CA LEU EB 646 40.70 -2.36 77.74
C LEU EB 646 41.90 -1.47 78.02
N LEU EB 647 41.78 -0.16 77.86
CA LEU EB 647 42.89 0.76 78.11
C LEU EB 647 43.10 0.96 79.60
N PHE FB 420 -59.46 -88.11 -29.22
CA PHE FB 420 -59.74 -88.01 -27.79
C PHE FB 420 -59.50 -89.34 -27.07
N THR FB 421 -59.51 -89.30 -25.75
CA THR FB 421 -59.35 -90.49 -24.92
C THR FB 421 -60.42 -90.49 -23.84
N ASP FB 422 -61.13 -91.61 -23.69
CA ASP FB 422 -62.17 -91.74 -22.69
C ASP FB 422 -61.58 -92.39 -21.44
N ILE FB 423 -61.46 -91.60 -20.37
CA ILE FB 423 -60.93 -92.08 -19.11
C ILE FB 423 -62.10 -92.51 -18.23
N PRO FB 424 -62.18 -93.77 -17.81
CA PRO FB 424 -63.31 -94.20 -16.97
C PRO FB 424 -63.33 -93.44 -15.66
N ILE FB 425 -64.55 -93.15 -15.19
CA ILE FB 425 -64.73 -92.41 -13.94
C ILE FB 425 -64.70 -93.41 -12.79
N SER FB 426 -63.82 -93.17 -11.82
CA SER FB 426 -63.75 -94.02 -10.65
C SER FB 426 -64.97 -93.79 -9.75
N ASN FB 427 -65.21 -94.76 -8.86
CA ASN FB 427 -66.32 -94.63 -7.92
C ASN FB 427 -66.08 -93.46 -6.95
N ILE FB 428 -64.83 -93.26 -6.54
CA ILE FB 428 -64.51 -92.13 -5.67
C ILE FB 428 -64.82 -90.81 -6.37
N ARG FB 429 -64.42 -90.70 -7.64
CA ARG FB 429 -64.71 -89.50 -8.40
C ARG FB 429 -66.21 -89.31 -8.61
N ARG FB 430 -66.94 -90.41 -8.82
CA ARG FB 430 -68.39 -90.32 -8.95
C ARG FB 430 -69.03 -89.81 -7.66
N VAL FB 431 -68.53 -90.29 -6.51
CA VAL FB 431 -69.05 -89.83 -5.22
C VAL FB 431 -68.77 -88.34 -5.04
N ILE FB 432 -67.54 -87.91 -5.38
CA ILE FB 432 -67.19 -86.50 -5.24
C ILE FB 432 -68.05 -85.64 -6.15
N ALA FB 433 -68.25 -86.08 -7.39
CA ALA FB 433 -69.07 -85.34 -8.33
C ALA FB 433 -70.52 -85.27 -7.86
N GLN FB 434 -71.04 -86.35 -7.29
CA GLN FB 434 -72.41 -86.34 -6.77
C GLN FB 434 -72.53 -85.38 -5.60
N ARG FB 435 -71.54 -85.36 -4.71
CA ARG FB 435 -71.56 -84.42 -3.60
C ARG FB 435 -71.53 -82.98 -4.09
N LEU FB 436 -70.68 -82.69 -5.07
CA LEU FB 436 -70.61 -81.33 -5.62
C LEU FB 436 -71.91 -80.93 -6.30
N MET FB 437 -72.52 -81.86 -7.04
CA MET FB 437 -73.80 -81.59 -7.67
C MET FB 437 -74.87 -81.31 -6.61
N GLN FB 438 -74.90 -82.11 -5.56
CA GLN FB 438 -75.85 -81.89 -4.48
C GLN FB 438 -75.65 -80.52 -3.84
N SER FB 439 -74.40 -80.15 -3.59
CA SER FB 439 -74.11 -78.85 -2.99
C SER FB 439 -74.59 -77.71 -3.87
N LYS FB 440 -74.22 -77.74 -5.15
CA LYS FB 440 -74.57 -76.63 -6.04
C LYS FB 440 -76.05 -76.62 -6.38
N GLN FB 441 -76.75 -77.74 -6.18
CA GLN FB 441 -78.17 -77.77 -6.48
C GLN FB 441 -79.04 -77.41 -5.28
N THR FB 442 -78.58 -77.70 -4.07
CA THR FB 442 -79.41 -77.48 -2.88
C THR FB 442 -78.96 -76.31 -2.03
N ILE FB 443 -77.75 -75.79 -2.23
CA ILE FB 443 -77.22 -74.70 -1.41
C ILE FB 443 -77.17 -73.44 -2.26
N PRO FB 444 -77.94 -72.40 -1.93
CA PRO FB 444 -77.84 -71.14 -2.68
C PRO FB 444 -76.60 -70.34 -2.31
N HIS FB 445 -75.47 -70.65 -2.96
CA HIS FB 445 -74.20 -70.00 -2.64
C HIS FB 445 -74.26 -68.51 -2.93
N TYR FB 446 -73.59 -67.72 -2.09
CA TYR FB 446 -73.24 -66.35 -2.45
C TYR FB 446 -71.90 -66.01 -1.81
N TYR FB 447 -71.11 -65.21 -2.52
CA TYR FB 447 -69.69 -65.08 -2.23
C TYR FB 447 -69.36 -63.67 -1.76
N LEU FB 448 -68.56 -63.55 -0.71
CA LEU FB 448 -68.10 -62.26 -0.19
C LEU FB 448 -66.58 -62.26 -0.10
N SER FB 449 -65.94 -61.26 -0.67
CA SER FB 449 -64.49 -61.19 -0.75
C SER FB 449 -63.96 -59.97 0.00
N VAL FB 450 -62.85 -60.17 0.73
CA VAL FB 450 -62.16 -59.08 1.41
C VAL FB 450 -60.66 -59.25 1.25
N ASP FB 451 -59.93 -58.21 1.64
CA ASP FB 451 -58.47 -58.21 1.63
C ASP FB 451 -57.94 -58.03 3.05
N VAL FB 452 -56.97 -58.87 3.41
CA VAL FB 452 -56.42 -58.92 4.75
C VAL FB 452 -54.94 -58.57 4.69
N ASN FB 453 -54.50 -57.63 5.54
CA ASN FB 453 -53.11 -57.22 5.59
C ASN FB 453 -52.33 -58.24 6.43
N MET FB 454 -51.25 -58.77 5.87
CA MET FB 454 -50.55 -59.90 6.46
C MET FB 454 -49.15 -59.56 6.98
N GLY FB 455 -48.79 -58.28 7.05
CA GLY FB 455 -47.46 -57.94 7.54
C GLY FB 455 -47.24 -58.35 8.98
N GLU FB 456 -48.21 -58.07 9.84
CA GLU FB 456 -48.07 -58.43 11.25
C GLU FB 456 -48.08 -59.94 11.44
N VAL FB 457 -48.89 -60.65 10.65
CA VAL FB 457 -48.90 -62.11 10.72
C VAL FB 457 -47.54 -62.65 10.30
N LEU FB 458 -46.94 -62.10 9.25
CA LEU FB 458 -45.63 -62.56 8.82
C LEU FB 458 -44.57 -62.30 9.88
N LEU FB 459 -44.60 -61.12 10.50
CA LEU FB 459 -43.63 -60.81 11.56
C LEU FB 459 -43.79 -61.76 12.74
N VAL FB 460 -45.03 -61.96 13.19
CA VAL FB 460 -45.30 -62.86 14.31
C VAL FB 460 -44.91 -64.28 13.98
N ARG FB 461 -45.17 -64.72 12.74
CA ARG FB 461 -44.80 -66.07 12.34
C ARG FB 461 -43.30 -66.25 12.32
N LYS FB 462 -42.56 -65.25 11.84
CA LYS FB 462 -41.11 -65.32 11.86
C LYS FB 462 -40.58 -65.42 13.29
N GLU FB 463 -41.14 -64.60 14.19
CA GLU FB 463 -40.71 -64.66 15.59
C GLU FB 463 -41.02 -66.01 16.22
N LEU FB 464 -42.22 -66.54 15.97
CA LEU FB 464 -42.59 -67.85 16.51
C LEU FB 464 -41.71 -68.96 15.95
N ASN FB 465 -41.39 -68.90 14.66
CA ASN FB 465 -40.51 -69.91 14.08
C ASN FB 465 -39.10 -69.82 14.66
N LYS FB 466 -38.62 -68.59 14.90
CA LYS FB 466 -37.32 -68.44 15.56
C LYS FB 466 -37.35 -69.02 16.98
N MET FB 467 -38.43 -68.76 17.72
CA MET FB 467 -38.52 -69.28 19.08
C MET FB 467 -38.65 -70.80 19.10
N LEU FB 468 -39.32 -71.39 18.11
CA LEU FB 468 -39.53 -72.83 18.08
C LEU FB 468 -38.24 -73.62 17.95
N GLU FB 469 -37.18 -73.02 17.37
CA GLU FB 469 -35.86 -73.64 17.28
C GLU FB 469 -35.91 -74.99 16.56
N GLY FB 470 -36.76 -75.07 15.53
CA GLY FB 470 -36.82 -76.25 14.71
C GLY FB 470 -37.67 -77.38 15.24
N ARG FB 471 -38.26 -77.23 16.44
CA ARG FB 471 -39.15 -78.27 16.94
C ARG FB 471 -40.38 -78.40 16.07
N SER FB 472 -40.93 -77.27 15.62
CA SER FB 472 -42.02 -77.26 14.65
C SER FB 472 -41.84 -76.04 13.75
N LYS FB 473 -42.73 -75.91 12.77
CA LYS FB 473 -42.72 -74.78 11.85
C LYS FB 473 -44.15 -74.27 11.71
N ILE FB 474 -44.38 -73.01 12.08
CA ILE FB 474 -45.71 -72.43 11.98
C ILE FB 474 -45.88 -71.82 10.59
N SER FB 475 -46.95 -72.22 9.92
CA SER FB 475 -47.25 -71.72 8.58
C SER FB 475 -48.39 -70.71 8.61
N VAL FB 476 -48.56 -70.00 7.49
CA VAL FB 476 -49.62 -69.01 7.38
C VAL FB 476 -50.99 -69.67 7.45
N ASN FB 477 -51.12 -70.89 6.91
CA ASN FB 477 -52.39 -71.58 6.99
C ASN FB 477 -52.78 -71.90 8.43
N ASP FB 478 -51.81 -72.06 9.32
CA ASP FB 478 -52.14 -72.25 10.74
C ASP FB 478 -52.77 -71.00 11.33
N PHE FB 479 -52.21 -69.83 11.04
CA PHE FB 479 -52.83 -68.58 11.46
C PHE FB 479 -54.23 -68.44 10.88
N ILE FB 480 -54.38 -68.82 9.61
CA ILE FB 480 -55.69 -68.71 8.96
C ILE FB 480 -56.71 -69.62 9.62
N ILE FB 481 -56.30 -70.86 9.95
CA ILE FB 481 -57.22 -71.80 10.59
C ILE FB 481 -57.61 -71.29 11.98
N LYS FB 482 -56.64 -70.79 12.74
CA LYS FB 482 -56.93 -70.29 14.08
C LYS FB 482 -57.88 -69.10 14.02
N ALA FB 483 -57.62 -68.16 13.09
CA ALA FB 483 -58.47 -67.00 12.95
C ALA FB 483 -59.88 -67.40 12.52
N SER FB 484 -59.98 -68.38 11.61
CA SER FB 484 -61.29 -68.85 11.18
C SER FB 484 -62.05 -69.47 12.34
N ALA FB 485 -61.37 -70.26 13.17
CA ALA FB 485 -62.03 -70.87 14.33
C ALA FB 485 -62.52 -69.81 15.31
N LEU FB 486 -61.68 -68.80 15.58
CA LEU FB 486 -62.10 -67.75 16.51
C LEU FB 486 -63.25 -66.92 15.95
N ALA FB 487 -63.22 -66.63 14.64
CA ALA FB 487 -64.31 -65.89 14.03
C ALA FB 487 -65.59 -66.72 14.03
N CYS FB 488 -65.47 -68.05 13.85
CA CYS FB 488 -66.63 -68.92 13.97
C CYS FB 488 -67.20 -68.90 15.38
N LEU FB 489 -66.34 -68.86 16.40
CA LEU FB 489 -66.83 -68.72 17.77
C LEU FB 489 -67.57 -67.40 17.95
N LYS FB 490 -67.02 -66.31 17.40
CA LYS FB 490 -67.65 -65.00 17.61
C LYS FB 490 -68.96 -64.89 16.83
N VAL FB 491 -69.05 -65.52 15.66
CA VAL FB 491 -70.25 -65.46 14.84
C VAL FB 491 -70.73 -66.88 14.58
N PRO FB 492 -71.53 -67.46 15.48
CA PRO FB 492 -71.88 -68.88 15.35
C PRO FB 492 -72.76 -69.21 14.15
N GLU FB 493 -73.33 -68.23 13.47
CA GLU FB 493 -74.17 -68.52 12.31
C GLU FB 493 -73.37 -69.17 11.20
N ALA FB 494 -72.12 -68.75 11.02
CA ALA FB 494 -71.25 -69.40 10.03
C ALA FB 494 -70.86 -70.81 10.45
N ASN FB 495 -71.10 -71.18 11.71
CA ASN FB 495 -70.85 -72.52 12.21
C ASN FB 495 -72.14 -73.33 12.37
N SER FB 496 -73.07 -73.17 11.45
CA SER FB 496 -74.36 -73.83 11.49
C SER FB 496 -74.52 -74.77 10.31
N SER FB 497 -75.63 -75.49 10.31
CA SER FB 497 -75.99 -76.42 9.25
C SER FB 497 -77.49 -76.42 9.06
N TRP FB 498 -77.93 -76.51 7.81
CA TRP FB 498 -79.35 -76.52 7.49
C TRP FB 498 -79.82 -77.97 7.32
N LEU FB 499 -80.85 -78.36 8.07
CA LEU FB 499 -81.36 -79.71 8.08
C LEU FB 499 -82.83 -79.76 7.70
N ASP FB 500 -83.30 -78.70 7.05
CA ASP FB 500 -84.63 -78.61 6.45
C ASP FB 500 -85.74 -78.51 7.49
N THR FB 501 -85.40 -78.68 8.77
CA THR FB 501 -86.35 -78.50 9.86
C THR FB 501 -85.81 -77.60 10.96
N VAL FB 502 -84.52 -77.70 11.27
CA VAL FB 502 -83.86 -76.86 12.26
C VAL FB 502 -82.51 -76.42 11.71
N ILE FB 503 -81.97 -75.37 12.31
CA ILE FB 503 -80.63 -74.88 11.99
C ILE FB 503 -79.71 -75.30 13.11
N ARG FB 504 -78.91 -76.33 12.88
CA ARG FB 504 -78.02 -76.89 13.90
C ARG FB 504 -76.82 -75.96 14.05
N GLN FB 505 -76.70 -75.31 15.21
CA GLN FB 505 -75.61 -74.38 15.47
C GLN FB 505 -74.53 -75.08 16.27
N ASN FB 506 -73.47 -75.53 15.59
CA ASN FB 506 -72.43 -76.30 16.26
C ASN FB 506 -71.65 -75.42 17.22
N HIS FB 507 -71.46 -75.91 18.44
CA HIS FB 507 -70.71 -75.18 19.46
C HIS FB 507 -69.21 -75.48 19.42
N VAL FB 508 -68.78 -76.46 18.65
CA VAL FB 508 -67.37 -76.75 18.43
C VAL FB 508 -67.04 -76.44 16.98
N VAL FB 509 -65.77 -76.14 16.72
CA VAL FB 509 -65.32 -75.74 15.39
C VAL FB 509 -64.33 -76.80 14.91
N ASP FB 510 -64.79 -77.66 14.00
CA ASP FB 510 -63.97 -78.68 13.38
C ASP FB 510 -63.66 -78.20 11.97
N ILE FB 511 -62.43 -77.76 11.75
CA ILE FB 511 -62.05 -77.11 10.49
C ILE FB 511 -61.57 -78.19 9.52
N SER FB 512 -62.35 -78.44 8.48
CA SER FB 512 -61.86 -79.25 7.37
C SER FB 512 -60.88 -78.44 6.55
N VAL FB 513 -59.78 -79.05 6.14
CA VAL FB 513 -58.74 -78.37 5.37
C VAL FB 513 -58.60 -79.09 4.03
N ALA FB 514 -58.80 -78.36 2.94
CA ALA FB 514 -58.70 -78.95 1.61
C ALA FB 514 -57.24 -79.24 1.29
N VAL FB 515 -56.96 -80.48 0.91
CA VAL FB 515 -55.61 -80.93 0.55
C VAL FB 515 -55.71 -81.63 -0.80
N SER FB 516 -54.81 -81.25 -1.70
CA SER FB 516 -54.76 -81.86 -3.03
C SER FB 516 -53.76 -83.01 -3.03
N THR FB 517 -54.22 -84.17 -3.44
CA THR FB 517 -53.44 -85.40 -3.55
C THR FB 517 -53.60 -85.93 -4.96
N PRO FB 518 -52.72 -86.84 -5.40
CA PRO FB 518 -52.86 -87.37 -6.77
C PRO FB 518 -54.19 -88.05 -7.02
N ALA FB 519 -54.91 -88.46 -5.99
CA ALA FB 519 -56.22 -89.08 -6.14
C ALA FB 519 -57.37 -88.07 -6.12
N GLY FB 520 -57.10 -86.80 -5.84
CA GLY FB 520 -58.12 -85.78 -5.83
C GLY FB 520 -58.03 -84.87 -4.62
N LEU FB 521 -59.15 -84.23 -4.31
CA LEU FB 521 -59.22 -83.33 -3.17
C LEU FB 521 -59.81 -84.06 -1.98
N ILE FB 522 -59.15 -83.95 -0.82
CA ILE FB 522 -59.64 -84.56 0.40
C ILE FB 522 -59.58 -83.53 1.52
N THR FB 523 -60.44 -83.71 2.53
CA THR FB 523 -60.62 -82.70 3.57
C THR FB 523 -60.40 -83.31 4.95
N PRO FB 524 -59.14 -83.49 5.36
CA PRO FB 524 -58.88 -83.88 6.76
C PRO FB 524 -59.33 -82.80 7.71
N ILE FB 525 -59.83 -83.22 8.87
CA ILE FB 525 -60.49 -82.33 9.83
C ILE FB 525 -59.55 -82.10 11.01
N VAL FB 526 -59.31 -80.82 11.31
CA VAL FB 526 -58.65 -80.42 12.56
C VAL FB 526 -59.77 -80.16 13.55
N PHE FB 527 -59.91 -81.05 14.53
CA PHE FB 527 -60.96 -80.93 15.52
C PHE FB 527 -60.56 -79.94 16.61
N ASN FB 528 -61.55 -79.21 17.13
CA ASN FB 528 -61.35 -78.27 18.24
C ASN FB 528 -60.25 -77.26 17.91
N ALA FB 529 -60.30 -76.72 16.69
CA ALA FB 529 -59.34 -75.70 16.30
C ALA FB 529 -59.55 -74.40 17.07
N HIS FB 530 -60.72 -74.25 17.69
CA HIS FB 530 -60.99 -73.03 18.46
C HIS FB 530 -60.26 -73.04 19.79
N ILE FB 531 -59.79 -74.21 20.24
CA ILE FB 531 -59.05 -74.31 21.50
C ILE FB 531 -57.63 -74.82 21.29
N LYS FB 532 -57.32 -75.41 20.13
CA LYS FB 532 -55.95 -75.83 19.86
C LYS FB 532 -55.05 -74.62 19.60
N GLY FB 533 -53.78 -74.74 20.00
CA GLY FB 533 -52.83 -73.69 19.75
C GLY FB 533 -52.25 -73.76 18.35
N LEU FB 534 -51.44 -72.76 18.00
CA LEU FB 534 -50.87 -72.70 16.66
C LEU FB 534 -49.92 -73.87 16.42
N GLU FB 535 -49.09 -74.22 17.41
CA GLU FB 535 -48.18 -75.34 17.23
C GLU FB 535 -48.94 -76.65 17.08
N THR FB 536 -49.96 -76.86 17.92
CA THR FB 536 -50.78 -78.05 17.81
C THR FB 536 -51.52 -78.10 16.48
N ILE FB 537 -52.05 -76.97 16.03
CA ILE FB 537 -52.75 -76.93 14.75
C ILE FB 537 -51.78 -77.26 13.61
N ALA FB 538 -50.58 -76.70 13.66
CA ALA FB 538 -49.59 -76.98 12.62
C ALA FB 538 -49.21 -78.45 12.59
N ASN FB 539 -48.97 -79.03 13.77
CA ASN FB 539 -48.62 -80.45 13.82
C ASN FB 539 -49.75 -81.32 13.29
N ASP FB 540 -50.99 -81.00 13.68
CA ASP FB 540 -52.14 -81.75 13.20
C ASP FB 540 -52.26 -81.63 11.68
N VAL FB 541 -52.06 -80.43 11.14
CA VAL FB 541 -52.17 -80.24 9.70
C VAL FB 541 -51.11 -81.03 8.96
N VAL FB 542 -49.86 -81.00 9.45
CA VAL FB 542 -48.80 -81.76 8.78
C VAL FB 542 -49.10 -83.25 8.84
N SER FB 543 -49.52 -83.75 10.01
CA SER FB 543 -49.80 -85.18 10.14
C SER FB 543 -50.94 -85.61 9.22
N LEU FB 544 -52.02 -84.82 9.20
CA LEU FB 544 -53.17 -85.19 8.37
C LEU FB 544 -52.84 -85.05 6.88
N ALA FB 545 -52.03 -84.07 6.51
CA ALA FB 545 -51.62 -83.93 5.12
C ALA FB 545 -50.77 -85.12 4.68
N THR FB 546 -49.85 -85.56 5.55
CA THR FB 546 -49.05 -86.75 5.24
C THR FB 546 -49.95 -87.98 5.09
N LYS FB 547 -50.92 -88.14 6.00
CA LYS FB 547 -51.84 -89.26 5.89
C LYS FB 547 -52.64 -89.21 4.61
N ALA FB 548 -53.12 -88.02 4.24
CA ALA FB 548 -53.91 -87.87 3.02
C ALA FB 548 -53.07 -88.19 1.78
N ARG FB 549 -51.83 -87.69 1.73
CA ARG FB 549 -50.97 -87.97 0.60
C ARG FB 549 -50.61 -89.44 0.51
N GLU FB 550 -50.48 -90.12 1.66
CA GLU FB 550 -50.19 -91.54 1.67
C GLU FB 550 -51.45 -92.40 1.53
N GLY FB 551 -52.63 -91.80 1.53
CA GLY FB 551 -53.85 -92.55 1.35
C GLY FB 551 -54.27 -93.37 2.55
N LYS FB 552 -53.90 -92.95 3.74
CA LYS FB 552 -54.16 -93.71 4.97
C LYS FB 552 -55.22 -93.06 5.86
N LEU FB 553 -55.95 -92.06 5.36
CA LEU FB 553 -56.94 -91.39 6.19
C LEU FB 553 -58.12 -92.29 6.47
N GLN FB 554 -58.54 -92.32 7.74
CA GLN FB 554 -59.75 -93.02 8.13
C GLN FB 554 -60.99 -92.17 7.82
N PRO FB 555 -62.14 -92.80 7.61
CA PRO FB 555 -63.34 -92.04 7.24
C PRO FB 555 -63.73 -90.96 8.26
N HIS FB 556 -63.54 -91.23 9.56
CA HIS FB 556 -63.89 -90.23 10.56
C HIS FB 556 -62.93 -89.04 10.55
N GLU FB 557 -61.75 -89.20 9.96
CA GLU FB 557 -60.79 -88.10 9.91
C GLU FB 557 -61.05 -87.10 8.80
N PHE FB 558 -61.95 -87.42 7.86
CA PHE FB 558 -62.30 -86.47 6.81
C PHE FB 558 -63.79 -86.33 6.55
N GLN FB 559 -64.65 -87.07 7.26
CA GLN FB 559 -66.08 -86.92 7.14
C GLN FB 559 -66.60 -86.12 8.33
N GLY FB 560 -67.32 -85.03 8.04
CA GLY FB 560 -67.85 -84.19 9.08
C GLY FB 560 -67.32 -82.77 9.01
N GLY FB 561 -67.07 -82.17 10.18
CA GLY FB 561 -66.60 -80.81 10.25
C GLY FB 561 -67.74 -79.80 10.17
N THR FB 562 -67.41 -78.56 10.56
CA THR FB 562 -68.39 -77.48 10.56
C THR FB 562 -67.99 -76.31 9.68
N PHE FB 563 -66.74 -76.23 9.24
CA PHE FB 563 -66.25 -75.11 8.44
C PHE FB 563 -65.04 -75.58 7.65
N THR FB 564 -65.02 -75.24 6.37
CA THR FB 564 -63.99 -75.71 5.45
C THR FB 564 -63.10 -74.55 5.03
N ILE FB 565 -61.80 -74.84 4.88
CA ILE FB 565 -60.83 -73.86 4.38
C ILE FB 565 -60.09 -74.49 3.21
N SER FB 566 -60.13 -73.81 2.06
CA SER FB 566 -59.42 -74.25 0.86
C SER FB 566 -58.44 -73.15 0.48
N ASN FB 567 -57.15 -73.45 0.59
CA ASN FB 567 -56.10 -72.47 0.34
C ASN FB 567 -55.37 -72.84 -0.93
N LEU FB 568 -55.44 -71.96 -1.94
CA LEU FB 568 -54.71 -72.15 -3.18
C LEU FB 568 -53.69 -71.05 -3.43
N GLY FB 569 -53.23 -70.38 -2.37
CA GLY FB 569 -52.26 -69.31 -2.55
C GLY FB 569 -50.91 -69.83 -3.04
N MET FB 570 -50.56 -71.06 -2.67
CA MET FB 570 -49.28 -71.63 -3.09
C MET FB 570 -49.21 -71.85 -4.61
N PHE FB 571 -50.36 -71.85 -5.29
CA PHE FB 571 -50.40 -71.99 -6.73
C PHE FB 571 -50.50 -70.65 -7.45
N GLY FB 572 -50.46 -69.54 -6.72
CA GLY FB 572 -50.47 -68.23 -7.35
C GLY FB 572 -51.84 -67.67 -7.66
N ILE FB 573 -52.91 -68.30 -7.17
CA ILE FB 573 -54.25 -67.79 -7.42
C ILE FB 573 -54.47 -66.51 -6.61
N LYS FB 574 -54.88 -65.44 -7.29
CA LYS FB 574 -55.18 -64.20 -6.59
C LYS FB 574 -56.38 -64.36 -5.67
N ASN FB 575 -57.48 -64.88 -6.20
CA ASN FB 575 -58.65 -65.22 -5.40
C ASN FB 575 -59.51 -66.21 -6.18
N PHE FB 576 -60.40 -66.89 -5.47
CA PHE FB 576 -61.29 -67.84 -6.11
C PHE FB 576 -62.51 -68.07 -5.22
N SER FB 577 -63.54 -68.66 -5.81
CA SER FB 577 -64.79 -68.97 -5.12
C SER FB 577 -64.96 -70.48 -5.11
N ALA FB 578 -65.14 -71.05 -3.93
CA ALA FB 578 -65.21 -72.50 -3.79
C ALA FB 578 -66.66 -72.96 -3.62
N ILE FB 579 -66.82 -74.28 -3.57
CA ILE FB 579 -68.13 -74.90 -3.40
C ILE FB 579 -68.28 -75.35 -1.96
N ILE FB 580 -69.43 -75.03 -1.34
CA ILE FB 580 -69.67 -75.41 0.04
C ILE FB 580 -69.75 -76.92 0.16
N ASN FB 581 -68.99 -77.48 1.08
CA ASN FB 581 -69.02 -78.91 1.36
C ASN FB 581 -70.20 -79.20 2.28
N PRO FB 582 -71.17 -79.99 1.86
CA PRO FB 582 -72.36 -80.23 2.67
C PRO FB 582 -72.02 -81.08 3.89
N PRO FB 583 -72.78 -80.95 4.98
CA PRO FB 583 -73.93 -80.04 5.18
C PRO FB 583 -73.53 -78.70 5.78
N GLN FB 584 -72.27 -78.29 5.65
CA GLN FB 584 -71.81 -77.06 6.26
C GLN FB 584 -72.44 -75.84 5.60
N ALA FB 585 -72.22 -74.67 6.20
CA ALA FB 585 -72.84 -73.44 5.75
C ALA FB 585 -71.89 -72.49 5.06
N CYS FB 586 -70.58 -72.66 5.23
CA CYS FB 586 -69.61 -71.75 4.64
C CYS FB 586 -68.34 -72.50 4.28
N ILE FB 587 -67.55 -71.89 3.39
CA ILE FB 587 -66.21 -72.36 3.06
C ILE FB 587 -65.35 -71.15 2.74
N LEU FB 588 -64.16 -71.09 3.31
CA LEU FB 588 -63.27 -69.96 3.13
C LEU FB 588 -62.24 -70.29 2.06
N ALA FB 589 -62.27 -69.55 0.97
CA ALA FB 589 -61.34 -69.72 -0.14
C ALA FB 589 -60.22 -68.69 0.00
N VAL FB 590 -58.98 -69.17 0.05
CA VAL FB 590 -57.83 -68.35 0.37
C VAL FB 590 -56.93 -68.28 -0.86
N GLY FB 591 -56.56 -67.05 -1.25
CA GLY FB 591 -55.69 -66.82 -2.38
C GLY FB 591 -54.25 -66.52 -1.95
N ALA FB 592 -53.49 -66.01 -2.91
CA ALA FB 592 -52.07 -65.76 -2.68
C ALA FB 592 -51.85 -64.38 -2.05
N SER FB 593 -50.72 -64.25 -1.35
CA SER FB 593 -50.34 -62.98 -0.76
C SER FB 593 -49.39 -62.23 -1.70
N GLU FB 594 -49.76 -61.01 -2.03
CA GLU FB 594 -49.00 -60.17 -2.94
C GLU FB 594 -48.78 -58.79 -2.36
N ASP FB 595 -47.65 -58.18 -2.70
CA ASP FB 595 -47.33 -56.84 -2.22
C ASP FB 595 -48.10 -55.81 -3.04
N ARG FB 596 -48.76 -54.87 -2.35
CA ARG FB 596 -49.54 -53.83 -3.00
C ARG FB 596 -49.24 -52.47 -2.38
N LEU FB 597 -49.29 -51.45 -3.22
CA LEU FB 597 -49.05 -50.08 -2.77
C LEU FB 597 -50.33 -49.46 -2.22
N PHE FB 598 -50.18 -48.67 -1.14
CA PHE FB 598 -51.33 -48.07 -0.48
C PHE FB 598 -51.01 -46.64 -0.04
N PRO FB 599 -52.03 -45.79 0.07
CA PRO FB 599 -51.81 -44.43 0.57
C PRO FB 599 -51.23 -44.44 1.97
N ALA FB 600 -50.32 -43.50 2.24
CA ALA FB 600 -49.73 -43.35 3.55
C ALA FB 600 -49.36 -41.89 3.78
N ASP FB 601 -49.38 -41.47 5.05
CA ASP FB 601 -49.04 -40.10 5.41
C ASP FB 601 -47.54 -40.01 5.70
N ASN FB 602 -46.77 -40.23 4.64
CA ASN FB 602 -45.31 -40.17 4.71
C ASN FB 602 -44.79 -39.33 3.55
N GLU FB 603 -43.47 -39.18 3.51
CA GLU FB 603 -42.83 -38.36 2.48
C GLU FB 603 -43.05 -38.93 1.09
N LYS FB 604 -42.89 -40.25 0.92
CA LYS FB 604 -43.12 -40.87 -0.37
C LYS FB 604 -44.57 -40.86 -0.79
N GLY FB 605 -45.50 -40.76 0.17
CA GLY FB 605 -46.91 -40.79 -0.13
C GLY FB 605 -47.51 -42.17 -0.25
N PHE FB 606 -46.72 -43.23 -0.03
CA PHE FB 606 -47.24 -44.58 -0.14
C PHE FB 606 -46.41 -45.53 0.70
N ASP FB 607 -46.96 -46.72 0.92
CA ASP FB 607 -46.31 -47.80 1.65
C ASP FB 607 -46.60 -49.11 0.93
N VAL FB 608 -45.82 -50.14 1.30
CA VAL FB 608 -45.95 -51.46 0.71
C VAL FB 608 -46.46 -52.42 1.78
N ALA FB 609 -47.56 -53.11 1.47
CA ALA FB 609 -48.18 -54.06 2.40
C ALA FB 609 -48.50 -55.34 1.67
N SER FB 610 -48.26 -56.47 2.34
CA SER FB 610 -48.53 -57.78 1.78
C SER FB 610 -49.95 -58.19 2.15
N MET FB 611 -50.86 -58.12 1.18
CA MET FB 611 -52.26 -58.45 1.42
C MET FB 611 -52.62 -59.80 0.83
N MET FB 612 -53.61 -60.43 1.42
CA MET FB 612 -54.16 -61.70 0.98
C MET FB 612 -55.65 -61.50 0.74
N SER FB 613 -56.16 -62.02 -0.37
CA SER FB 613 -57.57 -61.88 -0.70
C SER FB 613 -58.30 -63.17 -0.37
N VAL FB 614 -59.30 -63.08 0.50
CA VAL FB 614 -60.05 -64.25 0.95
C VAL FB 614 -61.52 -64.07 0.59
N THR FB 615 -62.11 -65.14 0.08
CA THR FB 615 -63.50 -65.15 -0.35
C THR FB 615 -64.25 -66.23 0.42
N LEU FB 616 -65.27 -65.83 1.15
CA LEU FB 616 -66.13 -66.75 1.88
C LEU FB 616 -67.38 -67.01 1.08
N SER FB 617 -67.66 -68.28 0.79
CA SER FB 617 -68.88 -68.68 0.11
C SER FB 617 -69.89 -69.17 1.15
N CYS FB 618 -71.04 -68.52 1.21
CA CYS FB 618 -72.00 -68.73 2.28
C CYS FB 618 -73.31 -69.26 1.73
N ASP FB 619 -73.94 -70.13 2.52
CA ASP FB 619 -75.29 -70.59 2.27
C ASP FB 619 -76.26 -69.49 2.68
N HIS FB 620 -76.97 -68.90 1.71
CA HIS FB 620 -77.83 -67.77 2.00
C HIS FB 620 -79.06 -68.15 2.82
N ARG FB 621 -79.35 -69.44 2.96
CA ARG FB 621 -80.45 -69.85 3.84
C ARG FB 621 -80.07 -69.65 5.30
N VAL FB 622 -78.81 -69.85 5.66
CA VAL FB 622 -78.35 -69.77 7.03
C VAL FB 622 -77.66 -68.45 7.31
N VAL FB 623 -76.74 -68.03 6.44
CA VAL FB 623 -75.93 -66.85 6.65
C VAL FB 623 -76.36 -65.79 5.65
N ASP FB 624 -76.89 -64.68 6.14
CA ASP FB 624 -77.22 -63.57 5.27
C ASP FB 624 -76.01 -62.67 5.07
N GLY FB 625 -76.20 -61.62 4.28
CA GLY FB 625 -75.08 -60.76 3.91
C GLY FB 625 -74.44 -60.09 5.10
N ALA FB 626 -75.25 -59.58 6.03
CA ALA FB 626 -74.70 -58.90 7.19
C ALA FB 626 -73.90 -59.85 8.07
N VAL FB 627 -74.40 -61.07 8.27
CA VAL FB 627 -73.69 -62.04 9.10
C VAL FB 627 -72.38 -62.46 8.44
N GLY FB 628 -72.42 -62.72 7.13
CA GLY FB 628 -71.18 -63.06 6.44
C GLY FB 628 -70.15 -61.94 6.48
N ALA FB 629 -70.61 -60.70 6.32
CA ALA FB 629 -69.71 -59.55 6.41
C ALA FB 629 -69.13 -59.41 7.81
N GLN FB 630 -69.95 -59.63 8.83
CA GLN FB 630 -69.44 -59.57 10.21
C GLN FB 630 -68.39 -60.65 10.44
N TRP FB 631 -68.63 -61.86 9.93
CA TRP FB 631 -67.64 -62.93 10.06
C TRP FB 631 -66.33 -62.55 9.38
N LEU FB 632 -66.41 -62.00 8.17
CA LEU FB 632 -65.20 -61.62 7.46
C LEU FB 632 -64.47 -60.48 8.17
N ALA FB 633 -65.21 -59.53 8.74
CA ALA FB 633 -64.58 -58.45 9.50
C ALA FB 633 -63.86 -58.98 10.72
N GLU FB 634 -64.49 -59.92 11.45
CA GLU FB 634 -63.83 -60.51 12.61
C GLU FB 634 -62.57 -61.28 12.21
N PHE FB 635 -62.66 -62.04 11.12
CA PHE FB 635 -61.51 -62.78 10.62
C PHE FB 635 -60.37 -61.83 10.25
N ARG FB 636 -60.70 -60.74 9.57
CA ARG FB 636 -59.69 -59.77 9.15
C ARG FB 636 -59.06 -59.10 10.37
N LYS FB 637 -59.87 -58.77 11.38
CA LYS FB 637 -59.31 -58.17 12.59
C LYS FB 637 -58.36 -59.12 13.30
N TYR FB 638 -58.76 -60.40 13.41
CA TYR FB 638 -57.91 -61.39 14.07
C TYR FB 638 -56.59 -61.55 13.33
N LEU FB 639 -56.63 -61.57 12.00
CA LEU FB 639 -55.37 -61.71 11.27
C LEU FB 639 -54.53 -60.43 11.33
N GLU FB 640 -55.16 -59.25 11.24
CA GLU FB 640 -54.39 -58.02 11.24
C GLU FB 640 -53.79 -57.70 12.60
N LYS FB 641 -54.35 -58.25 13.68
CA LYS FB 641 -53.77 -58.12 15.01
C LYS FB 641 -53.64 -59.51 15.62
N PRO FB 642 -52.54 -60.20 15.37
CA PRO FB 642 -52.40 -61.58 15.86
C PRO FB 642 -52.45 -61.70 17.37
N ILE FB 643 -52.08 -60.65 18.10
CA ILE FB 643 -52.12 -60.71 19.56
C ILE FB 643 -53.56 -60.80 20.05
N THR FB 644 -54.52 -60.41 19.23
CA THR FB 644 -55.93 -60.49 19.62
C THR FB 644 -56.47 -61.90 19.61
N MET FB 645 -55.75 -62.86 19.04
CA MET FB 645 -56.16 -64.25 19.18
C MET FB 645 -55.95 -64.77 20.59
N LEU FB 646 -55.24 -64.03 21.44
CA LEU FB 646 -55.11 -64.38 22.85
C LEU FB 646 -56.39 -64.09 23.64
N LEU FB 647 -57.25 -63.20 23.14
CA LEU FB 647 -58.49 -62.86 23.83
C LEU FB 647 -59.52 -63.97 23.67
N PHE GB 420 101.33 -15.26 40.46
CA PHE GB 420 101.58 -15.27 39.02
C PHE GB 420 102.37 -16.51 38.60
N THR GB 421 102.49 -16.70 37.30
CA THR GB 421 103.26 -17.81 36.73
C THR GB 421 104.12 -17.28 35.59
N ASP GB 422 105.41 -17.60 35.63
CA ASP GB 422 106.35 -17.16 34.60
C ASP GB 422 106.45 -18.24 33.53
N ILE GB 423 105.94 -17.94 32.34
CA ILE GB 423 105.97 -18.87 31.21
C ILE GB 423 107.18 -18.51 30.35
N PRO GB 424 108.16 -19.40 30.19
CA PRO GB 424 109.33 -19.07 29.36
C PRO GB 424 108.93 -18.78 27.93
N ILE GB 425 109.65 -17.84 27.32
CA ILE GB 425 109.38 -17.44 25.95
C ILE GB 425 110.11 -18.38 25.00
N SER GB 426 109.37 -19.02 24.11
CA SER GB 426 109.99 -19.88 23.11
C SER GB 426 110.74 -19.04 22.09
N ASN GB 427 111.65 -19.70 21.36
CA ASN GB 427 112.43 -19.01 20.34
C ASN GB 427 111.54 -18.56 19.19
N ILE GB 428 110.53 -19.36 18.84
CA ILE GB 428 109.58 -18.96 17.79
C ILE GB 428 108.84 -17.70 18.22
N ARG GB 429 108.38 -17.66 19.47
CA ARG GB 429 107.69 -16.48 19.96
C ARG GB 429 108.62 -15.28 20.01
N ARG GB 430 109.89 -15.51 20.36
CA ARG GB 430 110.86 -14.41 20.37
C ARG GB 430 111.06 -13.85 18.97
N VAL GB 431 111.14 -14.74 17.97
CA VAL GB 431 111.29 -14.29 16.58
C VAL GB 431 110.07 -13.49 16.14
N ILE GB 432 108.87 -13.97 16.47
CA ILE GB 432 107.65 -13.26 16.09
C ILE GB 432 107.60 -11.90 16.77
N ALA GB 433 107.96 -11.85 18.05
CA ALA GB 433 107.95 -10.59 18.78
C ALA GB 433 108.97 -9.61 18.20
N GLN GB 434 110.15 -10.10 17.83
CA GLN GB 434 111.16 -9.24 17.23
C GLN GB 434 110.69 -8.70 15.88
N ARG GB 435 110.03 -9.54 15.09
CA ARG GB 435 109.47 -9.05 13.82
C ARG GB 435 108.42 -7.98 14.06
N LEU GB 436 107.57 -8.16 15.08
CA LEU GB 436 106.56 -7.14 15.38
C LEU GB 436 107.21 -5.85 15.86
N MET GB 437 108.26 -5.95 16.68
CA MET GB 437 109.03 -4.77 17.06
C MET GB 437 109.57 -4.05 15.82
N GLN GB 438 110.19 -4.80 14.92
CA GLN GB 438 110.77 -4.19 13.73
C GLN GB 438 109.70 -3.49 12.90
N SER GB 439 108.55 -4.14 12.72
CA SER GB 439 107.47 -3.55 11.96
C SER GB 439 106.98 -2.25 12.59
N LYS GB 440 106.66 -2.29 13.89
CA LYS GB 440 106.08 -1.10 14.52
C LYS GB 440 107.12 -0.01 14.75
N GLN GB 441 108.41 -0.34 14.67
CA GLN GB 441 109.43 0.68 14.88
C GLN GB 441 109.89 1.32 13.56
N THR GB 442 109.89 0.56 12.47
CA THR GB 442 110.41 1.08 11.21
C THR GB 442 109.34 1.40 10.19
N ILE GB 443 108.10 0.99 10.41
CA ILE GB 443 107.01 1.21 9.46
C ILE GB 443 106.03 2.20 10.05
N PRO GB 444 105.89 3.41 9.50
CA PRO GB 444 104.90 4.36 10.01
C PRO GB 444 103.48 4.00 9.59
N HIS GB 445 102.82 3.14 10.36
CA HIS GB 445 101.49 2.66 10.01
C HIS GB 445 100.48 3.81 10.00
N TYR GB 446 99.53 3.75 9.08
CA TYR GB 446 98.31 4.53 9.19
C TYR GB 446 97.17 3.72 8.60
N TYR GB 447 95.98 3.88 9.19
CA TYR GB 447 94.89 2.93 8.99
C TYR GB 447 93.72 3.62 8.33
N LEU GB 448 93.10 2.95 7.35
CA LEU GB 448 91.92 3.46 6.67
C LEU GB 448 90.83 2.40 6.66
N SER GB 449 89.62 2.78 7.07
CA SER GB 449 88.52 1.83 7.24
C SER GB 449 87.39 2.16 6.28
N VAL GB 450 86.79 1.11 5.71
CA VAL GB 450 85.60 1.25 4.87
C VAL GB 450 84.63 0.12 5.18
N ASP GB 451 83.40 0.28 4.70
CA ASP GB 451 82.36 -0.73 4.81
C ASP GB 451 82.00 -1.27 3.44
N VAL GB 452 81.87 -2.58 3.35
CA VAL GB 452 81.60 -3.28 2.10
C VAL GB 452 80.28 -4.03 2.23
N ASN GB 453 79.38 -3.80 1.28
CA ASN GB 453 78.10 -4.51 1.26
C ASN GB 453 78.32 -5.88 0.64
N MET GB 454 77.90 -6.93 1.35
CA MET GB 454 78.24 -8.30 0.97
C MET GB 454 77.03 -9.12 0.53
N GLY GB 455 75.89 -8.49 0.22
CA GLY GB 455 74.73 -9.25 -0.20
C GLY GB 455 74.98 -9.98 -1.52
N GLU GB 456 75.54 -9.27 -2.49
CA GLU GB 456 75.83 -9.89 -3.78
C GLU GB 456 76.90 -10.97 -3.65
N VAL GB 457 77.90 -10.74 -2.79
CA VAL GB 457 78.91 -11.77 -2.55
C VAL GB 457 78.27 -13.02 -1.97
N LEU GB 458 77.36 -12.85 -1.01
CA LEU GB 458 76.70 -14.01 -0.41
C LEU GB 458 75.85 -14.75 -1.43
N LEU GB 459 75.12 -14.01 -2.28
CA LEU GB 459 74.30 -14.66 -3.30
C LEU GB 459 75.15 -15.43 -4.29
N VAL GB 460 76.24 -14.80 -4.77
CA VAL GB 460 77.11 -15.45 -5.72
C VAL GB 460 77.79 -16.66 -5.09
N ARG GB 461 78.18 -16.55 -3.83
CA ARG GB 461 78.80 -17.67 -3.14
C ARG GB 461 77.82 -18.84 -2.98
N LYS GB 462 76.57 -18.54 -2.66
CA LYS GB 462 75.57 -19.60 -2.57
C LYS GB 462 75.36 -20.29 -3.91
N GLU GB 463 75.26 -19.51 -4.98
CA GLU GB 463 75.08 -20.11 -6.30
C GLU GB 463 76.29 -20.96 -6.70
N LEU GB 464 77.50 -20.46 -6.43
CA LEU GB 464 78.71 -21.19 -6.77
C LEU GB 464 78.82 -22.47 -5.97
N ASN GB 465 78.48 -22.42 -4.68
CA ASN GB 465 78.50 -23.64 -3.86
C ASN GB 465 77.48 -24.65 -4.33
N LYS GB 466 76.30 -24.19 -4.74
CA LYS GB 466 75.30 -25.13 -5.26
C LYS GB 466 75.74 -25.74 -6.58
N MET GB 467 76.43 -24.96 -7.43
CA MET GB 467 76.98 -25.51 -8.65
C MET GB 467 78.11 -26.50 -8.38
N LEU GB 468 78.92 -26.25 -7.36
CA LEU GB 468 80.07 -27.10 -7.07
C LEU GB 468 79.68 -28.52 -6.67
N GLU GB 469 78.47 -28.72 -6.15
CA GLU GB 469 77.94 -30.05 -5.86
C GLU GB 469 78.83 -30.83 -4.91
N GLY GB 470 79.44 -30.12 -3.95
CA GLY GB 470 80.25 -30.74 -2.93
C GLY GB 470 81.68 -31.05 -3.32
N ARG GB 471 82.08 -30.78 -4.56
CA ARG GB 471 83.47 -30.98 -4.95
C ARG GB 471 84.39 -30.04 -4.17
N SER GB 472 83.96 -28.79 -3.99
CA SER GB 472 84.67 -27.83 -3.16
C SER GB 472 83.64 -26.89 -2.55
N LYS GB 473 84.08 -26.15 -1.53
CA LYS GB 473 83.23 -25.16 -0.86
C LYS GB 473 83.96 -23.83 -0.85
N ILE GB 474 83.28 -22.78 -1.34
CA ILE GB 474 83.91 -21.47 -1.41
C ILE GB 474 83.49 -20.64 -0.20
N SER GB 475 84.47 -20.06 0.48
CA SER GB 475 84.23 -19.21 1.64
C SER GB 475 84.31 -17.74 1.23
N VAL GB 476 83.85 -16.88 2.14
CA VAL GB 476 83.91 -15.44 1.92
C VAL GB 476 85.35 -14.96 1.84
N ASN GB 477 86.24 -15.61 2.58
CA ASN GB 477 87.66 -15.23 2.53
C ASN GB 477 88.25 -15.47 1.15
N ASP GB 478 87.71 -16.42 0.38
CA ASP GB 478 88.19 -16.61 -0.98
C ASP GB 478 87.83 -15.42 -1.87
N PHE GB 479 86.59 -14.94 -1.77
CA PHE GB 479 86.20 -13.71 -2.46
C PHE GB 479 87.08 -12.55 -2.03
N ILE GB 480 87.36 -12.46 -0.73
CA ILE GB 480 88.17 -11.35 -0.22
C ILE GB 480 89.58 -11.42 -0.79
N ILE GB 481 90.16 -12.62 -0.85
CA ILE GB 481 91.51 -12.79 -1.38
C ILE GB 481 91.55 -12.42 -2.86
N LYS GB 482 90.55 -12.88 -3.63
CA LYS GB 482 90.52 -12.56 -5.04
C LYS GB 482 90.37 -11.06 -5.27
N ALA GB 483 89.47 -10.42 -4.52
CA ALA GB 483 89.28 -8.98 -4.66
C ALA GB 483 90.54 -8.21 -4.26
N SER GB 484 91.22 -8.66 -3.20
CA SER GB 484 92.46 -8.00 -2.79
C SER GB 484 93.52 -8.13 -3.87
N ALA GB 485 93.63 -9.32 -4.48
CA ALA GB 485 94.62 -9.50 -5.55
C ALA GB 485 94.31 -8.61 -6.74
N LEU GB 486 93.05 -8.53 -7.15
CA LEU GB 486 92.70 -7.69 -8.30
C LEU GB 486 92.90 -6.20 -7.98
N ALA GB 487 92.56 -5.79 -6.76
CA ALA GB 487 92.80 -4.41 -6.36
C ALA GB 487 94.29 -4.10 -6.32
N CYS GB 488 95.11 -5.06 -5.89
CA CYS GB 488 96.56 -4.87 -5.92
C CYS GB 488 97.06 -4.74 -7.36
N LEU GB 489 96.47 -5.50 -8.28
CA LEU GB 489 96.81 -5.31 -9.70
C LEU GB 489 96.46 -3.90 -10.16
N LYS GB 490 95.27 -3.42 -9.79
CA LYS GB 490 94.83 -2.10 -10.25
C LYS GB 490 95.67 -0.98 -9.63
N VAL GB 491 96.07 -1.14 -8.38
CA VAL GB 491 96.84 -0.13 -7.67
C VAL GB 491 98.14 -0.77 -7.17
N PRO GB 492 99.20 -0.78 -7.98
CA PRO GB 492 100.41 -1.52 -7.60
C PRO GB 492 101.19 -0.91 -6.44
N GLU GB 493 100.84 0.30 -5.99
CA GLU GB 493 101.56 0.89 -4.87
C GLU GB 493 101.39 0.08 -3.60
N ALA GB 494 100.18 -0.44 -3.36
CA ALA GB 494 99.97 -1.32 -2.22
C ALA GB 494 100.70 -2.64 -2.35
N ASN GB 495 101.20 -2.97 -3.55
CA ASN GB 495 101.97 -4.17 -3.79
C ASN GB 495 103.46 -3.88 -3.91
N SER GB 496 103.98 -2.97 -3.10
CA SER GB 496 105.38 -2.57 -3.13
C SER GB 496 106.05 -2.91 -1.81
N SER GB 497 107.34 -2.61 -1.74
CA SER GB 497 108.16 -2.83 -0.56
C SER GB 497 109.24 -1.75 -0.49
N TRP GB 498 109.47 -1.24 0.71
CA TRP GB 498 110.48 -0.22 0.93
C TRP GB 498 111.79 -0.89 1.31
N LEU GB 499 112.85 -0.59 0.56
CA LEU GB 499 114.15 -1.21 0.74
C LEU GB 499 115.24 -0.18 1.01
N ASP GB 500 114.81 1.02 1.41
CA ASP GB 500 115.69 2.11 1.89
C ASP GB 500 116.50 2.74 0.77
N THR GB 501 116.46 2.15 -0.43
CA THR GB 501 117.11 2.73 -1.60
C THR GB 501 116.18 2.79 -2.80
N VAL GB 502 115.34 1.78 -2.99
CA VAL GB 502 114.36 1.74 -4.06
C VAL GB 502 113.05 1.21 -3.50
N ILE GB 503 111.97 1.48 -4.22
CA ILE GB 503 110.65 0.94 -3.90
C ILE GB 503 110.36 -0.21 -4.85
N ARG GB 504 110.48 -1.43 -4.35
CA ARG GB 504 110.30 -2.62 -5.17
C ARG GB 504 108.82 -2.83 -5.41
N GLN GB 505 108.38 -2.68 -6.66
CA GLN GB 505 106.97 -2.81 -7.01
C GLN GB 505 106.71 -4.19 -7.59
N ASN GB 506 106.20 -5.10 -6.76
CA ASN GB 506 106.01 -6.48 -7.20
C ASN GB 506 104.90 -6.56 -8.25
N HIS GB 507 105.20 -7.24 -9.34
CA HIS GB 507 104.24 -7.44 -10.42
C HIS GB 507 103.34 -8.65 -10.22
N VAL GB 508 103.64 -9.49 -9.24
CA VAL GB 508 102.80 -10.63 -8.89
C VAL GB 508 102.23 -10.39 -7.51
N VAL GB 509 101.10 -11.03 -7.21
CA VAL GB 509 100.38 -10.84 -5.96
C VAL GB 509 100.40 -12.17 -5.21
N ASP GB 510 101.25 -12.25 -4.18
CA ASP GB 510 101.30 -13.41 -3.30
C ASP GB 510 100.64 -13.01 -1.99
N ILE GB 511 99.45 -13.56 -1.74
CA ILE GB 511 98.63 -13.14 -0.60
C ILE GB 511 98.94 -14.04 0.59
N SER GB 512 99.59 -13.49 1.61
CA SER GB 512 99.69 -14.19 2.88
C SER GB 512 98.35 -14.16 3.58
N VAL GB 513 97.98 -15.26 4.21
CA VAL GB 513 96.70 -15.39 4.90
C VAL GB 513 96.99 -15.70 6.36
N ALA GB 514 96.45 -14.88 7.26
CA ALA GB 514 96.69 -15.10 8.68
C ALA GB 514 95.89 -16.30 9.17
N VAL GB 515 96.58 -17.27 9.73
CA VAL GB 515 95.97 -18.49 10.28
C VAL GB 515 96.40 -18.61 11.73
N SER GB 516 95.43 -18.83 12.61
CA SER GB 516 95.69 -19.00 14.03
C SER GB 516 95.76 -20.48 14.37
N THR GB 517 96.87 -20.90 14.94
CA THR GB 517 97.16 -22.28 15.34
C THR GB 517 97.51 -22.26 16.82
N PRO GB 518 97.45 -23.41 17.49
CA PRO GB 518 97.82 -23.44 18.91
C PRO GB 518 99.23 -22.95 19.20
N ALA GB 519 100.13 -22.98 18.21
CA ALA GB 519 101.49 -22.49 18.37
C ALA GB 519 101.63 -21.00 18.08
N GLY GB 520 100.59 -20.35 17.59
CA GLY GB 520 100.63 -18.92 17.33
C GLY GB 520 100.02 -18.55 15.99
N LEU GB 521 100.45 -17.40 15.48
CA LEU GB 521 99.96 -16.90 14.20
C LEU GB 521 100.95 -17.23 13.10
N ILE GB 522 100.45 -17.77 11.99
CA ILE GB 522 101.28 -18.10 10.84
C ILE GB 522 100.63 -17.53 9.59
N THR GB 523 101.41 -17.39 8.52
CA THR GB 523 100.97 -16.73 7.30
C THR GB 523 101.32 -17.58 6.07
N PRO GB 524 100.54 -18.63 5.80
CA PRO GB 524 100.72 -19.34 4.54
C PRO GB 524 100.39 -18.46 3.35
N ILE GB 525 101.12 -18.66 2.26
CA ILE GB 525 101.08 -17.76 1.11
C ILE GB 525 100.33 -18.45 -0.03
N VAL GB 526 99.31 -17.76 -0.55
CA VAL GB 526 98.64 -18.16 -1.79
C VAL GB 526 99.35 -17.39 -2.90
N PHE GB 527 100.14 -18.10 -3.69
CA PHE GB 527 100.90 -17.47 -4.76
C PHE GB 527 100.02 -17.24 -5.99
N ASN GB 528 100.24 -16.11 -6.66
CA ASN GB 528 99.55 -15.79 -7.90
C ASN GB 528 98.03 -15.78 -7.70
N ALA GB 529 97.59 -15.12 -6.64
CA ALA GB 529 96.16 -15.01 -6.38
C ALA GB 529 95.47 -14.13 -7.41
N HIS GB 530 96.25 -13.33 -8.16
CA HIS GB 530 95.65 -12.48 -9.17
C HIS GB 530 95.24 -13.28 -10.41
N ILE GB 531 95.78 -14.48 -10.59
CA ILE GB 531 95.41 -15.33 -11.71
C ILE GB 531 94.71 -16.61 -11.27
N LYS GB 532 94.84 -17.00 -10.00
CA LYS GB 532 94.12 -18.17 -9.52
C LYS GB 532 92.62 -17.89 -9.42
N GLY GB 533 91.82 -18.92 -9.69
CA GLY GB 533 90.38 -18.78 -9.57
C GLY GB 533 89.91 -18.98 -8.14
N LEU GB 534 88.60 -18.76 -7.94
CA LEU GB 534 88.04 -18.88 -6.59
C LEU GB 534 88.14 -20.31 -6.07
N GLU GB 535 87.86 -21.30 -6.92
CA GLU GB 535 87.96 -22.69 -6.48
C GLU GB 535 89.41 -23.05 -6.14
N THR GB 536 90.35 -22.63 -7.00
CA THR GB 536 91.76 -22.90 -6.74
C THR GB 536 92.22 -22.19 -5.47
N ILE GB 537 91.79 -20.94 -5.27
CA ILE GB 537 92.15 -20.21 -4.07
C ILE GB 537 91.60 -20.90 -2.82
N ALA GB 538 90.35 -21.35 -2.89
CA ALA GB 538 89.74 -22.03 -1.75
C ALA GB 538 90.48 -23.32 -1.42
N ASN GB 539 90.80 -24.11 -2.44
CA ASN GB 539 91.53 -25.36 -2.21
C ASN GB 539 92.91 -25.09 -1.63
N ASP GB 540 93.62 -24.09 -2.17
CA ASP GB 540 94.93 -23.75 -1.65
C ASP GB 540 94.85 -23.29 -0.20
N VAL GB 541 93.85 -22.46 0.12
CA VAL GB 541 93.70 -21.97 1.49
C VAL GB 541 93.41 -23.13 2.44
N VAL GB 542 92.54 -24.05 2.03
CA VAL GB 542 92.21 -25.20 2.89
C VAL GB 542 93.45 -26.05 3.13
N SER GB 543 94.20 -26.34 2.06
CA SER GB 543 95.38 -27.18 2.19
C SER GB 543 96.44 -26.52 3.07
N LEU GB 544 96.69 -25.23 2.86
CA LEU GB 544 97.70 -24.54 3.66
C LEU GB 544 97.27 -24.38 5.10
N ALA GB 545 95.97 -24.17 5.35
CA ALA GB 545 95.47 -24.09 6.71
C ALA GB 545 95.63 -25.43 7.43
N THR GB 546 95.34 -26.53 6.73
CA THR GB 546 95.55 -27.85 7.33
C THR GB 546 97.03 -28.08 7.63
N LYS GB 547 97.91 -27.69 6.71
CA LYS GB 547 99.34 -27.85 6.94
C LYS GB 547 99.80 -27.02 8.13
N ALA GB 548 99.29 -25.78 8.25
CA ALA GB 548 99.67 -24.92 9.36
C ALA GB 548 99.18 -25.48 10.68
N ARG GB 549 97.94 -25.98 10.71
CA ARG GB 549 97.41 -26.55 11.94
C ARG GB 549 98.16 -27.82 12.35
N GLU GB 550 98.60 -28.61 11.37
CA GLU GB 550 99.39 -29.81 11.67
C GLU GB 550 100.87 -29.50 11.83
N GLY GB 551 101.30 -28.26 11.63
CA GLY GB 551 102.69 -27.90 11.84
C GLY GB 551 103.64 -28.42 10.79
N LYS GB 552 103.17 -28.58 9.55
CA LYS GB 552 103.98 -29.15 8.47
C LYS GB 552 104.37 -28.13 7.42
N LEU GB 553 104.19 -26.84 7.67
CA LEU GB 553 104.50 -25.83 6.67
C LEU GB 553 106.00 -25.71 6.46
N GLN GB 554 106.41 -25.67 5.18
CA GLN GB 554 107.79 -25.42 4.83
C GLN GB 554 108.09 -23.93 4.87
N PRO GB 555 109.34 -23.53 5.09
CA PRO GB 555 109.66 -22.10 5.22
C PRO GB 555 109.26 -21.26 4.02
N HIS GB 556 109.40 -21.78 2.80
CA HIS GB 556 109.02 -21.00 1.62
C HIS GB 556 107.52 -20.85 1.49
N GLU GB 557 106.74 -21.68 2.18
CA GLU GB 557 105.28 -21.59 2.11
C GLU GB 557 104.70 -20.50 3.00
N PHE GB 558 105.50 -19.94 3.91
CA PHE GB 558 105.03 -18.83 4.74
C PHE GB 558 106.01 -17.68 4.86
N GLN GB 559 107.16 -17.72 4.20
CA GLN GB 559 108.09 -16.61 4.18
C GLN GB 559 108.00 -15.89 2.85
N GLY GB 560 107.79 -14.58 2.89
CA GLY GB 560 107.68 -13.78 1.69
C GLY GB 560 106.32 -13.12 1.53
N GLY GB 561 105.79 -13.14 0.32
CA GLY GB 561 104.51 -12.52 0.05
C GLY GB 561 104.62 -11.01 -0.16
N THR GB 562 103.60 -10.45 -0.80
CA THR GB 562 103.55 -9.03 -1.08
C THR GB 562 102.40 -8.30 -0.39
N PHE GB 563 101.39 -9.04 0.07
CA PHE GB 563 100.21 -8.44 0.68
C PHE GB 563 99.59 -9.46 1.60
N THR GB 564 99.16 -9.02 2.77
CA THR GB 564 98.66 -9.90 3.82
C THR GB 564 97.20 -9.61 4.10
N ILE GB 565 96.44 -10.66 4.39
CA ILE GB 565 95.04 -10.56 4.78
C ILE GB 565 94.86 -11.29 6.11
N SER GB 566 94.35 -10.58 7.11
CA SER GB 566 94.05 -11.14 8.42
C SER GB 566 92.57 -10.99 8.68
N ASN GB 567 91.86 -12.12 8.75
CA ASN GB 567 90.40 -12.13 8.89
C ASN GB 567 90.06 -12.61 10.31
N LEU GB 568 89.35 -11.78 11.06
CA LEU GB 568 88.88 -12.16 12.39
C LEU GB 568 87.36 -12.05 12.51
N GLY GB 569 86.64 -12.11 11.40
CA GLY GB 569 85.18 -12.01 11.46
C GLY GB 569 84.55 -13.24 12.10
N MET GB 570 85.23 -14.39 12.00
CA MET GB 570 84.72 -15.60 12.62
C MET GB 570 84.64 -15.49 14.14
N PHE GB 571 85.42 -14.58 14.73
CA PHE GB 571 85.42 -14.37 16.17
C PHE GB 571 84.52 -13.22 16.60
N GLY GB 572 83.80 -12.61 15.67
CA GLY GB 572 82.87 -11.56 16.02
C GLY GB 572 83.45 -10.17 16.12
N ILE GB 573 84.71 -9.98 15.73
CA ILE GB 573 85.30 -8.65 15.79
C ILE GB 573 84.65 -7.75 14.75
N LYS GB 574 84.18 -6.59 15.19
CA LYS GB 574 83.57 -5.64 14.25
C LYS GB 574 84.61 -5.09 13.28
N ASN GB 575 85.74 -4.61 13.81
CA ASN GB 575 86.86 -4.17 13.00
C ASN GB 575 88.10 -4.13 13.88
N PHE GB 576 89.26 -4.17 13.24
CA PHE GB 576 90.52 -4.12 13.97
C PHE GB 576 91.62 -3.61 13.06
N SER GB 577 92.72 -3.17 13.67
CA SER GB 577 93.87 -2.64 12.96
C SER GB 577 95.04 -3.58 13.19
N ALA GB 578 95.58 -4.14 12.11
CA ALA GB 578 96.65 -5.12 12.23
C ALA GB 578 98.02 -4.47 12.05
N ILE GB 579 99.05 -5.27 12.28
CA ILE GB 579 100.43 -4.82 12.13
C ILE GB 579 100.97 -5.30 10.79
N ILE GB 580 101.60 -4.40 10.05
CA ILE GB 580 102.14 -4.75 8.73
C ILE GB 580 103.26 -5.77 8.89
N ASN GB 581 103.15 -6.86 8.13
CA ASN GB 581 104.18 -7.89 8.12
C ASN GB 581 105.30 -7.46 7.20
N PRO GB 582 106.52 -7.27 7.70
CA PRO GB 582 107.60 -6.76 6.86
C PRO GB 582 108.06 -7.79 5.86
N PRO GB 583 108.61 -7.36 4.72
CA PRO GB 583 108.81 -5.98 4.28
C PRO GB 583 107.66 -5.46 3.42
N GLN GB 584 106.45 -5.99 3.61
CA GLN GB 584 105.32 -5.58 2.80
C GLN GB 584 104.89 -4.15 3.15
N ALA GB 585 104.01 -3.61 2.31
CA ALA GB 585 103.57 -2.22 2.47
C ALA GB 585 102.17 -2.07 3.03
N CYS GB 586 101.38 -3.15 3.06
CA CYS GB 586 100.00 -3.07 3.51
C CYS GB 586 99.58 -4.39 4.12
N ILE GB 587 98.48 -4.34 4.87
CA ILE GB 587 97.82 -5.53 5.42
C ILE GB 587 96.35 -5.21 5.59
N LEU GB 588 95.48 -6.10 5.12
CA LEU GB 588 94.05 -5.90 5.17
C LEU GB 588 93.47 -6.66 6.35
N ALA GB 589 92.86 -5.93 7.29
CA ALA GB 589 92.23 -6.50 8.46
C ALA GB 589 90.73 -6.56 8.22
N VAL GB 590 90.16 -7.77 8.25
CA VAL GB 590 88.77 -7.99 7.92
C VAL GB 590 88.02 -8.34 9.19
N GLY GB 591 86.90 -7.65 9.43
CA GLY GB 591 86.06 -7.90 10.58
C GLY GB 591 84.84 -8.73 10.22
N ALA GB 592 83.89 -8.74 11.16
CA ALA GB 592 82.68 -9.54 10.99
C ALA GB 592 81.67 -8.81 10.11
N SER GB 593 80.82 -9.61 9.45
CA SER GB 593 79.75 -9.05 8.64
C SER GB 593 78.43 -9.09 9.41
N GLU GB 594 77.76 -7.94 9.48
CA GLU GB 594 76.56 -7.78 10.27
C GLU GB 594 75.48 -7.10 9.46
N ASP GB 595 74.23 -7.40 9.79
CA ASP GB 595 73.09 -6.77 9.13
C ASP GB 595 72.88 -5.37 9.70
N ARG GB 596 72.79 -4.37 8.83
CA ARG GB 596 72.59 -2.99 9.23
C ARG GB 596 71.47 -2.36 8.40
N LEU GB 597 70.72 -1.46 9.03
CA LEU GB 597 69.66 -0.76 8.34
C LEU GB 597 70.21 0.45 7.60
N PHE GB 598 69.78 0.61 6.34
CA PHE GB 598 70.20 1.74 5.55
C PHE GB 598 69.01 2.35 4.83
N PRO GB 599 69.02 3.67 4.61
CA PRO GB 599 67.87 4.31 3.94
C PRO GB 599 67.67 3.79 2.53
N ALA GB 600 66.42 3.69 2.12
CA ALA GB 600 66.07 3.26 0.78
C ALA GB 600 64.79 3.96 0.34
N ASP GB 601 64.60 4.05 -0.97
CA ASP GB 601 63.42 4.72 -1.54
C ASP GB 601 62.30 3.70 -1.74
N ASN GB 602 61.82 3.17 -0.61
CA ASN GB 602 60.72 2.23 -0.60
C ASN GB 602 59.68 2.68 0.42
N GLU GB 603 58.61 1.89 0.53
CA GLU GB 603 57.53 2.23 1.46
C GLU GB 603 57.98 2.21 2.90
N LYS GB 604 58.77 1.20 3.29
CA LYS GB 604 59.28 1.11 4.65
C LYS GB 604 60.28 2.20 4.98
N GLY GB 605 60.94 2.77 3.97
CA GLY GB 605 61.94 3.79 4.20
C GLY GB 605 63.33 3.28 4.52
N PHE GB 606 63.53 1.97 4.56
CA PHE GB 606 64.83 1.40 4.89
C PHE GB 606 64.95 0.02 4.29
N ASP GB 607 66.18 -0.48 4.26
CA ASP GB 607 66.49 -1.83 3.79
C ASP GB 607 67.54 -2.44 4.71
N VAL GB 608 67.72 -3.75 4.59
CA VAL GB 608 68.66 -4.50 5.41
C VAL GB 608 69.75 -5.04 4.50
N ALA GB 609 71.01 -4.73 4.82
CA ALA GB 609 72.15 -5.18 4.05
C ALA GB 609 73.21 -5.73 4.99
N SER GB 610 73.86 -6.81 4.57
CA SER GB 610 74.94 -7.42 5.33
C SER GB 610 76.25 -6.72 4.97
N MET GB 611 76.74 -5.87 5.85
CA MET GB 611 77.92 -5.06 5.59
C MET GB 611 79.10 -5.58 6.40
N MET GB 612 80.28 -5.55 5.80
CA MET GB 612 81.51 -6.04 6.41
C MET GB 612 82.56 -4.94 6.36
N SER GB 613 83.13 -4.62 7.52
CA SER GB 613 84.05 -3.49 7.67
C SER GB 613 85.49 -3.98 7.58
N VAL GB 614 86.27 -3.33 6.72
CA VAL GB 614 87.68 -3.68 6.54
C VAL GB 614 88.56 -2.46 6.81
N THR GB 615 89.69 -2.70 7.47
CA THR GB 615 90.66 -1.67 7.79
C THR GB 615 92.00 -2.05 7.17
N LEU GB 616 92.47 -1.22 6.25
CA LEU GB 616 93.75 -1.41 5.60
C LEU GB 616 94.80 -0.58 6.33
N SER GB 617 95.85 -1.25 6.82
CA SER GB 617 96.97 -0.58 7.46
C SER GB 617 98.10 -0.44 6.46
N CYS GB 618 98.49 0.80 6.18
CA CYS GB 618 99.41 1.11 5.11
C CYS GB 618 100.68 1.73 5.65
N ASP GB 619 101.79 1.42 4.98
CA ASP GB 619 103.08 2.07 5.24
C ASP GB 619 103.08 3.43 4.54
N HIS GB 620 103.11 4.50 5.32
CA HIS GB 620 102.96 5.83 4.74
C HIS GB 620 104.17 6.26 3.91
N ARG GB 621 105.30 5.57 4.03
CA ARG GB 621 106.41 5.83 3.11
C ARG GB 621 106.05 5.48 1.69
N VAL GB 622 105.35 4.37 1.48
CA VAL GB 622 105.05 3.85 0.15
C VAL GB 622 103.67 4.26 -0.32
N VAL GB 623 102.65 4.06 0.52
CA VAL GB 623 101.26 4.30 0.14
C VAL GB 623 100.77 5.52 0.91
N ASP GB 624 100.45 6.59 0.20
CA ASP GB 624 99.87 7.75 0.85
C ASP GB 624 98.35 7.60 0.94
N GLY GB 625 97.72 8.62 1.54
CA GLY GB 625 96.30 8.51 1.83
C GLY GB 625 95.43 8.33 0.59
N ALA GB 626 95.72 9.09 -0.46
CA ALA GB 626 94.93 8.99 -1.69
C ALA GB 626 95.07 7.61 -2.33
N VAL GB 627 96.29 7.07 -2.36
CA VAL GB 627 96.50 5.76 -2.95
C VAL GB 627 95.82 4.67 -2.13
N GLY GB 628 95.93 4.74 -0.80
CA GLY GB 628 95.24 3.77 0.03
C GLY GB 628 93.73 3.83 -0.13
N ALA GB 629 93.19 5.04 -0.23
CA ALA GB 629 91.76 5.20 -0.45
C ALA GB 629 91.34 4.64 -1.81
N GLN GB 630 92.17 4.85 -2.85
CA GLN GB 630 91.87 4.28 -4.15
C GLN GB 630 91.87 2.76 -4.11
N TRP GB 631 92.84 2.18 -3.40
CA TRP GB 631 92.88 0.73 -3.25
C TRP GB 631 91.62 0.22 -2.56
N LEU GB 632 91.22 0.89 -1.48
CA LEU GB 632 90.02 0.45 -0.76
C LEU GB 632 88.77 0.60 -1.61
N ALA GB 633 88.69 1.66 -2.41
CA ALA GB 633 87.55 1.84 -3.31
C ALA GB 633 87.49 0.74 -4.36
N GLU GB 634 88.64 0.38 -4.93
CA GLU GB 634 88.66 -0.71 -5.91
C GLU GB 634 88.25 -2.03 -5.28
N PHE GB 635 88.76 -2.30 -4.07
CA PHE GB 635 88.39 -3.51 -3.34
C PHE GB 635 86.90 -3.56 -3.06
N ARG GB 636 86.34 -2.42 -2.64
CA ARG GB 636 84.92 -2.35 -2.33
C ARG GB 636 84.07 -2.57 -3.58
N LYS GB 637 84.49 -1.97 -4.71
CA LYS GB 637 83.75 -2.18 -5.95
C LYS GB 637 83.78 -3.64 -6.37
N TYR GB 638 84.96 -4.26 -6.30
CA TYR GB 638 85.08 -5.67 -6.67
C TYR GB 638 84.19 -6.55 -5.82
N LEU GB 639 84.14 -6.30 -4.52
CA LEU GB 639 83.28 -7.12 -3.67
C LEU GB 639 81.81 -6.80 -3.85
N GLU GB 640 81.45 -5.53 -4.04
CA GLU GB 640 80.05 -5.17 -4.17
C GLU GB 640 79.45 -5.64 -5.49
N LYS GB 641 80.27 -5.89 -6.51
CA LYS GB 641 79.81 -6.54 -7.73
C LYS GB 641 80.80 -7.63 -8.12
N PRO GB 642 80.54 -8.87 -7.71
CA PRO GB 642 81.49 -9.97 -7.99
C PRO GB 642 81.69 -10.23 -9.47
N ILE GB 643 80.70 -9.93 -10.31
CA ILE GB 643 80.86 -10.19 -11.75
C ILE GB 643 81.96 -9.33 -12.33
N THR GB 644 82.29 -8.20 -11.67
CA THR GB 644 83.40 -7.37 -12.13
C THR GB 644 84.76 -8.00 -11.85
N MET GB 645 84.82 -9.09 -11.08
CA MET GB 645 86.07 -9.80 -10.91
C MET GB 645 86.49 -10.53 -12.19
N LEU GB 646 85.60 -10.65 -13.17
CA LEU GB 646 85.92 -11.28 -14.43
C LEU GB 646 86.72 -10.37 -15.37
N LEU GB 647 86.75 -9.07 -15.10
CA LEU GB 647 87.47 -8.13 -15.95
C LEU GB 647 88.97 -8.23 -15.74
N PHE HB 420 22.41 -96.17 -49.01
CA PHE HB 420 23.74 -95.63 -48.77
C PHE HB 420 24.60 -95.64 -50.03
N THR HB 421 25.74 -94.98 -49.97
CA THR HB 421 26.69 -94.93 -51.08
C THR HB 421 28.09 -95.20 -50.54
N ASP HB 422 28.80 -96.13 -51.18
CA ASP HB 422 30.15 -96.49 -50.77
C ASP HB 422 31.14 -95.68 -51.60
N ILE HB 423 31.82 -94.74 -50.96
CA ILE HB 423 32.81 -93.90 -51.61
C ILE HB 423 34.18 -94.53 -51.40
N PRO HB 424 34.90 -94.91 -52.46
CA PRO HB 424 36.21 -95.52 -52.27
C PRO HB 424 37.18 -94.58 -51.57
N ILE HB 425 38.03 -95.16 -50.72
CA ILE HB 425 39.01 -94.38 -49.98
C ILE HB 425 40.25 -94.19 -50.84
N SER HB 426 40.64 -92.93 -51.03
CA SER HB 426 41.85 -92.65 -51.79
C SER HB 426 43.09 -93.04 -51.00
N ASN HB 427 44.21 -93.17 -51.71
CA ASN HB 427 45.47 -93.50 -51.04
C ASN HB 427 45.92 -92.36 -50.12
N ILE HB 428 45.68 -91.11 -50.54
CA ILE HB 428 46.01 -89.98 -49.69
C ILE HB 428 45.20 -90.02 -48.40
N ARG HB 429 43.90 -90.30 -48.51
CA ARG HB 429 43.07 -90.40 -47.33
C ARG HB 429 43.48 -91.57 -46.46
N ARG HB 430 43.89 -92.69 -47.07
CA ARG HB 430 44.37 -93.82 -46.29
C ARG HB 430 45.64 -93.46 -45.51
N VAL HB 431 46.54 -92.71 -46.15
CA VAL HB 431 47.76 -92.28 -45.47
C VAL HB 431 47.42 -91.36 -44.30
N ILE HB 432 46.50 -90.41 -44.53
CA ILE HB 432 46.11 -89.49 -43.46
C ILE HB 432 45.47 -90.25 -42.30
N ALA HB 433 44.59 -91.20 -42.62
CA ALA HB 433 43.94 -92.00 -41.59
C ALA HB 433 44.96 -92.84 -40.81
N GLN HB 434 45.95 -93.40 -41.51
CA GLN HB 434 46.98 -94.18 -40.83
C GLN HB 434 47.81 -93.30 -39.91
N ARG HB 435 48.15 -92.09 -40.35
CA ARG HB 435 48.88 -91.17 -39.49
C ARG HB 435 48.08 -90.80 -38.26
N LEU HB 436 46.79 -90.52 -38.43
CA LEU HB 436 45.94 -90.17 -37.28
C LEU HB 436 45.80 -91.34 -36.32
N MET HB 437 45.66 -92.56 -36.86
CA MET HB 437 45.59 -93.74 -36.01
C MET HB 437 46.89 -93.91 -35.22
N GLN HB 438 48.03 -93.74 -35.90
CA GLN HB 438 49.31 -93.85 -35.21
C GLN HB 438 49.44 -92.81 -34.11
N SER HB 439 49.02 -91.58 -34.40
CA SER HB 439 49.10 -90.52 -33.38
C SER HB 439 48.24 -90.86 -32.17
N LYS HB 440 46.98 -91.22 -32.40
CA LYS HB 440 46.08 -91.48 -31.27
C LYS HB 440 46.42 -92.77 -30.55
N GLN HB 441 47.17 -93.67 -31.19
CA GLN HB 441 47.53 -94.92 -30.53
C GLN HB 441 48.85 -94.84 -29.78
N THR HB 442 49.78 -94.00 -30.23
CA THR HB 442 51.10 -93.96 -29.63
C THR HB 442 51.36 -92.70 -28.80
N ILE HB 443 50.54 -91.66 -28.93
CA ILE HB 443 50.75 -90.41 -28.22
C ILE HB 443 49.66 -90.26 -27.15
N PRO HB 444 50.01 -90.27 -25.87
CA PRO HB 444 49.00 -90.05 -24.83
C PRO HB 444 48.59 -88.59 -24.72
N HIS HB 445 47.62 -88.17 -25.54
CA HIS HB 445 47.20 -86.78 -25.58
C HIS HB 445 46.60 -86.36 -24.25
N TYR HB 446 46.84 -85.11 -23.87
CA TYR HB 446 46.02 -84.46 -22.84
C TYR HB 446 45.92 -82.97 -23.18
N TYR HB 447 44.76 -82.39 -22.87
CA TYR HB 447 44.38 -81.11 -23.43
C TYR HB 447 44.29 -80.05 -22.34
N LEU HB 448 44.82 -78.86 -22.62
CA LEU HB 448 44.75 -77.72 -21.70
C LEU HB 448 44.18 -76.51 -22.43
N SER HB 449 43.15 -75.89 -21.86
CA SER HB 449 42.46 -74.79 -22.51
C SER HB 449 42.57 -73.52 -21.69
N VAL HB 450 42.76 -72.39 -22.37
CA VAL HB 450 42.78 -71.08 -21.74
C VAL HB 450 42.04 -70.09 -22.62
N ASP HB 451 41.79 -68.90 -22.06
CA ASP HB 451 41.16 -67.80 -22.75
C ASP HB 451 42.12 -66.61 -22.84
N VAL HB 452 42.22 -66.03 -24.03
CA VAL HB 452 43.15 -64.95 -24.32
C VAL HB 452 42.36 -63.72 -24.73
N ASN HB 453 42.67 -62.58 -24.10
CA ASN HB 453 42.02 -61.32 -24.42
C ASN HB 453 42.70 -60.73 -25.66
N MET HB 454 41.90 -60.42 -26.67
CA MET HB 454 42.42 -60.06 -27.98
C MET HB 454 42.21 -58.60 -28.35
N GLY HB 455 41.80 -57.75 -27.42
CA GLY HB 455 41.56 -56.35 -27.75
C GLY HB 455 42.81 -55.63 -28.20
N GLU HB 456 43.91 -55.82 -27.47
CA GLU HB 456 45.16 -55.16 -27.83
C GLU HB 456 45.70 -55.69 -29.14
N VAL HB 457 45.55 -57.01 -29.39
CA VAL HB 457 45.97 -57.56 -30.67
C VAL HB 457 45.17 -56.95 -31.81
N LEU HB 458 43.86 -56.80 -31.62
CA LEU HB 458 43.04 -56.19 -32.67
C LEU HB 458 43.45 -54.75 -32.92
N LEU HB 459 43.72 -53.98 -31.86
CA LEU HB 459 44.14 -52.59 -32.03
C LEU HB 459 45.47 -52.51 -32.77
N VAL HB 460 46.44 -53.33 -32.35
CA VAL HB 460 47.76 -53.32 -32.99
C VAL HB 460 47.64 -53.77 -34.44
N ARG HB 461 46.78 -54.75 -34.71
CA ARG HB 461 46.60 -55.22 -36.08
C ARG HB 461 45.98 -54.15 -36.96
N LYS HB 462 45.00 -53.41 -36.43
CA LYS HB 462 44.43 -52.31 -37.19
C LYS HB 462 45.47 -51.25 -37.50
N GLU HB 463 46.28 -50.88 -36.51
CA GLU HB 463 47.33 -49.89 -36.73
C GLU HB 463 48.35 -50.38 -37.75
N LEU HB 464 48.76 -51.64 -37.65
CA LEU HB 464 49.74 -52.19 -38.59
C LEU HB 464 49.18 -52.25 -40.00
N ASN HB 465 47.91 -52.62 -40.15
CA ASN HB 465 47.29 -52.66 -41.46
C ASN HB 465 47.16 -51.26 -42.05
N LYS HB 466 46.85 -50.26 -41.21
CA LYS HB 466 46.83 -48.89 -41.69
C LYS HB 466 48.21 -48.44 -42.15
N MET HB 467 49.26 -48.79 -41.39
CA MET HB 467 50.61 -48.41 -41.78
C MET HB 467 51.06 -49.12 -43.05
N LEU HB 468 50.62 -50.36 -43.25
CA LEU HB 468 51.04 -51.14 -44.41
C LEU HB 468 50.57 -50.54 -45.73
N GLU HB 469 49.47 -49.78 -45.73
CA GLU HB 469 48.98 -49.07 -46.90
C GLU HB 469 48.72 -50.02 -48.08
N GLY HB 470 48.21 -51.21 -47.76
CA GLY HB 470 47.81 -52.16 -48.77
C GLY HB 470 48.93 -53.00 -49.35
N ARG HB 471 50.18 -52.80 -48.91
CA ARG HB 471 51.27 -53.65 -49.38
C ARG HB 471 51.07 -55.09 -48.92
N SER HB 472 50.63 -55.27 -47.67
CA SER HB 472 50.25 -56.57 -47.16
C SER HB 472 49.09 -56.39 -46.19
N LYS HB 473 48.58 -57.50 -45.66
CA LYS HB 473 47.50 -57.49 -44.69
C LYS HB 473 47.85 -58.44 -43.57
N ILE HB 474 47.96 -57.91 -42.34
CA ILE HB 474 48.29 -58.73 -41.20
C ILE HB 474 47.00 -59.31 -40.60
N SER HB 475 46.99 -60.63 -40.43
CA SER HB 475 45.82 -61.32 -39.89
C SER HB 475 46.08 -61.75 -38.45
N VAL HB 476 45.00 -62.15 -37.77
CA VAL HB 476 45.11 -62.61 -36.39
C VAL HB 476 45.93 -63.89 -36.31
N ASN HB 477 45.82 -64.76 -37.32
CA ASN HB 477 46.61 -65.97 -37.32
C ASN HB 477 48.10 -65.69 -37.38
N ASP HB 478 48.50 -64.56 -37.97
CA ASP HB 478 49.92 -64.20 -37.96
C ASP HB 478 50.40 -63.87 -36.55
N PHE HB 479 49.60 -63.11 -35.80
CA PHE HB 479 49.92 -62.86 -34.39
C PHE HB 479 49.97 -64.16 -33.61
N ILE HB 480 49.04 -65.06 -33.89
CA ILE HB 480 49.00 -66.34 -33.17
C ILE HB 480 50.24 -67.16 -33.47
N ILE HB 481 50.67 -67.20 -34.74
CA ILE HB 481 51.86 -67.96 -35.11
C ILE HB 481 53.10 -67.36 -34.46
N LYS HB 482 53.21 -66.04 -34.48
CA LYS HB 482 54.38 -65.39 -33.87
C LYS HB 482 54.42 -65.65 -32.36
N ALA HB 483 53.28 -65.53 -31.69
CA ALA HB 483 53.23 -65.78 -30.26
C ALA HB 483 53.55 -67.23 -29.94
N SER HB 484 53.06 -68.16 -30.77
CA SER HB 484 53.36 -69.57 -30.56
C SER HB 484 54.86 -69.83 -30.71
N ALA HB 485 55.48 -69.22 -31.72
CA ALA HB 485 56.93 -69.40 -31.91
C ALA HB 485 57.71 -68.85 -30.73
N LEU HB 486 57.33 -67.67 -30.24
CA LEU HB 486 58.06 -67.09 -29.11
C LEU HB 486 57.85 -67.91 -27.84
N ALA HB 487 56.63 -68.41 -27.62
CA ALA HB 487 56.39 -69.26 -26.46
C ALA HB 487 57.15 -70.57 -26.57
N CYS HB 488 57.28 -71.10 -27.79
CA CYS HB 488 58.09 -72.30 -27.99
C CYS HB 488 59.55 -72.02 -27.68
N LEU HB 489 60.05 -70.84 -28.04
CA LEU HB 489 61.42 -70.48 -27.66
C LEU HB 489 61.56 -70.41 -26.14
N LYS HB 490 60.58 -69.82 -25.46
CA LYS HB 490 60.69 -69.66 -24.01
C LYS HB 490 60.55 -71.00 -23.29
N VAL HB 491 59.75 -71.90 -23.82
CA VAL HB 491 59.52 -73.20 -23.20
C VAL HB 491 59.86 -74.29 -24.22
N PRO HB 492 61.12 -74.69 -24.33
CA PRO HB 492 61.52 -75.61 -25.41
C PRO HB 492 60.94 -77.01 -25.30
N GLU HB 493 60.35 -77.38 -24.16
CA GLU HB 493 59.78 -78.72 -24.03
C GLU HB 493 58.64 -78.93 -25.01
N ALA HB 494 57.83 -77.89 -25.25
CA ALA HB 494 56.78 -77.99 -26.26
C ALA HB 494 57.33 -78.06 -27.67
N ASN HB 495 58.61 -77.76 -27.85
CA ASN HB 495 59.28 -77.87 -29.14
C ASN HB 495 60.18 -79.11 -29.22
N SER HB 496 59.73 -80.22 -28.65
CA SER HB 496 60.50 -81.46 -28.62
C SER HB 496 59.77 -82.55 -29.38
N SER HB 497 60.43 -83.69 -29.47
CA SER HB 497 59.90 -84.88 -30.13
C SER HB 497 60.38 -86.12 -29.41
N TRP HB 498 59.50 -87.12 -29.30
CA TRP HB 498 59.83 -88.36 -28.64
C TRP HB 498 60.26 -89.40 -29.67
N LEU HB 499 61.45 -89.96 -29.49
CA LEU HB 499 62.02 -90.90 -30.45
C LEU HB 499 62.34 -92.24 -29.79
N ASP HB 500 61.70 -92.49 -28.64
CA ASP HB 500 61.73 -93.77 -27.93
C ASP HB 500 63.08 -94.06 -27.29
N THR HB 501 64.08 -93.23 -27.59
CA THR HB 501 65.39 -93.34 -26.96
C THR HB 501 65.88 -92.02 -26.40
N VAL HB 502 65.63 -90.92 -27.11
CA VAL HB 502 66.00 -89.58 -26.67
C VAL HB 502 64.83 -88.64 -26.95
N ILE HB 503 64.85 -87.50 -26.27
CA ILE HB 503 63.87 -86.44 -26.50
C ILE HB 503 64.56 -85.34 -27.29
N ARG HB 504 64.27 -85.28 -28.59
CA ARG HB 504 64.91 -84.32 -29.48
C ARG HB 504 64.30 -82.94 -29.26
N GLN HB 505 65.09 -82.01 -28.73
CA GLN HB 505 64.62 -80.67 -28.42
C GLN HB 505 65.03 -79.73 -29.54
N ASN HB 506 64.10 -79.45 -30.46
CA ASN HB 506 64.43 -78.62 -31.62
C ASN HB 506 64.71 -77.19 -31.20
N HIS HB 507 65.80 -76.64 -31.71
CA HIS HB 507 66.18 -75.26 -31.42
C HIS HB 507 65.58 -74.25 -32.40
N VAL HB 508 64.97 -74.71 -33.48
CA VAL HB 508 64.26 -73.86 -34.41
C VAL HB 508 62.78 -74.20 -34.33
N VAL HB 509 61.94 -73.24 -34.68
CA VAL HB 509 60.49 -73.39 -34.57
C VAL HB 509 59.91 -73.31 -35.98
N ASP HB 510 59.54 -74.47 -36.54
CA ASP HB 510 58.91 -74.56 -37.84
C ASP HB 510 57.43 -74.83 -37.59
N ILE HB 511 56.59 -73.82 -37.79
CA ILE HB 511 55.18 -73.90 -37.44
C ILE HB 511 54.39 -74.44 -38.63
N SER HB 512 53.90 -75.67 -38.49
CA SER HB 512 52.94 -76.18 -39.46
C SER HB 512 51.59 -75.50 -39.23
N VAL HB 513 50.92 -75.11 -40.31
CA VAL HB 513 49.64 -74.42 -40.23
C VAL HB 513 48.60 -75.28 -40.94
N ALA HB 514 47.55 -75.67 -40.23
CA ALA HB 514 46.51 -76.50 -40.82
C ALA HB 514 45.67 -75.67 -41.78
N VAL HB 515 45.54 -76.14 -43.01
CA VAL HB 515 44.78 -75.49 -44.06
C VAL HB 515 43.82 -76.51 -44.65
N SER HB 516 42.55 -76.12 -44.77
CA SER HB 516 41.53 -76.99 -45.35
C SER HB 516 41.39 -76.70 -46.84
N THR HB 517 41.53 -77.73 -47.64
CA THR HB 517 41.42 -77.70 -49.09
C THR HB 517 40.39 -78.74 -49.50
N PRO HB 518 39.86 -78.66 -50.73
CA PRO HB 518 38.87 -79.66 -51.16
C PRO HB 518 39.39 -81.08 -51.11
N ALA HB 519 40.70 -81.29 -51.11
CA ALA HB 519 41.28 -82.63 -51.02
C ALA HB 519 41.54 -83.08 -49.58
N GLY HB 520 41.34 -82.21 -48.60
CA GLY HB 520 41.53 -82.56 -47.21
C GLY HB 520 42.31 -81.52 -46.44
N LEU HB 521 42.90 -81.96 -45.33
CA LEU HB 521 43.69 -81.07 -44.49
C LEU HB 521 45.17 -81.23 -44.82
N ILE HB 522 45.86 -80.11 -45.03
CA ILE HB 522 47.28 -80.13 -45.30
C ILE HB 522 47.97 -79.10 -44.41
N THR HB 523 49.26 -79.32 -44.13
CA THR HB 523 49.98 -78.54 -43.15
C THR HB 523 51.24 -77.93 -43.76
N PRO HB 524 51.10 -76.84 -44.52
CA PRO HB 524 52.30 -76.10 -44.96
C PRO HB 524 53.05 -75.53 -43.77
N ILE HB 525 54.37 -75.51 -43.89
CA ILE HB 525 55.26 -75.17 -42.79
C ILE HB 525 55.82 -73.78 -43.00
N VAL HB 526 55.66 -72.91 -41.99
CA VAL HB 526 56.36 -71.63 -41.94
C VAL HB 526 57.63 -71.88 -41.15
N PHE HB 527 58.76 -71.86 -41.86
CA PHE HB 527 60.05 -72.13 -41.21
C PHE HB 527 60.57 -70.87 -40.53
N ASN HB 528 61.25 -71.07 -39.41
CA ASN HB 528 61.90 -69.98 -38.66
C ASN HB 528 60.89 -68.89 -38.30
N ALA HB 529 59.71 -69.32 -37.84
CA ALA HB 529 58.70 -68.35 -37.41
C ALA HB 529 59.13 -67.60 -36.16
N HIS HB 530 60.13 -68.12 -35.44
CA HIS HB 530 60.60 -67.44 -34.24
C HIS HB 530 61.45 -66.22 -34.58
N ILE HB 531 61.94 -66.14 -35.82
CA ILE HB 531 62.73 -64.98 -36.25
C ILE HB 531 62.08 -64.21 -37.37
N LYS HB 532 61.09 -64.78 -38.06
CA LYS HB 532 60.38 -64.04 -39.09
C LYS HB 532 59.45 -62.99 -38.48
N GLY HB 533 59.29 -61.87 -39.19
CA GLY HB 533 58.40 -60.84 -38.72
C GLY HB 533 56.95 -61.12 -39.10
N LEU HB 534 56.06 -60.26 -38.61
CA LEU HB 534 54.63 -60.45 -38.86
C LEU HB 534 54.30 -60.33 -40.34
N GLU HB 535 54.89 -59.35 -41.03
CA GLU HB 535 54.64 -59.21 -42.46
C GLU HB 535 55.17 -60.40 -43.24
N THR HB 536 56.38 -60.85 -42.91
CA THR HB 536 56.95 -62.02 -43.57
C THR HB 536 56.11 -63.27 -43.28
N ILE HB 537 55.67 -63.44 -42.04
CA ILE HB 537 54.84 -64.59 -41.69
C ILE HB 537 53.53 -64.55 -42.47
N ALA HB 538 52.91 -63.38 -42.55
CA ALA HB 538 51.66 -63.26 -43.29
C ALA HB 538 51.84 -63.58 -44.76
N ASN HB 539 52.91 -63.05 -45.37
CA ASN HB 539 53.16 -63.34 -46.78
C ASN HB 539 53.41 -64.83 -47.01
N ASP HB 540 54.20 -65.45 -46.12
CA ASP HB 540 54.46 -66.88 -46.24
C ASP HB 540 53.17 -67.68 -46.10
N VAL HB 541 52.31 -67.30 -45.16
CA VAL HB 541 51.06 -68.02 -44.95
C VAL HB 541 50.15 -67.90 -46.18
N VAL HB 542 50.04 -66.69 -46.74
CA VAL HB 542 49.20 -66.52 -47.93
C VAL HB 542 49.75 -67.34 -49.09
N SER HB 543 51.07 -67.28 -49.31
CA SER HB 543 51.68 -68.02 -50.42
C SER HB 543 51.47 -69.52 -50.26
N LEU HB 544 51.72 -70.04 -49.05
CA LEU HB 544 51.58 -71.48 -48.83
C LEU HB 544 50.12 -71.91 -48.90
N ALA HB 545 49.20 -71.07 -48.43
CA ALA HB 545 47.78 -71.39 -48.54
C ALA HB 545 47.34 -71.44 -50.00
N THR HB 546 47.81 -70.50 -50.81
CA THR HB 546 47.50 -70.53 -52.24
C THR HB 546 48.06 -71.80 -52.89
N LYS HB 547 49.31 -72.15 -52.55
CA LYS HB 547 49.90 -73.37 -53.08
C LYS HB 547 49.11 -74.60 -52.67
N ALA HB 548 48.69 -74.65 -51.41
CA ALA HB 548 47.93 -75.80 -50.93
C ALA HB 548 46.58 -75.91 -51.62
N ARG HB 549 45.89 -74.78 -51.78
CA ARG HB 549 44.60 -74.80 -52.47
C ARG HB 549 44.75 -75.17 -53.93
N GLU HB 550 45.86 -74.78 -54.56
CA GLU HB 550 46.10 -75.14 -55.95
C GLU HB 550 46.73 -76.52 -56.10
N GLY HB 551 47.09 -77.18 -55.00
CA GLY HB 551 47.65 -78.52 -55.07
C GLY HB 551 49.07 -78.57 -55.58
N LYS HB 552 49.84 -77.52 -55.36
CA LYS HB 552 51.21 -77.43 -55.87
C LYS HB 552 52.27 -77.53 -54.78
N LEU HB 553 51.90 -77.92 -53.56
CA LEU HB 553 52.87 -77.99 -52.48
C LEU HB 553 53.85 -79.13 -52.69
N GLN HB 554 55.14 -78.83 -52.49
CA GLN HB 554 56.17 -79.84 -52.53
C GLN HB 554 56.22 -80.59 -51.19
N PRO HB 555 56.69 -81.84 -51.19
CA PRO HB 555 56.70 -82.63 -49.93
C PRO HB 555 57.47 -81.97 -48.80
N HIS HB 556 58.58 -81.29 -49.10
CA HIS HB 556 59.34 -80.65 -48.04
C HIS HB 556 58.63 -79.43 -47.46
N GLU HB 557 57.65 -78.89 -48.18
CA GLU HB 557 56.91 -77.73 -47.69
C GLU HB 557 55.82 -78.08 -46.70
N PHE HB 558 55.46 -79.36 -46.56
CA PHE HB 558 54.46 -79.76 -45.58
C PHE HB 558 54.84 -80.97 -44.74
N GLN HB 559 56.01 -81.57 -44.97
CA GLN HB 559 56.48 -82.67 -44.14
C GLN HB 559 57.54 -82.14 -43.17
N GLY HB 560 57.31 -82.39 -41.88
CA GLY HB 560 58.23 -81.93 -40.86
C GLY HB 560 57.59 -80.98 -39.87
N GLY HB 561 58.34 -79.96 -39.46
CA GLY HB 561 57.85 -79.01 -38.48
C GLY HB 561 58.02 -79.50 -37.06
N THR HB 562 57.90 -78.55 -36.12
CA THR HB 562 58.05 -78.85 -34.71
C THR HB 562 56.82 -78.50 -33.89
N PHE HB 563 55.88 -77.74 -34.43
CA PHE HB 563 54.70 -77.30 -33.70
C PHE HB 563 53.61 -76.96 -34.70
N THR HB 564 52.40 -77.44 -34.44
CA THR HB 564 51.29 -77.31 -35.37
C THR HB 564 50.25 -76.35 -34.79
N ILE HB 565 49.63 -75.56 -35.66
CA ILE HB 565 48.54 -74.67 -35.29
C ILE HB 565 47.36 -74.94 -36.21
N SER HB 566 46.22 -75.26 -35.62
CA SER HB 566 44.98 -75.49 -36.36
C SER HB 566 43.95 -74.47 -35.88
N ASN HB 567 43.57 -73.55 -36.76
CA ASN HB 567 42.66 -72.47 -36.42
C ASN HB 567 41.32 -72.70 -37.11
N LEU HB 568 40.27 -72.89 -36.33
CA LEU HB 568 38.92 -73.04 -36.87
C LEU HB 568 37.99 -71.92 -36.40
N GLY HB 569 38.54 -70.77 -36.01
CA GLY HB 569 37.71 -69.68 -35.56
C GLY HB 569 36.82 -69.11 -36.66
N MET HB 570 37.31 -69.16 -37.91
CA MET HB 570 36.54 -68.63 -39.03
C MET HB 570 35.26 -69.42 -39.28
N PHE HB 571 35.15 -70.64 -38.74
CA PHE HB 571 33.95 -71.44 -38.87
C PHE HB 571 33.03 -71.33 -37.66
N GLY HB 572 33.37 -70.48 -36.69
CA GLY HB 572 32.50 -70.26 -35.56
C GLY HB 572 32.67 -71.23 -34.41
N ILE HB 573 33.72 -72.06 -34.43
CA ILE HB 573 33.95 -73.00 -33.34
C ILE HB 573 34.41 -72.24 -32.11
N LYS HB 574 33.74 -72.46 -30.98
CA LYS HB 574 34.15 -71.83 -29.74
C LYS HB 574 35.50 -72.35 -29.28
N ASN HB 575 35.65 -73.67 -29.22
CA ASN HB 575 36.93 -74.31 -28.94
C ASN HB 575 36.87 -75.75 -29.40
N PHE HB 576 38.04 -76.36 -29.56
CA PHE HB 576 38.11 -77.75 -29.97
C PHE HB 576 39.46 -78.34 -29.58
N SER HB 577 39.53 -79.67 -29.60
CA SER HB 577 40.75 -80.40 -29.26
C SER HB 577 41.20 -81.15 -30.51
N ALA HB 578 42.45 -80.93 -30.90
CA ALA HB 578 42.97 -81.52 -32.13
C ALA HB 578 43.85 -82.72 -31.84
N ILE HB 579 44.32 -83.36 -32.90
CA ILE HB 579 45.18 -84.53 -32.81
C ILE HB 579 46.62 -84.11 -33.12
N ILE HB 580 47.55 -84.54 -32.26
CA ILE HB 580 48.95 -84.19 -32.46
C ILE HB 580 49.48 -84.83 -33.73
N ASN HB 581 50.10 -84.02 -34.57
CA ASN HB 581 50.72 -84.50 -35.80
C ASN HB 581 52.09 -85.07 -35.48
N PRO HB 582 52.32 -86.35 -35.72
CA PRO HB 582 53.60 -86.94 -35.34
C PRO HB 582 54.72 -86.42 -36.22
N PRO HB 583 55.96 -86.40 -35.72
CA PRO HB 583 56.40 -86.81 -34.38
C PRO HB 583 56.41 -85.65 -33.39
N GLN HB 584 55.64 -84.59 -33.63
CA GLN HB 584 55.68 -83.43 -32.76
C GLN HB 584 55.07 -83.74 -31.40
N ALA HB 585 55.20 -82.79 -30.48
CA ALA HB 585 54.78 -82.99 -29.10
C ALA HB 585 53.52 -82.21 -28.73
N CYS HB 586 53.15 -81.20 -29.51
CA CYS HB 586 52.00 -80.36 -29.19
C CYS HB 586 51.33 -79.89 -30.47
N ILE HB 587 50.07 -79.47 -30.33
CA ILE HB 587 49.33 -78.81 -31.40
C ILE HB 587 48.37 -77.83 -30.75
N LEU HB 588 48.33 -76.61 -31.27
CA LEU HB 588 47.50 -75.54 -30.71
C LEU HB 588 46.23 -75.43 -31.52
N ALA HB 589 45.09 -75.70 -30.88
CA ALA HB 589 43.78 -75.59 -31.50
C ALA HB 589 43.17 -74.25 -31.12
N VAL HB 590 42.80 -73.46 -32.13
CA VAL HB 590 42.37 -72.09 -31.94
C VAL HB 590 40.91 -71.98 -32.35
N GLY HB 591 40.09 -71.39 -31.47
CA GLY HB 591 38.68 -71.19 -31.73
C GLY HB 591 38.36 -69.77 -32.14
N ALA HB 592 37.08 -69.45 -32.08
CA ALA HB 592 36.61 -68.14 -32.53
C ALA HB 592 36.71 -67.10 -31.42
N SER HB 593 36.82 -65.84 -31.84
CA SER HB 593 36.83 -64.73 -30.90
C SER HB 593 35.44 -64.16 -30.73
N GLU HB 594 34.99 -64.10 -29.47
CA GLU HB 594 33.65 -63.65 -29.14
C GLU HB 594 33.73 -62.62 -28.02
N ASP HB 595 32.79 -61.67 -28.03
CA ASP HB 595 32.72 -60.63 -27.00
C ASP HB 595 32.08 -61.20 -25.75
N ARG HB 596 32.73 -61.00 -24.60
CA ARG HB 596 32.24 -61.49 -23.33
C ARG HB 596 32.30 -60.39 -22.28
N LEU HB 597 31.35 -60.41 -21.36
CA LEU HB 597 31.32 -59.45 -20.26
C LEU HB 597 32.20 -59.91 -19.12
N PHE HB 598 32.89 -58.96 -18.50
CA PHE HB 598 33.80 -59.24 -17.40
C PHE HB 598 33.68 -58.20 -16.30
N PRO HB 599 33.97 -58.57 -15.06
CA PRO HB 599 33.93 -57.59 -13.97
C PRO HB 599 34.91 -56.46 -14.22
N ALA HB 600 34.51 -55.25 -13.83
CA ALA HB 600 35.35 -54.07 -13.93
C ALA HB 600 35.03 -53.10 -12.82
N ASP HB 601 36.01 -52.29 -12.45
CA ASP HB 601 35.83 -51.28 -11.39
C ASP HB 601 35.41 -49.96 -12.03
N ASN HB 602 34.21 -49.98 -12.61
CA ASN HB 602 33.65 -48.81 -13.25
C ASN HB 602 32.20 -48.63 -12.80
N GLU HB 603 31.57 -47.57 -13.31
CA GLU HB 603 30.20 -47.26 -12.90
C GLU HB 603 29.23 -48.36 -13.32
N LYS HB 604 29.36 -48.86 -14.56
CA LYS HB 604 28.48 -49.93 -15.02
C LYS HB 604 28.75 -51.25 -14.31
N GLY HB 605 29.95 -51.44 -13.76
CA GLY HB 605 30.30 -52.68 -13.11
C GLY HB 605 30.81 -53.77 -14.04
N PHE HB 606 30.93 -53.49 -15.33
CA PHE HB 606 31.39 -54.50 -16.27
C PHE HB 606 32.01 -53.84 -17.50
N ASP HB 607 32.74 -54.65 -18.26
CA ASP HB 607 33.35 -54.22 -19.51
C ASP HB 607 33.19 -55.33 -20.54
N VAL HB 608 33.45 -54.98 -21.80
CA VAL HB 608 33.32 -55.92 -22.92
C VAL HB 608 34.72 -56.17 -23.49
N ALA HB 609 35.10 -57.45 -23.57
CA ALA HB 609 36.40 -57.84 -24.08
C ALA HB 609 36.24 -58.96 -25.09
N SER HB 610 37.00 -58.88 -26.18
CA SER HB 610 36.97 -59.90 -27.22
C SER HB 610 37.95 -61.00 -26.85
N MET HB 611 37.45 -62.14 -26.40
CA MET HB 611 38.27 -63.23 -25.90
C MET HB 611 38.31 -64.37 -26.91
N MET HB 612 39.43 -65.08 -26.94
CA MET HB 612 39.65 -66.21 -27.84
C MET HB 612 40.10 -67.40 -27.00
N SER HB 613 39.46 -68.55 -27.21
CA SER HB 613 39.76 -69.74 -26.43
C SER HB 613 40.67 -70.67 -27.21
N VAL HB 614 41.82 -71.00 -26.63
CA VAL HB 614 42.80 -71.85 -27.29
C VAL HB 614 43.06 -73.08 -26.43
N THR HB 615 43.13 -74.22 -27.10
CA THR HB 615 43.35 -75.51 -26.45
C THR HB 615 44.61 -76.14 -27.02
N LEU HB 616 45.60 -76.36 -26.16
CA LEU HB 616 46.84 -77.02 -26.54
C LEU HB 616 46.75 -78.50 -26.17
N SER HB 617 46.93 -79.37 -27.16
CA SER HB 617 46.96 -80.80 -26.94
C SER HB 617 48.42 -81.24 -26.86
N CYS HB 618 48.80 -81.85 -25.75
CA CYS HB 618 50.19 -82.13 -25.45
C CYS HB 618 50.41 -83.63 -25.30
N ASP HB 619 51.59 -84.07 -25.73
CA ASP HB 619 52.08 -85.43 -25.48
C ASP HB 619 52.56 -85.50 -24.04
N HIS HB 620 51.87 -86.29 -23.21
CA HIS HB 620 52.21 -86.32 -21.79
C HIS HB 620 53.54 -87.01 -21.52
N ARG HB 621 54.11 -87.70 -22.51
CA ARG HB 621 55.45 -88.26 -22.32
C ARG HB 621 56.51 -87.17 -22.30
N VAL HB 622 56.33 -86.12 -23.10
CA VAL HB 622 57.30 -85.05 -23.22
C VAL HB 622 56.92 -83.84 -22.38
N VAL HB 623 55.67 -83.40 -22.47
CA VAL HB 623 55.20 -82.19 -21.82
C VAL HB 623 54.24 -82.58 -20.71
N ASP HB 624 54.62 -82.29 -19.47
CA ASP HB 624 53.72 -82.52 -18.36
C ASP HB 624 52.81 -81.32 -18.15
N GLY HB 625 51.93 -81.42 -17.15
CA GLY HB 625 50.92 -80.40 -16.95
C GLY HB 625 51.50 -79.04 -16.66
N ALA HB 626 52.52 -78.99 -15.79
CA ALA HB 626 53.13 -77.71 -15.44
C ALA HB 626 53.79 -77.06 -16.64
N VAL HB 627 54.49 -77.84 -17.46
CA VAL HB 627 55.14 -77.29 -18.64
C VAL HB 627 54.12 -76.79 -19.66
N GLY HB 628 53.05 -77.56 -19.89
CA GLY HB 628 52.02 -77.10 -20.80
C GLY HB 628 51.34 -75.84 -20.31
N ALA HB 629 51.08 -75.76 -19.00
CA ALA HB 629 50.47 -74.56 -18.44
C ALA HB 629 51.41 -73.36 -18.57
N GLN HB 630 52.71 -73.57 -18.35
CA GLN HB 630 53.66 -72.47 -18.52
C GLN HB 630 53.69 -71.99 -19.96
N TRP HB 631 53.66 -72.93 -20.91
CA TRP HB 631 53.62 -72.55 -22.33
C TRP HB 631 52.37 -71.73 -22.63
N LEU HB 632 51.21 -72.16 -22.14
CA LEU HB 632 49.98 -71.44 -22.41
C LEU HB 632 50.00 -70.06 -21.76
N ALA HB 633 50.57 -69.95 -20.55
CA ALA HB 633 50.68 -68.65 -19.89
C ALA HB 633 51.58 -67.71 -20.68
N GLU HB 634 52.70 -68.21 -21.19
CA GLU HB 634 53.58 -67.37 -22.00
C GLU HB 634 52.89 -66.93 -23.29
N PHE HB 635 52.18 -67.85 -23.93
CA PHE HB 635 51.43 -67.52 -25.14
C PHE HB 635 50.38 -66.45 -24.88
N ARG HB 636 49.65 -66.60 -23.77
CA ARG HB 636 48.62 -65.63 -23.41
C ARG HB 636 49.23 -64.26 -23.11
N LYS HB 637 50.38 -64.24 -22.41
CA LYS HB 637 51.04 -62.97 -22.13
C LYS HB 637 51.48 -62.29 -23.42
N TYR HB 638 52.08 -63.06 -24.33
CA TYR HB 638 52.52 -62.49 -25.60
C TYR HB 638 51.37 -61.91 -26.39
N LEU HB 639 50.23 -62.62 -26.42
CA LEU HB 639 49.09 -62.08 -27.16
C LEU HB 639 48.45 -60.89 -26.45
N GLU HB 640 48.34 -60.92 -25.12
CA GLU HB 640 47.70 -59.83 -24.41
C GLU HB 640 48.55 -58.57 -24.39
N LYS HB 641 49.86 -58.68 -24.59
CA LYS HB 641 50.75 -57.52 -24.74
C LYS HB 641 51.56 -57.70 -26.00
N PRO HB 642 51.04 -57.29 -27.16
CA PRO HB 642 51.76 -57.49 -28.42
C PRO HB 642 53.11 -56.81 -28.46
N ILE HB 643 53.29 -55.73 -27.71
CA ILE HB 643 54.57 -55.03 -27.68
C ILE HB 643 55.65 -55.88 -27.03
N THR HB 644 55.25 -56.91 -26.28
CA THR HB 644 56.24 -57.79 -25.66
C THR HB 644 56.83 -58.80 -26.63
N MET HB 645 56.28 -58.94 -27.84
CA MET HB 645 56.94 -59.76 -28.84
C MET HB 645 58.22 -59.13 -29.36
N LEU HB 646 58.48 -57.87 -29.03
CA LEU HB 646 59.75 -57.23 -29.37
C LEU HB 646 60.90 -57.73 -28.51
N LEU HB 647 60.63 -58.22 -27.31
CA LEU HB 647 61.64 -58.85 -26.47
C LEU HB 647 62.13 -60.17 -27.07
#